data_9CGQ
#
_entry.id   9CGQ
#
_cell.length_a   1.00
_cell.length_b   1.00
_cell.length_c   1.00
_cell.angle_alpha   90.00
_cell.angle_beta   90.00
_cell.angle_gamma   90.00
#
_symmetry.space_group_name_H-M   'P 1'
#
loop_
_entity.id
_entity.type
_entity.pdbx_description
1 polymer 'Ryanodine receptor 1'
2 polymer 'Peptidyl-prolyl cis-trans isomerase FKBP1B'
3 non-polymer 'ZINC ION'
4 non-polymer "ADENOSINE-5'-TRIPHOSPHATE"
5 non-polymer 'CALCIUM ION'
6 non-polymer Dantrolene
#
loop_
_entity_poly.entity_id
_entity_poly.type
_entity_poly.pdbx_seq_one_letter_code
_entity_poly.pdbx_strand_id
1 'polypeptide(L)'
;MGDGGEGEDEVQFLRTDDEVVLQCSATVLKEQLKLCLAAEGFGNRLCFLEPTSNAQNVPPDLAICCFTLEQSLSVRALQE
MLANTVEAGVESSQGGGHRTLLYGHAILLRHAHSRMYLSCLTTSRSMTDKLAFDVGLQEDATGEACWWTMHPASKQRSEG
EKVRVGDDLILVSVSSERYLHLSTASGELQVDASFMQTLWNMNPICSCCEEGYVTGGHVLRLFHGHMDECLTISAADSDD
QRRLVYYEGGAVCTHARSLWRLEPLRISWSGSHLRWGQPLRIRHVTTGRYLALTEDQGLVVVDACKAHTKATSFCFRVSK
EKLDTAPKRDVEGMGPPEIKYGESLCFVQHVASGLWLTYAAPDPKALRLGVLKKKAILHQEGHMDDALFLTRCQQEESQA
ARMIHSTAGLYNQFIKGLDSFSGKPRGSGPPAGPALPIEAVILSLQDLIGYFEPPSEELQHEEKQSKLRSLRNRQSLFQE
EGMLSLVLNCIDRLNVYTTAAHFAEYAGEEAAESWKEIVNLLSELLASLIRGNRANCALFSTNLDWVVSKLDRLEASSGI
LEVLYCVLIESPEVLNIIQENHIKSIISLLDKHGRNHKVLDVLCSLCVCNGVAVRSNQDLITENLLPGRELLLQTNLINY
VTSIRPNIFVGRAEGSTQYGKWYFEVMVDEVVPFLTAQATHLRVGWALTEGYSPYPGGGEGWGGNGVGDDLYSYGFDGLH
LWTGHVARPVTSPGQHLLAPEDVVSCCLDLSVPSISFRINGCPVQGVFEAFNLDGLFFPVVSFSAGVKVRFLLGGRHGEF
KFLPPPGYAPCHEAVLPRERLRLEPIKEYRREGPRGPHLVGPSRCLSHTDFVPCPVDTVQIVLPPHLERIREKLAENIHE
LWALTRIEQGWTYGPVRDDNKRLHPCLVNFHSLPEPERNYNLQMSGETLKTLLALGCHVGMADEKAEDNLKKTKLPKTYM
MSNGYKPAPLDLSHVRLTPAQTTLVDRLAENGHNVWARDRVAQGWSYSAVQDIPARRNPRLVPYRLLDEATKRSNRDSLC
QAVRTLLGYGYNIEPPDQEPSQVENQSRWDRVRIFRAEKSYTVQSGRWYFEFEAVTTGEMRVGWARPELRPDVELGADEL
AYVFNGHRGQRWHLGSEPFGRPWQSGDVVGCMIDLTENTIIFTLNGEVLMSDSGSETAFREIEIGDGFLPVCSLGPGQVG
HLNLGQDVSSLRFFAICGLQEGFEPFAINMQRPVTTWFSKSLPQFEPVPPEHPHYEVARMDGTVDTPPCLRLAHRTWGSQ
NSLVEMLFLRLSLPVQFHQHFRCTAGATPLAPPGLQPPAEDEARAAEPDPDYENLRRSAGGWGEAEGGKEGTAKEGTPGG
TPQPGVEAQPVRAENEKDATTEKNKKRGFLFKAKKAAMMTQPPATPALPRLPHDVVPADNRDDPEIILNTTTYYYSVRVF
AGQEPSCVWVGWVTPDYHQHDMNFDLSKVRAVTVTMGDEQGNVHSSLKCSNCYMVWGGDFVSPGQQGRISHTDLVIGCLV
DLATGLMTFTANGKESNTFFQVEPNTKLFPAVFVLPTHQNVIQFELGKQKNIMPLSAAMFLSERKNPAPQCPPRLEVQML
MPVSWSRMPNHFLQVETRRAGERLGWAVQCQDPLTMMALHIPEENRCMDILELSERLDLQRFHSHTLRLYRAVCALGNNR
VAHALCSHVDQAQLLHALEDAHLPGPLRAGYYDLLISIHLESACRSRRSMLSEYIVPLTPETRAITLFPPGRKGGNARRH
GLPGVGVTTSLRPPHHFSPPCFVAALPAAGVAEAPARLSPAIPLEALRDKALRMLGEAVRDGGQHARDPVGGSVEFQFVP
VLKLVSTLLVMGIFGDEDVKQILKMIEPEVFTEEEEEEEEEEEEEEEEEEDEEEKEEDEEEEEKEDAEKEEEEAPEGEKE
DLEEGLLQMKLPESVKLQMCNLLEYFCDQELQHRVESLAAFAERYVDKLQANQRSRYALLMRAFTMSAAETARRTREFRS
PPQEQINMLLHFKDEADEEDCPLPEDIRQDLQDFHQDLLAHCGIQLEGEEEEPEEETSLSSRLRSLLETVRLVKKKEEKP
EEELPAEEKKPQSLQELVSHMVVRWAQEDYVQSPELVRAMFSLLHRQYDGLGELLRALPRAYTISPSSVEDTMSLLECLG
QIRSLLIVQMGPQEENLMIQSIGNIMNNKVFYQHPNLMRALGMHETVMEVMVNVLGGGETKEIRFPKMVTSCCRFLCYFC
RISRQNQRSMFDHLSYLLENSGIGLGMQGSTPLDVAAASVIDNNELALALQEQDLEKVVSYLAGCGLQSCPMLLAKGYPD
IGWNPCGGERYLDFLRFAVFVNGESVEENANVVVRLLIRKPECFGPALRGEGGSGLLAAIEEAIRISEDPARDGPGVRRD
RRREHFGEEPPEENRVHLGHAIMSFYAALIDLLGRCAPEMHLIQAGKGEALRIRAILRSLVPLDDLVGIISLPLQIPTLG
KDGALVQPKMSASFVPDHKASMVLFLDRVYGIENQDFLLHVLDVGFLPDMRAAASLDTATFSTTEMALALNRYLCLAVLP
LITKCAPLFAGTEHRAIMVDSMLHTVYRLSRGRSLTKAQRDVIEDCLMALCRYIRPSMLQHLLRRLVFDVPILNEFAKMP
LKLLTNHYERCWKYYCLPTGWANFGVTSEEELHLTRKLFWGIFDSLAHKKYDQELYRMAMPCLCAIAGALPPDYVDASYS
SKAEKKATVDAEGNFDPRPVETLNVIIPEKLDSFINKFAEYTHEKWAFDKIQNNWSYGENVDEELKTHPMLRPYKTFSEK
DKEIYRWPIKESLKAMIAWEWTIEKAREGEEERTEKKKTRKISQTAQTYDPREGYNPQPPDLSGVTLSRELQAMAEQLAE
NYHNTWGRKKKQELEAKGGGTHPLLVPYDTLTAKEKARDREKAQELLKFLQMNGYAVTRGLKDMELDTSSIEKRFAFGFL
QQLLRWMDISQEFIAHLEAVVSSGRVEKSPHEQEIKFFAKILLPLINQYFTNHCLYFLSTPAKVLGSGGHASNKEKEMIT
SLFCKLAALVRHRVSLFGTDAPAVVNCLHILARSLDARTVMKSGPEIVKAGLRSFFESASEDIEKMVENLRLGKVSQART
QVKGVGQNLTYTTVALLPVLTTLFQHIAQHQFGDDVILDDVQVSCYRTLCSIYSLGTTKNTYVEKLRPALGECLARLAAA
MPVAFLEPQLNEYNACSVYTTKSPRERAILGLPNSVEEMCPDIPVLDRLMADIGGLAESGARYTEMPHVIEITLPMLCSY
LPRWWERGPEAPPPALPAGAPPPCTAVTSDHLNSLLGNILRIIVNNLGIDEATWMKRLAVFAQPIVSRARPELLHSHFIP
TIGRLRKRAGKVVAEEEQLRLEAKAEAEEGELLVRDEFSVLCRDLYALYPLLIRYVDNNRAHWLTEPNANAEELFRMVGE
IFIYWSKSHNFKREEQNFVVQNEINNMSFLTADSKSKMAKAGDAQSGGSDQERTKKKRRGDRYSVQTSLIVATLKKMLPI
GLNMCAPTDQDLIMLAKTRYALKDTDEEVREFLQNNLHLQGKVEGSPSLRWQMALYRGLPGREEDADDPEKIVRRVQEVS
AVLYHLEQTEHPYKSKKAVWHKLLSKQRRRAVVACFRMTPLYNLPTHRACNMFLESYKAAWILTEDHSFEDRMIDDLSKA
GEQEEEEEEVEEKKPDPLHQLVLHFSRTALTEKSKLDEDYLYMAYADIMAKSCHLEEGGENGEAEEEEVEVSFEEKEMEK
QRLLYQQSRLHTRGAAEMVLQMISACKGETGAMVSSTLKLGISILNGGNAEVQQKMLDYLKDKKEVGFFQSIQALMQTCS
VLDLNAFERQNKAEGLGMVNEDGTVINRQNGEKVMADDEFTQDLFRFLQLLCEGHNNDFQNYLRTQTGNTTTINIIICTV
DYLLRLQESISDFYWYYSGKDVIEEQGKRNFSKAMSVAKQVFNSLTEYIQGPCTGNQQSLAHSRLWDAVVGFLHVFAHMM
MKLAQDSSQIELLKELLDLQKDMVVMLLSLLEGNVVNGMIARQMVDMLVESSSNVEMILKFFDMFLKLKDIVGSEAFQDY
VTDPRGLISKKDFQKAMDSQKQFTGPEIQFLLSCSEADENEMINFEEFANRFQEPARDIGFNVAVLLTNLSEHVPHDPRL
RNFLELAESILEYFRPYLGRIEIMGASRRIERIYFEISETNRAQWEMPQVKESKRQFIFDVVNEGGEAEKMELFVSFCED
TIFEMQIAAQISEPEGEPEADEDEGMGEAAAEGAEEGAAGAEGAAGTVAAGATARLAAAAARALRGLSYRSLRRRVRRLR
RLTAREAATALAALLWAVVARAGAAGAGAAAGALRLLWGSLFGGGLVEGAKKVTVTELLAGMPDPTSDEVHGEQPAGPGG
DADGAGEGEGEGDAAEGDGDEEVAGHEAGPGGAEGVVAVADGGPFRPEGAGGLGDMGDTTPAEPPTPEGSPILKRKLGVD
GEEEELVPEPEPEPEPEPEKADEENGEKEEVPEAPPEPPKKAPPSPPAKKEEAGGAGMEFWGELEVQRVKFLNYLSRNFY
TLRFLALFLAFAINFILLFYKVSDSPPGEDDMEGSAAGDLAGAGSGGGSGWGSGAGEEAEGDEDENMVYYFLEESTGYME
PALWCLSLLHTLVAFLCIIGYNCLKVPLVIFKREKELARKLEFDGLYITEQPGDDDVKGQWDRLVLNTPSFPSNYWDKFV
KRKVLDKHGDIFGRERIAELLGMDLASLEITAHNERKPDPPPGLLTWLMSIDVKYQIWKFGVIFTDNSFLYLGWYMVMSL
LGHYNNFFFAAHLLDIAMGVKTLRTILSSVTHNGKQLVMTVGLLAVVVYLYTVVAFNFFRKFYNKSEDEDEPDMKCDDMM
TCYLFHMYVGVRAGGGIGDEIEDPAGDEYELYRVVFDITFFFFVIVILLAIIQGLIIDAFGELRDQQEQVKEDMETKCFI
CGIGSDYFDTTPHGFETHTLEEHNLANYMFFLMYLINKDETEHTGQESYVWKMYQERCWDFFPAGDCFRKQYEDQLS
;
A,B,C,D
2 'polypeptide(L)'
;GVEIETISPGDGRTFPKKGQTCVVHYTGMLQNGKKFDSSRDRNKPFKFRIGKQEVIKGFEEGAAQMSLGQRAKLTCTPDV
AYGATGHPGVIPPNATLIFDVELLNLE
;
E,F,G,H
#
loop_
_chem_comp.id
_chem_comp.type
_chem_comp.name
_chem_comp.formula
ATP non-polymer ADENOSINE-5'-TRIPHOSPHATE 'C10 H16 N5 O13 P3'
CA non-polymer 'CALCIUM ION' 'Ca 2'
U1C non-polymer Dantrolene 'C14 H10 N4 O5'
ZN non-polymer 'ZINC ION' 'Zn 2'
#
# COMPACT_ATOMS: atom_id res chain seq x y z
N VAL A 11 30.77 -7.56 13.06
CA VAL A 11 32.06 -7.06 13.51
C VAL A 11 32.25 -7.35 15.00
N GLN A 12 33.03 -6.49 15.67
CA GLN A 12 33.33 -6.63 17.09
C GLN A 12 33.90 -8.01 17.40
N PHE A 13 34.86 -8.45 16.58
CA PHE A 13 35.41 -9.79 16.74
C PHE A 13 36.93 -9.81 16.65
N LEU A 14 37.59 -8.67 16.45
CA LEU A 14 39.05 -8.56 16.44
C LEU A 14 39.66 -9.48 15.38
N ARG A 15 39.36 -9.17 14.12
CA ARG A 15 39.92 -9.92 13.01
C ARG A 15 41.37 -9.51 12.75
N THR A 16 42.00 -10.18 11.79
CA THR A 16 43.36 -9.86 11.39
C THR A 16 43.36 -8.59 10.55
N ASP A 17 44.44 -7.80 10.66
CA ASP A 17 44.67 -6.60 9.85
C ASP A 17 43.70 -5.48 10.23
N ASP A 18 43.49 -5.27 11.53
CA ASP A 18 42.79 -4.11 12.03
C ASP A 18 43.73 -3.28 12.90
N GLU A 19 43.34 -2.03 13.13
CA GLU A 19 44.11 -1.10 13.94
C GLU A 19 43.60 -1.15 15.38
N VAL A 20 44.50 -1.44 16.32
CA VAL A 20 44.15 -1.60 17.72
C VAL A 20 45.10 -0.78 18.58
N VAL A 21 44.66 -0.47 19.79
CA VAL A 21 45.46 0.18 20.81
C VAL A 21 45.42 -0.65 22.08
N LEU A 22 46.57 -0.76 22.75
CA LEU A 22 46.69 -1.58 23.95
C LEU A 22 46.44 -0.70 25.17
N GLN A 23 45.26 -0.82 25.76
CA GLN A 23 44.88 -0.03 26.90
C GLN A 23 45.04 -0.83 28.19
N CYS A 24 45.35 -0.12 29.28
CA CYS A 24 45.52 -0.74 30.58
C CYS A 24 44.93 0.16 31.65
N SER A 25 44.63 -0.45 32.79
CA SER A 25 44.05 0.26 33.93
C SER A 25 45.06 0.28 35.07
N ALA A 26 45.25 1.45 35.68
CA ALA A 26 46.18 1.63 36.78
C ALA A 26 45.43 2.15 38.00
N THR A 27 45.77 1.59 39.17
CA THR A 27 45.14 1.97 40.43
C THR A 27 45.99 2.92 41.25
N VAL A 28 47.05 3.47 40.67
CA VAL A 28 47.90 4.42 41.39
C VAL A 28 47.10 5.66 41.77
N LEU A 29 46.33 6.20 40.82
CA LEU A 29 45.46 7.33 41.10
C LEU A 29 44.33 6.91 42.04
N LYS A 30 43.79 7.90 42.75
CA LYS A 30 42.83 7.61 43.81
C LYS A 30 41.61 6.86 43.29
N GLU A 31 41.09 7.27 42.13
CA GLU A 31 39.93 6.61 41.55
C GLU A 31 40.34 5.53 40.55
N GLN A 32 41.02 5.92 39.47
CA GLN A 32 41.43 5.02 38.40
C GLN A 32 42.26 5.80 37.41
N LEU A 33 42.84 5.09 36.44
CA LEU A 33 43.60 5.69 35.36
C LEU A 33 43.60 4.74 34.16
N LYS A 34 43.40 5.31 32.97
CA LYS A 34 43.42 4.56 31.73
C LYS A 34 44.59 5.04 30.89
N LEU A 35 45.47 4.12 30.50
CA LEU A 35 46.67 4.44 29.75
C LEU A 35 46.78 3.52 28.53
N CYS A 36 47.29 4.07 27.44
CA CYS A 36 47.48 3.34 26.20
C CYS A 36 48.97 3.23 25.89
N LEU A 37 49.40 2.03 25.48
CA LEU A 37 50.79 1.81 25.11
C LEU A 37 51.12 2.59 23.85
N ALA A 38 52.29 3.23 23.85
CA ALA A 38 52.72 4.05 22.72
C ALA A 38 54.23 4.04 22.63
N ALA A 39 54.73 4.39 21.44
CA ALA A 39 56.16 4.49 21.20
C ALA A 39 56.39 5.51 20.10
N GLU A 40 57.44 6.31 20.25
CA GLU A 40 57.74 7.35 19.27
C GLU A 40 58.13 6.76 17.93
N GLY A 41 58.95 5.72 17.93
CA GLY A 41 59.44 5.13 16.70
C GLY A 41 60.86 5.55 16.38
N PHE A 42 61.01 6.47 15.42
CA PHE A 42 62.33 6.98 15.10
C PHE A 42 62.86 7.84 16.25
N GLY A 43 64.13 7.62 16.60
CA GLY A 43 64.77 8.35 17.67
C GLY A 43 64.68 7.71 19.03
N ASN A 44 63.60 6.99 19.32
CA ASN A 44 63.42 6.31 20.60
C ASN A 44 62.70 5.00 20.35
N ARG A 45 63.40 3.89 20.63
CA ARG A 45 62.82 2.57 20.45
C ARG A 45 61.94 2.14 21.62
N LEU A 46 62.15 2.72 22.80
CA LEU A 46 61.42 2.30 23.99
C LEU A 46 59.95 2.70 23.89
N CYS A 47 59.13 2.07 24.73
CA CYS A 47 57.70 2.31 24.77
C CYS A 47 57.31 2.95 26.10
N PHE A 48 56.20 3.70 26.07
CA PHE A 48 55.71 4.38 27.26
C PHE A 48 54.19 4.43 27.20
N LEU A 49 53.57 4.60 28.35
CA LEU A 49 52.12 4.72 28.45
C LEU A 49 51.69 6.17 28.36
N GLU A 50 50.60 6.40 27.65
CA GLU A 50 50.03 7.73 27.47
C GLU A 50 48.66 7.79 28.12
N PRO A 51 48.43 8.68 29.09
CA PRO A 51 47.12 8.73 29.74
C PRO A 51 46.03 9.16 28.76
N THR A 52 44.83 8.63 28.98
CA THR A 52 43.70 8.90 28.11
C THR A 52 42.44 9.33 28.86
N SER A 53 42.27 8.95 30.12
CA SER A 53 41.06 9.32 30.86
C SER A 53 40.92 10.82 30.99
N ASN A 54 42.02 11.55 31.05
CA ASN A 54 41.98 13.01 31.14
C ASN A 54 41.94 13.66 29.76
N ALA A 55 40.98 13.25 28.94
CA ALA A 55 40.82 13.77 27.59
C ALA A 55 39.85 14.95 27.52
N GLN A 56 39.29 15.37 28.66
CA GLN A 56 38.36 16.51 28.65
C GLN A 56 39.08 17.79 28.24
N ASN A 57 40.30 17.99 28.71
CA ASN A 57 41.07 19.19 28.41
C ASN A 57 42.36 18.92 27.66
N VAL A 58 43.03 17.79 27.92
CA VAL A 58 44.28 17.46 27.24
C VAL A 58 44.05 16.24 26.35
N PRO A 59 43.89 16.42 25.04
CA PRO A 59 43.70 15.27 24.17
C PRO A 59 44.97 14.44 24.07
N PRO A 60 44.85 13.14 23.89
CA PRO A 60 46.04 12.29 23.78
C PRO A 60 46.58 12.28 22.35
N ASP A 61 47.84 11.82 22.24
CA ASP A 61 48.51 11.71 20.96
C ASP A 61 48.25 10.32 20.40
N LEU A 62 47.16 10.18 19.66
CA LEU A 62 46.76 8.89 19.11
C LEU A 62 47.52 8.51 17.84
N ALA A 63 48.33 9.42 17.30
CA ALA A 63 49.06 9.11 16.06
C ALA A 63 50.07 8.00 16.27
N ILE A 64 50.76 8.00 17.41
CA ILE A 64 51.79 7.01 17.69
C ILE A 64 51.28 5.93 18.64
N CYS A 65 49.95 5.77 18.75
CA CYS A 65 49.37 4.76 19.62
C CYS A 65 48.78 3.58 18.88
N CYS A 66 48.42 3.74 17.61
CA CYS A 66 47.77 2.68 16.87
C CYS A 66 48.75 1.57 16.52
N PHE A 67 48.28 0.32 16.58
CA PHE A 67 49.05 -0.85 16.18
C PHE A 67 48.23 -1.68 15.22
N THR A 68 48.91 -2.36 14.31
CA THR A 68 48.28 -3.17 13.28
C THR A 68 48.64 -4.63 13.50
N LEU A 69 47.63 -5.50 13.44
CA LEU A 69 47.83 -6.93 13.59
C LEU A 69 48.24 -7.51 12.24
N GLU A 70 49.47 -8.02 12.16
CA GLU A 70 49.98 -8.56 10.90
C GLU A 70 49.61 -10.03 10.71
N GLN A 71 49.93 -10.87 11.70
CA GLN A 71 49.65 -12.30 11.61
C GLN A 71 49.17 -12.81 12.96
N SER A 72 48.43 -13.91 12.92
CA SER A 72 47.85 -14.51 14.12
C SER A 72 48.03 -16.03 14.08
N LEU A 73 49.24 -16.47 13.75
CA LEU A 73 49.51 -17.88 13.60
C LEU A 73 49.52 -18.58 14.96
N SER A 74 49.41 -19.91 14.92
CA SER A 74 49.50 -20.72 16.12
C SER A 74 50.95 -20.94 16.51
N VAL A 75 51.16 -21.59 17.65
CA VAL A 75 52.51 -21.80 18.16
C VAL A 75 53.31 -22.70 17.24
N ARG A 76 52.72 -23.82 16.81
CA ARG A 76 53.43 -24.76 15.95
C ARG A 76 53.73 -24.14 14.59
N ALA A 77 52.74 -23.43 14.01
CA ALA A 77 52.98 -22.76 12.74
C ALA A 77 54.05 -21.70 12.86
N LEU A 78 54.03 -20.95 13.97
CA LEU A 78 55.07 -19.94 14.19
C LEU A 78 56.45 -20.59 14.29
N GLN A 79 56.55 -21.70 15.02
CA GLN A 79 57.84 -22.38 15.15
C GLN A 79 58.33 -22.89 13.80
N GLU A 80 57.43 -23.46 13.00
CA GLU A 80 57.82 -23.93 11.67
C GLU A 80 58.27 -22.77 10.79
N MET A 81 57.56 -21.65 10.84
CA MET A 81 57.95 -20.50 10.04
C MET A 81 59.32 -19.97 10.45
N LEU A 82 59.57 -19.88 11.76
CA LEU A 82 60.89 -19.43 12.22
C LEU A 82 61.99 -20.40 11.82
N ALA A 83 61.71 -21.71 11.90
CA ALA A 83 62.71 -22.69 11.51
C ALA A 83 62.96 -22.68 10.01
N ASN A 84 61.97 -22.23 9.23
CA ASN A 84 62.07 -22.25 7.77
C ASN A 84 62.41 -20.90 7.16
N THR A 85 62.86 -19.93 7.97
CA THR A 85 63.25 -18.64 7.40
C THR A 85 64.48 -18.81 6.51
N VAL A 86 64.44 -18.13 5.35
CA VAL A 86 65.50 -18.13 4.33
C VAL A 86 66.27 -19.46 4.26
N HIS A 98 42.61 -12.59 6.52
CA HIS A 98 41.87 -11.97 7.61
C HIS A 98 41.39 -13.01 8.61
N ARG A 99 42.31 -13.81 9.11
CA ARG A 99 41.96 -14.87 10.06
C ARG A 99 41.51 -14.28 11.39
N THR A 100 40.45 -14.87 11.95
CA THR A 100 39.93 -14.41 13.23
C THR A 100 40.92 -14.71 14.34
N LEU A 101 41.09 -13.74 15.24
CA LEU A 101 41.99 -13.93 16.37
C LEU A 101 41.45 -14.99 17.32
N LEU A 102 42.35 -15.83 17.82
CA LEU A 102 41.99 -16.90 18.73
C LEU A 102 42.92 -16.89 19.94
N TYR A 103 42.39 -17.32 21.08
CA TYR A 103 43.20 -17.42 22.28
C TYR A 103 44.26 -18.51 22.11
N GLY A 104 45.43 -18.26 22.70
CA GLY A 104 46.55 -19.16 22.59
C GLY A 104 47.37 -18.99 21.32
N HIS A 105 47.05 -18.02 20.48
CA HIS A 105 47.77 -17.79 19.24
C HIS A 105 48.84 -16.71 19.43
N ALA A 106 49.85 -16.76 18.57
CA ALA A 106 50.93 -15.78 18.58
C ALA A 106 50.64 -14.71 17.54
N ILE A 107 50.80 -13.45 17.94
CA ILE A 107 50.45 -12.32 17.09
C ILE A 107 51.67 -11.46 16.87
N LEU A 108 51.67 -10.74 15.74
CA LEU A 108 52.72 -9.80 15.38
C LEU A 108 52.09 -8.42 15.23
N LEU A 109 52.61 -7.45 15.98
CA LEU A 109 52.07 -6.09 16.00
C LEU A 109 53.03 -5.16 15.29
N ARG A 110 52.50 -4.36 14.37
CA ARG A 110 53.28 -3.40 13.60
C ARG A 110 52.83 -1.99 13.95
N HIS A 111 53.79 -1.12 14.26
CA HIS A 111 53.48 0.26 14.61
C HIS A 111 52.89 1.00 13.41
N ALA A 112 51.87 1.81 13.68
CA ALA A 112 51.17 2.50 12.59
C ALA A 112 52.03 3.62 11.99
N HIS A 113 52.67 4.43 12.83
CA HIS A 113 53.45 5.55 12.33
C HIS A 113 54.74 5.07 11.66
N SER A 114 55.60 4.42 12.43
CA SER A 114 56.85 3.87 11.92
C SER A 114 56.65 2.41 11.55
N ARG A 115 57.26 1.99 10.45
CA ARG A 115 57.16 0.60 9.98
C ARG A 115 58.05 -0.31 10.83
N MET A 116 57.73 -0.34 12.13
CA MET A 116 58.51 -1.09 13.11
C MET A 116 57.57 -2.03 13.87
N TYR A 117 58.13 -3.14 14.33
CA TYR A 117 57.36 -4.19 14.98
C TYR A 117 57.62 -4.21 16.48
N LEU A 118 56.54 -4.31 17.25
CA LEU A 118 56.66 -4.37 18.71
C LEU A 118 57.41 -5.63 19.11
N SER A 119 58.37 -5.48 20.03
CA SER A 119 59.17 -6.60 20.49
C SER A 119 59.65 -6.31 21.90
N CYS A 120 60.20 -7.35 22.54
CA CYS A 120 60.78 -7.25 23.87
C CYS A 120 62.30 -7.21 23.72
N LEU A 121 62.90 -6.06 24.01
CA LEU A 121 64.34 -5.89 23.85
C LEU A 121 65.09 -6.62 24.96
N THR A 122 66.35 -6.98 24.65
CA THR A 122 67.22 -7.66 25.61
C THR A 122 68.01 -6.67 26.45
N THR A 123 67.31 -5.70 27.05
CA THR A 123 67.91 -4.69 27.90
C THR A 123 66.97 -4.41 29.07
N SER A 124 67.51 -3.79 30.12
CA SER A 124 66.72 -3.47 31.30
C SER A 124 67.42 -2.36 32.07
N ARG A 125 66.64 -1.36 32.50
CA ARG A 125 67.13 -0.29 33.38
C ARG A 125 66.01 0.03 34.36
N SER A 126 66.04 -0.62 35.52
CA SER A 126 65.03 -0.41 36.55
C SER A 126 65.56 -0.38 37.97
N MET A 127 66.84 -0.71 38.20
CA MET A 127 67.48 -0.83 39.50
C MET A 127 66.96 -2.02 40.31
N THR A 128 65.94 -2.72 39.81
CA THR A 128 65.44 -3.96 40.42
C THR A 128 65.25 -4.96 39.29
N ASP A 129 66.05 -6.03 39.30
CA ASP A 129 66.06 -6.98 38.20
C ASP A 129 64.69 -7.61 37.99
N LYS A 130 64.23 -8.40 38.95
CA LYS A 130 62.92 -9.06 38.90
C LYS A 130 62.74 -9.88 37.62
N LEU A 131 63.85 -10.25 36.97
CA LEU A 131 63.82 -10.94 35.68
C LEU A 131 62.98 -10.18 34.66
N ALA A 132 63.14 -8.86 34.64
CA ALA A 132 62.35 -7.98 33.80
C ALA A 132 63.22 -7.39 32.69
N PHE A 133 62.69 -7.38 31.48
CA PHE A 133 63.34 -6.79 30.32
C PHE A 133 62.60 -5.52 29.91
N ASP A 134 63.05 -4.92 28.81
CA ASP A 134 62.43 -3.72 28.26
C ASP A 134 61.57 -4.08 27.06
N VAL A 135 60.51 -3.30 26.86
CA VAL A 135 59.58 -3.48 25.76
C VAL A 135 59.80 -2.33 24.78
N GLY A 136 60.17 -2.67 23.55
CA GLY A 136 60.47 -1.65 22.56
C GLY A 136 60.00 -1.98 21.16
N LEU A 137 60.73 -1.49 20.16
CA LEU A 137 60.39 -1.67 18.76
C LEU A 137 61.58 -2.22 18.01
N GLN A 138 61.29 -2.91 16.89
CA GLN A 138 62.33 -3.48 16.05
C GLN A 138 62.08 -3.08 14.60
N GLU A 139 63.17 -2.86 13.87
CA GLU A 139 63.07 -2.38 12.49
C GLU A 139 62.54 -3.45 11.54
N ASP A 140 62.70 -4.73 11.88
CA ASP A 140 62.29 -5.82 11.00
C ASP A 140 61.56 -6.88 11.80
N ALA A 141 60.71 -7.64 11.10
CA ALA A 141 59.94 -8.71 11.71
C ALA A 141 60.74 -9.99 11.90
N THR A 142 61.97 -10.04 11.41
CA THR A 142 62.79 -11.23 11.59
C THR A 142 63.16 -11.40 13.06
N GLY A 143 63.17 -12.65 13.52
CA GLY A 143 63.50 -12.97 14.89
C GLY A 143 62.32 -13.61 15.61
N GLU A 144 62.53 -13.83 16.91
CA GLU A 144 61.53 -14.47 17.76
C GLU A 144 60.95 -13.54 18.82
N ALA A 145 61.59 -12.41 19.09
CA ALA A 145 61.16 -11.52 20.18
C ALA A 145 60.01 -10.59 19.77
N CYS A 146 59.62 -10.57 18.50
CA CYS A 146 58.57 -9.68 18.03
C CYS A 146 57.20 -10.32 18.05
N TRP A 147 57.07 -11.53 18.60
CA TRP A 147 55.81 -12.25 18.63
C TRP A 147 55.31 -12.37 20.07
N TRP A 148 54.01 -12.16 20.25
CA TRP A 148 53.36 -12.25 21.55
C TRP A 148 52.22 -13.25 21.48
N THR A 149 52.16 -14.16 22.44
CA THR A 149 51.10 -15.15 22.51
C THR A 149 50.04 -14.70 23.50
N MET A 150 48.79 -14.64 23.05
CA MET A 150 47.69 -14.21 23.90
C MET A 150 47.20 -15.36 24.78
N HIS A 151 46.83 -15.03 26.01
CA HIS A 151 46.28 -16.00 26.94
C HIS A 151 44.99 -15.46 27.54
N PRO A 152 44.06 -16.33 27.89
CA PRO A 152 42.76 -15.85 28.38
C PRO A 152 42.86 -15.21 29.76
N ALA A 153 41.89 -14.35 30.03
CA ALA A 153 41.72 -13.73 31.34
C ALA A 153 41.03 -14.70 32.29
N SER A 154 40.48 -14.20 33.40
CA SER A 154 39.72 -14.99 34.36
C SER A 154 38.74 -15.91 33.63
N LYS A 155 38.41 -17.05 34.24
CA LYS A 155 37.88 -18.19 33.49
C LYS A 155 36.45 -17.95 33.01
N GLN A 156 36.27 -16.92 32.19
CA GLN A 156 35.06 -16.77 31.38
C GLN A 156 35.27 -17.21 29.94
N ARG A 157 36.52 -17.53 29.56
CA ARG A 157 36.84 -18.01 28.22
C ARG A 157 37.61 -19.33 28.33
N SER A 158 38.15 -19.81 27.21
CA SER A 158 38.89 -21.06 27.21
C SER A 158 39.96 -21.01 26.13
N GLU A 159 40.95 -21.90 26.27
CA GLU A 159 42.01 -21.99 25.27
C GLU A 159 41.44 -22.46 23.94
N GLY A 160 41.86 -21.80 22.87
CA GLY A 160 41.34 -22.09 21.54
C GLY A 160 40.05 -21.39 21.19
N GLU A 161 39.40 -20.76 22.16
CA GLU A 161 38.17 -20.02 21.88
C GLU A 161 38.48 -18.71 21.18
N LYS A 162 37.49 -18.23 20.42
CA LYS A 162 37.68 -16.99 19.68
C LYS A 162 37.67 -15.79 20.63
N VAL A 163 38.26 -14.70 20.16
CA VAL A 163 38.49 -13.50 20.97
C VAL A 163 37.56 -12.40 20.50
N ARG A 164 36.86 -11.78 21.45
CA ARG A 164 35.96 -10.67 21.17
C ARG A 164 36.60 -9.35 21.60
N VAL A 165 36.15 -8.26 20.97
CA VAL A 165 36.67 -6.94 21.31
C VAL A 165 36.18 -6.54 22.70
N GLY A 166 36.94 -5.65 23.34
CA GLY A 166 36.58 -5.20 24.67
C GLY A 166 36.72 -6.23 25.75
N ASP A 167 37.49 -7.29 25.50
CA ASP A 167 37.71 -8.37 26.46
C ASP A 167 39.15 -8.33 26.95
N ASP A 168 39.32 -8.34 28.27
CA ASP A 168 40.66 -8.29 28.85
C ASP A 168 41.42 -9.59 28.58
N LEU A 169 42.73 -9.46 28.44
CA LEU A 169 43.59 -10.61 28.20
C LEU A 169 45.00 -10.26 28.64
N ILE A 170 45.89 -11.26 28.62
CA ILE A 170 47.29 -11.09 28.97
C ILE A 170 48.15 -11.55 27.80
N LEU A 171 49.21 -10.79 27.53
CA LEU A 171 50.11 -11.06 26.43
C LEU A 171 51.43 -11.61 26.99
N VAL A 172 51.90 -12.71 26.41
CA VAL A 172 53.10 -13.39 26.86
C VAL A 172 54.11 -13.35 25.73
N SER A 173 55.33 -12.90 26.04
CA SER A 173 56.40 -12.88 25.04
C SER A 173 56.89 -14.29 24.76
N VAL A 174 57.49 -14.46 23.59
CA VAL A 174 58.01 -15.76 23.18
C VAL A 174 59.48 -15.91 23.54
N SER A 175 60.30 -14.91 23.19
CA SER A 175 61.73 -14.99 23.47
C SER A 175 62.01 -14.84 24.97
N SER A 176 61.28 -13.96 25.64
CA SER A 176 61.53 -13.69 27.06
C SER A 176 60.60 -14.44 28.00
N GLU A 177 59.47 -14.95 27.49
CA GLU A 177 58.49 -15.67 28.30
C GLU A 177 58.05 -14.85 29.51
N ARG A 178 57.79 -13.56 29.27
CA ARG A 178 57.37 -12.64 30.32
C ARG A 178 56.15 -11.86 29.85
N TYR A 179 55.31 -11.49 30.82
CA TYR A 179 54.09 -10.75 30.53
C TYR A 179 54.40 -9.29 30.21
N LEU A 180 53.53 -8.69 29.39
CA LEU A 180 53.58 -7.26 29.15
C LEU A 180 53.02 -6.55 30.38
N HIS A 181 53.90 -6.15 31.29
CA HIS A 181 53.50 -5.70 32.62
C HIS A 181 53.70 -4.20 32.78
N LEU A 182 52.76 -3.57 33.49
CA LEU A 182 52.84 -2.16 33.84
C LEU A 182 53.42 -2.06 35.24
N SER A 183 54.65 -1.57 35.35
CA SER A 183 55.34 -1.52 36.62
C SER A 183 54.85 -0.35 37.47
N THR A 184 54.93 -0.52 38.79
CA THR A 184 54.60 0.51 39.77
C THR A 184 55.80 0.78 40.68
N ALA A 185 56.99 0.82 40.08
CA ALA A 185 58.23 1.01 40.82
C ALA A 185 58.44 2.48 41.15
N SER A 186 59.66 2.85 41.54
CA SER A 186 59.98 4.24 41.88
C SER A 186 59.70 5.19 40.72
N GLY A 187 59.72 4.70 39.49
CA GLY A 187 59.32 5.50 38.35
C GLY A 187 57.84 5.81 38.38
N GLU A 188 57.38 6.44 37.31
CA GLU A 188 55.99 6.89 37.19
C GLU A 188 55.33 6.14 36.04
N LEU A 189 54.78 4.96 36.34
CA LEU A 189 53.94 4.19 35.43
C LEU A 189 54.66 3.89 34.12
N GLN A 190 55.71 3.09 34.23
CA GLN A 190 56.44 2.60 33.07
C GLN A 190 55.97 1.20 32.69
N VAL A 191 56.37 0.76 31.50
CA VAL A 191 55.98 -0.53 30.96
C VAL A 191 57.23 -1.36 30.69
N ASP A 192 57.22 -2.60 31.13
CA ASP A 192 58.34 -3.52 30.93
C ASP A 192 57.78 -4.91 30.69
N ALA A 193 58.67 -5.89 30.58
CA ALA A 193 58.31 -7.30 30.37
C ALA A 193 58.84 -8.09 31.56
N SER A 194 57.99 -8.28 32.56
CA SER A 194 58.35 -8.99 33.78
C SER A 194 57.44 -10.21 33.97
N PHE A 195 57.60 -10.88 35.10
CA PHE A 195 56.81 -12.06 35.43
C PHE A 195 55.51 -11.70 36.15
N MET A 196 55.29 -10.45 36.49
CA MET A 196 54.05 -10.03 37.13
C MET A 196 52.94 -9.91 36.09
N GLN A 197 51.74 -10.37 36.47
CA GLN A 197 50.62 -10.37 35.55
C GLN A 197 49.99 -8.99 35.45
N THR A 198 49.63 -8.60 34.23
CA THR A 198 48.95 -7.34 33.96
C THR A 198 47.94 -7.56 32.85
N LEU A 199 46.75 -7.01 33.02
CA LEU A 199 45.65 -7.22 32.09
C LEU A 199 45.59 -6.10 31.07
N TRP A 200 45.53 -6.45 29.80
CA TRP A 200 45.42 -5.51 28.71
C TRP A 200 44.25 -5.88 27.81
N ASN A 201 43.69 -4.87 27.15
CA ASN A 201 42.65 -5.07 26.15
C ASN A 201 42.99 -4.28 24.89
N MET A 202 42.60 -4.82 23.75
CA MET A 202 42.89 -4.23 22.45
C MET A 202 41.60 -3.61 21.90
N ASN A 203 41.46 -2.30 22.11
CA ASN A 203 40.32 -1.59 21.56
C ASN A 203 40.53 -1.39 20.05
N PRO A 204 39.57 -1.79 19.22
CA PRO A 204 39.75 -1.73 17.77
C PRO A 204 39.53 -0.32 17.25
N ILE A 205 40.61 0.32 16.79
CA ILE A 205 40.51 1.67 16.25
C ILE A 205 39.69 1.66 14.95
N CYS A 206 40.02 0.76 14.04
CA CYS A 206 39.36 0.71 12.74
C CYS A 206 39.31 -0.75 12.26
N SER A 207 38.73 -0.93 11.08
CA SER A 207 38.57 -2.24 10.46
C SER A 207 38.63 -2.05 8.96
N CYS A 208 38.15 -3.04 8.21
CA CYS A 208 38.08 -2.94 6.75
C CYS A 208 37.29 -1.71 6.34
N CYS A 209 37.97 -0.74 5.72
CA CYS A 209 37.38 0.54 5.41
C CYS A 209 37.04 0.63 3.92
N GLU A 210 35.99 1.38 3.62
CA GLU A 210 35.56 1.57 2.24
C GLU A 210 36.53 2.48 1.50
N GLU A 211 36.67 2.23 0.19
CA GLU A 211 37.61 2.99 -0.62
C GLU A 211 37.12 4.43 -0.81
N GLY A 212 38.03 5.38 -0.67
CA GLY A 212 37.72 6.78 -0.90
C GLY A 212 36.70 7.38 0.04
N TYR A 213 36.78 7.06 1.33
CA TYR A 213 35.87 7.61 2.33
C TYR A 213 36.69 8.14 3.50
N VAL A 214 36.28 9.30 4.01
CA VAL A 214 37.00 9.97 5.07
C VAL A 214 36.67 9.32 6.41
N THR A 215 37.71 8.89 7.13
CA THR A 215 37.56 8.29 8.45
C THR A 215 38.47 9.01 9.43
N GLY A 216 38.10 8.92 10.71
CA GLY A 216 38.86 9.58 11.77
C GLY A 216 40.29 9.12 11.86
N GLY A 217 41.22 10.07 11.98
CA GLY A 217 42.64 9.77 12.08
C GLY A 217 43.42 9.99 10.81
N HIS A 218 42.76 10.16 9.67
CA HIS A 218 43.47 10.33 8.41
C HIS A 218 44.06 11.73 8.31
N VAL A 219 45.33 11.80 7.95
CA VAL A 219 45.98 13.08 7.65
C VAL A 219 45.57 13.49 6.24
N LEU A 220 45.10 14.74 6.11
CA LEU A 220 44.52 15.17 4.84
C LEU A 220 44.59 16.69 4.74
N ARG A 221 44.40 17.18 3.52
CA ARG A 221 44.38 18.61 3.25
C ARG A 221 42.95 19.08 3.03
N LEU A 222 42.63 20.24 3.59
CA LEU A 222 41.28 20.83 3.48
C LEU A 222 41.31 21.84 2.34
N PHE A 223 40.78 21.44 1.19
CA PHE A 223 40.76 22.28 0.01
C PHE A 223 39.45 23.07 -0.06
N HIS A 224 39.53 24.27 -0.62
CA HIS A 224 38.39 25.18 -0.72
C HIS A 224 38.14 25.52 -2.18
N GLY A 225 36.86 25.45 -2.59
CA GLY A 225 36.47 25.82 -3.94
C GLY A 225 37.09 24.96 -5.01
N HIS A 226 38.00 25.55 -5.80
CA HIS A 226 38.66 24.83 -6.88
C HIS A 226 39.82 24.01 -6.31
N MET A 227 40.66 23.47 -7.19
CA MET A 227 41.80 22.66 -6.79
C MET A 227 43.09 23.47 -6.66
N ASP A 228 42.98 24.77 -6.36
CA ASP A 228 44.13 25.64 -6.19
C ASP A 228 44.13 26.38 -4.87
N GLU A 229 43.19 26.08 -3.98
CA GLU A 229 43.08 26.74 -2.68
C GLU A 229 42.92 25.69 -1.60
N CYS A 230 43.70 25.82 -0.52
CA CYS A 230 43.66 24.89 0.59
C CYS A 230 43.81 25.65 1.89
N LEU A 231 43.29 25.05 2.97
CA LEU A 231 43.36 25.65 4.30
C LEU A 231 44.70 25.29 4.92
N THR A 232 45.60 26.28 5.03
CA THR A 232 46.96 26.07 5.50
C THR A 232 47.23 26.93 6.74
N ILE A 233 48.49 26.96 7.16
CA ILE A 233 48.94 27.74 8.30
C ILE A 233 50.14 28.57 7.87
N SER A 234 50.50 29.55 8.70
CA SER A 234 51.62 30.42 8.39
C SER A 234 52.92 29.65 8.33
N ALA A 235 53.81 30.07 7.45
CA ALA A 235 55.09 29.38 7.25
C ALA A 235 56.03 29.65 8.41
N ALA A 236 57.16 28.95 8.40
CA ALA A 236 58.19 29.14 9.40
C ALA A 236 58.85 30.51 9.24
N ASP A 237 59.59 30.92 10.28
CA ASP A 237 60.23 32.22 10.33
C ASP A 237 59.22 33.34 10.13
N SER A 238 58.08 33.21 10.80
CA SER A 238 56.99 34.17 10.72
C SER A 238 57.09 35.20 11.84
N ASP A 239 56.41 36.33 11.64
CA ASP A 239 56.40 37.37 12.66
C ASP A 239 55.74 36.89 13.95
N ASP A 240 54.66 36.14 13.83
CA ASP A 240 53.97 35.58 14.98
C ASP A 240 54.59 34.23 15.35
N GLN A 241 53.91 33.48 16.22
CA GLN A 241 54.39 32.18 16.67
C GLN A 241 53.75 31.04 15.88
N ARG A 242 53.47 31.26 14.60
CA ARG A 242 52.81 30.27 13.73
C ARG A 242 51.47 29.83 14.31
N ARG A 243 50.74 30.79 14.89
CA ARG A 243 49.42 30.52 15.46
C ARG A 243 48.29 31.18 14.67
N LEU A 244 48.60 31.81 13.54
CA LEU A 244 47.61 32.48 12.71
C LEU A 244 47.24 31.58 11.55
N VAL A 245 45.95 31.30 11.40
CA VAL A 245 45.46 30.40 10.36
C VAL A 245 45.15 31.21 9.11
N TYR A 246 45.75 30.82 8.00
CA TYR A 246 45.62 31.53 6.73
C TYR A 246 44.84 30.71 5.72
N TYR A 247 44.71 31.25 4.52
CA TYR A 247 44.08 30.56 3.40
C TYR A 247 44.98 30.61 2.18
N GLU A 248 46.28 30.34 2.38
CA GLU A 248 47.24 30.44 1.29
C GLU A 248 47.03 29.33 0.27
N GLY A 249 47.35 29.65 -0.99
CA GLY A 249 47.24 28.69 -2.08
C GLY A 249 48.49 28.72 -2.95
N GLY A 250 48.50 27.81 -3.93
CA GLY A 250 49.61 27.72 -4.85
C GLY A 250 50.53 26.55 -4.56
N ALA A 251 51.82 26.83 -4.39
CA ALA A 251 52.80 25.79 -4.09
C ALA A 251 52.67 25.26 -2.68
N VAL A 252 51.87 25.90 -1.82
CA VAL A 252 51.69 25.44 -0.46
C VAL A 252 50.92 24.12 -0.40
N CYS A 253 50.20 23.76 -1.46
CA CYS A 253 49.45 22.51 -1.47
C CYS A 253 50.35 21.29 -1.46
N THR A 254 51.61 21.44 -1.87
CA THR A 254 52.54 20.31 -1.90
C THR A 254 53.34 20.16 -0.61
N HIS A 255 53.50 21.25 0.15
CA HIS A 255 54.28 21.21 1.37
C HIS A 255 53.50 20.52 2.49
N ALA A 256 54.11 20.43 3.67
CA ALA A 256 53.52 19.77 4.82
C ALA A 256 52.70 20.70 5.70
N ARG A 257 52.62 21.99 5.35
CA ARG A 257 51.84 22.92 6.16
C ARG A 257 50.35 22.61 6.08
N SER A 258 49.86 22.23 4.89
CA SER A 258 48.45 21.98 4.67
C SER A 258 48.02 20.59 5.15
N LEU A 259 48.81 19.93 5.98
CA LEU A 259 48.48 18.59 6.47
C LEU A 259 47.78 18.71 7.82
N TRP A 260 46.49 18.38 7.84
CA TRP A 260 45.71 18.37 9.07
C TRP A 260 45.18 16.97 9.31
N ARG A 261 44.97 16.63 10.58
CA ARG A 261 44.42 15.35 10.98
C ARG A 261 43.20 15.56 11.86
N LEU A 262 42.30 14.58 11.83
CA LEU A 262 41.03 14.65 12.54
C LEU A 262 41.03 13.65 13.69
N GLU A 263 40.73 14.13 14.89
CA GLU A 263 40.69 13.29 16.09
C GLU A 263 39.29 13.29 16.68
N PRO A 264 38.50 12.25 16.48
CA PRO A 264 37.18 12.19 17.12
C PRO A 264 37.31 12.10 18.63
N LEU A 265 36.31 12.63 19.33
CA LEU A 265 36.33 12.61 20.80
C LEU A 265 36.22 11.19 21.32
N ARG A 266 35.60 10.28 20.58
CA ARG A 266 35.56 8.88 20.96
C ARG A 266 36.96 8.28 20.92
N ILE A 267 37.20 7.30 21.78
CA ILE A 267 38.52 6.73 21.94
C ILE A 267 38.60 5.28 21.46
N SER A 268 37.52 4.51 21.55
CA SER A 268 37.59 3.10 21.19
C SER A 268 37.54 2.92 19.67
N TRP A 269 36.43 3.29 19.05
CA TRP A 269 36.27 3.21 17.60
C TRP A 269 36.59 4.54 16.93
N SER A 270 37.76 5.10 17.20
CA SER A 270 38.16 6.37 16.58
C SER A 270 38.85 6.15 15.24
N GLY A 271 38.21 5.33 14.39
CA GLY A 271 38.68 5.12 13.04
C GLY A 271 37.51 4.91 12.09
N SER A 272 36.30 5.10 12.60
CA SER A 272 35.09 4.86 11.83
C SER A 272 34.90 5.97 10.79
N HIS A 273 33.99 5.70 9.85
CA HIS A 273 33.69 6.67 8.81
C HIS A 273 33.11 7.94 9.41
N LEU A 274 33.48 9.08 8.85
CA LEU A 274 33.04 10.36 9.38
C LEU A 274 31.53 10.54 9.20
N ARG A 275 30.91 11.19 10.17
CA ARG A 275 29.48 11.47 10.14
C ARG A 275 29.26 12.97 10.16
N TRP A 276 28.20 13.41 9.48
CA TRP A 276 27.87 14.83 9.46
C TRP A 276 27.49 15.31 10.85
N GLY A 277 28.10 16.43 11.27
CA GLY A 277 27.86 16.97 12.59
C GLY A 277 28.60 16.29 13.72
N GLN A 278 29.44 15.32 13.43
CA GLN A 278 30.19 14.63 14.48
C GLN A 278 31.28 15.54 15.02
N PRO A 279 31.35 15.75 16.34
CA PRO A 279 32.39 16.61 16.89
C PRO A 279 33.77 16.02 16.71
N LEU A 280 34.69 16.82 16.19
CA LEU A 280 36.06 16.39 15.91
C LEU A 280 37.02 17.52 16.24
N ARG A 281 38.28 17.16 16.45
CA ARG A 281 39.36 18.09 16.70
C ARG A 281 40.33 18.08 15.53
N ILE A 282 40.67 19.26 15.02
CA ILE A 282 41.60 19.40 13.91
C ILE A 282 42.98 19.71 14.47
N ARG A 283 43.97 18.90 14.11
CA ARG A 283 45.32 19.04 14.62
C ARG A 283 46.30 19.22 13.47
N HIS A 284 47.22 20.16 13.64
CA HIS A 284 48.31 20.37 12.69
C HIS A 284 49.45 19.42 13.06
N VAL A 285 49.73 18.46 12.18
CA VAL A 285 50.70 17.43 12.50
C VAL A 285 52.11 18.02 12.60
N THR A 286 52.43 19.00 11.75
CA THR A 286 53.77 19.56 11.73
C THR A 286 54.08 20.29 13.03
N THR A 287 53.12 21.05 13.56
CA THR A 287 53.33 21.84 14.77
C THR A 287 52.77 21.21 16.03
N GLY A 288 51.77 20.34 15.92
CA GLY A 288 51.17 19.74 17.09
C GLY A 288 50.20 20.63 17.83
N ARG A 289 49.57 21.57 17.13
CA ARG A 289 48.61 22.49 17.73
C ARG A 289 47.21 22.22 17.19
N TYR A 290 46.21 22.41 18.04
CA TYR A 290 44.83 22.11 17.71
C TYR A 290 44.09 23.39 17.36
N LEU A 291 43.28 23.32 16.29
CA LEU A 291 42.43 24.45 15.93
C LEU A 291 41.40 24.71 17.02
N ALA A 292 41.23 25.98 17.36
CA ALA A 292 40.34 26.35 18.46
C ALA A 292 39.94 27.82 18.32
N LEU A 293 39.01 28.22 19.18
CA LEU A 293 38.58 29.61 19.30
C LEU A 293 38.73 30.01 20.77
N THR A 294 39.65 30.92 21.05
CA THR A 294 39.96 31.32 22.41
C THR A 294 39.16 32.53 22.88
N GLU A 295 38.31 33.09 22.03
CA GLU A 295 37.51 34.27 22.34
C GLU A 295 38.37 35.48 22.69
N ASP A 296 39.65 35.45 22.32
CA ASP A 296 40.57 36.54 22.56
C ASP A 296 41.26 37.02 21.30
N GLN A 297 41.60 36.12 20.39
CA GLN A 297 42.24 36.48 19.13
C GLN A 297 41.52 35.92 17.89
N GLY A 298 40.49 35.10 18.08
CA GLY A 298 39.76 34.55 16.95
C GLY A 298 40.05 33.08 16.73
N LEU A 299 40.01 32.63 15.47
CA LEU A 299 40.28 31.24 15.12
C LEU A 299 41.78 31.06 15.02
N VAL A 300 42.39 30.51 16.07
CA VAL A 300 43.83 30.28 16.12
C VAL A 300 44.09 28.87 16.63
N VAL A 301 45.27 28.36 16.31
CA VAL A 301 45.71 27.06 16.79
C VAL A 301 46.30 27.23 18.18
N VAL A 302 46.01 26.27 19.07
CA VAL A 302 46.38 26.37 20.47
C VAL A 302 47.15 25.11 20.88
N ASP A 303 47.83 25.21 22.02
CA ASP A 303 48.58 24.09 22.55
C ASP A 303 47.65 22.99 23.04
N ALA A 304 48.21 21.80 23.24
CA ALA A 304 47.42 20.66 23.67
C ALA A 304 46.88 20.83 25.09
N CYS A 305 47.61 21.57 25.94
CA CYS A 305 47.16 21.75 27.32
C CYS A 305 45.86 22.53 27.38
N LYS A 306 45.77 23.62 26.63
CA LYS A 306 44.57 24.45 26.60
C LYS A 306 43.68 24.08 25.43
N ALA A 307 43.27 22.81 25.40
CA ALA A 307 42.52 22.23 24.30
C ALA A 307 41.23 21.58 24.80
N HIS A 308 40.49 22.32 25.61
CA HIS A 308 39.22 21.82 26.12
C HIS A 308 38.22 21.61 24.97
N THR A 309 37.33 20.64 25.17
CA THR A 309 36.36 20.30 24.12
C THR A 309 35.41 21.46 23.80
N LYS A 310 35.21 22.38 24.75
CA LYS A 310 34.32 23.51 24.51
C LYS A 310 34.90 24.52 23.53
N ALA A 311 36.17 24.40 23.17
CA ALA A 311 36.81 25.34 22.25
C ALA A 311 37.49 24.69 21.06
N THR A 312 37.78 23.39 21.11
CA THR A 312 38.53 22.73 20.06
C THR A 312 37.68 21.86 19.15
N SER A 313 36.45 21.54 19.53
CA SER A 313 35.63 20.61 18.78
C SER A 313 34.98 21.30 17.58
N PHE A 314 35.10 20.69 16.41
CA PHE A 314 34.51 21.17 15.17
C PHE A 314 33.71 20.06 14.53
N CYS A 315 33.11 20.34 13.37
CA CYS A 315 32.34 19.34 12.65
C CYS A 315 32.24 19.74 11.18
N PHE A 316 31.74 18.83 10.38
CA PHE A 316 31.46 19.07 8.96
C PHE A 316 29.99 18.76 8.67
N ARG A 317 29.36 19.61 7.87
CA ARG A 317 27.96 19.40 7.53
C ARG A 317 27.63 20.13 6.23
N VAL A 318 27.00 19.41 5.30
CA VAL A 318 26.43 20.01 4.09
C VAL A 318 25.11 20.65 4.47
N SER A 319 24.51 21.43 3.56
CA SER A 319 23.24 22.11 3.81
C SER A 319 23.38 23.06 5.00
N LYS A 320 24.15 24.13 4.77
CA LYS A 320 24.64 25.04 5.80
C LYS A 320 23.63 25.31 6.91
N GLU A 321 22.45 25.84 6.56
CA GLU A 321 21.48 26.16 7.61
C GLU A 321 20.67 24.93 8.00
N LYS A 322 19.84 24.43 7.08
CA LYS A 322 19.15 23.14 7.21
C LYS A 322 18.24 23.05 8.44
N LEU A 323 18.13 24.14 9.21
CA LEU A 323 17.48 24.10 10.52
C LEU A 323 18.03 22.95 11.36
N ASP A 324 19.32 23.07 11.67
CA ASP A 324 20.08 21.99 12.27
C ASP A 324 19.45 21.54 13.59
N THR A 325 19.40 20.22 13.77
CA THR A 325 18.83 19.60 14.96
C THR A 325 19.94 19.11 15.88
N ALA A 326 19.53 18.48 16.99
CA ALA A 326 20.48 17.97 17.97
C ALA A 326 21.02 16.63 17.51
N PRO A 327 22.34 16.47 17.40
CA PRO A 327 22.89 15.16 17.01
C PRO A 327 22.69 14.11 18.10
N LYS A 328 22.54 12.87 17.66
CA LYS A 328 22.33 11.74 18.56
C LYS A 328 22.72 10.47 17.83
N ARG A 329 22.32 9.32 18.40
CA ARG A 329 22.51 8.00 17.79
C ARG A 329 23.99 7.71 17.54
N ASP A 330 24.75 7.62 18.62
CA ASP A 330 26.15 7.24 18.53
C ASP A 330 26.27 5.81 18.02
N VAL A 331 27.26 5.57 17.17
CA VAL A 331 27.46 4.27 16.52
C VAL A 331 28.62 3.56 17.21
N GLU A 332 28.39 2.31 17.62
CA GLU A 332 29.41 1.50 18.29
C GLU A 332 30.09 0.52 17.33
N GLY A 333 30.28 0.92 16.08
CA GLY A 333 30.94 0.07 15.10
C GLY A 333 31.58 0.86 13.98
N MET A 334 31.82 0.20 12.85
CA MET A 334 32.42 0.88 11.71
C MET A 334 31.48 1.97 11.17
N GLY A 335 30.20 1.68 11.07
CA GLY A 335 29.22 2.66 10.64
C GLY A 335 29.14 2.76 9.12
N PRO A 336 28.12 3.46 8.64
CA PRO A 336 27.98 3.64 7.19
C PRO A 336 28.85 4.78 6.69
N PRO A 337 29.46 4.62 5.52
CA PRO A 337 30.30 5.71 4.98
C PRO A 337 29.50 6.69 4.15
N GLU A 338 29.63 7.98 4.45
CA GLU A 338 28.92 9.01 3.71
C GLU A 338 29.81 10.12 3.19
N ILE A 339 30.84 10.51 3.95
CA ILE A 339 31.74 11.58 3.55
C ILE A 339 32.79 10.99 2.61
N LYS A 340 32.63 11.25 1.32
CA LYS A 340 33.49 10.68 0.29
C LYS A 340 34.60 11.66 -0.08
N TYR A 341 35.81 11.13 -0.26
CA TYR A 341 36.93 11.95 -0.69
C TYR A 341 36.69 12.47 -2.09
N GLY A 342 37.16 13.70 -2.34
CA GLY A 342 36.97 14.33 -3.62
C GLY A 342 35.72 15.18 -3.68
N GLU A 343 34.56 14.56 -3.46
CA GLU A 343 33.27 15.25 -3.42
C GLU A 343 32.77 15.23 -1.98
N SER A 344 33.24 16.20 -1.20
CA SER A 344 32.86 16.34 0.20
C SER A 344 32.60 17.80 0.52
N LEU A 345 31.83 18.47 -0.33
CA LEU A 345 31.58 19.90 -0.16
C LEU A 345 30.71 20.14 1.06
N CYS A 346 31.34 20.41 2.20
CA CYS A 346 30.65 20.61 3.47
C CYS A 346 31.14 21.90 4.12
N PHE A 347 30.52 22.24 5.24
CA PHE A 347 30.82 23.46 5.97
C PHE A 347 31.25 23.11 7.39
N VAL A 348 32.27 23.82 7.89
CA VAL A 348 32.83 23.57 9.20
C VAL A 348 32.28 24.59 10.18
N GLN A 349 31.85 24.13 11.35
CA GLN A 349 31.30 24.99 12.38
C GLN A 349 31.68 24.46 13.75
N HIS A 350 31.58 25.33 14.75
CA HIS A 350 31.81 24.95 16.13
C HIS A 350 30.53 24.37 16.74
N VAL A 351 30.70 23.43 17.66
CA VAL A 351 29.54 22.82 18.32
C VAL A 351 29.16 23.56 19.60
N ALA A 352 30.15 23.86 20.45
CA ALA A 352 29.84 24.52 21.72
C ALA A 352 29.27 25.91 21.51
N SER A 353 29.83 26.67 20.57
CA SER A 353 29.37 28.02 20.28
C SER A 353 28.34 28.05 19.15
N GLY A 354 28.70 27.54 17.97
CA GLY A 354 27.77 27.47 16.86
C GLY A 354 27.91 28.59 15.86
N LEU A 355 29.15 28.87 15.45
CA LEU A 355 29.41 29.90 14.45
C LEU A 355 30.32 29.33 13.37
N TRP A 356 30.14 29.82 12.15
CA TRP A 356 30.84 29.28 10.99
C TRP A 356 32.14 30.04 10.74
N LEU A 357 32.90 29.56 9.76
CA LEU A 357 34.17 30.17 9.37
C LEU A 357 34.17 30.44 7.87
N THR A 358 34.91 31.47 7.48
CA THR A 358 35.03 31.85 6.08
C THR A 358 36.24 32.74 5.92
N TYR A 359 36.61 32.99 4.66
CA TYR A 359 37.72 33.88 4.38
C TYR A 359 37.37 35.30 4.82
N ALA A 360 38.30 35.94 5.52
CA ALA A 360 38.05 37.27 6.05
C ALA A 360 38.18 38.35 4.97
N ALA A 361 39.37 38.47 4.39
CA ALA A 361 39.69 39.49 3.40
C ALA A 361 39.31 40.87 3.90
N PRO A 362 39.95 41.38 4.96
CA PRO A 362 39.55 42.67 5.52
C PRO A 362 39.67 43.83 4.54
N ASP A 363 40.69 43.81 3.68
CA ASP A 363 40.90 44.89 2.73
C ASP A 363 41.85 44.45 1.62
N PRO A 364 41.52 44.76 0.35
CA PRO A 364 42.45 44.43 -0.76
C PRO A 364 43.53 45.48 -0.93
N LYS A 365 44.50 45.46 0.00
CA LYS A 365 45.59 46.42 -0.04
C LYS A 365 46.49 46.19 -1.25
N ALA A 366 46.92 47.28 -1.86
CA ALA A 366 47.82 47.18 -3.01
C ALA A 366 49.17 46.60 -2.60
N LEU A 367 49.67 46.98 -1.43
CA LEU A 367 50.97 46.51 -0.93
C LEU A 367 50.82 45.44 0.14
N ARG A 368 49.84 44.54 -0.03
CA ARG A 368 49.61 43.49 0.96
C ARG A 368 50.78 42.52 1.05
N LEU A 369 51.63 42.46 0.01
CA LEU A 369 52.81 41.59 0.01
C LEU A 369 52.42 40.12 0.23
N GLY A 370 51.32 39.71 -0.38
CA GLY A 370 50.87 38.33 -0.28
C GLY A 370 49.99 37.93 -1.45
N VAL A 371 50.11 36.68 -1.90
CA VAL A 371 49.30 36.21 -3.03
C VAL A 371 47.82 36.22 -2.66
N LEU A 372 47.48 35.63 -1.53
CA LEU A 372 46.11 35.69 -1.00
C LEU A 372 46.06 36.34 0.37
N LYS A 373 46.84 35.83 1.34
CA LYS A 373 46.93 36.41 2.68
C LYS A 373 45.56 36.57 3.32
N LYS A 374 44.69 35.56 3.15
CA LYS A 374 43.34 35.61 3.69
C LYS A 374 43.33 34.94 5.05
N LYS A 375 43.14 35.74 6.10
CA LYS A 375 43.07 35.20 7.45
C LYS A 375 41.78 34.41 7.64
N ALA A 376 41.86 33.39 8.49
CA ALA A 376 40.72 32.54 8.81
C ALA A 376 40.05 33.08 10.07
N ILE A 377 38.76 33.39 9.97
CA ILE A 377 38.00 33.95 11.09
C ILE A 377 36.73 33.14 11.26
N LEU A 378 36.17 33.23 12.47
CA LEU A 378 34.91 32.55 12.81
C LEU A 378 33.81 33.60 12.92
N HIS A 379 32.69 33.34 12.23
CA HIS A 379 31.58 34.27 12.17
C HIS A 379 30.28 33.53 12.40
N GLN A 380 29.30 34.26 12.95
CA GLN A 380 27.97 33.67 13.16
C GLN A 380 27.33 33.28 11.85
N GLU A 381 27.45 34.11 10.83
CA GLU A 381 26.97 33.82 9.48
C GLU A 381 28.06 34.19 8.49
N GLY A 382 28.68 33.18 7.90
CA GLY A 382 29.78 33.41 6.97
C GLY A 382 29.32 33.85 5.60
N HIS A 383 30.30 34.10 4.74
CA HIS A 383 30.03 34.52 3.38
C HIS A 383 29.69 33.31 2.51
N MET A 384 29.67 33.50 1.20
CA MET A 384 29.40 32.42 0.26
C MET A 384 30.71 31.88 -0.30
N ASP A 385 30.65 30.64 -0.81
CA ASP A 385 31.79 29.96 -1.40
C ASP A 385 32.91 29.74 -0.36
N ASP A 386 32.53 29.10 0.74
CA ASP A 386 33.48 28.69 1.77
C ASP A 386 33.41 27.20 2.06
N ALA A 387 32.69 26.43 1.24
CA ALA A 387 32.60 24.99 1.45
C ALA A 387 33.95 24.34 1.17
N LEU A 388 34.35 23.42 2.05
CA LEU A 388 35.63 22.74 1.95
C LEU A 388 35.41 21.29 1.56
N PHE A 389 36.13 20.85 0.52
CA PHE A 389 36.15 19.45 0.11
C PHE A 389 37.51 18.86 0.44
N LEU A 390 37.52 17.60 0.88
CA LEU A 390 38.69 16.99 1.49
C LEU A 390 39.41 16.08 0.51
N THR A 391 40.73 16.11 0.56
CA THR A 391 41.59 15.22 -0.22
C THR A 391 42.67 14.66 0.70
N ARG A 392 42.89 13.35 0.59
CA ARG A 392 43.84 12.67 1.47
C ARG A 392 45.26 12.79 0.94
N CYS A 393 46.22 12.73 1.86
CA CYS A 393 47.64 12.75 1.52
C CYS A 393 48.22 11.34 1.61
N GLN A 394 49.39 11.18 1.00
CA GLN A 394 50.05 9.87 0.96
C GLN A 394 50.60 9.50 2.33
N GLN A 395 50.86 8.20 2.50
CA GLN A 395 51.43 7.72 3.76
C GLN A 395 52.82 8.29 3.99
N GLU A 396 53.62 8.38 2.91
CA GLU A 396 54.97 8.92 3.04
C GLU A 396 54.95 10.36 3.52
N GLU A 397 54.03 11.18 2.99
CA GLU A 397 53.94 12.57 3.40
C GLU A 397 53.57 12.71 4.87
N SER A 398 52.60 11.91 5.33
CA SER A 398 52.20 11.97 6.73
C SER A 398 53.33 11.51 7.65
N GLN A 399 54.02 10.43 7.28
CA GLN A 399 55.15 9.96 8.08
C GLN A 399 56.26 11.00 8.12
N ALA A 400 56.54 11.64 7.00
CA ALA A 400 57.56 12.69 6.97
C ALA A 400 57.16 13.87 7.84
N ALA A 401 55.88 14.24 7.82
CA ALA A 401 55.42 15.34 8.67
C ALA A 401 55.56 15.00 10.15
N ARG A 402 55.20 13.76 10.52
CA ARG A 402 55.34 13.36 11.91
C ARG A 402 56.80 13.34 12.35
N MET A 403 57.68 12.82 11.50
CA MET A 403 59.11 12.85 11.81
C MET A 403 59.63 14.27 11.90
N ILE A 404 59.15 15.16 11.04
CA ILE A 404 59.56 16.57 11.11
C ILE A 404 59.15 17.17 12.44
N HIS A 405 57.91 16.91 12.87
CA HIS A 405 57.45 17.44 14.15
C HIS A 405 58.29 16.92 15.30
N SER A 406 58.50 15.61 15.37
CA SER A 406 59.25 15.03 16.48
C SER A 406 60.70 15.53 16.48
N THR A 407 61.33 15.57 15.30
CA THR A 407 62.72 16.01 15.21
C THR A 407 62.86 17.47 15.58
N ALA A 408 61.94 18.32 15.12
CA ALA A 408 61.99 19.73 15.48
C ALA A 408 61.83 19.92 16.98
N GLY A 409 60.90 19.17 17.60
CA GLY A 409 60.75 19.26 19.04
C GLY A 409 62.02 18.84 19.78
N LEU A 410 62.61 17.71 19.36
CA LEU A 410 63.81 17.22 20.02
C LEU A 410 64.98 18.18 19.86
N TYR A 411 65.17 18.73 18.67
CA TYR A 411 66.28 19.66 18.45
C TYR A 411 66.06 20.97 19.19
N ASN A 412 64.80 21.44 19.27
CA ASN A 412 64.52 22.64 20.05
C ASN A 412 64.81 22.41 21.52
N GLN A 413 64.44 21.24 22.05
CA GLN A 413 64.76 20.91 23.43
C GLN A 413 66.27 20.86 23.65
N PHE A 414 67.00 20.27 22.71
CA PHE A 414 68.45 20.20 22.83
C PHE A 414 69.08 21.60 22.81
N ILE A 415 68.58 22.46 21.93
CA ILE A 415 69.11 23.83 21.84
C ILE A 415 68.82 24.60 23.12
N LYS A 416 67.61 24.45 23.66
CA LYS A 416 67.27 25.13 24.92
C LYS A 416 68.14 24.63 26.07
N GLY A 417 68.37 23.31 26.12
CA GLY A 417 69.24 22.77 27.16
C GLY A 417 70.66 23.28 27.03
N LEU A 418 71.15 23.38 25.80
CA LEU A 418 72.49 23.94 25.57
C LEU A 418 72.57 25.39 26.00
N ASP A 419 71.53 26.18 25.69
CA ASP A 419 71.54 27.60 25.99
C ASP A 419 71.32 27.89 27.47
N SER A 420 70.69 26.99 28.20
CA SER A 420 70.49 27.21 29.63
C SER A 420 71.82 27.30 30.36
N PHE A 421 72.79 26.46 29.99
CA PHE A 421 74.11 26.44 30.59
C PHE A 421 75.14 27.21 29.77
N SER A 422 74.77 27.70 28.60
CA SER A 422 75.73 28.32 27.68
C SER A 422 76.39 29.58 28.23
N GLY A 423 75.84 30.18 29.28
CA GLY A 423 76.37 31.43 29.77
C GLY A 423 77.34 31.31 30.94
N LYS A 424 76.98 30.51 31.94
CA LYS A 424 77.76 30.41 33.16
C LYS A 424 78.71 29.23 33.10
N PRO A 425 80.03 29.43 33.25
CA PRO A 425 80.96 28.30 33.39
C PRO A 425 80.51 27.28 34.43
N ARG A 426 81.01 26.05 34.31
CA ARG A 426 80.57 25.00 35.21
C ARG A 426 81.11 25.20 36.62
N GLY A 427 82.43 25.14 36.79
CA GLY A 427 83.03 25.28 38.10
C GLY A 427 82.79 24.08 38.97
N SER A 428 81.53 23.88 39.35
CA SER A 428 81.11 22.72 40.13
C SER A 428 79.62 22.52 39.89
N GLY A 429 79.15 21.30 40.15
CA GLY A 429 77.77 20.95 39.91
C GLY A 429 77.44 20.98 38.44
N PRO A 430 77.96 20.02 37.68
CA PRO A 430 77.85 20.06 36.20
C PRO A 430 76.41 20.18 35.72
N PRO A 431 75.42 19.49 36.34
CA PRO A 431 74.04 19.69 35.86
C PRO A 431 73.47 21.03 36.30
N ALA A 432 73.38 21.98 35.37
CA ALA A 432 72.74 23.26 35.65
C ALA A 432 71.22 23.11 35.68
N GLY A 433 70.66 22.32 34.77
CA GLY A 433 69.24 22.08 34.74
C GLY A 433 68.93 20.68 34.25
N PRO A 434 67.97 20.55 33.34
CA PRO A 434 67.67 19.23 32.77
C PRO A 434 68.84 18.70 31.96
N ALA A 435 69.01 17.38 32.00
CA ALA A 435 70.09 16.74 31.27
C ALA A 435 69.82 16.78 29.77
N LEU A 436 70.87 16.97 28.99
CA LEU A 436 70.73 17.00 27.53
C LEU A 436 70.44 15.59 27.02
N PRO A 437 69.48 15.43 26.11
CA PRO A 437 69.19 14.09 25.54
C PRO A 437 70.26 13.67 24.54
N ILE A 438 71.44 13.32 25.07
CA ILE A 438 72.58 13.00 24.21
C ILE A 438 72.30 11.72 23.41
N GLU A 439 71.87 10.66 24.10
CA GLU A 439 71.61 9.40 23.42
C GLU A 439 70.44 9.51 22.46
N ALA A 440 69.37 10.21 22.88
CA ALA A 440 68.22 10.38 22.01
C ALA A 440 68.58 11.16 20.76
N VAL A 441 69.35 12.24 20.90
CA VAL A 441 69.74 13.03 19.73
C VAL A 441 70.69 12.24 18.84
N ILE A 442 71.57 11.42 19.42
CA ILE A 442 72.47 10.60 18.60
C ILE A 442 71.67 9.59 17.79
N LEU A 443 70.71 8.93 18.44
CA LEU A 443 69.88 7.95 17.73
C LEU A 443 69.05 8.62 16.65
N SER A 444 68.51 9.81 16.94
CA SER A 444 67.73 10.53 15.94
C SER A 444 68.59 10.93 14.75
N LEU A 445 69.82 11.38 15.01
CA LEU A 445 70.73 11.75 13.92
C LEU A 445 71.06 10.54 13.07
N GLN A 446 71.34 9.39 13.70
CA GLN A 446 71.64 8.18 12.93
C GLN A 446 70.43 7.73 12.11
N ASP A 447 69.23 7.80 12.70
CA ASP A 447 68.03 7.41 11.98
C ASP A 447 67.78 8.33 10.79
N LEU A 448 68.02 9.63 10.96
CA LEU A 448 67.85 10.56 9.86
C LEU A 448 68.89 10.34 8.77
N ILE A 449 70.13 10.03 9.17
CA ILE A 449 71.17 9.75 8.17
C ILE A 449 70.80 8.51 7.36
N GLY A 450 70.32 7.46 8.02
CA GLY A 450 69.83 6.31 7.29
C GLY A 450 68.60 6.61 6.46
N TYR A 451 67.78 7.56 6.92
CA TYR A 451 66.54 7.91 6.21
C TYR A 451 66.84 8.52 4.84
N PHE A 452 67.86 9.38 4.76
CA PHE A 452 68.18 10.10 3.53
C PHE A 452 69.28 9.43 2.72
N GLU A 453 69.45 8.13 2.86
CA GLU A 453 70.47 7.42 2.10
C GLU A 453 70.10 7.36 0.63
N PRO A 454 71.00 7.75 -0.28
CA PRO A 454 70.67 7.70 -1.70
C PRO A 454 70.50 6.27 -2.17
N PRO A 455 69.69 6.03 -3.19
CA PRO A 455 69.52 4.66 -3.68
C PRO A 455 70.81 4.13 -4.30
N SER A 456 70.96 2.81 -4.23
CA SER A 456 72.15 2.15 -4.76
C SER A 456 72.17 2.24 -6.29
N GLU A 457 73.37 2.18 -6.85
CA GLU A 457 73.57 2.35 -8.29
C GLU A 457 73.32 1.08 -9.08
N GLU A 458 73.12 -0.06 -8.43
CA GLU A 458 72.86 -1.32 -9.12
C GLU A 458 71.38 -1.56 -9.40
N LEU A 459 70.51 -0.64 -9.01
CA LEU A 459 69.08 -0.80 -9.24
C LEU A 459 68.75 -0.56 -10.71
N GLN A 460 67.56 -1.01 -11.09
CA GLN A 460 67.07 -0.76 -12.45
C GLN A 460 66.75 0.71 -12.63
N HIS A 461 66.81 1.16 -13.89
CA HIS A 461 66.73 2.59 -14.18
C HIS A 461 65.41 3.20 -13.70
N GLU A 462 64.29 2.54 -14.01
CA GLU A 462 62.98 3.10 -13.68
C GLU A 462 62.78 3.17 -12.17
N GLU A 463 63.07 2.06 -11.47
CA GLU A 463 62.90 2.06 -10.02
C GLU A 463 63.90 2.97 -9.33
N LYS A 464 65.12 3.06 -9.86
CA LYS A 464 66.09 4.00 -9.30
C LYS A 464 65.61 5.44 -9.46
N GLN A 465 65.04 5.78 -10.61
CA GLN A 465 64.50 7.12 -10.81
C GLN A 465 63.33 7.39 -9.87
N SER A 466 62.47 6.39 -9.67
CA SER A 466 61.36 6.56 -8.73
C SER A 466 61.86 6.80 -7.31
N LYS A 467 62.87 6.02 -6.89
CA LYS A 467 63.44 6.21 -5.55
C LYS A 467 64.10 7.58 -5.43
N LEU A 468 64.78 8.02 -6.49
CA LEU A 468 65.40 9.35 -6.47
C LEU A 468 64.34 10.43 -6.34
N ARG A 469 63.22 10.30 -7.06
CA ARG A 469 62.14 11.27 -6.95
C ARG A 469 61.57 11.28 -5.54
N SER A 470 61.37 10.10 -4.94
CA SER A 470 60.87 10.04 -3.58
C SER A 470 61.83 10.70 -2.60
N LEU A 471 63.14 10.46 -2.77
CA LEU A 471 64.12 11.06 -1.88
C LEU A 471 64.16 12.58 -2.04
N ARG A 472 64.06 13.06 -3.28
CA ARG A 472 64.03 14.51 -3.51
C ARG A 472 62.80 15.13 -2.86
N ASN A 473 61.64 14.48 -2.99
CA ASN A 473 60.43 14.99 -2.37
C ASN A 473 60.56 15.03 -0.86
N ARG A 474 61.13 13.97 -0.27
CA ARG A 474 61.33 13.94 1.18
C ARG A 474 62.28 15.03 1.64
N GLN A 475 63.37 15.24 0.89
CA GLN A 475 64.32 16.30 1.25
C GLN A 475 63.66 17.68 1.16
N SER A 476 62.86 17.91 0.11
CA SER A 476 62.16 19.19 -0.02
C SER A 476 61.17 19.39 1.12
N LEU A 477 60.44 18.33 1.49
CA LEU A 477 59.49 18.43 2.60
C LEU A 477 60.20 18.75 3.91
N PHE A 478 61.35 18.10 4.15
CA PHE A 478 62.10 18.38 5.37
C PHE A 478 62.65 19.80 5.37
N GLN A 479 63.11 20.29 4.22
CA GLN A 479 63.69 21.62 4.15
C GLN A 479 62.64 22.72 4.28
N GLU A 480 61.43 22.47 3.76
CA GLU A 480 60.40 23.51 3.79
C GLU A 480 60.02 23.90 5.21
N GLU A 481 59.91 22.91 6.10
CA GLU A 481 59.55 23.15 7.49
C GLU A 481 60.78 23.40 8.37
N GLY A 482 61.88 23.85 7.79
CA GLY A 482 63.10 24.08 8.53
C GLY A 482 64.08 22.93 8.37
N MET A 483 64.56 22.40 9.50
CA MET A 483 65.44 21.24 9.54
C MET A 483 66.78 21.50 8.87
N LEU A 484 66.98 22.72 8.38
CA LEU A 484 68.27 23.19 7.89
C LEU A 484 68.80 24.33 8.73
N SER A 485 67.93 25.27 9.12
CA SER A 485 68.32 26.29 10.08
C SER A 485 68.53 25.68 11.46
N LEU A 486 67.74 24.68 11.81
CA LEU A 486 67.89 24.03 13.11
C LEU A 486 69.23 23.32 13.23
N VAL A 487 69.62 22.59 12.17
CA VAL A 487 70.92 21.92 12.17
C VAL A 487 72.05 22.95 12.22
N LEU A 488 71.88 24.06 11.49
CA LEU A 488 72.87 25.13 11.53
C LEU A 488 73.02 25.69 12.94
N ASN A 489 71.90 25.92 13.62
CA ASN A 489 71.95 26.44 14.98
C ASN A 489 72.61 25.44 15.92
N CYS A 490 72.28 24.15 15.79
CA CYS A 490 72.90 23.14 16.64
C CYS A 490 74.41 23.08 16.42
N ILE A 491 74.84 23.13 15.16
CA ILE A 491 76.28 23.11 14.86
C ILE A 491 76.95 24.36 15.42
N ASP A 492 76.30 25.51 15.30
CA ASP A 492 76.88 26.75 15.83
C ASP A 492 77.03 26.67 17.35
N ARG A 493 76.01 26.17 18.04
CA ARG A 493 76.09 26.06 19.49
C ARG A 493 77.16 25.07 19.91
N LEU A 494 77.26 23.93 19.22
CA LEU A 494 78.25 22.94 19.59
C LEU A 494 79.67 23.40 19.29
N ASN A 495 79.85 24.15 18.20
CA ASN A 495 81.16 24.56 17.74
C ASN A 495 81.64 25.85 18.38
N VAL A 496 80.87 26.42 19.31
CA VAL A 496 81.34 27.57 20.08
C VAL A 496 82.60 27.19 20.85
N TYR A 497 82.59 25.99 21.46
CA TYR A 497 83.78 25.47 22.11
C TYR A 497 84.71 24.86 21.08
N THR A 498 86.01 25.16 21.20
CA THR A 498 86.96 24.79 20.17
C THR A 498 87.35 23.32 20.23
N THR A 499 87.56 22.77 21.42
CA THR A 499 87.94 21.38 21.59
C THR A 499 86.92 20.65 22.46
N ALA A 500 87.14 19.35 22.63
CA ALA A 500 86.28 18.54 23.47
C ALA A 500 86.61 18.65 24.96
N ALA A 501 87.73 19.28 25.29
CA ALA A 501 88.11 19.52 26.68
C ALA A 501 88.22 20.99 27.05
N HIS A 502 88.59 21.85 26.10
CA HIS A 502 88.66 23.28 26.36
C HIS A 502 87.24 23.84 26.42
N PHE A 503 86.82 24.23 27.63
CA PHE A 503 85.47 24.72 27.92
C PHE A 503 84.39 23.92 27.19
N ALA A 504 84.53 22.59 27.18
CA ALA A 504 83.49 21.71 26.66
C ALA A 504 82.94 20.78 27.74
N GLU A 505 83.53 20.78 28.93
CA GLU A 505 83.07 19.97 30.05
C GLU A 505 82.04 20.68 30.91
N TYR A 506 81.61 21.88 30.52
CA TYR A 506 80.63 22.60 31.32
C TYR A 506 79.35 21.80 31.51
N ALA A 507 78.96 21.01 30.51
CA ALA A 507 77.79 20.15 30.60
C ALA A 507 78.07 18.87 31.38
N GLY A 508 79.32 18.62 31.75
CA GLY A 508 79.68 17.42 32.47
C GLY A 508 80.72 16.59 31.75
N GLU A 509 81.47 15.80 32.50
CA GLU A 509 82.48 14.93 31.88
C GLU A 509 81.86 13.77 31.13
N GLU A 510 80.58 13.48 31.33
CA GLU A 510 79.93 12.39 30.61
C GLU A 510 79.62 12.76 29.17
N ALA A 511 79.36 14.04 28.90
CA ALA A 511 79.03 14.49 27.55
C ALA A 511 80.23 14.99 26.77
N ALA A 512 81.43 14.97 27.38
CA ALA A 512 82.63 15.44 26.68
C ALA A 512 82.99 14.55 25.51
N GLU A 513 82.89 13.23 25.69
CA GLU A 513 83.28 12.29 24.65
C GLU A 513 82.28 12.22 23.50
N SER A 514 81.01 12.50 23.76
CA SER A 514 79.99 12.43 22.72
C SER A 514 79.85 13.72 21.92
N TRP A 515 80.54 14.78 22.33
CA TRP A 515 80.44 16.06 21.61
C TRP A 515 80.94 15.93 20.19
N LYS A 516 82.10 15.29 20.00
CA LYS A 516 82.65 15.10 18.67
C LYS A 516 81.74 14.22 17.82
N GLU A 517 81.18 13.17 18.42
CA GLU A 517 80.28 12.29 17.69
C GLU A 517 79.04 13.03 17.23
N ILE A 518 78.46 13.86 18.10
CA ILE A 518 77.27 14.61 17.72
C ILE A 518 77.60 15.64 16.65
N VAL A 519 78.78 16.26 16.73
CA VAL A 519 79.18 17.22 15.70
C VAL A 519 79.31 16.52 14.35
N ASN A 520 79.96 15.36 14.33
CA ASN A 520 80.11 14.61 13.08
C ASN A 520 78.78 14.16 12.53
N LEU A 521 77.87 13.70 13.40
CA LEU A 521 76.55 13.27 12.96
C LEU A 521 75.77 14.43 12.38
N LEU A 522 75.85 15.61 13.02
CA LEU A 522 75.16 16.79 12.49
C LEU A 522 75.72 17.18 11.13
N SER A 523 77.05 17.13 10.98
CA SER A 523 77.65 17.45 9.69
C SER A 523 77.19 16.46 8.61
N GLU A 524 77.16 15.17 8.93
CA GLU A 524 76.72 14.18 7.96
C GLU A 524 75.26 14.36 7.59
N LEU A 525 74.41 14.67 8.58
CA LEU A 525 73.00 14.91 8.29
C LEU A 525 72.82 16.14 7.42
N LEU A 526 73.59 17.21 7.70
CA LEU A 526 73.52 18.40 6.86
C LEU A 526 73.95 18.09 5.43
N ALA A 527 75.00 17.28 5.28
CA ALA A 527 75.42 16.88 3.93
C ALA A 527 74.33 16.07 3.22
N SER A 528 73.70 15.15 3.94
CA SER A 528 72.70 14.28 3.33
C SER A 528 71.42 15.03 2.98
N LEU A 529 71.07 16.06 3.76
CA LEU A 529 69.81 16.77 3.50
C LEU A 529 69.86 17.55 2.19
N ILE A 530 71.05 17.89 1.71
CA ILE A 530 71.21 18.69 0.50
C ILE A 530 71.93 17.95 -0.62
N ARG A 531 72.34 16.70 -0.39
CA ARG A 531 73.10 15.95 -1.38
C ARG A 531 72.20 15.60 -2.55
N GLY A 532 72.47 16.19 -3.71
CA GLY A 532 71.74 15.88 -4.93
C GLY A 532 70.50 16.71 -5.16
N ASN A 533 70.10 17.56 -4.22
CA ASN A 533 68.91 18.39 -4.36
C ASN A 533 69.33 19.78 -4.81
N ARG A 534 68.99 20.14 -6.05
CA ARG A 534 69.39 21.44 -6.58
C ARG A 534 68.71 22.59 -5.84
N ALA A 535 67.43 22.43 -5.51
CA ALA A 535 66.71 23.50 -4.81
C ALA A 535 67.28 23.72 -3.41
N ASN A 536 67.56 22.63 -2.69
CA ASN A 536 68.11 22.76 -1.34
C ASN A 536 69.50 23.38 -1.38
N CYS A 537 70.33 22.98 -2.35
CA CYS A 537 71.66 23.58 -2.48
C CYS A 537 71.56 25.06 -2.84
N ALA A 538 70.63 25.42 -3.71
CA ALA A 538 70.46 26.83 -4.07
C ALA A 538 70.01 27.64 -2.86
N LEU A 539 69.11 27.10 -2.04
CA LEU A 539 68.68 27.82 -0.85
C LEU A 539 69.78 27.88 0.20
N PHE A 540 70.65 26.87 0.26
CA PHE A 540 71.73 26.82 1.23
C PHE A 540 72.96 27.60 0.80
N SER A 541 73.05 27.99 -0.48
CA SER A 541 74.21 28.72 -0.97
C SER A 541 74.46 30.03 -0.22
N THR A 542 73.44 30.58 0.44
CA THR A 542 73.60 31.82 1.17
C THR A 542 74.56 31.68 2.36
N ASN A 543 74.85 30.46 2.80
CA ASN A 543 75.74 30.21 3.92
C ASN A 543 77.15 29.82 3.47
N LEU A 544 77.59 30.35 2.32
CA LEU A 544 78.92 30.04 1.81
C LEU A 544 80.00 30.45 2.80
N ASP A 545 79.90 31.66 3.35
CA ASP A 545 80.93 32.15 4.25
C ASP A 545 80.99 31.31 5.51
N TRP A 546 79.84 30.94 6.06
CA TRP A 546 79.81 30.07 7.24
C TRP A 546 80.43 28.71 6.94
N VAL A 547 80.09 28.13 5.78
CA VAL A 547 80.63 26.83 5.43
C VAL A 547 82.15 26.88 5.28
N VAL A 548 82.66 27.93 4.62
CA VAL A 548 84.10 28.04 4.44
C VAL A 548 84.80 28.29 5.78
N SER A 549 84.19 29.11 6.64
CA SER A 549 84.80 29.39 7.93
C SER A 549 84.82 28.16 8.82
N LYS A 550 83.83 27.28 8.69
CA LYS A 550 83.79 26.06 9.50
C LYS A 550 84.63 24.93 8.92
N LEU A 551 85.55 25.23 8.01
CA LEU A 551 86.38 24.22 7.36
C LEU A 551 87.69 23.96 8.08
N ASP A 552 87.96 24.65 9.20
CA ASP A 552 89.21 24.52 9.93
C ASP A 552 88.96 24.18 11.39
N ARG A 553 88.07 23.21 11.61
CA ARG A 553 87.75 22.76 12.96
C ARG A 553 88.41 21.45 13.34
N LEU A 554 89.05 20.77 12.37
CA LEU A 554 89.84 19.57 12.59
C LEU A 554 88.96 18.37 12.93
N GLU A 555 87.67 18.60 13.14
CA GLU A 555 86.74 17.51 13.44
C GLU A 555 85.50 17.61 12.58
N ALA A 556 85.15 18.81 12.16
CA ALA A 556 84.00 19.04 11.28
C ALA A 556 84.40 19.17 9.82
N SER A 557 85.69 19.09 9.50
CA SER A 557 86.13 19.26 8.12
C SER A 557 85.62 18.13 7.23
N SER A 558 85.59 16.90 7.77
CA SER A 558 85.19 15.75 6.97
C SER A 558 83.76 15.87 6.45
N GLY A 559 82.90 16.57 7.18
CA GLY A 559 81.52 16.76 6.74
C GLY A 559 81.31 18.08 6.03
N ILE A 560 81.99 19.12 6.49
CA ILE A 560 81.83 20.44 5.88
C ILE A 560 82.39 20.44 4.46
N LEU A 561 83.49 19.69 4.24
CA LEU A 561 84.03 19.58 2.89
C LEU A 561 83.03 18.91 1.94
N GLU A 562 82.36 17.86 2.42
CA GLU A 562 81.34 17.20 1.60
C GLU A 562 80.17 18.13 1.34
N VAL A 563 79.76 18.91 2.35
CA VAL A 563 78.68 19.88 2.16
C VAL A 563 79.06 20.89 1.08
N LEU A 564 80.29 21.41 1.16
CA LEU A 564 80.75 22.38 0.18
C LEU A 564 80.81 21.77 -1.22
N TYR A 565 81.30 20.54 -1.32
CA TYR A 565 81.36 19.88 -2.63
C TYR A 565 79.97 19.68 -3.21
N CYS A 566 79.02 19.25 -2.39
CA CYS A 566 77.64 19.08 -2.86
C CYS A 566 77.04 20.40 -3.31
N VAL A 567 77.29 21.47 -2.54
CA VAL A 567 76.76 22.78 -2.91
C VAL A 567 77.34 23.24 -4.24
N LEU A 568 78.65 23.06 -4.42
CA LEU A 568 79.29 23.49 -5.66
C LEU A 568 78.85 22.66 -6.85
N ILE A 569 78.60 21.37 -6.64
CA ILE A 569 78.23 20.49 -7.76
C ILE A 569 76.79 20.71 -8.18
N GLU A 570 75.87 20.75 -7.20
CA GLU A 570 74.45 20.79 -7.55
C GLU A 570 74.00 22.17 -8.02
N SER A 571 74.58 23.23 -7.45
CA SER A 571 74.20 24.61 -7.78
C SER A 571 75.42 25.36 -8.26
N PRO A 572 75.74 25.31 -9.55
CA PRO A 572 76.92 26.03 -10.05
C PRO A 572 76.63 27.49 -10.35
N GLU A 573 75.91 28.16 -9.46
CA GLU A 573 75.74 29.60 -9.51
C GLU A 573 76.46 30.31 -8.37
N VAL A 574 76.80 29.59 -7.31
CA VAL A 574 77.52 30.14 -6.17
C VAL A 574 78.99 30.36 -6.48
N LEU A 575 79.47 29.85 -7.61
CA LEU A 575 80.87 30.04 -7.99
C LEU A 575 81.18 31.52 -8.21
N ASN A 576 80.26 32.27 -8.81
CA ASN A 576 80.54 33.66 -9.16
C ASN A 576 80.69 34.55 -7.93
N ILE A 577 80.13 34.14 -6.80
CA ILE A 577 80.16 34.95 -5.58
C ILE A 577 81.30 34.51 -4.66
N ILE A 578 82.29 33.80 -5.19
CA ILE A 578 83.42 33.31 -4.41
C ILE A 578 84.58 34.28 -4.58
N GLN A 579 85.10 34.79 -3.48
CA GLN A 579 86.22 35.72 -3.50
C GLN A 579 87.53 34.96 -3.35
N GLU A 580 88.64 35.70 -3.24
CA GLU A 580 89.95 35.06 -3.14
C GLU A 580 90.18 34.45 -1.76
N ASN A 581 89.54 34.99 -0.73
CA ASN A 581 89.76 34.48 0.62
C ASN A 581 89.25 33.06 0.78
N HIS A 582 88.14 32.71 0.11
CA HIS A 582 87.65 31.34 0.16
C HIS A 582 88.66 30.37 -0.44
N ILE A 583 89.23 30.72 -1.60
CA ILE A 583 90.21 29.86 -2.24
C ILE A 583 91.46 29.75 -1.37
N LYS A 584 91.89 30.86 -0.77
CA LYS A 584 93.04 30.82 0.11
C LYS A 584 92.78 29.94 1.33
N SER A 585 91.56 30.00 1.88
CA SER A 585 91.21 29.15 3.01
C SER A 585 91.21 27.68 2.61
N ILE A 586 90.71 27.37 1.41
CA ILE A 586 90.72 25.98 0.94
C ILE A 586 92.15 25.48 0.78
N ILE A 587 93.02 26.31 0.21
CA ILE A 587 94.42 25.93 0.03
C ILE A 587 95.10 25.75 1.39
N SER A 588 94.76 26.61 2.36
CA SER A 588 95.29 26.47 3.70
C SER A 588 94.81 25.18 4.35
N LEU A 589 93.56 24.81 4.12
CA LEU A 589 93.05 23.53 4.62
C LEU A 589 93.82 22.37 4.01
N LEU A 590 94.10 22.43 2.71
CA LEU A 590 94.91 21.40 2.06
C LEU A 590 96.30 21.33 2.67
N ASP A 591 96.88 22.50 2.97
CA ASP A 591 98.23 22.53 3.54
C ASP A 591 98.26 22.01 4.97
N LYS A 592 97.21 22.25 5.75
CA LYS A 592 97.22 21.93 7.16
C LYS A 592 96.71 20.53 7.48
N HIS A 593 95.75 20.01 6.70
CA HIS A 593 95.17 18.71 6.97
C HIS A 593 95.83 17.58 6.21
N GLY A 594 96.89 17.86 5.45
CA GLY A 594 97.59 16.84 4.70
C GLY A 594 97.13 16.76 3.25
N ARG A 595 97.78 15.88 2.51
CA ARG A 595 97.52 15.71 1.09
C ARG A 595 96.24 14.90 0.92
N ASN A 596 95.14 15.58 0.64
CA ASN A 596 93.85 14.94 0.39
C ASN A 596 93.45 15.13 -1.06
N HIS A 597 92.84 14.10 -1.64
CA HIS A 597 92.44 14.14 -3.04
C HIS A 597 91.04 14.71 -3.25
N LYS A 598 90.35 15.10 -2.18
CA LYS A 598 89.05 15.74 -2.31
C LYS A 598 89.14 17.26 -2.36
N VAL A 599 90.19 17.83 -1.78
CA VAL A 599 90.43 19.27 -1.93
C VAL A 599 90.68 19.60 -3.40
N LEU A 600 91.40 18.73 -4.10
CA LEU A 600 91.62 18.94 -5.52
C LEU A 600 90.31 18.85 -6.30
N ASP A 601 89.42 17.93 -5.91
CA ASP A 601 88.10 17.86 -6.55
C ASP A 601 87.31 19.13 -6.29
N VAL A 602 87.38 19.67 -5.07
CA VAL A 602 86.70 20.92 -4.76
C VAL A 602 87.23 22.06 -5.62
N LEU A 603 88.56 22.12 -5.77
CA LEU A 603 89.15 23.15 -6.62
C LEU A 603 88.72 22.98 -8.08
N CYS A 604 88.66 21.74 -8.56
CA CYS A 604 88.19 21.50 -9.92
C CYS A 604 86.75 21.97 -10.10
N SER A 605 85.90 21.71 -9.11
CA SER A 605 84.53 22.22 -9.16
C SER A 605 84.50 23.73 -9.16
N LEU A 606 85.42 24.35 -8.41
CA LEU A 606 85.52 25.81 -8.40
C LEU A 606 85.89 26.36 -9.78
N CYS A 607 86.78 25.65 -10.48
CA CYS A 607 87.37 26.20 -11.70
C CYS A 607 86.33 26.45 -12.78
N VAL A 608 85.45 25.47 -13.03
CA VAL A 608 84.57 25.49 -14.18
C VAL A 608 83.11 25.39 -13.72
N CYS A 609 82.26 26.24 -14.30
CA CYS A 609 80.82 26.21 -14.09
C CYS A 609 80.19 25.12 -14.93
N ASN A 610 78.87 25.18 -15.13
CA ASN A 610 78.12 24.13 -15.81
C ASN A 610 78.31 24.17 -17.32
N GLY A 611 79.37 24.80 -17.81
CA GLY A 611 79.61 24.91 -19.24
C GLY A 611 80.25 26.23 -19.60
N VAL A 612 80.46 27.10 -18.61
CA VAL A 612 81.10 28.40 -18.78
C VAL A 612 82.33 28.43 -17.88
N ALA A 613 83.46 28.84 -18.45
CA ALA A 613 84.70 28.91 -17.70
C ALA A 613 84.72 30.15 -16.82
N VAL A 614 84.99 29.97 -15.54
CA VAL A 614 85.12 31.07 -14.58
C VAL A 614 86.61 31.39 -14.51
N ARG A 615 87.05 32.34 -15.35
CA ARG A 615 88.47 32.65 -15.44
C ARG A 615 89.00 33.25 -14.13
N SER A 616 88.13 33.88 -13.34
CA SER A 616 88.57 34.47 -12.07
C SER A 616 89.09 33.41 -11.13
N ASN A 617 88.29 32.35 -10.91
CA ASN A 617 88.72 31.27 -10.02
C ASN A 617 89.94 30.55 -10.55
N GLN A 618 89.98 30.31 -11.87
CA GLN A 618 91.13 29.65 -12.48
C GLN A 618 92.41 30.44 -12.24
N ASP A 619 92.37 31.75 -12.51
CA ASP A 619 93.55 32.59 -12.31
C ASP A 619 93.92 32.68 -10.84
N LEU A 620 92.93 32.77 -9.95
CA LEU A 620 93.23 32.83 -8.52
C LEU A 620 93.92 31.57 -8.04
N ILE A 621 93.42 30.40 -8.45
CA ILE A 621 94.04 29.13 -8.06
C ILE A 621 95.44 29.03 -8.64
N THR A 622 95.62 29.42 -9.90
CA THR A 622 96.94 29.38 -10.51
C THR A 622 97.92 30.28 -9.76
N GLU A 623 97.48 31.47 -9.36
CA GLU A 623 98.37 32.41 -8.69
C GLU A 623 98.65 32.01 -7.25
N ASN A 624 97.72 31.32 -6.60
CA ASN A 624 97.87 31.01 -5.18
C ASN A 624 98.44 29.62 -4.92
N LEU A 625 98.47 28.73 -5.90
CA LEU A 625 98.93 27.36 -5.68
C LEU A 625 100.17 27.02 -6.47
N LEU A 626 100.17 27.27 -7.79
CA LEU A 626 101.26 26.81 -8.64
C LEU A 626 102.61 27.43 -8.31
N PRO A 627 102.77 28.75 -8.17
CA PRO A 627 104.13 29.31 -8.06
C PRO A 627 104.93 28.78 -6.89
N GLY A 628 104.30 28.49 -5.76
CA GLY A 628 105.00 27.91 -4.64
C GLY A 628 105.03 26.39 -4.72
N ARG A 629 106.14 25.84 -5.22
CA ARG A 629 106.26 24.40 -5.42
C ARG A 629 106.59 23.71 -4.09
N GLU A 630 105.68 23.88 -3.13
CA GLU A 630 105.83 23.29 -1.80
C GLU A 630 104.64 22.44 -1.38
N LEU A 631 103.62 22.31 -2.21
CA LEU A 631 102.41 21.58 -1.86
C LEU A 631 102.09 20.44 -2.81
N LEU A 632 102.32 20.62 -4.11
CA LEU A 632 102.04 19.60 -5.11
C LEU A 632 103.31 18.82 -5.43
N LEU A 633 103.13 17.54 -5.74
CA LEU A 633 104.26 16.67 -6.07
C LEU A 633 104.87 17.08 -7.39
N GLN A 634 106.14 17.48 -7.37
CA GLN A 634 106.83 17.91 -8.58
C GLN A 634 107.33 16.70 -9.37
N THR A 635 107.74 16.97 -10.61
CA THR A 635 108.28 15.94 -11.48
C THR A 635 109.22 16.57 -12.49
N ASN A 636 110.25 15.83 -12.87
CA ASN A 636 111.24 16.33 -13.82
C ASN A 636 111.99 15.14 -14.41
N LEU A 637 112.69 15.40 -15.51
CA LEU A 637 113.53 14.41 -16.17
C LEU A 637 114.97 14.59 -15.70
N ILE A 638 115.52 13.56 -15.06
CA ILE A 638 116.87 13.60 -14.52
C ILE A 638 117.67 12.45 -15.13
N ASN A 639 118.99 12.51 -14.93
CA ASN A 639 119.92 11.55 -15.50
C ASN A 639 120.13 10.38 -14.55
N TYR A 640 120.87 9.38 -15.04
CA TYR A 640 121.32 8.25 -14.25
C TYR A 640 122.81 8.42 -13.96
N VAL A 641 123.18 8.39 -12.68
CA VAL A 641 124.55 8.63 -12.25
C VAL A 641 125.05 7.42 -11.49
N THR A 642 126.27 6.99 -11.81
CA THR A 642 126.90 5.85 -11.16
C THR A 642 128.27 6.26 -10.63
N SER A 643 128.92 5.32 -9.93
CA SER A 643 130.23 5.55 -9.35
C SER A 643 131.12 4.34 -9.60
N ILE A 644 132.42 4.60 -9.75
CA ILE A 644 133.42 3.56 -9.96
C ILE A 644 134.59 3.83 -9.03
N ARG A 645 135.04 2.79 -8.33
CA ARG A 645 136.11 2.91 -7.35
C ARG A 645 137.14 1.82 -7.56
N PRO A 646 138.40 2.09 -7.19
CA PRO A 646 139.38 1.02 -7.09
C PRO A 646 139.35 0.36 -5.71
N ASN A 647 139.89 -0.85 -5.66
CA ASN A 647 139.88 -1.64 -4.42
C ASN A 647 141.08 -1.27 -3.53
N ILE A 648 141.21 0.03 -3.28
CA ILE A 648 142.23 0.58 -2.39
C ILE A 648 141.52 1.20 -1.20
N PHE A 649 141.76 0.64 -0.02
CA PHE A 649 141.12 1.10 1.21
C PHE A 649 142.18 1.54 2.22
N VAL A 650 142.01 2.75 2.75
CA VAL A 650 142.90 3.29 3.77
C VAL A 650 142.03 3.75 4.94
N GLY A 651 142.65 3.82 6.11
CA GLY A 651 141.92 4.23 7.30
C GLY A 651 142.88 4.57 8.42
N ARG A 652 142.32 5.21 9.45
CA ARG A 652 143.06 5.61 10.63
C ARG A 652 142.56 4.84 11.83
N ALA A 653 143.48 4.19 12.53
CA ALA A 653 143.15 3.38 13.69
C ALA A 653 144.33 3.42 14.65
N GLU A 654 144.39 2.46 15.58
CA GLU A 654 145.52 2.40 16.50
C GLU A 654 146.84 2.18 15.79
N GLY A 655 146.82 1.63 14.58
CA GLY A 655 148.04 1.49 13.82
C GLY A 655 147.91 0.42 12.75
N SER A 656 149.07 0.04 12.22
CA SER A 656 149.26 -1.05 11.25
C SER A 656 148.77 -0.69 9.86
N THR A 657 148.07 0.44 9.71
CA THR A 657 147.76 1.00 8.38
C THR A 657 147.88 2.51 8.50
N GLN A 658 149.10 3.03 8.30
CA GLN A 658 149.31 4.47 8.42
C GLN A 658 150.53 4.88 7.61
N TYR A 659 150.29 5.36 6.39
CA TYR A 659 151.19 6.34 5.80
C TYR A 659 150.77 7.75 6.18
N GLY A 660 149.55 7.91 6.69
CA GLY A 660 149.00 9.22 6.98
C GLY A 660 148.53 9.93 5.73
N LYS A 661 149.35 9.89 4.69
CA LYS A 661 149.10 10.63 3.45
C LYS A 661 148.90 9.64 2.31
N TRP A 662 148.01 10.01 1.39
CA TRP A 662 147.78 9.25 0.17
C TRP A 662 147.52 10.22 -0.97
N TYR A 663 147.78 9.76 -2.20
CA TYR A 663 147.73 10.64 -3.36
C TYR A 663 147.45 9.84 -4.61
N PHE A 664 146.45 10.28 -5.38
CA PHE A 664 146.14 9.68 -6.67
C PHE A 664 145.66 10.77 -7.61
N GLU A 665 145.57 10.44 -8.89
CA GLU A 665 145.19 11.39 -9.93
C GLU A 665 144.13 10.78 -10.84
N VAL A 666 143.34 11.66 -11.45
CA VAL A 666 142.35 11.27 -12.45
C VAL A 666 142.54 12.16 -13.67
N MET A 667 142.71 11.55 -14.83
CA MET A 667 142.90 12.28 -16.09
C MET A 667 141.65 12.15 -16.94
N VAL A 668 141.14 13.30 -17.39
CA VAL A 668 139.94 13.34 -18.23
C VAL A 668 140.37 13.35 -19.69
N ASP A 669 139.84 12.40 -20.46
CA ASP A 669 140.17 12.30 -21.88
C ASP A 669 139.24 13.14 -22.74
N GLU A 670 137.93 12.91 -22.63
CA GLU A 670 136.96 13.74 -23.33
C GLU A 670 135.66 13.75 -22.54
N VAL A 671 134.96 14.87 -22.59
CA VAL A 671 133.69 15.03 -21.90
C VAL A 671 132.73 15.82 -22.77
N VAL A 672 131.58 15.24 -23.07
CA VAL A 672 130.49 15.94 -23.75
C VAL A 672 129.66 16.66 -22.70
N PRO A 673 129.51 17.97 -22.78
CA PRO A 673 128.86 18.71 -21.69
C PRO A 673 127.35 18.56 -21.65
N PHE A 674 126.72 18.43 -22.81
CA PHE A 674 125.26 18.40 -22.91
C PHE A 674 124.81 17.29 -23.85
N LEU A 675 125.32 16.08 -23.63
CA LEU A 675 124.88 14.92 -24.39
C LEU A 675 123.38 14.69 -24.26
N THR A 676 122.80 15.11 -23.13
CA THR A 676 121.36 15.01 -22.89
C THR A 676 120.81 16.39 -22.58
N ALA A 677 119.54 16.43 -22.16
CA ALA A 677 118.87 17.71 -21.97
C ALA A 677 119.34 18.41 -20.70
N GLN A 678 119.63 17.65 -19.64
CA GLN A 678 119.87 18.27 -18.35
C GLN A 678 121.31 18.79 -18.21
N ALA A 679 122.28 17.89 -18.18
CA ALA A 679 123.68 18.24 -17.97
C ALA A 679 124.52 16.98 -18.12
N THR A 680 125.81 17.12 -17.85
CA THR A 680 126.74 15.99 -17.75
C THR A 680 127.36 16.02 -16.36
N HIS A 681 127.30 14.89 -15.67
CA HIS A 681 127.76 14.78 -14.29
C HIS A 681 129.14 14.13 -14.25
N LEU A 682 130.07 14.77 -13.56
CA LEU A 682 131.42 14.21 -13.40
C LEU A 682 132.08 14.85 -12.18
N ARG A 683 132.28 14.06 -11.14
CA ARG A 683 132.99 14.51 -9.94
C ARG A 683 133.99 13.44 -9.52
N VAL A 684 135.07 13.90 -8.89
CA VAL A 684 136.10 13.01 -8.36
C VAL A 684 136.36 13.40 -6.90
N GLY A 685 136.87 12.43 -6.14
CA GLY A 685 137.15 12.68 -4.73
C GLY A 685 137.30 11.41 -3.94
N TRP A 686 137.01 11.49 -2.65
CA TRP A 686 137.10 10.37 -1.73
C TRP A 686 135.73 10.04 -1.17
N ALA A 687 135.62 8.85 -0.59
CA ALA A 687 134.36 8.40 0.00
C ALA A 687 134.65 7.44 1.14
N LEU A 688 133.66 7.26 2.01
CA LEU A 688 133.77 6.38 3.16
C LEU A 688 133.02 5.07 2.86
N THR A 689 133.53 3.97 3.41
CA THR A 689 133.05 2.64 3.06
C THR A 689 131.81 2.22 3.84
N GLU A 690 131.39 2.98 4.86
CA GLU A 690 130.28 2.56 5.70
C GLU A 690 128.95 3.20 5.32
N GLY A 691 128.97 4.37 4.69
CA GLY A 691 127.72 5.06 4.40
C GLY A 691 127.49 5.37 2.93
N TYR A 692 128.55 5.44 2.14
CA TYR A 692 128.43 5.77 0.73
C TYR A 692 127.83 4.59 -0.02
N SER A 693 126.61 4.76 -0.52
CA SER A 693 125.92 3.71 -1.26
C SER A 693 124.89 4.34 -2.19
N PRO A 694 125.32 4.91 -3.31
CA PRO A 694 124.36 5.57 -4.22
C PRO A 694 123.63 4.54 -5.08
N TYR A 695 122.37 4.31 -4.75
CA TYR A 695 121.57 3.40 -5.55
C TYR A 695 121.13 4.09 -6.85
N PRO A 696 121.11 3.38 -7.97
CA PRO A 696 120.66 4.00 -9.22
C PRO A 696 119.22 4.46 -9.12
N GLY A 697 118.94 5.61 -9.74
CA GLY A 697 117.60 6.16 -9.71
C GLY A 697 117.47 7.37 -8.80
N GLY A 698 116.49 7.35 -7.92
CA GLY A 698 116.23 8.46 -7.03
C GLY A 698 117.18 8.48 -5.84
N GLY A 699 116.92 9.43 -4.94
CA GLY A 699 117.75 9.60 -3.76
C GLY A 699 117.45 10.88 -3.00
N GLU A 700 118.48 11.63 -2.67
CA GLU A 700 118.34 12.87 -1.93
C GLU A 700 118.37 14.06 -2.89
N GLY A 701 117.43 14.97 -2.72
CA GLY A 701 117.34 16.15 -3.58
C GLY A 701 116.57 15.86 -4.87
N TRP A 702 117.26 15.98 -6.00
CA TRP A 702 116.67 15.72 -7.31
C TRP A 702 117.27 14.49 -7.97
N GLY A 703 117.63 13.48 -7.18
CA GLY A 703 118.21 12.28 -7.72
C GLY A 703 119.64 12.50 -8.22
N GLY A 704 120.16 11.47 -8.88
CA GLY A 704 121.51 11.51 -9.42
C GLY A 704 122.57 11.75 -8.38
N ASN A 705 122.74 10.79 -7.48
CA ASN A 705 123.67 10.93 -6.37
C ASN A 705 125.00 10.24 -6.70
N GLY A 706 126.09 10.99 -6.56
CA GLY A 706 127.42 10.45 -6.71
C GLY A 706 128.31 10.91 -5.58
N VAL A 707 129.63 10.98 -5.80
CA VAL A 707 130.50 11.62 -4.81
C VAL A 707 130.10 13.07 -4.70
N GLY A 708 129.91 13.53 -3.46
CA GLY A 708 129.15 14.75 -3.26
C GLY A 708 127.98 14.50 -2.34
N ASP A 709 126.77 14.46 -2.91
CA ASP A 709 125.53 14.20 -2.17
C ASP A 709 125.70 13.07 -1.18
N ASP A 710 125.01 13.18 -0.03
CA ASP A 710 125.22 12.46 1.23
C ASP A 710 126.47 13.02 1.91
N LEU A 711 126.75 12.61 3.15
CA LEU A 711 127.90 13.17 3.85
C LEU A 711 128.84 12.04 4.28
N TYR A 712 129.13 11.13 3.35
CA TYR A 712 130.23 10.18 3.50
C TYR A 712 131.21 10.31 2.35
N SER A 713 130.99 11.25 1.43
CA SER A 713 131.85 11.47 0.29
C SER A 713 132.22 12.94 0.21
N TYR A 714 133.38 13.22 -0.37
CA TYR A 714 133.88 14.57 -0.52
C TYR A 714 134.47 14.72 -1.91
N GLY A 715 133.82 15.54 -2.76
CA GLY A 715 134.19 15.64 -4.15
C GLY A 715 134.46 17.08 -4.56
N PHE A 716 134.85 17.22 -5.83
CA PHE A 716 135.19 18.51 -6.41
C PHE A 716 134.96 18.42 -7.90
N ASP A 717 133.98 19.16 -8.41
CA ASP A 717 133.56 18.93 -9.80
C ASP A 717 134.53 19.59 -10.77
N GLY A 718 134.52 20.91 -10.87
CA GLY A 718 135.66 21.63 -11.40
C GLY A 718 135.83 22.98 -10.74
N LEU A 719 134.80 23.42 -10.03
CA LEU A 719 134.83 24.69 -9.31
C LEU A 719 134.06 24.67 -8.00
N HIS A 720 133.51 23.54 -7.59
CA HIS A 720 132.70 23.43 -6.38
C HIS A 720 133.25 22.31 -5.51
N LEU A 721 133.21 22.52 -4.20
CA LEU A 721 133.57 21.48 -3.23
C LEU A 721 132.28 20.84 -2.76
N TRP A 722 131.98 19.65 -3.28
CA TRP A 722 130.71 18.99 -3.04
C TRP A 722 130.79 18.16 -1.76
N THR A 723 130.03 18.55 -0.75
CA THR A 723 129.87 17.77 0.47
C THR A 723 128.48 18.03 1.03
N GLY A 724 128.00 17.08 1.83
CA GLY A 724 126.62 17.14 2.26
C GLY A 724 125.72 17.02 1.04
N HIS A 725 125.03 18.10 0.70
CA HIS A 725 124.34 18.19 -0.58
C HIS A 725 124.51 19.53 -1.28
N VAL A 726 125.01 20.55 -0.61
CA VAL A 726 125.14 21.89 -1.17
C VAL A 726 126.55 22.06 -1.73
N ALA A 727 126.65 22.73 -2.87
CA ALA A 727 127.93 22.98 -3.52
C ALA A 727 128.46 24.35 -3.12
N ARG A 728 129.71 24.39 -2.65
CA ARG A 728 130.36 25.62 -2.27
C ARG A 728 131.41 25.99 -3.30
N PRO A 729 131.27 27.12 -4.01
CA PRO A 729 132.25 27.48 -5.03
C PRO A 729 133.62 27.69 -4.43
N VAL A 730 134.65 27.36 -5.23
CA VAL A 730 136.03 27.47 -4.80
C VAL A 730 136.78 28.33 -5.81
N THR A 731 137.87 28.95 -5.35
CA THR A 731 138.66 29.86 -6.17
C THR A 731 139.86 29.12 -6.74
N SER A 732 140.05 29.25 -8.05
CA SER A 732 141.15 28.63 -8.76
C SER A 732 141.67 29.59 -9.81
N PRO A 733 142.94 29.50 -10.18
CA PRO A 733 143.46 30.35 -11.27
C PRO A 733 142.99 29.85 -12.63
N GLY A 734 141.80 30.28 -13.04
CA GLY A 734 141.22 29.80 -14.28
C GLY A 734 140.17 28.73 -14.06
N GLN A 735 139.24 28.99 -13.15
CA GLN A 735 138.20 28.02 -12.82
C GLN A 735 137.40 27.65 -14.05
N HIS A 736 137.20 26.34 -14.24
CA HIS A 736 136.35 25.82 -15.31
C HIS A 736 135.97 24.40 -14.96
N LEU A 737 134.94 23.90 -15.65
CA LEU A 737 134.49 22.53 -15.44
C LEU A 737 135.57 21.55 -15.91
N LEU A 738 135.32 20.25 -15.68
CA LEU A 738 136.30 19.22 -16.02
C LEU A 738 136.31 19.05 -17.54
N ALA A 739 137.03 19.95 -18.20
CA ALA A 739 137.21 19.89 -19.64
C ALA A 739 138.15 18.74 -20.00
N PRO A 740 138.14 18.31 -21.27
CA PRO A 740 139.09 17.27 -21.70
C PRO A 740 140.53 17.73 -21.51
N GLU A 741 141.40 16.76 -21.27
CA GLU A 741 142.82 17.01 -20.99
C GLU A 741 143.01 17.81 -19.71
N ASP A 742 142.37 17.35 -18.64
CA ASP A 742 142.48 17.96 -17.32
C ASP A 742 142.93 16.89 -16.33
N VAL A 743 143.94 17.22 -15.53
CA VAL A 743 144.48 16.31 -14.52
C VAL A 743 144.11 16.86 -13.16
N VAL A 744 143.32 16.11 -12.40
CA VAL A 744 142.93 16.48 -11.05
C VAL A 744 143.59 15.50 -10.09
N SER A 745 144.36 16.03 -9.14
CA SER A 745 145.10 15.23 -8.18
C SER A 745 144.46 15.36 -6.81
N CYS A 746 144.19 14.21 -6.18
CA CYS A 746 143.52 14.16 -4.90
C CYS A 746 144.52 13.74 -3.83
N CYS A 747 144.54 14.47 -2.71
CA CYS A 747 145.41 14.16 -1.59
C CYS A 747 144.58 13.98 -0.33
N LEU A 748 144.88 12.93 0.42
CA LEU A 748 144.19 12.63 1.67
C LEU A 748 145.21 12.51 2.79
N ASP A 749 144.99 13.26 3.87
CA ASP A 749 145.86 13.23 5.04
C ASP A 749 145.03 12.76 6.23
N LEU A 750 145.57 11.80 6.97
CA LEU A 750 144.87 11.21 8.11
C LEU A 750 145.41 11.64 9.46
N SER A 751 146.63 12.17 9.52
CA SER A 751 147.14 12.73 10.78
C SER A 751 146.23 13.86 11.24
N VAL A 752 146.14 14.91 10.46
CA VAL A 752 145.05 15.89 10.56
C VAL A 752 144.04 15.55 9.46
N PRO A 753 142.77 15.34 9.79
CA PRO A 753 141.82 14.92 8.75
C PRO A 753 141.55 16.02 7.74
N SER A 754 142.08 15.85 6.53
CA SER A 754 141.94 16.87 5.49
C SER A 754 142.06 16.21 4.12
N ILE A 755 141.35 16.78 3.16
CA ILE A 755 141.41 16.37 1.77
C ILE A 755 141.67 17.60 0.91
N SER A 756 142.69 17.54 0.07
CA SER A 756 143.07 18.67 -0.77
C SER A 756 143.06 18.25 -2.22
N PHE A 757 142.87 19.24 -3.10
CA PHE A 757 142.79 19.02 -4.53
C PHE A 757 143.73 19.96 -5.25
N ARG A 758 144.27 19.49 -6.38
CA ARG A 758 145.13 20.29 -7.24
C ARG A 758 144.82 19.96 -8.68
N ILE A 759 144.30 20.94 -9.42
CA ILE A 759 143.92 20.78 -10.81
C ILE A 759 144.99 21.43 -11.68
N ASN A 760 145.57 20.66 -12.59
CA ASN A 760 146.61 21.14 -13.50
C ASN A 760 147.78 21.76 -12.75
N GLY A 761 148.12 21.19 -11.60
CA GLY A 761 149.24 21.63 -10.80
C GLY A 761 148.93 22.76 -9.85
N CYS A 762 148.15 23.73 -10.29
CA CYS A 762 147.78 24.85 -9.43
C CYS A 762 146.89 24.36 -8.30
N PRO A 763 147.20 24.69 -7.05
CA PRO A 763 146.39 24.19 -5.93
C PRO A 763 145.00 24.81 -5.92
N VAL A 764 144.06 24.06 -5.36
CA VAL A 764 142.69 24.51 -5.19
C VAL A 764 142.55 25.10 -3.79
N GLN A 765 142.08 26.34 -3.71
CA GLN A 765 142.01 27.07 -2.44
C GLN A 765 140.77 26.64 -1.66
N GLY A 766 140.80 25.39 -1.20
CA GLY A 766 139.74 24.84 -0.40
C GLY A 766 139.97 23.40 0.00
N VAL A 767 139.75 23.08 1.27
CA VAL A 767 139.97 21.75 1.80
C VAL A 767 138.85 21.38 2.76
N PHE A 768 138.70 20.09 2.99
CA PHE A 768 137.80 19.56 4.02
C PHE A 768 138.59 19.34 5.31
N GLU A 769 137.88 19.37 6.43
CA GLU A 769 138.54 19.22 7.73
C GLU A 769 137.58 18.63 8.74
N ALA A 770 138.15 17.97 9.74
CA ALA A 770 137.41 17.49 10.92
C ALA A 770 136.26 16.56 10.55
N PHE A 771 136.50 15.69 9.57
CA PHE A 771 135.51 14.67 9.23
C PHE A 771 135.80 13.40 10.01
N ASN A 772 134.74 12.73 10.46
CA ASN A 772 134.89 11.55 11.30
C ASN A 772 135.53 10.41 10.51
N LEU A 773 136.57 9.81 11.09
CA LEU A 773 137.29 8.70 10.46
C LEU A 773 136.75 7.34 10.92
N ASP A 774 135.44 7.15 10.76
CA ASP A 774 134.77 5.92 11.19
C ASP A 774 134.54 5.07 9.95
N GLY A 775 135.57 4.28 9.58
CA GLY A 775 135.49 3.40 8.43
C GLY A 775 136.76 3.51 7.60
N LEU A 776 136.64 3.13 6.33
CA LEU A 776 137.76 3.14 5.40
C LEU A 776 137.49 4.14 4.28
N PHE A 777 138.58 4.67 3.72
CA PHE A 777 138.51 5.68 2.67
C PHE A 777 139.05 5.08 1.37
N PHE A 778 138.30 5.27 0.29
CA PHE A 778 138.71 4.80 -1.03
C PHE A 778 138.49 5.89 -2.07
N PRO A 779 139.29 5.91 -3.12
CA PRO A 779 139.02 6.83 -4.23
C PRO A 779 137.72 6.49 -4.92
N VAL A 780 137.08 7.50 -5.49
CA VAL A 780 135.80 7.32 -6.18
C VAL A 780 135.64 8.42 -7.20
N VAL A 781 135.07 8.05 -8.35
CA VAL A 781 134.71 9.00 -9.40
C VAL A 781 133.25 8.75 -9.79
N SER A 782 132.45 9.81 -9.81
CA SER A 782 131.05 9.72 -10.19
C SER A 782 130.87 10.34 -11.57
N PHE A 783 130.08 9.67 -12.40
CA PHE A 783 129.93 10.08 -13.80
C PHE A 783 128.53 9.70 -14.27
N SER A 784 128.15 10.27 -15.42
CA SER A 784 126.82 10.03 -15.97
C SER A 784 126.85 10.24 -17.48
N ALA A 785 126.91 9.13 -18.23
CA ALA A 785 126.48 9.07 -19.62
C ALA A 785 127.22 10.07 -20.51
N GLY A 786 128.51 9.80 -20.70
CA GLY A 786 129.23 10.55 -21.72
C GLY A 786 130.68 10.94 -21.46
N VAL A 787 131.22 10.56 -20.30
CA VAL A 787 132.58 10.94 -19.95
C VAL A 787 133.49 9.73 -20.11
N LYS A 788 134.80 9.96 -20.04
CA LYS A 788 135.78 8.89 -20.07
C LYS A 788 137.04 9.39 -19.36
N VAL A 789 137.37 8.76 -18.23
CA VAL A 789 138.49 9.18 -17.40
C VAL A 789 139.41 7.99 -17.18
N ARG A 790 140.63 8.29 -16.71
CA ARG A 790 141.63 7.29 -16.45
C ARG A 790 142.18 7.46 -15.04
N PHE A 791 142.40 6.34 -14.35
CA PHE A 791 142.94 6.34 -13.00
C PHE A 791 144.46 6.20 -13.07
N LEU A 792 145.18 7.28 -12.78
CA LEU A 792 146.63 7.26 -12.69
C LEU A 792 146.98 7.07 -11.22
N LEU A 793 147.10 5.81 -10.80
CA LEU A 793 147.19 5.52 -9.37
C LEU A 793 148.60 5.74 -8.83
N GLY A 794 149.56 4.93 -9.25
CA GLY A 794 150.88 5.00 -8.65
C GLY A 794 152.09 4.68 -9.50
N GLY A 795 151.92 4.51 -10.81
CA GLY A 795 153.02 4.03 -11.61
C GLY A 795 153.04 2.52 -11.65
N ARG A 796 153.20 1.94 -12.84
CA ARG A 796 152.95 0.53 -13.16
C ARG A 796 151.47 0.21 -13.08
N HIS A 797 150.63 1.17 -12.68
CA HIS A 797 149.19 1.09 -12.72
C HIS A 797 148.61 2.41 -13.19
N GLY A 798 149.37 3.13 -14.03
CA GLY A 798 149.03 4.48 -14.44
C GLY A 798 150.16 5.44 -14.12
N GLU A 799 150.74 6.06 -15.15
CA GLU A 799 151.87 6.94 -14.96
C GLU A 799 151.44 8.29 -14.42
N PHE A 800 152.27 8.85 -13.55
CA PHE A 800 152.02 10.16 -12.98
C PHE A 800 152.38 11.27 -13.97
N LYS A 801 151.71 12.41 -13.79
CA LYS A 801 152.04 13.63 -14.52
C LYS A 801 152.70 14.68 -13.66
N PHE A 802 152.36 14.75 -12.37
CA PHE A 802 152.85 15.79 -11.47
C PHE A 802 153.46 15.14 -10.23
N LEU A 803 154.49 15.78 -9.70
CA LEU A 803 155.17 15.24 -8.53
C LEU A 803 154.27 15.31 -7.30
N PRO A 804 154.10 14.23 -6.56
CA PRO A 804 153.26 14.26 -5.36
C PRO A 804 153.90 15.09 -4.27
N PRO A 805 153.11 15.62 -3.34
CA PRO A 805 153.68 16.31 -2.20
C PRO A 805 154.51 15.35 -1.36
N PRO A 806 155.53 15.85 -0.67
CA PRO A 806 156.43 14.95 0.07
C PRO A 806 155.68 14.17 1.15
N GLY A 807 156.07 12.91 1.32
CA GLY A 807 155.45 12.04 2.30
C GLY A 807 154.15 11.40 1.89
N TYR A 808 153.69 11.62 0.66
CA TYR A 808 152.40 11.12 0.20
C TYR A 808 152.61 9.87 -0.65
N ALA A 809 151.94 8.78 -0.25
CA ALA A 809 152.00 7.55 -1.02
C ALA A 809 151.22 7.70 -2.33
N PRO A 810 151.71 7.08 -3.41
CA PRO A 810 150.97 7.18 -4.68
C PRO A 810 149.86 6.15 -4.80
N CYS A 811 149.11 5.92 -3.72
CA CYS A 811 147.83 5.21 -3.76
C CYS A 811 147.95 3.79 -4.32
N HIS A 812 149.16 3.37 -4.69
CA HIS A 812 149.36 2.06 -5.29
C HIS A 812 149.81 1.03 -4.26
N GLU A 813 149.99 1.43 -3.01
CA GLU A 813 150.16 0.50 -1.91
C GLU A 813 148.77 0.16 -1.36
N ALA A 814 148.73 -0.51 -0.21
CA ALA A 814 147.48 -0.94 0.42
C ALA A 814 146.65 -1.80 -0.54
N VAL A 815 147.34 -2.64 -1.32
CA VAL A 815 146.67 -3.52 -2.26
C VAL A 815 146.11 -4.77 -1.57
N LEU A 816 146.52 -5.02 -0.32
CA LEU A 816 146.05 -6.17 0.44
C LEU A 816 146.32 -7.45 -0.35
N PRO A 817 147.58 -7.92 -0.37
CA PRO A 817 148.03 -8.87 -1.41
C PRO A 817 147.17 -10.11 -1.61
N ARG A 818 146.20 -10.36 -0.73
CA ARG A 818 145.24 -11.41 -0.99
C ARG A 818 144.36 -11.11 -2.20
N GLU A 819 144.27 -9.85 -2.61
CA GLU A 819 143.46 -9.45 -3.75
C GLU A 819 144.31 -8.61 -4.71
N ARG A 820 143.88 -8.59 -5.97
CA ARG A 820 144.56 -7.82 -6.99
C ARG A 820 143.90 -6.45 -7.12
N LEU A 821 144.29 -5.68 -8.14
CA LEU A 821 143.71 -4.39 -8.42
C LEU A 821 142.53 -4.53 -9.36
N ARG A 822 141.46 -3.79 -9.07
CA ARG A 822 140.25 -3.87 -9.86
C ARG A 822 139.52 -2.54 -9.80
N LEU A 823 138.67 -2.31 -10.80
CA LEU A 823 137.72 -1.20 -10.81
C LEU A 823 136.33 -1.80 -10.72
N GLU A 824 135.59 -1.44 -9.68
CA GLU A 824 134.32 -2.08 -9.41
C GLU A 824 133.28 -1.05 -8.96
N PRO A 825 132.01 -1.32 -9.20
CA PRO A 825 130.95 -0.44 -8.65
C PRO A 825 130.84 -0.60 -7.15
N ILE A 826 130.08 0.30 -6.54
CA ILE A 826 129.96 0.38 -5.09
C ILE A 826 128.57 -0.10 -4.69
N LYS A 827 128.52 -1.19 -3.93
CA LYS A 827 127.29 -1.74 -3.37
C LYS A 827 126.27 -2.01 -4.47
N GLU A 828 126.63 -2.93 -5.36
CA GLU A 828 125.74 -3.31 -6.45
C GLU A 828 124.77 -4.39 -5.99
N TYR A 829 123.63 -4.46 -6.68
CA TYR A 829 122.63 -5.49 -6.44
C TYR A 829 122.19 -6.18 -7.72
N ARG A 830 122.89 -5.94 -8.83
CA ARG A 830 122.54 -6.56 -10.10
C ARG A 830 123.78 -6.53 -10.99
N ARG A 831 124.21 -7.70 -11.44
CA ARG A 831 125.41 -7.84 -12.25
C ARG A 831 125.08 -8.61 -13.51
N GLU A 832 125.53 -8.10 -14.66
CA GLU A 832 125.31 -8.78 -15.92
C GLU A 832 126.06 -10.11 -15.94
N GLY A 833 125.40 -11.13 -16.50
CA GLY A 833 125.96 -12.46 -16.54
C GLY A 833 125.94 -13.07 -17.92
N PRO A 834 126.43 -14.31 -18.04
CA PRO A 834 126.46 -14.96 -19.36
C PRO A 834 125.09 -15.14 -19.99
N ARG A 835 124.06 -15.38 -19.18
CA ARG A 835 122.72 -15.67 -19.71
C ARG A 835 121.66 -14.88 -18.95
N GLY A 836 121.94 -13.61 -18.66
CA GLY A 836 120.99 -12.76 -18.01
C GLY A 836 121.56 -12.01 -16.83
N PRO A 837 120.75 -11.17 -16.20
CA PRO A 837 121.23 -10.36 -15.07
C PRO A 837 121.24 -11.15 -13.77
N HIS A 838 122.44 -11.38 -13.23
CA HIS A 838 122.56 -12.01 -11.93
C HIS A 838 122.21 -11.02 -10.81
N LEU A 839 121.62 -11.55 -9.75
CA LEU A 839 121.30 -10.76 -8.57
C LEU A 839 122.34 -11.03 -7.48
N VAL A 840 122.83 -9.97 -6.86
CA VAL A 840 123.94 -10.04 -5.91
C VAL A 840 123.45 -9.54 -4.55
N GLY A 841 123.78 -10.28 -3.50
CA GLY A 841 123.44 -9.89 -2.15
C GLY A 841 124.44 -8.90 -1.58
N PRO A 842 124.31 -8.60 -0.29
CA PRO A 842 125.23 -7.64 0.33
C PRO A 842 126.68 -8.10 0.25
N SER A 843 127.58 -7.14 0.08
CA SER A 843 129.00 -7.43 -0.02
C SER A 843 129.62 -7.54 1.38
N ARG A 844 130.82 -8.09 1.42
CA ARG A 844 131.57 -8.27 2.68
C ARG A 844 132.65 -7.20 2.72
N CYS A 845 132.32 -6.04 3.27
CA CYS A 845 133.24 -4.92 3.37
C CYS A 845 134.08 -5.04 4.64
N LEU A 846 135.28 -4.46 4.60
CA LEU A 846 136.19 -4.51 5.72
C LEU A 846 135.92 -3.35 6.68
N SER A 847 136.71 -3.27 7.74
CA SER A 847 136.58 -2.21 8.73
C SER A 847 137.96 -1.76 9.17
N HIS A 848 138.02 -0.56 9.74
CA HIS A 848 139.28 0.00 10.21
C HIS A 848 139.83 -0.71 11.44
N THR A 849 139.03 -1.53 12.12
CA THR A 849 139.49 -2.27 13.28
C THR A 849 139.92 -3.68 12.88
N ASP A 850 140.20 -3.88 11.60
CA ASP A 850 140.67 -5.17 11.09
C ASP A 850 142.17 -5.14 10.84
N PHE A 851 142.71 -4.03 10.32
CA PHE A 851 144.13 -3.93 10.02
C PHE A 851 144.95 -3.90 11.31
N VAL A 852 144.34 -3.47 12.40
CA VAL A 852 145.02 -3.40 13.69
C VAL A 852 145.17 -4.82 14.24
N PRO A 853 146.38 -5.22 14.67
CA PRO A 853 146.56 -6.57 15.23
C PRO A 853 146.14 -6.61 16.69
N CYS A 854 145.40 -7.65 17.05
CA CYS A 854 144.92 -7.85 18.42
C CYS A 854 145.36 -9.23 18.90
N PRO A 855 146.41 -9.31 19.73
CA PRO A 855 146.83 -10.61 20.27
C PRO A 855 146.12 -10.94 21.57
N VAL A 856 146.32 -12.15 22.07
CA VAL A 856 145.72 -12.55 23.33
C VAL A 856 146.51 -11.97 24.50
N ASP A 857 145.83 -11.78 25.63
CA ASP A 857 146.42 -11.15 26.80
C ASP A 857 147.40 -12.11 27.45
N THR A 858 148.69 -11.77 27.42
CA THR A 858 149.73 -12.53 28.09
C THR A 858 150.46 -11.68 29.14
N VAL A 859 149.82 -10.63 29.63
CA VAL A 859 150.48 -9.72 30.58
C VAL A 859 150.75 -10.46 31.90
N GLN A 860 149.77 -11.21 32.39
CA GLN A 860 149.89 -11.89 33.68
C GLN A 860 150.24 -13.36 33.43
N ILE A 861 151.53 -13.61 33.25
CA ILE A 861 152.05 -14.97 33.11
C ILE A 861 153.17 -15.14 34.13
N VAL A 862 153.04 -16.17 34.97
CA VAL A 862 154.03 -16.39 36.02
C VAL A 862 155.37 -16.82 35.43
N LEU A 863 155.33 -17.61 34.34
CA LEU A 863 156.51 -18.21 33.75
C LEU A 863 157.31 -18.97 34.80
N PRO A 864 156.82 -20.13 35.23
CA PRO A 864 157.46 -20.86 36.33
C PRO A 864 158.88 -21.27 35.97
N PRO A 865 159.75 -21.48 36.97
CA PRO A 865 161.17 -21.74 36.67
C PRO A 865 161.40 -22.95 35.79
N HIS A 866 160.60 -24.02 35.94
CA HIS A 866 160.80 -25.19 35.09
C HIS A 866 160.55 -24.87 33.63
N LEU A 867 159.52 -24.08 33.34
CA LEU A 867 159.29 -23.60 31.98
C LEU A 867 160.27 -22.50 31.61
N GLU A 868 160.73 -21.72 32.59
CA GLU A 868 161.66 -20.62 32.30
C GLU A 868 163.01 -21.17 31.86
N ARG A 869 163.40 -22.33 32.36
CA ARG A 869 164.69 -22.91 32.00
C ARG A 869 164.80 -23.18 30.51
N ILE A 870 163.67 -23.35 29.83
CA ILE A 870 163.68 -23.60 28.39
C ILE A 870 163.56 -22.32 27.58
N ARG A 871 163.55 -21.15 28.23
CA ARG A 871 163.38 -19.88 27.52
C ARG A 871 164.47 -19.70 26.47
N GLU A 872 165.72 -20.02 26.81
CA GLU A 872 166.80 -19.96 25.83
C GLU A 872 166.92 -21.27 25.06
N LYS A 873 166.58 -22.40 25.70
CA LYS A 873 166.73 -23.70 25.06
C LYS A 873 165.89 -23.79 23.80
N LEU A 874 164.65 -23.31 23.86
CA LEU A 874 163.82 -23.15 22.67
C LEU A 874 164.30 -22.01 21.79
N ALA A 875 165.11 -21.09 22.33
CA ALA A 875 165.47 -19.89 21.59
C ALA A 875 166.58 -20.16 20.56
N GLU A 876 167.73 -20.67 21.00
CA GLU A 876 168.80 -20.83 20.01
C GLU A 876 168.51 -21.93 19.01
N ASN A 877 167.64 -22.89 19.35
CA ASN A 877 167.24 -23.89 18.37
C ASN A 877 166.55 -23.24 17.17
N ILE A 878 165.55 -22.39 17.44
CA ILE A 878 164.89 -21.66 16.36
C ILE A 878 165.88 -20.71 15.70
N HIS A 879 166.80 -20.14 16.46
CA HIS A 879 167.78 -19.23 15.88
C HIS A 879 168.63 -19.93 14.82
N GLU A 880 169.17 -21.10 15.15
CA GLU A 880 169.98 -21.84 14.19
C GLU A 880 169.15 -22.37 13.03
N LEU A 881 167.92 -22.82 13.30
CA LEU A 881 167.08 -23.32 12.23
C LEU A 881 166.73 -22.20 11.24
N TRP A 882 166.38 -21.02 11.76
CA TRP A 882 166.13 -19.88 10.90
C TRP A 882 167.41 -19.44 10.17
N ALA A 883 168.57 -19.60 10.81
CA ALA A 883 169.82 -19.30 10.14
C ALA A 883 170.03 -20.22 8.93
N LEU A 884 169.74 -21.51 9.08
CA LEU A 884 169.90 -22.41 7.94
C LEU A 884 168.85 -22.14 6.87
N THR A 885 167.61 -21.81 7.26
CA THR A 885 166.63 -21.41 6.26
C THR A 885 167.05 -20.13 5.54
N ARG A 886 167.79 -19.25 6.22
CA ARG A 886 168.30 -18.05 5.57
C ARG A 886 169.43 -18.38 4.60
N ILE A 887 170.37 -19.22 5.02
CA ILE A 887 171.47 -19.60 4.14
C ILE A 887 171.00 -20.49 3.01
N GLU A 888 169.76 -21.00 3.07
CA GLU A 888 169.15 -21.62 1.89
C GLU A 888 169.17 -20.68 0.70
N GLN A 889 169.08 -19.37 0.94
CA GLN A 889 169.25 -18.37 -0.10
C GLN A 889 170.70 -18.03 -0.38
N GLY A 890 171.64 -18.63 0.35
CA GLY A 890 173.05 -18.33 0.20
C GLY A 890 173.59 -17.31 1.17
N TRP A 891 172.92 -17.06 2.29
CA TRP A 891 173.36 -16.05 3.22
C TRP A 891 174.69 -16.40 3.85
N THR A 892 175.55 -15.39 4.01
CA THR A 892 176.84 -15.52 4.68
C THR A 892 176.94 -14.46 5.77
N TYR A 893 178.08 -14.42 6.45
CA TYR A 893 178.30 -13.51 7.56
C TYR A 893 179.17 -12.34 7.09
N GLY A 894 178.68 -11.12 7.30
CA GLY A 894 179.39 -9.93 6.90
C GLY A 894 178.86 -8.68 7.57
N PRO A 895 179.28 -7.50 7.08
CA PRO A 895 178.90 -6.25 7.74
C PRO A 895 177.58 -5.63 7.27
N VAL A 896 177.16 -5.85 6.02
CA VAL A 896 176.08 -5.10 5.41
C VAL A 896 175.01 -6.06 4.90
N ARG A 897 173.74 -5.71 5.15
CA ARG A 897 172.63 -6.63 4.90
C ARG A 897 172.48 -6.99 3.43
N ASP A 898 172.72 -6.03 2.53
CA ASP A 898 172.35 -6.13 1.11
C ASP A 898 172.61 -7.51 0.53
N ASP A 899 171.58 -8.06 -0.13
CA ASP A 899 171.65 -9.43 -0.64
C ASP A 899 172.65 -9.56 -1.78
N ASN A 900 172.75 -8.53 -2.63
CA ASN A 900 173.70 -8.59 -3.72
C ASN A 900 175.13 -8.69 -3.20
N LYS A 901 175.43 -8.00 -2.09
CA LYS A 901 176.71 -8.17 -1.43
C LYS A 901 176.78 -9.49 -0.66
N ARG A 902 175.64 -10.00 -0.21
CA ARG A 902 175.54 -11.31 0.43
C ARG A 902 176.39 -11.38 1.70
N LEU A 903 176.30 -10.35 2.53
CA LEU A 903 177.07 -10.28 3.76
C LEU A 903 176.20 -9.77 4.91
N HIS A 904 174.96 -10.24 4.99
CA HIS A 904 174.07 -9.84 6.08
C HIS A 904 174.51 -10.51 7.37
N PRO A 905 174.81 -9.75 8.43
CA PRO A 905 175.20 -10.41 9.69
C PRO A 905 174.01 -11.08 10.35
N CYS A 906 173.92 -12.40 10.19
CA CYS A 906 172.86 -13.18 10.80
C CYS A 906 173.33 -14.56 11.23
N LEU A 907 174.64 -14.81 11.22
CA LEU A 907 175.17 -16.16 11.35
C LEU A 907 175.99 -16.33 12.63
N VAL A 908 175.49 -15.85 13.75
CA VAL A 908 176.11 -16.06 15.05
C VAL A 908 175.18 -16.90 15.91
N ASN A 909 175.69 -17.33 17.06
CA ASN A 909 174.89 -18.07 18.01
C ASN A 909 174.08 -17.10 18.87
N PHE A 910 173.20 -17.67 19.70
CA PHE A 910 172.33 -16.84 20.53
C PHE A 910 173.12 -16.00 21.52
N HIS A 911 174.12 -16.60 22.16
CA HIS A 911 174.94 -15.85 23.11
C HIS A 911 175.87 -14.85 22.42
N SER A 912 176.06 -14.98 21.11
CA SER A 912 176.89 -14.06 20.34
C SER A 912 176.05 -13.11 19.48
N LEU A 913 174.74 -13.03 19.72
CA LEU A 913 173.88 -12.16 18.94
C LEU A 913 174.19 -10.70 19.22
N PRO A 914 173.86 -9.81 18.28
CA PRO A 914 173.99 -8.37 18.56
C PRO A 914 173.06 -7.96 19.69
N GLU A 915 173.50 -6.95 20.46
CA GLU A 915 172.75 -6.51 21.62
C GLU A 915 171.34 -6.02 21.30
N PRO A 916 171.12 -5.16 20.30
CA PRO A 916 169.74 -4.72 20.03
C PRO A 916 168.80 -5.85 19.66
N GLU A 917 169.28 -6.87 18.94
CA GLU A 917 168.44 -7.99 18.53
C GLU A 917 168.32 -9.07 19.59
N ARG A 918 169.30 -9.18 20.49
CA ARG A 918 169.27 -10.23 21.51
C ARG A 918 168.05 -10.10 22.41
N ASN A 919 167.80 -8.89 22.93
CA ASN A 919 166.66 -8.69 23.82
C ASN A 919 165.35 -8.99 23.10
N TYR A 920 165.23 -8.58 21.84
CA TYR A 920 164.04 -8.90 21.06
C TYR A 920 163.86 -10.41 20.95
N ASN A 921 164.95 -11.14 20.70
CA ASN A 921 164.85 -12.58 20.53
C ASN A 921 164.44 -13.30 21.82
N LEU A 922 165.01 -12.92 22.97
CA LEU A 922 164.57 -13.55 24.22
C LEU A 922 163.09 -13.31 24.47
N GLN A 923 162.62 -12.08 24.32
CA GLN A 923 161.20 -11.84 24.60
C GLN A 923 160.31 -12.49 23.56
N MET A 924 160.81 -12.66 22.33
CA MET A 924 160.04 -13.39 21.32
C MET A 924 159.85 -14.85 21.74
N SER A 925 160.93 -15.53 22.12
CA SER A 925 160.80 -16.92 22.55
C SER A 925 159.95 -17.02 23.81
N GLY A 926 160.14 -16.08 24.75
CA GLY A 926 159.30 -16.04 25.93
C GLY A 926 157.83 -15.87 25.60
N GLU A 927 157.52 -15.08 24.57
CA GLU A 927 156.13 -14.91 24.17
C GLU A 927 155.59 -16.17 23.50
N THR A 928 156.45 -16.88 22.76
CA THR A 928 156.02 -18.18 22.24
C THR A 928 155.62 -19.13 23.36
N LEU A 929 156.38 -19.12 24.46
CA LEU A 929 155.97 -19.93 25.61
C LEU A 929 154.73 -19.35 26.30
N LYS A 930 154.66 -18.02 26.41
CA LYS A 930 153.60 -17.36 27.17
C LYS A 930 152.25 -17.49 26.49
N THR A 931 152.21 -17.56 25.16
CA THR A 931 150.95 -17.80 24.48
C THR A 931 150.39 -19.16 24.87
N LEU A 932 151.24 -20.19 24.87
CA LEU A 932 150.84 -21.53 25.29
C LEU A 932 150.36 -21.52 26.73
N LEU A 933 151.07 -20.82 27.61
CA LEU A 933 150.67 -20.76 29.01
C LEU A 933 149.35 -20.01 29.20
N ALA A 934 149.16 -18.91 28.47
CA ALA A 934 147.99 -18.07 28.70
C ALA A 934 146.73 -18.69 28.12
N LEU A 935 146.84 -19.34 26.97
CA LEU A 935 145.66 -19.97 26.38
C LEU A 935 145.13 -21.09 27.27
N GLY A 936 146.04 -21.77 27.98
CA GLY A 936 145.67 -22.89 28.83
C GLY A 936 146.59 -24.06 28.60
N CYS A 937 146.02 -25.22 28.27
CA CYS A 937 146.75 -26.42 27.86
C CYS A 937 147.99 -26.65 28.73
N HIS A 938 147.74 -26.88 30.01
CA HIS A 938 148.79 -27.06 31.01
C HIS A 938 149.74 -28.19 30.62
N VAL A 939 151.01 -27.86 30.36
CA VAL A 939 151.99 -28.86 29.98
C VAL A 939 152.61 -29.47 31.24
N GLY A 940 153.26 -30.61 31.06
CA GLY A 940 153.93 -31.28 32.15
C GLY A 940 155.19 -31.96 31.68
N MET A 941 156.18 -32.05 32.58
CA MET A 941 157.47 -32.65 32.27
C MET A 941 157.32 -34.17 32.22
N ALA A 942 156.96 -34.65 31.02
CA ALA A 942 156.73 -36.08 30.85
C ALA A 942 158.02 -36.88 31.02
N ASP A 943 159.13 -36.39 30.47
CA ASP A 943 160.39 -37.10 30.53
C ASP A 943 161.53 -36.10 30.57
N GLU A 944 162.67 -36.54 31.13
CA GLU A 944 163.85 -35.68 31.24
C GLU A 944 165.08 -36.39 30.67
N LYS A 945 165.12 -37.73 30.78
CA LYS A 945 166.27 -38.48 30.30
C LYS A 945 166.41 -38.38 28.78
N ALA A 946 165.29 -38.41 28.05
CA ALA A 946 165.33 -38.28 26.61
C ALA A 946 165.93 -36.94 26.20
N GLU A 947 165.55 -35.87 26.90
CA GLU A 947 166.17 -34.57 26.67
C GLU A 947 167.66 -34.59 26.97
N ASP A 948 168.04 -35.27 28.06
CA ASP A 948 169.45 -35.36 28.43
C ASP A 948 170.26 -36.10 27.38
N ASN A 949 169.65 -37.04 26.67
CA ASN A 949 170.36 -37.87 25.70
C ASN A 949 170.17 -37.41 24.26
N LEU A 950 169.64 -36.21 24.04
CA LEU A 950 169.43 -35.70 22.69
C LEU A 950 170.70 -35.04 22.16
N LYS A 951 170.97 -35.24 20.87
CA LYS A 951 172.16 -34.67 20.23
C LYS A 951 171.80 -33.87 18.99
N LYS A 952 172.80 -33.48 18.21
CA LYS A 952 172.62 -32.66 17.02
C LYS A 952 172.83 -33.49 15.76
N THR A 953 171.97 -33.26 14.77
CA THR A 953 172.04 -34.02 13.53
C THR A 953 173.22 -33.56 12.67
N LYS A 954 173.69 -34.47 11.83
CA LYS A 954 174.80 -34.16 10.92
C LYS A 954 174.33 -33.24 9.81
N LEU A 955 175.23 -32.35 9.36
CA LEU A 955 174.91 -31.40 8.31
C LEU A 955 175.82 -31.60 7.10
N PRO A 956 175.27 -31.49 5.88
CA PRO A 956 176.11 -31.67 4.68
C PRO A 956 177.01 -30.48 4.39
N LYS A 957 177.70 -30.54 3.24
CA LYS A 957 178.71 -29.56 2.89
C LYS A 957 178.15 -28.18 2.57
N THR A 958 176.84 -28.05 2.41
CA THR A 958 176.23 -26.80 1.97
C THR A 958 175.94 -25.84 3.12
N TYR A 959 176.25 -26.21 4.36
CA TYR A 959 175.93 -25.38 5.51
C TYR A 959 177.15 -24.65 6.07
N MET A 960 178.34 -25.21 5.87
CA MET A 960 179.57 -24.56 6.32
C MET A 960 179.85 -23.34 5.46
N MET A 961 180.26 -22.25 6.10
CA MET A 961 180.44 -20.97 5.44
C MET A 961 181.77 -20.36 5.88
N SER A 962 182.25 -19.42 5.05
CA SER A 962 183.67 -19.08 5.01
C SER A 962 184.22 -18.63 6.36
N ASN A 963 183.49 -17.75 7.07
CA ASN A 963 184.03 -17.16 8.29
C ASN A 963 184.24 -18.21 9.39
N GLY A 964 183.28 -19.11 9.57
CA GLY A 964 183.44 -20.11 10.61
C GLY A 964 182.18 -20.50 11.35
N TYR A 965 181.04 -19.93 10.97
CA TYR A 965 179.77 -20.35 11.53
C TYR A 965 179.35 -21.70 10.95
N LYS A 966 178.64 -22.48 11.75
CA LYS A 966 178.04 -23.73 11.30
C LYS A 966 176.78 -24.01 12.11
N PRO A 967 175.64 -24.21 11.45
CA PRO A 967 174.39 -24.46 12.18
C PRO A 967 174.46 -25.77 12.94
N ALA A 968 173.71 -25.84 14.05
CA ALA A 968 173.62 -27.02 14.90
C ALA A 968 172.15 -27.38 15.10
N PRO A 969 171.51 -27.98 14.10
CA PRO A 969 170.10 -28.35 14.24
C PRO A 969 169.94 -29.61 15.09
N LEU A 970 169.14 -29.52 16.14
CA LEU A 970 168.90 -30.66 17.01
C LEU A 970 168.04 -31.70 16.29
N ASP A 971 168.05 -32.91 16.84
CA ASP A 971 167.26 -34.00 16.25
C ASP A 971 165.78 -33.69 16.35
N LEU A 972 165.04 -34.00 15.29
CA LEU A 972 163.65 -33.60 15.17
C LEU A 972 162.69 -34.73 14.82
N SER A 973 163.16 -35.82 14.21
CA SER A 973 162.28 -36.91 13.82
C SER A 973 161.98 -37.88 14.96
N HIS A 974 162.60 -37.70 16.12
CA HIS A 974 162.37 -38.60 17.24
C HIS A 974 160.97 -38.47 17.83
N VAL A 975 160.29 -37.34 17.60
CA VAL A 975 158.97 -37.10 18.14
C VAL A 975 158.02 -36.72 17.02
N ARG A 976 156.74 -36.97 17.22
CA ARG A 976 155.70 -36.64 16.25
C ARG A 976 154.54 -35.97 16.99
N LEU A 977 154.03 -34.89 16.40
CA LEU A 977 152.95 -34.14 17.04
C LEU A 977 151.61 -34.82 16.80
N THR A 978 150.80 -34.88 17.85
CA THR A 978 149.45 -35.43 17.74
C THR A 978 148.58 -34.49 16.92
N PRO A 979 147.54 -35.02 16.26
CA PRO A 979 146.67 -34.15 15.46
C PRO A 979 146.07 -33.00 16.25
N ALA A 980 145.81 -33.18 17.55
CA ALA A 980 145.39 -32.05 18.37
C ALA A 980 146.48 -30.97 18.42
N GLN A 981 147.74 -31.40 18.54
CA GLN A 981 148.83 -30.44 18.48
C GLN A 981 148.96 -29.80 17.10
N THR A 982 148.66 -30.54 16.05
CA THR A 982 148.63 -29.93 14.72
C THR A 982 147.55 -28.86 14.61
N THR A 983 146.39 -29.10 15.23
CA THR A 983 145.35 -28.08 15.28
C THR A 983 145.79 -26.87 16.09
N LEU A 984 146.44 -27.10 17.24
CA LEU A 984 146.79 -26.01 18.15
C LEU A 984 148.07 -25.28 17.77
N VAL A 985 148.85 -25.82 16.83
CA VAL A 985 150.12 -25.17 16.49
C VAL A 985 149.90 -23.91 15.66
N ASP A 986 148.77 -23.84 14.94
CA ASP A 986 148.49 -22.67 14.11
C ASP A 986 148.03 -21.47 14.92
N ARG A 987 147.40 -21.68 16.07
CA ARG A 987 146.99 -20.56 16.91
C ARG A 987 148.19 -19.83 17.50
N LEU A 988 149.26 -20.57 17.80
CA LEU A 988 150.48 -19.93 18.29
C LEU A 988 151.11 -19.06 17.20
N ALA A 989 151.05 -19.49 15.94
CA ALA A 989 151.51 -18.63 14.85
C ALA A 989 150.60 -17.43 14.66
N GLU A 990 149.29 -17.63 14.83
CA GLU A 990 148.35 -16.51 14.81
C GLU A 990 148.74 -15.46 15.84
N ASN A 991 149.03 -15.88 17.06
CA ASN A 991 149.51 -14.97 18.09
C ASN A 991 150.88 -14.39 17.78
N GLY A 992 151.78 -15.19 17.20
CA GLY A 992 153.13 -14.71 16.94
C GLY A 992 153.19 -13.61 15.92
N HIS A 993 152.41 -13.74 14.84
CA HIS A 993 152.41 -12.69 13.82
C HIS A 993 151.77 -11.41 14.37
N ASN A 994 150.73 -11.54 15.19
CA ASN A 994 150.13 -10.36 15.81
C ASN A 994 151.12 -9.67 16.75
N VAL A 995 151.86 -10.46 17.54
CA VAL A 995 152.87 -9.88 18.42
C VAL A 995 153.98 -9.22 17.60
N TRP A 996 154.36 -9.84 16.47
CA TRP A 996 155.33 -9.24 15.58
C TRP A 996 154.83 -7.89 15.07
N ALA A 997 153.58 -7.82 14.66
CA ALA A 997 153.04 -6.56 14.14
C ALA A 997 152.93 -5.49 15.22
N ARG A 998 152.64 -5.90 16.47
CA ARG A 998 152.34 -4.93 17.52
C ARG A 998 153.53 -4.00 17.77
N ASP A 999 154.72 -4.55 18.02
CA ASP A 999 155.84 -3.69 18.33
C ASP A 999 156.37 -2.97 17.09
N ARG A 1000 156.19 -3.55 15.90
CA ARG A 1000 156.59 -2.83 14.68
C ARG A 1000 155.74 -1.59 14.47
N VAL A 1001 154.42 -1.69 14.66
CA VAL A 1001 153.58 -0.50 14.55
C VAL A 1001 153.75 0.41 15.75
N ALA A 1002 154.25 -0.12 16.88
CA ALA A 1002 154.63 0.75 17.98
C ALA A 1002 155.92 1.51 17.69
N GLN A 1003 156.78 0.98 16.84
CA GLN A 1003 158.02 1.66 16.46
C GLN A 1003 157.84 2.63 15.30
N GLY A 1004 156.75 2.53 14.55
CA GLY A 1004 156.51 3.42 13.44
C GLY A 1004 156.55 2.75 12.09
N TRP A 1005 156.14 1.48 12.03
CA TRP A 1005 156.11 0.72 10.79
C TRP A 1005 154.68 0.59 10.29
N SER A 1006 154.53 0.53 8.96
CA SER A 1006 153.23 0.41 8.34
C SER A 1006 153.35 -0.44 7.08
N TYR A 1007 152.23 -1.02 6.66
CA TYR A 1007 152.22 -1.91 5.51
C TYR A 1007 152.46 -1.13 4.22
N SER A 1008 153.16 -1.76 3.28
CA SER A 1008 153.44 -1.16 1.99
C SER A 1008 153.50 -2.24 0.93
N ALA A 1009 152.86 -2.01 -0.21
CA ALA A 1009 152.96 -2.95 -1.32
C ALA A 1009 154.39 -3.02 -1.84
N VAL A 1010 155.07 -1.89 -1.91
CA VAL A 1010 156.46 -1.82 -2.34
C VAL A 1010 157.35 -1.84 -1.10
N GLN A 1011 158.31 -2.76 -1.06
CA GLN A 1011 159.19 -2.87 0.09
C GLN A 1011 160.17 -1.71 0.12
N ASP A 1012 160.32 -1.09 1.29
CA ASP A 1012 161.23 0.03 1.46
C ASP A 1012 161.77 -0.01 2.89
N ILE A 1013 162.95 -0.62 3.05
CA ILE A 1013 163.57 -0.69 4.38
C ILE A 1013 163.91 0.70 4.93
N PRO A 1014 164.52 1.62 4.17
CA PRO A 1014 164.77 2.96 4.73
C PRO A 1014 163.50 3.69 5.15
N ALA A 1015 162.37 3.43 4.49
CA ALA A 1015 161.11 4.05 4.86
C ALA A 1015 160.41 3.33 6.01
N ARG A 1016 161.03 2.27 6.55
CA ARG A 1016 160.49 1.52 7.69
C ARG A 1016 159.14 0.89 7.35
N ARG A 1017 159.04 0.29 6.17
CA ARG A 1017 157.82 -0.38 5.73
C ARG A 1017 158.18 -1.71 5.08
N ASN A 1018 157.25 -2.66 5.20
CA ASN A 1018 157.40 -3.97 4.58
C ASN A 1018 156.05 -4.49 4.09
N PRO A 1019 156.05 -5.38 3.10
CA PRO A 1019 154.77 -5.96 2.64
C PRO A 1019 154.34 -7.16 3.44
N ARG A 1020 154.39 -7.06 4.78
CA ARG A 1020 154.02 -8.19 5.62
C ARG A 1020 153.31 -7.78 6.90
N LEU A 1021 152.83 -6.54 6.99
CA LEU A 1021 152.27 -6.02 8.23
C LEU A 1021 150.76 -6.20 8.33
N VAL A 1022 150.13 -6.86 7.37
CA VAL A 1022 148.74 -7.27 7.55
C VAL A 1022 148.68 -8.34 8.64
N PRO A 1023 147.88 -8.16 9.70
CA PRO A 1023 148.12 -8.93 10.94
C PRO A 1023 148.05 -10.45 10.76
N TYR A 1024 146.90 -11.00 10.43
CA TYR A 1024 146.87 -12.41 10.06
C TYR A 1024 145.95 -12.71 8.88
N ARG A 1025 144.77 -12.08 8.87
CA ARG A 1025 143.63 -12.61 8.14
C ARG A 1025 143.60 -12.22 6.67
N LEU A 1026 144.42 -11.27 6.25
CA LEU A 1026 144.49 -10.88 4.84
C LEU A 1026 145.90 -11.03 4.29
N LEU A 1027 146.58 -12.11 4.68
CA LEU A 1027 147.92 -12.41 4.22
C LEU A 1027 147.89 -13.45 3.10
N ASP A 1028 148.86 -13.36 2.20
CA ASP A 1028 148.99 -14.36 1.15
C ASP A 1028 149.30 -15.73 1.76
N GLU A 1029 148.75 -16.78 1.15
CA GLU A 1029 148.89 -18.11 1.71
C GLU A 1029 150.34 -18.59 1.68
N ALA A 1030 151.14 -18.07 0.75
CA ALA A 1030 152.55 -18.46 0.68
C ALA A 1030 153.31 -18.02 1.92
N THR A 1031 153.07 -16.79 2.37
CA THR A 1031 153.73 -16.26 3.57
C THR A 1031 153.28 -16.99 4.83
N LYS A 1032 152.01 -17.40 4.90
CA LYS A 1032 151.50 -18.11 6.07
C LYS A 1032 152.33 -19.35 6.40
N ARG A 1033 152.84 -20.03 5.37
CA ARG A 1033 153.57 -21.27 5.58
C ARG A 1033 154.89 -21.04 6.30
N SER A 1034 155.54 -19.89 6.10
CA SER A 1034 156.78 -19.61 6.82
C SER A 1034 156.55 -19.50 8.31
N ASN A 1035 155.54 -18.73 8.72
CA ASN A 1035 155.20 -18.63 10.13
C ASN A 1035 154.74 -19.96 10.70
N ARG A 1036 153.96 -20.72 9.91
CA ARG A 1036 153.53 -22.04 10.34
C ARG A 1036 154.74 -22.94 10.59
N ASP A 1037 155.71 -22.91 9.68
CA ASP A 1037 156.92 -23.72 9.85
C ASP A 1037 157.69 -23.30 11.09
N SER A 1038 157.89 -22.00 11.29
CA SER A 1038 158.65 -21.54 12.44
C SER A 1038 158.00 -21.99 13.74
N LEU A 1039 156.68 -21.78 13.86
CA LEU A 1039 156.00 -22.16 15.10
C LEU A 1039 155.93 -23.68 15.26
N CYS A 1040 155.77 -24.42 14.17
CA CYS A 1040 155.73 -25.88 14.27
C CYS A 1040 157.07 -26.43 14.74
N GLN A 1041 158.18 -25.91 14.21
CA GLN A 1041 159.48 -26.34 14.69
C GLN A 1041 159.74 -25.91 16.13
N ALA A 1042 159.23 -24.74 16.54
CA ALA A 1042 159.33 -24.38 17.95
C ALA A 1042 158.60 -25.37 18.84
N VAL A 1043 157.37 -25.74 18.46
CA VAL A 1043 156.58 -26.69 19.25
C VAL A 1043 157.26 -28.04 19.28
N ARG A 1044 157.79 -28.50 18.14
CA ARG A 1044 158.44 -29.80 18.10
C ARG A 1044 159.77 -29.79 18.87
N THR A 1045 160.45 -28.64 18.92
CA THR A 1045 161.64 -28.53 19.75
C THR A 1045 161.29 -28.63 21.22
N LEU A 1046 160.22 -27.95 21.64
CA LEU A 1046 159.79 -28.06 23.03
C LEU A 1046 159.34 -29.49 23.36
N LEU A 1047 158.65 -30.14 22.43
CA LEU A 1047 158.16 -31.50 22.67
C LEU A 1047 159.29 -32.52 22.63
N GLY A 1048 160.37 -32.23 21.92
CA GLY A 1048 161.49 -33.15 21.88
C GLY A 1048 162.16 -33.29 23.24
N TYR A 1049 162.21 -32.21 24.00
CA TYR A 1049 162.76 -32.22 25.35
C TYR A 1049 161.72 -32.67 26.37
N GLY A 1050 161.09 -33.81 26.10
CA GLY A 1050 159.95 -34.24 26.92
C GLY A 1050 158.86 -33.18 26.86
N TYR A 1051 158.30 -32.86 28.02
CA TYR A 1051 157.36 -31.75 28.18
C TYR A 1051 156.16 -31.89 27.25
N ASN A 1052 155.38 -32.94 27.52
CA ASN A 1052 154.17 -33.18 26.75
C ASN A 1052 153.21 -32.00 26.84
N ILE A 1053 152.55 -31.69 25.72
CA ILE A 1053 151.68 -30.54 25.60
C ILE A 1053 150.28 -31.04 25.31
N GLU A 1054 149.30 -30.57 26.08
CA GLU A 1054 147.91 -30.95 25.86
C GLU A 1054 147.07 -29.72 25.49
N ASP A 1070 122.48 -4.61 5.28
CA ASP A 1070 123.60 -5.55 5.20
C ASP A 1070 123.18 -6.93 5.70
N ARG A 1071 121.91 -7.06 6.09
CA ARG A 1071 121.43 -8.33 6.64
C ARG A 1071 121.08 -9.32 5.53
N VAL A 1072 120.06 -9.00 4.74
CA VAL A 1072 119.56 -9.86 3.66
C VAL A 1072 118.95 -8.97 2.59
N ARG A 1073 119.26 -9.28 1.33
CA ARG A 1073 118.67 -8.59 0.19
C ARG A 1073 117.55 -9.45 -0.36
N ILE A 1074 116.31 -9.03 -0.13
CA ILE A 1074 115.12 -9.78 -0.55
C ILE A 1074 114.66 -9.24 -1.89
N PHE A 1075 114.53 -10.13 -2.88
CA PHE A 1075 114.02 -9.77 -4.19
C PHE A 1075 112.61 -10.33 -4.35
N ARG A 1076 111.78 -9.61 -5.10
CA ARG A 1076 110.37 -9.93 -5.21
C ARG A 1076 109.91 -9.62 -6.64
N ALA A 1077 108.60 -9.61 -6.84
CA ALA A 1077 107.99 -9.17 -8.09
C ALA A 1077 106.93 -8.12 -7.77
N GLU A 1078 106.62 -7.30 -8.76
CA GLU A 1078 105.64 -6.24 -8.56
C GLU A 1078 104.28 -6.83 -8.18
N LYS A 1079 103.58 -6.15 -7.28
CA LYS A 1079 102.33 -6.66 -6.73
C LYS A 1079 101.23 -6.78 -7.78
N SER A 1080 101.40 -6.18 -8.96
CA SER A 1080 100.43 -6.35 -10.04
C SER A 1080 100.52 -7.72 -10.69
N TYR A 1081 101.53 -8.52 -10.35
CA TYR A 1081 101.72 -9.84 -10.94
C TYR A 1081 101.23 -10.96 -10.02
N THR A 1082 100.43 -10.64 -9.01
CA THR A 1082 99.90 -11.68 -8.14
C THR A 1082 99.01 -12.64 -8.92
N VAL A 1083 99.14 -13.92 -8.62
CA VAL A 1083 98.43 -14.98 -9.34
C VAL A 1083 97.49 -15.69 -8.37
N GLN A 1084 96.23 -15.85 -8.79
CA GLN A 1084 95.22 -16.51 -7.98
C GLN A 1084 94.58 -17.70 -8.68
N SER A 1085 95.15 -18.16 -9.80
CA SER A 1085 94.60 -19.29 -10.52
C SER A 1085 95.68 -19.91 -11.38
N GLY A 1086 95.43 -21.14 -11.81
CA GLY A 1086 96.33 -21.83 -12.70
C GLY A 1086 97.55 -22.40 -11.99
N ARG A 1087 98.50 -22.86 -12.81
CA ARG A 1087 99.74 -23.45 -12.33
C ARG A 1087 100.91 -22.69 -12.93
N TRP A 1088 101.95 -22.46 -12.13
CA TRP A 1088 103.08 -21.65 -12.53
C TRP A 1088 104.38 -22.33 -12.14
N TYR A 1089 105.45 -21.95 -12.84
CA TYR A 1089 106.76 -22.59 -12.67
C TYR A 1089 107.85 -21.59 -12.99
N PHE A 1090 108.76 -21.34 -12.05
CA PHE A 1090 109.91 -20.50 -12.29
C PHE A 1090 111.14 -21.15 -11.67
N GLU A 1091 112.29 -20.90 -12.29
CA GLU A 1091 113.56 -21.48 -11.88
C GLU A 1091 114.38 -20.45 -11.11
N PHE A 1092 115.43 -20.93 -10.45
CA PHE A 1092 116.33 -20.06 -9.69
C PHE A 1092 117.69 -20.75 -9.63
N GLU A 1093 118.60 -20.33 -10.52
CA GLU A 1093 119.96 -20.87 -10.50
C GLU A 1093 120.72 -20.34 -9.29
N ALA A 1094 121.59 -21.18 -8.74
CA ALA A 1094 122.41 -20.84 -7.57
C ALA A 1094 123.87 -20.81 -8.02
N VAL A 1095 124.35 -19.62 -8.39
CA VAL A 1095 125.73 -19.48 -8.82
C VAL A 1095 126.69 -19.82 -7.68
N THR A 1096 126.40 -19.33 -6.48
CA THR A 1096 127.19 -19.61 -5.30
C THR A 1096 126.35 -20.36 -4.28
N THR A 1097 127.03 -21.00 -3.33
CA THR A 1097 126.39 -21.75 -2.27
C THR A 1097 126.43 -20.95 -0.98
N GLY A 1098 125.27 -20.75 -0.37
CA GLY A 1098 125.19 -19.98 0.86
C GLY A 1098 123.77 -19.82 1.32
N GLU A 1099 123.56 -18.84 2.19
CA GLU A 1099 122.23 -18.56 2.75
C GLU A 1099 121.40 -17.88 1.67
N MET A 1100 120.71 -18.68 0.87
CA MET A 1100 119.86 -18.20 -0.20
C MET A 1100 118.53 -18.93 -0.14
N ARG A 1101 117.43 -18.21 -0.32
CA ARG A 1101 116.10 -18.78 -0.22
C ARG A 1101 115.26 -18.36 -1.42
N VAL A 1102 114.47 -19.30 -1.92
CA VAL A 1102 113.60 -19.08 -3.08
C VAL A 1102 112.25 -19.73 -2.79
N GLY A 1103 111.18 -19.07 -3.20
CA GLY A 1103 109.85 -19.60 -2.98
C GLY A 1103 108.79 -18.61 -3.43
N TRP A 1104 107.59 -18.78 -2.88
CA TRP A 1104 106.44 -17.94 -3.20
C TRP A 1104 106.03 -17.18 -1.95
N ALA A 1105 105.79 -15.88 -2.10
CA ALA A 1105 105.50 -15.00 -0.98
C ALA A 1105 104.22 -14.22 -1.23
N ARG A 1106 103.58 -13.82 -0.14
CA ARG A 1106 102.35 -13.04 -0.22
C ARG A 1106 102.66 -11.63 -0.71
N PRO A 1107 101.68 -10.95 -1.33
CA PRO A 1107 101.93 -9.59 -1.82
C PRO A 1107 102.23 -8.59 -0.72
N GLU A 1108 101.84 -8.86 0.53
CA GLU A 1108 102.10 -7.97 1.64
C GLU A 1108 103.33 -8.39 2.44
N LEU A 1109 104.33 -8.91 1.75
CA LEU A 1109 105.56 -9.33 2.41
C LEU A 1109 106.27 -8.14 3.04
N ARG A 1110 106.88 -8.39 4.20
CA ARG A 1110 107.61 -7.32 4.87
C ARG A 1110 109.11 -7.45 4.61
N PRO A 1111 109.82 -6.33 4.45
CA PRO A 1111 111.24 -6.42 4.08
C PRO A 1111 112.18 -6.61 5.26
N ASP A 1112 111.79 -6.24 6.47
CA ASP A 1112 112.69 -6.28 7.62
C ASP A 1112 112.69 -7.62 8.34
N VAL A 1113 111.86 -8.58 7.91
CA VAL A 1113 111.81 -9.90 8.52
C VAL A 1113 112.31 -10.91 7.51
N GLU A 1114 113.15 -11.84 7.97
CA GLU A 1114 113.68 -12.87 7.08
C GLU A 1114 112.57 -13.78 6.59
N LEU A 1115 112.75 -14.30 5.38
CA LEU A 1115 111.73 -15.11 4.75
C LEU A 1115 111.49 -16.40 5.53
N GLY A 1116 110.22 -16.76 5.69
CA GLY A 1116 109.83 -17.94 6.43
C GLY A 1116 109.57 -17.72 7.90
N ALA A 1117 110.01 -16.57 8.45
CA ALA A 1117 109.75 -16.29 9.85
C ALA A 1117 108.26 -16.02 10.11
N ASP A 1118 107.56 -15.51 9.11
CA ASP A 1118 106.13 -15.23 9.22
C ASP A 1118 105.36 -16.03 8.18
N GLU A 1119 104.04 -15.94 8.25
CA GLU A 1119 103.15 -16.71 7.39
C GLU A 1119 103.02 -16.12 5.99
N LEU A 1120 103.86 -15.16 5.62
CA LEU A 1120 103.76 -14.46 4.34
C LEU A 1120 104.71 -15.02 3.28
N ALA A 1121 105.40 -16.11 3.56
CA ALA A 1121 106.36 -16.65 2.61
C ALA A 1121 106.40 -18.17 2.72
N TYR A 1122 106.63 -18.82 1.58
CA TYR A 1122 106.83 -20.27 1.49
C TYR A 1122 108.12 -20.49 0.70
N VAL A 1123 109.25 -20.49 1.38
CA VAL A 1123 110.55 -20.55 0.72
C VAL A 1123 111.25 -21.84 1.12
N PHE A 1124 112.27 -22.19 0.33
CA PHE A 1124 113.07 -23.40 0.55
C PHE A 1124 114.53 -22.98 0.71
N ASN A 1125 115.04 -23.11 1.93
CA ASN A 1125 116.45 -22.81 2.20
C ASN A 1125 117.32 -23.93 1.66
N GLY A 1126 118.41 -23.56 0.99
CA GLY A 1126 119.28 -24.51 0.36
C GLY A 1126 120.67 -24.64 0.94
N HIS A 1127 121.03 -23.84 1.94
CA HIS A 1127 122.34 -23.97 2.56
C HIS A 1127 122.48 -25.33 3.24
N ARG A 1128 121.44 -25.76 3.94
CA ARG A 1128 121.39 -27.10 4.53
C ARG A 1128 120.23 -27.93 4.01
N GLY A 1129 119.18 -27.30 3.51
CA GLY A 1129 117.99 -27.97 3.01
C GLY A 1129 116.87 -27.92 4.02
N GLN A 1130 115.98 -26.94 3.87
CA GLN A 1130 114.88 -26.74 4.81
C GLN A 1130 113.72 -26.10 4.05
N ARG A 1131 112.52 -26.26 4.61
CA ARG A 1131 111.33 -25.56 4.11
C ARG A 1131 110.88 -24.57 5.17
N TRP A 1132 110.72 -23.31 4.77
CA TRP A 1132 110.43 -22.22 5.71
C TRP A 1132 109.05 -21.64 5.42
N HIS A 1133 108.08 -22.00 6.23
CA HIS A 1133 106.81 -21.29 6.33
C HIS A 1133 106.64 -20.64 7.69
N LEU A 1134 106.81 -21.41 8.75
CA LEU A 1134 106.94 -20.85 10.10
C LEU A 1134 108.04 -21.51 10.90
N GLY A 1135 108.73 -22.50 10.34
CA GLY A 1135 109.81 -23.19 11.04
C GLY A 1135 110.97 -23.53 10.14
N SER A 1136 111.70 -24.60 10.46
CA SER A 1136 112.90 -24.98 9.74
C SER A 1136 112.94 -26.49 9.51
N GLU A 1137 111.82 -27.06 9.08
CA GLU A 1137 111.77 -28.49 8.80
C GLU A 1137 112.65 -28.84 7.61
N PRO A 1138 113.50 -29.85 7.71
CA PRO A 1138 114.37 -30.20 6.58
C PRO A 1138 113.57 -30.70 5.37
N PHE A 1139 114.00 -30.29 4.19
CA PHE A 1139 113.31 -30.66 2.96
C PHE A 1139 114.33 -31.03 1.87
N GLY A 1140 115.27 -31.91 2.21
CA GLY A 1140 116.10 -32.54 1.21
C GLY A 1140 117.58 -32.17 1.37
N ARG A 1141 118.26 -32.10 0.24
CA ARG A 1141 119.70 -31.94 0.15
C ARG A 1141 120.08 -30.51 -0.29
N PRO A 1142 121.27 -30.04 0.09
CA PRO A 1142 121.68 -28.69 -0.31
C PRO A 1142 122.07 -28.60 -1.78
N TRP A 1143 122.50 -27.42 -2.22
CA TRP A 1143 122.86 -27.18 -3.60
C TRP A 1143 124.35 -27.44 -3.83
N GLN A 1144 124.79 -27.17 -5.06
CA GLN A 1144 126.20 -27.18 -5.41
C GLN A 1144 126.53 -25.90 -6.20
N SER A 1145 127.72 -25.83 -6.77
CA SER A 1145 128.12 -24.66 -7.57
C SER A 1145 127.38 -24.71 -8.90
N GLY A 1146 126.14 -24.22 -8.86
CA GLY A 1146 125.27 -24.26 -10.03
C GLY A 1146 124.23 -25.36 -9.93
N ASP A 1147 123.02 -25.00 -9.51
CA ASP A 1147 121.96 -25.98 -9.33
C ASP A 1147 120.62 -25.24 -9.46
N VAL A 1148 119.97 -25.43 -10.61
CA VAL A 1148 118.68 -24.78 -10.84
C VAL A 1148 117.62 -25.42 -9.96
N VAL A 1149 116.80 -24.59 -9.33
CA VAL A 1149 115.71 -25.04 -8.47
C VAL A 1149 114.40 -24.63 -9.12
N GLY A 1150 113.57 -25.61 -9.46
CA GLY A 1150 112.30 -25.33 -10.07
C GLY A 1150 111.16 -25.26 -9.07
N CYS A 1151 110.73 -24.05 -8.74
CA CYS A 1151 109.67 -23.85 -7.77
C CYS A 1151 108.33 -23.85 -8.50
N MET A 1152 107.44 -24.75 -8.10
CA MET A 1152 106.13 -24.91 -8.72
C MET A 1152 105.04 -24.66 -7.70
N ILE A 1153 104.06 -23.83 -8.06
CA ILE A 1153 102.85 -23.65 -7.27
C ILE A 1153 101.68 -24.12 -8.10
N ASP A 1154 100.65 -24.61 -7.42
CA ASP A 1154 99.44 -25.10 -8.08
C ASP A 1154 98.25 -24.70 -7.22
N LEU A 1155 97.48 -23.73 -7.70
CA LEU A 1155 96.38 -23.17 -6.93
C LEU A 1155 95.06 -23.91 -7.14
N THR A 1156 95.03 -24.93 -8.01
CA THR A 1156 93.82 -25.71 -8.17
C THR A 1156 93.53 -26.53 -6.92
N GLU A 1157 94.55 -27.13 -6.31
CA GLU A 1157 94.39 -27.85 -5.05
C GLU A 1157 95.38 -27.37 -3.99
N ASN A 1158 95.97 -26.18 -4.18
CA ASN A 1158 96.77 -25.51 -3.16
C ASN A 1158 97.96 -26.36 -2.72
N THR A 1159 98.88 -26.57 -3.66
CA THR A 1159 100.11 -27.30 -3.41
C THR A 1159 101.30 -26.51 -3.92
N ILE A 1160 102.42 -26.66 -3.22
CA ILE A 1160 103.70 -26.06 -3.60
C ILE A 1160 104.73 -27.17 -3.70
N ILE A 1161 105.43 -27.23 -4.82
CA ILE A 1161 106.43 -28.26 -5.07
C ILE A 1161 107.75 -27.60 -5.45
N PHE A 1162 108.82 -28.02 -4.79
CA PHE A 1162 110.18 -27.56 -5.11
C PHE A 1162 110.94 -28.72 -5.73
N THR A 1163 111.62 -28.45 -6.84
CA THR A 1163 112.40 -29.46 -7.54
C THR A 1163 113.83 -28.99 -7.74
N LEU A 1164 114.77 -29.90 -7.57
CA LEU A 1164 116.16 -29.67 -7.95
C LEU A 1164 116.32 -29.88 -9.45
N ASN A 1165 117.56 -30.03 -9.91
CA ASN A 1165 117.85 -30.09 -11.35
C ASN A 1165 117.32 -31.41 -11.89
N GLY A 1166 116.01 -31.43 -12.16
CA GLY A 1166 115.36 -32.57 -12.77
C GLY A 1166 114.68 -33.53 -11.82
N GLU A 1167 114.93 -33.42 -10.51
CA GLU A 1167 114.38 -34.34 -9.53
C GLU A 1167 113.45 -33.60 -8.59
N VAL A 1168 112.32 -34.21 -8.29
CA VAL A 1168 111.38 -33.65 -7.32
C VAL A 1168 111.92 -33.85 -5.92
N LEU A 1169 112.06 -32.76 -5.18
CA LEU A 1169 112.56 -32.84 -3.82
C LEU A 1169 111.56 -33.57 -2.94
N MET A 1170 112.08 -34.33 -1.97
CA MET A 1170 111.27 -35.14 -1.09
C MET A 1170 111.51 -34.73 0.36
N SER A 1171 110.44 -34.65 1.14
CA SER A 1171 110.54 -34.36 2.56
C SER A 1171 110.94 -35.65 3.30
N ASP A 1172 110.79 -35.64 4.61
CA ASP A 1172 111.27 -36.74 5.44
C ASP A 1172 110.64 -38.08 5.05
N SER A 1173 109.33 -38.24 5.28
CA SER A 1173 108.70 -39.55 5.09
C SER A 1173 108.24 -39.81 3.66
N GLY A 1174 107.17 -39.13 3.22
CA GLY A 1174 106.57 -39.46 1.94
C GLY A 1174 105.86 -38.37 1.18
N SER A 1175 105.97 -37.11 1.62
CA SER A 1175 105.00 -36.09 1.23
C SER A 1175 105.01 -35.85 -0.28
N GLU A 1176 106.19 -35.73 -0.88
CA GLU A 1176 106.42 -35.35 -2.28
C GLU A 1176 106.01 -33.90 -2.57
N THR A 1177 105.45 -33.19 -1.59
CA THR A 1177 105.04 -31.80 -1.76
C THR A 1177 105.56 -30.97 -0.59
N ALA A 1178 105.84 -29.70 -0.86
CA ALA A 1178 106.38 -28.84 0.18
C ALA A 1178 105.29 -28.41 1.16
N PHE A 1179 104.27 -27.73 0.67
CA PHE A 1179 103.17 -27.26 1.50
C PHE A 1179 101.85 -27.60 0.81
N ARG A 1180 100.86 -27.96 1.62
CA ARG A 1180 99.55 -28.37 1.12
C ARG A 1180 98.45 -27.55 1.78
N GLU A 1181 97.25 -27.66 1.22
CA GLU A 1181 96.05 -26.93 1.64
C GLU A 1181 96.36 -25.51 2.06
N ILE A 1182 96.97 -24.77 1.13
CA ILE A 1182 97.30 -23.37 1.35
C ILE A 1182 96.06 -22.53 1.09
N GLU A 1183 95.67 -21.73 2.09
CA GLU A 1183 94.50 -20.86 1.96
C GLU A 1183 94.84 -19.72 1.01
N ILE A 1184 94.32 -19.80 -0.22
CA ILE A 1184 94.61 -18.77 -1.21
C ILE A 1184 93.91 -17.48 -0.82
N GLY A 1185 94.68 -16.40 -0.72
CA GLY A 1185 94.13 -15.11 -0.36
C GLY A 1185 94.28 -14.07 -1.45
N ASP A 1186 95.16 -13.09 -1.22
CA ASP A 1186 95.37 -12.04 -2.20
C ASP A 1186 96.12 -12.57 -3.42
N GLY A 1187 97.08 -13.46 -3.22
CA GLY A 1187 97.82 -14.03 -4.31
C GLY A 1187 99.18 -14.50 -3.86
N PHE A 1188 100.04 -14.76 -4.86
CA PHE A 1188 101.39 -15.23 -4.63
C PHE A 1188 102.33 -14.58 -5.64
N LEU A 1189 103.57 -14.35 -5.22
CA LEU A 1189 104.59 -13.81 -6.08
C LEU A 1189 105.90 -14.56 -5.88
N PRO A 1190 106.70 -14.71 -6.95
CA PRO A 1190 108.04 -15.29 -6.78
C PRO A 1190 108.90 -14.41 -5.88
N VAL A 1191 109.75 -15.06 -5.09
CA VAL A 1191 110.57 -14.36 -4.11
C VAL A 1191 111.99 -14.91 -4.13
N CYS A 1192 112.92 -14.13 -3.59
CA CYS A 1192 114.32 -14.51 -3.52
C CYS A 1192 114.97 -13.75 -2.37
N SER A 1193 115.83 -14.44 -1.63
CA SER A 1193 116.37 -13.92 -0.36
C SER A 1193 117.88 -14.14 -0.28
N LEU A 1194 118.60 -13.71 -1.31
CA LEU A 1194 120.06 -13.85 -1.30
C LEU A 1194 120.67 -13.22 -0.06
N GLY A 1195 121.61 -13.95 0.55
CA GLY A 1195 122.29 -13.48 1.73
C GLY A 1195 123.53 -12.68 1.40
N PRO A 1196 124.40 -12.49 2.41
CA PRO A 1196 125.61 -11.69 2.17
C PRO A 1196 126.62 -12.43 1.31
N GLY A 1197 127.12 -11.74 0.30
CA GLY A 1197 128.12 -12.33 -0.59
C GLY A 1197 127.61 -13.53 -1.36
N GLN A 1198 126.38 -13.45 -1.87
CA GLN A 1198 125.77 -14.55 -2.61
C GLN A 1198 125.25 -14.04 -3.95
N VAL A 1199 125.38 -14.86 -4.98
CA VAL A 1199 124.95 -14.53 -6.33
C VAL A 1199 123.97 -15.59 -6.81
N GLY A 1200 122.81 -15.14 -7.30
CA GLY A 1200 121.81 -16.05 -7.84
C GLY A 1200 121.38 -15.65 -9.23
N HIS A 1201 120.36 -16.31 -9.75
CA HIS A 1201 119.85 -16.00 -11.09
C HIS A 1201 118.39 -16.46 -11.16
N LEU A 1202 117.48 -15.50 -11.28
CA LEU A 1202 116.05 -15.80 -11.35
C LEU A 1202 115.61 -15.80 -12.81
N ASN A 1203 114.96 -16.89 -13.21
CA ASN A 1203 114.44 -17.06 -14.57
C ASN A 1203 112.95 -17.32 -14.46
N LEU A 1204 112.16 -16.24 -14.41
CA LEU A 1204 110.71 -16.37 -14.30
C LEU A 1204 110.13 -17.01 -15.56
N GLY A 1205 110.62 -16.61 -16.73
CA GLY A 1205 110.12 -17.13 -17.98
C GLY A 1205 110.48 -16.26 -19.17
N GLN A 1206 109.48 -16.00 -20.02
CA GLN A 1206 109.61 -15.15 -21.20
C GLN A 1206 110.52 -15.77 -22.26
N ASP A 1207 111.11 -16.92 -21.94
CA ASP A 1207 111.92 -17.66 -22.91
C ASP A 1207 111.86 -19.13 -22.49
N VAL A 1208 110.97 -19.89 -23.11
CA VAL A 1208 110.80 -21.29 -22.74
C VAL A 1208 112.05 -22.09 -23.10
N SER A 1209 112.71 -21.74 -24.20
CA SER A 1209 113.94 -22.42 -24.58
C SER A 1209 115.06 -22.14 -23.57
N SER A 1210 115.01 -20.99 -22.90
CA SER A 1210 116.04 -20.66 -21.92
C SER A 1210 115.88 -21.42 -20.61
N LEU A 1211 114.70 -21.98 -20.35
CA LEU A 1211 114.49 -22.78 -19.15
C LEU A 1211 115.18 -24.12 -19.31
N ARG A 1212 116.18 -24.39 -18.47
CA ARG A 1212 117.01 -25.57 -18.66
C ARG A 1212 116.27 -26.85 -18.26
N PHE A 1213 115.51 -26.80 -17.17
CA PHE A 1213 114.86 -28.01 -16.68
C PHE A 1213 113.35 -27.86 -16.61
N PHE A 1214 112.75 -27.31 -17.68
CA PHE A 1214 111.31 -27.19 -17.76
C PHE A 1214 110.66 -28.40 -18.43
N ALA A 1215 111.25 -28.90 -19.52
CA ALA A 1215 110.67 -30.04 -20.22
C ALA A 1215 110.74 -31.31 -19.38
N ILE A 1216 111.75 -31.44 -18.52
CA ILE A 1216 111.91 -32.66 -17.74
C ILE A 1216 110.82 -32.78 -16.69
N CYS A 1217 110.72 -31.79 -15.80
CA CYS A 1217 109.75 -31.80 -14.72
C CYS A 1217 108.96 -30.50 -14.74
N GLY A 1218 107.66 -30.60 -15.01
CA GLY A 1218 106.78 -29.45 -14.94
C GLY A 1218 105.97 -29.22 -16.19
N LEU A 1219 106.56 -29.48 -17.36
CA LEU A 1219 105.85 -29.22 -18.62
C LEU A 1219 104.72 -30.23 -18.84
N GLN A 1220 105.01 -31.51 -18.63
CA GLN A 1220 104.02 -32.54 -18.94
C GLN A 1220 102.85 -32.49 -17.97
N GLU A 1221 103.12 -32.26 -16.68
CA GLU A 1221 102.03 -32.13 -15.72
C GLU A 1221 101.17 -30.91 -16.00
N GLY A 1222 101.72 -29.90 -16.66
CA GLY A 1222 101.00 -28.68 -16.97
C GLY A 1222 101.38 -27.56 -16.03
N PHE A 1223 102.32 -26.71 -16.45
CA PHE A 1223 102.82 -25.62 -15.62
C PHE A 1223 103.30 -24.52 -16.55
N GLU A 1224 102.46 -23.52 -16.75
CA GLU A 1224 102.89 -22.38 -17.56
C GLU A 1224 103.93 -21.57 -16.78
N PRO A 1225 105.08 -21.27 -17.37
CA PRO A 1225 106.05 -20.43 -16.67
C PRO A 1225 105.46 -19.07 -16.33
N PHE A 1226 105.98 -18.48 -15.25
CA PHE A 1226 105.35 -17.29 -14.67
C PHE A 1226 105.25 -16.14 -15.67
N ALA A 1227 106.13 -16.11 -16.67
CA ALA A 1227 106.10 -15.08 -17.71
C ALA A 1227 106.14 -15.79 -19.06
N ILE A 1228 105.01 -15.77 -19.77
CA ILE A 1228 104.89 -16.39 -21.09
C ILE A 1228 104.52 -15.36 -22.17
N ASN A 1229 103.34 -14.76 -22.06
CA ASN A 1229 102.89 -13.79 -23.05
C ASN A 1229 103.10 -12.36 -22.54
N MET A 1230 104.37 -12.03 -22.35
CA MET A 1230 104.78 -10.69 -21.91
C MET A 1230 105.96 -10.23 -22.76
N GLN A 1231 105.77 -9.15 -23.51
CA GLN A 1231 106.85 -8.60 -24.32
C GLN A 1231 107.83 -7.77 -23.51
N ARG A 1232 107.53 -7.50 -22.24
CA ARG A 1232 108.41 -6.75 -21.36
C ARG A 1232 108.81 -7.61 -20.17
N PRO A 1233 110.07 -7.58 -19.77
CA PRO A 1233 110.50 -8.40 -18.62
C PRO A 1233 109.79 -7.97 -17.34
N VAL A 1234 109.60 -8.94 -16.45
CA VAL A 1234 108.90 -8.67 -15.19
C VAL A 1234 109.75 -7.76 -14.33
N THR A 1235 109.14 -6.68 -13.85
CA THR A 1235 109.85 -5.72 -13.00
C THR A 1235 109.88 -6.22 -11.57
N THR A 1236 111.07 -6.25 -10.98
CA THR A 1236 111.26 -6.76 -9.63
C THR A 1236 111.42 -5.61 -8.63
N TRP A 1237 111.12 -5.93 -7.37
CA TRP A 1237 111.25 -4.98 -6.27
C TRP A 1237 112.14 -5.59 -5.21
N PHE A 1238 113.12 -4.83 -4.74
CA PHE A 1238 114.09 -5.31 -3.76
C PHE A 1238 114.04 -4.44 -2.52
N SER A 1239 114.45 -5.02 -1.39
CA SER A 1239 114.46 -4.31 -0.12
C SER A 1239 115.73 -3.47 -0.03
N LYS A 1240 115.58 -2.15 -0.13
CA LYS A 1240 116.70 -1.23 -0.06
C LYS A 1240 116.99 -0.90 1.41
N SER A 1241 118.23 -1.14 1.83
CA SER A 1241 118.61 -0.94 3.24
C SER A 1241 119.08 0.48 3.48
N LEU A 1242 118.18 1.42 3.21
CA LEU A 1242 118.41 2.84 3.49
C LEU A 1242 117.38 3.32 4.49
N PRO A 1243 117.76 3.56 5.74
CA PRO A 1243 116.75 3.92 6.76
C PRO A 1243 116.06 5.24 6.48
N GLN A 1244 114.76 5.18 6.21
CA GLN A 1244 113.94 6.36 5.99
C GLN A 1244 112.88 6.45 7.09
N PHE A 1245 112.37 7.65 7.27
CA PHE A 1245 111.39 7.92 8.33
C PHE A 1245 109.98 7.73 7.80
N GLU A 1246 109.16 7.00 8.55
CA GLU A 1246 107.79 6.72 8.21
C GLU A 1246 106.89 6.98 9.41
N PRO A 1247 105.62 7.31 9.18
CA PRO A 1247 104.72 7.57 10.31
C PRO A 1247 104.56 6.34 11.19
N VAL A 1248 104.39 6.57 12.48
CA VAL A 1248 104.21 5.47 13.43
C VAL A 1248 102.91 4.75 13.13
N PRO A 1249 102.91 3.44 12.96
CA PRO A 1249 101.67 2.71 12.66
C PRO A 1249 100.65 2.88 13.77
N PRO A 1250 99.37 3.01 13.42
CA PRO A 1250 98.33 3.13 14.46
C PRO A 1250 98.19 1.91 15.33
N GLU A 1251 98.66 0.75 14.87
CA GLU A 1251 98.54 -0.51 15.60
C GLU A 1251 99.92 -1.10 15.89
N HIS A 1252 100.87 -0.25 16.31
CA HIS A 1252 102.20 -0.74 16.61
C HIS A 1252 102.17 -1.64 17.85
N PRO A 1253 102.90 -2.76 17.84
CA PRO A 1253 102.87 -3.66 19.00
C PRO A 1253 103.33 -3.02 20.30
N HIS A 1254 104.31 -2.12 20.24
CA HIS A 1254 104.92 -1.56 21.44
C HIS A 1254 104.64 -0.07 21.61
N TYR A 1255 104.97 0.74 20.60
CA TYR A 1255 104.87 2.18 20.74
C TYR A 1255 103.45 2.67 20.45
N GLU A 1256 103.11 3.80 21.05
CA GLU A 1256 101.80 4.41 20.87
C GLU A 1256 101.94 5.92 21.02
N VAL A 1257 101.35 6.67 20.10
CA VAL A 1257 101.40 8.12 20.09
C VAL A 1257 99.98 8.66 20.21
N ALA A 1258 99.77 9.53 21.19
CA ALA A 1258 98.46 10.12 21.45
C ALA A 1258 98.52 11.63 21.33
N ARG A 1259 97.53 12.19 20.65
CA ARG A 1259 97.41 13.63 20.46
C ARG A 1259 96.45 14.20 21.49
N MET A 1260 96.89 15.23 22.20
CA MET A 1260 96.07 15.89 23.23
C MET A 1260 95.98 17.38 22.95
N ASP A 1261 94.75 17.90 23.01
CA ASP A 1261 94.51 19.31 22.78
C ASP A 1261 95.09 20.14 23.93
N GLY A 1262 95.44 21.39 23.61
CA GLY A 1262 96.00 22.28 24.60
C GLY A 1262 94.95 22.91 25.51
N THR A 1263 95.12 22.75 26.81
CA THR A 1263 94.19 23.33 27.79
C THR A 1263 94.55 24.79 28.03
N VAL A 1264 93.93 25.40 29.03
CA VAL A 1264 94.20 26.79 29.35
C VAL A 1264 95.59 26.98 29.94
N ASP A 1265 96.22 25.90 30.42
CA ASP A 1265 97.54 25.97 31.02
C ASP A 1265 98.63 25.26 30.22
N THR A 1266 98.28 24.23 29.47
CA THR A 1266 99.26 23.47 28.71
C THR A 1266 99.04 23.63 27.21
N PRO A 1267 100.12 23.67 26.43
CA PRO A 1267 99.97 23.75 24.97
C PRO A 1267 99.63 22.40 24.38
N PRO A 1268 99.26 22.35 23.10
CA PRO A 1268 99.03 21.04 22.47
C PRO A 1268 100.28 20.18 22.51
N CYS A 1269 100.07 18.87 22.71
CA CYS A 1269 101.18 17.97 23.00
C CYS A 1269 101.02 16.69 22.19
N LEU A 1270 102.13 16.00 22.01
CA LEU A 1270 102.19 14.70 21.35
C LEU A 1270 102.98 13.74 22.24
N ARG A 1271 102.27 12.90 22.97
CA ARG A 1271 102.89 11.99 23.92
C ARG A 1271 103.24 10.66 23.26
N LEU A 1272 104.26 10.00 23.80
CA LEU A 1272 104.68 8.69 23.36
C LEU A 1272 104.70 7.74 24.56
N ALA A 1273 104.07 6.58 24.42
CA ALA A 1273 103.96 5.62 25.50
C ALA A 1273 104.41 4.25 25.04
N HIS A 1274 105.16 3.57 25.89
CA HIS A 1274 105.57 2.18 25.67
C HIS A 1274 104.49 1.29 26.29
N ARG A 1275 103.53 0.87 25.45
CA ARG A 1275 102.34 0.18 25.95
C ARG A 1275 102.62 -1.24 26.43
N THR A 1276 103.79 -1.80 26.13
CA THR A 1276 104.12 -3.17 26.52
C THR A 1276 105.51 -3.19 27.16
N TRP A 1277 105.68 -2.32 28.17
CA TRP A 1277 106.94 -2.21 28.90
C TRP A 1277 107.25 -3.44 29.72
N GLY A 1278 106.28 -4.34 29.93
CA GLY A 1278 106.48 -5.46 30.84
C GLY A 1278 107.52 -6.48 30.43
N SER A 1279 107.25 -7.24 29.37
CA SER A 1279 108.09 -8.37 28.99
C SER A 1279 108.27 -8.43 27.48
N GLN A 1280 108.57 -7.30 26.84
CA GLN A 1280 108.71 -7.27 25.39
C GLN A 1280 109.90 -6.38 25.03
N ASN A 1281 109.98 -6.03 23.74
CA ASN A 1281 111.15 -5.39 23.18
C ASN A 1281 111.37 -3.99 23.76
N SER A 1282 112.65 -3.64 23.89
CA SER A 1282 113.04 -2.32 24.37
C SER A 1282 114.36 -1.96 23.70
N LEU A 1283 114.34 -0.97 22.81
CA LEU A 1283 115.53 -0.60 22.06
C LEU A 1283 115.42 0.87 21.66
N VAL A 1284 116.55 1.45 21.27
CA VAL A 1284 116.58 2.86 20.93
C VAL A 1284 115.73 3.12 19.68
N GLU A 1285 115.22 4.35 19.58
CA GLU A 1285 114.37 4.74 18.47
C GLU A 1285 114.66 6.18 18.08
N MET A 1286 114.36 6.50 16.83
CA MET A 1286 114.67 7.80 16.25
C MET A 1286 113.39 8.40 15.66
N LEU A 1287 113.05 9.61 16.09
CA LEU A 1287 111.79 10.25 15.72
C LEU A 1287 112.03 11.70 15.31
N PHE A 1288 111.15 12.20 14.44
CA PHE A 1288 111.04 13.64 14.21
C PHE A 1288 109.64 13.97 13.72
N LEU A 1289 109.30 15.25 13.77
CA LEU A 1289 107.98 15.71 13.36
C LEU A 1289 107.89 15.83 11.85
N ARG A 1290 106.74 15.44 11.30
CA ARG A 1290 106.56 15.25 9.87
C ARG A 1290 106.65 16.53 9.05
N LEU A 1291 106.94 17.68 9.65
CA LEU A 1291 107.06 18.93 8.91
C LEU A 1291 108.34 19.64 9.29
N SER A 1292 108.85 20.42 8.33
CA SER A 1292 110.12 21.14 8.48
C SER A 1292 109.87 22.65 8.47
N LEU A 1293 110.95 23.40 8.56
CA LEU A 1293 110.90 24.85 8.51
C LEU A 1293 112.15 25.42 7.83
N PRO A 1294 112.01 25.95 6.62
CA PRO A 1294 113.17 26.52 5.93
C PRO A 1294 113.64 27.81 6.56
N VAL A 1295 114.95 27.99 6.59
CA VAL A 1295 115.54 29.24 7.08
C VAL A 1295 115.57 30.25 5.94
N GLN A 1296 115.06 31.44 6.19
CA GLN A 1296 114.96 32.46 5.16
C GLN A 1296 116.35 32.94 4.73
N PHE A 1297 116.39 33.57 3.56
CA PHE A 1297 117.63 34.12 3.03
C PHE A 1297 117.86 35.51 3.61
N HIS A 1298 119.04 35.71 4.20
CA HIS A 1298 119.39 37.00 4.76
C HIS A 1298 119.76 38.03 3.68
N GLN A 1299 119.95 37.60 2.44
CA GLN A 1299 120.27 38.51 1.35
C GLN A 1299 119.03 38.86 0.55
N ASP A 1419 101.23 38.50 34.65
CA ASP A 1419 102.08 38.96 33.56
C ASP A 1419 101.88 38.10 32.31
N ASN A 1420 103.00 37.69 31.71
CA ASN A 1420 102.99 36.87 30.49
C ASN A 1420 102.17 37.51 29.38
N ARG A 1421 102.34 38.81 29.21
CA ARG A 1421 101.63 39.59 28.20
C ARG A 1421 102.59 39.93 27.06
N ASP A 1422 102.17 39.66 25.83
CA ASP A 1422 102.98 39.91 24.65
C ASP A 1422 102.50 41.18 23.95
N ASP A 1423 103.37 42.17 23.88
CA ASP A 1423 103.03 43.41 23.18
C ASP A 1423 103.13 43.21 21.67
N PRO A 1424 102.12 43.59 20.89
CA PRO A 1424 102.10 43.25 19.46
C PRO A 1424 103.24 43.85 18.65
N GLU A 1425 103.85 44.95 19.12
CA GLU A 1425 104.83 45.63 18.29
C GLU A 1425 106.13 44.85 18.12
N ILE A 1426 106.39 43.84 18.96
CA ILE A 1426 107.56 43.01 18.80
C ILE A 1426 107.23 41.58 18.41
N ILE A 1427 106.13 41.01 18.91
CA ILE A 1427 105.81 39.63 18.59
C ILE A 1427 105.42 39.48 17.13
N LEU A 1428 104.72 40.46 16.56
CA LEU A 1428 104.32 40.40 15.16
C LEU A 1428 105.47 40.72 14.20
N ASN A 1429 106.61 41.16 14.71
CA ASN A 1429 107.77 41.44 13.89
C ASN A 1429 108.96 40.54 14.21
N THR A 1430 108.82 39.62 15.15
CA THR A 1430 109.91 38.72 15.52
C THR A 1430 110.05 37.61 14.49
N THR A 1431 111.19 36.92 14.55
CA THR A 1431 111.48 35.81 13.64
C THR A 1431 111.93 34.56 14.37
N THR A 1432 111.96 34.59 15.71
CA THR A 1432 112.31 33.41 16.49
C THR A 1432 111.10 32.48 16.62
N TYR A 1433 111.37 31.18 16.65
CA TYR A 1433 110.34 30.17 16.83
C TYR A 1433 110.80 29.18 17.90
N TYR A 1434 109.83 28.65 18.64
CA TYR A 1434 110.11 27.87 19.83
C TYR A 1434 109.32 26.57 19.84
N TYR A 1435 109.95 25.52 20.34
CA TYR A 1435 109.27 24.28 20.69
C TYR A 1435 110.04 23.63 21.83
N SER A 1436 109.32 22.94 22.72
CA SER A 1436 109.91 22.36 23.90
C SER A 1436 109.58 20.88 23.99
N VAL A 1437 110.46 20.13 24.64
CA VAL A 1437 110.29 18.69 24.84
C VAL A 1437 110.42 18.39 26.32
N ARG A 1438 109.45 17.67 26.87
CA ARG A 1438 109.41 17.33 28.28
C ARG A 1438 109.72 15.85 28.45
N VAL A 1439 110.68 15.55 29.31
CA VAL A 1439 111.05 14.17 29.63
C VAL A 1439 110.38 13.81 30.96
N PHE A 1440 109.52 12.80 30.93
CA PHE A 1440 108.78 12.42 32.12
C PHE A 1440 109.70 11.80 33.16
N ALA A 1441 109.29 11.91 34.43
CA ALA A 1441 110.05 11.31 35.51
C ALA A 1441 110.03 9.79 35.39
N GLY A 1442 111.18 9.17 35.61
CA GLY A 1442 111.36 7.74 35.45
C GLY A 1442 112.24 7.38 34.25
N GLN A 1443 112.19 8.19 33.20
CA GLN A 1443 113.05 8.01 32.04
C GLN A 1443 114.35 8.76 32.26
N GLU A 1444 115.47 8.06 32.14
CA GLU A 1444 116.77 8.65 32.42
C GLU A 1444 117.09 9.73 31.38
N PRO A 1445 117.43 10.94 31.81
CA PRO A 1445 117.80 11.98 30.83
C PRO A 1445 119.05 11.65 30.02
N SER A 1446 119.90 10.74 30.52
CA SER A 1446 121.10 10.36 29.79
C SER A 1446 120.81 9.57 28.52
N CYS A 1447 119.58 9.11 28.33
CA CYS A 1447 119.18 8.37 27.14
C CYS A 1447 118.23 9.16 26.26
N VAL A 1448 118.21 10.49 26.40
CA VAL A 1448 117.31 11.35 25.65
C VAL A 1448 118.13 12.43 24.96
N TRP A 1449 117.97 12.55 23.64
CA TRP A 1449 118.60 13.60 22.84
C TRP A 1449 117.51 14.43 22.19
N VAL A 1450 117.62 15.75 22.32
CA VAL A 1450 116.60 16.67 21.82
C VAL A 1450 117.27 17.69 20.90
N GLY A 1451 116.74 17.80 19.69
CA GLY A 1451 117.30 18.74 18.71
C GLY A 1451 116.60 18.72 17.37
N TRP A 1452 117.36 18.92 16.30
CA TRP A 1452 116.81 19.00 14.95
C TRP A 1452 117.63 18.13 14.00
N VAL A 1453 117.00 17.70 12.92
CA VAL A 1453 117.64 16.87 11.90
C VAL A 1453 117.35 17.45 10.53
N THR A 1454 118.37 17.45 9.67
CA THR A 1454 118.22 17.83 8.28
C THR A 1454 117.55 16.69 7.50
N PRO A 1455 116.96 16.98 6.34
CA PRO A 1455 116.24 15.94 5.59
C PRO A 1455 117.12 14.81 5.07
N ASP A 1456 118.42 14.82 5.31
CA ASP A 1456 119.31 13.78 4.82
C ASP A 1456 119.95 13.01 5.96
N TYR A 1457 119.16 12.68 6.98
CA TYR A 1457 119.61 11.86 8.10
C TYR A 1457 119.18 10.42 7.86
N HIS A 1458 120.17 9.53 7.74
CA HIS A 1458 119.91 8.13 7.42
C HIS A 1458 120.79 7.22 8.28
N GLN A 1459 120.85 7.51 9.58
CA GLN A 1459 121.67 6.75 10.52
C GLN A 1459 120.75 6.03 11.50
N HIS A 1460 120.56 4.73 11.29
CA HIS A 1460 119.81 3.90 12.23
C HIS A 1460 120.78 3.17 13.16
N ASP A 1461 121.47 3.96 13.97
CA ASP A 1461 122.46 3.43 14.89
C ASP A 1461 121.77 2.80 16.12
N MET A 1462 122.51 1.93 16.80
CA MET A 1462 122.02 1.26 18.00
C MET A 1462 122.74 1.70 19.26
N ASN A 1463 123.88 2.38 19.14
CA ASN A 1463 124.61 2.91 20.28
C ASN A 1463 124.87 4.39 20.05
N PHE A 1464 123.81 5.13 19.69
CA PHE A 1464 123.96 6.52 19.28
C PHE A 1464 124.48 7.37 20.43
N ASP A 1465 125.41 8.26 20.11
CA ASP A 1465 125.90 9.27 21.04
C ASP A 1465 126.28 10.49 20.22
N LEU A 1466 126.68 11.56 20.92
CA LEU A 1466 127.06 12.80 20.23
C LEU A 1466 128.37 12.68 19.48
N SER A 1467 129.12 11.59 19.66
CA SER A 1467 130.36 11.37 18.94
C SER A 1467 130.17 10.59 17.65
N LYS A 1468 128.94 10.19 17.32
CA LYS A 1468 128.65 9.42 16.12
C LYS A 1468 127.83 10.22 15.10
N VAL A 1469 127.79 11.53 15.25
CA VAL A 1469 127.05 12.38 14.32
C VAL A 1469 127.99 12.82 13.21
N ARG A 1470 127.48 12.80 11.98
CA ARG A 1470 128.29 13.19 10.83
C ARG A 1470 128.62 14.67 10.89
N ALA A 1471 129.88 15.00 10.58
CA ALA A 1471 130.33 16.38 10.61
C ALA A 1471 131.45 16.57 9.60
N VAL A 1472 131.62 17.82 9.16
CA VAL A 1472 132.67 18.17 8.22
C VAL A 1472 132.87 19.68 8.29
N THR A 1473 134.03 20.14 7.86
CA THR A 1473 134.37 21.57 7.89
C THR A 1473 135.06 21.92 6.59
N VAL A 1474 134.44 22.80 5.80
CA VAL A 1474 135.00 23.25 4.55
C VAL A 1474 135.62 24.63 4.77
N THR A 1475 136.90 24.77 4.44
CA THR A 1475 137.64 26.01 4.67
C THR A 1475 138.05 26.60 3.32
N MET A 1476 137.77 27.88 3.13
CA MET A 1476 138.14 28.61 1.92
C MET A 1476 139.10 29.73 2.28
N GLY A 1477 140.13 29.91 1.46
CA GLY A 1477 141.12 30.94 1.70
C GLY A 1477 141.72 31.42 0.40
N ASP A 1478 142.64 32.37 0.51
CA ASP A 1478 143.31 32.93 -0.66
C ASP A 1478 144.53 32.08 -1.01
N GLU A 1479 145.39 32.60 -1.90
CA GLU A 1479 146.47 31.79 -2.45
C GLU A 1479 147.60 31.50 -1.45
N GLN A 1480 147.62 32.15 -0.28
CA GLN A 1480 148.41 31.63 0.84
C GLN A 1480 147.67 31.94 2.14
N GLY A 1481 147.04 30.91 2.72
CA GLY A 1481 146.41 31.02 4.02
C GLY A 1481 145.29 32.05 4.04
N ASN A 1482 145.18 32.74 5.18
CA ASN A 1482 144.19 33.79 5.39
C ASN A 1482 142.79 33.32 5.01
N VAL A 1483 142.33 32.29 5.71
CA VAL A 1483 141.03 31.70 5.40
C VAL A 1483 139.92 32.72 5.66
N HIS A 1484 138.91 32.70 4.79
CA HIS A 1484 137.79 33.62 4.92
C HIS A 1484 136.59 32.94 5.56
N SER A 1485 136.18 31.80 5.02
CA SER A 1485 134.98 31.09 5.46
C SER A 1485 135.35 29.72 6.00
N SER A 1486 134.79 29.38 7.15
CA SER A 1486 134.95 28.06 7.76
C SER A 1486 133.57 27.58 8.17
N LEU A 1487 132.89 26.88 7.27
CA LEU A 1487 131.52 26.45 7.49
C LEU A 1487 131.51 25.02 8.03
N LYS A 1488 130.77 24.81 9.12
CA LYS A 1488 130.61 23.48 9.70
C LYS A 1488 129.30 22.90 9.23
N CYS A 1489 129.36 21.73 8.60
CA CYS A 1489 128.20 21.06 8.02
C CYS A 1489 127.92 19.77 8.78
N SER A 1490 126.66 19.54 9.12
CA SER A 1490 126.25 18.34 9.83
C SER A 1490 124.81 18.02 9.46
N ASN A 1491 124.27 16.97 10.08
CA ASN A 1491 122.90 16.55 9.83
C ASN A 1491 122.17 16.20 11.13
N CYS A 1492 122.71 16.60 12.27
CA CYS A 1492 122.09 16.31 13.55
C CYS A 1492 122.56 17.36 14.55
N TYR A 1493 121.66 18.30 14.88
CA TYR A 1493 121.95 19.38 15.82
C TYR A 1493 121.11 19.17 17.07
N MET A 1494 121.65 18.42 18.04
CA MET A 1494 120.99 18.21 19.31
C MET A 1494 122.00 18.31 20.44
N VAL A 1495 121.46 18.40 21.66
CA VAL A 1495 122.25 18.44 22.88
C VAL A 1495 121.87 17.26 23.75
N TRP A 1496 122.86 16.61 24.35
CA TRP A 1496 122.60 15.44 25.17
C TRP A 1496 121.82 15.82 26.42
N GLY A 1497 120.83 14.99 26.76
CA GLY A 1497 120.03 15.23 27.95
C GLY A 1497 120.74 14.91 29.25
N GLY A 1498 121.87 14.22 29.18
CA GLY A 1498 122.65 13.91 30.36
C GLY A 1498 123.56 15.02 30.85
N ASP A 1499 123.58 16.16 30.14
CA ASP A 1499 124.35 17.32 30.55
C ASP A 1499 123.53 18.31 31.36
N PHE A 1500 122.27 18.00 31.65
CA PHE A 1500 121.39 18.89 32.38
C PHE A 1500 120.95 18.31 33.72
N VAL A 1501 121.71 17.36 34.27
CA VAL A 1501 121.42 16.75 35.55
C VAL A 1501 122.51 17.15 36.54
N SER A 1502 122.10 17.62 37.71
CA SER A 1502 123.06 18.02 38.73
C SER A 1502 123.83 16.80 39.24
N PRO A 1503 125.10 16.98 39.60
CA PRO A 1503 125.87 15.85 40.14
C PRO A 1503 125.28 15.26 41.41
N GLY A 1504 124.69 16.09 42.26
CA GLY A 1504 124.04 15.56 43.46
C GLY A 1504 122.83 14.71 43.14
N GLN A 1505 122.02 15.15 42.17
CA GLN A 1505 120.84 14.37 41.78
C GLN A 1505 121.23 13.10 41.04
N GLN A 1506 122.33 13.14 40.28
CA GLN A 1506 122.76 11.97 39.52
C GLN A 1506 123.18 10.84 40.46
N GLY A 1507 122.70 9.63 40.16
CA GLY A 1507 123.03 8.47 40.97
C GLY A 1507 121.82 7.67 41.40
N ARG A 1508 120.63 8.16 41.06
CA ARG A 1508 119.39 7.49 41.42
C ARG A 1508 118.30 7.95 40.45
N ILE A 1509 117.05 7.63 40.78
CA ILE A 1509 115.91 8.02 39.96
C ILE A 1509 115.27 9.24 40.59
N SER A 1510 115.16 10.32 39.82
CA SER A 1510 114.56 11.55 40.30
C SER A 1510 113.04 11.49 40.17
N HIS A 1511 112.37 12.59 40.51
CA HIS A 1511 110.92 12.66 40.40
C HIS A 1511 110.44 13.95 39.75
N THR A 1512 111.33 14.77 39.20
CA THR A 1512 110.98 16.01 38.54
C THR A 1512 111.23 15.88 37.04
N ASP A 1513 110.23 16.22 36.24
CA ASP A 1513 110.36 16.13 34.79
C ASP A 1513 111.36 17.17 34.29
N LEU A 1514 112.09 16.78 33.24
CA LEU A 1514 113.08 17.66 32.62
C LEU A 1514 112.51 18.20 31.31
N VAL A 1515 112.51 19.52 31.17
CA VAL A 1515 111.97 20.20 30.00
C VAL A 1515 113.12 20.88 29.28
N ILE A 1516 113.28 20.57 27.99
CA ILE A 1516 114.32 21.16 27.16
C ILE A 1516 113.65 21.94 26.04
N GLY A 1517 114.03 23.20 25.88
CA GLY A 1517 113.48 24.07 24.85
C GLY A 1517 114.54 24.40 23.82
N CYS A 1518 114.13 24.41 22.55
CA CYS A 1518 115.02 24.71 21.43
C CYS A 1518 114.49 25.94 20.70
N LEU A 1519 115.35 26.93 20.51
CA LEU A 1519 115.00 28.18 19.84
C LEU A 1519 115.77 28.28 18.53
N VAL A 1520 115.06 28.60 17.46
CA VAL A 1520 115.64 28.75 16.13
C VAL A 1520 115.32 30.15 15.62
N ASP A 1521 116.33 30.85 15.14
CA ASP A 1521 116.16 32.15 14.51
C ASP A 1521 116.27 31.98 13.00
N LEU A 1522 115.18 32.24 12.29
CA LEU A 1522 115.13 32.01 10.85
C LEU A 1522 115.70 33.17 10.05
N ALA A 1523 116.14 34.24 10.69
CA ALA A 1523 116.75 35.37 10.00
C ALA A 1523 118.27 35.43 10.12
N THR A 1524 118.83 34.83 11.17
CA THR A 1524 120.28 34.83 11.35
C THR A 1524 120.86 33.43 11.51
N GLY A 1525 120.03 32.39 11.49
CA GLY A 1525 120.52 31.02 11.60
C GLY A 1525 121.17 30.70 12.93
N LEU A 1526 120.61 31.17 14.04
CA LEU A 1526 121.15 30.91 15.36
C LEU A 1526 120.29 29.90 16.09
N MET A 1527 120.93 28.91 16.70
CA MET A 1527 120.26 27.89 17.50
C MET A 1527 120.74 27.99 18.95
N THR A 1528 119.79 27.93 19.88
CA THR A 1528 120.10 27.87 21.31
C THR A 1528 119.20 26.83 21.96
N PHE A 1529 119.69 26.26 23.07
CA PHE A 1529 118.93 25.29 23.84
C PHE A 1529 118.86 25.74 25.29
N THR A 1530 117.67 25.63 25.87
CA THR A 1530 117.44 25.97 27.27
C THR A 1530 116.83 24.77 27.98
N ALA A 1531 117.33 24.50 29.19
CA ALA A 1531 116.88 23.37 30.00
C ALA A 1531 116.29 23.89 31.29
N ASN A 1532 114.99 23.63 31.51
CA ASN A 1532 114.28 24.04 32.71
C ASN A 1532 114.40 25.54 32.93
N GLY A 1533 114.33 26.30 31.84
CA GLY A 1533 114.45 27.74 31.92
C GLY A 1533 115.84 28.29 32.03
N LYS A 1534 116.86 27.43 32.03
CA LYS A 1534 118.25 27.84 32.14
C LYS A 1534 118.92 27.77 30.79
N GLU A 1535 119.51 28.88 30.35
CA GLU A 1535 120.14 28.93 29.04
C GLU A 1535 121.46 28.15 29.06
N SER A 1536 121.63 27.26 28.08
CA SER A 1536 122.84 26.46 27.98
C SER A 1536 123.92 27.24 27.24
N ASN A 1537 125.14 26.68 27.27
CA ASN A 1537 126.31 27.30 26.66
C ASN A 1537 126.64 26.74 25.29
N THR A 1538 125.76 25.92 24.72
CA THR A 1538 125.98 25.31 23.41
C THR A 1538 125.06 25.95 22.39
N PHE A 1539 125.62 26.31 21.24
CA PHE A 1539 124.87 26.95 20.17
C PHE A 1539 125.30 26.37 18.83
N PHE A 1540 124.43 26.55 17.83
CA PHE A 1540 124.70 26.06 16.48
C PHE A 1540 124.38 27.15 15.47
N GLN A 1541 125.06 27.09 14.33
CA GLN A 1541 124.88 28.05 13.24
C GLN A 1541 124.67 27.30 11.94
N VAL A 1542 123.70 27.73 11.15
CA VAL A 1542 123.40 27.09 9.87
C VAL A 1542 123.41 28.10 8.73
N GLU A 1543 123.11 27.64 7.53
CA GLU A 1543 123.14 28.40 6.31
C GLU A 1543 121.74 28.74 5.82
N PRO A 1544 121.59 29.76 4.99
CA PRO A 1544 120.27 30.05 4.41
C PRO A 1544 119.76 28.88 3.59
N ASN A 1545 118.43 28.75 3.55
CA ASN A 1545 117.74 27.66 2.84
C ASN A 1545 118.13 26.30 3.43
N THR A 1546 117.91 26.17 4.74
CA THR A 1546 118.18 24.94 5.46
C THR A 1546 116.89 24.43 6.08
N LYS A 1547 116.56 23.17 5.82
CA LYS A 1547 115.37 22.53 6.36
C LYS A 1547 115.74 21.74 7.61
N LEU A 1548 114.97 21.92 8.68
CA LEU A 1548 115.21 21.23 9.94
C LEU A 1548 113.91 20.61 10.43
N PHE A 1549 114.00 19.40 10.95
CA PHE A 1549 112.87 18.68 11.52
C PHE A 1549 113.06 18.54 13.02
N PRO A 1550 112.07 18.92 13.84
CA PRO A 1550 112.21 18.73 15.29
C PRO A 1550 112.30 17.25 15.65
N ALA A 1551 113.47 16.83 16.15
CA ALA A 1551 113.77 15.43 16.36
C ALA A 1551 114.13 15.16 17.82
N VAL A 1552 113.69 14.00 18.30
CA VAL A 1552 114.05 13.52 19.64
C VAL A 1552 114.46 12.06 19.52
N PHE A 1553 115.68 11.74 19.96
CA PHE A 1553 116.17 10.37 19.99
C PHE A 1553 116.17 9.90 21.43
N VAL A 1554 115.43 8.82 21.70
CA VAL A 1554 115.21 8.37 23.07
C VAL A 1554 115.34 6.86 23.14
N LEU A 1555 115.90 6.37 24.25
CA LEU A 1555 115.94 4.95 24.56
C LEU A 1555 114.93 4.68 25.67
N PRO A 1556 113.84 3.97 25.39
CA PRO A 1556 112.76 3.84 26.37
C PRO A 1556 113.20 3.02 27.59
N THR A 1557 113.03 3.62 28.77
CA THR A 1557 113.24 2.93 30.04
C THR A 1557 112.03 3.08 30.95
N HIS A 1558 110.88 3.44 30.40
CA HIS A 1558 109.68 3.72 31.18
C HIS A 1558 108.47 3.57 30.27
N GLN A 1559 107.30 3.37 30.87
CA GLN A 1559 106.07 3.33 30.09
C GLN A 1559 105.64 4.71 29.61
N ASN A 1560 106.08 5.78 30.28
CA ASN A 1560 105.89 7.15 29.84
C ASN A 1560 107.26 7.66 29.42
N VAL A 1561 107.48 7.75 28.10
CA VAL A 1561 108.82 7.94 27.56
C VAL A 1561 109.11 9.42 27.30
N ILE A 1562 108.36 10.03 26.38
CA ILE A 1562 108.65 11.39 25.93
C ILE A 1562 107.35 12.05 25.51
N GLN A 1563 107.40 13.38 25.37
CA GLN A 1563 106.22 14.15 25.01
C GLN A 1563 106.66 15.42 24.30
N PHE A 1564 106.28 15.57 23.03
CA PHE A 1564 106.54 16.80 22.31
C PHE A 1564 105.57 17.88 22.77
N GLU A 1565 106.09 19.11 22.92
CA GLU A 1565 105.28 20.26 23.34
C GLU A 1565 105.47 21.38 22.34
N LEU A 1566 104.41 21.69 21.58
CA LEU A 1566 104.43 22.83 20.67
C LEU A 1566 104.05 24.10 21.43
N GLY A 1567 104.88 24.44 22.41
CA GLY A 1567 104.58 25.48 23.35
C GLY A 1567 104.93 26.88 22.84
N LYS A 1568 104.87 27.82 23.76
CA LYS A 1568 105.12 29.23 23.47
C LYS A 1568 105.87 29.85 24.63
N GLN A 1569 106.55 30.96 24.34
CA GLN A 1569 107.30 31.71 25.34
C GLN A 1569 106.99 33.20 25.15
N LYS A 1570 107.74 34.04 25.83
CA LYS A 1570 107.51 35.49 25.77
C LYS A 1570 107.87 36.00 24.38
N ASN A 1571 106.84 36.26 23.57
CA ASN A 1571 106.96 36.70 22.18
C ASN A 1571 108.05 35.94 21.43
N ILE A 1572 107.84 34.63 21.31
CA ILE A 1572 108.75 33.76 20.58
C ILE A 1572 108.04 33.00 19.46
N MET A 1573 106.80 33.39 19.12
CA MET A 1573 106.12 32.90 17.92
C MET A 1573 106.12 31.39 17.81
N PRO A 1574 105.21 30.70 18.53
CA PRO A 1574 105.25 29.22 18.61
C PRO A 1574 105.42 28.50 17.29
N LEU A 1575 105.86 27.23 17.37
CA LEU A 1575 106.37 26.51 16.20
C LEU A 1575 105.34 26.42 15.08
N SER A 1576 104.06 26.42 15.41
CA SER A 1576 103.04 26.33 14.36
C SER A 1576 102.80 27.69 13.73
N ALA A 1577 103.88 28.36 13.32
CA ALA A 1577 103.80 29.62 12.60
C ALA A 1577 104.78 29.72 11.45
N ALA A 1578 105.81 28.88 11.39
CA ALA A 1578 106.76 28.86 10.28
C ALA A 1578 106.50 27.72 9.32
N MET A 1579 105.92 26.61 9.79
CA MET A 1579 105.60 25.48 8.93
C MET A 1579 104.32 25.69 8.13
N PHE A 1580 103.50 26.67 8.48
CA PHE A 1580 102.25 26.94 7.79
C PHE A 1580 102.21 28.39 7.37
N LEU A 1581 101.89 28.64 6.10
CA LEU A 1581 101.83 30.00 5.58
C LEU A 1581 100.60 30.74 6.06
N SER A 1582 99.48 30.04 6.25
CA SER A 1582 98.25 30.71 6.65
C SER A 1582 98.39 31.33 8.04
N GLU A 1583 98.96 30.59 8.99
CA GLU A 1583 99.13 31.07 10.36
C GLU A 1583 100.53 31.66 10.53
N ARG A 1584 100.85 32.64 9.68
CA ARG A 1584 102.16 33.27 9.75
C ARG A 1584 102.25 34.23 10.94
N LYS A 1585 101.17 34.96 11.22
CA LYS A 1585 101.13 35.94 12.30
C LYS A 1585 100.10 35.55 13.35
N ASN A 1586 100.01 34.26 13.65
CA ASN A 1586 99.09 33.77 14.66
C ASN A 1586 99.88 33.35 15.90
N PRO A 1587 99.83 34.13 16.99
CA PRO A 1587 100.57 33.79 18.22
C PRO A 1587 99.83 32.81 19.13
N ALA A 1588 99.30 31.74 18.55
CA ALA A 1588 98.59 30.73 19.29
C ALA A 1588 99.12 29.35 18.89
N PRO A 1589 99.53 28.53 19.85
CA PRO A 1589 100.02 27.19 19.51
C PRO A 1589 98.93 26.36 18.83
N GLN A 1590 99.34 25.58 17.83
CA GLN A 1590 98.42 24.74 17.08
C GLN A 1590 99.11 23.43 16.72
N CYS A 1591 98.30 22.43 16.40
CA CYS A 1591 98.81 21.11 16.01
C CYS A 1591 97.88 20.52 14.97
N PRO A 1592 98.00 20.93 13.71
CA PRO A 1592 97.14 20.39 12.65
C PRO A 1592 97.44 18.92 12.41
N PRO A 1593 96.49 18.17 11.85
CA PRO A 1593 96.68 16.73 11.70
C PRO A 1593 97.87 16.34 10.83
N ARG A 1594 98.30 17.22 9.92
CA ARG A 1594 99.46 16.89 9.08
C ARG A 1594 100.74 16.79 9.90
N LEU A 1595 100.83 17.55 11.00
CA LEU A 1595 102.00 17.50 11.87
C LEU A 1595 101.88 16.30 12.78
N GLU A 1596 102.65 15.25 12.50
CA GLU A 1596 102.59 14.03 13.29
C GLU A 1596 103.98 13.58 13.71
N VAL A 1597 104.08 12.38 14.28
CA VAL A 1597 105.35 11.82 14.74
C VAL A 1597 105.73 10.69 13.81
N GLN A 1598 106.93 10.78 13.24
CA GLN A 1598 107.45 9.78 12.31
C GLN A 1598 108.63 9.07 12.94
N MET A 1599 108.67 7.75 12.81
CA MET A 1599 109.74 6.93 13.34
C MET A 1599 110.64 6.43 12.22
N LEU A 1600 111.88 6.10 12.59
CA LEU A 1600 112.89 5.65 11.64
C LEU A 1600 112.77 4.13 11.46
N MET A 1601 112.61 3.71 10.20
CA MET A 1601 112.51 2.29 9.86
C MET A 1601 113.84 1.80 9.27
N PRO A 1602 114.23 0.56 9.55
CA PRO A 1602 115.53 0.06 9.09
C PRO A 1602 115.62 -0.08 7.57
N VAL A 1603 114.67 -0.77 6.96
CA VAL A 1603 114.69 -1.03 5.53
C VAL A 1603 113.31 -0.74 4.94
N SER A 1604 113.28 -0.57 3.62
CA SER A 1604 112.05 -0.30 2.90
C SER A 1604 112.16 -0.85 1.49
N TRP A 1605 111.01 -1.04 0.86
CA TRP A 1605 110.97 -1.57 -0.50
C TRP A 1605 111.46 -0.52 -1.50
N SER A 1606 111.88 -0.99 -2.66
CA SER A 1606 112.35 -0.12 -3.73
C SER A 1606 112.16 -0.83 -5.06
N ARG A 1607 112.22 -0.05 -6.13
CA ARG A 1607 111.98 -0.55 -7.48
C ARG A 1607 113.31 -0.66 -8.23
N MET A 1608 113.55 -1.82 -8.83
CA MET A 1608 114.74 -2.00 -9.65
C MET A 1608 114.49 -1.40 -11.03
N PRO A 1609 115.36 -0.50 -11.50
CA PRO A 1609 115.16 0.09 -12.83
C PRO A 1609 115.13 -0.96 -13.92
N ASN A 1610 114.26 -0.73 -14.91
CA ASN A 1610 114.13 -1.68 -16.01
C ASN A 1610 115.42 -1.79 -16.82
N HIS A 1611 116.05 -0.66 -17.10
CA HIS A 1611 117.30 -0.63 -17.85
C HIS A 1611 118.33 0.15 -17.06
N PHE A 1612 119.37 -0.55 -16.59
CA PHE A 1612 120.49 0.08 -15.92
C PHE A 1612 121.40 0.71 -16.97
N LEU A 1613 122.57 1.17 -16.56
CA LEU A 1613 123.52 1.71 -17.52
C LEU A 1613 124.09 0.56 -18.33
N GLN A 1614 123.38 0.18 -19.40
CA GLN A 1614 123.67 -1.06 -20.13
C GLN A 1614 125.06 -1.05 -20.76
N VAL A 1615 125.69 0.13 -20.89
CA VAL A 1615 127.09 0.16 -21.29
C VAL A 1615 127.97 -0.47 -20.23
N GLU A 1616 127.46 -0.63 -19.01
CA GLU A 1616 128.13 -1.30 -17.90
C GLU A 1616 129.42 -0.59 -17.49
N THR A 1617 129.57 0.68 -17.88
CA THR A 1617 130.76 1.47 -17.58
C THR A 1617 132.03 0.71 -18.00
N ARG A 1618 132.14 0.50 -19.31
CA ARG A 1618 133.24 -0.27 -19.88
C ARG A 1618 134.57 0.21 -19.34
N ARG A 1619 135.28 -0.68 -18.65
CA ARG A 1619 136.54 -0.36 -18.00
C ARG A 1619 137.55 -1.46 -18.27
N ALA A 1620 138.82 -1.07 -18.35
CA ALA A 1620 139.89 -2.03 -18.62
C ALA A 1620 141.20 -1.45 -18.09
N GLY A 1621 142.15 -2.34 -17.80
CA GLY A 1621 143.44 -1.93 -17.31
C GLY A 1621 144.42 -1.55 -18.41
N GLU A 1622 144.21 -0.37 -19.00
CA GLU A 1622 145.10 0.09 -20.05
C GLU A 1622 146.48 0.42 -19.48
N ARG A 1623 147.46 0.54 -20.37
CA ARG A 1623 148.83 0.83 -19.95
C ARG A 1623 148.92 2.19 -19.27
N LEU A 1624 148.27 3.20 -19.84
CA LEU A 1624 148.31 4.55 -19.28
C LEU A 1624 147.18 4.79 -18.29
N GLY A 1625 147.05 3.89 -17.33
CA GLY A 1625 146.06 4.01 -16.27
C GLY A 1625 144.84 3.14 -16.53
N TRP A 1626 143.98 3.08 -15.51
CA TRP A 1626 142.73 2.33 -15.57
C TRP A 1626 141.65 3.24 -16.13
N ALA A 1627 141.18 2.94 -17.33
CA ALA A 1627 140.22 3.79 -18.04
C ALA A 1627 138.81 3.26 -17.87
N VAL A 1628 137.89 4.15 -17.53
CA VAL A 1628 136.47 3.83 -17.41
C VAL A 1628 135.68 4.85 -18.22
N GLN A 1629 134.77 4.37 -19.06
CA GLN A 1629 134.02 5.24 -19.95
C GLN A 1629 132.55 4.86 -19.97
N CYS A 1630 131.70 5.87 -20.14
CA CYS A 1630 130.26 5.70 -20.31
C CYS A 1630 129.84 6.41 -21.58
N GLN A 1631 128.96 5.79 -22.35
CA GLN A 1631 128.66 6.34 -23.67
C GLN A 1631 127.17 6.56 -23.91
N ASP A 1632 126.30 5.67 -23.40
CA ASP A 1632 124.92 5.89 -23.82
C ASP A 1632 124.15 6.72 -22.79
N PRO A 1633 123.20 7.53 -23.25
CA PRO A 1633 122.39 8.32 -22.32
C PRO A 1633 121.34 7.46 -21.63
N LEU A 1634 120.90 7.96 -20.48
CA LEU A 1634 119.82 7.32 -19.71
C LEU A 1634 119.09 8.38 -18.91
N THR A 1635 117.77 8.33 -18.94
CA THR A 1635 116.94 9.31 -18.23
C THR A 1635 115.77 8.60 -17.59
N MET A 1636 115.24 9.20 -16.53
CA MET A 1636 114.02 8.74 -15.88
C MET A 1636 113.23 9.92 -15.37
N MET A 1637 111.94 9.72 -15.19
CA MET A 1637 111.03 10.78 -14.73
C MET A 1637 110.93 10.70 -13.21
N ALA A 1638 111.54 11.66 -12.53
CA ALA A 1638 111.55 11.68 -11.08
C ALA A 1638 110.24 12.24 -10.53
N LEU A 1639 110.04 12.06 -9.23
CA LEU A 1639 108.89 12.58 -8.50
C LEU A 1639 109.39 13.16 -7.19
N HIS A 1640 109.49 14.48 -7.12
CA HIS A 1640 110.09 15.16 -5.98
C HIS A 1640 109.03 15.51 -4.95
N ILE A 1641 109.28 15.13 -3.70
CA ILE A 1641 108.43 15.51 -2.57
C ILE A 1641 108.99 16.80 -1.99
N PRO A 1642 108.20 17.88 -1.93
CA PRO A 1642 108.79 19.16 -1.51
C PRO A 1642 109.15 19.23 -0.04
N GLU A 1643 108.28 18.75 0.85
CA GLU A 1643 108.51 18.94 2.29
C GLU A 1643 109.76 18.19 2.76
N GLU A 1644 109.95 16.96 2.29
CA GLU A 1644 111.14 16.18 2.58
C GLU A 1644 111.96 16.09 1.30
N ASN A 1645 113.19 16.62 1.34
CA ASN A 1645 113.99 16.81 0.13
C ASN A 1645 114.47 15.44 -0.36
N ARG A 1646 113.55 14.73 -1.00
CA ARG A 1646 113.79 13.40 -1.56
C ARG A 1646 113.44 13.40 -3.04
N CYS A 1647 113.60 12.25 -3.67
CA CYS A 1647 113.31 12.11 -5.11
C CYS A 1647 113.04 10.64 -5.38
N MET A 1648 111.82 10.34 -5.80
CA MET A 1648 111.41 8.98 -6.13
C MET A 1648 111.38 8.81 -7.65
N ASP A 1649 110.90 7.66 -8.09
CA ASP A 1649 110.63 7.39 -9.49
C ASP A 1649 109.12 7.40 -9.71
N ILE A 1650 108.69 8.00 -10.82
CA ILE A 1650 107.26 8.06 -11.10
C ILE A 1650 106.68 6.69 -11.38
N LEU A 1651 107.52 5.73 -11.78
CA LEU A 1651 107.06 4.35 -11.95
C LEU A 1651 106.88 3.64 -10.62
N GLU A 1652 107.45 4.16 -9.53
CA GLU A 1652 107.26 3.58 -8.21
C GLU A 1652 105.85 3.77 -7.68
N LEU A 1653 105.04 4.62 -8.33
CA LEU A 1653 103.66 4.83 -7.92
C LEU A 1653 102.75 3.66 -8.26
N SER A 1654 103.27 2.64 -8.94
CA SER A 1654 102.45 1.46 -9.24
C SER A 1654 101.99 0.76 -7.97
N GLU A 1655 102.87 0.65 -6.97
CA GLU A 1655 102.53 0.03 -5.71
C GLU A 1655 102.10 1.01 -4.64
N ARG A 1656 102.44 2.29 -4.79
CA ARG A 1656 102.01 3.32 -3.85
C ARG A 1656 100.69 3.90 -4.37
N LEU A 1657 99.58 3.40 -3.84
CA LEU A 1657 98.27 3.82 -4.32
C LEU A 1657 97.77 5.11 -3.68
N ASP A 1658 98.41 5.55 -2.60
CA ASP A 1658 98.02 6.82 -1.98
C ASP A 1658 98.58 8.03 -2.70
N LEU A 1659 99.82 7.95 -3.19
CA LEU A 1659 100.40 9.01 -3.99
C LEU A 1659 99.87 9.03 -5.42
N GLN A 1660 99.52 7.87 -5.98
CA GLN A 1660 99.00 7.81 -7.34
C GLN A 1660 97.69 8.56 -7.48
N ARG A 1661 96.78 8.39 -6.53
CA ARG A 1661 95.51 9.12 -6.57
C ARG A 1661 95.74 10.62 -6.47
N PHE A 1662 96.63 11.05 -5.59
CA PHE A 1662 96.90 12.47 -5.44
C PHE A 1662 97.50 13.05 -6.72
N HIS A 1663 98.41 12.31 -7.36
CA HIS A 1663 99.01 12.81 -8.60
C HIS A 1663 97.98 12.84 -9.74
N SER A 1664 97.11 11.83 -9.81
CA SER A 1664 96.07 11.82 -10.84
C SER A 1664 95.13 13.00 -10.66
N HIS A 1665 94.72 13.28 -9.42
CA HIS A 1665 93.86 14.43 -9.20
C HIS A 1665 94.60 15.75 -9.38
N THR A 1666 95.92 15.77 -9.16
CA THR A 1666 96.70 16.96 -9.47
C THR A 1666 96.70 17.23 -10.96
N LEU A 1667 96.86 16.18 -11.77
CA LEU A 1667 96.76 16.35 -13.22
C LEU A 1667 95.36 16.77 -13.63
N ARG A 1668 94.33 16.22 -12.98
CA ARG A 1668 92.96 16.66 -13.25
C ARG A 1668 92.79 18.14 -12.95
N LEU A 1669 93.35 18.60 -11.83
CA LEU A 1669 93.31 20.03 -11.50
C LEU A 1669 94.06 20.85 -12.54
N TYR A 1670 95.20 20.35 -13.00
CA TYR A 1670 95.96 21.06 -14.04
C TYR A 1670 95.11 21.24 -15.30
N ARG A 1671 94.40 20.19 -15.71
CA ARG A 1671 93.56 20.29 -16.90
C ARG A 1671 92.37 21.20 -16.67
N ALA A 1672 91.75 21.12 -15.48
CA ALA A 1672 90.56 21.92 -15.20
C ALA A 1672 90.88 23.41 -15.07
N VAL A 1673 92.08 23.74 -14.57
CA VAL A 1673 92.43 25.14 -14.37
C VAL A 1673 92.61 25.84 -15.72
N CYS A 1674 93.21 25.17 -16.69
CA CYS A 1674 93.43 25.72 -18.02
C CYS A 1674 92.36 25.31 -19.02
N ALA A 1675 91.20 24.87 -18.54
CA ALA A 1675 90.15 24.38 -19.42
C ALA A 1675 89.41 25.53 -20.09
N LEU A 1676 88.81 25.22 -21.25
CA LEU A 1676 87.96 26.14 -21.99
C LEU A 1676 88.71 27.42 -22.40
N GLY A 1677 89.76 27.21 -23.19
CA GLY A 1677 90.45 28.33 -23.83
C GLY A 1677 91.11 29.31 -22.88
N ASN A 1678 91.77 28.80 -21.83
CA ASN A 1678 92.56 29.64 -20.93
C ASN A 1678 94.03 29.52 -21.35
N ASN A 1679 94.37 30.19 -22.45
CA ASN A 1679 95.70 30.07 -23.03
C ASN A 1679 96.78 30.67 -22.14
N ARG A 1680 96.44 31.65 -21.29
CA ARG A 1680 97.43 32.22 -20.38
C ARG A 1680 97.88 31.18 -19.36
N VAL A 1681 96.93 30.50 -18.72
CA VAL A 1681 97.29 29.46 -17.76
C VAL A 1681 97.90 28.26 -18.48
N ALA A 1682 97.48 28.00 -19.72
CA ALA A 1682 98.12 26.95 -20.50
C ALA A 1682 99.59 27.26 -20.75
N HIS A 1683 99.91 28.52 -21.05
CA HIS A 1683 101.31 28.93 -21.19
C HIS A 1683 102.04 28.79 -19.86
N ALA A 1684 101.39 29.18 -18.76
CA ALA A 1684 102.03 29.11 -17.44
C ALA A 1684 102.32 27.67 -17.03
N LEU A 1685 101.43 26.73 -17.38
CA LEU A 1685 101.60 25.35 -16.96
C LEU A 1685 102.77 24.65 -17.66
N CYS A 1686 103.27 25.21 -18.76
CA CYS A 1686 104.42 24.62 -19.42
C CYS A 1686 105.68 24.71 -18.57
N SER A 1687 105.70 25.58 -17.56
CA SER A 1687 106.84 25.67 -16.67
C SER A 1687 106.88 24.49 -15.70
N HIS A 1688 105.71 23.92 -15.37
CA HIS A 1688 105.63 22.79 -14.45
C HIS A 1688 105.77 21.47 -15.19
N VAL A 1689 104.88 21.20 -16.13
CA VAL A 1689 104.93 20.00 -16.96
C VAL A 1689 105.45 20.42 -18.33
N ASP A 1690 106.74 20.21 -18.55
CA ASP A 1690 107.39 20.68 -19.77
C ASP A 1690 107.08 19.76 -20.95
N GLN A 1691 107.54 20.19 -22.13
CA GLN A 1691 107.32 19.40 -23.34
C GLN A 1691 108.06 18.07 -23.26
N ALA A 1692 109.29 18.08 -22.74
CA ALA A 1692 110.07 16.85 -22.66
C ALA A 1692 109.40 15.81 -21.77
N GLN A 1693 108.85 16.24 -20.63
CA GLN A 1693 108.17 15.30 -19.74
C GLN A 1693 106.93 14.71 -20.39
N LEU A 1694 106.16 15.55 -21.10
CA LEU A 1694 104.97 15.04 -21.78
C LEU A 1694 105.34 14.05 -22.88
N LEU A 1695 106.37 14.36 -23.67
CA LEU A 1695 106.79 13.44 -24.72
C LEU A 1695 107.32 12.14 -24.14
N HIS A 1696 108.05 12.21 -23.02
CA HIS A 1696 108.54 11.00 -22.37
C HIS A 1696 107.39 10.15 -21.84
N ALA A 1697 106.40 10.78 -21.20
CA ALA A 1697 105.27 10.04 -20.67
C ALA A 1697 104.39 9.47 -21.79
N LEU A 1698 104.41 10.08 -22.97
CA LEU A 1698 103.64 9.54 -24.09
C LEU A 1698 104.16 8.16 -24.50
N GLU A 1699 105.48 7.98 -24.52
CA GLU A 1699 106.08 6.73 -24.93
C GLU A 1699 106.40 5.79 -23.76
N ASP A 1700 106.08 6.18 -22.54
CA ASP A 1700 106.38 5.36 -21.36
C ASP A 1700 105.46 4.14 -21.35
N ALA A 1701 106.06 2.95 -21.42
CA ALA A 1701 105.30 1.71 -21.44
C ALA A 1701 105.07 1.12 -20.06
N HIS A 1702 105.70 1.66 -19.02
CA HIS A 1702 105.56 1.15 -17.67
C HIS A 1702 104.73 2.06 -16.76
N LEU A 1703 104.25 3.19 -17.27
CA LEU A 1703 103.47 4.10 -16.45
C LEU A 1703 102.13 3.46 -16.08
N PRO A 1704 101.61 3.72 -14.88
CA PRO A 1704 100.27 3.23 -14.53
C PRO A 1704 99.21 3.86 -15.43
N GLY A 1705 98.10 3.15 -15.56
CA GLY A 1705 97.01 3.56 -16.42
C GLY A 1705 96.45 4.93 -16.13
N PRO A 1706 96.08 5.20 -14.87
CA PRO A 1706 95.58 6.55 -14.55
C PRO A 1706 96.57 7.65 -14.86
N LEU A 1707 97.86 7.45 -14.57
CA LEU A 1707 98.86 8.48 -14.87
C LEU A 1707 99.06 8.63 -16.38
N ARG A 1708 99.06 7.54 -17.12
CA ARG A 1708 99.18 7.61 -18.58
C ARG A 1708 98.02 8.40 -19.19
N ALA A 1709 96.79 8.07 -18.78
CA ALA A 1709 95.63 8.80 -19.29
C ALA A 1709 95.68 10.27 -18.88
N GLY A 1710 96.06 10.53 -17.63
CA GLY A 1710 96.15 11.90 -17.17
C GLY A 1710 97.16 12.71 -17.96
N TYR A 1711 98.31 12.12 -18.27
CA TYR A 1711 99.32 12.83 -19.03
C TYR A 1711 98.90 13.07 -20.48
N TYR A 1712 98.28 12.08 -21.12
CA TYR A 1712 97.76 12.30 -22.47
C TYR A 1712 96.71 13.41 -22.48
N ASP A 1713 95.76 13.37 -21.54
CA ASP A 1713 94.73 14.41 -21.50
C ASP A 1713 95.31 15.77 -21.15
N LEU A 1714 96.34 15.80 -20.30
CA LEU A 1714 96.99 17.07 -19.97
C LEU A 1714 97.67 17.68 -21.19
N LEU A 1715 98.39 16.85 -21.96
CA LEU A 1715 99.02 17.36 -23.17
C LEU A 1715 97.97 17.88 -24.14
N ILE A 1716 96.87 17.14 -24.31
CA ILE A 1716 95.81 17.58 -25.21
C ILE A 1716 95.23 18.91 -24.74
N SER A 1717 94.81 18.98 -23.47
CA SER A 1717 94.18 20.19 -22.93
C SER A 1717 95.12 21.38 -22.87
N ILE A 1718 96.43 21.15 -22.89
CA ILE A 1718 97.41 22.24 -22.89
C ILE A 1718 97.69 22.75 -24.29
N HIS A 1719 97.84 21.85 -25.27
CA HIS A 1719 98.38 22.26 -26.56
C HIS A 1719 97.37 22.28 -27.71
N LEU A 1720 96.31 21.47 -27.67
CA LEU A 1720 95.46 21.30 -28.84
C LEU A 1720 93.98 21.60 -28.62
N GLU A 1721 93.55 21.80 -27.37
CA GLU A 1721 92.11 21.82 -27.08
C GLU A 1721 91.41 22.99 -27.77
N SER A 1722 91.93 24.21 -27.59
CA SER A 1722 91.26 25.39 -28.14
C SER A 1722 91.25 25.36 -29.66
N ALA A 1723 92.37 25.00 -30.27
CA ALA A 1723 92.44 24.96 -31.73
C ALA A 1723 91.54 23.88 -32.30
N CYS A 1724 91.48 22.71 -31.65
CA CYS A 1724 90.58 21.66 -32.10
C CYS A 1724 89.12 22.10 -31.96
N ARG A 1725 88.80 22.81 -30.88
CA ARG A 1725 87.44 23.32 -30.71
C ARG A 1725 87.08 24.31 -31.81
N SER A 1726 88.00 25.21 -32.14
CA SER A 1726 87.74 26.18 -33.21
C SER A 1726 87.55 25.47 -34.55
N ARG A 1727 88.42 24.49 -34.85
CA ARG A 1727 88.28 23.76 -36.11
C ARG A 1727 86.98 22.98 -36.16
N ARG A 1728 86.57 22.38 -35.04
CA ARG A 1728 85.30 21.66 -35.00
C ARG A 1728 84.12 22.59 -35.21
N SER A 1729 84.19 23.80 -34.63
CA SER A 1729 83.14 24.78 -34.86
C SER A 1729 83.07 25.18 -36.33
N MET A 1730 84.23 25.35 -36.96
CA MET A 1730 84.25 25.75 -38.37
C MET A 1730 83.89 24.62 -39.32
N LEU A 1731 84.02 23.37 -38.90
CA LEU A 1731 83.81 22.24 -39.80
C LEU A 1731 82.35 22.09 -40.23
N SER A 1732 81.41 22.75 -39.55
CA SER A 1732 80.00 22.55 -39.85
C SER A 1732 79.51 23.34 -41.05
N GLU A 1733 80.30 24.29 -41.56
CA GLU A 1733 79.90 25.14 -42.67
C GLU A 1733 80.92 25.04 -43.79
N TYR A 1734 80.43 25.02 -45.03
CA TYR A 1734 81.27 24.90 -46.22
C TYR A 1734 81.20 26.20 -47.01
N ILE A 1735 82.36 26.81 -47.25
CA ILE A 1735 82.47 28.01 -48.09
C ILE A 1735 83.56 27.70 -49.11
N VAL A 1736 83.15 27.22 -50.28
CA VAL A 1736 84.08 26.79 -51.32
C VAL A 1736 84.24 27.93 -52.33
N PRO A 1737 85.43 28.49 -52.50
CA PRO A 1737 85.63 29.51 -53.54
C PRO A 1737 85.75 28.88 -54.92
N LEU A 1738 85.55 29.72 -55.93
CA LEU A 1738 85.64 29.27 -57.32
C LEU A 1738 87.06 29.41 -57.86
N THR A 1739 88.00 28.83 -57.14
CA THR A 1739 89.40 28.80 -57.53
C THR A 1739 89.62 27.71 -58.58
N PRO A 1740 90.68 27.81 -59.40
CA PRO A 1740 90.90 26.79 -60.42
C PRO A 1740 90.97 25.36 -59.90
N GLU A 1741 91.55 25.14 -58.71
CA GLU A 1741 91.56 23.79 -58.16
C GLU A 1741 90.15 23.33 -57.79
N THR A 1742 89.27 24.26 -57.42
CA THR A 1742 87.86 23.90 -57.24
C THR A 1742 87.24 23.49 -58.57
N ARG A 1743 87.60 24.17 -59.65
CA ARG A 1743 87.13 23.75 -60.98
C ARG A 1743 87.69 22.38 -61.34
N ALA A 1744 88.87 22.03 -60.80
CA ALA A 1744 89.54 20.79 -61.17
C ALA A 1744 89.08 19.58 -60.37
N ILE A 1745 88.54 19.77 -59.16
CA ILE A 1745 88.17 18.62 -58.33
C ILE A 1745 86.85 18.05 -58.82
N THR A 1746 86.83 16.74 -59.04
CA THR A 1746 85.65 16.04 -59.53
C THR A 1746 84.91 15.40 -58.37
N LEU A 1747 83.90 14.60 -58.70
CA LEU A 1747 83.10 13.91 -57.68
C LEU A 1747 83.88 12.82 -56.97
N PHE A 1748 84.99 12.36 -57.54
CA PHE A 1748 85.65 11.14 -57.11
C PHE A 1748 84.62 10.01 -56.96
N PRO A 1749 83.85 9.73 -58.00
CA PRO A 1749 82.74 8.79 -57.88
C PRO A 1749 83.26 7.36 -57.94
N PRO A 1750 82.36 6.37 -57.94
CA PRO A 1750 82.79 5.01 -58.29
C PRO A 1750 83.53 4.96 -59.62
N GLY A 1751 83.11 5.77 -60.59
CA GLY A 1751 83.84 5.92 -61.83
C GLY A 1751 84.82 7.07 -61.77
N ARG A 1752 85.84 6.95 -60.92
CA ARG A 1752 86.83 8.01 -60.74
C ARG A 1752 87.80 7.99 -61.92
N LYS A 1753 88.90 8.76 -61.79
CA LYS A 1753 89.90 8.82 -62.86
C LYS A 1753 90.43 7.42 -63.17
N GLY A 1754 90.85 6.69 -62.14
CA GLY A 1754 91.19 5.29 -62.30
C GLY A 1754 90.15 4.39 -61.66
N GLY A 1755 89.30 3.78 -62.48
CA GLY A 1755 88.26 2.93 -61.94
C GLY A 1755 87.32 2.47 -63.04
N ASN A 1756 86.36 1.64 -62.63
CA ASN A 1756 85.36 1.06 -63.52
C ASN A 1756 83.98 1.17 -62.90
N ALA A 1757 83.65 2.38 -62.41
CA ALA A 1757 82.36 2.66 -61.79
C ALA A 1757 82.07 1.75 -60.60
N ARG A 1758 83.12 1.41 -59.84
CA ARG A 1758 82.94 0.52 -58.69
C ARG A 1758 83.56 1.06 -57.41
N ARG A 1759 84.70 1.72 -57.48
CA ARG A 1759 85.47 2.09 -56.31
C ARG A 1759 85.29 3.57 -55.99
N HIS A 1760 84.88 3.87 -54.76
CA HIS A 1760 84.68 5.25 -54.32
C HIS A 1760 85.98 5.92 -53.91
N GLY A 1761 87.08 5.18 -53.81
CA GLY A 1761 88.31 5.72 -53.28
C GLY A 1761 88.37 5.58 -51.77
N LEU A 1762 89.28 6.35 -51.17
CA LEU A 1762 89.47 6.32 -49.73
C LEU A 1762 88.97 7.63 -49.13
N PRO A 1763 88.13 7.56 -48.09
CA PRO A 1763 87.66 8.80 -47.45
C PRO A 1763 88.78 9.52 -46.71
N GLY A 1764 88.67 10.84 -46.65
CA GLY A 1764 89.59 11.66 -45.90
C GLY A 1764 90.88 12.01 -46.61
N VAL A 1765 91.11 11.50 -47.81
CA VAL A 1765 92.32 11.78 -48.58
C VAL A 1765 91.91 12.32 -49.95
N GLY A 1766 92.53 13.42 -50.34
CA GLY A 1766 92.23 14.06 -51.61
C GLY A 1766 92.58 15.53 -51.55
N VAL A 1767 91.83 16.33 -52.30
CA VAL A 1767 92.00 17.77 -52.34
C VAL A 1767 90.67 18.42 -51.93
N THR A 1768 90.75 19.39 -51.03
CA THR A 1768 89.58 20.12 -50.56
C THR A 1768 89.89 21.61 -50.59
N THR A 1769 88.84 22.42 -50.80
CA THR A 1769 88.99 23.85 -50.94
C THR A 1769 88.12 24.65 -49.99
N SER A 1770 87.41 24.01 -49.06
CA SER A 1770 86.63 24.74 -48.08
C SER A 1770 87.55 25.59 -47.20
N LEU A 1771 87.15 26.84 -46.99
CA LEU A 1771 88.00 27.80 -46.30
C LEU A 1771 87.91 27.59 -44.79
N ARG A 1772 89.06 27.31 -44.17
CA ARG A 1772 89.16 27.15 -42.73
C ARG A 1772 90.37 27.93 -42.24
N PRO A 1773 90.21 28.78 -41.22
CA PRO A 1773 91.32 29.61 -40.74
C PRO A 1773 92.40 28.77 -40.11
N PRO A 1774 93.66 29.26 -40.11
CA PRO A 1774 94.75 28.51 -39.47
C PRO A 1774 94.68 28.54 -37.95
N HIS A 1775 95.69 27.98 -37.29
CA HIS A 1775 95.66 27.76 -35.85
C HIS A 1775 96.33 28.86 -35.03
N HIS A 1776 97.41 29.44 -35.54
CA HIS A 1776 98.09 30.57 -34.89
C HIS A 1776 98.56 30.21 -33.48
N PHE A 1777 99.51 29.28 -33.42
CA PHE A 1777 100.14 28.94 -32.16
C PHE A 1777 101.24 29.95 -31.83
N SER A 1778 101.67 29.95 -30.56
CA SER A 1778 102.73 30.82 -30.10
C SER A 1778 103.73 30.02 -29.27
N PRO A 1779 105.02 30.31 -29.40
CA PRO A 1779 106.03 29.55 -28.65
C PRO A 1779 106.03 29.93 -27.19
N PRO A 1780 106.26 28.97 -26.29
CA PRO A 1780 106.32 29.29 -24.86
C PRO A 1780 107.70 29.80 -24.46
N CYS A 1781 107.69 30.81 -23.59
CA CYS A 1781 108.94 31.40 -23.12
C CYS A 1781 108.68 32.12 -21.80
N PHE A 1782 109.51 31.85 -20.80
CA PHE A 1782 109.37 32.46 -19.48
C PHE A 1782 110.51 33.42 -19.15
N VAL A 1783 111.31 33.80 -20.14
CA VAL A 1783 112.38 34.78 -19.94
C VAL A 1783 112.08 36.11 -20.61
N ALA A 1784 111.06 36.19 -21.46
CA ALA A 1784 110.75 37.41 -22.18
C ALA A 1784 110.25 38.49 -21.23
N ALA A 1785 110.43 39.74 -21.64
CA ALA A 1785 110.04 40.88 -20.82
C ALA A 1785 108.53 41.02 -20.78
N LEU A 1786 108.01 41.39 -19.62
CA LEU A 1786 106.58 41.59 -19.46
C LEU A 1786 106.12 42.82 -20.24
N PRO A 1787 104.90 42.78 -20.82
CA PRO A 1787 104.37 43.91 -21.57
C PRO A 1787 103.70 44.96 -20.67
N ALA A 1794 95.73 42.14 -22.47
CA ALA A 1794 96.23 40.97 -23.19
C ALA A 1794 95.49 40.79 -24.50
N PRO A 1795 96.19 40.96 -25.62
CA PRO A 1795 95.55 40.84 -26.95
C PRO A 1795 95.44 39.40 -27.43
N ALA A 1796 94.55 38.64 -26.78
CA ALA A 1796 94.18 37.29 -27.20
C ALA A 1796 95.40 36.37 -27.27
N ARG A 1797 95.95 36.09 -26.08
CA ARG A 1797 97.08 35.19 -25.95
C ARG A 1797 96.80 33.86 -26.63
N LEU A 1798 97.76 33.39 -27.43
CA LEU A 1798 97.60 32.17 -28.20
C LEU A 1798 98.05 30.95 -27.39
N SER A 1799 97.67 29.77 -27.88
CA SER A 1799 98.03 28.53 -27.21
C SER A 1799 99.52 28.26 -27.35
N PRO A 1800 100.11 27.53 -26.40
CA PRO A 1800 101.53 27.17 -26.52
C PRO A 1800 101.79 26.31 -27.74
N ALA A 1801 102.98 26.45 -28.31
CA ALA A 1801 103.35 25.77 -29.55
C ALA A 1801 104.16 24.52 -29.25
N ILE A 1802 103.81 23.43 -29.93
CA ILE A 1802 104.54 22.17 -29.85
C ILE A 1802 104.78 21.71 -31.29
N PRO A 1803 105.88 20.99 -31.58
CA PRO A 1803 106.07 20.50 -32.95
C PRO A 1803 104.99 19.51 -33.36
N LEU A 1804 104.14 19.93 -34.31
CA LEU A 1804 102.99 19.12 -34.68
C LEU A 1804 103.37 17.95 -35.58
N GLU A 1805 104.39 18.13 -36.44
CA GLU A 1805 104.80 17.06 -37.34
C GLU A 1805 105.39 15.89 -36.57
N ALA A 1806 106.32 16.17 -35.65
CA ALA A 1806 106.93 15.12 -34.85
C ALA A 1806 105.88 14.44 -33.97
N LEU A 1807 104.97 15.21 -33.39
CA LEU A 1807 103.91 14.63 -32.58
C LEU A 1807 103.01 13.72 -33.40
N ARG A 1808 102.67 14.14 -34.63
CA ARG A 1808 101.86 13.31 -35.50
C ARG A 1808 102.57 12.00 -35.86
N ASP A 1809 103.86 12.09 -36.19
CA ASP A 1809 104.61 10.88 -36.51
C ASP A 1809 104.69 9.95 -35.30
N LYS A 1810 104.93 10.51 -34.12
CA LYS A 1810 105.01 9.69 -32.91
C LYS A 1810 103.67 9.03 -32.61
N ALA A 1811 102.57 9.77 -32.79
CA ALA A 1811 101.25 9.19 -32.55
C ALA A 1811 100.96 8.07 -33.53
N LEU A 1812 101.31 8.26 -34.81
CA LEU A 1812 101.11 7.20 -35.80
C LEU A 1812 101.92 5.96 -35.46
N ARG A 1813 103.19 6.15 -35.09
CA ARG A 1813 104.04 5.01 -34.73
C ARG A 1813 103.50 4.28 -33.50
N MET A 1814 103.06 5.05 -32.49
CA MET A 1814 102.52 4.43 -31.27
C MET A 1814 101.24 3.67 -31.56
N LEU A 1815 100.36 4.23 -32.40
CA LEU A 1815 99.13 3.52 -32.75
C LEU A 1815 99.44 2.24 -33.52
N GLY A 1816 100.40 2.29 -34.45
CA GLY A 1816 100.78 1.08 -35.16
C GLY A 1816 101.36 0.02 -34.24
N GLU A 1817 102.22 0.44 -33.31
CA GLU A 1817 102.79 -0.51 -32.36
C GLU A 1817 101.72 -1.13 -31.46
N ALA A 1818 100.77 -0.31 -30.99
CA ALA A 1818 99.69 -0.83 -30.16
C ALA A 1818 98.81 -1.80 -30.95
N VAL A 1819 98.50 -1.48 -32.20
CA VAL A 1819 97.70 -2.38 -33.02
C VAL A 1819 98.42 -3.71 -33.24
N ARG A 1820 99.72 -3.65 -33.52
CA ARG A 1820 100.49 -4.87 -33.71
C ARG A 1820 100.55 -5.70 -32.44
N ASP A 1821 100.75 -5.04 -31.29
CA ASP A 1821 100.89 -5.76 -30.02
C ASP A 1821 99.56 -6.31 -29.51
N GLY A 1822 98.44 -5.70 -29.88
CA GLY A 1822 97.16 -6.20 -29.42
C GLY A 1822 96.71 -7.50 -30.04
N GLY A 1823 97.31 -7.90 -31.15
CA GLY A 1823 96.95 -9.15 -31.79
C GLY A 1823 97.63 -10.36 -31.18
N GLN A 1824 98.63 -10.13 -30.33
CA GLN A 1824 99.34 -11.22 -29.68
C GLN A 1824 98.73 -11.61 -28.33
N HIS A 1825 97.74 -10.86 -27.85
CA HIS A 1825 97.07 -11.14 -26.57
C HIS A 1825 98.08 -11.23 -25.43
N ALA A 1826 98.91 -10.19 -25.30
CA ALA A 1826 99.87 -10.13 -24.22
C ALA A 1826 99.17 -9.97 -22.88
N ARG A 1827 99.78 -10.54 -21.84
CA ARG A 1827 99.21 -10.51 -20.49
C ARG A 1827 99.59 -9.27 -19.71
N ASP A 1828 100.42 -8.40 -20.26
CA ASP A 1828 100.81 -7.14 -19.62
C ASP A 1828 100.62 -6.00 -20.60
N PRO A 1829 99.38 -5.59 -20.84
CA PRO A 1829 99.13 -4.46 -21.75
C PRO A 1829 99.67 -3.17 -21.19
N VAL A 1830 100.02 -2.24 -22.09
CA VAL A 1830 100.52 -0.95 -21.67
C VAL A 1830 99.44 -0.23 -20.88
N GLY A 1831 99.79 0.19 -19.66
CA GLY A 1831 98.84 0.81 -18.77
C GLY A 1831 98.05 -0.17 -17.91
N GLY A 1832 98.22 -1.47 -18.11
CA GLY A 1832 97.53 -2.47 -17.32
C GLY A 1832 96.21 -2.96 -17.90
N SER A 1833 95.74 -2.36 -18.99
CA SER A 1833 94.49 -2.78 -19.58
C SER A 1833 94.49 -2.41 -21.07
N VAL A 1834 93.56 -3.02 -21.81
CA VAL A 1834 93.40 -2.67 -23.22
C VAL A 1834 92.88 -1.25 -23.36
N GLU A 1835 91.95 -0.85 -22.48
CA GLU A 1835 91.43 0.51 -22.51
C GLU A 1835 92.54 1.52 -22.25
N PHE A 1836 93.34 1.29 -21.20
CA PHE A 1836 94.42 2.21 -20.88
C PHE A 1836 95.54 2.20 -21.92
N GLN A 1837 95.52 1.22 -22.83
CA GLN A 1837 96.50 1.17 -23.92
C GLN A 1837 95.98 1.83 -25.19
N PHE A 1838 94.68 1.79 -25.44
CA PHE A 1838 94.12 2.26 -26.70
C PHE A 1838 93.45 3.63 -26.60
N VAL A 1839 92.68 3.88 -25.53
CA VAL A 1839 91.92 5.13 -25.45
C VAL A 1839 92.82 6.36 -25.45
N PRO A 1840 93.89 6.45 -24.64
CA PRO A 1840 94.71 7.68 -24.64
C PRO A 1840 95.34 7.99 -25.99
N VAL A 1841 95.74 6.98 -26.76
CA VAL A 1841 96.34 7.24 -28.06
C VAL A 1841 95.28 7.47 -29.13
N LEU A 1842 94.12 6.79 -29.03
CA LEU A 1842 93.05 7.03 -29.99
C LEU A 1842 92.49 8.44 -29.85
N LYS A 1843 92.39 8.95 -28.62
CA LYS A 1843 91.94 10.33 -28.43
C LYS A 1843 92.89 11.31 -29.10
N LEU A 1844 94.20 11.10 -28.95
CA LEU A 1844 95.18 11.98 -29.60
C LEU A 1844 95.10 11.88 -31.12
N VAL A 1845 94.93 10.66 -31.64
CA VAL A 1845 94.83 10.47 -33.08
C VAL A 1845 93.59 11.19 -33.62
N SER A 1846 92.45 11.04 -32.94
CA SER A 1846 91.23 11.72 -33.37
C SER A 1846 91.39 13.24 -33.29
N THR A 1847 92.01 13.73 -32.23
CA THR A 1847 92.21 15.17 -32.10
C THR A 1847 93.08 15.72 -33.21
N LEU A 1848 94.17 15.01 -33.55
CA LEU A 1848 95.02 15.47 -34.64
C LEU A 1848 94.35 15.31 -36.00
N LEU A 1849 93.46 14.33 -36.15
CA LEU A 1849 92.73 14.17 -37.39
C LEU A 1849 91.74 15.31 -37.60
N VAL A 1850 91.00 15.69 -36.55
CA VAL A 1850 90.12 16.84 -36.65
C VAL A 1850 90.92 18.10 -36.89
N MET A 1851 92.12 18.19 -36.30
CA MET A 1851 92.99 19.34 -36.51
C MET A 1851 93.44 19.48 -37.96
N GLY A 1852 93.28 18.44 -38.77
CA GLY A 1852 93.75 18.47 -40.14
C GLY A 1852 95.26 18.50 -40.27
N ILE A 1853 95.95 17.74 -39.42
CA ILE A 1853 97.42 17.69 -39.46
C ILE A 1853 97.91 16.53 -40.32
N PHE A 1854 97.23 15.38 -40.26
CA PHE A 1854 97.65 14.22 -41.03
C PHE A 1854 97.56 14.51 -42.52
N GLY A 1855 98.59 14.08 -43.26
CA GLY A 1855 98.63 14.21 -44.69
C GLY A 1855 97.87 13.10 -45.39
N ASP A 1856 97.97 13.10 -46.72
CA ASP A 1856 97.30 12.06 -47.49
C ASP A 1856 97.86 10.68 -47.19
N GLU A 1857 99.19 10.56 -47.14
CA GLU A 1857 99.81 9.27 -46.84
C GLU A 1857 99.48 8.82 -45.43
N ASP A 1858 99.48 9.74 -44.47
CA ASP A 1858 99.14 9.39 -43.09
C ASP A 1858 97.67 8.98 -42.98
N VAL A 1859 96.79 9.65 -43.73
CA VAL A 1859 95.39 9.26 -43.74
C VAL A 1859 95.23 7.85 -44.31
N LYS A 1860 95.96 7.54 -45.39
CA LYS A 1860 95.92 6.19 -45.93
C LYS A 1860 96.46 5.18 -44.93
N GLN A 1861 97.51 5.53 -44.21
CA GLN A 1861 98.05 4.63 -43.18
C GLN A 1861 97.04 4.36 -42.08
N ILE A 1862 96.34 5.41 -41.63
CA ILE A 1862 95.32 5.25 -40.60
C ILE A 1862 94.20 4.36 -41.11
N LEU A 1863 93.77 4.57 -42.36
CA LEU A 1863 92.70 3.76 -42.93
C LEU A 1863 93.12 2.30 -43.03
N LYS A 1864 94.37 2.04 -43.43
CA LYS A 1864 94.86 0.67 -43.47
C LYS A 1864 94.93 0.06 -42.08
N MET A 1865 95.31 0.86 -41.08
CA MET A 1865 95.36 0.37 -39.71
C MET A 1865 93.97 -0.02 -39.20
N ILE A 1866 92.97 0.81 -39.51
CA ILE A 1866 91.62 0.55 -39.03
C ILE A 1866 91.06 -0.71 -39.68
N GLU A 1867 91.19 -0.82 -40.99
CA GLU A 1867 90.67 -1.98 -41.73
C GLU A 1867 91.50 -2.13 -43.00
N PRO A 1868 92.47 -3.04 -43.01
CA PRO A 1868 93.31 -3.20 -44.21
C PRO A 1868 92.64 -3.95 -45.34
N GLU A 1869 91.57 -4.71 -45.06
CA GLU A 1869 90.92 -5.47 -46.12
C GLU A 1869 90.20 -4.55 -47.11
N VAL A 1870 89.56 -3.50 -46.62
CA VAL A 1870 88.77 -2.61 -47.45
C VAL A 1870 89.56 -1.39 -47.90
N PHE A 1871 90.36 -0.81 -47.00
CA PHE A 1871 91.03 0.46 -47.26
C PHE A 1871 92.42 0.29 -47.86
N THR A 1872 92.66 -0.80 -48.59
CA THR A 1872 93.92 -1.03 -49.26
C THR A 1872 93.81 -0.67 -50.74
N GLU A 1873 94.93 -0.21 -51.31
CA GLU A 1873 94.97 0.14 -52.71
C GLU A 1873 95.19 -1.10 -53.57
N GLU A 1874 94.42 -1.23 -54.64
CA GLU A 1874 94.53 -2.38 -55.54
C GLU A 1874 95.62 -2.15 -56.58
N ASP A 1921 94.33 -12.81 -40.87
CA ASP A 1921 95.53 -13.50 -40.43
C ASP A 1921 96.79 -12.76 -40.86
N LEU A 1922 96.60 -11.62 -41.54
CA LEU A 1922 97.70 -10.81 -42.05
C LEU A 1922 97.44 -9.36 -41.62
N GLU A 1923 97.93 -9.00 -40.43
CA GLU A 1923 97.82 -7.64 -39.89
C GLU A 1923 96.35 -7.22 -39.79
N GLU A 1924 95.63 -7.93 -38.92
CA GLU A 1924 94.23 -7.63 -38.70
C GLU A 1924 94.05 -6.22 -38.15
N GLY A 1925 92.98 -5.56 -38.57
CA GLY A 1925 92.72 -4.18 -38.18
C GLY A 1925 92.12 -4.06 -36.80
N LEU A 1926 91.88 -2.80 -36.42
CA LEU A 1926 91.27 -2.52 -35.12
C LEU A 1926 89.86 -3.06 -35.03
N LEU A 1927 89.07 -2.93 -36.10
CA LEU A 1927 87.68 -3.31 -36.07
C LEU A 1927 87.48 -4.82 -35.90
N GLN A 1928 88.46 -5.62 -36.27
CA GLN A 1928 88.35 -7.08 -36.16
C GLN A 1928 88.78 -7.60 -34.81
N MET A 1929 89.28 -6.74 -33.92
CA MET A 1929 89.70 -7.16 -32.59
C MET A 1929 88.52 -7.10 -31.62
N LYS A 1930 88.76 -7.60 -30.41
CA LYS A 1930 87.77 -7.57 -29.33
C LYS A 1930 88.13 -6.39 -28.42
N LEU A 1931 87.32 -5.33 -28.51
CA LEU A 1931 87.60 -4.10 -27.77
C LEU A 1931 86.47 -3.80 -26.77
N PRO A 1932 86.79 -3.17 -25.66
CA PRO A 1932 85.75 -2.73 -24.72
C PRO A 1932 85.01 -1.51 -25.26
N GLU A 1933 84.00 -1.08 -24.51
CA GLU A 1933 83.15 0.02 -24.97
C GLU A 1933 83.91 1.34 -25.04
N SER A 1934 84.88 1.55 -24.14
CA SER A 1934 85.63 2.80 -24.15
C SER A 1934 86.41 2.97 -25.45
N VAL A 1935 87.02 1.88 -25.94
CA VAL A 1935 87.71 1.94 -27.23
C VAL A 1935 86.72 2.06 -28.37
N LYS A 1936 85.55 1.43 -28.25
CA LYS A 1936 84.55 1.48 -29.30
C LYS A 1936 84.01 2.89 -29.50
N LEU A 1937 83.88 3.66 -28.42
CA LEU A 1937 83.45 5.06 -28.56
C LEU A 1937 84.47 5.86 -29.37
N GLN A 1938 85.75 5.67 -29.08
CA GLN A 1938 86.78 6.37 -29.84
C GLN A 1938 86.78 5.93 -31.31
N MET A 1939 86.57 4.64 -31.56
CA MET A 1939 86.47 4.18 -32.96
C MET A 1939 85.26 4.81 -33.66
N CYS A 1940 84.14 4.96 -32.95
CA CYS A 1940 82.98 5.62 -33.52
C CYS A 1940 83.30 7.07 -33.88
N ASN A 1941 84.01 7.78 -33.00
CA ASN A 1941 84.43 9.14 -33.33
C ASN A 1941 85.33 9.16 -34.55
N LEU A 1942 86.28 8.22 -34.62
CA LEU A 1942 87.21 8.16 -35.75
C LEU A 1942 86.48 7.96 -37.06
N LEU A 1943 85.47 7.08 -37.07
CA LEU A 1943 84.68 6.86 -38.29
C LEU A 1943 83.75 8.03 -38.59
N GLU A 1944 83.25 8.71 -37.56
CA GLU A 1944 82.45 9.91 -37.78
C GLU A 1944 83.26 10.97 -38.51
N TYR A 1945 84.55 11.10 -38.17
CA TYR A 1945 85.40 12.04 -38.90
C TYR A 1945 85.44 11.73 -40.40
N PHE A 1946 85.62 10.46 -40.75
CA PHE A 1946 85.70 10.08 -42.16
C PHE A 1946 84.36 10.30 -42.86
N CYS A 1947 83.26 10.02 -42.16
CA CYS A 1947 81.94 10.27 -42.76
C CYS A 1947 81.74 11.77 -43.04
N ASP A 1948 82.16 12.62 -42.10
CA ASP A 1948 82.08 14.05 -42.32
C ASP A 1948 82.95 14.48 -43.50
N GLN A 1949 84.14 13.89 -43.62
CA GLN A 1949 85.01 14.20 -44.74
C GLN A 1949 84.35 13.81 -46.06
N GLU A 1950 83.70 12.65 -46.11
CA GLU A 1950 83.01 12.23 -47.33
C GLU A 1950 81.88 13.18 -47.69
N LEU A 1951 81.11 13.62 -46.69
CA LEU A 1951 80.01 14.56 -46.96
C LEU A 1951 80.55 15.88 -47.48
N GLN A 1952 81.63 16.39 -46.88
CA GLN A 1952 82.24 17.63 -47.34
C GLN A 1952 82.74 17.50 -48.77
N HIS A 1953 83.36 16.36 -49.10
CA HIS A 1953 83.82 16.12 -50.46
C HIS A 1953 82.65 16.11 -51.44
N ARG A 1954 81.53 15.49 -51.05
CA ARG A 1954 80.35 15.48 -51.92
C ARG A 1954 79.86 16.90 -52.18
N VAL A 1955 79.79 17.73 -51.13
CA VAL A 1955 79.32 19.09 -51.30
C VAL A 1955 80.25 19.88 -52.23
N GLU A 1956 81.57 19.75 -52.01
CA GLU A 1956 82.53 20.47 -52.84
C GLU A 1956 82.44 20.04 -54.30
N SER A 1957 82.28 18.74 -54.53
CA SER A 1957 82.14 18.23 -55.89
C SER A 1957 80.87 18.75 -56.55
N LEU A 1958 79.78 18.83 -55.78
CA LEU A 1958 78.53 19.36 -56.33
C LEU A 1958 78.71 20.82 -56.75
N ALA A 1959 79.40 21.62 -55.92
CA ALA A 1959 79.67 23.00 -56.31
C ALA A 1959 80.57 23.07 -57.54
N ALA A 1960 81.57 22.19 -57.62
CA ALA A 1960 82.45 22.19 -58.78
C ALA A 1960 81.68 21.90 -60.07
N PHE A 1961 80.75 20.93 -60.02
CA PHE A 1961 79.90 20.67 -61.17
C PHE A 1961 78.99 21.86 -61.47
N ALA A 1962 78.49 22.51 -60.42
CA ALA A 1962 77.62 23.67 -60.61
C ALA A 1962 78.31 24.77 -61.39
N GLU A 1963 79.60 24.98 -61.13
CA GLU A 1963 80.35 26.00 -61.88
C GLU A 1963 80.31 25.73 -63.38
N ARG A 1964 80.69 24.50 -63.79
CA ARG A 1964 80.73 24.16 -65.20
C ARG A 1964 79.35 24.22 -65.82
N TYR A 1965 78.33 23.72 -65.11
CA TYR A 1965 76.98 23.76 -65.67
C TYR A 1965 76.49 25.19 -65.83
N VAL A 1966 76.81 26.07 -64.89
CA VAL A 1966 76.43 27.47 -65.01
C VAL A 1966 77.10 28.09 -66.23
N ASP A 1967 78.39 27.80 -66.44
CA ASP A 1967 79.08 28.34 -67.61
C ASP A 1967 78.43 27.87 -68.91
N LYS A 1968 78.15 26.56 -69.00
CA LYS A 1968 77.54 26.03 -70.21
C LYS A 1968 76.15 26.61 -70.45
N LEU A 1969 75.35 26.74 -69.39
CA LEU A 1969 74.01 27.30 -69.52
C LEU A 1969 74.07 28.76 -69.95
N GLN A 1970 75.02 29.53 -69.40
CA GLN A 1970 75.18 30.91 -69.82
C GLN A 1970 75.53 31.02 -71.30
N ALA A 1971 76.45 30.16 -71.76
CA ALA A 1971 76.80 30.17 -73.18
C ALA A 1971 75.60 29.81 -74.05
N ASN A 1972 74.85 28.78 -73.66
CA ASN A 1972 73.69 28.37 -74.44
C ASN A 1972 72.62 29.46 -74.49
N GLN A 1973 72.36 30.11 -73.36
CA GLN A 1973 71.36 31.17 -73.35
C GLN A 1973 71.81 32.38 -74.15
N ARG A 1974 73.10 32.72 -74.10
CA ARG A 1974 73.61 33.80 -74.94
C ARG A 1974 73.42 33.48 -76.42
N SER A 1975 73.72 32.24 -76.81
CA SER A 1975 73.51 31.84 -78.20
C SER A 1975 72.03 31.91 -78.58
N ARG A 1976 71.15 31.46 -77.69
CA ARG A 1976 69.72 31.50 -77.97
C ARG A 1976 69.22 32.92 -78.14
N TYR A 1977 69.66 33.85 -77.28
CA TYR A 1977 69.25 35.24 -77.42
C TYR A 1977 69.83 35.87 -78.67
N ALA A 1978 71.07 35.50 -79.05
CA ALA A 1978 71.62 36.00 -80.30
C ALA A 1978 70.79 35.52 -81.49
N LEU A 1979 70.36 34.27 -81.47
CA LEU A 1979 69.49 33.75 -82.53
C LEU A 1979 68.16 34.49 -82.54
N LEU A 1980 67.59 34.75 -81.37
CA LEU A 1980 66.32 35.46 -81.30
C LEU A 1980 66.44 36.89 -81.83
N MET A 1981 67.56 37.55 -81.54
CA MET A 1981 67.74 38.94 -81.98
C MET A 1981 68.04 39.02 -83.47
N ARG A 1982 69.11 38.36 -83.92
CA ARG A 1982 69.50 38.46 -85.33
C ARG A 1982 68.46 37.79 -86.23
N ALA A 1983 68.09 36.55 -85.93
CA ALA A 1983 67.12 35.82 -86.72
C ALA A 1983 65.71 36.00 -86.15
N PHE A 1984 64.78 35.18 -86.61
CA PHE A 1984 63.40 35.16 -86.11
C PHE A 1984 62.70 36.50 -86.33
N THR A 1985 62.68 36.93 -87.59
CA THR A 1985 62.02 38.16 -87.99
C THR A 1985 60.78 37.91 -88.84
N MET A 1986 60.33 36.65 -88.96
CA MET A 1986 59.20 36.30 -89.80
C MET A 1986 57.96 35.87 -89.02
N SER A 1987 58.09 35.59 -87.73
CA SER A 1987 56.96 35.15 -86.93
C SER A 1987 56.26 36.37 -86.31
N ALA A 1988 55.32 36.11 -85.40
CA ALA A 1988 54.56 37.18 -84.74
C ALA A 1988 55.27 37.64 -83.48
N ALA A 1989 56.53 38.03 -83.62
CA ALA A 1989 57.41 38.58 -82.58
C ALA A 1989 57.77 37.56 -81.51
N GLU A 1990 57.22 36.34 -81.56
CA GLU A 1990 57.54 35.28 -80.60
C GLU A 1990 57.39 35.75 -79.16
N THR A 1991 56.27 36.42 -78.89
CA THR A 1991 56.04 36.95 -77.55
C THR A 1991 55.89 35.84 -76.52
N ALA A 1992 55.33 34.69 -76.91
CA ALA A 1992 55.19 33.58 -75.98
C ALA A 1992 56.54 32.96 -75.64
N ARG A 1993 57.43 32.88 -76.63
CA ARG A 1993 58.76 32.31 -76.42
C ARG A 1993 59.75 33.30 -75.84
N ARG A 1994 59.36 34.57 -75.68
CA ARG A 1994 60.25 35.60 -75.16
C ARG A 1994 59.84 36.12 -73.80
N THR A 1995 58.59 36.57 -73.65
CA THR A 1995 58.15 37.13 -72.38
C THR A 1995 58.00 36.08 -71.28
N ARG A 1996 57.85 34.81 -71.65
CA ARG A 1996 57.70 33.74 -70.67
C ARG A 1996 59.03 33.17 -70.19
N GLU A 1997 60.14 33.54 -70.83
CA GLU A 1997 61.45 33.01 -70.45
C GLU A 1997 62.43 34.09 -70.04
N PHE A 1998 62.58 35.16 -70.83
CA PHE A 1998 63.59 36.18 -70.56
C PHE A 1998 63.04 37.36 -69.77
N ARG A 1999 61.76 37.37 -69.41
CA ARG A 1999 61.20 38.44 -68.60
C ARG A 1999 61.07 38.07 -67.13
N SER A 2000 61.11 36.79 -66.80
CA SER A 2000 61.03 36.35 -65.42
C SER A 2000 62.31 36.70 -64.67
N PRO A 2001 62.25 36.81 -63.35
CA PRO A 2001 63.47 37.06 -62.56
C PRO A 2001 64.44 35.91 -62.71
N PRO A 2002 65.74 36.16 -62.51
CA PRO A 2002 66.73 35.08 -62.71
C PRO A 2002 66.49 33.87 -61.83
N GLN A 2003 65.93 34.06 -60.62
CA GLN A 2003 65.52 32.92 -59.82
C GLN A 2003 64.42 32.13 -60.53
N GLU A 2004 63.46 32.82 -61.11
CA GLU A 2004 62.39 32.16 -61.86
C GLU A 2004 62.85 31.65 -63.22
N GLN A 2005 64.05 32.01 -63.66
CA GLN A 2005 64.59 31.56 -64.94
C GLN A 2005 65.41 30.29 -64.84
N ILE A 2006 65.55 29.72 -63.65
CA ILE A 2006 66.40 28.56 -63.45
C ILE A 2006 65.61 27.38 -62.91
N ASN A 2007 64.47 27.67 -62.26
CA ASN A 2007 63.63 26.60 -61.73
C ASN A 2007 62.96 25.83 -62.86
N MET A 2008 62.36 26.54 -63.82
CA MET A 2008 61.69 25.85 -64.92
C MET A 2008 62.68 25.38 -65.96
N LEU A 2009 63.93 25.83 -65.89
CA LEU A 2009 64.96 25.35 -66.80
C LEU A 2009 65.54 24.01 -66.37
N LEU A 2010 65.26 23.58 -65.14
CA LEU A 2010 65.74 22.31 -64.61
C LEU A 2010 64.65 21.23 -64.62
N HIS A 2011 63.66 21.38 -65.50
CA HIS A 2011 62.55 20.45 -65.59
C HIS A 2011 62.76 19.42 -66.70
N PHE A 2012 64.01 19.14 -67.07
CA PHE A 2012 64.30 18.28 -68.20
C PHE A 2012 63.80 16.85 -67.94
N LYS A 2013 64.37 16.18 -66.96
CA LYS A 2013 64.05 14.80 -66.65
C LYS A 2013 63.15 14.73 -65.43
N ASP A 2014 62.97 13.51 -64.91
CA ASP A 2014 62.12 13.10 -63.78
C ASP A 2014 60.66 13.03 -64.19
N GLU A 2015 60.28 13.43 -65.40
CA GLU A 2015 58.93 13.24 -65.90
C GLU A 2015 58.97 12.60 -67.27
N ALA A 2016 60.01 12.90 -68.05
CA ALA A 2016 60.26 12.39 -69.39
C ALA A 2016 59.16 12.77 -70.38
N ASP A 2017 58.21 13.60 -69.98
CA ASP A 2017 57.16 14.05 -70.88
C ASP A 2017 56.81 15.52 -70.75
N GLU A 2018 57.43 16.25 -69.81
CA GLU A 2018 57.16 17.67 -69.58
C GLU A 2018 58.49 18.40 -69.56
N GLU A 2019 58.99 18.79 -70.74
CA GLU A 2019 60.22 19.57 -70.81
C GLU A 2019 59.95 21.05 -70.58
N ASP A 2020 59.17 21.67 -71.49
CA ASP A 2020 58.75 23.07 -71.36
C ASP A 2020 59.93 24.01 -71.17
N CYS A 2021 61.11 23.61 -71.62
CA CYS A 2021 62.31 24.40 -71.48
C CYS A 2021 63.13 24.34 -72.76
N PRO A 2022 63.84 25.42 -73.10
CA PRO A 2022 64.71 25.43 -74.28
C PRO A 2022 66.10 24.82 -74.02
N LEU A 2023 66.11 23.65 -73.40
CA LEU A 2023 67.35 22.96 -73.07
C LEU A 2023 67.69 21.94 -74.13
N PRO A 2024 68.86 22.04 -74.77
CA PRO A 2024 69.25 21.00 -75.73
C PRO A 2024 69.40 19.64 -75.07
N GLU A 2025 69.21 18.59 -75.86
CA GLU A 2025 69.17 17.23 -75.31
C GLU A 2025 70.51 16.83 -74.69
N ASP A 2026 71.62 17.23 -75.31
CA ASP A 2026 72.94 16.85 -74.80
C ASP A 2026 73.22 17.44 -73.42
N ILE A 2027 72.82 18.68 -73.18
CA ILE A 2027 73.01 19.28 -71.85
C ILE A 2027 72.20 18.54 -70.80
N ARG A 2028 70.95 18.19 -71.13
CA ARG A 2028 70.14 17.39 -70.22
C ARG A 2028 70.78 16.03 -69.95
N GLN A 2029 71.35 15.41 -70.99
CA GLN A 2029 72.04 14.14 -70.81
C GLN A 2029 73.24 14.27 -69.89
N ASP A 2030 74.01 15.35 -70.04
CA ASP A 2030 75.15 15.57 -69.17
C ASP A 2030 74.73 15.75 -67.72
N LEU A 2031 73.67 16.56 -67.50
CA LEU A 2031 73.21 16.76 -66.13
C LEU A 2031 72.63 15.48 -65.55
N GLN A 2032 71.95 14.68 -66.36
CA GLN A 2032 71.44 13.39 -65.91
C GLN A 2032 72.58 12.44 -65.55
N ASP A 2033 73.67 12.46 -66.34
CA ASP A 2033 74.83 11.65 -66.01
C ASP A 2033 75.43 12.07 -64.67
N PHE A 2034 75.53 13.38 -64.43
CA PHE A 2034 76.04 13.83 -63.13
C PHE A 2034 75.11 13.43 -62.00
N HIS A 2035 73.80 13.53 -62.21
CA HIS A 2035 72.84 13.14 -61.18
C HIS A 2035 72.94 11.65 -60.88
N GLN A 2036 73.11 10.83 -61.92
CA GLN A 2036 73.31 9.39 -61.71
C GLN A 2036 74.59 9.12 -60.94
N ASP A 2037 75.66 9.84 -61.26
CA ASP A 2037 76.92 9.67 -60.52
C ASP A 2037 76.74 10.05 -59.04
N LEU A 2038 76.05 11.16 -58.78
CA LEU A 2038 75.81 11.56 -57.39
C LEU A 2038 74.96 10.55 -56.65
N LEU A 2039 73.93 10.01 -57.33
CA LEU A 2039 73.10 8.98 -56.72
C LEU A 2039 73.91 7.73 -56.41
N ALA A 2040 74.83 7.36 -57.31
CA ALA A 2040 75.69 6.21 -57.07
C ALA A 2040 76.61 6.45 -55.89
N HIS A 2041 77.13 7.69 -55.75
CA HIS A 2041 78.05 7.98 -54.66
C HIS A 2041 77.37 7.85 -53.30
N CYS A 2042 76.09 8.22 -53.22
CA CYS A 2042 75.36 8.20 -51.95
C CYS A 2042 74.94 6.81 -51.51
N GLY A 2043 75.40 5.76 -52.19
CA GLY A 2043 75.07 4.40 -51.79
C GLY A 2043 73.68 3.94 -52.15
N ILE A 2044 72.96 4.68 -52.99
CA ILE A 2044 71.61 4.32 -53.39
C ILE A 2044 71.60 3.94 -54.87
N GLN A 2045 72.73 3.40 -55.33
CA GLN A 2045 72.91 3.04 -56.74
C GLN A 2045 72.11 1.78 -57.05
N LEU A 2046 72.37 1.22 -58.24
CA LEU A 2046 71.69 0.02 -58.73
C LEU A 2046 70.18 0.24 -58.85
N GLU A 2047 69.82 1.31 -59.55
CA GLU A 2047 68.42 1.67 -59.79
C GLU A 2047 67.63 1.82 -58.50
N GLU A 2088 77.42 -12.81 -48.15
CA GLU A 2088 78.58 -13.11 -47.33
C GLU A 2088 79.82 -12.38 -47.85
N LYS A 2089 79.62 -11.60 -48.91
CA LYS A 2089 80.72 -10.84 -49.50
C LYS A 2089 81.18 -9.74 -48.55
N LYS A 2090 82.50 -9.53 -48.48
CA LYS A 2090 83.04 -8.50 -47.62
C LYS A 2090 82.67 -7.11 -48.15
N PRO A 2091 82.44 -6.15 -47.25
CA PRO A 2091 82.11 -4.80 -47.70
C PRO A 2091 83.26 -4.15 -48.45
N GLN A 2092 82.92 -3.30 -49.41
CA GLN A 2092 83.90 -2.60 -50.22
C GLN A 2092 83.80 -1.09 -50.10
N SER A 2093 82.84 -0.57 -49.34
CA SER A 2093 82.67 0.86 -49.17
C SER A 2093 82.56 1.19 -47.69
N LEU A 2094 82.73 2.48 -47.38
CA LEU A 2094 82.69 2.92 -45.98
C LEU A 2094 81.31 2.68 -45.37
N GLN A 2095 80.24 2.97 -46.13
CA GLN A 2095 78.90 2.84 -45.59
C GLN A 2095 78.57 1.40 -45.21
N GLU A 2096 78.86 0.45 -46.10
CA GLU A 2096 78.59 -0.96 -45.82
C GLU A 2096 79.40 -1.44 -44.63
N LEU A 2097 80.69 -1.07 -44.58
CA LEU A 2097 81.54 -1.50 -43.48
C LEU A 2097 81.02 -0.96 -42.15
N VAL A 2098 80.66 0.32 -42.10
CA VAL A 2098 80.20 0.90 -40.84
C VAL A 2098 78.87 0.30 -40.43
N SER A 2099 77.96 0.08 -41.39
CA SER A 2099 76.66 -0.50 -41.04
C SER A 2099 76.83 -1.92 -40.50
N HIS A 2100 77.60 -2.76 -41.19
CA HIS A 2100 77.82 -4.12 -40.72
C HIS A 2100 78.52 -4.13 -39.37
N MET A 2101 79.50 -3.24 -39.19
CA MET A 2101 80.21 -3.12 -37.92
C MET A 2101 79.26 -2.75 -36.78
N VAL A 2102 78.40 -1.76 -36.98
CA VAL A 2102 77.49 -1.33 -35.92
C VAL A 2102 76.50 -2.43 -35.60
N VAL A 2103 75.96 -3.09 -36.62
CA VAL A 2103 75.02 -4.18 -36.38
C VAL A 2103 75.71 -5.32 -35.63
N ARG A 2104 76.95 -5.63 -35.99
CA ARG A 2104 77.68 -6.70 -35.30
C ARG A 2104 77.96 -6.32 -33.85
N TRP A 2105 78.36 -5.08 -33.59
CA TRP A 2105 78.60 -4.66 -32.22
C TRP A 2105 77.34 -4.75 -31.38
N ALA A 2106 76.20 -4.30 -31.93
CA ALA A 2106 74.96 -4.36 -31.18
C ALA A 2106 74.46 -5.79 -31.00
N GLN A 2107 74.75 -6.68 -31.96
CA GLN A 2107 74.30 -8.05 -31.85
C GLN A 2107 75.13 -8.84 -30.86
N GLU A 2108 76.45 -8.63 -30.84
CA GLU A 2108 77.34 -9.44 -30.01
C GLU A 2108 77.03 -9.28 -28.53
N ASP A 2109 76.95 -8.04 -28.05
CA ASP A 2109 76.77 -7.78 -26.63
C ASP A 2109 75.70 -6.72 -26.43
N TYR A 2110 75.10 -6.74 -25.24
CA TYR A 2110 74.12 -5.74 -24.84
C TYR A 2110 74.87 -4.53 -24.33
N VAL A 2111 74.97 -3.50 -25.18
CA VAL A 2111 75.74 -2.31 -24.82
C VAL A 2111 75.03 -1.57 -23.70
N GLN A 2112 75.78 -1.16 -22.68
CA GLN A 2112 75.22 -0.53 -21.49
C GLN A 2112 75.40 0.97 -21.46
N SER A 2113 76.53 1.48 -21.94
CA SER A 2113 76.79 2.92 -21.88
C SER A 2113 75.93 3.65 -22.89
N PRO A 2114 75.09 4.61 -22.47
CA PRO A 2114 74.22 5.31 -23.43
C PRO A 2114 74.96 6.08 -24.50
N GLU A 2115 76.13 6.64 -24.17
CA GLU A 2115 76.87 7.45 -25.15
C GLU A 2115 77.30 6.61 -26.34
N LEU A 2116 77.83 5.42 -26.08
CA LEU A 2116 78.25 4.55 -27.18
C LEU A 2116 77.05 4.13 -28.03
N VAL A 2117 75.92 3.82 -27.38
CA VAL A 2117 74.72 3.42 -28.12
C VAL A 2117 74.25 4.53 -29.04
N ARG A 2118 74.19 5.76 -28.51
CA ARG A 2118 73.80 6.90 -29.33
C ARG A 2118 74.77 7.09 -30.48
N ALA A 2119 76.07 6.93 -30.22
CA ALA A 2119 77.06 7.06 -31.28
C ALA A 2119 76.84 6.05 -32.40
N MET A 2120 76.69 4.76 -32.05
CA MET A 2120 76.55 3.75 -33.10
C MET A 2120 75.28 3.97 -33.89
N PHE A 2121 74.18 4.30 -33.20
CA PHE A 2121 72.92 4.45 -33.93
C PHE A 2121 72.92 5.70 -34.80
N SER A 2122 73.52 6.80 -34.34
CA SER A 2122 73.65 7.98 -35.18
C SER A 2122 74.51 7.68 -36.42
N LEU A 2123 75.62 6.97 -36.21
CA LEU A 2123 76.48 6.62 -37.34
C LEU A 2123 75.75 5.73 -38.34
N LEU A 2124 74.99 4.75 -37.84
CA LEU A 2124 74.25 3.85 -38.72
C LEU A 2124 73.18 4.61 -39.50
N HIS A 2125 72.48 5.53 -38.84
CA HIS A 2125 71.47 6.33 -39.52
C HIS A 2125 72.10 7.20 -40.61
N ARG A 2126 73.26 7.78 -40.32
CA ARG A 2126 73.97 8.56 -41.34
C ARG A 2126 74.38 7.69 -42.52
N GLN A 2127 74.89 6.48 -42.24
CA GLN A 2127 75.34 5.61 -43.32
C GLN A 2127 74.17 5.15 -44.20
N TYR A 2128 73.05 4.76 -43.59
CA TYR A 2128 71.93 4.25 -44.36
C TYR A 2128 71.29 5.34 -45.21
N ASP A 2129 71.15 6.54 -44.67
CA ASP A 2129 70.49 7.65 -45.36
C ASP A 2129 71.54 8.73 -45.63
N GLY A 2130 72.06 8.75 -46.86
CA GLY A 2130 73.06 9.72 -47.24
C GLY A 2130 72.48 10.89 -48.00
N LEU A 2131 71.45 10.65 -48.81
CA LEU A 2131 70.81 11.73 -49.56
C LEU A 2131 70.16 12.73 -48.62
N GLY A 2132 69.52 12.26 -47.56
CA GLY A 2132 68.98 13.18 -46.57
C GLY A 2132 70.05 13.98 -45.87
N GLU A 2133 71.19 13.35 -45.58
CA GLU A 2133 72.30 14.07 -44.97
C GLU A 2133 72.81 15.17 -45.90
N LEU A 2134 72.93 14.87 -47.20
CA LEU A 2134 73.32 15.89 -48.16
C LEU A 2134 72.28 16.99 -48.25
N LEU A 2135 70.99 16.64 -48.19
CA LEU A 2135 69.94 17.65 -48.22
C LEU A 2135 70.04 18.58 -47.02
N ARG A 2136 70.33 18.02 -45.84
CA ARG A 2136 70.46 18.85 -44.64
C ARG A 2136 71.74 19.68 -44.65
N ALA A 2137 72.81 19.17 -45.26
CA ALA A 2137 74.07 19.91 -45.30
C ALA A 2137 74.10 20.98 -46.39
N LEU A 2138 73.24 20.85 -47.41
CA LEU A 2138 73.25 21.83 -48.51
C LEU A 2138 72.97 23.27 -48.08
N PRO A 2139 72.00 23.57 -47.20
CA PRO A 2139 71.72 24.98 -46.89
C PRO A 2139 72.90 25.74 -46.30
N ARG A 2140 73.87 25.05 -45.70
CA ARG A 2140 75.06 25.71 -45.17
C ARG A 2140 76.18 25.82 -46.18
N ALA A 2141 75.97 25.39 -47.42
CA ALA A 2141 76.98 25.49 -48.46
C ALA A 2141 76.84 26.79 -49.22
N TYR A 2142 77.98 27.43 -49.48
CA TYR A 2142 78.00 28.70 -50.20
C TYR A 2142 79.19 28.71 -51.16
N THR A 2143 79.02 29.42 -52.27
CA THR A 2143 80.05 29.53 -53.30
C THR A 2143 80.40 31.00 -53.48
N ILE A 2144 81.70 31.31 -53.45
CA ILE A 2144 82.19 32.67 -53.58
C ILE A 2144 83.28 32.70 -54.64
N SER A 2145 83.61 33.92 -55.10
CA SER A 2145 84.68 34.12 -56.05
C SER A 2145 86.03 34.14 -55.32
N PRO A 2146 87.11 33.77 -56.01
CA PRO A 2146 88.44 33.81 -55.36
C PRO A 2146 88.94 35.20 -55.03
N SER A 2147 88.22 36.26 -55.43
CA SER A 2147 88.65 37.62 -55.15
C SER A 2147 88.25 38.11 -53.77
N SER A 2148 87.46 37.33 -53.02
CA SER A 2148 87.03 37.73 -51.69
C SER A 2148 87.50 36.76 -50.61
N VAL A 2149 88.42 35.85 -50.94
CA VAL A 2149 88.88 34.85 -49.99
C VAL A 2149 89.61 35.51 -48.83
N GLU A 2150 90.46 36.51 -49.13
CA GLU A 2150 91.23 37.17 -48.09
C GLU A 2150 90.31 37.88 -47.08
N ASP A 2151 89.24 38.50 -47.57
CA ASP A 2151 88.33 39.20 -46.68
C ASP A 2151 87.46 38.22 -45.89
N THR A 2152 86.95 37.18 -46.55
CA THR A 2152 86.11 36.22 -45.84
C THR A 2152 86.90 35.41 -44.82
N MET A 2153 88.21 35.24 -45.03
CA MET A 2153 89.02 34.58 -44.02
C MET A 2153 89.09 35.40 -42.73
N SER A 2154 89.27 36.71 -42.86
CA SER A 2154 89.26 37.57 -41.68
C SER A 2154 87.89 37.59 -41.02
N LEU A 2155 86.82 37.61 -41.83
CA LEU A 2155 85.48 37.52 -41.27
C LEU A 2155 85.27 36.23 -40.49
N LEU A 2156 85.74 35.11 -41.05
CA LEU A 2156 85.64 33.83 -40.36
C LEU A 2156 86.44 33.83 -39.07
N GLU A 2157 87.64 34.43 -39.09
CA GLU A 2157 88.44 34.50 -37.88
C GLU A 2157 87.73 35.30 -36.79
N CYS A 2158 87.11 36.42 -37.17
CA CYS A 2158 86.35 37.21 -36.20
C CYS A 2158 85.17 36.41 -35.64
N LEU A 2159 84.45 35.70 -36.52
CA LEU A 2159 83.32 34.89 -36.06
C LEU A 2159 83.79 33.78 -35.10
N GLY A 2160 84.93 33.16 -35.42
CA GLY A 2160 85.48 32.16 -34.52
C GLY A 2160 85.91 32.74 -33.19
N GLN A 2161 86.44 33.96 -33.20
CA GLN A 2161 86.74 34.64 -31.94
C GLN A 2161 85.49 34.85 -31.11
N ILE A 2162 84.39 35.27 -31.76
CA ILE A 2162 83.13 35.43 -31.04
C ILE A 2162 82.67 34.10 -30.45
N ARG A 2163 82.74 33.03 -31.24
CA ARG A 2163 82.31 31.72 -30.76
C ARG A 2163 83.17 31.25 -29.60
N SER A 2164 84.48 31.48 -29.67
CA SER A 2164 85.37 31.09 -28.57
C SER A 2164 85.06 31.88 -27.31
N LEU A 2165 84.79 33.18 -27.44
CA LEU A 2165 84.43 33.99 -26.28
C LEU A 2165 83.05 33.65 -25.74
N LEU A 2166 82.18 33.01 -26.54
CA LEU A 2166 80.85 32.66 -26.08
C LEU A 2166 80.83 31.70 -24.89
N ILE A 2167 81.92 30.98 -24.64
CA ILE A 2167 81.97 29.99 -23.57
C ILE A 2167 82.81 30.48 -22.40
N VAL A 2168 82.93 31.79 -22.21
CA VAL A 2168 83.73 32.38 -21.14
C VAL A 2168 82.82 33.29 -20.33
N GLN A 2169 83.01 33.27 -19.01
CA GLN A 2169 82.24 34.14 -18.13
C GLN A 2169 82.46 35.61 -18.50
N MET A 2170 81.39 36.40 -18.43
CA MET A 2170 81.46 37.79 -18.88
C MET A 2170 82.44 38.58 -18.03
N GLY A 2171 83.30 39.35 -18.71
CA GLY A 2171 84.27 40.18 -18.04
C GLY A 2171 84.68 41.35 -18.91
N PRO A 2172 85.33 42.36 -18.30
CA PRO A 2172 85.71 43.54 -19.08
C PRO A 2172 86.64 43.23 -20.24
N GLN A 2173 87.60 42.34 -20.06
CA GLN A 2173 88.52 42.01 -21.15
C GLN A 2173 87.80 41.23 -22.25
N GLU A 2174 86.97 40.25 -21.88
CA GLU A 2174 86.19 39.54 -22.87
C GLU A 2174 85.20 40.45 -23.57
N GLU A 2175 84.58 41.37 -22.82
CA GLU A 2175 83.67 42.35 -23.44
C GLU A 2175 84.41 43.20 -24.46
N ASN A 2176 85.60 43.69 -24.12
CA ASN A 2176 86.36 44.50 -25.05
C ASN A 2176 86.76 43.71 -26.30
N LEU A 2177 87.22 42.46 -26.10
CA LEU A 2177 87.61 41.64 -27.24
C LEU A 2177 86.42 41.36 -28.17
N MET A 2178 85.27 41.03 -27.59
CA MET A 2178 84.10 40.73 -28.41
C MET A 2178 83.58 41.98 -29.11
N ILE A 2179 83.62 43.14 -28.44
CA ILE A 2179 83.22 44.38 -29.09
C ILE A 2179 84.15 44.71 -30.25
N GLN A 2180 85.46 44.51 -30.06
CA GLN A 2180 86.41 44.77 -31.15
C GLN A 2180 86.15 43.83 -32.32
N SER A 2181 85.90 42.54 -32.04
CA SER A 2181 85.63 41.60 -33.13
C SER A 2181 84.34 41.96 -33.87
N ILE A 2182 83.30 42.36 -33.14
CA ILE A 2182 82.05 42.76 -33.79
C ILE A 2182 82.27 44.00 -34.65
N GLY A 2183 83.03 44.98 -34.14
CA GLY A 2183 83.30 46.17 -34.92
C GLY A 2183 84.10 45.87 -36.18
N ASN A 2184 85.08 44.98 -36.08
CA ASN A 2184 85.80 44.55 -37.27
C ASN A 2184 84.90 43.79 -38.23
N ILE A 2185 83.91 43.07 -37.70
CA ILE A 2185 82.93 42.39 -38.54
C ILE A 2185 82.11 43.41 -39.33
N MET A 2186 81.75 44.53 -38.69
CA MET A 2186 81.02 45.59 -39.39
C MET A 2186 81.77 46.08 -40.63
N ASN A 2187 83.08 46.27 -40.53
CA ASN A 2187 83.84 46.96 -41.56
C ASN A 2187 84.21 46.06 -42.73
N ASN A 2188 83.81 44.79 -42.71
CA ASN A 2188 84.11 43.88 -43.80
C ASN A 2188 83.08 44.05 -44.92
N LYS A 2189 83.57 44.14 -46.16
CA LYS A 2189 82.67 44.31 -47.30
C LYS A 2189 81.84 43.05 -47.57
N VAL A 2190 82.35 41.88 -47.22
CA VAL A 2190 81.60 40.64 -47.39
C VAL A 2190 80.36 40.62 -46.51
N PHE A 2191 80.34 41.40 -45.43
CA PHE A 2191 79.18 41.42 -44.54
C PHE A 2191 77.94 41.92 -45.26
N TYR A 2192 78.06 42.99 -46.04
CA TYR A 2192 76.94 43.53 -46.78
C TYR A 2192 76.96 43.15 -48.26
N GLN A 2193 77.96 42.39 -48.71
CA GLN A 2193 77.97 41.91 -50.09
C GLN A 2193 77.29 40.55 -50.23
N HIS A 2194 77.31 39.72 -49.19
CA HIS A 2194 76.69 38.40 -49.22
C HIS A 2194 75.84 38.21 -47.96
N PRO A 2195 74.67 38.85 -47.90
CA PRO A 2195 73.78 38.66 -46.75
C PRO A 2195 73.32 37.22 -46.57
N ASN A 2196 73.15 36.48 -47.67
CA ASN A 2196 72.73 35.09 -47.57
C ASN A 2196 73.78 34.25 -46.85
N LEU A 2197 75.06 34.49 -47.13
CA LEU A 2197 76.12 33.79 -46.42
C LEU A 2197 76.11 34.14 -44.94
N MET A 2198 75.87 35.41 -44.60
CA MET A 2198 75.79 35.80 -43.20
C MET A 2198 74.65 35.09 -42.50
N ARG A 2199 73.50 34.98 -43.17
CA ARG A 2199 72.36 34.29 -42.57
C ARG A 2199 72.62 32.79 -42.43
N ALA A 2200 73.35 32.20 -43.39
CA ALA A 2200 73.64 30.77 -43.32
C ALA A 2200 74.51 30.43 -42.12
N LEU A 2201 75.48 31.29 -41.81
CA LEU A 2201 76.38 31.04 -40.68
C LEU A 2201 75.71 31.21 -39.33
N GLY A 2202 74.49 31.74 -39.29
CA GLY A 2202 73.81 31.99 -38.02
C GLY A 2202 74.49 33.06 -37.19
N MET A 2203 75.05 34.07 -37.84
CA MET A 2203 75.75 35.14 -37.12
C MET A 2203 74.78 35.93 -36.24
N HIS A 2204 73.59 36.25 -36.76
CA HIS A 2204 72.61 36.97 -35.96
C HIS A 2204 72.18 36.15 -34.76
N GLU A 2205 72.07 34.83 -34.92
CA GLU A 2205 71.75 33.97 -33.79
C GLU A 2205 72.84 34.02 -32.72
N THR A 2206 74.11 34.02 -33.16
CA THR A 2206 75.21 34.10 -32.19
C THR A 2206 75.19 35.42 -31.44
N VAL A 2207 74.97 36.53 -32.14
CA VAL A 2207 74.94 37.82 -31.47
C VAL A 2207 73.73 37.93 -30.55
N MET A 2208 72.59 37.35 -30.96
CA MET A 2208 71.42 37.33 -30.09
C MET A 2208 71.67 36.50 -28.84
N GLU A 2209 72.38 35.38 -28.99
CA GLU A 2209 72.74 34.58 -27.83
C GLU A 2209 73.66 35.35 -26.88
N VAL A 2210 74.62 36.09 -27.43
CA VAL A 2210 75.50 36.90 -26.59
C VAL A 2210 74.69 37.96 -25.85
N MET A 2211 73.76 38.62 -26.55
CA MET A 2211 72.93 39.63 -25.90
C MET A 2211 72.03 39.02 -24.83
N VAL A 2212 71.51 37.82 -25.07
CA VAL A 2212 70.72 37.12 -24.05
C VAL A 2212 71.57 36.83 -22.83
N ASN A 2213 72.82 36.39 -23.05
CA ASN A 2213 73.71 36.09 -21.93
C ASN A 2213 74.00 37.34 -21.10
N VAL A 2214 74.31 38.45 -21.77
CA VAL A 2214 74.65 39.66 -21.01
C VAL A 2214 73.42 40.25 -20.33
N LEU A 2215 72.27 40.20 -21.00
CA LEU A 2215 71.05 40.78 -20.44
C LEU A 2215 70.54 39.95 -19.27
N GLY A 2216 70.19 38.69 -19.53
CA GLY A 2216 69.67 37.82 -18.50
C GLY A 2216 70.72 36.95 -17.84
N ILE A 2223 71.78 45.78 -14.07
CA ILE A 2223 72.37 45.32 -15.32
C ILE A 2223 73.87 45.55 -15.31
N ARG A 2224 74.58 44.85 -16.18
CA ARG A 2224 76.03 44.97 -16.29
C ARG A 2224 76.43 45.03 -17.76
N PHE A 2225 77.57 45.68 -18.01
CA PHE A 2225 78.14 45.85 -19.34
C PHE A 2225 77.14 46.48 -20.31
N PRO A 2226 76.68 47.71 -20.07
CA PRO A 2226 75.73 48.33 -21.00
C PRO A 2226 76.31 48.56 -22.39
N LYS A 2227 77.61 48.87 -22.48
CA LYS A 2227 78.23 49.13 -23.77
C LYS A 2227 78.19 47.89 -24.67
N MET A 2228 78.34 46.70 -24.08
CA MET A 2228 78.21 45.48 -24.86
C MET A 2228 76.81 45.33 -25.43
N VAL A 2229 75.78 45.65 -24.63
CA VAL A 2229 74.41 45.58 -25.11
C VAL A 2229 74.20 46.59 -26.25
N THR A 2230 74.74 47.80 -26.10
CA THR A 2230 74.61 48.78 -27.17
C THR A 2230 75.28 48.30 -28.45
N SER A 2231 76.47 47.71 -28.34
CA SER A 2231 77.15 47.21 -29.52
C SER A 2231 76.37 46.08 -30.19
N CYS A 2232 75.84 45.15 -29.39
CA CYS A 2232 75.07 44.05 -29.97
C CYS A 2232 73.79 44.56 -30.65
N CYS A 2233 73.10 45.51 -30.01
CA CYS A 2233 71.89 46.04 -30.60
C CYS A 2233 72.18 46.83 -31.88
N ARG A 2234 73.30 47.56 -31.89
CA ARG A 2234 73.71 48.26 -33.11
C ARG A 2234 74.02 47.27 -34.22
N PHE A 2235 74.70 46.16 -33.88
CA PHE A 2235 74.97 45.14 -34.89
C PHE A 2235 73.69 44.56 -35.47
N LEU A 2236 72.72 44.26 -34.61
CA LEU A 2236 71.46 43.69 -35.11
C LEU A 2236 70.69 44.71 -35.93
N CYS A 2237 70.70 45.98 -35.52
CA CYS A 2237 70.01 47.01 -36.28
C CYS A 2237 70.62 47.16 -37.67
N TYR A 2238 71.96 47.14 -37.76
CA TYR A 2238 72.60 47.22 -39.07
C TYR A 2238 72.34 45.96 -39.89
N PHE A 2239 72.31 44.80 -39.23
CA PHE A 2239 72.08 43.55 -39.95
C PHE A 2239 70.67 43.49 -40.53
N CYS A 2240 69.70 44.07 -39.83
CA CYS A 2240 68.30 44.03 -40.30
C CYS A 2240 68.14 44.77 -41.62
N ARG A 2241 68.82 45.91 -41.78
CA ARG A 2241 68.62 46.75 -42.95
C ARG A 2241 69.36 46.27 -44.19
N ILE A 2242 70.21 45.25 -44.06
CA ILE A 2242 71.00 44.80 -45.21
C ILE A 2242 70.09 44.25 -46.31
N SER A 2243 69.10 43.45 -45.94
CA SER A 2243 68.21 42.84 -46.91
C SER A 2243 66.87 42.54 -46.27
N ARG A 2244 65.87 42.32 -47.13
CA ARG A 2244 64.54 41.99 -46.65
C ARG A 2244 64.52 40.64 -45.95
N GLN A 2245 65.30 39.68 -46.45
CA GLN A 2245 65.35 38.35 -45.84
C GLN A 2245 65.91 38.42 -44.43
N ASN A 2246 66.93 39.25 -44.20
CA ASN A 2246 67.49 39.40 -42.86
C ASN A 2246 66.46 39.98 -41.90
N GLN A 2247 65.70 40.98 -42.36
CA GLN A 2247 64.65 41.55 -41.52
C GLN A 2247 63.57 40.52 -41.22
N ARG A 2248 63.18 39.73 -42.22
CA ARG A 2248 62.18 38.69 -42.00
C ARG A 2248 62.66 37.66 -40.98
N SER A 2249 63.93 37.25 -41.09
CA SER A 2249 64.49 36.29 -40.14
C SER A 2249 64.55 36.88 -38.73
N MET A 2250 64.94 38.14 -38.61
CA MET A 2250 65.05 38.77 -37.30
C MET A 2250 63.68 39.08 -36.69
N PHE A 2251 62.63 39.14 -37.51
CA PHE A 2251 61.30 39.40 -36.98
C PHE A 2251 60.81 38.28 -36.06
N ASP A 2252 61.37 37.08 -36.17
CA ASP A 2252 60.91 35.96 -35.36
C ASP A 2252 61.24 36.10 -33.88
N HIS A 2253 62.13 37.02 -33.51
CA HIS A 2253 62.48 37.25 -32.12
C HIS A 2253 61.86 38.53 -31.58
N LEU A 2254 60.79 39.01 -32.22
CA LEU A 2254 60.19 40.28 -31.83
C LEU A 2254 59.61 40.22 -30.43
N SER A 2255 59.00 39.09 -30.06
CA SER A 2255 58.43 38.98 -28.72
C SER A 2255 59.51 39.13 -27.64
N TYR A 2256 60.63 38.42 -27.80
CA TYR A 2256 61.71 38.55 -26.83
C TYR A 2256 62.30 39.96 -26.85
N LEU A 2257 62.45 40.55 -28.04
CA LEU A 2257 63.02 41.89 -28.12
C LEU A 2257 62.14 42.91 -27.41
N LEU A 2258 60.81 42.80 -27.57
CA LEU A 2258 59.91 43.73 -26.92
C LEU A 2258 59.81 43.47 -25.42
N GLU A 2259 59.92 42.20 -24.99
CA GLU A 2259 59.79 41.90 -23.57
C GLU A 2259 60.90 42.56 -22.76
N ASN A 2260 62.13 42.54 -23.27
CA ASN A 2260 63.28 43.13 -22.57
C ASN A 2260 63.51 44.56 -23.05
N SER A 2261 62.54 45.42 -22.78
CA SER A 2261 62.63 46.82 -23.17
C SER A 2261 62.49 47.74 -21.96
N GLN A 2268 72.49 58.12 -24.25
CA GLN A 2268 71.99 56.77 -24.40
C GLN A 2268 72.50 56.13 -25.69
N GLY A 2269 72.39 54.80 -25.78
CA GLY A 2269 72.83 54.09 -26.95
C GLY A 2269 71.74 53.24 -27.57
N SER A 2270 72.13 52.23 -28.35
CA SER A 2270 71.16 51.35 -28.98
C SER A 2270 70.44 50.51 -27.94
N THR A 2271 69.20 50.13 -28.26
CA THR A 2271 68.31 49.41 -27.37
C THR A 2271 67.69 48.24 -28.12
N PRO A 2272 67.33 47.16 -27.40
CA PRO A 2272 66.57 46.09 -28.07
C PRO A 2272 65.27 46.57 -28.70
N LEU A 2273 64.67 47.62 -28.12
CA LEU A 2273 63.49 48.22 -28.75
C LEU A 2273 63.84 48.79 -30.12
N ASP A 2274 65.05 49.33 -30.26
CA ASP A 2274 65.49 49.82 -31.57
C ASP A 2274 65.58 48.67 -32.57
N VAL A 2275 66.10 47.51 -32.14
CA VAL A 2275 66.15 46.34 -33.01
C VAL A 2275 64.74 45.89 -33.40
N ALA A 2276 63.83 45.87 -32.43
CA ALA A 2276 62.46 45.48 -32.73
C ALA A 2276 61.81 46.43 -33.73
N ALA A 2277 62.04 47.73 -33.57
CA ALA A 2277 61.50 48.70 -34.52
C ALA A 2277 62.13 48.52 -35.90
N ALA A 2278 63.43 48.29 -35.96
CA ALA A 2278 64.12 48.10 -37.23
C ALA A 2278 63.77 46.78 -37.90
N SER A 2279 63.19 45.83 -37.18
CA SER A 2279 62.79 44.56 -37.75
C SER A 2279 61.40 44.58 -38.37
N VAL A 2280 60.69 45.71 -38.31
CA VAL A 2280 59.34 45.79 -38.84
C VAL A 2280 59.18 47.05 -39.69
N ILE A 2281 60.20 47.90 -39.71
CA ILE A 2281 60.09 49.18 -40.41
C ILE A 2281 60.04 48.95 -41.91
N ASP A 2282 59.09 49.63 -42.57
CA ASP A 2282 58.96 49.61 -44.03
C ASP A 2282 58.83 48.20 -44.57
N ASN A 2283 58.01 47.38 -43.90
CA ASN A 2283 57.75 46.01 -44.32
C ASN A 2283 56.26 45.75 -44.18
N ASN A 2284 55.53 45.86 -45.30
CA ASN A 2284 54.07 45.68 -45.26
C ASN A 2284 53.71 44.26 -44.84
N GLU A 2285 54.39 43.26 -45.39
CA GLU A 2285 54.09 41.87 -45.03
C GLU A 2285 54.39 41.59 -43.56
N LEU A 2286 55.51 42.11 -43.06
CA LEU A 2286 55.84 41.90 -41.65
C LEU A 2286 54.88 42.69 -40.74
N ALA A 2287 54.50 43.89 -41.15
CA ALA A 2287 53.55 44.67 -40.36
C ALA A 2287 52.20 43.97 -40.28
N LEU A 2288 51.74 43.40 -41.40
CA LEU A 2288 50.48 42.68 -41.39
C LEU A 2288 50.56 41.40 -40.57
N ALA A 2289 51.74 40.80 -40.47
CA ALA A 2289 51.92 39.58 -39.69
C ALA A 2289 52.15 39.86 -38.21
N LEU A 2290 52.23 41.11 -37.80
CA LEU A 2290 52.44 41.44 -36.41
C LEU A 2290 51.26 40.96 -35.56
N GLN A 2291 51.57 40.30 -34.46
CA GLN A 2291 50.54 39.69 -33.62
C GLN A 2291 49.85 40.75 -32.76
N GLU A 2292 48.59 40.47 -32.42
CA GLU A 2292 47.82 41.38 -31.58
C GLU A 2292 48.43 41.49 -30.18
N GLN A 2293 48.89 40.37 -29.62
CA GLN A 2293 49.45 40.37 -28.28
C GLN A 2293 50.79 41.11 -28.21
N ASP A 2294 51.43 41.38 -29.34
CA ASP A 2294 52.69 42.10 -29.32
C ASP A 2294 52.48 43.59 -29.06
N LEU A 2295 51.39 44.16 -29.58
CA LEU A 2295 51.13 45.57 -29.40
C LEU A 2295 50.61 45.90 -28.01
N GLU A 2296 49.84 44.98 -27.40
CA GLU A 2296 49.31 45.26 -26.06
C GLU A 2296 50.42 45.33 -25.02
N LYS A 2297 51.50 44.59 -25.21
CA LYS A 2297 52.64 44.71 -24.29
C LYS A 2297 53.24 46.10 -24.35
N VAL A 2298 53.42 46.64 -25.55
CA VAL A 2298 53.94 47.99 -25.69
C VAL A 2298 52.96 49.01 -25.12
N VAL A 2299 51.66 48.78 -25.31
CA VAL A 2299 50.65 49.69 -24.75
C VAL A 2299 50.72 49.68 -23.23
N SER A 2300 50.86 48.51 -22.63
CA SER A 2300 50.96 48.41 -21.17
C SER A 2300 52.23 49.07 -20.67
N TYR A 2301 53.35 48.89 -21.38
CA TYR A 2301 54.60 49.55 -21.00
C TYR A 2301 54.45 51.07 -21.08
N LEU A 2302 53.78 51.56 -22.12
CA LEU A 2302 53.53 52.99 -22.24
C LEU A 2302 52.68 53.50 -21.09
N ALA A 2303 51.64 52.75 -20.72
CA ALA A 2303 50.79 53.15 -19.61
C ALA A 2303 51.57 53.20 -18.31
N GLY A 2304 52.40 52.18 -18.06
CA GLY A 2304 53.21 52.17 -16.85
C GLY A 2304 54.21 53.30 -16.80
N CYS A 2305 54.86 53.60 -17.92
CA CYS A 2305 55.81 54.71 -17.95
C CYS A 2305 55.11 56.05 -17.76
N GLY A 2306 53.93 56.21 -18.35
CA GLY A 2306 53.20 57.46 -18.17
C GLY A 2306 52.70 57.66 -16.75
N LEU A 2307 52.21 56.59 -16.12
CA LEU A 2307 51.65 56.72 -14.78
C LEU A 2307 52.73 56.93 -13.73
N GLN A 2308 53.86 56.23 -13.86
CA GLN A 2308 54.93 56.29 -12.88
C GLN A 2308 56.21 56.80 -13.53
N SER A 2309 56.81 57.83 -12.92
CA SER A 2309 58.04 58.40 -13.43
C SER A 2309 59.23 57.51 -13.08
N CYS A 2310 60.19 57.45 -14.00
CA CYS A 2310 61.39 56.67 -13.77
C CYS A 2310 62.32 57.39 -12.80
N PRO A 2311 62.79 56.73 -11.74
CA PRO A 2311 63.69 57.41 -10.78
C PRO A 2311 65.10 57.63 -11.31
N MET A 2312 65.43 57.11 -12.49
CA MET A 2312 66.76 57.32 -13.04
C MET A 2312 67.03 58.79 -13.32
N LEU A 2313 66.03 59.49 -13.89
CA LEU A 2313 66.17 60.92 -14.09
C LEU A 2313 66.11 61.69 -12.78
N LEU A 2314 65.35 61.17 -11.81
CA LEU A 2314 65.28 61.82 -10.50
C LEU A 2314 66.62 61.73 -9.76
N ALA A 2315 67.42 60.70 -10.07
CA ALA A 2315 68.73 60.58 -9.42
C ALA A 2315 69.62 61.78 -9.75
N LYS A 2316 69.61 62.21 -11.01
CA LYS A 2316 70.35 63.40 -11.40
C LYS A 2316 69.55 64.66 -11.06
N GLY A 2317 70.18 65.81 -11.24
CA GLY A 2317 69.52 67.07 -10.95
C GLY A 2317 68.36 67.36 -11.88
N TYR A 2318 67.14 67.25 -11.36
CA TYR A 2318 65.93 67.45 -12.14
C TYR A 2318 64.72 67.56 -11.22
N PRO A 2319 63.71 68.34 -11.59
CA PRO A 2319 62.50 68.42 -10.76
C PRO A 2319 61.77 67.09 -10.72
N ASP A 2320 61.07 66.85 -9.61
CA ASP A 2320 60.36 65.60 -9.39
C ASP A 2320 58.91 65.75 -9.82
N ILE A 2321 58.48 64.92 -10.77
CA ILE A 2321 57.10 64.90 -11.25
C ILE A 2321 56.63 63.45 -11.29
N GLY A 2322 55.32 63.29 -11.37
CA GLY A 2322 54.69 61.97 -11.37
C GLY A 2322 54.51 61.34 -12.73
N TRP A 2323 55.15 61.87 -13.78
CA TRP A 2323 54.98 61.35 -15.12
C TRP A 2323 56.26 61.54 -15.91
N ASN A 2324 56.72 60.47 -16.57
CA ASN A 2324 57.98 60.49 -17.30
C ASN A 2324 57.71 60.56 -18.79
N PRO A 2325 58.19 61.59 -19.49
CA PRO A 2325 57.86 61.73 -20.92
C PRO A 2325 58.83 61.01 -21.85
N CYS A 2326 60.04 60.70 -21.38
CA CYS A 2326 61.04 60.13 -22.27
C CYS A 2326 60.68 58.71 -22.70
N GLY A 2327 60.31 57.87 -21.74
CA GLY A 2327 59.91 56.51 -22.09
C GLY A 2327 58.67 56.49 -22.95
N GLY A 2328 57.71 57.37 -22.66
CA GLY A 2328 56.54 57.48 -23.51
C GLY A 2328 56.88 57.89 -24.92
N GLU A 2329 57.80 58.84 -25.06
CA GLU A 2329 58.24 59.27 -26.39
C GLU A 2329 58.88 58.12 -27.15
N ARG A 2330 59.73 57.33 -26.48
CA ARG A 2330 60.37 56.20 -27.14
C ARG A 2330 59.35 55.15 -27.55
N TYR A 2331 58.38 54.84 -26.68
CA TYR A 2331 57.38 53.84 -27.01
C TYR A 2331 56.49 54.31 -28.15
N LEU A 2332 56.13 55.59 -28.16
CA LEU A 2332 55.35 56.13 -29.28
C LEU A 2332 56.16 56.11 -30.57
N ASP A 2333 57.47 56.38 -30.49
CA ASP A 2333 58.31 56.29 -31.68
C ASP A 2333 58.31 54.87 -32.24
N PHE A 2334 58.40 53.87 -31.35
CA PHE A 2334 58.31 52.50 -31.83
C PHE A 2334 56.96 52.21 -32.45
N LEU A 2335 55.88 52.65 -31.80
CA LEU A 2335 54.54 52.36 -32.28
C LEU A 2335 54.22 53.05 -33.60
N ARG A 2336 54.91 54.15 -33.90
CA ARG A 2336 54.67 54.86 -35.16
C ARG A 2336 55.02 54.03 -36.39
N PHE A 2337 55.92 53.05 -36.25
CA PHE A 2337 56.35 52.24 -37.38
C PHE A 2337 55.44 51.04 -37.65
N ALA A 2338 54.52 50.73 -36.76
CA ALA A 2338 53.65 49.58 -36.93
C ALA A 2338 52.28 49.93 -37.51
N VAL A 2339 52.04 51.20 -37.82
CA VAL A 2339 50.74 51.62 -38.32
C VAL A 2339 50.89 52.42 -39.61
N PHE A 2340 52.09 52.92 -39.87
CA PHE A 2340 52.36 53.78 -41.02
C PHE A 2340 53.54 53.20 -41.79
N VAL A 2341 53.26 52.63 -42.97
CA VAL A 2341 54.28 52.03 -43.82
C VAL A 2341 54.12 52.56 -45.23
N ASN A 2342 55.21 53.02 -45.83
CA ASN A 2342 55.25 53.48 -47.23
C ASN A 2342 54.24 54.58 -47.50
N GLY A 2343 53.99 55.44 -46.51
CA GLY A 2343 53.06 56.54 -46.66
C GLY A 2343 51.60 56.18 -46.49
N GLU A 2344 51.27 54.90 -46.39
CA GLU A 2344 49.91 54.45 -46.17
C GLU A 2344 49.72 54.04 -44.72
N SER A 2345 48.54 53.51 -44.41
CA SER A 2345 48.22 53.06 -43.06
C SER A 2345 47.56 51.69 -43.14
N VAL A 2346 48.01 50.78 -42.28
CA VAL A 2346 47.41 49.45 -42.18
C VAL A 2346 46.18 49.53 -41.30
N GLU A 2347 45.04 49.04 -41.81
CA GLU A 2347 43.78 49.22 -41.11
C GLU A 2347 43.74 48.44 -39.80
N GLU A 2348 44.14 47.16 -39.84
CA GLU A 2348 44.00 46.31 -38.66
C GLU A 2348 44.90 46.78 -37.52
N ASN A 2349 46.17 47.03 -37.80
CA ASN A 2349 47.09 47.48 -36.76
C ASN A 2349 46.69 48.84 -36.20
N ALA A 2350 46.31 49.78 -37.06
CA ALA A 2350 45.87 51.08 -36.57
C ALA A 2350 44.63 50.95 -35.69
N ASN A 2351 43.67 50.12 -36.11
CA ASN A 2351 42.44 49.95 -35.32
C ASN A 2351 42.75 49.35 -33.96
N VAL A 2352 43.57 48.30 -33.91
CA VAL A 2352 43.84 47.65 -32.63
C VAL A 2352 44.66 48.57 -31.73
N VAL A 2353 45.61 49.32 -32.31
CA VAL A 2353 46.39 50.27 -31.53
C VAL A 2353 45.50 51.36 -30.94
N VAL A 2354 44.58 51.89 -31.75
CA VAL A 2354 43.68 52.92 -31.27
C VAL A 2354 42.78 52.38 -30.16
N ARG A 2355 42.25 51.16 -30.34
CA ARG A 2355 41.39 50.58 -29.32
C ARG A 2355 42.15 50.38 -28.01
N LEU A 2356 43.37 49.82 -28.09
CA LEU A 2356 44.15 49.62 -26.88
C LEU A 2356 44.51 50.94 -26.20
N LEU A 2357 44.82 51.96 -27.00
CA LEU A 2357 45.17 53.26 -26.43
C LEU A 2357 43.98 53.90 -25.74
N ILE A 2358 42.79 53.83 -26.35
CA ILE A 2358 41.63 54.48 -25.75
C ILE A 2358 41.11 53.69 -24.56
N ARG A 2359 41.35 52.38 -24.53
CA ARG A 2359 40.93 51.59 -23.37
C ARG A 2359 41.80 51.83 -22.15
N LYS A 2360 42.96 52.49 -22.31
CA LYS A 2360 43.84 52.85 -21.20
C LYS A 2360 44.14 54.34 -21.31
N PRO A 2361 43.31 55.19 -20.68
CA PRO A 2361 43.49 56.64 -20.85
C PRO A 2361 44.79 57.18 -20.28
N GLU A 2362 45.45 56.43 -19.38
CA GLU A 2362 46.69 56.93 -18.77
C GLU A 2362 47.82 57.08 -19.77
N CYS A 2363 47.74 56.43 -20.93
CA CYS A 2363 48.79 56.53 -21.93
C CYS A 2363 48.85 57.90 -22.59
N PHE A 2364 47.82 58.72 -22.46
CA PHE A 2364 47.75 60.02 -23.10
C PHE A 2364 48.43 61.12 -22.30
N GLY A 2365 48.96 60.81 -21.12
CA GLY A 2365 49.63 61.80 -20.31
C GLY A 2365 48.70 62.45 -19.31
N PRO A 2366 49.26 63.30 -18.45
CA PRO A 2366 48.44 63.95 -17.41
C PRO A 2366 47.52 65.04 -17.94
N ALA A 2367 47.66 65.44 -19.20
CA ALA A 2367 46.84 66.51 -19.77
C ALA A 2367 45.60 65.99 -20.49
N LEU A 2368 45.71 64.90 -21.23
CA LEU A 2368 44.61 64.36 -22.02
C LEU A 2368 44.01 63.11 -21.38
N ARG A 2369 43.93 63.07 -20.05
CA ARG A 2369 43.40 61.90 -19.36
C ARG A 2369 41.90 62.02 -19.12
N GLY A 2370 41.45 63.11 -18.51
CA GLY A 2370 40.04 63.27 -18.18
C GLY A 2370 39.75 64.44 -17.27
N GLU A 2371 39.00 64.18 -16.21
CA GLU A 2371 38.64 65.24 -15.27
C GLU A 2371 39.88 65.85 -14.63
N GLY A 2372 39.90 67.17 -14.55
CA GLY A 2372 41.05 67.89 -14.03
C GLY A 2372 42.16 68.10 -15.02
N GLY A 2373 42.01 67.66 -16.27
CA GLY A 2373 43.06 67.84 -17.25
C GLY A 2373 43.20 69.31 -17.63
N SER A 2374 44.45 69.74 -17.82
CA SER A 2374 44.73 71.12 -18.16
C SER A 2374 44.39 71.44 -19.62
N GLY A 2375 44.55 70.48 -20.52
CA GLY A 2375 44.33 70.70 -21.93
C GLY A 2375 45.64 70.82 -22.69
N LEU A 2376 45.53 70.74 -24.02
CA LEU A 2376 46.72 70.80 -24.86
C LEU A 2376 47.42 72.15 -24.76
N LEU A 2377 46.66 73.24 -24.89
CA LEU A 2377 47.25 74.57 -24.83
C LEU A 2377 47.89 74.82 -23.47
N ALA A 2378 47.19 74.45 -22.40
CA ALA A 2378 47.73 74.66 -21.06
C ALA A 2378 48.97 73.80 -20.83
N ALA A 2379 48.98 72.56 -21.30
CA ALA A 2379 50.15 71.71 -21.13
C ALA A 2379 51.35 72.26 -21.90
N ILE A 2380 51.14 72.70 -23.14
CA ILE A 2380 52.23 73.26 -23.92
C ILE A 2380 52.76 74.53 -23.28
N GLU A 2381 51.87 75.39 -22.79
CA GLU A 2381 52.31 76.62 -22.15
C GLU A 2381 53.05 76.33 -20.84
N GLU A 2382 52.60 75.32 -20.10
CA GLU A 2382 53.29 74.93 -18.87
C GLU A 2382 54.69 74.41 -19.17
N ALA A 2383 54.82 73.59 -20.22
CA ALA A 2383 56.13 73.12 -20.61
C ALA A 2383 57.02 74.27 -21.06
N ILE A 2384 56.46 75.23 -21.79
CA ILE A 2384 57.22 76.42 -22.19
C ILE A 2384 57.72 77.16 -20.94
N ARG A 2385 56.82 77.38 -19.98
CA ARG A 2385 57.21 78.09 -18.76
C ARG A 2385 58.29 77.34 -17.99
N ILE A 2386 58.22 76.01 -17.98
CA ILE A 2386 59.29 75.22 -17.36
C ILE A 2386 60.59 75.39 -18.12
N SER A 2387 60.52 75.60 -19.43
CA SER A 2387 61.72 75.68 -20.26
C SER A 2387 62.65 76.83 -19.88
N GLU A 2388 62.18 77.88 -19.20
CA GLU A 2388 63.05 78.98 -18.81
C GLU A 2388 63.19 79.10 -17.30
N ASP A 2389 63.28 77.98 -16.58
CA ASP A 2389 63.60 78.06 -15.16
C ASP A 2389 64.20 76.73 -14.71
N PRO A 2390 65.17 76.73 -13.81
CA PRO A 2390 65.70 75.46 -13.30
C PRO A 2390 64.65 74.59 -12.63
N ALA A 2391 63.66 75.20 -11.96
CA ALA A 2391 62.59 74.48 -11.27
C ALA A 2391 63.15 73.49 -10.26
N VAL A 2416 69.66 65.25 -19.02
CA VAL A 2416 68.64 65.77 -19.92
C VAL A 2416 68.07 67.06 -19.34
N HIS A 2417 67.45 67.87 -20.20
CA HIS A 2417 66.83 69.13 -19.80
C HIS A 2417 65.32 68.97 -19.89
N LEU A 2418 64.66 68.94 -18.75
CA LEU A 2418 63.21 68.78 -18.71
C LEU A 2418 62.51 70.00 -19.31
N GLY A 2419 61.34 69.78 -19.87
CA GLY A 2419 60.58 70.83 -20.51
C GLY A 2419 60.45 70.63 -22.00
N HIS A 2420 61.56 70.23 -22.65
CA HIS A 2420 61.49 69.88 -24.07
C HIS A 2420 60.87 68.52 -24.28
N ALA A 2421 61.18 67.56 -23.41
CA ALA A 2421 60.56 66.24 -23.49
C ALA A 2421 59.07 66.31 -23.20
N ILE A 2422 58.62 67.27 -22.40
CA ILE A 2422 57.19 67.42 -22.12
C ILE A 2422 56.42 67.67 -23.41
N MET A 2423 56.91 68.61 -24.23
CA MET A 2423 56.27 68.85 -25.52
C MET A 2423 56.54 67.73 -26.51
N SER A 2424 57.72 67.11 -26.43
CA SER A 2424 58.07 66.05 -27.38
C SER A 2424 57.14 64.85 -27.24
N PHE A 2425 56.81 64.48 -26.00
CA PHE A 2425 55.91 63.34 -25.79
C PHE A 2425 54.54 63.60 -26.40
N TYR A 2426 53.98 64.79 -26.16
CA TYR A 2426 52.68 65.11 -26.73
C TYR A 2426 52.73 65.18 -28.25
N ALA A 2427 53.81 65.73 -28.80
CA ALA A 2427 53.94 65.78 -30.25
C ALA A 2427 54.00 64.38 -30.84
N ALA A 2428 54.76 63.48 -30.22
CA ALA A 2428 54.84 62.10 -30.71
C ALA A 2428 53.50 61.41 -30.61
N LEU A 2429 52.78 61.61 -29.49
CA LEU A 2429 51.48 60.99 -29.33
C LEU A 2429 50.49 61.48 -30.39
N ILE A 2430 50.48 62.80 -30.64
CA ILE A 2430 49.56 63.34 -31.63
C ILE A 2430 49.94 62.88 -33.04
N ASP A 2431 51.24 62.77 -33.32
CA ASP A 2431 51.67 62.25 -34.61
C ASP A 2431 51.22 60.81 -34.80
N LEU A 2432 51.37 59.98 -33.76
CA LEU A 2432 50.91 58.60 -33.86
C LEU A 2432 49.40 58.52 -34.06
N LEU A 2433 48.65 59.34 -33.32
CA LEU A 2433 47.20 59.34 -33.47
C LEU A 2433 46.79 59.76 -34.88
N GLY A 2434 47.47 60.77 -35.44
CA GLY A 2434 47.18 61.17 -36.79
C GLY A 2434 47.52 60.10 -37.81
N ARG A 2435 48.63 59.40 -37.59
CA ARG A 2435 49.03 58.33 -38.50
C ARG A 2435 48.07 57.15 -38.49
N CYS A 2436 47.28 57.01 -37.43
CA CYS A 2436 46.29 55.94 -37.34
C CYS A 2436 44.94 56.33 -37.92
N ALA A 2437 44.80 57.55 -38.42
CA ALA A 2437 43.53 57.98 -38.98
C ALA A 2437 43.23 57.20 -40.26
N PRO A 2438 41.97 56.86 -40.52
CA PRO A 2438 41.63 56.11 -41.73
C PRO A 2438 41.87 56.93 -42.99
N GLU A 2439 42.11 56.23 -44.09
CA GLU A 2439 42.36 56.87 -45.37
C GLU A 2439 41.08 57.52 -45.90
N MET A 2440 41.27 58.50 -46.78
CA MET A 2440 40.14 59.27 -47.31
C MET A 2440 39.21 58.38 -48.15
N HIS A 2441 39.79 57.48 -48.95
CA HIS A 2441 38.94 56.63 -49.80
C HIS A 2441 38.17 55.60 -48.97
N LEU A 2442 38.71 55.20 -47.83
CA LEU A 2442 37.95 54.34 -46.92
C LEU A 2442 36.71 55.07 -46.40
N ILE A 2443 36.86 56.35 -46.06
CA ILE A 2443 35.72 57.13 -45.58
C ILE A 2443 34.72 57.35 -46.70
N GLN A 2444 35.20 57.66 -47.91
CA GLN A 2444 34.32 57.94 -49.03
C GLN A 2444 33.62 56.70 -49.57
N ALA A 2445 34.01 55.50 -49.12
CA ALA A 2445 33.44 54.26 -49.61
C ALA A 2445 32.84 53.44 -48.47
N GLY A 2446 32.06 54.08 -47.61
CA GLY A 2446 31.43 53.39 -46.50
C GLY A 2446 32.39 53.08 -45.37
N LYS A 2447 32.48 51.81 -44.99
CA LYS A 2447 33.39 51.33 -43.96
C LYS A 2447 33.14 52.06 -42.63
N GLY A 2448 31.96 51.76 -42.06
CA GLY A 2448 31.53 52.46 -40.86
C GLY A 2448 32.53 52.43 -39.72
N GLU A 2449 33.37 51.39 -39.68
CA GLU A 2449 34.42 51.33 -38.66
C GLU A 2449 35.40 52.49 -38.83
N ALA A 2450 35.68 52.86 -40.08
CA ALA A 2450 36.60 53.98 -40.32
C ALA A 2450 36.04 55.28 -39.76
N LEU A 2451 34.77 55.56 -39.99
CA LEU A 2451 34.19 56.78 -39.43
C LEU A 2451 34.03 56.68 -37.92
N ARG A 2452 33.85 55.47 -37.38
CA ARG A 2452 33.84 55.32 -35.94
C ARG A 2452 35.19 55.69 -35.34
N ILE A 2453 36.28 55.21 -35.94
CA ILE A 2453 37.61 55.55 -35.46
C ILE A 2453 37.87 57.04 -35.63
N ARG A 2454 37.42 57.61 -36.75
CA ARG A 2454 37.60 59.05 -36.97
C ARG A 2454 36.83 59.86 -35.92
N ALA A 2455 35.62 59.44 -35.57
CA ALA A 2455 34.86 60.13 -34.53
C ALA A 2455 35.54 60.01 -33.17
N ILE A 2456 36.11 58.84 -32.87
CA ILE A 2456 36.84 58.69 -31.62
C ILE A 2456 38.02 59.65 -31.57
N LEU A 2457 38.78 59.74 -32.67
CA LEU A 2457 39.90 60.66 -32.73
C LEU A 2457 39.43 62.11 -32.65
N ARG A 2458 38.30 62.41 -33.27
CA ARG A 2458 37.74 63.77 -33.22
C ARG A 2458 37.40 64.18 -31.80
N SER A 2459 36.73 63.29 -31.06
CA SER A 2459 36.37 63.57 -29.68
C SER A 2459 37.58 63.52 -28.75
N LEU A 2460 38.66 62.85 -29.16
CA LEU A 2460 39.86 62.80 -28.33
C LEU A 2460 40.47 64.19 -28.15
N VAL A 2461 40.53 64.97 -29.22
CA VAL A 2461 41.18 66.28 -29.19
C VAL A 2461 40.39 67.25 -30.08
N PRO A 2462 40.06 68.44 -29.59
CA PRO A 2462 39.26 69.36 -30.40
C PRO A 2462 40.09 70.14 -31.40
N LEU A 2463 39.39 70.76 -32.36
CA LEU A 2463 40.05 71.56 -33.39
C LEU A 2463 40.79 72.75 -32.79
N ASP A 2464 40.18 73.42 -31.82
CA ASP A 2464 40.78 74.60 -31.22
C ASP A 2464 42.14 74.28 -30.60
N ASP A 2465 42.31 73.06 -30.09
CA ASP A 2465 43.60 72.67 -29.53
C ASP A 2465 44.71 72.76 -30.58
N LEU A 2466 44.49 72.12 -31.74
CA LEU A 2466 45.48 72.19 -32.81
C LEU A 2466 45.66 73.61 -33.32
N VAL A 2467 44.55 74.35 -33.48
CA VAL A 2467 44.65 75.71 -34.00
C VAL A 2467 45.50 76.57 -33.09
N GLY A 2468 45.30 76.46 -31.78
CA GLY A 2468 46.15 77.18 -30.83
C GLY A 2468 47.57 76.67 -30.84
N ILE A 2469 47.75 75.36 -31.03
CA ILE A 2469 49.10 74.78 -30.99
C ILE A 2469 49.96 75.34 -32.12
N ILE A 2470 49.40 75.41 -33.33
CA ILE A 2470 50.16 75.99 -34.43
C ILE A 2470 50.31 77.50 -34.29
N SER A 2471 49.50 78.14 -33.47
CA SER A 2471 49.58 79.60 -33.31
C SER A 2471 50.60 80.03 -32.27
N LEU A 2472 51.27 79.08 -31.61
CA LEU A 2472 52.25 79.45 -30.59
C LEU A 2472 53.45 80.14 -31.24
N PRO A 2473 53.94 81.23 -30.66
CA PRO A 2473 55.10 81.92 -31.22
C PRO A 2473 56.39 81.13 -30.99
N LEU A 2474 57.42 81.51 -31.74
CA LEU A 2474 58.72 80.86 -31.67
C LEU A 2474 59.80 81.91 -31.42
N GLN A 2475 60.92 81.46 -30.88
CA GLN A 2475 62.06 82.30 -30.59
C GLN A 2475 63.16 82.05 -31.61
N ILE A 2476 63.65 83.13 -32.22
CA ILE A 2476 64.68 83.01 -33.24
C ILE A 2476 65.97 83.68 -32.77
N GLY A 2483 76.95 92.13 -30.29
CA GLY A 2483 77.32 90.76 -30.60
C GLY A 2483 76.37 90.09 -31.58
N ALA A 2484 76.49 88.78 -31.71
CA ALA A 2484 75.65 88.02 -32.61
C ALA A 2484 74.28 87.75 -31.97
N LEU A 2485 73.35 87.29 -32.80
CA LEU A 2485 72.01 86.97 -32.31
C LEU A 2485 72.05 85.77 -31.37
N VAL A 2486 71.26 85.85 -30.30
CA VAL A 2486 71.21 84.80 -29.28
C VAL A 2486 70.14 83.80 -29.71
N GLN A 2487 70.56 82.75 -30.40
CA GLN A 2487 69.64 81.71 -30.85
C GLN A 2487 69.44 80.70 -29.73
N PRO A 2488 68.20 80.43 -29.32
CA PRO A 2488 67.97 79.45 -28.24
C PRO A 2488 68.39 78.05 -28.66
N LYS A 2489 68.79 77.26 -27.67
CA LYS A 2489 69.22 75.89 -27.92
C LYS A 2489 68.05 75.06 -28.45
N MET A 2490 68.35 74.20 -29.44
CA MET A 2490 67.29 73.39 -30.04
C MET A 2490 66.80 72.31 -29.09
N SER A 2491 67.67 71.81 -28.21
CA SER A 2491 67.31 70.76 -27.27
C SER A 2491 66.75 71.29 -25.95
N ALA A 2492 66.60 72.61 -25.82
CA ALA A 2492 66.13 73.20 -24.58
C ALA A 2492 65.11 74.30 -24.82
N SER A 2493 64.34 74.20 -25.90
CA SER A 2493 63.34 75.21 -26.24
C SER A 2493 62.33 74.60 -27.20
N PHE A 2494 61.32 75.39 -27.55
CA PHE A 2494 60.30 74.95 -28.48
C PHE A 2494 60.90 74.76 -29.87
N VAL A 2495 60.41 73.73 -30.57
CA VAL A 2495 60.93 73.38 -31.89
C VAL A 2495 59.75 73.18 -32.84
N PRO A 2496 59.83 73.68 -34.08
CA PRO A 2496 58.70 73.52 -35.01
C PRO A 2496 58.42 72.06 -35.38
N ASP A 2497 59.33 71.14 -35.08
CA ASP A 2497 59.03 69.72 -35.29
C ASP A 2497 57.80 69.29 -34.50
N HIS A 2498 57.57 69.90 -33.34
CA HIS A 2498 56.34 69.65 -32.60
C HIS A 2498 55.12 70.13 -33.38
N LYS A 2499 55.24 71.31 -34.01
CA LYS A 2499 54.15 71.82 -34.84
C LYS A 2499 53.93 70.97 -36.09
N ALA A 2500 54.96 70.24 -36.53
CA ALA A 2500 54.79 69.35 -37.67
C ALA A 2500 53.77 68.26 -37.37
N SER A 2501 53.81 67.71 -36.15
CA SER A 2501 52.80 66.73 -35.76
C SER A 2501 51.40 67.34 -35.74
N MET A 2502 51.29 68.58 -35.26
CA MET A 2502 49.99 69.26 -35.27
C MET A 2502 49.47 69.42 -36.68
N VAL A 2503 50.34 69.83 -37.62
CA VAL A 2503 49.93 69.99 -39.01
C VAL A 2503 49.53 68.65 -39.61
N LEU A 2504 50.29 67.59 -39.31
CA LEU A 2504 49.96 66.27 -39.84
C LEU A 2504 48.61 65.79 -39.32
N PHE A 2505 48.35 65.99 -38.02
CA PHE A 2505 47.05 65.62 -37.47
C PHE A 2505 45.93 66.43 -38.12
N LEU A 2506 46.15 67.74 -38.30
CA LEU A 2506 45.17 68.58 -38.97
C LEU A 2506 44.83 68.01 -40.35
N ASP A 2507 45.85 67.72 -41.15
CA ASP A 2507 45.63 67.23 -42.51
C ASP A 2507 44.89 65.88 -42.47
N ARG A 2508 45.36 64.95 -41.64
CA ARG A 2508 44.85 63.58 -41.71
C ARG A 2508 43.53 63.38 -40.99
N VAL A 2509 43.08 64.32 -40.14
CA VAL A 2509 41.82 64.19 -39.43
C VAL A 2509 40.84 65.28 -39.81
N TYR A 2510 41.22 66.55 -39.64
CA TYR A 2510 40.26 67.64 -39.81
C TYR A 2510 40.24 68.18 -41.24
N GLY A 2511 41.37 68.69 -41.71
CA GLY A 2511 41.41 69.34 -43.01
C GLY A 2511 40.79 70.73 -42.95
N ILE A 2512 40.88 71.42 -44.08
CA ILE A 2512 40.33 72.77 -44.21
C ILE A 2512 39.62 72.88 -45.55
N GLU A 2513 38.41 73.45 -45.53
CA GLU A 2513 37.70 73.73 -46.78
C GLU A 2513 37.51 75.22 -47.00
N ASN A 2514 36.83 75.93 -46.09
CA ASN A 2514 36.68 77.38 -46.21
C ASN A 2514 36.83 78.14 -44.90
N GLN A 2515 36.62 77.52 -43.75
CA GLN A 2515 36.55 78.27 -42.50
C GLN A 2515 37.94 78.61 -41.96
N ASP A 2516 38.74 77.59 -41.65
CA ASP A 2516 40.08 77.81 -41.12
C ASP A 2516 41.04 78.32 -42.18
N PHE A 2517 40.63 78.32 -43.46
CA PHE A 2517 41.52 78.74 -44.54
C PHE A 2517 41.89 80.20 -44.46
N LEU A 2518 41.20 80.99 -43.63
CA LEU A 2518 41.58 82.39 -43.43
C LEU A 2518 42.52 82.55 -42.24
N LEU A 2519 42.08 82.13 -41.06
CA LEU A 2519 42.87 82.36 -39.85
C LEU A 2519 44.15 81.51 -39.81
N HIS A 2520 44.11 80.29 -40.34
CA HIS A 2520 45.32 79.47 -40.35
C HIS A 2520 46.39 80.09 -41.24
N VAL A 2521 46.00 80.54 -42.44
CA VAL A 2521 46.95 81.18 -43.34
C VAL A 2521 47.43 82.50 -42.76
N LEU A 2522 46.54 83.24 -42.09
CA LEU A 2522 46.96 84.48 -41.45
C LEU A 2522 47.99 84.22 -40.35
N ASP A 2523 47.79 83.17 -39.57
CA ASP A 2523 48.72 82.85 -38.50
C ASP A 2523 50.07 82.38 -39.06
N VAL A 2524 50.04 81.52 -40.09
CA VAL A 2524 51.29 81.03 -40.66
C VAL A 2524 51.95 82.01 -41.60
N GLY A 2525 51.29 83.13 -41.91
CA GLY A 2525 51.87 84.08 -42.84
C GLY A 2525 53.11 84.78 -42.31
N PHE A 2526 53.09 85.14 -41.02
CA PHE A 2526 54.16 85.96 -40.45
C PHE A 2526 55.29 85.16 -39.84
N LEU A 2527 55.24 83.82 -39.91
CA LEU A 2527 56.37 83.03 -39.43
C LEU A 2527 57.65 83.32 -40.21
N PRO A 2528 57.66 83.33 -41.56
CA PRO A 2528 58.88 83.74 -42.27
C PRO A 2528 59.00 85.26 -42.28
N ASP A 2529 59.94 85.78 -41.51
CA ASP A 2529 60.20 87.22 -41.43
C ASP A 2529 61.35 87.55 -42.38
N MET A 2530 61.03 88.23 -43.47
CA MET A 2530 61.98 88.53 -44.54
C MET A 2530 62.65 87.24 -45.02
N ARG A 2531 61.81 86.30 -45.47
CA ARG A 2531 62.24 84.96 -45.83
C ARG A 2531 62.99 84.28 -44.68
N ALA A 2532 62.44 84.43 -43.47
CA ALA A 2532 63.07 83.90 -42.25
C ALA A 2532 64.51 84.40 -42.11
N ALA A 2533 64.70 85.70 -42.38
CA ALA A 2533 66.01 86.34 -42.34
C ALA A 2533 66.98 85.63 -43.29
N ALA A 2534 66.65 85.71 -44.58
CA ALA A 2534 67.43 85.02 -45.59
C ALA A 2534 68.87 85.52 -45.66
N SER A 2535 69.14 86.74 -45.21
CA SER A 2535 70.50 87.24 -45.17
C SER A 2535 71.34 86.43 -44.19
N LEU A 2536 72.63 86.30 -44.49
CA LEU A 2536 73.51 85.44 -43.71
C LEU A 2536 73.77 86.06 -42.34
N ASP A 2537 72.98 85.65 -41.34
CA ASP A 2537 73.11 86.16 -39.98
C ASP A 2537 73.44 85.07 -38.96
N THR A 2538 72.72 83.95 -38.97
CA THR A 2538 72.95 82.88 -38.01
C THR A 2538 73.27 81.55 -38.66
N ALA A 2539 72.45 81.11 -39.62
CA ALA A 2539 72.60 79.81 -40.28
C ALA A 2539 72.59 78.66 -39.28
N THR A 2540 71.80 78.79 -38.21
CA THR A 2540 71.68 77.76 -37.19
C THR A 2540 70.27 77.21 -37.03
N PHE A 2541 69.25 78.01 -37.30
CA PHE A 2541 67.86 77.59 -37.17
C PHE A 2541 67.27 77.43 -38.57
N SER A 2542 67.46 76.24 -39.14
CA SER A 2542 66.93 75.90 -40.45
C SER A 2542 65.69 75.01 -40.36
N THR A 2543 65.18 74.76 -39.15
CA THR A 2543 64.02 73.90 -38.99
C THR A 2543 62.76 74.53 -39.58
N THR A 2544 62.74 75.87 -39.70
CA THR A 2544 61.62 76.52 -40.37
C THR A 2544 61.54 76.11 -41.84
N GLU A 2545 62.69 76.01 -42.50
CA GLU A 2545 62.70 75.54 -43.88
C GLU A 2545 62.26 74.08 -43.96
N MET A 2546 62.60 73.28 -42.94
CA MET A 2546 62.15 71.90 -42.91
C MET A 2546 60.64 71.81 -42.77
N ALA A 2547 60.05 72.62 -41.89
CA ALA A 2547 58.61 72.66 -41.72
C ALA A 2547 57.89 73.31 -42.89
N LEU A 2548 58.62 74.07 -43.72
CA LEU A 2548 58.02 74.60 -44.94
C LEU A 2548 57.56 73.47 -45.85
N ALA A 2549 58.41 72.45 -46.03
CA ALA A 2549 58.05 71.32 -46.87
C ALA A 2549 56.90 70.50 -46.30
N LEU A 2550 56.55 70.71 -45.04
CA LEU A 2550 55.44 69.99 -44.42
C LEU A 2550 54.15 70.79 -44.38
N ASN A 2551 54.23 72.12 -44.29
CA ASN A 2551 53.02 72.93 -44.25
C ASN A 2551 52.60 73.48 -45.61
N ARG A 2552 53.56 73.81 -46.49
CA ARG A 2552 53.19 74.26 -47.83
C ARG A 2552 52.50 73.14 -48.61
N TYR A 2553 52.84 71.88 -48.33
CA TYR A 2553 52.16 70.77 -48.99
C TYR A 2553 50.68 70.75 -48.65
N LEU A 2554 50.34 70.96 -47.38
CA LEU A 2554 48.93 71.10 -47.02
C LEU A 2554 48.33 72.35 -47.66
N CYS A 2555 49.09 73.44 -47.69
CA CYS A 2555 48.59 74.67 -48.32
C CYS A 2555 48.23 74.44 -49.78
N LEU A 2556 48.95 73.55 -50.47
CA LEU A 2556 48.64 73.27 -51.87
C LEU A 2556 47.40 72.40 -52.03
N ALA A 2557 47.06 71.62 -51.01
CA ALA A 2557 45.93 70.71 -51.11
C ALA A 2557 44.60 71.43 -51.24
N VAL A 2558 44.56 72.73 -50.97
CA VAL A 2558 43.33 73.51 -51.05
C VAL A 2558 43.58 74.77 -51.86
N LEU A 2559 42.53 75.26 -52.50
CA LEU A 2559 42.56 76.53 -53.23
C LEU A 2559 41.33 77.36 -52.84
N PRO A 2560 41.24 77.81 -51.58
CA PRO A 2560 40.04 78.53 -51.14
C PRO A 2560 40.18 80.04 -51.20
N LEU A 2561 41.39 80.55 -51.46
CA LEU A 2561 41.62 82.00 -51.49
C LEU A 2561 41.45 82.51 -52.91
N ILE A 2562 40.18 82.54 -53.34
CA ILE A 2562 39.82 82.86 -54.72
C ILE A 2562 38.93 84.09 -54.80
N THR A 2563 37.96 84.23 -53.90
CA THR A 2563 36.86 85.16 -54.13
C THR A 2563 37.27 86.62 -53.89
N LYS A 2564 37.60 86.96 -52.65
CA LYS A 2564 37.83 88.36 -52.27
C LYS A 2564 38.46 88.38 -50.89
N CYS A 2565 38.54 89.59 -50.31
CA CYS A 2565 39.05 89.83 -48.96
C CYS A 2565 40.34 89.06 -48.70
N ALA A 2566 41.37 89.40 -49.48
CA ALA A 2566 42.66 88.74 -49.41
C ALA A 2566 43.75 89.80 -49.22
N PRO A 2567 44.00 90.22 -47.97
CA PRO A 2567 45.12 91.12 -47.71
C PRO A 2567 46.44 90.41 -47.43
N LEU A 2568 46.53 89.12 -47.75
CA LEU A 2568 47.77 88.37 -47.64
C LEU A 2568 48.65 88.53 -48.87
N PHE A 2569 48.53 89.65 -49.60
CA PHE A 2569 49.46 89.92 -50.68
C PHE A 2569 50.89 90.03 -50.15
N ALA A 2570 51.06 90.56 -48.94
CA ALA A 2570 52.37 90.54 -48.30
C ALA A 2570 52.83 89.11 -48.04
N GLY A 2571 51.90 88.22 -47.71
CA GLY A 2571 52.25 86.81 -47.56
C GLY A 2571 52.73 86.18 -48.85
N THR A 2572 52.05 86.49 -49.96
CA THR A 2572 52.49 85.99 -51.25
C THR A 2572 53.85 86.55 -51.63
N GLU A 2573 54.08 87.84 -51.33
CA GLU A 2573 55.39 88.43 -51.58
C GLU A 2573 56.47 87.76 -50.74
N HIS A 2574 56.16 87.45 -49.47
CA HIS A 2574 57.12 86.75 -48.62
C HIS A 2574 57.43 85.36 -49.16
N ARG A 2575 56.40 84.65 -49.62
CA ARG A 2575 56.63 83.33 -50.22
C ARG A 2575 57.50 83.43 -51.46
N ALA A 2576 57.22 84.43 -52.31
CA ALA A 2576 58.02 84.61 -53.52
C ALA A 2576 59.47 84.94 -53.19
N ILE A 2577 59.69 85.79 -52.17
CA ILE A 2577 61.06 86.12 -51.79
C ILE A 2577 61.75 84.93 -51.13
N MET A 2578 60.98 84.06 -50.47
CA MET A 2578 61.57 82.82 -49.93
C MET A 2578 62.01 81.90 -51.07
N VAL A 2579 61.20 81.83 -52.13
CA VAL A 2579 61.60 81.05 -53.31
C VAL A 2579 62.85 81.65 -53.94
N ASP A 2580 62.87 82.98 -54.09
CA ASP A 2580 63.97 83.63 -54.78
C ASP A 2580 65.24 83.68 -53.95
N SER A 2581 65.11 83.85 -52.63
CA SER A 2581 66.25 83.96 -51.73
C SER A 2581 66.41 82.66 -50.97
N MET A 2582 67.45 81.90 -51.29
CA MET A 2582 67.78 80.65 -50.62
C MET A 2582 69.21 80.68 -50.11
N LEU A 2583 69.64 81.84 -49.60
CA LEU A 2583 71.00 81.98 -49.13
C LEU A 2583 71.27 81.09 -47.92
N HIS A 2584 70.30 80.99 -47.01
CA HIS A 2584 70.46 80.20 -45.79
C HIS A 2584 70.05 78.76 -46.07
N THR A 2585 71.03 77.86 -46.02
CA THR A 2585 70.81 76.42 -46.17
C THR A 2585 70.04 76.11 -47.44
N VAL A 2586 70.68 76.41 -48.58
CA VAL A 2586 70.05 76.15 -49.87
C VAL A 2586 69.79 74.67 -50.04
N TYR A 2587 68.60 74.34 -50.54
CA TYR A 2587 68.22 72.95 -50.76
C TYR A 2587 67.35 72.91 -52.01
N ARG A 2588 67.87 72.26 -53.07
CA ARG A 2588 67.14 72.21 -54.33
C ARG A 2588 65.84 71.42 -54.20
N LEU A 2589 65.86 70.35 -53.39
CA LEU A 2589 64.65 69.57 -53.18
C LEU A 2589 63.54 70.39 -52.53
N SER A 2590 63.90 71.17 -51.49
CA SER A 2590 62.91 72.04 -50.86
C SER A 2590 62.57 73.21 -51.76
N ARG A 2591 63.53 73.66 -52.57
CA ARG A 2591 63.26 74.72 -53.53
C ARG A 2591 62.22 74.31 -54.57
N GLY A 2592 62.24 73.04 -54.99
CA GLY A 2592 61.22 72.56 -55.90
C GLY A 2592 59.83 72.63 -55.28
N ARG A 2593 59.71 72.21 -54.02
CA ARG A 2593 58.42 72.31 -53.33
C ARG A 2593 57.98 73.76 -53.18
N SER A 2594 58.91 74.66 -52.86
CA SER A 2594 58.55 76.07 -52.71
C SER A 2594 58.09 76.66 -54.05
N LEU A 2595 58.81 76.34 -55.13
CA LEU A 2595 58.45 76.90 -56.43
C LEU A 2595 57.13 76.33 -56.93
N THR A 2596 56.87 75.05 -56.71
CA THR A 2596 55.57 74.51 -57.10
C THR A 2596 54.46 75.04 -56.20
N LYS A 2597 54.77 75.39 -54.94
CA LYS A 2597 53.80 76.09 -54.10
C LYS A 2597 53.45 77.45 -54.71
N ALA A 2598 54.46 78.21 -55.13
CA ALA A 2598 54.20 79.50 -55.75
C ALA A 2598 53.39 79.33 -57.03
N GLN A 2599 53.74 78.33 -57.85
CA GLN A 2599 53.03 78.10 -59.11
C GLN A 2599 51.56 77.74 -58.85
N ARG A 2600 51.32 76.85 -57.90
CA ARG A 2600 49.94 76.47 -57.58
C ARG A 2600 49.16 77.65 -57.02
N ASP A 2601 49.80 78.48 -56.19
CA ASP A 2601 49.11 79.65 -55.66
C ASP A 2601 48.74 80.64 -56.76
N VAL A 2602 49.65 80.88 -57.71
CA VAL A 2602 49.38 81.85 -58.75
C VAL A 2602 48.48 81.30 -59.85
N ILE A 2603 48.37 79.98 -59.99
CA ILE A 2603 47.53 79.41 -61.04
C ILE A 2603 46.06 79.36 -60.67
N GLU A 2604 45.72 79.57 -59.40
CA GLU A 2604 44.33 79.48 -58.94
C GLU A 2604 43.68 80.83 -58.73
N ASP A 2605 44.42 81.82 -58.23
CA ASP A 2605 43.88 83.13 -57.94
C ASP A 2605 44.75 84.20 -58.58
N CYS A 2606 44.12 85.23 -59.12
CA CYS A 2606 44.80 86.35 -59.78
C CYS A 2606 43.80 87.48 -59.93
N LEU A 2607 44.18 88.50 -60.71
CA LEU A 2607 43.37 89.67 -61.04
C LEU A 2607 42.61 90.25 -59.86
N MET A 2608 43.24 90.26 -58.68
CA MET A 2608 42.67 90.92 -57.51
C MET A 2608 43.38 92.22 -57.14
N ALA A 2609 44.54 92.47 -57.70
CA ALA A 2609 45.30 93.70 -57.46
C ALA A 2609 46.24 93.92 -58.63
N LEU A 2610 47.18 94.84 -58.47
CA LEU A 2610 48.19 95.05 -59.50
C LEU A 2610 49.61 95.02 -58.97
N CYS A 2611 49.85 95.55 -57.76
CA CYS A 2611 51.20 95.61 -57.23
C CYS A 2611 51.75 94.25 -56.83
N ARG A 2612 50.89 93.34 -56.37
CA ARG A 2612 51.34 92.05 -55.85
C ARG A 2612 51.94 91.15 -56.92
N TYR A 2613 51.79 91.51 -58.21
CA TYR A 2613 52.41 90.78 -59.30
C TYR A 2613 53.59 91.49 -59.92
N ILE A 2614 53.49 92.81 -60.13
CA ILE A 2614 54.59 93.55 -60.72
C ILE A 2614 55.76 93.65 -59.74
N ARG A 2615 55.48 93.87 -58.45
CA ARG A 2615 56.56 93.99 -57.47
C ARG A 2615 57.44 92.75 -57.41
N PRO A 2616 56.91 91.52 -57.31
CA PRO A 2616 57.80 90.35 -57.45
C PRO A 2616 58.45 90.26 -58.81
N SER A 2617 57.77 90.69 -59.87
CA SER A 2617 58.31 90.65 -61.21
C SER A 2617 59.19 91.85 -61.55
N MET A 2618 59.33 92.81 -60.61
CA MET A 2618 60.23 93.93 -60.85
C MET A 2618 61.67 93.45 -60.99
N LEU A 2619 62.07 92.46 -60.20
CA LEU A 2619 63.42 91.90 -60.34
C LEU A 2619 63.61 91.26 -61.69
N GLN A 2620 62.60 90.52 -62.18
CA GLN A 2620 62.70 89.91 -63.50
C GLN A 2620 62.76 90.98 -64.59
N HIS A 2621 61.98 92.05 -64.45
CA HIS A 2621 62.01 93.12 -65.43
C HIS A 2621 63.37 93.82 -65.46
N LEU A 2622 63.96 94.05 -64.29
CA LEU A 2622 65.27 94.70 -64.22
C LEU A 2622 66.38 93.71 -64.51
N LEU A 2623 66.48 92.64 -63.71
CA LEU A 2623 67.50 91.61 -63.90
C LEU A 2623 66.84 90.41 -64.57
N ARG A 2624 66.76 90.47 -65.90
CA ARG A 2624 66.14 89.40 -66.67
C ARG A 2624 67.08 88.25 -66.96
N ARG A 2625 68.36 88.37 -66.63
CA ARG A 2625 69.34 87.32 -66.84
C ARG A 2625 69.57 86.47 -65.61
N LEU A 2626 68.81 86.71 -64.54
CA LEU A 2626 68.97 85.94 -63.32
C LEU A 2626 68.55 84.48 -63.54
N VAL A 2627 69.33 83.56 -62.97
CA VAL A 2627 69.06 82.13 -63.15
C VAL A 2627 68.00 81.61 -62.21
N PHE A 2628 67.61 82.38 -61.19
CA PHE A 2628 66.62 81.95 -60.21
C PHE A 2628 65.24 82.53 -60.47
N ASP A 2629 65.02 83.15 -61.64
CA ASP A 2629 63.75 83.77 -61.97
C ASP A 2629 62.90 82.91 -62.89
N VAL A 2630 63.27 81.64 -63.11
CA VAL A 2630 62.48 80.78 -63.99
C VAL A 2630 61.08 80.56 -63.45
N PRO A 2631 60.86 80.28 -62.16
CA PRO A 2631 59.48 80.28 -61.65
C PRO A 2631 58.74 81.59 -61.92
N ILE A 2632 59.43 82.72 -61.78
CA ILE A 2632 58.78 84.02 -61.99
C ILE A 2632 58.34 84.17 -63.43
N LEU A 2633 59.21 83.82 -64.38
CA LEU A 2633 58.85 83.90 -65.79
C LEU A 2633 57.73 82.92 -66.12
N ASN A 2634 57.78 81.72 -65.54
CA ASN A 2634 56.73 80.74 -65.78
C ASN A 2634 55.37 81.26 -65.30
N GLU A 2635 55.33 81.87 -64.11
CA GLU A 2635 54.09 82.43 -63.61
C GLU A 2635 53.62 83.61 -64.46
N PHE A 2636 54.55 84.49 -64.84
CA PHE A 2636 54.22 85.66 -65.65
C PHE A 2636 53.79 85.29 -67.06
N ALA A 2637 54.13 84.09 -67.52
CA ALA A 2637 53.62 83.60 -68.80
C ALA A 2637 52.32 82.80 -68.66
N LYS A 2638 52.14 82.10 -67.54
CA LYS A 2638 50.93 81.32 -67.35
C LYS A 2638 49.72 82.17 -66.99
N MET A 2639 49.92 83.27 -66.24
CA MET A 2639 48.79 84.10 -65.85
C MET A 2639 48.05 84.71 -67.04
N PRO A 2640 48.71 85.37 -68.00
CA PRO A 2640 47.95 85.88 -69.16
C PRO A 2640 47.31 84.79 -69.99
N LEU A 2641 47.94 83.62 -70.07
CA LEU A 2641 47.36 82.51 -70.80
C LEU A 2641 46.04 82.06 -70.18
N LYS A 2642 45.98 82.02 -68.85
CA LYS A 2642 44.77 81.62 -68.14
C LYS A 2642 43.78 82.74 -67.93
N LEU A 2643 44.17 84.00 -68.20
CA LEU A 2643 43.27 85.13 -68.02
C LEU A 2643 42.85 85.73 -69.36
N LEU A 2644 43.80 86.14 -70.19
CA LEU A 2644 43.52 86.76 -71.49
C LEU A 2644 42.61 87.98 -71.35
N THR A 2645 42.78 88.71 -70.25
CA THR A 2645 42.11 89.99 -69.98
C THR A 2645 40.61 89.79 -69.77
N ASN A 2646 40.13 88.55 -69.93
CA ASN A 2646 38.73 88.25 -69.71
C ASN A 2646 38.40 88.37 -68.23
N HIS A 2647 37.31 89.09 -67.92
CA HIS A 2647 36.93 89.39 -66.54
C HIS A 2647 38.06 90.07 -65.78
N TYR A 2648 38.82 90.91 -66.48
CA TYR A 2648 39.96 91.61 -65.90
C TYR A 2648 40.08 92.96 -66.56
N GLU A 2649 40.36 93.98 -65.75
CA GLU A 2649 40.47 95.36 -66.22
C GLU A 2649 41.93 95.79 -66.17
N ARG A 2650 42.41 96.38 -67.26
CA ARG A 2650 43.80 96.82 -67.33
C ARG A 2650 44.01 98.06 -66.46
N CYS A 2651 45.28 98.34 -66.18
CA CYS A 2651 45.67 99.46 -65.33
C CYS A 2651 47.09 99.85 -65.69
N TRP A 2652 47.72 100.65 -64.81
CA TRP A 2652 49.10 101.05 -65.04
C TRP A 2652 50.04 99.84 -65.05
N LYS A 2653 49.66 98.77 -64.36
CA LYS A 2653 50.46 97.54 -64.41
C LYS A 2653 50.49 96.97 -65.82
N TYR A 2654 49.35 97.00 -66.52
CA TYR A 2654 49.32 96.57 -67.91
C TYR A 2654 50.10 97.50 -68.83
N TYR A 2655 50.32 98.75 -68.41
CA TYR A 2655 51.07 99.69 -69.24
C TYR A 2655 52.56 99.40 -69.24
N CYS A 2656 53.08 98.77 -68.18
CA CYS A 2656 54.49 98.47 -68.08
C CYS A 2656 54.88 97.14 -68.72
N LEU A 2657 53.90 96.35 -69.15
CA LEU A 2657 54.21 95.07 -69.80
C LEU A 2657 55.04 95.23 -71.08
N PRO A 2658 54.73 96.17 -72.00
CA PRO A 2658 55.60 96.32 -73.17
C PRO A 2658 57.04 96.64 -72.82
N THR A 2659 57.27 97.48 -71.82
CA THR A 2659 58.64 97.76 -71.39
C THR A 2659 59.31 96.52 -70.83
N GLY A 2660 58.58 95.72 -70.04
CA GLY A 2660 59.14 94.49 -69.53
C GLY A 2660 59.53 93.52 -70.63
N TRP A 2661 58.65 93.34 -71.61
CA TRP A 2661 58.97 92.45 -72.73
C TRP A 2661 60.15 92.99 -73.54
N ALA A 2662 60.19 94.30 -73.76
CA ALA A 2662 61.28 94.89 -74.53
C ALA A 2662 62.63 94.68 -73.84
N ASN A 2663 62.70 94.95 -72.53
CA ASN A 2663 63.97 94.77 -71.84
C ASN A 2663 64.32 93.30 -71.68
N PHE A 2664 63.32 92.42 -71.56
CA PHE A 2664 63.59 90.99 -71.52
C PHE A 2664 64.24 90.53 -72.83
N GLY A 2665 63.67 90.94 -73.96
CA GLY A 2665 64.31 90.62 -75.24
C GLY A 2665 65.67 91.24 -75.39
N VAL A 2666 65.83 92.48 -74.91
CA VAL A 2666 67.12 93.17 -75.02
C VAL A 2666 68.19 92.40 -74.26
N THR A 2667 67.90 92.02 -73.01
CA THR A 2667 68.81 91.17 -72.26
C THR A 2667 68.97 89.79 -72.89
N SER A 2668 67.98 89.35 -73.66
CA SER A 2668 68.06 88.03 -74.29
C SER A 2668 69.08 88.01 -75.43
N GLU A 2669 69.11 89.05 -76.27
CA GLU A 2669 69.93 88.97 -77.47
C GLU A 2669 71.20 89.82 -77.42
N GLU A 2670 71.31 90.76 -76.48
CA GLU A 2670 72.45 91.67 -76.49
C GLU A 2670 73.74 90.96 -76.08
N GLU A 2671 73.77 90.44 -74.85
CA GLU A 2671 74.97 89.81 -74.31
C GLU A 2671 74.61 88.44 -73.76
N LEU A 2672 75.62 87.57 -73.67
CA LEU A 2672 75.48 86.22 -73.14
C LEU A 2672 74.43 85.44 -73.93
N HIS A 2673 74.77 85.17 -75.19
CA HIS A 2673 73.89 84.47 -76.11
C HIS A 2673 73.28 83.24 -75.45
N LEU A 2674 71.95 83.23 -75.37
CA LEU A 2674 71.25 82.28 -74.53
C LEU A 2674 71.30 80.88 -75.11
N THR A 2675 71.49 79.89 -74.24
CA THR A 2675 71.50 78.50 -74.67
C THR A 2675 70.07 78.02 -74.93
N ARG A 2676 69.98 76.90 -75.64
CA ARG A 2676 68.68 76.44 -76.14
C ARG A 2676 67.75 76.02 -75.01
N LYS A 2677 68.31 75.42 -73.94
CA LYS A 2677 67.48 74.78 -72.93
C LYS A 2677 66.54 75.77 -72.26
N LEU A 2678 67.04 76.95 -71.90
CA LEU A 2678 66.19 77.95 -71.25
C LEU A 2678 65.65 78.97 -72.26
N PHE A 2679 66.27 79.08 -73.44
CA PHE A 2679 65.67 79.90 -74.49
C PHE A 2679 64.33 79.33 -74.94
N TRP A 2680 64.21 78.00 -74.95
CA TRP A 2680 62.93 77.38 -75.27
C TRP A 2680 61.87 77.73 -74.23
N GLY A 2681 62.26 77.74 -72.95
CA GLY A 2681 61.36 78.10 -71.89
C GLY A 2681 61.14 79.58 -71.68
N ILE A 2682 61.89 80.42 -72.39
CA ILE A 2682 61.74 81.87 -72.28
C ILE A 2682 60.83 82.44 -73.37
N PHE A 2683 60.01 81.59 -73.99
CA PHE A 2683 59.11 82.01 -75.05
C PHE A 2683 57.83 82.54 -74.42
N ASP A 2684 57.83 83.83 -74.10
CA ASP A 2684 56.68 84.48 -73.51
C ASP A 2684 55.58 84.67 -74.56
N SER A 2685 54.33 84.63 -74.10
CA SER A 2685 53.20 84.79 -75.01
C SER A 2685 53.19 86.18 -75.65
N LEU A 2686 53.43 87.22 -74.84
CA LEU A 2686 53.43 88.61 -75.31
C LEU A 2686 52.12 88.96 -76.02
N ALA A 2687 51.01 88.50 -75.45
CA ALA A 2687 49.70 88.72 -76.03
C ALA A 2687 49.09 90.00 -75.44
N HIS A 2688 47.79 90.22 -75.69
CA HIS A 2688 47.05 91.37 -75.18
C HIS A 2688 47.68 92.69 -75.66
N LYS A 2689 47.68 92.87 -76.97
CA LYS A 2689 48.19 94.09 -77.58
C LYS A 2689 47.09 95.16 -77.58
N LYS A 2690 47.33 96.27 -78.27
CA LYS A 2690 46.36 97.35 -78.34
C LYS A 2690 46.51 98.13 -79.64
N ASN A 2734 63.86 95.89 -52.31
CA ASN A 2734 65.08 96.67 -52.47
C ASN A 2734 64.76 98.16 -52.59
N PHE A 2735 64.72 98.65 -53.83
CA PHE A 2735 64.41 100.05 -54.13
C PHE A 2735 65.39 100.99 -53.43
N ASP A 2736 66.65 100.88 -53.85
CA ASP A 2736 67.69 101.74 -53.31
C ASP A 2736 67.37 103.20 -53.64
N PRO A 2737 67.34 104.09 -52.65
CA PRO A 2737 66.93 105.48 -52.92
C PRO A 2737 67.96 106.23 -53.74
N ARG A 2738 67.46 107.05 -54.67
CA ARG A 2738 68.29 107.94 -55.48
C ARG A 2738 67.67 109.33 -55.43
N PRO A 2739 67.87 110.05 -54.32
CA PRO A 2739 67.22 111.34 -54.16
C PRO A 2739 67.72 112.37 -55.16
N VAL A 2740 66.84 113.30 -55.51
CA VAL A 2740 67.15 114.39 -56.41
C VAL A 2740 67.64 115.59 -55.59
N GLU A 2741 68.62 116.32 -56.13
CA GLU A 2741 69.19 117.47 -55.44
C GLU A 2741 68.13 118.55 -55.24
N THR A 2742 67.76 118.81 -53.98
CA THR A 2742 66.76 119.81 -53.67
C THR A 2742 67.21 120.84 -52.64
N LEU A 2743 68.36 120.65 -51.99
CA LEU A 2743 68.85 121.55 -50.96
C LEU A 2743 69.81 122.60 -51.49
N ASN A 2744 70.08 122.62 -52.79
CA ASN A 2744 71.02 123.56 -53.38
C ASN A 2744 70.36 124.76 -54.02
N VAL A 2745 69.19 124.59 -54.63
CA VAL A 2745 68.51 125.68 -55.31
C VAL A 2745 67.87 126.60 -54.28
N ILE A 2746 68.03 127.90 -54.47
CA ILE A 2746 67.42 128.90 -53.60
C ILE A 2746 66.07 129.31 -54.18
N ILE A 2747 65.04 129.27 -53.34
CA ILE A 2747 63.68 129.59 -53.81
C ILE A 2747 63.61 131.08 -54.14
N PRO A 2748 62.85 131.48 -55.17
CA PRO A 2748 62.69 132.89 -55.46
C PRO A 2748 61.68 133.55 -54.51
N GLU A 2749 61.62 134.88 -54.59
CA GLU A 2749 60.70 135.64 -53.75
C GLU A 2749 59.24 135.45 -54.17
N LYS A 2750 59.00 135.03 -55.40
CA LYS A 2750 57.63 134.84 -55.89
C LYS A 2750 56.97 133.60 -55.34
N LEU A 2751 57.71 132.73 -54.65
CA LEU A 2751 57.17 131.46 -54.15
C LEU A 2751 57.02 131.42 -52.64
N ASP A 2752 57.56 132.41 -51.91
CA ASP A 2752 57.38 132.45 -50.47
C ASP A 2752 55.91 132.64 -50.11
N SER A 2753 55.21 133.50 -50.87
CA SER A 2753 53.78 133.67 -50.66
C SER A 2753 53.03 132.35 -50.90
N PHE A 2754 53.42 131.62 -51.93
CA PHE A 2754 52.82 130.31 -52.19
C PHE A 2754 53.05 129.36 -51.02
N ILE A 2755 54.28 129.33 -50.50
CA ILE A 2755 54.59 128.44 -49.38
C ILE A 2755 53.72 128.78 -48.17
N ASN A 2756 53.68 130.07 -47.81
CA ASN A 2756 52.91 130.48 -46.64
C ASN A 2756 51.42 130.21 -46.83
N LYS A 2757 50.89 130.53 -48.01
CA LYS A 2757 49.47 130.32 -48.26
C LYS A 2757 49.11 128.83 -48.23
N PHE A 2758 49.98 127.99 -48.79
CA PHE A 2758 49.72 126.55 -48.74
C PHE A 2758 49.78 126.02 -47.31
N ALA A 2759 50.73 126.51 -46.51
CA ALA A 2759 50.77 126.09 -45.11
C ALA A 2759 49.50 126.49 -44.37
N GLU A 2760 49.04 127.73 -44.56
CA GLU A 2760 47.80 128.16 -43.92
C GLU A 2760 46.60 127.36 -44.42
N TYR A 2761 46.57 127.04 -45.72
CA TYR A 2761 45.48 126.26 -46.28
C TYR A 2761 45.45 124.85 -45.70
N THR A 2762 46.61 124.21 -45.57
CA THR A 2762 46.66 122.90 -44.95
C THR A 2762 46.21 122.95 -43.50
N HIS A 2763 46.67 123.96 -42.76
CA HIS A 2763 46.26 124.09 -41.37
C HIS A 2763 44.76 124.29 -41.24
N GLU A 2764 44.17 125.14 -42.09
CA GLU A 2764 42.74 125.39 -41.99
C GLU A 2764 41.91 124.21 -42.48
N LYS A 2765 42.42 123.45 -43.46
CA LYS A 2765 41.73 122.23 -43.86
C LYS A 2765 41.71 121.21 -42.74
N TRP A 2766 42.85 121.03 -42.06
CA TRP A 2766 42.87 120.12 -40.91
C TRP A 2766 41.96 120.63 -39.80
N ALA A 2767 41.93 121.96 -39.60
CA ALA A 2767 41.04 122.53 -38.59
C ALA A 2767 39.57 122.28 -38.92
N PHE A 2768 39.21 122.40 -40.20
CA PHE A 2768 37.85 122.08 -40.61
C PHE A 2768 37.53 120.62 -40.39
N ASP A 2769 38.46 119.72 -40.72
CA ASP A 2769 38.25 118.31 -40.45
C ASP A 2769 38.10 118.03 -38.95
N LYS A 2770 38.82 118.78 -38.12
CA LYS A 2770 38.73 118.58 -36.67
C LYS A 2770 37.42 119.10 -36.11
N ILE A 2771 36.98 120.29 -36.55
CA ILE A 2771 35.71 120.82 -36.09
C ILE A 2771 34.56 119.99 -36.63
N GLN A 2772 34.77 119.26 -37.73
CA GLN A 2772 33.80 118.25 -38.13
C GLN A 2772 33.67 117.18 -37.05
N ASN A 2773 34.78 116.81 -36.43
CA ASN A 2773 34.79 115.90 -35.29
C ASN A 2773 34.50 116.61 -33.97
N ASN A 2774 34.06 117.86 -34.01
CA ASN A 2774 33.70 118.64 -32.82
C ASN A 2774 34.90 118.81 -31.89
N TRP A 2775 36.04 119.17 -32.46
CA TRP A 2775 37.23 119.44 -31.67
C TRP A 2775 37.15 120.83 -31.05
N SER A 2776 37.98 121.05 -30.03
CA SER A 2776 38.04 122.31 -29.31
C SER A 2776 39.49 122.73 -29.11
N TYR A 2777 39.69 124.04 -28.99
CA TYR A 2777 41.03 124.58 -28.78
C TYR A 2777 41.47 124.37 -27.33
N GLY A 2778 42.77 124.26 -27.14
CA GLY A 2778 43.33 124.06 -25.82
C GLY A 2778 44.82 124.28 -25.83
N GLU A 2779 45.42 124.20 -24.64
CA GLU A 2779 46.85 124.38 -24.48
C GLU A 2779 47.61 123.06 -24.60
N ASN A 2780 47.29 122.10 -23.74
CA ASN A 2780 47.94 120.80 -23.77
C ASN A 2780 47.29 119.91 -24.83
N VAL A 2781 47.95 118.80 -25.11
CA VAL A 2781 47.47 117.81 -26.08
C VAL A 2781 46.72 116.71 -25.33
N ASP A 2782 45.50 116.43 -25.76
CA ASP A 2782 44.65 115.45 -25.11
C ASP A 2782 43.94 114.62 -26.17
N GLU A 2783 43.52 113.41 -25.78
CA GLU A 2783 42.78 112.51 -26.65
C GLU A 2783 41.27 112.58 -26.40
N GLU A 2784 40.83 112.37 -25.16
CA GLU A 2784 39.41 112.44 -24.87
C GLU A 2784 38.90 113.88 -24.85
N LEU A 2785 39.76 114.84 -24.50
CA LEU A 2785 39.39 116.24 -24.50
C LEU A 2785 39.59 116.91 -25.85
N LYS A 2786 40.24 116.23 -26.79
CA LYS A 2786 40.53 116.71 -28.15
C LYS A 2786 40.89 118.20 -28.16
N THR A 2787 41.90 118.53 -27.36
CA THR A 2787 42.41 119.89 -27.27
C THR A 2787 43.84 119.93 -27.81
N HIS A 2788 44.14 120.97 -28.60
CA HIS A 2788 45.45 121.12 -29.21
C HIS A 2788 45.70 122.60 -29.49
N PRO A 2789 46.93 123.09 -29.29
CA PRO A 2789 47.22 124.50 -29.56
C PRO A 2789 47.27 124.87 -31.03
N MET A 2790 46.98 123.94 -31.95
CA MET A 2790 46.99 124.25 -33.37
C MET A 2790 45.73 124.96 -33.84
N LEU A 2791 44.71 125.06 -32.99
CA LEU A 2791 43.47 125.77 -33.33
C LEU A 2791 43.55 127.17 -32.71
N ARG A 2792 44.31 128.04 -33.38
CA ARG A 2792 44.54 129.40 -32.93
C ARG A 2792 44.37 130.36 -34.09
N PRO A 2793 44.04 131.62 -33.81
CA PRO A 2793 43.93 132.61 -34.89
C PRO A 2793 45.27 132.88 -35.55
N TYR A 2794 45.19 133.32 -36.81
CA TYR A 2794 46.40 133.59 -37.58
C TYR A 2794 47.22 134.72 -36.98
N LYS A 2795 46.58 135.67 -36.30
CA LYS A 2795 47.28 136.83 -35.75
C LYS A 2795 48.14 136.49 -34.54
N THR A 2796 48.03 135.27 -34.00
CA THR A 2796 48.78 134.89 -32.80
C THR A 2796 49.40 133.51 -32.96
N PHE A 2797 49.99 133.25 -34.11
CA PHE A 2797 50.66 131.98 -34.37
C PHE A 2797 52.07 131.99 -33.77
N SER A 2798 52.74 130.86 -33.89
CA SER A 2798 54.10 130.69 -33.39
C SER A 2798 55.04 130.35 -34.55
N GLU A 2799 56.29 130.79 -34.42
CA GLU A 2799 57.27 130.57 -35.48
C GLU A 2799 57.55 129.08 -35.67
N LYS A 2800 57.65 128.31 -34.58
CA LYS A 2800 57.95 126.89 -34.69
C LYS A 2800 56.85 126.14 -35.42
N ASP A 2801 55.59 126.42 -35.08
CA ASP A 2801 54.48 125.76 -35.76
C ASP A 2801 54.44 126.11 -37.25
N LYS A 2802 54.65 127.39 -37.57
CA LYS A 2802 54.67 127.79 -38.98
C LYS A 2802 55.80 127.09 -39.73
N GLU A 2803 56.99 127.01 -39.12
CA GLU A 2803 58.11 126.35 -39.77
C GLU A 2803 57.85 124.87 -39.99
N ILE A 2804 57.33 124.18 -38.98
CA ILE A 2804 57.11 122.74 -39.12
C ILE A 2804 55.98 122.47 -40.11
N TYR A 2805 55.02 123.39 -40.21
CA TYR A 2805 53.94 123.20 -41.17
C TYR A 2805 54.38 123.50 -42.60
N ARG A 2806 55.27 124.47 -42.78
CA ARG A 2806 55.72 124.87 -44.11
C ARG A 2806 56.93 124.09 -44.59
N TRP A 2807 57.55 123.27 -43.74
CA TRP A 2807 58.70 122.48 -44.17
C TRP A 2807 58.39 121.53 -45.33
N PRO A 2808 57.31 120.73 -45.31
CA PRO A 2808 57.15 119.71 -46.37
C PRO A 2808 57.10 120.26 -47.79
N ILE A 2809 56.48 121.42 -48.00
CA ILE A 2809 56.33 121.93 -49.36
C ILE A 2809 57.64 122.51 -49.88
N LYS A 2810 58.58 122.82 -48.99
CA LYS A 2810 59.85 123.42 -49.41
C LYS A 2810 60.55 122.56 -50.44
N GLU A 2811 60.96 121.34 -50.05
CA GLU A 2811 61.66 120.46 -50.97
C GLU A 2811 60.79 120.05 -52.16
N SER A 2812 59.47 119.95 -51.97
CA SER A 2812 58.58 119.61 -53.07
C SER A 2812 58.65 120.63 -54.18
N LEU A 2813 58.66 121.92 -53.84
CA LEU A 2813 58.81 122.96 -54.85
C LEU A 2813 60.24 123.12 -55.33
N LYS A 2814 61.23 122.91 -54.45
CA LYS A 2814 62.61 123.08 -54.86
C LYS A 2814 63.02 122.02 -55.88
N ALA A 2815 62.52 120.80 -55.74
CA ALA A 2815 62.81 119.76 -56.73
C ALA A 2815 62.22 120.13 -58.08
N MET A 2816 60.99 120.66 -58.09
CA MET A 2816 60.38 121.09 -59.35
C MET A 2816 61.17 122.22 -59.99
N ILE A 2817 61.64 123.17 -59.18
CA ILE A 2817 62.47 124.25 -59.71
C ILE A 2817 63.76 123.70 -60.29
N ALA A 2818 64.40 122.77 -59.59
CA ALA A 2818 65.66 122.20 -60.06
C ALA A 2818 65.47 121.27 -61.25
N TRP A 2819 64.23 120.84 -61.53
CA TRP A 2819 63.95 119.96 -62.66
C TRP A 2819 63.82 120.71 -63.99
N GLU A 2820 64.31 121.95 -64.04
CA GLU A 2820 64.30 122.77 -65.26
C GLU A 2820 62.87 122.96 -65.79
N TRP A 2821 62.05 123.59 -64.96
CA TRP A 2821 60.68 123.92 -65.32
C TRP A 2821 60.42 125.38 -64.97
N THR A 2822 59.83 126.12 -65.90
CA THR A 2822 59.58 127.54 -65.73
C THR A 2822 58.27 127.77 -64.98
N ILE A 2823 58.29 128.72 -64.05
CA ILE A 2823 57.10 129.11 -63.30
C ILE A 2823 56.78 130.56 -63.65
N GLU A 2824 55.57 130.78 -64.16
CA GLU A 2824 55.14 132.10 -64.59
C GLU A 2824 53.78 132.42 -63.97
N LYS A 2825 53.61 133.67 -63.53
CA LYS A 2825 52.37 134.13 -62.94
C LYS A 2825 51.42 134.55 -64.05
N ALA A 2826 50.31 133.83 -64.19
CA ALA A 2826 49.32 134.11 -65.22
C ALA A 2826 48.08 134.81 -64.68
N ARG A 2827 47.59 134.40 -63.51
CA ARG A 2827 46.38 134.99 -62.94
C ARG A 2827 46.64 135.48 -61.52
N GLU A 2828 45.58 135.92 -60.84
CA GLU A 2828 45.66 136.40 -59.47
C GLU A 2828 45.02 135.38 -58.54
N GLY A 2829 45.72 135.08 -57.44
CA GLY A 2829 45.22 134.11 -56.47
C GLY A 2829 43.91 134.51 -55.84
N GLU A 2830 42.85 133.77 -56.15
CA GLU A 2830 41.53 134.05 -55.61
C GLU A 2830 41.43 133.62 -54.15
N TYR A 2855 35.94 128.95 -33.28
CA TYR A 2855 36.67 129.28 -34.49
C TYR A 2855 36.42 128.25 -35.59
N ASN A 2856 35.63 128.64 -36.59
CA ASN A 2856 35.31 127.77 -37.71
C ASN A 2856 36.02 128.26 -38.96
N PRO A 2857 36.96 127.49 -39.51
CA PRO A 2857 37.62 127.91 -40.74
C PRO A 2857 36.68 127.84 -41.93
N GLN A 2858 37.05 128.56 -42.99
CA GLN A 2858 36.25 128.67 -44.21
C GLN A 2858 37.12 128.24 -45.39
N PRO A 2859 37.18 126.93 -45.67
CA PRO A 2859 38.00 126.45 -46.78
C PRO A 2859 37.31 126.71 -48.12
N PRO A 2860 38.01 127.34 -49.07
CA PRO A 2860 37.42 127.55 -50.39
C PRO A 2860 37.24 126.24 -51.14
N ASP A 2861 36.23 126.21 -52.00
CA ASP A 2861 35.96 125.02 -52.80
C ASP A 2861 37.05 124.84 -53.85
N LEU A 2862 37.60 123.62 -53.92
CA LEU A 2862 38.67 123.32 -54.87
C LEU A 2862 38.35 122.10 -55.73
N SER A 2863 37.15 121.57 -55.65
CA SER A 2863 36.76 120.38 -56.41
C SER A 2863 36.20 120.72 -57.78
N GLY A 2864 36.10 122.00 -58.14
CA GLY A 2864 35.57 122.42 -59.40
C GLY A 2864 36.58 122.55 -60.53
N VAL A 2865 37.82 122.08 -60.32
CA VAL A 2865 38.88 122.18 -61.31
C VAL A 2865 39.15 120.79 -61.86
N THR A 2866 39.16 120.67 -63.19
CA THR A 2866 39.43 119.40 -63.85
C THR A 2866 40.95 119.19 -63.94
N LEU A 2867 41.36 118.11 -64.62
CA LEU A 2867 42.76 117.77 -64.77
C LEU A 2867 43.05 117.42 -66.22
N SER A 2868 44.30 117.60 -66.62
CA SER A 2868 44.76 117.32 -67.97
C SER A 2868 45.76 116.17 -67.96
N ARG A 2869 45.92 115.55 -69.13
CA ARG A 2869 46.85 114.42 -69.25
C ARG A 2869 48.28 114.85 -68.98
N GLU A 2870 48.67 116.02 -69.49
CA GLU A 2870 50.02 116.53 -69.23
C GLU A 2870 50.25 116.80 -67.76
N LEU A 2871 49.24 117.35 -67.08
CA LEU A 2871 49.36 117.62 -65.65
C LEU A 2871 49.42 116.34 -64.82
N GLN A 2872 48.91 115.23 -65.36
CA GLN A 2872 48.97 113.96 -64.62
C GLN A 2872 50.40 113.51 -64.41
N ALA A 2873 51.25 113.65 -65.44
CA ALA A 2873 52.65 113.29 -65.30
C ALA A 2873 53.34 114.17 -64.27
N MET A 2874 53.05 115.47 -64.28
CA MET A 2874 53.64 116.37 -63.29
C MET A 2874 53.19 116.00 -61.89
N ALA A 2875 51.91 115.68 -61.71
CA ALA A 2875 51.40 115.30 -60.40
C ALA A 2875 52.06 114.01 -59.91
N GLU A 2876 52.20 113.01 -60.80
CA GLU A 2876 52.84 111.76 -60.42
C GLU A 2876 54.30 111.97 -60.04
N GLN A 2877 55.02 112.77 -60.84
CA GLN A 2877 56.43 113.03 -60.53
C GLN A 2877 56.57 113.79 -59.23
N LEU A 2878 55.69 114.75 -58.96
CA LEU A 2878 55.75 115.48 -57.69
C LEU A 2878 55.44 114.58 -56.51
N ALA A 2879 54.44 113.70 -56.66
CA ALA A 2879 54.15 112.74 -55.60
C ALA A 2879 55.27 111.75 -55.39
N GLU A 2880 56.06 111.47 -56.44
CA GLU A 2880 57.23 110.62 -56.28
C GLU A 2880 58.25 111.24 -55.33
N ASN A 2881 58.31 112.56 -55.24
CA ASN A 2881 59.29 113.22 -54.39
C ASN A 2881 59.06 112.90 -52.92
N TYR A 2882 57.81 112.87 -52.47
CA TYR A 2882 57.52 112.56 -51.08
C TYR A 2882 58.00 111.16 -50.72
N HIS A 2883 57.67 110.16 -51.55
CA HIS A 2883 58.11 108.80 -51.29
C HIS A 2883 59.63 108.68 -51.40
N ASN A 2884 60.26 109.43 -52.31
CA ASN A 2884 61.72 109.38 -52.43
C ASN A 2884 62.39 109.92 -51.17
N THR A 2885 61.94 111.08 -50.69
CA THR A 2885 62.54 111.67 -49.49
C THR A 2885 62.17 110.90 -48.23
N TRP A 2886 61.09 110.11 -48.26
CA TRP A 2886 60.79 109.24 -47.13
C TRP A 2886 61.67 107.99 -47.15
N GLY A 2887 61.83 107.37 -48.32
CA GLY A 2887 62.66 106.19 -48.43
C GLY A 2887 64.14 106.48 -48.19
N ARG A 2888 64.59 107.67 -48.59
CA ARG A 2888 65.99 108.02 -48.37
C ARG A 2888 66.32 108.06 -46.88
N LYS A 2889 65.41 108.61 -46.08
CA LYS A 2889 65.61 108.62 -44.63
C LYS A 2889 65.36 107.24 -44.02
N LYS A 2890 64.43 106.47 -44.60
CA LYS A 2890 64.19 105.10 -44.12
C LYS A 2890 65.37 104.18 -44.39
N LYS A 2891 66.21 104.51 -45.37
CA LYS A 2891 67.39 103.70 -45.65
C LYS A 2891 68.30 103.63 -44.43
N GLN A 2892 68.62 104.79 -43.84
CA GLN A 2892 69.37 104.81 -42.60
C GLN A 2892 68.61 104.14 -41.47
N GLU A 2893 67.28 104.15 -41.51
CA GLU A 2893 66.49 103.50 -40.47
C GLU A 2893 66.71 101.99 -40.48
N LEU A 2894 66.61 101.35 -41.66
CA LEU A 2894 66.86 99.91 -41.64
C LEU A 2894 68.35 99.60 -41.58
N GLU A 2895 69.21 100.56 -41.90
CA GLU A 2895 70.63 100.39 -41.62
C GLU A 2895 70.88 100.29 -40.12
N ALA A 2896 70.22 101.15 -39.34
CA ALA A 2896 70.31 101.06 -37.90
C ALA A 2896 69.65 99.78 -37.38
N LYS A 2897 68.53 99.39 -37.97
CA LYS A 2897 67.87 98.15 -37.58
C LYS A 2897 68.75 96.94 -37.87
N GLY A 2898 69.43 96.95 -39.01
CA GLY A 2898 70.29 95.85 -39.41
C GLY A 2898 69.75 94.94 -40.47
N GLY A 2899 68.61 95.27 -41.07
CA GLY A 2899 68.05 94.44 -42.13
C GLY A 2899 66.56 94.22 -42.00
N GLY A 2900 65.86 94.19 -43.13
CA GLY A 2900 64.42 93.99 -43.12
C GLY A 2900 63.76 94.43 -44.41
N THR A 2901 62.70 93.73 -44.80
CA THR A 2901 61.95 94.05 -46.02
C THR A 2901 60.58 94.60 -45.64
N HIS A 2902 60.23 95.74 -46.23
CA HIS A 2902 58.95 96.39 -45.97
C HIS A 2902 58.17 96.51 -47.27
N PRO A 2903 56.89 96.15 -47.29
CA PRO A 2903 56.11 96.25 -48.53
C PRO A 2903 55.93 97.67 -49.03
N LEU A 2904 56.09 98.68 -48.17
CA LEU A 2904 55.91 100.07 -48.57
C LEU A 2904 57.10 100.63 -49.32
N LEU A 2905 58.26 99.96 -49.27
CA LEU A 2905 59.46 100.42 -49.96
C LEU A 2905 59.51 99.81 -51.37
N VAL A 2906 58.65 100.36 -52.23
CA VAL A 2906 58.54 99.87 -53.61
C VAL A 2906 58.57 101.09 -54.54
N PRO A 2907 58.98 100.88 -55.79
CA PRO A 2907 58.97 101.99 -56.76
C PRO A 2907 57.56 102.52 -56.99
N TYR A 2908 57.49 103.80 -57.31
CA TYR A 2908 56.18 104.44 -57.48
C TYR A 2908 55.42 103.87 -58.67
N ASP A 2909 56.12 103.37 -59.69
CA ASP A 2909 55.44 102.73 -60.80
C ASP A 2909 54.72 101.47 -60.38
N THR A 2910 55.17 100.81 -59.32
CA THR A 2910 54.49 99.63 -58.80
C THR A 2910 53.18 100.01 -58.10
N LEU A 2911 53.09 101.24 -57.60
CA LEU A 2911 51.93 101.66 -56.82
C LEU A 2911 50.66 101.62 -57.67
N THR A 2912 49.56 101.22 -57.04
CA THR A 2912 48.24 101.17 -57.66
C THR A 2912 47.37 102.29 -57.08
N ALA A 2913 46.15 102.41 -57.61
CA ALA A 2913 45.25 103.45 -57.15
C ALA A 2913 44.89 103.28 -55.68
N LYS A 2914 44.69 102.03 -55.24
CA LYS A 2914 44.34 101.78 -53.85
C LYS A 2914 45.45 102.26 -52.91
N GLU A 2915 46.70 102.00 -53.26
CA GLU A 2915 47.83 102.52 -52.49
C GLU A 2915 48.08 104.00 -52.78
N LYS A 2916 47.76 104.48 -53.98
CA LYS A 2916 47.90 105.89 -54.30
C LYS A 2916 46.92 106.76 -53.54
N ALA A 2917 45.82 106.20 -53.03
CA ALA A 2917 44.85 106.98 -52.29
C ALA A 2917 45.41 107.61 -51.02
N ARG A 2918 46.54 107.12 -50.51
CA ARG A 2918 47.18 107.70 -49.34
C ARG A 2918 48.41 108.52 -49.67
N ASP A 2919 48.77 108.63 -50.95
CA ASP A 2919 49.94 109.38 -51.38
C ASP A 2919 49.64 110.47 -52.40
N ARG A 2920 48.57 110.33 -53.19
CA ARG A 2920 48.24 111.34 -54.19
C ARG A 2920 47.64 112.60 -53.57
N GLU A 2921 47.00 112.47 -52.41
CA GLU A 2921 46.30 113.61 -51.81
C GLU A 2921 47.26 114.75 -51.49
N LYS A 2922 48.41 114.44 -50.90
CA LYS A 2922 49.39 115.48 -50.59
C LYS A 2922 49.93 116.15 -51.84
N ALA A 2923 49.86 115.49 -52.99
CA ALA A 2923 50.26 116.09 -54.27
C ALA A 2923 49.08 116.65 -55.05
N GLN A 2924 47.88 116.08 -54.87
CA GLN A 2924 46.71 116.60 -55.55
C GLN A 2924 46.20 117.90 -54.93
N GLU A 2925 46.47 118.11 -53.64
CA GLU A 2925 45.99 119.32 -52.97
C GLU A 2925 46.76 120.57 -53.38
N LEU A 2926 47.90 120.42 -54.05
CA LEU A 2926 48.69 121.59 -54.45
C LEU A 2926 48.55 121.95 -55.91
N LEU A 2927 48.18 121.01 -56.79
CA LEU A 2927 47.93 121.37 -58.17
C LEU A 2927 46.74 122.29 -58.31
N LYS A 2928 45.65 122.02 -57.57
CA LYS A 2928 44.54 122.96 -57.53
C LYS A 2928 44.95 124.29 -56.91
N PHE A 2929 45.81 124.25 -55.89
CA PHE A 2929 46.28 125.47 -55.26
C PHE A 2929 47.04 126.35 -56.25
N LEU A 2930 47.93 125.76 -57.04
CA LEU A 2930 48.69 126.53 -58.02
C LEU A 2930 47.81 126.95 -59.19
N GLN A 2931 46.79 126.14 -59.54
CA GLN A 2931 45.85 126.55 -60.58
C GLN A 2931 45.07 127.78 -60.16
N MET A 2932 44.58 127.80 -58.92
CA MET A 2932 43.81 128.95 -58.44
C MET A 2932 44.70 130.13 -58.07
N ASN A 2933 45.98 129.90 -57.80
CA ASN A 2933 46.89 131.01 -57.51
C ASN A 2933 47.24 131.80 -58.76
N GLY A 2934 47.34 131.13 -59.90
CA GLY A 2934 47.67 131.76 -61.15
C GLY A 2934 49.02 131.40 -61.74
N TYR A 2935 49.61 130.27 -61.35
CA TYR A 2935 50.90 129.85 -61.87
C TYR A 2935 50.71 129.05 -63.16
N ALA A 2936 51.68 129.19 -64.06
CA ALA A 2936 51.67 128.50 -65.34
C ALA A 2936 52.94 127.70 -65.50
N VAL A 2937 52.80 126.44 -65.88
CA VAL A 2937 53.93 125.53 -66.10
C VAL A 2937 53.85 125.01 -67.53
N THR A 2938 54.94 125.16 -68.27
CA THR A 2938 55.01 124.71 -69.66
C THR A 2938 56.12 123.69 -69.82
N ARG A 2939 55.89 122.71 -70.68
CA ARG A 2939 56.87 121.66 -70.94
C ARG A 2939 57.35 121.70 -72.38
N SER A 2949 47.45 114.51 -80.69
CA SER A 2949 46.71 113.33 -80.24
C SER A 2949 47.58 112.44 -79.36
N SER A 2950 46.93 111.60 -78.55
CA SER A 2950 47.66 110.72 -77.64
C SER A 2950 48.19 109.46 -78.32
N ILE A 2951 47.78 109.19 -79.56
CA ILE A 2951 48.25 107.99 -80.26
C ILE A 2951 49.75 108.06 -80.50
N GLU A 2952 50.24 109.22 -80.93
CA GLU A 2952 51.67 109.38 -81.19
C GLU A 2952 52.49 109.20 -79.91
N LYS A 2953 52.02 109.78 -78.81
CA LYS A 2953 52.70 109.58 -77.53
C LYS A 2953 52.64 108.13 -77.09
N ARG A 2954 51.50 107.46 -77.31
CA ARG A 2954 51.34 106.06 -76.96
C ARG A 2954 51.99 105.20 -78.03
N PHE A 2955 51.74 103.89 -77.98
CA PHE A 2955 52.34 102.93 -78.91
C PHE A 2955 51.63 103.02 -80.27
N ALA A 2956 51.89 104.13 -80.96
CA ALA A 2956 51.40 104.28 -82.33
C ALA A 2956 52.04 103.24 -83.23
N PHE A 2957 53.35 103.02 -83.07
CA PHE A 2957 54.02 101.95 -83.81
C PHE A 2957 53.49 100.58 -83.39
N GLY A 2958 53.46 100.30 -82.10
CA GLY A 2958 52.91 99.06 -81.60
C GLY A 2958 53.87 97.88 -81.76
N PHE A 2959 53.36 96.71 -81.36
CA PHE A 2959 54.14 95.49 -81.43
C PHE A 2959 54.47 95.11 -82.86
N LEU A 2960 53.55 95.35 -83.79
CA LEU A 2960 53.81 95.03 -85.20
C LEU A 2960 54.98 95.83 -85.74
N GLN A 2961 55.02 97.13 -85.46
CA GLN A 2961 56.12 97.95 -85.94
C GLN A 2961 57.40 97.69 -85.16
N GLN A 2962 57.30 97.30 -83.89
CA GLN A 2962 58.49 96.87 -83.16
C GLN A 2962 59.09 95.63 -83.80
N LEU A 2963 58.25 94.66 -84.16
CA LEU A 2963 58.75 93.48 -84.86
C LEU A 2963 59.29 93.84 -86.24
N LEU A 2964 58.70 94.84 -86.89
CA LEU A 2964 59.21 95.29 -88.18
C LEU A 2964 60.59 95.93 -88.04
N ARG A 2965 60.81 96.69 -86.97
CA ARG A 2965 62.14 97.24 -86.71
C ARG A 2965 63.13 96.12 -86.40
N TRP A 2966 62.69 95.10 -85.65
CA TRP A 2966 63.53 93.93 -85.43
C TRP A 2966 63.89 93.26 -86.74
N MET A 2967 62.94 93.17 -87.66
CA MET A 2967 63.22 92.63 -88.99
C MET A 2967 64.12 93.55 -89.81
N ASP A 2968 64.04 94.86 -89.57
CA ASP A 2968 64.93 95.79 -90.25
C ASP A 2968 66.38 95.56 -89.81
N ILE A 2969 66.58 95.32 -88.52
CA ILE A 2969 67.92 94.94 -88.05
C ILE A 2969 68.29 93.55 -88.57
N SER A 2970 67.32 92.65 -88.64
CA SER A 2970 67.57 91.32 -89.19
C SER A 2970 67.91 91.39 -90.67
N GLN A 2971 67.57 92.48 -91.35
CA GLN A 2971 68.01 92.66 -92.72
C GLN A 2971 69.53 92.71 -92.80
N GLU A 2972 70.15 93.55 -91.99
CA GLU A 2972 71.62 93.59 -91.92
C GLU A 2972 72.18 92.27 -91.40
N PHE A 2973 71.48 91.66 -90.43
CA PHE A 2973 71.93 90.37 -89.91
C PHE A 2973 71.95 89.31 -91.02
N ILE A 2974 70.90 89.26 -91.84
CA ILE A 2974 70.82 88.30 -92.92
C ILE A 2974 71.84 88.64 -94.02
N ALA A 2975 72.11 89.93 -94.23
CA ALA A 2975 73.15 90.30 -95.17
C ALA A 2975 74.50 89.75 -94.70
N HIS A 2976 74.81 89.88 -93.42
CA HIS A 2976 76.04 89.31 -92.88
C HIS A 2976 76.04 87.78 -93.01
N LEU A 2977 74.90 87.14 -92.71
CA LEU A 2977 74.82 85.70 -92.79
C LEU A 2977 75.02 85.19 -94.22
N GLU A 2978 74.46 85.90 -95.19
CA GLU A 2978 74.66 85.51 -96.59
C GLU A 2978 76.08 85.79 -97.05
N ALA A 2979 76.69 86.87 -96.55
CA ALA A 2979 78.07 87.16 -96.89
C ALA A 2979 79.00 86.06 -96.37
N VAL A 2980 78.78 85.60 -95.14
CA VAL A 2980 79.63 84.55 -94.60
C VAL A 2980 79.27 83.19 -95.19
N VAL A 2981 78.02 83.02 -95.62
CA VAL A 2981 77.61 81.76 -96.24
C VAL A 2981 78.24 81.61 -97.62
N SER A 2982 78.29 82.68 -98.39
CA SER A 2982 78.85 82.64 -99.74
C SER A 2982 80.35 82.40 -99.70
N GLU A 2992 76.07 84.25 -86.66
CA GLU A 2992 76.63 83.54 -85.51
C GLU A 2992 75.64 83.51 -84.35
N GLN A 2993 75.12 84.67 -83.97
CA GLN A 2993 74.16 84.80 -82.89
C GLN A 2993 72.77 85.19 -83.36
N GLU A 2994 72.66 86.12 -84.33
CA GLU A 2994 71.36 86.54 -84.81
C GLU A 2994 70.63 85.42 -85.54
N ILE A 2995 71.37 84.49 -86.13
CA ILE A 2995 70.73 83.36 -86.80
C ILE A 2995 69.94 82.51 -85.81
N LYS A 2996 70.53 82.24 -84.64
CA LYS A 2996 69.82 81.49 -83.61
C LYS A 2996 68.60 82.25 -83.12
N PHE A 2997 68.73 83.57 -82.94
CA PHE A 2997 67.58 84.39 -82.57
C PHE A 2997 66.45 84.24 -83.58
N PHE A 2998 66.76 84.40 -84.87
CA PHE A 2998 65.73 84.33 -85.89
C PHE A 2998 65.10 82.95 -85.95
N ALA A 2999 65.91 81.89 -85.85
CA ALA A 2999 65.41 80.54 -85.96
C ALA A 2999 64.75 80.04 -84.69
N LYS A 3000 64.87 80.75 -83.58
CA LYS A 3000 64.32 80.27 -82.32
C LYS A 3000 63.17 81.11 -81.79
N ILE A 3001 63.35 82.42 -81.63
CA ILE A 3001 62.45 83.24 -80.82
C ILE A 3001 61.50 84.06 -81.69
N LEU A 3002 62.03 84.94 -82.53
CA LEU A 3002 61.18 85.93 -83.20
C LEU A 3002 60.26 85.29 -84.22
N LEU A 3003 60.72 84.23 -84.90
CA LEU A 3003 59.88 83.60 -85.93
C LEU A 3003 58.62 82.98 -85.34
N PRO A 3004 58.67 82.15 -84.30
CA PRO A 3004 57.41 81.74 -83.65
C PRO A 3004 56.67 82.90 -83.02
N LEU A 3005 57.37 83.95 -82.59
CA LEU A 3005 56.70 85.11 -82.01
C LEU A 3005 55.73 85.73 -83.00
N ILE A 3006 56.20 86.04 -84.22
CA ILE A 3006 55.30 86.59 -85.22
C ILE A 3006 54.30 85.54 -85.68
N ASN A 3007 54.74 84.28 -85.81
CA ASN A 3007 53.84 83.23 -86.26
C ASN A 3007 52.64 83.07 -85.33
N GLN A 3008 52.81 83.39 -84.05
CA GLN A 3008 51.70 83.33 -83.10
C GLN A 3008 50.97 84.66 -82.96
N TYR A 3009 51.70 85.79 -83.00
CA TYR A 3009 51.05 87.09 -82.86
C TYR A 3009 50.12 87.38 -84.02
N PHE A 3010 50.54 87.07 -85.25
CA PHE A 3010 49.66 87.30 -86.41
C PHE A 3010 48.46 86.37 -86.37
N THR A 3011 48.63 85.14 -85.88
CA THR A 3011 47.49 84.23 -85.74
C THR A 3011 46.49 84.76 -84.72
N ASN A 3012 46.98 85.22 -83.57
CA ASN A 3012 46.10 85.72 -82.52
C ASN A 3012 45.55 87.11 -82.80
N HIS A 3013 46.09 87.82 -83.78
CA HIS A 3013 45.65 89.17 -84.11
C HIS A 3013 45.22 89.30 -85.58
N CYS A 3014 44.80 88.20 -86.20
CA CYS A 3014 44.33 88.28 -87.58
C CYS A 3014 43.08 89.15 -87.67
N LEU A 3015 42.15 88.99 -86.74
CA LEU A 3015 40.99 89.85 -86.66
C LEU A 3015 41.29 91.08 -85.79
N TYR A 3016 40.50 92.13 -86.00
CA TYR A 3016 40.60 93.42 -85.33
C TYR A 3016 41.88 94.17 -85.69
N PHE A 3017 42.74 93.60 -86.53
CA PHE A 3017 43.92 94.28 -87.03
C PHE A 3017 43.98 94.30 -88.55
N LEU A 3018 42.88 93.95 -89.22
CA LEU A 3018 42.79 93.95 -90.67
C LEU A 3018 41.66 94.80 -91.21
N SER A 3019 40.54 94.88 -90.51
CA SER A 3019 39.41 95.70 -90.94
C SER A 3019 39.73 97.19 -90.79
N ALA A 3031 41.03 98.10 -85.94
CA ALA A 3031 40.78 99.15 -86.94
C ALA A 3031 41.97 100.09 -87.06
N SER A 3032 43.10 99.55 -87.51
CA SER A 3032 44.32 100.33 -87.68
C SER A 3032 44.53 100.67 -89.15
N ASN A 3033 45.16 101.82 -89.39
CA ASN A 3033 45.43 102.30 -90.73
C ASN A 3033 46.91 102.34 -91.06
N LYS A 3034 47.72 102.89 -90.16
CA LYS A 3034 49.16 102.91 -90.40
C LYS A 3034 49.72 101.49 -90.43
N GLU A 3035 49.24 100.62 -89.53
CA GLU A 3035 49.77 99.26 -89.49
C GLU A 3035 49.36 98.42 -90.70
N LYS A 3036 48.23 98.76 -91.33
CA LYS A 3036 47.83 98.10 -92.57
C LYS A 3036 48.86 98.34 -93.68
N GLU A 3037 49.46 99.53 -93.71
CA GLU A 3037 50.39 99.91 -94.76
C GLU A 3037 51.74 99.18 -94.68
N MET A 3038 52.12 98.69 -93.48
CA MET A 3038 53.43 98.08 -93.32
C MET A 3038 53.37 96.59 -92.98
N ILE A 3039 52.19 96.05 -92.67
CA ILE A 3039 52.08 94.61 -92.55
C ILE A 3039 52.28 93.95 -93.91
N THR A 3040 51.72 94.54 -94.97
CA THR A 3040 51.96 94.01 -96.30
C THR A 3040 53.43 94.14 -96.68
N SER A 3041 54.07 95.25 -96.31
CA SER A 3041 55.50 95.41 -96.56
C SER A 3041 56.30 94.36 -95.79
N LEU A 3042 55.92 94.08 -94.55
CA LEU A 3042 56.59 93.04 -93.77
C LEU A 3042 56.46 91.69 -94.46
N PHE A 3043 55.27 91.38 -94.97
CA PHE A 3043 55.11 90.18 -95.79
C PHE A 3043 56.03 90.22 -97.00
N CYS A 3044 56.22 91.42 -97.58
CA CYS A 3044 57.07 91.55 -98.75
C CYS A 3044 58.52 91.19 -98.43
N LYS A 3045 59.09 91.78 -97.37
CA LYS A 3045 60.50 91.43 -97.08
C LYS A 3045 60.61 90.04 -96.46
N LEU A 3046 59.51 89.50 -95.93
CA LEU A 3046 59.55 88.10 -95.51
C LEU A 3046 59.63 87.17 -96.71
N ALA A 3047 58.86 87.46 -97.76
CA ALA A 3047 58.96 86.68 -99.00
C ALA A 3047 60.33 86.85 -99.64
N ALA A 3048 60.85 88.08 -99.65
CA ALA A 3048 62.17 88.34 -100.22
C ALA A 3048 63.30 87.83 -99.34
N LEU A 3049 63.03 87.49 -98.08
CA LEU A 3049 64.07 87.00 -97.19
C LEU A 3049 64.64 85.68 -97.69
N VAL A 3050 63.78 84.77 -98.12
CA VAL A 3050 64.22 83.50 -98.67
C VAL A 3050 64.63 83.70 -100.12
N ARG A 3051 65.83 83.25 -100.47
CA ARG A 3051 66.33 83.37 -101.83
C ARG A 3051 65.67 82.31 -102.71
N HIS A 3052 66.16 82.16 -103.94
CA HIS A 3052 65.61 81.15 -104.84
C HIS A 3052 65.82 79.74 -104.31
N ARG A 3053 66.74 79.55 -103.36
CA ARG A 3053 66.95 78.27 -102.70
C ARG A 3053 66.65 78.42 -101.21
N VAL A 3054 66.42 77.29 -100.55
CA VAL A 3054 66.14 77.24 -99.13
C VAL A 3054 67.26 76.55 -98.35
N SER A 3055 68.37 76.23 -99.02
CA SER A 3055 69.47 75.54 -98.34
C SER A 3055 70.16 76.45 -97.34
N LEU A 3056 70.17 77.76 -97.59
CA LEU A 3056 70.81 78.68 -96.65
C LEU A 3056 70.10 78.69 -95.31
N PHE A 3057 68.77 78.60 -95.31
CA PHE A 3057 68.03 78.46 -94.06
C PHE A 3057 68.15 77.05 -93.49
N GLY A 3058 68.32 76.05 -94.36
CA GLY A 3058 68.50 74.69 -93.92
C GLY A 3058 67.21 74.05 -93.43
N THR A 3059 67.36 72.85 -92.89
CA THR A 3059 66.25 72.12 -92.31
C THR A 3059 65.95 72.52 -90.88
N ASP A 3060 66.76 73.42 -90.30
CA ASP A 3060 66.53 73.86 -88.93
C ASP A 3060 65.21 74.62 -88.80
N ALA A 3061 64.88 75.44 -89.79
CA ALA A 3061 63.69 76.29 -89.76
C ALA A 3061 62.85 76.08 -91.01
N PRO A 3062 62.11 74.96 -91.08
CA PRO A 3062 61.10 74.82 -92.14
C PRO A 3062 59.84 75.62 -91.87
N ALA A 3063 59.70 76.21 -90.69
CA ALA A 3063 58.53 77.01 -90.34
C ALA A 3063 58.55 78.39 -90.97
N VAL A 3064 59.59 78.72 -91.74
CA VAL A 3064 59.61 79.99 -92.45
C VAL A 3064 58.45 80.06 -93.44
N VAL A 3065 58.17 78.95 -94.14
CA VAL A 3065 57.03 78.93 -95.05
C VAL A 3065 55.73 79.02 -94.27
N ASN A 3066 55.70 78.50 -93.04
CA ASN A 3066 54.48 78.58 -92.24
C ASN A 3066 54.20 80.02 -91.82
N CYS A 3067 55.21 80.74 -91.35
CA CYS A 3067 54.97 82.14 -90.99
C CYS A 3067 54.72 82.99 -92.23
N LEU A 3068 55.29 82.62 -93.38
CA LEU A 3068 54.93 83.29 -94.62
C LEU A 3068 53.46 83.06 -94.96
N HIS A 3069 52.98 81.83 -94.78
CA HIS A 3069 51.56 81.53 -94.96
C HIS A 3069 50.71 82.42 -94.05
N ILE A 3070 51.11 82.51 -92.78
CA ILE A 3070 50.30 83.23 -91.80
C ILE A 3070 50.29 84.72 -92.10
N LEU A 3071 51.45 85.28 -92.46
CA LEU A 3071 51.53 86.70 -92.80
C LEU A 3071 50.75 87.01 -94.07
N ALA A 3072 50.82 86.13 -95.07
CA ALA A 3072 50.04 86.33 -96.29
C ALA A 3072 48.55 86.25 -96.00
N ARG A 3073 48.15 85.35 -95.09
CA ARG A 3073 46.75 85.25 -94.68
C ARG A 3073 46.31 86.40 -93.80
N SER A 3074 47.23 87.27 -93.38
CA SER A 3074 46.92 88.45 -92.59
C SER A 3074 47.49 89.67 -93.32
N LEU A 3075 46.73 90.19 -94.28
CA LEU A 3075 47.11 91.37 -95.05
C LEU A 3075 46.04 92.43 -94.80
N ASP A 3076 46.32 93.34 -93.87
CA ASP A 3076 45.32 94.33 -93.49
C ASP A 3076 44.98 95.27 -94.65
N ALA A 3077 45.98 95.72 -95.39
CA ALA A 3077 45.75 96.64 -96.51
C ALA A 3077 45.45 95.85 -97.78
N ARG A 3078 44.32 95.16 -97.75
CA ARG A 3078 43.83 94.50 -98.95
C ARG A 3078 43.51 95.52 -100.04
N THR A 3079 42.87 96.63 -99.66
CA THR A 3079 42.57 97.72 -100.58
C THR A 3079 43.32 99.00 -100.26
N VAL A 3080 43.80 99.18 -99.04
CA VAL A 3080 44.53 100.39 -98.68
C VAL A 3080 45.87 100.45 -99.40
N MET A 3081 46.55 99.30 -99.52
CA MET A 3081 47.85 99.27 -100.19
C MET A 3081 47.76 99.64 -101.66
N LYS A 3082 46.59 99.47 -102.28
CA LYS A 3082 46.39 99.85 -103.67
C LYS A 3082 45.76 101.23 -103.84
N SER A 3083 45.02 101.70 -102.83
CA SER A 3083 44.39 103.01 -102.88
C SER A 3083 45.24 104.11 -102.28
N GLY A 3084 46.41 103.77 -101.72
CA GLY A 3084 47.28 104.76 -101.11
C GLY A 3084 48.22 105.39 -102.11
N PRO A 3085 49.16 106.20 -101.63
CA PRO A 3085 50.14 106.84 -102.53
C PRO A 3085 51.18 105.88 -103.08
N GLU A 3086 51.10 104.59 -102.74
CA GLU A 3086 51.94 103.54 -103.34
C GLU A 3086 53.43 103.82 -103.13
N ILE A 3087 53.84 103.82 -101.87
CA ILE A 3087 55.26 103.89 -101.52
C ILE A 3087 55.88 102.49 -101.55
N VAL A 3088 55.24 101.53 -100.90
CA VAL A 3088 55.72 100.15 -100.88
C VAL A 3088 55.02 99.27 -101.91
N LYS A 3089 54.03 99.81 -102.64
CA LYS A 3089 53.38 99.03 -103.68
C LYS A 3089 54.37 98.59 -104.75
N ALA A 3090 55.46 99.33 -104.93
CA ALA A 3090 56.52 98.89 -105.81
C ALA A 3090 57.15 97.58 -105.32
N GLY A 3091 57.32 97.46 -104.01
CA GLY A 3091 57.84 96.20 -103.46
C GLY A 3091 56.90 95.03 -103.69
N LEU A 3092 55.60 95.25 -103.51
CA LEU A 3092 54.62 94.20 -103.77
C LEU A 3092 54.62 93.82 -105.25
N ARG A 3093 54.71 94.82 -106.12
CA ARG A 3093 54.80 94.54 -107.55
C ARG A 3093 56.05 93.73 -107.88
N SER A 3094 57.18 94.07 -107.27
CA SER A 3094 58.41 93.33 -107.50
C SER A 3094 58.28 91.90 -107.01
N PHE A 3095 57.67 91.69 -105.84
CA PHE A 3095 57.49 90.34 -105.33
C PHE A 3095 56.59 89.51 -106.24
N PHE A 3096 55.47 90.10 -106.70
CA PHE A 3096 54.58 89.38 -107.59
C PHE A 3096 55.25 89.06 -108.92
N GLU A 3097 56.00 90.02 -109.47
CA GLU A 3097 56.71 89.78 -110.73
C GLU A 3097 57.77 88.71 -110.57
N SER A 3098 58.47 88.71 -109.43
CA SER A 3098 59.47 87.67 -109.18
C SER A 3098 58.82 86.30 -109.07
N ALA A 3099 57.68 86.22 -108.39
CA ALA A 3099 56.97 84.95 -108.29
C ALA A 3099 56.52 84.46 -109.66
N SER A 3100 55.96 85.36 -110.48
CA SER A 3100 55.51 84.97 -111.82
C SER A 3100 56.68 84.53 -112.69
N GLU A 3101 57.80 85.25 -112.62
CA GLU A 3101 58.97 84.89 -113.41
C GLU A 3101 59.55 83.55 -112.97
N ASP A 3102 59.59 83.29 -111.65
CA ASP A 3102 60.09 82.02 -111.15
C ASP A 3102 59.19 80.88 -111.61
N ILE A 3103 57.86 81.10 -111.55
CA ILE A 3103 56.94 80.07 -112.03
C ILE A 3103 57.16 79.81 -113.52
N GLU A 3104 57.29 80.88 -114.31
CA GLU A 3104 57.49 80.71 -115.75
C GLU A 3104 58.83 80.06 -116.07
N LYS A 3105 59.82 80.22 -115.20
CA LYS A 3105 61.12 79.59 -115.41
C LYS A 3105 61.07 78.08 -115.24
N MET A 3106 60.00 77.55 -114.64
CA MET A 3106 59.87 76.11 -114.46
C MET A 3106 59.63 75.39 -115.78
N VAL A 3107 59.21 76.09 -116.82
CA VAL A 3107 59.01 75.46 -118.12
C VAL A 3107 60.33 75.04 -118.75
N GLU A 3108 61.44 75.62 -118.32
CA GLU A 3108 62.75 75.24 -118.83
C GLU A 3108 63.29 73.98 -118.17
N ASN A 3109 62.64 73.50 -117.11
CA ASN A 3109 63.05 72.29 -116.41
C ASN A 3109 62.03 71.17 -116.53
N LEU A 3110 60.77 71.42 -116.16
CA LEU A 3110 59.76 70.37 -116.21
C LEU A 3110 59.41 70.01 -117.65
N ARG A 3111 59.27 71.00 -118.51
CA ARG A 3111 58.90 70.77 -119.91
C ARG A 3111 60.09 70.47 -120.81
N LEU A 3112 61.31 70.47 -120.26
CA LEU A 3112 62.51 70.19 -121.03
C LEU A 3112 63.29 68.99 -120.52
N GLY A 3113 63.26 68.72 -119.22
CA GLY A 3113 63.98 67.60 -118.66
C GLY A 3113 63.45 67.14 -117.32
N GLY A 3126 65.34 71.35 -111.55
CA GLY A 3126 66.40 70.45 -111.12
C GLY A 3126 67.21 70.99 -109.95
N GLN A 3127 67.87 72.12 -110.17
CA GLN A 3127 68.70 72.76 -109.15
C GLN A 3127 68.24 74.19 -108.96
N ASN A 3128 68.05 74.59 -107.71
CA ASN A 3128 67.66 75.93 -107.27
C ASN A 3128 66.27 76.33 -107.71
N LEU A 3129 65.54 75.46 -108.41
CA LEU A 3129 64.17 75.76 -108.85
C LEU A 3129 63.13 74.82 -108.25
N THR A 3130 63.50 73.60 -107.88
CA THR A 3130 62.55 72.71 -107.24
C THR A 3130 62.29 73.07 -105.79
N TYR A 3131 63.14 73.90 -105.19
CA TYR A 3131 62.93 74.33 -103.81
C TYR A 3131 61.82 75.35 -103.68
N THR A 3132 61.46 76.03 -104.77
CA THR A 3132 60.39 77.01 -104.75
C THR A 3132 59.02 76.40 -105.06
N THR A 3133 58.97 75.13 -105.43
CA THR A 3133 57.69 74.45 -105.61
C THR A 3133 57.09 73.98 -104.30
N VAL A 3134 57.87 73.99 -103.21
CA VAL A 3134 57.40 73.63 -101.89
C VAL A 3134 57.45 74.79 -100.91
N ALA A 3135 57.93 75.96 -101.33
CA ALA A 3135 58.05 77.11 -100.46
C ALA A 3135 57.45 78.40 -101.02
N LEU A 3136 57.18 78.47 -102.32
CA LEU A 3136 56.59 79.66 -102.93
C LEU A 3136 55.17 79.42 -103.43
N LEU A 3137 54.93 78.30 -104.12
CA LEU A 3137 53.59 78.02 -104.63
C LEU A 3137 52.52 77.99 -103.54
N PRO A 3138 52.72 77.32 -102.40
CA PRO A 3138 51.67 77.38 -101.36
C PRO A 3138 51.38 78.79 -100.87
N VAL A 3139 52.40 79.66 -100.79
CA VAL A 3139 52.16 81.03 -100.40
C VAL A 3139 51.33 81.76 -101.45
N LEU A 3140 51.59 81.49 -102.73
CA LEU A 3140 50.77 82.07 -103.79
C LEU A 3140 49.33 81.61 -103.70
N THR A 3141 49.12 80.31 -103.43
CA THR A 3141 47.75 79.82 -103.26
C THR A 3141 47.07 80.48 -102.07
N THR A 3142 47.81 80.65 -100.97
CA THR A 3142 47.23 81.29 -99.79
C THR A 3142 46.86 82.74 -100.09
N LEU A 3143 47.72 83.46 -100.82
CA LEU A 3143 47.41 84.85 -101.17
C LEU A 3143 46.19 84.93 -102.09
N PHE A 3144 46.11 84.03 -103.07
CA PHE A 3144 44.96 84.03 -103.97
C PHE A 3144 43.67 83.73 -103.21
N GLN A 3145 43.71 82.76 -102.30
CA GLN A 3145 42.55 82.47 -101.47
C GLN A 3145 42.20 83.64 -100.56
N HIS A 3146 43.21 84.35 -100.05
CA HIS A 3146 42.97 85.54 -99.25
C HIS A 3146 42.23 86.60 -100.06
N ILE A 3147 42.66 86.84 -101.29
CA ILE A 3147 42.00 87.83 -102.14
C ILE A 3147 40.58 87.40 -102.49
N ALA A 3148 40.39 86.11 -102.80
CA ALA A 3148 39.09 85.65 -103.27
C ALA A 3148 38.07 85.56 -102.13
N GLN A 3149 38.51 85.19 -100.93
CA GLN A 3149 37.58 84.90 -99.85
C GLN A 3149 36.79 86.13 -99.43
N HIS A 3150 37.45 87.28 -99.31
CA HIS A 3150 36.82 88.50 -98.83
C HIS A 3150 36.40 89.43 -99.96
N GLN A 3151 36.39 88.96 -101.20
CA GLN A 3151 35.98 89.75 -102.36
C GLN A 3151 36.77 91.04 -102.45
N PHE A 3152 38.09 90.95 -102.27
CA PHE A 3152 38.96 92.11 -102.36
C PHE A 3152 39.09 92.63 -103.78
N GLY A 3153 38.61 91.89 -104.77
CA GLY A 3153 38.72 92.28 -106.17
C GLY A 3153 38.05 93.60 -106.52
N ASP A 3154 37.36 94.23 -105.57
CA ASP A 3154 36.79 95.55 -105.82
C ASP A 3154 37.88 96.55 -106.20
N ASP A 3155 38.83 96.78 -105.29
CA ASP A 3155 40.03 97.56 -105.59
C ASP A 3155 41.23 96.76 -105.08
N VAL A 3156 41.69 95.81 -105.90
CA VAL A 3156 42.92 95.08 -105.62
C VAL A 3156 43.88 95.05 -106.79
N ILE A 3157 43.42 95.23 -108.02
CA ILE A 3157 44.31 95.29 -109.19
C ILE A 3157 44.35 96.73 -109.68
N LEU A 3158 45.32 97.49 -109.19
CA LEU A 3158 45.44 98.91 -109.50
C LEU A 3158 46.86 99.21 -109.97
N ASP A 3159 47.22 100.49 -110.03
CA ASP A 3159 48.59 100.87 -110.34
C ASP A 3159 49.56 100.14 -109.41
N ASP A 3160 50.64 99.62 -109.99
CA ASP A 3160 51.63 98.74 -109.38
C ASP A 3160 51.07 97.34 -109.13
N VAL A 3161 49.82 97.06 -109.50
CA VAL A 3161 49.27 95.72 -109.46
C VAL A 3161 48.83 95.24 -110.85
N GLN A 3162 48.23 96.14 -111.64
CA GLN A 3162 47.85 95.78 -113.01
C GLN A 3162 49.06 95.43 -113.85
N VAL A 3163 50.19 96.09 -113.61
CA VAL A 3163 51.41 95.79 -114.35
C VAL A 3163 51.88 94.36 -114.07
N SER A 3164 51.49 93.80 -112.91
CA SER A 3164 51.80 92.42 -112.59
C SER A 3164 50.71 91.46 -113.02
N CYS A 3165 49.44 91.88 -112.98
CA CYS A 3165 48.35 91.02 -113.45
C CYS A 3165 48.45 90.77 -114.95
N TYR A 3166 48.80 91.81 -115.71
CA TYR A 3166 48.93 91.67 -117.15
C TYR A 3166 50.04 90.69 -117.53
N ARG A 3167 51.01 90.49 -116.64
CA ARG A 3167 52.05 89.48 -116.88
C ARG A 3167 51.66 88.13 -116.31
N THR A 3168 50.94 88.08 -115.20
CA THR A 3168 50.56 86.81 -114.61
C THR A 3168 49.50 86.09 -115.44
N LEU A 3169 48.62 86.83 -116.14
CA LEU A 3169 47.69 86.17 -117.03
C LEU A 3169 48.43 85.48 -118.18
N CYS A 3170 49.43 86.16 -118.75
CA CYS A 3170 50.24 85.53 -119.78
C CYS A 3170 51.04 84.35 -119.21
N SER A 3171 51.49 84.46 -117.96
CA SER A 3171 52.21 83.36 -117.34
C SER A 3171 51.33 82.12 -117.19
N ILE A 3172 50.10 82.31 -116.69
CA ILE A 3172 49.22 81.16 -116.52
C ILE A 3172 48.77 80.64 -117.88
N TYR A 3173 48.71 81.50 -118.90
CA TYR A 3173 48.51 81.01 -120.26
C TYR A 3173 49.67 80.14 -120.71
N SER A 3174 50.90 80.53 -120.37
CA SER A 3174 52.07 79.77 -120.78
C SER A 3174 52.11 78.41 -120.11
N LEU A 3175 51.94 78.36 -118.78
CA LEU A 3175 51.89 77.09 -118.07
C LEU A 3175 50.47 76.58 -117.85
N GLY A 3176 49.55 76.87 -118.76
CA GLY A 3176 48.27 76.20 -118.77
C GLY A 3176 48.25 74.87 -119.48
N THR A 3177 49.39 74.44 -120.04
CA THR A 3177 49.49 73.18 -120.75
C THR A 3177 50.45 72.18 -120.10
N THR A 3178 51.17 72.58 -119.06
CA THR A 3178 52.11 71.69 -118.40
C THR A 3178 51.38 70.57 -117.65
N GLU A 3184 54.29 66.10 -113.72
CA GLU A 3184 54.36 64.78 -113.10
C GLU A 3184 53.57 64.75 -111.80
N LYS A 3185 54.29 64.81 -110.68
CA LYS A 3185 53.68 64.79 -109.35
C LYS A 3185 53.30 66.18 -108.85
N LEU A 3186 53.62 67.23 -109.59
CA LEU A 3186 53.32 68.60 -109.20
C LEU A 3186 51.97 69.06 -109.72
N ARG A 3187 51.25 68.22 -110.46
CA ARG A 3187 49.97 68.65 -111.05
C ARG A 3187 48.94 69.12 -110.02
N PRO A 3188 48.73 68.42 -108.90
CA PRO A 3188 47.75 68.93 -107.92
C PRO A 3188 48.07 70.33 -107.41
N ALA A 3189 49.35 70.64 -107.20
CA ALA A 3189 49.72 71.97 -106.72
C ALA A 3189 49.38 73.05 -107.74
N LEU A 3190 49.71 72.80 -109.02
CA LEU A 3190 49.38 73.77 -110.06
C LEU A 3190 47.87 73.92 -110.21
N GLY A 3191 47.14 72.81 -110.11
CA GLY A 3191 45.68 72.89 -110.18
C GLY A 3191 45.09 73.70 -109.05
N GLU A 3192 45.58 73.48 -107.83
CA GLU A 3192 45.11 74.25 -106.68
C GLU A 3192 45.44 75.74 -106.84
N CYS A 3193 46.65 76.05 -107.32
CA CYS A 3193 47.03 77.44 -107.53
C CYS A 3193 46.15 78.11 -108.58
N LEU A 3194 45.88 77.40 -109.68
CA LEU A 3194 45.02 77.95 -110.73
C LEU A 3194 43.60 78.15 -110.22
N ALA A 3195 43.08 77.20 -109.44
CA ALA A 3195 41.75 77.36 -108.87
C ALA A 3195 41.68 78.55 -107.92
N ARG A 3196 42.70 78.72 -107.08
CA ARG A 3196 42.71 79.85 -106.15
C ARG A 3196 42.80 81.17 -106.89
N LEU A 3197 43.63 81.24 -107.93
CA LEU A 3197 43.76 82.48 -108.68
C LEU A 3197 42.49 82.81 -109.44
N ALA A 3198 41.87 81.81 -110.09
CA ALA A 3198 40.68 82.07 -110.88
C ALA A 3198 39.50 82.51 -110.04
N ALA A 3199 39.50 82.20 -108.75
CA ALA A 3199 38.41 82.61 -107.86
C ALA A 3199 38.44 84.10 -107.54
N ALA A 3200 39.52 84.80 -107.89
CA ALA A 3200 39.63 86.22 -107.63
C ALA A 3200 38.67 87.02 -108.51
N ARG A 3248 31.19 76.83 -125.34
CA ARG A 3248 32.37 76.97 -126.18
C ARG A 3248 33.61 76.48 -125.45
N LEU A 3249 33.97 77.19 -124.37
CA LEU A 3249 35.14 76.81 -123.59
C LEU A 3249 34.93 75.45 -122.92
N MET A 3250 33.73 75.19 -122.41
CA MET A 3250 33.43 73.96 -121.70
C MET A 3250 32.89 72.86 -122.61
N ALA A 3251 32.77 73.10 -123.92
CA ALA A 3251 32.29 72.06 -124.82
C ALA A 3251 33.29 70.92 -124.94
N ASP A 3252 34.59 71.22 -124.83
CA ASP A 3252 35.61 70.17 -124.90
C ASP A 3252 35.46 69.19 -123.74
N ILE A 3253 35.13 69.70 -122.55
CA ILE A 3253 34.96 68.82 -121.39
C ILE A 3253 33.83 67.83 -121.64
N GLY A 3254 32.70 68.30 -122.17
CA GLY A 3254 31.62 67.40 -122.52
C GLY A 3254 31.99 66.46 -123.65
N GLY A 3255 32.87 66.91 -124.56
CA GLY A 3255 33.28 66.04 -125.66
C GLY A 3255 34.02 64.80 -125.19
N LEU A 3256 34.88 64.94 -124.18
CA LEU A 3256 35.67 63.84 -123.68
C LEU A 3256 35.09 63.21 -122.42
N ALA A 3257 33.81 63.47 -122.12
CA ALA A 3257 33.18 62.87 -120.94
C ALA A 3257 33.17 61.36 -121.04
N GLU A 3258 32.84 60.82 -122.21
CA GLU A 3258 32.88 59.38 -122.43
C GLU A 3258 34.31 58.92 -122.70
N SER A 3259 34.52 57.61 -122.58
CA SER A 3259 35.81 56.98 -122.83
C SER A 3259 36.90 57.57 -121.93
N GLY A 3260 36.72 57.36 -120.62
CA GLY A 3260 37.67 57.83 -119.64
C GLY A 3260 38.56 56.72 -119.12
N ALA A 3261 38.23 56.18 -117.95
CA ALA A 3261 38.95 55.07 -117.33
C ALA A 3261 40.42 55.37 -117.07
N ARG A 3262 40.76 56.65 -116.91
CA ARG A 3262 42.14 57.04 -116.65
C ARG A 3262 42.14 58.39 -115.96
N TYR A 3263 43.00 58.53 -114.94
CA TYR A 3263 43.13 59.78 -114.22
C TYR A 3263 44.19 60.71 -114.81
N THR A 3264 45.16 60.17 -115.53
CA THR A 3264 46.23 61.00 -116.10
C THR A 3264 46.60 60.63 -117.52
N GLU A 3265 46.01 59.60 -118.13
CA GLU A 3265 46.46 59.19 -119.46
C GLU A 3265 45.82 60.06 -120.54
N MET A 3266 44.50 59.97 -120.70
CA MET A 3266 43.80 60.92 -121.56
C MET A 3266 43.47 62.20 -120.79
N PRO A 3267 42.79 62.11 -119.62
CA PRO A 3267 42.45 63.35 -118.87
C PRO A 3267 43.60 63.86 -118.01
N HIS A 3268 44.68 64.30 -118.65
CA HIS A 3268 45.80 64.86 -117.90
C HIS A 3268 45.62 66.36 -117.70
N VAL A 3269 45.34 67.09 -118.78
CA VAL A 3269 45.09 68.52 -118.68
C VAL A 3269 43.78 68.79 -117.93
N ILE A 3270 42.82 67.87 -118.04
CA ILE A 3270 41.53 68.05 -117.40
C ILE A 3270 41.68 68.11 -115.88
N GLU A 3271 42.58 67.31 -115.32
CA GLU A 3271 42.74 67.27 -113.87
C GLU A 3271 43.12 68.62 -113.31
N ILE A 3272 43.92 69.40 -114.04
CA ILE A 3272 44.34 70.71 -113.56
C ILE A 3272 43.46 71.85 -114.08
N THR A 3273 42.70 71.63 -115.14
CA THR A 3273 41.85 72.71 -115.66
C THR A 3273 40.41 72.67 -115.14
N LEU A 3274 39.95 71.53 -114.62
CA LEU A 3274 38.60 71.47 -114.07
C LEU A 3274 38.41 72.42 -112.89
N PRO A 3275 39.29 72.48 -111.88
CA PRO A 3275 39.12 73.48 -110.83
C PRO A 3275 39.19 74.91 -111.34
N MET A 3276 39.89 75.17 -112.44
CA MET A 3276 39.97 76.52 -112.98
C MET A 3276 38.58 77.09 -113.27
N LEU A 3277 37.84 76.46 -114.18
CA LEU A 3277 36.50 76.93 -114.45
C LEU A 3277 35.52 76.61 -113.32
N CYS A 3278 35.77 75.55 -112.55
CA CYS A 3278 34.93 75.25 -111.39
C CYS A 3278 34.97 76.38 -110.36
N SER A 3279 36.03 77.18 -110.34
CA SER A 3279 36.09 78.38 -109.52
C SER A 3279 35.75 79.65 -110.27
N TYR A 3280 35.98 79.68 -111.59
CA TYR A 3280 35.69 80.89 -112.36
C TYR A 3280 34.19 81.08 -112.55
N LEU A 3281 33.45 80.01 -112.85
CA LEU A 3281 32.02 80.13 -113.10
C LEU A 3281 31.24 80.65 -111.90
N PRO A 3282 31.45 80.18 -110.67
CA PRO A 3282 30.74 80.78 -109.53
C PRO A 3282 31.03 82.24 -109.34
N ARG A 3283 32.24 82.70 -109.71
CA ARG A 3283 32.57 84.11 -109.60
C ARG A 3283 31.80 84.97 -110.60
N TRP A 3284 31.23 84.36 -111.63
CA TRP A 3284 30.46 85.09 -112.63
C TRP A 3284 28.96 84.88 -112.43
N CYS A 3304 26.62 91.94 -120.08
CA CYS A 3304 27.76 92.40 -119.29
C CYS A 3304 28.02 91.46 -118.11
N THR A 3305 26.94 90.94 -117.53
CA THR A 3305 27.04 90.05 -116.38
C THR A 3305 25.85 89.10 -116.43
N ALA A 3306 25.58 88.43 -115.31
CA ALA A 3306 24.45 87.49 -115.17
C ALA A 3306 24.57 86.34 -116.17
N VAL A 3307 25.66 85.59 -116.04
CA VAL A 3307 25.86 84.41 -116.87
C VAL A 3307 24.84 83.34 -116.48
N THR A 3308 24.23 82.71 -117.48
CA THR A 3308 23.20 81.73 -117.23
C THR A 3308 23.76 80.51 -116.49
N SER A 3309 22.89 79.88 -115.70
CA SER A 3309 23.28 78.74 -114.88
C SER A 3309 23.25 77.42 -115.63
N ASP A 3310 22.87 77.42 -116.90
CA ASP A 3310 22.90 76.19 -117.69
C ASP A 3310 24.32 75.64 -117.79
N HIS A 3311 25.30 76.53 -117.91
CA HIS A 3311 26.69 76.09 -117.95
C HIS A 3311 27.09 75.40 -116.65
N LEU A 3312 26.65 75.94 -115.51
CA LEU A 3312 26.97 75.32 -114.22
C LEU A 3312 26.36 73.93 -114.10
N ASN A 3313 25.09 73.78 -114.49
CA ASN A 3313 24.44 72.47 -114.44
C ASN A 3313 25.11 71.49 -115.38
N SER A 3314 25.47 71.94 -116.58
CA SER A 3314 26.17 71.05 -117.52
C SER A 3314 27.52 70.64 -116.97
N LEU A 3315 28.25 71.56 -116.33
CA LEU A 3315 29.53 71.22 -115.73
C LEU A 3315 29.37 70.22 -114.59
N LEU A 3316 28.34 70.39 -113.76
CA LEU A 3316 28.09 69.45 -112.68
C LEU A 3316 27.78 68.07 -113.23
N GLY A 3317 26.92 67.99 -114.26
CA GLY A 3317 26.63 66.72 -114.87
C GLY A 3317 27.84 66.08 -115.50
N ASN A 3318 28.67 66.88 -116.16
CA ASN A 3318 29.88 66.37 -116.80
C ASN A 3318 30.87 65.83 -115.78
N ILE A 3319 31.05 66.55 -114.66
CA ILE A 3319 31.99 66.06 -113.65
C ILE A 3319 31.44 64.81 -112.97
N LEU A 3320 30.13 64.73 -112.75
CA LEU A 3320 29.55 63.51 -112.20
C LEU A 3320 29.76 62.33 -113.14
N ARG A 3321 29.54 62.54 -114.44
CA ARG A 3321 29.75 61.47 -115.41
C ARG A 3321 31.22 61.06 -115.48
N ILE A 3322 32.13 62.04 -115.44
CA ILE A 3322 33.56 61.73 -115.49
C ILE A 3322 33.97 60.92 -114.27
N ILE A 3323 33.46 61.29 -113.09
CA ILE A 3323 33.79 60.55 -111.88
C ILE A 3323 33.22 59.14 -111.94
N VAL A 3324 31.98 58.98 -112.38
CA VAL A 3324 31.37 57.67 -112.43
C VAL A 3324 31.97 56.81 -113.55
N ASN A 3325 32.64 57.42 -114.53
CA ASN A 3325 33.31 56.64 -115.55
C ASN A 3325 34.40 55.76 -114.96
N ASN A 3326 35.16 56.29 -114.01
CA ASN A 3326 36.19 55.52 -113.31
C ASN A 3326 35.62 54.77 -112.13
N LEU A 3327 34.54 54.02 -112.37
CA LEU A 3327 33.84 53.34 -111.29
C LEU A 3327 34.70 52.25 -110.66
N GLY A 3328 35.41 51.48 -111.48
CA GLY A 3328 36.18 50.36 -110.97
C GLY A 3328 37.68 50.49 -111.16
N ILE A 3329 38.20 51.71 -111.03
CA ILE A 3329 39.64 51.92 -111.14
C ILE A 3329 40.33 51.35 -109.91
N ASP A 3330 41.59 50.94 -110.10
CA ASP A 3330 42.34 50.36 -108.99
C ASP A 3330 42.86 51.44 -108.05
N GLU A 3331 43.69 52.35 -108.56
CA GLU A 3331 44.23 53.45 -107.78
C GLU A 3331 43.75 54.77 -108.39
N ALA A 3332 43.13 55.61 -107.57
CA ALA A 3332 42.62 56.89 -108.04
C ALA A 3332 42.56 57.85 -106.85
N THR A 3333 43.36 58.92 -106.92
CA THR A 3333 43.37 59.94 -105.88
C THR A 3333 42.56 61.17 -106.25
N TRP A 3334 42.44 61.47 -107.55
CA TRP A 3334 41.72 62.67 -107.99
C TRP A 3334 40.25 62.65 -107.61
N MET A 3335 39.71 61.48 -107.26
CA MET A 3335 38.31 61.42 -106.82
C MET A 3335 38.11 62.20 -105.52
N LYS A 3336 39.06 62.11 -104.60
CA LYS A 3336 38.95 62.80 -103.32
C LYS A 3336 39.21 64.29 -103.42
N ARG A 3337 39.71 64.78 -104.55
CA ARG A 3337 39.99 66.20 -104.74
C ARG A 3337 38.98 66.89 -105.64
N LEU A 3338 38.55 66.22 -106.71
CA LEU A 3338 37.56 66.81 -107.61
C LEU A 3338 36.23 67.04 -106.88
N ALA A 3339 35.84 66.09 -106.03
CA ALA A 3339 34.60 66.26 -105.27
C ALA A 3339 34.68 67.46 -104.34
N VAL A 3340 35.82 67.65 -103.68
CA VAL A 3340 36.00 68.80 -102.80
C VAL A 3340 35.97 70.09 -103.61
N PHE A 3341 36.63 70.11 -104.77
CA PHE A 3341 36.66 71.30 -105.59
C PHE A 3341 35.30 71.64 -106.17
N ALA A 3342 34.47 70.63 -106.42
CA ALA A 3342 33.17 70.83 -107.06
C ALA A 3342 32.03 71.01 -106.05
N GLN A 3343 32.33 71.04 -104.75
CA GLN A 3343 31.28 71.21 -103.75
C GLN A 3343 30.53 72.54 -103.90
N PRO A 3344 31.19 73.70 -104.03
CA PRO A 3344 30.42 74.95 -104.19
C PRO A 3344 29.65 75.03 -105.50
N ILE A 3345 30.02 74.24 -106.51
CA ILE A 3345 29.34 74.31 -107.80
C ILE A 3345 27.96 73.67 -107.79
N VAL A 3346 27.62 72.90 -106.76
CA VAL A 3346 26.34 72.22 -106.70
C VAL A 3346 25.28 73.02 -105.98
N SER A 3347 25.64 74.12 -105.33
CA SER A 3347 24.66 74.94 -104.62
C SER A 3347 23.63 75.51 -105.59
N ARG A 3348 24.08 75.99 -106.75
CA ARG A 3348 23.20 76.53 -107.77
C ARG A 3348 23.09 75.47 -108.88
N ALA A 3349 22.17 74.53 -108.69
CA ALA A 3349 21.97 73.43 -109.63
C ALA A 3349 20.50 73.29 -109.97
N ARG A 3350 20.24 72.88 -111.20
CA ARG A 3350 18.85 72.70 -111.64
C ARG A 3350 18.21 71.54 -110.91
N PRO A 3351 16.96 71.68 -110.48
CA PRO A 3351 16.29 70.56 -109.76
C PRO A 3351 16.15 69.30 -110.59
N GLU A 3352 15.96 69.41 -111.91
CA GLU A 3352 15.69 68.26 -112.75
C GLU A 3352 16.88 67.83 -113.60
N LEU A 3353 17.76 68.76 -113.99
CA LEU A 3353 18.89 68.39 -114.82
C LEU A 3353 19.85 67.46 -114.09
N LEU A 3354 20.14 67.75 -112.81
CA LEU A 3354 21.07 66.93 -112.06
C LEU A 3354 20.45 65.61 -111.62
N HIS A 3355 19.16 65.60 -111.29
CA HIS A 3355 18.53 64.38 -110.80
C HIS A 3355 18.47 63.29 -111.85
N SER A 3356 18.58 63.64 -113.14
CA SER A 3356 18.69 62.64 -114.20
C SER A 3356 20.07 62.00 -114.24
N HIS A 3357 21.06 62.58 -113.57
CA HIS A 3357 22.42 62.03 -113.51
C HIS A 3357 22.75 61.41 -112.16
N PHE A 3358 22.17 61.92 -111.07
CA PHE A 3358 22.47 61.37 -109.75
C PHE A 3358 21.91 59.97 -109.58
N ILE A 3359 20.71 59.71 -110.09
CA ILE A 3359 20.06 58.42 -109.94
C ILE A 3359 20.87 57.31 -110.62
N PRO A 3360 21.28 57.42 -111.88
CA PRO A 3360 22.06 56.33 -112.49
C PRO A 3360 23.41 56.08 -111.80
N THR A 3361 24.09 57.13 -111.35
CA THR A 3361 25.41 56.94 -110.73
C THR A 3361 25.28 56.18 -109.41
N ILE A 3362 24.39 56.64 -108.54
CA ILE A 3362 24.20 55.96 -107.26
C ILE A 3362 23.60 54.58 -107.48
N GLY A 3363 22.81 54.41 -108.55
CA GLY A 3363 22.29 53.09 -108.88
C GLY A 3363 23.39 52.12 -109.26
N ARG A 3364 24.34 52.57 -110.09
CA ARG A 3364 25.49 51.74 -110.42
C ARG A 3364 26.32 51.45 -109.18
N LEU A 3365 26.46 52.43 -108.29
CA LEU A 3365 27.18 52.20 -107.05
C LEU A 3365 26.51 51.14 -106.19
N ARG A 3366 25.17 51.19 -106.10
CA ARG A 3366 24.42 50.19 -105.34
C ARG A 3366 24.52 48.82 -105.99
N LYS A 3367 24.53 48.77 -107.33
CA LYS A 3367 24.70 47.50 -108.03
C LYS A 3367 26.07 46.91 -107.73
N ARG A 3368 27.11 47.75 -107.71
CA ARG A 3368 28.45 47.27 -107.36
C ARG A 3368 28.47 46.77 -105.91
N ALA A 3369 27.80 47.48 -105.00
CA ALA A 3369 27.75 47.04 -103.61
C ALA A 3369 27.04 45.70 -103.49
N GLY A 3370 25.95 45.52 -104.24
CA GLY A 3370 25.25 44.25 -104.23
C GLY A 3370 26.05 43.12 -104.84
N LYS A 3371 26.85 43.41 -105.85
CA LYS A 3371 27.70 42.39 -106.44
C LYS A 3371 28.88 42.05 -105.53
N VAL A 3372 29.31 42.99 -104.68
CA VAL A 3372 30.46 42.74 -103.83
C VAL A 3372 30.08 42.15 -102.46
N VAL A 3373 28.84 42.37 -101.99
CA VAL A 3373 28.45 41.78 -100.71
C VAL A 3373 28.32 40.26 -100.85
N ALA A 3374 27.94 39.79 -102.04
CA ALA A 3374 27.78 38.35 -102.26
C ALA A 3374 29.09 37.60 -102.08
N GLU A 3375 30.22 38.22 -102.43
CA GLU A 3375 31.51 37.57 -102.21
C GLU A 3375 31.78 37.33 -100.73
N GLU A 3376 31.52 38.32 -99.89
CA GLU A 3376 31.69 38.14 -98.46
C GLU A 3376 30.67 37.14 -97.90
N GLU A 3377 29.46 37.15 -98.45
CA GLU A 3377 28.44 36.21 -97.99
C GLU A 3377 28.84 34.77 -98.30
N GLN A 3378 29.39 34.53 -99.49
CA GLN A 3378 29.83 33.19 -99.86
C GLN A 3378 31.17 32.84 -99.25
N LEU A 3379 31.92 33.82 -98.74
CA LEU A 3379 33.19 33.53 -98.08
C LEU A 3379 32.98 32.67 -96.84
N ARG A 3380 31.94 32.96 -96.06
CA ARG A 3380 31.65 32.20 -94.85
C ARG A 3380 31.07 30.83 -95.20
N GLU A 3386 42.78 29.94 -98.42
CA GLU A 3386 41.49 30.19 -99.04
C GLU A 3386 40.77 31.36 -98.37
N ALA A 3387 40.61 31.27 -97.06
CA ALA A 3387 39.92 32.33 -96.31
C ALA A 3387 40.72 33.63 -96.35
N GLU A 3388 42.05 33.54 -96.21
CA GLU A 3388 42.87 34.75 -96.15
C GLU A 3388 42.86 35.50 -97.49
N GLU A 3389 43.00 34.76 -98.60
CA GLU A 3389 43.00 35.40 -99.92
C GLU A 3389 41.65 36.07 -100.20
N GLY A 3390 40.55 35.37 -99.89
CA GLY A 3390 39.24 35.97 -100.07
C GLY A 3390 39.03 37.18 -99.19
N GLU A 3391 39.52 37.13 -97.94
CA GLU A 3391 39.41 38.27 -97.05
C GLU A 3391 40.18 39.47 -97.59
N LEU A 3392 41.39 39.23 -98.09
CA LEU A 3392 42.17 40.33 -98.68
C LEU A 3392 41.47 40.90 -99.91
N LEU A 3393 40.93 40.04 -100.76
CA LEU A 3393 40.25 40.52 -101.97
C LEU A 3393 39.02 41.35 -101.62
N VAL A 3394 38.21 40.87 -100.67
CA VAL A 3394 37.01 41.62 -100.30
C VAL A 3394 37.39 42.90 -99.56
N ARG A 3395 38.50 42.90 -98.82
CA ARG A 3395 38.95 44.12 -98.17
C ARG A 3395 39.35 45.17 -99.21
N ASP A 3396 40.08 44.75 -100.25
CA ASP A 3396 40.44 45.68 -101.31
C ASP A 3396 39.20 46.19 -102.04
N GLU A 3397 38.26 45.29 -102.34
CA GLU A 3397 37.04 45.72 -103.02
C GLU A 3397 36.23 46.68 -102.16
N PHE A 3398 36.16 46.43 -100.85
CA PHE A 3398 35.43 47.32 -99.96
C PHE A 3398 36.13 48.66 -99.82
N SER A 3399 37.47 48.67 -99.85
CA SER A 3399 38.18 49.95 -99.85
C SER A 3399 37.88 50.74 -101.11
N VAL A 3400 37.84 50.06 -102.26
CA VAL A 3400 37.49 50.74 -103.51
C VAL A 3400 36.07 51.30 -103.43
N LEU A 3401 35.14 50.50 -102.92
CA LEU A 3401 33.76 50.95 -102.79
C LEU A 3401 33.65 52.14 -101.83
N CYS A 3402 34.41 52.10 -100.73
CA CYS A 3402 34.41 53.21 -99.79
C CYS A 3402 34.96 54.49 -100.42
N ARG A 3403 36.02 54.35 -101.22
CA ARG A 3403 36.56 55.51 -101.93
C ARG A 3403 35.54 56.09 -102.90
N ASP A 3404 34.85 55.23 -103.65
CA ASP A 3404 33.82 55.71 -104.56
C ASP A 3404 32.67 56.38 -103.79
N LEU A 3405 32.28 55.79 -102.67
CA LEU A 3405 31.22 56.36 -101.84
C LEU A 3405 31.61 57.74 -101.31
N TYR A 3406 32.85 57.89 -100.84
CA TYR A 3406 33.30 59.17 -100.33
C TYR A 3406 33.60 60.17 -101.43
N ALA A 3407 33.73 59.71 -102.68
CA ALA A 3407 33.83 60.61 -103.82
C ALA A 3407 32.47 61.09 -104.31
N LEU A 3408 31.42 60.28 -104.18
CA LEU A 3408 30.09 60.65 -104.66
C LEU A 3408 29.19 61.27 -103.61
N TYR A 3409 29.13 60.70 -102.40
CA TYR A 3409 28.18 61.15 -101.39
C TYR A 3409 28.29 62.62 -101.01
N PRO A 3410 29.47 63.22 -100.87
CA PRO A 3410 29.51 64.66 -100.57
C PRO A 3410 28.81 65.53 -101.60
N LEU A 3411 28.84 65.15 -102.87
CA LEU A 3411 28.09 65.87 -103.89
C LEU A 3411 26.59 65.62 -103.79
N LEU A 3412 26.17 64.61 -103.05
CA LEU A 3412 24.75 64.30 -102.86
C LEU A 3412 24.19 64.92 -101.59
N ILE A 3413 24.98 65.03 -100.53
CA ILE A 3413 24.50 65.60 -99.28
C ILE A 3413 24.13 67.06 -99.47
N ARG A 3414 24.97 67.81 -100.18
CA ARG A 3414 24.67 69.22 -100.43
C ARG A 3414 23.46 69.37 -101.34
N TYR A 3415 23.34 68.50 -102.35
CA TYR A 3415 22.17 68.53 -103.21
C TYR A 3415 20.90 68.12 -102.48
N VAL A 3416 21.01 67.37 -101.39
CA VAL A 3416 19.86 67.00 -100.59
C VAL A 3416 19.51 68.09 -99.57
N ASP A 3417 20.51 68.82 -99.08
CA ASP A 3417 20.24 69.90 -98.14
C ASP A 3417 19.30 70.94 -98.74
N ASN A 3418 19.55 71.33 -99.98
CA ASN A 3418 18.56 72.07 -100.76
C ASN A 3418 17.70 71.09 -101.54
N ASN A 3419 16.68 71.62 -102.21
CA ASN A 3419 15.72 70.85 -103.01
C ASN A 3419 14.98 69.81 -102.17
N ARG A 3420 15.05 69.89 -100.85
CA ARG A 3420 14.34 68.96 -99.98
C ARG A 3420 12.96 69.48 -99.60
N ALA A 3421 12.84 70.80 -99.39
CA ALA A 3421 11.52 71.38 -99.17
C ALA A 3421 10.63 71.20 -100.39
N HIS A 3422 11.20 71.31 -101.59
CA HIS A 3422 10.44 71.03 -102.80
C HIS A 3422 10.01 69.57 -102.84
N TRP A 3423 10.90 68.65 -102.45
CA TRP A 3423 10.57 67.22 -102.46
C TRP A 3423 9.60 66.84 -101.35
N LEU A 3424 9.43 67.69 -100.33
CA LEU A 3424 8.49 67.42 -99.25
C LEU A 3424 7.11 68.04 -99.50
N THR A 3425 7.07 69.32 -99.87
CA THR A 3425 5.78 69.95 -100.19
C THR A 3425 5.14 69.30 -101.39
N GLU A 3426 5.92 69.00 -102.42
CA GLU A 3426 5.44 68.30 -103.62
C GLU A 3426 6.21 67.00 -103.76
N PRO A 3427 5.65 65.87 -103.34
CA PRO A 3427 6.39 64.60 -103.39
C PRO A 3427 6.78 64.24 -104.82
N ASN A 3428 7.97 63.65 -104.96
CA ASN A 3428 8.50 63.25 -106.25
C ASN A 3428 8.93 61.79 -106.15
N ALA A 3429 8.53 60.98 -107.14
CA ALA A 3429 8.83 59.55 -107.12
C ALA A 3429 10.33 59.30 -107.16
N ASN A 3430 11.07 60.12 -107.89
CA ASN A 3430 12.52 59.94 -107.98
C ASN A 3430 13.19 60.14 -106.63
N ALA A 3431 12.68 61.08 -105.82
CA ALA A 3431 13.22 61.27 -104.48
C ALA A 3431 13.01 60.02 -103.62
N GLU A 3432 11.82 59.42 -103.71
CA GLU A 3432 11.56 58.19 -102.96
C GLU A 3432 12.46 57.05 -103.43
N GLU A 3433 12.67 56.94 -104.75
CA GLU A 3433 13.55 55.91 -105.27
C GLU A 3433 14.98 56.11 -104.79
N LEU A 3434 15.44 57.36 -104.78
CA LEU A 3434 16.78 57.67 -104.27
C LEU A 3434 16.89 57.33 -102.78
N PHE A 3435 15.84 57.62 -102.00
CA PHE A 3435 15.85 57.24 -100.60
C PHE A 3435 15.95 55.73 -100.44
N ARG A 3436 15.19 54.99 -101.26
CA ARG A 3436 15.23 53.53 -101.19
C ARG A 3436 16.63 53.01 -101.49
N MET A 3437 17.26 53.57 -102.52
CA MET A 3437 18.62 53.14 -102.89
C MET A 3437 19.63 53.48 -101.79
N VAL A 3438 19.52 54.68 -101.21
CA VAL A 3438 20.41 55.07 -100.12
C VAL A 3438 20.22 54.14 -98.92
N GLY A 3439 18.97 53.84 -98.58
CA GLY A 3439 18.71 52.92 -97.48
C GLY A 3439 19.22 51.51 -97.76
N GLU A 3440 19.15 51.08 -99.02
CA GLU A 3440 19.71 49.79 -99.39
C GLU A 3440 21.21 49.77 -99.17
N ILE A 3441 21.90 50.83 -99.58
CA ILE A 3441 23.34 50.92 -99.32
C ILE A 3441 23.61 50.93 -97.82
N PHE A 3442 22.77 51.64 -97.05
CA PHE A 3442 22.97 51.72 -95.61
C PHE A 3442 22.82 50.36 -94.94
N ILE A 3443 21.80 49.59 -95.33
CA ILE A 3443 21.59 48.28 -94.70
C ILE A 3443 22.67 47.31 -95.17
N TYR A 3444 23.15 47.45 -96.41
CA TYR A 3444 24.29 46.66 -96.84
C TYR A 3444 25.51 46.94 -95.99
N TRP A 3445 25.74 48.21 -95.66
CA TRP A 3445 26.85 48.57 -94.77
C TRP A 3445 26.63 48.03 -93.37
N SER A 3446 25.38 48.05 -92.89
CA SER A 3446 25.10 47.68 -91.51
C SER A 3446 25.28 46.18 -91.30
N LYS A 3447 24.74 45.37 -92.19
CA LYS A 3447 24.82 43.91 -92.05
C LYS A 3447 26.10 43.35 -92.64
N SER A 3448 27.22 43.98 -92.27
CA SER A 3448 28.55 43.49 -92.66
C SER A 3448 29.62 44.24 -91.86
N HIS A 3449 30.53 43.49 -91.22
CA HIS A 3449 31.57 44.11 -90.42
C HIS A 3449 32.71 44.65 -91.27
N ASN A 3450 33.00 44.00 -92.40
CA ASN A 3450 34.11 44.42 -93.24
C ASN A 3450 33.88 45.80 -93.83
N PHE A 3451 32.64 46.13 -94.19
CA PHE A 3451 32.35 47.46 -94.71
C PHE A 3451 32.69 48.54 -93.70
N LYS A 3452 32.25 48.35 -92.44
CA LYS A 3452 32.54 49.33 -91.40
C LYS A 3452 34.03 49.42 -91.13
N ARG A 3453 34.72 48.26 -91.06
CA ARG A 3453 36.16 48.29 -90.81
C ARG A 3453 36.89 49.01 -91.93
N GLU A 3454 36.53 48.74 -93.19
CA GLU A 3454 37.19 49.39 -94.32
C GLU A 3454 36.90 50.88 -94.35
N GLU A 3455 35.67 51.29 -94.03
CA GLU A 3455 35.36 52.71 -93.99
C GLU A 3455 36.18 53.42 -92.91
N GLN A 3456 36.27 52.82 -91.72
CA GLN A 3456 37.05 53.42 -90.65
C GLN A 3456 38.52 53.51 -91.03
N ASN A 3457 39.07 52.44 -91.62
CA ASN A 3457 40.46 52.46 -92.05
C ASN A 3457 40.68 53.52 -93.12
N PHE A 3458 39.74 53.67 -94.05
CA PHE A 3458 39.85 54.67 -95.09
C PHE A 3458 39.91 56.08 -94.51
N VAL A 3459 38.98 56.40 -93.59
CA VAL A 3459 38.94 57.76 -93.09
C VAL A 3459 40.15 58.05 -92.21
N VAL A 3460 40.61 57.08 -91.42
CA VAL A 3460 41.77 57.33 -90.57
C VAL A 3460 43.04 57.42 -91.41
N GLN A 3461 43.11 56.67 -92.51
CA GLN A 3461 44.32 56.68 -93.33
C GLN A 3461 44.43 57.97 -94.13
N ASN A 3462 43.34 58.40 -94.76
CA ASN A 3462 43.38 59.61 -95.58
C ASN A 3462 43.02 60.87 -94.82
N GLU A 3463 42.78 60.77 -93.50
CA GLU A 3463 42.49 61.92 -92.65
C GLU A 3463 41.32 62.74 -93.19
N ILE A 3464 40.28 62.04 -93.64
CA ILE A 3464 39.09 62.72 -94.14
C ILE A 3464 38.35 63.37 -92.97
N ASN A 3465 38.06 64.66 -93.12
CA ASN A 3465 37.37 65.38 -92.05
C ASN A 3465 35.97 64.80 -91.79
N ASN A 3466 35.24 64.49 -92.85
CA ASN A 3466 33.90 63.93 -92.79
C ASN A 3466 32.90 64.85 -92.08
N MET A 3467 33.31 66.08 -91.79
CA MET A 3467 32.43 67.04 -91.11
C MET A 3467 32.26 68.28 -91.98
N SER A 3468 33.28 68.59 -92.80
CA SER A 3468 33.18 69.72 -93.70
C SER A 3468 32.15 69.46 -94.80
N PHE A 3469 31.95 68.20 -95.19
CA PHE A 3469 30.93 67.89 -96.18
C PHE A 3469 29.54 68.23 -95.66
N LEU A 3470 29.27 67.93 -94.40
CA LEU A 3470 28.00 68.26 -93.76
C LEU A 3470 28.02 69.60 -93.05
N THR A 3471 29.14 70.32 -93.10
CA THR A 3471 29.30 71.62 -92.46
C THR A 3471 29.00 71.55 -90.96
N TYR A 3503 34.71 54.90 -83.59
CA TYR A 3503 34.82 56.12 -82.80
C TYR A 3503 33.94 57.22 -83.38
N SER A 3504 34.23 57.63 -84.61
CA SER A 3504 33.47 58.69 -85.29
C SER A 3504 32.32 58.10 -86.11
N VAL A 3505 31.49 57.29 -85.46
CA VAL A 3505 30.35 56.68 -86.15
C VAL A 3505 29.30 57.74 -86.48
N GLN A 3506 29.07 58.67 -85.56
CA GLN A 3506 28.08 59.72 -85.80
C GLN A 3506 28.50 60.66 -86.92
N THR A 3507 29.79 60.70 -87.26
CA THR A 3507 30.29 61.54 -88.33
C THR A 3507 30.41 60.79 -89.66
N SER A 3508 29.95 59.54 -89.69
CA SER A 3508 30.06 58.74 -90.90
C SER A 3508 29.22 59.34 -92.03
N LEU A 3509 29.69 59.15 -93.26
CA LEU A 3509 29.03 59.75 -94.42
C LEU A 3509 27.73 59.03 -94.74
N ILE A 3510 27.75 57.69 -94.71
CA ILE A 3510 26.55 56.92 -95.07
C ILE A 3510 25.43 57.18 -94.07
N VAL A 3511 25.75 57.18 -92.78
CA VAL A 3511 24.73 57.41 -91.76
C VAL A 3511 24.16 58.80 -91.87
N ALA A 3512 25.02 59.80 -92.11
CA ALA A 3512 24.54 61.17 -92.25
C ALA A 3512 23.63 61.32 -93.46
N THR A 3513 24.01 60.70 -94.60
CA THR A 3513 23.17 60.77 -95.78
C THR A 3513 21.83 60.09 -95.55
N LEU A 3514 21.83 58.93 -94.90
CA LEU A 3514 20.57 58.25 -94.62
C LEU A 3514 19.70 59.07 -93.68
N LYS A 3515 20.30 59.69 -92.67
CA LYS A 3515 19.54 60.54 -91.76
C LYS A 3515 18.94 61.73 -92.48
N LYS A 3516 19.68 62.31 -93.43
CA LYS A 3516 19.16 63.44 -94.19
C LYS A 3516 18.05 63.02 -95.14
N MET A 3517 18.12 61.82 -95.69
CA MET A 3517 17.13 61.34 -96.65
C MET A 3517 15.96 60.60 -96.00
N LEU A 3518 16.02 60.35 -94.69
CA LEU A 3518 14.94 59.62 -94.02
C LEU A 3518 13.57 60.31 -94.11
N PRO A 3519 13.44 61.63 -93.94
CA PRO A 3519 12.12 62.24 -94.09
C PRO A 3519 11.49 62.01 -95.45
N ILE A 3520 12.30 61.87 -96.51
CA ILE A 3520 11.75 61.52 -97.82
C ILE A 3520 11.01 60.20 -97.75
N GLY A 3521 11.63 59.20 -97.10
CA GLY A 3521 10.97 57.92 -96.95
C GLY A 3521 9.77 57.97 -96.03
N LEU A 3522 9.86 58.74 -94.95
CA LEU A 3522 8.73 58.82 -94.01
C LEU A 3522 7.53 59.54 -94.63
N ASN A 3523 7.78 60.45 -95.58
CA ASN A 3523 6.67 61.17 -96.20
C ASN A 3523 5.76 60.23 -96.98
N MET A 3524 6.35 59.29 -97.74
CA MET A 3524 5.54 58.38 -98.55
C MET A 3524 4.76 57.39 -97.71
N CYS A 3525 5.14 57.19 -96.45
CA CYS A 3525 4.44 56.25 -95.57
C CYS A 3525 3.28 56.95 -94.89
N ALA A 3526 2.09 56.41 -95.06
CA ALA A 3526 0.89 57.01 -94.47
C ALA A 3526 0.94 56.90 -92.95
N PRO A 3527 0.33 57.85 -92.23
CA PRO A 3527 0.28 57.75 -90.77
C PRO A 3527 -0.47 56.52 -90.29
N THR A 3528 -1.35 55.95 -91.12
CA THR A 3528 -2.02 54.71 -90.75
C THR A 3528 -1.05 53.55 -90.66
N ASP A 3529 -0.03 53.52 -91.53
CA ASP A 3529 0.99 52.48 -91.50
C ASP A 3529 1.89 52.57 -90.25
N GLN A 3530 1.80 53.67 -89.51
CA GLN A 3530 2.54 53.77 -88.26
C GLN A 3530 2.07 52.75 -87.24
N ASP A 3531 0.89 52.16 -87.44
CA ASP A 3531 0.46 51.07 -86.58
C ASP A 3531 1.22 49.78 -86.90
N LEU A 3532 1.41 49.49 -88.19
CA LEU A 3532 2.13 48.30 -88.61
C LEU A 3532 3.64 48.47 -88.59
N ILE A 3533 4.14 49.69 -88.35
CA ILE A 3533 5.58 49.91 -88.30
C ILE A 3533 6.23 49.04 -87.24
N MET A 3534 5.71 49.04 -86.01
CA MET A 3534 6.32 48.24 -84.96
C MET A 3534 6.10 46.75 -85.20
N LEU A 3535 4.99 46.38 -85.83
CA LEU A 3535 4.78 44.97 -86.18
C LEU A 3535 5.85 44.50 -87.15
N ALA A 3536 6.14 45.30 -88.18
CA ALA A 3536 7.20 44.95 -89.12
C ALA A 3536 8.56 44.94 -88.44
N LYS A 3537 8.79 45.87 -87.52
CA LYS A 3537 10.06 45.88 -86.78
C LYS A 3537 10.22 44.60 -85.95
N THR A 3538 9.16 44.18 -85.26
CA THR A 3538 9.22 42.94 -84.49
C THR A 3538 9.42 41.74 -85.40
N ARG A 3539 8.78 41.73 -86.56
CA ARG A 3539 8.97 40.64 -87.52
C ARG A 3539 10.42 40.57 -87.98
N TYR A 3540 11.03 41.73 -88.26
CA TYR A 3540 12.42 41.78 -88.68
C TYR A 3540 13.39 41.53 -87.54
N ALA A 3541 12.93 41.63 -86.29
CA ALA A 3541 13.80 41.38 -85.14
C ALA A 3541 14.32 39.95 -85.10
N LEU A 3542 13.70 39.03 -85.83
CA LEU A 3542 14.12 37.62 -85.85
C LEU A 3542 14.94 37.30 -87.09
N LYS A 3543 15.75 38.25 -87.56
CA LYS A 3543 16.58 38.08 -88.75
C LYS A 3543 15.76 37.66 -89.96
N ASP A 3544 14.58 38.26 -90.10
CA ASP A 3544 13.70 37.94 -91.21
C ASP A 3544 14.17 38.60 -92.50
N THR A 3545 13.62 38.13 -93.61
CA THR A 3545 13.94 38.66 -94.93
C THR A 3545 12.78 39.54 -95.43
N ASP A 3546 13.04 40.26 -96.51
CA ASP A 3546 12.04 41.17 -97.05
C ASP A 3546 10.81 40.43 -97.56
N GLU A 3547 11.01 39.30 -98.24
CA GLU A 3547 9.87 38.57 -98.81
C GLU A 3547 8.96 38.03 -97.73
N GLU A 3548 9.52 37.39 -96.71
CA GLU A 3548 8.69 36.84 -95.64
C GLU A 3548 8.04 37.93 -94.81
N VAL A 3549 8.73 39.05 -94.58
CA VAL A 3549 8.12 40.16 -93.86
C VAL A 3549 6.94 40.73 -94.65
N ARG A 3550 7.11 40.88 -95.97
CA ARG A 3550 6.02 41.37 -96.81
C ARG A 3550 4.84 40.40 -96.79
N GLU A 3551 5.12 39.10 -96.87
CA GLU A 3551 4.04 38.11 -96.83
C GLU A 3551 3.31 38.15 -95.49
N PHE A 3552 4.05 38.25 -94.39
CA PHE A 3552 3.42 38.32 -93.07
C PHE A 3552 2.57 39.59 -92.95
N LEU A 3553 3.07 40.72 -93.44
CA LEU A 3553 2.30 41.96 -93.38
C LEU A 3553 1.03 41.86 -94.22
N GLN A 3554 1.13 41.27 -95.41
CA GLN A 3554 -0.06 41.11 -96.25
C GLN A 3554 -1.05 40.12 -95.63
N ASN A 3555 -0.55 39.19 -94.82
CA ASN A 3555 -1.45 38.23 -94.17
C ASN A 3555 -2.39 38.90 -93.19
N ASN A 3556 -1.95 39.99 -92.55
CA ASN A 3556 -2.75 40.71 -91.56
C ASN A 3556 -2.72 42.21 -91.85
N LEU A 3557 -2.99 42.58 -93.09
CA LEU A 3557 -2.98 43.99 -93.48
C LEU A 3557 -4.22 44.75 -93.00
N HIS A 3558 -5.08 44.12 -92.21
CA HIS A 3558 -6.30 44.75 -91.72
C HIS A 3558 -6.14 45.38 -90.34
N LEU A 3559 -4.95 45.29 -89.73
CA LEU A 3559 -4.75 45.83 -88.39
C LEU A 3559 -4.41 47.32 -88.40
N GLN A 3560 -4.17 47.91 -89.57
CA GLN A 3560 -3.89 49.34 -89.64
C GLN A 3560 -5.20 50.14 -89.60
N GLY A 3561 -5.07 51.42 -89.26
CA GLY A 3561 -6.21 52.29 -89.22
C GLY A 3561 -6.40 52.99 -87.89
N LYS A 3562 -7.54 52.75 -87.24
CA LYS A 3562 -7.89 53.38 -85.97
C LYS A 3562 -7.86 54.91 -86.09
N VAL A 3563 -8.34 55.42 -87.23
CA VAL A 3563 -8.37 56.86 -87.45
C VAL A 3563 -9.34 57.53 -86.48
N GLU A 3564 -10.51 56.93 -86.26
CA GLU A 3564 -11.50 57.50 -85.35
C GLU A 3564 -11.26 57.10 -83.90
N GLY A 3565 -10.39 56.13 -83.64
CA GLY A 3565 -10.13 55.69 -82.29
C GLY A 3565 -9.12 56.50 -81.51
N SER A 3566 -8.44 57.44 -82.16
CA SER A 3566 -7.45 58.27 -81.51
C SER A 3566 -7.64 59.72 -81.93
N PRO A 3567 -7.32 60.68 -81.06
CA PRO A 3567 -7.47 62.09 -81.42
C PRO A 3567 -6.25 62.63 -82.14
N SER A 3568 -5.10 61.97 -81.97
CA SER A 3568 -3.85 62.44 -82.56
C SER A 3568 -3.72 62.06 -84.04
N LEU A 3569 -4.63 61.26 -84.58
CA LEU A 3569 -4.55 60.83 -85.97
C LEU A 3569 -5.42 61.66 -86.90
N ARG A 3570 -6.36 62.44 -86.37
CA ARG A 3570 -7.25 63.21 -87.23
C ARG A 3570 -6.49 64.26 -88.02
N TRP A 3571 -5.69 65.08 -87.34
CA TRP A 3571 -4.97 66.14 -88.03
C TRP A 3571 -3.87 65.59 -88.92
N GLN A 3572 -3.28 64.45 -88.57
CA GLN A 3572 -2.29 63.83 -89.45
C GLN A 3572 -2.92 63.40 -90.78
N MET A 3573 -4.08 62.76 -90.72
CA MET A 3573 -4.78 62.39 -91.95
C MET A 3573 -5.21 63.62 -92.73
N ALA A 3574 -5.68 64.66 -92.04
CA ALA A 3574 -6.05 65.89 -92.72
C ALA A 3574 -4.86 66.50 -93.44
N LEU A 3575 -3.69 66.52 -92.79
CA LEU A 3575 -2.49 67.03 -93.42
C LEU A 3575 -2.10 66.19 -94.63
N TYR A 3576 -2.20 64.87 -94.51
CA TYR A 3576 -1.82 64.01 -95.62
C TYR A 3576 -2.74 64.23 -96.82
N ARG A 3577 -4.04 64.37 -96.58
CA ARG A 3577 -4.97 64.54 -97.69
C ARG A 3577 -4.94 65.95 -98.28
N GLY A 3578 -4.65 66.96 -97.46
CA GLY A 3578 -4.83 68.34 -97.88
C GLY A 3578 -3.88 68.88 -98.94
N LEU A 3579 -2.62 69.09 -98.57
CA LEU A 3579 -1.69 69.81 -99.45
C LEU A 3579 -1.12 68.98 -100.60
N PRO A 3580 -0.74 67.70 -100.42
CA PRO A 3580 -0.08 66.99 -101.53
C PRO A 3580 -1.01 66.72 -102.70
N GLY A 3581 -0.47 66.11 -103.75
CA GLY A 3581 -1.26 65.79 -104.94
C GLY A 3581 -2.07 64.52 -104.77
N ARG A 3582 -1.97 63.62 -105.75
CA ARG A 3582 -2.69 62.35 -105.67
C ARG A 3582 -2.18 61.54 -104.49
N GLU A 3583 -3.12 60.99 -103.72
CA GLU A 3583 -2.80 60.21 -102.52
C GLU A 3583 -2.54 58.75 -102.84
N GLU A 3584 -1.64 58.49 -103.79
CA GLU A 3584 -1.28 57.14 -104.21
C GLU A 3584 -2.51 56.33 -104.64
N ASP A 3585 -3.42 56.99 -105.35
CA ASP A 3585 -4.67 56.43 -105.86
C ASP A 3585 -5.64 56.02 -104.74
N ALA A 3586 -5.29 56.24 -103.47
CA ALA A 3586 -6.11 55.99 -102.29
C ALA A 3586 -6.42 54.53 -102.06
N ASP A 3587 -5.96 53.62 -102.92
CA ASP A 3587 -6.25 52.19 -102.74
C ASP A 3587 -5.17 51.40 -103.47
N ASP A 3588 -4.21 50.88 -102.71
CA ASP A 3588 -3.16 50.01 -103.26
C ASP A 3588 -2.62 49.10 -102.16
N PRO A 3589 -3.33 48.00 -101.87
CA PRO A 3589 -2.77 47.00 -100.95
C PRO A 3589 -1.36 46.56 -101.28
N GLU A 3590 -1.06 46.37 -102.57
CA GLU A 3590 0.26 45.89 -102.98
C GLU A 3590 1.35 46.90 -102.64
N LYS A 3591 1.08 48.19 -102.84
CA LYS A 3591 2.08 49.22 -102.56
C LYS A 3591 2.27 49.47 -101.07
N ILE A 3592 1.29 49.13 -100.24
CA ILE A 3592 1.38 49.41 -98.81
C ILE A 3592 2.52 48.61 -98.18
N VAL A 3593 2.57 47.31 -98.46
CA VAL A 3593 3.62 46.47 -97.88
C VAL A 3593 4.98 46.88 -98.45
N ARG A 3594 5.03 47.23 -99.73
CA ARG A 3594 6.29 47.64 -100.34
C ARG A 3594 6.84 48.90 -99.69
N ARG A 3595 5.96 49.88 -99.41
CA ARG A 3595 6.40 51.12 -98.78
C ARG A 3595 6.56 51.00 -97.28
N VAL A 3596 6.05 49.94 -96.66
CA VAL A 3596 6.23 49.74 -95.23
C VAL A 3596 7.50 48.97 -94.92
N GLN A 3597 7.81 47.95 -95.74
CA GLN A 3597 8.96 47.10 -95.45
C GLN A 3597 10.27 47.90 -95.49
N GLU A 3598 10.43 48.76 -96.49
CA GLU A 3598 11.67 49.52 -96.63
C GLU A 3598 11.87 50.47 -95.46
N VAL A 3599 10.81 51.21 -95.08
CA VAL A 3599 10.95 52.17 -93.99
C VAL A 3599 11.16 51.46 -92.67
N SER A 3600 10.50 50.30 -92.47
CA SER A 3600 10.73 49.55 -91.24
C SER A 3600 12.15 49.03 -91.16
N ALA A 3601 12.69 48.52 -92.28
CA ALA A 3601 14.07 48.05 -92.28
C ALA A 3601 15.05 49.18 -92.01
N VAL A 3602 14.81 50.35 -92.62
CA VAL A 3602 15.70 51.49 -92.40
C VAL A 3602 15.64 51.94 -90.93
N LEU A 3603 14.44 51.99 -90.36
CA LEU A 3603 14.30 52.40 -88.97
C LEU A 3603 14.97 51.40 -88.03
N TYR A 3604 14.86 50.11 -88.34
CA TYR A 3604 15.55 49.10 -87.55
C TYR A 3604 17.05 49.29 -87.63
N HIS A 3605 17.59 49.39 -88.85
CA HIS A 3605 19.04 49.50 -89.02
C HIS A 3605 19.60 50.79 -88.42
N LEU A 3606 18.80 51.85 -88.35
CA LEU A 3606 19.27 53.09 -87.73
C LEU A 3606 19.42 52.98 -86.22
N GLU A 3607 18.74 52.03 -85.58
CA GLU A 3607 18.80 51.93 -84.13
C GLU A 3607 20.19 51.54 -83.64
N GLN A 3608 20.84 50.60 -84.31
CA GLN A 3608 22.14 50.11 -83.85
C GLN A 3608 23.25 51.14 -84.02
N THR A 3609 23.11 52.04 -85.02
CA THR A 3609 24.16 53.03 -85.24
C THR A 3609 24.29 53.97 -84.04
N GLU A 3610 23.16 54.40 -83.47
CA GLU A 3610 23.20 55.25 -82.29
C GLU A 3610 23.51 54.47 -81.02
N HIS A 3611 23.39 53.14 -81.05
CA HIS A 3611 23.68 52.31 -79.89
C HIS A 3611 24.93 51.46 -80.12
N THR A 3639 68.44 40.83 -70.45
CA THR A 3639 69.00 39.50 -70.28
C THR A 3639 69.54 39.31 -68.86
N PRO A 3640 68.63 39.15 -67.89
CA PRO A 3640 69.07 39.04 -66.49
C PRO A 3640 69.79 37.73 -66.17
N LEU A 3641 69.61 36.69 -66.98
CA LEU A 3641 70.20 35.39 -66.67
C LEU A 3641 71.73 35.47 -66.68
N TYR A 3642 72.32 35.77 -67.83
CA TYR A 3642 73.77 35.91 -67.92
C TYR A 3642 74.15 37.35 -67.60
N ASN A 3643 75.39 37.73 -67.89
CA ASN A 3643 75.97 39.02 -67.49
C ASN A 3643 75.90 39.19 -65.97
N LEU A 3644 76.07 38.09 -65.24
CA LEU A 3644 76.02 38.04 -63.80
C LEU A 3644 77.26 37.33 -63.28
N PRO A 3645 77.69 37.62 -62.04
CA PRO A 3645 78.81 36.88 -61.47
C PRO A 3645 78.51 35.39 -61.39
N THR A 3646 79.53 34.58 -61.64
CA THR A 3646 79.32 33.14 -61.71
C THR A 3646 78.95 32.54 -60.35
N HIS A 3647 79.45 33.12 -59.26
CA HIS A 3647 79.14 32.58 -57.94
C HIS A 3647 77.67 32.77 -57.58
N ARG A 3648 77.08 33.91 -57.92
CA ARG A 3648 75.67 34.12 -57.65
C ARG A 3648 74.80 33.15 -58.44
N ALA A 3649 75.10 32.98 -59.72
CA ALA A 3649 74.35 32.02 -60.53
C ALA A 3649 74.53 30.60 -60.01
N CYS A 3650 75.74 30.27 -59.55
CA CYS A 3650 75.98 28.96 -58.95
C CYS A 3650 75.11 28.77 -57.71
N ASN A 3651 75.01 29.81 -56.87
CA ASN A 3651 74.19 29.70 -55.66
C ASN A 3651 72.71 29.48 -56.01
N MET A 3652 72.18 30.28 -56.93
CA MET A 3652 70.78 30.10 -57.32
C MET A 3652 70.55 28.73 -57.93
N PHE A 3653 71.49 28.26 -58.76
CA PHE A 3653 71.35 26.93 -59.35
C PHE A 3653 71.39 25.86 -58.27
N LEU A 3654 72.24 26.04 -57.26
CA LEU A 3654 72.28 25.07 -56.16
C LEU A 3654 70.94 25.00 -55.44
N GLU A 3655 70.36 26.15 -55.09
CA GLU A 3655 69.07 26.13 -54.41
C GLU A 3655 68.00 25.48 -55.27
N SER A 3656 67.92 25.86 -56.55
CA SER A 3656 66.87 25.33 -57.42
C SER A 3656 67.06 23.83 -57.66
N TYR A 3657 68.31 23.40 -57.87
CA TYR A 3657 68.59 21.99 -58.10
C TYR A 3657 68.27 21.16 -56.87
N LYS A 3658 68.60 21.66 -55.68
CA LYS A 3658 68.25 20.95 -54.46
C LYS A 3658 66.74 20.85 -54.31
N ALA A 3659 66.02 21.93 -54.62
CA ALA A 3659 64.57 21.92 -54.50
C ALA A 3659 63.89 21.07 -55.56
N ALA A 3660 64.53 20.83 -56.71
CA ALA A 3660 63.86 20.18 -57.83
C ALA A 3660 64.27 18.74 -58.07
N TRP A 3661 65.51 18.35 -57.81
CA TRP A 3661 66.04 17.06 -58.24
C TRP A 3661 66.42 16.15 -57.09
N ILE A 3662 67.17 16.66 -56.12
CA ILE A 3662 67.69 15.80 -55.04
C ILE A 3662 66.55 15.24 -54.20
N LEU A 3663 65.41 15.92 -54.16
CA LEU A 3663 64.29 15.46 -53.34
C LEU A 3663 63.60 14.24 -53.94
N THR A 3664 64.30 13.11 -53.91
CA THR A 3664 63.70 11.85 -54.36
C THR A 3664 62.69 11.35 -53.35
N GLU A 3665 61.74 10.55 -53.83
CA GLU A 3665 60.58 10.16 -53.01
C GLU A 3665 60.80 8.88 -52.22
N ASP A 3666 61.38 7.84 -52.84
CA ASP A 3666 61.38 6.52 -52.22
C ASP A 3666 62.49 6.38 -51.18
N HIS A 3667 63.74 6.48 -51.63
CA HIS A 3667 64.95 6.31 -50.80
C HIS A 3667 65.13 4.86 -50.33
N SER A 3668 64.13 4.02 -50.57
CA SER A 3668 64.20 2.56 -50.44
C SER A 3668 65.04 2.12 -49.24
N PHE A 3669 64.79 2.72 -48.08
CA PHE A 3669 65.60 2.40 -46.91
C PHE A 3669 64.82 2.21 -45.61
N GLU A 3670 63.55 2.62 -45.54
CA GLU A 3670 62.83 2.56 -44.27
C GLU A 3670 62.60 1.12 -43.83
N ASP A 3671 62.15 0.26 -44.76
CA ASP A 3671 61.90 -1.14 -44.41
C ASP A 3671 63.18 -1.94 -44.22
N ARG A 3672 64.21 -1.63 -45.02
CA ARG A 3672 65.46 -2.37 -44.92
C ARG A 3672 66.16 -2.16 -43.59
N MET A 3673 66.10 -0.93 -43.04
CA MET A 3673 66.65 -0.68 -41.72
C MET A 3673 66.03 -1.58 -40.66
N ILE A 3674 64.70 -1.62 -40.63
CA ILE A 3674 64.00 -2.43 -39.62
C ILE A 3674 64.26 -3.90 -39.85
N ASP A 3675 64.33 -4.33 -41.11
CA ASP A 3675 64.60 -5.74 -41.40
C ASP A 3675 65.99 -6.15 -40.93
N ASP A 3676 66.99 -5.29 -41.16
CA ASP A 3676 68.35 -5.61 -40.76
C ASP A 3676 68.51 -5.56 -39.24
N LEU A 3677 67.86 -4.59 -38.59
CA LEU A 3677 67.97 -4.46 -37.14
C LEU A 3677 67.15 -5.51 -36.39
N SER A 3678 66.26 -6.22 -37.07
CA SER A 3678 65.41 -7.20 -36.42
C SER A 3678 66.01 -8.61 -36.42
N LYS A 3679 67.21 -8.79 -36.98
CA LYS A 3679 67.87 -10.08 -37.01
C LYS A 3679 68.91 -10.13 -35.89
N ALA A 3680 68.75 -11.08 -34.98
CA ALA A 3680 69.62 -11.22 -33.82
C ALA A 3680 70.43 -12.50 -33.90
N GLY A 3681 71.61 -12.46 -33.31
CA GLY A 3681 72.48 -13.63 -33.29
C GLY A 3681 72.95 -14.07 -34.66
N GLU A 3682 73.27 -13.11 -35.54
CA GLU A 3682 73.78 -13.45 -36.86
C GLU A 3682 75.20 -13.98 -36.75
N GLN A 3683 75.43 -15.16 -37.34
CA GLN A 3683 76.73 -15.83 -37.31
C GLN A 3683 77.19 -16.08 -35.87
N GLU A 3684 76.24 -16.28 -34.96
CA GLU A 3684 76.56 -16.51 -33.55
C GLU A 3684 75.34 -17.15 -32.89
N GLU A 3685 75.46 -17.40 -31.59
CA GLU A 3685 74.39 -17.99 -30.79
C GLU A 3685 73.92 -19.32 -31.36
N GLU A 3691 67.44 -14.48 -25.83
CA GLU A 3691 66.70 -14.94 -24.65
C GLU A 3691 67.03 -14.08 -23.43
N GLU A 3692 67.93 -14.59 -22.58
CA GLU A 3692 68.34 -13.84 -21.40
C GLU A 3692 69.02 -12.53 -21.78
N LYS A 3693 69.91 -12.58 -22.77
CA LYS A 3693 70.52 -11.38 -23.29
C LYS A 3693 69.47 -10.56 -24.05
N LYS A 3694 69.62 -9.24 -23.99
CA LYS A 3694 68.69 -8.36 -24.67
C LYS A 3694 68.72 -8.64 -26.17
N PRO A 3695 67.56 -8.73 -26.82
CA PRO A 3695 67.53 -9.11 -28.24
C PRO A 3695 68.04 -8.03 -29.19
N ASP A 3696 67.79 -8.24 -30.48
CA ASP A 3696 68.31 -7.53 -31.64
C ASP A 3696 68.37 -6.02 -31.45
N PRO A 3697 69.31 -5.33 -32.14
CA PRO A 3697 69.55 -3.90 -31.93
C PRO A 3697 68.31 -3.01 -31.86
N LEU A 3698 67.21 -3.46 -32.46
CA LEU A 3698 65.98 -2.67 -32.41
C LEU A 3698 65.49 -2.52 -30.98
N HIS A 3699 65.53 -3.60 -30.19
CA HIS A 3699 65.11 -3.50 -28.80
C HIS A 3699 66.04 -2.60 -27.99
N GLN A 3700 67.35 -2.66 -28.26
CA GLN A 3700 68.28 -1.78 -27.56
C GLN A 3700 68.02 -0.32 -27.90
N LEU A 3701 67.73 -0.03 -29.17
CA LEU A 3701 67.41 1.34 -29.57
C LEU A 3701 66.12 1.82 -28.89
N VAL A 3702 65.10 0.97 -28.86
CA VAL A 3702 63.84 1.34 -28.21
C VAL A 3702 64.07 1.57 -26.73
N LEU A 3703 64.88 0.73 -26.09
CA LEU A 3703 65.17 0.90 -24.67
C LEU A 3703 65.95 2.18 -24.41
N HIS A 3704 66.89 2.52 -25.30
CA HIS A 3704 67.64 3.77 -25.15
C HIS A 3704 66.72 4.98 -25.24
N PHE A 3705 65.79 4.97 -26.20
CA PHE A 3705 64.84 6.07 -26.31
C PHE A 3705 63.90 6.11 -25.11
N SER A 3706 63.49 4.94 -24.60
CA SER A 3706 62.65 4.90 -23.41
C SER A 3706 63.38 5.46 -22.19
N ARG A 3707 64.68 5.14 -22.07
CA ARG A 3707 65.48 5.71 -20.99
C ARG A 3707 65.59 7.22 -21.12
N THR A 3708 65.78 7.71 -22.35
CA THR A 3708 65.82 9.15 -22.58
C THR A 3708 64.51 9.80 -22.15
N ALA A 3709 63.39 9.17 -22.47
CA ALA A 3709 62.09 9.70 -22.05
C ALA A 3709 61.91 9.62 -20.55
N LEU A 3710 62.45 8.59 -19.90
CA LEU A 3710 62.20 8.35 -18.48
C LEU A 3710 62.98 9.29 -17.58
N THR A 3711 64.04 9.93 -18.08
CA THR A 3711 64.82 10.84 -17.26
C THR A 3711 63.98 12.06 -16.88
N GLU A 3712 63.87 12.32 -15.58
CA GLU A 3712 63.03 13.41 -15.11
C GLU A 3712 63.70 14.76 -15.38
N LYS A 3713 62.94 15.69 -15.94
CA LYS A 3713 63.44 17.01 -16.29
C LYS A 3713 62.27 17.98 -16.28
N SER A 3714 62.50 19.19 -16.79
CA SER A 3714 61.46 20.21 -16.88
C SER A 3714 61.05 20.52 -18.31
N LYS A 3715 61.82 20.09 -19.31
CA LYS A 3715 61.48 20.33 -20.71
C LYS A 3715 62.10 19.22 -21.55
N LEU A 3716 61.38 18.82 -22.59
CA LEU A 3716 61.83 17.77 -23.50
C LEU A 3716 62.66 18.39 -24.61
N ASP A 3717 63.96 18.09 -24.63
CA ASP A 3717 64.84 18.63 -25.65
C ASP A 3717 64.52 18.02 -27.02
N GLU A 3718 64.70 18.84 -28.06
CA GLU A 3718 64.41 18.42 -29.43
C GLU A 3718 65.53 17.50 -29.91
N ASP A 3719 65.26 16.19 -29.90
CA ASP A 3719 66.22 15.18 -30.34
C ASP A 3719 65.95 14.85 -31.81
N TYR A 3720 66.91 15.16 -32.67
CA TYR A 3720 66.75 14.86 -34.09
C TYR A 3720 66.88 13.37 -34.38
N LEU A 3721 67.74 12.68 -33.63
CA LEU A 3721 67.89 11.23 -33.83
C LEU A 3721 66.60 10.50 -33.50
N TYR A 3722 65.94 10.90 -32.39
CA TYR A 3722 64.66 10.31 -32.05
C TYR A 3722 63.63 10.56 -33.14
N MET A 3723 63.58 11.78 -33.68
CA MET A 3723 62.63 12.08 -34.74
C MET A 3723 62.88 11.21 -35.96
N ALA A 3724 64.15 11.10 -36.38
CA ALA A 3724 64.46 10.30 -37.56
C ALA A 3724 64.10 8.83 -37.36
N TYR A 3725 64.45 8.27 -36.20
CA TYR A 3725 64.18 6.86 -35.98
C TYR A 3725 62.69 6.58 -35.77
N ALA A 3726 61.96 7.49 -35.13
CA ALA A 3726 60.51 7.34 -35.01
C ALA A 3726 59.85 7.41 -36.37
N ASP A 3727 60.32 8.31 -37.25
CA ASP A 3727 59.80 8.36 -38.61
C ASP A 3727 60.09 7.06 -39.35
N ILE A 3728 61.29 6.50 -39.17
CA ILE A 3728 61.63 5.25 -39.82
C ILE A 3728 60.71 4.13 -39.35
N MET A 3729 60.50 4.03 -38.03
CA MET A 3729 59.61 2.99 -37.50
C MET A 3729 58.18 3.17 -37.98
N ALA A 3730 57.68 4.41 -38.01
CA ALA A 3730 56.32 4.65 -38.46
C ALA A 3730 56.16 4.30 -39.93
N LYS A 3731 57.13 4.67 -40.77
CA LYS A 3731 57.05 4.39 -42.19
C LYS A 3731 57.32 2.93 -42.52
N SER A 3732 57.93 2.18 -41.59
CA SER A 3732 58.08 0.75 -41.80
C SER A 3732 56.75 0.01 -41.81
N CYS A 3733 55.70 0.59 -41.21
CA CYS A 3733 54.37 -0.01 -41.18
C CYS A 3733 53.35 0.82 -41.94
N HIS A 3734 53.22 2.10 -41.62
CA HIS A 3734 52.17 2.92 -42.23
C HIS A 3734 52.45 3.19 -43.70
N LEU A 3735 53.69 3.57 -44.03
CA LEU A 3735 54.03 3.87 -45.41
C LEU A 3735 53.99 2.62 -46.28
N GLU A 3736 54.18 1.45 -45.69
CA GLU A 3736 54.10 0.20 -46.43
C GLU A 3736 52.68 -0.38 -46.42
N GLU A 3737 51.98 -0.28 -45.30
CA GLU A 3737 50.61 -0.78 -45.17
C GLU A 3737 49.81 0.27 -44.40
N GLY A 3738 49.17 1.18 -45.12
CA GLY A 3738 48.37 2.23 -44.51
C GLY A 3738 47.08 1.74 -43.91
N VAL A 3749 37.27 -2.98 -56.05
CA VAL A 3749 38.12 -3.64 -57.04
C VAL A 3749 38.63 -4.97 -56.50
N GLU A 3750 39.68 -4.91 -55.69
CA GLU A 3750 40.27 -6.11 -55.09
C GLU A 3750 39.73 -6.23 -53.67
N VAL A 3751 38.52 -6.79 -53.56
CA VAL A 3751 37.85 -7.00 -52.29
C VAL A 3751 37.78 -8.48 -51.93
N SER A 3752 38.66 -9.29 -52.50
CA SER A 3752 38.68 -10.71 -52.19
C SER A 3752 39.06 -10.95 -50.73
N PHE A 3753 38.48 -12.00 -50.16
CA PHE A 3753 38.79 -12.35 -48.76
C PHE A 3753 40.26 -12.69 -48.59
N GLU A 3754 40.83 -13.44 -49.53
CA GLU A 3754 42.21 -13.88 -49.39
C GLU A 3754 43.18 -12.70 -49.41
N GLU A 3755 43.04 -11.80 -50.38
CA GLU A 3755 43.95 -10.67 -50.49
C GLU A 3755 43.81 -9.73 -49.28
N LYS A 3756 42.58 -9.43 -48.89
CA LYS A 3756 42.37 -8.55 -47.74
C LYS A 3756 42.94 -9.15 -46.46
N GLU A 3757 42.73 -10.46 -46.26
CA GLU A 3757 43.25 -11.10 -45.06
C GLU A 3757 44.77 -11.17 -45.08
N MET A 3758 45.37 -11.40 -46.26
CA MET A 3758 46.83 -11.39 -46.34
C MET A 3758 47.37 -10.01 -46.03
N GLU A 3759 46.72 -8.96 -46.50
CA GLU A 3759 47.13 -7.60 -46.16
C GLU A 3759 47.04 -7.36 -44.66
N LYS A 3760 45.95 -7.83 -44.04
CA LYS A 3760 45.79 -7.67 -42.60
C LYS A 3760 46.88 -8.40 -41.84
N GLN A 3761 47.22 -9.63 -42.25
CA GLN A 3761 48.26 -10.38 -41.57
C GLN A 3761 49.63 -9.74 -41.77
N ARG A 3762 49.88 -9.20 -42.97
CA ARG A 3762 51.15 -8.49 -43.20
C ARG A 3762 51.27 -7.28 -42.30
N LEU A 3763 50.19 -6.49 -42.19
CA LEU A 3763 50.21 -5.34 -41.30
C LEU A 3763 50.41 -5.76 -39.85
N LEU A 3764 49.74 -6.84 -39.44
CA LEU A 3764 49.88 -7.33 -38.07
C LEU A 3764 51.32 -7.75 -37.78
N TYR A 3765 51.95 -8.47 -38.73
CA TYR A 3765 53.34 -8.87 -38.54
C TYR A 3765 54.27 -7.67 -38.49
N GLN A 3766 54.03 -6.68 -39.36
CA GLN A 3766 54.88 -5.49 -39.36
C GLN A 3766 54.77 -4.74 -38.03
N GLN A 3767 53.56 -4.61 -37.50
CA GLN A 3767 53.39 -3.93 -36.22
C GLN A 3767 53.97 -4.76 -35.07
N SER A 3768 53.83 -6.09 -35.12
CA SER A 3768 54.40 -6.95 -34.09
C SER A 3768 55.91 -7.01 -34.15
N ARG A 3769 56.52 -6.64 -35.28
CA ARG A 3769 57.98 -6.62 -35.36
C ARG A 3769 58.59 -5.66 -34.35
N LEU A 3770 57.86 -4.60 -33.98
CA LEU A 3770 58.42 -3.60 -33.08
C LEU A 3770 57.55 -3.26 -31.87
N HIS A 3771 56.27 -3.64 -31.85
CA HIS A 3771 55.49 -3.36 -30.65
C HIS A 3771 55.75 -4.37 -29.54
N THR A 3772 56.39 -5.50 -29.85
CA THR A 3772 56.83 -6.45 -28.85
C THR A 3772 58.15 -6.06 -28.21
N ARG A 3773 58.81 -5.02 -28.72
CA ARG A 3773 60.08 -4.54 -28.20
C ARG A 3773 59.92 -3.31 -27.33
N GLY A 3774 58.69 -2.94 -26.97
CA GLY A 3774 58.45 -1.81 -26.12
C GLY A 3774 58.10 -0.51 -26.80
N ALA A 3775 57.66 -0.55 -28.07
CA ALA A 3775 57.33 0.68 -28.78
C ALA A 3775 56.14 1.41 -28.17
N ALA A 3776 55.12 0.69 -27.73
CA ALA A 3776 53.96 1.35 -27.12
C ALA A 3776 54.35 2.09 -25.85
N GLU A 3777 55.16 1.46 -25.00
CA GLU A 3777 55.64 2.11 -23.79
C GLU A 3777 56.47 3.35 -24.11
N MET A 3778 57.33 3.25 -25.13
CA MET A 3778 58.13 4.40 -25.56
C MET A 3778 57.24 5.55 -26.04
N VAL A 3779 56.20 5.23 -26.82
CA VAL A 3779 55.29 6.27 -27.30
C VAL A 3779 54.56 6.93 -26.14
N LEU A 3780 54.07 6.13 -25.20
CA LEU A 3780 53.36 6.69 -24.04
C LEU A 3780 54.29 7.57 -23.21
N GLN A 3781 55.53 7.14 -23.02
CA GLN A 3781 56.49 7.92 -22.25
C GLN A 3781 56.81 9.23 -22.95
N MET A 3782 56.99 9.21 -24.27
CA MET A 3782 57.23 10.46 -24.99
C MET A 3782 56.05 11.41 -24.85
N ILE A 3783 54.83 10.89 -25.00
CA ILE A 3783 53.65 11.74 -24.88
C ILE A 3783 53.54 12.34 -23.49
N SER A 3784 53.80 11.54 -22.46
CA SER A 3784 53.73 12.05 -21.09
C SER A 3784 54.83 13.06 -20.80
N ALA A 3785 56.04 12.83 -21.34
CA ALA A 3785 57.15 13.72 -21.08
C ALA A 3785 57.08 15.00 -21.89
N CYS A 3786 56.25 15.04 -22.95
CA CYS A 3786 56.11 16.28 -23.71
C CYS A 3786 55.48 17.40 -22.90
N LYS A 3787 54.82 17.07 -21.78
CA LYS A 3787 54.24 18.06 -20.86
C LYS A 3787 53.21 18.95 -21.56
N GLY A 3788 52.53 18.42 -22.57
CA GLY A 3788 51.50 19.18 -23.24
C GLY A 3788 52.00 20.33 -24.08
N GLU A 3789 53.24 20.26 -24.58
CA GLU A 3789 53.82 21.32 -25.40
C GLU A 3789 53.90 20.81 -26.84
N THR A 3790 53.26 21.53 -27.75
CA THR A 3790 53.28 21.14 -29.15
C THR A 3790 54.65 21.39 -29.77
N GLY A 3791 54.94 20.63 -30.82
CA GLY A 3791 56.21 20.75 -31.50
C GLY A 3791 56.45 19.55 -32.40
N ALA A 3792 57.68 19.46 -32.89
CA ALA A 3792 58.08 18.35 -33.74
C ALA A 3792 58.41 17.09 -32.95
N MET A 3793 58.56 17.19 -31.62
CA MET A 3793 58.86 16.01 -30.82
C MET A 3793 57.63 15.13 -30.63
N VAL A 3794 56.45 15.74 -30.47
CA VAL A 3794 55.22 14.97 -30.30
C VAL A 3794 54.55 14.66 -31.64
N SER A 3795 54.84 15.43 -32.69
CA SER A 3795 54.29 15.12 -34.00
C SER A 3795 54.84 13.80 -34.52
N SER A 3796 56.12 13.51 -34.27
CA SER A 3796 56.72 12.26 -34.67
C SER A 3796 56.38 11.11 -33.73
N THR A 3797 55.77 11.39 -32.58
CA THR A 3797 55.34 10.35 -31.66
C THR A 3797 53.89 9.95 -31.89
N LEU A 3798 53.02 10.93 -32.12
CA LEU A 3798 51.62 10.61 -32.41
C LEU A 3798 51.49 9.82 -33.71
N LYS A 3799 52.28 10.18 -34.73
CA LYS A 3799 52.24 9.44 -35.99
C LYS A 3799 52.72 8.00 -35.80
N LEU A 3800 53.78 7.81 -35.01
CA LEU A 3800 54.26 6.46 -34.75
C LEU A 3800 53.23 5.65 -33.98
N GLY A 3801 52.57 6.26 -32.99
CA GLY A 3801 51.52 5.57 -32.27
C GLY A 3801 50.34 5.21 -33.15
N ILE A 3802 50.01 6.08 -34.10
CA ILE A 3802 48.96 5.77 -35.07
C ILE A 3802 49.37 4.59 -35.94
N SER A 3803 50.62 4.60 -36.41
CA SER A 3803 51.10 3.52 -37.27
C SER A 3803 51.09 2.19 -36.54
N ILE A 3804 51.50 2.18 -35.27
CA ILE A 3804 51.49 0.94 -34.50
C ILE A 3804 50.06 0.46 -34.25
N LEU A 3805 49.16 1.38 -33.95
CA LEU A 3805 47.78 1.06 -33.63
C LEU A 3805 46.87 1.01 -34.85
N ASN A 3806 47.41 1.15 -36.06
CA ASN A 3806 46.60 1.15 -37.26
C ASN A 3806 45.84 -0.17 -37.39
N GLY A 3807 44.54 -0.06 -37.69
CA GLY A 3807 43.68 -1.22 -37.79
C GLY A 3807 43.05 -1.68 -36.49
N GLY A 3808 43.36 -1.04 -35.37
CA GLY A 3808 42.78 -1.40 -34.09
C GLY A 3808 43.41 -2.63 -33.49
N ASN A 3809 44.70 -2.56 -33.16
CA ASN A 3809 45.40 -3.70 -32.59
C ASN A 3809 44.95 -3.94 -31.17
N ALA A 3810 44.48 -5.16 -30.88
CA ALA A 3810 44.07 -5.50 -29.52
C ALA A 3810 45.28 -5.67 -28.60
N GLU A 3811 46.37 -6.26 -29.12
CA GLU A 3811 47.55 -6.47 -28.29
C GLU A 3811 48.19 -5.15 -27.87
N VAL A 3812 48.34 -4.22 -28.81
CA VAL A 3812 48.95 -2.93 -28.49
C VAL A 3812 48.06 -2.14 -27.53
N GLN A 3813 46.75 -2.16 -27.75
CA GLN A 3813 45.83 -1.49 -26.83
C GLN A 3813 45.92 -2.09 -25.45
N GLN A 3814 45.98 -3.42 -25.35
CA GLN A 3814 46.10 -4.07 -24.05
C GLN A 3814 47.40 -3.68 -23.35
N LYS A 3815 48.51 -3.65 -24.10
CA LYS A 3815 49.78 -3.26 -23.49
C LYS A 3815 49.76 -1.82 -23.00
N MET A 3816 49.21 -0.90 -23.81
CA MET A 3816 49.13 0.49 -23.38
C MET A 3816 48.25 0.64 -22.15
N LEU A 3817 47.10 -0.02 -22.13
CA LEU A 3817 46.21 0.07 -20.97
C LEU A 3817 46.86 -0.52 -19.73
N ASP A 3818 47.56 -1.66 -19.88
CA ASP A 3818 48.24 -2.26 -18.73
C ASP A 3818 49.31 -1.33 -18.19
N TYR A 3819 50.09 -0.70 -19.08
CA TYR A 3819 51.12 0.24 -18.63
C TYR A 3819 50.50 1.43 -17.92
N LEU A 3820 49.42 1.97 -18.47
CA LEU A 3820 48.78 3.14 -17.85
C LEU A 3820 48.21 2.79 -16.49
N LYS A 3821 47.58 1.62 -16.36
CA LYS A 3821 47.01 1.20 -15.08
C LYS A 3821 48.06 0.72 -14.09
N ASP A 3822 49.27 0.39 -14.55
CA ASP A 3822 50.33 -0.01 -13.65
C ASP A 3822 51.10 1.18 -13.12
N LYS A 3823 51.44 2.13 -13.99
CA LYS A 3823 52.17 3.32 -13.54
C LYS A 3823 51.31 4.16 -12.58
N LYS A 3824 50.03 4.34 -12.91
CA LYS A 3824 49.11 5.15 -12.11
C LYS A 3824 49.65 6.56 -11.90
N GLU A 3825 50.27 7.12 -12.94
CA GLU A 3825 50.90 8.44 -12.89
C GLU A 3825 50.09 9.40 -13.73
N VAL A 3826 49.53 10.42 -13.09
CA VAL A 3826 48.79 11.46 -13.81
C VAL A 3826 49.78 12.36 -14.54
N GLY A 3827 49.42 12.77 -15.76
CA GLY A 3827 50.28 13.59 -16.57
C GLY A 3827 50.24 13.24 -18.04
N PHE A 3828 49.99 11.96 -18.34
CA PHE A 3828 49.74 11.57 -19.72
C PHE A 3828 48.45 12.19 -20.23
N PHE A 3829 47.36 12.02 -19.49
CA PHE A 3829 46.10 12.64 -19.86
C PHE A 3829 46.12 14.14 -19.66
N GLN A 3830 46.92 14.64 -18.70
CA GLN A 3830 47.10 16.08 -18.59
C GLN A 3830 47.76 16.66 -19.83
N SER A 3831 48.79 15.98 -20.34
CA SER A 3831 49.44 16.41 -21.57
C SER A 3831 48.48 16.32 -22.75
N ILE A 3832 47.67 15.26 -22.80
CA ILE A 3832 46.70 15.11 -23.87
C ILE A 3832 45.70 16.27 -23.85
N GLN A 3833 45.21 16.61 -22.66
CA GLN A 3833 44.26 17.71 -22.52
C GLN A 3833 44.88 19.04 -22.91
N ALA A 3834 46.14 19.27 -22.51
CA ALA A 3834 46.81 20.51 -22.90
C ALA A 3834 46.98 20.58 -24.41
N LEU A 3835 47.39 19.47 -25.03
CA LEU A 3835 47.56 19.45 -26.48
C LEU A 3835 46.25 19.71 -27.20
N MET A 3836 45.15 19.15 -26.68
CA MET A 3836 43.84 19.46 -27.25
C MET A 3836 43.49 20.93 -27.10
N GLN A 3837 43.80 21.51 -25.93
CA GLN A 3837 43.50 22.92 -25.69
C GLN A 3837 44.34 23.85 -26.56
N THR A 3838 45.50 23.40 -27.03
CA THR A 3838 46.32 24.20 -27.92
C THR A 3838 45.92 24.08 -29.39
N CYS A 3839 44.91 23.28 -29.71
CA CYS A 3839 44.48 23.12 -31.09
C CYS A 3839 43.81 24.39 -31.58
N SER A 3840 44.09 24.77 -32.83
CA SER A 3840 43.53 25.99 -33.40
C SER A 3840 42.21 25.69 -34.08
N VAL A 3841 41.49 26.77 -34.41
CA VAL A 3841 40.20 26.71 -35.06
C VAL A 3841 40.20 27.68 -36.25
N LEU A 3842 39.05 27.78 -36.91
CA LEU A 3842 38.91 28.69 -38.05
C LEU A 3842 38.93 30.13 -37.55
N ASP A 3843 39.95 30.88 -37.93
CA ASP A 3843 40.14 32.26 -37.48
C ASP A 3843 39.75 33.20 -38.62
N LEU A 3844 38.83 34.13 -38.32
CA LEU A 3844 38.40 35.11 -39.31
C LEU A 3844 39.30 36.34 -39.33
N ASN A 3845 39.88 36.71 -38.18
CA ASN A 3845 40.76 37.87 -38.12
C ASN A 3845 42.01 37.66 -38.97
N ALA A 3846 42.59 36.45 -38.92
CA ALA A 3846 43.76 36.17 -39.72
C ALA A 3846 43.42 35.98 -41.20
N PHE A 3847 42.17 35.66 -41.52
CA PHE A 3847 41.79 35.45 -42.91
C PHE A 3847 41.91 36.74 -43.72
N GLU A 3848 41.45 37.87 -43.16
CA GLU A 3848 41.56 39.14 -43.86
C GLU A 3848 43.02 39.55 -44.03
N ARG A 3849 43.85 39.33 -43.00
CA ARG A 3849 45.26 39.64 -43.11
C ARG A 3849 45.93 38.80 -44.19
N GLN A 3850 45.59 37.51 -44.26
CA GLN A 3850 46.15 36.66 -45.31
C GLN A 3850 45.68 37.10 -46.69
N ASN A 3851 44.41 37.50 -46.80
CA ASN A 3851 43.89 38.00 -48.08
C ASN A 3851 44.63 39.25 -48.52
N LYS A 3852 44.88 40.18 -47.59
CA LYS A 3852 45.62 41.39 -47.93
C LYS A 3852 47.06 41.06 -48.30
N ALA A 3853 47.70 40.14 -47.58
CA ALA A 3853 49.07 39.78 -47.87
C ALA A 3853 49.21 39.13 -49.24
N GLU A 3854 48.25 38.26 -49.59
CA GLU A 3854 48.30 37.60 -50.90
C GLU A 3854 48.10 38.57 -52.04
N GLY A 3855 47.42 39.69 -51.79
CA GLY A 3855 47.22 40.70 -52.81
C GLY A 3855 48.31 41.74 -52.83
N LEU A 3856 49.53 41.34 -52.48
CA LEU A 3856 50.69 42.22 -52.45
C LEU A 3856 50.45 43.44 -51.57
N ILE A 3866 54.35 38.44 -50.01
CA ILE A 3866 55.10 37.18 -50.06
C ILE A 3866 54.50 36.18 -49.07
N ASN A 3867 54.62 36.48 -47.79
CA ASN A 3867 54.13 35.69 -46.65
C ASN A 3867 54.88 34.38 -46.48
N ARG A 3868 55.83 34.06 -47.36
CA ARG A 3868 56.70 32.89 -47.25
C ARG A 3868 55.93 31.57 -47.28
N GLN A 3869 54.62 31.63 -47.50
CA GLN A 3869 53.78 30.44 -47.53
C GLN A 3869 52.42 30.85 -48.09
N ASN A 3870 51.50 29.88 -48.13
CA ASN A 3870 50.13 30.10 -48.59
C ASN A 3870 49.19 29.40 -47.63
N GLY A 3871 48.31 30.17 -46.99
CA GLY A 3871 47.37 29.60 -46.05
C GLY A 3871 48.02 28.97 -44.83
N GLU A 3872 49.07 29.60 -44.30
CA GLU A 3872 49.79 29.09 -43.14
C GLU A 3872 49.41 29.81 -41.86
N LYS A 3873 48.36 30.62 -41.87
CA LYS A 3873 47.95 31.37 -40.69
C LYS A 3873 46.51 31.11 -40.25
N VAL A 3874 45.68 30.49 -41.10
CA VAL A 3874 44.29 30.25 -40.73
C VAL A 3874 44.20 29.17 -39.66
N MET A 3875 44.65 27.96 -40.01
CA MET A 3875 44.71 26.85 -39.05
C MET A 3875 46.15 26.43 -38.77
N ALA A 3876 46.91 26.06 -39.81
CA ALA A 3876 48.34 25.78 -39.77
C ALA A 3876 48.70 24.54 -38.95
N ASP A 3877 47.73 23.92 -38.27
CA ASP A 3877 48.02 22.71 -37.49
C ASP A 3877 46.91 21.68 -37.61
N ASP A 3878 46.09 21.75 -38.67
CA ASP A 3878 45.00 20.79 -38.83
C ASP A 3878 45.53 19.36 -38.95
N GLU A 3879 46.71 19.19 -39.54
CA GLU A 3879 47.31 17.86 -39.60
C GLU A 3879 47.58 17.30 -38.22
N PHE A 3880 48.12 18.14 -37.33
CA PHE A 3880 48.40 17.69 -35.97
C PHE A 3880 47.11 17.36 -35.21
N THR A 3881 46.07 18.18 -35.40
CA THR A 3881 44.79 17.91 -34.75
C THR A 3881 44.20 16.60 -35.24
N GLN A 3882 44.25 16.37 -36.56
CA GLN A 3882 43.76 15.12 -37.12
C GLN A 3882 44.55 13.93 -36.57
N ASP A 3883 45.88 14.07 -36.47
CA ASP A 3883 46.69 12.99 -35.94
C ASP A 3883 46.36 12.69 -34.48
N LEU A 3884 46.20 13.74 -33.68
CA LEU A 3884 45.88 13.54 -32.26
C LEU A 3884 44.53 12.85 -32.09
N PHE A 3885 43.52 13.31 -32.83
CA PHE A 3885 42.21 12.69 -32.69
C PHE A 3885 42.17 11.30 -33.31
N ARG A 3886 42.96 11.05 -34.37
CA ARG A 3886 43.05 9.70 -34.91
C ARG A 3886 43.70 8.74 -33.91
N PHE A 3887 44.73 9.21 -33.21
CA PHE A 3887 45.33 8.41 -32.15
C PHE A 3887 44.32 8.13 -31.05
N LEU A 3888 43.56 9.14 -30.65
CA LEU A 3888 42.54 8.95 -29.61
C LEU A 3888 41.47 7.95 -30.06
N GLN A 3889 41.08 8.00 -31.34
CA GLN A 3889 40.09 7.06 -31.84
C GLN A 3889 40.65 5.64 -31.91
N LEU A 3890 41.86 5.48 -32.44
CA LEU A 3890 42.49 4.16 -32.52
C LEU A 3890 42.79 3.60 -31.14
N LEU A 3891 42.84 4.44 -30.12
CA LEU A 3891 43.02 3.95 -28.76
C LEU A 3891 41.92 2.98 -28.35
N CYS A 3892 40.71 3.15 -28.89
CA CYS A 3892 39.58 2.28 -28.57
C CYS A 3892 38.80 1.92 -29.84
N GLU A 3893 39.52 1.56 -30.91
CA GLU A 3893 38.88 1.31 -32.19
C GLU A 3893 38.02 0.04 -32.14
N GLY A 3894 38.56 -1.05 -31.61
CA GLY A 3894 37.86 -2.33 -31.65
C GLY A 3894 36.86 -2.53 -30.54
N HIS A 3895 36.08 -1.50 -30.23
CA HIS A 3895 35.08 -1.55 -29.17
C HIS A 3895 35.71 -1.99 -27.84
N ASN A 3896 36.86 -1.40 -27.53
CA ASN A 3896 37.57 -1.69 -26.30
C ASN A 3896 36.84 -1.04 -25.14
N ASN A 3897 36.01 -1.83 -24.45
CA ASN A 3897 35.21 -1.29 -23.35
C ASN A 3897 36.09 -0.80 -22.21
N ASP A 3898 37.16 -1.53 -21.89
CA ASP A 3898 38.02 -1.14 -20.79
C ASP A 3898 38.68 0.20 -21.04
N PHE A 3899 39.22 0.42 -22.24
CA PHE A 3899 39.87 1.69 -22.52
C PHE A 3899 38.86 2.80 -22.78
N GLN A 3900 37.65 2.45 -23.24
CA GLN A 3900 36.59 3.44 -23.33
C GLN A 3900 36.19 3.94 -21.94
N ASN A 3901 36.20 3.06 -20.94
CA ASN A 3901 35.98 3.48 -19.56
C ASN A 3901 37.17 4.25 -19.01
N TYR A 3902 38.39 3.87 -19.39
CA TYR A 3902 39.57 4.56 -18.90
C TYR A 3902 39.63 6.01 -19.36
N LEU A 3903 39.23 6.28 -20.60
CA LEU A 3903 39.27 7.65 -21.12
C LEU A 3903 38.32 8.60 -20.40
N ARG A 3904 37.35 8.09 -19.66
CA ARG A 3904 36.40 8.92 -18.93
C ARG A 3904 36.79 9.10 -17.46
N THR A 3905 36.94 7.99 -16.74
CA THR A 3905 37.33 8.02 -15.34
C THR A 3905 38.54 7.13 -15.13
N GLN A 3906 39.59 7.69 -14.55
CA GLN A 3906 40.82 6.96 -14.23
C GLN A 3906 40.77 6.61 -12.75
N THR A 3907 40.37 5.37 -12.44
CA THR A 3907 40.22 4.97 -11.05
C THR A 3907 41.55 4.96 -10.32
N GLY A 3908 42.60 4.43 -10.94
CA GLY A 3908 43.90 4.37 -10.28
C GLY A 3908 44.50 5.75 -10.04
N ASN A 3909 44.35 6.65 -11.00
CA ASN A 3909 44.90 7.99 -10.84
C ASN A 3909 44.11 8.78 -9.82
N THR A 3910 44.77 9.78 -9.23
CA THR A 3910 44.15 10.64 -8.23
C THR A 3910 43.24 11.70 -8.85
N THR A 3911 43.33 11.92 -10.15
CA THR A 3911 42.51 12.92 -10.82
C THR A 3911 42.02 12.35 -12.15
N THR A 3912 40.85 12.81 -12.58
CA THR A 3912 40.24 12.40 -13.84
C THR A 3912 40.17 13.59 -14.79
N ILE A 3913 40.40 13.34 -16.07
CA ILE A 3913 40.40 14.39 -17.07
C ILE A 3913 39.18 14.33 -17.99
N ASN A 3914 38.60 13.14 -18.21
CA ASN A 3914 37.38 12.97 -19.00
C ASN A 3914 37.57 13.52 -20.42
N ILE A 3915 38.44 12.82 -21.16
CA ILE A 3915 38.79 13.18 -22.53
C ILE A 3915 37.58 13.42 -23.41
N ILE A 3916 36.45 12.77 -23.10
CA ILE A 3916 35.23 12.94 -23.90
C ILE A 3916 34.75 14.38 -23.85
N ILE A 3917 34.76 14.97 -22.64
CA ILE A 3917 34.31 16.36 -22.50
C ILE A 3917 35.26 17.31 -23.22
N CYS A 3918 36.56 17.03 -23.19
CA CYS A 3918 37.51 17.86 -23.94
C CYS A 3918 37.23 17.77 -25.44
N THR A 3919 36.95 16.56 -25.94
CA THR A 3919 36.64 16.40 -27.35
C THR A 3919 35.38 17.16 -27.74
N VAL A 3920 34.34 17.07 -26.91
CA VAL A 3920 33.10 17.77 -27.23
C VAL A 3920 33.27 19.28 -27.10
N ASP A 3921 34.12 19.76 -26.19
CA ASP A 3921 34.40 21.18 -26.10
C ASP A 3921 35.11 21.68 -27.35
N TYR A 3922 36.11 20.93 -27.83
CA TYR A 3922 36.76 21.32 -29.06
C TYR A 3922 35.81 21.27 -30.24
N LEU A 3923 34.90 20.29 -30.26
CA LEU A 3923 33.90 20.23 -31.32
C LEU A 3923 32.99 21.45 -31.29
N LEU A 3924 32.59 21.89 -30.09
CA LEU A 3924 31.76 23.09 -29.97
C LEU A 3924 32.51 24.32 -30.47
N ARG A 3925 33.81 24.42 -30.13
CA ARG A 3925 34.61 25.55 -30.61
C ARG A 3925 34.70 25.55 -32.13
N LEU A 3926 34.94 24.37 -32.72
CA LEU A 3926 35.02 24.29 -34.18
C LEU A 3926 33.68 24.61 -34.82
N GLN A 3927 32.57 24.18 -34.21
CA GLN A 3927 31.26 24.51 -34.74
C GLN A 3927 31.01 26.02 -34.71
N GLU A 3928 31.41 26.68 -33.62
CA GLU A 3928 31.27 28.12 -33.55
C GLU A 3928 32.11 28.81 -34.63
N SER A 3929 33.34 28.32 -34.85
CA SER A 3929 34.17 28.90 -35.90
C SER A 3929 33.56 28.72 -37.28
N ILE A 3930 33.00 27.54 -37.55
CA ILE A 3930 32.37 27.28 -38.84
C ILE A 3930 31.14 28.17 -39.03
N SER A 3931 30.36 28.35 -37.97
CA SER A 3931 29.20 29.23 -38.05
C SER A 3931 29.62 30.67 -38.33
N ASP A 3932 30.69 31.12 -37.68
CA ASP A 3932 31.20 32.46 -37.94
C ASP A 3932 31.67 32.60 -39.39
N PHE A 3933 32.34 31.58 -39.92
CA PHE A 3933 32.78 31.61 -41.31
C PHE A 3933 31.59 31.69 -42.26
N TYR A 3934 30.54 30.89 -42.00
CA TYR A 3934 29.35 30.95 -42.83
C TYR A 3934 28.69 32.32 -42.76
N TRP A 3935 28.63 32.90 -41.56
CA TRP A 3935 28.04 34.23 -41.42
C TRP A 3935 28.84 35.26 -42.20
N TYR A 3936 30.17 35.16 -42.17
CA TYR A 3936 30.99 36.06 -42.97
C TYR A 3936 30.74 35.90 -44.45
N TYR A 3937 30.58 34.66 -44.92
CA TYR A 3937 30.40 34.41 -46.34
C TYR A 3937 28.94 34.42 -46.80
N SER A 3938 27.99 34.76 -45.92
CA SER A 3938 26.59 34.78 -46.31
C SER A 3938 26.32 35.85 -47.36
N GLY A 3939 26.94 37.02 -47.22
CA GLY A 3939 26.63 38.12 -48.12
C GLY A 3939 27.03 37.84 -49.56
N LYS A 3940 28.20 37.25 -49.77
CA LYS A 3940 28.67 36.99 -51.12
C LYS A 3940 27.87 35.87 -51.78
N ASP A 3941 27.72 35.96 -53.10
CA ASP A 3941 26.94 34.97 -53.84
C ASP A 3941 27.76 33.72 -54.13
N VAL A 3942 29.01 33.89 -54.54
CA VAL A 3942 29.90 32.78 -54.89
C VAL A 3942 31.13 32.84 -54.00
N ILE A 3943 31.43 31.73 -53.34
CA ILE A 3943 32.62 31.64 -52.49
C ILE A 3943 33.84 31.45 -53.36
N GLU A 3944 34.89 32.22 -53.09
CA GLU A 3944 36.11 32.13 -53.86
C GLU A 3944 36.92 30.89 -53.44
N GLU A 3945 38.03 30.67 -54.14
CA GLU A 3945 38.81 29.45 -53.96
C GLU A 3945 39.41 29.37 -52.56
N GLN A 3946 39.95 30.49 -52.05
CA GLN A 3946 40.60 30.48 -50.75
C GLN A 3946 39.63 30.19 -49.61
N GLY A 3947 38.39 30.69 -49.69
CA GLY A 3947 37.40 30.32 -48.70
C GLY A 3947 37.03 28.86 -48.73
N LYS A 3948 36.90 28.29 -49.94
CA LYS A 3948 36.59 26.87 -50.08
C LYS A 3948 37.70 26.00 -49.51
N ARG A 3949 38.96 26.38 -49.71
CA ARG A 3949 40.07 25.61 -49.16
C ARG A 3949 40.00 25.54 -47.64
N ASN A 3950 39.78 26.69 -46.99
CA ASN A 3950 39.65 26.72 -45.54
C ASN A 3950 38.42 25.94 -45.07
N PHE A 3951 37.31 26.05 -45.79
CA PHE A 3951 36.11 25.31 -45.42
C PHE A 3951 36.37 23.81 -45.46
N SER A 3952 37.03 23.33 -46.52
CA SER A 3952 37.33 21.91 -46.63
C SER A 3952 38.31 21.46 -45.53
N LYS A 3953 39.34 22.28 -45.26
CA LYS A 3953 40.32 21.89 -44.25
C LYS A 3953 39.72 21.90 -42.84
N ALA A 3954 38.69 22.72 -42.60
CA ALA A 3954 37.97 22.65 -41.33
C ALA A 3954 37.01 21.48 -41.28
N MET A 3955 36.34 21.18 -42.40
CA MET A 3955 35.39 20.06 -42.42
C MET A 3955 36.10 18.72 -42.25
N SER A 3956 37.32 18.59 -42.75
CA SER A 3956 38.06 17.35 -42.53
C SER A 3956 38.33 17.12 -41.04
N VAL A 3957 38.75 18.17 -40.33
CA VAL A 3957 38.98 18.04 -38.90
C VAL A 3957 37.68 17.78 -38.16
N ALA A 3958 36.58 18.41 -38.61
CA ALA A 3958 35.28 18.14 -38.00
C ALA A 3958 34.88 16.67 -38.18
N LYS A 3959 35.13 16.12 -39.37
CA LYS A 3959 34.86 14.71 -39.61
C LYS A 3959 35.70 13.82 -38.70
N GLN A 3960 36.98 14.16 -38.54
CA GLN A 3960 37.83 13.37 -37.65
C GLN A 3960 37.34 13.40 -36.21
N VAL A 3961 36.95 14.59 -35.73
CA VAL A 3961 36.44 14.71 -34.37
C VAL A 3961 35.14 13.92 -34.21
N PHE A 3962 34.27 13.97 -35.22
CA PHE A 3962 33.03 13.22 -35.16
C PHE A 3962 33.29 11.72 -35.12
N ASN A 3963 34.25 11.24 -35.92
CA ASN A 3963 34.59 9.82 -35.89
C ASN A 3963 35.13 9.42 -34.53
N SER A 3964 35.99 10.24 -33.94
CA SER A 3964 36.51 9.96 -32.61
C SER A 3964 35.39 9.91 -31.58
N LEU A 3965 34.40 10.80 -31.73
CA LEU A 3965 33.26 10.78 -30.81
C LEU A 3965 32.41 9.52 -30.99
N THR A 3966 32.23 9.07 -32.24
CA THR A 3966 31.49 7.83 -32.46
C THR A 3966 32.21 6.64 -31.83
N GLU A 3967 33.54 6.61 -31.94
CA GLU A 3967 34.28 5.48 -31.39
C GLU A 3967 34.14 5.40 -29.88
N TYR A 3968 33.86 6.52 -29.21
CA TYR A 3968 33.64 6.49 -27.77
C TYR A 3968 32.33 5.82 -27.39
N ILE A 3969 31.39 5.68 -28.33
CA ILE A 3969 30.06 5.17 -28.04
C ILE A 3969 29.86 3.78 -28.61
N GLN A 3970 30.32 3.52 -29.84
CA GLN A 3970 30.14 2.22 -30.46
C GLN A 3970 30.77 1.13 -29.60
N GLY A 3971 30.18 -0.06 -29.63
CA GLY A 3971 30.48 -1.05 -28.64
C GLY A 3971 29.88 -0.63 -27.32
N PRO A 3972 28.53 -0.70 -27.23
CA PRO A 3972 27.77 0.12 -26.27
C PRO A 3972 28.40 0.31 -24.90
N CYS A 3973 28.66 1.57 -24.55
CA CYS A 3973 29.22 1.96 -23.26
C CYS A 3973 28.24 2.91 -22.60
N THR A 3974 27.60 2.46 -21.52
CA THR A 3974 26.58 3.26 -20.87
C THR A 3974 27.15 4.55 -20.30
N GLY A 3975 28.34 4.48 -19.70
CA GLY A 3975 28.93 5.65 -19.09
C GLY A 3975 29.21 6.76 -20.09
N ASN A 3976 29.83 6.41 -21.21
CA ASN A 3976 30.11 7.41 -22.24
C ASN A 3976 28.82 7.92 -22.89
N GLN A 3977 27.84 7.05 -23.09
CA GLN A 3977 26.58 7.49 -23.68
C GLN A 3977 25.90 8.52 -22.78
N GLN A 3978 25.87 8.25 -21.46
CA GLN A 3978 25.31 9.22 -20.53
C GLN A 3978 26.16 10.49 -20.46
N SER A 3979 27.49 10.36 -20.58
CA SER A 3979 28.35 11.53 -20.55
C SER A 3979 28.07 12.46 -21.72
N LEU A 3980 27.93 11.92 -22.93
CA LEU A 3980 27.55 12.76 -24.06
C LEU A 3980 26.11 13.25 -23.94
N ALA A 3981 25.23 12.45 -23.31
CA ALA A 3981 23.86 12.92 -23.10
C ALA A 3981 23.84 14.14 -22.19
N HIS A 3982 24.61 14.11 -21.09
CA HIS A 3982 24.67 15.23 -20.16
C HIS A 3982 25.90 16.10 -20.43
N SER A 3983 25.90 16.73 -21.61
CA SER A 3983 27.01 17.58 -22.02
C SER A 3983 26.47 18.67 -22.95
N ARG A 3984 27.38 19.38 -23.60
CA ARG A 3984 27.04 20.47 -24.51
C ARG A 3984 27.03 20.00 -25.97
N LEU A 3985 26.91 18.70 -26.21
CA LEU A 3985 26.91 18.19 -27.58
C LEU A 3985 25.68 18.66 -28.33
N TRP A 3986 24.54 18.77 -27.64
CA TRP A 3986 23.29 19.11 -28.32
C TRP A 3986 23.35 20.51 -28.95
N ASP A 3987 23.94 21.47 -28.24
CA ASP A 3987 24.07 22.81 -28.81
C ASP A 3987 24.97 22.81 -30.04
N ALA A 3988 26.06 22.04 -29.99
CA ALA A 3988 26.94 21.92 -31.15
C ALA A 3988 26.19 21.31 -32.33
N VAL A 3989 25.39 20.28 -32.08
CA VAL A 3989 24.63 19.66 -33.16
C VAL A 3989 23.59 20.62 -33.72
N VAL A 3990 22.98 21.43 -32.85
CA VAL A 3990 21.99 22.41 -33.32
C VAL A 3990 22.66 23.43 -34.24
N GLY A 3991 23.81 23.97 -33.81
CA GLY A 3991 24.52 24.91 -34.66
C GLY A 3991 24.97 24.28 -35.97
N PHE A 3992 25.45 23.04 -35.90
CA PHE A 3992 25.85 22.32 -37.11
C PHE A 3992 24.68 22.12 -38.05
N LEU A 3993 23.51 21.77 -37.52
CA LEU A 3993 22.32 21.60 -38.34
C LEU A 3993 21.93 22.92 -39.01
N HIS A 3994 21.99 24.03 -38.26
CA HIS A 3994 21.68 25.33 -38.84
C HIS A 3994 22.62 25.66 -40.00
N VAL A 3995 23.93 25.56 -39.76
CA VAL A 3995 24.88 25.94 -40.81
C VAL A 3995 24.77 24.99 -41.99
N PHE A 3996 24.55 23.70 -41.74
CA PHE A 3996 24.44 22.74 -42.84
C PHE A 3996 23.19 23.01 -43.66
N ALA A 3997 22.05 23.28 -43.01
CA ALA A 3997 20.83 23.54 -43.75
C ALA A 3997 20.96 24.79 -44.60
N HIS A 3998 21.61 25.82 -44.09
CA HIS A 3998 21.76 27.04 -44.89
C HIS A 3998 22.79 26.86 -46.01
N MET A 3999 23.90 26.18 -45.73
CA MET A 3999 24.94 26.00 -46.75
C MET A 3999 24.49 25.06 -47.85
N MET A 4000 23.63 24.08 -47.55
CA MET A 4000 23.12 23.21 -48.59
C MET A 4000 22.33 24.00 -49.63
N MET A 4001 21.48 24.93 -49.17
CA MET A 4001 20.77 25.78 -50.11
C MET A 4001 21.69 26.78 -50.80
N LYS A 4002 22.67 27.33 -50.08
CA LYS A 4002 23.52 28.35 -50.68
C LYS A 4002 24.43 27.75 -51.76
N LEU A 4003 24.96 26.55 -51.54
CA LEU A 4003 25.95 25.97 -52.44
C LEU A 4003 25.35 25.32 -53.67
N ALA A 4004 24.03 25.14 -53.72
CA ALA A 4004 23.39 24.45 -54.83
C ALA A 4004 22.92 25.38 -55.94
N GLN A 4005 23.11 26.69 -55.80
CA GLN A 4005 22.60 27.66 -56.76
C GLN A 4005 23.62 28.04 -57.83
N ASP A 4006 24.80 27.43 -57.84
CA ASP A 4006 25.83 27.76 -58.80
C ASP A 4006 26.44 26.57 -59.52
N SER A 4007 26.38 25.36 -58.95
CA SER A 4007 26.95 24.14 -59.52
C SER A 4007 28.45 24.25 -59.75
N SER A 4008 29.11 25.19 -59.07
CA SER A 4008 30.56 25.32 -59.14
C SER A 4008 31.25 24.72 -57.93
N GLN A 4009 30.70 24.91 -56.74
CA GLN A 4009 31.22 24.30 -55.51
C GLN A 4009 30.52 22.98 -55.21
N ILE A 4010 30.48 22.09 -56.20
CA ILE A 4010 29.82 20.81 -56.02
C ILE A 4010 30.62 19.91 -55.07
N GLU A 4011 31.95 19.97 -55.14
CA GLU A 4011 32.79 19.18 -54.26
C GLU A 4011 32.59 19.60 -52.80
N LEU A 4012 32.47 20.90 -52.55
CA LEU A 4012 32.20 21.38 -51.20
C LEU A 4012 30.85 20.86 -50.70
N LEU A 4013 29.84 20.85 -51.57
CA LEU A 4013 28.54 20.32 -51.18
C LEU A 4013 28.63 18.83 -50.87
N LYS A 4014 29.39 18.07 -51.66
CA LYS A 4014 29.55 16.65 -51.38
C LYS A 4014 30.25 16.41 -50.05
N GLU A 4015 31.30 17.18 -49.76
CA GLU A 4015 31.98 17.04 -48.49
C GLU A 4015 31.06 17.42 -47.32
N LEU A 4016 30.26 18.47 -47.51
CA LEU A 4016 29.30 18.88 -46.48
C LEU A 4016 28.29 17.78 -46.21
N LEU A 4017 27.79 17.13 -47.27
CA LEU A 4017 26.86 16.02 -47.10
C LEU A 4017 27.53 14.83 -46.41
N ASP A 4018 28.81 14.58 -46.72
CA ASP A 4018 29.53 13.52 -46.03
C ASP A 4018 29.65 13.81 -44.53
N LEU A 4019 29.95 15.06 -44.17
CA LEU A 4019 30.04 15.43 -42.77
C LEU A 4019 28.67 15.29 -42.09
N GLN A 4020 27.61 15.68 -42.80
CA GLN A 4020 26.26 15.49 -42.26
C GLN A 4020 25.97 14.01 -42.02
N LYS A 4021 26.39 13.15 -42.95
CA LYS A 4021 26.22 11.72 -42.78
C LYS A 4021 26.97 11.22 -41.55
N ASP A 4022 28.19 11.72 -41.34
CA ASP A 4022 28.95 11.34 -40.15
C ASP A 4022 28.24 11.77 -38.86
N MET A 4023 27.69 12.98 -38.85
CA MET A 4023 26.92 13.42 -37.68
C MET A 4023 25.71 12.53 -37.44
N VAL A 4024 25.01 12.16 -38.51
CA VAL A 4024 23.84 11.28 -38.35
C VAL A 4024 24.27 9.91 -37.86
N VAL A 4025 25.43 9.44 -38.29
CA VAL A 4025 25.97 8.17 -37.79
C VAL A 4025 26.23 8.26 -36.29
N MET A 4026 26.82 9.38 -35.85
CA MET A 4026 27.03 9.57 -34.41
C MET A 4026 25.71 9.58 -33.65
N LEU A 4027 24.71 10.28 -34.19
CA LEU A 4027 23.40 10.31 -33.54
C LEU A 4027 22.79 8.92 -33.45
N LEU A 4028 22.90 8.13 -34.52
CA LEU A 4028 22.38 6.77 -34.51
C LEU A 4028 23.11 5.92 -33.49
N SER A 4029 24.44 6.06 -33.41
CA SER A 4029 25.21 5.32 -32.42
C SER A 4029 24.79 5.69 -31.00
N LEU A 4030 24.37 6.93 -30.79
CA LEU A 4030 23.89 7.34 -29.48
C LEU A 4030 22.63 6.57 -29.05
N LEU A 4031 21.94 5.93 -29.98
CA LEU A 4031 20.70 5.19 -29.70
C LEU A 4031 20.90 3.68 -29.85
N GLU A 4032 22.04 3.17 -29.40
CA GLU A 4032 22.36 1.75 -29.63
C GLU A 4032 21.47 0.85 -28.78
N GLY A 4033 21.56 0.97 -27.46
CA GLY A 4033 20.82 0.09 -26.57
C GLY A 4033 19.75 0.79 -25.76
N ASN A 4034 19.01 1.70 -26.40
CA ASN A 4034 18.03 2.51 -25.70
C ASN A 4034 16.74 1.72 -25.45
N VAL A 4035 16.22 1.85 -24.23
CA VAL A 4035 14.90 1.31 -23.92
C VAL A 4035 13.85 2.07 -24.73
N VAL A 4036 12.72 1.39 -24.98
CA VAL A 4036 11.65 1.95 -25.81
C VAL A 4036 11.35 3.40 -25.41
N ASN A 4037 11.09 3.64 -24.14
CA ASN A 4037 10.95 5.00 -23.62
C ASN A 4037 12.24 5.45 -22.95
N GLY A 4038 13.30 5.50 -23.75
CA GLY A 4038 14.61 5.85 -23.24
C GLY A 4038 14.77 7.35 -23.05
N MET A 4039 15.62 7.71 -22.09
CA MET A 4039 15.89 9.12 -21.84
C MET A 4039 16.65 9.75 -23.01
N ILE A 4040 17.56 9.00 -23.63
CA ILE A 4040 18.35 9.54 -24.73
C ILE A 4040 17.46 9.82 -25.94
N ALA A 4041 16.48 8.96 -26.20
CA ALA A 4041 15.56 9.19 -27.31
C ALA A 4041 14.76 10.47 -27.10
N ARG A 4042 14.28 10.69 -25.87
CA ARG A 4042 13.53 11.91 -25.58
C ARG A 4042 14.43 13.14 -25.67
N GLN A 4043 15.67 13.04 -25.21
CA GLN A 4043 16.60 14.15 -25.37
C GLN A 4043 16.85 14.47 -26.84
N MET A 4044 17.02 13.44 -27.67
CA MET A 4044 17.23 13.66 -29.09
C MET A 4044 16.00 14.28 -29.75
N VAL A 4045 14.80 13.81 -29.39
CA VAL A 4045 13.62 14.40 -30.02
C VAL A 4045 13.44 15.85 -29.58
N ASP A 4046 13.81 16.16 -28.33
CA ASP A 4046 13.84 17.56 -27.89
C ASP A 4046 14.84 18.36 -28.72
N MET A 4047 15.99 17.77 -29.01
CA MET A 4047 16.99 18.44 -29.83
C MET A 4047 16.46 18.74 -31.23
N LEU A 4048 15.80 17.76 -31.86
CA LEU A 4048 15.23 18.01 -33.19
C LEU A 4048 14.12 19.06 -33.14
N VAL A 4049 13.24 18.99 -32.15
CA VAL A 4049 12.17 19.99 -32.11
C VAL A 4049 12.70 21.37 -31.74
N GLU A 4050 13.89 21.44 -31.14
CA GLU A 4050 14.50 22.74 -30.88
C GLU A 4050 14.97 23.41 -32.17
N SER A 4051 15.51 22.62 -33.10
CA SER A 4051 16.04 23.13 -34.36
C SER A 4051 15.17 22.73 -35.55
N SER A 4052 13.86 22.75 -35.37
CA SER A 4052 12.94 22.38 -36.44
C SER A 4052 13.08 23.30 -37.65
N SER A 4053 13.43 24.56 -37.42
CA SER A 4053 13.47 25.54 -38.50
C SER A 4053 14.50 25.19 -39.56
N ASN A 4054 15.50 24.39 -39.21
CA ASN A 4054 16.51 23.93 -40.17
C ASN A 4054 16.29 22.50 -40.63
N VAL A 4055 15.74 21.64 -39.76
CA VAL A 4055 15.37 20.29 -40.18
C VAL A 4055 14.34 20.34 -41.29
N GLU A 4056 13.40 21.30 -41.21
CA GLU A 4056 12.42 21.47 -42.28
C GLU A 4056 13.10 21.82 -43.60
N MET A 4057 14.10 22.71 -43.56
CA MET A 4057 14.82 23.05 -44.79
C MET A 4057 15.56 21.84 -45.35
N ILE A 4058 16.18 21.04 -44.48
CA ILE A 4058 16.89 19.86 -44.96
C ILE A 4058 15.94 18.87 -45.61
N LEU A 4059 14.81 18.60 -44.95
CA LEU A 4059 13.83 17.67 -45.51
C LEU A 4059 13.24 18.20 -46.81
N LYS A 4060 12.97 19.51 -46.89
CA LYS A 4060 12.47 20.09 -48.12
C LYS A 4060 13.52 20.04 -49.23
N PHE A 4061 14.79 20.22 -48.88
CA PHE A 4061 15.87 20.11 -49.87
C PHE A 4061 15.91 18.71 -50.47
N PHE A 4062 15.75 17.69 -49.63
CA PHE A 4062 15.69 16.33 -50.16
C PHE A 4062 14.43 16.10 -50.99
N ASP A 4063 13.28 16.50 -50.47
CA ASP A 4063 12.00 16.18 -51.11
C ASP A 4063 11.84 16.89 -52.44
N MET A 4064 12.29 18.15 -52.53
CA MET A 4064 12.13 18.91 -53.76
C MET A 4064 12.92 18.27 -54.90
N PHE A 4065 14.15 17.83 -54.62
CA PHE A 4065 14.94 17.19 -55.67
C PHE A 4065 14.44 15.79 -55.98
N LEU A 4066 13.92 15.05 -54.99
CA LEU A 4066 13.29 13.78 -55.29
C LEU A 4066 12.08 13.95 -56.21
N LYS A 4067 11.25 14.96 -55.93
CA LYS A 4067 10.09 15.23 -56.76
C LYS A 4067 10.50 15.73 -58.15
N LEU A 4068 11.59 16.49 -58.23
CA LEU A 4068 12.09 16.92 -59.53
C LEU A 4068 12.57 15.74 -60.35
N LYS A 4069 13.26 14.79 -59.70
CA LYS A 4069 13.67 13.58 -60.41
C LYS A 4069 12.47 12.77 -60.88
N ASP A 4070 11.44 12.66 -60.03
CA ASP A 4070 10.24 11.92 -60.42
C ASP A 4070 9.51 12.61 -61.57
N ILE A 4071 9.41 13.94 -61.54
CA ILE A 4071 8.65 14.66 -62.55
C ILE A 4071 9.34 14.59 -63.90
N VAL A 4072 10.65 14.81 -63.92
CA VAL A 4072 11.40 14.80 -65.17
C VAL A 4072 11.39 13.39 -65.74
N GLY A 4073 11.07 13.28 -67.03
CA GLY A 4073 10.94 11.99 -67.68
C GLY A 4073 9.52 11.48 -67.79
N SER A 4074 8.56 12.15 -67.18
CA SER A 4074 7.15 11.75 -67.27
C SER A 4074 6.57 12.25 -68.58
N GLU A 4075 5.25 12.16 -68.72
CA GLU A 4075 4.58 12.59 -69.95
C GLU A 4075 4.14 14.05 -69.89
N ALA A 4076 3.61 14.49 -68.75
CA ALA A 4076 3.16 15.88 -68.63
C ALA A 4076 4.33 16.84 -68.78
N PHE A 4077 5.47 16.53 -68.17
CA PHE A 4077 6.66 17.36 -68.34
C PHE A 4077 7.19 17.29 -69.77
N GLN A 4078 7.16 16.09 -70.37
CA GLN A 4078 7.64 15.93 -71.74
C GLN A 4078 6.74 16.60 -72.77
N ASP A 4079 5.51 16.95 -72.40
CA ASP A 4079 4.62 17.64 -73.31
C ASP A 4079 5.03 19.08 -73.58
N TYR A 4080 6.00 19.61 -72.84
CA TYR A 4080 6.42 21.00 -72.99
C TYR A 4080 7.72 21.17 -73.77
N VAL A 4081 8.55 20.13 -73.86
CA VAL A 4081 9.85 20.25 -74.53
C VAL A 4081 9.65 20.08 -76.03
N THR A 4082 10.17 21.04 -76.80
CA THR A 4082 10.11 21.01 -78.25
C THR A 4082 11.47 21.02 -78.92
N ASP A 4083 12.52 21.45 -78.23
CA ASP A 4083 13.85 21.45 -78.80
C ASP A 4083 14.34 20.03 -79.03
N PRO A 4084 15.21 19.83 -80.02
CA PRO A 4084 15.76 18.52 -80.30
C PRO A 4084 17.11 18.17 -79.65
N ARG A 4085 17.51 18.86 -78.58
CA ARG A 4085 18.68 18.50 -77.81
C ARG A 4085 18.36 18.09 -76.37
N GLY A 4086 17.11 18.24 -75.92
CA GLY A 4086 16.76 17.90 -74.56
C GLY A 4086 16.76 19.09 -73.62
N LEU A 4087 16.32 20.24 -74.11
CA LEU A 4087 16.27 21.47 -73.32
C LEU A 4087 14.81 21.88 -73.10
N ILE A 4088 14.45 22.10 -71.83
CA ILE A 4088 13.09 22.48 -71.50
C ILE A 4088 12.77 23.90 -71.93
N SER A 4089 13.78 24.70 -72.29
CA SER A 4089 13.59 26.08 -72.73
C SER A 4089 12.96 26.92 -71.62
N LYS A 4090 13.76 27.18 -70.59
CA LYS A 4090 13.38 27.97 -69.44
C LYS A 4090 12.53 29.18 -69.85
N LYS A 4091 11.56 29.51 -69.00
CA LYS A 4091 10.34 30.30 -69.23
C LYS A 4091 9.22 29.40 -69.75
N ASP A 4092 9.48 28.11 -69.97
CA ASP A 4092 8.43 27.10 -69.99
C ASP A 4092 8.65 26.01 -68.94
N PHE A 4093 9.81 26.00 -68.28
CA PHE A 4093 9.98 25.15 -67.11
C PHE A 4093 9.05 25.56 -65.98
N GLN A 4094 8.88 26.88 -65.78
CA GLN A 4094 7.96 27.35 -64.75
C GLN A 4094 6.53 26.91 -65.04
N LYS A 4095 6.10 27.02 -66.30
CA LYS A 4095 4.76 26.55 -66.67
C LYS A 4095 4.62 25.06 -66.46
N ALA A 4096 5.64 24.29 -66.83
CA ALA A 4096 5.59 22.83 -66.66
C ALA A 4096 5.48 22.46 -65.19
N MET A 4097 6.25 23.13 -64.33
CA MET A 4097 6.19 22.85 -62.90
C MET A 4097 4.93 23.39 -62.24
N ASP A 4098 4.30 24.41 -62.82
CA ASP A 4098 3.07 24.96 -62.26
C ASP A 4098 1.83 24.24 -62.74
N SER A 4099 1.90 23.52 -63.87
CA SER A 4099 0.74 22.76 -64.34
C SER A 4099 0.37 21.67 -63.33
N GLN A 4100 1.35 20.99 -62.77
CA GLN A 4100 1.15 20.00 -61.72
C GLN A 4100 1.45 20.69 -60.39
N LYS A 4101 0.42 20.94 -59.59
CA LYS A 4101 0.55 21.70 -58.35
C LYS A 4101 1.22 20.82 -57.29
N GLN A 4102 2.55 20.84 -57.29
CA GLN A 4102 3.35 20.16 -56.29
C GLN A 4102 4.22 21.12 -55.50
N PHE A 4103 4.91 22.04 -56.17
CA PHE A 4103 5.75 23.03 -55.52
C PHE A 4103 4.98 24.32 -55.32
N THR A 4104 5.64 25.30 -54.72
CA THR A 4104 5.11 26.66 -54.58
C THR A 4104 6.02 27.62 -55.35
N GLY A 4105 5.70 28.91 -55.28
CA GLY A 4105 6.45 29.93 -55.97
C GLY A 4105 7.93 29.96 -55.64
N PRO A 4106 8.26 30.13 -54.36
CA PRO A 4106 9.67 30.10 -53.97
C PRO A 4106 10.38 28.81 -54.32
N GLU A 4107 9.70 27.67 -54.24
CA GLU A 4107 10.33 26.40 -54.60
C GLU A 4107 10.70 26.37 -56.09
N ILE A 4108 9.81 26.83 -56.95
CA ILE A 4108 10.10 26.85 -58.37
C ILE A 4108 11.19 27.87 -58.68
N GLN A 4109 11.20 29.01 -57.96
CA GLN A 4109 12.27 29.98 -58.15
C GLN A 4109 13.61 29.40 -57.75
N PHE A 4110 13.64 28.65 -56.64
CA PHE A 4110 14.87 28.00 -56.19
C PHE A 4110 15.34 26.97 -57.21
N LEU A 4111 14.41 26.18 -57.75
CA LEU A 4111 14.78 25.20 -58.77
C LEU A 4111 15.32 25.88 -60.03
N LEU A 4112 14.71 27.00 -60.44
CA LEU A 4112 15.20 27.73 -61.59
C LEU A 4112 16.60 28.29 -61.33
N SER A 4113 16.83 28.80 -60.11
CA SER A 4113 18.13 29.35 -59.78
C SER A 4113 19.21 28.27 -59.79
N CYS A 4114 18.90 27.07 -59.28
CA CYS A 4114 19.89 26.01 -59.24
C CYS A 4114 20.26 25.47 -60.62
N SER A 4115 19.45 25.72 -61.63
CA SER A 4115 19.76 25.25 -62.96
C SER A 4115 20.86 26.11 -63.60
N GLU A 4116 21.47 25.58 -64.66
CA GLU A 4116 22.52 26.31 -65.35
C GLU A 4116 21.95 27.44 -66.20
N ALA A 4117 21.15 27.09 -67.21
CA ALA A 4117 20.38 28.04 -67.99
C ALA A 4117 21.24 29.16 -68.58
N ASP A 4118 22.17 28.78 -69.45
CA ASP A 4118 22.87 29.77 -70.24
C ASP A 4118 22.08 30.05 -71.53
N GLU A 4119 22.47 31.10 -72.24
CA GLU A 4119 21.75 31.64 -73.40
C GLU A 4119 20.25 31.82 -73.11
N ASN A 4120 19.94 32.00 -71.82
CA ASN A 4120 18.62 32.32 -71.30
C ASN A 4120 17.64 31.15 -71.35
N GLU A 4121 18.01 30.06 -72.04
CA GLU A 4121 17.23 28.82 -71.94
C GLU A 4121 18.14 27.66 -72.36
N MET A 4122 18.73 26.98 -71.38
CA MET A 4122 19.51 25.78 -71.66
C MET A 4122 19.40 24.75 -70.55
N ILE A 4123 18.30 24.75 -69.81
CA ILE A 4123 18.18 23.86 -68.65
C ILE A 4123 18.10 22.42 -69.17
N ASN A 4124 19.16 21.67 -68.97
CA ASN A 4124 19.21 20.26 -69.35
C ASN A 4124 18.68 19.45 -68.17
N PHE A 4125 17.41 19.04 -68.25
CA PHE A 4125 16.79 18.33 -67.15
C PHE A 4125 17.44 16.96 -66.89
N GLU A 4126 18.04 16.36 -67.92
CA GLU A 4126 18.64 15.04 -67.75
C GLU A 4126 19.77 15.08 -66.73
N GLU A 4127 20.61 16.12 -66.78
CA GLU A 4127 21.68 16.27 -65.79
C GLU A 4127 21.22 17.02 -64.55
N PHE A 4128 20.26 17.93 -64.68
CA PHE A 4128 19.77 18.68 -63.53
C PHE A 4128 19.09 17.75 -62.53
N ALA A 4129 18.29 16.80 -63.00
CA ALA A 4129 17.59 15.90 -62.10
C ALA A 4129 18.54 14.95 -61.40
N ASN A 4130 19.59 14.50 -62.09
CA ASN A 4130 20.51 13.50 -61.55
C ASN A 4130 21.76 14.11 -60.92
N ARG A 4131 21.88 15.44 -60.87
CA ARG A 4131 23.07 16.05 -60.30
C ARG A 4131 23.15 15.82 -58.79
N PHE A 4132 22.04 16.00 -58.08
CA PHE A 4132 22.03 15.95 -56.62
C PHE A 4132 21.48 14.63 -56.07
N GLN A 4133 21.32 13.62 -56.92
CA GLN A 4133 20.76 12.36 -56.45
C GLN A 4133 21.82 11.48 -55.79
N GLU A 4134 22.92 11.22 -56.49
CA GLU A 4134 23.98 10.37 -55.94
C GLU A 4134 24.62 10.94 -54.68
N PRO A 4135 25.07 12.21 -54.64
CA PRO A 4135 25.72 12.70 -53.42
C PRO A 4135 24.84 12.67 -52.18
N ALA A 4136 23.54 12.88 -52.33
CA ALA A 4136 22.64 12.99 -51.19
C ALA A 4136 21.99 11.66 -50.81
N ARG A 4137 22.36 10.55 -51.46
CA ARG A 4137 21.72 9.28 -51.17
C ARG A 4137 22.08 8.77 -49.78
N ASP A 4138 23.37 8.84 -49.42
CA ASP A 4138 23.80 8.29 -48.14
C ASP A 4138 23.21 9.07 -46.96
N ILE A 4139 23.26 10.40 -47.01
CA ILE A 4139 22.73 11.21 -45.92
C ILE A 4139 21.21 11.05 -45.85
N GLY A 4140 20.53 10.95 -47.00
CA GLY A 4140 19.10 10.73 -46.99
C GLY A 4140 18.74 9.40 -46.34
N PHE A 4141 19.45 8.34 -46.70
CA PHE A 4141 19.19 7.04 -46.08
C PHE A 4141 19.47 7.07 -44.59
N ASN A 4142 20.55 7.73 -44.18
CA ASN A 4142 20.89 7.78 -42.76
C ASN A 4142 19.84 8.55 -41.96
N VAL A 4143 19.37 9.68 -42.49
CA VAL A 4143 18.35 10.44 -41.77
C VAL A 4143 17.03 9.69 -41.77
N ALA A 4144 16.73 8.94 -42.84
CA ALA A 4144 15.54 8.09 -42.83
C ALA A 4144 15.63 7.03 -41.74
N VAL A 4145 16.80 6.40 -41.60
CA VAL A 4145 16.99 5.40 -40.56
C VAL A 4145 16.83 6.02 -39.18
N LEU A 4146 17.42 7.20 -38.98
CA LEU A 4146 17.32 7.88 -37.68
C LEU A 4146 15.86 8.22 -37.35
N LEU A 4147 15.13 8.76 -38.33
CA LEU A 4147 13.73 9.08 -38.11
C LEU A 4147 12.90 7.83 -37.83
N THR A 4148 13.17 6.73 -38.55
CA THR A 4148 12.45 5.49 -38.30
C THR A 4148 12.71 4.97 -36.90
N ASN A 4149 13.97 4.98 -36.47
CA ASN A 4149 14.30 4.53 -35.12
C ASN A 4149 13.61 5.38 -34.07
N LEU A 4150 13.68 6.71 -34.21
CA LEU A 4150 13.06 7.59 -33.23
C LEU A 4150 11.55 7.40 -33.19
N SER A 4151 10.91 7.29 -34.36
CA SER A 4151 9.47 7.11 -34.40
C SER A 4151 9.06 5.77 -33.79
N GLU A 4152 9.80 4.70 -34.09
CA GLU A 4152 9.45 3.39 -33.59
C GLU A 4152 9.77 3.23 -32.10
N HIS A 4153 10.65 4.05 -31.54
CA HIS A 4153 10.96 3.95 -30.11
C HIS A 4153 10.07 4.83 -29.24
N VAL A 4154 9.87 6.09 -29.61
CA VAL A 4154 8.97 6.95 -28.85
C VAL A 4154 7.78 7.32 -29.74
N PRO A 4155 6.73 6.50 -29.76
CA PRO A 4155 5.57 6.81 -30.63
C PRO A 4155 4.58 7.77 -30.02
N HIS A 4156 4.54 7.90 -28.70
CA HIS A 4156 3.60 8.82 -28.04
C HIS A 4156 4.25 10.19 -27.89
N ASP A 4157 4.45 10.84 -29.03
CA ASP A 4157 5.05 12.17 -29.08
C ASP A 4157 4.55 12.88 -30.33
N PRO A 4158 3.57 13.76 -30.20
CA PRO A 4158 3.06 14.47 -31.39
C PRO A 4158 4.08 15.39 -32.03
N ARG A 4159 5.15 15.75 -31.31
CA ARG A 4159 6.18 16.64 -31.86
C ARG A 4159 7.03 15.97 -32.92
N LEU A 4160 6.89 14.66 -33.12
CA LEU A 4160 7.62 13.94 -34.15
C LEU A 4160 6.74 13.57 -35.34
N ARG A 4161 5.41 13.63 -35.17
CA ARG A 4161 4.50 13.31 -36.26
C ARG A 4161 4.66 14.29 -37.42
N ASN A 4162 4.84 15.58 -37.13
CA ASN A 4162 5.06 16.55 -38.21
C ASN A 4162 6.36 16.27 -38.94
N PHE A 4163 7.40 15.89 -38.21
CA PHE A 4163 8.66 15.52 -38.85
C PHE A 4163 8.47 14.31 -39.76
N LEU A 4164 7.73 13.31 -39.30
CA LEU A 4164 7.45 12.14 -40.14
C LEU A 4164 6.68 12.51 -41.39
N GLU A 4165 5.66 13.36 -41.24
CA GLU A 4165 4.85 13.76 -42.39
C GLU A 4165 5.67 14.56 -43.39
N LEU A 4166 6.53 15.46 -42.92
CA LEU A 4166 7.36 16.23 -43.83
C LEU A 4166 8.45 15.39 -44.48
N ALA A 4167 8.79 14.23 -43.90
CA ALA A 4167 9.81 13.35 -44.44
C ALA A 4167 9.22 12.13 -45.15
N GLU A 4168 7.93 12.17 -45.48
CA GLU A 4168 7.29 11.03 -46.14
C GLU A 4168 7.84 10.78 -47.54
N SER A 4169 8.40 11.81 -48.19
CA SER A 4169 8.90 11.64 -49.55
C SER A 4169 10.21 10.86 -49.59
N ILE A 4170 11.02 10.92 -48.53
CA ILE A 4170 12.28 10.21 -48.48
C ILE A 4170 12.10 8.88 -47.76
N LEU A 4171 11.16 8.85 -46.81
CA LEU A 4171 10.88 7.61 -46.09
C LEU A 4171 10.31 6.55 -47.03
N GLU A 4172 9.41 6.96 -47.93
CA GLU A 4172 8.85 6.02 -48.89
C GLU A 4172 9.84 5.66 -49.98
N TYR A 4173 10.83 6.52 -50.24
CA TYR A 4173 11.84 6.19 -51.24
C TYR A 4173 12.74 5.06 -50.76
N PHE A 4174 13.25 5.16 -49.54
CA PHE A 4174 14.09 4.11 -48.97
C PHE A 4174 13.25 3.11 -48.18
N ARG A 4175 12.16 2.64 -48.79
CA ARG A 4175 11.35 1.56 -48.23
C ARG A 4175 11.96 0.20 -48.55
N PRO A 4176 12.31 -0.10 -49.80
CA PRO A 4176 12.89 -1.43 -50.09
C PRO A 4176 14.32 -1.59 -49.59
N TYR A 4177 15.05 -0.49 -49.34
CA TYR A 4177 16.44 -0.58 -48.94
C TYR A 4177 16.61 -0.71 -47.43
N LEU A 4178 15.64 -0.23 -46.65
CA LEU A 4178 15.78 -0.18 -45.19
C LEU A 4178 15.44 -1.56 -44.62
N GLY A 4179 16.47 -2.24 -44.11
CA GLY A 4179 16.25 -3.50 -43.42
C GLY A 4179 15.80 -3.31 -41.99
N ARG A 4180 15.37 -4.42 -41.38
CA ARG A 4180 14.87 -4.38 -40.00
C ARG A 4180 15.06 -5.77 -39.40
N ILE A 4181 16.10 -5.94 -38.59
CA ILE A 4181 16.44 -7.22 -37.98
C ILE A 4181 16.21 -7.11 -36.48
N GLU A 4182 15.50 -8.09 -35.92
CA GLU A 4182 15.36 -8.22 -34.48
C GLU A 4182 16.29 -9.33 -34.00
N ILE A 4183 17.14 -9.01 -33.03
CA ILE A 4183 18.11 -9.96 -32.50
C ILE A 4183 18.00 -9.99 -30.97
N MET A 4184 18.53 -11.06 -30.40
CA MET A 4184 18.74 -11.10 -28.96
C MET A 4184 19.89 -10.18 -28.60
N GLY A 4185 19.61 -9.11 -27.85
CA GLY A 4185 20.59 -8.09 -27.60
C GLY A 4185 21.78 -8.53 -26.78
N ALA A 4186 22.68 -7.60 -26.51
CA ALA A 4186 23.93 -7.95 -25.82
C ALA A 4186 23.66 -8.48 -24.42
N SER A 4187 22.91 -7.72 -23.61
CA SER A 4187 22.75 -8.10 -22.20
C SER A 4187 21.61 -9.10 -22.00
N ARG A 4188 20.35 -8.65 -22.13
CA ARG A 4188 19.24 -9.56 -21.91
C ARG A 4188 17.98 -9.30 -22.73
N ARG A 4189 17.96 -8.32 -23.64
CA ARG A 4189 16.71 -7.89 -24.24
C ARG A 4189 16.80 -7.86 -25.76
N ILE A 4190 15.65 -8.04 -26.40
CA ILE A 4190 15.57 -8.04 -27.86
C ILE A 4190 15.82 -6.64 -28.38
N GLU A 4191 16.64 -6.54 -29.43
CA GLU A 4191 17.00 -5.27 -30.04
C GLU A 4191 16.69 -5.30 -31.53
N ARG A 4192 16.25 -4.16 -32.06
CA ARG A 4192 15.99 -4.03 -33.49
C ARG A 4192 17.20 -3.43 -34.18
N ILE A 4193 17.55 -3.98 -35.34
CA ILE A 4193 18.73 -3.58 -36.09
C ILE A 4193 18.29 -3.04 -37.45
N TYR A 4194 18.78 -1.86 -37.81
CA TYR A 4194 18.50 -1.24 -39.10
C TYR A 4194 19.79 -1.20 -39.92
N PHE A 4195 19.68 -1.52 -41.20
CA PHE A 4195 20.83 -1.52 -42.09
C PHE A 4195 20.35 -1.18 -43.50
N GLU A 4196 21.26 -1.33 -44.47
CA GLU A 4196 20.97 -1.00 -45.86
C GLU A 4196 21.02 -2.27 -46.70
N ILE A 4197 20.03 -2.43 -47.57
CA ILE A 4197 19.97 -3.53 -48.53
C ILE A 4197 20.32 -2.97 -49.90
N SER A 4198 21.38 -3.48 -50.50
CA SER A 4198 21.81 -3.01 -51.81
C SER A 4198 20.79 -3.40 -52.87
N GLU A 4199 20.71 -2.57 -53.91
CA GLU A 4199 19.79 -2.86 -55.01
C GLU A 4199 20.17 -4.15 -55.72
N THR A 4200 21.47 -4.39 -55.90
CA THR A 4200 21.91 -5.63 -56.53
C THR A 4200 21.59 -6.84 -55.67
N ASN A 4201 21.71 -6.70 -54.35
CA ASN A 4201 21.42 -7.82 -53.45
C ASN A 4201 19.96 -8.22 -53.49
N ARG A 4202 19.06 -7.30 -53.84
CA ARG A 4202 17.65 -7.61 -53.97
C ARG A 4202 17.27 -8.02 -55.38
N ALA A 4203 17.95 -7.48 -56.40
CA ALA A 4203 17.68 -7.89 -57.77
C ALA A 4203 18.04 -9.35 -57.99
N GLN A 4204 19.18 -9.79 -57.45
CA GLN A 4204 19.58 -11.19 -57.56
C GLN A 4204 18.79 -12.10 -56.63
N TRP A 4205 18.19 -11.55 -55.57
CA TRP A 4205 17.35 -12.35 -54.69
C TRP A 4205 16.00 -12.66 -55.32
N GLU A 4206 15.56 -11.86 -56.28
CA GLU A 4206 14.29 -12.07 -56.97
C GLU A 4206 14.44 -12.89 -58.24
N MET A 4207 15.64 -13.40 -58.52
CA MET A 4207 15.85 -14.21 -59.70
C MET A 4207 15.03 -15.49 -59.61
N PRO A 4208 14.52 -15.98 -60.75
CA PRO A 4208 13.71 -17.22 -60.71
C PRO A 4208 14.46 -18.42 -60.17
N GLN A 4209 15.78 -18.48 -60.34
CA GLN A 4209 16.58 -19.59 -59.85
C GLN A 4209 16.90 -19.48 -58.36
N VAL A 4210 16.25 -18.58 -57.63
CA VAL A 4210 16.47 -18.40 -56.21
C VAL A 4210 15.23 -18.74 -55.39
N LYS A 4211 14.04 -18.37 -55.88
CA LYS A 4211 12.81 -18.64 -55.14
C LYS A 4211 12.57 -20.14 -54.99
N GLU A 4212 12.82 -20.92 -56.04
CA GLU A 4212 12.61 -22.36 -55.93
C GLU A 4212 13.63 -23.02 -55.01
N SER A 4213 14.87 -22.52 -54.99
CA SER A 4213 15.86 -23.00 -54.03
C SER A 4213 15.44 -22.69 -52.60
N LYS A 4214 14.93 -21.47 -52.38
CA LYS A 4214 14.41 -21.14 -51.06
C LYS A 4214 13.26 -22.06 -50.67
N ARG A 4215 12.34 -22.32 -51.60
CA ARG A 4215 11.20 -23.20 -51.30
C ARG A 4215 11.67 -24.62 -50.99
N GLN A 4216 12.67 -25.11 -51.72
CA GLN A 4216 13.25 -26.42 -51.40
C GLN A 4216 13.85 -26.42 -50.01
N PHE A 4217 14.55 -25.34 -49.65
CA PHE A 4217 15.15 -25.26 -48.32
C PHE A 4217 14.09 -25.31 -47.23
N ILE A 4218 13.00 -24.56 -47.41
CA ILE A 4218 11.92 -24.62 -46.42
C ILE A 4218 11.29 -26.00 -46.39
N PHE A 4219 11.09 -26.61 -47.56
CA PHE A 4219 10.51 -27.96 -47.59
C PHE A 4219 11.33 -28.91 -46.73
N ASP A 4220 12.64 -28.94 -46.96
CA ASP A 4220 13.52 -29.83 -46.20
C ASP A 4220 13.51 -29.49 -44.71
N VAL A 4221 13.59 -28.20 -44.37
CA VAL A 4221 13.67 -27.82 -42.96
C VAL A 4221 12.37 -28.17 -42.23
N VAL A 4222 11.23 -27.89 -42.85
CA VAL A 4222 9.95 -28.13 -42.20
C VAL A 4222 9.69 -29.62 -42.04
N ASN A 4223 9.97 -30.42 -43.08
CA ASN A 4223 9.66 -31.85 -42.96
C ASN A 4223 10.74 -32.60 -42.19
N GLU A 4224 11.97 -32.61 -42.72
CA GLU A 4224 13.05 -33.42 -42.17
C GLU A 4224 14.15 -32.56 -41.56
N GLY A 4225 13.77 -31.50 -40.85
CA GLY A 4225 14.74 -30.65 -40.19
C GLY A 4225 14.62 -30.67 -38.69
N GLY A 4226 13.40 -30.88 -38.18
CA GLY A 4226 13.19 -30.93 -36.75
C GLY A 4226 13.45 -29.59 -36.08
N GLU A 4227 13.86 -29.65 -34.83
CA GLU A 4227 14.19 -28.47 -34.04
C GLU A 4227 15.61 -28.60 -33.49
N ALA A 4228 16.05 -27.56 -32.79
CA ALA A 4228 17.38 -27.42 -32.19
C ALA A 4228 18.49 -27.33 -33.23
N GLU A 4229 18.17 -27.41 -34.53
CA GLU A 4229 19.17 -27.25 -35.57
C GLU A 4229 18.65 -26.43 -36.75
N LYS A 4230 17.48 -25.80 -36.61
CA LYS A 4230 16.91 -25.04 -37.71
C LYS A 4230 17.77 -23.83 -38.06
N MET A 4231 18.32 -23.15 -37.06
CA MET A 4231 19.12 -21.95 -37.31
C MET A 4231 20.42 -22.28 -38.02
N GLU A 4232 21.06 -23.39 -37.66
CA GLU A 4232 22.29 -23.79 -38.35
C GLU A 4232 22.02 -24.08 -39.83
N LEU A 4233 20.93 -24.80 -40.11
CA LEU A 4233 20.56 -25.07 -41.50
C LEU A 4233 20.23 -23.79 -42.24
N PHE A 4234 19.55 -22.86 -41.56
CA PHE A 4234 19.21 -21.58 -42.19
C PHE A 4234 20.47 -20.79 -42.55
N VAL A 4235 21.45 -20.76 -41.65
CA VAL A 4235 22.69 -20.05 -41.92
C VAL A 4235 23.46 -20.72 -43.05
N SER A 4236 23.47 -22.06 -43.08
CA SER A 4236 24.12 -22.76 -44.18
C SER A 4236 23.44 -22.45 -45.50
N PHE A 4237 22.11 -22.37 -45.50
CA PHE A 4237 21.38 -22.00 -46.71
C PHE A 4237 21.71 -20.56 -47.12
N CYS A 4238 21.85 -19.66 -46.15
CA CYS A 4238 22.23 -18.28 -46.47
C CYS A 4238 23.59 -18.23 -47.15
N GLU A 4239 24.57 -18.97 -46.62
CA GLU A 4239 25.87 -19.01 -47.27
C GLU A 4239 25.80 -19.65 -48.65
N ASP A 4240 25.00 -20.71 -48.78
CA ASP A 4240 24.86 -21.37 -50.08
C ASP A 4240 24.26 -20.43 -51.13
N THR A 4241 23.23 -19.67 -50.76
CA THR A 4241 22.65 -18.74 -51.72
C THR A 4241 23.54 -17.52 -51.96
N ILE A 4242 24.37 -17.14 -50.99
CA ILE A 4242 25.37 -16.11 -51.24
C ILE A 4242 26.35 -16.59 -52.31
N PHE A 4243 26.80 -17.84 -52.19
CA PHE A 4243 27.67 -18.40 -53.23
C PHE A 4243 26.92 -18.54 -54.55
N GLU A 4244 25.61 -18.83 -54.51
CA GLU A 4244 24.83 -18.90 -55.74
C GLU A 4244 24.78 -17.56 -56.46
N MET A 4245 24.57 -16.47 -55.71
CA MET A 4245 24.58 -15.15 -56.33
C MET A 4245 25.99 -14.77 -56.79
N GLN A 4246 27.01 -15.23 -56.09
CA GLN A 4246 28.38 -15.03 -56.57
C GLN A 4246 28.59 -15.72 -57.90
N ILE A 4247 28.07 -16.93 -58.05
CA ILE A 4247 28.16 -17.65 -59.33
C ILE A 4247 27.40 -16.90 -60.41
N ALA A 4248 26.18 -16.45 -60.09
CA ALA A 4248 25.35 -15.75 -61.06
C ALA A 4248 25.90 -14.37 -61.42
N ALA A 4249 26.78 -13.81 -60.60
CA ALA A 4249 27.32 -12.48 -60.87
C ALA A 4249 28.14 -12.45 -62.15
N GLN A 4250 28.97 -13.47 -62.36
CA GLN A 4250 29.82 -13.53 -63.55
C GLN A 4250 29.16 -14.22 -64.72
N ILE A 4251 27.90 -14.65 -64.58
CA ILE A 4251 27.19 -15.32 -65.65
C ILE A 4251 26.43 -14.35 -66.55
N SER A 4252 26.37 -13.07 -66.19
CA SER A 4252 25.63 -12.09 -66.97
C SER A 4252 26.23 -11.90 -68.35
N GLU A 4253 25.41 -11.38 -69.27
CA GLU A 4253 25.84 -11.19 -70.65
C GLU A 4253 27.03 -10.24 -70.77
N PRO A 4254 27.05 -9.06 -70.15
CA PRO A 4254 28.23 -8.19 -70.30
C PRO A 4254 29.52 -8.82 -69.81
N GLU A 4255 29.46 -9.65 -68.77
CA GLU A 4255 30.63 -10.32 -68.21
C GLU A 4255 31.73 -9.33 -67.83
N PHE A 4540 46.47 -13.82 -80.82
CA PHE A 4540 46.03 -15.07 -81.43
C PHE A 4540 45.43 -16.00 -80.38
N TRP A 4541 46.29 -16.49 -79.49
CA TRP A 4541 45.83 -17.38 -78.44
C TRP A 4541 44.87 -16.68 -77.48
N GLY A 4542 45.16 -15.42 -77.15
CA GLY A 4542 44.30 -14.68 -76.24
C GLY A 4542 42.91 -14.43 -76.79
N GLU A 4543 42.82 -14.12 -78.09
CA GLU A 4543 41.50 -13.92 -78.70
C GLU A 4543 40.69 -15.21 -78.67
N LEU A 4544 41.32 -16.35 -78.98
CA LEU A 4544 40.63 -17.62 -78.91
C LEU A 4544 40.20 -17.93 -77.48
N GLU A 4545 41.05 -17.62 -76.50
CA GLU A 4545 40.71 -17.89 -75.12
C GLU A 4545 39.52 -17.06 -74.65
N VAL A 4546 39.52 -15.76 -74.98
CA VAL A 4546 38.41 -14.92 -74.54
C VAL A 4546 37.12 -15.29 -75.28
N GLN A 4547 37.24 -15.68 -76.56
CA GLN A 4547 36.06 -16.15 -77.29
C GLN A 4547 35.51 -17.42 -76.67
N ARG A 4548 36.39 -18.35 -76.27
CA ARG A 4548 35.94 -19.58 -75.62
C ARG A 4548 35.27 -19.29 -74.29
N VAL A 4549 35.84 -18.36 -73.50
CA VAL A 4549 35.23 -17.99 -72.23
C VAL A 4549 33.85 -17.39 -72.44
N LYS A 4550 33.72 -16.51 -73.44
CA LYS A 4550 32.42 -15.93 -73.75
C LYS A 4550 31.44 -16.99 -74.22
N PHE A 4551 31.90 -17.95 -75.02
CA PHE A 4551 31.04 -19.03 -75.49
C PHE A 4551 30.55 -19.89 -74.35
N LEU A 4552 31.42 -20.19 -73.37
CA LEU A 4552 31.01 -20.99 -72.24
C LEU A 4552 30.30 -20.14 -71.19
N ASN A 4553 29.36 -19.32 -71.64
CA ASN A 4553 28.43 -18.64 -70.75
C ASN A 4553 27.00 -18.65 -71.25
N TYR A 4554 26.76 -18.79 -72.57
CA TYR A 4554 25.40 -18.92 -73.08
C TYR A 4554 24.77 -20.22 -72.59
N LEU A 4555 25.53 -21.32 -72.58
CA LEU A 4555 25.02 -22.58 -72.09
C LEU A 4555 24.70 -22.52 -70.60
N SER A 4556 25.57 -21.87 -69.82
CA SER A 4556 25.38 -21.83 -68.38
C SER A 4556 24.23 -20.90 -68.00
N ARG A 4557 24.16 -19.71 -68.61
CA ARG A 4557 23.10 -18.77 -68.28
C ARG A 4557 21.77 -19.21 -68.87
N ASN A 4558 21.79 -19.98 -69.94
CA ASN A 4558 20.59 -20.53 -70.57
C ASN A 4558 20.79 -22.04 -70.66
N PHE A 4559 20.39 -22.74 -69.59
CA PHE A 4559 20.62 -24.18 -69.48
C PHE A 4559 19.34 -25.00 -69.47
N TYR A 4560 18.25 -24.46 -68.92
CA TYR A 4560 16.99 -25.19 -68.90
C TYR A 4560 16.34 -25.19 -70.28
N THR A 4561 16.51 -24.10 -71.04
CA THR A 4561 15.98 -24.06 -72.40
C THR A 4561 16.64 -25.14 -73.27
N LEU A 4562 17.91 -25.44 -73.03
CA LEU A 4562 18.55 -26.55 -73.72
C LEU A 4562 17.90 -27.89 -73.35
N ARG A 4563 17.52 -28.05 -72.09
CA ARG A 4563 16.80 -29.26 -71.68
C ARG A 4563 15.46 -29.36 -72.41
N PHE A 4564 14.74 -28.24 -72.52
CA PHE A 4564 13.46 -28.26 -73.25
C PHE A 4564 13.68 -28.56 -74.73
N LEU A 4565 14.76 -28.03 -75.31
CA LEU A 4565 15.07 -28.31 -76.70
C LEU A 4565 15.39 -29.78 -76.91
N ALA A 4566 16.12 -30.39 -75.97
CA ALA A 4566 16.39 -31.82 -76.05
C ALA A 4566 15.10 -32.62 -75.94
N LEU A 4567 14.20 -32.21 -75.05
CA LEU A 4567 12.90 -32.88 -74.95
C LEU A 4567 12.13 -32.79 -76.26
N PHE A 4568 12.10 -31.62 -76.87
CA PHE A 4568 11.42 -31.45 -78.15
C PHE A 4568 12.05 -32.31 -79.24
N LEU A 4569 13.37 -32.37 -79.28
CA LEU A 4569 14.05 -33.20 -80.27
C LEU A 4569 13.71 -34.67 -80.07
N ALA A 4570 13.70 -35.14 -78.82
CA ALA A 4570 13.35 -36.53 -78.55
C ALA A 4570 11.91 -36.83 -78.98
N PHE A 4571 10.98 -35.92 -78.69
CA PHE A 4571 9.60 -36.13 -79.10
C PHE A 4571 9.48 -36.18 -80.63
N ALA A 4572 10.17 -35.28 -81.33
CA ALA A 4572 10.13 -35.29 -82.79
C ALA A 4572 10.72 -36.58 -83.35
N ILE A 4573 11.83 -37.04 -82.78
CA ILE A 4573 12.46 -38.27 -83.25
C ILE A 4573 11.52 -39.45 -83.04
N ASN A 4574 10.85 -39.52 -81.89
CA ASN A 4574 9.92 -40.62 -81.64
C ASN A 4574 8.72 -40.56 -82.57
N PHE A 4575 8.20 -39.35 -82.85
CA PHE A 4575 7.09 -39.23 -83.77
C PHE A 4575 7.49 -39.69 -85.17
N ILE A 4576 8.73 -39.36 -85.58
CA ILE A 4576 9.23 -39.85 -86.86
C ILE A 4576 9.35 -41.37 -86.85
N LEU A 4577 9.89 -41.91 -85.75
CA LEU A 4577 10.08 -43.36 -85.61
C LEU A 4577 8.77 -44.12 -85.58
N LEU A 4578 7.66 -43.45 -85.29
CA LEU A 4578 6.36 -44.13 -85.27
C LEU A 4578 5.94 -44.68 -86.63
N PHE A 4579 6.62 -44.30 -87.72
CA PHE A 4579 6.26 -44.71 -89.07
C PHE A 4579 7.07 -45.90 -89.57
N TYR A 4580 7.83 -46.56 -88.71
CA TYR A 4580 8.66 -47.68 -89.15
C TYR A 4580 7.81 -48.87 -89.57
N LYS A 4581 8.29 -49.59 -90.58
CA LYS A 4581 7.61 -50.76 -91.11
C LYS A 4581 8.64 -51.85 -91.39
N VAL A 4582 8.23 -53.10 -91.24
CA VAL A 4582 9.09 -54.26 -91.45
C VAL A 4582 8.47 -55.12 -92.53
N SER A 4583 9.30 -55.58 -93.47
CA SER A 4583 8.84 -56.46 -94.54
C SER A 4583 9.95 -57.45 -94.88
N ASP A 4584 9.55 -58.56 -95.52
CA ASP A 4584 10.49 -59.60 -95.89
C ASP A 4584 11.27 -59.27 -97.16
N SER A 4585 10.91 -58.20 -97.87
CA SER A 4585 11.59 -57.83 -99.10
C SER A 4585 11.96 -56.36 -99.06
N PRO A 4586 13.04 -55.96 -99.73
CA PRO A 4586 13.42 -54.55 -99.79
C PRO A 4586 12.39 -53.74 -100.55
N PRO A 4587 12.30 -52.44 -100.29
CA PRO A 4587 11.30 -51.62 -100.99
C PRO A 4587 11.48 -51.62 -102.50
N GLY A 4588 12.70 -51.72 -103.00
CA GLY A 4588 12.96 -51.75 -104.42
C GLY A 4588 12.67 -53.10 -105.05
N ASP A 4624 17.30 -65.60 -97.27
CA ASP A 4624 16.08 -65.72 -96.49
C ASP A 4624 16.22 -65.00 -95.15
N GLU A 4625 15.09 -64.81 -94.47
CA GLU A 4625 15.05 -64.14 -93.16
C GLU A 4625 15.68 -62.76 -93.23
N ASN A 4626 15.38 -62.02 -94.30
CA ASN A 4626 15.92 -60.68 -94.47
C ASN A 4626 15.34 -59.73 -93.41
N MET A 4627 14.02 -59.54 -93.44
CA MET A 4627 13.30 -58.70 -92.47
C MET A 4627 13.91 -57.30 -92.41
N VAL A 4628 13.82 -56.60 -93.54
CA VAL A 4628 14.37 -55.25 -93.62
C VAL A 4628 13.50 -54.29 -92.82
N TYR A 4629 14.16 -53.38 -92.10
CA TYR A 4629 13.47 -52.36 -91.31
C TYR A 4629 13.56 -51.05 -92.08
N TYR A 4630 12.66 -50.88 -93.05
CA TYR A 4630 12.64 -49.70 -93.89
C TYR A 4630 11.62 -48.71 -93.36
N PHE A 4631 11.41 -47.63 -94.09
CA PHE A 4631 10.57 -46.52 -93.66
C PHE A 4631 9.33 -46.42 -94.54
N LEU A 4632 8.21 -46.05 -93.93
CA LEU A 4632 6.94 -45.88 -94.65
C LEU A 4632 6.76 -44.40 -94.96
N GLU A 4633 7.34 -43.97 -96.08
CA GLU A 4633 7.21 -42.60 -96.54
C GLU A 4633 5.80 -42.41 -97.09
N GLU A 4634 4.93 -41.76 -96.30
CA GLU A 4634 3.54 -41.60 -96.69
C GLU A 4634 3.42 -40.77 -97.97
N SER A 4635 3.85 -39.51 -97.92
CA SER A 4635 3.77 -38.62 -99.07
C SER A 4635 5.04 -37.83 -99.34
N THR A 4636 5.92 -37.65 -98.35
CA THR A 4636 7.13 -36.87 -98.51
C THR A 4636 8.34 -37.74 -98.21
N GLY A 4637 9.36 -37.65 -99.06
CA GLY A 4637 10.59 -38.37 -98.86
C GLY A 4637 11.60 -37.68 -97.97
N TYR A 4638 11.25 -36.53 -97.39
CA TYR A 4638 12.14 -35.77 -96.54
C TYR A 4638 12.16 -36.27 -95.10
N MET A 4639 11.34 -37.26 -94.76
CA MET A 4639 11.27 -37.74 -93.38
C MET A 4639 12.58 -38.39 -92.95
N GLU A 4640 13.18 -39.20 -93.82
CA GLU A 4640 14.45 -39.85 -93.48
C GLU A 4640 15.58 -38.86 -93.28
N PRO A 4641 15.81 -37.86 -94.14
CA PRO A 4641 16.82 -36.84 -93.82
C PRO A 4641 16.51 -36.08 -92.55
N ALA A 4642 15.24 -35.82 -92.26
CA ALA A 4642 14.89 -35.14 -91.01
C ALA A 4642 15.28 -35.99 -89.81
N LEU A 4643 15.01 -37.29 -89.85
CA LEU A 4643 15.43 -38.17 -88.77
C LEU A 4643 16.96 -38.18 -88.65
N TRP A 4644 17.65 -38.25 -89.78
CA TRP A 4644 19.11 -38.29 -89.76
C TRP A 4644 19.69 -37.04 -89.13
N CYS A 4645 19.14 -35.86 -89.47
CA CYS A 4645 19.63 -34.62 -88.87
C CYS A 4645 19.30 -34.55 -87.39
N LEU A 4646 18.04 -34.84 -87.04
CA LEU A 4646 17.61 -34.76 -85.65
C LEU A 4646 18.43 -35.67 -84.74
N SER A 4647 18.85 -36.83 -85.26
CA SER A 4647 19.73 -37.69 -84.48
C SER A 4647 21.02 -36.97 -84.11
N LEU A 4648 21.57 -36.17 -85.03
CA LEU A 4648 22.81 -35.45 -84.73
C LEU A 4648 22.58 -34.29 -83.77
N LEU A 4649 21.54 -33.47 -84.02
CA LEU A 4649 21.33 -32.36 -83.11
C LEU A 4649 20.96 -32.83 -81.70
N HIS A 4650 20.32 -33.99 -81.56
CA HIS A 4650 20.01 -34.48 -80.21
C HIS A 4650 21.29 -34.75 -79.43
N THR A 4651 22.27 -35.42 -80.05
CA THR A 4651 23.53 -35.67 -79.39
C THR A 4651 24.28 -34.39 -79.10
N LEU A 4652 24.26 -33.44 -80.05
CA LEU A 4652 24.94 -32.16 -79.82
C LEU A 4652 24.32 -31.42 -78.65
N VAL A 4653 22.98 -31.41 -78.57
CA VAL A 4653 22.30 -30.73 -77.47
C VAL A 4653 22.57 -31.42 -76.15
N ALA A 4654 22.66 -32.75 -76.15
CA ALA A 4654 22.99 -33.47 -74.93
C ALA A 4654 24.38 -33.11 -74.44
N PHE A 4655 25.36 -33.06 -75.35
CA PHE A 4655 26.71 -32.66 -74.98
C PHE A 4655 26.75 -31.23 -74.44
N LEU A 4656 26.03 -30.32 -75.10
CA LEU A 4656 25.96 -28.95 -74.62
C LEU A 4656 25.31 -28.87 -73.24
N CYS A 4657 24.28 -29.69 -72.99
CA CYS A 4657 23.61 -29.70 -71.70
C CYS A 4657 24.56 -30.18 -70.61
N ILE A 4658 25.32 -31.25 -70.88
CA ILE A 4658 26.23 -31.74 -69.84
C ILE A 4658 27.35 -30.73 -69.59
N ILE A 4659 27.82 -30.04 -70.64
CA ILE A 4659 28.83 -29.00 -70.45
C ILE A 4659 28.27 -27.86 -69.61
N GLY A 4660 27.04 -27.43 -69.90
CA GLY A 4660 26.43 -26.37 -69.13
C GLY A 4660 26.23 -26.74 -67.67
N TYR A 4661 25.81 -27.98 -67.41
CA TYR A 4661 25.68 -28.44 -66.04
C TYR A 4661 27.04 -28.46 -65.34
N ASN A 4662 28.08 -28.90 -66.05
CA ASN A 4662 29.42 -28.88 -65.45
C ASN A 4662 29.86 -27.47 -65.10
N CYS A 4663 29.56 -26.50 -65.96
CA CYS A 4663 29.96 -25.12 -65.72
C CYS A 4663 28.98 -24.34 -64.83
N LEU A 4664 27.86 -24.95 -64.44
CA LEU A 4664 26.85 -24.22 -63.67
C LEU A 4664 26.66 -24.76 -62.26
N LYS A 4665 26.34 -26.04 -62.10
CA LYS A 4665 25.91 -26.59 -60.82
C LYS A 4665 26.94 -27.44 -60.11
N VAL A 4666 28.11 -27.65 -60.70
CA VAL A 4666 29.18 -28.43 -60.05
C VAL A 4666 29.89 -27.59 -58.99
N PRO A 4667 30.23 -26.33 -59.25
CA PRO A 4667 30.86 -25.52 -58.18
C PRO A 4667 30.04 -25.44 -56.91
N LEU A 4668 28.71 -25.46 -57.01
CA LEU A 4668 27.88 -25.40 -55.81
C LEU A 4668 28.11 -26.63 -54.92
N VAL A 4669 28.07 -27.83 -55.50
CA VAL A 4669 28.27 -29.03 -54.70
C VAL A 4669 29.72 -29.11 -54.20
N ILE A 4670 30.68 -28.66 -55.01
CA ILE A 4670 32.07 -28.66 -54.54
C ILE A 4670 32.23 -27.72 -53.35
N PHE A 4671 31.62 -26.53 -53.42
CA PHE A 4671 31.67 -25.58 -52.32
C PHE A 4671 31.02 -26.14 -51.08
N LYS A 4672 29.86 -26.78 -51.22
CA LYS A 4672 29.18 -27.35 -50.06
C LYS A 4672 30.03 -28.44 -49.42
N ARG A 4673 30.61 -29.33 -50.23
CA ARG A 4673 31.44 -30.40 -49.68
C ARG A 4673 32.67 -29.83 -48.97
N GLU A 4674 33.34 -28.86 -49.58
CA GLU A 4674 34.53 -28.29 -48.96
C GLU A 4674 34.19 -27.55 -47.68
N LYS A 4675 33.09 -26.80 -47.66
CA LYS A 4675 32.68 -26.10 -46.45
C LYS A 4675 32.35 -27.06 -45.33
N GLU A 4676 31.60 -28.13 -45.64
CA GLU A 4676 31.28 -29.11 -44.61
C GLU A 4676 32.53 -29.79 -44.07
N LEU A 4677 33.45 -30.16 -44.96
CA LEU A 4677 34.69 -30.79 -44.52
C LEU A 4677 35.51 -29.85 -43.64
N ALA A 4678 35.63 -28.58 -44.04
CA ALA A 4678 36.42 -27.64 -43.25
C ALA A 4678 35.81 -27.40 -41.89
N ARG A 4679 34.48 -27.25 -41.82
CA ARG A 4679 33.85 -27.02 -40.53
C ARG A 4679 33.82 -28.27 -39.66
N LYS A 4680 33.90 -29.45 -40.26
CA LYS A 4680 34.11 -30.66 -39.48
C LYS A 4680 35.54 -30.73 -38.96
N LEU A 4681 36.51 -30.25 -39.76
CA LEU A 4681 37.91 -30.32 -39.35
C LEU A 4681 38.22 -29.35 -38.21
N GLU A 4682 37.77 -28.10 -38.32
CA GLU A 4682 38.23 -27.06 -37.40
C GLU A 4682 37.36 -26.91 -36.15
N PHE A 4683 36.16 -27.48 -36.13
CA PHE A 4683 35.26 -27.33 -34.99
C PHE A 4683 35.05 -28.63 -34.23
N ASP A 4684 34.78 -29.72 -34.95
CA ASP A 4684 34.49 -31.03 -34.38
C ASP A 4684 35.45 -32.06 -34.98
N GLY A 4685 36.75 -31.75 -34.93
CA GLY A 4685 37.78 -32.43 -35.69
C GLY A 4685 37.60 -33.92 -35.87
N LEU A 4686 37.58 -34.35 -37.14
CA LEU A 4686 37.23 -35.71 -37.51
C LEU A 4686 38.40 -36.55 -37.96
N TYR A 4687 39.51 -35.94 -38.37
CA TYR A 4687 40.70 -36.66 -38.79
C TYR A 4687 41.88 -36.42 -37.86
N ILE A 4688 41.66 -35.79 -36.71
CA ILE A 4688 42.72 -35.55 -35.73
C ILE A 4688 42.33 -36.19 -34.41
N THR A 4689 41.21 -35.75 -33.84
CA THR A 4689 40.73 -36.32 -32.59
C THR A 4689 39.96 -37.62 -32.82
N GLU A 4690 38.87 -37.53 -33.58
CA GLU A 4690 38.06 -38.70 -33.90
C GLU A 4690 38.54 -39.31 -35.21
N GLN A 4691 37.78 -40.29 -35.72
CA GLN A 4691 38.06 -40.91 -37.00
C GLN A 4691 36.73 -41.26 -37.66
N PRO A 4692 36.68 -41.34 -38.99
CA PRO A 4692 35.45 -41.79 -39.66
C PRO A 4692 35.11 -43.23 -39.26
N GLY A 4693 33.82 -43.51 -39.22
CA GLY A 4693 33.33 -44.78 -38.73
C GLY A 4693 33.37 -45.94 -39.71
N ASP A 4694 34.01 -45.76 -40.86
CA ASP A 4694 34.16 -46.78 -41.89
C ASP A 4694 32.83 -47.27 -42.46
N ASP A 4695 31.73 -46.59 -42.13
CA ASP A 4695 30.43 -46.94 -42.67
C ASP A 4695 29.98 -46.00 -43.79
N ASP A 4696 30.54 -44.81 -43.86
CA ASP A 4696 30.22 -43.83 -44.90
C ASP A 4696 31.42 -43.65 -45.81
N VAL A 4697 31.21 -43.82 -47.12
CA VAL A 4697 32.29 -43.64 -48.08
C VAL A 4697 32.70 -42.18 -48.19
N LYS A 4698 31.81 -41.25 -47.80
CA LYS A 4698 32.13 -39.84 -47.88
C LYS A 4698 33.32 -39.48 -47.00
N GLY A 4699 33.34 -39.98 -45.77
CA GLY A 4699 34.43 -39.67 -44.85
C GLY A 4699 35.76 -40.24 -45.32
N GLN A 4700 35.75 -41.47 -45.82
CA GLN A 4700 36.99 -42.07 -46.31
C GLN A 4700 37.49 -41.37 -47.57
N TRP A 4701 36.57 -40.99 -48.47
CA TRP A 4701 36.98 -40.31 -49.69
C TRP A 4701 37.47 -38.89 -49.41
N ASP A 4702 36.93 -38.24 -48.38
CA ASP A 4702 37.37 -36.89 -48.03
C ASP A 4702 38.78 -36.87 -47.47
N ARG A 4703 39.33 -38.03 -47.11
CA ARG A 4703 40.73 -38.08 -46.68
C ARG A 4703 41.68 -37.83 -47.84
N LEU A 4704 41.22 -38.00 -49.08
CA LEU A 4704 42.09 -37.81 -50.24
C LEU A 4704 42.38 -36.34 -50.50
N VAL A 4705 41.37 -35.48 -50.37
CA VAL A 4705 41.54 -34.06 -50.69
C VAL A 4705 42.42 -33.35 -49.69
N LEU A 4706 42.63 -33.92 -48.50
CA LEU A 4706 43.58 -33.36 -47.56
C LEU A 4706 44.99 -33.40 -48.14
N ASN A 4707 45.93 -32.78 -47.40
CA ASN A 4707 47.33 -32.61 -47.80
C ASN A 4707 47.47 -32.20 -49.26
N THR A 4708 46.58 -31.34 -49.73
CA THR A 4708 46.58 -30.81 -51.09
C THR A 4708 46.87 -29.31 -51.09
N PRO A 4709 47.71 -28.83 -52.00
CA PRO A 4709 48.02 -27.39 -52.02
C PRO A 4709 46.82 -26.49 -52.28
N SER A 4710 45.74 -27.02 -52.85
CA SER A 4710 44.58 -26.22 -53.22
C SER A 4710 43.30 -26.87 -52.70
N PHE A 4711 43.32 -27.26 -51.42
CA PHE A 4711 42.13 -27.88 -50.83
C PHE A 4711 40.92 -26.94 -50.81
N PRO A 4712 41.00 -25.69 -50.32
CA PRO A 4712 39.81 -24.82 -50.38
C PRO A 4712 39.75 -24.02 -51.67
N SER A 4713 39.52 -24.72 -52.79
CA SER A 4713 39.47 -24.05 -54.08
C SER A 4713 38.18 -23.28 -54.28
N ASN A 4714 37.08 -23.71 -53.66
CA ASN A 4714 35.80 -23.03 -53.78
C ASN A 4714 35.33 -22.39 -52.48
N TYR A 4715 35.70 -22.94 -51.33
CA TYR A 4715 35.32 -22.34 -50.06
C TYR A 4715 36.02 -21.01 -49.87
N TRP A 4716 35.32 -20.06 -49.24
CA TRP A 4716 35.88 -18.73 -49.03
C TRP A 4716 37.09 -18.78 -48.11
N ASP A 4717 37.01 -19.56 -47.03
CA ASP A 4717 38.07 -19.59 -46.03
C ASP A 4717 39.26 -20.35 -46.56
N LYS A 4718 40.33 -19.62 -46.89
CA LYS A 4718 41.58 -20.23 -47.34
C LYS A 4718 42.58 -20.46 -46.20
N PHE A 4719 42.21 -20.10 -44.96
CA PHE A 4719 43.10 -20.23 -43.81
C PHE A 4719 42.56 -21.23 -42.80
N VAL A 4720 41.76 -22.19 -43.25
CA VAL A 4720 41.24 -23.21 -42.35
C VAL A 4720 42.36 -24.10 -41.84
N LYS A 4721 43.38 -24.38 -42.66
CA LYS A 4721 44.49 -25.21 -42.23
C LYS A 4721 45.23 -24.56 -41.07
N ARG A 4722 45.52 -23.25 -41.16
CA ARG A 4722 46.19 -22.57 -40.07
C ARG A 4722 45.33 -22.53 -38.81
N LYS A 4723 44.01 -22.33 -38.99
CA LYS A 4723 43.11 -22.31 -37.83
C LYS A 4723 43.12 -23.65 -37.09
N VAL A 4724 43.00 -24.76 -37.83
CA VAL A 4724 42.98 -26.05 -37.18
C VAL A 4724 44.36 -26.40 -36.61
N LEU A 4725 45.44 -25.93 -37.26
CA LEU A 4725 46.78 -26.15 -36.71
C LEU A 4725 46.95 -25.42 -35.39
N ASP A 4726 46.47 -24.19 -35.29
CA ASP A 4726 46.55 -23.44 -34.06
C ASP A 4726 45.58 -23.92 -32.99
N LYS A 4727 44.50 -24.60 -33.39
CA LYS A 4727 43.52 -25.10 -32.45
C LYS A 4727 43.88 -26.48 -31.87
N HIS A 4728 44.38 -27.39 -32.70
CA HIS A 4728 44.68 -28.75 -32.26
C HIS A 4728 46.15 -29.12 -32.32
N GLY A 4729 47.03 -28.19 -32.71
CA GLY A 4729 48.44 -28.52 -32.87
C GLY A 4729 49.23 -28.60 -31.59
N ASP A 4730 48.63 -28.28 -30.45
CA ASP A 4730 49.31 -28.32 -29.17
C ASP A 4730 49.07 -29.63 -28.41
N ILE A 4731 47.81 -30.00 -28.23
CA ILE A 4731 47.49 -31.27 -27.58
C ILE A 4731 48.02 -32.44 -28.41
N PHE A 4732 47.79 -32.39 -29.72
CA PHE A 4732 48.33 -33.38 -30.65
C PHE A 4732 49.62 -32.88 -31.27
N GLY A 4733 50.29 -33.77 -32.00
CA GLY A 4733 51.55 -33.42 -32.63
C GLY A 4733 51.41 -32.32 -33.66
N ARG A 4734 52.16 -31.22 -33.49
CA ARG A 4734 52.16 -30.16 -34.48
C ARG A 4734 52.75 -30.64 -35.81
N GLU A 4735 53.88 -31.36 -35.74
CA GLU A 4735 54.49 -31.88 -36.96
C GLU A 4735 53.59 -32.90 -37.65
N ARG A 4736 52.95 -33.77 -36.87
CA ARG A 4736 52.07 -34.76 -37.46
C ARG A 4736 50.82 -34.12 -38.06
N ILE A 4737 50.31 -33.05 -37.43
CA ILE A 4737 49.17 -32.33 -38.01
C ILE A 4737 49.57 -31.64 -39.31
N ALA A 4738 50.76 -31.04 -39.32
CA ALA A 4738 51.24 -30.41 -40.55
C ALA A 4738 51.42 -31.43 -41.66
N GLU A 4739 51.94 -32.61 -41.33
CA GLU A 4739 52.07 -33.66 -42.33
C GLU A 4739 50.72 -34.15 -42.83
N LEU A 4740 49.75 -34.32 -41.91
CA LEU A 4740 48.42 -34.76 -42.31
C LEU A 4740 47.74 -33.75 -43.23
N LEU A 4741 47.84 -32.47 -42.90
CA LEU A 4741 47.24 -31.42 -43.71
C LEU A 4741 48.14 -30.97 -44.86
N GLY A 4742 49.36 -31.50 -44.94
CA GLY A 4742 50.23 -31.24 -46.07
C GLY A 4742 50.71 -29.82 -46.22
N MET A 4743 50.50 -28.97 -45.23
CA MET A 4743 51.00 -27.60 -45.31
C MET A 4743 52.47 -27.55 -44.92
N ASP A 4744 53.16 -26.52 -45.42
CA ASP A 4744 54.55 -26.32 -45.07
C ASP A 4744 54.69 -26.06 -43.58
N LEU A 4745 55.76 -26.59 -42.98
CA LEU A 4745 55.99 -26.41 -41.55
C LEU A 4745 56.24 -24.94 -41.22
N ALA A 4746 56.24 -24.65 -39.92
CA ALA A 4746 56.47 -23.29 -39.47
C ALA A 4746 57.86 -22.78 -39.85
N SER A 4747 58.80 -23.68 -40.12
CA SER A 4747 60.12 -23.25 -40.58
C SER A 4747 60.05 -22.55 -41.92
N LEU A 4748 59.25 -23.08 -42.85
CA LEU A 4748 59.13 -22.49 -44.18
C LEU A 4748 58.14 -21.33 -44.18
N GLU A 4749 56.88 -21.62 -43.88
CA GLU A 4749 55.82 -20.60 -43.87
C GLU A 4749 55.59 -20.15 -42.43
N ILE A 4750 56.50 -19.32 -41.93
CA ILE A 4750 56.40 -18.85 -40.56
C ILE A 4750 55.31 -17.78 -40.43
N THR A 4751 55.48 -16.66 -41.12
CA THR A 4751 54.53 -15.55 -41.09
C THR A 4751 54.34 -15.03 -42.51
N ALA A 4752 53.52 -13.99 -42.63
CA ALA A 4752 53.28 -13.33 -43.91
C ALA A 4752 54.29 -12.20 -44.14
N HIS A 4753 55.58 -12.54 -44.05
CA HIS A 4753 56.63 -11.53 -44.23
C HIS A 4753 56.61 -10.96 -45.64
N ASN A 4754 56.45 -11.83 -46.64
CA ASN A 4754 56.43 -11.44 -48.05
C ASN A 4754 57.69 -10.66 -48.45
N GLY A 4763 48.63 -20.82 -72.52
CA GLY A 4763 48.99 -21.54 -71.31
C GLY A 4763 49.32 -23.00 -71.56
N LEU A 4764 50.26 -23.23 -72.48
CA LEU A 4764 50.67 -24.60 -72.79
C LEU A 4764 51.44 -25.26 -71.66
N LEU A 4765 51.99 -24.46 -70.74
CA LEU A 4765 52.74 -24.99 -69.60
C LEU A 4765 51.95 -24.93 -68.31
N THR A 4766 51.20 -23.85 -68.07
CA THR A 4766 50.41 -23.75 -66.85
C THR A 4766 49.32 -24.80 -66.81
N TRP A 4767 48.66 -25.06 -67.95
CA TRP A 4767 47.60 -26.05 -68.02
C TRP A 4767 48.11 -27.46 -68.20
N LEU A 4768 49.42 -27.66 -68.30
CA LEU A 4768 49.99 -28.99 -68.45
C LEU A 4768 50.88 -29.43 -67.30
N MET A 4769 51.30 -28.50 -66.44
CA MET A 4769 52.16 -28.81 -65.32
C MET A 4769 51.59 -28.38 -63.97
N SER A 4770 50.85 -27.28 -63.91
CA SER A 4770 50.29 -26.77 -62.66
C SER A 4770 48.87 -27.33 -62.45
N ILE A 4771 48.79 -28.64 -62.31
CA ILE A 4771 47.54 -29.35 -62.09
C ILE A 4771 47.68 -30.19 -60.83
N ASP A 4772 46.73 -30.05 -59.91
CA ASP A 4772 46.73 -30.83 -58.68
C ASP A 4772 46.04 -32.16 -58.96
N VAL A 4773 46.85 -33.20 -59.19
CA VAL A 4773 46.30 -34.49 -59.61
C VAL A 4773 45.40 -35.07 -58.54
N LYS A 4774 45.84 -35.03 -57.27
CA LYS A 4774 45.03 -35.58 -56.18
C LYS A 4774 43.72 -34.82 -56.03
N TYR A 4775 43.77 -33.49 -56.08
CA TYR A 4775 42.55 -32.70 -55.98
C TYR A 4775 41.63 -32.96 -57.16
N GLN A 4776 42.19 -33.11 -58.37
CA GLN A 4776 41.36 -33.40 -59.53
C GLN A 4776 40.69 -34.77 -59.40
N ILE A 4777 41.42 -35.76 -58.89
CA ILE A 4777 40.82 -37.08 -58.68
C ILE A 4777 39.68 -37.01 -57.67
N TRP A 4778 39.90 -36.30 -56.56
CA TRP A 4778 38.85 -36.16 -55.55
C TRP A 4778 37.64 -35.44 -56.12
N LYS A 4779 37.88 -34.36 -56.88
CA LYS A 4779 36.78 -33.61 -57.47
C LYS A 4779 36.02 -34.46 -58.47
N PHE A 4780 36.73 -35.25 -59.29
CA PHE A 4780 36.06 -36.12 -60.25
C PHE A 4780 35.24 -37.19 -59.55
N GLY A 4781 35.74 -37.74 -58.45
CA GLY A 4781 34.96 -38.69 -57.69
C GLY A 4781 33.69 -38.08 -57.12
N VAL A 4782 33.81 -36.88 -56.56
CA VAL A 4782 32.64 -36.19 -56.01
C VAL A 4782 31.63 -35.89 -57.12
N ILE A 4783 32.11 -35.45 -58.29
CA ILE A 4783 31.22 -35.13 -59.40
C ILE A 4783 30.51 -36.39 -59.88
N PHE A 4784 31.26 -37.49 -60.04
CA PHE A 4784 30.68 -38.73 -60.51
C PHE A 4784 29.70 -39.34 -59.51
N THR A 4785 29.87 -39.05 -58.22
CA THR A 4785 28.91 -39.52 -57.23
C THR A 4785 27.58 -38.76 -57.30
N ASP A 4786 27.56 -37.59 -57.92
CA ASP A 4786 26.34 -36.79 -57.99
C ASP A 4786 25.29 -37.48 -58.86
N ASN A 4787 24.04 -37.38 -58.42
CA ASN A 4787 22.95 -38.05 -59.14
C ASN A 4787 22.64 -37.35 -60.47
N SER A 4788 22.57 -36.02 -60.46
CA SER A 4788 22.23 -35.29 -61.68
C SER A 4788 23.29 -35.48 -62.76
N PHE A 4789 24.56 -35.47 -62.37
CA PHE A 4789 25.63 -35.68 -63.35
C PHE A 4789 25.56 -37.08 -63.93
N LEU A 4790 25.26 -38.08 -63.10
CA LEU A 4790 25.10 -39.44 -63.60
C LEU A 4790 23.93 -39.53 -64.57
N TYR A 4791 22.81 -38.88 -64.24
CA TYR A 4791 21.66 -38.89 -65.13
C TYR A 4791 21.98 -38.24 -66.48
N LEU A 4792 22.68 -37.10 -66.45
CA LEU A 4792 23.05 -36.45 -67.70
C LEU A 4792 24.06 -37.26 -68.49
N GLY A 4793 25.01 -37.92 -67.82
CA GLY A 4793 25.93 -38.79 -68.50
C GLY A 4793 25.24 -39.96 -69.17
N TRP A 4794 24.28 -40.57 -68.48
CA TRP A 4794 23.49 -41.64 -69.09
C TRP A 4794 22.69 -41.12 -70.28
N TYR A 4795 22.12 -39.92 -70.16
CA TYR A 4795 21.40 -39.31 -71.27
C TYR A 4795 22.29 -39.16 -72.49
N MET A 4796 23.49 -38.61 -72.29
CA MET A 4796 24.41 -38.43 -73.42
C MET A 4796 24.89 -39.76 -73.97
N VAL A 4797 25.13 -40.75 -73.10
CA VAL A 4797 25.59 -42.06 -73.56
C VAL A 4797 24.54 -42.72 -74.43
N MET A 4798 23.27 -42.66 -74.01
CA MET A 4798 22.23 -43.28 -74.81
C MET A 4798 21.92 -42.47 -76.06
N SER A 4799 22.13 -41.15 -76.01
CA SER A 4799 22.03 -40.35 -77.23
C SER A 4799 23.08 -40.78 -78.25
N LEU A 4800 24.30 -41.04 -77.79
CA LEU A 4800 25.33 -41.56 -78.68
C LEU A 4800 24.96 -42.94 -79.20
N LEU A 4801 24.44 -43.80 -78.32
CA LEU A 4801 24.04 -45.15 -78.72
C LEU A 4801 22.88 -45.15 -79.71
N GLY A 4802 22.05 -44.10 -79.70
CA GLY A 4802 20.95 -44.02 -80.64
C GLY A 4802 21.37 -43.93 -82.09
N HIS A 4803 22.64 -43.57 -82.35
CA HIS A 4803 23.14 -43.60 -83.71
C HIS A 4803 23.42 -45.02 -84.18
N TYR A 4804 23.85 -45.90 -83.27
CA TYR A 4804 24.02 -47.30 -83.62
C TYR A 4804 22.70 -47.94 -84.02
N ASN A 4805 21.64 -47.66 -83.26
CA ASN A 4805 20.29 -48.12 -83.58
C ASN A 4805 19.32 -46.99 -83.25
N ASN A 4806 18.51 -46.61 -84.23
CA ASN A 4806 17.64 -45.45 -84.08
C ASN A 4806 16.59 -45.62 -82.99
N PHE A 4807 16.31 -46.86 -82.58
CA PHE A 4807 15.28 -47.11 -81.58
C PHE A 4807 15.73 -46.82 -80.16
N PHE A 4808 17.01 -46.52 -79.94
CA PHE A 4808 17.51 -46.19 -78.61
C PHE A 4808 17.14 -44.79 -78.17
N PHE A 4809 16.56 -43.98 -79.06
CA PHE A 4809 16.08 -42.65 -78.68
C PHE A 4809 14.75 -42.69 -77.97
N ALA A 4810 14.15 -43.88 -77.81
CA ALA A 4810 12.85 -43.98 -77.16
C ALA A 4810 12.93 -43.78 -75.66
N ALA A 4811 14.05 -44.13 -75.03
CA ALA A 4811 14.17 -43.97 -73.58
C ALA A 4811 14.23 -42.51 -73.18
N HIS A 4812 14.77 -41.65 -74.04
CA HIS A 4812 14.77 -40.22 -73.75
C HIS A 4812 13.37 -39.63 -73.74
N LEU A 4813 12.40 -40.32 -74.35
CA LEU A 4813 11.02 -39.88 -74.26
C LEU A 4813 10.51 -39.95 -72.84
N LEU A 4814 10.88 -41.00 -72.11
CA LEU A 4814 10.40 -41.23 -70.75
C LEU A 4814 11.29 -40.56 -69.71
N ASP A 4815 12.61 -40.70 -69.84
CA ASP A 4815 13.52 -40.28 -68.78
C ASP A 4815 13.51 -38.78 -68.54
N ILE A 4816 13.16 -37.98 -69.54
CA ILE A 4816 13.14 -36.53 -69.38
C ILE A 4816 11.73 -35.99 -69.15
N ALA A 4817 10.68 -36.77 -69.45
CA ALA A 4817 9.32 -36.35 -69.13
C ALA A 4817 9.08 -36.30 -67.63
N MET A 4818 9.90 -36.99 -66.84
CA MET A 4818 9.78 -36.96 -65.39
C MET A 4818 10.37 -35.71 -64.76
N GLY A 4819 11.12 -34.91 -65.52
CA GLY A 4819 11.63 -33.66 -64.99
C GLY A 4819 10.54 -32.67 -64.62
N VAL A 4820 9.32 -32.89 -65.10
CA VAL A 4820 8.19 -32.07 -64.70
C VAL A 4820 7.82 -32.36 -63.24
N LYS A 4821 7.08 -31.43 -62.64
CA LYS A 4821 6.78 -31.51 -61.21
C LYS A 4821 5.82 -32.65 -60.90
N THR A 4822 4.73 -32.75 -61.67
CA THR A 4822 3.66 -33.69 -61.31
C THR A 4822 4.12 -35.14 -61.43
N LEU A 4823 4.81 -35.48 -62.51
CA LEU A 4823 5.21 -36.87 -62.74
C LEU A 4823 6.48 -37.25 -62.00
N ARG A 4824 7.13 -36.31 -61.32
CA ARG A 4824 8.38 -36.64 -60.61
C ARG A 4824 8.12 -37.50 -59.39
N THR A 4825 6.98 -37.30 -58.72
CA THR A 4825 6.67 -38.07 -57.52
C THR A 4825 6.12 -39.46 -57.84
N ILE A 4826 5.67 -39.70 -59.07
CA ILE A 4826 5.15 -41.02 -59.44
C ILE A 4826 6.24 -42.08 -59.31
N LEU A 4827 7.44 -41.77 -59.82
CA LEU A 4827 8.55 -42.72 -59.68
C LEU A 4827 9.05 -42.76 -58.24
N SER A 4828 9.04 -41.61 -57.55
CA SER A 4828 9.50 -41.57 -56.17
C SER A 4828 8.61 -42.41 -55.26
N SER A 4829 7.34 -42.59 -55.63
CA SER A 4829 6.45 -43.43 -54.83
C SER A 4829 6.92 -44.88 -54.83
N VAL A 4830 7.47 -45.35 -55.95
CA VAL A 4830 7.91 -46.74 -56.04
C VAL A 4830 9.03 -47.02 -55.04
N THR A 4831 10.01 -46.13 -54.97
CA THR A 4831 11.14 -46.30 -54.06
C THR A 4831 10.87 -45.76 -52.67
N HIS A 4832 9.74 -45.07 -52.46
CA HIS A 4832 9.40 -44.59 -51.13
C HIS A 4832 9.18 -45.75 -50.17
N ASN A 4833 8.32 -46.69 -50.55
CA ASN A 4833 8.15 -47.93 -49.80
C ASN A 4833 9.05 -49.04 -50.37
N GLY A 4834 10.34 -48.73 -50.51
CA GLY A 4834 11.26 -49.68 -51.10
C GLY A 4834 11.49 -50.90 -50.22
N LYS A 4835 11.62 -50.68 -48.91
CA LYS A 4835 11.85 -51.79 -47.99
C LYS A 4835 10.61 -52.64 -47.77
N GLN A 4836 9.45 -52.20 -48.26
CA GLN A 4836 8.21 -52.95 -48.13
C GLN A 4836 7.75 -53.60 -49.42
N LEU A 4837 7.99 -52.97 -50.57
CA LEU A 4837 7.57 -53.56 -51.85
C LEU A 4837 8.26 -54.88 -52.10
N VAL A 4838 9.59 -54.90 -51.99
CA VAL A 4838 10.35 -56.12 -52.27
C VAL A 4838 9.94 -57.23 -51.32
N MET A 4839 9.72 -56.89 -50.05
CA MET A 4839 9.37 -57.89 -49.06
C MET A 4839 7.96 -58.43 -49.26
N THR A 4840 7.01 -57.58 -49.65
CA THR A 4840 5.67 -58.06 -49.99
C THR A 4840 5.71 -58.96 -51.20
N VAL A 4841 6.50 -58.60 -52.22
CA VAL A 4841 6.63 -59.45 -53.40
C VAL A 4841 7.26 -60.78 -53.03
N GLY A 4842 8.24 -60.77 -52.11
CA GLY A 4842 8.82 -62.01 -51.65
C GLY A 4842 7.83 -62.88 -50.90
N LEU A 4843 6.97 -62.27 -50.08
CA LEU A 4843 5.92 -63.02 -49.40
C LEU A 4843 4.95 -63.63 -50.40
N LEU A 4844 4.59 -62.87 -51.44
CA LEU A 4844 3.73 -63.41 -52.49
C LEU A 4844 4.40 -64.58 -53.19
N ALA A 4845 5.69 -64.46 -53.49
CA ALA A 4845 6.42 -65.55 -54.14
C ALA A 4845 6.47 -66.79 -53.25
N VAL A 4846 6.67 -66.61 -51.95
CA VAL A 4846 6.69 -67.75 -51.02
C VAL A 4846 5.33 -68.43 -50.98
N VAL A 4847 4.25 -67.63 -50.93
CA VAL A 4847 2.91 -68.21 -50.92
C VAL A 4847 2.65 -68.99 -52.20
N VAL A 4848 3.03 -68.42 -53.35
CA VAL A 4848 2.84 -69.11 -54.61
C VAL A 4848 3.67 -70.39 -54.66
N TYR A 4849 4.87 -70.36 -54.05
CA TYR A 4849 5.70 -71.55 -53.99
C TYR A 4849 5.04 -72.65 -53.16
N LEU A 4850 4.43 -72.27 -52.03
CA LEU A 4850 3.73 -73.26 -51.23
C LEU A 4850 2.56 -73.88 -51.99
N TYR A 4851 1.78 -73.04 -52.68
CA TYR A 4851 0.71 -73.58 -53.51
C TYR A 4851 1.24 -74.46 -54.63
N THR A 4852 2.40 -74.10 -55.19
CA THR A 4852 3.04 -74.93 -56.22
C THR A 4852 3.42 -76.29 -55.67
N VAL A 4853 3.99 -76.33 -54.47
CA VAL A 4853 4.35 -77.61 -53.86
C VAL A 4853 3.09 -78.45 -53.64
N VAL A 4854 2.03 -77.85 -53.10
CA VAL A 4854 0.81 -78.60 -52.85
C VAL A 4854 0.23 -79.14 -54.14
N ALA A 4855 0.21 -78.32 -55.20
CA ALA A 4855 -0.32 -78.78 -56.49
C ALA A 4855 0.54 -79.89 -57.08
N PHE A 4856 1.87 -79.76 -56.97
CA PHE A 4856 2.77 -80.76 -57.53
C PHE A 4856 2.60 -82.10 -56.83
N ASN A 4857 2.41 -82.09 -55.51
CA ASN A 4857 2.30 -83.35 -54.79
C ASN A 4857 0.99 -84.07 -55.09
N PHE A 4858 -0.12 -83.35 -55.22
CA PHE A 4858 -1.44 -83.98 -55.25
C PHE A 4858 -2.21 -83.75 -56.54
N PHE A 4859 -2.28 -82.50 -57.02
CA PHE A 4859 -3.17 -82.14 -58.12
C PHE A 4859 -2.45 -82.11 -59.47
N ARG A 4860 -1.50 -83.01 -59.69
CA ARG A 4860 -0.73 -83.00 -60.92
C ARG A 4860 -1.60 -83.33 -62.13
N LYS A 4861 -2.57 -84.23 -61.96
CA LYS A 4861 -3.35 -84.73 -63.10
C LYS A 4861 -4.20 -83.64 -63.75
N PHE A 4862 -4.46 -82.54 -63.06
CA PHE A 4862 -5.35 -81.51 -63.58
C PHE A 4862 -4.65 -80.55 -64.54
N TYR A 4863 -3.33 -80.41 -64.45
CA TYR A 4863 -2.61 -79.38 -65.21
C TYR A 4863 -2.32 -79.90 -66.61
N ASN A 4864 -3.34 -79.88 -67.46
CA ASN A 4864 -3.23 -80.26 -68.85
C ASN A 4864 -3.71 -79.10 -69.72
N LYS A 4865 -2.92 -78.72 -70.72
CA LYS A 4865 -3.18 -77.53 -71.51
C LYS A 4865 -3.11 -77.81 -73.01
N SER A 4866 -3.51 -79.01 -73.44
CA SER A 4866 -3.50 -79.33 -74.86
C SER A 4866 -4.40 -80.53 -75.10
N GLU A 4867 -5.11 -80.49 -76.25
CA GLU A 4867 -5.93 -81.61 -76.71
C GLU A 4867 -5.74 -81.75 -78.23
N ASP A 4868 -4.74 -82.56 -78.61
CA ASP A 4868 -4.44 -82.78 -80.02
C ASP A 4868 -3.98 -84.21 -80.30
N GLU A 4869 -4.30 -85.15 -79.42
CA GLU A 4869 -3.78 -86.53 -79.38
C GLU A 4869 -2.31 -86.56 -78.99
N ASP A 4870 -1.66 -85.40 -78.85
CA ASP A 4870 -0.38 -85.26 -78.18
C ASP A 4870 -0.61 -84.62 -76.80
N GLU A 4871 -1.70 -85.05 -76.15
CA GLU A 4871 -2.36 -84.46 -74.99
C GLU A 4871 -1.46 -83.91 -73.89
N PRO A 4872 -0.55 -84.72 -73.29
CA PRO A 4872 -0.10 -84.42 -71.91
C PRO A 4872 0.20 -82.97 -71.61
N ASP A 4873 1.20 -82.38 -72.28
CA ASP A 4873 1.57 -80.98 -72.08
C ASP A 4873 1.55 -80.59 -70.61
N MET A 4874 2.10 -81.46 -69.75
CA MET A 4874 2.00 -81.27 -68.31
C MET A 4874 2.69 -79.97 -67.88
N LYS A 4875 1.89 -79.01 -67.42
CA LYS A 4875 2.46 -77.79 -66.84
C LYS A 4875 3.15 -78.09 -65.52
N CYS A 4876 2.59 -78.99 -64.72
CA CYS A 4876 3.18 -79.38 -63.44
C CYS A 4876 3.62 -80.84 -63.54
N ASP A 4877 4.82 -81.05 -64.08
CA ASP A 4877 5.56 -82.30 -63.96
C ASP A 4877 6.99 -82.02 -63.53
N ASP A 4878 7.33 -80.76 -63.29
CA ASP A 4878 8.62 -80.32 -62.81
C ASP A 4878 8.37 -79.14 -61.89
N MET A 4879 9.13 -79.07 -60.80
CA MET A 4879 8.88 -78.02 -59.81
C MET A 4879 9.14 -76.64 -60.40
N MET A 4880 10.19 -76.51 -61.23
CA MET A 4880 10.43 -75.24 -61.90
C MET A 4880 9.28 -74.89 -62.85
N THR A 4881 8.82 -75.85 -63.64
CA THR A 4881 7.73 -75.58 -64.57
C THR A 4881 6.44 -75.27 -63.84
N CYS A 4882 6.14 -76.00 -62.77
CA CYS A 4882 4.93 -75.74 -62.00
C CYS A 4882 5.00 -74.35 -61.35
N TYR A 4883 6.15 -73.99 -60.79
CA TYR A 4883 6.31 -72.68 -60.18
C TYR A 4883 6.18 -71.57 -61.21
N LEU A 4884 6.75 -71.77 -62.40
CA LEU A 4884 6.65 -70.76 -63.45
C LEU A 4884 5.21 -70.63 -63.94
N PHE A 4885 4.49 -71.75 -64.03
CA PHE A 4885 3.09 -71.69 -64.43
C PHE A 4885 2.25 -70.94 -63.39
N HIS A 4886 2.50 -71.20 -62.10
CA HIS A 4886 1.73 -70.53 -61.06
C HIS A 4886 2.05 -69.05 -60.97
N MET A 4887 3.33 -68.68 -61.11
CA MET A 4887 3.71 -67.27 -61.01
C MET A 4887 3.33 -66.49 -62.26
N TYR A 4888 3.51 -67.08 -63.45
CA TYR A 4888 3.24 -66.36 -64.69
C TYR A 4888 1.75 -66.12 -64.85
N VAL A 4889 0.96 -67.18 -64.96
CA VAL A 4889 -0.49 -67.00 -64.94
C VAL A 4889 -1.05 -67.78 -63.75
N GLY A 4890 -1.05 -67.14 -62.59
CA GLY A 4890 -1.87 -67.53 -61.46
C GLY A 4890 -2.32 -66.28 -60.74
N VAL A 4891 -1.78 -65.14 -61.17
CA VAL A 4891 -2.03 -63.86 -60.51
C VAL A 4891 -2.54 -62.87 -61.55
N ARG A 4892 -2.21 -63.10 -62.82
CA ARG A 4892 -2.79 -62.30 -63.89
C ARG A 4892 -4.22 -62.69 -64.18
N ALA A 4893 -4.62 -63.91 -63.82
CA ALA A 4893 -6.01 -64.32 -63.94
C ALA A 4893 -6.85 -63.64 -62.86
N GLY A 4894 -8.10 -63.31 -63.22
CA GLY A 4894 -8.97 -62.62 -62.30
C GLY A 4894 -9.48 -63.48 -61.16
N GLY A 4895 -9.46 -64.80 -61.32
CA GLY A 4895 -9.96 -65.69 -60.29
C GLY A 4895 -8.94 -66.68 -59.79
N GLY A 4896 -7.67 -66.30 -59.79
CA GLY A 4896 -6.62 -67.18 -59.31
C GLY A 4896 -6.27 -68.27 -60.30
N ILE A 4897 -5.71 -69.36 -59.76
CA ILE A 4897 -5.27 -70.47 -60.59
C ILE A 4897 -6.43 -71.35 -61.05
N GLY A 4898 -7.59 -71.26 -60.40
CA GLY A 4898 -8.70 -72.13 -60.74
C GLY A 4898 -9.30 -71.87 -62.11
N ASP A 4899 -9.11 -70.67 -62.66
CA ASP A 4899 -9.68 -70.36 -63.96
C ASP A 4899 -8.98 -71.13 -65.09
N GLU A 4900 -7.68 -71.33 -64.97
CA GLU A 4900 -6.91 -71.94 -66.06
C GLU A 4900 -6.96 -73.46 -66.04
N ILE A 4901 -6.99 -74.07 -64.85
CA ILE A 4901 -6.99 -75.53 -64.76
C ILE A 4901 -8.39 -76.07 -65.03
N GLU A 4902 -8.47 -77.37 -65.29
CA GLU A 4902 -9.74 -78.00 -65.64
C GLU A 4902 -10.60 -78.18 -64.39
N ASP A 4903 -11.89 -78.45 -64.63
CA ASP A 4903 -12.85 -78.54 -63.55
C ASP A 4903 -12.64 -79.81 -62.74
N PRO A 4904 -12.77 -79.75 -61.42
CA PRO A 4904 -12.65 -80.95 -60.57
C PRO A 4904 -13.96 -81.68 -60.29
N ALA A 4905 -15.03 -81.37 -61.03
CA ALA A 4905 -16.35 -81.92 -60.73
C ALA A 4905 -16.33 -83.45 -60.80
N GLY A 4906 -16.57 -84.08 -59.66
CA GLY A 4906 -16.60 -85.53 -59.57
C GLY A 4906 -15.29 -86.20 -59.89
N ASP A 4907 -14.25 -85.91 -59.10
CA ASP A 4907 -12.93 -86.48 -59.34
C ASP A 4907 -12.26 -86.91 -58.03
N GLU A 4908 -13.06 -87.23 -57.02
CA GLU A 4908 -12.61 -87.76 -55.72
C GLU A 4908 -11.74 -86.76 -54.97
N TYR A 4909 -11.50 -85.59 -55.58
CA TYR A 4909 -10.76 -84.51 -54.93
C TYR A 4909 -11.47 -83.18 -55.11
N GLU A 4910 -12.78 -83.20 -55.32
CA GLU A 4910 -13.50 -81.98 -55.66
C GLU A 4910 -13.44 -80.95 -54.53
N LEU A 4911 -13.68 -81.39 -53.30
CA LEU A 4911 -13.66 -80.45 -52.18
C LEU A 4911 -12.26 -79.92 -51.90
N TYR A 4912 -11.25 -80.79 -51.97
CA TYR A 4912 -9.88 -80.34 -51.73
C TYR A 4912 -9.45 -79.31 -52.77
N ARG A 4913 -9.73 -79.57 -54.05
CA ARG A 4913 -9.35 -78.61 -55.09
C ARG A 4913 -10.20 -77.35 -55.04
N VAL A 4914 -11.46 -77.46 -54.62
CA VAL A 4914 -12.29 -76.27 -54.45
C VAL A 4914 -11.71 -75.37 -53.37
N VAL A 4915 -11.33 -75.98 -52.24
CA VAL A 4915 -10.68 -75.22 -51.16
C VAL A 4915 -9.37 -74.62 -51.67
N PHE A 4916 -8.59 -75.40 -52.42
CA PHE A 4916 -7.33 -74.92 -52.98
C PHE A 4916 -7.55 -73.67 -53.83
N ASP A 4917 -8.49 -73.73 -54.78
CA ASP A 4917 -8.73 -72.58 -55.66
C ASP A 4917 -9.27 -71.39 -54.88
N ILE A 4918 -10.23 -71.62 -53.98
CA ILE A 4918 -10.83 -70.50 -53.25
C ILE A 4918 -9.81 -69.81 -52.37
N THR A 4919 -8.99 -70.58 -51.66
CA THR A 4919 -7.98 -69.98 -50.80
C THR A 4919 -6.86 -69.33 -51.60
N PHE A 4920 -6.48 -69.89 -52.76
CA PHE A 4920 -5.53 -69.20 -53.62
C PHE A 4920 -6.08 -67.84 -54.03
N PHE A 4921 -7.31 -67.81 -54.55
CA PHE A 4921 -7.91 -66.56 -54.97
C PHE A 4921 -7.95 -65.55 -53.82
N PHE A 4922 -8.50 -65.95 -52.67
CA PHE A 4922 -8.66 -65.02 -51.56
C PHE A 4922 -7.31 -64.53 -51.03
N PHE A 4923 -6.35 -65.44 -50.88
CA PHE A 4923 -5.09 -65.06 -50.24
C PHE A 4923 -4.19 -64.27 -51.16
N VAL A 4924 -4.24 -64.50 -52.48
CA VAL A 4924 -3.40 -63.77 -53.41
C VAL A 4924 -4.11 -62.57 -54.01
N ILE A 4925 -5.16 -62.82 -54.80
CA ILE A 4925 -5.67 -61.81 -55.71
C ILE A 4925 -6.27 -60.64 -54.94
N VAL A 4926 -7.07 -60.93 -53.92
CA VAL A 4926 -7.81 -59.90 -53.20
C VAL A 4926 -7.12 -59.46 -51.92
N ILE A 4927 -5.92 -59.98 -51.63
CA ILE A 4927 -5.22 -59.57 -50.42
C ILE A 4927 -3.85 -58.99 -50.76
N LEU A 4928 -2.98 -59.78 -51.39
CA LEU A 4928 -1.60 -59.34 -51.57
C LEU A 4928 -1.49 -58.27 -52.66
N LEU A 4929 -2.22 -58.45 -53.76
CA LEU A 4929 -2.25 -57.43 -54.79
C LEU A 4929 -2.84 -56.13 -54.26
N ALA A 4930 -3.91 -56.24 -53.46
CA ALA A 4930 -4.50 -55.07 -52.84
C ALA A 4930 -3.51 -54.39 -51.88
N ILE A 4931 -2.73 -55.17 -51.15
CA ILE A 4931 -1.74 -54.60 -50.24
C ILE A 4931 -0.68 -53.84 -51.02
N ILE A 4932 -0.20 -54.42 -52.13
CA ILE A 4932 0.79 -53.73 -52.95
C ILE A 4932 0.22 -52.43 -53.53
N GLN A 4933 -1.01 -52.51 -54.05
CA GLN A 4933 -1.65 -51.32 -54.61
C GLN A 4933 -1.82 -50.24 -53.54
N GLY A 4934 -2.27 -50.63 -52.36
CA GLY A 4934 -2.41 -49.68 -51.27
C GLY A 4934 -1.09 -49.06 -50.85
N LEU A 4935 -0.02 -49.86 -50.81
CA LEU A 4935 1.29 -49.32 -50.50
C LEU A 4935 1.68 -48.23 -51.50
N ILE A 4936 1.57 -48.52 -52.80
CA ILE A 4936 1.97 -47.54 -53.81
C ILE A 4936 1.12 -46.28 -53.72
N ILE A 4937 -0.21 -46.45 -53.65
CA ILE A 4937 -1.10 -45.29 -53.70
C ILE A 4937 -0.96 -44.46 -52.43
N ASP A 4938 -0.78 -45.12 -51.27
CA ASP A 4938 -0.61 -44.38 -50.03
C ASP A 4938 0.71 -43.64 -49.99
N ALA A 4939 1.77 -44.25 -50.53
CA ALA A 4939 3.05 -43.53 -50.62
C ALA A 4939 2.92 -42.30 -51.50
N PHE A 4940 2.25 -42.44 -52.64
CA PHE A 4940 2.04 -41.30 -53.53
C PHE A 4940 1.20 -40.22 -52.85
N GLY A 4941 0.14 -40.62 -52.14
CA GLY A 4941 -0.70 -39.65 -51.46
C GLY A 4941 0.03 -38.91 -50.35
N GLU A 4942 0.83 -39.62 -49.56
CA GLU A 4942 1.57 -38.96 -48.49
C GLU A 4942 2.68 -38.07 -49.06
N LEU A 4943 3.29 -38.47 -50.18
CA LEU A 4943 4.25 -37.59 -50.84
C LEU A 4943 3.59 -36.31 -51.32
N ARG A 4944 2.37 -36.39 -51.86
CA ARG A 4944 1.64 -35.19 -52.24
C ARG A 4944 1.18 -34.37 -51.05
N ASP A 4945 0.86 -35.00 -49.93
CA ASP A 4945 0.40 -34.28 -48.74
C ASP A 4945 1.53 -33.59 -47.99
N GLN A 4946 2.74 -34.15 -48.03
CA GLN A 4946 3.87 -33.48 -47.40
C GLN A 4946 4.23 -32.19 -48.12
N GLN A 4947 3.95 -32.11 -49.41
CA GLN A 4947 4.19 -30.87 -50.16
C GLN A 4947 3.18 -29.78 -49.82
N GLU A 4948 2.07 -30.12 -49.17
CA GLU A 4948 1.10 -29.14 -48.73
C GLU A 4948 1.19 -28.84 -47.24
N GLN A 4949 1.66 -29.78 -46.43
CA GLN A 4949 1.82 -29.52 -45.01
C GLN A 4949 2.85 -28.42 -44.77
N VAL A 4950 3.97 -28.45 -45.52
CA VAL A 4950 4.98 -27.41 -45.38
C VAL A 4950 4.50 -26.07 -45.92
N LYS A 4951 3.58 -26.09 -46.90
CA LYS A 4951 3.00 -24.87 -47.43
C LYS A 4951 1.95 -24.26 -46.52
N GLU A 4952 1.31 -25.08 -45.67
CA GLU A 4952 0.33 -24.57 -44.73
C GLU A 4952 0.84 -24.42 -43.31
N ASP A 4953 2.08 -24.84 -43.00
CA ASP A 4953 2.59 -24.69 -41.65
C ASP A 4953 2.98 -23.26 -41.31
N MET A 4954 3.52 -22.50 -42.28
CA MET A 4954 3.89 -21.12 -42.00
C MET A 4954 2.69 -20.25 -41.64
N GLU A 4955 1.54 -20.52 -42.25
CA GLU A 4955 0.38 -19.64 -42.05
C GLU A 4955 -0.14 -19.65 -40.63
N THR A 4956 0.49 -20.40 -39.72
CA THR A 4956 0.15 -20.34 -38.30
C THR A 4956 1.36 -20.34 -37.38
N LYS A 4957 2.58 -20.29 -37.91
CA LYS A 4957 3.79 -20.33 -37.09
C LYS A 4957 4.84 -19.39 -37.67
N CYS A 4958 5.72 -18.92 -36.79
CA CYS A 4958 6.80 -18.03 -37.19
C CYS A 4958 8.09 -18.83 -37.39
N PHE A 4959 8.74 -18.61 -38.52
CA PHE A 4959 9.93 -19.37 -38.90
C PHE A 4959 11.13 -19.11 -38.00
N ILE A 4960 11.11 -18.04 -37.21
CA ILE A 4960 12.30 -17.64 -36.46
C ILE A 4960 12.04 -17.65 -34.96
N CYS A 4961 11.05 -16.89 -34.51
CA CYS A 4961 10.82 -16.71 -33.09
C CYS A 4961 9.81 -17.70 -32.51
N GLY A 4962 9.27 -18.61 -33.32
CA GLY A 4962 8.34 -19.59 -32.80
C GLY A 4962 6.89 -19.31 -33.09
N ILE A 4963 6.17 -18.79 -32.10
CA ILE A 4963 4.73 -18.55 -32.24
C ILE A 4963 4.48 -17.58 -33.39
N GLY A 4964 3.55 -17.95 -34.26
CA GLY A 4964 3.30 -17.15 -35.45
C GLY A 4964 2.03 -16.32 -35.48
N SER A 4965 0.89 -16.89 -35.07
CA SER A 4965 -0.38 -16.24 -35.31
C SER A 4965 -1.37 -16.28 -34.15
N ASP A 4966 -1.01 -16.86 -33.01
CA ASP A 4966 -1.90 -16.84 -31.85
C ASP A 4966 -1.67 -15.63 -30.96
N TYR A 4967 -0.69 -14.79 -31.29
CA TYR A 4967 -0.40 -13.59 -30.51
C TYR A 4967 -0.20 -12.34 -31.35
N PHE A 4968 0.03 -12.47 -32.66
CA PHE A 4968 0.33 -11.32 -33.51
C PHE A 4968 -0.77 -10.99 -34.51
N ASP A 4969 -1.77 -11.86 -34.67
CA ASP A 4969 -2.86 -11.62 -35.59
C ASP A 4969 -4.02 -10.89 -34.94
N THR A 4970 -3.86 -10.44 -33.70
CA THR A 4970 -4.91 -9.69 -33.01
C THR A 4970 -5.16 -8.32 -33.63
N THR A 4971 -4.29 -7.86 -34.53
CA THR A 4971 -4.48 -6.62 -35.25
C THR A 4971 -4.60 -6.91 -36.74
N PRO A 4972 -5.32 -6.08 -37.50
CA PRO A 4972 -5.41 -6.31 -38.95
C PRO A 4972 -4.04 -6.34 -39.59
N HIS A 4973 -3.85 -7.30 -40.49
CA HIS A 4973 -2.57 -7.55 -41.15
C HIS A 4973 -1.44 -7.78 -40.14
N GLY A 4974 -1.80 -8.26 -38.95
CA GLY A 4974 -0.81 -8.41 -37.89
C GLY A 4974 0.26 -9.43 -38.23
N PHE A 4975 -0.15 -10.61 -38.72
CA PHE A 4975 0.83 -11.61 -39.14
C PHE A 4975 1.67 -11.10 -40.30
N GLU A 4976 1.04 -10.41 -41.25
CA GLU A 4976 1.78 -9.85 -42.37
C GLU A 4976 2.80 -8.83 -41.91
N THR A 4977 2.42 -7.98 -40.94
CA THR A 4977 3.39 -7.02 -40.41
C THR A 4977 4.53 -7.72 -39.68
N HIS A 4978 4.21 -8.69 -38.82
CA HIS A 4978 5.25 -9.40 -38.10
C HIS A 4978 6.19 -10.16 -39.02
N THR A 4979 5.71 -10.58 -40.19
CA THR A 4979 6.55 -11.27 -41.16
C THR A 4979 7.38 -10.30 -42.00
N LEU A 4980 6.77 -9.19 -42.45
CA LEU A 4980 7.41 -8.30 -43.41
C LEU A 4980 8.24 -7.20 -42.77
N GLU A 4981 8.11 -6.96 -41.46
CA GLU A 4981 8.84 -5.88 -40.80
C GLU A 4981 9.85 -6.39 -39.79
N GLU A 4982 9.41 -7.20 -38.82
CA GLU A 4982 10.28 -7.61 -37.72
C GLU A 4982 11.08 -8.87 -38.04
N HIS A 4983 10.40 -9.96 -38.34
CA HIS A 4983 11.02 -11.26 -38.54
C HIS A 4983 10.84 -11.69 -40.00
N ASN A 4984 11.83 -11.38 -40.82
CA ASN A 4984 11.85 -11.77 -42.23
C ASN A 4984 13.16 -12.49 -42.51
N LEU A 4985 13.07 -13.74 -42.97
CA LEU A 4985 14.27 -14.54 -43.22
C LEU A 4985 15.13 -13.94 -44.33
N ALA A 4986 14.50 -13.39 -45.37
CA ALA A 4986 15.26 -12.71 -46.41
C ALA A 4986 16.01 -11.52 -45.84
N ASN A 4987 15.40 -10.81 -44.89
CA ASN A 4987 16.07 -9.69 -44.26
C ASN A 4987 17.28 -10.15 -43.44
N TYR A 4988 17.16 -11.30 -42.78
CA TYR A 4988 18.32 -11.86 -42.06
C TYR A 4988 19.43 -12.23 -43.03
N MET A 4989 19.07 -12.82 -44.18
CA MET A 4989 20.07 -13.13 -45.19
C MET A 4989 20.76 -11.85 -45.69
N PHE A 4990 19.97 -10.79 -45.91
CA PHE A 4990 20.54 -9.52 -46.31
C PHE A 4990 21.47 -8.95 -45.25
N PHE A 4991 21.10 -9.11 -43.97
CA PHE A 4991 21.98 -8.67 -42.89
C PHE A 4991 23.30 -9.43 -42.91
N LEU A 4992 23.24 -10.74 -43.16
CA LEU A 4992 24.47 -11.53 -43.24
C LEU A 4992 25.35 -11.05 -44.39
N MET A 4993 24.76 -10.79 -45.57
CA MET A 4993 25.53 -10.26 -46.67
C MET A 4993 26.11 -8.88 -46.35
N TYR A 4994 25.34 -8.04 -45.67
CA TYR A 4994 25.81 -6.71 -45.29
C TYR A 4994 27.00 -6.80 -44.35
N LEU A 4995 26.93 -7.71 -43.36
CA LEU A 4995 28.05 -7.89 -42.45
C LEU A 4995 29.28 -8.42 -43.18
N ILE A 4996 29.08 -9.35 -44.11
CA ILE A 4996 30.22 -9.89 -44.86
C ILE A 4996 30.88 -8.80 -45.70
N ASN A 4997 30.07 -7.96 -46.35
CA ASN A 4997 30.62 -6.92 -47.22
C ASN A 4997 31.23 -5.77 -46.43
N LYS A 4998 30.67 -5.45 -45.26
CA LYS A 4998 31.13 -4.30 -44.50
C LYS A 4998 32.52 -4.56 -43.91
N ASP A 4999 33.31 -3.49 -43.82
CA ASP A 4999 34.63 -3.58 -43.21
C ASP A 4999 34.50 -3.79 -41.71
N GLU A 5000 35.48 -4.49 -41.14
CA GLU A 5000 35.45 -4.79 -39.71
C GLU A 5000 35.61 -3.53 -38.87
N THR A 5001 36.33 -2.53 -39.38
CA THR A 5001 36.55 -1.29 -38.63
C THR A 5001 35.31 -0.39 -38.62
N GLU A 5002 34.35 -0.63 -39.49
CA GLU A 5002 33.13 0.17 -39.55
C GLU A 5002 31.95 -0.50 -38.86
N HIS A 5003 32.16 -1.67 -38.26
CA HIS A 5003 31.06 -2.39 -37.62
C HIS A 5003 30.55 -1.65 -36.40
N THR A 5004 29.22 -1.59 -36.27
CA THR A 5004 28.58 -1.04 -35.08
C THR A 5004 28.68 -2.08 -33.96
N GLY A 5005 28.32 -1.67 -32.74
CA GLY A 5005 28.40 -2.58 -31.61
C GLY A 5005 27.55 -3.82 -31.78
N GLN A 5006 26.29 -3.64 -32.19
CA GLN A 5006 25.42 -4.78 -32.46
C GLN A 5006 25.93 -5.60 -33.66
N GLU A 5007 26.41 -4.91 -34.71
CA GLU A 5007 26.96 -5.62 -35.86
C GLU A 5007 28.19 -6.43 -35.47
N SER A 5008 29.08 -5.85 -34.65
CA SER A 5008 30.25 -6.60 -34.19
C SER A 5008 29.85 -7.78 -33.32
N TYR A 5009 28.86 -7.60 -32.44
CA TYR A 5009 28.39 -8.70 -31.61
C TYR A 5009 27.84 -9.85 -32.46
N VAL A 5010 27.00 -9.52 -33.45
CA VAL A 5010 26.43 -10.55 -34.32
C VAL A 5010 27.51 -11.23 -35.13
N TRP A 5011 28.46 -10.45 -35.66
CA TRP A 5011 29.54 -11.02 -36.46
C TRP A 5011 30.42 -11.93 -35.63
N LYS A 5012 30.72 -11.54 -34.39
CA LYS A 5012 31.54 -12.37 -33.52
C LYS A 5012 30.82 -13.68 -33.19
N MET A 5013 29.51 -13.61 -32.93
CA MET A 5013 28.78 -14.84 -32.66
C MET A 5013 28.69 -15.72 -33.91
N TYR A 5014 28.60 -15.11 -35.09
CA TYR A 5014 28.55 -15.88 -36.33
C TYR A 5014 29.88 -16.57 -36.61
N GLN A 5015 30.99 -15.88 -36.34
CA GLN A 5015 32.30 -16.46 -36.63
C GLN A 5015 32.60 -17.67 -35.75
N GLU A 5016 32.08 -17.69 -34.53
CA GLU A 5016 32.25 -18.83 -33.64
C GLU A 5016 31.10 -19.82 -33.73
N ARG A 5017 30.16 -19.61 -34.65
CA ARG A 5017 29.03 -20.51 -34.89
C ARG A 5017 28.18 -20.69 -33.64
N CYS A 5018 27.71 -19.56 -33.09
CA CYS A 5018 26.77 -19.54 -31.99
C CYS A 5018 25.55 -18.76 -32.42
N TRP A 5019 24.37 -19.38 -32.34
CA TRP A 5019 23.14 -18.78 -32.83
C TRP A 5019 22.23 -18.32 -31.69
N ASP A 5020 22.80 -17.83 -30.59
CA ASP A 5020 22.00 -17.31 -29.50
C ASP A 5020 21.42 -15.94 -29.81
N PHE A 5021 21.94 -15.26 -30.83
CA PHE A 5021 21.42 -13.95 -31.19
C PHE A 5021 20.12 -14.03 -31.98
N PHE A 5022 19.77 -15.20 -32.51
CA PHE A 5022 18.48 -15.35 -33.16
C PHE A 5022 17.36 -15.25 -32.13
N PRO A 5023 16.23 -14.64 -32.47
CA PRO A 5023 15.16 -14.45 -31.48
C PRO A 5023 14.61 -15.79 -30.98
N ALA A 5024 14.56 -15.91 -29.66
CA ALA A 5024 13.85 -17.00 -28.99
C ALA A 5024 12.37 -16.66 -28.94
N GLY A 5025 11.60 -17.34 -28.09
CA GLY A 5025 10.19 -17.07 -28.01
C GLY A 5025 9.92 -15.70 -27.42
N ASP A 5026 10.31 -14.66 -28.15
CA ASP A 5026 10.15 -13.26 -27.78
C ASP A 5026 10.40 -12.42 -29.02
N CYS A 5027 9.63 -11.34 -29.17
CA CYS A 5027 9.68 -10.55 -30.40
C CYS A 5027 9.68 -9.05 -30.11
N PHE A 5028 10.15 -8.65 -28.94
CA PHE A 5028 10.28 -7.24 -28.56
C PHE A 5028 8.90 -6.63 -28.28
N ARG A 5029 7.84 -7.37 -28.58
CA ARG A 5029 6.49 -6.93 -28.27
C ARG A 5029 5.94 -7.57 -27.01
N LYS A 5030 6.41 -8.76 -26.65
CA LYS A 5030 6.07 -9.37 -25.37
C LYS A 5030 6.83 -8.75 -24.21
N GLN A 5031 7.80 -7.88 -24.49
CA GLN A 5031 8.63 -7.26 -23.47
C GLN A 5031 8.35 -5.77 -23.29
N TYR A 5032 8.27 -5.02 -24.38
CA TYR A 5032 8.05 -3.58 -24.33
C TYR A 5032 6.67 -3.16 -24.83
N GLU A 5033 6.27 -3.61 -26.02
CA GLU A 5033 4.97 -3.23 -26.56
C GLU A 5033 3.80 -3.85 -25.83
N ASP A 5034 4.05 -4.80 -24.93
CA ASP A 5034 2.97 -5.36 -24.13
C ASP A 5034 2.33 -4.30 -23.24
N GLN A 5035 3.14 -3.45 -22.62
CA GLN A 5035 2.66 -2.34 -21.80
C GLN A 5035 2.99 -0.99 -22.41
N LEU A 5036 4.25 -0.77 -22.76
CA LEU A 5036 4.67 0.49 -23.39
C LEU A 5036 4.42 0.40 -24.90
N SER A 5037 3.14 0.44 -25.25
CA SER A 5037 2.71 0.32 -26.63
C SER A 5037 3.17 1.53 -27.46
N VAL B 11 -13.19 -15.09 27.78
CA VAL B 11 -13.04 -15.44 29.18
C VAL B 11 -14.12 -14.77 30.01
N GLN B 12 -13.79 -14.44 31.26
CA GLN B 12 -14.72 -13.80 32.19
C GLN B 12 -16.00 -14.61 32.33
N PHE B 13 -15.86 -15.94 32.45
CA PHE B 13 -17.01 -16.81 32.48
C PHE B 13 -16.93 -17.88 33.57
N LEU B 14 -15.86 -17.92 34.36
CA LEU B 14 -15.72 -18.82 35.50
C LEU B 14 -15.85 -20.28 35.07
N ARG B 15 -14.87 -20.70 34.27
CA ARG B 15 -14.80 -22.08 33.83
C ARG B 15 -14.29 -22.99 34.94
N THR B 16 -14.39 -24.29 34.72
CA THR B 16 -13.88 -25.27 35.67
C THR B 16 -12.36 -25.28 35.65
N ASP B 17 -11.77 -25.58 36.82
CA ASP B 17 -10.31 -25.70 37.00
C ASP B 17 -9.63 -24.34 36.89
N ASP B 18 -10.23 -23.32 37.49
CA ASP B 18 -9.60 -22.02 37.65
C ASP B 18 -9.34 -21.75 39.12
N GLU B 19 -8.53 -20.74 39.39
CA GLU B 19 -8.21 -20.33 40.75
C GLU B 19 -9.07 -19.14 41.13
N VAL B 20 -9.82 -19.27 42.23
CA VAL B 20 -10.76 -18.25 42.66
C VAL B 20 -10.55 -17.97 44.14
N VAL B 21 -11.01 -16.79 44.57
CA VAL B 21 -11.03 -16.39 45.97
C VAL B 21 -12.45 -15.95 46.33
N LEU B 22 -12.89 -16.31 47.53
CA LEU B 22 -14.25 -16.01 47.97
C LEU B 22 -14.22 -14.71 48.75
N GLN B 23 -14.67 -13.63 48.11
CA GLN B 23 -14.69 -12.30 48.70
C GLN B 23 -16.08 -11.97 49.22
N CYS B 24 -16.12 -11.22 50.32
CA CYS B 24 -17.37 -10.82 50.94
C CYS B 24 -17.28 -9.37 51.39
N SER B 25 -18.43 -8.74 51.51
CA SER B 25 -18.53 -7.33 51.92
C SER B 25 -19.14 -7.26 53.32
N ALA B 26 -18.52 -6.49 54.19
CA ALA B 26 -18.97 -6.32 55.56
C ALA B 26 -19.28 -4.85 55.82
N THR B 27 -20.41 -4.60 56.49
CA THR B 27 -20.85 -3.25 56.82
C THR B 27 -20.54 -2.86 58.26
N VAL B 28 -19.74 -3.67 58.96
CA VAL B 28 -19.37 -3.33 60.34
C VAL B 28 -18.57 -2.03 60.38
N LEU B 29 -17.63 -1.87 59.45
CA LEU B 29 -16.88 -0.64 59.35
C LEU B 29 -17.79 0.50 58.92
N LYS B 30 -17.34 1.74 59.19
CA LYS B 30 -18.17 2.90 58.91
C LYS B 30 -18.50 3.02 57.43
N GLU B 31 -17.52 2.81 56.57
CA GLU B 31 -17.76 2.89 55.12
C GLU B 31 -18.06 1.53 54.51
N GLN B 32 -17.11 0.60 54.59
CA GLN B 32 -17.24 -0.73 54.01
C GLN B 32 -16.01 -1.53 54.39
N LEU B 33 -16.05 -2.83 54.08
CA LEU B 33 -14.92 -3.71 54.30
C LEU B 33 -15.00 -4.88 53.34
N LYS B 34 -13.85 -5.24 52.74
CA LYS B 34 -13.75 -6.37 51.84
C LYS B 34 -12.84 -7.42 52.46
N LEU B 35 -13.35 -8.64 52.58
CA LEU B 35 -12.62 -9.73 53.20
C LEU B 35 -12.67 -10.97 52.32
N CYS B 36 -11.58 -11.73 52.30
CA CYS B 36 -11.48 -12.95 51.51
C CYS B 36 -11.36 -14.15 52.44
N LEU B 37 -12.11 -15.21 52.13
CA LEU B 37 -12.05 -16.43 52.91
C LEU B 37 -10.69 -17.08 52.77
N ALA B 38 -10.14 -17.55 53.89
CA ALA B 38 -8.82 -18.17 53.88
C ALA B 38 -8.74 -19.20 55.00
N ALA B 39 -7.79 -20.11 54.86
CA ALA B 39 -7.55 -21.14 55.86
C ALA B 39 -6.07 -21.52 55.82
N GLU B 40 -5.49 -21.73 57.00
CA GLU B 40 -4.08 -22.07 57.09
C GLU B 40 -3.79 -23.43 56.46
N GLY B 41 -4.63 -24.42 56.72
CA GLY B 41 -4.40 -25.75 56.22
C GLY B 41 -3.81 -26.67 57.28
N PHE B 42 -2.50 -26.90 57.19
CA PHE B 42 -1.81 -27.72 58.18
C PHE B 42 -1.79 -27.00 59.53
N GLY B 43 -2.13 -27.72 60.59
CA GLY B 43 -2.14 -27.18 61.93
C GLY B 43 -3.45 -26.57 62.36
N ASN B 44 -4.23 -26.01 61.44
CA ASN B 44 -5.51 -25.41 61.74
C ASN B 44 -6.47 -25.69 60.60
N ARG B 45 -7.54 -26.44 60.89
CA ARG B 45 -8.53 -26.77 59.87
C ARG B 45 -9.56 -25.66 59.68
N LEU B 46 -9.73 -24.78 60.67
CA LEU B 46 -10.76 -23.76 60.61
C LEU B 46 -10.42 -22.70 59.56
N CYS B 47 -11.42 -21.93 59.17
CA CYS B 47 -11.29 -20.88 58.18
C CYS B 47 -11.56 -19.52 58.81
N PHE B 48 -10.95 -18.48 58.23
CA PHE B 48 -11.12 -17.12 58.71
C PHE B 48 -11.05 -16.17 57.54
N LEU B 49 -11.61 -14.97 57.75
CA LEU B 49 -11.60 -13.93 56.73
C LEU B 49 -10.37 -13.05 56.88
N GLU B 50 -9.81 -12.65 55.75
CA GLU B 50 -8.62 -11.80 55.72
C GLU B 50 -8.97 -10.48 55.03
N PRO B 51 -8.81 -9.34 55.69
CA PRO B 51 -9.13 -8.07 55.04
C PRO B 51 -8.23 -7.80 53.83
N THR B 52 -8.82 -7.15 52.83
CA THR B 52 -8.11 -6.89 51.58
C THR B 52 -8.22 -5.42 51.19
N SER B 53 -9.27 -4.74 51.67
CA SER B 53 -9.47 -3.34 51.33
C SER B 53 -8.32 -2.47 51.84
N ASN B 54 -7.71 -2.84 52.96
CA ASN B 54 -6.56 -2.12 53.50
C ASN B 54 -5.26 -2.66 52.92
N ALA B 55 -5.12 -2.58 51.60
CA ALA B 55 -3.94 -3.07 50.91
C ALA B 55 -2.95 -1.96 50.57
N GLN B 56 -3.24 -0.71 50.95
CA GLN B 56 -2.33 0.39 50.65
C GLN B 56 -1.01 0.23 51.40
N ASN B 57 -1.06 -0.20 52.66
CA ASN B 57 0.13 -0.36 53.47
C ASN B 57 0.34 -1.79 53.98
N VAL B 58 -0.72 -2.56 54.19
CA VAL B 58 -0.59 -3.92 54.68
C VAL B 58 -1.08 -4.90 53.61
N PRO B 59 -0.18 -5.51 52.85
CA PRO B 59 -0.63 -6.44 51.82
C PRO B 59 -1.24 -7.68 52.44
N PRO B 60 -2.22 -8.30 51.77
CA PRO B 60 -2.82 -9.52 52.31
C PRO B 60 -2.01 -10.75 51.96
N ASP B 61 -2.27 -11.82 52.70
CA ASP B 61 -1.61 -13.11 52.48
C ASP B 61 -2.45 -13.90 51.50
N LEU B 62 -2.15 -13.73 50.20
CA LEU B 62 -2.89 -14.39 49.15
C LEU B 62 -2.46 -15.83 48.91
N ALA B 63 -1.39 -16.28 49.56
CA ALA B 63 -0.91 -17.64 49.35
C ALA B 63 -1.93 -18.68 49.83
N ILE B 64 -2.56 -18.41 50.97
CA ILE B 64 -3.52 -19.35 51.56
C ILE B 64 -4.95 -18.91 51.28
N CYS B 65 -5.17 -18.06 50.27
CA CYS B 65 -6.51 -17.61 49.91
C CYS B 65 -7.04 -18.23 48.63
N CYS B 66 -6.18 -18.71 47.75
CA CYS B 66 -6.62 -19.25 46.47
C CYS B 66 -7.30 -20.60 46.64
N PHE B 67 -8.35 -20.82 45.88
CA PHE B 67 -9.06 -22.09 45.84
C PHE B 67 -9.23 -22.51 44.39
N THR B 68 -9.27 -23.83 44.18
CA THR B 68 -9.36 -24.42 42.84
C THR B 68 -10.69 -25.13 42.69
N LEU B 69 -11.38 -24.88 41.58
CA LEU B 69 -12.64 -25.54 41.28
C LEU B 69 -12.34 -26.91 40.68
N GLU B 70 -12.73 -27.97 41.38
CA GLU B 70 -12.45 -29.32 40.93
C GLU B 70 -13.54 -29.86 40.02
N GLN B 71 -14.80 -29.83 40.47
CA GLN B 71 -15.91 -30.33 39.69
C GLN B 71 -17.11 -29.40 39.85
N SER B 72 -18.00 -29.44 38.85
CA SER B 72 -19.18 -28.58 38.82
C SER B 72 -20.40 -29.39 38.41
N LEU B 73 -20.56 -30.57 39.01
CA LEU B 73 -21.64 -31.47 38.64
C LEU B 73 -22.98 -30.94 39.13
N SER B 74 -24.05 -31.51 38.58
CA SER B 74 -25.40 -31.19 39.00
C SER B 74 -25.74 -31.97 40.26
N VAL B 75 -26.93 -31.71 40.82
CA VAL B 75 -27.33 -32.36 42.05
C VAL B 75 -27.53 -33.86 41.84
N ARG B 76 -28.22 -34.24 40.75
CA ARG B 76 -28.47 -35.65 40.50
C ARG B 76 -27.18 -36.40 40.21
N ALA B 77 -26.28 -35.82 39.41
CA ALA B 77 -25.01 -36.47 39.12
C ALA B 77 -24.18 -36.64 40.40
N LEU B 78 -24.17 -35.60 41.25
CA LEU B 78 -23.45 -35.70 42.51
C LEU B 78 -24.03 -36.80 43.40
N GLN B 79 -25.36 -36.88 43.47
CA GLN B 79 -25.99 -37.92 44.28
C GLN B 79 -25.66 -39.31 43.74
N GLU B 80 -25.68 -39.47 42.41
CA GLU B 80 -25.35 -40.76 41.83
C GLU B 80 -23.91 -41.15 42.10
N MET B 81 -22.98 -40.19 41.98
CA MET B 81 -21.59 -40.47 42.28
C MET B 81 -21.41 -40.86 43.74
N LEU B 82 -22.07 -40.13 44.64
CA LEU B 82 -21.97 -40.43 46.07
C LEU B 82 -22.53 -41.82 46.39
N ALA B 83 -23.62 -42.19 45.72
CA ALA B 83 -24.16 -43.54 45.91
C ALA B 83 -23.25 -44.60 45.30
N ASN B 84 -22.47 -44.24 44.29
CA ASN B 84 -21.67 -45.21 43.55
C ASN B 84 -20.19 -45.21 43.95
N THR B 85 -19.82 -44.53 45.04
CA THR B 85 -18.43 -44.60 45.50
C THR B 85 -18.06 -46.02 45.90
N VAL B 86 -16.86 -46.44 45.51
CA VAL B 86 -16.28 -47.76 45.79
C VAL B 86 -17.33 -48.88 45.88
N HIS B 98 -13.34 -29.11 31.55
CA HIS B 98 -13.48 -27.67 31.78
C HIS B 98 -14.91 -27.21 31.56
N ARG B 99 -15.85 -27.87 32.23
CA ARG B 99 -17.26 -27.54 32.09
C ARG B 99 -17.55 -26.16 32.65
N THR B 100 -18.39 -25.41 31.94
CA THR B 100 -18.75 -24.07 32.38
C THR B 100 -19.59 -24.14 33.64
N LEU B 101 -19.30 -23.25 34.59
CA LEU B 101 -20.05 -23.19 35.84
C LEU B 101 -21.47 -22.72 35.56
N LEU B 102 -22.44 -23.38 36.20
CA LEU B 102 -23.85 -23.09 36.00
C LEU B 102 -24.54 -22.97 37.36
N TYR B 103 -25.49 -22.06 37.44
CA TYR B 103 -26.25 -21.87 38.66
C TYR B 103 -27.04 -23.13 39.01
N GLY B 104 -27.15 -23.41 40.31
CA GLY B 104 -27.81 -24.61 40.78
C GLY B 104 -26.97 -25.85 40.79
N HIS B 105 -25.69 -25.77 40.43
CA HIS B 105 -24.79 -26.91 40.40
C HIS B 105 -23.99 -26.99 41.69
N ALA B 106 -23.46 -28.18 41.96
CA ALA B 106 -22.63 -28.42 43.14
C ALA B 106 -21.16 -28.40 42.75
N ILE B 107 -20.34 -27.74 43.56
CA ILE B 107 -18.92 -27.58 43.28
C ILE B 107 -18.09 -28.15 44.42
N LEU B 108 -16.86 -28.52 44.09
CA LEU B 108 -15.87 -28.97 45.06
C LEU B 108 -14.68 -28.03 45.01
N LEU B 109 -14.34 -27.42 46.13
CA LEU B 109 -13.25 -26.46 46.22
C LEU B 109 -12.06 -27.11 46.88
N ARG B 110 -10.89 -26.98 46.27
CA ARG B 110 -9.65 -27.53 46.79
C ARG B 110 -8.70 -26.39 47.14
N HIS B 111 -8.14 -26.44 48.35
CA HIS B 111 -7.22 -25.41 48.78
C HIS B 111 -5.94 -25.45 47.96
N ALA B 112 -5.43 -24.27 47.61
CA ALA B 112 -4.27 -24.18 46.74
C ALA B 112 -2.99 -24.61 47.46
N HIS B 113 -2.79 -24.14 48.70
CA HIS B 113 -1.57 -24.44 49.41
C HIS B 113 -1.53 -25.89 49.87
N SER B 114 -2.48 -26.29 50.70
CA SER B 114 -2.60 -27.66 51.17
C SER B 114 -3.64 -28.40 50.35
N ARG B 115 -3.36 -29.66 50.03
CA ARG B 115 -4.26 -30.46 49.20
C ARG B 115 -5.48 -30.92 50.03
N MET B 116 -6.23 -29.93 50.49
CA MET B 116 -7.41 -30.16 51.33
C MET B 116 -8.62 -29.48 50.69
N TYR B 117 -9.79 -30.04 50.97
CA TYR B 117 -11.03 -29.60 50.35
C TYR B 117 -11.89 -28.84 51.34
N LEU B 118 -12.42 -27.70 50.91
CA LEU B 118 -13.31 -26.90 51.74
C LEU B 118 -14.56 -27.69 52.08
N SER B 119 -14.95 -27.68 53.36
CA SER B 119 -16.10 -28.43 53.81
C SER B 119 -16.66 -27.77 55.07
N CYS B 120 -17.89 -28.15 55.42
CA CYS B 120 -18.56 -27.67 56.62
C CYS B 120 -18.42 -28.73 57.71
N LEU B 121 -17.63 -28.43 58.73
CA LEU B 121 -17.38 -29.39 59.80
C LEU B 121 -18.61 -29.52 60.69
N THR B 122 -18.68 -30.67 61.38
CA THR B 122 -19.77 -30.96 62.30
C THR B 122 -19.44 -30.50 63.72
N THR B 123 -19.04 -29.25 63.84
CA THR B 123 -18.70 -28.65 65.14
C THR B 123 -19.17 -27.20 65.14
N SER B 124 -19.25 -26.63 66.34
CA SER B 124 -19.68 -25.26 66.49
C SER B 124 -19.22 -24.71 67.83
N ARG B 125 -18.67 -23.50 67.82
CA ARG B 125 -18.29 -22.78 69.04
C ARG B 125 -18.62 -21.31 68.82
N SER B 126 -19.82 -20.90 69.24
CA SER B 126 -20.25 -19.52 69.08
C SER B 126 -21.03 -18.96 70.27
N MET B 127 -21.41 -19.79 71.25
CA MET B 127 -22.25 -19.46 72.39
C MET B 127 -23.69 -19.14 71.99
N THR B 128 -23.99 -19.13 70.70
CA THR B 128 -25.36 -18.97 70.19
C THR B 128 -25.54 -20.00 69.09
N ASP B 129 -26.38 -21.01 69.34
CA ASP B 129 -26.52 -22.12 68.40
C ASP B 129 -26.94 -21.66 67.02
N LYS B 130 -28.16 -21.11 66.91
CA LYS B 130 -28.69 -20.61 65.65
C LYS B 130 -28.63 -21.66 64.53
N LEU B 131 -28.54 -22.93 64.90
CA LEU B 131 -28.38 -24.02 63.93
C LEU B 131 -27.18 -23.79 63.02
N ALA B 132 -26.08 -23.31 63.61
CA ALA B 132 -24.89 -22.94 62.87
C ALA B 132 -23.74 -23.90 63.17
N PHE B 133 -23.03 -24.31 62.12
CA PHE B 133 -21.87 -25.18 62.23
C PHE B 133 -20.61 -24.38 61.89
N ASP B 134 -19.48 -25.08 61.87
CA ASP B 134 -18.20 -24.48 61.52
C ASP B 134 -17.82 -24.83 60.09
N VAL B 135 -17.09 -23.91 59.45
CA VAL B 135 -16.61 -24.09 58.08
C VAL B 135 -15.11 -24.31 58.13
N GLY B 136 -14.67 -25.47 57.65
CA GLY B 136 -13.26 -25.82 57.71
C GLY B 136 -12.74 -26.54 56.49
N LEU B 137 -11.75 -27.41 56.70
CA LEU B 137 -11.09 -28.14 55.63
C LEU B 137 -11.09 -29.63 55.94
N GLN B 138 -11.06 -30.44 54.89
CA GLN B 138 -10.99 -31.89 55.01
C GLN B 138 -9.83 -32.42 54.18
N GLU B 139 -9.22 -33.49 54.67
CA GLU B 139 -8.05 -34.05 54.01
C GLU B 139 -8.39 -34.77 52.72
N ASP B 140 -9.63 -35.24 52.55
CA ASP B 140 -10.02 -36.01 51.39
C ASP B 140 -11.36 -35.50 50.87
N ALA B 141 -11.58 -35.75 49.57
CA ALA B 141 -12.82 -35.34 48.92
C ALA B 141 -13.97 -36.30 49.16
N THR B 142 -13.72 -37.43 49.82
CA THR B 142 -14.79 -38.37 50.12
C THR B 142 -15.76 -37.78 51.13
N GLY B 143 -17.04 -38.05 50.94
CA GLY B 143 -18.09 -37.56 51.80
C GLY B 143 -19.03 -36.62 51.07
N GLU B 144 -19.98 -36.09 51.84
CA GLU B 144 -21.02 -35.21 51.31
C GLU B 144 -20.87 -33.76 51.77
N ALA B 145 -20.07 -33.49 52.80
CA ALA B 145 -19.97 -32.16 53.38
C ALA B 145 -19.00 -31.25 52.63
N CYS B 146 -18.28 -31.76 51.63
CA CYS B 146 -17.31 -30.98 50.89
C CYS B 146 -17.87 -30.37 49.61
N TRP B 147 -19.18 -30.48 49.40
CA TRP B 147 -19.82 -29.97 48.19
C TRP B 147 -20.74 -28.81 48.54
N TRP B 148 -20.69 -27.77 47.70
CA TRP B 148 -21.50 -26.57 47.87
C TRP B 148 -22.29 -26.31 46.60
N THR B 149 -23.58 -26.05 46.74
CA THR B 149 -24.44 -25.76 45.61
C THR B 149 -24.71 -24.26 45.51
N MET B 150 -24.43 -23.69 44.34
CA MET B 150 -24.64 -22.26 44.15
C MET B 150 -26.12 -21.97 44.03
N HIS B 151 -26.51 -20.77 44.42
CA HIS B 151 -27.86 -20.28 44.15
C HIS B 151 -27.77 -18.83 43.69
N PRO B 152 -28.66 -18.42 42.80
CA PRO B 152 -28.56 -17.08 42.21
C PRO B 152 -28.85 -15.99 43.23
N ALA B 153 -28.32 -14.81 42.93
CA ALA B 153 -28.56 -13.60 43.72
C ALA B 153 -29.92 -13.02 43.34
N SER B 154 -30.14 -11.75 43.70
CA SER B 154 -31.36 -11.02 43.34
C SER B 154 -31.72 -11.26 41.87
N LYS B 155 -33.01 -11.20 41.55
CA LYS B 155 -33.53 -11.84 40.34
C LYS B 155 -33.09 -11.12 39.07
N GLN B 156 -31.77 -11.05 38.84
CA GLN B 156 -31.21 -10.70 37.55
C GLN B 156 -30.72 -11.93 36.78
N ARG B 157 -30.73 -13.10 37.42
CA ARG B 157 -30.35 -14.36 36.78
C ARG B 157 -31.47 -15.37 36.94
N SER B 158 -31.20 -16.62 36.60
CA SER B 158 -32.21 -17.67 36.71
C SER B 158 -31.53 -19.00 36.99
N GLU B 159 -32.32 -19.95 37.51
CA GLU B 159 -31.81 -21.29 37.77
C GLU B 159 -31.40 -21.97 36.48
N GLY B 160 -30.24 -22.60 36.48
CA GLY B 160 -29.70 -23.24 35.30
C GLY B 160 -28.95 -22.32 34.36
N GLU B 161 -29.03 -21.00 34.57
CA GLU B 161 -28.31 -20.06 33.74
C GLU B 161 -26.81 -20.10 34.06
N LYS B 162 -26.01 -19.73 33.08
CA LYS B 162 -24.56 -19.76 33.23
C LYS B 162 -24.11 -18.64 34.17
N VAL B 163 -22.93 -18.83 34.76
CA VAL B 163 -22.40 -17.96 35.79
C VAL B 163 -21.28 -17.12 35.20
N ARG B 164 -21.33 -15.81 35.42
CA ARG B 164 -20.29 -14.89 34.98
C ARG B 164 -19.46 -14.44 36.17
N VAL B 165 -18.21 -14.05 35.87
CA VAL B 165 -17.32 -13.57 36.93
C VAL B 165 -17.81 -12.22 37.46
N GLY B 166 -17.42 -11.92 38.70
CA GLY B 166 -17.82 -10.67 39.30
C GLY B 166 -19.29 -10.56 39.63
N ASP B 167 -20.00 -11.68 39.70
CA ASP B 167 -21.43 -11.71 39.99
C ASP B 167 -21.65 -12.32 41.37
N ASP B 168 -22.39 -11.61 42.22
CA ASP B 168 -22.66 -12.09 43.56
C ASP B 168 -23.52 -13.34 43.53
N LEU B 169 -23.27 -14.23 44.48
CA LEU B 169 -23.99 -15.50 44.58
C LEU B 169 -23.93 -15.97 46.02
N ILE B 170 -24.66 -17.05 46.31
CA ILE B 170 -24.69 -17.65 47.63
C ILE B 170 -24.42 -19.13 47.51
N LEU B 171 -23.62 -19.66 48.44
CA LEU B 171 -23.25 -21.06 48.46
C LEU B 171 -24.01 -21.77 49.57
N VAL B 172 -24.64 -22.89 49.24
CA VAL B 172 -25.44 -23.68 50.17
C VAL B 172 -24.79 -25.04 50.33
N SER B 173 -24.52 -25.43 51.58
CA SER B 173 -23.93 -26.72 51.86
C SER B 173 -24.93 -27.84 51.59
N VAL B 174 -24.39 -29.02 51.31
CA VAL B 174 -25.23 -30.19 51.05
C VAL B 174 -25.53 -30.97 52.31
N SER B 175 -24.49 -31.26 53.11
CA SER B 175 -24.70 -32.03 54.33
C SER B 175 -25.42 -31.22 55.40
N SER B 176 -25.09 -29.94 55.53
CA SER B 176 -25.67 -29.10 56.57
C SER B 176 -26.84 -28.25 56.10
N GLU B 177 -27.00 -28.07 54.78
CA GLU B 177 -28.08 -27.25 54.23
C GLU B 177 -28.07 -25.84 54.81
N ARG B 178 -26.87 -25.27 54.96
CA ARG B 178 -26.70 -23.94 55.53
C ARG B 178 -25.81 -23.12 54.62
N TYR B 179 -26.10 -21.82 54.53
CA TYR B 179 -25.33 -20.93 53.69
C TYR B 179 -23.97 -20.62 54.33
N LEU B 180 -23.00 -20.29 53.48
CA LEU B 180 -21.71 -19.81 53.95
C LEU B 180 -21.86 -18.37 54.43
N HIS B 181 -22.05 -18.19 55.74
CA HIS B 181 -22.45 -16.91 56.30
C HIS B 181 -21.31 -16.28 57.08
N LEU B 182 -21.21 -14.95 56.98
CA LEU B 182 -20.26 -14.16 57.74
C LEU B 182 -20.98 -13.61 58.97
N SER B 183 -20.63 -14.12 60.14
CA SER B 183 -21.32 -13.75 61.37
C SER B 183 -20.87 -12.37 61.85
N THR B 184 -21.78 -11.70 62.55
CA THR B 184 -21.52 -10.41 63.18
C THR B 184 -21.80 -10.48 64.67
N ALA B 185 -21.43 -11.61 65.29
CA ALA B 185 -21.67 -11.85 66.70
C ALA B 185 -20.63 -11.13 67.57
N SER B 186 -20.55 -11.51 68.84
CA SER B 186 -19.61 -10.88 69.75
C SER B 186 -18.17 -10.99 69.27
N GLY B 187 -17.86 -11.99 68.45
CA GLY B 187 -16.56 -12.09 67.83
C GLY B 187 -16.33 -10.97 66.82
N GLU B 188 -15.21 -11.06 66.13
CA GLU B 188 -14.79 -10.04 65.16
C GLU B 188 -14.73 -10.66 63.77
N LEU B 189 -15.88 -10.66 63.09
CA LEU B 189 -15.97 -11.02 61.67
C LEU B 189 -15.45 -12.44 61.42
N GLN B 190 -16.18 -13.40 61.98
CA GLN B 190 -15.91 -14.81 61.76
C GLN B 190 -16.84 -15.37 60.69
N VAL B 191 -16.50 -16.56 60.20
CA VAL B 191 -17.25 -17.23 59.14
C VAL B 191 -17.75 -18.57 59.67
N ASP B 192 -19.02 -18.85 59.44
CA ASP B 192 -19.64 -20.10 59.87
C ASP B 192 -20.65 -20.52 58.80
N ALA B 193 -21.37 -21.62 59.07
CA ALA B 193 -22.41 -22.14 58.18
C ALA B 193 -23.72 -22.09 58.96
N SER B 194 -24.46 -20.99 58.79
CA SER B 194 -25.72 -20.77 59.49
C SER B 194 -26.85 -20.60 58.48
N PHE B 195 -28.02 -20.26 58.99
CA PHE B 195 -29.21 -20.04 58.17
C PHE B 195 -29.38 -18.59 57.75
N MET B 196 -28.42 -17.72 58.03
CA MET B 196 -28.50 -16.33 57.61
C MET B 196 -27.89 -16.13 56.23
N GLN B 197 -28.56 -15.30 55.42
CA GLN B 197 -28.21 -15.13 54.02
C GLN B 197 -27.03 -14.17 53.88
N THR B 198 -25.96 -14.64 53.24
CA THR B 198 -24.76 -13.85 53.03
C THR B 198 -24.30 -14.00 51.59
N LEU B 199 -23.97 -12.87 50.95
CA LEU B 199 -23.60 -12.86 49.53
C LEU B 199 -22.09 -12.98 49.37
N TRP B 200 -21.67 -13.85 48.47
CA TRP B 200 -20.25 -14.04 48.15
C TRP B 200 -20.06 -13.97 46.64
N ASN B 201 -18.85 -13.60 46.23
CA ASN B 201 -18.45 -13.64 44.83
C ASN B 201 -17.09 -14.30 44.71
N MET B 202 -16.87 -14.97 43.59
CA MET B 202 -15.63 -15.73 43.36
C MET B 202 -14.83 -15.01 42.29
N ASN B 203 -13.91 -14.15 42.73
CA ASN B 203 -13.03 -13.44 41.80
C ASN B 203 -12.01 -14.41 41.22
N PRO B 204 -11.88 -14.49 39.91
CA PRO B 204 -10.97 -15.47 39.29
C PRO B 204 -9.52 -15.00 39.35
N ILE B 205 -8.71 -15.70 40.14
CA ILE B 205 -7.30 -15.37 40.25
C ILE B 205 -6.58 -15.63 38.94
N CYS B 206 -6.80 -16.82 38.36
CA CYS B 206 -6.11 -17.21 37.14
C CYS B 206 -7.02 -18.12 36.32
N SER B 207 -6.50 -18.57 35.19
CA SER B 207 -7.23 -19.43 34.27
C SER B 207 -6.21 -20.33 33.57
N CYS B 208 -6.59 -20.92 32.44
CA CYS B 208 -5.69 -21.74 31.65
C CYS B 208 -4.45 -20.94 31.28
N CYS B 209 -3.29 -21.34 31.80
CA CYS B 209 -2.05 -20.59 31.64
C CYS B 209 -1.13 -21.28 30.64
N GLU B 210 -0.40 -20.47 29.89
CA GLU B 210 0.54 -21.00 28.92
C GLU B 210 1.76 -21.59 29.60
N GLU B 211 2.30 -22.66 29.00
CA GLU B 211 3.43 -23.36 29.59
C GLU B 211 4.70 -22.51 29.55
N GLY B 212 5.48 -22.60 30.61
CA GLY B 212 6.76 -21.90 30.68
C GLY B 212 6.65 -20.39 30.63
N TYR B 213 5.68 -19.83 31.34
CA TYR B 213 5.43 -18.40 31.33
C TYR B 213 5.18 -17.91 32.75
N VAL B 214 5.85 -16.83 33.12
CA VAL B 214 5.81 -16.33 34.49
C VAL B 214 4.51 -15.59 34.72
N THR B 215 3.78 -15.99 35.77
CA THR B 215 2.54 -15.34 36.16
C THR B 215 2.60 -14.98 37.64
N GLY B 216 1.81 -13.98 38.02
CA GLY B 216 1.76 -13.52 39.39
C GLY B 216 1.35 -14.58 40.38
N GLY B 217 2.09 -14.68 41.49
CA GLY B 217 1.80 -15.65 42.53
C GLY B 217 2.70 -16.87 42.53
N HIS B 218 3.47 -17.08 41.47
CA HIS B 218 4.35 -18.24 41.40
C HIS B 218 5.56 -18.06 42.31
N VAL B 219 5.86 -19.09 43.09
CA VAL B 219 7.08 -19.11 43.88
C VAL B 219 8.23 -19.53 42.99
N LEU B 220 9.31 -18.75 42.98
CA LEU B 220 10.38 -18.96 42.01
C LEU B 220 11.68 -18.38 42.57
N ARG B 221 12.78 -18.79 41.94
CA ARG B 221 14.11 -18.33 42.30
C ARG B 221 14.59 -17.30 41.28
N LEU B 222 15.25 -16.25 41.77
CA LEU B 222 15.78 -15.18 40.92
C LEU B 222 17.25 -15.45 40.68
N PHE B 223 17.56 -15.99 39.51
CA PHE B 223 18.93 -16.33 39.14
C PHE B 223 19.58 -15.18 38.38
N HIS B 224 20.89 -15.02 38.57
CA HIS B 224 21.65 -13.94 37.95
C HIS B 224 22.74 -14.54 37.07
N GLY B 225 22.85 -14.03 35.84
CA GLY B 225 23.90 -14.44 34.94
C GLY B 225 23.85 -15.90 34.55
N HIS B 226 24.81 -16.68 35.04
CA HIS B 226 24.87 -18.10 34.74
C HIS B 226 23.90 -18.86 35.65
N MET B 227 23.99 -20.19 35.63
CA MET B 227 23.12 -21.04 36.44
C MET B 227 23.73 -21.42 37.78
N ASP B 228 24.62 -20.59 38.33
CA ASP B 228 25.27 -20.85 39.61
C ASP B 228 25.11 -19.71 40.59
N GLU B 229 24.34 -18.68 40.25
CA GLU B 229 24.13 -17.52 41.12
C GLU B 229 22.65 -17.21 41.19
N CYS B 230 22.15 -16.96 42.40
CA CYS B 230 20.74 -16.65 42.62
C CYS B 230 20.62 -15.57 43.69
N LEU B 231 19.50 -14.85 43.64
CA LEU B 231 19.20 -13.80 44.61
C LEU B 231 18.61 -14.46 45.85
N THR B 232 19.39 -14.48 46.94
CA THR B 232 19.03 -15.19 48.15
C THR B 232 19.00 -14.22 49.34
N ILE B 233 18.84 -14.79 50.53
CA ILE B 233 18.82 -14.04 51.78
C ILE B 233 19.76 -14.72 52.76
N SER B 234 20.07 -14.01 53.85
CA SER B 234 20.99 -14.54 54.84
C SER B 234 20.40 -15.77 55.53
N ALA B 235 21.28 -16.70 55.90
CA ALA B 235 20.86 -17.94 56.51
C ALA B 235 20.40 -17.71 57.95
N ALA B 236 19.83 -18.76 58.53
CA ALA B 236 19.40 -18.71 59.93
C ALA B 236 20.62 -18.65 60.85
N ASP B 237 20.37 -18.29 62.10
CA ASP B 237 21.42 -18.10 63.11
C ASP B 237 22.45 -17.07 62.62
N SER B 238 21.94 -15.96 62.12
CA SER B 238 22.77 -14.89 61.58
C SER B 238 22.96 -13.79 62.62
N ASP B 239 23.97 -12.96 62.39
CA ASP B 239 24.25 -11.85 63.30
C ASP B 239 23.09 -10.86 63.31
N ASP B 240 22.53 -10.56 62.15
CA ASP B 240 21.40 -9.66 62.03
C ASP B 240 20.10 -10.43 62.22
N GLN B 241 18.97 -9.80 61.91
CA GLN B 241 17.65 -10.42 62.03
C GLN B 241 17.18 -11.00 60.70
N ARG B 242 18.10 -11.52 59.89
CA ARG B 242 17.78 -12.08 58.58
C ARG B 242 17.08 -11.06 57.69
N ARG B 243 17.50 -9.79 57.78
CA ARG B 243 16.95 -8.72 56.98
C ARG B 243 17.93 -8.20 55.93
N LEU B 244 19.10 -8.82 55.81
CA LEU B 244 20.12 -8.40 54.85
C LEU B 244 20.02 -9.28 53.61
N VAL B 245 19.81 -8.66 52.46
CA VAL B 245 19.67 -9.37 51.20
C VAL B 245 21.06 -9.58 50.60
N TYR B 246 21.38 -10.84 50.28
CA TYR B 246 22.70 -11.22 49.80
C TYR B 246 22.60 -11.73 48.36
N TYR B 247 23.76 -12.09 47.82
CA TYR B 247 23.85 -12.68 46.49
C TYR B 247 24.62 -13.99 46.55
N GLU B 248 24.30 -14.83 47.52
CA GLU B 248 25.02 -16.08 47.70
C GLU B 248 24.70 -17.07 46.59
N GLY B 249 25.68 -17.94 46.29
CA GLY B 249 25.51 -18.96 45.29
C GLY B 249 26.05 -20.30 45.77
N GLY B 250 25.83 -21.31 44.93
CA GLY B 250 26.30 -22.65 45.25
C GLY B 250 25.19 -23.59 45.68
N ALA B 251 25.37 -24.24 46.82
CA ALA B 251 24.37 -25.17 47.33
C ALA B 251 23.13 -24.47 47.87
N VAL B 252 23.15 -23.14 47.99
CA VAL B 252 22.00 -22.40 48.49
C VAL B 252 20.81 -22.50 47.53
N CYS B 253 21.08 -22.60 46.22
CA CYS B 253 20.01 -22.63 45.23
C CYS B 253 19.06 -23.81 45.41
N THR B 254 19.49 -24.87 46.12
CA THR B 254 18.63 -26.00 46.39
C THR B 254 17.75 -25.79 47.62
N HIS B 255 18.19 -24.95 48.55
CA HIS B 255 17.47 -24.72 49.80
C HIS B 255 16.24 -23.84 49.55
N ALA B 256 15.51 -23.55 50.61
CA ALA B 256 14.30 -22.75 50.55
C ALA B 256 14.55 -21.26 50.73
N ARG B 257 15.80 -20.84 50.94
CA ARG B 257 16.10 -19.42 51.12
C ARG B 257 15.88 -18.65 49.82
N SER B 258 16.22 -19.26 48.68
CA SER B 258 16.12 -18.60 47.39
C SER B 258 14.71 -18.64 46.80
N LEU B 259 13.69 -18.90 47.61
CA LEU B 259 12.31 -19.00 47.15
C LEU B 259 11.62 -17.66 47.40
N TRP B 260 11.29 -16.97 46.31
CA TRP B 260 10.57 -15.70 46.35
C TRP B 260 9.27 -15.83 45.58
N ARG B 261 8.27 -15.05 45.99
CA ARG B 261 6.97 -15.02 45.33
C ARG B 261 6.61 -13.59 44.96
N LEU B 262 5.78 -13.46 43.93
CA LEU B 262 5.41 -12.16 43.38
C LEU B 262 3.94 -11.89 43.64
N GLU B 263 3.65 -10.75 44.23
CA GLU B 263 2.27 -10.35 44.55
C GLU B 263 1.90 -9.07 43.83
N PRO B 264 1.16 -9.14 42.73
CA PRO B 264 0.72 -7.91 42.05
C PRO B 264 -0.25 -7.13 42.92
N LEU B 265 -0.24 -5.81 42.73
CA LEU B 265 -1.14 -4.94 43.51
C LEU B 265 -2.60 -5.18 43.15
N ARG B 266 -2.88 -5.63 41.94
CA ARG B 266 -4.24 -6.01 41.58
C ARG B 266 -4.68 -7.22 42.41
N ILE B 267 -5.97 -7.26 42.72
CA ILE B 267 -6.50 -8.28 43.60
C ILE B 267 -7.41 -9.28 42.88
N SER B 268 -8.10 -8.86 41.82
CA SER B 268 -9.03 -9.77 41.16
C SER B 268 -8.31 -10.76 40.25
N TRP B 269 -7.66 -10.24 39.20
CA TRP B 269 -6.89 -11.08 38.28
C TRP B 269 -5.42 -11.10 38.64
N SER B 270 -5.10 -11.44 39.89
CA SER B 270 -3.70 -11.51 40.32
C SER B 270 -3.10 -12.88 40.04
N GLY B 271 -3.28 -13.36 38.82
CA GLY B 271 -2.67 -14.60 38.37
C GLY B 271 -2.32 -14.52 36.89
N SER B 272 -2.48 -13.34 36.32
CA SER B 272 -2.25 -13.15 34.89
C SER B 272 -0.75 -13.17 34.58
N HIS B 273 -0.45 -13.31 33.30
CA HIS B 273 0.94 -13.33 32.86
C HIS B 273 1.62 -12.01 33.16
N LEU B 274 2.89 -12.08 33.57
CA LEU B 274 3.62 -10.89 33.96
C LEU B 274 3.86 -9.96 32.78
N ARG B 275 3.82 -8.67 33.03
CA ARG B 275 4.05 -7.65 32.02
C ARG B 275 5.26 -6.81 32.41
N TRP B 276 6.00 -6.35 31.39
CA TRP B 276 7.17 -5.51 31.63
C TRP B 276 6.74 -4.19 32.26
N GLY B 277 7.41 -3.81 33.34
CA GLY B 277 7.10 -2.58 34.04
C GLY B 277 5.91 -2.67 34.97
N GLN B 278 5.27 -3.82 35.09
CA GLN B 278 4.14 -3.97 36.00
C GLN B 278 4.63 -3.93 37.44
N PRO B 279 4.08 -3.07 38.30
CA PRO B 279 4.51 -3.03 39.70
C PRO B 279 4.28 -4.35 40.39
N LEU B 280 5.22 -4.74 41.24
CA LEU B 280 5.20 -6.05 41.89
C LEU B 280 5.78 -5.93 43.29
N ARG B 281 5.37 -6.86 44.16
CA ARG B 281 5.94 -7.00 45.48
C ARG B 281 6.60 -8.36 45.60
N ILE B 282 7.85 -8.38 46.05
CA ILE B 282 8.62 -9.61 46.22
C ILE B 282 8.57 -10.01 47.69
N ARG B 283 8.12 -11.23 47.96
CA ARG B 283 7.95 -11.73 49.31
C ARG B 283 8.80 -12.98 49.51
N HIS B 284 9.48 -13.06 50.65
CA HIS B 284 10.22 -14.25 51.05
C HIS B 284 9.25 -15.19 51.76
N VAL B 285 8.96 -16.34 51.14
CA VAL B 285 7.96 -17.25 51.68
C VAL B 285 8.40 -17.83 53.01
N THR B 286 9.70 -18.12 53.15
CA THR B 286 10.19 -18.74 54.37
C THR B 286 10.04 -17.82 55.57
N THR B 287 10.33 -16.53 55.40
CA THR B 287 10.29 -15.58 56.50
C THR B 287 9.05 -14.70 56.51
N GLY B 288 8.37 -14.54 55.37
CA GLY B 288 7.20 -13.69 55.33
C GLY B 288 7.49 -12.21 55.31
N ARG B 289 8.64 -11.80 54.77
CA ARG B 289 9.02 -10.41 54.71
C ARG B 289 9.10 -9.95 53.26
N TYR B 290 8.76 -8.69 53.02
CA TYR B 290 8.68 -8.12 51.69
C TYR B 290 9.90 -7.28 51.39
N LEU B 291 10.44 -7.43 50.17
CA LEU B 291 11.56 -6.62 49.74
C LEU B 291 11.14 -5.15 49.63
N ALA B 292 11.99 -4.26 50.13
CA ALA B 292 11.65 -2.84 50.17
C ALA B 292 12.92 -2.02 50.32
N LEU B 293 12.76 -0.71 50.18
CA LEU B 293 13.82 0.27 50.42
C LEU B 293 13.30 1.27 51.45
N THR B 294 13.89 1.25 52.64
CA THR B 294 13.42 2.09 53.74
C THR B 294 14.13 3.42 53.83
N GLU B 295 15.08 3.70 52.93
CA GLU B 295 15.86 4.94 52.90
C GLU B 295 16.65 5.14 54.20
N ASP B 296 16.84 4.07 54.97
CA ASP B 296 17.61 4.12 56.21
C ASP B 296 18.75 3.11 56.23
N GLN B 297 18.54 1.91 55.68
CA GLN B 297 19.57 0.90 55.62
C GLN B 297 19.82 0.35 54.22
N GLY B 298 19.00 0.71 53.23
CA GLY B 298 19.19 0.23 51.89
C GLY B 298 18.11 -0.74 51.43
N LEU B 299 18.49 -1.69 50.58
CA LEU B 299 17.56 -2.70 50.09
C LEU B 299 17.48 -3.83 51.11
N VAL B 300 16.45 -3.80 51.95
CA VAL B 300 16.26 -4.79 53.00
C VAL B 300 14.81 -5.27 52.97
N VAL B 301 14.59 -6.44 53.55
CA VAL B 301 13.25 -7.00 53.67
C VAL B 301 12.59 -6.42 54.92
N VAL B 302 11.29 -6.17 54.84
CA VAL B 302 10.56 -5.50 55.90
C VAL B 302 9.31 -6.32 56.25
N ASP B 303 8.75 -6.01 57.42
CA ASP B 303 7.54 -6.68 57.86
C ASP B 303 6.35 -6.25 57.01
N ALA B 304 5.26 -7.02 57.13
CA ALA B 304 4.06 -6.73 56.34
C ALA B 304 3.40 -5.43 56.77
N CYS B 305 3.52 -5.06 58.06
CA CYS B 305 2.90 -3.83 58.53
C CYS B 305 3.50 -2.60 57.85
N LYS B 306 4.82 -2.56 57.75
CA LYS B 306 5.51 -1.45 57.09
C LYS B 306 5.87 -1.82 55.65
N ALA B 307 4.82 -2.03 54.85
CA ALA B 307 4.97 -2.49 53.47
C ALA B 307 4.13 -1.63 52.54
N HIS B 308 4.28 -0.32 52.65
CA HIS B 308 3.55 0.60 51.78
C HIS B 308 4.00 0.43 50.33
N THR B 309 3.07 0.69 49.40
CA THR B 309 3.37 0.51 47.99
C THR B 309 4.47 1.43 47.51
N LYS B 310 4.65 2.59 48.16
CA LYS B 310 5.69 3.52 47.76
C LYS B 310 7.09 3.00 48.05
N ALA B 311 7.22 1.98 48.89
CA ALA B 311 8.52 1.43 49.24
C ALA B 311 8.70 -0.04 48.88
N THR B 312 7.62 -0.78 48.63
CA THR B 312 7.71 -2.22 48.38
C THR B 312 7.50 -2.61 46.93
N SER B 313 6.98 -1.71 46.10
CA SER B 313 6.65 -2.05 44.72
C SER B 313 7.91 -2.10 43.86
N PHE B 314 8.07 -3.19 43.11
CA PHE B 314 9.18 -3.39 42.19
C PHE B 314 8.63 -3.75 40.82
N CYS B 315 9.52 -3.88 39.84
CA CYS B 315 9.09 -4.20 38.48
C CYS B 315 10.25 -4.84 37.73
N PHE B 316 9.91 -5.51 36.62
CA PHE B 316 10.87 -6.15 35.74
C PHE B 316 10.80 -5.51 34.37
N ARG B 317 11.97 -5.28 33.75
CA ARG B 317 11.99 -4.71 32.41
C ARG B 317 13.34 -4.97 31.76
N VAL B 318 13.30 -5.43 30.51
CA VAL B 318 14.48 -5.53 29.65
C VAL B 318 14.75 -4.14 29.08
N SER B 319 15.90 -3.98 28.40
CA SER B 319 16.29 -2.70 27.82
C SER B 319 16.42 -1.62 28.91
N LYS B 320 17.47 -1.81 29.71
CA LYS B 320 17.70 -1.05 30.94
C LYS B 320 17.29 0.41 30.87
N GLU B 321 17.88 1.18 29.95
CA GLU B 321 17.53 2.60 29.88
C GLU B 321 16.25 2.82 29.06
N LYS B 322 16.32 2.55 27.76
CA LYS B 322 15.16 2.50 26.87
C LYS B 322 14.35 3.79 26.82
N LEU B 323 14.77 4.83 27.54
CA LEU B 323 13.97 6.04 27.74
C LEU B 323 12.55 5.67 28.20
N ASP B 324 12.49 5.07 29.39
CA ASP B 324 11.24 4.47 29.87
C ASP B 324 10.11 5.49 29.93
N THR B 325 8.94 5.05 29.50
CA THR B 325 7.74 5.88 29.46
C THR B 325 6.80 5.51 30.61
N ALA B 326 5.66 6.19 30.65
CA ALA B 326 4.68 5.96 31.71
C ALA B 326 3.85 4.72 31.40
N PRO B 327 3.81 3.73 32.29
CA PRO B 327 2.97 2.55 32.04
C PRO B 327 1.50 2.89 32.09
N LYS B 328 0.72 2.15 31.30
CA LYS B 328 -0.72 2.34 31.22
C LYS B 328 -1.34 1.06 30.66
N ARG B 329 -2.62 1.15 30.26
CA ARG B 329 -3.33 0.05 29.60
C ARG B 329 -3.39 -1.20 30.48
N ASP B 330 -4.07 -1.05 31.62
CA ASP B 330 -4.29 -2.20 32.50
C ASP B 330 -5.20 -3.22 31.82
N VAL B 331 -4.89 -4.50 32.02
CA VAL B 331 -5.60 -5.59 31.38
C VAL B 331 -6.55 -6.21 32.39
N GLU B 332 -7.81 -6.42 31.96
CA GLU B 332 -8.84 -7.01 32.81
C GLU B 332 -9.06 -8.49 32.49
N GLY B 333 -8.01 -9.20 32.10
CA GLY B 333 -8.11 -10.61 31.79
C GLY B 333 -6.79 -11.35 31.94
N MET B 334 -6.68 -12.49 31.27
CA MET B 334 -5.42 -13.26 31.32
C MET B 334 -4.27 -12.45 30.71
N GLY B 335 -4.53 -11.80 29.57
CA GLY B 335 -3.53 -10.97 28.94
C GLY B 335 -2.55 -11.76 28.10
N PRO B 336 -1.74 -11.07 27.31
CA PRO B 336 -0.74 -11.76 26.47
C PRO B 336 0.49 -12.10 27.29
N PRO B 337 1.01 -13.31 27.13
CA PRO B 337 2.20 -13.70 27.90
C PRO B 337 3.50 -13.34 27.19
N GLU B 338 4.42 -12.70 27.91
CA GLU B 338 5.68 -12.28 27.31
C GLU B 338 6.90 -12.71 28.11
N ILE B 339 6.81 -12.73 29.44
CA ILE B 339 7.96 -13.08 30.28
C ILE B 339 8.04 -14.61 30.36
N LYS B 340 9.05 -15.18 29.69
CA LYS B 340 9.19 -16.62 29.58
C LYS B 340 10.20 -17.14 30.59
N TYR B 341 9.88 -18.27 31.22
CA TYR B 341 10.81 -18.92 32.14
C TYR B 341 12.05 -19.40 31.39
N GLY B 342 13.19 -19.31 32.05
CA GLY B 342 14.45 -19.71 31.44
C GLY B 342 15.15 -18.57 30.75
N GLU B 343 14.48 -17.95 29.77
CA GLU B 343 15.01 -16.80 29.06
C GLU B 343 14.15 -15.59 29.44
N SER B 344 14.50 -14.97 30.56
CA SER B 344 13.80 -13.80 31.07
C SER B 344 14.81 -12.77 31.55
N LEU B 345 15.82 -12.49 30.73
CA LEU B 345 16.88 -11.59 31.13
C LEU B 345 16.36 -10.16 31.22
N CYS B 346 15.92 -9.76 32.41
CA CYS B 346 15.36 -8.44 32.66
C CYS B 346 16.04 -7.84 33.87
N PHE B 347 15.68 -6.60 34.18
CA PHE B 347 16.28 -5.84 35.27
C PHE B 347 15.19 -5.37 36.22
N VAL B 348 15.54 -5.27 37.50
CA VAL B 348 14.60 -4.91 38.55
C VAL B 348 14.88 -3.49 39.01
N GLN B 349 13.84 -2.68 39.13
CA GLN B 349 13.98 -1.32 39.63
C GLN B 349 12.73 -0.93 40.39
N HIS B 350 12.89 -0.01 41.33
CA HIS B 350 11.76 0.57 42.02
C HIS B 350 10.96 1.47 41.09
N VAL B 351 9.65 1.53 41.30
CA VAL B 351 8.76 2.33 40.47
C VAL B 351 8.46 3.69 41.10
N ALA B 352 8.16 3.71 42.40
CA ALA B 352 7.87 4.97 43.07
C ALA B 352 9.09 5.87 43.11
N SER B 353 10.26 5.32 43.38
CA SER B 353 11.50 6.09 43.45
C SER B 353 12.25 6.08 42.12
N GLY B 354 12.61 4.90 41.63
CA GLY B 354 13.23 4.79 40.33
C GLY B 354 14.74 4.66 40.31
N LEU B 355 15.28 3.79 41.17
CA LEU B 355 16.69 3.44 41.12
C LEU B 355 16.83 1.92 41.10
N TRP B 356 17.88 1.44 40.43
CA TRP B 356 18.02 0.03 40.14
C TRP B 356 18.95 -0.64 41.16
N LEU B 357 19.10 -1.95 41.02
CA LEU B 357 19.88 -2.74 41.96
C LEU B 357 20.97 -3.53 41.21
N THR B 358 22.05 -3.81 41.93
CA THR B 358 23.16 -4.58 41.39
C THR B 358 24.01 -5.10 42.56
N TYR B 359 24.92 -6.00 42.25
CA TYR B 359 25.83 -6.51 43.26
C TYR B 359 26.74 -5.39 43.74
N ALA B 360 26.86 -5.26 45.07
CA ALA B 360 27.64 -4.16 45.64
C ALA B 360 29.13 -4.44 45.55
N ALA B 361 29.59 -5.51 46.21
CA ALA B 361 31.00 -5.87 46.30
C ALA B 361 31.82 -4.68 46.79
N PRO B 362 31.63 -4.24 48.03
CA PRO B 362 32.37 -3.04 48.49
C PRO B 362 33.87 -3.21 48.48
N ASP B 363 34.37 -4.41 48.77
CA ASP B 363 35.81 -4.64 48.83
C ASP B 363 36.12 -6.13 48.81
N PRO B 364 37.07 -6.57 47.99
CA PRO B 364 37.47 -8.00 47.98
C PRO B 364 38.45 -8.33 49.11
N LYS B 365 37.92 -8.40 50.33
CA LYS B 365 38.75 -8.68 51.49
C LYS B 365 39.28 -10.12 51.44
N ALA B 366 40.53 -10.28 51.84
CA ALA B 366 41.13 -11.61 51.87
C ALA B 366 40.44 -12.50 52.90
N LEU B 367 40.08 -11.94 54.05
CA LEU B 367 39.43 -12.67 55.13
C LEU B 367 37.93 -12.39 55.19
N ARG B 368 37.28 -12.26 54.03
CA ARG B 368 35.86 -11.98 53.99
C ARG B 368 35.02 -13.11 54.59
N LEU B 369 35.56 -14.32 54.65
CA LEU B 369 34.88 -15.48 55.23
C LEU B 369 33.55 -15.74 54.54
N GLY B 370 33.52 -15.55 53.22
CA GLY B 370 32.33 -15.80 52.44
C GLY B 370 32.65 -16.18 51.01
N VAL B 371 31.87 -17.11 50.45
CA VAL B 371 32.11 -17.54 49.06
C VAL B 371 31.88 -16.38 48.10
N LEU B 372 30.73 -15.72 48.23
CA LEU B 372 30.46 -14.49 47.48
C LEU B 372 30.21 -13.30 48.38
N LYS B 373 29.26 -13.42 49.32
CA LYS B 373 28.99 -12.39 50.32
C LYS B 373 28.76 -11.02 49.69
N LYS B 374 28.02 -10.99 48.59
CA LYS B 374 27.74 -9.76 47.87
C LYS B 374 26.40 -9.20 48.35
N LYS B 375 26.45 -8.09 49.07
CA LYS B 375 25.23 -7.43 49.54
C LYS B 375 24.45 -6.85 48.35
N ALA B 376 23.14 -6.83 48.50
CA ALA B 376 22.25 -6.27 47.49
C ALA B 376 21.93 -4.83 47.85
N ILE B 377 22.25 -3.92 46.94
CA ILE B 377 22.05 -2.49 47.16
C ILE B 377 21.28 -1.90 45.98
N LEU B 378 20.67 -0.75 46.23
CA LEU B 378 19.90 -0.04 45.22
C LEU B 378 20.67 1.21 44.80
N HIS B 379 20.82 1.40 43.49
CA HIS B 379 21.60 2.50 42.94
C HIS B 379 20.84 3.16 41.80
N GLN B 380 21.10 4.45 41.60
CA GLN B 380 20.46 5.17 40.49
C GLN B 380 20.87 4.59 39.15
N GLU B 381 22.13 4.24 38.98
CA GLU B 381 22.63 3.58 37.78
C GLU B 381 23.52 2.43 38.22
N GLY B 382 23.05 1.20 38.00
CA GLY B 382 23.77 0.02 38.44
C GLY B 382 24.93 -0.33 37.53
N HIS B 383 25.64 -1.38 37.91
CA HIS B 383 26.78 -1.86 37.15
C HIS B 383 26.29 -2.73 35.99
N MET B 384 27.20 -3.44 35.35
CA MET B 384 26.87 -4.34 34.26
C MET B 384 26.77 -5.78 34.77
N ASP B 385 26.05 -6.60 34.01
CA ASP B 385 25.83 -8.01 34.32
C ASP B 385 25.10 -8.17 35.67
N ASP B 386 23.92 -7.54 35.73
CA ASP B 386 23.02 -7.70 36.88
C ASP B 386 21.63 -8.12 36.46
N ALA B 387 21.42 -8.47 35.18
CA ALA B 387 20.12 -8.93 34.73
C ALA B 387 19.79 -10.27 35.36
N LEU B 388 18.54 -10.42 35.80
CA LEU B 388 18.07 -11.63 36.46
C LEU B 388 17.10 -12.38 35.55
N PHE B 389 17.34 -13.67 35.39
CA PHE B 389 16.42 -14.56 34.68
C PHE B 389 15.77 -15.52 35.68
N LEU B 390 14.50 -15.81 35.46
CA LEU B 390 13.67 -16.46 36.46
C LEU B 390 13.49 -17.94 36.15
N THR B 391 13.52 -18.76 37.20
CA THR B 391 13.26 -20.19 37.11
C THR B 391 12.28 -20.57 38.21
N ARG B 392 11.28 -21.38 37.85
CA ARG B 392 10.25 -21.76 38.80
C ARG B 392 10.68 -22.96 39.63
N CYS B 393 10.12 -23.05 40.83
CA CYS B 393 10.36 -24.17 41.73
C CYS B 393 9.17 -25.12 41.72
N GLN B 394 9.40 -26.32 42.25
CA GLN B 394 8.37 -27.34 42.28
C GLN B 394 7.28 -27.00 43.29
N GLN B 395 6.13 -27.63 43.12
CA GLN B 395 5.02 -27.45 44.06
C GLN B 395 5.40 -27.95 45.44
N GLU B 396 6.11 -29.08 45.52
CA GLU B 396 6.50 -29.64 46.80
C GLU B 396 7.40 -28.67 47.57
N GLU B 397 8.36 -28.04 46.86
CA GLU B 397 9.26 -27.12 47.53
C GLU B 397 8.53 -25.91 48.08
N SER B 398 7.61 -25.33 47.29
CA SER B 398 6.85 -24.17 47.76
C SER B 398 5.96 -24.54 48.94
N GLN B 399 5.30 -25.70 48.87
CA GLN B 399 4.47 -26.13 49.98
C GLN B 399 5.31 -26.35 51.23
N ALA B 400 6.48 -26.98 51.10
CA ALA B 400 7.35 -27.20 52.24
C ALA B 400 7.82 -25.89 52.84
N ALA B 401 8.14 -24.90 51.99
CA ALA B 401 8.54 -23.59 52.50
C ALA B 401 7.39 -22.93 53.26
N ARG B 402 6.17 -23.03 52.76
CA ARG B 402 5.03 -22.43 53.45
C ARG B 402 4.78 -23.09 54.80
N MET B 403 4.85 -24.42 54.86
CA MET B 403 4.69 -25.10 56.15
C MET B 403 5.84 -24.78 57.08
N ILE B 404 7.05 -24.60 56.54
CA ILE B 404 8.19 -24.20 57.38
C ILE B 404 7.92 -22.85 58.01
N HIS B 405 7.42 -21.90 57.22
CA HIS B 405 7.12 -20.57 57.75
C HIS B 405 6.04 -20.64 58.83
N SER B 406 4.95 -21.35 58.54
CA SER B 406 3.86 -21.43 59.51
C SER B 406 4.30 -22.12 60.79
N THR B 407 5.03 -23.23 60.67
CA THR B 407 5.49 -23.96 61.83
C THR B 407 6.47 -23.15 62.67
N ALA B 408 7.40 -22.44 62.00
CA ALA B 408 8.33 -21.59 62.73
C ALA B 408 7.60 -20.50 63.48
N GLY B 409 6.61 -19.85 62.84
CA GLY B 409 5.84 -18.84 63.53
C GLY B 409 5.10 -19.39 64.73
N LEU B 410 4.44 -20.54 64.56
CA LEU B 410 3.67 -21.12 65.66
C LEU B 410 4.59 -21.54 66.81
N TYR B 411 5.73 -22.15 66.49
CA TYR B 411 6.63 -22.59 67.55
C TYR B 411 7.28 -21.41 68.26
N ASN B 412 7.60 -20.34 67.53
CA ASN B 412 8.14 -19.15 68.18
C ASN B 412 7.09 -18.52 69.10
N GLN B 413 5.83 -18.48 68.66
CA GLN B 413 4.77 -17.98 69.53
C GLN B 413 4.63 -18.84 70.78
N PHE B 414 4.69 -20.16 70.62
CA PHE B 414 4.61 -21.05 71.78
C PHE B 414 5.77 -20.83 72.74
N ILE B 415 6.99 -20.67 72.20
CA ILE B 415 8.15 -20.46 73.04
C ILE B 415 8.04 -19.14 73.80
N LYS B 416 7.59 -18.08 73.11
CA LYS B 416 7.43 -16.79 73.76
C LYS B 416 6.35 -16.87 74.85
N GLY B 417 5.25 -17.57 74.58
CA GLY B 417 4.23 -17.73 75.59
C GLY B 417 4.73 -18.49 76.80
N LEU B 418 5.52 -19.55 76.57
CA LEU B 418 6.09 -20.31 77.68
C LEU B 418 7.05 -19.44 78.50
N ASP B 419 7.88 -18.65 77.83
CA ASP B 419 8.85 -17.80 78.53
C ASP B 419 8.18 -16.62 79.23
N SER B 420 6.96 -16.25 78.83
CA SER B 420 6.27 -15.15 79.49
C SER B 420 6.03 -15.45 80.96
N PHE B 421 5.59 -16.66 81.28
CA PHE B 421 5.33 -17.06 82.65
C PHE B 421 6.36 -18.03 83.20
N SER B 422 7.47 -18.23 82.50
CA SER B 422 8.49 -19.18 82.94
C SER B 422 9.24 -18.73 84.19
N GLY B 423 9.15 -17.45 84.56
CA GLY B 423 9.90 -16.95 85.69
C GLY B 423 9.11 -16.85 86.98
N LYS B 424 7.90 -16.32 86.90
CA LYS B 424 7.09 -16.07 88.08
C LYS B 424 6.18 -17.27 88.35
N PRO B 425 6.28 -17.90 89.54
CA PRO B 425 5.31 -18.95 89.90
C PRO B 425 3.87 -18.49 89.77
N ARG B 426 2.95 -19.44 89.61
CA ARG B 426 1.56 -19.08 89.36
C ARG B 426 0.92 -18.46 90.61
N GLY B 427 0.78 -19.25 91.68
CA GLY B 427 0.17 -18.76 92.89
C GLY B 427 -1.33 -18.59 92.74
N SER B 428 -1.72 -17.61 91.92
CA SER B 428 -3.12 -17.36 91.60
C SER B 428 -3.17 -16.64 90.26
N GLY B 429 -4.34 -16.69 89.62
CA GLY B 429 -4.49 -16.11 88.31
C GLY B 429 -3.63 -16.79 87.28
N PRO B 430 -3.97 -18.03 86.93
CA PRO B 430 -3.09 -18.85 86.07
C PRO B 430 -2.74 -18.16 84.76
N PRO B 431 -3.68 -17.47 84.07
CA PRO B 431 -3.27 -16.77 82.84
C PRO B 431 -2.43 -15.54 83.11
N ALA B 432 -1.12 -15.64 82.88
CA ALA B 432 -0.25 -14.49 82.99
C ALA B 432 -0.41 -13.55 81.80
N GLY B 433 -0.53 -14.10 80.61
CA GLY B 433 -0.73 -13.33 79.41
C GLY B 433 -1.60 -14.06 78.41
N PRO B 434 -1.19 -14.07 77.15
CA PRO B 434 -1.95 -14.82 76.13
C PRO B 434 -1.91 -16.32 76.40
N ALA B 435 -3.01 -16.98 76.05
CA ALA B 435 -3.11 -18.42 76.27
C ALA B 435 -2.20 -19.17 75.29
N LEU B 436 -1.60 -20.25 75.76
CA LEU B 436 -0.73 -21.06 74.91
C LEU B 436 -1.57 -21.81 73.88
N PRO B 437 -1.16 -21.84 72.61
CA PRO B 437 -1.91 -22.60 71.59
C PRO B 437 -1.66 -24.10 71.71
N ILE B 438 -2.23 -24.69 72.76
CA ILE B 438 -2.00 -26.10 73.05
C ILE B 438 -2.59 -26.98 71.96
N GLU B 439 -3.86 -26.75 71.61
CA GLU B 439 -4.51 -27.57 70.60
C GLU B 439 -3.87 -27.37 69.23
N ALA B 440 -3.55 -26.11 68.89
CA ALA B 440 -2.92 -25.83 67.60
C ALA B 440 -1.55 -26.50 67.50
N VAL B 441 -0.75 -26.43 68.57
CA VAL B 441 0.56 -27.04 68.53
C VAL B 441 0.46 -28.56 68.49
N ILE B 442 -0.53 -29.14 69.17
CA ILE B 442 -0.71 -30.59 69.12
C ILE B 442 -1.08 -31.03 67.71
N LEU B 443 -2.01 -30.30 67.08
CA LEU B 443 -2.42 -30.65 65.73
C LEU B 443 -1.27 -30.48 64.75
N SER B 444 -0.47 -29.42 64.92
CA SER B 444 0.68 -29.21 64.05
C SER B 444 1.70 -30.34 64.22
N LEU B 445 1.94 -30.75 65.46
CA LEU B 445 2.88 -31.85 65.71
C LEU B 445 2.39 -33.14 65.06
N GLN B 446 1.10 -33.44 65.20
CA GLN B 446 0.55 -34.65 64.58
C GLN B 446 0.64 -34.58 63.06
N ASP B 447 0.33 -33.42 62.48
CA ASP B 447 0.40 -33.25 61.04
C ASP B 447 1.83 -33.41 60.53
N LEU B 448 2.80 -32.88 61.29
CA LEU B 448 4.20 -33.03 60.88
C LEU B 448 4.67 -34.46 61.03
N ILE B 449 4.22 -35.16 62.07
CA ILE B 449 4.59 -36.56 62.25
C ILE B 449 4.05 -37.40 61.09
N GLY B 450 2.79 -37.18 60.72
CA GLY B 450 2.26 -37.86 59.54
C GLY B 450 2.90 -37.38 58.25
N TYR B 451 3.47 -36.18 58.26
CA TYR B 451 4.07 -35.60 57.07
C TYR B 451 5.40 -36.26 56.74
N PHE B 452 6.15 -36.67 57.78
CA PHE B 452 7.44 -37.31 57.61
C PHE B 452 7.38 -38.83 57.74
N GLU B 453 6.23 -39.43 57.49
CA GLU B 453 6.10 -40.87 57.62
C GLU B 453 6.89 -41.56 56.51
N PRO B 454 7.73 -42.56 56.84
CA PRO B 454 8.49 -43.23 55.81
C PRO B 454 7.58 -44.05 54.92
N PRO B 455 7.97 -44.26 53.65
CA PRO B 455 7.13 -45.07 52.76
C PRO B 455 7.04 -46.52 53.22
N SER B 456 5.91 -47.14 52.93
CA SER B 456 5.70 -48.53 53.32
C SER B 456 6.59 -49.47 52.51
N GLU B 457 6.87 -50.63 53.09
CA GLU B 457 7.83 -51.57 52.52
C GLU B 457 7.22 -52.51 51.47
N GLU B 458 5.90 -52.49 51.30
CA GLU B 458 5.25 -53.32 50.28
C GLU B 458 5.24 -52.67 48.90
N LEU B 459 5.78 -51.47 48.77
CA LEU B 459 5.80 -50.74 47.52
C LEU B 459 6.83 -51.34 46.56
N GLN B 460 6.68 -51.01 45.28
CA GLN B 460 7.65 -51.42 44.28
C GLN B 460 8.95 -50.66 44.46
N HIS B 461 10.04 -51.26 43.98
CA HIS B 461 11.39 -50.74 44.26
C HIS B 461 11.56 -49.32 43.73
N GLU B 462 11.17 -49.08 42.48
CA GLU B 462 11.42 -47.78 41.86
C GLU B 462 10.61 -46.68 42.54
N GLU B 463 9.32 -46.91 42.76
CA GLU B 463 8.48 -45.89 43.37
C GLU B 463 8.83 -45.72 44.85
N LYS B 464 9.24 -46.80 45.51
CA LYS B 464 9.72 -46.68 46.89
C LYS B 464 10.98 -45.81 46.95
N GLN B 465 11.90 -46.00 46.00
CA GLN B 465 13.10 -45.16 45.97
C GLN B 465 12.75 -43.71 45.68
N SER B 466 11.78 -43.48 44.79
CA SER B 466 11.35 -42.11 44.52
C SER B 466 10.76 -41.46 45.76
N LYS B 467 9.92 -42.20 46.49
CA LYS B 467 9.34 -41.66 47.73
C LYS B 467 10.42 -41.41 48.77
N LEU B 468 11.41 -42.29 48.85
CA LEU B 468 12.51 -42.09 49.80
C LEU B 468 13.31 -40.84 49.46
N ARG B 469 13.58 -40.63 48.17
CA ARG B 469 14.28 -39.41 47.75
C ARG B 469 13.47 -38.17 48.08
N SER B 470 12.16 -38.21 47.84
CA SER B 470 11.31 -37.07 48.17
C SER B 470 11.34 -36.80 49.68
N LEU B 471 11.25 -37.86 50.50
CA LEU B 471 11.27 -37.68 51.94
C LEU B 471 12.61 -37.10 52.41
N ARG B 472 13.72 -37.59 51.84
CA ARG B 472 15.02 -37.06 52.21
C ARG B 472 15.14 -35.58 51.85
N ASN B 473 14.67 -35.21 50.65
CA ASN B 473 14.71 -33.81 50.25
C ASN B 473 13.86 -32.95 51.17
N ARG B 474 12.67 -33.43 51.55
CA ARG B 474 11.81 -32.67 52.44
C ARG B 474 12.45 -32.51 53.82
N GLN B 475 13.07 -33.57 54.34
CA GLN B 475 13.76 -33.48 55.62
C GLN B 475 14.91 -32.49 55.56
N SER B 476 15.68 -32.53 54.48
CA SER B 476 16.78 -31.58 54.33
C SER B 476 16.28 -30.15 54.26
N LEU B 477 15.20 -29.93 53.51
CA LEU B 477 14.61 -28.58 53.41
C LEU B 477 14.13 -28.09 54.77
N PHE B 478 13.49 -28.97 55.54
CA PHE B 478 13.01 -28.58 56.87
C PHE B 478 14.18 -28.29 57.81
N GLN B 479 15.25 -29.07 57.72
CA GLN B 479 16.39 -28.88 58.61
C GLN B 479 17.18 -27.63 58.27
N GLU B 480 17.27 -27.28 56.98
CA GLU B 480 18.09 -26.14 56.58
C GLU B 480 17.58 -24.84 57.17
N GLU B 481 16.26 -24.65 57.21
CA GLU B 481 15.66 -23.44 57.76
C GLU B 481 15.38 -23.56 59.25
N GLY B 482 16.11 -24.41 59.95
CA GLY B 482 15.89 -24.62 61.37
C GLY B 482 15.08 -25.90 61.61
N MET B 483 14.02 -25.78 62.41
CA MET B 483 13.05 -26.83 62.72
C MET B 483 13.68 -27.99 63.51
N LEU B 484 14.98 -27.94 63.79
CA LEU B 484 15.62 -28.87 64.71
C LEU B 484 16.08 -28.17 65.98
N SER B 485 16.62 -26.96 65.86
CA SER B 485 16.91 -26.16 67.05
C SER B 485 15.63 -25.70 67.73
N LEU B 486 14.58 -25.42 66.94
CA LEU B 486 13.31 -25.00 67.53
C LEU B 486 12.68 -26.11 68.35
N VAL B 487 12.71 -27.35 67.83
CA VAL B 487 12.18 -28.48 68.58
C VAL B 487 13.01 -28.72 69.82
N LEU B 488 14.33 -28.56 69.72
CA LEU B 488 15.20 -28.70 70.88
C LEU B 488 14.86 -27.67 71.96
N ASN B 489 14.64 -26.42 71.55
CA ASN B 489 14.27 -25.38 72.50
C ASN B 489 12.93 -25.68 73.15
N CYS B 490 11.95 -26.13 72.36
CA CYS B 490 10.65 -26.46 72.93
C CYS B 490 10.75 -27.59 73.93
N ILE B 491 11.53 -28.63 73.61
CA ILE B 491 11.71 -29.74 74.53
C ILE B 491 12.41 -29.28 75.79
N ASP B 492 13.42 -28.40 75.66
CA ASP B 492 14.12 -27.91 76.83
C ASP B 492 13.19 -27.10 77.73
N ARG B 493 12.36 -26.23 77.15
CA ARG B 493 11.44 -25.44 77.94
C ARG B 493 10.40 -26.33 78.63
N LEU B 494 9.87 -27.32 77.92
CA LEU B 494 8.85 -28.18 78.50
C LEU B 494 9.43 -29.10 79.58
N ASN B 495 10.68 -29.51 79.42
CA ASN B 495 11.31 -30.46 80.32
C ASN B 495 12.01 -29.80 81.50
N VAL B 496 11.93 -28.47 81.63
CA VAL B 496 12.45 -27.81 82.81
C VAL B 496 11.70 -28.30 84.05
N TYR B 497 10.38 -28.42 83.94
CA TYR B 497 9.58 -29.02 85.00
C TYR B 497 9.69 -30.53 84.93
N THR B 498 9.81 -31.17 86.10
CA THR B 498 10.13 -32.60 86.13
C THR B 498 8.90 -33.47 85.96
N THR B 499 7.78 -33.11 86.59
CA THR B 499 6.54 -33.87 86.50
C THR B 499 5.43 -32.99 85.93
N ALA B 500 4.26 -33.60 85.73
CA ALA B 500 3.09 -32.89 85.22
C ALA B 500 2.37 -32.10 86.32
N ALA B 501 2.71 -32.32 87.58
CA ALA B 501 2.11 -31.59 88.68
C ALA B 501 3.11 -30.74 89.46
N HIS B 502 4.37 -31.16 89.54
CA HIS B 502 5.39 -30.37 90.22
C HIS B 502 5.76 -29.16 89.36
N PHE B 503 5.36 -27.97 89.80
CA PHE B 503 5.55 -26.70 89.11
C PHE B 503 5.34 -26.81 87.60
N ALA B 504 4.31 -27.57 87.18
CA ALA B 504 3.91 -27.65 85.79
C ALA B 504 2.54 -27.05 85.54
N GLU B 505 1.86 -26.60 86.59
CA GLU B 505 0.56 -25.94 86.48
C GLU B 505 0.69 -24.44 86.30
N TYR B 506 1.90 -23.94 86.03
CA TYR B 506 2.11 -22.50 85.89
C TYR B 506 1.25 -21.92 84.76
N ALA B 507 0.99 -22.71 83.73
CA ALA B 507 0.06 -22.30 82.67
C ALA B 507 -1.39 -22.55 83.03
N GLY B 508 -1.66 -23.23 84.14
CA GLY B 508 -3.01 -23.54 84.55
C GLY B 508 -3.26 -25.03 84.65
N GLU B 509 -4.36 -25.41 85.31
CA GLU B 509 -4.68 -26.83 85.44
C GLU B 509 -5.18 -27.43 84.14
N GLU B 510 -5.60 -26.61 83.18
CA GLU B 510 -6.08 -27.13 81.91
C GLU B 510 -4.94 -27.62 81.02
N ALA B 511 -3.74 -27.08 81.19
CA ALA B 511 -2.58 -27.46 80.37
C ALA B 511 -1.73 -28.52 81.03
N ALA B 512 -2.07 -28.97 82.24
CA ALA B 512 -1.25 -29.96 82.93
C ALA B 512 -1.31 -31.32 82.23
N GLU B 513 -2.51 -31.73 81.81
CA GLU B 513 -2.68 -33.05 81.21
C GLU B 513 -2.09 -33.15 79.80
N SER B 514 -2.00 -32.04 79.08
CA SER B 514 -1.48 -32.06 77.71
C SER B 514 0.04 -31.89 77.64
N TRP B 515 0.69 -31.60 78.77
CA TRP B 515 2.14 -31.40 78.76
C TRP B 515 2.87 -32.68 78.32
N LYS B 516 2.47 -33.82 78.87
CA LYS B 516 3.09 -35.09 78.51
C LYS B 516 2.84 -35.42 77.04
N GLU B 517 1.61 -35.17 76.56
CA GLU B 517 1.31 -35.43 75.17
C GLU B 517 2.15 -34.58 74.24
N ILE B 518 2.32 -33.29 74.56
CA ILE B 518 3.13 -32.41 73.73
C ILE B 518 4.59 -32.84 73.77
N VAL B 519 5.07 -33.27 74.94
CA VAL B 519 6.47 -33.73 75.05
C VAL B 519 6.68 -34.96 74.18
N ASN B 520 5.76 -35.91 74.24
CA ASN B 520 5.88 -37.12 73.43
C ASN B 520 5.80 -36.80 71.95
N LEU B 521 4.90 -35.90 71.56
CA LEU B 521 4.79 -35.51 70.16
C LEU B 521 6.07 -34.84 69.67
N LEU B 522 6.66 -33.98 70.51
CA LEU B 522 7.91 -33.33 70.14
C LEU B 522 9.03 -34.35 69.98
N SER B 523 9.11 -35.33 70.88
CA SER B 523 10.12 -36.37 70.76
C SER B 523 9.93 -37.19 69.48
N GLU B 524 8.69 -37.55 69.17
CA GLU B 524 8.42 -38.32 67.96
C GLU B 524 8.75 -37.51 66.71
N LEU B 525 8.43 -36.22 66.70
CA LEU B 525 8.77 -35.38 65.55
C LEU B 525 10.27 -35.25 65.40
N LEU B 526 10.99 -35.11 66.51
CA LEU B 526 12.46 -35.04 66.45
C LEU B 526 13.03 -36.34 65.89
N ALA B 527 12.48 -37.47 66.31
CA ALA B 527 12.93 -38.75 65.77
C ALA B 527 12.64 -38.85 64.28
N SER B 528 11.46 -38.42 63.85
CA SER B 528 11.09 -38.54 62.44
C SER B 528 11.89 -37.61 61.54
N LEU B 529 12.26 -36.43 62.06
CA LEU B 529 12.99 -35.47 61.23
C LEU B 529 14.36 -35.97 60.82
N ILE B 530 14.95 -36.88 61.59
CA ILE B 530 16.30 -37.38 61.34
C ILE B 530 16.34 -38.86 61.04
N ARG B 531 15.19 -39.55 61.09
CA ARG B 531 15.16 -40.99 60.88
C ARG B 531 15.50 -41.30 59.42
N GLY B 532 16.67 -41.89 59.20
CA GLY B 532 17.10 -42.30 57.88
C GLY B 532 17.88 -41.28 57.09
N ASN B 533 17.99 -40.04 57.57
CA ASN B 533 18.73 -38.99 56.88
C ASN B 533 20.13 -38.92 57.47
N ARG B 534 21.13 -39.29 56.67
CA ARG B 534 22.51 -39.30 57.16
C ARG B 534 23.01 -37.89 57.46
N ALA B 535 22.69 -36.93 56.60
CA ALA B 535 23.14 -35.56 56.81
C ALA B 535 22.53 -34.97 58.07
N ASN B 536 21.22 -35.17 58.27
CA ASN B 536 20.57 -34.65 59.47
C ASN B 536 21.13 -35.29 60.73
N CYS B 537 21.38 -36.60 60.70
CA CYS B 537 21.97 -37.26 61.86
C CYS B 537 23.38 -36.75 62.13
N ALA B 538 24.16 -36.53 61.07
CA ALA B 538 25.51 -36.00 61.25
C ALA B 538 25.47 -34.61 61.86
N LEU B 539 24.53 -33.77 61.42
CA LEU B 539 24.42 -32.43 61.99
C LEU B 539 23.89 -32.45 63.41
N PHE B 540 23.04 -33.42 63.74
CA PHE B 540 22.46 -33.55 65.07
C PHE B 540 23.38 -34.26 66.06
N SER B 541 24.43 -34.92 65.58
CA SER B 541 25.32 -35.65 66.47
C SER B 541 25.97 -34.75 67.53
N THR B 542 26.03 -33.44 67.30
CA THR B 542 26.62 -32.53 68.27
C THR B 542 25.83 -32.46 69.56
N ASN B 543 24.57 -32.90 69.57
CA ASN B 543 23.73 -32.91 70.75
C ASN B 543 23.70 -34.28 71.42
N LEU B 544 24.80 -35.03 71.31
CA LEU B 544 24.85 -36.37 71.90
C LEU B 544 24.70 -36.33 73.41
N ASP B 545 25.40 -35.38 74.07
CA ASP B 545 25.31 -35.28 75.51
C ASP B 545 23.90 -34.92 75.96
N TRP B 546 23.24 -34.01 75.25
CA TRP B 546 21.87 -33.66 75.58
C TRP B 546 20.94 -34.85 75.39
N VAL B 547 21.12 -35.61 74.30
CA VAL B 547 20.27 -36.76 74.06
C VAL B 547 20.45 -37.81 75.16
N VAL B 548 21.70 -38.06 75.55
CA VAL B 548 21.96 -39.05 76.60
C VAL B 548 21.40 -38.57 77.93
N SER B 549 21.53 -37.28 78.24
CA SER B 549 21.03 -36.75 79.50
C SER B 549 19.50 -36.80 79.57
N LYS B 550 18.82 -36.59 78.44
CA LYS B 550 17.36 -36.61 78.41
C LYS B 550 16.78 -38.01 78.35
N LEU B 551 17.55 -39.04 78.67
CA LEU B 551 17.11 -40.43 78.59
C LEU B 551 16.50 -40.94 79.89
N ASP B 552 16.41 -40.10 80.92
CA ASP B 552 15.90 -40.51 82.23
C ASP B 552 14.77 -39.58 82.68
N ARG B 553 13.82 -39.33 81.79
CA ARG B 553 12.69 -38.46 82.08
C ARG B 553 11.39 -39.22 82.33
N LEU B 554 11.37 -40.52 82.03
CA LEU B 554 10.25 -41.42 82.32
C LEU B 554 9.06 -41.15 81.40
N GLU B 555 9.12 -40.09 80.61
CA GLU B 555 8.05 -39.80 79.65
C GLU B 555 8.65 -39.50 78.28
N ALA B 556 9.88 -39.00 78.25
CA ALA B 556 10.57 -38.71 77.01
C ALA B 556 11.52 -39.82 76.57
N SER B 557 11.66 -40.88 77.38
CA SER B 557 12.60 -41.95 77.04
C SER B 557 12.17 -42.69 75.78
N SER B 558 10.86 -42.89 75.61
CA SER B 558 10.37 -43.66 74.47
C SER B 558 10.74 -43.03 73.14
N GLY B 559 10.89 -41.71 73.10
CA GLY B 559 11.28 -41.04 71.87
C GLY B 559 12.76 -40.73 71.80
N ILE B 560 13.35 -40.42 72.95
CA ILE B 560 14.78 -40.10 72.99
C ILE B 560 15.60 -41.34 72.66
N LEU B 561 15.15 -42.52 73.11
CA LEU B 561 15.85 -43.75 72.76
C LEU B 561 15.82 -43.99 71.25
N GLU B 562 14.68 -43.74 70.61
CA GLU B 562 14.60 -43.88 69.16
C GLU B 562 15.49 -42.87 68.45
N VAL B 563 15.54 -41.63 68.97
CA VAL B 563 16.43 -40.62 68.39
C VAL B 563 17.87 -41.08 68.47
N LEU B 564 18.27 -41.59 69.63
CA LEU B 564 19.65 -42.07 69.81
C LEU B 564 19.95 -43.24 68.89
N TYR B 565 19.01 -44.17 68.76
CA TYR B 565 19.22 -45.32 67.88
C TYR B 565 19.37 -44.88 66.43
N CYS B 566 18.53 -43.94 65.99
CA CYS B 566 18.63 -43.43 64.61
C CYS B 566 19.96 -42.72 64.39
N VAL B 567 20.40 -41.92 65.38
CA VAL B 567 21.67 -41.21 65.26
C VAL B 567 22.82 -42.20 65.14
N LEU B 568 22.81 -43.24 65.98
CA LEU B 568 23.88 -44.23 65.94
C LEU B 568 23.87 -45.04 64.65
N ILE B 569 22.69 -45.38 64.15
CA ILE B 569 22.61 -46.22 62.95
C ILE B 569 23.00 -45.42 61.70
N GLU B 570 22.44 -44.23 61.54
CA GLU B 570 22.64 -43.49 60.29
C GLU B 570 24.03 -42.88 60.19
N SER B 571 24.57 -42.38 61.31
CA SER B 571 25.87 -41.73 61.33
C SER B 571 26.78 -42.50 62.31
N PRO B 572 27.50 -43.51 61.83
CA PRO B 572 28.39 -44.26 62.73
C PRO B 572 29.74 -43.59 62.93
N GLU B 573 29.73 -42.27 63.15
CA GLU B 573 30.92 -41.54 63.51
C GLU B 573 30.87 -40.97 64.92
N VAL B 574 29.67 -40.86 65.50
CA VAL B 574 29.51 -40.42 66.88
C VAL B 574 29.93 -41.49 67.88
N LEU B 575 30.21 -42.71 67.40
CA LEU B 575 30.63 -43.78 68.29
C LEU B 575 31.96 -43.47 68.95
N ASN B 576 32.89 -42.88 68.21
CA ASN B 576 34.23 -42.63 68.73
C ASN B 576 34.23 -41.59 69.84
N ILE B 577 33.26 -40.67 69.83
CA ILE B 577 33.23 -39.59 70.81
C ILE B 577 32.34 -39.93 72.00
N ILE B 578 32.03 -41.21 72.19
CA ILE B 578 31.19 -41.66 73.30
C ILE B 578 32.10 -42.13 74.42
N GLN B 579 31.92 -41.56 75.60
CA GLN B 579 32.74 -41.90 76.76
C GLN B 579 32.07 -43.00 77.57
N GLU B 580 32.64 -43.32 78.74
CA GLU B 580 32.09 -44.38 79.57
C GLU B 580 30.81 -43.96 80.27
N ASN B 581 30.66 -42.66 80.56
CA ASN B 581 29.48 -42.20 81.27
C ASN B 581 28.20 -42.39 80.44
N HIS B 582 28.30 -42.26 79.12
CA HIS B 582 27.14 -42.52 78.27
C HIS B 582 26.70 -43.99 78.37
N ILE B 583 27.66 -44.91 78.32
CA ILE B 583 27.34 -46.33 78.43
C ILE B 583 26.76 -46.64 79.81
N LYS B 584 27.33 -46.04 80.85
CA LYS B 584 26.80 -46.24 82.19
C LYS B 584 25.38 -45.71 82.32
N SER B 585 25.09 -44.57 81.70
CA SER B 585 23.74 -44.02 81.71
C SER B 585 22.77 -44.93 80.96
N ILE B 586 23.20 -45.50 79.83
CA ILE B 586 22.35 -46.42 79.09
C ILE B 586 22.05 -47.66 79.92
N ILE B 587 23.08 -48.21 80.59
CA ILE B 587 22.87 -49.38 81.44
C ILE B 587 21.96 -49.04 82.61
N SER B 588 22.10 -47.84 83.17
CA SER B 588 21.20 -47.40 84.24
C SER B 588 19.76 -47.28 83.75
N LEU B 589 19.58 -46.78 82.53
CA LEU B 589 18.25 -46.72 81.94
C LEU B 589 17.66 -48.12 81.79
N LEU B 590 18.48 -49.07 81.34
CA LEU B 590 18.02 -50.47 81.24
C LEU B 590 17.63 -51.01 82.61
N ASP B 591 18.41 -50.69 83.64
CA ASP B 591 18.13 -51.20 84.98
C ASP B 591 16.89 -50.56 85.59
N LYS B 592 16.63 -49.29 85.28
CA LYS B 592 15.54 -48.56 85.92
C LYS B 592 14.21 -48.67 85.19
N HIS B 593 14.23 -48.77 83.86
CA HIS B 593 13.00 -48.82 83.08
C HIS B 593 12.55 -50.24 82.77
N GLY B 594 13.24 -51.25 83.27
CA GLY B 594 12.86 -52.64 83.03
C GLY B 594 13.63 -53.25 81.88
N ARG B 595 13.36 -54.53 81.67
CA ARG B 595 14.06 -55.30 80.64
C ARG B 595 13.46 -54.96 79.27
N ASN B 596 14.10 -54.03 78.56
CA ASN B 596 13.70 -53.66 77.22
C ASN B 596 14.68 -54.25 76.23
N HIS B 597 14.16 -54.69 75.08
CA HIS B 597 14.97 -55.30 74.04
C HIS B 597 15.54 -54.29 73.06
N LYS B 598 15.24 -53.00 73.22
CA LYS B 598 15.82 -51.97 72.38
C LYS B 598 17.09 -51.38 72.97
N VAL B 599 17.24 -51.43 74.29
CA VAL B 599 18.50 -51.03 74.91
C VAL B 599 19.63 -51.94 74.44
N LEU B 600 19.34 -53.23 74.30
CA LEU B 600 20.34 -54.17 73.78
C LEU B 600 20.70 -53.84 72.34
N ASP B 601 19.71 -53.44 71.53
CA ASP B 601 20.00 -53.01 70.16
C ASP B 601 20.87 -51.76 70.15
N VAL B 602 20.61 -50.82 71.06
CA VAL B 602 21.43 -49.62 71.16
C VAL B 602 22.87 -50.00 71.52
N LEU B 603 23.03 -50.91 72.47
CA LEU B 603 24.37 -51.36 72.84
C LEU B 603 25.07 -52.05 71.68
N CYS B 604 24.34 -52.87 70.92
CA CYS B 604 24.91 -53.52 69.74
C CYS B 604 25.38 -52.48 68.72
N SER B 605 24.57 -51.44 68.51
CA SER B 605 24.98 -50.37 67.62
C SER B 605 26.22 -49.66 68.15
N LEU B 606 26.32 -49.51 69.47
CA LEU B 606 27.50 -48.91 70.07
C LEU B 606 28.75 -49.76 69.82
N CYS B 607 28.60 -51.09 69.85
CA CYS B 607 29.75 -51.97 69.84
C CYS B 607 30.56 -51.84 68.56
N VAL B 608 29.90 -51.88 67.41
CA VAL B 608 30.58 -52.01 66.12
C VAL B 608 30.20 -50.82 65.23
N CYS B 609 31.20 -50.26 64.56
CA CYS B 609 31.01 -49.21 63.57
C CYS B 609 30.58 -49.81 62.24
N ASN B 610 30.71 -49.06 61.15
CA ASN B 610 30.21 -49.46 59.85
C ASN B 610 31.10 -50.51 59.17
N GLY B 611 31.91 -51.23 59.94
CA GLY B 611 32.82 -52.22 59.40
C GLY B 611 34.13 -52.27 60.16
N VAL B 612 34.26 -51.40 61.16
CA VAL B 612 35.44 -51.35 62.02
C VAL B 612 34.99 -51.56 63.45
N ALA B 613 35.71 -52.41 64.19
CA ALA B 613 35.36 -52.72 65.56
C ALA B 613 35.89 -51.63 66.50
N VAL B 614 35.01 -51.08 67.33
CA VAL B 614 35.38 -50.08 68.32
C VAL B 614 35.61 -50.84 69.61
N ARG B 615 36.88 -51.21 69.85
CA ARG B 615 37.21 -52.05 71.00
C ARG B 615 36.96 -51.33 72.33
N SER B 616 36.99 -50.00 72.32
CA SER B 616 36.74 -49.25 73.56
C SER B 616 35.34 -49.51 74.09
N ASN B 617 34.33 -49.35 73.23
CA ASN B 617 32.96 -49.61 73.64
C ASN B 617 32.75 -51.09 73.97
N GLN B 618 33.37 -51.98 73.19
CA GLN B 618 33.23 -53.41 73.42
C GLN B 618 33.75 -53.80 74.81
N ASP B 619 34.89 -53.22 75.21
CA ASP B 619 35.44 -53.50 76.52
C ASP B 619 34.64 -52.82 77.62
N LEU B 620 34.18 -51.59 77.39
CA LEU B 620 33.43 -50.86 78.41
C LEU B 620 32.12 -51.57 78.74
N ILE B 621 31.38 -52.00 77.71
CA ILE B 621 30.11 -52.70 77.94
C ILE B 621 30.35 -54.00 78.69
N THR B 622 31.38 -54.75 78.30
CA THR B 622 31.71 -55.99 78.99
C THR B 622 32.04 -55.74 80.45
N GLU B 623 32.83 -54.69 80.73
CA GLU B 623 33.23 -54.42 82.10
C GLU B 623 32.08 -53.90 82.95
N ASN B 624 31.14 -53.18 82.35
CA ASN B 624 30.07 -52.55 83.12
C ASN B 624 28.80 -53.39 83.20
N LEU B 625 28.65 -54.43 82.37
CA LEU B 625 27.41 -55.19 82.35
C LEU B 625 27.59 -56.64 82.75
N LEU B 626 28.55 -57.34 82.14
CA LEU B 626 28.66 -58.79 82.34
C LEU B 626 28.99 -59.21 83.77
N PRO B 627 29.99 -58.64 84.45
CA PRO B 627 30.39 -59.22 85.75
C PRO B 627 29.29 -59.22 86.79
N GLY B 628 28.42 -58.22 86.79
CA GLY B 628 27.29 -58.21 87.71
C GLY B 628 26.11 -58.96 87.14
N ARG B 629 25.93 -60.22 87.54
CA ARG B 629 24.86 -61.06 87.00
C ARG B 629 23.53 -60.76 87.68
N GLU B 630 23.12 -59.50 87.58
CA GLU B 630 21.88 -59.04 88.18
C GLU B 630 20.95 -58.38 87.18
N LEU B 631 21.31 -58.30 85.91
CA LEU B 631 20.50 -57.64 84.89
C LEU B 631 20.13 -58.54 83.73
N LEU B 632 21.04 -59.40 83.29
CA LEU B 632 20.79 -60.30 82.18
C LEU B 632 20.36 -61.69 82.69
N LEU B 633 19.48 -62.33 81.94
CA LEU B 633 18.99 -63.64 82.32
C LEU B 633 20.11 -64.68 82.21
N GLN B 634 20.44 -65.31 83.34
CA GLN B 634 21.51 -66.30 83.36
C GLN B 634 20.99 -67.65 82.87
N THR B 635 21.93 -68.57 82.62
CA THR B 635 21.59 -69.90 82.18
C THR B 635 22.72 -70.85 82.60
N ASN B 636 22.34 -72.09 82.89
CA ASN B 636 23.29 -73.11 83.33
C ASN B 636 22.66 -74.48 83.16
N LEU B 637 23.48 -75.51 83.30
CA LEU B 637 23.05 -76.90 83.23
C LEU B 637 22.91 -77.44 84.65
N ILE B 638 21.69 -77.84 85.02
CA ILE B 638 21.41 -78.36 86.34
C ILE B 638 20.89 -79.79 86.22
N ASN B 639 20.83 -80.48 87.35
CA ASN B 639 20.40 -81.87 87.41
C ASN B 639 18.90 -81.97 87.66
N TYR B 640 18.40 -83.19 87.57
CA TYR B 640 17.02 -83.52 87.94
C TYR B 640 17.05 -84.24 89.28
N VAL B 641 16.28 -83.72 90.24
CA VAL B 641 16.28 -84.24 91.60
C VAL B 641 14.86 -84.64 91.97
N THR B 642 14.73 -85.82 92.57
CA THR B 642 13.44 -86.35 93.00
C THR B 642 13.51 -86.73 94.47
N SER B 643 12.35 -87.08 95.03
CA SER B 643 12.24 -87.47 96.43
C SER B 643 11.40 -88.72 96.54
N ILE B 644 11.71 -89.53 97.55
CA ILE B 644 11.00 -90.78 97.83
C ILE B 644 10.67 -90.82 99.31
N ARG B 645 9.42 -91.12 99.64
CA ARG B 645 8.96 -91.15 101.02
C ARG B 645 8.19 -92.44 101.29
N PRO B 646 8.21 -92.92 102.53
CA PRO B 646 7.30 -93.99 102.93
C PRO B 646 5.98 -93.43 103.45
N ASN B 647 4.94 -94.27 103.36
CA ASN B 647 3.60 -93.87 103.77
C ASN B 647 3.43 -93.97 105.28
N ILE B 648 4.26 -93.19 105.98
CA ILE B 648 4.22 -93.10 107.44
C ILE B 648 4.07 -91.63 107.79
N PHE B 649 2.97 -91.28 108.45
CA PHE B 649 2.67 -89.90 108.79
C PHE B 649 2.47 -89.77 110.29
N VAL B 650 3.15 -88.80 110.90
CA VAL B 650 3.00 -88.49 112.31
C VAL B 650 2.71 -87.00 112.45
N GLY B 651 2.10 -86.63 113.56
CA GLY B 651 1.75 -85.24 113.79
C GLY B 651 1.39 -85.01 115.24
N ARG B 652 1.28 -83.73 115.57
CA ARG B 652 0.94 -83.29 116.93
C ARG B 652 -0.39 -82.56 116.89
N ALA B 653 -1.33 -82.99 117.73
CA ALA B 653 -2.66 -82.43 117.80
C ALA B 653 -3.15 -82.57 119.24
N GLU B 654 -4.47 -82.45 119.43
CA GLU B 654 -5.04 -82.63 120.76
C GLU B 654 -4.79 -84.03 121.33
N GLY B 655 -4.53 -85.01 120.47
CA GLY B 655 -4.18 -86.33 120.95
C GLY B 655 -4.46 -87.40 119.92
N SER B 656 -4.44 -88.65 120.40
CA SER B 656 -4.77 -89.86 119.65
C SER B 656 -3.69 -90.26 118.65
N THR B 657 -2.72 -89.37 118.39
CA THR B 657 -1.51 -89.74 117.65
C THR B 657 -0.34 -89.05 118.36
N GLN B 658 0.18 -89.71 119.41
CA GLN B 658 1.27 -89.10 120.17
C GLN B 658 2.10 -90.20 120.82
N TYR B 659 3.17 -90.61 120.14
CA TYR B 659 4.31 -91.19 120.84
C TYR B 659 5.23 -90.11 121.36
N GLY B 660 5.17 -88.92 120.77
CA GLY B 660 6.07 -87.84 121.07
C GLY B 660 7.41 -87.94 120.35
N LYS B 661 7.86 -89.15 120.05
CA LYS B 661 9.16 -89.36 119.44
C LYS B 661 9.05 -90.44 118.37
N TRP B 662 9.89 -90.31 117.34
CA TRP B 662 9.97 -91.28 116.26
C TRP B 662 11.42 -91.38 115.80
N TYR B 663 11.76 -92.51 115.18
CA TYR B 663 13.15 -92.80 114.84
C TYR B 663 13.21 -93.70 113.63
N PHE B 664 14.06 -93.35 112.67
CA PHE B 664 14.28 -94.17 111.48
C PHE B 664 15.70 -93.95 110.99
N GLU B 665 16.16 -94.86 110.13
CA GLU B 665 17.52 -94.83 109.63
C GLU B 665 17.52 -94.98 108.12
N VAL B 666 18.57 -94.45 107.48
CA VAL B 666 18.81 -94.59 106.06
C VAL B 666 20.25 -95.04 105.87
N MET B 667 20.44 -96.16 105.18
CA MET B 667 21.76 -96.73 104.94
C MET B 667 22.14 -96.55 103.48
N VAL B 668 23.33 -96.01 103.25
CA VAL B 668 23.81 -95.73 101.90
C VAL B 668 24.63 -96.92 101.42
N ASP B 669 24.27 -97.46 100.26
CA ASP B 669 24.98 -98.60 99.68
C ASP B 669 26.11 -98.15 98.77
N GLU B 670 25.81 -97.35 97.75
CA GLU B 670 26.82 -96.84 96.84
C GLU B 670 26.41 -95.46 96.36
N VAL B 671 27.41 -94.60 96.15
CA VAL B 671 27.17 -93.25 95.68
C VAL B 671 28.30 -92.84 94.74
N VAL B 672 27.96 -92.45 93.52
CA VAL B 672 28.92 -91.88 92.57
C VAL B 672 28.91 -90.37 92.74
N PRO B 673 30.03 -89.74 93.11
CA PRO B 673 30.00 -88.32 93.46
C PRO B 673 29.83 -87.40 92.26
N PHE B 674 30.38 -87.77 91.10
CA PHE B 674 30.39 -86.92 89.92
C PHE B 674 30.01 -87.70 88.69
N LEU B 675 28.89 -88.44 88.76
CA LEU B 675 28.39 -89.15 87.60
C LEU B 675 28.08 -88.20 86.45
N THR B 676 27.76 -86.94 86.76
CA THR B 676 27.50 -85.92 85.77
C THR B 676 28.44 -84.73 86.01
N ALA B 677 28.21 -83.65 85.29
CA ALA B 677 29.14 -82.52 85.34
C ALA B 677 29.00 -81.73 86.63
N GLN B 678 27.77 -81.59 87.15
CA GLN B 678 27.55 -80.67 88.26
C GLN B 678 27.94 -81.27 89.60
N ALA B 679 27.20 -82.29 90.05
CA ALA B 679 27.41 -82.90 91.36
C ALA B 679 26.47 -84.10 91.47
N THR B 680 26.46 -84.71 92.65
CA THR B 680 25.51 -85.74 93.02
C THR B 680 24.75 -85.27 94.26
N HIS B 681 23.42 -85.31 94.19
CA HIS B 681 22.56 -84.79 95.25
C HIS B 681 22.02 -85.94 96.08
N LEU B 682 22.17 -85.84 97.40
CA LEU B 682 21.64 -86.86 98.30
C LEU B 682 21.50 -86.25 99.69
N ARG B 683 20.25 -86.09 100.15
CA ARG B 683 19.98 -85.62 101.50
C ARG B 683 18.87 -86.47 102.09
N VAL B 684 18.87 -86.56 103.43
CA VAL B 684 17.85 -87.29 104.17
C VAL B 684 17.32 -86.39 105.27
N GLY B 685 16.10 -86.68 105.72
CA GLY B 685 15.49 -85.86 106.77
C GLY B 685 13.99 -86.06 106.83
N TRP B 686 13.31 -85.02 107.28
CA TRP B 686 11.86 -85.03 107.42
C TRP B 686 11.24 -83.95 106.54
N ALA B 687 9.92 -84.00 106.41
CA ALA B 687 9.20 -83.05 105.58
C ALA B 687 7.77 -82.91 106.07
N LEU B 688 7.11 -81.86 105.62
CA LEU B 688 5.73 -81.56 105.97
C LEU B 688 4.80 -81.94 104.81
N THR B 689 3.59 -82.38 105.15
CA THR B 689 2.67 -82.88 104.14
C THR B 689 1.83 -81.79 103.48
N GLU B 690 1.91 -80.56 103.97
CA GLU B 690 1.07 -79.48 103.44
C GLU B 690 1.80 -78.55 102.49
N GLY B 691 3.12 -78.44 102.59
CA GLY B 691 3.85 -77.49 101.76
C GLY B 691 4.94 -78.10 100.90
N TYR B 692 5.46 -79.25 101.30
CA TYR B 692 6.54 -79.88 100.56
C TYR B 692 5.98 -80.50 99.28
N SER B 693 6.37 -79.94 98.14
CA SER B 693 5.94 -80.43 96.84
C SER B 693 6.96 -80.05 95.77
N PRO B 694 8.08 -80.77 95.69
CA PRO B 694 9.11 -80.43 94.70
C PRO B 694 8.75 -80.95 93.32
N TYR B 695 8.38 -80.04 92.43
CA TYR B 695 8.07 -80.45 91.07
C TYR B 695 9.37 -80.64 90.27
N PRO B 696 9.43 -81.66 89.42
CA PRO B 696 10.64 -81.87 88.62
C PRO B 696 10.93 -80.68 87.72
N GLY B 697 12.22 -80.38 87.57
CA GLY B 697 12.63 -79.24 86.75
C GLY B 697 13.17 -78.09 87.57
N GLY B 698 12.67 -76.89 87.30
CA GLY B 698 13.12 -75.71 88.01
C GLY B 698 12.45 -75.55 89.35
N GLY B 699 12.71 -74.41 89.98
CA GLY B 699 12.15 -74.11 91.28
C GLY B 699 12.76 -72.88 91.92
N GLU B 700 13.16 -73.01 93.19
CA GLU B 700 13.74 -71.91 93.94
C GLU B 700 15.26 -72.01 93.89
N GLY B 701 15.91 -70.90 93.57
CA GLY B 701 17.37 -70.87 93.47
C GLY B 701 17.85 -71.28 92.08
N TRP B 702 18.60 -72.39 92.02
CA TRP B 702 19.12 -72.92 90.77
C TRP B 702 18.47 -74.25 90.40
N GLY B 703 17.22 -74.45 90.80
CA GLY B 703 16.54 -75.70 90.53
C GLY B 703 17.05 -76.83 91.41
N GLY B 704 16.58 -78.02 91.09
CA GLY B 704 16.96 -79.22 91.83
C GLY B 704 16.60 -79.15 93.30
N ASN B 705 15.30 -79.13 93.59
CA ASN B 705 14.80 -78.97 94.96
C ASN B 705 14.48 -80.34 95.56
N GLY B 706 15.01 -80.60 96.74
CA GLY B 706 14.70 -81.81 97.48
C GLY B 706 14.44 -81.50 98.94
N VAL B 707 14.65 -82.47 99.83
CA VAL B 707 14.58 -82.18 101.26
C VAL B 707 15.67 -81.16 101.58
N GLY B 708 15.30 -80.13 102.34
CA GLY B 708 16.09 -78.92 102.30
C GLY B 708 15.26 -77.72 101.90
N ASP B 709 15.43 -77.27 100.66
CA ASP B 709 14.79 -76.09 100.12
C ASP B 709 13.27 -76.07 100.33
N ASP B 710 12.68 -74.88 100.18
CA ASP B 710 11.27 -74.50 100.37
C ASP B 710 10.85 -74.46 101.84
N LEU B 711 11.74 -74.81 102.77
CA LEU B 711 11.59 -74.55 104.20
C LEU B 711 10.52 -75.41 104.85
N TYR B 712 9.75 -76.15 104.05
CA TYR B 712 8.81 -77.12 104.62
C TYR B 712 9.48 -78.44 104.96
N SER B 713 10.76 -78.59 104.66
CA SER B 713 11.51 -79.81 104.93
C SER B 713 12.79 -79.45 105.68
N TYR B 714 13.32 -80.43 106.40
CA TYR B 714 14.53 -80.27 107.19
C TYR B 714 15.44 -81.45 106.94
N GLY B 715 16.60 -81.20 106.33
CA GLY B 715 17.48 -82.26 105.90
C GLY B 715 18.90 -82.05 106.37
N PHE B 716 19.75 -83.02 106.04
CA PHE B 716 21.16 -83.03 106.44
C PHE B 716 21.92 -83.83 105.40
N ASP B 717 22.82 -83.16 104.66
CA ASP B 717 23.42 -83.83 103.50
C ASP B 717 24.53 -84.79 103.93
N GLY B 718 25.67 -84.27 104.35
CA GLY B 718 26.59 -85.04 105.17
C GLY B 718 27.34 -84.18 106.16
N LEU B 719 27.28 -82.86 105.95
CA LEU B 719 27.90 -81.91 106.86
C LEU B 719 27.13 -80.61 106.98
N HIS B 720 25.97 -80.49 106.35
CA HIS B 720 25.18 -79.27 106.36
C HIS B 720 23.77 -79.58 106.83
N LEU B 721 23.17 -78.64 107.57
CA LEU B 721 21.77 -78.75 107.96
C LEU B 721 20.96 -77.88 106.99
N TRP B 722 20.25 -78.53 106.08
CA TRP B 722 19.55 -77.83 105.01
C TRP B 722 18.13 -77.47 105.47
N THR B 723 17.86 -76.17 105.54
CA THR B 723 16.52 -75.67 105.82
C THR B 723 16.38 -74.30 105.17
N GLY B 724 15.14 -73.89 104.94
CA GLY B 724 14.91 -72.69 104.17
C GLY B 724 15.42 -72.89 102.76
N HIS B 725 16.51 -72.20 102.42
CA HIS B 725 17.26 -72.53 101.21
C HIS B 725 18.77 -72.52 101.41
N VAL B 726 19.28 -71.98 102.50
CA VAL B 726 20.71 -71.82 102.73
C VAL B 726 21.20 -72.98 103.58
N ALA B 727 22.42 -73.45 103.29
CA ALA B 727 23.02 -74.56 104.02
C ALA B 727 23.91 -74.02 105.13
N ARG B 728 23.71 -74.51 106.35
CA ARG B 728 24.51 -74.13 107.49
C ARG B 728 25.42 -75.28 107.87
N PRO B 729 26.74 -75.12 107.80
CA PRO B 729 27.64 -76.23 108.13
C PRO B 729 27.51 -76.66 109.58
N VAL B 730 27.70 -77.95 109.81
CA VAL B 730 27.58 -78.55 111.14
C VAL B 730 28.87 -79.26 111.46
N THR B 731 29.13 -79.41 112.77
CA THR B 731 30.36 -80.02 113.26
C THR B 731 30.09 -81.49 113.59
N SER B 732 30.94 -82.36 113.08
CA SER B 732 30.84 -83.80 113.30
C SER B 732 32.23 -84.37 113.50
N PRO B 733 32.35 -85.48 114.24
CA PRO B 733 33.67 -86.12 114.37
C PRO B 733 34.08 -86.86 113.11
N GLY B 734 34.67 -86.15 112.16
CA GLY B 734 35.01 -86.73 110.88
C GLY B 734 34.02 -86.40 109.79
N GLN B 735 33.68 -85.12 109.65
CA GLN B 735 32.68 -84.70 108.69
C GLN B 735 33.07 -85.09 107.28
N HIS B 736 32.12 -85.67 106.56
CA HIS B 736 32.30 -86.00 105.15
C HIS B 736 30.92 -86.20 104.53
N LEU B 737 30.90 -86.18 103.20
CA LEU B 737 29.65 -86.38 102.47
C LEU B 737 29.12 -87.80 102.70
N LEU B 738 27.93 -88.07 102.17
CA LEU B 738 27.29 -89.37 102.37
C LEU B 738 28.01 -90.41 101.51
N ALA B 739 29.14 -90.88 102.04
CA ALA B 739 29.92 -91.91 101.38
C ALA B 739 29.21 -93.25 101.49
N PRO B 740 29.58 -94.22 100.64
CA PRO B 740 28.99 -95.55 100.76
C PRO B 740 29.27 -96.17 102.12
N GLU B 741 28.34 -97.03 102.56
CA GLU B 741 28.40 -97.66 103.88
C GLU B 741 28.34 -96.61 105.00
N ASP B 742 27.32 -95.77 104.93
CA ASP B 742 27.05 -94.75 105.95
C ASP B 742 25.63 -94.91 106.44
N VAL B 743 25.45 -94.95 107.76
CA VAL B 743 24.15 -95.08 108.38
C VAL B 743 23.82 -93.77 109.08
N VAL B 744 22.78 -93.09 108.60
CA VAL B 744 22.33 -91.83 109.17
C VAL B 744 20.96 -92.07 109.80
N SER B 745 20.84 -91.72 111.08
CA SER B 745 19.62 -91.91 111.84
C SER B 745 19.02 -90.56 112.20
N CYS B 746 17.75 -90.36 111.85
CA CYS B 746 17.04 -89.12 112.11
C CYS B 746 16.01 -89.35 113.20
N CYS B 747 15.95 -88.45 114.17
CA CYS B 747 15.02 -88.53 115.28
C CYS B 747 14.13 -87.30 115.29
N LEU B 748 12.83 -87.52 115.47
CA LEU B 748 11.85 -86.44 115.51
C LEU B 748 11.14 -86.45 116.86
N ASP B 749 11.09 -85.30 117.51
CA ASP B 749 10.42 -85.12 118.79
C ASP B 749 9.34 -84.06 118.63
N LEU B 750 8.12 -84.40 119.07
CA LEU B 750 6.99 -83.49 118.92
C LEU B 750 6.57 -82.81 120.21
N SER B 751 6.97 -83.33 121.37
CA SER B 751 6.71 -82.63 122.62
C SER B 751 7.37 -81.25 122.60
N VAL B 752 8.69 -81.22 122.51
CA VAL B 752 9.43 -80.04 122.10
C VAL B 752 9.79 -80.20 120.63
N PRO B 753 9.39 -79.29 119.75
CA PRO B 753 9.62 -79.51 118.31
C PRO B 753 11.10 -79.48 117.96
N SER B 754 11.67 -80.64 117.67
CA SER B 754 13.10 -80.74 117.38
C SER B 754 13.36 -81.96 116.52
N ILE B 755 14.32 -81.82 115.61
CA ILE B 755 14.78 -82.92 114.75
C ILE B 755 16.28 -83.05 114.93
N SER B 756 16.74 -84.26 115.22
CA SER B 756 18.15 -84.53 115.47
C SER B 756 18.63 -85.64 114.54
N PHE B 757 19.92 -85.61 114.23
CA PHE B 757 20.53 -86.60 113.34
C PHE B 757 21.76 -87.20 114.01
N ARG B 758 22.02 -88.46 113.70
CA ARG B 758 23.20 -89.17 114.19
C ARG B 758 23.76 -90.00 113.05
N ILE B 759 25.01 -89.75 112.69
CA ILE B 759 25.68 -90.45 111.59
C ILE B 759 26.70 -91.42 112.18
N ASN B 760 26.57 -92.70 111.82
CA ASN B 760 27.48 -93.75 112.27
C ASN B 760 27.55 -93.80 113.81
N GLY B 761 26.41 -93.57 114.46
CA GLY B 761 26.32 -93.57 115.90
C GLY B 761 26.70 -92.26 116.56
N CYS B 762 27.73 -91.61 116.06
CA CYS B 762 28.17 -90.34 116.64
C CYS B 762 27.11 -89.27 116.41
N PRO B 763 26.74 -88.50 117.43
CA PRO B 763 25.72 -87.47 117.25
C PRO B 763 26.21 -86.31 116.40
N VAL B 764 25.26 -85.64 115.76
CA VAL B 764 25.53 -84.45 114.97
C VAL B 764 25.19 -83.23 115.81
N GLN B 765 26.14 -82.30 115.94
CA GLN B 765 26.00 -81.14 116.83
C GLN B 765 25.17 -80.06 116.14
N GLY B 766 23.89 -80.37 115.95
CA GLY B 766 22.95 -79.43 115.36
C GLY B 766 21.55 -79.98 115.28
N VAL B 767 20.56 -79.17 115.67
CA VAL B 767 19.17 -79.58 115.67
C VAL B 767 18.31 -78.42 115.17
N PHE B 768 17.10 -78.75 114.73
CA PHE B 768 16.09 -77.77 114.40
C PHE B 768 15.16 -77.58 115.59
N GLU B 769 14.54 -76.41 115.67
CA GLU B 769 13.69 -76.10 116.81
C GLU B 769 12.61 -75.10 116.40
N ALA B 770 11.51 -75.12 117.16
CA ALA B 770 10.45 -74.12 117.06
C ALA B 770 9.86 -74.05 115.65
N PHE B 771 9.74 -75.19 114.99
CA PHE B 771 9.07 -75.25 113.70
C PHE B 771 7.58 -75.54 113.90
N ASN B 772 6.75 -74.82 113.15
CA ASN B 772 5.31 -74.93 113.31
C ASN B 772 4.82 -76.33 112.90
N LEU B 773 4.01 -76.94 113.74
CA LEU B 773 3.48 -78.28 113.50
C LEU B 773 2.10 -78.24 112.86
N ASP B 774 2.00 -77.61 111.69
CA ASP B 774 0.74 -77.49 110.97
C ASP B 774 0.83 -78.51 109.83
N GLY B 775 0.32 -79.72 110.09
CA GLY B 775 0.33 -80.79 109.12
C GLY B 775 0.94 -82.04 109.72
N LEU B 776 1.32 -82.96 108.84
CA LEU B 776 1.89 -84.25 109.24
C LEU B 776 3.36 -84.32 108.82
N PHE B 777 4.12 -85.13 109.54
CA PHE B 777 5.55 -85.31 109.29
C PHE B 777 5.79 -86.71 108.73
N PHE B 778 6.58 -86.80 107.66
CA PHE B 778 6.94 -88.07 107.09
C PHE B 778 8.42 -88.08 106.75
N PRO B 779 9.08 -89.23 106.82
CA PRO B 779 10.47 -89.31 106.36
C PRO B 779 10.56 -89.09 104.86
N VAL B 780 11.70 -88.55 104.43
CA VAL B 780 11.92 -88.25 103.01
C VAL B 780 13.40 -88.30 102.73
N VAL B 781 13.76 -88.80 101.55
CA VAL B 781 15.13 -88.79 101.04
C VAL B 781 15.10 -88.20 99.64
N SER B 782 15.98 -87.22 99.40
CA SER B 782 16.11 -86.59 98.09
C SER B 782 17.40 -87.07 97.44
N PHE B 783 17.33 -87.37 96.14
CA PHE B 783 18.45 -87.95 95.43
C PHE B 783 18.40 -87.55 93.97
N SER B 784 19.51 -87.75 93.27
CA SER B 784 19.60 -87.35 91.87
C SER B 784 20.62 -88.23 91.15
N ALA B 785 20.13 -89.24 90.44
CA ALA B 785 20.86 -89.87 89.33
C ALA B 785 22.21 -90.45 89.77
N GLY B 786 22.14 -91.50 90.58
CA GLY B 786 23.35 -92.26 90.84
C GLY B 786 23.55 -92.84 92.22
N VAL B 787 22.62 -92.65 93.14
CA VAL B 787 22.76 -93.12 94.50
C VAL B 787 21.96 -94.42 94.68
N LYS B 788 22.21 -95.10 95.79
CA LYS B 788 21.45 -96.29 96.15
C LYS B 788 21.40 -96.37 97.67
N VAL B 789 20.20 -96.19 98.24
CA VAL B 789 20.02 -96.16 99.68
C VAL B 789 18.92 -97.14 100.06
N ARG B 790 18.87 -97.46 101.36
CA ARG B 790 17.89 -98.39 101.90
C ARG B 790 17.23 -97.78 103.13
N PHE B 791 15.94 -98.05 103.29
CA PHE B 791 15.16 -97.56 104.43
C PHE B 791 15.10 -98.64 105.50
N LEU B 792 15.79 -98.43 106.61
CA LEU B 792 15.75 -99.33 107.76
C LEU B 792 14.77 -98.73 108.76
N LEU B 793 13.49 -99.11 108.64
CA LEU B 793 12.45 -98.41 109.38
C LEU B 793 12.34 -98.90 110.82
N GLY B 794 11.91 -100.15 111.01
CA GLY B 794 11.64 -100.60 112.37
C GLY B 794 11.86 -102.05 112.72
N GLY B 795 12.47 -102.83 111.82
CA GLY B 795 12.54 -104.26 112.03
C GLY B 795 11.30 -104.94 111.48
N ARG B 796 11.50 -106.04 110.74
CA ARG B 796 10.52 -106.69 109.87
C ARG B 796 10.19 -105.82 108.66
N HIS B 797 10.74 -104.60 108.60
CA HIS B 797 10.68 -103.73 107.44
C HIS B 797 12.04 -103.06 107.23
N GLY B 798 13.11 -103.74 107.64
CA GLY B 798 14.44 -103.18 107.66
C GLY B 798 15.07 -103.25 109.04
N GLU B 799 16.18 -103.98 109.16
CA GLU B 799 16.81 -104.18 110.45
C GLU B 799 17.60 -102.94 110.87
N PHE B 800 17.66 -102.71 112.17
CA PHE B 800 18.39 -101.58 112.72
C PHE B 800 19.88 -101.86 112.82
N LYS B 801 20.65 -100.78 112.88
CA LYS B 801 22.09 -100.86 113.10
C LYS B 801 22.53 -100.23 114.42
N PHE B 802 21.75 -99.32 114.99
CA PHE B 802 22.06 -98.69 116.27
C PHE B 802 20.82 -98.66 117.13
N LEU B 803 21.03 -98.69 118.44
CA LEU B 803 19.91 -98.66 119.38
C LEU B 803 19.26 -97.28 119.38
N PRO B 804 17.94 -97.19 119.21
CA PRO B 804 17.27 -95.89 119.23
C PRO B 804 17.33 -95.27 120.61
N PRO B 805 17.25 -93.95 120.71
CA PRO B 805 17.16 -93.32 122.02
C PRO B 805 15.90 -93.75 122.74
N PRO B 806 15.91 -93.79 124.07
CA PRO B 806 14.75 -94.29 124.81
C PRO B 806 13.51 -93.46 124.54
N GLY B 807 12.36 -94.14 124.47
CA GLY B 807 11.10 -93.49 124.21
C GLY B 807 10.82 -93.18 122.76
N TYR B 808 11.66 -93.62 121.84
CA TYR B 808 11.51 -93.33 120.42
C TYR B 808 10.99 -94.55 119.69
N ALA B 809 9.86 -94.38 118.99
CA ALA B 809 9.31 -95.47 118.20
C ALA B 809 10.16 -95.69 116.95
N PRO B 810 10.29 -96.94 116.51
CA PRO B 810 11.09 -97.21 115.30
C PRO B 810 10.29 -97.04 114.02
N CYS B 811 9.47 -95.99 113.95
CA CYS B 811 8.87 -95.53 112.70
C CYS B 811 8.02 -96.58 112.00
N HIS B 812 7.89 -97.78 112.58
CA HIS B 812 7.12 -98.85 111.99
C HIS B 812 5.71 -98.95 112.56
N GLU B 813 5.32 -98.00 113.40
CA GLU B 813 3.94 -97.81 113.79
C GLU B 813 3.32 -96.72 112.90
N ALA B 814 2.11 -96.28 113.25
CA ALA B 814 1.38 -95.30 112.45
C ALA B 814 1.24 -95.75 111.00
N VAL B 815 1.00 -97.06 110.83
CA VAL B 815 0.88 -97.64 109.49
C VAL B 815 -0.54 -97.53 108.95
N LEU B 816 -1.49 -97.09 109.77
CA LEU B 816 -2.87 -96.87 109.34
C LEU B 816 -3.42 -98.16 108.73
N PRO B 817 -3.79 -99.15 109.56
CA PRO B 817 -4.00 -100.52 109.07
C PRO B 817 -4.95 -100.67 107.87
N ARG B 818 -5.68 -99.60 107.52
CA ARG B 818 -6.42 -99.62 106.26
C ARG B 818 -5.50 -99.63 105.06
N GLU B 819 -4.24 -99.23 105.23
CA GLU B 819 -3.26 -99.20 104.15
C GLU B 819 -2.00 -99.93 104.58
N ARG B 820 -1.25 -100.39 103.59
CA ARG B 820 0.00 -101.12 103.81
C ARG B 820 1.18 -100.15 103.73
N LEU B 821 2.39 -100.70 103.72
CA LEU B 821 3.61 -99.92 103.63
C LEU B 821 4.08 -99.85 102.18
N ARG B 822 4.52 -98.65 101.77
CA ARG B 822 4.90 -98.42 100.38
C ARG B 822 5.96 -97.33 100.32
N LEU B 823 6.66 -97.30 99.20
CA LEU B 823 7.59 -96.23 98.86
C LEU B 823 7.04 -95.50 97.64
N GLU B 824 6.64 -94.24 97.82
CA GLU B 824 5.95 -93.51 96.78
C GLU B 824 6.55 -92.12 96.63
N PRO B 825 6.47 -91.54 95.42
CA PRO B 825 6.88 -90.14 95.25
C PRO B 825 5.89 -89.20 95.90
N ILE B 826 6.26 -87.92 95.94
CA ILE B 826 5.51 -86.89 96.65
C ILE B 826 4.86 -85.98 95.63
N LYS B 827 3.54 -85.96 95.62
CA LYS B 827 2.74 -85.07 94.77
C LYS B 827 3.12 -85.21 93.30
N GLU B 828 2.91 -86.41 92.77
CA GLU B 828 3.19 -86.70 91.38
C GLU B 828 2.03 -86.28 90.49
N TYR B 829 2.34 -86.00 89.22
CA TYR B 829 1.34 -85.66 88.23
C TYR B 829 1.49 -86.50 86.96
N ARG B 830 2.35 -87.50 86.97
CA ARG B 830 2.58 -88.34 85.80
C ARG B 830 3.14 -89.68 86.27
N ARG B 831 2.44 -90.76 85.93
CA ARG B 831 2.82 -92.11 86.36
C ARG B 831 2.89 -93.02 85.15
N GLU B 832 3.96 -93.81 85.08
CA GLU B 832 4.11 -94.76 83.98
C GLU B 832 3.03 -95.82 84.06
N GLY B 833 2.51 -96.23 82.90
CA GLY B 833 1.44 -97.19 82.83
C GLY B 833 1.72 -98.30 81.85
N PRO B 834 0.76 -99.22 81.71
CA PRO B 834 0.96 -100.35 80.78
C PRO B 834 1.16 -99.94 79.34
N ARG B 835 0.51 -98.87 78.89
CA ARG B 835 0.56 -98.46 77.49
C ARG B 835 0.79 -96.96 77.36
N GLY B 836 1.64 -96.41 78.22
CA GLY B 836 1.97 -95.00 78.14
C GLY B 836 1.93 -94.30 79.48
N PRO B 837 2.27 -93.02 79.50
CA PRO B 837 2.30 -92.25 80.76
C PRO B 837 0.91 -91.83 81.19
N HIS B 838 0.46 -92.37 82.32
CA HIS B 838 -0.81 -91.95 82.90
C HIS B 838 -0.65 -90.59 83.57
N LEU B 839 -1.71 -89.78 83.48
CA LEU B 839 -1.75 -88.48 84.15
C LEU B 839 -2.58 -88.60 85.43
N VAL B 840 -2.07 -88.00 86.50
CA VAL B 840 -2.64 -88.16 87.84
C VAL B 840 -3.01 -86.78 88.37
N GLY B 841 -4.23 -86.67 88.91
CA GLY B 841 -4.69 -85.44 89.52
C GLY B 841 -4.19 -85.30 90.94
N PRO B 842 -4.70 -84.29 91.64
CA PRO B 842 -4.27 -84.06 93.02
C PRO B 842 -4.61 -85.25 93.92
N SER B 843 -3.71 -85.53 94.87
CA SER B 843 -3.91 -86.62 95.79
C SER B 843 -4.80 -86.20 96.97
N ARG B 844 -5.30 -87.18 97.70
CA ARG B 844 -6.13 -86.96 98.87
C ARG B 844 -5.24 -87.12 100.10
N CYS B 845 -4.58 -86.03 100.49
CA CYS B 845 -3.68 -86.04 101.62
C CYS B 845 -4.44 -86.04 102.94
N LEU B 846 -3.75 -86.46 104.00
CA LEU B 846 -4.34 -86.53 105.33
C LEU B 846 -3.95 -85.30 106.13
N SER B 847 -4.88 -84.79 106.93
CA SER B 847 -4.59 -83.68 107.82
C SER B 847 -4.23 -84.20 109.22
N HIS B 848 -3.66 -83.33 110.02
CA HIS B 848 -3.27 -83.67 111.39
C HIS B 848 -4.43 -83.59 112.37
N THR B 849 -5.58 -83.09 111.95
CA THR B 849 -6.75 -83.03 112.82
C THR B 849 -7.71 -84.17 112.49
N ASP B 850 -7.23 -85.19 111.78
CA ASP B 850 -8.03 -86.36 111.43
C ASP B 850 -7.92 -87.48 112.44
N PHE B 851 -6.79 -87.62 113.12
CA PHE B 851 -6.60 -88.69 114.10
C PHE B 851 -7.30 -88.40 115.42
N VAL B 852 -7.58 -87.14 115.73
CA VAL B 852 -8.22 -86.75 116.98
C VAL B 852 -9.70 -87.12 116.89
N PRO B 853 -10.27 -87.79 117.89
CA PRO B 853 -11.69 -88.14 117.82
C PRO B 853 -12.60 -87.09 118.45
N CYS B 854 -13.61 -86.66 117.72
CA CYS B 854 -14.60 -85.71 118.23
C CYS B 854 -15.99 -86.30 118.12
N PRO B 855 -16.66 -86.58 119.23
CA PRO B 855 -18.04 -87.09 119.18
C PRO B 855 -19.04 -85.93 119.19
N VAL B 856 -20.32 -86.29 119.18
CA VAL B 856 -21.39 -85.29 119.26
C VAL B 856 -21.53 -84.85 120.71
N ASP B 857 -22.07 -83.64 120.88
CA ASP B 857 -22.19 -83.03 122.21
C ASP B 857 -23.31 -83.70 122.98
N THR B 858 -22.96 -84.39 124.06
CA THR B 858 -23.94 -84.99 124.98
C THR B 858 -23.81 -84.42 126.39
N VAL B 859 -23.23 -83.23 126.53
CA VAL B 859 -23.03 -82.65 127.85
C VAL B 859 -24.37 -82.34 128.51
N GLN B 860 -25.29 -81.73 127.77
CA GLN B 860 -26.59 -81.33 128.29
C GLN B 860 -27.61 -82.41 127.96
N ILE B 861 -27.61 -83.47 128.75
CA ILE B 861 -28.55 -84.57 128.61
C ILE B 861 -29.25 -84.73 129.97
N VAL B 862 -30.58 -84.60 129.96
CA VAL B 862 -31.33 -84.63 131.21
C VAL B 862 -31.40 -86.05 131.79
N LEU B 863 -31.44 -87.07 130.93
CA LEU B 863 -31.70 -88.45 131.35
C LEU B 863 -32.99 -88.52 132.14
N PRO B 864 -34.15 -88.39 131.48
CA PRO B 864 -35.42 -88.38 132.20
C PRO B 864 -35.64 -89.68 132.97
N PRO B 865 -36.58 -89.68 133.93
CA PRO B 865 -36.72 -90.88 134.79
C PRO B 865 -37.03 -92.15 134.03
N HIS B 866 -37.77 -92.08 132.94
CA HIS B 866 -38.05 -93.30 132.17
C HIS B 866 -36.79 -93.86 131.54
N LEU B 867 -35.93 -92.99 131.01
CA LEU B 867 -34.63 -93.43 130.50
C LEU B 867 -33.64 -93.70 131.62
N GLU B 868 -33.72 -92.94 132.71
CA GLU B 868 -32.80 -93.15 133.83
C GLU B 868 -33.02 -94.51 134.48
N ARG B 869 -34.28 -94.96 134.54
CA ARG B 869 -34.57 -96.26 135.12
C ARG B 869 -33.88 -97.38 134.34
N ILE B 870 -33.94 -97.32 133.01
CA ILE B 870 -33.19 -98.27 132.18
C ILE B 870 -31.83 -97.62 131.93
N ARG B 871 -30.97 -97.71 132.94
CA ARG B 871 -29.57 -97.36 132.82
C ARG B 871 -28.67 -98.54 133.14
N GLU B 872 -28.85 -99.16 134.31
CA GLU B 872 -28.20 -100.43 134.60
C GLU B 872 -28.91 -101.58 133.91
N LYS B 873 -30.23 -101.49 133.72
CA LYS B 873 -30.99 -102.60 133.15
C LYS B 873 -30.39 -103.05 131.81
N LEU B 874 -29.93 -102.10 131.00
CA LEU B 874 -29.24 -102.43 129.76
C LEU B 874 -27.81 -102.90 129.98
N ALA B 875 -27.19 -102.51 131.09
CA ALA B 875 -25.75 -102.71 131.25
C ALA B 875 -25.37 -104.19 131.29
N GLU B 876 -26.01 -104.98 132.15
CA GLU B 876 -25.59 -106.37 132.27
C GLU B 876 -25.92 -107.19 131.03
N ASN B 877 -26.86 -106.76 130.20
CA ASN B 877 -27.12 -107.49 128.96
C ASN B 877 -25.88 -107.49 128.07
N ILE B 878 -25.34 -106.30 127.78
CA ILE B 878 -24.11 -106.21 127.01
C ILE B 878 -22.95 -106.83 127.79
N HIS B 879 -22.96 -106.69 129.12
CA HIS B 879 -21.88 -107.26 129.91
C HIS B 879 -21.79 -108.77 129.73
N GLU B 880 -22.92 -109.48 129.87
CA GLU B 880 -22.93 -110.93 129.70
C GLU B 880 -22.72 -111.33 128.25
N LEU B 881 -23.26 -110.57 127.29
CA LEU B 881 -23.03 -110.90 125.89
C LEU B 881 -21.57 -110.77 125.52
N TRP B 882 -20.90 -109.72 126.00
CA TRP B 882 -19.47 -109.58 125.78
C TRP B 882 -18.68 -110.61 126.56
N ALA B 883 -19.18 -111.04 127.72
CA ALA B 883 -18.51 -112.12 128.45
C ALA B 883 -18.54 -113.41 127.66
N LEU B 884 -19.69 -113.74 127.05
CA LEU B 884 -19.74 -114.95 126.23
C LEU B 884 -18.95 -114.80 124.94
N THR B 885 -18.90 -113.58 124.38
CA THR B 885 -18.03 -113.35 123.23
C THR B 885 -16.56 -113.51 123.61
N ARG B 886 -16.20 -113.18 124.86
CA ARG B 886 -14.83 -113.38 125.32
C ARG B 886 -14.55 -114.86 125.54
N ILE B 887 -15.50 -115.60 126.11
CA ILE B 887 -15.32 -117.04 126.29
C ILE B 887 -15.49 -117.81 124.99
N GLU B 888 -15.83 -117.13 123.89
CA GLU B 888 -15.80 -117.78 122.58
C GLU B 888 -14.41 -118.34 122.29
N GLN B 889 -13.36 -117.59 122.60
CA GLN B 889 -12.01 -118.11 122.53
C GLN B 889 -11.61 -118.91 123.76
N GLY B 890 -12.43 -118.92 124.80
CA GLY B 890 -12.21 -119.78 125.95
C GLY B 890 -11.82 -119.09 127.24
N TRP B 891 -12.21 -117.82 127.39
CA TRP B 891 -11.85 -117.08 128.59
C TRP B 891 -12.49 -117.70 129.82
N THR B 892 -11.77 -117.65 130.94
CA THR B 892 -12.26 -118.19 132.21
C THR B 892 -11.94 -117.19 133.33
N TYR B 893 -12.70 -117.28 134.40
CA TYR B 893 -12.53 -116.38 135.54
C TYR B 893 -11.24 -116.72 136.28
N GLY B 894 -10.40 -115.72 136.49
CA GLY B 894 -9.13 -115.90 137.18
C GLY B 894 -8.55 -114.60 137.68
N PRO B 895 -7.34 -114.66 138.25
CA PRO B 895 -6.75 -113.45 138.83
C PRO B 895 -5.95 -112.60 137.86
N VAL B 896 -5.36 -113.20 136.83
CA VAL B 896 -4.43 -112.49 135.94
C VAL B 896 -4.85 -112.73 134.49
N ARG B 897 -4.86 -111.65 133.70
CA ARG B 897 -5.25 -111.70 132.29
C ARG B 897 -4.05 -112.12 131.45
N ASP B 898 -4.11 -113.34 130.92
CA ASP B 898 -3.15 -113.84 129.94
C ASP B 898 -3.85 -114.94 129.15
N ASP B 899 -3.87 -114.81 127.82
CA ASP B 899 -4.56 -115.80 127.00
C ASP B 899 -3.94 -117.18 127.15
N ASN B 900 -2.62 -117.27 127.26
CA ASN B 900 -1.98 -118.55 127.54
C ASN B 900 -2.40 -119.07 128.92
N LYS B 901 -2.43 -118.18 129.92
CA LYS B 901 -2.91 -118.58 131.23
C LYS B 901 -4.43 -118.76 131.24
N ARG B 902 -5.15 -117.95 130.46
CA ARG B 902 -6.59 -118.09 130.25
C ARG B 902 -7.37 -117.89 131.55
N LEU B 903 -7.04 -116.81 132.27
CA LEU B 903 -7.68 -116.51 133.54
C LEU B 903 -7.97 -115.01 133.68
N HIS B 904 -8.47 -114.40 132.62
CA HIS B 904 -8.87 -112.99 132.69
C HIS B 904 -10.13 -112.86 133.55
N PRO B 905 -10.12 -112.03 134.59
CA PRO B 905 -11.36 -111.80 135.35
C PRO B 905 -12.35 -110.96 134.55
N CYS B 906 -13.32 -111.64 133.95
CA CYS B 906 -14.37 -110.96 133.18
C CYS B 906 -15.71 -111.65 133.32
N LEU B 907 -15.85 -112.60 134.25
CA LEU B 907 -16.98 -113.52 134.24
C LEU B 907 -17.82 -113.41 135.51
N VAL B 908 -18.15 -112.18 135.90
CA VAL B 908 -19.04 -111.93 137.03
C VAL B 908 -20.21 -111.08 136.53
N ASN B 909 -21.23 -110.97 137.37
CA ASN B 909 -22.38 -110.14 137.05
C ASN B 909 -22.00 -108.66 137.16
N PHE B 910 -22.89 -107.79 136.67
CA PHE B 910 -22.60 -106.37 136.66
C PHE B 910 -22.50 -105.82 138.09
N HIS B 911 -23.38 -106.27 138.98
CA HIS B 911 -23.33 -105.83 140.37
C HIS B 911 -22.13 -106.40 141.12
N SER B 912 -21.44 -107.38 140.56
CA SER B 912 -20.26 -107.99 141.19
C SER B 912 -18.97 -107.65 140.46
N LEU B 913 -19.00 -106.72 139.51
CA LEU B 913 -17.80 -106.36 138.78
C LEU B 913 -16.83 -105.60 139.68
N PRO B 914 -15.52 -105.67 139.39
CA PRO B 914 -14.55 -104.89 140.16
C PRO B 914 -14.80 -103.40 140.04
N GLU B 915 -14.47 -102.68 141.11
CA GLU B 915 -14.74 -101.24 141.18
C GLU B 915 -14.09 -100.43 140.06
N PRO B 916 -12.81 -100.64 139.66
CA PRO B 916 -12.18 -99.74 138.66
C PRO B 916 -12.97 -99.55 137.38
N GLU B 917 -13.29 -100.63 136.68
CA GLU B 917 -13.99 -100.53 135.40
C GLU B 917 -15.49 -100.44 135.54
N ARG B 918 -16.02 -100.57 136.75
CA ARG B 918 -17.47 -100.51 136.96
C ARG B 918 -18.02 -99.16 136.52
N ASN B 919 -17.44 -98.08 137.05
CA ASN B 919 -17.93 -96.74 136.72
C ASN B 919 -17.83 -96.46 135.23
N TYR B 920 -16.71 -96.88 134.61
CA TYR B 920 -16.56 -96.72 133.17
C TYR B 920 -17.66 -97.44 132.41
N ASN B 921 -18.01 -98.65 132.87
CA ASN B 921 -19.12 -99.37 132.26
C ASN B 921 -20.45 -98.64 132.41
N LEU B 922 -20.73 -98.09 133.60
CA LEU B 922 -21.97 -97.31 133.75
C LEU B 922 -21.99 -96.11 132.81
N GLN B 923 -20.88 -95.38 132.70
CA GLN B 923 -20.92 -94.19 131.86
C GLN B 923 -21.03 -94.54 130.39
N MET B 924 -20.40 -95.66 129.97
CA MET B 924 -20.55 -96.10 128.59
C MET B 924 -21.98 -96.53 128.30
N SER B 925 -22.59 -97.29 129.21
CA SER B 925 -23.97 -97.72 129.02
C SER B 925 -24.91 -96.53 128.99
N GLY B 926 -24.67 -95.53 129.83
CA GLY B 926 -25.47 -94.32 129.77
C GLY B 926 -25.26 -93.52 128.49
N GLU B 927 -24.01 -93.40 128.04
CA GLU B 927 -23.73 -92.68 126.80
C GLU B 927 -24.41 -93.36 125.62
N THR B 928 -24.60 -94.68 125.70
CA THR B 928 -25.38 -95.37 124.68
C THR B 928 -26.77 -94.75 124.54
N LEU B 929 -27.40 -94.36 125.64
CA LEU B 929 -28.71 -93.71 125.57
C LEU B 929 -28.59 -92.23 125.25
N LYS B 930 -27.55 -91.57 125.78
CA LYS B 930 -27.37 -90.14 125.53
C LYS B 930 -27.11 -89.85 124.06
N THR B 931 -26.49 -90.77 123.33
CA THR B 931 -26.31 -90.57 121.90
C THR B 931 -27.65 -90.45 121.19
N LEU B 932 -28.57 -91.38 121.47
CA LEU B 932 -29.91 -91.30 120.90
C LEU B 932 -30.63 -90.04 121.34
N LEU B 933 -30.52 -89.70 122.63
CA LEU B 933 -31.24 -88.53 123.13
C LEU B 933 -30.73 -87.24 122.49
N ALA B 934 -29.42 -87.11 122.32
CA ALA B 934 -28.84 -85.88 121.78
C ALA B 934 -29.06 -85.79 120.28
N LEU B 935 -28.94 -86.91 119.56
CA LEU B 935 -29.12 -86.88 118.12
C LEU B 935 -30.55 -86.51 117.73
N GLY B 936 -31.53 -86.91 118.54
CA GLY B 936 -32.93 -86.65 118.24
C GLY B 936 -33.78 -87.89 118.47
N CYS B 937 -34.56 -88.27 117.45
CA CYS B 937 -35.35 -89.49 117.44
C CYS B 937 -36.02 -89.75 118.79
N HIS B 938 -36.91 -88.82 119.15
CA HIS B 938 -37.60 -88.86 120.44
C HIS B 938 -38.28 -90.21 120.67
N VAL B 939 -37.81 -90.95 121.67
CA VAL B 939 -38.29 -92.29 121.95
C VAL B 939 -39.46 -92.22 122.92
N GLY B 940 -40.21 -93.31 122.98
CA GLY B 940 -41.36 -93.40 123.88
C GLY B 940 -41.61 -94.83 124.29
N MET B 941 -42.26 -94.99 125.44
CA MET B 941 -42.57 -96.31 125.99
C MET B 941 -43.78 -96.87 125.25
N ALA B 942 -43.52 -97.61 124.18
CA ALA B 942 -44.61 -98.21 123.41
C ALA B 942 -45.35 -99.28 124.23
N ASP B 943 -44.60 -100.12 124.95
CA ASP B 943 -45.21 -101.19 125.72
C ASP B 943 -44.38 -101.45 126.95
N GLU B 944 -45.04 -101.98 127.99
CA GLU B 944 -44.37 -102.33 129.24
C GLU B 944 -44.76 -103.74 129.66
N LYS B 945 -45.94 -104.20 129.23
CA LYS B 945 -46.39 -105.54 129.60
C LYS B 945 -45.51 -106.62 128.99
N ALA B 946 -45.07 -106.43 127.75
CA ALA B 946 -44.21 -107.41 127.10
C ALA B 946 -42.88 -107.54 127.82
N GLU B 947 -42.32 -106.42 128.29
CA GLU B 947 -41.06 -106.45 129.00
C GLU B 947 -41.16 -107.26 130.29
N ASP B 948 -42.31 -107.15 130.98
CA ASP B 948 -42.48 -107.84 132.26
C ASP B 948 -42.46 -109.36 132.11
N ASN B 949 -42.74 -109.87 130.93
CA ASN B 949 -42.81 -111.31 130.69
C ASN B 949 -41.60 -111.86 129.97
N LEU B 950 -40.65 -111.02 129.59
CA LEU B 950 -39.47 -111.49 128.88
C LEU B 950 -38.53 -112.25 129.81
N LYS B 951 -37.96 -113.34 129.29
CA LYS B 951 -37.09 -114.20 130.10
C LYS B 951 -35.73 -114.38 129.46
N LYS B 952 -34.93 -115.29 130.01
CA LYS B 952 -33.56 -115.54 129.54
C LYS B 952 -33.54 -116.83 128.72
N THR B 953 -32.89 -116.77 127.56
CA THR B 953 -32.82 -117.93 126.67
C THR B 953 -31.91 -119.00 127.26
N LYS B 954 -32.20 -120.25 126.91
CA LYS B 954 -31.42 -121.38 127.39
C LYS B 954 -30.01 -121.35 126.81
N LEU B 955 -29.05 -121.83 127.60
CA LEU B 955 -27.66 -121.90 127.20
C LEU B 955 -27.11 -123.31 127.42
N PRO B 956 -26.26 -123.79 126.53
CA PRO B 956 -25.67 -125.12 126.70
C PRO B 956 -24.58 -125.10 127.77
N LYS B 957 -23.99 -126.29 128.00
CA LYS B 957 -22.96 -126.44 129.01
C LYS B 957 -21.62 -125.82 128.59
N THR B 958 -21.47 -125.45 127.32
CA THR B 958 -20.21 -124.83 126.89
C THR B 958 -20.00 -123.49 127.58
N TYR B 959 -21.08 -122.72 127.75
CA TYR B 959 -20.96 -121.44 128.45
C TYR B 959 -20.60 -121.62 129.92
N MET B 960 -20.93 -122.77 130.49
CA MET B 960 -20.54 -123.06 131.87
C MET B 960 -19.03 -123.17 131.99
N MET B 961 -18.49 -122.56 133.04
CA MET B 961 -17.06 -122.49 133.26
C MET B 961 -16.74 -122.90 134.70
N SER B 962 -15.48 -123.23 134.94
CA SER B 962 -15.09 -124.06 136.08
C SER B 962 -15.55 -123.46 137.40
N ASN B 963 -15.38 -122.16 137.59
CA ASN B 963 -15.80 -121.52 138.84
C ASN B 963 -17.31 -121.63 139.03
N GLY B 964 -18.08 -121.45 137.97
CA GLY B 964 -19.52 -121.63 138.05
C GLY B 964 -20.33 -120.53 137.38
N TYR B 965 -19.65 -119.57 136.77
CA TYR B 965 -20.36 -118.48 136.10
C TYR B 965 -21.11 -119.00 134.88
N LYS B 966 -22.29 -118.43 134.65
CA LYS B 966 -23.09 -118.76 133.48
C LYS B 966 -23.72 -117.50 132.91
N PRO B 967 -23.51 -117.20 131.64
CA PRO B 967 -24.14 -116.02 131.04
C PRO B 967 -25.65 -116.14 131.00
N ALA B 968 -26.32 -115.00 131.03
CA ALA B 968 -27.78 -114.93 131.00
C ALA B 968 -28.19 -114.00 129.87
N PRO B 969 -28.14 -114.49 128.62
CA PRO B 969 -28.50 -113.63 127.48
C PRO B 969 -30.00 -113.46 127.39
N LEU B 970 -30.45 -112.21 127.32
CA LEU B 970 -31.85 -111.91 127.17
C LEU B 970 -32.36 -112.36 125.80
N ASP B 971 -33.66 -112.66 125.73
CA ASP B 971 -34.26 -113.07 124.46
C ASP B 971 -34.15 -111.96 123.44
N LEU B 972 -33.78 -112.31 122.21
CA LEU B 972 -33.48 -111.35 121.17
C LEU B 972 -34.29 -111.52 119.90
N SER B 973 -34.81 -112.72 119.62
CA SER B 973 -35.55 -112.95 118.39
C SER B 973 -36.99 -112.46 118.43
N HIS B 974 -37.46 -112.00 119.61
CA HIS B 974 -38.83 -111.53 119.72
C HIS B 974 -39.07 -110.22 119.01
N VAL B 975 -38.02 -109.46 118.72
CA VAL B 975 -38.15 -108.16 118.08
C VAL B 975 -37.23 -108.11 116.87
N ARG B 976 -37.58 -107.25 115.92
CA ARG B 976 -36.79 -107.05 114.71
C ARG B 976 -36.69 -105.57 114.42
N LEU B 977 -35.48 -105.09 114.16
CA LEU B 977 -35.27 -103.68 113.90
C LEU B 977 -35.71 -103.31 112.49
N THR B 978 -36.40 -102.18 112.38
CA THR B 978 -36.81 -101.66 111.08
C THR B 978 -35.60 -101.15 110.32
N PRO B 979 -35.71 -101.01 108.99
CA PRO B 979 -34.56 -100.50 108.22
C PRO B 979 -34.07 -99.14 108.69
N ALA B 980 -34.95 -98.29 109.22
CA ALA B 980 -34.50 -97.03 109.80
C ALA B 980 -33.60 -97.29 111.00
N GLN B 981 -33.95 -98.28 111.83
CA GLN B 981 -33.08 -98.65 112.95
C GLN B 981 -31.76 -99.22 112.46
N THR B 982 -31.78 -100.00 111.37
CA THR B 982 -30.54 -100.50 110.79
C THR B 982 -29.68 -99.38 110.23
N THR B 983 -30.29 -98.28 109.78
CA THR B 983 -29.52 -97.12 109.35
C THR B 983 -28.94 -96.36 110.53
N LEU B 984 -29.73 -96.20 111.60
CA LEU B 984 -29.33 -95.39 112.74
C LEU B 984 -28.45 -96.13 113.74
N VAL B 985 -28.33 -97.46 113.65
CA VAL B 985 -27.53 -98.19 114.63
C VAL B 985 -26.04 -97.90 114.46
N ASP B 986 -25.57 -97.80 113.22
CA ASP B 986 -24.15 -97.60 112.98
C ASP B 986 -23.66 -96.22 113.39
N ARG B 987 -24.55 -95.21 113.40
CA ARG B 987 -24.17 -93.90 113.91
C ARG B 987 -23.84 -93.97 115.39
N LEU B 988 -24.59 -94.77 116.14
CA LEU B 988 -24.31 -94.94 117.56
C LEU B 988 -22.97 -95.63 117.78
N ALA B 989 -22.61 -96.59 116.92
CA ALA B 989 -21.28 -97.20 117.01
C ALA B 989 -20.20 -96.19 116.66
N GLU B 990 -20.45 -95.35 115.65
CA GLU B 990 -19.53 -94.27 115.31
C GLU B 990 -19.26 -93.37 116.51
N ASN B 991 -20.33 -92.96 117.20
CA ASN B 991 -20.17 -92.13 118.40
C ASN B 991 -19.50 -92.90 119.53
N GLY B 992 -19.84 -94.18 119.71
CA GLY B 992 -19.28 -94.95 120.81
C GLY B 992 -17.78 -95.16 120.68
N HIS B 993 -17.31 -95.44 119.47
CA HIS B 993 -15.87 -95.59 119.28
C HIS B 993 -15.13 -94.29 119.55
N ASN B 994 -15.71 -93.16 119.10
CA ASN B 994 -15.10 -91.86 119.37
C ASN B 994 -15.02 -91.58 120.86
N VAL B 995 -16.12 -91.83 121.59
CA VAL B 995 -16.11 -91.61 123.03
C VAL B 995 -15.13 -92.54 123.72
N TRP B 996 -15.05 -93.79 123.27
CA TRP B 996 -14.11 -94.76 123.83
C TRP B 996 -12.68 -94.27 123.64
N ALA B 997 -12.36 -93.78 122.44
CA ALA B 997 -11.01 -93.30 122.18
C ALA B 997 -10.71 -92.03 122.97
N ARG B 998 -11.73 -91.21 123.22
CA ARG B 998 -11.53 -89.94 123.91
C ARG B 998 -10.99 -90.16 125.33
N ASP B 999 -11.60 -91.07 126.08
CA ASP B 999 -11.14 -91.32 127.45
C ASP B 999 -9.75 -91.96 127.44
N ARG B 1000 -9.46 -92.79 126.45
CA ARG B 1000 -8.14 -93.42 126.34
C ARG B 1000 -7.05 -92.38 126.11
N VAL B 1001 -7.28 -91.45 125.19
CA VAL B 1001 -6.29 -90.40 124.97
C VAL B 1001 -6.24 -89.45 126.17
N ALA B 1002 -7.35 -89.31 126.89
CA ALA B 1002 -7.32 -88.55 128.13
C ALA B 1002 -6.44 -89.23 129.18
N GLN B 1003 -6.43 -90.56 129.20
CA GLN B 1003 -5.58 -91.31 130.12
C GLN B 1003 -4.12 -91.30 129.68
N GLY B 1004 -3.86 -91.17 128.39
CA GLY B 1004 -2.50 -91.16 127.89
C GLY B 1004 -2.18 -92.32 126.95
N TRP B 1005 -3.18 -92.77 126.20
CA TRP B 1005 -3.02 -93.87 125.27
C TRP B 1005 -2.87 -93.35 123.85
N SER B 1006 -2.05 -94.03 123.05
CA SER B 1006 -1.78 -93.64 121.68
C SER B 1006 -1.76 -94.88 120.81
N TYR B 1007 -2.02 -94.67 119.51
CA TYR B 1007 -2.06 -95.77 118.56
C TYR B 1007 -0.66 -96.31 118.28
N SER B 1008 -0.57 -97.62 118.10
CA SER B 1008 0.67 -98.28 117.73
C SER B 1008 0.35 -99.55 116.95
N ALA B 1009 1.09 -99.77 115.86
CA ALA B 1009 0.86 -100.96 115.05
C ALA B 1009 1.14 -102.22 115.85
N VAL B 1010 2.21 -102.22 116.64
CA VAL B 1010 2.54 -103.35 117.50
C VAL B 1010 1.82 -103.15 118.83
N GLN B 1011 1.06 -104.17 119.25
CA GLN B 1011 0.30 -104.07 120.48
C GLN B 1011 1.25 -104.16 121.68
N ASP B 1012 1.07 -103.25 122.64
CA ASP B 1012 1.92 -103.21 123.83
C ASP B 1012 1.06 -102.71 125.01
N ILE B 1013 0.51 -103.66 125.76
CA ILE B 1013 -0.30 -103.30 126.93
C ILE B 1013 0.50 -102.56 127.99
N PRO B 1014 1.70 -103.01 128.40
CA PRO B 1014 2.47 -102.22 129.39
C PRO B 1014 2.82 -100.83 128.91
N ALA B 1015 2.94 -100.61 127.61
CA ALA B 1015 3.19 -99.29 127.05
C ALA B 1015 1.92 -98.47 126.90
N ARG B 1016 0.77 -99.01 127.29
CA ARG B 1016 -0.52 -98.31 127.21
C ARG B 1016 -0.89 -98.01 125.76
N ARG B 1017 -0.75 -99.02 124.89
CA ARG B 1017 -1.07 -98.88 123.48
C ARG B 1017 -1.75 -100.14 122.97
N ASN B 1018 -2.57 -99.96 121.94
CA ASN B 1018 -3.11 -101.06 121.15
C ASN B 1018 -3.59 -100.50 119.81
N PRO B 1019 -3.53 -101.31 118.73
CA PRO B 1019 -3.79 -100.79 117.38
C PRO B 1019 -5.26 -100.51 117.08
N ARG B 1020 -5.90 -99.70 117.94
CA ARG B 1020 -7.30 -99.37 117.72
C ARG B 1020 -7.66 -97.93 118.08
N LEU B 1021 -6.70 -97.02 118.21
CA LEU B 1021 -7.00 -95.63 118.52
C LEU B 1021 -7.36 -94.79 117.30
N VAL B 1022 -7.38 -95.36 116.10
CA VAL B 1022 -7.86 -94.63 114.94
C VAL B 1022 -9.36 -94.43 115.13
N PRO B 1023 -9.85 -93.18 115.14
CA PRO B 1023 -11.20 -92.93 115.69
C PRO B 1023 -12.32 -93.68 115.01
N TYR B 1024 -12.61 -93.38 113.74
CA TYR B 1024 -13.55 -94.23 113.01
C TYR B 1024 -13.13 -94.50 111.56
N ARG B 1025 -12.62 -93.47 110.89
CA ARG B 1025 -12.63 -93.43 109.42
C ARG B 1025 -11.49 -94.20 108.77
N LEU B 1026 -10.44 -94.55 109.52
CA LEU B 1026 -9.32 -95.28 108.96
C LEU B 1026 -9.08 -96.60 109.69
N LEU B 1027 -10.15 -97.24 110.14
CA LEU B 1027 -10.08 -98.53 110.81
C LEU B 1027 -10.34 -99.66 109.81
N ASP B 1028 -9.69 -100.80 110.05
CA ASP B 1028 -9.90 -101.96 109.21
C ASP B 1028 -11.33 -102.47 109.36
N GLU B 1029 -11.90 -102.93 108.24
CA GLU B 1029 -13.27 -103.43 108.25
C GLU B 1029 -13.44 -104.67 109.11
N ALA B 1030 -12.38 -105.44 109.32
CA ALA B 1030 -12.48 -106.61 110.19
C ALA B 1030 -12.78 -106.21 111.63
N THR B 1031 -12.17 -105.12 112.10
CA THR B 1031 -12.44 -104.62 113.44
C THR B 1031 -13.78 -103.90 113.52
N LYS B 1032 -14.22 -103.29 112.41
CA LYS B 1032 -15.41 -102.45 112.43
C LYS B 1032 -16.66 -103.22 112.83
N ARG B 1033 -16.69 -104.53 112.58
CA ARG B 1033 -17.93 -105.28 112.77
C ARG B 1033 -18.28 -105.46 114.24
N SER B 1034 -17.27 -105.59 115.12
CA SER B 1034 -17.55 -105.84 116.53
C SER B 1034 -18.29 -104.68 117.19
N ASN B 1035 -17.87 -103.44 116.87
CA ASN B 1035 -18.50 -102.27 117.48
C ASN B 1035 -19.97 -102.17 117.10
N ARG B 1036 -20.27 -102.30 115.79
CA ARG B 1036 -21.65 -102.26 115.37
C ARG B 1036 -22.45 -103.47 115.84
N ASP B 1037 -21.79 -104.62 116.04
CA ASP B 1037 -22.47 -105.77 116.63
C ASP B 1037 -22.94 -105.46 118.04
N SER B 1038 -22.02 -104.95 118.87
CA SER B 1038 -22.39 -104.61 120.25
C SER B 1038 -23.47 -103.53 120.28
N LEU B 1039 -23.35 -102.52 119.43
CA LEU B 1039 -24.36 -101.46 119.40
C LEU B 1039 -25.71 -102.00 118.93
N CYS B 1040 -25.70 -102.92 117.96
CA CYS B 1040 -26.95 -103.52 117.50
C CYS B 1040 -27.61 -104.32 118.60
N GLN B 1041 -26.82 -105.08 119.37
CA GLN B 1041 -27.40 -105.81 120.50
C GLN B 1041 -27.98 -104.85 121.53
N ALA B 1042 -27.29 -103.75 121.84
CA ALA B 1042 -27.83 -102.78 122.78
C ALA B 1042 -29.14 -102.17 122.28
N VAL B 1043 -29.18 -101.79 121.00
CA VAL B 1043 -30.37 -101.18 120.43
C VAL B 1043 -31.53 -102.17 120.41
N ARG B 1044 -31.26 -103.43 120.06
CA ARG B 1044 -32.31 -104.44 120.06
C ARG B 1044 -32.74 -104.80 121.47
N THR B 1045 -31.88 -104.63 122.47
CA THR B 1045 -32.31 -104.80 123.86
C THR B 1045 -33.26 -103.67 124.26
N LEU B 1046 -32.94 -102.44 123.87
CA LEU B 1046 -33.86 -101.33 124.12
C LEU B 1046 -35.19 -101.55 123.41
N LEU B 1047 -35.15 -101.99 122.16
CA LEU B 1047 -36.38 -102.14 121.38
C LEU B 1047 -37.20 -103.35 121.85
N GLY B 1048 -36.54 -104.40 122.34
CA GLY B 1048 -37.27 -105.57 122.82
C GLY B 1048 -38.05 -105.28 124.07
N TYR B 1049 -37.48 -104.48 124.98
CA TYR B 1049 -38.16 -104.13 126.23
C TYR B 1049 -39.17 -103.03 125.97
N GLY B 1050 -40.07 -103.24 125.01
CA GLY B 1050 -40.94 -102.16 124.58
C GLY B 1050 -40.11 -100.98 124.11
N TYR B 1051 -40.53 -99.79 124.49
CA TYR B 1051 -39.75 -98.57 124.31
C TYR B 1051 -39.32 -98.38 122.85
N ASN B 1052 -40.32 -98.19 122.00
CA ASN B 1052 -40.07 -98.05 120.57
C ASN B 1052 -39.20 -96.83 120.31
N ILE B 1053 -38.22 -96.99 119.41
CA ILE B 1053 -37.25 -95.95 119.09
C ILE B 1053 -37.52 -95.45 117.69
N GLU B 1054 -37.66 -94.14 117.55
CA GLU B 1054 -37.89 -93.52 116.25
C GLU B 1054 -36.58 -93.15 115.57
N ASP B 1070 -4.76 -77.88 94.72
CA ASP B 1070 -5.48 -79.07 95.16
C ASP B 1070 -6.90 -79.11 94.60
N ARG B 1071 -7.23 -78.11 93.77
CA ARG B 1071 -8.58 -78.02 93.22
C ARG B 1071 -8.75 -78.94 92.01
N VAL B 1072 -8.02 -78.64 90.93
CA VAL B 1072 -8.11 -79.38 89.67
C VAL B 1072 -6.77 -79.25 88.96
N ARG B 1073 -6.28 -80.36 88.41
CA ARG B 1073 -5.06 -80.36 87.61
C ARG B 1073 -5.47 -80.35 86.13
N ILE B 1074 -5.27 -79.22 85.48
CA ILE B 1074 -5.66 -79.03 84.08
C ILE B 1074 -4.45 -79.32 83.20
N PHE B 1075 -4.59 -80.28 82.30
CA PHE B 1075 -3.56 -80.59 81.32
C PHE B 1075 -3.95 -80.02 79.96
N ARG B 1076 -2.93 -79.68 79.18
CA ARG B 1076 -3.14 -78.98 77.92
C ARG B 1076 -2.07 -79.43 76.93
N ALA B 1077 -1.97 -78.70 75.82
CA ALA B 1077 -0.90 -78.88 74.85
C ALA B 1077 -0.27 -77.52 74.57
N GLU B 1078 0.96 -77.55 74.07
CA GLU B 1078 1.68 -76.31 73.80
C GLU B 1078 0.95 -75.47 72.77
N LYS B 1079 1.02 -74.15 72.94
CA LYS B 1079 0.26 -73.23 72.11
C LYS B 1079 0.73 -73.21 70.66
N SER B 1080 1.87 -73.82 70.36
CA SER B 1080 2.32 -73.95 68.98
C SER B 1080 1.59 -75.01 68.20
N TYR B 1081 0.74 -75.81 68.86
CA TYR B 1081 -0.02 -76.87 68.21
C TYR B 1081 -1.46 -76.47 67.93
N THR B 1082 -1.77 -75.18 67.96
CA THR B 1082 -3.13 -74.73 67.66
C THR B 1082 -3.49 -75.09 66.22
N VAL B 1083 -4.72 -75.58 66.03
CA VAL B 1083 -5.21 -76.04 64.74
C VAL B 1083 -6.34 -75.14 64.30
N GLN B 1084 -6.27 -74.67 63.05
CA GLN B 1084 -7.29 -73.80 62.49
C GLN B 1084 -7.89 -74.34 61.20
N SER B 1085 -7.60 -75.60 60.86
CA SER B 1085 -8.14 -76.20 59.65
C SER B 1085 -8.10 -77.71 59.79
N GLY B 1086 -8.88 -78.38 58.94
CA GLY B 1086 -8.89 -79.83 58.92
C GLY B 1086 -9.73 -80.44 60.03
N ARG B 1087 -9.64 -81.76 60.13
CA ARG B 1087 -10.37 -82.55 61.11
C ARG B 1087 -9.38 -83.35 61.94
N TRP B 1088 -9.63 -83.42 63.25
CA TRP B 1088 -8.70 -84.03 64.19
C TRP B 1088 -9.46 -84.96 65.13
N TYR B 1089 -8.71 -85.90 65.73
CA TYR B 1089 -9.29 -86.93 66.58
C TYR B 1089 -8.25 -87.38 67.60
N PHE B 1090 -8.57 -87.26 68.88
CA PHE B 1090 -7.72 -87.78 69.95
C PHE B 1090 -8.59 -88.48 70.97
N GLU B 1091 -7.99 -89.46 71.65
CA GLU B 1091 -8.68 -90.28 72.63
C GLU B 1091 -8.27 -89.88 74.04
N PHE B 1092 -9.05 -90.36 75.02
CA PHE B 1092 -8.77 -90.11 76.43
C PHE B 1092 -9.34 -91.26 77.23
N GLU B 1093 -8.48 -92.20 77.62
CA GLU B 1093 -8.90 -93.31 78.46
C GLU B 1093 -9.19 -92.82 79.88
N ALA B 1094 -10.19 -93.42 80.50
CA ALA B 1094 -10.61 -93.07 81.87
C ALA B 1094 -10.32 -94.27 82.76
N VAL B 1095 -9.13 -94.28 83.36
CA VAL B 1095 -8.75 -95.38 84.25
C VAL B 1095 -9.66 -95.43 85.46
N THR B 1096 -9.95 -94.28 86.06
CA THR B 1096 -10.84 -94.19 87.20
C THR B 1096 -12.06 -93.35 86.84
N THR B 1097 -13.12 -93.52 87.62
CA THR B 1097 -14.37 -92.79 87.42
C THR B 1097 -14.43 -91.65 88.43
N GLY B 1098 -14.64 -90.43 87.93
CA GLY B 1098 -14.69 -89.27 88.80
C GLY B 1098 -14.84 -88.01 88.00
N GLU B 1099 -14.54 -86.88 88.66
CA GLU B 1099 -14.64 -85.57 88.04
C GLU B 1099 -13.45 -85.39 87.10
N MET B 1100 -13.61 -85.81 85.85
CA MET B 1100 -12.59 -85.64 84.83
C MET B 1100 -13.26 -85.10 83.58
N ARG B 1101 -12.63 -84.10 82.95
CA ARG B 1101 -13.17 -83.44 81.78
C ARG B 1101 -12.16 -83.47 80.65
N VAL B 1102 -12.64 -83.75 79.44
CA VAL B 1102 -11.80 -83.82 78.25
C VAL B 1102 -12.51 -83.08 77.12
N GLY B 1103 -11.75 -82.34 76.33
CA GLY B 1103 -12.34 -81.59 75.23
C GLY B 1103 -11.29 -80.73 74.54
N TRP B 1104 -11.77 -79.71 73.84
CA TRP B 1104 -10.93 -78.78 73.11
C TRP B 1104 -11.05 -77.39 73.73
N ALA B 1105 -9.91 -76.75 73.96
CA ALA B 1105 -9.88 -75.46 74.64
C ALA B 1105 -9.10 -74.45 73.81
N ARG B 1106 -9.42 -73.17 74.01
CA ARG B 1106 -8.71 -72.10 73.33
C ARG B 1106 -7.28 -71.99 73.86
N PRO B 1107 -6.35 -71.52 73.04
CA PRO B 1107 -4.95 -71.40 73.51
C PRO B 1107 -4.77 -70.40 74.64
N GLU B 1108 -5.72 -69.49 74.85
CA GLU B 1108 -5.66 -68.52 75.94
C GLU B 1108 -6.41 -68.99 77.16
N LEU B 1109 -6.42 -70.31 77.39
CA LEU B 1109 -7.12 -70.87 78.54
C LEU B 1109 -6.52 -70.39 79.85
N ARG B 1110 -7.38 -70.17 80.84
CA ARG B 1110 -6.89 -69.76 82.15
C ARG B 1110 -6.84 -70.95 83.09
N PRO B 1111 -5.82 -71.03 83.95
CA PRO B 1111 -5.67 -72.22 84.81
C PRO B 1111 -6.46 -72.18 86.10
N ASP B 1112 -6.88 -71.00 86.56
CA ASP B 1112 -7.54 -70.87 87.85
C ASP B 1112 -9.05 -71.03 87.76
N VAL B 1113 -9.61 -71.21 86.56
CA VAL B 1113 -11.05 -71.39 86.38
C VAL B 1113 -11.29 -72.79 85.86
N GLU B 1114 -12.32 -73.44 86.40
CA GLU B 1114 -12.67 -74.79 85.96
C GLU B 1114 -13.12 -74.77 84.51
N LEU B 1115 -12.86 -75.88 83.80
CA LEU B 1115 -13.16 -75.95 82.38
C LEU B 1115 -14.66 -75.90 82.15
N GLY B 1116 -15.06 -75.12 81.14
CA GLY B 1116 -16.46 -74.94 80.81
C GLY B 1116 -17.14 -73.79 81.49
N ALA B 1117 -16.50 -73.20 82.51
CA ALA B 1117 -17.10 -72.04 83.18
C ALA B 1117 -17.04 -70.80 82.30
N ASP B 1118 -16.07 -70.74 81.38
CA ASP B 1118 -15.92 -69.62 80.47
C ASP B 1118 -15.98 -70.14 79.02
N GLU B 1119 -15.96 -69.20 78.08
CA GLU B 1119 -16.08 -69.52 76.66
C GLU B 1119 -14.80 -70.05 76.04
N LEU B 1120 -13.80 -70.39 76.85
CA LEU B 1120 -12.50 -70.81 76.36
C LEU B 1120 -12.32 -72.32 76.33
N ALA B 1121 -13.39 -73.08 76.59
CA ALA B 1121 -13.27 -74.53 76.62
C ALA B 1121 -14.56 -75.18 76.13
N TYR B 1122 -14.41 -76.32 75.46
CA TYR B 1122 -15.53 -77.17 75.03
C TYR B 1122 -15.21 -78.58 75.49
N VAL B 1123 -15.59 -78.92 76.73
CA VAL B 1123 -15.24 -80.18 77.33
C VAL B 1123 -16.51 -80.97 77.62
N PHE B 1124 -16.32 -82.27 77.87
CA PHE B 1124 -17.42 -83.19 78.17
C PHE B 1124 -17.15 -83.84 79.51
N ASN B 1125 -17.92 -83.46 80.52
CA ASN B 1125 -17.80 -84.06 81.85
C ASN B 1125 -18.44 -85.43 81.85
N GLY B 1126 -17.74 -86.41 82.42
CA GLY B 1126 -18.19 -87.78 82.42
C GLY B 1126 -18.61 -88.36 83.75
N HIS B 1127 -18.50 -87.61 84.85
CA HIS B 1127 -18.95 -88.11 86.13
C HIS B 1127 -20.45 -88.37 86.12
N ARG B 1128 -21.23 -87.44 85.56
CA ARG B 1128 -22.65 -87.61 85.36
C ARG B 1128 -23.07 -87.56 83.91
N GLY B 1129 -22.28 -86.94 83.04
CA GLY B 1129 -22.59 -86.79 81.64
C GLY B 1129 -23.11 -85.41 81.33
N GLN B 1130 -22.23 -84.54 80.82
CA GLN B 1130 -22.59 -83.15 80.57
C GLN B 1130 -21.62 -82.58 79.54
N ARG B 1131 -22.08 -81.53 78.86
CA ARG B 1131 -21.24 -80.75 77.95
C ARG B 1131 -21.04 -79.36 78.55
N TRP B 1132 -19.78 -78.96 78.68
CA TRP B 1132 -19.43 -77.71 79.37
C TRP B 1132 -18.83 -76.73 78.38
N HIS B 1133 -19.64 -75.76 77.95
CA HIS B 1133 -19.14 -74.56 77.28
C HIS B 1133 -19.42 -73.32 78.11
N LEU B 1134 -20.67 -73.13 78.56
CA LEU B 1134 -20.99 -72.13 79.56
C LEU B 1134 -21.96 -72.65 80.60
N GLY B 1135 -22.43 -73.90 80.48
CA GLY B 1135 -23.37 -74.47 81.43
C GLY B 1135 -23.11 -75.93 81.72
N SER B 1136 -24.16 -76.67 82.07
CA SER B 1136 -24.04 -78.08 82.45
C SER B 1136 -25.14 -78.91 81.81
N GLU B 1137 -25.37 -78.69 80.52
CA GLU B 1137 -26.40 -79.46 79.82
C GLU B 1137 -25.96 -80.92 79.68
N PRO B 1138 -26.82 -81.88 80.03
CA PRO B 1138 -26.43 -83.29 79.92
C PRO B 1138 -26.16 -83.69 78.48
N PHE B 1139 -25.16 -84.56 78.29
CA PHE B 1139 -24.75 -85.00 76.97
C PHE B 1139 -24.45 -86.50 76.97
N GLY B 1140 -25.34 -87.29 77.57
CA GLY B 1140 -25.29 -88.73 77.46
C GLY B 1140 -25.07 -89.40 78.80
N ARG B 1141 -24.36 -90.53 78.77
CA ARG B 1141 -24.18 -91.42 79.90
C ARG B 1141 -22.78 -91.31 80.49
N PRO B 1142 -22.62 -91.66 81.77
CA PRO B 1142 -21.28 -91.60 82.38
C PRO B 1142 -20.36 -92.71 81.91
N TRP B 1143 -19.15 -92.76 82.46
CA TRP B 1143 -18.15 -93.74 82.09
C TRP B 1143 -18.20 -94.95 83.01
N GLN B 1144 -17.25 -95.88 82.79
CA GLN B 1144 -17.02 -97.02 83.66
C GLN B 1144 -15.53 -97.13 83.95
N SER B 1145 -15.12 -98.23 84.57
CA SER B 1145 -13.70 -98.45 84.87
C SER B 1145 -12.99 -98.81 83.57
N GLY B 1146 -12.60 -97.78 82.83
CA GLY B 1146 -11.97 -97.95 81.54
C GLY B 1146 -12.92 -97.68 80.40
N ASP B 1147 -12.85 -96.47 79.83
CA ASP B 1147 -13.78 -96.07 78.78
C ASP B 1147 -13.09 -94.99 77.94
N VAL B 1148 -12.60 -95.38 76.77
CA VAL B 1148 -11.96 -94.43 75.86
C VAL B 1148 -12.99 -93.47 75.30
N VAL B 1149 -12.68 -92.19 75.32
CA VAL B 1149 -13.55 -91.14 74.80
C VAL B 1149 -12.87 -90.54 73.58
N GLY B 1150 -13.50 -90.71 72.41
CA GLY B 1150 -12.94 -90.18 71.19
C GLY B 1150 -13.47 -88.80 70.84
N CYS B 1151 -12.69 -87.77 71.14
CA CYS B 1151 -13.09 -86.40 70.89
C CYS B 1151 -12.57 -85.97 69.52
N MET B 1152 -13.47 -85.57 68.63
CA MET B 1152 -13.09 -85.08 67.31
C MET B 1152 -13.66 -83.68 67.09
N ILE B 1153 -12.84 -82.82 66.50
CA ILE B 1153 -13.27 -81.49 66.08
C ILE B 1153 -13.26 -81.45 64.55
N ASP B 1154 -14.11 -80.60 63.99
CA ASP B 1154 -14.19 -80.45 62.55
C ASP B 1154 -14.38 -78.97 62.24
N LEU B 1155 -13.33 -78.33 61.73
CA LEU B 1155 -13.33 -76.90 61.50
C LEU B 1155 -13.83 -76.51 60.12
N THR B 1156 -14.22 -77.49 59.29
CA THR B 1156 -14.80 -77.16 58.00
C THR B 1156 -16.19 -76.55 58.15
N GLU B 1157 -17.02 -77.12 59.04
CA GLU B 1157 -18.32 -76.55 59.35
C GLU B 1157 -18.50 -76.30 60.85
N ASN B 1158 -17.41 -76.27 61.61
CA ASN B 1158 -17.39 -75.83 63.00
C ASN B 1158 -18.32 -76.68 63.87
N THR B 1159 -17.96 -77.95 63.99
CA THR B 1159 -18.69 -78.88 64.84
C THR B 1159 -17.72 -79.63 65.76
N ILE B 1160 -18.22 -80.02 66.93
CA ILE B 1160 -17.49 -80.83 67.89
C ILE B 1160 -18.36 -82.01 68.28
N ILE B 1161 -17.80 -83.22 68.17
CA ILE B 1161 -18.53 -84.45 68.47
C ILE B 1161 -17.70 -85.30 69.42
N PHE B 1162 -18.35 -85.84 70.45
CA PHE B 1162 -17.72 -86.71 71.42
C PHE B 1162 -18.29 -88.12 71.29
N THR B 1163 -17.42 -89.12 71.38
CA THR B 1163 -17.84 -90.52 71.28
C THR B 1163 -17.34 -91.32 72.46
N LEU B 1164 -18.20 -92.23 72.93
CA LEU B 1164 -17.81 -93.30 73.85
C LEU B 1164 -17.14 -94.42 73.06
N ASN B 1165 -17.05 -95.61 73.65
CA ASN B 1165 -16.29 -96.70 73.05
C ASN B 1165 -17.03 -97.19 71.81
N GLY B 1166 -16.81 -96.46 70.71
CA GLY B 1166 -17.36 -96.82 69.42
C GLY B 1166 -18.72 -96.25 69.08
N GLU B 1167 -19.36 -95.57 70.02
CA GLU B 1167 -20.71 -95.04 69.83
C GLU B 1167 -20.68 -93.52 69.90
N VAL B 1168 -21.37 -92.87 68.97
CA VAL B 1168 -21.48 -91.42 68.97
C VAL B 1168 -22.45 -90.98 70.06
N LEU B 1169 -21.99 -90.09 70.92
CA LEU B 1169 -22.84 -89.62 72.01
C LEU B 1169 -23.98 -88.76 71.48
N MET B 1170 -25.15 -88.95 72.05
CA MET B 1170 -26.36 -88.20 71.67
C MET B 1170 -26.78 -87.29 72.80
N SER B 1171 -27.16 -86.06 72.46
CA SER B 1171 -27.73 -85.14 73.42
C SER B 1171 -29.19 -85.50 73.65
N ASP B 1172 -29.95 -84.59 74.25
CA ASP B 1172 -31.33 -84.89 74.65
C ASP B 1172 -32.20 -85.33 73.49
N SER B 1173 -32.48 -84.44 72.54
CA SER B 1173 -33.45 -84.76 71.48
C SER B 1173 -32.84 -85.50 70.29
N GLY B 1174 -32.05 -84.79 69.48
CA GLY B 1174 -31.57 -85.37 68.24
C GLY B 1174 -30.25 -84.89 67.68
N SER B 1175 -29.50 -84.10 68.45
CA SER B 1175 -28.48 -83.25 67.85
C SER B 1175 -27.39 -84.06 67.14
N GLU B 1176 -26.91 -85.13 67.77
CA GLU B 1176 -25.80 -85.96 67.31
C GLU B 1176 -24.46 -85.23 67.36
N THR B 1177 -24.45 -83.94 67.71
CA THR B 1177 -23.22 -83.17 67.84
C THR B 1177 -23.25 -82.40 69.15
N ALA B 1178 -22.07 -82.21 69.74
CA ALA B 1178 -21.98 -81.52 71.02
C ALA B 1178 -22.17 -80.01 70.85
N PHE B 1179 -21.34 -79.39 70.01
CA PHE B 1179 -21.41 -77.95 69.77
C PHE B 1179 -21.34 -77.69 68.27
N ARG B 1180 -22.10 -76.70 67.82
CA ARG B 1180 -22.18 -76.35 66.41
C ARG B 1180 -21.90 -74.86 66.23
N GLU B 1181 -21.69 -74.48 64.97
CA GLU B 1181 -21.38 -73.12 64.53
C GLU B 1181 -20.45 -72.41 65.52
N ILE B 1182 -19.30 -73.04 65.74
CA ILE B 1182 -18.27 -72.47 66.61
C ILE B 1182 -17.48 -71.44 65.83
N GLU B 1183 -17.41 -70.21 66.35
CA GLU B 1183 -16.65 -69.15 65.69
C GLU B 1183 -15.17 -69.44 65.83
N ILE B 1184 -14.56 -69.95 64.78
CA ILE B 1184 -13.14 -70.29 64.81
C ILE B 1184 -12.32 -69.02 64.88
N GLY B 1185 -11.47 -68.91 65.90
CA GLY B 1185 -10.62 -67.76 66.07
C GLY B 1185 -9.15 -68.08 66.05
N ASP B 1186 -8.51 -68.01 67.23
CA ASP B 1186 -7.07 -68.24 67.30
C ASP B 1186 -6.73 -69.70 67.08
N GLY B 1187 -7.53 -70.61 67.60
CA GLY B 1187 -7.29 -72.03 67.37
C GLY B 1187 -7.91 -72.87 68.48
N PHE B 1188 -7.54 -74.14 68.49
CA PHE B 1188 -8.04 -75.11 69.46
C PHE B 1188 -6.91 -76.04 69.87
N LEU B 1189 -6.95 -76.48 71.12
CA LEU B 1189 -5.96 -77.40 71.66
C LEU B 1189 -6.65 -78.49 72.47
N PRO B 1190 -6.10 -79.71 72.48
CA PRO B 1190 -6.63 -80.74 73.37
C PRO B 1190 -6.42 -80.37 74.83
N VAL B 1191 -7.37 -80.76 75.67
CA VAL B 1191 -7.37 -80.38 77.08
C VAL B 1191 -7.77 -81.58 77.93
N CYS B 1192 -7.44 -81.50 79.22
CA CYS B 1192 -7.77 -82.54 80.18
C CYS B 1192 -7.80 -81.92 81.57
N SER B 1193 -8.79 -82.30 82.37
CA SER B 1193 -9.08 -81.64 83.64
C SER B 1193 -9.32 -82.66 84.75
N LEU B 1194 -8.38 -83.59 84.92
CA LEU B 1194 -8.50 -84.59 85.97
C LEU B 1194 -8.67 -83.94 87.33
N GLY B 1195 -9.61 -84.47 88.12
CA GLY B 1195 -9.89 -83.94 89.43
C GLY B 1195 -9.04 -84.60 90.50
N PRO B 1196 -9.41 -84.42 91.77
CA PRO B 1196 -8.62 -84.99 92.87
C PRO B 1196 -8.75 -86.50 92.91
N GLY B 1197 -7.61 -87.17 93.05
CA GLY B 1197 -7.60 -88.63 93.13
C GLY B 1197 -8.13 -89.32 91.90
N GLN B 1198 -7.76 -88.82 90.71
CA GLN B 1198 -8.24 -89.36 89.46
C GLN B 1198 -7.05 -89.61 88.52
N VAL B 1199 -7.16 -90.68 87.73
CA VAL B 1199 -6.11 -91.09 86.80
C VAL B 1199 -6.71 -91.22 85.41
N GLY B 1200 -6.06 -90.59 84.43
CA GLY B 1200 -6.47 -90.67 83.05
C GLY B 1200 -5.33 -91.11 82.16
N HIS B 1201 -5.59 -91.08 80.85
CA HIS B 1201 -4.59 -91.46 79.86
C HIS B 1201 -4.95 -90.79 78.55
N LEU B 1202 -4.13 -89.82 78.13
CA LEU B 1202 -4.35 -89.07 76.90
C LEU B 1202 -3.53 -89.69 75.78
N ASN B 1203 -4.20 -90.01 74.68
CA ASN B 1203 -3.57 -90.57 73.48
C ASN B 1203 -3.87 -89.64 72.31
N LEU B 1204 -3.03 -88.62 72.15
CA LEU B 1204 -3.23 -87.67 71.07
C LEU B 1204 -3.06 -88.33 69.70
N GLY B 1205 -2.09 -89.23 69.57
CA GLY B 1205 -1.84 -89.91 68.32
C GLY B 1205 -0.45 -90.48 68.23
N GLN B 1206 0.23 -90.24 67.10
CA GLN B 1206 1.61 -90.67 66.86
C GLN B 1206 1.72 -92.18 66.75
N ASP B 1207 0.61 -92.89 66.96
CA ASP B 1207 0.58 -94.34 66.79
C ASP B 1207 -0.87 -94.71 66.44
N VAL B 1208 -1.13 -94.87 65.14
CA VAL B 1208 -2.49 -95.17 64.70
C VAL B 1208 -2.93 -96.55 65.19
N SER B 1209 -1.99 -97.49 65.23
CA SER B 1209 -2.31 -98.83 65.72
C SER B 1209 -2.64 -98.82 67.21
N SER B 1210 -2.10 -97.86 67.96
CA SER B 1210 -2.37 -97.78 69.39
C SER B 1210 -3.75 -97.21 69.69
N LEU B 1211 -4.36 -96.52 68.74
CA LEU B 1211 -5.71 -95.98 68.94
C LEU B 1211 -6.71 -97.13 68.89
N ARG B 1212 -7.38 -97.39 70.01
CA ARG B 1212 -8.23 -98.56 70.11
C ARG B 1212 -9.51 -98.40 69.30
N PHE B 1213 -10.11 -97.21 69.32
CA PHE B 1213 -11.40 -97.02 68.68
C PHE B 1213 -11.33 -95.94 67.60
N PHE B 1214 -10.29 -95.98 66.77
CA PHE B 1214 -10.15 -95.05 65.66
C PHE B 1214 -10.76 -95.58 64.38
N ALA B 1215 -10.56 -96.87 64.08
CA ALA B 1215 -11.11 -97.44 62.85
C ALA B 1215 -12.64 -97.50 62.89
N ILE B 1216 -13.22 -97.71 64.07
CA ILE B 1216 -14.67 -97.86 64.17
C ILE B 1216 -15.37 -96.54 63.86
N CYS B 1217 -15.07 -95.50 64.63
CA CYS B 1217 -15.71 -94.20 64.46
C CYS B 1217 -14.64 -93.13 64.33
N GLY B 1218 -14.57 -92.49 63.16
CA GLY B 1218 -13.66 -91.39 62.96
C GLY B 1218 -12.77 -91.53 61.73
N LEU B 1219 -12.30 -92.75 61.46
CA LEU B 1219 -11.39 -92.97 60.34
C LEU B 1219 -12.12 -92.82 59.01
N GLN B 1220 -13.29 -93.44 58.87
CA GLN B 1220 -13.97 -93.45 57.58
C GLN B 1220 -14.51 -92.08 57.23
N GLU B 1221 -15.06 -91.36 58.21
CA GLU B 1221 -15.53 -90.01 57.96
C GLU B 1221 -14.39 -89.06 57.58
N GLY B 1222 -13.17 -89.38 58.01
CA GLY B 1222 -12.01 -88.57 57.72
C GLY B 1222 -11.63 -87.72 58.91
N PHE B 1223 -10.66 -88.19 59.69
CA PHE B 1223 -10.25 -87.51 60.92
C PHE B 1223 -8.80 -87.89 61.18
N GLU B 1224 -7.88 -87.01 60.81
CA GLU B 1224 -6.47 -87.26 61.07
C GLU B 1224 -6.22 -87.12 62.57
N PRO B 1225 -5.61 -88.11 63.21
CA PRO B 1225 -5.28 -87.97 64.64
C PRO B 1225 -4.37 -86.77 64.86
N PHE B 1226 -4.50 -86.17 66.05
CA PHE B 1226 -3.87 -84.89 66.32
C PHE B 1226 -2.36 -84.93 66.12
N ALA B 1227 -1.74 -86.09 66.28
CA ALA B 1227 -0.31 -86.26 66.03
C ALA B 1227 -0.14 -87.42 65.05
N ILE B 1228 0.27 -87.10 63.83
CA ILE B 1228 0.48 -88.12 62.81
C ILE B 1228 1.93 -88.11 62.34
N ASN B 1229 2.35 -87.02 61.71
CA ASN B 1229 3.72 -86.89 61.20
C ASN B 1229 4.58 -86.09 62.17
N MET B 1230 4.75 -86.64 63.37
CA MET B 1230 5.59 -86.05 64.40
C MET B 1230 6.49 -87.12 64.97
N GLN B 1231 7.81 -86.94 64.83
CA GLN B 1231 8.76 -87.89 65.41
C GLN B 1231 9.00 -87.65 66.89
N ARG B 1232 8.47 -86.57 67.45
CA ARG B 1232 8.58 -86.27 68.86
C ARG B 1232 7.19 -86.16 69.50
N PRO B 1233 7.00 -86.71 70.69
CA PRO B 1233 5.68 -86.63 71.34
C PRO B 1233 5.31 -85.19 71.64
N VAL B 1234 4.00 -84.93 71.62
CA VAL B 1234 3.49 -83.58 71.86
C VAL B 1234 3.76 -83.19 73.29
N THR B 1235 4.41 -82.04 73.48
CA THR B 1235 4.71 -81.55 74.82
C THR B 1235 3.45 -80.96 75.45
N THR B 1236 3.18 -81.35 76.69
CA THR B 1236 1.99 -80.91 77.40
C THR B 1236 2.34 -79.89 78.47
N TRP B 1237 1.37 -79.03 78.77
CA TRP B 1237 1.51 -78.01 79.80
C TRP B 1237 0.40 -78.20 80.82
N PHE B 1238 0.76 -78.20 82.10
CA PHE B 1238 -0.19 -78.43 83.18
C PHE B 1238 -0.18 -77.24 84.12
N SER B 1239 -1.30 -77.06 84.83
CA SER B 1239 -1.46 -75.96 85.77
C SER B 1239 -0.82 -76.34 87.10
N LYS B 1240 0.32 -75.75 87.40
CA LYS B 1240 1.05 -76.03 88.63
C LYS B 1240 0.48 -75.17 89.75
N SER B 1241 0.07 -75.81 90.84
CA SER B 1241 -0.56 -75.11 91.97
C SER B 1241 0.49 -74.62 92.96
N LEU B 1242 1.35 -73.73 92.48
CA LEU B 1242 2.36 -73.08 93.30
C LEU B 1242 2.15 -71.57 93.22
N PRO B 1243 1.71 -70.91 94.29
CA PRO B 1243 1.40 -69.48 94.20
C PRO B 1243 2.64 -68.62 93.96
N GLN B 1244 2.68 -67.96 92.81
CA GLN B 1244 3.75 -67.05 92.45
C GLN B 1244 3.20 -65.65 92.27
N PHE B 1245 4.08 -64.66 92.40
CA PHE B 1245 3.69 -63.26 92.34
C PHE B 1245 3.78 -62.75 90.90
N GLU B 1246 2.73 -62.08 90.45
CA GLU B 1246 2.65 -61.52 89.11
C GLU B 1246 2.16 -60.09 89.20
N PRO B 1247 2.53 -59.25 88.23
CA PRO B 1247 2.06 -57.85 88.25
C PRO B 1247 0.55 -57.76 88.14
N VAL B 1248 -0.01 -56.75 88.79
CA VAL B 1248 -1.46 -56.55 88.74
C VAL B 1248 -1.88 -56.20 87.32
N PRO B 1249 -2.84 -56.91 86.73
CA PRO B 1249 -3.26 -56.61 85.36
C PRO B 1249 -3.81 -55.20 85.25
N PRO B 1250 -3.52 -54.52 84.14
CA PRO B 1250 -4.06 -53.15 83.97
C PRO B 1250 -5.57 -53.10 83.87
N GLU B 1251 -6.23 -54.20 83.55
CA GLU B 1251 -7.68 -54.27 83.41
C GLU B 1251 -8.28 -55.26 84.40
N HIS B 1252 -7.81 -55.22 85.65
CA HIS B 1252 -8.36 -56.10 86.66
C HIS B 1252 -9.80 -55.71 86.97
N PRO B 1253 -10.70 -56.69 87.13
CA PRO B 1253 -12.10 -56.35 87.40
C PRO B 1253 -12.31 -55.56 88.68
N HIS B 1254 -11.52 -55.84 89.72
CA HIS B 1254 -11.75 -55.24 91.03
C HIS B 1254 -10.62 -54.30 91.45
N TYR B 1255 -9.39 -54.77 91.47
CA TYR B 1255 -8.29 -53.97 91.98
C TYR B 1255 -7.75 -53.02 90.92
N GLU B 1256 -7.20 -51.90 91.38
CA GLU B 1256 -6.62 -50.89 90.49
C GLU B 1256 -5.47 -50.22 91.23
N VAL B 1257 -4.33 -50.08 90.54
CA VAL B 1257 -3.13 -49.46 91.10
C VAL B 1257 -2.80 -48.23 90.28
N ALA B 1258 -2.65 -47.09 90.96
CA ALA B 1258 -2.35 -45.82 90.30
C ALA B 1258 -1.04 -45.27 90.84
N ARG B 1259 -0.20 -44.78 89.93
CA ARG B 1259 1.07 -44.17 90.27
C ARG B 1259 0.92 -42.66 90.30
N MET B 1260 1.32 -42.04 91.40
CA MET B 1260 1.21 -40.60 91.58
C MET B 1260 2.60 -40.03 91.87
N ASP B 1261 2.95 -38.96 91.15
CA ASP B 1261 4.23 -38.32 91.33
C ASP B 1261 4.30 -37.61 92.68
N GLY B 1262 5.51 -37.45 93.19
CA GLY B 1262 5.72 -36.80 94.47
C GLY B 1262 5.68 -35.29 94.39
N THR B 1263 4.81 -34.67 95.17
CA THR B 1263 4.69 -33.22 95.20
C THR B 1263 5.77 -32.65 96.12
N VAL B 1264 5.67 -31.35 96.42
CA VAL B 1264 6.64 -30.71 97.30
C VAL B 1264 6.47 -31.16 98.75
N ASP B 1265 5.32 -31.74 99.09
CA ASP B 1265 5.06 -32.19 100.46
C ASP B 1265 4.96 -33.69 100.59
N THR B 1266 4.57 -34.41 99.53
CA THR B 1266 4.40 -35.85 99.62
C THR B 1266 5.40 -36.57 98.72
N PRO B 1267 5.88 -37.74 99.13
CA PRO B 1267 6.80 -38.50 98.29
C PRO B 1267 6.06 -39.28 97.22
N PRO B 1268 6.75 -39.86 96.25
CA PRO B 1268 6.07 -40.71 95.27
C PRO B 1268 5.35 -41.87 95.95
N CYS B 1269 4.18 -42.22 95.42
CA CYS B 1269 3.28 -43.15 96.08
C CYS B 1269 2.70 -44.12 95.08
N LEU B 1270 2.25 -45.27 95.58
CA LEU B 1270 1.56 -46.29 94.79
C LEU B 1270 0.26 -46.64 95.51
N ARG B 1271 -0.86 -46.11 95.02
CA ARG B 1271 -2.15 -46.30 95.66
C ARG B 1271 -2.85 -47.54 95.10
N LEU B 1272 -3.70 -48.13 95.93
CA LEU B 1272 -4.52 -49.27 95.54
C LEU B 1272 -5.98 -48.95 95.85
N ALA B 1273 -6.86 -49.17 94.88
CA ALA B 1273 -8.27 -48.85 95.02
C ALA B 1273 -9.11 -50.05 94.62
N HIS B 1274 -10.16 -50.31 95.40
CA HIS B 1274 -11.15 -51.34 95.09
C HIS B 1274 -12.27 -50.68 94.30
N ARG B 1275 -12.24 -50.87 92.98
CA ARG B 1275 -13.16 -50.15 92.09
C ARG B 1275 -14.56 -50.76 92.05
N THR B 1276 -14.77 -51.94 92.64
CA THR B 1276 -16.07 -52.60 92.68
C THR B 1276 -16.45 -52.95 94.11
N TRP B 1277 -16.30 -51.98 95.01
CA TRP B 1277 -16.63 -52.19 96.42
C TRP B 1277 -18.12 -52.34 96.66
N GLY B 1278 -18.96 -52.02 95.68
CA GLY B 1278 -20.40 -52.04 95.88
C GLY B 1278 -21.00 -53.43 96.07
N SER B 1279 -21.00 -54.23 95.01
CA SER B 1279 -21.65 -55.54 95.03
C SER B 1279 -20.78 -56.58 94.34
N GLN B 1280 -19.50 -56.61 94.67
CA GLN B 1280 -18.58 -57.54 94.01
C GLN B 1280 -17.66 -58.24 95.01
N ASN B 1281 -16.64 -58.92 94.48
CA ASN B 1281 -15.77 -59.77 95.28
C ASN B 1281 -14.97 -58.96 96.30
N SER B 1282 -14.72 -59.58 97.45
CA SER B 1282 -13.91 -58.98 98.49
C SER B 1282 -13.23 -60.11 99.26
N LEU B 1283 -11.90 -60.19 99.15
CA LEU B 1283 -11.14 -61.24 99.80
C LEU B 1283 -9.72 -60.77 100.02
N VAL B 1284 -8.99 -61.49 100.88
CA VAL B 1284 -7.63 -61.11 101.23
C VAL B 1284 -6.73 -61.19 100.00
N GLU B 1285 -5.66 -60.40 100.01
CA GLU B 1285 -4.71 -60.35 98.90
C GLU B 1285 -3.31 -60.15 99.45
N MET B 1286 -2.32 -60.58 98.66
CA MET B 1286 -0.92 -60.54 99.05
C MET B 1286 -0.13 -59.81 97.98
N LEU B 1287 0.62 -58.79 98.39
CA LEU B 1287 1.35 -57.95 97.45
C LEU B 1287 2.76 -57.69 97.94
N PHE B 1288 3.67 -57.44 97.01
CA PHE B 1288 4.97 -56.85 97.33
C PHE B 1288 5.50 -56.12 96.11
N LEU B 1289 6.51 -55.28 96.34
CA LEU B 1289 7.10 -54.47 95.28
C LEU B 1289 8.05 -55.31 94.43
N ARG B 1290 8.00 -55.08 93.12
CA ARG B 1290 8.65 -55.94 92.13
C ARG B 1290 10.17 -55.95 92.21
N LEU B 1291 10.80 -55.25 93.15
CA LEU B 1291 12.25 -55.24 93.28
C LEU B 1291 12.66 -55.52 94.72
N SER B 1292 13.81 -56.15 94.88
CA SER B 1292 14.37 -56.54 96.17
C SER B 1292 15.56 -55.67 96.50
N LEU B 1293 16.11 -55.91 97.67
CA LEU B 1293 17.33 -55.25 98.11
C LEU B 1293 18.20 -56.21 98.91
N PRO B 1294 19.35 -56.65 98.38
CA PRO B 1294 20.22 -57.57 99.16
C PRO B 1294 20.94 -56.92 100.34
N VAL B 1295 21.24 -57.75 101.37
CA VAL B 1295 21.98 -57.26 102.53
C VAL B 1295 23.46 -57.49 102.31
N GLN B 1296 24.26 -56.44 102.47
CA GLN B 1296 25.68 -56.53 102.19
C GLN B 1296 26.36 -57.45 103.21
N PHE B 1297 27.53 -57.95 102.82
CA PHE B 1297 28.32 -58.82 103.68
C PHE B 1297 29.07 -57.99 104.70
N HIS B 1298 28.90 -58.31 105.98
CA HIS B 1298 29.64 -57.63 107.03
C HIS B 1298 31.08 -58.08 107.13
N GLN B 1299 31.45 -59.15 106.43
CA GLN B 1299 32.83 -59.64 106.43
C GLN B 1299 33.56 -59.16 105.18
N ASP B 1419 13.18 -26.72 109.80
CA ASP B 1419 14.22 -27.72 110.01
C ASP B 1419 14.22 -28.74 108.88
N ASN B 1420 14.28 -30.03 109.26
CA ASN B 1420 14.30 -31.14 108.30
C ASN B 1420 15.43 -30.99 107.29
N ARG B 1421 16.61 -30.60 107.79
CA ARG B 1421 17.79 -30.41 106.96
C ARG B 1421 18.75 -31.58 107.18
N ASP B 1422 19.23 -32.16 106.09
CA ASP B 1422 20.13 -33.30 106.15
C ASP B 1422 21.55 -32.85 105.81
N ASP B 1423 22.51 -33.24 106.66
CA ASP B 1423 23.87 -32.83 106.38
C ASP B 1423 24.66 -33.97 105.74
N PRO B 1424 25.53 -33.64 104.78
CA PRO B 1424 26.14 -34.69 103.94
C PRO B 1424 26.97 -35.72 104.69
N GLU B 1425 27.65 -35.32 105.76
CA GLU B 1425 28.64 -36.21 106.39
C GLU B 1425 28.03 -37.44 107.05
N ILE B 1426 26.72 -37.50 107.22
CA ILE B 1426 26.06 -38.70 107.76
C ILE B 1426 25.17 -39.36 106.72
N ILE B 1427 24.43 -38.56 105.94
CA ILE B 1427 23.50 -39.13 104.97
C ILE B 1427 24.24 -39.85 103.85
N LEU B 1428 25.42 -39.36 103.46
CA LEU B 1428 26.17 -39.97 102.38
C LEU B 1428 27.00 -41.16 102.82
N ASN B 1429 27.02 -41.48 104.12
CA ASN B 1429 27.75 -42.61 104.65
C ASN B 1429 26.88 -43.59 105.42
N THR B 1430 25.57 -43.36 105.49
CA THR B 1430 24.67 -44.24 106.22
C THR B 1430 24.31 -45.46 105.36
N THR B 1431 23.80 -46.49 106.04
CA THR B 1431 23.37 -47.71 105.38
C THR B 1431 21.92 -48.06 105.66
N THR B 1432 21.19 -47.22 106.38
CA THR B 1432 19.78 -47.45 106.66
C THR B 1432 18.93 -47.02 105.47
N TYR B 1433 17.84 -47.75 105.24
CA TYR B 1433 16.91 -47.43 104.18
C TYR B 1433 15.49 -47.50 104.73
N TYR B 1434 14.61 -46.64 104.20
CA TYR B 1434 13.29 -46.43 104.77
C TYR B 1434 12.22 -46.50 103.69
N TYR B 1435 11.07 -47.08 104.06
CA TYR B 1435 9.86 -46.98 103.27
C TYR B 1435 8.67 -47.07 104.21
N SER B 1436 7.62 -46.31 103.92
CA SER B 1436 6.48 -46.20 104.80
C SER B 1436 5.21 -46.64 104.07
N VAL B 1437 4.25 -47.13 104.86
CA VAL B 1437 2.96 -47.58 104.35
C VAL B 1437 1.87 -46.85 105.10
N ARG B 1438 0.94 -46.24 104.37
CA ARG B 1438 -0.14 -45.46 104.95
C ARG B 1438 -1.46 -46.19 104.73
N VAL B 1439 -2.19 -46.42 105.82
CA VAL B 1439 -3.50 -47.06 105.76
C VAL B 1439 -4.56 -45.97 105.82
N PHE B 1440 -5.37 -45.87 104.77
CA PHE B 1440 -6.38 -44.83 104.69
C PHE B 1440 -7.45 -45.03 105.75
N ALA B 1441 -8.06 -43.93 106.17
CA ALA B 1441 -9.12 -44.00 107.17
C ALA B 1441 -10.33 -44.74 106.60
N GLY B 1442 -10.90 -45.63 107.42
CA GLY B 1442 -12.01 -46.46 107.03
C GLY B 1442 -11.64 -47.92 106.86
N GLN B 1443 -10.40 -48.19 106.46
CA GLN B 1443 -9.88 -49.55 106.39
C GLN B 1443 -9.38 -49.96 107.76
N GLU B 1444 -9.88 -51.07 108.28
CA GLU B 1444 -9.54 -51.48 109.63
C GLU B 1444 -8.07 -51.86 109.70
N PRO B 1445 -7.29 -51.28 110.63
CA PRO B 1445 -5.88 -51.66 110.75
C PRO B 1445 -5.68 -53.11 111.15
N SER B 1446 -6.68 -53.75 111.75
CA SER B 1446 -6.55 -55.14 112.17
C SER B 1446 -6.46 -56.10 110.99
N CYS B 1447 -6.75 -55.65 109.77
CA CYS B 1447 -6.68 -56.49 108.58
C CYS B 1447 -5.53 -56.07 107.66
N VAL B 1448 -4.54 -55.36 108.19
CA VAL B 1448 -3.41 -54.87 107.40
C VAL B 1448 -2.12 -55.35 108.05
N TRP B 1449 -1.27 -56.00 107.24
CA TRP B 1449 0.06 -56.41 107.67
C TRP B 1449 1.09 -55.73 106.79
N VAL B 1450 2.10 -55.12 107.42
CA VAL B 1450 3.11 -54.34 106.72
C VAL B 1450 4.49 -54.88 107.08
N GLY B 1451 5.28 -55.22 106.06
CA GLY B 1451 6.62 -55.73 106.29
C GLY B 1451 7.35 -56.15 105.03
N TRP B 1452 8.13 -57.23 105.13
CA TRP B 1452 8.99 -57.69 104.04
C TRP B 1452 8.86 -59.20 103.87
N VAL B 1453 9.15 -59.68 102.66
CA VAL B 1453 9.09 -61.09 102.32
C VAL B 1453 10.36 -61.48 101.58
N THR B 1454 10.83 -62.69 101.85
CA THR B 1454 11.93 -63.29 101.10
C THR B 1454 11.42 -63.86 99.78
N PRO B 1455 12.32 -64.08 98.81
CA PRO B 1455 11.87 -64.55 97.48
C PRO B 1455 11.25 -65.94 97.48
N ASP B 1456 11.11 -66.60 98.62
CA ASP B 1456 10.54 -67.94 98.68
C ASP B 1456 9.27 -67.98 99.53
N TYR B 1457 8.39 -67.00 99.33
CA TYR B 1457 7.10 -66.97 100.01
C TYR B 1457 6.04 -67.49 99.03
N HIS B 1458 5.40 -68.60 99.40
CA HIS B 1458 4.44 -69.27 98.52
C HIS B 1458 3.22 -69.70 99.33
N GLN B 1459 2.69 -68.80 100.15
CA GLN B 1459 1.52 -69.08 100.98
C GLN B 1459 0.37 -68.20 100.52
N HIS B 1460 -0.57 -68.78 99.79
CA HIS B 1460 -1.79 -68.09 99.39
C HIS B 1460 -2.92 -68.47 100.35
N ASP B 1461 -2.79 -67.98 101.58
CA ASP B 1461 -3.75 -68.30 102.62
C ASP B 1461 -4.96 -67.36 102.54
N MET B 1462 -6.08 -67.82 103.13
CA MET B 1462 -7.29 -67.03 103.20
C MET B 1462 -7.63 -66.57 104.61
N ASN B 1463 -6.99 -67.13 105.63
CA ASN B 1463 -7.17 -66.69 107.01
C ASN B 1463 -5.81 -66.36 107.61
N PHE B 1464 -5.01 -65.59 106.87
CA PHE B 1464 -3.64 -65.33 107.27
C PHE B 1464 -3.57 -64.53 108.57
N ASP B 1465 -2.59 -64.86 109.39
CA ASP B 1465 -2.30 -64.12 110.62
C ASP B 1465 -0.84 -64.38 110.97
N LEU B 1466 -0.36 -63.70 112.01
CA LEU B 1466 1.03 -63.84 112.41
C LEU B 1466 1.35 -65.21 112.99
N SER B 1467 0.34 -66.01 113.32
CA SER B 1467 0.55 -67.35 113.85
C SER B 1467 0.68 -68.40 112.77
N LYS B 1468 0.37 -68.07 111.52
CA LYS B 1468 0.49 -69.01 110.41
C LYS B 1468 1.76 -68.78 109.60
N VAL B 1469 2.67 -67.96 110.08
CA VAL B 1469 3.92 -67.69 109.38
C VAL B 1469 4.85 -68.89 109.52
N ARG B 1470 5.68 -69.12 108.51
CA ARG B 1470 6.66 -70.18 108.58
C ARG B 1470 7.86 -69.73 109.40
N ALA B 1471 8.36 -70.64 110.25
CA ALA B 1471 9.48 -70.31 111.10
C ALA B 1471 10.24 -71.57 111.46
N VAL B 1472 11.52 -71.40 111.80
CA VAL B 1472 12.37 -72.50 112.22
C VAL B 1472 13.57 -71.91 112.94
N THR B 1473 14.21 -72.71 113.79
CA THR B 1473 15.38 -72.28 114.54
C THR B 1473 16.43 -73.38 114.45
N VAL B 1474 17.62 -73.02 113.96
CA VAL B 1474 18.73 -73.95 113.85
C VAL B 1474 19.76 -73.60 114.92
N THR B 1475 20.08 -74.58 115.77
CA THR B 1475 20.97 -74.36 116.90
C THR B 1475 22.24 -75.17 116.72
N MET B 1476 23.38 -74.51 116.83
CA MET B 1476 24.70 -75.14 116.74
C MET B 1476 25.39 -75.06 118.09
N GLY B 1477 25.99 -76.18 118.51
CA GLY B 1477 26.68 -76.24 119.78
C GLY B 1477 27.85 -77.21 119.71
N ASP B 1478 28.57 -77.32 120.83
CA ASP B 1478 29.70 -78.22 120.92
C ASP B 1478 29.22 -79.61 121.34
N GLU B 1479 30.15 -80.47 121.75
CA GLU B 1479 29.82 -81.87 121.99
C GLU B 1479 29.12 -82.13 123.32
N GLN B 1480 28.84 -81.10 124.14
CA GLN B 1480 27.74 -81.18 125.10
C GLN B 1480 27.22 -79.76 125.33
N GLY B 1481 26.06 -79.45 124.76
CA GLY B 1481 25.42 -78.17 124.99
C GLY B 1481 26.27 -77.00 124.53
N ASN B 1482 26.24 -75.94 125.33
CA ASN B 1482 27.00 -74.71 125.08
C ASN B 1482 26.80 -74.23 123.65
N VAL B 1483 25.54 -73.93 123.32
CA VAL B 1483 25.20 -73.53 121.96
C VAL B 1483 25.83 -72.18 121.64
N HIS B 1484 26.35 -72.06 120.41
CA HIS B 1484 26.98 -70.82 119.95
C HIS B 1484 26.04 -69.99 119.08
N SER B 1485 25.45 -70.60 118.05
CA SER B 1485 24.61 -69.90 117.09
C SER B 1485 23.19 -70.41 117.17
N SER B 1486 22.23 -69.49 117.24
CA SER B 1486 20.80 -69.80 117.24
C SER B 1486 20.14 -68.85 116.24
N LEU B 1487 20.05 -69.29 114.98
CA LEU B 1487 19.52 -68.46 113.91
C LEU B 1487 18.05 -68.76 113.70
N LYS B 1488 17.24 -67.72 113.65
CA LYS B 1488 15.81 -67.84 113.36
C LYS B 1488 15.59 -67.55 111.88
N CYS B 1489 15.06 -68.54 111.17
CA CYS B 1489 14.86 -68.44 109.73
C CYS B 1489 13.36 -68.38 109.44
N SER B 1490 12.97 -67.45 108.57
CA SER B 1490 11.57 -67.29 108.19
C SER B 1490 11.51 -66.73 106.78
N ASN B 1491 10.29 -66.49 106.31
CA ASN B 1491 10.08 -65.93 104.98
C ASN B 1491 9.08 -64.79 104.99
N CYS B 1492 8.78 -64.22 106.15
CA CYS B 1492 7.80 -63.14 106.26
C CYS B 1492 8.09 -62.39 107.56
N TYR B 1493 8.52 -61.14 107.43
CA TYR B 1493 8.84 -60.28 108.57
C TYR B 1493 7.93 -59.05 108.51
N MET B 1494 6.75 -59.16 109.12
CA MET B 1494 5.84 -58.04 109.23
C MET B 1494 5.26 -57.95 110.63
N VAL B 1495 4.62 -56.81 110.91
CA VAL B 1495 3.98 -56.55 112.20
C VAL B 1495 2.50 -56.30 111.95
N TRP B 1496 1.66 -56.90 112.79
CA TRP B 1496 0.21 -56.75 112.64
C TRP B 1496 -0.19 -55.30 112.85
N GLY B 1497 -1.06 -54.80 111.96
CA GLY B 1497 -1.55 -53.44 112.08
C GLY B 1497 -2.55 -53.23 113.19
N GLY B 1498 -3.08 -54.30 113.77
CA GLY B 1498 -3.99 -54.21 114.89
C GLY B 1498 -3.35 -53.99 116.23
N ASP B 1499 -2.02 -53.94 116.29
CA ASP B 1499 -1.29 -53.68 117.52
C ASP B 1499 -0.95 -52.22 117.71
N PHE B 1500 -1.38 -51.35 116.78
CA PHE B 1500 -1.08 -49.92 116.85
C PHE B 1500 -2.33 -49.07 117.03
N VAL B 1501 -3.40 -49.65 117.56
CA VAL B 1501 -4.65 -48.93 117.78
C VAL B 1501 -4.89 -48.84 119.28
N SER B 1502 -5.19 -47.64 119.77
CA SER B 1502 -5.43 -47.44 121.18
C SER B 1502 -6.72 -48.15 121.61
N PRO B 1503 -6.76 -48.67 122.83
CA PRO B 1503 -7.99 -49.34 123.30
C PRO B 1503 -9.20 -48.42 123.32
N GLY B 1504 -9.01 -47.14 123.62
CA GLY B 1504 -10.14 -46.21 123.59
C GLY B 1504 -10.67 -45.99 122.19
N GLN B 1505 -9.78 -45.91 121.19
CA GLN B 1505 -10.23 -45.73 119.81
C GLN B 1505 -10.82 -47.02 119.24
N GLN B 1506 -10.36 -48.17 119.71
CA GLN B 1506 -10.86 -49.44 119.21
C GLN B 1506 -12.31 -49.63 119.61
N GLY B 1507 -13.14 -50.07 118.66
CA GLY B 1507 -14.55 -50.30 118.93
C GLY B 1507 -15.46 -49.61 117.94
N ARG B 1508 -14.89 -48.83 117.03
CA ARG B 1508 -15.66 -48.11 116.03
C ARG B 1508 -14.75 -47.79 114.85
N ILE B 1509 -15.21 -46.93 113.96
CA ILE B 1509 -14.45 -46.51 112.79
C ILE B 1509 -13.81 -45.16 113.09
N SER B 1510 -12.49 -45.10 112.97
CA SER B 1510 -11.75 -43.87 113.23
C SER B 1510 -11.76 -43.00 111.97
N HIS B 1511 -11.05 -41.86 112.03
CA HIS B 1511 -10.97 -40.96 110.88
C HIS B 1511 -9.55 -40.49 110.60
N THR B 1512 -8.55 -41.02 111.31
CA THR B 1512 -7.15 -40.63 111.11
C THR B 1512 -6.41 -41.79 110.47
N ASP B 1513 -5.68 -41.49 109.40
CA ASP B 1513 -4.91 -42.52 108.70
C ASP B 1513 -3.77 -43.02 109.58
N LEU B 1514 -3.46 -44.30 109.42
CA LEU B 1514 -2.37 -44.94 110.16
C LEU B 1514 -1.19 -45.14 109.21
N VAL B 1515 -0.01 -44.66 109.64
CA VAL B 1515 1.21 -44.74 108.85
C VAL B 1515 2.20 -45.63 109.59
N ILE B 1516 2.68 -46.67 108.90
CA ILE B 1516 3.67 -47.59 109.45
C ILE B 1516 4.93 -47.50 108.61
N GLY B 1517 6.05 -47.27 109.27
CA GLY B 1517 7.35 -47.17 108.60
C GLY B 1517 8.24 -48.33 108.99
N CYS B 1518 8.96 -48.86 108.01
CA CYS B 1518 9.87 -49.98 108.19
C CYS B 1518 11.28 -49.54 107.84
N LEU B 1519 12.23 -49.79 108.74
CA LEU B 1519 13.62 -49.41 108.55
C LEU B 1519 14.48 -50.67 108.46
N VAL B 1520 15.34 -50.72 107.46
CA VAL B 1520 16.25 -51.85 107.24
C VAL B 1520 17.68 -51.32 107.23
N ASP B 1521 18.55 -51.97 108.01
CA ASP B 1521 19.97 -51.67 108.03
C ASP B 1521 20.70 -52.75 107.25
N LEU B 1522 21.28 -52.38 106.11
CA LEU B 1522 21.95 -53.34 105.25
C LEU B 1522 23.38 -53.65 105.68
N ALA B 1523 23.86 -53.01 106.75
CA ALA B 1523 25.21 -53.26 107.24
C ALA B 1523 25.23 -54.17 108.45
N THR B 1524 24.16 -54.22 109.24
CA THR B 1524 24.10 -55.07 110.42
C THR B 1524 22.89 -55.99 110.43
N GLY B 1525 21.99 -55.90 109.45
CA GLY B 1525 20.82 -56.75 109.42
C GLY B 1525 19.84 -56.52 110.54
N LEU B 1526 19.63 -55.26 110.92
CA LEU B 1526 18.66 -54.91 111.96
C LEU B 1526 17.37 -54.42 111.32
N MET B 1527 16.25 -54.81 111.90
CA MET B 1527 14.93 -54.57 111.33
C MET B 1527 14.06 -53.92 112.38
N THR B 1528 13.48 -52.76 112.05
CA THR B 1528 12.67 -52.01 113.01
C THR B 1528 11.41 -51.50 112.31
N PHE B 1529 10.36 -51.28 113.10
CA PHE B 1529 9.10 -50.76 112.60
C PHE B 1529 8.61 -49.63 113.50
N THR B 1530 8.15 -48.55 112.88
CA THR B 1530 7.60 -47.40 113.59
C THR B 1530 6.20 -47.10 113.09
N ALA B 1531 5.30 -46.78 114.01
CA ALA B 1531 3.91 -46.48 113.69
C ALA B 1531 3.59 -45.06 114.12
N ASN B 1532 3.20 -44.23 113.15
CA ASN B 1532 2.82 -42.83 113.41
C ASN B 1532 3.93 -42.08 114.13
N GLY B 1533 5.18 -42.38 113.78
CA GLY B 1533 6.32 -41.76 114.40
C GLY B 1533 6.72 -42.35 115.74
N LYS B 1534 6.03 -43.37 116.21
CA LYS B 1534 6.33 -44.00 117.50
C LYS B 1534 7.05 -45.32 117.25
N GLU B 1535 8.21 -45.49 117.89
CA GLU B 1535 9.01 -46.69 117.70
C GLU B 1535 8.38 -47.87 118.41
N SER B 1536 8.23 -48.99 117.71
CA SER B 1536 7.67 -50.19 118.29
C SER B 1536 8.74 -50.98 119.04
N ASN B 1537 8.29 -52.00 119.77
CA ASN B 1537 9.16 -52.84 120.58
C ASN B 1537 9.51 -54.16 119.91
N THR B 1538 9.16 -54.33 118.64
CA THR B 1538 9.42 -55.56 117.90
C THR B 1538 10.52 -55.32 116.88
N PHE B 1539 11.47 -56.25 116.81
CA PHE B 1539 12.59 -56.14 115.88
C PHE B 1539 12.91 -57.52 115.32
N PHE B 1540 13.59 -57.52 114.17
CA PHE B 1540 13.99 -58.75 113.50
C PHE B 1540 15.47 -58.67 113.14
N GLN B 1541 16.09 -59.84 113.01
CA GLN B 1541 17.49 -59.94 112.62
C GLN B 1541 17.61 -60.88 111.43
N VAL B 1542 18.33 -60.44 110.40
CA VAL B 1542 18.49 -61.24 109.19
C VAL B 1542 19.95 -61.60 108.98
N GLU B 1543 20.23 -62.39 107.97
CA GLU B 1543 21.56 -62.89 107.64
C GLU B 1543 22.11 -62.18 106.40
N PRO B 1544 23.43 -62.11 106.25
CA PRO B 1544 24.00 -61.55 105.02
C PRO B 1544 23.55 -62.32 103.79
N ASN B 1545 23.46 -61.60 102.67
CA ASN B 1545 22.94 -62.14 101.41
C ASN B 1545 21.50 -62.58 101.55
N THR B 1546 20.66 -61.66 102.02
CA THR B 1546 19.22 -61.88 102.16
C THR B 1546 18.48 -60.89 101.30
N LYS B 1547 17.59 -61.38 100.45
CA LYS B 1547 16.77 -60.55 99.59
C LYS B 1547 15.40 -60.36 100.24
N LEU B 1548 14.97 -59.11 100.34
CA LEU B 1548 13.68 -58.78 100.96
C LEU B 1548 12.88 -57.90 100.02
N PHE B 1549 11.59 -58.21 99.90
CA PHE B 1549 10.66 -57.45 99.09
C PHE B 1549 9.69 -56.71 99.99
N PRO B 1550 9.52 -55.40 99.82
CA PRO B 1550 8.53 -54.67 100.64
C PRO B 1550 7.12 -55.17 100.38
N ALA B 1551 6.51 -55.82 101.38
CA ALA B 1551 5.24 -56.51 101.21
C ALA B 1551 4.20 -55.94 102.16
N VAL B 1552 2.96 -55.87 101.67
CA VAL B 1552 1.81 -55.47 102.48
C VAL B 1552 0.68 -56.44 102.20
N PHE B 1553 0.17 -57.09 103.25
CA PHE B 1553 -0.96 -57.99 103.14
C PHE B 1553 -2.18 -57.29 103.75
N VAL B 1554 -3.24 -57.17 102.94
CA VAL B 1554 -4.40 -56.37 103.33
C VAL B 1554 -5.68 -57.10 102.93
N LEU B 1555 -6.70 -56.99 103.77
CA LEU B 1555 -8.04 -57.46 103.45
C LEU B 1555 -8.91 -56.24 103.19
N PRO B 1556 -9.35 -56.01 101.96
CA PRO B 1556 -10.04 -54.74 101.63
C PRO B 1556 -11.38 -54.63 102.34
N THR B 1557 -11.60 -53.48 102.99
CA THR B 1557 -12.88 -53.12 103.59
C THR B 1557 -13.30 -51.72 103.18
N HIS B 1558 -12.75 -51.23 102.06
CA HIS B 1558 -12.95 -49.86 101.64
C HIS B 1558 -12.56 -49.77 100.17
N GLN B 1559 -13.03 -48.72 99.48
CA GLN B 1559 -12.58 -48.51 98.11
C GLN B 1559 -11.26 -47.76 98.04
N ASN B 1560 -10.80 -47.20 99.15
CA ASN B 1560 -9.44 -46.67 99.30
C ASN B 1560 -8.76 -47.57 100.32
N VAL B 1561 -7.93 -48.50 99.84
CA VAL B 1561 -7.48 -49.62 100.67
C VAL B 1561 -6.12 -49.33 101.28
N ILE B 1562 -5.09 -49.17 100.45
CA ILE B 1562 -3.72 -49.08 100.93
C ILE B 1562 -2.94 -48.21 99.95
N GLN B 1563 -1.79 -47.70 100.41
CA GLN B 1563 -0.96 -46.83 99.58
C GLN B 1563 0.49 -46.99 100.01
N PHE B 1564 1.32 -47.50 99.11
CA PHE B 1564 2.76 -47.56 99.36
C PHE B 1564 3.36 -46.16 99.27
N GLU B 1565 4.29 -45.87 100.16
CA GLU B 1565 4.98 -44.57 100.18
C GLU B 1565 6.48 -44.83 100.18
N LEU B 1566 7.13 -44.48 99.07
CA LEU B 1566 8.60 -44.54 98.99
C LEU B 1566 9.20 -43.27 99.58
N GLY B 1567 8.90 -43.06 100.86
CA GLY B 1567 9.22 -41.81 101.53
C GLY B 1567 10.66 -41.73 102.00
N LYS B 1568 10.92 -40.69 102.80
CA LYS B 1568 12.24 -40.41 103.31
C LYS B 1568 12.11 -39.87 104.73
N GLN B 1569 13.20 -40.00 105.49
CA GLN B 1569 13.26 -39.47 106.85
C GLN B 1569 14.58 -38.74 107.06
N LYS B 1570 14.89 -38.40 108.31
CA LYS B 1570 16.10 -37.64 108.61
C LYS B 1570 17.33 -38.51 108.33
N ASN B 1571 17.98 -38.25 107.20
CA ASN B 1571 19.15 -39.00 106.72
C ASN B 1571 18.98 -40.51 106.88
N ILE B 1572 17.98 -41.04 106.18
CA ILE B 1572 17.70 -42.47 106.24
C ILE B 1572 17.73 -43.05 104.82
N MET B 1573 18.21 -42.26 103.84
CA MET B 1573 18.47 -42.77 102.50
C MET B 1573 17.28 -43.50 101.88
N PRO B 1574 16.30 -42.77 101.33
CA PRO B 1574 15.05 -43.40 100.86
C PRO B 1574 15.22 -44.64 100.02
N LEU B 1575 14.14 -45.44 99.92
CA LEU B 1575 14.26 -46.81 99.43
C LEU B 1575 14.78 -46.89 98.01
N SER B 1576 14.61 -45.83 97.22
CA SER B 1576 15.12 -45.85 95.85
C SER B 1576 16.60 -45.50 95.83
N ALA B 1577 17.38 -46.17 96.67
CA ALA B 1577 18.83 -46.02 96.68
C ALA B 1577 19.59 -47.32 96.84
N ALA B 1578 18.94 -48.41 97.26
CA ALA B 1578 19.60 -49.72 97.37
C ALA B 1578 19.20 -50.66 96.25
N MET B 1579 18.02 -50.49 95.68
CA MET B 1579 17.56 -51.33 94.58
C MET B 1579 18.15 -50.91 93.24
N PHE B 1580 18.74 -49.71 93.16
CA PHE B 1580 19.32 -49.20 91.92
C PHE B 1580 20.76 -48.78 92.19
N LEU B 1581 21.68 -49.24 91.34
CA LEU B 1581 23.08 -48.91 91.52
C LEU B 1581 23.38 -47.48 91.10
N SER B 1582 22.68 -46.97 90.08
CA SER B 1582 22.96 -45.62 89.60
C SER B 1582 22.67 -44.57 90.66
N GLU B 1583 21.53 -44.69 91.34
CA GLU B 1583 21.15 -43.74 92.38
C GLU B 1583 21.55 -44.27 93.76
N ARG B 1584 22.85 -44.56 93.90
CA ARG B 1584 23.36 -45.07 95.17
C ARG B 1584 23.45 -43.96 96.21
N LYS B 1585 23.87 -42.77 95.80
CA LYS B 1585 24.06 -41.64 96.71
C LYS B 1585 23.12 -40.50 96.35
N ASN B 1586 21.89 -40.82 95.97
CA ASN B 1586 20.89 -39.82 95.64
C ASN B 1586 19.85 -39.75 96.75
N PRO B 1587 19.86 -38.71 97.59
CA PRO B 1587 18.90 -38.60 98.69
C PRO B 1587 17.56 -37.98 98.28
N ALA B 1588 17.02 -38.48 97.17
CA ALA B 1588 15.74 -38.02 96.65
C ALA B 1588 14.86 -39.23 96.37
N PRO B 1589 13.65 -39.30 96.92
CA PRO B 1589 12.77 -40.44 96.63
C PRO B 1589 12.45 -40.52 95.15
N GLN B 1590 12.41 -41.75 94.64
CA GLN B 1590 12.15 -42.01 93.23
C GLN B 1590 11.30 -43.26 93.09
N CYS B 1591 10.65 -43.39 91.94
CA CYS B 1591 9.83 -44.56 91.63
C CYS B 1591 9.92 -44.85 90.14
N PRO B 1592 10.98 -45.51 89.70
CA PRO B 1592 11.12 -45.83 88.27
C PRO B 1592 10.07 -46.82 87.82
N PRO B 1593 9.78 -46.89 86.52
CA PRO B 1593 8.69 -47.75 86.05
C PRO B 1593 8.89 -49.22 86.35
N ARG B 1594 10.14 -49.68 86.55
CA ARG B 1594 10.37 -51.08 86.86
C ARG B 1594 9.82 -51.46 88.23
N LEU B 1595 9.79 -50.50 89.16
CA LEU B 1595 9.29 -50.75 90.51
C LEU B 1595 7.77 -50.63 90.49
N GLU B 1596 7.08 -51.78 90.55
CA GLU B 1596 5.63 -51.80 90.52
C GLU B 1596 5.07 -52.66 91.64
N VAL B 1597 3.77 -52.90 91.63
CA VAL B 1597 3.09 -53.70 92.64
C VAL B 1597 2.71 -55.04 92.02
N GLN B 1598 3.14 -56.13 92.65
CA GLN B 1598 2.87 -57.48 92.18
C GLN B 1598 1.97 -58.20 93.17
N MET B 1599 0.91 -58.81 92.66
CA MET B 1599 -0.04 -59.54 93.49
C MET B 1599 0.21 -61.05 93.38
N LEU B 1600 -0.24 -61.77 94.40
CA LEU B 1600 -0.04 -63.21 94.47
C LEU B 1600 -1.18 -63.93 93.74
N MET B 1601 -0.83 -64.79 92.79
CA MET B 1601 -1.80 -65.56 92.03
C MET B 1601 -1.85 -67.00 92.54
N PRO B 1602 -3.03 -67.63 92.53
CA PRO B 1602 -3.15 -68.98 93.09
C PRO B 1602 -2.39 -70.04 92.31
N VAL B 1603 -2.63 -70.12 91.00
CA VAL B 1603 -2.01 -71.13 90.15
C VAL B 1603 -1.46 -70.47 88.89
N SER B 1604 -0.57 -71.19 88.22
CA SER B 1604 0.04 -70.71 86.99
C SER B 1604 0.39 -71.91 86.12
N TRP B 1605 0.56 -71.64 84.82
CA TRP B 1605 0.92 -72.68 83.88
C TRP B 1605 2.37 -73.14 84.10
N SER B 1606 2.65 -74.35 83.64
CA SER B 1606 3.99 -74.91 83.75
C SER B 1606 4.19 -75.91 82.62
N ARG B 1607 5.45 -76.27 82.39
CA ARG B 1607 5.82 -77.18 81.31
C ARG B 1607 6.16 -78.55 81.86
N MET B 1608 5.56 -79.59 81.29
CA MET B 1608 5.90 -80.95 81.67
C MET B 1608 7.18 -81.38 80.98
N PRO B 1609 8.18 -81.85 81.72
CA PRO B 1609 9.43 -82.27 81.08
C PRO B 1609 9.20 -83.39 80.08
N ASN B 1610 9.95 -83.35 78.98
CA ASN B 1610 9.79 -84.35 77.93
C ASN B 1610 10.18 -85.74 78.44
N HIS B 1611 11.28 -85.83 79.18
CA HIS B 1611 11.76 -87.10 79.73
C HIS B 1611 11.95 -86.93 81.23
N PHE B 1612 11.11 -87.60 82.01
CA PHE B 1612 11.27 -87.63 83.46
C PHE B 1612 12.39 -88.59 83.81
N LEU B 1613 12.56 -88.90 85.09
CA LEU B 1613 13.55 -89.89 85.49
C LEU B 1613 13.06 -91.26 85.07
N GLN B 1614 13.35 -91.63 83.81
CA GLN B 1614 12.76 -92.82 83.22
C GLN B 1614 13.15 -94.10 83.93
N VAL B 1615 14.21 -94.07 84.74
CA VAL B 1615 14.49 -95.20 85.61
C VAL B 1615 13.40 -95.37 86.66
N GLU B 1616 12.58 -94.34 86.86
CA GLU B 1616 11.42 -94.37 87.75
C GLU B 1616 11.81 -94.64 89.20
N THR B 1617 13.06 -94.40 89.55
CA THR B 1617 13.58 -94.65 90.90
C THR B 1617 13.21 -96.06 91.36
N ARG B 1618 13.77 -97.04 90.66
CA ARG B 1618 13.47 -98.45 90.90
C ARG B 1618 13.60 -98.79 92.38
N ARG B 1619 12.48 -99.16 93.00
CA ARG B 1619 12.44 -99.49 94.41
C ARG B 1619 11.79 -100.85 94.59
N ALA B 1620 12.19 -101.54 95.66
CA ALA B 1620 11.64 -102.85 95.98
C ALA B 1620 11.74 -103.08 97.48
N GLY B 1621 10.82 -103.87 98.00
CA GLY B 1621 10.82 -104.20 99.42
C GLY B 1621 11.75 -105.34 99.75
N GLU B 1622 13.05 -105.08 99.73
CA GLU B 1622 14.03 -106.11 100.02
C GLU B 1622 14.01 -106.48 101.50
N ARG B 1623 14.62 -107.62 101.81
CA ARG B 1623 14.61 -108.11 103.19
C ARG B 1623 15.34 -107.15 104.12
N LEU B 1624 16.49 -106.63 103.69
CA LEU B 1624 17.28 -105.72 104.52
C LEU B 1624 16.89 -104.26 104.28
N GLY B 1625 15.59 -103.98 104.38
CA GLY B 1625 15.07 -102.63 104.23
C GLY B 1625 14.52 -102.38 102.84
N TRP B 1626 13.85 -101.24 102.71
CA TRP B 1626 13.27 -100.81 101.44
C TRP B 1626 14.33 -100.03 100.67
N ALA B 1627 14.76 -100.56 99.54
CA ALA B 1627 15.84 -99.99 98.76
C ALA B 1627 15.30 -99.22 97.58
N VAL B 1628 15.84 -98.01 97.36
CA VAL B 1628 15.49 -97.17 96.22
C VAL B 1628 16.80 -96.71 95.57
N GLN B 1629 16.86 -96.84 94.24
CA GLN B 1629 18.08 -96.52 93.51
C GLN B 1629 17.74 -95.77 92.23
N CYS B 1630 18.65 -94.90 91.81
CA CYS B 1630 18.57 -94.18 90.55
C CYS B 1630 19.88 -94.37 89.80
N GLN B 1631 19.79 -94.56 88.49
CA GLN B 1631 20.98 -94.89 87.73
C GLN B 1631 21.24 -93.98 86.54
N ASP B 1632 20.19 -93.54 85.85
CA ASP B 1632 20.54 -92.79 84.64
C ASP B 1632 20.63 -91.30 84.93
N PRO B 1633 21.58 -90.61 84.30
CA PRO B 1633 21.68 -89.16 84.47
C PRO B 1633 20.58 -88.42 83.71
N LEU B 1634 20.34 -87.19 84.14
CA LEU B 1634 19.37 -86.32 83.50
C LEU B 1634 19.77 -84.87 83.75
N THR B 1635 19.72 -84.06 82.69
CA THR B 1635 20.13 -82.67 82.78
C THR B 1635 19.15 -81.79 82.04
N MET B 1636 19.11 -80.52 82.43
CA MET B 1636 18.25 -79.54 81.77
C MET B 1636 18.95 -78.18 81.81
N MET B 1637 18.59 -77.32 80.87
CA MET B 1637 19.18 -75.99 80.76
C MET B 1637 18.30 -75.00 81.50
N ALA B 1638 18.76 -74.55 82.66
CA ALA B 1638 18.00 -73.64 83.50
C ALA B 1638 18.08 -72.21 82.96
N LEU B 1639 17.13 -71.39 83.39
CA LEU B 1639 17.10 -69.96 83.08
C LEU B 1639 16.84 -69.22 84.39
N HIS B 1640 17.90 -68.69 84.99
CA HIS B 1640 17.81 -68.06 86.30
C HIS B 1640 17.48 -66.59 86.17
N ILE B 1641 16.44 -66.16 86.88
CA ILE B 1641 16.08 -64.75 86.98
C ILE B 1641 16.80 -64.17 88.19
N PRO B 1642 17.63 -63.14 88.03
CA PRO B 1642 18.44 -62.69 89.17
C PRO B 1642 17.65 -61.95 90.23
N GLU B 1643 16.74 -61.06 89.85
CA GLU B 1643 16.06 -60.23 90.84
C GLU B 1643 15.18 -61.07 91.77
N GLU B 1644 14.46 -62.03 91.23
CA GLU B 1644 13.66 -62.96 92.01
C GLU B 1644 14.33 -64.34 91.93
N ASN B 1645 14.76 -64.85 93.08
CA ASN B 1645 15.62 -66.04 93.12
C ASN B 1645 14.81 -67.26 92.73
N ARG B 1646 14.58 -67.40 91.43
CA ARG B 1646 13.84 -68.50 90.84
C ARG B 1646 14.72 -69.20 89.80
N CYS B 1647 14.15 -70.22 89.17
CA CYS B 1647 14.86 -70.97 88.13
C CYS B 1647 13.82 -71.62 87.23
N MET B 1648 13.75 -71.17 85.98
CA MET B 1648 12.83 -71.72 85.00
C MET B 1648 13.55 -72.74 84.13
N ASP B 1649 12.87 -73.18 83.07
CA ASP B 1649 13.47 -74.01 82.04
C ASP B 1649 13.59 -73.20 80.76
N ILE B 1650 14.72 -73.35 80.06
CA ILE B 1650 14.91 -72.58 78.83
C ILE B 1650 13.93 -73.00 77.75
N LEU B 1651 13.37 -74.21 77.83
CA LEU B 1651 12.33 -74.63 76.90
C LEU B 1651 10.98 -74.00 77.22
N GLU B 1652 10.80 -73.47 78.43
CA GLU B 1652 9.57 -72.78 78.79
C GLU B 1652 9.40 -71.46 78.05
N LEU B 1653 10.43 -70.97 77.37
CA LEU B 1653 10.35 -69.73 76.62
C LEU B 1653 9.56 -69.87 75.34
N SER B 1654 9.12 -71.08 74.99
CA SER B 1654 8.31 -71.26 73.78
C SER B 1654 6.99 -70.49 73.89
N GLU B 1655 6.35 -70.54 75.06
CA GLU B 1655 5.10 -69.82 75.26
C GLU B 1655 5.29 -68.44 75.87
N ARG B 1656 6.46 -68.15 76.44
CA ARG B 1656 6.77 -66.84 76.98
C ARG B 1656 7.51 -66.05 75.90
N LEU B 1657 6.77 -65.23 75.16
CA LEU B 1657 7.35 -64.49 74.05
C LEU B 1657 8.03 -63.19 74.48
N ASP B 1658 7.83 -62.74 75.72
CA ASP B 1658 8.47 -61.53 76.21
C ASP B 1658 9.91 -61.78 76.68
N LEU B 1659 10.15 -62.92 77.33
CA LEU B 1659 11.50 -63.30 77.72
C LEU B 1659 12.33 -63.83 76.56
N GLN B 1660 11.69 -64.48 75.58
CA GLN B 1660 12.40 -65.01 74.43
C GLN B 1660 13.08 -63.91 73.62
N ARG B 1661 12.37 -62.81 73.38
CA ARG B 1661 12.96 -61.69 72.65
C ARG B 1661 14.16 -61.11 73.40
N PHE B 1662 14.01 -60.93 74.71
CA PHE B 1662 15.11 -60.39 75.51
C PHE B 1662 16.31 -61.32 75.49
N HIS B 1663 16.10 -62.62 75.58
CA HIS B 1663 17.23 -63.56 75.55
C HIS B 1663 17.88 -63.60 74.18
N SER B 1664 17.08 -63.55 73.11
CA SER B 1664 17.65 -63.52 71.77
C SER B 1664 18.49 -62.28 71.55
N HIS B 1665 18.01 -61.12 72.00
CA HIS B 1665 18.80 -59.91 71.88
C HIS B 1665 20.00 -59.90 72.82
N THR B 1666 19.92 -60.60 73.95
CA THR B 1666 21.08 -60.76 74.82
C THR B 1666 22.16 -61.58 74.12
N LEU B 1667 21.77 -62.66 73.44
CA LEU B 1667 22.74 -63.42 72.65
C LEU B 1667 23.29 -62.58 71.50
N ARG B 1668 22.45 -61.76 70.87
CA ARG B 1668 22.94 -60.85 69.84
C ARG B 1668 23.98 -59.88 70.40
N LEU B 1669 23.73 -59.35 71.60
CA LEU B 1669 24.71 -58.49 72.25
C LEU B 1669 25.99 -59.24 72.56
N TYR B 1670 25.87 -60.49 73.01
CA TYR B 1670 27.06 -61.30 73.28
C TYR B 1670 27.91 -61.46 72.02
N ARG B 1671 27.26 -61.73 70.88
CA ARG B 1671 28.01 -61.87 69.64
C ARG B 1671 28.61 -60.55 69.19
N ALA B 1672 27.86 -59.46 69.33
CA ALA B 1672 28.33 -58.16 68.84
C ALA B 1672 29.47 -57.62 69.68
N VAL B 1673 29.48 -57.92 70.98
CA VAL B 1673 30.52 -57.39 71.85
C VAL B 1673 31.88 -58.00 71.51
N CYS B 1674 31.92 -59.30 71.24
CA CYS B 1674 33.15 -60.00 70.91
C CYS B 1674 33.37 -60.12 69.40
N ALA B 1675 32.67 -59.32 68.61
CA ALA B 1675 32.76 -59.42 67.16
C ALA B 1675 34.07 -58.82 66.66
N LEU B 1676 34.48 -59.28 65.47
CA LEU B 1676 35.65 -58.75 64.76
C LEU B 1676 36.93 -58.92 65.57
N GLY B 1677 37.23 -60.18 65.89
CA GLY B 1677 38.51 -60.53 66.48
C GLY B 1677 38.78 -59.93 67.85
N ASN B 1678 37.77 -59.93 68.73
CA ASN B 1678 37.96 -59.50 70.12
C ASN B 1678 38.11 -60.76 70.97
N ASN B 1679 39.30 -61.37 70.89
CA ASN B 1679 39.54 -62.65 71.56
C ASN B 1679 39.55 -62.51 73.08
N ARG B 1680 39.84 -61.32 73.62
CA ARG B 1680 39.79 -61.14 75.06
C ARG B 1680 38.36 -61.28 75.59
N VAL B 1681 37.43 -60.57 74.97
CA VAL B 1681 36.03 -60.68 75.37
C VAL B 1681 35.48 -62.05 75.02
N ALA B 1682 35.98 -62.65 73.93
CA ALA B 1682 35.59 -64.02 73.61
C ALA B 1682 36.02 -65.00 74.71
N HIS B 1683 37.22 -64.81 75.26
CA HIS B 1683 37.64 -65.62 76.40
C HIS B 1683 36.78 -65.34 77.62
N ALA B 1684 36.45 -64.07 77.86
CA ALA B 1684 35.64 -63.71 79.02
C ALA B 1684 34.23 -64.29 78.93
N LEU B 1685 33.66 -64.35 77.73
CA LEU B 1685 32.29 -64.84 77.57
C LEU B 1685 32.16 -66.32 77.85
N CYS B 1686 33.26 -67.08 77.83
CA CYS B 1686 33.19 -68.50 78.14
C CYS B 1686 32.79 -68.75 79.59
N SER B 1687 32.94 -67.75 80.46
CA SER B 1687 32.51 -67.90 81.85
C SER B 1687 31.00 -67.83 81.97
N HIS B 1688 30.34 -67.13 81.05
CA HIS B 1688 28.88 -67.01 81.08
C HIS B 1688 28.20 -68.14 80.30
N VAL B 1689 28.53 -68.26 79.02
CA VAL B 1689 28.01 -69.33 78.17
C VAL B 1689 29.13 -70.36 78.02
N ASP B 1690 29.08 -71.40 78.84
CA ASP B 1690 30.14 -72.39 78.88
C ASP B 1690 30.07 -73.31 77.66
N GLN B 1691 31.11 -74.15 77.53
CA GLN B 1691 31.16 -75.11 76.43
C GLN B 1691 30.04 -76.13 76.54
N ALA B 1692 29.76 -76.60 77.75
CA ALA B 1692 28.72 -77.61 77.94
C ALA B 1692 27.35 -77.08 77.54
N GLN B 1693 27.06 -75.82 77.89
CA GLN B 1693 25.77 -75.24 77.50
C GLN B 1693 25.65 -75.12 75.99
N LEU B 1694 26.71 -74.69 75.32
CA LEU B 1694 26.69 -74.59 73.87
C LEU B 1694 26.48 -75.96 73.21
N LEU B 1695 27.20 -76.97 73.69
CA LEU B 1695 27.05 -78.30 73.12
C LEU B 1695 25.65 -78.86 73.37
N HIS B 1696 25.08 -78.60 74.56
CA HIS B 1696 23.73 -79.05 74.84
C HIS B 1696 22.71 -78.35 73.95
N ALA B 1697 22.86 -77.04 73.76
CA ALA B 1697 21.95 -76.30 72.90
C ALA B 1697 22.10 -76.68 71.43
N LEU B 1698 23.27 -77.17 71.02
CA LEU B 1698 23.45 -77.62 69.65
C LEU B 1698 22.53 -78.80 69.33
N GLU B 1699 22.41 -79.74 70.26
CA GLU B 1699 21.60 -80.95 70.05
C GLU B 1699 20.18 -80.84 70.58
N ASP B 1700 19.79 -79.69 71.11
CA ASP B 1700 18.46 -79.54 71.67
C ASP B 1700 17.42 -79.47 70.55
N ALA B 1701 16.52 -80.45 70.53
CA ALA B 1701 15.49 -80.52 69.49
C ALA B 1701 14.22 -79.77 69.85
N HIS B 1702 14.09 -79.29 71.09
CA HIS B 1702 12.90 -78.58 71.54
C HIS B 1702 13.14 -77.08 71.73
N LEU B 1703 14.36 -76.60 71.50
CA LEU B 1703 14.63 -75.19 71.68
C LEU B 1703 13.89 -74.37 70.62
N PRO B 1704 13.41 -73.17 70.96
CA PRO B 1704 12.79 -72.30 69.95
C PRO B 1704 13.79 -71.91 68.88
N GLY B 1705 13.25 -71.61 67.70
CA GLY B 1705 14.07 -71.27 66.55
C GLY B 1705 15.01 -70.10 66.76
N PRO B 1706 14.50 -68.96 67.24
CA PRO B 1706 15.40 -67.83 67.51
C PRO B 1706 16.51 -68.17 68.50
N LEU B 1707 16.19 -68.87 69.58
CA LEU B 1707 17.22 -69.26 70.54
C LEU B 1707 18.23 -70.24 69.95
N ARG B 1708 17.75 -71.20 69.15
CA ARG B 1708 18.65 -72.15 68.50
C ARG B 1708 19.63 -71.43 67.58
N ALA B 1709 19.10 -70.55 66.72
CA ALA B 1709 19.97 -69.81 65.81
C ALA B 1709 20.94 -68.91 66.58
N GLY B 1710 20.45 -68.25 67.63
CA GLY B 1710 21.32 -67.42 68.44
C GLY B 1710 22.45 -68.20 69.10
N TYR B 1711 22.15 -69.39 69.62
CA TYR B 1711 23.19 -70.20 70.24
C TYR B 1711 24.21 -70.71 69.23
N TYR B 1712 23.76 -71.16 68.05
CA TYR B 1712 24.72 -71.58 67.04
C TYR B 1712 25.62 -70.43 66.60
N ASP B 1713 25.02 -69.25 66.36
CA ASP B 1713 25.83 -68.11 65.96
C ASP B 1713 26.75 -67.65 67.07
N LEU B 1714 26.32 -67.76 68.33
CA LEU B 1714 27.18 -67.40 69.46
C LEU B 1714 28.38 -68.33 69.54
N LEU B 1715 28.15 -69.64 69.39
CA LEU B 1715 29.28 -70.58 69.39
C LEU B 1715 30.24 -70.28 68.26
N ILE B 1716 29.71 -70.00 67.07
CA ILE B 1716 30.59 -69.68 65.94
C ILE B 1716 31.39 -68.41 66.22
N SER B 1717 30.72 -67.32 66.59
CA SER B 1717 31.37 -66.04 66.83
C SER B 1717 32.32 -66.06 68.03
N ILE B 1718 32.18 -67.04 68.91
CA ILE B 1718 33.08 -67.16 70.06
C ILE B 1718 34.32 -67.99 69.71
N HIS B 1719 34.14 -69.11 68.99
CA HIS B 1719 35.22 -70.06 68.85
C HIS B 1719 35.88 -70.13 67.48
N LEU B 1720 35.19 -69.76 66.40
CA LEU B 1720 35.72 -70.00 65.07
C LEU B 1720 35.79 -68.78 64.16
N GLU B 1721 35.22 -67.64 64.57
CA GLU B 1721 35.04 -66.53 63.63
C GLU B 1721 36.39 -65.97 63.15
N SER B 1722 37.28 -65.64 64.08
CA SER B 1722 38.54 -65.02 63.70
C SER B 1722 39.41 -65.95 62.86
N ALA B 1723 39.49 -67.22 63.26
CA ALA B 1723 40.31 -68.17 62.53
C ALA B 1723 39.74 -68.44 61.14
N CYS B 1724 38.41 -68.54 61.03
CA CYS B 1724 37.80 -68.72 59.72
C CYS B 1724 38.03 -67.50 58.85
N ARG B 1725 37.98 -66.29 59.43
CA ARG B 1725 38.25 -65.09 58.66
C ARG B 1725 39.68 -65.09 58.15
N SER B 1726 40.64 -65.47 59.00
CA SER B 1726 42.03 -65.52 58.56
C SER B 1726 42.23 -66.54 57.45
N ARG B 1727 41.63 -67.74 57.60
CA ARG B 1727 41.75 -68.75 56.56
C ARG B 1727 41.11 -68.30 55.25
N ARG B 1728 39.96 -67.63 55.33
CA ARG B 1728 39.31 -67.11 54.13
C ARG B 1728 40.17 -66.06 53.46
N SER B 1729 40.82 -65.20 54.24
CA SER B 1729 41.73 -64.22 53.66
C SER B 1729 42.91 -64.90 52.97
N MET B 1730 43.45 -65.96 53.58
CA MET B 1730 44.59 -66.65 52.98
C MET B 1730 44.22 -67.50 51.78
N LEU B 1731 42.95 -67.91 51.67
CA LEU B 1731 42.54 -68.82 50.61
C LEU B 1731 42.65 -68.21 49.21
N SER B 1732 42.74 -66.89 49.09
CA SER B 1732 42.73 -66.24 47.79
C SER B 1732 44.06 -66.33 47.05
N GLU B 1733 45.14 -66.71 47.74
CA GLU B 1733 46.46 -66.77 47.13
C GLU B 1733 47.04 -68.17 47.27
N TYR B 1734 47.66 -68.65 46.20
CA TYR B 1734 48.25 -69.99 46.15
C TYR B 1734 49.77 -69.87 46.13
N ILE B 1735 50.42 -70.47 47.12
CA ILE B 1735 51.88 -70.53 47.19
C ILE B 1735 52.24 -72.00 47.36
N VAL B 1736 52.50 -72.68 46.24
CA VAL B 1736 52.76 -74.12 46.24
C VAL B 1736 54.27 -74.34 46.24
N PRO B 1737 54.84 -74.97 47.26
CA PRO B 1737 56.26 -75.29 47.23
C PRO B 1737 56.56 -76.50 46.36
N LEU B 1738 57.82 -76.63 45.97
CA LEU B 1738 58.25 -77.74 45.13
C LEU B 1738 58.69 -78.93 45.97
N THR B 1739 57.80 -79.35 46.87
CA THR B 1739 58.03 -80.51 47.72
C THR B 1739 57.73 -81.79 46.93
N PRO B 1740 58.31 -82.93 47.34
CA PRO B 1740 58.06 -84.17 46.60
C PRO B 1740 56.60 -84.54 46.44
N GLU B 1741 55.76 -84.28 47.45
CA GLU B 1741 54.34 -84.57 47.29
C GLU B 1741 53.69 -83.67 46.25
N THR B 1742 54.19 -82.44 46.10
CA THR B 1742 53.73 -81.59 45.00
C THR B 1742 54.10 -82.21 43.65
N ARG B 1743 55.32 -82.75 43.54
CA ARG B 1743 55.73 -83.42 42.31
C ARG B 1743 54.84 -84.63 42.03
N ALA B 1744 54.47 -85.37 43.07
CA ALA B 1744 53.58 -86.51 42.92
C ALA B 1744 52.14 -86.11 42.62
N ILE B 1745 51.79 -84.83 42.77
CA ILE B 1745 50.43 -84.39 42.51
C ILE B 1745 50.18 -84.36 41.01
N THR B 1746 49.09 -84.97 40.57
CA THR B 1746 48.69 -84.98 39.18
C THR B 1746 47.48 -84.07 38.98
N LEU B 1747 47.00 -84.01 37.74
CA LEU B 1747 45.83 -83.20 37.40
C LEU B 1747 44.55 -83.72 38.03
N PHE B 1748 44.51 -84.99 38.42
CA PHE B 1748 43.27 -85.68 38.73
C PHE B 1748 42.23 -85.42 37.64
N PRO B 1749 42.57 -85.70 36.38
CA PRO B 1749 41.68 -85.33 35.28
C PRO B 1749 40.58 -86.36 35.12
N PRO B 1750 39.74 -86.24 34.09
CA PRO B 1750 38.85 -87.36 33.76
C PRO B 1750 39.61 -88.66 33.55
N GLY B 1751 40.81 -88.61 32.97
CA GLY B 1751 41.68 -89.76 32.89
C GLY B 1751 42.65 -89.84 34.04
N ARG B 1752 42.12 -90.03 35.25
CA ARG B 1752 42.94 -90.09 36.45
C ARG B 1752 43.60 -91.47 36.55
N LYS B 1753 44.16 -91.77 37.72
CA LYS B 1753 44.82 -93.06 37.93
C LYS B 1753 43.84 -94.21 37.68
N GLY B 1754 42.66 -94.16 38.30
CA GLY B 1754 41.61 -95.10 37.99
C GLY B 1754 40.47 -94.46 37.23
N GLY B 1755 40.40 -94.71 35.93
CA GLY B 1755 39.34 -94.12 35.13
C GLY B 1755 39.59 -94.37 33.65
N ASN B 1756 38.64 -93.85 32.85
CA ASN B 1756 38.66 -94.00 31.40
C ASN B 1756 38.38 -92.66 30.73
N ALA B 1757 39.07 -91.62 31.19
CA ALA B 1757 38.93 -90.26 30.65
C ALA B 1757 37.50 -89.75 30.75
N ARG B 1758 36.79 -90.11 31.81
CA ARG B 1758 35.41 -89.66 31.96
C ARG B 1758 35.10 -89.02 33.30
N ARG B 1759 35.68 -89.53 34.40
CA ARG B 1759 35.31 -89.11 35.73
C ARG B 1759 36.37 -88.19 36.32
N HIS B 1760 35.96 -87.00 36.74
CA HIS B 1760 36.87 -86.02 37.33
C HIS B 1760 37.22 -86.35 38.78
N GLY B 1761 36.51 -87.27 39.41
CA GLY B 1761 36.70 -87.53 40.83
C GLY B 1761 35.71 -86.77 41.68
N LEU B 1762 36.08 -86.46 42.91
CA LEU B 1762 35.22 -85.71 43.81
C LEU B 1762 35.92 -84.43 44.25
N PRO B 1763 35.26 -83.28 44.17
CA PRO B 1763 35.90 -82.03 44.61
C PRO B 1763 36.07 -81.99 46.12
N GLY B 1764 37.14 -81.33 46.54
CA GLY B 1764 37.39 -81.11 47.95
C GLY B 1764 38.10 -82.22 48.68
N VAL B 1765 38.35 -83.35 48.02
CA VAL B 1765 39.03 -84.50 48.62
C VAL B 1765 40.26 -84.83 47.78
N GLY B 1766 41.39 -85.00 48.44
CA GLY B 1766 42.64 -85.29 47.77
C GLY B 1766 43.80 -84.80 48.61
N VAL B 1767 44.87 -84.40 47.92
CA VAL B 1767 46.07 -83.87 48.56
C VAL B 1767 46.35 -82.49 47.99
N THR B 1768 46.62 -81.54 48.88
CA THR B 1768 46.95 -80.17 48.49
C THR B 1768 48.19 -79.73 49.25
N THR B 1769 48.96 -78.82 48.63
CA THR B 1769 50.22 -78.38 49.19
C THR B 1769 50.33 -76.86 49.32
N SER B 1770 49.29 -76.11 49.00
CA SER B 1770 49.33 -74.67 49.20
C SER B 1770 49.53 -74.34 50.68
N LEU B 1771 50.42 -73.39 50.95
CA LEU B 1771 50.83 -73.10 52.32
C LEU B 1771 49.79 -72.21 52.99
N ARG B 1772 49.23 -72.69 54.09
CA ARG B 1772 48.27 -71.94 54.89
C ARG B 1772 48.66 -72.05 56.36
N PRO B 1773 48.78 -70.94 57.08
CA PRO B 1773 49.22 -70.99 58.47
C PRO B 1773 48.20 -71.66 59.36
N PRO B 1774 48.63 -72.22 60.51
CA PRO B 1774 47.67 -72.88 61.41
C PRO B 1774 46.80 -71.89 62.16
N HIS B 1775 45.97 -72.39 63.09
CA HIS B 1775 44.95 -71.58 63.74
C HIS B 1775 45.38 -71.03 65.10
N HIS B 1776 46.17 -71.80 65.87
CA HIS B 1776 46.75 -71.34 67.13
C HIS B 1776 45.67 -70.90 68.13
N PHE B 1777 44.87 -71.89 68.55
CA PHE B 1777 43.89 -71.65 69.60
C PHE B 1777 44.55 -71.74 70.98
N SER B 1778 43.83 -71.22 71.98
CA SER B 1778 44.30 -71.25 73.37
C SER B 1778 43.18 -71.73 74.27
N PRO B 1779 43.51 -72.49 75.32
CA PRO B 1779 42.47 -73.03 76.20
C PRO B 1779 41.92 -71.95 77.13
N PRO B 1780 40.62 -71.98 77.43
CA PRO B 1780 40.06 -71.00 78.36
C PRO B 1780 40.26 -71.42 79.81
N CYS B 1781 40.62 -70.44 80.64
CA CYS B 1781 40.84 -70.69 82.06
C CYS B 1781 40.70 -69.37 82.80
N PHE B 1782 39.91 -69.38 83.88
CA PHE B 1782 39.68 -68.19 84.69
C PHE B 1782 40.30 -68.30 86.08
N VAL B 1783 41.16 -69.29 86.30
CA VAL B 1783 41.86 -69.43 87.58
C VAL B 1783 43.33 -69.06 87.47
N ALA B 1784 43.86 -68.85 86.26
CA ALA B 1784 45.27 -68.55 86.09
C ALA B 1784 45.60 -67.15 86.62
N ALA B 1785 46.86 -66.97 86.97
CA ALA B 1785 47.31 -65.69 87.53
C ALA B 1785 47.36 -64.63 86.44
N LEU B 1786 46.98 -63.41 86.81
CA LEU B 1786 47.01 -62.30 85.88
C LEU B 1786 48.47 -61.94 85.55
N PRO B 1787 48.74 -61.52 84.30
CA PRO B 1787 50.09 -61.12 83.89
C PRO B 1787 50.41 -59.68 84.23
N ALA B 1794 48.98 -57.11 76.39
CA ALA B 1794 48.40 -58.33 75.86
C ALA B 1794 48.99 -58.67 74.49
N PRO B 1795 49.83 -59.70 74.45
CA PRO B 1795 50.48 -60.09 73.17
C PRO B 1795 49.60 -60.97 72.31
N ALA B 1796 48.58 -60.35 71.70
CA ALA B 1796 47.72 -60.99 70.71
C ALA B 1796 47.04 -62.24 71.28
N ARG B 1797 46.15 -62.00 72.24
CA ARG B 1797 45.38 -63.07 72.85
C ARG B 1797 44.66 -63.89 71.79
N LEU B 1798 44.74 -65.22 71.93
CA LEU B 1798 44.19 -66.14 70.96
C LEU B 1798 42.74 -66.49 71.29
N SER B 1799 42.05 -67.06 70.30
CA SER B 1799 40.67 -67.45 70.49
C SER B 1799 40.56 -68.63 71.46
N PRO B 1800 39.44 -68.74 72.18
CA PRO B 1800 39.27 -69.88 73.08
C PRO B 1800 39.24 -71.20 72.31
N ALA B 1801 39.72 -72.25 72.96
CA ALA B 1801 39.86 -73.55 72.32
C ALA B 1801 38.67 -74.44 72.62
N ILE B 1802 38.18 -75.13 71.59
CA ILE B 1802 37.11 -76.11 71.72
C ILE B 1802 37.57 -77.37 70.98
N PRO B 1803 37.15 -78.57 71.40
CA PRO B 1803 37.53 -79.77 70.64
C PRO B 1803 36.93 -79.78 69.24
N LEU B 1804 37.78 -79.63 68.23
CA LEU B 1804 37.29 -79.49 66.86
C LEU B 1804 36.86 -80.82 66.27
N GLU B 1805 37.50 -81.93 66.66
CA GLU B 1805 37.15 -83.23 66.11
C GLU B 1805 35.77 -83.66 66.57
N ALA B 1806 35.48 -83.56 67.87
CA ALA B 1806 34.17 -83.91 68.38
C ALA B 1806 33.09 -82.99 67.80
N LEU B 1807 33.39 -81.70 67.70
CA LEU B 1807 32.44 -80.76 67.11
C LEU B 1807 32.14 -81.10 65.65
N ARG B 1808 33.18 -81.48 64.90
CA ARG B 1808 32.98 -81.85 63.50
C ARG B 1808 32.14 -83.11 63.38
N ASP B 1809 32.42 -84.12 64.21
CA ASP B 1809 31.63 -85.34 64.18
C ASP B 1809 30.17 -85.07 64.56
N LYS B 1810 29.96 -84.24 65.57
CA LYS B 1810 28.60 -83.89 65.97
C LYS B 1810 27.88 -83.15 64.85
N ALA B 1811 28.56 -82.20 64.20
CA ALA B 1811 27.94 -81.45 63.10
C ALA B 1811 27.56 -82.38 61.95
N LEU B 1812 28.45 -83.32 61.61
CA LEU B 1812 28.14 -84.27 60.54
C LEU B 1812 26.93 -85.13 60.92
N ARG B 1813 26.89 -85.62 62.15
CA ARG B 1813 25.77 -86.46 62.58
C ARG B 1813 24.47 -85.68 62.56
N MET B 1814 24.48 -84.44 63.05
CA MET B 1814 23.27 -83.62 63.05
C MET B 1814 22.80 -83.30 61.64
N LEU B 1815 23.74 -82.99 60.74
CA LEU B 1815 23.34 -82.71 59.36
C LEU B 1815 22.74 -83.94 58.70
N GLY B 1816 23.33 -85.12 58.93
CA GLY B 1816 22.76 -86.34 58.40
C GLY B 1816 21.37 -86.62 58.96
N GLU B 1817 21.19 -86.42 60.27
CA GLU B 1817 19.88 -86.63 60.87
C GLU B 1817 18.85 -85.66 60.31
N ALA B 1818 19.23 -84.39 60.13
CA ALA B 1818 18.31 -83.41 59.56
C ALA B 1818 17.95 -83.77 58.12
N VAL B 1819 18.93 -84.22 57.34
CA VAL B 1819 18.66 -84.62 55.96
C VAL B 1819 17.69 -85.79 55.93
N ARG B 1820 17.91 -86.78 56.79
CA ARG B 1820 17.01 -87.93 56.83
C ARG B 1820 15.61 -87.53 57.28
N ASP B 1821 15.50 -86.64 58.27
CA ASP B 1821 14.19 -86.26 58.79
C ASP B 1821 13.44 -85.32 57.87
N GLY B 1822 14.14 -84.59 57.00
CA GLY B 1822 13.46 -83.68 56.10
C GLY B 1822 12.72 -84.33 54.96
N GLY B 1823 12.97 -85.62 54.70
CA GLY B 1823 12.28 -86.31 53.63
C GLY B 1823 10.94 -86.87 54.05
N GLN B 1824 10.72 -87.00 55.35
CA GLN B 1824 9.45 -87.53 55.86
C GLN B 1824 8.36 -86.48 55.97
N HIS B 1825 8.70 -85.21 55.76
CA HIS B 1825 7.73 -84.11 55.84
C HIS B 1825 7.02 -84.08 57.20
N ALA B 1826 7.82 -84.07 58.26
CA ALA B 1826 7.28 -84.00 59.60
C ALA B 1826 6.61 -82.65 59.85
N ARG B 1827 5.56 -82.67 60.67
CA ARG B 1827 4.80 -81.47 60.98
C ARG B 1827 5.37 -80.66 62.13
N ASP B 1828 6.44 -81.16 62.78
CA ASP B 1828 7.10 -80.45 63.87
C ASP B 1828 8.60 -80.41 63.60
N PRO B 1829 9.04 -79.58 62.66
CA PRO B 1829 10.48 -79.48 62.38
C PRO B 1829 11.23 -78.90 63.57
N VAL B 1830 12.51 -79.26 63.66
CA VAL B 1830 13.36 -78.75 64.74
C VAL B 1830 13.47 -77.24 64.62
N GLY B 1831 13.12 -76.54 65.69
CA GLY B 1831 13.10 -75.09 65.67
C GLY B 1831 11.80 -74.48 65.17
N GLY B 1832 10.85 -75.31 64.74
CA GLY B 1832 9.57 -74.83 64.27
C GLY B 1832 9.49 -74.53 62.78
N SER B 1833 10.60 -74.63 62.06
CA SER B 1833 10.61 -74.36 60.63
C SER B 1833 11.76 -75.12 59.98
N VAL B 1834 11.68 -75.26 58.67
CA VAL B 1834 12.76 -75.89 57.91
C VAL B 1834 14.00 -75.01 57.93
N GLU B 1835 13.81 -73.69 57.84
CA GLU B 1835 14.94 -72.77 57.89
C GLU B 1835 15.65 -72.86 59.24
N PHE B 1836 14.89 -72.81 60.34
CA PHE B 1836 15.49 -72.90 61.67
C PHE B 1836 16.08 -74.28 61.95
N GLN B 1837 15.78 -75.27 61.12
CA GLN B 1837 16.37 -76.60 61.24
C GLN B 1837 17.64 -76.77 60.41
N PHE B 1838 17.72 -76.12 59.25
CA PHE B 1838 18.83 -76.33 58.32
C PHE B 1838 19.88 -75.22 58.35
N VAL B 1839 19.47 -73.95 58.41
CA VAL B 1839 20.44 -72.86 58.34
C VAL B 1839 21.46 -72.90 59.47
N PRO B 1840 21.08 -73.03 60.75
CA PRO B 1840 22.09 -73.00 61.82
C PRO B 1840 23.13 -74.11 61.70
N VAL B 1841 22.76 -75.30 61.24
CA VAL B 1841 23.73 -76.37 61.11
C VAL B 1841 24.52 -76.26 59.80
N LEU B 1842 23.90 -75.76 58.73
CA LEU B 1842 24.62 -75.56 57.48
C LEU B 1842 25.68 -74.48 57.63
N LYS B 1843 25.39 -73.42 58.40
CA LYS B 1843 26.41 -72.40 58.65
C LYS B 1843 27.62 -72.99 59.37
N LEU B 1844 27.38 -73.81 60.38
CA LEU B 1844 28.49 -74.45 61.09
C LEU B 1844 29.28 -75.38 60.18
N VAL B 1845 28.57 -76.15 59.34
CA VAL B 1845 29.25 -77.07 58.43
C VAL B 1845 30.12 -76.30 57.45
N SER B 1846 29.58 -75.21 56.88
CA SER B 1846 30.36 -74.41 55.94
C SER B 1846 31.56 -73.76 56.64
N THR B 1847 31.37 -73.27 57.87
CA THR B 1847 32.46 -72.65 58.60
C THR B 1847 33.58 -73.65 58.86
N LEU B 1848 33.22 -74.87 59.26
CA LEU B 1848 34.24 -75.89 59.52
C LEU B 1848 34.86 -76.39 58.22
N LEU B 1849 34.13 -76.33 57.10
CA LEU B 1849 34.71 -76.72 55.82
C LEU B 1849 35.74 -75.70 55.35
N VAL B 1850 35.42 -74.41 55.47
CA VAL B 1850 36.40 -73.37 55.16
C VAL B 1850 37.58 -73.47 56.12
N MET B 1851 37.33 -73.84 57.37
CA MET B 1851 38.39 -74.01 58.35
C MET B 1851 39.37 -75.11 57.97
N GLY B 1852 38.99 -76.00 57.04
CA GLY B 1852 39.83 -77.13 56.70
C GLY B 1852 39.96 -78.15 57.80
N ILE B 1853 38.87 -78.41 58.53
CA ILE B 1853 38.89 -79.39 59.61
C ILE B 1853 38.48 -80.77 59.11
N PHE B 1854 37.49 -80.83 58.23
CA PHE B 1854 36.98 -82.12 57.77
C PHE B 1854 38.03 -82.88 56.96
N GLY B 1855 38.08 -84.19 57.17
CA GLY B 1855 38.99 -85.03 56.44
C GLY B 1855 38.42 -85.46 55.10
N ASP B 1856 39.16 -86.36 54.44
CA ASP B 1856 38.73 -86.85 53.13
C ASP B 1856 37.42 -87.63 53.23
N GLU B 1857 37.32 -88.52 54.22
CA GLU B 1857 36.10 -89.30 54.40
C GLU B 1857 34.91 -88.41 54.74
N ASP B 1858 35.12 -87.39 55.58
CA ASP B 1858 34.05 -86.47 55.91
C ASP B 1858 33.63 -85.65 54.70
N VAL B 1859 34.58 -85.26 53.86
CA VAL B 1859 34.25 -84.55 52.63
C VAL B 1859 33.42 -85.44 51.72
N LYS B 1860 33.78 -86.71 51.60
CA LYS B 1860 33.00 -87.65 50.81
C LYS B 1860 31.59 -87.81 51.38
N GLN B 1861 31.48 -87.86 52.71
CA GLN B 1861 30.18 -87.98 53.34
C GLN B 1861 29.31 -86.75 53.05
N ILE B 1862 29.90 -85.56 53.12
CA ILE B 1862 29.16 -84.34 52.80
C ILE B 1862 28.71 -84.37 51.34
N LEU B 1863 29.60 -84.78 50.44
CA LEU B 1863 29.26 -84.83 49.02
C LEU B 1863 28.12 -85.81 48.77
N LYS B 1864 28.15 -86.97 49.43
CA LYS B 1864 27.05 -87.93 49.30
C LYS B 1864 25.75 -87.36 49.85
N MET B 1865 25.83 -86.66 50.99
CA MET B 1865 24.62 -86.10 51.58
C MET B 1865 24.01 -85.02 50.70
N ILE B 1866 24.84 -84.18 50.07
CA ILE B 1866 24.33 -83.11 49.21
C ILE B 1866 23.66 -83.71 47.98
N GLU B 1867 24.33 -84.64 47.32
CA GLU B 1867 23.81 -85.28 46.11
C GLU B 1867 24.43 -86.67 46.00
N PRO B 1868 23.71 -87.72 46.42
CA PRO B 1868 24.28 -89.07 46.36
C PRO B 1868 24.30 -89.67 44.96
N GLU B 1869 23.49 -89.15 44.03
CA GLU B 1869 23.47 -89.71 42.68
C GLU B 1869 24.77 -89.45 41.94
N VAL B 1870 25.34 -88.26 42.10
CA VAL B 1870 26.52 -87.85 41.36
C VAL B 1870 27.81 -88.10 42.14
N PHE B 1871 27.79 -87.81 43.45
CA PHE B 1871 28.99 -87.84 44.27
C PHE B 1871 29.22 -89.19 44.94
N THR B 1872 28.73 -90.28 44.34
CA THR B 1872 28.95 -91.61 44.86
C THR B 1872 30.09 -92.30 44.12
N GLU B 1873 30.80 -93.17 44.84
CA GLU B 1873 31.91 -93.92 44.24
C GLU B 1873 31.38 -95.13 43.50
N GLU B 1874 31.88 -95.35 42.30
CA GLU B 1874 31.45 -96.49 41.48
C GLU B 1874 32.24 -97.75 41.84
N ASP B 1921 14.46 -91.94 45.43
CA ASP B 1921 13.65 -92.75 46.33
C ASP B 1921 14.52 -93.51 47.32
N LEU B 1922 15.83 -93.26 47.26
CA LEU B 1922 16.81 -93.91 48.14
C LEU B 1922 17.75 -92.83 48.67
N GLU B 1923 17.40 -92.26 49.82
CA GLU B 1923 18.21 -91.26 50.51
C GLU B 1923 18.48 -90.05 49.59
N GLU B 1924 17.39 -89.36 49.26
CA GLU B 1924 17.48 -88.18 48.41
C GLU B 1924 18.34 -87.11 49.06
N GLY B 1925 19.11 -86.40 48.24
CA GLY B 1925 20.03 -85.40 48.73
C GLY B 1925 19.34 -84.07 49.04
N LEU B 1926 20.16 -83.13 49.53
CA LEU B 1926 19.64 -81.81 49.88
C LEU B 1926 19.13 -81.06 48.66
N LEU B 1927 19.84 -81.16 47.54
CA LEU B 1927 19.47 -80.40 46.35
C LEU B 1927 18.14 -80.85 45.75
N GLN B 1928 17.68 -82.07 46.07
CA GLN B 1928 16.43 -82.58 45.53
C GLN B 1928 15.22 -82.24 46.39
N MET B 1929 15.42 -81.63 47.54
CA MET B 1929 14.32 -81.26 48.42
C MET B 1929 13.81 -79.87 48.08
N LYS B 1930 12.69 -79.50 48.70
CA LYS B 1930 12.08 -78.18 48.55
C LYS B 1930 12.56 -77.32 49.73
N LEU B 1931 13.51 -76.43 49.46
CA LEU B 1931 14.11 -75.60 50.49
C LEU B 1931 13.76 -74.13 50.29
N PRO B 1932 13.67 -73.36 51.36
CA PRO B 1932 13.47 -71.92 51.23
C PRO B 1932 14.76 -71.23 50.80
N GLU B 1933 14.66 -69.92 50.57
CA GLU B 1933 15.81 -69.16 50.07
C GLU B 1933 16.94 -69.10 51.08
N SER B 1934 16.61 -69.07 52.37
CA SER B 1934 17.64 -68.98 53.40
C SER B 1934 18.54 -70.22 53.39
N VAL B 1935 17.96 -71.40 53.16
CA VAL B 1935 18.76 -72.61 53.05
C VAL B 1935 19.48 -72.67 51.70
N LYS B 1936 18.86 -72.12 50.65
CA LYS B 1936 19.50 -72.12 49.34
C LYS B 1936 20.76 -71.25 49.33
N LEU B 1937 20.77 -70.17 50.10
CA LEU B 1937 21.98 -69.35 50.21
C LEU B 1937 23.13 -70.16 50.84
N GLN B 1938 22.83 -70.92 51.89
CA GLN B 1938 23.85 -71.76 52.51
C GLN B 1938 24.31 -72.84 51.56
N MET B 1939 23.40 -73.42 50.78
CA MET B 1939 23.79 -74.40 49.77
C MET B 1939 24.71 -73.79 48.73
N CYS B 1940 24.41 -72.55 48.32
CA CYS B 1940 25.27 -71.86 47.37
C CYS B 1940 26.67 -71.64 47.93
N ASN B 1941 26.76 -71.26 49.22
CA ASN B 1941 28.07 -71.12 49.85
C ASN B 1941 28.81 -72.45 49.90
N LEU B 1942 28.09 -73.52 50.23
CA LEU B 1942 28.71 -74.84 50.31
C LEU B 1942 29.27 -75.27 48.95
N LEU B 1943 28.52 -75.03 47.88
CA LEU B 1943 29.01 -75.36 46.55
C LEU B 1943 30.14 -74.45 46.10
N GLU B 1944 30.11 -73.18 46.51
CA GLU B 1944 31.20 -72.26 46.21
C GLU B 1944 32.50 -72.75 46.82
N TYR B 1945 32.44 -73.32 48.03
CA TYR B 1945 33.65 -73.87 48.63
C TYR B 1945 34.24 -74.97 47.76
N PHE B 1946 33.41 -75.88 47.26
CA PHE B 1946 33.92 -76.97 46.42
C PHE B 1946 34.46 -76.45 45.10
N CYS B 1947 33.82 -75.43 44.52
CA CYS B 1947 34.33 -74.84 43.29
C CYS B 1947 35.72 -74.22 43.52
N ASP B 1948 35.88 -73.52 44.64
CA ASP B 1948 37.18 -72.96 44.98
C ASP B 1948 38.23 -74.05 45.18
N GLN B 1949 37.83 -75.15 45.81
CA GLN B 1949 38.74 -76.28 45.98
C GLN B 1949 39.18 -76.84 44.63
N GLU B 1950 38.23 -76.98 43.69
CA GLU B 1950 38.58 -77.48 42.37
C GLU B 1950 39.55 -76.54 41.65
N LEU B 1951 39.32 -75.23 41.74
CA LEU B 1951 40.22 -74.28 41.11
C LEU B 1951 41.63 -74.35 41.72
N GLN B 1952 41.71 -74.44 43.05
CA GLN B 1952 43.00 -74.56 43.70
C GLN B 1952 43.72 -75.84 43.28
N HIS B 1953 42.98 -76.94 43.18
CA HIS B 1953 43.58 -78.19 42.72
C HIS B 1953 44.11 -78.05 41.30
N ARG B 1954 43.35 -77.39 40.42
CA ARG B 1954 43.82 -77.16 39.05
C ARG B 1954 45.13 -76.38 39.05
N VAL B 1955 45.20 -75.31 39.84
CA VAL B 1955 46.42 -74.50 39.88
C VAL B 1955 47.60 -75.32 40.39
N GLU B 1956 47.40 -76.08 41.47
CA GLU B 1956 48.48 -76.87 42.03
C GLU B 1956 48.97 -77.93 41.04
N SER B 1957 48.04 -78.59 40.35
CA SER B 1957 48.42 -79.59 39.36
C SER B 1957 49.16 -78.97 38.19
N LEU B 1958 48.74 -77.78 37.76
CA LEU B 1958 49.44 -77.10 36.67
C LEU B 1958 50.88 -76.76 37.08
N ALA B 1959 51.08 -76.30 38.32
CA ALA B 1959 52.43 -76.07 38.81
C ALA B 1959 53.24 -77.37 38.88
N ALA B 1960 52.60 -78.46 39.32
CA ALA B 1960 53.29 -79.74 39.39
C ALA B 1960 53.77 -80.18 38.01
N PHE B 1961 52.92 -80.03 36.98
CA PHE B 1961 53.36 -80.32 35.63
C PHE B 1961 54.48 -79.37 35.18
N ALA B 1962 54.39 -78.11 35.58
CA ALA B 1962 55.42 -77.14 35.22
C ALA B 1962 56.78 -77.57 35.72
N GLU B 1963 56.84 -78.13 36.92
CA GLU B 1963 58.12 -78.60 37.45
C GLU B 1963 58.77 -79.65 36.54
N ARG B 1964 58.00 -80.68 36.17
CA ARG B 1964 58.53 -81.73 35.32
C ARG B 1964 58.91 -81.20 33.95
N TYR B 1965 58.08 -80.33 33.38
CA TYR B 1965 58.39 -79.78 32.06
C TYR B 1965 59.65 -78.92 32.11
N VAL B 1966 59.84 -78.16 33.18
CA VAL B 1966 61.05 -77.36 33.33
C VAL B 1966 62.28 -78.27 33.42
N ASP B 1967 62.17 -79.36 34.17
CA ASP B 1967 63.30 -80.29 34.27
C ASP B 1967 63.64 -80.89 32.90
N LYS B 1968 62.64 -81.34 32.16
CA LYS B 1968 62.88 -81.92 30.85
C LYS B 1968 63.47 -80.90 29.88
N LEU B 1969 62.95 -79.67 29.91
CA LEU B 1969 63.46 -78.62 29.03
C LEU B 1969 64.91 -78.29 29.37
N GLN B 1970 65.24 -78.23 30.67
CA GLN B 1970 66.62 -77.98 31.06
C GLN B 1970 67.55 -79.07 30.56
N ALA B 1971 67.13 -80.34 30.69
CA ALA B 1971 67.95 -81.44 30.20
C ALA B 1971 68.14 -81.36 28.69
N ASN B 1972 67.07 -81.08 27.96
CA ASN B 1972 67.16 -81.01 26.50
C ASN B 1972 68.05 -79.86 26.06
N GLN B 1973 67.93 -78.71 26.70
CA GLN B 1973 68.76 -77.56 26.33
C GLN B 1973 70.22 -77.81 26.67
N ARG B 1974 70.49 -78.48 27.80
CA ARG B 1974 71.87 -78.83 28.13
C ARG B 1974 72.45 -79.77 27.08
N SER B 1975 71.67 -80.77 26.64
CA SER B 1975 72.14 -81.67 25.59
C SER B 1975 72.39 -80.92 24.29
N ARG B 1976 71.49 -79.99 23.93
CA ARG B 1976 71.65 -79.23 22.70
C ARG B 1976 72.91 -78.36 22.75
N TYR B 1977 73.16 -77.71 23.89
CA TYR B 1977 74.37 -76.90 24.00
C TYR B 1977 75.62 -77.75 23.99
N ALA B 1978 75.57 -78.94 24.58
CA ALA B 1978 76.72 -79.85 24.52
C ALA B 1978 76.99 -80.26 23.08
N LEU B 1979 75.93 -80.55 22.31
CA LEU B 1979 76.11 -80.87 20.89
C LEU B 1979 76.69 -79.68 20.13
N LEU B 1980 76.22 -78.47 20.42
CA LEU B 1980 76.74 -77.29 19.74
C LEU B 1980 78.21 -77.06 20.07
N MET B 1981 78.61 -77.31 21.31
CA MET B 1981 79.99 -77.08 21.72
C MET B 1981 80.92 -78.15 21.16
N ARG B 1982 80.68 -79.41 21.52
CA ARG B 1982 81.57 -80.49 21.09
C ARG B 1982 81.53 -80.68 19.57
N ALA B 1983 80.33 -80.81 19.01
CA ALA B 1983 80.16 -81.02 17.58
C ALA B 1983 79.94 -79.67 16.90
N PHE B 1984 79.53 -79.72 15.62
CA PHE B 1984 79.19 -78.54 14.83
C PHE B 1984 80.41 -77.62 14.67
N THR B 1985 81.48 -78.19 14.13
CA THR B 1985 82.70 -77.47 13.85
C THR B 1985 82.96 -77.30 12.35
N MET B 1986 81.98 -77.63 11.51
CA MET B 1986 82.16 -77.57 10.07
C MET B 1986 81.33 -76.48 9.40
N SER B 1987 80.35 -75.91 10.09
CA SER B 1987 79.50 -74.88 9.51
C SER B 1987 80.12 -73.50 9.74
N ALA B 1988 79.39 -72.45 9.41
CA ALA B 1988 79.86 -71.08 9.56
C ALA B 1988 79.56 -70.53 10.94
N ALA B 1989 79.98 -71.26 11.98
CA ALA B 1989 79.87 -70.93 13.40
C ALA B 1989 78.43 -70.95 13.89
N GLU B 1990 77.44 -71.19 13.03
CA GLU B 1990 76.03 -71.26 13.41
C GLU B 1990 75.61 -70.01 14.20
N THR B 1991 75.96 -68.84 13.68
CA THR B 1991 75.64 -67.60 14.36
C THR B 1991 74.14 -67.41 14.47
N ALA B 1992 73.40 -67.69 13.41
CA ALA B 1992 71.95 -67.55 13.44
C ALA B 1992 71.31 -68.53 14.43
N ARG B 1993 71.83 -69.75 14.49
CA ARG B 1993 71.27 -70.77 15.38
C ARG B 1993 71.72 -70.62 16.81
N ARG B 1994 72.67 -69.74 17.11
CA ARG B 1994 73.19 -69.56 18.45
C ARG B 1994 72.81 -68.22 19.07
N THR B 1995 73.10 -67.11 18.38
CA THR B 1995 72.83 -65.79 18.94
C THR B 1995 71.35 -65.48 19.03
N ARG B 1996 70.51 -66.16 18.24
CA ARG B 1996 69.07 -65.94 18.28
C ARG B 1996 68.36 -66.76 19.34
N GLU B 1997 69.04 -67.71 19.97
CA GLU B 1997 68.42 -68.56 20.99
C GLU B 1997 69.12 -68.45 22.34
N PHE B 1998 70.45 -68.54 22.38
CA PHE B 1998 71.18 -68.58 23.64
C PHE B 1998 71.68 -67.22 24.09
N ARG B 1999 71.38 -66.14 23.36
CA ARG B 1999 71.78 -64.81 23.76
C ARG B 1999 70.64 -63.98 24.31
N SER B 2000 69.39 -64.38 24.07
CA SER B 2000 68.25 -63.67 24.58
C SER B 2000 68.12 -63.87 26.09
N PRO B 2001 67.45 -62.97 26.79
CA PRO B 2001 67.22 -63.17 28.22
C PRO B 2001 66.38 -64.41 28.46
N PRO B 2002 66.49 -65.03 29.64
CA PRO B 2002 65.72 -66.26 29.89
C PRO B 2002 64.22 -66.08 29.75
N GLN B 2003 63.69 -64.89 30.06
CA GLN B 2003 62.29 -64.62 29.78
C GLN B 2003 62.01 -64.65 28.28
N GLU B 2004 62.93 -64.11 27.49
CA GLU B 2004 62.82 -64.16 26.04
C GLU B 2004 63.21 -65.51 25.46
N GLN B 2005 63.76 -66.42 26.28
CA GLN B 2005 64.12 -67.75 25.83
C GLN B 2005 63.03 -68.79 26.10
N ILE B 2006 61.91 -68.39 26.68
CA ILE B 2006 60.89 -69.35 27.09
C ILE B 2006 59.59 -69.08 26.33
N ASN B 2007 59.39 -67.86 25.85
CA ASN B 2007 58.17 -67.55 25.13
C ASN B 2007 58.16 -68.20 23.76
N MET B 2008 59.15 -67.88 22.93
CA MET B 2008 59.24 -68.45 21.58
C MET B 2008 59.43 -69.96 21.60
N LEU B 2009 60.01 -70.51 22.66
CA LEU B 2009 60.15 -71.96 22.78
C LEU B 2009 58.80 -72.64 22.96
N LEU B 2010 57.76 -71.89 23.31
CA LEU B 2010 56.42 -72.44 23.51
C LEU B 2010 55.53 -72.26 22.28
N HIS B 2011 56.08 -71.82 21.15
CA HIS B 2011 55.32 -71.65 19.92
C HIS B 2011 55.26 -72.93 19.09
N PHE B 2012 55.39 -74.09 19.72
CA PHE B 2012 55.39 -75.35 18.98
C PHE B 2012 54.07 -75.56 18.25
N LYS B 2013 52.98 -75.70 19.00
CA LYS B 2013 51.67 -75.96 18.44
C LYS B 2013 50.83 -74.68 18.43
N ASP B 2014 49.53 -74.83 18.15
CA ASP B 2014 48.49 -73.81 18.01
C ASP B 2014 48.55 -73.13 16.65
N GLU B 2015 49.53 -73.44 15.81
CA GLU B 2015 49.54 -72.95 14.44
C GLU B 2015 49.81 -74.09 13.47
N ALA B 2016 50.52 -75.11 13.95
CA ALA B 2016 50.86 -76.31 13.19
C ALA B 2016 51.72 -76.03 11.96
N ASP B 2017 52.15 -74.79 11.76
CA ASP B 2017 53.01 -74.45 10.64
C ASP B 2017 54.14 -73.49 11.00
N GLU B 2018 54.22 -73.01 12.23
CA GLU B 2018 55.26 -72.07 12.65
C GLU B 2018 55.87 -72.60 13.95
N GLU B 2019 56.87 -73.48 13.82
CA GLU B 2019 57.57 -73.98 15.00
C GLU B 2019 58.65 -73.00 15.44
N ASP B 2020 59.66 -72.80 14.59
CA ASP B 2020 60.73 -71.83 14.83
C ASP B 2020 61.41 -72.05 16.19
N CYS B 2021 61.38 -73.28 16.68
CA CYS B 2021 61.96 -73.62 17.97
C CYS B 2021 62.67 -74.96 17.88
N PRO B 2022 63.75 -75.15 18.64
CA PRO B 2022 64.47 -76.43 18.68
C PRO B 2022 63.85 -77.43 19.64
N LEU B 2023 62.53 -77.60 19.55
CA LEU B 2023 61.80 -78.49 20.44
C LEU B 2023 61.57 -79.83 19.76
N PRO B 2024 62.03 -80.93 20.35
CA PRO B 2024 61.75 -82.25 19.75
C PRO B 2024 60.25 -82.54 19.76
N GLU B 2025 59.84 -83.38 18.80
CA GLU B 2025 58.42 -83.62 18.58
C GLU B 2025 57.75 -84.28 19.78
N ASP B 2026 58.46 -85.20 20.45
CA ASP B 2026 57.87 -85.92 21.58
C ASP B 2026 57.56 -84.98 22.74
N ILE B 2027 58.45 -84.01 23.00
CA ILE B 2027 58.20 -83.04 24.06
C ILE B 2027 56.97 -82.20 23.74
N ARG B 2028 56.84 -81.77 22.49
CA ARG B 2028 55.66 -81.02 22.07
C ARG B 2028 54.40 -81.87 22.22
N GLN B 2029 54.49 -83.16 21.90
CA GLN B 2029 53.34 -84.05 22.05
C GLN B 2029 52.95 -84.19 23.52
N ASP B 2030 53.94 -84.30 24.40
CA ASP B 2030 53.64 -84.40 25.84
C ASP B 2030 52.96 -83.13 26.35
N LEU B 2031 53.48 -81.96 25.95
CA LEU B 2031 52.87 -80.72 26.40
C LEU B 2031 51.47 -80.56 25.82
N GLN B 2032 51.26 -80.97 24.57
CA GLN B 2032 49.94 -80.92 23.97
C GLN B 2032 48.98 -81.87 24.69
N ASP B 2033 49.46 -83.04 25.11
CA ASP B 2033 48.62 -83.96 25.87
C ASP B 2033 48.21 -83.33 27.20
N PHE B 2034 49.15 -82.67 27.89
CA PHE B 2034 48.79 -82.00 29.13
C PHE B 2034 47.79 -80.88 28.88
N HIS B 2035 47.97 -80.12 27.80
CA HIS B 2035 47.04 -79.03 27.48
C HIS B 2035 45.65 -79.58 27.19
N GLN B 2036 45.57 -80.70 26.46
CA GLN B 2036 44.28 -81.34 26.21
C GLN B 2036 43.64 -81.81 27.51
N ASP B 2037 44.43 -82.39 28.41
CA ASP B 2037 43.90 -82.82 29.70
C ASP B 2037 43.36 -81.64 30.49
N LEU B 2038 44.10 -80.53 30.51
CA LEU B 2038 43.65 -79.33 31.22
C LEU B 2038 42.36 -78.79 30.61
N LEU B 2039 42.27 -78.76 29.28
CA LEU B 2039 41.05 -78.31 28.63
C LEU B 2039 39.88 -79.22 28.96
N ALA B 2040 40.13 -80.53 29.03
CA ALA B 2040 39.08 -81.47 29.41
C ALA B 2040 38.62 -81.23 30.84
N HIS B 2041 39.56 -80.92 31.74
CA HIS B 2041 39.20 -80.69 33.13
C HIS B 2041 38.32 -79.46 33.29
N CYS B 2042 38.56 -78.42 32.49
CA CYS B 2042 37.81 -77.17 32.60
C CYS B 2042 36.41 -77.24 31.99
N GLY B 2043 35.98 -78.41 31.53
CA GLY B 2043 34.64 -78.55 30.98
C GLY B 2043 34.46 -78.03 29.57
N ILE B 2044 35.55 -77.78 28.85
CA ILE B 2044 35.47 -77.28 27.48
C ILE B 2044 35.96 -78.39 26.54
N GLN B 2045 35.75 -79.63 26.95
CA GLN B 2045 36.24 -80.78 26.21
C GLN B 2045 35.33 -81.06 25.01
N LEU B 2046 35.51 -82.23 24.39
CA LEU B 2046 34.76 -82.63 23.20
C LEU B 2046 35.01 -81.65 22.04
N GLU B 2047 36.28 -81.43 21.74
CA GLU B 2047 36.71 -80.55 20.66
C GLU B 2047 36.14 -79.13 20.82
N GLU B 2088 18.34 -85.53 28.64
CA GLU B 2088 17.67 -85.87 29.89
C GLU B 2088 18.60 -86.66 30.80
N LYS B 2089 19.84 -86.86 30.37
CA LYS B 2089 20.81 -87.58 31.16
C LYS B 2089 21.18 -86.80 32.41
N LYS B 2090 21.34 -87.51 33.53
CA LYS B 2090 21.70 -86.87 34.78
C LYS B 2090 23.12 -86.34 34.71
N PRO B 2091 23.40 -85.21 35.36
CA PRO B 2091 24.76 -84.66 35.36
C PRO B 2091 25.73 -85.60 36.06
N GLN B 2092 26.97 -85.61 35.58
CA GLN B 2092 28.02 -86.45 36.15
C GLN B 2092 29.20 -85.65 36.67
N SER B 2093 29.19 -84.32 36.54
CA SER B 2093 30.27 -83.49 37.01
C SER B 2093 29.71 -82.35 37.84
N LEU B 2094 30.60 -81.68 38.60
CA LEU B 2094 30.17 -80.59 39.46
C LEU B 2094 29.60 -79.43 38.65
N GLN B 2095 30.25 -79.08 37.55
CA GLN B 2095 29.81 -77.93 36.77
C GLN B 2095 28.41 -78.13 36.22
N GLU B 2096 28.14 -79.29 35.62
CA GLU B 2096 26.82 -79.56 35.06
C GLU B 2096 25.76 -79.56 36.15
N LEU B 2097 26.06 -80.19 37.29
CA LEU B 2097 25.10 -80.26 38.38
C LEU B 2097 24.77 -78.86 38.89
N VAL B 2098 25.79 -78.03 39.11
CA VAL B 2098 25.55 -76.69 39.63
C VAL B 2098 24.78 -75.85 38.63
N SER B 2099 25.13 -75.95 37.33
CA SER B 2099 24.42 -75.18 36.32
C SER B 2099 22.95 -75.58 36.24
N HIS B 2100 22.69 -76.89 36.19
CA HIS B 2100 21.30 -77.36 36.13
C HIS B 2100 20.54 -76.95 37.38
N MET B 2101 21.18 -77.05 38.55
CA MET B 2101 20.56 -76.67 39.81
C MET B 2101 20.22 -75.19 39.85
N VAL B 2102 21.14 -74.33 39.40
CA VAL B 2102 20.87 -72.89 39.40
C VAL B 2102 19.74 -72.54 38.44
N VAL B 2103 19.79 -73.12 37.23
CA VAL B 2103 18.75 -72.85 36.25
C VAL B 2103 17.39 -73.33 36.76
N ARG B 2104 17.35 -74.50 37.40
CA ARG B 2104 16.11 -75.01 37.94
C ARG B 2104 15.57 -74.12 39.06
N TRP B 2105 16.45 -73.67 39.96
CA TRP B 2105 16.00 -72.79 41.04
C TRP B 2105 15.43 -71.49 40.47
N ALA B 2106 16.09 -70.91 39.48
CA ALA B 2106 15.59 -69.66 38.91
C ALA B 2106 14.33 -69.87 38.08
N GLN B 2107 14.16 -71.04 37.48
CA GLN B 2107 12.98 -71.32 36.68
C GLN B 2107 11.76 -71.57 37.55
N GLU B 2108 11.94 -72.27 38.68
CA GLU B 2108 10.80 -72.68 39.49
C GLU B 2108 10.10 -71.47 40.10
N ASP B 2109 10.80 -70.70 40.93
CA ASP B 2109 10.20 -69.58 41.63
C ASP B 2109 10.94 -68.30 41.25
N TYR B 2110 10.23 -67.18 41.39
CA TYR B 2110 10.82 -65.85 41.19
C TYR B 2110 11.54 -65.46 42.47
N VAL B 2111 12.86 -65.60 42.48
CA VAL B 2111 13.65 -65.32 43.67
C VAL B 2111 13.60 -63.83 43.98
N GLN B 2112 13.35 -63.50 45.25
CA GLN B 2112 13.18 -62.12 45.68
C GLN B 2112 14.40 -61.54 46.38
N SER B 2113 15.12 -62.34 47.16
CA SER B 2113 16.27 -61.83 47.90
C SER B 2113 17.43 -61.57 46.96
N PRO B 2114 17.97 -60.35 46.91
CA PRO B 2114 19.08 -60.06 45.99
C PRO B 2114 20.33 -60.89 46.25
N GLU B 2115 20.61 -61.21 47.51
CA GLU B 2115 21.84 -61.93 47.83
C GLU B 2115 21.84 -63.32 47.21
N LEU B 2116 20.72 -64.04 47.31
CA LEU B 2116 20.65 -65.37 46.71
C LEU B 2116 20.76 -65.30 45.19
N VAL B 2117 20.11 -64.31 44.57
CA VAL B 2117 20.19 -64.15 43.13
C VAL B 2117 21.64 -63.92 42.69
N ARG B 2118 22.34 -63.01 43.39
CA ARG B 2118 23.73 -62.74 43.06
C ARG B 2118 24.59 -63.98 43.25
N ALA B 2119 24.38 -64.72 44.34
CA ALA B 2119 25.18 -65.92 44.58
C ALA B 2119 24.95 -66.97 43.49
N MET B 2120 23.69 -67.23 43.14
CA MET B 2120 23.41 -68.23 42.12
C MET B 2120 23.99 -67.82 40.77
N PHE B 2121 23.85 -66.56 40.38
CA PHE B 2121 24.35 -66.15 39.08
C PHE B 2121 25.88 -66.12 39.05
N SER B 2122 26.53 -65.74 40.15
CA SER B 2122 27.98 -65.81 40.21
C SER B 2122 28.47 -67.25 40.10
N LEU B 2123 27.81 -68.17 40.80
CA LEU B 2123 28.19 -69.57 40.72
C LEU B 2123 28.00 -70.12 39.32
N LEU B 2124 26.88 -69.76 38.67
CA LEU B 2124 26.63 -70.22 37.31
C LEU B 2124 27.67 -69.67 36.35
N HIS B 2125 28.04 -68.41 36.49
CA HIS B 2125 29.06 -67.83 35.63
C HIS B 2125 30.41 -68.52 35.83
N ARG B 2126 30.76 -68.82 37.08
CA ARG B 2126 32.00 -69.54 37.33
C ARG B 2126 31.96 -70.94 36.70
N GLN B 2127 30.82 -71.62 36.80
CA GLN B 2127 30.72 -72.97 36.25
C GLN B 2127 30.83 -72.95 34.72
N TYR B 2128 30.13 -72.03 34.06
CA TYR B 2128 30.15 -72.01 32.60
C TYR B 2128 31.52 -71.65 32.06
N ASP B 2129 32.20 -70.69 32.68
CA ASP B 2129 33.49 -70.20 32.21
C ASP B 2129 34.54 -70.57 33.27
N GLY B 2130 35.27 -71.65 33.01
CA GLY B 2130 36.31 -72.10 33.92
C GLY B 2130 37.70 -71.67 33.50
N LEU B 2131 37.93 -71.62 32.18
CA LEU B 2131 39.24 -71.19 31.68
C LEU B 2131 39.51 -69.74 32.05
N GLY B 2132 38.50 -68.88 31.97
CA GLY B 2132 38.67 -67.50 32.41
C GLY B 2132 38.94 -67.39 33.90
N GLU B 2133 38.29 -68.24 34.69
CA GLU B 2133 38.56 -68.27 36.13
C GLU B 2133 40.00 -68.68 36.41
N LEU B 2134 40.49 -69.69 35.69
CA LEU B 2134 41.89 -70.08 35.83
C LEU B 2134 42.83 -68.97 35.39
N LEU B 2135 42.49 -68.27 34.31
CA LEU B 2135 43.31 -67.15 33.87
C LEU B 2135 43.39 -66.06 34.92
N ARG B 2136 42.25 -65.74 35.56
CA ARG B 2136 42.24 -64.72 36.59
C ARG B 2136 42.95 -65.17 37.86
N ALA B 2137 42.90 -66.47 38.18
CA ALA B 2137 43.55 -66.97 39.38
C ALA B 2137 45.04 -67.20 39.21
N LEU B 2138 45.52 -67.32 37.96
CA LEU B 2138 46.93 -67.58 37.73
C LEU B 2138 47.88 -66.50 38.27
N PRO B 2139 47.62 -65.20 38.11
CA PRO B 2139 48.61 -64.21 38.57
C PRO B 2139 48.90 -64.26 40.06
N ARG B 2140 48.02 -64.84 40.86
CA ARG B 2140 48.24 -64.97 42.30
C ARG B 2140 48.91 -66.29 42.67
N ALA B 2141 49.32 -67.09 41.69
CA ALA B 2141 49.98 -68.37 41.92
C ALA B 2141 51.49 -68.18 41.86
N TYR B 2142 52.19 -68.71 42.87
CA TYR B 2142 53.63 -68.60 42.94
C TYR B 2142 54.22 -69.95 43.33
N THR B 2143 55.42 -70.24 42.83
CA THR B 2143 56.12 -71.48 43.10
C THR B 2143 57.43 -71.17 43.81
N ILE B 2144 57.69 -71.85 44.92
CA ILE B 2144 58.88 -71.65 45.72
C ILE B 2144 59.53 -73.00 45.99
N SER B 2145 60.80 -72.96 46.41
CA SER B 2145 61.54 -74.15 46.80
C SER B 2145 61.15 -74.58 48.21
N PRO B 2146 61.27 -75.88 48.52
CA PRO B 2146 60.92 -76.34 49.88
C PRO B 2146 61.87 -75.83 50.96
N SER B 2147 62.98 -75.20 50.60
CA SER B 2147 63.94 -74.71 51.59
C SER B 2147 63.53 -73.38 52.22
N SER B 2148 62.47 -72.74 51.73
CA SER B 2148 62.04 -71.45 52.25
C SER B 2148 60.64 -71.49 52.84
N VAL B 2149 60.08 -72.69 53.04
CA VAL B 2149 58.73 -72.83 53.56
C VAL B 2149 58.64 -72.27 54.98
N GLU B 2150 59.65 -72.54 55.80
CA GLU B 2150 59.62 -72.08 57.19
C GLU B 2150 59.61 -70.56 57.26
N ASP B 2151 60.39 -69.89 56.42
CA ASP B 2151 60.41 -68.43 56.42
C ASP B 2151 59.14 -67.84 55.83
N THR B 2152 58.66 -68.39 54.72
CA THR B 2152 57.45 -67.84 54.11
C THR B 2152 56.22 -68.08 54.98
N MET B 2153 56.22 -69.13 55.82
CA MET B 2153 55.11 -69.31 56.75
C MET B 2153 55.05 -68.19 57.77
N SER B 2154 56.22 -67.79 58.32
CA SER B 2154 56.25 -66.67 59.25
C SER B 2154 55.85 -65.36 58.55
N LEU B 2155 56.31 -65.17 57.32
CA LEU B 2155 55.91 -63.99 56.56
C LEU B 2155 54.39 -63.96 56.36
N LEU B 2156 53.81 -65.12 56.01
CA LEU B 2156 52.36 -65.20 55.85
C LEU B 2156 51.64 -64.91 57.14
N GLU B 2157 52.15 -65.43 58.27
CA GLU B 2157 51.52 -65.16 59.55
C GLU B 2157 51.54 -63.68 59.89
N CYS B 2158 52.67 -63.01 59.61
CA CYS B 2158 52.74 -61.57 59.85
C CYS B 2158 51.76 -60.82 58.95
N LEU B 2159 51.66 -61.20 57.68
CA LEU B 2159 50.72 -60.56 56.77
C LEU B 2159 49.28 -60.77 57.24
N GLY B 2160 48.96 -61.98 57.71
CA GLY B 2160 47.64 -62.23 58.25
C GLY B 2160 47.35 -61.43 59.50
N GLN B 2161 48.37 -61.22 60.34
CA GLN B 2161 48.20 -60.35 61.50
C GLN B 2161 47.87 -58.92 61.06
N ILE B 2162 48.57 -58.43 60.04
CA ILE B 2162 48.28 -57.09 59.51
C ILE B 2162 46.85 -57.02 58.99
N ARG B 2163 46.43 -58.04 58.24
CA ARG B 2163 45.08 -58.04 57.69
C ARG B 2163 44.03 -58.10 58.80
N SER B 2164 44.27 -58.89 59.83
CA SER B 2164 43.34 -58.97 60.96
C SER B 2164 43.26 -57.65 61.69
N LEU B 2165 44.39 -56.97 61.88
CA LEU B 2165 44.38 -55.67 62.54
C LEU B 2165 43.77 -54.57 61.67
N LEU B 2166 43.70 -54.78 60.35
CA LEU B 2166 43.12 -53.78 59.46
C LEU B 2166 41.66 -53.47 59.75
N ILE B 2167 40.94 -54.35 60.44
CA ILE B 2167 39.52 -54.17 60.70
C ILE B 2167 39.26 -53.76 62.15
N VAL B 2168 40.24 -53.15 62.82
CA VAL B 2168 40.12 -52.73 64.20
C VAL B 2168 40.38 -51.24 64.28
N GLN B 2169 39.59 -50.54 65.10
CA GLN B 2169 39.77 -49.10 65.28
C GLN B 2169 41.18 -48.81 65.80
N MET B 2170 41.77 -47.72 65.29
CA MET B 2170 43.14 -47.41 65.61
C MET B 2170 43.32 -47.15 67.10
N GLY B 2171 44.33 -47.76 67.70
CA GLY B 2171 44.60 -47.61 69.10
C GLY B 2171 46.06 -47.81 69.43
N PRO B 2172 46.45 -47.43 70.65
CA PRO B 2172 47.88 -47.56 71.04
C PRO B 2172 48.40 -48.99 70.98
N GLN B 2173 47.60 -49.97 71.38
CA GLN B 2173 48.06 -51.35 71.35
C GLN B 2173 48.09 -51.92 69.94
N GLU B 2174 47.06 -51.62 69.14
CA GLU B 2174 47.03 -52.07 67.75
C GLU B 2174 48.18 -51.46 66.96
N GLU B 2175 48.50 -50.20 67.21
CA GLU B 2175 49.63 -49.57 66.53
C GLU B 2175 50.93 -50.31 66.83
N ASN B 2176 51.16 -50.63 68.10
CA ASN B 2176 52.38 -51.36 68.48
C ASN B 2176 52.41 -52.74 67.83
N LEU B 2177 51.29 -53.46 67.86
CA LEU B 2177 51.25 -54.80 67.27
C LEU B 2177 51.53 -54.75 65.78
N MET B 2178 50.90 -53.81 65.07
CA MET B 2178 51.09 -53.73 63.62
C MET B 2178 52.48 -53.24 63.26
N ILE B 2179 53.06 -52.33 64.06
CA ILE B 2179 54.44 -51.91 63.84
C ILE B 2179 55.38 -53.09 64.02
N GLN B 2180 55.16 -53.90 65.06
CA GLN B 2180 56.01 -55.07 65.28
C GLN B 2180 55.90 -56.05 64.12
N SER B 2181 54.68 -56.29 63.63
CA SER B 2181 54.52 -57.21 62.51
C SER B 2181 55.18 -56.68 61.24
N ILE B 2182 55.08 -55.37 61.00
CA ILE B 2182 55.74 -54.78 59.84
C ILE B 2182 57.25 -54.92 59.96
N GLY B 2183 57.80 -54.64 61.15
CA GLY B 2183 59.22 -54.80 61.36
C GLY B 2183 59.70 -56.22 61.16
N ASN B 2184 58.91 -57.19 61.64
CA ASN B 2184 59.24 -58.59 61.41
C ASN B 2184 59.17 -58.95 59.93
N ILE B 2185 58.24 -58.33 59.19
CA ILE B 2185 58.16 -58.55 57.76
C ILE B 2185 59.42 -58.04 57.07
N MET B 2186 59.88 -56.84 57.45
CA MET B 2186 61.06 -56.27 56.80
C MET B 2186 62.31 -57.09 57.04
N ASN B 2187 62.40 -57.77 58.18
CA ASN B 2187 63.59 -58.56 58.50
C ASN B 2187 63.58 -59.95 57.87
N ASN B 2188 62.49 -60.33 57.20
CA ASN B 2188 62.41 -61.64 56.57
C ASN B 2188 63.27 -61.68 55.32
N LYS B 2189 64.05 -62.75 55.16
CA LYS B 2189 64.87 -62.91 53.97
C LYS B 2189 64.04 -63.16 52.72
N VAL B 2190 62.79 -63.61 52.87
CA VAL B 2190 61.92 -63.81 51.72
C VAL B 2190 61.55 -62.47 51.09
N PHE B 2191 61.47 -61.41 51.91
CA PHE B 2191 60.93 -60.14 51.44
C PHE B 2191 61.73 -59.57 50.28
N TYR B 2192 63.07 -59.62 50.37
CA TYR B 2192 63.92 -59.09 49.31
C TYR B 2192 64.39 -60.16 48.33
N GLN B 2193 63.94 -61.40 48.48
CA GLN B 2193 64.32 -62.47 47.57
C GLN B 2193 63.26 -62.76 46.51
N HIS B 2194 61.99 -62.53 46.81
CA HIS B 2194 60.89 -62.75 45.87
C HIS B 2194 60.01 -61.51 45.81
N PRO B 2195 60.48 -60.44 45.18
CA PRO B 2195 59.64 -59.24 45.05
C PRO B 2195 58.35 -59.49 44.26
N ASN B 2196 58.39 -60.41 43.29
CA ASN B 2196 57.18 -60.73 42.54
C ASN B 2196 56.12 -61.34 43.44
N LEU B 2197 56.53 -62.21 44.37
CA LEU B 2197 55.58 -62.79 45.31
C LEU B 2197 55.00 -61.71 46.23
N MET B 2198 55.84 -60.76 46.67
CA MET B 2198 55.35 -59.66 47.50
C MET B 2198 54.34 -58.82 46.75
N ARG B 2199 54.59 -58.55 45.46
CA ARG B 2199 53.65 -57.78 44.67
C ARG B 2199 52.36 -58.56 44.41
N ALA B 2200 52.45 -59.89 44.27
CA ALA B 2200 51.26 -60.69 44.06
C ALA B 2200 50.34 -60.66 45.27
N LEU B 2201 50.92 -60.70 46.48
CA LEU B 2201 50.11 -60.68 47.69
C LEU B 2201 49.50 -59.32 47.98
N GLY B 2202 49.92 -58.28 47.27
CA GLY B 2202 49.40 -56.94 47.53
C GLY B 2202 49.80 -56.38 48.88
N MET B 2203 51.03 -56.68 49.33
CA MET B 2203 51.48 -56.20 50.63
C MET B 2203 51.59 -54.68 50.64
N HIS B 2204 52.13 -54.10 49.56
CA HIS B 2204 52.23 -52.64 49.48
C HIS B 2204 50.86 -51.99 49.51
N GLU B 2205 49.87 -52.61 48.85
CA GLU B 2205 48.51 -52.09 48.90
C GLU B 2205 47.94 -52.14 50.32
N THR B 2206 48.23 -53.21 51.06
CA THR B 2206 47.76 -53.31 52.44
C THR B 2206 48.39 -52.23 53.31
N VAL B 2207 49.69 -52.01 53.17
CA VAL B 2207 50.36 -51.01 53.99
C VAL B 2207 49.89 -49.61 53.61
N MET B 2208 49.61 -49.37 52.33
CA MET B 2208 49.06 -48.08 51.92
C MET B 2208 47.64 -47.89 52.46
N GLU B 2209 46.84 -48.96 52.51
CA GLU B 2209 45.51 -48.85 53.11
C GLU B 2209 45.62 -48.50 54.59
N VAL B 2210 46.59 -49.10 55.29
CA VAL B 2210 46.83 -48.75 56.69
C VAL B 2210 47.22 -47.28 56.81
N MET B 2211 48.11 -46.80 55.93
CA MET B 2211 48.54 -45.41 55.99
C MET B 2211 47.39 -44.46 55.67
N VAL B 2212 46.53 -44.82 54.72
CA VAL B 2212 45.36 -44.00 54.41
C VAL B 2212 44.43 -43.94 55.62
N ASN B 2213 44.23 -45.07 56.29
CA ASN B 2213 43.37 -45.09 57.47
C ASN B 2213 43.92 -44.21 58.58
N VAL B 2214 45.24 -44.29 58.84
CA VAL B 2214 45.79 -43.50 59.94
C VAL B 2214 45.86 -42.01 59.57
N LEU B 2215 46.16 -41.70 58.31
CA LEU B 2215 46.29 -40.30 57.90
C LEU B 2215 44.92 -39.64 57.82
N GLY B 2216 44.04 -40.14 56.96
CA GLY B 2216 42.72 -39.57 56.79
C GLY B 2216 41.66 -40.22 57.65
N ILE B 2223 46.80 -34.54 63.68
CA ILE B 2223 47.12 -35.91 63.28
C ILE B 2223 47.23 -36.78 64.53
N ARG B 2224 47.13 -38.10 64.32
CA ARG B 2224 47.22 -39.07 65.41
C ARG B 2224 48.16 -40.19 65.02
N PHE B 2225 48.83 -40.76 66.02
CA PHE B 2225 49.77 -41.86 65.85
C PHE B 2225 50.85 -41.51 64.83
N PRO B 2226 51.73 -40.55 65.14
CA PRO B 2226 52.78 -40.20 64.18
C PRO B 2226 53.75 -41.32 63.89
N LYS B 2227 54.04 -42.18 64.86
CA LYS B 2227 55.03 -43.25 64.68
C LYS B 2227 54.57 -44.25 63.63
N MET B 2228 53.26 -44.51 63.55
CA MET B 2228 52.75 -45.44 62.55
C MET B 2228 53.00 -44.94 61.14
N VAL B 2229 52.83 -43.64 60.91
CA VAL B 2229 53.09 -43.08 59.58
C VAL B 2229 54.54 -43.28 59.19
N THR B 2230 55.46 -43.02 60.14
CA THR B 2230 56.88 -43.22 59.86
C THR B 2230 57.17 -44.68 59.56
N SER B 2231 56.58 -45.60 60.33
CA SER B 2231 56.82 -47.02 60.08
C SER B 2231 56.35 -47.44 58.70
N CYS B 2232 55.12 -47.05 58.33
CA CYS B 2232 54.58 -47.42 57.02
C CYS B 2232 55.40 -46.80 55.89
N CYS B 2233 55.80 -45.53 56.05
CA CYS B 2233 56.59 -44.88 55.02
C CYS B 2233 57.97 -45.52 54.88
N ARG B 2234 58.58 -45.93 56.00
CA ARG B 2234 59.85 -46.64 55.93
C ARG B 2234 59.69 -47.97 55.20
N PHE B 2235 58.61 -48.70 55.51
CA PHE B 2235 58.38 -49.97 54.83
C PHE B 2235 58.22 -49.76 53.33
N LEU B 2236 57.44 -48.74 52.94
CA LEU B 2236 57.22 -48.50 51.51
C LEU B 2236 58.50 -48.03 50.82
N CYS B 2237 59.29 -47.20 51.48
CA CYS B 2237 60.55 -46.75 50.91
C CYS B 2237 61.50 -47.92 50.69
N TYR B 2238 61.58 -48.83 51.66
CA TYR B 2238 62.41 -50.02 51.46
C TYR B 2238 61.84 -50.93 50.38
N PHE B 2239 60.52 -51.02 50.28
CA PHE B 2239 59.88 -51.86 49.27
C PHE B 2239 60.17 -51.33 47.87
N CYS B 2240 60.20 -50.01 47.70
CA CYS B 2240 60.38 -49.42 46.38
C CYS B 2240 61.74 -49.78 45.79
N ARG B 2241 62.78 -49.83 46.62
CA ARG B 2241 64.14 -50.04 46.12
C ARG B 2241 64.48 -51.49 45.86
N ILE B 2242 63.58 -52.43 46.20
CA ILE B 2242 63.89 -53.85 46.01
C ILE B 2242 64.05 -54.19 44.54
N SER B 2243 63.16 -53.67 43.70
CA SER B 2243 63.20 -53.97 42.27
C SER B 2243 62.57 -52.83 41.50
N ARG B 2244 62.83 -52.83 40.18
CA ARG B 2244 62.26 -51.80 39.31
C ARG B 2244 60.74 -51.96 39.21
N GLN B 2245 60.26 -53.20 39.19
CA GLN B 2245 58.83 -53.44 39.10
C GLN B 2245 58.09 -52.91 40.32
N ASN B 2246 58.68 -53.05 41.51
CA ASN B 2246 58.06 -52.51 42.72
C ASN B 2246 57.96 -51.00 42.64
N GLN B 2247 59.02 -50.33 42.17
CA GLN B 2247 58.98 -48.88 42.02
C GLN B 2247 57.93 -48.46 40.99
N ARG B 2248 57.84 -49.19 39.88
CA ARG B 2248 56.84 -48.88 38.86
C ARG B 2248 55.43 -49.03 39.42
N SER B 2249 55.19 -50.09 40.19
CA SER B 2249 53.86 -50.29 40.79
C SER B 2249 53.55 -49.18 41.80
N MET B 2250 54.54 -48.80 42.61
CA MET B 2250 54.31 -47.76 43.62
C MET B 2250 54.17 -46.37 43.00
N PHE B 2251 54.67 -46.18 41.78
CA PHE B 2251 54.55 -44.88 41.11
C PHE B 2251 53.10 -44.51 40.82
N ASP B 2252 52.19 -45.48 40.76
CA ASP B 2252 50.81 -45.20 40.39
C ASP B 2252 50.07 -44.40 41.45
N HIS B 2253 50.62 -44.28 42.66
CA HIS B 2253 49.98 -43.56 43.75
C HIS B 2253 50.70 -42.25 44.05
N LEU B 2254 51.43 -41.72 43.07
CA LEU B 2254 52.22 -40.51 43.29
C LEU B 2254 51.34 -39.31 43.60
N SER B 2255 50.17 -39.20 42.96
CA SER B 2255 49.29 -38.07 43.24
C SER B 2255 48.84 -38.06 44.69
N TYR B 2256 48.41 -39.22 45.21
CA TYR B 2256 48.01 -39.28 46.61
C TYR B 2256 49.20 -39.03 47.54
N LEU B 2257 50.37 -39.57 47.20
CA LEU B 2257 51.53 -39.39 48.06
C LEU B 2257 51.93 -37.92 48.13
N LEU B 2258 51.88 -37.21 47.00
CA LEU B 2258 52.25 -35.80 47.00
C LEU B 2258 51.18 -34.92 47.63
N GLU B 2259 49.91 -35.30 47.50
CA GLU B 2259 48.83 -34.48 48.06
C GLU B 2259 48.94 -34.40 49.57
N ASN B 2260 49.24 -35.52 50.23
CA ASN B 2260 49.35 -35.55 51.69
C ASN B 2260 50.82 -35.38 52.12
N SER B 2261 51.33 -34.18 51.87
CA SER B 2261 52.71 -33.86 52.22
C SER B 2261 52.78 -32.65 53.14
N GLN B 2268 62.69 -35.83 63.23
CA GLN B 2268 61.68 -36.21 62.27
C GLN B 2268 61.93 -37.62 61.74
N GLY B 2269 60.91 -38.21 61.11
CA GLY B 2269 61.02 -39.54 60.55
C GLY B 2269 60.67 -39.58 59.08
N SER B 2270 60.29 -40.76 58.60
CA SER B 2270 59.91 -40.92 57.20
C SER B 2270 58.60 -40.20 56.91
N THR B 2271 58.44 -39.77 55.66
CA THR B 2271 57.32 -38.98 55.19
C THR B 2271 56.77 -39.58 53.91
N PRO B 2272 55.48 -39.41 53.62
CA PRO B 2272 54.97 -39.80 52.30
C PRO B 2272 55.70 -39.12 51.16
N LEU B 2273 56.22 -37.90 51.37
CA LEU B 2273 57.04 -37.27 50.36
C LEU B 2273 58.31 -38.07 50.09
N ASP B 2274 58.87 -38.69 51.13
CA ASP B 2274 60.02 -39.57 50.94
C ASP B 2274 59.65 -40.77 50.06
N VAL B 2275 58.47 -41.34 50.28
CA VAL B 2275 58.02 -42.45 49.44
C VAL B 2275 57.85 -41.99 47.99
N ALA B 2276 57.26 -40.81 47.80
CA ALA B 2276 57.07 -40.30 46.44
C ALA B 2276 58.41 -40.07 45.75
N ALA B 2277 59.39 -39.52 46.48
CA ALA B 2277 60.71 -39.32 45.92
C ALA B 2277 61.38 -40.65 45.58
N ALA B 2278 61.26 -41.64 46.47
CA ALA B 2278 61.85 -42.95 46.24
C ALA B 2278 61.15 -43.74 45.15
N SER B 2279 59.94 -43.35 44.76
CA SER B 2279 59.21 -44.03 43.69
C SER B 2279 59.55 -43.49 42.31
N VAL B 2280 60.42 -42.49 42.21
CA VAL B 2280 60.76 -41.89 40.92
C VAL B 2280 62.27 -41.76 40.77
N ILE B 2281 63.00 -42.06 41.84
CA ILE B 2281 64.45 -41.85 41.85
C ILE B 2281 65.13 -42.84 40.92
N ASP B 2282 66.04 -42.35 40.09
CA ASP B 2282 66.86 -43.17 39.21
C ASP B 2282 66.01 -44.06 38.30
N ASN B 2283 64.94 -43.49 37.75
CA ASN B 2283 64.05 -44.19 36.83
C ASN B 2283 63.73 -43.25 35.68
N ASN B 2284 64.44 -43.42 34.55
CA ASN B 2284 64.25 -42.53 33.41
C ASN B 2284 62.84 -42.65 32.84
N GLU B 2285 62.33 -43.89 32.72
CA GLU B 2285 60.99 -44.08 32.18
C GLU B 2285 59.93 -43.50 33.10
N LEU B 2286 60.09 -43.68 34.42
CA LEU B 2286 59.14 -43.11 35.36
C LEU B 2286 59.24 -41.60 35.41
N ALA B 2287 60.46 -41.05 35.32
CA ALA B 2287 60.63 -39.60 35.31
C ALA B 2287 60.00 -38.98 34.07
N LEU B 2288 60.14 -39.64 32.92
CA LEU B 2288 59.54 -39.11 31.70
C LEU B 2288 58.02 -39.19 31.74
N ALA B 2289 57.47 -40.14 32.50
CA ALA B 2289 56.02 -40.30 32.61
C ALA B 2289 55.41 -39.42 33.68
N LEU B 2290 56.21 -38.64 34.40
CA LEU B 2290 55.69 -37.80 35.47
C LEU B 2290 54.82 -36.69 34.89
N GLN B 2291 53.67 -36.45 35.53
CA GLN B 2291 52.70 -35.50 35.02
C GLN B 2291 53.05 -34.07 35.42
N GLU B 2292 52.61 -33.12 34.60
CA GLU B 2292 52.89 -31.71 34.87
C GLU B 2292 52.15 -31.23 36.12
N GLN B 2293 50.96 -31.75 36.37
CA GLN B 2293 50.19 -31.32 37.53
C GLN B 2293 50.87 -31.68 38.84
N ASP B 2294 51.58 -32.80 38.88
CA ASP B 2294 52.32 -33.16 40.09
C ASP B 2294 53.40 -32.13 40.40
N LEU B 2295 54.18 -31.75 39.40
CA LEU B 2295 55.20 -30.71 39.60
C LEU B 2295 54.57 -29.37 39.93
N GLU B 2296 53.42 -29.06 39.34
CA GLU B 2296 52.72 -27.83 39.69
C GLU B 2296 52.30 -27.84 41.15
N LYS B 2297 51.80 -28.97 41.65
CA LYS B 2297 51.43 -29.08 43.05
C LYS B 2297 52.65 -28.92 43.94
N VAL B 2298 53.77 -29.55 43.60
CA VAL B 2298 54.98 -29.40 44.40
C VAL B 2298 55.43 -27.96 44.43
N VAL B 2299 55.37 -27.27 43.28
CA VAL B 2299 55.76 -25.87 43.22
C VAL B 2299 54.84 -25.00 44.07
N SER B 2300 53.53 -25.29 44.03
CA SER B 2300 52.58 -24.51 44.82
C SER B 2300 52.82 -24.72 46.32
N TYR B 2301 53.08 -25.96 46.74
CA TYR B 2301 53.41 -26.21 48.13
C TYR B 2301 54.70 -25.50 48.53
N LEU B 2302 55.71 -25.50 47.64
CA LEU B 2302 56.95 -24.80 47.92
C LEU B 2302 56.71 -23.30 48.09
N ALA B 2303 55.88 -22.71 47.22
CA ALA B 2303 55.57 -21.30 47.33
C ALA B 2303 54.84 -21.00 48.63
N GLY B 2304 53.88 -21.84 49.00
CA GLY B 2304 53.15 -21.63 50.24
C GLY B 2304 54.05 -21.73 51.46
N CYS B 2305 54.96 -22.70 51.47
CA CYS B 2305 55.88 -22.83 52.60
C CYS B 2305 56.87 -21.67 52.66
N GLY B 2306 57.32 -21.20 51.50
CA GLY B 2306 58.24 -20.07 51.48
C GLY B 2306 57.61 -18.77 51.94
N LEU B 2307 56.36 -18.53 51.51
CA LEU B 2307 55.71 -17.27 51.83
C LEU B 2307 55.31 -17.20 53.30
N GLN B 2308 54.79 -18.29 53.84
CA GLN B 2308 54.29 -18.33 55.22
C GLN B 2308 55.12 -19.32 56.03
N SER B 2309 55.63 -18.87 57.17
CA SER B 2309 56.42 -19.72 58.04
C SER B 2309 55.54 -20.68 58.82
N CYS B 2310 56.07 -21.85 59.10
CA CYS B 2310 55.34 -22.86 59.87
C CYS B 2310 55.37 -22.52 61.35
N PRO B 2311 54.23 -22.44 62.03
CA PRO B 2311 54.23 -22.13 63.47
C PRO B 2311 54.73 -23.27 64.35
N MET B 2312 54.97 -24.45 63.78
CA MET B 2312 55.49 -25.56 64.59
C MET B 2312 56.86 -25.23 65.17
N LEU B 2313 57.74 -24.64 64.35
CA LEU B 2313 59.04 -24.21 64.87
C LEU B 2313 58.90 -23.01 65.80
N LEU B 2314 57.91 -22.15 65.56
CA LEU B 2314 57.68 -21.01 66.45
C LEU B 2314 57.21 -21.46 67.82
N ALA B 2315 56.56 -22.63 67.90
CA ALA B 2315 56.12 -23.14 69.20
C ALA B 2315 57.30 -23.38 70.12
N LYS B 2316 58.38 -23.97 69.60
CA LYS B 2316 59.60 -24.14 70.38
C LYS B 2316 60.40 -22.84 70.41
N GLY B 2317 61.45 -22.83 71.22
CA GLY B 2317 62.28 -21.66 71.34
C GLY B 2317 63.05 -21.35 70.07
N TYR B 2318 62.64 -20.31 69.36
CA TYR B 2318 63.26 -19.92 68.10
C TYR B 2318 62.80 -18.52 67.69
N PRO B 2319 63.62 -17.76 67.00
CA PRO B 2319 63.19 -16.44 66.53
C PRO B 2319 62.07 -16.54 65.51
N ASP B 2320 61.22 -15.52 65.47
CA ASP B 2320 60.06 -15.48 64.60
C ASP B 2320 60.42 -14.76 63.31
N ILE B 2321 60.25 -15.44 62.19
CA ILE B 2321 60.49 -14.87 60.87
C ILE B 2321 59.32 -15.23 59.97
N GLY B 2322 59.21 -14.51 58.86
CA GLY B 2322 58.09 -14.69 57.95
C GLY B 2322 58.36 -15.67 56.82
N TRP B 2323 59.39 -16.49 56.97
CA TRP B 2323 59.75 -17.45 55.93
C TRP B 2323 60.42 -18.66 56.56
N ASN B 2324 59.91 -19.85 56.23
CA ASN B 2324 60.40 -21.09 56.80
C ASN B 2324 61.35 -21.77 55.82
N PRO B 2325 62.61 -22.00 56.18
CA PRO B 2325 63.56 -22.61 55.23
C PRO B 2325 63.52 -24.13 55.22
N CYS B 2326 63.10 -24.75 56.33
CA CYS B 2326 63.13 -26.21 56.42
C CYS B 2326 62.16 -26.84 55.44
N GLY B 2327 60.93 -26.35 55.39
CA GLY B 2327 59.97 -26.86 54.42
C GLY B 2327 60.41 -26.62 53.00
N GLY B 2328 61.02 -25.46 52.74
CA GLY B 2328 61.53 -25.18 51.41
C GLY B 2328 62.61 -26.18 51.00
N GLU B 2329 63.54 -26.47 51.90
CA GLU B 2329 64.59 -27.45 51.60
C GLU B 2329 63.99 -28.83 51.37
N ARG B 2330 63.02 -29.22 52.21
CA ARG B 2330 62.40 -30.53 52.06
C ARG B 2330 61.68 -30.65 50.72
N TYR B 2331 60.98 -29.59 50.30
CA TYR B 2331 60.27 -29.64 49.03
C TYR B 2331 61.24 -29.60 47.86
N LEU B 2332 62.35 -28.87 48.00
CA LEU B 2332 63.34 -28.80 46.93
C LEU B 2332 64.09 -30.11 46.78
N ASP B 2333 64.18 -30.90 47.85
CA ASP B 2333 64.86 -32.20 47.76
C ASP B 2333 64.15 -33.12 46.78
N PHE B 2334 62.82 -33.14 46.79
CA PHE B 2334 62.08 -34.01 45.88
C PHE B 2334 62.29 -33.62 44.43
N LEU B 2335 62.27 -32.31 44.14
CA LEU B 2335 62.41 -31.86 42.75
C LEU B 2335 63.77 -32.16 42.16
N ARG B 2336 64.79 -32.39 42.99
CA ARG B 2336 66.12 -32.71 42.49
C ARG B 2336 66.18 -34.09 41.85
N PHE B 2337 65.22 -34.96 42.13
CA PHE B 2337 65.22 -36.30 41.58
C PHE B 2337 64.38 -36.42 40.30
N ALA B 2338 63.52 -35.45 40.02
CA ALA B 2338 62.67 -35.49 38.84
C ALA B 2338 63.27 -34.77 37.64
N VAL B 2339 64.45 -34.18 37.78
CA VAL B 2339 65.06 -33.42 36.69
C VAL B 2339 66.48 -33.92 36.43
N PHE B 2340 67.03 -34.69 37.38
CA PHE B 2340 68.40 -35.17 37.29
C PHE B 2340 68.40 -36.67 37.57
N VAL B 2341 68.61 -37.47 36.52
CA VAL B 2341 68.64 -38.92 36.64
C VAL B 2341 69.88 -39.45 35.93
N ASN B 2342 70.62 -40.32 36.63
CA ASN B 2342 71.80 -40.99 36.07
C ASN B 2342 72.82 -39.99 35.53
N GLY B 2343 72.99 -38.87 36.23
CA GLY B 2343 73.94 -37.85 35.84
C GLY B 2343 73.49 -36.96 34.70
N GLU B 2344 72.48 -37.35 33.94
CA GLU B 2344 71.97 -36.55 32.85
C GLU B 2344 70.81 -35.69 33.35
N SER B 2345 70.12 -35.02 32.43
CA SER B 2345 68.98 -34.19 32.77
C SER B 2345 67.89 -34.39 31.73
N VAL B 2346 66.64 -34.53 32.19
CA VAL B 2346 65.49 -34.67 31.31
C VAL B 2346 65.03 -33.28 30.89
N GLU B 2347 64.90 -33.07 29.58
CA GLU B 2347 64.62 -31.74 29.07
C GLU B 2347 63.22 -31.26 29.46
N GLU B 2348 62.20 -32.11 29.29
CA GLU B 2348 60.83 -31.68 29.52
C GLU B 2348 60.59 -31.34 30.99
N ASN B 2349 60.99 -32.23 31.90
CA ASN B 2349 60.75 -31.99 33.32
C ASN B 2349 61.53 -30.77 33.81
N ALA B 2350 62.79 -30.64 33.39
CA ALA B 2350 63.56 -29.47 33.80
C ALA B 2350 62.94 -28.18 33.27
N ASN B 2351 62.49 -28.20 32.02
CA ASN B 2351 61.87 -27.00 31.44
C ASN B 2351 60.61 -26.61 32.18
N VAL B 2352 59.73 -27.58 32.44
CA VAL B 2352 58.46 -27.24 33.10
C VAL B 2352 58.71 -26.80 34.54
N VAL B 2353 59.68 -27.43 35.22
CA VAL B 2353 60.02 -27.02 36.57
C VAL B 2353 60.54 -25.59 36.58
N VAL B 2354 61.41 -25.25 35.62
CA VAL B 2354 61.97 -23.91 35.55
C VAL B 2354 60.86 -22.89 35.28
N ARG B 2355 59.96 -23.19 34.34
CA ARG B 2355 58.87 -22.26 34.05
C ARG B 2355 57.97 -22.06 35.27
N LEU B 2356 57.61 -23.15 35.96
CA LEU B 2356 56.76 -23.02 37.13
C LEU B 2356 57.46 -22.24 38.24
N LEU B 2357 58.76 -22.45 38.41
CA LEU B 2357 59.49 -21.75 39.45
C LEU B 2357 59.61 -20.26 39.14
N ILE B 2358 59.91 -19.91 37.89
CA ILE B 2358 60.06 -18.49 37.55
C ILE B 2358 58.72 -17.77 37.56
N ARG B 2359 57.63 -18.48 37.22
CA ARG B 2359 56.32 -17.84 37.25
C ARG B 2359 55.83 -17.56 38.67
N LYS B 2360 56.47 -18.13 39.69
CA LYS B 2360 56.15 -17.85 41.09
C LYS B 2360 57.43 -17.44 41.80
N PRO B 2361 57.74 -16.14 41.80
CA PRO B 2361 59.03 -15.70 42.37
C PRO B 2361 59.16 -15.96 43.87
N GLU B 2362 58.06 -16.17 44.58
CA GLU B 2362 58.14 -16.37 46.03
C GLU B 2362 58.87 -17.64 46.41
N CYS B 2363 59.00 -18.59 45.49
CA CYS B 2363 59.68 -19.85 45.80
C CYS B 2363 61.18 -19.70 45.98
N PHE B 2364 61.76 -18.57 45.56
CA PHE B 2364 63.19 -18.36 45.63
C PHE B 2364 63.66 -17.82 46.98
N GLY B 2365 62.75 -17.58 47.91
CA GLY B 2365 63.10 -17.07 49.21
C GLY B 2365 63.01 -15.56 49.29
N PRO B 2366 63.22 -15.01 50.48
CA PRO B 2366 63.11 -13.55 50.67
C PRO B 2366 64.28 -12.77 50.09
N ALA B 2367 65.34 -13.43 49.62
CA ALA B 2367 66.50 -12.75 49.08
C ALA B 2367 66.47 -12.60 47.57
N LEU B 2368 66.05 -13.64 46.85
CA LEU B 2368 66.04 -13.65 45.39
C LEU B 2368 64.65 -13.39 44.82
N ARG B 2369 63.86 -12.55 45.49
CA ARG B 2369 62.50 -12.29 45.05
C ARG B 2369 62.41 -11.10 44.09
N GLY B 2370 62.98 -9.97 44.47
CA GLY B 2370 62.90 -8.78 43.63
C GLY B 2370 63.33 -7.51 44.33
N GLU B 2371 62.50 -6.46 44.24
CA GLU B 2371 62.82 -5.18 44.86
C GLU B 2371 62.96 -5.33 46.36
N GLY B 2372 64.01 -4.71 46.91
CA GLY B 2372 64.31 -4.82 48.32
C GLY B 2372 65.07 -6.07 48.70
N GLY B 2373 65.39 -6.94 47.76
CA GLY B 2373 66.13 -8.15 48.08
C GLY B 2373 67.55 -7.83 48.50
N SER B 2374 68.05 -8.58 49.48
CA SER B 2374 69.40 -8.36 49.99
C SER B 2374 70.48 -8.89 49.05
N GLY B 2375 70.19 -9.93 48.28
CA GLY B 2375 71.18 -10.57 47.44
C GLY B 2375 71.76 -11.82 48.08
N LEU B 2376 72.47 -12.59 47.26
CA LEU B 2376 73.02 -13.87 47.72
C LEU B 2376 74.07 -13.65 48.81
N LEU B 2377 75.02 -12.75 48.59
CA LEU B 2377 76.07 -12.52 49.58
C LEU B 2377 75.48 -12.00 50.88
N ALA B 2378 74.57 -11.04 50.80
CA ALA B 2378 73.97 -10.47 51.99
C ALA B 2378 73.15 -11.52 52.74
N ALA B 2379 72.41 -12.37 52.03
CA ALA B 2379 71.63 -13.42 52.68
C ALA B 2379 72.54 -14.41 53.39
N ILE B 2380 73.61 -14.86 52.73
CA ILE B 2380 74.53 -15.81 53.35
C ILE B 2380 75.20 -15.18 54.57
N GLU B 2381 75.62 -13.92 54.47
CA GLU B 2381 76.28 -13.25 55.58
C GLU B 2381 75.30 -13.03 56.74
N GLU B 2382 74.04 -12.72 56.43
CA GLU B 2382 73.04 -12.56 57.48
C GLU B 2382 72.79 -13.88 58.20
N ALA B 2383 72.71 -14.98 57.44
CA ALA B 2383 72.55 -16.29 58.06
C ALA B 2383 73.75 -16.63 58.93
N ILE B 2384 74.96 -16.29 58.47
CA ILE B 2384 76.15 -16.50 59.28
C ILE B 2384 76.06 -15.70 60.57
N ARG B 2385 75.68 -14.43 60.47
CA ARG B 2385 75.55 -13.60 61.67
C ARG B 2385 74.50 -14.17 62.63
N ILE B 2386 73.43 -14.76 62.10
CA ILE B 2386 72.46 -15.43 62.94
C ILE B 2386 73.08 -16.66 63.61
N SER B 2387 74.00 -17.33 62.92
CA SER B 2387 74.56 -18.58 63.43
C SER B 2387 75.25 -18.43 64.79
N GLU B 2388 75.82 -17.27 65.11
CA GLU B 2388 76.48 -17.06 66.39
C GLU B 2388 75.73 -16.11 67.31
N ASP B 2389 74.39 -16.20 67.36
CA ASP B 2389 73.66 -15.50 68.41
C ASP B 2389 72.32 -16.20 68.61
N PRO B 2390 71.84 -16.33 69.85
CA PRO B 2390 70.51 -16.93 70.07
C PRO B 2390 69.40 -16.21 69.35
N ALA B 2391 69.48 -14.88 69.25
CA ALA B 2391 68.46 -14.06 68.59
C ALA B 2391 67.08 -14.29 69.19
N VAL B 2416 65.56 -27.69 66.48
CA VAL B 2416 66.46 -27.31 65.40
C VAL B 2416 67.16 -26.00 65.73
N HIS B 2417 68.29 -25.75 65.07
CA HIS B 2417 69.06 -24.51 65.25
C HIS B 2417 68.93 -23.68 63.98
N LEU B 2418 68.26 -22.55 64.09
CA LEU B 2418 68.08 -21.67 62.94
C LEU B 2418 69.42 -21.04 62.54
N GLY B 2419 69.53 -20.74 61.25
CA GLY B 2419 70.75 -20.18 60.70
C GLY B 2419 71.44 -21.11 59.74
N HIS B 2420 71.51 -22.40 60.09
CA HIS B 2420 72.03 -23.39 59.17
C HIS B 2420 71.02 -23.75 58.09
N ALA B 2421 69.74 -23.83 58.46
CA ALA B 2421 68.70 -24.05 57.46
C ALA B 2421 68.57 -22.89 56.49
N ILE B 2422 68.92 -21.67 56.92
CA ILE B 2422 68.85 -20.51 56.03
C ILE B 2422 69.81 -20.70 54.86
N MET B 2423 71.05 -21.11 55.13
CA MET B 2423 71.98 -21.41 54.05
C MET B 2423 71.61 -22.69 53.32
N SER B 2424 71.06 -23.68 54.03
CA SER B 2424 70.73 -24.96 53.40
C SER B 2424 69.66 -24.80 52.34
N PHE B 2425 68.64 -23.98 52.61
CA PHE B 2425 67.57 -23.76 51.63
C PHE B 2425 68.11 -23.15 50.35
N TYR B 2426 68.95 -22.12 50.47
CA TYR B 2426 69.53 -21.48 49.30
C TYR B 2426 70.45 -22.43 48.55
N ALA B 2427 71.23 -23.24 49.29
CA ALA B 2427 72.11 -24.20 48.63
C ALA B 2427 71.30 -25.23 47.84
N ALA B 2428 70.21 -25.73 48.42
CA ALA B 2428 69.36 -26.69 47.73
C ALA B 2428 68.71 -26.07 46.50
N LEU B 2429 68.24 -24.82 46.63
CA LEU B 2429 67.63 -24.15 45.48
C LEU B 2429 68.63 -23.95 44.35
N ILE B 2430 69.85 -23.54 44.69
CA ILE B 2430 70.87 -23.34 43.67
C ILE B 2430 71.28 -24.66 43.03
N ASP B 2431 71.35 -25.73 43.83
CA ASP B 2431 71.64 -27.04 43.28
C ASP B 2431 70.56 -27.48 42.30
N LEU B 2432 69.29 -27.28 42.67
CA LEU B 2432 68.19 -27.64 41.76
C LEU B 2432 68.25 -26.82 40.48
N LEU B 2433 68.50 -25.51 40.60
CA LEU B 2433 68.59 -24.67 39.41
C LEU B 2433 69.74 -25.10 38.50
N GLY B 2434 70.87 -25.45 39.08
CA GLY B 2434 71.99 -25.93 38.29
C GLY B 2434 71.69 -27.26 37.61
N ARG B 2435 71.00 -28.15 38.32
CA ARG B 2435 70.66 -29.46 37.74
C ARG B 2435 69.67 -29.34 36.59
N CYS B 2436 68.91 -28.26 36.53
CA CYS B 2436 67.96 -28.04 35.44
C CYS B 2436 68.58 -27.36 34.24
N ALA B 2437 69.87 -27.06 34.28
CA ALA B 2437 70.53 -26.39 33.16
C ALA B 2437 70.58 -27.33 31.96
N PRO B 2438 70.45 -26.80 30.75
CA PRO B 2438 70.53 -27.64 29.55
C PRO B 2438 71.92 -28.23 29.38
N GLU B 2439 71.97 -29.39 28.73
CA GLU B 2439 73.23 -30.05 28.48
C GLU B 2439 74.06 -29.27 27.45
N MET B 2440 75.38 -29.53 27.46
CA MET B 2440 76.28 -28.80 26.60
C MET B 2440 76.00 -29.06 25.13
N HIS B 2441 75.78 -30.33 24.76
CA HIS B 2441 75.53 -30.66 23.36
C HIS B 2441 74.20 -30.10 22.87
N LEU B 2442 73.23 -29.92 23.76
CA LEU B 2442 72.00 -29.22 23.37
C LEU B 2442 72.30 -27.78 22.99
N ILE B 2443 73.17 -27.12 23.74
CA ILE B 2443 73.54 -25.74 23.43
C ILE B 2443 74.32 -25.66 22.13
N GLN B 2444 75.27 -26.58 21.93
CA GLN B 2444 76.09 -26.55 20.73
C GLN B 2444 75.36 -27.01 19.48
N ALA B 2445 74.14 -27.55 19.61
CA ALA B 2445 73.40 -28.03 18.45
C ALA B 2445 72.07 -27.30 18.29
N GLY B 2446 72.09 -25.98 18.39
CA GLY B 2446 70.88 -25.19 18.26
C GLY B 2446 70.00 -25.26 19.49
N LYS B 2447 68.74 -25.68 19.31
CA LYS B 2447 67.79 -25.84 20.41
C LYS B 2447 67.60 -24.53 21.17
N GLY B 2448 67.00 -23.56 20.46
CA GLY B 2448 66.87 -22.23 21.00
C GLY B 2448 66.21 -22.16 22.37
N GLU B 2449 65.33 -23.12 22.67
CA GLU B 2449 64.74 -23.18 24.00
C GLU B 2449 65.79 -23.45 25.07
N ALA B 2450 66.83 -24.22 24.75
CA ALA B 2450 67.89 -24.47 25.72
C ALA B 2450 68.63 -23.19 26.07
N LEU B 2451 68.98 -22.38 25.08
CA LEU B 2451 69.63 -21.11 25.37
C LEU B 2451 68.67 -20.12 26.02
N ARG B 2452 67.37 -20.22 25.74
CA ARG B 2452 66.41 -19.39 26.46
C ARG B 2452 66.39 -19.72 27.95
N ILE B 2453 66.36 -21.01 28.28
CA ILE B 2453 66.40 -21.43 29.69
C ILE B 2453 67.73 -21.03 30.32
N ARG B 2454 68.82 -21.16 29.58
CA ARG B 2454 70.12 -20.77 30.10
C ARG B 2454 70.18 -19.27 30.38
N ALA B 2455 69.59 -18.46 29.49
CA ALA B 2455 69.54 -17.02 29.72
C ALA B 2455 68.69 -16.67 30.93
N ILE B 2456 67.57 -17.39 31.11
CA ILE B 2456 66.75 -17.17 32.30
C ILE B 2456 67.54 -17.46 33.56
N LEU B 2457 68.27 -18.59 33.57
CA LEU B 2457 69.09 -18.93 34.73
C LEU B 2457 70.21 -17.91 34.92
N ARG B 2458 70.80 -17.43 33.82
CA ARG B 2458 71.88 -16.44 33.91
C ARG B 2458 71.39 -15.16 34.54
N SER B 2459 70.23 -14.66 34.10
CA SER B 2459 69.67 -13.44 34.67
C SER B 2459 69.12 -13.66 36.07
N LEU B 2460 68.83 -14.90 36.45
CA LEU B 2460 68.32 -15.17 37.80
C LEU B 2460 69.37 -14.82 38.85
N VAL B 2461 70.62 -15.17 38.61
CA VAL B 2461 71.69 -14.96 39.59
C VAL B 2461 72.99 -14.62 38.87
N PRO B 2462 73.69 -13.57 39.28
CA PRO B 2462 74.93 -13.18 38.58
C PRO B 2462 76.11 -14.04 38.98
N LEU B 2463 77.17 -13.95 38.16
CA LEU B 2463 78.39 -14.69 38.42
C LEU B 2463 79.09 -14.20 39.68
N ASP B 2464 79.06 -12.89 39.93
CA ASP B 2464 79.71 -12.35 41.11
C ASP B 2464 79.15 -12.93 42.40
N ASP B 2465 77.85 -13.22 42.41
CA ASP B 2465 77.26 -13.85 43.59
C ASP B 2465 77.89 -15.21 43.86
N LEU B 2466 78.03 -16.04 42.82
CA LEU B 2466 78.65 -17.34 42.99
C LEU B 2466 80.11 -17.21 43.42
N VAL B 2467 80.84 -16.29 42.79
CA VAL B 2467 82.26 -16.11 43.11
C VAL B 2467 82.42 -15.70 44.57
N GLY B 2468 81.58 -14.78 45.03
CA GLY B 2468 81.63 -14.40 46.44
C GLY B 2468 81.22 -15.55 47.36
N ILE B 2469 80.26 -16.36 46.93
CA ILE B 2469 79.80 -17.47 47.75
C ILE B 2469 80.92 -18.48 47.98
N ILE B 2470 81.66 -18.82 46.91
CA ILE B 2470 82.78 -19.74 47.07
C ILE B 2470 83.92 -19.11 47.87
N SER B 2471 84.00 -17.78 47.93
CA SER B 2471 85.09 -17.10 48.61
C SER B 2471 84.85 -16.93 50.11
N LEU B 2472 83.72 -17.38 50.63
CA LEU B 2472 83.44 -17.23 52.06
C LEU B 2472 84.42 -18.08 52.87
N PRO B 2473 84.97 -17.54 53.96
CA PRO B 2473 85.88 -18.33 54.79
C PRO B 2473 85.14 -19.38 55.59
N LEU B 2474 85.91 -20.33 56.13
CA LEU B 2474 85.38 -21.42 56.92
C LEU B 2474 86.10 -21.49 58.26
N GLN B 2475 85.43 -22.08 59.24
CA GLN B 2475 85.97 -22.24 60.58
C GLN B 2475 86.37 -23.70 60.79
N ILE B 2476 87.61 -23.90 61.24
CA ILE B 2476 88.12 -25.25 61.47
C ILE B 2476 88.40 -25.46 62.95
N GLY B 2483 94.15 -27.25 75.62
CA GLY B 2483 93.17 -28.25 75.26
C GLY B 2483 93.14 -28.57 73.78
N ALA B 2484 92.14 -29.34 73.36
CA ALA B 2484 92.00 -29.71 71.97
C ALA B 2484 91.41 -28.56 71.15
N LEU B 2485 91.51 -28.67 69.84
CA LEU B 2485 90.97 -27.66 68.95
C LEU B 2485 89.44 -27.64 69.03
N VAL B 2486 88.87 -26.43 69.03
CA VAL B 2486 87.43 -26.25 69.13
C VAL B 2486 86.87 -26.28 67.71
N GLN B 2487 86.30 -27.43 67.33
CA GLN B 2487 85.69 -27.57 66.01
C GLN B 2487 84.21 -27.20 66.07
N PRO B 2488 83.74 -26.26 65.27
CA PRO B 2488 82.32 -25.88 65.32
C PRO B 2488 81.43 -27.03 64.90
N LYS B 2489 80.22 -27.04 65.46
CA LYS B 2489 79.26 -28.09 65.15
C LYS B 2489 78.85 -28.04 63.69
N MET B 2490 78.74 -29.21 63.06
CA MET B 2490 78.39 -29.28 61.65
C MET B 2490 76.96 -28.80 61.40
N SER B 2491 76.04 -29.10 62.32
CA SER B 2491 74.65 -28.72 62.16
C SER B 2491 74.35 -27.31 62.63
N ALA B 2492 75.35 -26.59 63.15
CA ALA B 2492 75.13 -25.25 63.67
C ALA B 2492 76.17 -24.26 63.16
N SER B 2493 76.71 -24.48 61.96
CA SER B 2493 77.72 -23.60 61.40
C SER B 2493 77.76 -23.81 59.89
N PHE B 2494 78.60 -23.03 59.22
CA PHE B 2494 78.75 -23.14 57.77
C PHE B 2494 79.39 -24.47 57.41
N VAL B 2495 78.96 -25.03 56.28
CA VAL B 2495 79.43 -26.34 55.84
C VAL B 2495 79.79 -26.25 54.36
N PRO B 2496 80.90 -26.84 53.93
CA PRO B 2496 81.29 -26.76 52.51
C PRO B 2496 80.31 -27.46 51.57
N ASP B 2497 79.41 -28.29 52.08
CA ASP B 2497 78.37 -28.86 51.23
C ASP B 2497 77.53 -27.78 50.57
N HIS B 2498 77.36 -26.64 51.25
CA HIS B 2498 76.70 -25.50 50.62
C HIS B 2498 77.51 -24.97 49.45
N LYS B 2499 78.83 -24.90 49.60
CA LYS B 2499 79.70 -24.49 48.51
C LYS B 2499 79.71 -25.50 47.36
N ALA B 2500 79.40 -26.76 47.64
CA ALA B 2500 79.34 -27.76 46.58
C ALA B 2500 78.25 -27.40 45.57
N SER B 2501 77.10 -26.92 46.05
CA SER B 2501 76.05 -26.47 45.15
C SER B 2501 76.50 -25.28 44.32
N MET B 2502 77.25 -24.36 44.93
CA MET B 2502 77.77 -23.22 44.19
C MET B 2502 78.71 -23.66 43.08
N VAL B 2503 79.60 -24.61 43.39
CA VAL B 2503 80.52 -25.13 42.39
C VAL B 2503 79.77 -25.84 41.27
N LEU B 2504 78.75 -26.62 41.62
CA LEU B 2504 77.96 -27.32 40.62
C LEU B 2504 77.25 -26.34 39.71
N PHE B 2505 76.65 -25.29 40.27
CA PHE B 2505 75.99 -24.27 39.45
C PHE B 2505 76.98 -23.57 38.54
N LEU B 2506 78.15 -23.19 39.09
CA LEU B 2506 79.18 -22.56 38.27
C LEU B 2506 79.55 -23.44 37.08
N ASP B 2507 79.82 -24.73 37.33
CA ASP B 2507 80.20 -25.65 36.26
C ASP B 2507 79.08 -25.77 35.23
N ARG B 2508 77.85 -25.98 35.69
CA ARG B 2508 76.77 -26.33 34.76
C ARG B 2508 76.16 -25.15 34.04
N VAL B 2509 76.41 -23.90 34.45
CA VAL B 2509 75.90 -22.80 33.63
C VAL B 2509 77.01 -21.85 33.17
N TYR B 2510 77.89 -21.44 34.07
CA TYR B 2510 78.88 -20.43 33.70
C TYR B 2510 80.14 -21.06 33.11
N GLY B 2511 80.82 -21.89 33.88
CA GLY B 2511 82.09 -22.44 33.45
C GLY B 2511 83.20 -21.41 33.50
N ILE B 2512 84.44 -21.83 33.24
CA ILE B 2512 85.59 -20.94 33.22
C ILE B 2512 86.42 -21.26 31.99
N GLU B 2513 86.86 -20.23 31.28
CA GLU B 2513 87.79 -20.41 30.16
C GLU B 2513 89.14 -19.77 30.43
N ASN B 2514 89.18 -18.45 30.66
CA ASN B 2514 90.45 -17.79 31.00
C ASN B 2514 90.32 -16.74 32.10
N GLN B 2515 89.15 -16.17 32.35
CA GLN B 2515 89.04 -15.02 33.24
C GLN B 2515 89.03 -15.44 34.71
N ASP B 2516 88.01 -16.22 35.10
CA ASP B 2516 87.89 -16.61 36.50
C ASP B 2516 88.95 -17.63 36.91
N PHE B 2517 89.69 -18.20 35.96
CA PHE B 2517 90.68 -19.21 36.26
C PHE B 2517 91.84 -18.71 37.11
N LEU B 2518 91.99 -17.39 37.25
CA LEU B 2518 93.05 -16.84 38.10
C LEU B 2518 92.54 -16.61 39.52
N LEU B 2519 91.51 -15.76 39.67
CA LEU B 2519 91.04 -15.41 41.00
C LEU B 2519 90.34 -16.58 41.70
N HIS B 2520 89.61 -17.40 40.94
CA HIS B 2520 88.97 -18.56 41.54
C HIS B 2520 90.00 -19.54 42.08
N VAL B 2521 91.06 -19.80 41.32
CA VAL B 2521 92.12 -20.70 41.77
C VAL B 2521 92.87 -20.09 42.95
N LEU B 2522 93.08 -18.77 42.93
CA LEU B 2522 93.70 -18.11 44.05
C LEU B 2522 92.88 -18.25 45.33
N ASP B 2523 91.55 -18.10 45.20
CA ASP B 2523 90.69 -18.22 46.37
C ASP B 2523 90.64 -19.65 46.89
N VAL B 2524 90.53 -20.64 45.98
CA VAL B 2524 90.47 -22.03 46.42
C VAL B 2524 91.82 -22.60 46.78
N GLY B 2525 92.91 -21.87 46.56
CA GLY B 2525 94.23 -22.39 46.86
C GLY B 2525 94.48 -22.57 48.34
N PHE B 2526 94.04 -21.63 49.16
CA PHE B 2526 94.39 -21.61 50.57
C PHE B 2526 93.39 -22.32 51.47
N LEU B 2527 92.35 -22.95 50.90
CA LEU B 2527 91.45 -23.75 51.73
C LEU B 2527 92.16 -24.92 52.41
N PRO B 2528 92.97 -25.74 51.71
CA PRO B 2528 93.75 -26.77 52.42
C PRO B 2528 94.98 -26.17 53.07
N ASP B 2529 94.96 -26.06 54.39
CA ASP B 2529 96.08 -25.54 55.15
C ASP B 2529 96.93 -26.72 55.61
N MET B 2530 98.11 -26.87 54.98
CA MET B 2530 98.99 -28.01 55.22
C MET B 2530 98.23 -29.33 55.03
N ARG B 2531 97.70 -29.49 53.81
CA ARG B 2531 96.83 -30.61 53.48
C ARG B 2531 95.64 -30.67 54.43
N ALA B 2532 95.06 -29.52 54.71
CA ALA B 2532 93.94 -29.39 55.65
C ALA B 2532 94.29 -30.00 57.01
N ALA B 2533 95.52 -29.71 57.48
CA ALA B 2533 96.05 -30.25 58.73
C ALA B 2533 96.01 -31.78 58.71
N ALA B 2534 96.81 -32.35 57.81
CA ALA B 2534 96.84 -33.80 57.62
C ALA B 2534 97.32 -34.54 58.87
N SER B 2535 98.05 -33.87 59.75
CA SER B 2535 98.47 -34.49 61.00
C SER B 2535 97.25 -34.79 61.87
N LEU B 2536 97.35 -35.88 62.64
CA LEU B 2536 96.21 -36.36 63.41
C LEU B 2536 95.94 -35.39 64.55
N ASP B 2537 95.02 -34.46 64.32
CA ASP B 2537 94.66 -33.44 65.30
C ASP B 2537 93.20 -33.52 65.72
N THR B 2538 92.28 -33.51 64.77
CA THR B 2538 90.85 -33.51 65.08
C THR B 2538 90.13 -34.73 64.53
N ALA B 2539 90.28 -35.02 63.24
CA ALA B 2539 89.62 -36.14 62.58
C ALA B 2539 88.09 -36.04 62.69
N THR B 2540 87.57 -34.82 62.69
CA THR B 2540 86.14 -34.57 62.77
C THR B 2540 85.58 -33.79 61.57
N PHE B 2541 86.40 -32.95 60.95
CA PHE B 2541 85.97 -32.14 59.80
C PHE B 2541 86.65 -32.71 58.56
N SER B 2542 86.02 -33.71 57.96
CA SER B 2542 86.51 -34.32 56.72
C SER B 2542 85.71 -33.90 55.51
N THR B 2543 84.78 -32.94 55.67
CA THR B 2543 83.97 -32.50 54.54
C THR B 2543 84.79 -31.77 53.50
N THR B 2544 85.95 -31.23 53.89
CA THR B 2544 86.85 -30.61 52.91
C THR B 2544 87.35 -31.65 51.91
N GLU B 2545 87.68 -32.85 52.39
CA GLU B 2545 88.07 -33.92 51.48
C GLU B 2545 86.91 -34.33 50.58
N MET B 2546 85.68 -34.26 51.10
CA MET B 2546 84.51 -34.56 50.27
C MET B 2546 84.34 -33.53 49.16
N ALA B 2547 84.47 -32.25 49.49
CA ALA B 2547 84.39 -31.20 48.48
C ALA B 2547 85.58 -31.18 47.54
N LEU B 2548 86.68 -31.83 47.93
CA LEU B 2548 87.81 -31.99 47.02
C LEU B 2548 87.39 -32.78 45.78
N ALA B 2549 86.66 -33.87 45.98
CA ALA B 2549 86.20 -34.68 44.85
C ALA B 2549 85.19 -33.95 43.98
N LEU B 2550 84.64 -32.83 44.43
CA LEU B 2550 83.70 -32.05 43.65
C LEU B 2550 84.33 -30.86 42.96
N ASN B 2551 85.37 -30.27 43.53
CA ASN B 2551 86.02 -29.12 42.90
C ASN B 2551 87.23 -29.49 42.07
N ARG B 2552 87.95 -30.56 42.40
CA ARG B 2552 89.08 -30.98 41.59
C ARG B 2552 88.64 -31.43 40.20
N TYR B 2553 87.43 -31.97 40.08
CA TYR B 2553 86.92 -32.34 38.76
C TYR B 2553 86.75 -31.10 37.88
N LEU B 2554 86.19 -30.02 38.43
CA LEU B 2554 86.09 -28.78 37.66
C LEU B 2554 87.47 -28.23 37.36
N CYS B 2555 88.40 -28.31 38.31
CA CYS B 2555 89.76 -27.87 38.05
C CYS B 2555 90.40 -28.64 36.90
N LEU B 2556 90.07 -29.94 36.79
CA LEU B 2556 90.60 -30.75 35.69
C LEU B 2556 89.87 -30.44 34.38
N ALA B 2557 88.63 -29.99 34.45
CA ALA B 2557 87.87 -29.72 33.22
C ALA B 2557 88.50 -28.64 32.37
N VAL B 2558 89.40 -27.82 32.92
CA VAL B 2558 90.05 -26.76 32.18
C VAL B 2558 91.55 -26.85 32.40
N LEU B 2559 92.31 -26.36 31.42
CA LEU B 2559 93.76 -26.25 31.50
C LEU B 2559 94.20 -24.87 31.02
N PRO B 2560 93.86 -23.81 31.77
CA PRO B 2560 94.21 -22.45 31.31
C PRO B 2560 95.48 -21.91 31.92
N LEU B 2561 96.05 -22.63 32.91
CA LEU B 2561 97.27 -22.17 33.59
C LEU B 2561 98.49 -22.73 32.86
N ILE B 2562 98.77 -22.14 31.70
CA ILE B 2562 99.80 -22.62 30.79
C ILE B 2562 100.86 -21.56 30.50
N THR B 2563 100.44 -20.33 30.23
CA THR B 2563 101.34 -19.35 29.63
C THR B 2563 102.38 -18.81 30.61
N LYS B 2564 101.93 -18.08 31.63
CA LYS B 2564 102.84 -17.39 32.55
C LYS B 2564 102.01 -16.85 33.71
N CYS B 2565 102.66 -16.08 34.59
CA CYS B 2565 102.03 -15.45 35.75
C CYS B 2565 101.35 -16.50 36.63
N ALA B 2566 102.17 -17.41 37.15
CA ALA B 2566 101.70 -18.53 37.96
C ALA B 2566 102.46 -18.55 39.28
N PRO B 2567 102.03 -17.77 40.26
CA PRO B 2567 102.59 -17.85 41.62
C PRO B 2567 101.91 -18.86 42.53
N LEU B 2568 101.08 -19.75 42.00
CA LEU B 2568 100.46 -20.82 42.78
C LEU B 2568 101.29 -22.10 42.81
N PHE B 2569 102.62 -21.99 42.70
CA PHE B 2569 103.46 -23.15 42.93
C PHE B 2569 103.26 -23.70 44.34
N ALA B 2570 102.98 -22.82 45.30
CA ALA B 2570 102.61 -23.26 46.63
C ALA B 2570 101.31 -24.07 46.59
N GLY B 2571 100.38 -23.69 45.71
CA GLY B 2571 99.17 -24.47 45.56
C GLY B 2571 99.42 -25.86 45.02
N THR B 2572 100.31 -25.97 44.02
CA THR B 2572 100.68 -27.29 43.51
C THR B 2572 101.38 -28.12 44.57
N GLU B 2573 102.25 -27.49 45.37
CA GLU B 2573 102.90 -28.19 46.47
C GLU B 2573 101.87 -28.67 47.49
N HIS B 2574 100.87 -27.84 47.77
CA HIS B 2574 99.80 -28.22 48.69
C HIS B 2574 99.02 -29.41 48.16
N ARG B 2575 98.70 -29.41 46.86
CA ARG B 2575 98.02 -30.55 46.26
C ARG B 2575 98.87 -31.80 46.34
N ALA B 2576 100.17 -31.67 46.08
CA ALA B 2576 101.07 -32.82 46.15
C ALA B 2576 101.16 -33.37 47.58
N ILE B 2577 101.21 -32.49 48.57
CA ILE B 2577 101.25 -32.94 49.96
C ILE B 2577 99.90 -33.49 50.40
N MET B 2578 98.80 -33.06 49.76
CA MET B 2578 97.49 -33.60 50.09
C MET B 2578 97.34 -35.02 49.56
N VAL B 2579 97.76 -35.26 48.31
CA VAL B 2579 97.69 -36.61 47.76
C VAL B 2579 98.70 -37.51 48.46
N ASP B 2580 99.88 -36.96 48.80
CA ASP B 2580 100.92 -37.76 49.46
C ASP B 2580 100.61 -38.06 50.92
N SER B 2581 99.90 -37.16 51.60
CA SER B 2581 99.55 -37.34 53.02
C SER B 2581 98.05 -37.51 53.13
N MET B 2582 97.61 -38.76 53.36
CA MET B 2582 96.20 -39.09 53.53
C MET B 2582 95.96 -39.69 54.90
N LEU B 2583 96.63 -39.14 55.92
CA LEU B 2583 96.48 -39.66 57.27
C LEU B 2583 95.06 -39.47 57.80
N HIS B 2584 94.45 -38.33 57.51
CA HIS B 2584 93.13 -37.99 58.02
C HIS B 2584 92.07 -38.55 57.09
N THR B 2585 91.33 -39.56 57.56
CA THR B 2585 90.21 -40.16 56.83
C THR B 2585 90.65 -40.60 55.43
N VAL B 2586 91.55 -41.58 55.41
CA VAL B 2586 92.06 -42.08 54.14
C VAL B 2586 90.93 -42.70 53.33
N TYR B 2587 90.90 -42.40 52.03
CA TYR B 2587 89.89 -42.93 51.13
C TYR B 2587 90.53 -43.11 49.76
N ARG B 2588 90.64 -44.36 49.32
CA ARG B 2588 91.32 -44.64 48.06
C ARG B 2588 90.51 -44.12 46.87
N LEU B 2589 89.19 -44.10 46.98
CA LEU B 2589 88.36 -43.61 45.89
C LEU B 2589 88.63 -42.13 45.59
N SER B 2590 88.67 -41.31 46.63
CA SER B 2590 89.02 -39.90 46.43
C SER B 2590 90.51 -39.73 46.19
N ARG B 2591 91.33 -40.67 46.69
CA ARG B 2591 92.75 -40.66 46.38
C ARG B 2591 93.00 -40.81 44.90
N GLY B 2592 92.18 -41.62 44.21
CA GLY B 2592 92.31 -41.73 42.77
C GLY B 2592 91.98 -40.43 42.05
N ARG B 2593 90.94 -39.73 42.51
CA ARG B 2593 90.61 -38.43 41.93
C ARG B 2593 91.73 -37.43 42.13
N SER B 2594 92.31 -37.40 43.34
CA SER B 2594 93.46 -36.53 43.58
C SER B 2594 94.67 -36.92 42.73
N LEU B 2595 94.87 -38.23 42.54
CA LEU B 2595 95.94 -38.72 41.69
C LEU B 2595 95.78 -38.21 40.25
N THR B 2596 94.58 -38.36 39.70
CA THR B 2596 94.29 -37.84 38.37
C THR B 2596 94.42 -36.33 38.31
N LYS B 2597 94.02 -35.61 39.36
CA LYS B 2597 94.19 -34.16 39.40
C LYS B 2597 95.66 -33.78 39.30
N ALA B 2598 96.50 -34.41 40.11
CA ALA B 2598 97.93 -34.11 40.06
C ALA B 2598 98.53 -34.47 38.72
N GLN B 2599 98.15 -35.63 38.17
CA GLN B 2599 98.69 -36.06 36.89
C GLN B 2599 98.32 -35.08 35.78
N ARG B 2600 97.05 -34.66 35.73
CA ARG B 2600 96.63 -33.70 34.73
C ARG B 2600 97.32 -32.35 34.91
N ASP B 2601 97.48 -31.91 36.16
CA ASP B 2601 98.14 -30.63 36.41
C ASP B 2601 99.59 -30.65 35.93
N VAL B 2602 100.31 -31.74 36.20
CA VAL B 2602 101.69 -31.83 35.73
C VAL B 2602 101.74 -31.96 34.21
N ILE B 2603 100.85 -32.76 33.62
CA ILE B 2603 100.89 -32.98 32.17
C ILE B 2603 100.42 -31.78 31.37
N GLU B 2604 99.71 -30.84 32.00
CA GLU B 2604 99.21 -29.68 31.27
C GLU B 2604 100.26 -28.58 31.13
N ASP B 2605 100.97 -28.26 32.22
CA ASP B 2605 101.96 -27.18 32.22
C ASP B 2605 103.22 -27.63 32.93
N CYS B 2606 104.35 -27.10 32.50
CA CYS B 2606 105.65 -27.41 33.10
C CYS B 2606 106.63 -26.33 32.69
N LEU B 2607 107.92 -26.58 32.95
CA LEU B 2607 109.05 -25.71 32.62
C LEU B 2607 108.79 -24.24 32.93
N MET B 2608 108.12 -23.95 34.04
CA MET B 2608 107.92 -22.58 34.49
C MET B 2608 108.80 -22.20 35.67
N ALA B 2609 109.41 -23.19 36.34
CA ALA B 2609 110.29 -22.94 37.47
C ALA B 2609 111.22 -24.14 37.61
N LEU B 2610 111.91 -24.22 38.74
CA LEU B 2610 112.75 -25.37 39.01
C LEU B 2610 112.47 -26.02 40.36
N CYS B 2611 112.17 -25.22 41.39
CA CYS B 2611 111.94 -25.76 42.73
C CYS B 2611 110.60 -26.48 42.86
N ARG B 2612 109.58 -26.04 42.11
CA ARG B 2612 108.24 -26.57 42.25
C ARG B 2612 108.12 -28.04 41.87
N TYR B 2613 109.13 -28.60 41.22
CA TYR B 2613 109.15 -30.03 40.89
C TYR B 2613 110.13 -30.82 41.74
N ILE B 2614 111.33 -30.28 42.01
CA ILE B 2614 112.30 -31.02 42.79
C ILE B 2614 111.87 -31.09 44.25
N ARG B 2615 111.28 -30.02 44.79
CA ARG B 2615 110.85 -30.04 46.18
C ARG B 2615 109.80 -31.11 46.46
N PRO B 2616 108.73 -31.27 45.67
CA PRO B 2616 107.87 -32.45 45.87
C PRO B 2616 108.59 -33.76 45.60
N SER B 2617 109.54 -33.77 44.66
CA SER B 2617 110.27 -34.99 44.33
C SER B 2617 111.47 -35.23 45.25
N MET B 2618 111.72 -34.33 46.21
CA MET B 2618 112.79 -34.57 47.17
C MET B 2618 112.51 -35.81 48.00
N LEU B 2619 111.24 -36.02 48.39
CA LEU B 2619 110.88 -37.22 49.12
C LEU B 2619 111.12 -38.47 48.30
N GLN B 2620 110.77 -38.43 47.01
CA GLN B 2620 111.04 -39.58 46.14
C GLN B 2620 112.52 -39.83 45.98
N HIS B 2621 113.32 -38.76 45.85
CA HIS B 2621 114.77 -38.92 45.74
C HIS B 2621 115.35 -39.51 47.01
N LEU B 2622 114.89 -39.08 48.18
CA LEU B 2622 115.40 -39.61 49.44
C LEU B 2622 114.76 -40.94 49.78
N LEU B 2623 113.43 -40.96 49.92
CA LEU B 2623 112.68 -42.18 50.21
C LEU B 2623 112.14 -42.74 48.90
N ARG B 2624 112.99 -43.47 48.19
CA ARG B 2624 112.62 -44.04 46.90
C ARG B 2624 111.84 -45.35 47.02
N ARG B 2625 111.75 -45.92 48.22
CA ARG B 2625 111.04 -47.17 48.44
C ARG B 2625 109.65 -46.95 49.02
N LEU B 2626 109.19 -45.71 49.13
CA LEU B 2626 107.88 -45.44 49.68
C LEU B 2626 106.79 -45.94 48.74
N VAL B 2627 105.76 -46.55 49.32
CA VAL B 2627 104.66 -47.07 48.51
C VAL B 2627 103.79 -45.96 47.94
N PHE B 2628 103.87 -44.75 48.49
CA PHE B 2628 103.09 -43.62 48.01
C PHE B 2628 103.84 -42.77 47.00
N ASP B 2629 105.03 -43.19 46.58
CA ASP B 2629 105.85 -42.43 45.65
C ASP B 2629 105.54 -42.73 44.19
N VAL B 2630 104.59 -43.63 43.91
CA VAL B 2630 104.21 -43.92 42.53
C VAL B 2630 103.71 -42.68 41.82
N PRO B 2631 102.87 -41.82 42.41
CA PRO B 2631 102.56 -40.54 41.77
C PRO B 2631 103.79 -39.73 41.40
N ILE B 2632 104.75 -39.64 42.33
CA ILE B 2632 105.94 -38.81 42.09
C ILE B 2632 106.76 -39.37 40.94
N LEU B 2633 106.97 -40.70 40.94
CA LEU B 2633 107.73 -41.32 39.85
C LEU B 2633 106.99 -41.17 38.53
N ASN B 2634 105.68 -41.34 38.53
CA ASN B 2634 104.91 -41.22 37.30
C ASN B 2634 105.01 -39.82 36.73
N GLU B 2635 104.91 -38.79 37.58
CA GLU B 2635 105.00 -37.42 37.09
C GLU B 2635 106.41 -37.08 36.63
N PHE B 2636 107.42 -37.43 37.42
CA PHE B 2636 108.82 -37.17 37.06
C PHE B 2636 109.27 -38.00 35.87
N ALA B 2637 108.53 -39.04 35.52
CA ALA B 2637 108.77 -39.75 34.27
C ALA B 2637 108.01 -39.14 33.09
N LYS B 2638 106.75 -38.80 33.26
CA LYS B 2638 105.96 -38.23 32.16
C LYS B 2638 106.48 -36.86 31.74
N MET B 2639 107.10 -36.10 32.64
CA MET B 2639 107.58 -34.78 32.27
C MET B 2639 108.65 -34.81 31.18
N PRO B 2640 109.72 -35.63 31.27
CA PRO B 2640 110.77 -35.55 30.23
C PRO B 2640 110.35 -36.05 28.85
N LEU B 2641 109.53 -37.10 28.71
CA LEU B 2641 109.11 -37.47 27.36
C LEU B 2641 108.23 -36.38 26.76
N LYS B 2642 107.42 -35.71 27.59
CA LYS B 2642 106.60 -34.62 27.12
C LYS B 2642 107.39 -33.35 26.83
N LEU B 2643 108.59 -33.22 27.39
CA LEU B 2643 109.42 -32.03 27.18
C LEU B 2643 110.66 -32.31 26.35
N LEU B 2644 111.50 -33.24 26.78
CA LEU B 2644 112.75 -33.58 26.09
C LEU B 2644 113.63 -32.35 25.90
N THR B 2645 113.61 -31.44 26.88
CA THR B 2645 114.49 -30.28 26.96
C THR B 2645 114.16 -29.27 25.85
N ASN B 2646 113.25 -29.63 24.96
CA ASN B 2646 112.86 -28.72 23.90
C ASN B 2646 112.09 -27.53 24.48
N HIS B 2647 112.48 -26.32 24.08
CA HIS B 2647 111.92 -25.08 24.64
C HIS B 2647 112.06 -25.05 26.16
N TYR B 2648 113.18 -25.57 26.66
CA TYR B 2648 113.43 -25.66 28.09
C TYR B 2648 114.93 -25.55 28.33
N GLU B 2649 115.32 -24.77 29.34
CA GLU B 2649 116.72 -24.54 29.67
C GLU B 2649 117.06 -25.25 30.97
N ARG B 2650 118.16 -25.99 30.97
CA ARG B 2650 118.59 -26.71 32.15
C ARG B 2650 119.12 -25.74 33.21
N CYS B 2651 119.21 -26.24 34.44
CA CYS B 2651 119.65 -25.43 35.58
C CYS B 2651 120.20 -26.38 36.64
N TRP B 2652 120.37 -25.87 37.86
CA TRP B 2652 120.85 -26.69 38.96
C TRP B 2652 119.87 -27.83 39.25
N LYS B 2653 118.58 -27.64 38.95
CA LYS B 2653 117.62 -28.73 39.10
C LYS B 2653 117.97 -29.88 38.16
N TYR B 2654 118.36 -29.56 36.92
CA TYR B 2654 118.81 -30.60 35.99
C TYR B 2654 120.11 -31.24 36.42
N TYR B 2655 120.89 -30.58 37.28
CA TYR B 2655 122.15 -31.14 37.75
C TYR B 2655 121.93 -32.24 38.78
N CYS B 2656 120.79 -32.25 39.47
CA CYS B 2656 120.52 -33.25 40.49
C CYS B 2656 119.80 -34.48 39.94
N LEU B 2657 119.38 -34.46 38.67
CA LEU B 2657 118.76 -35.64 38.09
C LEU B 2657 119.68 -36.86 38.09
N PRO B 2658 120.97 -36.77 37.75
CA PRO B 2658 121.82 -37.97 37.86
C PRO B 2658 121.87 -38.54 39.27
N THR B 2659 121.93 -37.70 40.29
CA THR B 2659 121.97 -38.21 41.67
C THR B 2659 120.65 -38.88 42.04
N GLY B 2660 119.52 -38.26 41.67
CA GLY B 2660 118.23 -38.85 41.94
C GLY B 2660 118.06 -40.19 41.24
N TRP B 2661 118.43 -40.26 39.97
CA TRP B 2661 118.35 -41.52 39.23
C TRP B 2661 119.27 -42.57 39.86
N ALA B 2662 120.47 -42.17 40.26
CA ALA B 2662 121.41 -43.12 40.85
C ALA B 2662 120.87 -43.70 42.13
N ASN B 2663 120.35 -42.87 43.03
CA ASN B 2663 119.86 -43.39 44.30
C ASN B 2663 118.57 -44.18 44.11
N PHE B 2664 117.70 -43.76 43.19
CA PHE B 2664 116.49 -44.52 42.91
C PHE B 2664 116.82 -45.89 42.35
N GLY B 2665 117.81 -45.97 41.45
CA GLY B 2665 118.23 -47.27 40.94
C GLY B 2665 118.90 -48.12 41.99
N VAL B 2666 119.70 -47.50 42.86
CA VAL B 2666 120.41 -48.24 43.90
C VAL B 2666 119.42 -48.84 44.89
N THR B 2667 118.38 -48.10 45.25
CA THR B 2667 117.37 -48.62 46.16
C THR B 2667 116.56 -49.77 45.55
N SER B 2668 116.63 -49.96 44.23
CA SER B 2668 115.80 -50.97 43.59
C SER B 2668 116.30 -52.39 43.89
N GLU B 2669 117.61 -52.61 43.78
CA GLU B 2669 118.14 -53.97 43.87
C GLU B 2669 118.89 -54.26 45.17
N GLU B 2670 119.26 -53.23 45.92
CA GLU B 2670 120.06 -53.44 47.13
C GLU B 2670 119.26 -54.16 48.21
N GLU B 2671 118.17 -53.56 48.66
CA GLU B 2671 117.33 -54.12 49.70
C GLU B 2671 115.88 -54.14 49.23
N LEU B 2672 115.13 -55.16 49.66
CA LEU B 2672 113.71 -55.32 49.34
C LEU B 2672 113.51 -55.35 47.81
N HIS B 2673 114.05 -56.43 47.22
CA HIS B 2673 113.93 -56.64 45.79
C HIS B 2673 112.49 -56.48 45.32
N LEU B 2674 112.27 -55.50 44.45
CA LEU B 2674 110.92 -55.11 44.06
C LEU B 2674 110.24 -56.21 43.26
N THR B 2675 108.93 -56.34 43.48
CA THR B 2675 108.14 -57.29 42.72
C THR B 2675 107.96 -56.82 41.28
N ARG B 2676 107.47 -57.72 40.44
CA ARG B 2676 107.34 -57.43 39.02
C ARG B 2676 106.37 -56.28 38.74
N LYS B 2677 105.27 -56.19 39.49
CA LYS B 2677 104.26 -55.18 39.21
C LYS B 2677 104.83 -53.77 39.35
N LEU B 2678 105.50 -53.48 40.47
CA LEU B 2678 106.05 -52.15 40.67
C LEU B 2678 107.32 -51.93 39.85
N PHE B 2679 108.11 -52.99 39.65
CA PHE B 2679 109.32 -52.85 38.85
C PHE B 2679 109.01 -52.51 37.40
N TRP B 2680 107.91 -53.05 36.87
CA TRP B 2680 107.50 -52.72 35.52
C TRP B 2680 107.17 -51.25 35.38
N GLY B 2681 106.48 -50.68 36.36
CA GLY B 2681 106.16 -49.27 36.36
C GLY B 2681 107.27 -48.36 36.83
N ILE B 2682 108.37 -48.91 37.34
CA ILE B 2682 109.48 -48.12 37.83
C ILE B 2682 110.56 -47.92 36.76
N PHE B 2683 110.21 -48.16 35.50
CA PHE B 2683 111.16 -48.02 34.39
C PHE B 2683 111.16 -46.57 33.92
N ASP B 2684 112.04 -45.77 34.54
CA ASP B 2684 112.16 -44.37 34.17
C ASP B 2684 112.92 -44.24 32.84
N SER B 2685 112.67 -43.12 32.15
CA SER B 2685 113.32 -42.89 30.86
C SER B 2685 114.82 -42.67 31.04
N LEU B 2686 115.21 -41.85 32.01
CA LEU B 2686 116.62 -41.53 32.27
C LEU B 2686 117.29 -40.97 31.02
N ALA B 2687 116.58 -40.13 30.29
CA ALA B 2687 117.08 -39.54 29.06
C ALA B 2687 117.77 -38.20 29.38
N HIS B 2688 118.07 -37.43 28.33
CA HIS B 2688 118.71 -36.12 28.45
C HIS B 2688 120.06 -36.23 29.16
N LYS B 2689 120.97 -36.95 28.53
CA LYS B 2689 122.32 -37.11 29.05
C LYS B 2689 123.19 -35.93 28.59
N LYS B 2690 124.49 -36.03 28.81
CA LYS B 2690 125.42 -34.97 28.41
C LYS B 2690 126.80 -35.54 28.11
N ASN B 2734 109.53 -30.77 55.18
CA ASN B 2734 110.28 -31.31 56.32
C ASN B 2734 111.55 -30.51 56.55
N PHE B 2735 112.67 -31.02 56.03
CA PHE B 2735 113.98 -30.39 56.14
C PHE B 2735 114.37 -30.16 57.61
N ASP B 2736 114.54 -31.28 58.29
CA ASP B 2736 114.95 -31.23 59.70
C ASP B 2736 116.34 -30.59 59.79
N PRO B 2737 116.50 -29.54 60.59
CA PRO B 2737 117.79 -28.83 60.63
C PRO B 2737 118.90 -29.69 61.25
N ARG B 2738 120.10 -29.56 60.68
CA ARG B 2738 121.30 -30.20 61.20
C ARG B 2738 122.40 -29.15 61.28
N PRO B 2739 122.35 -28.29 62.29
CA PRO B 2739 123.31 -27.18 62.35
C PRO B 2739 124.74 -27.66 62.57
N VAL B 2740 125.67 -26.88 62.05
CA VAL B 2740 127.10 -27.17 62.19
C VAL B 2740 127.61 -26.43 63.42
N GLU B 2741 128.54 -27.08 64.15
CA GLU B 2741 129.10 -26.50 65.36
C GLU B 2741 129.86 -25.21 65.05
N THR B 2742 129.35 -24.08 65.54
CA THR B 2742 129.97 -22.78 65.30
C THR B 2742 130.23 -21.98 66.57
N LEU B 2743 129.70 -22.39 67.72
CA LEU B 2743 129.86 -21.66 68.96
C LEU B 2743 131.05 -22.14 69.79
N ASN B 2744 131.79 -23.14 69.32
CA ASN B 2744 132.92 -23.70 70.05
C ASN B 2744 134.26 -23.12 69.63
N VAL B 2745 134.44 -22.84 68.34
CA VAL B 2745 135.71 -22.33 67.86
C VAL B 2745 135.86 -20.87 68.25
N ILE B 2746 137.05 -20.50 68.73
CA ILE B 2746 137.37 -19.13 69.11
C ILE B 2746 137.99 -18.43 67.91
N ILE B 2747 137.47 -17.27 67.56
CA ILE B 2747 137.99 -16.54 66.40
C ILE B 2747 139.39 -16.03 66.70
N PRO B 2748 140.28 -15.99 65.72
CA PRO B 2748 141.62 -15.43 65.95
C PRO B 2748 141.60 -13.91 65.91
N GLU B 2749 142.73 -13.32 66.31
CA GLU B 2749 142.85 -11.87 66.32
C GLU B 2749 142.93 -11.28 64.92
N LYS B 2750 143.28 -12.08 63.91
CA LYS B 2750 143.40 -11.59 62.55
C LYS B 2750 142.04 -11.37 61.88
N LEU B 2751 140.95 -11.81 62.50
CA LEU B 2751 139.63 -11.72 61.90
C LEU B 2751 138.73 -10.69 62.57
N ASP B 2752 139.12 -10.15 63.73
CA ASP B 2752 138.32 -9.12 64.38
C ASP B 2752 138.26 -7.86 63.51
N SER B 2753 139.38 -7.50 62.88
CA SER B 2753 139.37 -6.38 61.95
C SER B 2753 138.42 -6.63 60.79
N PHE B 2754 138.41 -7.85 60.27
CA PHE B 2754 137.47 -8.21 59.20
C PHE B 2754 136.03 -8.06 59.68
N ILE B 2755 135.73 -8.53 60.89
CA ILE B 2755 134.37 -8.43 61.41
C ILE B 2755 133.95 -6.96 61.52
N ASN B 2756 134.79 -6.13 62.13
CA ASN B 2756 134.45 -4.73 62.32
C ASN B 2756 134.31 -4.00 60.98
N LYS B 2757 135.23 -4.26 60.05
CA LYS B 2757 135.19 -3.59 58.75
C LYS B 2757 133.95 -4.01 57.97
N PHE B 2758 133.57 -5.29 58.03
CA PHE B 2758 132.37 -5.73 57.34
C PHE B 2758 131.12 -5.12 57.96
N ALA B 2759 131.08 -5.01 59.29
CA ALA B 2759 129.94 -4.37 59.93
C ALA B 2759 129.82 -2.91 59.50
N GLU B 2760 130.94 -2.19 59.48
CA GLU B 2760 130.90 -0.80 59.04
C GLU B 2760 130.51 -0.69 57.57
N TYR B 2761 130.99 -1.62 56.73
CA TYR B 2761 130.64 -1.61 55.32
C TYR B 2761 129.16 -1.85 55.10
N THR B 2762 128.58 -2.81 55.84
CA THR B 2762 127.14 -3.05 55.73
C THR B 2762 126.35 -1.84 56.18
N HIS B 2763 126.77 -1.21 57.30
CA HIS B 2763 126.07 -0.03 57.77
C HIS B 2763 126.13 1.10 56.76
N GLU B 2764 127.30 1.34 56.16
CA GLU B 2764 127.43 2.43 55.21
C GLU B 2764 126.73 2.12 53.89
N LYS B 2765 126.67 0.86 53.48
CA LYS B 2765 125.89 0.51 52.31
C LYS B 2765 124.41 0.76 52.53
N TRP B 2766 123.89 0.36 53.70
CA TRP B 2766 122.49 0.66 54.01
C TRP B 2766 122.26 2.16 54.10
N ALA B 2767 123.23 2.90 54.65
CA ALA B 2767 123.10 4.35 54.73
C ALA B 2767 123.07 4.99 53.34
N PHE B 2768 123.89 4.49 52.41
CA PHE B 2768 123.84 4.98 51.04
C PHE B 2768 122.51 4.66 50.38
N ASP B 2769 121.97 3.47 50.62
CA ASP B 2769 120.65 3.14 50.09
C ASP B 2769 119.58 4.05 50.67
N LYS B 2770 119.72 4.42 51.95
CA LYS B 2770 118.73 5.28 52.58
C LYS B 2770 118.82 6.71 52.06
N ILE B 2771 120.04 7.25 51.92
CA ILE B 2771 120.19 8.60 51.38
C ILE B 2771 119.80 8.64 49.91
N GLN B 2772 119.84 7.50 49.23
CA GLN B 2772 119.22 7.41 47.91
C GLN B 2772 117.72 7.69 47.99
N ASN B 2773 117.08 7.20 49.05
CA ASN B 2773 115.69 7.48 49.33
C ASN B 2773 115.49 8.81 50.08
N ASN B 2774 116.54 9.63 50.17
CA ASN B 2774 116.48 10.94 50.81
C ASN B 2774 116.11 10.83 52.29
N TRP B 2775 116.75 9.89 52.98
CA TRP B 2775 116.55 9.74 54.41
C TRP B 2775 117.33 10.79 55.19
N SER B 2776 116.94 10.99 56.45
CA SER B 2776 117.57 11.95 57.33
C SER B 2776 117.82 11.34 58.69
N TYR B 2777 118.82 11.86 59.40
CA TYR B 2777 119.16 11.37 60.72
C TYR B 2777 118.17 11.89 61.76
N GLY B 2778 118.00 11.11 62.82
CA GLY B 2778 117.08 11.49 63.88
C GLY B 2778 117.27 10.60 65.09
N GLU B 2779 116.53 10.93 66.15
CA GLU B 2779 116.62 10.17 67.40
C GLU B 2779 115.62 9.02 67.42
N ASN B 2780 114.33 9.32 67.28
CA ASN B 2780 113.31 8.29 67.30
C ASN B 2780 113.18 7.63 65.93
N VAL B 2781 112.37 6.58 65.89
CA VAL B 2781 112.11 5.84 64.65
C VAL B 2781 110.78 6.29 64.07
N ASP B 2782 110.79 6.71 62.81
CA ASP B 2782 109.60 7.21 62.15
C ASP B 2782 109.53 6.66 60.73
N GLU B 2783 108.31 6.62 60.19
CA GLU B 2783 108.09 6.16 58.83
C GLU B 2783 107.99 7.32 57.85
N GLU B 2784 107.10 8.28 58.12
CA GLU B 2784 106.96 9.42 57.22
C GLU B 2784 108.12 10.40 57.37
N LEU B 2785 108.72 10.48 58.55
CA LEU B 2785 109.87 11.34 58.78
C LEU B 2785 111.19 10.67 58.43
N LYS B 2786 111.17 9.35 58.17
CA LYS B 2786 112.35 8.55 57.82
C LYS B 2786 113.58 8.97 58.62
N THR B 2787 113.43 8.97 59.94
CA THR B 2787 114.51 9.30 60.86
C THR B 2787 114.89 8.06 61.67
N HIS B 2788 116.21 7.87 61.85
CA HIS B 2788 116.70 6.71 62.58
C HIS B 2788 118.05 7.05 63.19
N PRO B 2789 118.36 6.57 64.39
CA PRO B 2789 119.67 6.84 64.99
C PRO B 2789 120.83 6.07 64.36
N MET B 2790 120.58 5.27 63.33
CA MET B 2790 121.66 4.52 62.69
C MET B 2790 122.48 5.35 61.73
N LEU B 2791 122.05 6.59 61.43
CA LEU B 2791 122.81 7.48 60.56
C LEU B 2791 123.61 8.44 61.45
N ARG B 2792 124.71 7.93 61.98
CA ARG B 2792 125.57 8.68 62.89
C ARG B 2792 127.03 8.51 62.50
N PRO B 2793 127.88 9.47 62.85
CA PRO B 2793 129.31 9.34 62.55
C PRO B 2793 129.93 8.17 63.32
N TYR B 2794 131.01 7.64 62.74
CA TYR B 2794 131.69 6.49 63.32
C TYR B 2794 132.28 6.81 64.69
N LYS B 2795 132.65 8.07 64.92
CA LYS B 2795 133.29 8.45 66.18
C LYS B 2795 132.33 8.48 67.37
N THR B 2796 131.03 8.36 67.13
CA THR B 2796 130.03 8.46 68.20
C THR B 2796 129.00 7.36 68.09
N PHE B 2797 129.45 6.12 67.84
CA PHE B 2797 128.54 4.99 67.77
C PHE B 2797 128.25 4.45 69.17
N SER B 2798 127.39 3.44 69.23
CA SER B 2798 127.01 2.78 70.47
C SER B 2798 127.42 1.32 70.42
N GLU B 2799 127.75 0.78 71.60
CA GLU B 2799 128.20 -0.61 71.67
C GLU B 2799 127.10 -1.58 71.28
N LYS B 2800 125.86 -1.31 71.71
CA LYS B 2800 124.76 -2.23 71.41
C LYS B 2800 124.51 -2.32 69.91
N ASP B 2801 124.47 -1.18 69.23
CA ASP B 2801 124.24 -1.20 67.78
C ASP B 2801 125.37 -1.90 67.05
N LYS B 2802 126.62 -1.65 67.46
CA LYS B 2802 127.76 -2.32 66.84
C LYS B 2802 127.69 -3.83 67.04
N GLU B 2803 127.34 -4.27 68.26
CA GLU B 2803 127.22 -5.69 68.52
C GLU B 2803 126.12 -6.32 67.67
N ILE B 2804 124.96 -5.66 67.58
CA ILE B 2804 123.86 -6.18 66.78
C ILE B 2804 124.26 -6.29 65.32
N TYR B 2805 124.94 -5.26 64.80
CA TYR B 2805 125.34 -5.28 63.39
C TYR B 2805 126.40 -6.32 63.10
N ARG B 2806 127.33 -6.55 64.05
CA ARG B 2806 128.42 -7.48 63.84
C ARG B 2806 128.08 -8.92 64.22
N TRP B 2807 126.94 -9.15 64.85
CA TRP B 2807 126.56 -10.51 65.21
C TRP B 2807 126.43 -11.46 64.01
N PRO B 2808 125.76 -11.11 62.91
CA PRO B 2808 125.52 -12.12 61.86
C PRO B 2808 126.77 -12.72 61.24
N ILE B 2809 127.84 -11.92 61.08
CA ILE B 2809 129.03 -12.44 60.41
C ILE B 2809 129.83 -13.36 61.33
N LYS B 2810 129.61 -13.28 62.64
CA LYS B 2810 130.35 -14.08 63.60
C LYS B 2810 130.25 -15.57 63.28
N GLU B 2811 129.04 -16.12 63.36
CA GLU B 2811 128.85 -17.54 63.09
C GLU B 2811 129.19 -17.89 61.65
N SER B 2812 128.96 -16.98 60.70
CA SER B 2812 129.30 -17.25 59.31
C SER B 2812 130.79 -17.53 59.13
N LEU B 2813 131.63 -16.73 59.79
CA LEU B 2813 133.07 -16.98 59.73
C LEU B 2813 133.51 -18.14 60.62
N LYS B 2814 132.85 -18.33 61.77
CA LYS B 2814 133.24 -19.41 62.68
C LYS B 2814 132.97 -20.77 62.05
N ALA B 2815 131.88 -20.90 61.31
CA ALA B 2815 131.61 -22.16 60.62
C ALA B 2815 132.68 -22.45 59.58
N MET B 2816 133.09 -21.43 58.83
CA MET B 2816 134.15 -21.62 57.84
C MET B 2816 135.46 -22.03 58.50
N ILE B 2817 135.78 -21.40 59.64
CA ILE B 2817 136.99 -21.78 60.38
C ILE B 2817 136.90 -23.22 60.85
N ALA B 2818 135.73 -23.62 61.38
CA ALA B 2818 135.56 -24.98 61.88
C ALA B 2818 135.49 -26.01 60.76
N TRP B 2819 135.27 -25.59 59.52
CA TRP B 2819 135.19 -26.49 58.38
C TRP B 2819 136.57 -26.88 57.84
N GLU B 2820 137.63 -26.67 58.62
CA GLU B 2820 138.99 -27.06 58.25
C GLU B 2820 139.42 -26.38 56.94
N TRP B 2821 139.44 -25.06 56.97
CA TRP B 2821 139.89 -24.25 55.85
C TRP B 2821 140.88 -23.21 56.36
N THR B 2822 142.03 -23.10 55.70
CA THR B 2822 143.07 -22.19 56.13
C THR B 2822 142.80 -20.79 55.61
N ILE B 2823 143.08 -19.79 56.45
CA ILE B 2823 142.93 -18.38 56.11
C ILE B 2823 144.32 -17.75 56.19
N GLU B 2824 144.77 -17.18 55.07
CA GLU B 2824 146.09 -16.57 54.99
C GLU B 2824 145.96 -15.17 54.39
N LYS B 2825 146.73 -14.23 54.95
CA LYS B 2825 146.74 -12.85 54.49
C LYS B 2825 147.71 -12.73 53.31
N ALA B 2826 147.19 -12.42 52.13
CA ALA B 2826 148.00 -12.29 50.93
C ALA B 2826 148.24 -10.85 50.52
N ARG B 2827 147.22 -9.99 50.63
CA ARG B 2827 147.37 -8.60 50.23
C ARG B 2827 146.94 -7.67 51.37
N GLU B 2828 146.89 -6.37 51.08
CA GLU B 2828 146.51 -5.35 52.05
C GLU B 2828 145.13 -4.82 51.70
N GLY B 2829 144.26 -4.72 52.71
CA GLY B 2829 142.91 -4.24 52.51
C GLY B 2829 142.84 -2.82 51.98
N GLU B 2830 142.36 -2.66 50.75
CA GLU B 2830 142.25 -1.34 50.14
C GLU B 2830 141.04 -0.58 50.68
N TYR B 2855 125.30 13.96 56.07
CA TYR B 2855 126.24 12.85 56.06
C TYR B 2855 125.97 11.91 54.89
N ASN B 2856 126.95 11.80 53.98
CA ASN B 2856 126.83 10.93 52.81
C ASN B 2856 127.94 9.91 52.84
N PRO B 2857 127.63 8.61 52.99
CA PRO B 2857 128.69 7.60 52.96
C PRO B 2857 129.30 7.45 51.57
N GLN B 2858 130.51 6.90 51.54
CA GLN B 2858 131.28 6.70 50.32
C GLN B 2858 131.59 5.22 50.17
N PRO B 2859 130.71 4.44 49.56
CA PRO B 2859 130.96 3.00 49.41
C PRO B 2859 131.93 2.74 48.27
N PRO B 2860 133.00 1.97 48.52
CA PRO B 2860 133.92 1.63 47.45
C PRO B 2860 133.27 0.70 46.43
N ASP B 2861 133.75 0.79 45.20
CA ASP B 2861 133.22 -0.07 44.13
C ASP B 2861 133.69 -1.50 44.32
N LEU B 2862 132.75 -2.44 44.28
CA LEU B 2862 133.04 -3.85 44.48
C LEU B 2862 132.54 -4.73 43.33
N SER B 2863 132.03 -4.13 42.26
CA SER B 2863 131.49 -4.88 41.13
C SER B 2863 132.55 -5.21 40.09
N GLY B 2864 133.79 -4.79 40.29
CA GLY B 2864 134.86 -5.04 39.35
C GLY B 2864 135.62 -6.33 39.57
N VAL B 2865 135.15 -7.21 40.45
CA VAL B 2865 135.82 -8.46 40.76
C VAL B 2865 135.01 -9.61 40.19
N THR B 2866 135.67 -10.48 39.44
CA THR B 2866 135.01 -11.63 38.84
C THR B 2866 134.91 -12.76 39.86
N LEU B 2867 134.42 -13.92 39.43
CA LEU B 2867 134.26 -15.08 40.30
C LEU B 2867 134.81 -16.32 39.61
N SER B 2868 135.21 -17.30 40.42
CA SER B 2868 135.75 -18.55 39.94
C SER B 2868 134.82 -19.71 40.29
N ARG B 2869 134.98 -20.81 39.55
CA ARG B 2869 134.16 -21.99 39.78
C ARG B 2869 134.36 -22.56 41.18
N GLU B 2870 135.62 -22.59 41.64
CA GLU B 2870 135.91 -23.10 42.98
C GLU B 2870 135.27 -22.21 44.04
N LEU B 2871 135.32 -20.90 43.85
CA LEU B 2871 134.72 -19.98 44.81
C LEU B 2871 133.20 -20.06 44.83
N GLN B 2872 132.58 -20.58 43.75
CA GLN B 2872 131.13 -20.72 43.74
C GLN B 2872 130.65 -21.72 44.79
N ALA B 2873 131.37 -22.83 44.94
CA ALA B 2873 131.01 -23.80 45.96
C ALA B 2873 131.16 -23.21 47.36
N MET B 2874 132.23 -22.44 47.59
CA MET B 2874 132.41 -21.80 48.88
C MET B 2874 131.29 -20.80 49.16
N ALA B 2875 130.90 -20.02 48.15
CA ALA B 2875 129.82 -19.06 48.33
C ALA B 2875 128.50 -19.77 48.64
N GLU B 2876 128.19 -20.84 47.91
CA GLU B 2876 126.97 -21.58 48.16
C GLU B 2876 126.96 -22.20 49.56
N GLN B 2877 128.08 -22.79 49.97
CA GLN B 2877 128.16 -23.40 51.30
C GLN B 2877 128.03 -22.34 52.39
N LEU B 2878 128.65 -21.17 52.20
CA LEU B 2878 128.52 -20.10 53.18
C LEU B 2878 127.10 -19.58 53.26
N ALA B 2879 126.44 -19.41 52.11
CA ALA B 2879 125.05 -18.98 52.11
C ALA B 2879 124.13 -20.03 52.73
N GLU B 2880 124.52 -21.31 52.67
CA GLU B 2880 123.73 -22.35 53.32
C GLU B 2880 123.70 -22.16 54.84
N ASN B 2881 124.72 -21.54 55.41
CA ASN B 2881 124.79 -21.38 56.86
C ASN B 2881 123.68 -20.48 57.38
N TYR B 2882 123.38 -19.40 56.66
CA TYR B 2882 122.32 -18.49 57.09
C TYR B 2882 120.97 -19.19 57.12
N HIS B 2883 120.64 -19.93 56.06
CA HIS B 2883 119.39 -20.66 56.03
C HIS B 2883 119.37 -21.76 57.08
N ASN B 2884 120.51 -22.40 57.34
CA ASN B 2884 120.56 -23.43 58.38
C ASN B 2884 120.28 -22.85 59.76
N THR B 2885 120.95 -21.73 60.10
CA THR B 2885 120.75 -21.13 61.40
C THR B 2885 119.39 -20.46 61.53
N TRP B 2886 118.74 -20.13 60.41
CA TRP B 2886 117.37 -19.64 60.47
C TRP B 2886 116.37 -20.77 60.65
N GLY B 2887 116.54 -21.87 59.93
CA GLY B 2887 115.64 -23.00 60.08
C GLY B 2887 115.80 -23.72 61.40
N ARG B 2888 116.99 -23.66 62.01
CA ARG B 2888 117.17 -24.27 63.32
C ARG B 2888 116.28 -23.59 64.36
N LYS B 2889 116.19 -22.26 64.31
CA LYS B 2889 115.29 -21.55 65.22
C LYS B 2889 113.83 -21.69 64.77
N LYS B 2890 113.59 -21.76 63.45
CA LYS B 2890 112.24 -21.99 62.98
C LYS B 2890 111.70 -23.34 63.40
N LYS B 2891 112.58 -24.32 63.67
CA LYS B 2891 112.12 -25.59 64.22
C LYS B 2891 111.48 -25.40 65.58
N GLN B 2892 112.13 -24.66 66.48
CA GLN B 2892 111.53 -24.35 67.77
C GLN B 2892 110.29 -23.48 67.59
N GLU B 2893 110.31 -22.57 66.62
CA GLU B 2893 109.14 -21.72 66.37
C GLU B 2893 107.93 -22.56 65.97
N LEU B 2894 108.12 -23.54 65.08
CA LEU B 2894 107.01 -24.38 64.66
C LEU B 2894 106.61 -25.38 65.76
N GLU B 2895 107.57 -25.78 66.60
CA GLU B 2895 107.20 -26.56 67.78
C GLU B 2895 106.29 -25.77 68.70
N ALA B 2896 106.59 -24.48 68.89
CA ALA B 2896 105.70 -23.61 69.66
C ALA B 2896 104.35 -23.45 68.96
N LYS B 2897 104.36 -23.31 67.63
CA LYS B 2897 103.12 -23.20 66.89
C LYS B 2897 102.31 -24.49 66.98
N GLY B 2898 102.98 -25.64 66.94
CA GLY B 2898 102.31 -26.92 67.02
C GLY B 2898 102.12 -27.64 65.71
N GLY B 2899 102.66 -27.12 64.60
CA GLY B 2899 102.54 -27.77 63.32
C GLY B 2899 102.27 -26.82 62.17
N GLY B 2900 102.88 -27.09 61.03
CA GLY B 2900 102.70 -26.26 59.85
C GLY B 2900 103.80 -26.43 58.83
N THR B 2901 103.44 -26.32 57.55
CA THR B 2901 104.39 -26.45 56.45
C THR B 2901 104.61 -25.10 55.79
N HIS B 2902 105.87 -24.72 55.63
CA HIS B 2902 106.24 -23.45 55.02
C HIS B 2902 107.07 -23.70 53.77
N PRO B 2903 106.75 -23.04 52.65
CA PRO B 2903 107.53 -23.27 51.42
C PRO B 2903 109.00 -22.84 51.53
N LEU B 2904 109.33 -21.96 52.47
CA LEU B 2904 110.70 -21.49 52.62
C LEU B 2904 111.60 -22.48 53.34
N LEU B 2905 111.04 -23.50 54.00
CA LEU B 2905 111.82 -24.50 54.72
C LEU B 2905 112.14 -25.66 53.77
N VAL B 2906 113.05 -25.40 52.84
CA VAL B 2906 113.44 -26.39 51.84
C VAL B 2906 114.96 -26.44 51.80
N PRO B 2907 115.53 -27.58 51.36
CA PRO B 2907 116.98 -27.68 51.24
C PRO B 2907 117.53 -26.68 50.23
N TYR B 2908 118.77 -26.26 50.45
CA TYR B 2908 119.37 -25.24 49.60
C TYR B 2908 119.58 -25.73 48.17
N ASP B 2909 119.76 -27.03 47.98
CA ASP B 2909 119.88 -27.58 46.62
C ASP B 2909 118.60 -27.39 45.82
N THR B 2910 117.45 -27.32 46.50
CA THR B 2910 116.20 -27.06 45.81
C THR B 2910 116.11 -25.62 45.33
N LEU B 2911 116.82 -24.71 46.00
CA LEU B 2911 116.69 -23.28 45.70
C LEU B 2911 117.09 -22.97 44.27
N THR B 2912 116.38 -22.03 43.66
CA THR B 2912 116.60 -21.55 42.31
C THR B 2912 117.13 -20.12 42.38
N ALA B 2913 117.77 -19.67 41.30
CA ALA B 2913 118.34 -18.32 41.27
C ALA B 2913 117.31 -17.25 41.61
N LYS B 2914 116.06 -17.46 41.20
CA LYS B 2914 115.00 -16.51 41.56
C LYS B 2914 114.82 -16.44 43.07
N GLU B 2915 114.81 -17.60 43.75
CA GLU B 2915 114.75 -17.61 45.19
C GLU B 2915 116.10 -17.24 45.81
N LYS B 2916 117.20 -17.55 45.12
CA LYS B 2916 118.53 -17.21 45.61
C LYS B 2916 118.80 -15.71 45.56
N ALA B 2917 118.02 -14.95 44.80
CA ALA B 2917 118.23 -13.50 44.71
C ALA B 2917 118.02 -12.80 46.05
N ARG B 2918 117.32 -13.43 46.99
CA ARG B 2918 117.13 -12.88 48.33
C ARG B 2918 118.03 -13.53 49.37
N ASP B 2919 118.86 -14.49 48.97
CA ASP B 2919 119.76 -15.18 49.89
C ASP B 2919 121.21 -15.15 49.46
N ARG B 2920 121.50 -15.02 48.16
CA ARG B 2920 122.88 -15.02 47.70
C ARG B 2920 123.57 -13.69 47.94
N GLU B 2921 122.81 -12.61 48.15
CA GLU B 2921 123.42 -11.29 48.31
C GLU B 2921 124.24 -11.20 49.59
N LYS B 2922 123.71 -11.72 50.69
CA LYS B 2922 124.40 -11.64 51.98
C LYS B 2922 125.70 -12.42 52.00
N ALA B 2923 125.82 -13.45 51.17
CA ALA B 2923 127.07 -14.19 51.05
C ALA B 2923 127.99 -13.66 49.96
N GLN B 2924 127.42 -13.03 48.93
CA GLN B 2924 128.23 -12.44 47.86
C GLN B 2924 128.87 -11.13 48.29
N GLU B 2925 128.22 -10.39 49.19
CA GLU B 2925 128.79 -9.13 49.67
C GLU B 2925 130.04 -9.31 50.51
N LEU B 2926 130.31 -10.53 50.99
CA LEU B 2926 131.49 -10.76 51.80
C LEU B 2926 132.64 -11.43 51.04
N LEU B 2927 132.36 -12.12 49.93
CA LEU B 2927 133.46 -12.70 49.16
C LEU B 2927 134.28 -11.62 48.46
N LYS B 2928 133.61 -10.58 47.95
CA LYS B 2928 134.34 -9.43 47.41
C LYS B 2928 135.10 -8.70 48.51
N PHE B 2929 134.50 -8.62 49.71
CA PHE B 2929 135.19 -8.03 50.86
C PHE B 2929 136.45 -8.79 51.20
N LEU B 2930 136.37 -10.13 51.21
CA LEU B 2930 137.54 -10.97 51.46
C LEU B 2930 138.59 -10.79 50.37
N GLN B 2931 138.15 -10.70 49.12
CA GLN B 2931 139.10 -10.52 48.02
C GLN B 2931 139.85 -9.20 48.14
N MET B 2932 139.13 -8.11 48.43
CA MET B 2932 139.79 -6.81 48.52
C MET B 2932 140.55 -6.63 49.82
N ASN B 2933 140.24 -7.43 50.85
CA ASN B 2933 140.98 -7.34 52.10
C ASN B 2933 142.34 -8.00 52.01
N GLY B 2934 142.46 -9.07 51.23
CA GLY B 2934 143.71 -9.77 51.05
C GLY B 2934 143.79 -11.18 51.60
N TYR B 2935 142.66 -11.79 51.94
CA TYR B 2935 142.67 -13.16 52.47
C TYR B 2935 142.75 -14.16 51.33
N ALA B 2936 143.39 -15.30 51.62
CA ALA B 2936 143.56 -16.38 50.66
C ALA B 2936 143.00 -17.67 51.24
N VAL B 2937 142.19 -18.37 50.46
CA VAL B 2937 141.57 -19.63 50.88
C VAL B 2937 141.95 -20.68 49.85
N THR B 2938 142.53 -21.78 50.33
CA THR B 2938 142.95 -22.89 49.47
C THR B 2938 142.21 -24.16 49.87
N ARG B 2939 141.93 -25.00 48.88
CA ARG B 2939 141.23 -26.26 49.11
C ARG B 2939 142.11 -27.44 48.72
N SER B 2949 140.79 -29.41 34.14
CA SER B 2949 139.55 -29.19 33.40
C SER B 2949 138.34 -29.62 34.20
N SER B 2950 137.17 -29.07 33.85
CA SER B 2950 135.93 -29.36 34.56
C SER B 2950 135.31 -30.69 34.15
N ILE B 2951 135.79 -31.31 33.08
CA ILE B 2951 135.22 -32.58 32.64
C ILE B 2951 135.43 -33.66 33.68
N GLU B 2952 136.64 -33.74 34.25
CA GLU B 2952 136.93 -34.76 35.25
C GLU B 2952 136.07 -34.58 36.50
N LYS B 2953 135.90 -33.33 36.94
CA LYS B 2953 135.02 -33.07 38.08
C LYS B 2953 133.57 -33.41 37.74
N ARG B 2954 133.14 -33.09 36.52
CA ARG B 2954 131.79 -33.40 36.07
C ARG B 2954 131.71 -34.87 35.68
N PHE B 2955 130.61 -35.26 35.04
CA PHE B 2955 130.37 -36.65 34.66
C PHE B 2955 131.21 -36.99 33.42
N ALA B 2956 132.53 -37.07 33.64
CA ALA B 2956 133.42 -37.55 32.59
C ALA B 2956 133.11 -38.99 32.21
N PHE B 2957 132.84 -39.84 33.21
CA PHE B 2957 132.41 -41.19 32.93
C PHE B 2957 131.04 -41.21 32.27
N GLY B 2958 130.07 -40.51 32.85
CA GLY B 2958 128.76 -40.41 32.26
C GLY B 2958 127.90 -41.64 32.47
N PHE B 2959 126.70 -41.59 31.89
CA PHE B 2959 125.76 -42.69 32.01
C PHE B 2959 126.27 -43.95 31.34
N LEU B 2960 126.98 -43.82 30.22
CA LEU B 2960 127.52 -45.00 29.55
C LEU B 2960 128.53 -45.73 30.43
N GLN B 2961 129.44 -44.99 31.08
CA GLN B 2961 130.41 -45.65 31.94
C GLN B 2961 129.78 -46.12 33.25
N GLN B 2962 128.72 -45.44 33.70
CA GLN B 2962 127.97 -45.97 34.85
C GLN B 2962 127.33 -47.31 34.52
N LEU B 2963 126.75 -47.42 33.32
CA LEU B 2963 126.21 -48.69 32.87
C LEU B 2963 127.30 -49.73 32.69
N LEU B 2964 128.50 -49.31 32.26
CA LEU B 2964 129.60 -50.24 32.13
C LEU B 2964 130.06 -50.75 33.50
N ARG B 2965 130.05 -49.89 34.52
CA ARG B 2965 130.36 -50.33 35.87
C ARG B 2965 129.29 -51.29 36.40
N TRP B 2966 128.02 -51.00 36.08
CA TRP B 2966 126.95 -51.92 36.43
C TRP B 2966 127.15 -53.27 35.75
N MET B 2967 127.59 -53.27 34.50
CA MET B 2967 127.90 -54.52 33.82
C MET B 2967 129.15 -55.18 34.39
N ASP B 2968 130.08 -54.41 34.92
CA ASP B 2968 131.24 -54.99 35.59
C ASP B 2968 130.83 -55.75 36.84
N ILE B 2969 129.89 -55.19 37.61
CA ILE B 2969 129.33 -55.94 38.74
C ILE B 2969 128.50 -57.13 38.23
N SER B 2970 127.77 -56.93 37.13
CA SER B 2970 127.02 -58.02 36.52
C SER B 2970 127.93 -59.13 36.02
N GLN B 2971 129.20 -58.84 35.80
CA GLN B 2971 130.15 -59.91 35.45
C GLN B 2971 130.25 -60.92 36.59
N GLU B 2972 130.48 -60.44 37.81
CA GLU B 2972 130.49 -61.34 38.96
C GLU B 2972 129.11 -61.96 39.18
N PHE B 2973 128.05 -61.18 38.95
CA PHE B 2973 126.71 -61.72 39.10
C PHE B 2973 126.47 -62.88 38.13
N ILE B 2974 126.90 -62.73 36.88
CA ILE B 2974 126.74 -63.78 35.87
C ILE B 2974 127.63 -64.97 36.20
N ALA B 2975 128.81 -64.71 36.77
CA ALA B 2975 129.67 -65.81 37.21
C ALA B 2975 128.97 -66.63 38.28
N HIS B 2976 128.35 -65.96 39.25
CA HIS B 2976 127.59 -66.67 40.27
C HIS B 2976 126.40 -67.43 39.66
N LEU B 2977 125.71 -66.81 38.73
CA LEU B 2977 124.56 -67.45 38.09
C LEU B 2977 124.98 -68.70 37.32
N GLU B 2978 126.11 -68.63 36.61
CA GLU B 2978 126.60 -69.79 35.88
C GLU B 2978 127.09 -70.87 36.84
N ALA B 2979 127.71 -70.47 37.96
CA ALA B 2979 128.17 -71.44 38.94
C ALA B 2979 126.99 -72.20 39.54
N VAL B 2980 125.90 -71.50 39.86
CA VAL B 2980 124.75 -72.19 40.43
C VAL B 2980 123.97 -72.93 39.35
N VAL B 2981 124.06 -72.48 38.10
CA VAL B 2981 123.39 -73.17 37.01
C VAL B 2981 124.07 -74.50 36.71
N SER B 2982 125.39 -74.52 36.72
CA SER B 2982 126.15 -75.73 36.43
C SER B 2982 125.96 -76.78 37.52
N GLU B 2992 119.92 -65.35 41.77
CA GLU B 2992 118.67 -65.38 42.53
C GLU B 2992 117.96 -64.04 42.50
N GLN B 2993 118.73 -62.97 42.65
CA GLN B 2993 118.21 -61.60 42.66
C GLN B 2993 118.75 -60.74 41.54
N GLU B 2994 120.05 -60.81 41.26
CA GLU B 2994 120.64 -60.01 40.19
C GLU B 2994 120.15 -60.47 38.82
N ILE B 2995 119.72 -61.72 38.69
CA ILE B 2995 119.22 -62.22 37.42
C ILE B 2995 117.95 -61.46 37.02
N LYS B 2996 117.04 -61.26 37.97
CA LYS B 2996 115.82 -60.50 37.69
C LYS B 2996 116.16 -59.06 37.35
N PHE B 2997 117.12 -58.46 38.06
CA PHE B 2997 117.55 -57.11 37.75
C PHE B 2997 118.04 -57.00 36.31
N PHE B 2998 118.93 -57.93 35.90
CA PHE B 2998 119.48 -57.88 34.55
C PHE B 2998 118.40 -58.12 33.50
N ALA B 2999 117.50 -59.06 33.75
CA ALA B 2999 116.47 -59.39 32.78
C ALA B 2999 115.30 -58.41 32.76
N LYS B 3000 115.23 -57.49 33.73
CA LYS B 3000 114.10 -56.58 33.82
C LYS B 3000 114.47 -55.13 33.55
N ILE B 3001 115.49 -54.59 34.22
CA ILE B 3001 115.71 -53.14 34.28
C ILE B 3001 116.83 -52.70 33.33
N LEU B 3002 118.05 -53.19 33.54
CA LEU B 3002 119.20 -52.61 32.85
C LEU B 3002 119.19 -52.94 31.36
N LEU B 3003 118.75 -54.14 30.98
CA LEU B 3003 118.74 -54.51 29.57
C LEU B 3003 117.85 -53.60 28.73
N PRO B 3004 116.58 -53.37 29.08
CA PRO B 3004 115.82 -52.33 28.36
C PRO B 3004 116.43 -50.94 28.51
N LEU B 3005 117.07 -50.65 29.65
CA LEU B 3005 117.66 -49.35 29.86
C LEU B 3005 118.73 -49.06 28.81
N ILE B 3006 119.66 -50.00 28.61
CA ILE B 3006 120.68 -49.80 27.59
C ILE B 3006 120.07 -49.89 26.20
N ASN B 3007 119.11 -50.80 26.00
CA ASN B 3007 118.48 -50.95 24.69
C ASN B 3007 117.80 -49.66 24.24
N GLN B 3008 117.33 -48.85 25.19
CA GLN B 3008 116.73 -47.56 24.87
C GLN B 3008 117.74 -46.43 24.84
N TYR B 3009 118.72 -46.43 25.76
CA TYR B 3009 119.70 -45.36 25.81
C TYR B 3009 120.57 -45.33 24.56
N PHE B 3010 121.02 -46.51 24.11
CA PHE B 3010 121.83 -46.56 22.89
C PHE B 3010 121.02 -46.14 21.67
N THR B 3011 119.72 -46.48 21.65
CA THR B 3011 118.86 -46.03 20.56
C THR B 3011 118.73 -44.51 20.55
N ASN B 3012 118.48 -43.92 21.71
CA ASN B 3012 118.29 -42.48 21.81
C ASN B 3012 119.60 -41.70 21.74
N HIS B 3013 120.74 -42.37 21.83
CA HIS B 3013 122.05 -41.70 21.80
C HIS B 3013 122.97 -42.28 20.74
N CYS B 3014 122.41 -42.89 19.68
CA CYS B 3014 123.25 -43.40 18.59
C CYS B 3014 123.99 -42.26 17.91
N LEU B 3015 123.31 -41.15 17.66
CA LEU B 3015 123.95 -39.96 17.12
C LEU B 3015 124.46 -39.08 18.25
N TYR B 3016 125.42 -38.22 17.92
CA TYR B 3016 126.09 -37.28 18.82
C TYR B 3016 126.94 -38.00 19.87
N PHE B 3017 126.97 -39.33 19.87
CA PHE B 3017 127.84 -40.10 20.76
C PHE B 3017 128.72 -41.07 19.99
N LEU B 3018 128.81 -40.93 18.67
CA LEU B 3018 129.64 -41.79 17.83
C LEU B 3018 130.64 -41.01 16.99
N SER B 3019 130.28 -39.81 16.52
CA SER B 3019 131.18 -39.00 15.73
C SER B 3019 132.32 -38.44 16.58
N ALA B 3031 130.27 -35.85 20.48
CA ALA B 3031 131.68 -35.86 20.12
C ALA B 3031 132.54 -36.29 21.30
N SER B 3032 132.36 -37.54 21.74
CA SER B 3032 133.11 -38.09 22.86
C SER B 3032 134.23 -38.98 22.37
N ASN B 3033 135.31 -39.03 23.15
CA ASN B 3033 136.48 -39.82 22.82
C ASN B 3033 136.72 -40.96 23.80
N LYS B 3034 136.69 -40.68 25.11
CA LYS B 3034 136.91 -41.73 26.10
C LYS B 3034 135.79 -42.77 26.05
N GLU B 3035 134.54 -42.32 25.89
CA GLU B 3035 133.41 -43.24 25.83
C GLU B 3035 133.44 -44.10 24.57
N LYS B 3036 134.06 -43.62 23.49
CA LYS B 3036 134.15 -44.41 22.27
C LYS B 3036 134.99 -45.66 22.50
N GLU B 3037 136.10 -45.53 23.22
CA GLU B 3037 136.99 -46.67 23.45
C GLU B 3037 136.39 -47.70 24.37
N MET B 3038 135.32 -47.37 25.09
CA MET B 3038 134.71 -48.29 26.04
C MET B 3038 133.33 -48.80 25.63
N ILE B 3039 132.62 -48.11 24.72
CA ILE B 3039 131.35 -48.63 24.25
C ILE B 3039 131.56 -49.91 23.44
N THR B 3040 132.57 -49.93 22.57
CA THR B 3040 132.88 -51.14 21.84
C THR B 3040 133.30 -52.26 22.78
N SER B 3041 134.09 -51.94 23.81
CA SER B 3041 134.47 -52.95 24.79
C SER B 3041 133.25 -53.50 25.52
N LEU B 3042 132.30 -52.63 25.86
CA LEU B 3042 131.04 -53.07 26.45
C LEU B 3042 130.33 -54.03 25.52
N PHE B 3043 130.34 -53.72 24.22
CA PHE B 3043 129.79 -54.65 23.24
C PHE B 3043 130.52 -56.00 23.29
N CYS B 3044 131.83 -55.98 23.53
CA CYS B 3044 132.57 -57.24 23.63
C CYS B 3044 132.12 -58.06 24.84
N LYS B 3045 132.03 -57.45 26.04
CA LYS B 3045 131.58 -58.31 27.14
C LYS B 3045 130.12 -58.69 26.98
N LEU B 3046 129.33 -57.88 26.28
CA LEU B 3046 127.94 -58.25 26.03
C LEU B 3046 127.86 -59.47 25.12
N ALA B 3047 128.69 -59.51 24.08
CA ALA B 3047 128.75 -60.68 23.22
C ALA B 3047 129.25 -61.90 23.98
N ALA B 3048 130.26 -61.71 24.83
CA ALA B 3048 130.83 -62.82 25.59
C ALA B 3048 129.93 -63.28 26.73
N LEU B 3049 128.96 -62.46 27.14
CA LEU B 3049 128.09 -62.82 28.26
C LEU B 3049 127.26 -64.06 27.93
N VAL B 3050 126.68 -64.08 26.73
CA VAL B 3050 125.93 -65.25 26.27
C VAL B 3050 126.93 -66.30 25.80
N ARG B 3051 126.81 -67.52 26.33
CA ARG B 3051 127.73 -68.59 26.00
C ARG B 3051 127.35 -69.18 24.64
N HIS B 3052 127.95 -70.33 24.30
CA HIS B 3052 127.63 -70.98 23.04
C HIS B 3052 126.17 -71.41 22.98
N ARG B 3053 125.53 -71.58 24.12
CA ARG B 3053 124.09 -71.86 24.21
C ARG B 3053 123.37 -70.68 24.81
N VAL B 3054 122.05 -70.64 24.59
CA VAL B 3054 121.20 -69.58 25.11
C VAL B 3054 120.18 -70.12 26.11
N SER B 3055 120.29 -71.39 26.50
CA SER B 3055 119.36 -71.96 27.46
C SER B 3055 119.53 -71.37 28.85
N LEU B 3056 120.75 -70.96 29.20
CA LEU B 3056 120.98 -70.37 30.51
C LEU B 3056 120.21 -69.06 30.67
N PHE B 3057 120.17 -68.25 29.61
CA PHE B 3057 119.33 -67.06 29.64
C PHE B 3057 117.85 -67.42 29.57
N GLY B 3058 117.51 -68.48 28.83
CA GLY B 3058 116.14 -68.95 28.74
C GLY B 3058 115.29 -68.09 27.82
N THR B 3059 114.01 -68.45 27.77
CA THR B 3059 113.04 -67.71 26.99
C THR B 3059 112.55 -66.44 27.70
N ASP B 3060 112.95 -66.24 28.95
CA ASP B 3060 112.53 -65.04 29.67
C ASP B 3060 113.13 -63.78 29.06
N ALA B 3061 114.36 -63.86 28.57
CA ALA B 3061 115.06 -62.70 28.01
C ALA B 3061 115.61 -63.01 26.64
N PRO B 3062 114.74 -63.05 25.61
CA PRO B 3062 115.24 -63.08 24.22
C PRO B 3062 115.70 -61.72 23.74
N ALA B 3063 115.48 -60.66 24.53
CA ALA B 3063 115.87 -59.31 24.14
C ALA B 3063 117.36 -59.08 24.24
N VAL B 3064 118.13 -60.04 24.77
CA VAL B 3064 119.58 -59.90 24.80
C VAL B 3064 120.13 -59.81 23.38
N VAL B 3065 119.55 -60.58 22.45
CA VAL B 3065 119.98 -60.51 21.05
C VAL B 3065 119.69 -59.15 20.46
N ASN B 3066 118.51 -58.58 20.76
CA ASN B 3066 118.18 -57.26 20.25
C ASN B 3066 119.09 -56.19 20.84
N CYS B 3067 119.41 -56.32 22.13
CA CYS B 3067 120.32 -55.37 22.78
C CYS B 3067 121.72 -55.47 22.19
N LEU B 3068 122.18 -56.69 21.87
CA LEU B 3068 123.44 -56.86 21.17
C LEU B 3068 123.40 -56.23 19.80
N HIS B 3069 122.28 -56.39 19.09
CA HIS B 3069 122.09 -55.73 17.80
C HIS B 3069 122.27 -54.22 17.94
N ILE B 3070 121.61 -53.65 18.94
CA ILE B 3070 121.59 -52.21 19.11
C ILE B 3070 122.97 -51.69 19.51
N LEU B 3071 123.66 -52.41 20.40
CA LEU B 3071 125.01 -52.02 20.79
C LEU B 3071 125.98 -52.12 19.63
N ALA B 3072 125.88 -53.19 18.83
CA ALA B 3072 126.75 -53.34 17.68
C ALA B 3072 126.49 -52.25 16.64
N ARG B 3073 125.22 -51.88 16.45
CA ARG B 3073 124.87 -50.81 15.54
C ARG B 3073 125.32 -49.44 16.03
N SER B 3074 125.75 -49.33 17.28
CA SER B 3074 126.26 -48.08 17.84
C SER B 3074 127.67 -48.37 18.37
N LEU B 3075 128.66 -48.28 17.48
CA LEU B 3075 130.07 -48.47 17.81
C LEU B 3075 130.77 -47.15 17.52
N ASP B 3076 130.96 -46.35 18.57
CA ASP B 3076 131.55 -45.02 18.38
C ASP B 3076 132.96 -45.09 17.85
N ALA B 3077 133.77 -46.00 18.38
CA ALA B 3077 135.18 -46.12 17.97
C ALA B 3077 135.29 -47.06 16.77
N ARG B 3078 134.69 -46.61 15.66
CA ARG B 3078 134.84 -47.35 14.41
C ARG B 3078 136.29 -47.34 13.95
N THR B 3079 136.97 -46.21 14.06
CA THR B 3079 138.38 -46.10 13.72
C THR B 3079 139.26 -45.81 14.93
N VAL B 3080 138.70 -45.25 16.01
CA VAL B 3080 139.50 -44.96 17.19
C VAL B 3080 140.00 -46.25 17.85
N MET B 3081 139.14 -47.26 17.91
CA MET B 3081 139.53 -48.53 18.52
C MET B 3081 140.64 -49.22 17.76
N LYS B 3082 140.79 -48.94 16.46
CA LYS B 3082 141.87 -49.51 15.67
C LYS B 3082 143.10 -48.62 15.63
N SER B 3083 142.92 -47.30 15.79
CA SER B 3083 144.03 -46.35 15.77
C SER B 3083 144.58 -46.06 17.16
N GLY B 3084 144.01 -46.65 18.21
CA GLY B 3084 144.48 -46.42 19.56
C GLY B 3084 145.63 -47.33 19.92
N PRO B 3085 146.05 -47.29 21.19
CA PRO B 3085 147.15 -48.16 21.63
C PRO B 3085 146.71 -49.61 21.84
N GLU B 3086 145.46 -49.90 21.50
CA GLU B 3086 144.93 -51.27 21.45
C GLU B 3086 145.04 -51.97 22.81
N ILE B 3087 144.30 -51.42 23.78
CA ILE B 3087 144.17 -52.07 25.08
C ILE B 3087 143.09 -53.15 25.04
N VAL B 3088 141.90 -52.79 24.55
CA VAL B 3088 140.80 -53.73 24.45
C VAL B 3088 140.64 -54.29 23.04
N LYS B 3089 141.49 -53.86 22.10
CA LYS B 3089 141.44 -54.42 20.75
C LYS B 3089 141.71 -55.92 20.77
N ALA B 3090 142.44 -56.40 21.78
CA ALA B 3090 142.59 -57.84 21.96
C ALA B 3090 141.25 -58.51 22.23
N GLY B 3091 140.39 -57.86 23.02
CA GLY B 3091 139.06 -58.40 23.26
C GLY B 3091 138.22 -58.46 22.00
N LEU B 3092 138.27 -57.41 21.18
CA LEU B 3092 137.54 -57.43 19.92
C LEU B 3092 138.07 -58.51 18.99
N ARG B 3093 139.40 -58.67 18.94
CA ARG B 3093 139.99 -59.74 18.14
C ARG B 3093 139.53 -61.10 18.62
N SER B 3094 139.49 -61.30 19.94
CA SER B 3094 139.03 -62.57 20.49
C SER B 3094 137.57 -62.82 20.14
N PHE B 3095 136.73 -61.79 20.23
CA PHE B 3095 135.32 -61.95 19.88
C PHE B 3095 135.16 -62.31 18.41
N PHE B 3096 135.88 -61.61 17.52
CA PHE B 3096 135.78 -61.91 16.09
C PHE B 3096 136.30 -63.31 15.78
N GLU B 3097 137.40 -63.71 16.41
CA GLU B 3097 137.93 -65.06 16.19
C GLU B 3097 136.98 -66.12 16.70
N SER B 3098 136.34 -65.87 17.86
CA SER B 3098 135.37 -66.82 18.38
C SER B 3098 134.17 -66.94 17.46
N ALA B 3099 133.69 -65.80 16.91
CA ALA B 3099 132.59 -65.85 15.97
C ALA B 3099 132.96 -66.63 14.71
N SER B 3100 134.16 -66.39 14.17
CA SER B 3100 134.60 -67.11 12.98
C SER B 3100 134.73 -68.61 13.26
N GLU B 3101 135.29 -68.97 14.41
CA GLU B 3101 135.44 -70.37 14.76
C GLU B 3101 134.09 -71.04 14.95
N ASP B 3102 133.14 -70.34 15.58
CA ASP B 3102 131.80 -70.90 15.77
C ASP B 3102 131.11 -71.10 14.44
N ILE B 3103 131.27 -70.16 13.51
CA ILE B 3103 130.70 -70.31 12.18
C ILE B 3103 131.33 -71.50 11.46
N GLU B 3104 132.66 -71.62 11.53
CA GLU B 3104 133.34 -72.71 10.84
C GLU B 3104 133.01 -74.06 11.45
N LYS B 3105 132.67 -74.09 12.74
CA LYS B 3105 132.31 -75.35 13.39
C LYS B 3105 130.98 -75.90 12.88
N MET B 3106 130.19 -75.08 12.20
CA MET B 3106 128.90 -75.53 11.68
C MET B 3106 129.07 -76.52 10.53
N VAL B 3107 130.25 -76.59 9.90
CA VAL B 3107 130.47 -77.54 8.83
C VAL B 3107 130.50 -78.97 9.35
N GLU B 3108 130.75 -79.16 10.64
CA GLU B 3108 130.73 -80.50 11.24
C GLU B 3108 129.32 -80.97 11.54
N ASN B 3109 128.31 -80.10 11.43
CA ASN B 3109 126.92 -80.46 11.69
C ASN B 3109 126.06 -80.38 10.44
N LEU B 3110 126.04 -79.22 9.77
CA LEU B 3110 125.20 -79.06 8.59
C LEU B 3110 125.72 -79.90 7.42
N ARG B 3111 127.04 -79.90 7.20
CA ARG B 3111 127.64 -80.63 6.09
C ARG B 3111 127.92 -82.08 6.42
N LEU B 3112 127.63 -82.53 7.64
CA LEU B 3112 127.86 -83.92 8.03
C LEU B 3112 126.60 -84.64 8.49
N GLY B 3113 125.63 -83.93 9.07
CA GLY B 3113 124.41 -84.55 9.53
C GLY B 3113 123.26 -83.58 9.66
N GLY B 3126 123.45 -79.39 15.69
CA GLY B 3126 122.52 -80.22 16.41
C GLY B 3126 122.29 -79.76 17.84
N GLN B 3127 123.34 -79.82 18.65
CA GLN B 3127 123.29 -79.43 20.05
C GLN B 3127 124.35 -78.37 20.32
N ASN B 3128 123.95 -77.28 20.97
CA ASN B 3128 124.79 -76.16 21.40
C ASN B 3128 125.35 -75.36 20.23
N LEU B 3129 125.04 -75.73 18.98
CA LEU B 3129 125.50 -74.98 17.82
C LEU B 3129 124.39 -74.34 17.02
N THR B 3130 123.17 -74.87 17.07
CA THR B 3130 122.05 -74.25 16.38
C THR B 3130 121.55 -72.99 17.09
N TYR B 3131 121.88 -72.83 18.37
CA TYR B 3131 121.47 -71.63 19.10
C TYR B 3131 122.23 -70.39 18.65
N THR B 3132 123.40 -70.56 18.04
CA THR B 3132 124.19 -69.44 17.55
C THR B 3132 123.82 -69.03 16.14
N THR B 3133 122.96 -69.78 15.47
CA THR B 3133 122.45 -69.37 14.16
C THR B 3133 121.30 -68.39 14.26
N VAL B 3134 120.74 -68.19 15.45
CA VAL B 3134 119.65 -67.24 15.66
C VAL B 3134 120.02 -66.14 16.64
N ALA B 3135 121.24 -66.16 17.19
CA ALA B 3135 121.67 -65.15 18.15
C ALA B 3135 123.05 -64.59 17.86
N LEU B 3136 123.84 -65.18 16.97
CA LEU B 3136 125.17 -64.69 16.63
C LEU B 3136 125.28 -64.22 15.20
N LEU B 3137 124.74 -64.98 14.24
CA LEU B 3137 124.79 -64.57 12.83
C LEU B 3137 124.14 -63.23 12.58
N PRO B 3138 122.93 -62.94 13.08
CA PRO B 3138 122.36 -61.59 12.87
C PRO B 3138 123.21 -60.49 13.44
N VAL B 3139 123.88 -60.72 14.58
CA VAL B 3139 124.77 -59.71 15.13
C VAL B 3139 125.96 -59.48 14.19
N LEU B 3140 126.49 -60.55 13.60
CA LEU B 3140 127.57 -60.40 12.63
C LEU B 3140 127.12 -59.61 11.42
N THR B 3141 125.90 -59.89 10.92
CA THR B 3141 125.38 -59.12 9.79
C THR B 3141 125.22 -57.66 10.15
N THR B 3142 124.72 -57.37 11.36
CA THR B 3142 124.54 -55.99 11.79
C THR B 3142 125.89 -55.28 11.89
N LEU B 3143 126.91 -55.96 12.43
CA LEU B 3143 128.23 -55.35 12.52
C LEU B 3143 128.82 -55.08 11.15
N PHE B 3144 128.68 -56.03 10.21
CA PHE B 3144 129.19 -55.82 8.86
C PHE B 3144 128.47 -54.66 8.18
N GLN B 3145 127.15 -54.58 8.35
CA GLN B 3145 126.40 -53.46 7.78
C GLN B 3145 126.81 -52.13 8.40
N HIS B 3146 127.07 -52.12 9.71
CA HIS B 3146 127.56 -50.91 10.36
C HIS B 3146 128.90 -50.47 9.80
N ILE B 3147 129.81 -51.43 9.59
CA ILE B 3147 131.12 -51.09 9.04
C ILE B 3147 130.98 -50.57 7.60
N ALA B 3148 130.14 -51.21 6.80
CA ALA B 3148 130.05 -50.84 5.38
C ALA B 3148 129.26 -49.56 5.17
N GLN B 3149 128.33 -49.23 6.08
CA GLN B 3149 127.42 -48.11 5.86
C GLN B 3149 128.17 -46.78 5.82
N HIS B 3150 129.11 -46.58 6.74
CA HIS B 3150 129.83 -45.32 6.84
C HIS B 3150 131.14 -45.33 6.06
N GLN B 3151 131.39 -46.37 5.27
CA GLN B 3151 132.64 -46.51 4.52
C GLN B 3151 133.85 -46.40 5.44
N PHE B 3152 133.75 -47.03 6.62
CA PHE B 3152 134.81 -47.01 7.63
C PHE B 3152 136.00 -47.87 7.25
N GLY B 3153 136.07 -48.38 6.02
CA GLY B 3153 137.16 -49.23 5.60
C GLY B 3153 138.50 -48.55 5.47
N ASP B 3154 138.56 -47.23 5.63
CA ASP B 3154 139.84 -46.52 5.61
C ASP B 3154 140.78 -47.09 6.66
N ASP B 3155 140.38 -47.01 7.94
CA ASP B 3155 141.11 -47.65 9.04
C ASP B 3155 140.11 -48.43 9.88
N VAL B 3156 139.82 -49.65 9.44
CA VAL B 3156 139.02 -50.58 10.22
C VAL B 3156 139.67 -51.93 10.37
N ILE B 3157 140.61 -52.30 9.50
CA ILE B 3157 141.37 -53.54 9.64
C ILE B 3157 142.81 -53.18 9.97
N LEU B 3158 143.08 -52.99 11.26
CA LEU B 3158 144.40 -52.56 11.71
C LEU B 3158 144.88 -53.54 12.78
N ASP B 3159 145.88 -53.14 13.57
CA ASP B 3159 146.45 -54.02 14.58
C ASP B 3159 145.35 -54.64 15.45
N ASP B 3160 145.40 -55.97 15.57
CA ASP B 3160 144.45 -56.86 16.23
C ASP B 3160 143.20 -57.11 15.40
N VAL B 3161 143.18 -56.67 14.13
CA VAL B 3161 142.05 -56.91 13.23
C VAL B 3161 142.45 -57.71 12.01
N GLN B 3162 143.65 -57.46 11.46
CA GLN B 3162 144.05 -58.27 10.31
C GLN B 3162 144.20 -59.72 10.69
N VAL B 3163 144.62 -59.99 11.93
CA VAL B 3163 144.79 -61.36 12.38
C VAL B 3163 143.44 -62.07 12.40
N SER B 3164 142.35 -61.32 12.50
CA SER B 3164 141.02 -61.91 12.40
C SER B 3164 140.48 -61.91 10.97
N CYS B 3165 140.81 -60.89 10.18
CA CYS B 3165 140.32 -60.84 8.80
C CYS B 3165 140.96 -61.93 7.94
N TYR B 3166 142.26 -62.19 8.17
CA TYR B 3166 142.98 -63.22 7.44
C TYR B 3166 142.42 -64.61 7.74
N ARG B 3167 141.81 -64.79 8.90
CA ARG B 3167 141.12 -66.03 9.23
C ARG B 3167 139.68 -66.05 8.75
N THR B 3168 139.00 -64.90 8.78
CA THR B 3168 137.61 -64.86 8.35
C THR B 3168 137.48 -64.99 6.83
N LEU B 3169 138.46 -64.53 6.06
CA LEU B 3169 138.42 -64.78 4.61
C LEU B 3169 138.54 -66.26 4.31
N CYS B 3170 139.45 -66.95 5.01
CA CYS B 3170 139.53 -68.41 4.86
C CYS B 3170 138.26 -69.09 5.34
N SER B 3171 137.63 -68.55 6.40
CA SER B 3171 136.38 -69.13 6.89
C SER B 3171 135.27 -69.01 5.85
N ILE B 3172 135.11 -67.83 5.26
CA ILE B 3172 134.07 -67.65 4.25
C ILE B 3172 134.40 -68.44 2.99
N TYR B 3173 135.69 -68.64 2.71
CA TYR B 3173 136.06 -69.55 1.64
C TYR B 3173 135.63 -70.98 1.96
N SER B 3174 135.79 -71.39 3.22
CA SER B 3174 135.43 -72.75 3.62
C SER B 3174 133.92 -72.98 3.53
N LEU B 3175 133.13 -72.07 4.10
CA LEU B 3175 131.67 -72.18 4.00
C LEU B 3175 131.09 -71.35 2.86
N GLY B 3176 131.84 -71.18 1.77
CA GLY B 3176 131.27 -70.66 0.54
C GLY B 3176 130.60 -71.69 -0.32
N THR B 3177 130.59 -72.95 0.10
CA THR B 3177 129.98 -74.03 -0.67
C THR B 3177 128.79 -74.68 0.04
N THR B 3178 128.52 -74.33 1.29
CA THR B 3178 127.42 -74.92 2.03
C THR B 3178 126.07 -74.46 1.48
N GLU B 3184 120.21 -75.92 4.20
CA GLU B 3184 118.77 -76.14 4.10
C GLU B 3184 118.01 -74.82 4.22
N LYS B 3185 117.47 -74.57 5.41
CA LYS B 3185 116.71 -73.36 5.68
C LYS B 3185 117.59 -72.21 6.15
N LEU B 3186 118.88 -72.43 6.35
CA LEU B 3186 119.80 -71.40 6.78
C LEU B 3186 120.48 -70.68 5.63
N ARG B 3187 120.14 -71.02 4.39
CA ARG B 3187 120.76 -70.37 3.23
C ARG B 3187 120.50 -68.87 3.18
N PRO B 3188 119.27 -68.36 3.38
CA PRO B 3188 119.09 -66.90 3.33
C PRO B 3188 119.93 -66.14 4.34
N ALA B 3189 120.09 -66.67 5.56
CA ALA B 3189 120.90 -65.99 6.56
C ALA B 3189 122.36 -65.94 6.14
N LEU B 3190 122.88 -67.06 5.61
CA LEU B 3190 124.26 -67.07 5.13
C LEU B 3190 124.45 -66.10 3.97
N GLY B 3191 123.49 -66.05 3.05
CA GLY B 3191 123.58 -65.10 1.95
C GLY B 3191 123.56 -63.66 2.42
N GLU B 3192 122.70 -63.34 3.40
CA GLU B 3192 122.67 -62.00 3.95
C GLU B 3192 123.99 -61.64 4.63
N CYS B 3193 124.56 -62.59 5.38
CA CYS B 3193 125.84 -62.36 6.03
C CYS B 3193 126.94 -62.12 4.99
N LEU B 3194 126.95 -62.92 3.93
CA LEU B 3194 127.96 -62.74 2.88
C LEU B 3194 127.80 -61.39 2.19
N ALA B 3195 126.55 -60.99 1.92
CA ALA B 3195 126.31 -59.68 1.30
C ALA B 3195 126.77 -58.55 2.21
N ARG B 3196 126.50 -58.66 3.52
CA ARG B 3196 126.93 -57.63 4.45
C ARG B 3196 128.45 -57.56 4.54
N LEU B 3197 129.12 -58.72 4.57
CA LEU B 3197 130.57 -58.72 4.69
C LEU B 3197 131.25 -58.21 3.43
N ALA B 3198 130.75 -58.61 2.25
CA ALA B 3198 131.39 -58.24 1.00
C ALA B 3198 131.34 -56.74 0.74
N ALA B 3199 130.44 -56.02 1.40
CA ALA B 3199 130.33 -54.57 1.22
C ALA B 3199 131.37 -53.80 2.02
N ALA B 3200 132.16 -54.47 2.86
CA ALA B 3200 133.17 -53.80 3.65
C ALA B 3200 134.31 -53.28 2.76
N ARG B 3248 135.32 -63.47 -15.79
CA ARG B 3248 135.96 -64.63 -15.21
C ARG B 3248 135.17 -65.17 -14.02
N LEU B 3249 135.16 -64.42 -12.93
CA LEU B 3249 134.40 -64.82 -11.75
C LEU B 3249 132.91 -64.86 -12.03
N MET B 3250 132.39 -63.85 -12.74
CA MET B 3250 130.98 -63.77 -13.07
C MET B 3250 130.64 -64.43 -14.41
N ALA B 3251 131.64 -64.96 -15.12
CA ALA B 3251 131.37 -65.62 -16.39
C ALA B 3251 130.57 -66.90 -16.20
N ASP B 3252 130.69 -67.54 -15.03
CA ASP B 3252 129.95 -68.76 -14.78
C ASP B 3252 128.45 -68.47 -14.62
N ILE B 3253 128.12 -67.31 -14.08
CA ILE B 3253 126.71 -66.98 -13.82
C ILE B 3253 125.92 -66.96 -15.11
N GLY B 3254 126.47 -66.34 -16.16
CA GLY B 3254 125.78 -66.33 -17.43
C GLY B 3254 125.67 -67.71 -18.07
N GLY B 3255 126.50 -68.65 -17.62
CA GLY B 3255 126.45 -69.99 -18.17
C GLY B 3255 125.14 -70.70 -17.85
N LEU B 3256 124.68 -70.60 -16.61
CA LEU B 3256 123.45 -71.27 -16.18
C LEU B 3256 122.26 -70.30 -16.14
N ALA B 3257 122.35 -69.17 -16.83
CA ALA B 3257 121.22 -68.26 -16.90
C ALA B 3257 120.02 -68.93 -17.55
N GLU B 3258 120.26 -69.70 -18.62
CA GLU B 3258 119.22 -70.51 -19.22
C GLU B 3258 119.04 -71.81 -18.44
N SER B 3259 117.90 -72.47 -18.67
CA SER B 3259 117.57 -73.74 -18.04
C SER B 3259 117.57 -73.61 -16.51
N GLY B 3260 116.66 -72.77 -16.02
CA GLY B 3260 116.50 -72.57 -14.60
C GLY B 3260 115.29 -73.29 -14.05
N ALA B 3261 114.20 -72.56 -13.84
CA ALA B 3261 112.92 -73.11 -13.37
C ALA B 3261 113.04 -73.78 -11.99
N ARG B 3262 114.02 -73.37 -11.19
CA ARG B 3262 114.19 -73.90 -9.85
C ARG B 3262 115.00 -72.91 -9.03
N TYR B 3263 114.56 -72.67 -7.80
CA TYR B 3263 115.27 -71.77 -6.90
C TYR B 3263 116.28 -72.49 -6.01
N THR B 3264 116.25 -73.83 -5.97
CA THR B 3264 117.17 -74.58 -5.13
C THR B 3264 117.78 -75.80 -5.78
N GLU B 3265 117.28 -76.27 -6.92
CA GLU B 3265 117.77 -77.54 -7.47
C GLU B 3265 119.08 -77.35 -8.21
N MET B 3266 119.06 -76.61 -9.33
CA MET B 3266 120.31 -76.31 -10.02
C MET B 3266 120.99 -75.08 -9.41
N PRO B 3267 120.29 -73.95 -9.21
CA PRO B 3267 120.97 -72.79 -8.59
C PRO B 3267 120.83 -72.77 -7.07
N HIS B 3268 121.51 -73.72 -6.41
CA HIS B 3268 121.51 -73.73 -4.95
C HIS B 3268 122.52 -72.76 -4.37
N VAL B 3269 123.78 -72.86 -4.82
CA VAL B 3269 124.81 -71.93 -4.37
C VAL B 3269 124.61 -70.55 -4.99
N ILE B 3270 123.86 -70.45 -6.08
CA ILE B 3270 123.63 -69.15 -6.71
C ILE B 3270 122.85 -68.23 -5.79
N GLU B 3271 121.84 -68.77 -5.09
CA GLU B 3271 121.02 -67.94 -4.21
C GLU B 3271 121.83 -67.29 -3.11
N ILE B 3272 122.92 -67.92 -2.68
CA ILE B 3272 123.77 -67.35 -1.64
C ILE B 3272 125.00 -66.63 -2.17
N THR B 3273 125.38 -66.87 -3.42
CA THR B 3273 126.55 -66.21 -3.98
C THR B 3273 126.22 -64.96 -4.78
N LEU B 3274 124.98 -64.83 -5.28
CA LEU B 3274 124.62 -63.63 -6.03
C LEU B 3274 124.71 -62.36 -5.20
N PRO B 3275 124.20 -62.30 -3.96
CA PRO B 3275 124.42 -61.09 -3.15
C PRO B 3275 125.88 -60.80 -2.87
N MET B 3276 126.74 -61.82 -2.84
CA MET B 3276 128.16 -61.59 -2.59
C MET B 3276 128.76 -60.61 -3.60
N LEU B 3277 128.74 -60.98 -4.88
CA LEU B 3277 129.25 -60.04 -5.89
C LEU B 3277 128.32 -58.85 -6.09
N CYS B 3278 127.01 -59.02 -5.87
CA CYS B 3278 126.09 -57.90 -5.98
C CYS B 3278 126.41 -56.79 -4.99
N SER B 3279 127.07 -57.11 -3.88
CA SER B 3279 127.55 -56.10 -2.95
C SER B 3279 129.03 -55.77 -3.12
N TYR B 3280 129.84 -56.71 -3.62
CA TYR B 3280 131.26 -56.44 -3.79
C TYR B 3280 131.52 -55.52 -4.97
N LEU B 3281 130.84 -55.74 -6.09
CA LEU B 3281 131.08 -54.95 -7.30
C LEU B 3281 130.80 -53.46 -7.11
N PRO B 3282 129.68 -53.04 -6.48
CA PRO B 3282 129.50 -51.60 -6.25
C PRO B 3282 130.59 -50.99 -5.38
N ARG B 3283 131.18 -51.77 -4.48
CA ARG B 3283 132.28 -51.27 -3.66
C ARG B 3283 133.53 -50.99 -4.49
N TRP B 3284 133.63 -51.58 -5.68
CA TRP B 3284 134.79 -51.34 -6.55
C TRP B 3284 134.45 -50.37 -7.68
N CYS B 3304 144.55 -50.46 -11.02
CA CYS B 3304 144.48 -50.50 -9.56
C CYS B 3304 143.04 -50.36 -9.07
N THR B 3305 142.27 -49.54 -9.78
CA THR B 3305 140.88 -49.28 -9.42
C THR B 3305 140.10 -48.98 -10.70
N ALA B 3306 138.91 -48.40 -10.55
CA ALA B 3306 138.05 -48.02 -11.66
C ALA B 3306 137.68 -49.22 -12.53
N VAL B 3307 137.01 -50.18 -11.90
CA VAL B 3307 136.52 -51.36 -12.62
C VAL B 3307 135.40 -50.95 -13.56
N THR B 3308 135.45 -51.45 -14.79
CA THR B 3308 134.47 -51.07 -15.80
C THR B 3308 133.07 -51.54 -15.41
N SER B 3309 132.07 -50.80 -15.87
CA SER B 3309 130.67 -51.08 -15.55
C SER B 3309 130.04 -52.11 -16.49
N ASP B 3310 130.80 -52.62 -17.47
CA ASP B 3310 130.26 -53.67 -18.33
C ASP B 3310 129.91 -54.91 -17.52
N HIS B 3311 130.74 -55.24 -16.52
CA HIS B 3311 130.42 -56.34 -15.62
C HIS B 3311 129.14 -56.07 -14.86
N LEU B 3312 128.94 -54.84 -14.41
CA LEU B 3312 127.71 -54.49 -13.70
C LEU B 3312 126.49 -54.65 -14.61
N ASN B 3313 126.58 -54.18 -15.85
CA ASN B 3313 125.46 -54.31 -16.77
C ASN B 3313 125.17 -55.77 -17.08
N SER B 3314 126.22 -56.57 -17.29
CA SER B 3314 126.02 -57.98 -17.56
C SER B 3314 125.40 -58.70 -16.36
N LEU B 3315 125.82 -58.33 -15.15
CA LEU B 3315 125.23 -58.93 -13.95
C LEU B 3315 123.75 -58.56 -13.82
N LEU B 3316 123.41 -57.31 -14.10
CA LEU B 3316 122.01 -56.90 -14.04
C LEU B 3316 121.18 -57.66 -15.07
N GLY B 3317 121.69 -57.78 -16.30
CA GLY B 3317 120.99 -58.54 -17.31
C GLY B 3317 120.83 -60.00 -16.93
N ASN B 3318 121.88 -60.59 -16.36
CA ASN B 3318 121.83 -62.00 -15.96
C ASN B 3318 120.83 -62.22 -14.83
N ILE B 3319 120.78 -61.32 -13.86
CA ILE B 3319 119.81 -61.50 -12.77
C ILE B 3319 118.39 -61.28 -13.27
N LEU B 3320 118.19 -60.34 -14.20
CA LEU B 3320 116.87 -60.17 -14.79
C LEU B 3320 116.45 -61.43 -15.55
N ARG B 3321 117.37 -62.01 -16.33
CA ARG B 3321 117.06 -63.24 -17.05
C ARG B 3321 116.77 -64.39 -16.09
N ILE B 3322 117.52 -64.51 -15.00
CA ILE B 3322 117.28 -65.56 -14.02
C ILE B 3322 115.90 -65.39 -13.39
N ILE B 3323 115.52 -64.15 -13.08
CA ILE B 3323 114.21 -63.91 -12.49
C ILE B 3323 113.10 -64.27 -13.47
N VAL B 3324 113.24 -63.83 -14.74
CA VAL B 3324 112.17 -64.09 -15.69
C VAL B 3324 112.13 -65.55 -16.11
N ASN B 3325 113.21 -66.30 -15.92
CA ASN B 3325 113.20 -67.73 -16.24
C ASN B 3325 112.16 -68.47 -15.41
N ASN B 3326 112.06 -68.15 -14.12
CA ASN B 3326 111.05 -68.73 -13.24
C ASN B 3326 109.75 -67.93 -13.31
N LEU B 3327 109.23 -67.75 -14.53
CA LEU B 3327 108.04 -66.93 -14.71
C LEU B 3327 106.81 -67.57 -14.09
N GLY B 3328 106.66 -68.89 -14.23
CA GLY B 3328 105.47 -69.56 -13.77
C GLY B 3328 105.71 -70.59 -12.69
N ILE B 3329 106.65 -70.30 -11.78
CA ILE B 3329 106.91 -71.20 -10.66
C ILE B 3329 105.76 -71.12 -9.67
N ASP B 3330 105.49 -72.25 -9.00
CA ASP B 3330 104.40 -72.30 -8.04
C ASP B 3330 104.77 -71.58 -6.75
N GLU B 3331 105.81 -72.05 -6.08
CA GLU B 3331 106.30 -71.44 -4.84
C GLU B 3331 107.72 -70.94 -5.05
N ALA B 3332 107.94 -69.65 -4.76
CA ALA B 3332 109.26 -69.06 -4.95
C ALA B 3332 109.37 -67.85 -4.03
N THR B 3333 110.31 -67.90 -3.08
CA THR B 3333 110.53 -66.80 -2.16
C THR B 3333 111.78 -65.99 -2.49
N TRP B 3334 112.74 -66.58 -3.21
CA TRP B 3334 113.97 -65.88 -3.55
C TRP B 3334 113.72 -64.68 -4.45
N MET B 3335 112.56 -64.61 -5.11
CA MET B 3335 112.24 -63.46 -5.96
C MET B 3335 112.12 -62.20 -5.11
N LYS B 3336 111.51 -62.29 -3.93
CA LYS B 3336 111.32 -61.13 -3.07
C LYS B 3336 112.61 -60.67 -2.40
N ARG B 3337 113.67 -61.47 -2.46
CA ARG B 3337 114.95 -61.11 -1.85
C ARG B 3337 116.01 -60.71 -2.87
N LEU B 3338 116.06 -61.38 -4.02
CA LEU B 3338 117.04 -61.02 -5.05
C LEU B 3338 116.79 -59.62 -5.57
N ALA B 3339 115.52 -59.25 -5.75
CA ALA B 3339 115.20 -57.91 -6.21
C ALA B 3339 115.66 -56.84 -5.22
N VAL B 3340 115.46 -57.11 -3.92
CA VAL B 3340 115.91 -56.17 -2.89
C VAL B 3340 117.43 -56.09 -2.90
N PHE B 3341 118.11 -57.23 -3.04
CA PHE B 3341 119.57 -57.23 -3.04
C PHE B 3341 120.14 -56.51 -4.26
N ALA B 3342 119.47 -56.60 -5.40
CA ALA B 3342 119.96 -56.01 -6.64
C ALA B 3342 119.52 -54.58 -6.85
N GLN B 3343 118.80 -53.99 -5.88
CA GLN B 3343 118.36 -52.60 -6.02
C GLN B 3343 119.51 -51.62 -6.19
N PRO B 3344 120.59 -51.67 -5.40
CA PRO B 3344 121.69 -50.72 -5.63
C PRO B 3344 122.45 -50.97 -6.92
N ILE B 3345 122.28 -52.12 -7.56
CA ILE B 3345 123.09 -52.45 -8.73
C ILE B 3345 122.59 -51.77 -10.00
N VAL B 3346 121.31 -51.37 -10.05
CA VAL B 3346 120.77 -50.77 -11.27
C VAL B 3346 120.97 -49.26 -11.33
N SER B 3347 121.54 -48.65 -10.28
CA SER B 3347 121.80 -47.21 -10.31
C SER B 3347 122.79 -46.86 -11.41
N ARG B 3348 123.84 -47.68 -11.56
CA ARG B 3348 124.84 -47.51 -12.62
C ARG B 3348 124.59 -48.61 -13.65
N ALA B 3349 123.71 -48.32 -14.61
CA ALA B 3349 123.33 -49.27 -15.64
C ALA B 3349 123.39 -48.59 -17.00
N ARG B 3350 123.71 -49.40 -18.02
CA ARG B 3350 123.80 -48.87 -19.37
C ARG B 3350 122.43 -48.50 -19.89
N PRO B 3351 122.30 -47.38 -20.62
CA PRO B 3351 120.97 -46.99 -21.14
C PRO B 3351 120.38 -47.99 -22.12
N GLU B 3352 121.21 -48.72 -22.87
CA GLU B 3352 120.71 -49.60 -23.91
C GLU B 3352 120.88 -51.09 -23.61
N LEU B 3353 121.89 -51.47 -22.81
CA LEU B 3353 122.09 -52.88 -22.52
C LEU B 3353 120.93 -53.45 -21.70
N LEU B 3354 120.47 -52.71 -20.69
CA LEU B 3354 119.36 -53.18 -19.88
C LEU B 3354 118.03 -53.03 -20.58
N HIS B 3355 117.87 -52.00 -21.42
CA HIS B 3355 116.59 -51.77 -22.10
C HIS B 3355 116.27 -52.85 -23.11
N SER B 3356 117.29 -53.56 -23.61
CA SER B 3356 117.05 -54.71 -24.48
C SER B 3356 116.61 -55.94 -23.71
N HIS B 3357 116.77 -55.95 -22.38
CA HIS B 3357 116.32 -57.05 -21.54
C HIS B 3357 115.03 -56.73 -20.78
N PHE B 3358 114.81 -55.47 -20.41
CA PHE B 3358 113.61 -55.11 -19.66
C PHE B 3358 112.37 -55.25 -20.53
N ILE B 3359 112.46 -54.90 -21.82
CA ILE B 3359 111.30 -54.97 -22.70
C ILE B 3359 110.76 -56.39 -22.83
N PRO B 3360 111.58 -57.41 -23.17
CA PRO B 3360 111.01 -58.76 -23.28
C PRO B 3360 110.43 -59.30 -21.98
N THR B 3361 111.04 -58.99 -20.84
CA THR B 3361 110.56 -59.53 -19.57
C THR B 3361 109.18 -58.98 -19.23
N ILE B 3362 109.03 -57.65 -19.28
CA ILE B 3362 107.74 -57.04 -19.02
C ILE B 3362 106.73 -57.40 -20.11
N GLY B 3363 107.21 -57.62 -21.33
CA GLY B 3363 106.31 -58.07 -22.39
C GLY B 3363 105.71 -59.43 -22.10
N ARG B 3364 106.56 -60.37 -21.67
CA ARG B 3364 106.08 -61.69 -21.27
C ARG B 3364 105.17 -61.61 -20.05
N LEU B 3365 105.49 -60.71 -19.11
CA LEU B 3365 104.62 -60.53 -17.95
C LEU B 3365 103.24 -60.03 -18.36
N ARG B 3366 103.19 -59.07 -19.28
CA ARG B 3366 101.91 -58.58 -19.78
C ARG B 3366 101.17 -59.63 -20.58
N LYS B 3367 101.89 -60.47 -21.33
CA LYS B 3367 101.25 -61.58 -22.03
C LYS B 3367 100.62 -62.55 -21.04
N ARG B 3368 101.32 -62.85 -19.95
CA ARG B 3368 100.75 -63.72 -18.91
C ARG B 3368 99.52 -63.07 -18.28
N ALA B 3369 99.58 -61.76 -18.04
CA ALA B 3369 98.43 -61.05 -17.48
C ALA B 3369 97.24 -61.10 -18.42
N GLY B 3370 97.48 -60.93 -19.71
CA GLY B 3370 96.41 -61.04 -20.70
C GLY B 3370 95.85 -62.44 -20.81
N LYS B 3371 96.70 -63.45 -20.67
CA LYS B 3371 96.22 -64.83 -20.70
C LYS B 3371 95.43 -65.18 -19.45
N VAL B 3372 95.73 -64.53 -18.32
CA VAL B 3372 95.04 -64.85 -17.07
C VAL B 3372 93.78 -64.02 -16.84
N VAL B 3373 93.67 -62.83 -17.43
CA VAL B 3373 92.45 -62.04 -17.27
C VAL B 3373 91.29 -62.70 -18.00
N ALA B 3374 91.60 -63.42 -19.09
CA ALA B 3374 90.55 -64.09 -19.85
C ALA B 3374 89.83 -65.16 -19.03
N GLU B 3375 90.55 -65.83 -18.13
CA GLU B 3375 89.91 -66.81 -17.27
C GLU B 3375 88.86 -66.17 -16.37
N GLU B 3376 89.20 -65.03 -15.76
CA GLU B 3376 88.23 -64.33 -14.92
C GLU B 3376 87.08 -63.78 -15.77
N GLU B 3377 87.39 -63.32 -16.99
CA GLU B 3377 86.34 -62.82 -17.87
C GLU B 3377 85.34 -63.90 -18.22
N GLN B 3378 85.83 -65.10 -18.53
CA GLN B 3378 84.96 -66.22 -18.89
C GLN B 3378 84.33 -66.87 -17.66
N LEU B 3379 84.85 -66.59 -16.46
CA LEU B 3379 84.24 -67.15 -15.25
C LEU B 3379 82.83 -66.64 -15.05
N ARG B 3380 82.60 -65.35 -15.30
CA ARG B 3380 81.28 -64.76 -15.14
C ARG B 3380 80.34 -65.22 -16.25
N GLU B 3386 81.79 -75.31 -9.32
CA GLU B 3386 82.29 -74.72 -10.56
C GLU B 3386 82.82 -73.31 -10.33
N ALA B 3387 81.95 -72.45 -9.79
CA ALA B 3387 82.35 -71.07 -9.53
C ALA B 3387 83.44 -70.99 -8.48
N GLU B 3388 83.31 -71.78 -7.40
CA GLU B 3388 84.30 -71.72 -6.33
C GLU B 3388 85.67 -72.19 -6.79
N GLU B 3389 85.71 -73.28 -7.55
CA GLU B 3389 87.00 -73.80 -8.03
C GLU B 3389 87.66 -72.80 -8.98
N GLY B 3390 86.88 -72.21 -9.89
CA GLY B 3390 87.44 -71.21 -10.79
C GLY B 3390 87.93 -69.98 -10.04
N GLU B 3391 87.18 -69.54 -9.02
CA GLU B 3391 87.60 -68.41 -8.22
C GLU B 3391 88.90 -68.70 -7.49
N LEU B 3392 89.02 -69.90 -6.91
CA LEU B 3392 90.27 -70.26 -6.24
C LEU B 3392 91.43 -70.31 -7.23
N LEU B 3393 91.22 -70.88 -8.42
CA LEU B 3393 92.28 -70.98 -9.41
C LEU B 3393 92.74 -69.60 -9.86
N VAL B 3394 91.78 -68.70 -10.15
CA VAL B 3394 92.16 -67.37 -10.60
C VAL B 3394 92.80 -66.57 -9.46
N ARG B 3395 92.38 -66.82 -8.22
CA ARG B 3395 93.03 -66.15 -7.09
C ARG B 3395 94.48 -66.60 -6.96
N ASP B 3396 94.74 -67.90 -7.09
CA ASP B 3396 96.12 -68.39 -7.05
C ASP B 3396 96.95 -67.82 -8.20
N GLU B 3397 96.38 -67.80 -9.40
CA GLU B 3397 97.10 -67.25 -10.55
C GLU B 3397 97.39 -65.77 -10.36
N PHE B 3398 96.44 -65.02 -9.81
CA PHE B 3398 96.64 -63.60 -9.57
C PHE B 3398 97.68 -63.38 -8.47
N SER B 3399 97.72 -64.25 -7.46
CA SER B 3399 98.77 -64.15 -6.45
C SER B 3399 100.14 -64.40 -7.06
N VAL B 3400 100.25 -65.38 -7.95
CA VAL B 3400 101.52 -65.64 -8.63
C VAL B 3400 101.93 -64.44 -9.47
N LEU B 3401 100.97 -63.87 -10.21
CA LEU B 3401 101.24 -62.71 -11.03
C LEU B 3401 101.67 -61.52 -10.19
N CYS B 3402 101.04 -61.34 -9.03
CA CYS B 3402 101.42 -60.25 -8.12
C CYS B 3402 102.82 -60.47 -7.57
N ARG B 3403 103.17 -61.71 -7.26
CA ARG B 3403 104.53 -61.99 -6.78
C ARG B 3403 105.56 -61.66 -7.86
N ASP B 3404 105.30 -62.06 -9.09
CA ASP B 3404 106.22 -61.70 -10.18
C ASP B 3404 106.26 -60.19 -10.40
N LEU B 3405 105.11 -59.52 -10.28
CA LEU B 3405 105.06 -58.07 -10.45
C LEU B 3405 105.91 -57.37 -9.40
N TYR B 3406 105.79 -57.79 -8.14
CA TYR B 3406 106.56 -57.18 -7.06
C TYR B 3406 108.01 -57.63 -7.05
N ALA B 3407 108.34 -58.70 -7.79
CA ALA B 3407 109.73 -59.08 -7.97
C ALA B 3407 110.41 -58.32 -9.11
N LEU B 3408 109.66 -57.91 -10.13
CA LEU B 3408 110.25 -57.24 -11.29
C LEU B 3408 110.12 -55.71 -11.27
N TYR B 3409 108.96 -55.19 -10.86
CA TYR B 3409 108.73 -53.75 -10.91
C TYR B 3409 109.73 -52.92 -10.10
N PRO B 3410 110.17 -53.32 -8.89
CA PRO B 3410 111.15 -52.49 -8.17
C PRO B 3410 112.44 -52.27 -8.96
N LEU B 3411 112.88 -53.24 -9.74
CA LEU B 3411 114.05 -53.05 -10.59
C LEU B 3411 113.77 -52.14 -11.78
N LEU B 3412 112.50 -51.89 -12.09
CA LEU B 3412 112.12 -50.99 -13.16
C LEU B 3412 111.86 -49.56 -12.70
N ILE B 3413 111.36 -49.39 -11.48
CA ILE B 3413 111.10 -48.04 -10.96
C ILE B 3413 112.40 -47.26 -10.83
N ARG B 3414 113.44 -47.91 -10.28
CA ARG B 3414 114.72 -47.25 -10.15
C ARG B 3414 115.33 -46.96 -11.51
N TYR B 3415 115.22 -47.89 -12.46
CA TYR B 3415 115.73 -47.66 -13.81
C TYR B 3415 114.95 -46.58 -14.53
N VAL B 3416 113.72 -46.31 -14.10
CA VAL B 3416 112.94 -45.21 -14.68
C VAL B 3416 113.25 -43.87 -14.00
N ASP B 3417 113.61 -43.90 -12.71
CA ASP B 3417 113.94 -42.67 -12.00
C ASP B 3417 115.07 -41.92 -12.69
N ASN B 3418 116.12 -42.64 -13.07
CA ASN B 3418 117.12 -42.12 -13.99
C ASN B 3418 116.77 -42.55 -15.40
N ASN B 3419 117.55 -42.06 -16.37
CA ASN B 3419 117.33 -42.31 -17.80
C ASN B 3419 115.98 -41.80 -18.28
N ARG B 3420 115.29 -40.99 -17.46
CA ARG B 3420 114.04 -40.39 -17.84
C ARG B 3420 114.24 -39.03 -18.49
N ALA B 3421 115.22 -38.25 -18.02
CA ALA B 3421 115.56 -37.00 -18.67
C ALA B 3421 116.07 -37.25 -20.09
N HIS B 3422 116.85 -38.33 -20.27
CA HIS B 3422 117.29 -38.71 -21.60
C HIS B 3422 116.10 -39.09 -22.48
N TRP B 3423 115.16 -39.86 -21.93
CA TRP B 3423 113.98 -40.27 -22.68
C TRP B 3423 113.01 -39.13 -22.95
N LEU B 3424 113.13 -38.02 -22.23
CA LEU B 3424 112.27 -36.86 -22.44
C LEU B 3424 112.89 -35.86 -23.41
N THR B 3425 114.15 -35.49 -23.20
CA THR B 3425 114.82 -34.57 -24.12
C THR B 3425 114.95 -35.18 -25.51
N GLU B 3426 115.31 -36.45 -25.59
CA GLU B 3426 115.39 -37.19 -26.85
C GLU B 3426 114.41 -38.35 -26.81
N PRO B 3427 113.23 -38.21 -27.42
CA PRO B 3427 112.23 -39.29 -27.34
C PRO B 3427 112.74 -40.58 -27.96
N ASN B 3428 112.35 -41.70 -27.36
CA ASN B 3428 112.75 -43.03 -27.80
C ASN B 3428 111.52 -43.90 -27.99
N ALA B 3429 111.51 -44.70 -29.07
CA ALA B 3429 110.37 -45.56 -29.34
C ALA B 3429 110.20 -46.62 -28.26
N ASN B 3430 111.31 -47.19 -27.78
CA ASN B 3430 111.22 -48.25 -26.79
C ASN B 3430 110.63 -47.72 -25.48
N ALA B 3431 110.93 -46.47 -25.12
CA ALA B 3431 110.34 -45.89 -23.92
C ALA B 3431 108.82 -45.78 -24.04
N GLU B 3432 108.33 -45.33 -25.20
CA GLU B 3432 106.90 -45.24 -25.40
C GLU B 3432 106.26 -46.62 -25.39
N GLU B 3433 106.94 -47.61 -25.98
CA GLU B 3433 106.41 -48.98 -25.99
C GLU B 3433 106.32 -49.53 -24.57
N LEU B 3434 107.35 -49.26 -23.74
CA LEU B 3434 107.33 -49.66 -22.34
C LEU B 3434 106.20 -48.97 -21.60
N PHE B 3435 105.98 -47.68 -21.87
CA PHE B 3435 104.85 -46.98 -21.25
C PHE B 3435 103.54 -47.64 -21.63
N ARG B 3436 103.39 -48.00 -22.92
CA ARG B 3436 102.16 -48.63 -23.37
C ARG B 3436 101.92 -49.94 -22.65
N MET B 3437 102.97 -50.76 -22.51
CA MET B 3437 102.83 -52.03 -21.81
C MET B 3437 102.50 -51.83 -20.33
N VAL B 3438 103.16 -50.86 -19.68
CA VAL B 3438 102.88 -50.60 -18.27
C VAL B 3438 101.43 -50.13 -18.09
N GLY B 3439 100.97 -49.25 -18.99
CA GLY B 3439 99.60 -48.79 -18.92
C GLY B 3439 98.60 -49.91 -19.18
N GLU B 3440 98.95 -50.83 -20.08
CA GLU B 3440 98.10 -51.99 -20.33
C GLU B 3440 97.97 -52.85 -19.08
N ILE B 3441 99.09 -53.09 -18.40
CA ILE B 3441 99.03 -53.82 -17.14
C ILE B 3441 98.18 -53.06 -16.12
N PHE B 3442 98.29 -51.73 -16.12
CA PHE B 3442 97.52 -50.93 -15.17
C PHE B 3442 96.02 -51.07 -15.42
N ILE B 3443 95.59 -50.98 -16.68
CA ILE B 3443 94.16 -51.06 -16.95
C ILE B 3443 93.66 -52.49 -16.72
N TYR B 3444 94.52 -53.48 -16.96
CA TYR B 3444 94.16 -54.85 -16.59
C TYR B 3444 93.93 -54.98 -15.10
N TRP B 3445 94.79 -54.33 -14.30
CA TRP B 3445 94.60 -54.33 -12.85
C TRP B 3445 93.34 -53.57 -12.45
N SER B 3446 93.05 -52.45 -13.14
CA SER B 3446 91.95 -51.59 -12.73
C SER B 3446 90.60 -52.22 -13.04
N LYS B 3447 90.45 -52.82 -14.21
CA LYS B 3447 89.17 -53.40 -14.61
C LYS B 3447 89.06 -54.86 -14.15
N SER B 3448 89.37 -55.09 -12.88
CA SER B 3448 89.19 -56.39 -12.24
C SER B 3448 89.36 -56.25 -10.72
N HIS B 3449 88.39 -56.76 -9.96
CA HIS B 3449 88.45 -56.68 -8.51
C HIS B 3449 89.43 -57.69 -7.92
N ASN B 3450 89.55 -58.87 -8.53
CA ASN B 3450 90.40 -59.92 -8.00
C ASN B 3450 91.87 -59.51 -8.00
N PHE B 3451 92.31 -58.79 -9.02
CA PHE B 3451 93.70 -58.34 -9.04
C PHE B 3451 94.01 -57.43 -7.86
N LYS B 3452 93.14 -56.45 -7.59
CA LYS B 3452 93.37 -55.55 -6.46
C LYS B 3452 93.30 -56.30 -5.14
N ARG B 3453 92.33 -57.20 -4.99
CA ARG B 3453 92.22 -57.97 -3.75
C ARG B 3453 93.47 -58.82 -3.52
N GLU B 3454 93.95 -59.49 -4.57
CA GLU B 3454 95.13 -60.34 -4.43
C GLU B 3454 96.38 -59.52 -4.14
N GLU B 3455 96.50 -58.34 -4.77
CA GLU B 3455 97.66 -57.49 -4.48
C GLU B 3455 97.65 -57.02 -3.04
N GLN B 3456 96.48 -56.59 -2.54
CA GLN B 3456 96.38 -56.16 -1.15
C GLN B 3456 96.69 -57.31 -0.20
N ASN B 3457 96.15 -58.50 -0.48
CA ASN B 3457 96.41 -59.66 0.38
C ASN B 3457 97.89 -60.04 0.37
N PHE B 3458 98.52 -60.01 -0.81
CA PHE B 3458 99.95 -60.29 -0.91
C PHE B 3458 100.76 -59.30 -0.08
N VAL B 3459 100.44 -58.00 -0.21
CA VAL B 3459 101.19 -56.97 0.51
C VAL B 3459 101.04 -57.14 2.01
N VAL B 3460 99.80 -57.36 2.48
CA VAL B 3460 99.59 -57.47 3.93
C VAL B 3460 100.17 -58.77 4.47
N GLN B 3461 100.18 -59.83 3.65
CA GLN B 3461 100.67 -61.12 4.13
C GLN B 3461 102.19 -61.11 4.26
N ASN B 3462 102.89 -60.58 3.25
CA ASN B 3462 104.35 -60.56 3.30
C ASN B 3462 104.92 -59.27 3.88
N GLU B 3463 104.06 -58.37 4.34
CA GLU B 3463 104.48 -57.13 5.01
C GLU B 3463 105.44 -56.33 4.12
N ILE B 3464 105.13 -56.26 2.83
CA ILE B 3464 105.96 -55.48 1.91
C ILE B 3464 105.81 -54.00 2.22
N ASN B 3465 106.94 -53.31 2.35
CA ASN B 3465 106.90 -51.89 2.70
C ASN B 3465 106.20 -51.08 1.61
N ASN B 3466 106.48 -51.37 0.34
CA ASN B 3466 105.91 -50.67 -0.81
C ASN B 3466 106.22 -49.17 -0.78
N MET B 3467 107.21 -48.76 0.02
CA MET B 3467 107.60 -47.36 0.08
C MET B 3467 109.11 -47.25 -0.11
N SER B 3468 109.85 -48.29 0.28
CA SER B 3468 111.29 -48.29 0.08
C SER B 3468 111.65 -48.43 -1.40
N PHE B 3469 110.80 -49.10 -2.18
CA PHE B 3469 111.04 -49.19 -3.61
C PHE B 3469 110.99 -47.81 -4.27
N LEU B 3470 110.04 -46.98 -3.86
CA LEU B 3470 109.95 -45.61 -4.33
C LEU B 3470 110.71 -44.62 -3.45
N THR B 3471 111.40 -45.12 -2.42
CA THR B 3471 112.16 -44.29 -1.49
C THR B 3471 111.27 -43.25 -0.81
N TYR B 3503 93.29 -49.59 1.34
CA TYR B 3503 93.83 -48.62 2.30
C TYR B 3503 95.11 -47.98 1.76
N SER B 3504 96.12 -48.81 1.50
CA SER B 3504 97.40 -48.33 0.98
C SER B 3504 97.44 -48.34 -0.54
N VAL B 3505 96.42 -47.71 -1.15
CA VAL B 3505 96.36 -47.66 -2.60
C VAL B 3505 97.42 -46.71 -3.17
N GLN B 3506 97.66 -45.59 -2.48
CA GLN B 3506 98.57 -44.57 -2.99
C GLN B 3506 100.01 -45.08 -3.08
N THR B 3507 100.39 -46.08 -2.29
CA THR B 3507 101.73 -46.63 -2.32
C THR B 3507 101.82 -47.92 -3.11
N SER B 3508 100.79 -48.26 -3.87
CA SER B 3508 100.82 -49.47 -4.69
C SER B 3508 101.90 -49.37 -5.76
N LEU B 3509 102.48 -50.52 -6.08
CA LEU B 3509 103.61 -50.56 -7.03
C LEU B 3509 103.17 -50.24 -8.45
N ILE B 3510 102.05 -50.82 -8.91
CA ILE B 3510 101.59 -50.59 -10.27
C ILE B 3510 101.24 -49.13 -10.49
N VAL B 3511 100.50 -48.54 -9.54
CA VAL B 3511 100.08 -47.15 -9.68
C VAL B 3511 101.29 -46.22 -9.66
N ALA B 3512 102.26 -46.48 -8.78
CA ALA B 3512 103.46 -45.66 -8.73
C ALA B 3512 104.26 -45.77 -10.02
N THR B 3513 104.39 -46.99 -10.56
CA THR B 3513 105.12 -47.16 -11.81
C THR B 3513 104.43 -46.43 -12.96
N LEU B 3514 103.10 -46.51 -13.03
CA LEU B 3514 102.38 -45.79 -14.08
C LEU B 3514 102.52 -44.28 -13.91
N LYS B 3515 102.48 -43.80 -12.66
CA LYS B 3515 102.65 -42.37 -12.43
C LYS B 3515 104.03 -41.91 -12.87
N LYS B 3516 105.05 -42.74 -12.64
CA LYS B 3516 106.40 -42.38 -13.06
C LYS B 3516 106.55 -42.43 -14.57
N MET B 3517 105.88 -43.36 -15.24
CA MET B 3517 106.01 -43.52 -16.69
C MET B 3517 105.02 -42.69 -17.49
N LEU B 3518 104.07 -42.02 -16.82
CA LEU B 3518 103.08 -41.23 -17.56
C LEU B 3518 103.68 -40.11 -18.40
N PRO B 3519 104.67 -39.34 -17.96
CA PRO B 3519 105.25 -38.30 -18.84
C PRO B 3519 105.78 -38.86 -20.15
N ILE B 3520 106.28 -40.10 -20.17
CA ILE B 3520 106.68 -40.72 -21.43
C ILE B 3520 105.50 -40.77 -22.40
N GLY B 3521 104.35 -41.19 -21.90
CA GLY B 3521 103.17 -41.25 -22.75
C GLY B 3521 102.66 -39.88 -23.16
N LEU B 3522 102.71 -38.92 -22.23
CA LEU B 3522 102.23 -37.58 -22.56
C LEU B 3522 103.14 -36.88 -23.56
N ASN B 3523 104.42 -37.23 -23.58
CA ASN B 3523 105.36 -36.56 -24.48
C ASN B 3523 105.03 -36.84 -25.95
N MET B 3524 104.67 -38.08 -26.27
CA MET B 3524 104.41 -38.43 -27.67
C MET B 3524 103.10 -37.84 -28.18
N CYS B 3525 102.21 -37.41 -27.30
CA CYS B 3525 100.95 -36.78 -27.71
C CYS B 3525 101.18 -35.30 -27.98
N ALA B 3526 100.76 -34.86 -29.16
CA ALA B 3526 100.89 -33.46 -29.52
C ALA B 3526 99.96 -32.61 -28.66
N PRO B 3527 100.34 -31.36 -28.37
CA PRO B 3527 99.40 -30.47 -27.66
C PRO B 3527 98.12 -30.22 -28.44
N THR B 3528 98.17 -30.31 -29.77
CA THR B 3528 96.94 -30.22 -30.56
C THR B 3528 96.01 -31.40 -30.29
N ASP B 3529 96.57 -32.58 -30.01
CA ASP B 3529 95.76 -33.75 -29.70
C ASP B 3529 95.06 -33.64 -28.35
N GLN B 3530 95.41 -32.65 -27.53
CA GLN B 3530 94.74 -32.47 -26.25
C GLN B 3530 93.27 -32.11 -26.41
N ASP B 3531 92.88 -31.53 -27.54
CA ASP B 3531 91.48 -31.18 -27.76
C ASP B 3531 90.60 -32.42 -27.85
N LEU B 3532 91.13 -33.52 -28.38
CA LEU B 3532 90.40 -34.77 -28.49
C LEU B 3532 90.54 -35.66 -27.26
N ILE B 3533 91.30 -35.22 -26.26
CA ILE B 3533 91.49 -36.03 -25.06
C ILE B 3533 90.19 -36.15 -24.27
N MET B 3534 89.51 -35.02 -24.05
CA MET B 3534 88.24 -35.08 -23.34
C MET B 3534 87.17 -35.79 -24.16
N LEU B 3535 87.21 -35.64 -25.49
CA LEU B 3535 86.26 -36.36 -26.33
C LEU B 3535 86.45 -37.87 -26.20
N ALA B 3536 87.71 -38.33 -26.22
CA ALA B 3536 87.98 -39.75 -26.05
C ALA B 3536 87.61 -40.23 -24.65
N LYS B 3537 87.84 -39.39 -23.64
CA LYS B 3537 87.43 -39.74 -22.28
C LYS B 3537 85.92 -39.89 -22.17
N THR B 3538 85.17 -38.98 -22.78
CA THR B 3538 83.71 -39.08 -22.77
C THR B 3538 83.25 -40.32 -23.54
N ARG B 3539 83.90 -40.63 -24.65
CA ARG B 3539 83.55 -41.84 -25.40
C ARG B 3539 83.80 -43.09 -24.57
N TYR B 3540 84.93 -43.14 -23.86
CA TYR B 3540 85.26 -44.29 -23.02
C TYR B 3540 84.44 -44.35 -21.74
N ALA B 3541 83.81 -43.23 -21.35
CA ALA B 3541 82.98 -43.24 -20.15
C ALA B 3541 81.77 -44.15 -20.27
N LEU B 3542 81.40 -44.56 -21.48
CA LEU B 3542 80.29 -45.46 -21.70
C LEU B 3542 80.75 -46.91 -21.90
N LYS B 3543 81.83 -47.31 -21.24
CA LYS B 3543 82.39 -48.66 -21.33
C LYS B 3543 82.69 -49.02 -22.79
N ASP B 3544 83.24 -48.08 -23.54
CA ASP B 3544 83.56 -48.32 -24.94
C ASP B 3544 84.82 -49.16 -25.06
N THR B 3545 85.02 -49.71 -26.26
CA THR B 3545 86.19 -50.52 -26.57
C THR B 3545 87.24 -49.69 -27.29
N ASP B 3546 88.46 -50.23 -27.35
CA ASP B 3546 89.54 -49.53 -28.02
C ASP B 3546 89.26 -49.33 -29.50
N GLU B 3547 88.79 -50.38 -30.18
CA GLU B 3547 88.48 -50.27 -31.60
C GLU B 3547 87.33 -49.31 -31.84
N GLU B 3548 86.29 -49.37 -31.01
CA GLU B 3548 85.15 -48.46 -31.16
C GLU B 3548 85.58 -47.02 -30.93
N VAL B 3549 86.38 -46.78 -29.90
CA VAL B 3549 86.86 -45.43 -29.62
C VAL B 3549 87.72 -44.92 -30.76
N ARG B 3550 88.59 -45.77 -31.29
CA ARG B 3550 89.45 -45.38 -32.42
C ARG B 3550 88.61 -45.03 -33.64
N GLU B 3551 87.60 -45.84 -33.94
CA GLU B 3551 86.73 -45.55 -35.08
C GLU B 3551 85.96 -44.25 -34.87
N PHE B 3552 85.44 -44.03 -33.67
CA PHE B 3552 84.71 -42.81 -33.39
C PHE B 3552 85.61 -41.58 -33.54
N LEU B 3553 86.84 -41.66 -33.02
CA LEU B 3553 87.76 -40.54 -33.15
C LEU B 3553 88.15 -40.29 -34.60
N GLN B 3554 88.40 -41.36 -35.36
CA GLN B 3554 88.73 -41.21 -36.77
C GLN B 3554 87.57 -40.65 -37.58
N ASN B 3555 86.33 -40.89 -37.13
CA ASN B 3555 85.17 -40.34 -37.84
C ASN B 3555 85.16 -38.81 -37.79
N ASN B 3556 85.72 -38.22 -36.74
CA ASN B 3556 85.73 -36.77 -36.56
C ASN B 3556 87.12 -36.29 -36.16
N LEU B 3557 88.14 -36.73 -36.91
CA LEU B 3557 89.51 -36.35 -36.61
C LEU B 3557 89.84 -34.91 -37.01
N HIS B 3558 88.85 -34.14 -37.46
CA HIS B 3558 89.09 -32.76 -37.90
C HIS B 3558 88.82 -31.73 -36.81
N LEU B 3559 88.43 -32.15 -35.61
CA LEU B 3559 88.12 -31.20 -34.55
C LEU B 3559 89.34 -30.76 -33.76
N GLN B 3560 90.50 -31.38 -33.99
CA GLN B 3560 91.71 -30.96 -33.30
C GLN B 3560 92.32 -29.74 -33.98
N GLY B 3561 93.17 -29.04 -33.24
CA GLY B 3561 93.85 -27.87 -33.78
C GLY B 3561 93.64 -26.61 -32.96
N LYS B 3562 93.04 -25.59 -33.57
CA LYS B 3562 92.82 -24.29 -32.93
C LYS B 3562 94.13 -23.70 -32.43
N VAL B 3563 95.20 -23.86 -33.21
CA VAL B 3563 96.50 -23.33 -32.83
C VAL B 3563 96.48 -21.80 -32.82
N GLU B 3564 95.86 -21.19 -33.83
CA GLU B 3564 95.78 -19.74 -33.90
C GLU B 3564 94.64 -19.16 -33.07
N GLY B 3565 93.70 -20.00 -32.61
CA GLY B 3565 92.59 -19.51 -31.83
C GLY B 3565 92.84 -19.33 -30.36
N SER B 3566 93.99 -19.77 -29.87
CA SER B 3566 94.33 -19.65 -28.46
C SER B 3566 95.76 -19.13 -28.31
N PRO B 3567 96.04 -18.37 -27.25
CA PRO B 3567 97.40 -17.86 -27.05
C PRO B 3567 98.29 -18.85 -26.31
N SER B 3568 97.68 -19.78 -25.58
CA SER B 3568 98.43 -20.75 -24.78
C SER B 3568 98.96 -21.92 -25.57
N LEU B 3569 98.60 -22.03 -26.86
CA LEU B 3569 99.06 -23.15 -27.68
C LEU B 3569 100.23 -22.79 -28.58
N ARG B 3570 100.57 -21.51 -28.71
CA ARG B 3570 101.67 -21.12 -29.59
C ARG B 3570 103.01 -21.62 -29.05
N TRP B 3571 103.30 -21.36 -27.79
CA TRP B 3571 104.58 -21.75 -27.23
C TRP B 3571 104.69 -23.26 -27.05
N GLN B 3572 103.57 -23.93 -26.77
CA GLN B 3572 103.59 -25.40 -26.69
C GLN B 3572 103.96 -26.01 -28.04
N MET B 3573 103.36 -25.51 -29.12
CA MET B 3573 103.70 -26.01 -30.45
C MET B 3573 105.13 -25.67 -30.82
N ALA B 3574 105.60 -24.47 -30.45
CA ALA B 3574 106.99 -24.10 -30.72
C ALA B 3574 107.95 -25.02 -29.97
N LEU B 3575 107.65 -25.34 -28.72
CA LEU B 3575 108.50 -26.27 -27.96
C LEU B 3575 108.48 -27.65 -28.57
N TYR B 3576 107.30 -28.12 -29.01
CA TYR B 3576 107.22 -29.44 -29.64
C TYR B 3576 108.05 -29.49 -30.92
N ARG B 3577 107.98 -28.44 -31.73
CA ARG B 3577 108.68 -28.46 -33.02
C ARG B 3577 110.18 -28.26 -32.85
N GLY B 3578 110.59 -27.42 -31.90
CA GLY B 3578 111.98 -27.00 -31.82
C GLY B 3578 113.01 -28.02 -31.38
N LEU B 3579 112.96 -28.43 -30.12
CA LEU B 3579 114.05 -29.20 -29.52
C LEU B 3579 114.10 -30.67 -29.94
N PRO B 3580 112.96 -31.41 -30.09
CA PRO B 3580 113.08 -32.84 -30.40
C PRO B 3580 113.53 -33.09 -31.83
N GLY B 3581 113.59 -34.37 -32.21
CA GLY B 3581 114.00 -34.74 -33.55
C GLY B 3581 112.85 -34.68 -34.54
N ARG B 3582 112.66 -35.74 -35.31
CA ARG B 3582 111.57 -35.78 -36.27
C ARG B 3582 110.23 -35.73 -35.55
N GLU B 3583 109.31 -34.92 -36.08
CA GLU B 3583 107.99 -34.73 -35.46
C GLU B 3583 106.98 -35.74 -35.98
N GLU B 3584 107.34 -37.03 -35.88
CA GLU B 3584 106.47 -38.13 -36.32
C GLU B 3584 106.04 -37.97 -37.77
N ASP B 3585 106.97 -37.52 -38.62
CA ASP B 3585 106.80 -37.29 -40.04
C ASP B 3585 105.81 -36.17 -40.34
N ALA B 3586 105.25 -35.51 -39.33
CA ALA B 3586 104.35 -34.36 -39.42
C ALA B 3586 103.02 -34.68 -40.08
N ASP B 3587 102.79 -35.92 -40.51
CA ASP B 3587 101.51 -36.27 -41.14
C ASP B 3587 101.31 -37.78 -40.99
N ASP B 3588 100.47 -38.16 -40.04
CA ASP B 3588 100.11 -39.57 -39.82
C ASP B 3588 98.75 -39.65 -39.17
N PRO B 3589 97.67 -39.56 -39.98
CA PRO B 3589 96.32 -39.71 -39.41
C PRO B 3589 96.12 -41.02 -38.65
N GLU B 3590 96.69 -42.11 -39.15
CA GLU B 3590 96.50 -43.40 -38.50
C GLU B 3590 97.17 -43.45 -37.13
N LYS B 3591 98.37 -42.88 -37.01
CA LYS B 3591 99.10 -42.92 -35.75
C LYS B 3591 98.53 -41.98 -34.71
N ILE B 3592 97.82 -40.93 -35.12
CA ILE B 3592 97.27 -39.98 -34.17
C ILE B 3592 96.27 -40.66 -33.24
N VAL B 3593 95.33 -41.41 -33.81
CA VAL B 3593 94.32 -42.09 -33.00
C VAL B 3593 94.97 -43.17 -32.15
N ARG B 3594 95.99 -43.85 -32.68
CA ARG B 3594 96.68 -44.89 -31.90
C ARG B 3594 97.37 -44.30 -30.69
N ARG B 3595 98.03 -43.16 -30.85
CA ARG B 3595 98.71 -42.52 -29.73
C ARG B 3595 97.75 -41.77 -28.81
N VAL B 3596 96.54 -41.47 -29.26
CA VAL B 3596 95.56 -40.79 -28.41
C VAL B 3596 94.77 -41.78 -27.56
N GLN B 3597 94.42 -42.94 -28.12
CA GLN B 3597 93.55 -43.87 -27.41
C GLN B 3597 94.19 -44.39 -26.13
N GLU B 3598 95.46 -44.79 -26.19
CA GLU B 3598 96.12 -45.35 -25.00
C GLU B 3598 96.25 -44.31 -23.91
N VAL B 3599 96.65 -43.09 -24.27
CA VAL B 3599 96.82 -42.03 -23.27
C VAL B 3599 95.47 -41.66 -22.66
N SER B 3600 94.42 -41.60 -23.48
CA SER B 3600 93.09 -41.31 -22.94
C SER B 3600 92.62 -42.40 -21.99
N ALA B 3601 92.87 -43.66 -22.34
CA ALA B 3601 92.50 -44.76 -21.45
C ALA B 3601 93.26 -44.70 -20.13
N VAL B 3602 94.55 -44.40 -20.19
CA VAL B 3602 95.36 -44.30 -18.97
C VAL B 3602 94.86 -43.15 -18.09
N LEU B 3603 94.60 -41.99 -18.71
CA LEU B 3603 94.12 -40.85 -17.95
C LEU B 3603 92.74 -41.13 -17.34
N TYR B 3604 91.89 -41.84 -18.06
CA TYR B 3604 90.60 -42.26 -17.52
C TYR B 3604 90.80 -43.16 -16.30
N HIS B 3605 91.61 -44.20 -16.45
CA HIS B 3605 91.77 -45.19 -15.39
C HIS B 3605 92.47 -44.62 -14.16
N LEU B 3606 93.28 -43.58 -14.31
CA LEU B 3606 93.97 -43.00 -13.16
C LEU B 3606 93.00 -42.32 -12.20
N GLU B 3607 91.85 -41.85 -12.70
CA GLU B 3607 90.95 -41.05 -11.88
C GLU B 3607 90.35 -41.87 -10.74
N GLN B 3608 89.85 -43.06 -11.04
CA GLN B 3608 89.24 -43.87 -9.98
C GLN B 3608 90.25 -44.34 -8.96
N THR B 3609 91.50 -44.58 -9.40
CA THR B 3609 92.56 -44.84 -8.43
C THR B 3609 92.79 -43.63 -7.53
N GLU B 3610 92.76 -42.43 -8.12
CA GLU B 3610 92.83 -41.22 -7.31
C GLU B 3610 91.58 -41.03 -6.45
N HIS B 3611 90.42 -41.48 -6.91
CA HIS B 3611 89.18 -41.37 -6.16
C HIS B 3611 88.73 -42.72 -5.61
N THR B 3639 74.95 -69.54 29.06
CA THR B 3639 73.78 -70.40 29.15
C THR B 3639 72.84 -69.94 30.26
N PRO B 3640 72.10 -68.86 30.01
CA PRO B 3640 71.21 -68.31 31.04
C PRO B 3640 69.95 -69.14 31.28
N LEU B 3641 69.60 -70.06 30.38
CA LEU B 3641 68.35 -70.80 30.54
C LEU B 3641 68.44 -71.76 31.73
N TYR B 3642 69.34 -72.72 31.67
CA TYR B 3642 69.53 -73.66 32.77
C TYR B 3642 70.53 -73.07 33.76
N ASN B 3643 71.01 -73.90 34.69
CA ASN B 3643 71.85 -73.46 35.81
C ASN B 3643 71.14 -72.44 36.67
N LEU B 3644 69.81 -72.45 36.66
CA LEU B 3644 68.95 -71.57 37.43
C LEU B 3644 68.11 -72.38 38.41
N PRO B 3645 67.67 -71.78 39.51
CA PRO B 3645 66.77 -72.49 40.43
C PRO B 3645 65.49 -72.89 39.71
N THR B 3646 65.00 -74.10 40.04
CA THR B 3646 63.85 -74.64 39.32
C THR B 3646 62.58 -73.84 39.56
N HIS B 3647 62.45 -73.22 40.75
CA HIS B 3647 61.24 -72.44 41.02
C HIS B 3647 61.17 -71.19 40.16
N ARG B 3648 62.31 -70.51 39.95
CA ARG B 3648 62.32 -69.33 39.10
C ARG B 3648 61.95 -69.68 37.66
N ALA B 3649 62.56 -70.74 37.12
CA ALA B 3649 62.25 -71.17 35.77
C ALA B 3649 60.79 -71.60 35.67
N CYS B 3650 60.26 -72.24 36.71
CA CYS B 3650 58.86 -72.58 36.74
C CYS B 3650 57.97 -71.35 36.68
N ASN B 3651 58.34 -70.29 37.41
CA ASN B 3651 57.56 -69.06 37.38
C ASN B 3651 57.56 -68.43 35.98
N MET B 3652 58.73 -68.33 35.36
CA MET B 3652 58.79 -67.77 34.01
C MET B 3652 58.00 -68.63 33.03
N PHE B 3653 58.10 -69.95 33.15
CA PHE B 3653 57.34 -70.83 32.27
C PHE B 3653 55.84 -70.67 32.48
N LEU B 3654 55.42 -70.49 33.73
CA LEU B 3654 54.00 -70.25 34.00
C LEU B 3654 53.52 -68.97 33.35
N GLU B 3655 54.30 -67.89 33.48
CA GLU B 3655 53.89 -66.63 32.86
C GLU B 3655 53.81 -66.77 31.35
N SER B 3656 54.83 -67.36 30.72
CA SER B 3656 54.83 -67.50 29.27
C SER B 3656 53.71 -68.41 28.80
N TYR B 3657 53.47 -69.52 29.51
CA TYR B 3657 52.42 -70.45 29.13
C TYR B 3657 51.05 -69.80 29.24
N LYS B 3658 50.80 -69.05 30.31
CA LYS B 3658 49.53 -68.35 30.45
C LYS B 3658 49.35 -67.32 29.34
N ALA B 3659 50.43 -66.60 29.00
CA ALA B 3659 50.34 -65.59 27.95
C ALA B 3659 50.22 -66.18 26.55
N ALA B 3660 50.65 -67.43 26.32
CA ALA B 3660 50.73 -67.96 24.97
C ALA B 3660 49.71 -69.06 24.65
N TRP B 3661 49.29 -69.87 25.61
CA TRP B 3661 48.52 -71.07 25.31
C TRP B 3661 47.11 -71.04 25.89
N ILE B 3662 46.96 -70.68 27.16
CA ILE B 3662 45.66 -70.76 27.82
C ILE B 3662 44.68 -69.77 27.19
N LEU B 3663 45.18 -68.70 26.59
CA LEU B 3663 44.31 -67.67 26.02
C LEU B 3663 43.63 -68.17 24.74
N THR B 3664 42.68 -69.09 24.88
CA THR B 3664 41.90 -69.56 23.75
C THR B 3664 40.89 -68.50 23.33
N GLU B 3665 40.52 -68.52 22.04
CA GLU B 3665 39.73 -67.42 21.48
C GLU B 3665 38.24 -67.63 21.68
N ASP B 3666 37.72 -68.81 21.33
CA ASP B 3666 36.28 -69.00 21.21
C ASP B 3666 35.60 -69.16 22.57
N HIS B 3667 35.95 -70.24 23.29
CA HIS B 3667 35.38 -70.60 24.58
C HIS B 3667 33.95 -71.12 24.46
N SER B 3668 33.37 -70.96 23.26
CA SER B 3668 32.08 -71.56 22.87
C SER B 3668 31.06 -71.58 24.00
N PHE B 3669 30.89 -70.43 24.66
CA PHE B 3669 29.95 -70.37 25.78
C PHE B 3669 29.06 -69.14 25.82
N GLU B 3670 29.33 -68.10 25.03
CA GLU B 3670 28.53 -66.87 25.13
C GLU B 3670 27.10 -67.10 24.66
N ASP B 3671 26.93 -67.74 23.51
CA ASP B 3671 25.59 -67.98 22.99
C ASP B 3671 24.85 -69.05 23.79
N ARG B 3672 25.56 -70.08 24.25
CA ARG B 3672 24.93 -71.17 24.98
C ARG B 3672 24.34 -70.69 26.30
N MET B 3673 25.02 -69.78 27.00
CA MET B 3673 24.49 -69.25 28.26
C MET B 3673 23.15 -68.55 28.03
N ILE B 3674 23.09 -67.69 27.01
CA ILE B 3674 21.85 -66.97 26.74
C ILE B 3674 20.76 -67.92 26.28
N ASP B 3675 21.13 -68.93 25.49
CA ASP B 3675 20.13 -69.90 25.04
C ASP B 3675 19.55 -70.68 26.21
N ASP B 3676 20.41 -71.10 27.15
CA ASP B 3676 19.94 -71.86 28.30
C ASP B 3676 19.11 -71.00 29.26
N LEU B 3677 19.53 -69.75 29.47
CA LEU B 3677 18.81 -68.87 30.37
C LEU B 3677 17.50 -68.35 29.79
N SER B 3678 17.29 -68.52 28.49
CA SER B 3678 16.09 -68.01 27.83
C SER B 3678 14.95 -69.02 27.80
N LYS B 3679 15.15 -70.22 28.33
CA LYS B 3679 14.13 -71.27 28.35
C LYS B 3679 13.46 -71.27 29.71
N ALA B 3680 12.17 -70.95 29.73
CA ALA B 3680 11.40 -70.85 30.96
C ALA B 3680 10.41 -72.01 31.09
N GLY B 3681 10.13 -72.38 32.33
CA GLY B 3681 9.16 -73.45 32.58
C GLY B 3681 9.59 -74.80 32.05
N GLU B 3682 10.87 -75.13 32.17
CA GLU B 3682 11.34 -76.43 31.71
C GLU B 3682 10.85 -77.52 32.66
N GLN B 3683 10.22 -78.55 32.08
CA GLN B 3683 9.66 -79.67 32.84
C GLN B 3683 8.64 -79.19 33.88
N GLU B 3684 7.94 -78.10 33.58
CA GLU B 3684 6.95 -77.54 34.48
C GLU B 3684 6.03 -76.63 33.68
N GLU B 3685 5.08 -76.01 34.38
CA GLU B 3685 4.11 -75.09 33.78
C GLU B 3685 3.35 -75.74 32.62
N GLU B 3691 4.04 -65.98 32.39
CA GLU B 3691 2.96 -64.99 32.30
C GLU B 3691 2.97 -64.06 33.51
N GLU B 3692 2.09 -64.37 34.48
CA GLU B 3692 2.04 -63.56 35.69
C GLU B 3692 3.34 -63.65 36.47
N LYS B 3693 3.89 -64.86 36.61
CA LYS B 3693 5.19 -65.03 37.23
C LYS B 3693 6.28 -64.45 36.34
N LYS B 3694 7.33 -63.93 36.97
CA LYS B 3694 8.42 -63.34 36.23
C LYS B 3694 9.07 -64.40 35.34
N PRO B 3695 9.34 -64.11 34.07
CA PRO B 3695 9.85 -65.13 33.15
C PRO B 3695 11.30 -65.53 33.42
N ASP B 3696 11.86 -66.26 32.46
CA ASP B 3696 13.12 -67.01 32.48
C ASP B 3696 14.26 -66.28 33.18
N PRO B 3697 15.22 -67.04 33.77
CA PRO B 3697 16.29 -66.43 34.59
C PRO B 3697 16.97 -65.21 33.99
N LEU B 3698 16.96 -65.07 32.67
CA LEU B 3698 17.57 -63.91 32.04
C LEU B 3698 16.87 -62.62 32.48
N HIS B 3699 15.54 -62.65 32.54
CA HIS B 3699 14.79 -61.47 33.00
C HIS B 3699 15.10 -61.18 34.47
N GLN B 3700 15.22 -62.23 35.29
CA GLN B 3700 15.56 -62.01 36.70
C GLN B 3700 16.95 -61.39 36.84
N LEU B 3701 17.90 -61.84 36.05
CA LEU B 3701 19.25 -61.27 36.09
C LEU B 3701 19.24 -59.81 35.65
N VAL B 3702 18.50 -59.51 34.58
CA VAL B 3702 18.42 -58.13 34.10
C VAL B 3702 17.75 -57.25 35.15
N LEU B 3703 16.70 -57.75 35.80
CA LEU B 3703 16.03 -56.99 36.85
C LEU B 3703 16.94 -56.78 38.04
N HIS B 3704 17.76 -57.77 38.39
CA HIS B 3704 18.71 -57.62 39.49
C HIS B 3704 19.73 -56.53 39.19
N PHE B 3705 20.28 -56.53 37.98
CA PHE B 3705 21.22 -55.47 37.61
C PHE B 3705 20.54 -54.11 37.54
N SER B 3706 19.29 -54.06 37.08
CA SER B 3706 18.55 -52.80 37.04
C SER B 3706 18.31 -52.28 38.45
N ARG B 3707 17.98 -53.17 39.39
CA ARG B 3707 17.82 -52.76 40.79
C ARG B 3707 19.14 -52.25 41.36
N THR B 3708 20.25 -52.92 41.03
CA THR B 3708 21.56 -52.44 41.48
C THR B 3708 21.84 -51.04 40.94
N ALA B 3709 21.53 -50.80 39.67
CA ALA B 3709 21.74 -49.48 39.10
C ALA B 3709 20.79 -48.44 39.67
N LEU B 3710 19.58 -48.85 40.07
CA LEU B 3710 18.57 -47.91 40.50
C LEU B 3710 18.79 -47.42 41.93
N THR B 3711 19.60 -48.11 42.72
CA THR B 3711 19.86 -47.69 44.10
C THR B 3711 20.62 -46.38 44.10
N GLU B 3712 20.07 -45.38 44.79
CA GLU B 3712 20.67 -44.06 44.80
C GLU B 3712 21.93 -44.06 45.65
N LYS B 3713 23.01 -43.48 45.12
CA LYS B 3713 24.29 -43.43 45.80
C LYS B 3713 25.07 -42.24 45.25
N SER B 3714 26.36 -42.19 45.59
CA SER B 3714 27.24 -41.12 45.13
C SER B 3714 28.30 -41.60 44.15
N LYS B 3715 28.53 -42.91 44.05
CA LYS B 3715 29.52 -43.45 43.14
C LYS B 3715 29.11 -44.86 42.75
N LEU B 3716 29.39 -45.24 41.50
CA LEU B 3716 29.07 -46.57 41.00
C LEU B 3716 30.23 -47.50 41.27
N ASP B 3717 30.02 -48.48 42.14
CA ASP B 3717 31.07 -49.43 42.47
C ASP B 3717 31.35 -50.34 41.28
N GLU B 3718 32.61 -50.77 41.18
CA GLU B 3718 33.04 -51.64 40.08
C GLU B 3718 32.57 -53.06 40.35
N ASP B 3719 31.51 -53.48 39.66
CA ASP B 3719 30.94 -54.81 39.82
C ASP B 3719 31.46 -55.70 38.69
N TYR B 3720 32.33 -56.65 39.04
CA TYR B 3720 32.90 -57.54 38.03
C TYR B 3720 31.84 -58.46 37.43
N LEU B 3721 30.86 -58.88 38.23
CA LEU B 3721 29.80 -59.74 37.72
C LEU B 3721 28.99 -59.03 36.64
N TYR B 3722 28.67 -57.76 36.86
CA TYR B 3722 27.94 -57.01 35.84
C TYR B 3722 28.76 -56.88 34.57
N MET B 3723 30.06 -56.62 34.69
CA MET B 3723 30.90 -56.51 33.50
C MET B 3723 30.93 -57.82 32.73
N ALA B 3724 31.13 -58.94 33.43
CA ALA B 3724 31.18 -60.24 32.74
C ALA B 3724 29.86 -60.57 32.06
N TYR B 3725 28.73 -60.36 32.76
CA TYR B 3725 27.46 -60.70 32.16
C TYR B 3725 27.07 -59.75 31.03
N ALA B 3726 27.40 -58.46 31.15
CA ALA B 3726 27.16 -57.54 30.06
C ALA B 3726 27.98 -57.90 28.84
N ASP B 3727 29.24 -58.32 29.05
CA ASP B 3727 30.05 -58.81 27.94
C ASP B 3727 29.40 -60.03 27.30
N ILE B 3728 28.86 -60.93 28.12
CA ILE B 3728 28.21 -62.13 27.58
C ILE B 3728 27.02 -61.75 26.71
N MET B 3729 26.16 -60.86 27.21
CA MET B 3729 25.00 -60.43 26.42
C MET B 3729 25.43 -59.72 25.15
N ALA B 3730 26.44 -58.84 25.24
CA ALA B 3730 26.88 -58.12 24.06
C ALA B 3730 27.44 -59.06 23.00
N LYS B 3731 28.22 -60.06 23.42
CA LYS B 3731 28.79 -61.01 22.49
C LYS B 3731 27.78 -62.03 21.99
N SER B 3732 26.65 -62.21 22.68
CA SER B 3732 25.59 -63.05 22.17
C SER B 3732 24.96 -62.51 20.90
N CYS B 3733 25.08 -61.20 20.64
CA CYS B 3733 24.53 -60.58 19.45
C CYS B 3733 25.61 -60.02 18.54
N HIS B 3734 26.49 -59.16 19.06
CA HIS B 3734 27.48 -58.50 18.21
C HIS B 3734 28.53 -59.48 17.72
N LEU B 3735 29.07 -60.30 18.62
CA LEU B 3735 30.10 -61.25 18.23
C LEU B 3735 29.57 -62.33 17.30
N GLU B 3736 28.27 -62.62 17.34
CA GLU B 3736 27.67 -63.59 16.44
C GLU B 3736 27.16 -62.93 15.16
N GLU B 3737 26.60 -61.73 15.26
CA GLU B 3737 26.10 -60.99 14.10
C GLU B 3737 26.49 -59.52 14.29
N GLY B 3738 27.64 -59.15 13.73
CA GLY B 3738 28.13 -57.79 13.84
C GLY B 3738 27.35 -56.80 12.99
N VAL B 3749 30.26 -60.08 -2.72
CA VAL B 3749 30.31 -61.53 -2.83
C VAL B 3749 28.91 -62.12 -2.63
N GLU B 3750 28.50 -62.27 -1.37
CA GLU B 3750 27.19 -62.80 -1.03
C GLU B 3750 26.26 -61.63 -0.73
N VAL B 3751 25.73 -61.04 -1.80
CA VAL B 3751 24.82 -59.91 -1.70
C VAL B 3751 23.40 -60.31 -2.09
N SER B 3752 23.07 -61.60 -2.00
CA SER B 3752 21.74 -62.06 -2.33
C SER B 3752 20.72 -61.50 -1.33
N PHE B 3753 19.51 -61.24 -1.83
CA PHE B 3753 18.45 -60.73 -0.98
C PHE B 3753 18.10 -61.74 0.13
N GLU B 3754 18.03 -63.02 -0.22
CA GLU B 3754 17.63 -64.03 0.75
C GLU B 3754 18.61 -64.14 1.90
N GLU B 3755 19.91 -64.25 1.59
CA GLU B 3755 20.90 -64.40 2.65
C GLU B 3755 21.01 -63.15 3.51
N LYS B 3756 21.00 -61.97 2.89
CA LYS B 3756 21.08 -60.73 3.65
C LYS B 3756 19.88 -60.57 4.56
N GLU B 3757 18.68 -60.87 4.05
CA GLU B 3757 17.49 -60.75 4.87
C GLU B 3757 17.46 -61.79 5.99
N MET B 3758 17.97 -63.00 5.72
CA MET B 3758 18.07 -63.99 6.78
C MET B 3758 19.01 -63.54 7.88
N GLU B 3759 20.15 -62.94 7.49
CA GLU B 3759 21.06 -62.39 8.50
C GLU B 3759 20.39 -61.29 9.31
N LYS B 3760 19.64 -60.41 8.64
CA LYS B 3760 18.94 -59.35 9.35
C LYS B 3760 17.93 -59.92 10.34
N GLN B 3761 17.15 -60.92 9.93
CA GLN B 3761 16.17 -61.52 10.82
C GLN B 3761 16.85 -62.24 11.99
N ARG B 3762 17.97 -62.92 11.74
CA ARG B 3762 18.70 -63.57 12.82
C ARG B 3762 19.20 -62.55 13.84
N LEU B 3763 19.77 -61.45 13.36
CA LEU B 3763 20.21 -60.39 14.27
C LEU B 3763 19.05 -59.80 15.03
N LEU B 3764 17.91 -59.58 14.36
CA LEU B 3764 16.73 -59.05 15.03
C LEU B 3764 16.25 -59.98 16.13
N TYR B 3765 16.22 -61.28 15.87
CA TYR B 3765 15.79 -62.24 16.87
C TYR B 3765 16.77 -62.28 18.04
N GLN B 3766 18.08 -62.24 17.76
CA GLN B 3766 19.07 -62.26 18.82
C GLN B 3766 18.94 -61.03 19.71
N GLN B 3767 18.72 -59.86 19.12
CA GLN B 3767 18.53 -58.65 19.93
C GLN B 3767 17.22 -58.67 20.68
N SER B 3768 16.16 -59.22 20.08
CA SER B 3768 14.87 -59.32 20.76
C SER B 3768 14.87 -60.35 21.87
N ARG B 3769 15.82 -61.28 21.86
CA ARG B 3769 15.91 -62.26 22.94
C ARG B 3769 16.13 -61.59 24.29
N LEU B 3770 16.77 -60.43 24.32
CA LEU B 3770 17.08 -59.76 25.59
C LEU B 3770 16.70 -58.29 25.65
N HIS B 3771 16.31 -57.65 24.55
CA HIS B 3771 15.81 -56.28 24.67
C HIS B 3771 14.36 -56.23 25.13
N THR B 3772 13.65 -57.35 25.07
CA THR B 3772 12.31 -57.44 25.62
C THR B 3772 12.30 -57.76 27.12
N ARG B 3773 13.47 -58.06 27.69
CA ARG B 3773 13.59 -58.37 29.11
C ARG B 3773 14.10 -57.19 29.93
N GLY B 3774 14.25 -56.01 29.32
CA GLY B 3774 14.63 -54.82 30.03
C GLY B 3774 16.08 -54.40 29.91
N ALA B 3775 16.83 -54.94 28.95
CA ALA B 3775 18.23 -54.54 28.78
C ALA B 3775 18.35 -53.09 28.33
N ALA B 3776 17.39 -52.61 27.53
CA ALA B 3776 17.42 -51.22 27.08
C ALA B 3776 17.30 -50.26 28.27
N GLU B 3777 16.43 -50.56 29.22
CA GLU B 3777 16.34 -49.76 30.43
C GLU B 3777 17.61 -49.90 31.25
N MET B 3778 18.19 -51.11 31.27
CA MET B 3778 19.40 -51.37 32.05
C MET B 3778 20.56 -50.50 31.57
N VAL B 3779 20.75 -50.41 30.25
CA VAL B 3779 21.85 -49.62 29.71
C VAL B 3779 21.70 -48.15 30.07
N LEU B 3780 20.49 -47.61 29.90
CA LEU B 3780 20.25 -46.21 30.22
C LEU B 3780 20.47 -45.94 31.70
N GLN B 3781 19.98 -46.84 32.56
CA GLN B 3781 20.17 -46.65 34.00
C GLN B 3781 21.63 -46.70 34.38
N MET B 3782 22.40 -47.63 33.81
CA MET B 3782 23.82 -47.70 34.12
C MET B 3782 24.56 -46.45 33.64
N ILE B 3783 24.24 -45.97 32.43
CA ILE B 3783 24.89 -44.77 31.92
C ILE B 3783 24.58 -43.57 32.81
N SER B 3784 23.32 -43.43 33.23
CA SER B 3784 22.96 -42.34 34.13
C SER B 3784 23.64 -42.46 35.48
N ALA B 3785 23.75 -43.68 36.01
CA ALA B 3785 24.35 -43.87 37.33
C ALA B 3785 25.86 -43.75 37.30
N CYS B 3786 26.49 -43.83 36.13
CA CYS B 3786 27.93 -43.65 36.05
C CYS B 3786 28.37 -42.24 36.41
N LYS B 3787 27.44 -41.27 36.39
CA LYS B 3787 27.71 -39.89 36.79
C LYS B 3787 28.82 -39.25 35.95
N GLY B 3788 28.94 -39.68 34.70
CA GLY B 3788 29.93 -39.08 33.81
C GLY B 3788 31.36 -39.39 34.16
N GLU B 3789 31.62 -40.53 34.80
CA GLU B 3789 32.98 -40.94 35.17
C GLU B 3789 33.38 -42.11 34.30
N THR B 3790 34.49 -41.95 33.58
CA THR B 3790 34.97 -43.01 32.69
C THR B 3790 35.53 -44.17 33.50
N GLY B 3791 35.53 -45.35 32.88
CA GLY B 3791 36.05 -46.53 33.53
C GLY B 3791 35.60 -47.78 32.78
N ALA B 3792 35.81 -48.92 33.43
CA ALA B 3792 35.41 -50.20 32.87
C ALA B 3792 33.93 -50.49 33.07
N MET B 3793 33.25 -49.76 33.94
CA MET B 3793 31.82 -49.99 34.16
C MET B 3793 30.97 -49.46 33.02
N VAL B 3794 31.35 -48.31 32.45
CA VAL B 3794 30.60 -47.75 31.32
C VAL B 3794 31.11 -48.27 29.99
N SER B 3795 32.34 -48.77 29.91
CA SER B 3795 32.82 -49.38 28.69
C SER B 3795 32.04 -50.64 28.34
N SER B 3796 31.70 -51.45 29.34
CA SER B 3796 30.91 -52.64 29.12
C SER B 3796 29.43 -52.35 28.94
N THR B 3797 28.98 -51.13 29.23
CA THR B 3797 27.59 -50.74 29.03
C THR B 3797 27.38 -50.12 27.65
N LEU B 3798 28.31 -49.27 27.21
CA LEU B 3798 28.21 -48.69 25.87
C LEU B 3798 28.29 -49.77 24.80
N LYS B 3799 29.18 -50.75 24.99
CA LYS B 3799 29.30 -51.83 24.01
C LYS B 3799 28.02 -52.67 23.97
N LEU B 3800 27.42 -52.94 25.13
CA LEU B 3800 26.16 -53.69 25.16
C LEU B 3800 25.05 -52.91 24.47
N GLY B 3801 24.98 -51.59 24.71
CA GLY B 3801 23.99 -50.78 24.03
C GLY B 3801 24.20 -50.73 22.53
N ILE B 3802 25.45 -50.73 22.09
CA ILE B 3802 25.75 -50.80 20.67
C ILE B 3802 25.28 -52.12 20.09
N SER B 3803 25.57 -53.23 20.80
CA SER B 3803 25.18 -54.54 20.32
C SER B 3803 23.67 -54.68 20.22
N ILE B 3804 22.94 -54.15 21.19
CA ILE B 3804 21.48 -54.21 21.15
C ILE B 3804 20.93 -53.33 20.02
N LEU B 3805 21.53 -52.16 19.83
CA LEU B 3805 21.06 -51.19 18.85
C LEU B 3805 21.68 -51.37 17.48
N ASN B 3806 22.48 -52.42 17.28
CA ASN B 3806 23.15 -52.63 16.00
C ASN B 3806 22.12 -52.79 14.88
N GLY B 3807 22.37 -52.10 13.76
CA GLY B 3807 21.47 -52.12 12.64
C GLY B 3807 20.34 -51.12 12.69
N GLY B 3808 20.23 -50.33 13.77
CA GLY B 3808 19.18 -49.35 13.87
C GLY B 3808 17.83 -49.93 14.23
N ASN B 3809 17.73 -50.53 15.43
CA ASN B 3809 16.49 -51.16 15.85
C ASN B 3809 15.45 -50.10 16.19
N ALA B 3810 14.30 -50.16 15.51
CA ALA B 3810 13.22 -49.22 15.82
C ALA B 3810 12.59 -49.51 17.17
N GLU B 3811 12.43 -50.80 17.52
CA GLU B 3811 11.81 -51.15 18.79
C GLU B 3811 12.66 -50.71 19.97
N VAL B 3812 13.97 -50.96 19.91
CA VAL B 3812 14.85 -50.59 21.01
C VAL B 3812 14.94 -49.07 21.15
N GLN B 3813 15.02 -48.37 20.01
CA GLN B 3813 15.04 -46.90 20.05
C GLN B 3813 13.75 -46.37 20.65
N GLN B 3814 12.60 -46.94 20.27
CA GLN B 3814 11.33 -46.51 20.83
C GLN B 3814 11.27 -46.75 22.33
N LYS B 3815 11.74 -47.92 22.79
CA LYS B 3815 11.74 -48.20 24.22
C LYS B 3815 12.63 -47.23 24.98
N MET B 3816 13.84 -46.97 24.48
CA MET B 3816 14.73 -46.04 25.16
C MET B 3816 14.14 -44.64 25.20
N LEU B 3817 13.59 -44.18 24.08
CA LEU B 3817 13.01 -42.84 24.06
C LEU B 3817 11.80 -42.73 24.98
N ASP B 3818 10.96 -43.77 25.02
CA ASP B 3818 9.81 -43.77 25.93
C ASP B 3818 10.27 -43.73 27.38
N TYR B 3819 11.29 -44.52 27.72
CA TYR B 3819 11.81 -44.51 29.08
C TYR B 3819 12.35 -43.13 29.45
N LEU B 3820 13.13 -42.52 28.55
CA LEU B 3820 13.69 -41.21 28.82
C LEU B 3820 12.60 -40.16 28.99
N LYS B 3821 11.57 -40.19 28.13
CA LYS B 3821 10.49 -39.22 28.20
C LYS B 3821 9.53 -39.49 29.36
N ASP B 3822 9.53 -40.70 29.91
CA ASP B 3822 8.70 -41.00 31.07
C ASP B 3822 9.38 -40.65 32.38
N LYS B 3823 10.67 -40.97 32.52
CA LYS B 3823 11.39 -40.62 33.74
C LYS B 3823 11.51 -39.11 33.90
N LYS B 3824 11.81 -38.40 32.81
CA LYS B 3824 11.99 -36.94 32.84
C LYS B 3824 13.03 -36.53 33.87
N GLU B 3825 14.08 -37.33 34.00
CA GLU B 3825 15.13 -37.10 34.99
C GLU B 3825 16.40 -36.68 34.27
N VAL B 3826 16.87 -35.47 34.57
CA VAL B 3826 18.12 -34.97 34.00
C VAL B 3826 19.29 -35.66 34.68
N GLY B 3827 20.32 -35.99 33.89
CA GLY B 3827 21.48 -36.67 34.41
C GLY B 3827 22.05 -37.70 33.47
N PHE B 3828 21.19 -38.31 32.65
CA PHE B 3828 21.68 -39.19 31.59
C PHE B 3828 22.46 -38.40 30.55
N PHE B 3829 21.86 -37.32 30.04
CA PHE B 3829 22.56 -36.46 29.09
C PHE B 3829 23.69 -35.68 29.77
N GLN B 3830 23.55 -35.36 31.06
CA GLN B 3830 24.65 -34.76 31.79
C GLN B 3830 25.85 -35.70 31.83
N SER B 3831 25.61 -36.99 32.12
CA SER B 3831 26.69 -37.96 32.12
C SER B 3831 27.28 -38.13 30.73
N ILE B 3832 26.44 -38.12 29.69
CA ILE B 3832 26.94 -38.23 28.32
C ILE B 3832 27.85 -37.05 28.00
N GLN B 3833 27.41 -35.85 28.36
CA GLN B 3833 28.21 -34.65 28.10
C GLN B 3833 29.54 -34.70 28.85
N ALA B 3834 29.52 -35.14 30.11
CA ALA B 3834 30.76 -35.24 30.87
C ALA B 3834 31.70 -36.26 30.24
N LEU B 3835 31.16 -37.41 29.83
CA LEU B 3835 31.99 -38.45 29.21
C LEU B 3835 32.61 -37.94 27.91
N MET B 3836 31.84 -37.21 27.11
CA MET B 3836 32.41 -36.65 25.90
C MET B 3836 33.45 -35.59 26.20
N GLN B 3837 33.24 -34.78 27.25
CA GLN B 3837 34.23 -33.79 27.65
C GLN B 3837 35.52 -34.42 28.16
N THR B 3838 35.46 -35.65 28.67
CA THR B 3838 36.66 -36.35 29.13
C THR B 3838 37.39 -37.08 28.00
N CYS B 3839 36.89 -37.02 26.77
CA CYS B 3839 37.56 -37.68 25.66
C CYS B 3839 38.86 -36.97 25.32
N SER B 3840 39.89 -37.74 24.98
CA SER B 3840 41.20 -37.19 24.69
C SER B 3840 41.33 -36.89 23.19
N VAL B 3841 42.39 -36.15 22.85
CA VAL B 3841 42.69 -35.74 21.49
C VAL B 3841 44.16 -36.06 21.20
N LEU B 3842 44.59 -35.67 20.01
CA LEU B 3842 45.99 -35.87 19.60
C LEU B 3842 46.88 -34.94 20.41
N ASP B 3843 47.67 -35.51 21.33
CA ASP B 3843 48.54 -34.74 22.20
C ASP B 3843 49.96 -34.76 21.65
N LEU B 3844 50.52 -33.57 21.42
CA LEU B 3844 51.88 -33.47 20.91
C LEU B 3844 52.92 -33.50 22.03
N ASN B 3845 52.58 -32.97 23.20
CA ASN B 3845 53.54 -32.95 24.31
C ASN B 3845 53.91 -34.35 24.75
N ALA B 3846 52.92 -35.25 24.83
CA ALA B 3846 53.19 -36.64 25.20
C ALA B 3846 53.87 -37.41 24.08
N PHE B 3847 53.75 -36.96 22.83
CA PHE B 3847 54.36 -37.68 21.71
C PHE B 3847 55.88 -37.70 21.83
N GLU B 3848 56.48 -36.56 22.15
CA GLU B 3848 57.94 -36.51 22.30
C GLU B 3848 58.40 -37.36 23.48
N ARG B 3849 57.66 -37.33 24.59
CA ARG B 3849 58.01 -38.15 25.74
C ARG B 3849 57.94 -39.63 25.39
N GLN B 3850 56.90 -40.04 24.67
CA GLN B 3850 56.78 -41.43 24.25
C GLN B 3850 57.91 -41.82 23.29
N ASN B 3851 58.26 -40.92 22.38
CA ASN B 3851 59.36 -41.19 21.46
C ASN B 3851 60.68 -41.37 22.21
N LYS B 3852 60.94 -40.52 23.20
CA LYS B 3852 62.14 -40.66 24.01
C LYS B 3852 62.13 -41.96 24.81
N ALA B 3853 60.97 -42.31 25.38
CA ALA B 3853 60.88 -43.54 26.16
C ALA B 3853 61.11 -44.78 25.28
N GLU B 3854 60.55 -44.78 24.07
CA GLU B 3854 60.74 -45.91 23.18
C GLU B 3854 62.18 -46.05 22.73
N GLY B 3855 62.93 -44.95 22.71
CA GLY B 3855 64.34 -45.01 22.33
C GLY B 3855 65.25 -45.24 23.52
N LEU B 3856 64.75 -45.97 24.51
CA LEU B 3856 65.51 -46.29 25.72
C LEU B 3856 66.02 -45.04 26.43
N ILE B 3866 60.96 -48.85 28.43
CA ILE B 3866 59.98 -49.93 28.52
C ILE B 3866 58.58 -49.40 28.23
N ASN B 3867 58.09 -48.53 29.11
CA ASN B 3867 56.78 -47.88 29.05
C ASN B 3867 55.63 -48.86 29.27
N ARG B 3868 55.89 -50.16 29.41
CA ARG B 3868 54.89 -51.17 29.75
C ARG B 3868 53.80 -51.30 28.69
N GLN B 3869 53.92 -50.58 27.59
CA GLN B 3869 52.93 -50.59 26.52
C GLN B 3869 53.52 -49.90 25.31
N ASN B 3870 52.70 -49.78 24.25
CA ASN B 3870 53.10 -49.10 23.03
C ASN B 3870 51.94 -48.24 22.57
N GLY B 3871 52.18 -46.94 22.42
CA GLY B 3871 51.14 -46.02 22.02
C GLY B 3871 50.00 -45.91 23.01
N GLU B 3872 50.30 -45.93 24.31
CA GLU B 3872 49.29 -45.86 25.36
C GLU B 3872 49.23 -44.48 26.01
N LYS B 3873 49.88 -43.47 25.43
CA LYS B 3873 49.90 -42.13 25.99
C LYS B 3873 49.38 -41.06 25.06
N VAL B 3874 49.34 -41.30 23.74
CA VAL B 3874 48.90 -40.27 22.81
C VAL B 3874 47.40 -40.04 22.94
N MET B 3875 46.60 -41.08 22.69
CA MET B 3875 45.16 -41.02 22.86
C MET B 3875 44.69 -41.97 23.96
N ALA B 3876 44.99 -43.26 23.84
CA ALA B 3876 44.78 -44.30 24.84
C ALA B 3876 43.31 -44.58 25.12
N ASP B 3877 42.38 -43.84 24.52
CA ASP B 3877 40.96 -44.09 24.73
C ASP B 3877 40.15 -43.91 23.45
N ASP B 3878 40.80 -43.99 22.28
CA ASP B 3878 40.09 -43.82 21.02
C ASP B 3878 39.00 -44.88 20.84
N GLU B 3879 39.22 -46.09 21.38
CA GLU B 3879 38.18 -47.11 21.32
C GLU B 3879 36.94 -46.69 22.09
N PHE B 3880 37.12 -46.11 23.28
CA PHE B 3880 35.98 -45.65 24.05
C PHE B 3880 35.26 -44.50 23.35
N THR B 3881 36.02 -43.57 22.76
CA THR B 3881 35.40 -42.47 22.04
C THR B 3881 34.59 -42.99 20.85
N GLN B 3882 35.16 -43.93 20.10
CA GLN B 3882 34.43 -44.53 18.98
C GLN B 3882 33.17 -45.24 19.44
N ASP B 3883 33.25 -45.99 20.55
CA ASP B 3883 32.08 -46.69 21.04
C ASP B 3883 30.99 -45.70 21.48
N LEU B 3884 31.38 -44.64 22.18
CA LEU B 3884 30.40 -43.66 22.64
C LEU B 3884 29.73 -42.95 21.47
N PHE B 3885 30.51 -42.53 20.47
CA PHE B 3885 29.90 -41.87 19.32
C PHE B 3885 29.10 -42.85 18.46
N ARG B 3886 29.49 -44.12 18.42
CA ARG B 3886 28.70 -45.12 17.72
C ARG B 3886 27.35 -45.33 18.41
N PHE B 3887 27.34 -45.34 19.75
CA PHE B 3887 26.09 -45.41 20.49
C PHE B 3887 25.22 -44.19 20.20
N LEU B 3888 25.82 -43.01 20.20
CA LEU B 3888 25.06 -41.80 19.91
C LEU B 3888 24.48 -41.82 18.49
N GLN B 3889 25.25 -42.33 17.53
CA GLN B 3889 24.74 -42.43 16.16
C GLN B 3889 23.63 -43.46 16.05
N LEU B 3890 23.81 -44.63 16.64
CA LEU B 3890 22.80 -45.69 16.59
C LEU B 3890 21.53 -45.30 17.32
N LEU B 3891 21.60 -44.31 18.23
CA LEU B 3891 20.39 -43.83 18.87
C LEU B 3891 19.38 -43.29 17.85
N CYS B 3892 19.86 -42.77 16.72
CA CYS B 3892 18.99 -42.21 15.69
C CYS B 3892 19.43 -42.67 14.31
N GLU B 3893 19.72 -43.96 14.16
CA GLU B 3893 20.22 -44.47 12.90
C GLU B 3893 19.15 -44.46 11.82
N GLY B 3894 17.96 -44.96 12.13
CA GLY B 3894 16.91 -45.11 11.13
C GLY B 3894 16.10 -43.86 10.88
N HIS B 3895 16.77 -42.72 10.80
CA HIS B 3895 16.12 -41.42 10.58
C HIS B 3895 15.02 -41.19 11.63
N ASN B 3896 15.35 -41.48 12.88
CA ASN B 3896 14.41 -41.31 13.99
C ASN B 3896 14.26 -39.82 14.27
N ASN B 3897 13.20 -39.22 13.76
CA ASN B 3897 13.00 -37.78 13.94
C ASN B 3897 12.78 -37.43 15.41
N ASP B 3898 12.03 -38.27 16.13
CA ASP B 3898 11.75 -37.98 17.54
C ASP B 3898 13.02 -37.99 18.36
N PHE B 3899 13.89 -39.00 18.17
CA PHE B 3899 15.12 -39.06 18.94
C PHE B 3899 16.15 -38.04 18.46
N GLN B 3900 16.09 -37.67 17.17
CA GLN B 3900 16.93 -36.58 16.70
C GLN B 3900 16.54 -35.25 17.34
N ASN B 3901 15.23 -35.02 17.53
CA ASN B 3901 14.77 -33.84 18.25
C ASN B 3901 15.12 -33.91 19.73
N TYR B 3902 15.06 -35.11 20.33
CA TYR B 3902 15.35 -35.24 21.75
C TYR B 3902 16.81 -34.89 22.08
N LEU B 3903 17.74 -35.26 21.20
CA LEU B 3903 19.16 -34.99 21.44
C LEU B 3903 19.49 -33.50 21.42
N ARG B 3904 18.59 -32.66 20.91
CA ARG B 3904 18.83 -31.21 20.86
C ARG B 3904 18.11 -30.48 21.98
N THR B 3905 16.80 -30.69 22.12
CA THR B 3905 16.01 -30.04 23.16
C THR B 3905 15.18 -31.10 23.87
N GLN B 3906 15.29 -31.14 25.20
CA GLN B 3906 14.52 -32.06 26.04
C GLN B 3906 13.38 -31.26 26.66
N THR B 3907 12.19 -31.37 26.06
CA THR B 3907 11.05 -30.61 26.54
C THR B 3907 10.65 -31.02 27.95
N GLY B 3908 10.60 -32.33 28.23
CA GLY B 3908 10.19 -32.79 29.54
C GLY B 3908 11.17 -32.38 30.64
N ASN B 3909 12.46 -32.49 30.36
CA ASN B 3909 13.48 -32.15 31.35
C ASN B 3909 13.52 -30.64 31.58
N THR B 3910 14.01 -30.26 32.76
CA THR B 3910 14.14 -28.86 33.12
C THR B 3910 15.35 -28.18 32.48
N THR B 3911 16.29 -28.95 31.94
CA THR B 3911 17.48 -28.41 31.32
C THR B 3911 17.78 -29.16 30.03
N THR B 3912 18.37 -28.46 29.07
CA THR B 3912 18.75 -29.04 27.79
C THR B 3912 20.27 -29.03 27.65
N ILE B 3913 20.80 -30.10 27.07
CA ILE B 3913 22.24 -30.24 26.91
C ILE B 3913 22.72 -30.03 25.48
N ASN B 3914 21.88 -30.32 24.47
CA ASN B 3914 22.20 -30.10 23.07
C ASN B 3914 23.47 -30.85 22.67
N ILE B 3915 23.35 -32.18 22.69
CA ILE B 3915 24.47 -33.06 22.37
C ILE B 3915 25.11 -32.74 21.03
N ILE B 3916 24.36 -32.14 20.10
CA ILE B 3916 24.91 -31.80 18.79
C ILE B 3916 26.02 -30.77 18.93
N ILE B 3917 25.81 -29.75 19.75
CA ILE B 3917 26.80 -28.69 19.92
C ILE B 3917 28.04 -29.25 20.63
N CYS B 3918 27.85 -30.12 21.60
CA CYS B 3918 28.99 -30.76 22.26
C CYS B 3918 29.79 -31.61 21.28
N THR B 3919 29.09 -32.35 20.41
CA THR B 3919 29.76 -33.16 19.40
C THR B 3919 30.58 -32.29 18.45
N VAL B 3920 30.01 -31.16 18.00
CA VAL B 3920 30.76 -30.28 17.12
C VAL B 3920 31.93 -29.63 17.85
N ASP B 3921 31.81 -29.37 19.16
CA ASP B 3921 32.93 -28.86 19.93
C ASP B 3921 34.06 -29.88 19.99
N TYR B 3922 33.73 -31.14 20.24
CA TYR B 3922 34.77 -32.17 20.25
C TYR B 3922 35.41 -32.31 18.87
N LEU B 3923 34.61 -32.21 17.81
CA LEU B 3923 35.15 -32.27 16.46
C LEU B 3923 36.12 -31.12 16.21
N LEU B 3924 35.76 -29.91 16.67
CA LEU B 3924 36.65 -28.77 16.51
C LEU B 3924 37.96 -28.99 17.26
N ARG B 3925 37.87 -29.55 18.48
CA ARG B 3925 39.08 -29.85 19.24
C ARG B 3925 39.96 -30.85 18.50
N LEU B 3926 39.35 -31.92 17.95
CA LEU B 3926 40.12 -32.91 17.20
C LEU B 3926 40.73 -32.31 15.94
N GLN B 3927 40.01 -31.42 15.27
CA GLN B 3927 40.56 -30.75 14.10
C GLN B 3927 41.76 -29.89 14.46
N GLU B 3928 41.69 -29.17 15.59
CA GLU B 3928 42.83 -28.39 16.04
C GLU B 3928 44.03 -29.29 16.34
N SER B 3929 43.78 -30.44 16.99
CA SER B 3929 44.86 -31.36 17.28
C SER B 3929 45.50 -31.91 16.01
N ILE B 3930 44.68 -32.26 15.01
CA ILE B 3930 45.21 -32.78 13.76
C ILE B 3930 46.01 -31.71 13.03
N SER B 3931 45.53 -30.46 13.04
CA SER B 3931 46.27 -29.38 12.43
C SER B 3931 47.61 -29.16 13.11
N ASP B 3932 47.64 -29.24 14.44
CA ASP B 3932 48.90 -29.12 15.17
C ASP B 3932 49.86 -30.25 14.81
N PHE B 3933 49.33 -31.46 14.68
CA PHE B 3933 50.18 -32.60 14.28
C PHE B 3933 50.76 -32.38 12.88
N TYR B 3934 49.93 -31.91 11.95
CA TYR B 3934 50.43 -31.63 10.60
C TYR B 3934 51.50 -30.54 10.62
N TRP B 3935 51.27 -29.49 11.43
CA TRP B 3935 52.27 -28.43 11.53
C TRP B 3935 53.59 -28.97 12.08
N TYR B 3936 53.52 -29.85 13.09
CA TYR B 3936 54.73 -30.45 13.61
C TYR B 3936 55.44 -31.29 12.56
N TYR B 3937 54.70 -32.02 11.74
CA TYR B 3937 55.30 -32.91 10.74
C TYR B 3937 55.55 -32.24 9.40
N SER B 3938 55.31 -30.94 9.27
CA SER B 3938 55.52 -30.26 7.99
C SER B 3938 56.99 -30.27 7.59
N GLY B 3939 57.88 -30.06 8.55
CA GLY B 3939 59.30 -29.94 8.20
C GLY B 3939 59.88 -31.21 7.62
N LYS B 3940 59.55 -32.35 8.22
CA LYS B 3940 60.11 -33.62 7.76
C LYS B 3940 59.54 -34.01 6.40
N ASP B 3941 60.35 -34.70 5.60
CA ASP B 3941 59.93 -35.10 4.27
C ASP B 3941 59.09 -36.37 4.29
N VAL B 3942 59.49 -37.36 5.09
CA VAL B 3942 58.81 -38.65 5.18
C VAL B 3942 58.37 -38.86 6.62
N ILE B 3943 57.09 -39.15 6.81
CA ILE B 3943 56.56 -39.42 8.14
C ILE B 3943 56.92 -40.84 8.54
N GLU B 3944 57.42 -40.99 9.76
CA GLU B 3944 57.82 -42.32 10.24
C GLU B 3944 56.58 -43.13 10.64
N GLU B 3945 56.83 -44.38 11.04
CA GLU B 3945 55.75 -45.31 11.29
C GLU B 3945 54.88 -44.87 12.47
N GLN B 3946 55.52 -44.39 13.56
CA GLN B 3946 54.77 -44.01 14.74
C GLN B 3946 53.88 -42.80 14.51
N GLY B 3947 54.31 -41.84 13.69
CA GLY B 3947 53.43 -40.74 13.32
C GLY B 3947 52.24 -41.19 12.50
N LYS B 3948 52.46 -42.12 11.56
CA LYS B 3948 51.36 -42.65 10.75
C LYS B 3948 50.35 -43.40 11.60
N ARG B 3949 50.82 -44.16 12.60
CA ARG B 3949 49.88 -44.86 13.46
C ARG B 3949 48.97 -43.90 14.21
N ASN B 3950 49.53 -42.83 14.78
CA ASN B 3950 48.72 -41.83 15.47
C ASN B 3950 47.79 -41.10 14.50
N PHE B 3951 48.27 -40.80 13.29
CA PHE B 3951 47.41 -40.16 12.30
C PHE B 3951 46.22 -41.04 11.96
N SER B 3952 46.45 -42.33 11.75
CA SER B 3952 45.35 -43.24 11.43
C SER B 3952 44.38 -43.37 12.60
N LYS B 3953 44.90 -43.49 13.83
CA LYS B 3953 44.04 -43.63 14.99
C LYS B 3953 43.25 -42.37 15.29
N ALA B 3954 43.74 -41.20 14.87
CA ALA B 3954 42.95 -39.98 14.97
C ALA B 3954 41.94 -39.85 13.85
N MET B 3955 42.30 -40.24 12.63
CA MET B 3955 41.37 -40.17 11.51
C MET B 3955 40.21 -41.13 11.67
N SER B 3956 40.43 -42.27 12.31
CA SER B 3956 39.31 -43.18 12.59
C SER B 3956 38.27 -42.52 13.49
N VAL B 3957 38.72 -41.86 14.55
CA VAL B 3957 37.80 -41.17 15.45
C VAL B 3957 37.14 -40.00 14.74
N ALA B 3958 37.89 -39.31 13.86
CA ALA B 3958 37.30 -38.22 13.09
C ALA B 3958 36.19 -38.75 12.18
N LYS B 3959 36.42 -39.90 11.55
CA LYS B 3959 35.38 -40.51 10.71
C LYS B 3959 34.15 -40.88 11.53
N GLN B 3960 34.37 -41.44 12.72
CA GLN B 3960 33.23 -41.80 13.56
C GLN B 3960 32.42 -40.57 13.98
N VAL B 3961 33.11 -39.48 14.37
CA VAL B 3961 32.42 -38.26 14.73
C VAL B 3961 31.67 -37.69 13.54
N PHE B 3962 32.28 -37.75 12.35
CA PHE B 3962 31.61 -37.24 11.15
C PHE B 3962 30.36 -38.04 10.83
N ASN B 3963 30.44 -39.37 10.97
CA ASN B 3963 29.26 -40.20 10.75
C ASN B 3963 28.16 -39.87 11.74
N SER B 3964 28.52 -39.68 13.01
CA SER B 3964 27.54 -39.31 14.02
C SER B 3964 26.88 -37.98 13.68
N LEU B 3965 27.67 -37.02 13.18
CA LEU B 3965 27.11 -35.73 12.78
C LEU B 3965 26.18 -35.87 11.60
N THR B 3966 26.53 -36.71 10.62
CA THR B 3966 25.64 -36.95 9.48
C THR B 3966 24.32 -37.56 9.93
N GLU B 3967 24.37 -38.49 10.88
CA GLU B 3967 23.14 -39.14 11.34
C GLU B 3967 22.18 -38.15 12.01
N TYR B 3968 22.70 -37.02 12.48
CA TYR B 3968 21.83 -36.01 13.08
C TYR B 3968 21.02 -35.24 12.05
N ILE B 3969 21.44 -35.26 10.79
CA ILE B 3969 20.80 -34.48 9.74
C ILE B 3969 19.97 -35.34 8.81
N GLN B 3970 20.48 -36.51 8.43
CA GLN B 3970 19.79 -37.38 7.49
C GLN B 3970 18.40 -37.74 8.01
N GLY B 3971 17.46 -37.92 7.09
CA GLY B 3971 16.06 -37.97 7.47
C GLY B 3971 15.63 -36.59 7.90
N PRO B 3972 15.51 -35.67 6.91
CA PRO B 3972 15.63 -34.22 7.17
C PRO B 3972 15.02 -33.73 8.47
N CYS B 3973 15.86 -33.16 9.33
CA CYS B 3973 15.46 -32.57 10.60
C CYS B 3973 15.81 -31.10 10.55
N THR B 3974 14.80 -30.24 10.50
CA THR B 3974 15.04 -28.81 10.35
C THR B 3974 15.81 -28.25 11.53
N GLY B 3975 15.42 -28.62 12.75
CA GLY B 3975 16.04 -28.03 13.93
C GLY B 3975 17.54 -28.26 13.98
N ASN B 3976 17.97 -29.50 13.77
CA ASN B 3976 19.39 -29.79 13.74
C ASN B 3976 20.08 -29.14 12.55
N GLN B 3977 19.40 -29.04 11.41
CA GLN B 3977 20.01 -28.40 10.25
C GLN B 3977 20.32 -26.94 10.51
N GLN B 3978 19.42 -26.22 11.17
CA GLN B 3978 19.74 -24.85 11.56
C GLN B 3978 20.73 -24.79 12.70
N SER B 3979 20.69 -25.77 13.62
CA SER B 3979 21.63 -25.77 14.74
C SER B 3979 23.06 -25.90 14.26
N LEU B 3980 23.32 -26.80 13.32
CA LEU B 3980 24.68 -26.94 12.78
C LEU B 3980 25.08 -25.71 11.97
N ALA B 3981 24.13 -25.07 11.30
CA ALA B 3981 24.44 -23.85 10.55
C ALA B 3981 24.86 -22.73 11.49
N HIS B 3982 24.16 -22.57 12.60
CA HIS B 3982 24.49 -21.54 13.60
C HIS B 3982 25.37 -22.11 14.69
N SER B 3983 26.53 -22.62 14.27
CA SER B 3983 27.49 -23.23 15.18
C SER B 3983 28.90 -22.97 14.65
N ARG B 3984 29.87 -23.72 15.19
CA ARG B 3984 31.26 -23.57 14.81
C ARG B 3984 31.74 -24.67 13.87
N LEU B 3985 30.82 -25.33 13.17
CA LEU B 3985 31.21 -26.36 12.22
C LEU B 3985 32.01 -25.78 11.06
N TRP B 3986 31.67 -24.56 10.63
CA TRP B 3986 32.32 -23.98 9.45
C TRP B 3986 33.81 -23.80 9.67
N ASP B 3987 34.21 -23.33 10.85
CA ASP B 3987 35.64 -23.17 11.13
C ASP B 3987 36.36 -24.52 11.15
N ALA B 3988 35.73 -25.54 11.73
CA ALA B 3988 36.32 -26.87 11.75
C ALA B 3988 36.49 -27.41 10.34
N VAL B 3989 35.48 -27.19 9.48
CA VAL B 3989 35.58 -27.66 8.10
C VAL B 3989 36.66 -26.90 7.35
N VAL B 3990 36.81 -25.59 7.62
CA VAL B 3990 37.86 -24.82 6.97
C VAL B 3990 39.23 -25.36 7.36
N GLY B 3991 39.44 -25.62 8.66
CA GLY B 3991 40.71 -26.18 9.09
C GLY B 3991 40.96 -27.55 8.51
N PHE B 3992 39.91 -28.39 8.46
CA PHE B 3992 40.03 -29.72 7.86
C PHE B 3992 40.39 -29.63 6.39
N LEU B 3993 39.77 -28.70 5.67
CA LEU B 3993 40.09 -28.51 4.25
C LEU B 3993 41.54 -28.08 4.08
N HIS B 3994 42.02 -27.16 4.92
CA HIS B 3994 43.40 -26.73 4.84
C HIS B 3994 44.37 -27.90 5.05
N VAL B 3995 44.18 -28.65 6.15
CA VAL B 3995 45.10 -29.72 6.45
C VAL B 3995 45.01 -30.82 5.39
N PHE B 3996 43.80 -31.09 4.88
CA PHE B 3996 43.65 -32.12 3.85
C PHE B 3996 44.32 -31.70 2.55
N ALA B 3997 44.16 -30.44 2.15
CA ALA B 3997 44.78 -29.97 0.93
C ALA B 3997 46.29 -30.04 1.01
N HIS B 3998 46.86 -29.70 2.17
CA HIS B 3998 48.31 -29.78 2.29
C HIS B 3998 48.80 -31.22 2.41
N MET B 3999 48.09 -32.07 3.16
CA MET B 3999 48.55 -33.44 3.36
C MET B 3999 48.40 -34.27 2.09
N MET B 4000 47.41 -33.98 1.25
CA MET B 4000 47.27 -34.70 -0.01
C MET B 4000 48.51 -34.50 -0.88
N MET B 4001 49.00 -33.26 -0.97
CA MET B 4001 50.19 -33.00 -1.75
C MET B 4001 51.45 -33.52 -1.05
N LYS B 4002 51.49 -33.48 0.28
CA LYS B 4002 52.68 -33.94 0.99
C LYS B 4002 52.84 -35.45 0.90
N LEU B 4003 51.74 -36.20 1.01
CA LEU B 4003 51.81 -37.65 1.08
C LEU B 4003 51.97 -38.32 -0.27
N ALA B 4004 51.77 -37.60 -1.37
CA ALA B 4004 51.83 -38.19 -2.70
C ALA B 4004 53.22 -38.14 -3.32
N GLN B 4005 54.19 -37.54 -2.65
CA GLN B 4005 55.53 -37.36 -3.20
C GLN B 4005 56.48 -38.50 -2.88
N ASP B 4006 56.01 -39.55 -2.20
CA ASP B 4006 56.87 -40.66 -1.82
C ASP B 4006 56.31 -42.03 -2.17
N SER B 4007 55.00 -42.17 -2.35
CA SER B 4007 54.35 -43.45 -2.68
C SER B 4007 54.60 -44.52 -1.61
N SER B 4008 54.98 -44.11 -0.41
CA SER B 4008 55.15 -45.03 0.71
C SER B 4008 53.99 -45.00 1.67
N GLN B 4009 53.46 -43.82 1.97
CA GLN B 4009 52.26 -43.68 2.81
C GLN B 4009 51.00 -43.62 1.95
N ILE B 4010 50.84 -44.62 1.07
CA ILE B 4010 49.67 -44.65 0.20
C ILE B 4010 48.41 -44.99 1.00
N GLU B 4011 48.55 -45.85 2.02
CA GLU B 4011 47.39 -46.20 2.85
C GLU B 4011 46.90 -44.98 3.63
N LEU B 4012 47.83 -44.16 4.13
CA LEU B 4012 47.44 -42.94 4.82
C LEU B 4012 46.71 -41.99 3.88
N LEU B 4013 47.18 -41.87 2.64
CA LEU B 4013 46.51 -41.03 1.66
C LEU B 4013 45.11 -41.55 1.36
N LYS B 4014 44.96 -42.87 1.24
CA LYS B 4014 43.64 -43.44 0.99
C LYS B 4014 42.69 -43.18 2.14
N GLU B 4015 43.17 -43.34 3.38
CA GLU B 4015 42.32 -43.05 4.54
C GLU B 4015 41.96 -41.57 4.61
N LEU B 4016 42.91 -40.70 4.28
CA LEU B 4016 42.64 -39.26 4.24
C LEU B 4016 41.56 -38.94 3.21
N LEU B 4017 41.63 -39.56 2.04
CA LEU B 4017 40.62 -39.34 1.02
C LEU B 4017 39.26 -39.87 1.47
N ASP B 4018 39.23 -41.01 2.17
CA ASP B 4018 37.97 -41.51 2.71
C ASP B 4018 37.37 -40.54 3.72
N LEU B 4019 38.20 -39.96 4.59
CA LEU B 4019 37.71 -38.98 5.55
C LEU B 4019 37.19 -37.74 4.84
N GLN B 4020 37.89 -37.30 3.79
CA GLN B 4020 37.39 -36.19 2.98
C GLN B 4020 36.04 -36.50 2.36
N LYS B 4021 35.88 -37.74 1.88
CA LYS B 4021 34.60 -38.16 1.33
C LYS B 4021 33.50 -38.11 2.40
N ASP B 4022 33.82 -38.53 3.62
CA ASP B 4022 32.83 -38.46 4.70
C ASP B 4022 32.43 -37.01 5.01
N MET B 4023 33.40 -36.10 5.02
CA MET B 4023 33.08 -34.69 5.22
C MET B 4023 32.17 -34.17 4.11
N VAL B 4024 32.48 -34.54 2.87
CA VAL B 4024 31.64 -34.10 1.75
C VAL B 4024 30.24 -34.71 1.86
N VAL B 4025 30.14 -35.94 2.37
CA VAL B 4025 28.84 -36.54 2.60
C VAL B 4025 28.04 -35.74 3.62
N MET B 4026 28.70 -35.30 4.70
CA MET B 4026 28.01 -34.44 5.65
C MET B 4026 27.54 -33.15 4.99
N LEU B 4027 28.40 -32.56 4.15
CA LEU B 4027 28.04 -31.31 3.48
C LEU B 4027 26.83 -31.51 2.56
N LEU B 4028 26.79 -32.63 1.85
CA LEU B 4028 25.61 -32.96 1.03
C LEU B 4028 24.37 -33.13 1.88
N SER B 4029 24.50 -33.82 3.02
CA SER B 4029 23.36 -34.01 3.91
C SER B 4029 22.83 -32.67 4.42
N LEU B 4030 23.72 -31.70 4.63
CA LEU B 4030 23.28 -30.39 5.10
C LEU B 4030 22.42 -29.65 4.10
N LEU B 4031 22.41 -30.07 2.83
CA LEU B 4031 21.64 -29.43 1.77
C LEU B 4031 20.50 -30.32 1.30
N GLU B 4032 19.80 -30.99 2.22
CA GLU B 4032 18.78 -31.97 1.83
C GLU B 4032 17.54 -31.27 1.27
N GLY B 4033 16.88 -30.48 2.10
CA GLY B 4033 15.63 -29.84 1.70
C GLY B 4033 15.73 -28.33 1.56
N ASN B 4034 16.84 -27.86 0.99
CA ASN B 4034 17.09 -26.43 0.91
C ASN B 4034 16.29 -25.77 -0.21
N VAL B 4035 15.66 -24.64 0.13
CA VAL B 4035 15.03 -23.81 -0.89
C VAL B 4035 16.10 -23.33 -1.88
N VAL B 4036 15.65 -22.99 -3.09
CA VAL B 4036 16.57 -22.63 -4.17
C VAL B 4036 17.51 -21.51 -3.72
N ASN B 4037 16.96 -20.45 -3.14
CA ASN B 4037 17.77 -19.42 -2.49
C ASN B 4037 17.82 -19.66 -0.99
N GLY B 4038 18.39 -20.82 -0.62
CA GLY B 4038 18.42 -21.21 0.77
C GLY B 4038 19.53 -20.54 1.55
N MET B 4039 19.27 -20.34 2.84
CA MET B 4039 20.27 -19.74 3.72
C MET B 4039 21.48 -20.66 3.87
N ILE B 4040 21.25 -21.97 4.00
CA ILE B 4040 22.35 -22.91 4.20
C ILE B 4040 23.24 -22.96 2.97
N ALA B 4041 22.65 -22.87 1.78
CA ALA B 4041 23.46 -22.85 0.57
C ALA B 4041 24.38 -21.63 0.52
N ARG B 4042 23.85 -20.46 0.89
CA ARG B 4042 24.68 -19.26 0.93
C ARG B 4042 25.77 -19.35 2.00
N GLN B 4043 25.44 -19.92 3.16
CA GLN B 4043 26.46 -20.12 4.18
C GLN B 4043 27.55 -21.06 3.69
N MET B 4044 27.16 -22.13 2.98
CA MET B 4044 28.14 -23.07 2.45
C MET B 4044 29.03 -22.42 1.40
N VAL B 4045 28.45 -21.59 0.53
CA VAL B 4045 29.27 -20.94 -0.49
C VAL B 4045 30.20 -19.90 0.15
N ASP B 4046 29.73 -19.24 1.22
CA ASP B 4046 30.62 -18.34 1.96
C ASP B 4046 31.77 -19.11 2.59
N MET B 4047 31.49 -20.28 3.17
CA MET B 4047 32.53 -21.13 3.70
C MET B 4047 33.51 -21.56 2.63
N LEU B 4048 33.00 -21.92 1.45
CA LEU B 4048 33.86 -22.36 0.35
C LEU B 4048 34.77 -21.23 -0.12
N VAL B 4049 34.23 -20.01 -0.25
CA VAL B 4049 35.06 -18.90 -0.72
C VAL B 4049 36.02 -18.43 0.38
N GLU B 4050 35.69 -18.69 1.65
CA GLU B 4050 36.63 -18.34 2.73
C GLU B 4050 37.91 -19.16 2.63
N SER B 4051 37.79 -20.43 2.27
CA SER B 4051 38.93 -21.34 2.14
C SER B 4051 39.29 -21.57 0.68
N SER B 4052 39.26 -20.51 -0.13
CA SER B 4052 39.42 -20.65 -1.57
C SER B 4052 40.76 -21.29 -1.93
N SER B 4053 41.83 -20.96 -1.18
CA SER B 4053 43.14 -21.48 -1.52
C SER B 4053 43.20 -23.00 -1.41
N ASN B 4054 42.70 -23.55 -0.31
CA ASN B 4054 42.73 -25.01 -0.14
C ASN B 4054 41.82 -25.71 -1.14
N VAL B 4055 40.66 -25.12 -1.43
CA VAL B 4055 39.75 -25.71 -2.41
C VAL B 4055 40.39 -25.73 -3.78
N GLU B 4056 41.03 -24.63 -4.18
CA GLU B 4056 41.76 -24.60 -5.44
C GLU B 4056 42.88 -25.62 -5.46
N MET B 4057 43.58 -25.78 -4.33
CA MET B 4057 44.63 -26.78 -4.25
C MET B 4057 44.10 -28.18 -4.48
N ILE B 4058 42.97 -28.52 -3.85
CA ILE B 4058 42.39 -29.85 -4.01
C ILE B 4058 41.91 -30.06 -5.45
N LEU B 4059 41.24 -29.05 -6.02
CA LEU B 4059 40.74 -29.17 -7.38
C LEU B 4059 41.89 -29.33 -8.37
N LYS B 4060 42.97 -28.57 -8.18
CA LYS B 4060 44.15 -28.73 -9.02
C LYS B 4060 44.78 -30.11 -8.83
N PHE B 4061 44.79 -30.63 -7.61
CA PHE B 4061 45.32 -31.96 -7.37
C PHE B 4061 44.54 -33.01 -8.16
N PHE B 4062 43.22 -32.88 -8.19
CA PHE B 4062 42.42 -33.82 -8.97
C PHE B 4062 42.63 -33.64 -10.47
N ASP B 4063 42.59 -32.38 -10.94
CA ASP B 4063 42.64 -32.12 -12.38
C ASP B 4063 44.00 -32.47 -12.97
N MET B 4064 45.08 -32.18 -12.24
CA MET B 4064 46.43 -32.38 -12.76
C MET B 4064 46.82 -33.85 -12.78
N PHE B 4065 46.07 -34.71 -12.10
CA PHE B 4065 46.22 -36.15 -12.25
C PHE B 4065 45.27 -36.74 -13.28
N LEU B 4066 44.05 -36.19 -13.42
CA LEU B 4066 43.19 -36.62 -14.51
C LEU B 4066 43.83 -36.30 -15.86
N LYS B 4067 44.45 -35.11 -15.98
CA LYS B 4067 45.14 -34.75 -17.21
C LYS B 4067 46.35 -35.65 -17.46
N LEU B 4068 47.05 -36.03 -16.38
CA LEU B 4068 48.17 -36.97 -16.54
C LEU B 4068 47.69 -38.32 -17.03
N LYS B 4069 46.57 -38.81 -16.51
CA LYS B 4069 46.02 -40.07 -16.99
C LYS B 4069 45.61 -39.97 -18.45
N ASP B 4070 44.99 -38.84 -18.83
CA ASP B 4070 44.59 -38.66 -20.23
C ASP B 4070 45.80 -38.59 -21.16
N ILE B 4071 46.85 -37.89 -20.74
CA ILE B 4071 48.03 -37.69 -21.60
C ILE B 4071 48.75 -39.01 -21.83
N VAL B 4072 48.97 -39.79 -20.77
CA VAL B 4072 49.69 -41.05 -20.89
C VAL B 4072 48.84 -42.02 -21.71
N GLY B 4073 49.47 -42.65 -22.70
CA GLY B 4073 48.79 -43.54 -23.61
C GLY B 4073 48.41 -42.93 -24.94
N SER B 4074 48.60 -41.62 -25.12
CA SER B 4074 48.30 -40.96 -26.38
C SER B 4074 49.46 -41.18 -27.35
N GLU B 4075 49.43 -40.48 -28.48
CA GLU B 4075 50.47 -40.62 -29.49
C GLU B 4075 51.63 -39.65 -29.28
N ALA B 4076 51.33 -38.40 -28.90
CA ALA B 4076 52.39 -37.42 -28.67
C ALA B 4076 53.29 -37.85 -27.53
N PHE B 4077 52.71 -38.34 -26.44
CA PHE B 4077 53.53 -38.83 -25.32
C PHE B 4077 54.28 -40.09 -25.72
N GLN B 4078 53.65 -40.99 -26.48
CA GLN B 4078 54.30 -42.22 -26.90
C GLN B 4078 55.42 -41.97 -27.90
N ASP B 4079 55.45 -40.80 -28.54
CA ASP B 4079 56.53 -40.47 -29.47
C ASP B 4079 57.88 -40.26 -28.78
N TYR B 4080 57.89 -40.15 -27.45
CA TYR B 4080 59.12 -39.90 -26.72
C TYR B 4080 59.73 -41.15 -26.08
N VAL B 4081 58.92 -42.18 -25.81
CA VAL B 4081 59.42 -43.38 -25.16
C VAL B 4081 60.13 -44.26 -26.17
N THR B 4082 61.38 -44.64 -25.87
CA THR B 4082 62.16 -45.53 -26.71
C THR B 4082 62.60 -46.81 -26.03
N ASP B 4083 62.51 -46.89 -24.70
CA ASP B 4083 62.91 -48.09 -24.00
C ASP B 4083 61.92 -49.22 -24.29
N PRO B 4084 62.38 -50.48 -24.27
CA PRO B 4084 61.48 -51.61 -24.52
C PRO B 4084 60.78 -52.17 -23.28
N ARG B 4085 60.84 -51.47 -22.15
CA ARG B 4085 60.17 -51.90 -20.94
C ARG B 4085 59.00 -51.01 -20.55
N GLY B 4086 58.85 -49.84 -21.15
CA GLY B 4086 57.76 -48.94 -20.83
C GLY B 4086 58.17 -47.83 -19.89
N LEU B 4087 59.39 -47.33 -20.04
CA LEU B 4087 59.91 -46.26 -19.20
C LEU B 4087 60.11 -45.01 -20.05
N ILE B 4088 59.58 -43.88 -19.56
CA ILE B 4088 59.65 -42.62 -20.29
C ILE B 4088 61.07 -42.04 -20.28
N SER B 4089 61.94 -42.58 -19.41
CA SER B 4089 63.33 -42.10 -19.31
C SER B 4089 63.38 -40.64 -18.88
N LYS B 4090 63.01 -40.43 -17.62
CA LYS B 4090 63.00 -39.11 -16.99
C LYS B 4090 64.19 -38.27 -17.42
N LYS B 4091 63.95 -36.97 -17.57
CA LYS B 4091 64.68 -35.95 -18.35
C LYS B 4091 64.19 -35.98 -19.80
N ASP B 4092 63.28 -36.88 -20.16
CA ASP B 4092 62.43 -36.71 -21.33
C ASP B 4092 60.95 -36.64 -20.98
N PHE B 4093 60.58 -36.96 -19.74
CA PHE B 4093 59.22 -36.73 -19.27
C PHE B 4093 58.90 -35.24 -19.24
N GLN B 4094 59.86 -34.43 -18.81
CA GLN B 4094 59.65 -32.98 -18.81
C GLN B 4094 59.43 -32.46 -20.21
N LYS B 4095 60.22 -32.92 -21.18
CA LYS B 4095 60.03 -32.50 -22.57
C LYS B 4095 58.68 -32.95 -23.10
N ALA B 4096 58.27 -34.18 -22.78
CA ALA B 4096 56.98 -34.68 -23.24
C ALA B 4096 55.83 -33.86 -22.67
N MET B 4097 55.90 -33.52 -21.38
CA MET B 4097 54.86 -32.73 -20.74
C MET B 4097 54.89 -31.26 -21.15
N ASP B 4098 56.04 -30.77 -21.62
CA ASP B 4098 56.16 -29.39 -22.07
C ASP B 4098 55.81 -29.19 -23.53
N SER B 4099 55.89 -30.26 -24.34
CA SER B 4099 55.50 -30.15 -25.74
C SER B 4099 54.04 -29.77 -25.87
N GLN B 4100 53.18 -30.38 -25.07
CA GLN B 4100 51.76 -30.03 -24.99
C GLN B 4100 51.58 -29.09 -23.81
N LYS B 4101 51.32 -27.82 -24.09
CA LYS B 4101 51.25 -26.78 -23.06
C LYS B 4101 49.93 -26.93 -22.29
N GLN B 4102 49.96 -27.81 -21.30
CA GLN B 4102 48.84 -28.01 -20.38
C GLN B 4102 49.19 -27.64 -18.95
N PHE B 4103 50.29 -28.17 -18.42
CA PHE B 4103 50.74 -27.86 -17.08
C PHE B 4103 51.68 -26.64 -17.10
N THR B 4104 52.16 -26.27 -15.93
CA THR B 4104 53.18 -25.24 -15.77
C THR B 4104 54.43 -25.88 -15.16
N GLY B 4105 55.44 -25.05 -14.91
CA GLY B 4105 56.71 -25.52 -14.38
C GLY B 4105 56.58 -26.25 -13.05
N PRO B 4106 55.98 -25.62 -12.04
CA PRO B 4106 55.78 -26.31 -10.76
C PRO B 4106 54.95 -27.57 -10.88
N GLU B 4107 53.96 -27.61 -11.79
CA GLU B 4107 53.17 -28.83 -11.96
C GLU B 4107 54.02 -29.97 -12.48
N ILE B 4108 54.88 -29.71 -13.47
CA ILE B 4108 55.75 -30.74 -14.00
C ILE B 4108 56.76 -31.18 -12.95
N GLN B 4109 57.26 -30.23 -12.14
CA GLN B 4109 58.16 -30.60 -11.05
C GLN B 4109 57.44 -31.49 -10.04
N PHE B 4110 56.17 -31.19 -9.76
CA PHE B 4110 55.38 -32.00 -8.84
C PHE B 4110 55.20 -33.42 -9.38
N LEU B 4111 54.91 -33.54 -10.68
CA LEU B 4111 54.84 -34.86 -11.32
C LEU B 4111 56.16 -35.61 -11.22
N LEU B 4112 57.27 -34.91 -11.46
CA LEU B 4112 58.58 -35.56 -11.37
C LEU B 4112 58.86 -36.03 -9.95
N SER B 4113 58.49 -35.23 -8.96
CA SER B 4113 58.69 -35.61 -7.57
C SER B 4113 57.85 -36.81 -7.18
N CYS B 4114 56.59 -36.86 -7.64
CA CYS B 4114 55.72 -37.96 -7.25
C CYS B 4114 56.08 -39.28 -7.91
N SER B 4115 56.83 -39.25 -9.01
CA SER B 4115 57.23 -40.48 -9.67
C SER B 4115 58.30 -41.20 -8.86
N GLU B 4116 58.42 -42.51 -9.11
CA GLU B 4116 59.43 -43.30 -8.39
C GLU B 4116 60.82 -42.97 -8.89
N ALA B 4117 61.10 -43.25 -10.17
CA ALA B 4117 62.31 -42.82 -10.86
C ALA B 4117 63.58 -43.22 -10.11
N ASP B 4118 63.79 -44.53 -10.00
CA ASP B 4118 65.08 -45.01 -9.54
C ASP B 4118 66.02 -45.16 -10.73
N GLU B 4119 67.31 -45.37 -10.43
CA GLU B 4119 68.40 -45.36 -11.42
C GLU B 4119 68.31 -44.13 -12.34
N ASN B 4120 67.73 -43.05 -11.81
CA ASN B 4120 67.67 -41.72 -12.42
C ASN B 4120 66.70 -41.64 -13.60
N GLU B 4121 66.20 -42.79 -14.07
CA GLU B 4121 65.12 -42.78 -15.06
C GLU B 4121 64.42 -44.15 -15.01
N MET B 4122 63.32 -44.22 -14.25
CA MET B 4122 62.50 -45.43 -14.26
C MET B 4122 61.01 -45.12 -14.13
N ILE B 4123 60.57 -43.95 -14.58
CA ILE B 4123 59.18 -43.56 -14.38
C ILE B 4123 58.30 -44.46 -15.23
N ASN B 4124 57.59 -45.38 -14.59
CA ASN B 4124 56.65 -46.27 -15.27
C ASN B 4124 55.31 -45.58 -15.32
N PHE B 4125 55.00 -44.97 -16.48
CA PHE B 4125 53.77 -44.21 -16.62
C PHE B 4125 52.53 -45.09 -16.48
N GLU B 4126 52.63 -46.38 -16.79
CA GLU B 4126 51.47 -47.26 -16.71
C GLU B 4126 50.93 -47.35 -15.29
N GLU B 4127 51.83 -47.45 -14.31
CA GLU B 4127 51.41 -47.47 -12.91
C GLU B 4127 51.31 -46.08 -12.31
N PHE B 4128 52.13 -45.13 -12.79
CA PHE B 4128 52.09 -43.78 -12.26
C PHE B 4128 50.75 -43.10 -12.57
N ALA B 4129 50.22 -43.30 -13.78
CA ALA B 4129 48.95 -42.69 -14.15
C ALA B 4129 47.79 -43.29 -13.37
N ASN B 4130 47.83 -44.60 -13.13
CA ASN B 4130 46.72 -45.30 -12.51
C ASN B 4130 46.86 -45.44 -10.99
N ARG B 4131 47.93 -44.91 -10.40
CA ARG B 4131 48.12 -45.05 -8.96
C ARG B 4131 47.06 -44.28 -8.18
N PHE B 4132 46.79 -43.04 -8.58
CA PHE B 4132 45.92 -42.15 -7.82
C PHE B 4132 44.51 -42.05 -8.40
N GLN B 4133 44.15 -42.91 -9.35
CA GLN B 4133 42.84 -42.83 -9.96
C GLN B 4133 41.77 -43.49 -9.09
N GLU B 4134 41.96 -44.75 -8.74
CA GLU B 4134 40.96 -45.47 -7.96
C GLU B 4134 40.73 -44.88 -6.58
N PRO B 4135 41.75 -44.57 -5.77
CA PRO B 4135 41.46 -44.02 -4.44
C PRO B 4135 40.71 -42.70 -4.46
N ALA B 4136 40.91 -41.87 -5.48
CA ALA B 4136 40.32 -40.53 -5.53
C ALA B 4136 39.01 -40.47 -6.28
N ARG B 4137 38.49 -41.61 -6.77
CA ARG B 4137 37.25 -41.58 -7.53
C ARG B 4137 36.06 -41.17 -6.66
N ASP B 4138 35.97 -41.72 -5.45
CA ASP B 4138 34.82 -41.45 -4.60
C ASP B 4138 34.77 -39.99 -4.16
N ILE B 4139 35.91 -39.46 -3.68
CA ILE B 4139 35.94 -38.06 -3.24
C ILE B 4139 35.73 -37.12 -4.41
N GLY B 4140 36.29 -37.46 -5.58
CA GLY B 4140 36.07 -36.64 -6.76
C GLY B 4140 34.60 -36.59 -7.17
N PHE B 4141 33.95 -37.74 -7.18
CA PHE B 4141 32.53 -37.77 -7.50
C PHE B 4141 31.71 -36.99 -6.47
N ASN B 4142 32.05 -37.14 -5.19
CA ASN B 4142 31.30 -36.45 -4.15
C ASN B 4142 31.46 -34.94 -4.26
N VAL B 4143 32.68 -34.45 -4.51
CA VAL B 4143 32.87 -33.01 -4.64
C VAL B 4143 32.21 -32.50 -5.92
N ALA B 4144 32.19 -33.32 -6.98
CA ALA B 4144 31.47 -32.93 -8.18
C ALA B 4144 29.98 -32.79 -7.91
N VAL B 4145 29.41 -33.73 -7.14
CA VAL B 4145 27.99 -33.65 -6.78
C VAL B 4145 27.74 -32.40 -5.93
N LEU B 4146 28.62 -32.11 -4.97
CA LEU B 4146 28.45 -30.93 -4.14
C LEU B 4146 28.49 -29.65 -4.97
N LEU B 4147 29.46 -29.55 -5.87
CA LEU B 4147 29.56 -28.37 -6.73
C LEU B 4147 28.35 -28.23 -7.63
N THR B 4148 27.87 -29.34 -8.20
CA THR B 4148 26.69 -29.29 -9.05
C THR B 4148 25.47 -28.83 -8.27
N ASN B 4149 25.28 -29.37 -7.05
CA ASN B 4149 24.15 -28.96 -6.23
C ASN B 4149 24.21 -27.48 -5.89
N LEU B 4150 25.38 -27.00 -5.46
CA LEU B 4150 25.51 -25.59 -5.10
C LEU B 4150 25.30 -24.68 -6.30
N SER B 4151 25.87 -25.05 -7.46
CA SER B 4151 25.70 -24.23 -8.66
C SER B 4151 24.25 -24.20 -9.11
N GLU B 4152 23.57 -25.35 -9.08
CA GLU B 4152 22.18 -25.41 -9.54
C GLU B 4152 21.21 -24.78 -8.55
N HIS B 4153 21.57 -24.62 -7.28
CA HIS B 4153 20.68 -23.98 -6.33
C HIS B 4153 20.88 -22.47 -6.25
N VAL B 4154 22.11 -21.99 -6.13
CA VAL B 4154 22.35 -20.55 -6.12
C VAL B 4154 23.13 -20.17 -7.37
N PRO B 4155 22.45 -19.82 -8.47
CA PRO B 4155 23.16 -19.48 -9.70
C PRO B 4155 23.58 -18.02 -9.79
N HIS B 4156 22.95 -17.13 -9.02
CA HIS B 4156 23.30 -15.71 -9.05
C HIS B 4156 24.35 -15.42 -7.99
N ASP B 4157 25.54 -15.97 -8.21
CA ASP B 4157 26.68 -15.81 -7.31
C ASP B 4157 27.96 -15.95 -8.11
N PRO B 4158 28.59 -14.83 -8.47
CA PRO B 4158 29.84 -14.91 -9.25
C PRO B 4158 30.98 -15.60 -8.49
N ARG B 4159 30.90 -15.69 -7.17
CA ARG B 4159 31.96 -16.29 -6.37
C ARG B 4159 32.04 -17.80 -6.54
N LEU B 4160 31.07 -18.42 -7.22
CA LEU B 4160 31.10 -19.85 -7.47
C LEU B 4160 31.42 -20.18 -8.93
N ARG B 4161 31.34 -19.19 -9.81
CA ARG B 4161 31.69 -19.41 -11.22
C ARG B 4161 33.16 -19.79 -11.37
N ASN B 4162 34.05 -19.14 -10.63
CA ASN B 4162 35.46 -19.51 -10.69
C ASN B 4162 35.68 -20.92 -10.19
N PHE B 4163 34.98 -21.32 -9.13
CA PHE B 4163 35.07 -22.68 -8.64
C PHE B 4163 34.63 -23.68 -9.70
N LEU B 4164 33.53 -23.37 -10.40
CA LEU B 4164 33.08 -24.25 -11.49
C LEU B 4164 34.12 -24.33 -12.60
N GLU B 4165 34.70 -23.17 -12.98
CA GLU B 4165 35.67 -23.15 -14.07
C GLU B 4165 36.92 -23.94 -13.72
N LEU B 4166 37.40 -23.84 -12.48
CA LEU B 4166 38.58 -24.58 -12.06
C LEU B 4166 38.28 -26.06 -11.85
N ALA B 4167 37.01 -26.45 -11.76
CA ALA B 4167 36.62 -27.84 -11.58
C ALA B 4167 36.00 -28.44 -12.83
N GLU B 4168 36.25 -27.83 -14.00
CA GLU B 4168 35.67 -28.35 -15.24
C GLU B 4168 36.27 -29.68 -15.66
N SER B 4169 37.49 -29.99 -15.21
CA SER B 4169 38.11 -31.26 -15.58
C SER B 4169 37.48 -32.44 -14.87
N ILE B 4170 37.01 -32.26 -13.64
CA ILE B 4170 36.36 -33.35 -12.91
C ILE B 4170 34.86 -33.37 -13.16
N LEU B 4171 34.24 -32.20 -13.37
CA LEU B 4171 32.80 -32.16 -13.64
C LEU B 4171 32.48 -32.84 -14.97
N GLU B 4172 33.31 -32.61 -15.99
CA GLU B 4172 33.08 -33.26 -17.28
C GLU B 4172 33.42 -34.74 -17.24
N TYR B 4173 34.31 -35.14 -16.32
CA TYR B 4173 34.65 -36.56 -16.21
C TYR B 4173 33.47 -37.35 -15.65
N PHE B 4174 32.87 -36.88 -14.57
CA PHE B 4174 31.70 -37.55 -14.00
C PHE B 4174 30.40 -36.97 -14.56
N ARG B 4175 30.34 -36.84 -15.88
CA ARG B 4175 29.12 -36.45 -16.57
C ARG B 4175 28.19 -37.64 -16.78
N PRO B 4176 28.67 -38.78 -17.30
CA PRO B 4176 27.76 -39.93 -17.47
C PRO B 4176 27.37 -40.61 -16.18
N TYR B 4177 28.17 -40.47 -15.11
CA TYR B 4177 27.89 -41.15 -13.85
C TYR B 4177 26.93 -40.39 -12.96
N LEU B 4178 26.86 -39.07 -13.09
CA LEU B 4178 26.07 -38.24 -12.18
C LEU B 4178 24.61 -38.27 -12.65
N GLY B 4179 23.75 -38.91 -11.86
CA GLY B 4179 22.33 -38.91 -12.14
C GLY B 4179 21.65 -37.64 -11.63
N ARG B 4180 20.39 -37.49 -12.03
CA ARG B 4180 19.63 -36.29 -11.65
C ARG B 4180 18.15 -36.66 -11.68
N ILE B 4181 17.56 -36.90 -10.51
CA ILE B 4181 16.18 -37.33 -10.37
C ILE B 4181 15.40 -36.22 -9.68
N GLU B 4182 14.28 -35.83 -10.27
CA GLU B 4182 13.34 -34.91 -9.64
C GLU B 4182 12.18 -35.70 -9.07
N ILE B 4183 11.91 -35.52 -7.78
CA ILE B 4183 10.86 -36.25 -7.09
C ILE B 4183 9.92 -35.28 -6.39
N MET B 4184 8.73 -35.76 -6.06
CA MET B 4184 7.83 -35.06 -5.15
C MET B 4184 8.41 -35.16 -3.75
N GLY B 4185 8.87 -34.03 -3.22
CA GLY B 4185 9.57 -34.01 -1.95
C GLY B 4185 8.73 -34.45 -0.77
N ALA B 4186 9.33 -34.44 0.42
CA ALA B 4186 8.66 -34.99 1.59
C ALA B 4186 7.40 -34.21 1.93
N SER B 4187 7.51 -32.89 2.08
CA SER B 4187 6.36 -32.10 2.55
C SER B 4187 5.43 -31.69 1.41
N ARG B 4188 5.87 -30.74 0.56
CA ARG B 4188 4.98 -30.25 -0.49
C ARG B 4188 5.67 -29.85 -1.79
N ARG B 4189 6.99 -30.00 -1.94
CA ARG B 4189 7.70 -29.34 -3.02
C ARG B 4189 8.56 -30.34 -3.79
N ILE B 4190 8.79 -30.02 -5.06
CA ILE B 4190 9.63 -30.87 -5.92
C ILE B 4190 11.09 -30.68 -5.51
N GLU B 4191 11.80 -31.81 -5.36
CA GLU B 4191 13.19 -31.81 -4.95
C GLU B 4191 14.03 -32.61 -5.94
N ARG B 4192 15.24 -32.15 -6.19
CA ARG B 4192 16.16 -32.83 -7.08
C ARG B 4192 17.05 -33.78 -6.30
N ILE B 4193 17.34 -34.93 -6.90
CA ILE B 4193 18.12 -35.99 -6.27
C ILE B 4193 19.34 -36.28 -7.14
N TYR B 4194 20.51 -36.33 -6.51
CA TYR B 4194 21.75 -36.68 -7.19
C TYR B 4194 22.27 -38.00 -6.65
N PHE B 4195 22.76 -38.85 -7.54
CA PHE B 4195 23.26 -40.17 -7.16
C PHE B 4195 24.34 -40.58 -8.16
N GLU B 4196 24.78 -41.83 -8.06
CA GLU B 4196 25.83 -42.36 -8.90
C GLU B 4196 25.28 -43.47 -9.79
N ILE B 4197 25.64 -43.43 -11.07
CA ILE B 4197 25.28 -44.46 -12.04
C ILE B 4197 26.54 -45.29 -12.31
N SER B 4198 26.48 -46.57 -11.98
CA SER B 4198 27.62 -47.44 -12.19
C SER B 4198 27.89 -47.63 -13.67
N GLU B 4199 29.17 -47.85 -14.01
CA GLU B 4199 29.54 -48.06 -15.40
C GLU B 4199 28.89 -49.32 -15.97
N THR B 4200 28.83 -50.39 -15.17
CA THR B 4200 28.18 -51.62 -15.63
C THR B 4200 26.69 -51.41 -15.84
N ASN B 4201 26.05 -50.61 -14.98
CA ASN B 4201 24.62 -50.37 -15.13
C ASN B 4201 24.29 -49.63 -16.41
N ARG B 4202 25.22 -48.84 -16.93
CA ARG B 4202 25.02 -48.15 -18.20
C ARG B 4202 25.48 -48.95 -19.40
N ALA B 4203 26.52 -49.78 -19.24
CA ALA B 4203 26.97 -50.63 -20.33
C ALA B 4203 25.90 -51.65 -20.71
N GLN B 4204 25.26 -52.25 -19.71
CA GLN B 4204 24.20 -53.22 -19.97
C GLN B 4204 22.90 -52.56 -20.40
N TRP B 4205 22.73 -51.27 -20.11
CA TRP B 4205 21.55 -50.54 -20.56
C TRP B 4205 21.62 -50.21 -22.03
N GLU B 4206 22.82 -50.19 -22.62
CA GLU B 4206 23.01 -49.85 -24.02
C GLU B 4206 23.07 -51.09 -24.91
N MET B 4207 22.84 -52.28 -24.36
CA MET B 4207 22.88 -53.49 -25.16
C MET B 4207 21.75 -53.48 -26.20
N PRO B 4208 21.96 -54.11 -27.35
CA PRO B 4208 20.91 -54.14 -28.38
C PRO B 4208 19.62 -54.79 -27.90
N GLN B 4209 19.69 -55.75 -27.00
CA GLN B 4209 18.52 -56.44 -26.49
C GLN B 4209 17.78 -55.66 -25.40
N VAL B 4210 18.07 -54.37 -25.24
CA VAL B 4210 17.43 -53.53 -24.25
C VAL B 4210 16.66 -52.37 -24.87
N LYS B 4211 17.23 -51.76 -25.92
CA LYS B 4211 16.56 -50.62 -26.56
C LYS B 4211 15.23 -51.05 -27.19
N GLU B 4212 15.19 -52.21 -27.83
CA GLU B 4212 13.95 -52.67 -28.43
C GLU B 4212 12.93 -53.04 -27.37
N SER B 4213 13.37 -53.57 -26.22
CA SER B 4213 12.44 -53.83 -25.13
C SER B 4213 11.86 -52.53 -24.59
N LYS B 4214 12.70 -51.51 -24.45
CA LYS B 4214 12.21 -50.20 -24.02
C LYS B 4214 11.20 -49.64 -25.02
N ARG B 4215 11.49 -49.78 -26.32
CA ARG B 4215 10.58 -49.31 -27.35
C ARG B 4215 9.25 -50.06 -27.31
N GLN B 4216 9.30 -51.37 -27.08
CA GLN B 4216 8.06 -52.14 -26.95
C GLN B 4216 7.25 -51.68 -25.75
N PHE B 4217 7.92 -51.47 -24.61
CA PHE B 4217 7.23 -51.01 -23.41
C PHE B 4217 6.57 -49.65 -23.65
N ILE B 4218 7.29 -48.74 -24.30
CA ILE B 4218 6.74 -47.42 -24.60
C ILE B 4218 5.57 -47.53 -25.57
N PHE B 4219 5.69 -48.39 -26.58
CA PHE B 4219 4.60 -48.63 -27.52
C PHE B 4219 3.33 -49.06 -26.78
N ASP B 4220 3.46 -50.08 -25.92
CA ASP B 4220 2.30 -50.58 -25.19
C ASP B 4220 1.73 -49.53 -24.25
N VAL B 4221 2.59 -48.79 -23.55
CA VAL B 4221 2.11 -47.79 -22.60
C VAL B 4221 1.37 -46.67 -23.32
N VAL B 4222 1.92 -46.20 -24.45
CA VAL B 4222 1.29 -45.09 -25.16
C VAL B 4222 -0.03 -45.51 -25.79
N ASN B 4223 -0.07 -46.69 -26.41
CA ASN B 4223 -1.30 -47.08 -27.10
C ASN B 4223 -2.34 -47.66 -26.14
N GLU B 4224 -2.01 -48.76 -25.47
CA GLU B 4224 -2.96 -49.49 -24.64
C GLU B 4224 -2.58 -49.43 -23.16
N GLY B 4225 -2.13 -48.26 -22.70
CA GLY B 4225 -1.80 -48.09 -21.30
C GLY B 4225 -2.70 -47.08 -20.61
N GLY B 4226 -3.19 -46.09 -21.36
CA GLY B 4226 -4.05 -45.08 -20.77
C GLY B 4226 -3.32 -44.23 -19.74
N GLU B 4227 -4.09 -43.74 -18.77
CA GLU B 4227 -3.56 -42.93 -17.68
C GLU B 4227 -3.96 -43.57 -16.34
N ALA B 4228 -3.49 -42.95 -15.26
CA ALA B 4228 -3.69 -43.36 -13.87
C ALA B 4228 -3.00 -44.69 -13.54
N GLU B 4229 -2.33 -45.32 -14.50
CA GLU B 4229 -1.59 -46.54 -14.24
C GLU B 4229 -0.25 -46.57 -14.97
N LYS B 4230 0.19 -45.45 -15.55
CA LYS B 4230 1.44 -45.43 -16.31
C LYS B 4230 2.63 -45.69 -15.41
N MET B 4231 2.64 -45.11 -14.20
CA MET B 4231 3.80 -45.24 -13.32
C MET B 4231 3.97 -46.67 -12.81
N GLU B 4232 2.86 -47.36 -12.53
CA GLU B 4232 2.95 -48.75 -12.10
C GLU B 4232 3.55 -49.63 -13.20
N LEU B 4233 3.10 -49.44 -14.43
CA LEU B 4233 3.66 -50.19 -15.56
C LEU B 4233 5.13 -49.83 -15.76
N PHE B 4234 5.48 -48.55 -15.58
CA PHE B 4234 6.88 -48.14 -15.73
C PHE B 4234 7.76 -48.83 -14.68
N VAL B 4235 7.30 -48.88 -13.43
CA VAL B 4235 8.08 -49.53 -12.38
C VAL B 4235 8.19 -51.02 -12.63
N SER B 4236 7.11 -51.65 -13.10
CA SER B 4236 7.17 -53.07 -13.44
C SER B 4236 8.17 -53.31 -14.56
N PHE B 4237 8.20 -52.42 -15.55
CA PHE B 4237 9.18 -52.54 -16.63
C PHE B 4237 10.61 -52.35 -16.09
N CYS B 4238 10.79 -51.44 -15.14
CA CYS B 4238 12.11 -51.25 -14.54
C CYS B 4238 12.58 -52.52 -13.84
N GLU B 4239 11.70 -53.16 -13.08
CA GLU B 4239 12.06 -54.42 -12.43
C GLU B 4239 12.32 -55.52 -13.47
N ASP B 4240 11.51 -55.56 -14.53
CA ASP B 4240 11.70 -56.57 -15.57
C ASP B 4240 13.06 -56.41 -16.26
N THR B 4241 13.45 -55.17 -16.56
CA THR B 4241 14.74 -54.97 -17.20
C THR B 4241 15.90 -55.15 -16.23
N ILE B 4242 15.67 -54.91 -14.93
CA ILE B 4242 16.69 -55.26 -13.94
C ILE B 4242 16.92 -56.76 -13.94
N PHE B 4243 15.84 -57.55 -13.97
CA PHE B 4243 15.99 -59.00 -14.08
C PHE B 4243 16.62 -59.40 -15.41
N GLU B 4244 16.33 -58.66 -16.48
CA GLU B 4244 16.96 -58.95 -17.77
C GLU B 4244 18.47 -58.74 -17.69
N MET B 4245 18.91 -57.65 -17.05
CA MET B 4245 20.34 -57.43 -16.88
C MET B 4245 20.96 -58.49 -15.97
N GLN B 4246 20.21 -58.94 -14.95
CA GLN B 4246 20.70 -60.03 -14.12
C GLN B 4246 20.90 -61.30 -14.94
N ILE B 4247 19.95 -61.59 -15.85
CA ILE B 4247 20.08 -62.75 -16.72
C ILE B 4247 21.30 -62.61 -17.63
N ALA B 4248 21.46 -61.42 -18.22
CA ALA B 4248 22.58 -61.19 -19.13
C ALA B 4248 23.92 -61.15 -18.40
N ALA B 4249 23.93 -60.95 -17.08
CA ALA B 4249 25.18 -60.86 -16.35
C ALA B 4249 25.93 -62.18 -16.38
N GLN B 4250 25.22 -63.29 -16.19
CA GLN B 4250 25.85 -64.61 -16.19
C GLN B 4250 25.93 -65.23 -17.58
N ILE B 4251 25.48 -64.52 -18.61
CA ILE B 4251 25.53 -65.04 -19.98
C ILE B 4251 26.81 -64.67 -20.70
N SER B 4252 27.65 -63.82 -20.10
CA SER B 4252 28.88 -63.38 -20.74
C SER B 4252 29.85 -64.54 -20.94
N GLU B 4253 30.77 -64.34 -21.88
CA GLU B 4253 31.73 -65.39 -22.22
C GLU B 4253 32.60 -65.82 -21.04
N PRO B 4254 33.21 -64.91 -20.25
CA PRO B 4254 34.03 -65.38 -19.13
C PRO B 4254 33.25 -66.19 -18.10
N GLU B 4255 31.97 -65.87 -17.89
CA GLU B 4255 31.11 -66.58 -16.94
C GLU B 4255 31.72 -66.61 -15.54
N PHE B 4540 35.75 -86.20 -12.86
CA PHE B 4540 35.06 -86.83 -13.99
C PHE B 4540 33.69 -86.21 -14.21
N TRP B 4541 32.79 -86.43 -13.24
CA TRP B 4541 31.43 -85.87 -13.35
C TRP B 4541 31.46 -84.35 -13.29
N GLY B 4542 32.32 -83.78 -12.45
CA GLY B 4542 32.40 -82.33 -12.35
C GLY B 4542 32.89 -81.68 -13.63
N GLU B 4543 33.89 -82.26 -14.28
CA GLU B 4543 34.38 -81.72 -15.54
C GLU B 4543 33.29 -81.75 -16.62
N LEU B 4544 32.55 -82.86 -16.69
CA LEU B 4544 31.44 -82.94 -17.64
C LEU B 4544 30.36 -81.91 -17.31
N GLU B 4545 30.07 -81.71 -16.03
CA GLU B 4545 29.04 -80.74 -15.64
C GLU B 4545 29.45 -79.32 -16.01
N VAL B 4546 30.71 -78.95 -15.73
CA VAL B 4546 31.14 -77.59 -16.04
C VAL B 4546 31.24 -77.40 -17.55
N GLN B 4547 31.65 -78.43 -18.29
CA GLN B 4547 31.66 -78.34 -19.75
C GLN B 4547 30.25 -78.17 -20.30
N ARG B 4548 29.27 -78.89 -19.73
CA ARG B 4548 27.89 -78.76 -20.17
C ARG B 4548 27.36 -77.36 -19.86
N VAL B 4549 27.69 -76.82 -18.70
CA VAL B 4549 27.25 -75.46 -18.35
C VAL B 4549 27.86 -74.45 -19.31
N LYS B 4550 29.15 -74.61 -19.63
CA LYS B 4550 29.78 -73.70 -20.58
C LYS B 4550 29.16 -73.83 -21.98
N PHE B 4551 28.83 -75.06 -22.38
CA PHE B 4551 28.20 -75.29 -23.68
C PHE B 4551 26.83 -74.63 -23.73
N LEU B 4552 26.06 -74.72 -22.65
CA LEU B 4552 24.74 -74.09 -22.64
C LEU B 4552 24.86 -72.61 -22.29
N ASN B 4553 25.79 -71.92 -22.97
CA ASN B 4553 25.83 -70.45 -22.96
C ASN B 4553 26.08 -69.85 -24.32
N TYR B 4554 26.71 -70.58 -25.25
CA TYR B 4554 26.84 -70.09 -26.62
C TYR B 4554 25.48 -69.97 -27.29
N LEU B 4555 24.61 -70.96 -27.07
CA LEU B 4555 23.27 -70.91 -27.65
C LEU B 4555 22.47 -69.75 -27.07
N SER B 4556 22.57 -69.52 -25.76
CA SER B 4556 21.78 -68.48 -25.13
C SER B 4556 22.29 -67.08 -25.46
N ARG B 4557 23.62 -66.90 -25.44
CA ARG B 4557 24.17 -65.58 -25.73
C ARG B 4557 24.12 -65.28 -27.23
N ASN B 4558 24.10 -66.30 -28.07
CA ASN B 4558 23.97 -66.16 -29.52
C ASN B 4558 22.78 -67.02 -29.96
N PHE B 4559 21.60 -66.43 -29.93
CA PHE B 4559 20.36 -67.15 -30.22
C PHE B 4559 19.67 -66.68 -31.48
N TYR B 4560 19.77 -65.38 -31.82
CA TYR B 4560 19.16 -64.89 -33.05
C TYR B 4560 19.95 -65.31 -34.28
N THR B 4561 21.27 -65.42 -34.16
CA THR B 4561 22.08 -65.90 -35.27
C THR B 4561 21.72 -67.33 -35.63
N LEU B 4562 21.35 -68.15 -34.64
CA LEU B 4562 20.86 -69.49 -34.93
C LEU B 4562 19.54 -69.44 -35.71
N ARG B 4563 18.68 -68.48 -35.38
CA ARG B 4563 17.44 -68.31 -36.15
C ARG B 4563 17.76 -67.95 -37.60
N PHE B 4564 18.72 -67.04 -37.80
CA PHE B 4564 19.10 -66.68 -39.17
C PHE B 4564 19.71 -67.87 -39.91
N LEU B 4565 20.51 -68.68 -39.20
CA LEU B 4565 21.09 -69.87 -39.81
C LEU B 4565 20.00 -70.87 -40.21
N ALA B 4566 18.99 -71.04 -39.37
CA ALA B 4566 17.87 -71.91 -39.72
C ALA B 4566 17.13 -71.38 -40.94
N LEU B 4567 16.93 -70.06 -41.01
CA LEU B 4567 16.30 -69.46 -42.18
C LEU B 4567 17.11 -69.73 -43.44
N PHE B 4568 18.43 -69.56 -43.36
CA PHE B 4568 19.29 -69.82 -44.50
C PHE B 4568 19.23 -71.29 -44.93
N LEU B 4569 19.24 -72.20 -43.95
CA LEU B 4569 19.15 -73.63 -44.26
C LEU B 4569 17.83 -73.96 -44.94
N ALA B 4570 16.72 -73.40 -44.45
CA ALA B 4570 15.43 -73.65 -45.07
C ALA B 4570 15.39 -73.12 -46.50
N PHE B 4571 15.92 -71.92 -46.73
CA PHE B 4571 15.95 -71.38 -48.08
C PHE B 4571 16.80 -72.24 -49.01
N ALA B 4572 17.96 -72.71 -48.53
CA ALA B 4572 18.81 -73.57 -49.35
C ALA B 4572 18.11 -74.88 -49.67
N ILE B 4573 17.43 -75.48 -48.68
CA ILE B 4573 16.72 -76.74 -48.91
C ILE B 4573 15.61 -76.54 -49.94
N ASN B 4574 14.87 -75.44 -49.85
CA ASN B 4574 13.80 -75.20 -50.80
C ASN B 4574 14.35 -74.95 -52.21
N PHE B 4575 15.47 -74.22 -52.31
CA PHE B 4575 16.08 -74.01 -53.62
C PHE B 4575 16.53 -75.33 -54.23
N ILE B 4576 17.08 -76.22 -53.40
CA ILE B 4576 17.46 -77.54 -53.89
C ILE B 4576 16.22 -78.33 -54.33
N LEU B 4577 15.15 -78.27 -53.53
CA LEU B 4577 13.91 -78.98 -53.84
C LEU B 4577 13.25 -78.47 -55.11
N LEU B 4578 13.53 -77.23 -55.51
CA LEU B 4578 12.96 -76.68 -56.74
C LEU B 4578 13.31 -77.50 -57.98
N PHE B 4579 14.22 -78.47 -57.90
CA PHE B 4579 14.67 -79.25 -59.05
C PHE B 4579 14.00 -80.61 -59.15
N TYR B 4580 12.96 -80.87 -58.35
CA TYR B 4580 12.32 -82.18 -58.36
C TYR B 4580 11.56 -82.41 -59.66
N LYS B 4581 11.59 -83.67 -60.12
CA LYS B 4581 10.89 -84.08 -61.33
C LYS B 4581 10.19 -85.40 -61.07
N VAL B 4582 9.03 -85.58 -61.71
CA VAL B 4582 8.23 -86.79 -61.58
C VAL B 4582 8.12 -87.45 -62.95
N SER B 4583 8.33 -88.76 -62.99
CA SER B 4583 8.25 -89.51 -64.23
C SER B 4583 7.59 -90.85 -63.96
N ASP B 4584 7.01 -91.43 -65.02
CA ASP B 4584 6.34 -92.73 -64.91
C ASP B 4584 7.32 -93.90 -64.88
N SER B 4585 8.61 -93.66 -65.14
CA SER B 4585 9.61 -94.70 -65.14
C SER B 4585 10.81 -94.26 -64.31
N PRO B 4586 11.54 -95.21 -63.71
CA PRO B 4586 12.73 -94.86 -62.94
C PRO B 4586 13.81 -94.28 -63.84
N PRO B 4587 14.72 -93.47 -63.29
CA PRO B 4587 15.79 -92.89 -64.13
C PRO B 4587 16.65 -93.94 -64.84
N GLY B 4588 16.89 -95.07 -64.20
CA GLY B 4588 17.69 -96.12 -64.80
C GLY B 4588 16.94 -96.94 -65.84
N ASP B 4624 2.26 -100.70 -62.63
CA ASP B 4624 1.69 -99.47 -63.17
C ASP B 4624 1.53 -98.42 -62.08
N GLU B 4625 1.26 -97.18 -62.50
CA GLU B 4625 1.07 -96.04 -61.59
C GLU B 4625 2.26 -95.89 -60.65
N ASN B 4626 3.46 -96.00 -61.19
CA ASN B 4626 4.67 -95.86 -60.37
C ASN B 4626 4.84 -94.42 -59.91
N MET B 4627 4.99 -93.50 -60.86
CA MET B 4627 5.11 -92.07 -60.58
C MET B 4627 6.24 -91.79 -59.58
N VAL B 4628 7.47 -92.12 -59.99
CA VAL B 4628 8.61 -91.92 -59.12
C VAL B 4628 8.93 -90.44 -59.02
N TYR B 4629 9.35 -90.01 -57.83
CA TYR B 4629 9.74 -88.63 -57.56
C TYR B 4629 11.26 -88.58 -57.46
N TYR B 4630 11.92 -88.43 -58.60
CA TYR B 4630 13.37 -88.46 -58.69
C TYR B 4630 13.91 -87.04 -58.82
N PHE B 4631 15.23 -86.91 -58.79
CA PHE B 4631 15.91 -85.63 -58.80
C PHE B 4631 16.51 -85.34 -60.16
N LEU B 4632 16.30 -84.12 -60.64
CA LEU B 4632 16.84 -83.67 -61.93
C LEU B 4632 18.21 -83.06 -61.70
N GLU B 4633 19.22 -83.92 -61.69
CA GLU B 4633 20.61 -83.47 -61.56
C GLU B 4633 21.03 -82.79 -62.85
N GLU B 4634 21.11 -81.46 -62.82
CA GLU B 4634 21.43 -80.71 -64.03
C GLU B 4634 22.82 -81.05 -64.57
N SER B 4635 23.86 -80.74 -63.79
CA SER B 4635 25.22 -81.00 -64.21
C SER B 4635 26.02 -81.68 -63.11
N THR B 4636 25.63 -81.46 -61.86
CA THR B 4636 26.35 -81.98 -60.70
C THR B 4636 25.48 -82.98 -59.96
N GLY B 4637 26.07 -84.13 -59.61
CA GLY B 4637 25.39 -85.15 -58.84
C GLY B 4637 25.46 -84.97 -57.33
N TYR B 4638 26.03 -83.86 -56.86
CA TYR B 4638 26.19 -83.60 -55.44
C TYR B 4638 24.95 -82.97 -54.81
N MET B 4639 23.90 -82.71 -55.60
CA MET B 4639 22.72 -82.03 -55.06
C MET B 4639 22.02 -82.89 -54.01
N GLU B 4640 21.89 -84.19 -54.26
CA GLU B 4640 21.21 -85.07 -53.30
C GLU B 4640 21.95 -85.19 -51.98
N PRO B 4641 23.26 -85.43 -51.93
CA PRO B 4641 23.95 -85.41 -50.63
C PRO B 4641 23.86 -84.08 -49.92
N ALA B 4642 23.89 -82.97 -50.68
CA ALA B 4642 23.72 -81.66 -50.07
C ALA B 4642 22.34 -81.53 -49.44
N LEU B 4643 21.31 -82.01 -50.12
CA LEU B 4643 19.96 -81.99 -49.56
C LEU B 4643 19.89 -82.81 -48.28
N TRP B 4644 20.51 -83.99 -48.29
CA TRP B 4644 20.50 -84.84 -47.10
C TRP B 4644 21.20 -84.17 -45.92
N CYS B 4645 22.39 -83.63 -46.15
CA CYS B 4645 23.15 -82.99 -45.08
C CYS B 4645 22.41 -81.76 -44.56
N LEU B 4646 21.82 -80.96 -45.46
CA LEU B 4646 21.07 -79.79 -45.02
C LEU B 4646 19.82 -80.18 -44.25
N SER B 4647 19.17 -81.28 -44.64
CA SER B 4647 18.01 -81.76 -43.89
C SER B 4647 18.40 -82.16 -42.47
N LEU B 4648 19.55 -82.83 -42.31
CA LEU B 4648 20.00 -83.17 -40.96
C LEU B 4648 20.35 -81.92 -40.16
N LEU B 4649 21.10 -80.99 -40.78
CA LEU B 4649 21.52 -79.79 -40.08
C LEU B 4649 20.35 -78.90 -39.70
N HIS B 4650 19.27 -78.88 -40.49
CA HIS B 4650 18.12 -78.07 -40.15
C HIS B 4650 17.47 -78.56 -38.86
N THR B 4651 17.30 -79.88 -38.73
CA THR B 4651 16.74 -80.43 -37.49
C THR B 4651 17.66 -80.15 -36.31
N LEU B 4652 18.97 -80.31 -36.50
CA LEU B 4652 19.91 -80.03 -35.42
C LEU B 4652 19.82 -78.56 -34.98
N VAL B 4653 19.74 -77.65 -35.94
CA VAL B 4653 19.67 -76.22 -35.64
C VAL B 4653 18.36 -75.87 -34.95
N ALA B 4654 17.25 -76.51 -35.38
CA ALA B 4654 15.98 -76.26 -34.71
C ALA B 4654 16.01 -76.72 -33.26
N PHE B 4655 16.59 -77.90 -33.00
CA PHE B 4655 16.72 -78.35 -31.63
C PHE B 4655 17.60 -77.42 -30.81
N LEU B 4656 18.72 -76.96 -31.40
CA LEU B 4656 19.56 -76.00 -30.70
C LEU B 4656 18.82 -74.69 -30.42
N CYS B 4657 17.99 -74.25 -31.36
CA CYS B 4657 17.24 -73.01 -31.17
C CYS B 4657 16.24 -73.14 -30.03
N ILE B 4658 15.50 -74.24 -29.97
CA ILE B 4658 14.54 -74.39 -28.89
C ILE B 4658 15.26 -74.53 -27.55
N ILE B 4659 16.40 -75.23 -27.52
CA ILE B 4659 17.17 -75.33 -26.28
C ILE B 4659 17.66 -73.96 -25.85
N GLY B 4660 18.16 -73.15 -26.78
CA GLY B 4660 18.63 -71.82 -26.43
C GLY B 4660 17.51 -70.92 -25.94
N TYR B 4661 16.32 -71.04 -26.54
CA TYR B 4661 15.18 -70.28 -26.06
C TYR B 4661 14.79 -70.72 -24.65
N ASN B 4662 14.92 -72.02 -24.35
CA ASN B 4662 14.55 -72.49 -23.02
C ASN B 4662 15.37 -71.83 -21.92
N CYS B 4663 16.65 -71.56 -22.18
CA CYS B 4663 17.55 -71.02 -21.17
C CYS B 4663 17.71 -69.50 -21.23
N LEU B 4664 16.96 -68.81 -22.11
CA LEU B 4664 17.14 -67.38 -22.27
C LEU B 4664 15.89 -66.57 -21.95
N LYS B 4665 14.72 -66.96 -22.49
CA LYS B 4665 13.52 -66.15 -22.37
C LYS B 4665 12.43 -66.80 -21.51
N VAL B 4666 12.63 -68.02 -21.04
CA VAL B 4666 11.66 -68.68 -20.17
C VAL B 4666 11.76 -68.14 -18.74
N PRO B 4667 12.96 -67.94 -18.18
CA PRO B 4667 13.03 -67.32 -16.85
C PRO B 4667 12.35 -65.97 -16.77
N LEU B 4668 12.35 -65.19 -17.85
CA LEU B 4668 11.67 -63.90 -17.82
C LEU B 4668 10.17 -64.06 -17.60
N VAL B 4669 9.53 -64.95 -18.35
CA VAL B 4669 8.09 -65.12 -18.19
C VAL B 4669 7.77 -65.77 -16.85
N ILE B 4670 8.62 -66.69 -16.38
CA ILE B 4670 8.39 -67.28 -15.06
C ILE B 4670 8.49 -66.21 -13.97
N PHE B 4671 9.50 -65.34 -14.07
CA PHE B 4671 9.64 -64.26 -13.10
C PHE B 4671 8.46 -63.32 -13.12
N LYS B 4672 7.99 -62.94 -14.32
CA LYS B 4672 6.84 -62.06 -14.41
C LYS B 4672 5.59 -62.69 -13.80
N ARG B 4673 5.34 -63.97 -14.12
CA ARG B 4673 4.18 -64.65 -13.57
C ARG B 4673 4.25 -64.73 -12.05
N GLU B 4674 5.41 -65.12 -11.51
CA GLU B 4674 5.56 -65.24 -10.06
C GLU B 4674 5.41 -63.89 -9.37
N LYS B 4675 6.01 -62.84 -9.95
CA LYS B 4675 5.89 -61.51 -9.35
C LYS B 4675 4.44 -61.03 -9.35
N GLU B 4676 3.74 -61.22 -10.46
CA GLU B 4676 2.34 -60.81 -10.52
C GLU B 4676 1.50 -61.58 -9.51
N LEU B 4677 1.72 -62.90 -9.39
CA LEU B 4677 0.95 -63.69 -8.44
C LEU B 4677 1.25 -63.27 -7.00
N ALA B 4678 2.52 -63.02 -6.68
CA ALA B 4678 2.88 -62.63 -5.32
C ALA B 4678 2.28 -61.28 -4.96
N ARG B 4679 2.33 -60.31 -5.89
CA ARG B 4679 1.78 -58.99 -5.59
C ARG B 4679 0.25 -59.00 -5.59
N LYS B 4680 -0.37 -59.95 -6.30
CA LYS B 4680 -1.80 -60.15 -6.14
C LYS B 4680 -2.14 -60.75 -4.80
N LEU B 4681 -1.29 -61.66 -4.30
CA LEU B 4681 -1.56 -62.32 -3.03
C LEU B 4681 -1.40 -61.36 -1.86
N GLU B 4682 -0.29 -60.62 -1.81
CA GLU B 4682 0.06 -59.87 -0.61
C GLU B 4682 -0.55 -58.47 -0.56
N PHE B 4683 -1.17 -57.99 -1.63
CA PHE B 4683 -1.73 -56.65 -1.66
C PHE B 4683 -3.24 -56.63 -1.90
N ASP B 4684 -3.71 -57.38 -2.90
CA ASP B 4684 -5.11 -57.47 -3.28
C ASP B 4684 -5.57 -58.91 -3.25
N GLY B 4685 -5.32 -59.58 -2.13
CA GLY B 4685 -5.41 -61.03 -2.00
C GLY B 4685 -6.53 -61.70 -2.77
N LEU B 4686 -6.15 -62.65 -3.64
CA LEU B 4686 -7.07 -63.26 -4.59
C LEU B 4686 -7.49 -64.67 -4.22
N TYR B 4687 -6.72 -65.36 -3.36
CA TYR B 4687 -7.06 -66.70 -2.93
C TYR B 4687 -7.41 -66.77 -1.44
N ILE B 4688 -7.54 -65.63 -0.78
CA ILE B 4688 -7.90 -65.58 0.63
C ILE B 4688 -9.19 -64.80 0.80
N THR B 4689 -9.16 -63.52 0.40
CA THR B 4689 -10.34 -62.67 0.51
C THR B 4689 -11.29 -62.90 -0.67
N GLU B 4690 -10.81 -62.62 -1.88
CA GLU B 4690 -11.61 -62.82 -3.09
C GLU B 4690 -11.34 -64.22 -3.65
N GLN B 4691 -11.85 -64.47 -4.85
CA GLN B 4691 -11.63 -65.73 -5.56
C GLN B 4691 -11.57 -65.43 -7.05
N PRO B 4692 -10.87 -66.26 -7.82
CA PRO B 4692 -10.89 -66.09 -9.29
C PRO B 4692 -12.30 -66.27 -9.84
N GLY B 4693 -12.59 -65.55 -10.91
CA GLY B 4693 -13.92 -65.49 -11.47
C GLY B 4693 -14.31 -66.66 -12.37
N ASP B 4694 -13.47 -67.69 -12.44
CA ASP B 4694 -13.71 -68.89 -13.24
C ASP B 4694 -13.81 -68.60 -14.74
N ASP B 4695 -13.48 -67.37 -15.16
CA ASP B 4695 -13.47 -67.02 -16.56
C ASP B 4695 -12.07 -67.00 -17.16
N ASP B 4696 -11.04 -66.89 -16.34
CA ASP B 4696 -9.65 -66.87 -16.79
C ASP B 4696 -8.96 -68.13 -16.28
N VAL B 4697 -8.34 -68.88 -17.21
CA VAL B 4697 -7.64 -70.10 -16.84
C VAL B 4697 -6.36 -69.79 -16.06
N LYS B 4698 -5.83 -68.58 -16.19
CA LYS B 4698 -4.60 -68.23 -15.48
C LYS B 4698 -4.79 -68.30 -13.97
N GLY B 4699 -5.87 -67.75 -13.45
CA GLY B 4699 -6.10 -67.76 -12.02
C GLY B 4699 -6.29 -69.15 -11.47
N GLN B 4700 -7.04 -69.99 -12.18
CA GLN B 4700 -7.25 -71.37 -11.73
C GLN B 4700 -5.95 -72.17 -11.80
N TRP B 4701 -5.15 -71.97 -12.84
CA TRP B 4701 -3.90 -72.71 -12.96
C TRP B 4701 -2.87 -72.24 -11.94
N ASP B 4702 -2.92 -70.97 -11.54
CA ASP B 4702 -1.99 -70.46 -10.54
C ASP B 4702 -2.24 -71.04 -9.15
N ARG B 4703 -3.36 -71.72 -8.94
CA ARG B 4703 -3.60 -72.37 -7.66
C ARG B 4703 -2.67 -73.56 -7.44
N LEU B 4704 -2.07 -74.10 -8.49
CA LEU B 4704 -1.19 -75.25 -8.35
C LEU B 4704 0.16 -74.85 -7.74
N VAL B 4705 0.73 -73.72 -8.20
CA VAL B 4705 2.05 -73.33 -7.74
C VAL B 4705 2.03 -72.93 -6.27
N LEU B 4706 0.85 -72.62 -5.72
CA LEU B 4706 0.74 -72.40 -4.29
C LEU B 4706 1.04 -73.69 -3.53
N ASN B 4707 1.12 -73.57 -2.21
CA ASN B 4707 1.47 -74.67 -1.30
C ASN B 4707 2.63 -75.50 -1.84
N THR B 4708 3.66 -74.83 -2.36
CA THR B 4708 4.84 -75.47 -2.91
C THR B 4708 6.08 -74.99 -2.18
N PRO B 4709 7.04 -75.87 -1.88
CA PRO B 4709 8.24 -75.45 -1.14
C PRO B 4709 9.10 -74.43 -1.88
N SER B 4710 8.95 -74.30 -3.19
CA SER B 4710 9.79 -73.42 -3.99
C SER B 4710 8.94 -72.55 -4.92
N PHE B 4711 7.89 -71.95 -4.36
CA PHE B 4711 7.03 -71.08 -5.16
C PHE B 4711 7.79 -69.87 -5.72
N PRO B 4712 8.53 -69.08 -4.91
CA PRO B 4712 9.28 -67.95 -5.52
C PRO B 4712 10.68 -68.36 -5.98
N SER B 4713 10.72 -69.21 -7.00
CA SER B 4713 12.01 -69.69 -7.50
C SER B 4713 12.75 -68.62 -8.32
N ASN B 4714 12.00 -67.72 -8.96
CA ASN B 4714 12.60 -66.67 -9.77
C ASN B 4714 12.39 -65.28 -9.20
N TYR B 4715 11.29 -65.04 -8.50
CA TYR B 4715 11.05 -63.74 -7.90
C TYR B 4715 12.05 -63.49 -6.78
N TRP B 4716 12.46 -62.23 -6.63
CA TRP B 4716 13.44 -61.88 -5.61
C TRP B 4716 12.90 -62.11 -4.21
N ASP B 4717 11.65 -61.73 -3.97
CA ASP B 4717 11.06 -61.81 -2.64
C ASP B 4717 10.75 -63.26 -2.29
N LYS B 4718 11.55 -63.82 -1.38
CA LYS B 4718 11.32 -65.18 -0.90
C LYS B 4718 10.51 -65.23 0.38
N PHE B 4719 10.06 -64.07 0.88
CA PHE B 4719 9.30 -63.99 2.13
C PHE B 4719 7.89 -63.47 1.91
N VAL B 4720 7.35 -63.63 0.70
CA VAL B 4720 5.98 -63.17 0.44
C VAL B 4720 4.97 -63.99 1.23
N LYS B 4721 5.25 -65.28 1.45
CA LYS B 4721 4.35 -66.12 2.23
C LYS B 4721 4.21 -65.59 3.66
N ARG B 4722 5.33 -65.25 4.30
CA ARG B 4722 5.27 -64.70 5.64
C ARG B 4722 4.57 -63.35 5.66
N LYS B 4723 4.79 -62.53 4.64
CA LYS B 4723 4.14 -61.23 4.57
C LYS B 4723 2.63 -61.37 4.49
N VAL B 4724 2.15 -62.25 3.61
CA VAL B 4724 0.70 -62.42 3.48
C VAL B 4724 0.13 -63.12 4.72
N LEU B 4725 0.90 -63.99 5.35
CA LEU B 4725 0.44 -64.62 6.59
C LEU B 4725 0.26 -63.58 7.70
N ASP B 4726 1.21 -62.65 7.83
CA ASP B 4726 1.11 -61.60 8.83
C ASP B 4726 0.08 -60.54 8.46
N LYS B 4727 -0.25 -60.39 7.18
CA LYS B 4727 -1.24 -59.40 6.75
C LYS B 4727 -2.67 -59.90 6.83
N HIS B 4728 -2.94 -61.16 6.47
CA HIS B 4728 -4.29 -61.68 6.44
C HIS B 4728 -4.53 -62.83 7.41
N GLY B 4729 -3.54 -63.22 8.20
CA GLY B 4729 -3.69 -64.37 9.08
C GLY B 4729 -4.48 -64.14 10.34
N ASP B 4730 -4.90 -62.90 10.59
CA ASP B 4730 -5.67 -62.56 11.79
C ASP B 4730 -7.17 -62.51 11.52
N ILE B 4731 -7.59 -61.74 10.50
CA ILE B 4731 -9.00 -61.69 10.15
C ILE B 4731 -9.48 -63.06 9.68
N PHE B 4732 -8.70 -63.71 8.83
CA PHE B 4732 -8.97 -65.07 8.38
C PHE B 4732 -8.19 -66.06 9.23
N GLY B 4733 -8.49 -67.34 9.03
CA GLY B 4733 -7.83 -68.39 9.78
C GLY B 4733 -6.34 -68.47 9.53
N ARG B 4734 -5.54 -68.36 10.59
CA ARG B 4734 -4.10 -68.51 10.45
C ARG B 4734 -3.71 -69.91 10.02
N GLU B 4735 -4.33 -70.92 10.64
CA GLU B 4735 -4.04 -72.31 10.27
C GLU B 4735 -4.49 -72.61 8.85
N ARG B 4736 -5.66 -72.11 8.46
CA ARG B 4736 -6.13 -72.35 7.10
C ARG B 4736 -5.29 -71.62 6.07
N ILE B 4737 -4.78 -70.43 6.41
CA ILE B 4737 -3.88 -69.72 5.50
C ILE B 4737 -2.56 -70.47 5.36
N ALA B 4738 -2.04 -70.99 6.48
CA ALA B 4738 -0.80 -71.78 6.42
C ALA B 4738 -1.00 -73.03 5.58
N GLU B 4739 -2.16 -73.69 5.71
CA GLU B 4739 -2.45 -74.86 4.90
C GLU B 4739 -2.57 -74.50 3.42
N LEU B 4740 -3.22 -73.37 3.12
CA LEU B 4740 -3.37 -72.95 1.73
C LEU B 4740 -2.02 -72.64 1.10
N LEU B 4741 -1.15 -71.95 1.83
CA LEU B 4741 0.17 -71.61 1.33
C LEU B 4741 1.18 -72.72 1.52
N GLY B 4742 0.81 -73.81 2.17
CA GLY B 4742 1.67 -74.97 2.31
C GLY B 4742 2.93 -74.74 3.11
N MET B 4743 3.03 -73.63 3.84
CA MET B 4743 4.20 -73.37 4.67
C MET B 4743 4.04 -74.01 6.03
N ASP B 4744 5.17 -74.30 6.68
CA ASP B 4744 5.14 -74.87 8.01
C ASP B 4744 4.49 -73.90 8.99
N LEU B 4745 3.73 -74.44 9.93
CA LEU B 4745 3.05 -73.62 10.92
C LEU B 4745 4.07 -72.93 11.83
N ALA B 4746 3.58 -71.99 12.64
CA ALA B 4746 4.45 -71.26 13.55
C ALA B 4746 5.10 -72.17 14.58
N SER B 4747 4.53 -73.35 14.82
CA SER B 4747 5.16 -74.30 15.74
C SER B 4747 6.51 -74.77 15.21
N LEU B 4748 6.58 -75.07 13.91
CA LEU B 4748 7.83 -75.55 13.33
C LEU B 4748 8.77 -74.40 12.99
N GLU B 4749 8.35 -73.52 12.08
CA GLU B 4749 9.16 -72.38 11.66
C GLU B 4749 8.69 -71.14 12.40
N ILE B 4750 9.10 -71.04 13.67
CA ILE B 4750 8.70 -69.91 14.50
C ILE B 4750 9.48 -68.66 14.12
N THR B 4751 10.80 -68.70 14.28
CA THR B 4751 11.68 -67.58 13.97
C THR B 4751 12.91 -68.10 13.26
N ALA B 4752 13.82 -67.18 12.93
CA ALA B 4752 15.09 -67.54 12.31
C ALA B 4752 16.17 -67.82 13.36
N HIS B 4753 15.86 -68.76 14.27
CA HIS B 4753 16.80 -69.09 15.33
C HIS B 4753 18.09 -69.71 14.77
N ASN B 4754 17.94 -70.60 13.79
CA ASN B 4754 19.08 -71.28 13.16
C ASN B 4754 19.95 -71.99 14.19
N GLY B 4763 25.30 -85.61 -9.24
CA GLY B 4763 24.00 -85.37 -8.63
C GLY B 4763 22.95 -86.38 -9.04
N LEU B 4764 23.30 -87.67 -8.92
CA LEU B 4764 22.36 -88.73 -9.28
C LEU B 4764 21.18 -88.81 -8.31
N LEU B 4765 21.33 -88.28 -7.09
CA LEU B 4765 20.26 -88.29 -6.10
C LEU B 4765 19.56 -86.94 -5.98
N THR B 4766 20.30 -85.84 -6.06
CA THR B 4766 19.68 -84.52 -5.95
C THR B 4766 18.74 -84.26 -7.13
N TRP B 4767 19.15 -84.65 -8.33
CA TRP B 4767 18.33 -84.43 -9.52
C TRP B 4767 17.25 -85.49 -9.71
N LEU B 4768 17.23 -86.53 -8.88
CA LEU B 4768 16.24 -87.58 -8.99
C LEU B 4768 15.27 -87.63 -7.83
N MET B 4769 15.57 -86.98 -6.71
CA MET B 4769 14.70 -86.96 -5.54
C MET B 4769 14.27 -85.57 -5.10
N SER B 4770 15.13 -84.57 -5.26
CA SER B 4770 14.81 -83.20 -4.84
C SER B 4770 14.20 -82.42 -6.02
N ILE B 4771 13.08 -82.92 -6.51
CA ILE B 4771 12.35 -82.32 -7.62
C ILE B 4771 10.93 -82.01 -7.14
N ASP B 4772 10.51 -80.76 -7.32
CA ASP B 4772 9.17 -80.33 -6.93
C ASP B 4772 8.22 -80.64 -8.09
N VAL B 4773 7.52 -81.77 -7.98
CA VAL B 4773 6.69 -82.26 -9.08
C VAL B 4773 5.57 -81.27 -9.40
N LYS B 4774 4.90 -80.76 -8.36
CA LYS B 4774 3.81 -79.80 -8.58
C LYS B 4774 4.33 -78.51 -9.23
N TYR B 4775 5.46 -77.99 -8.73
CA TYR B 4775 6.03 -76.79 -9.31
C TYR B 4775 6.48 -77.03 -10.74
N GLN B 4776 7.05 -78.21 -11.01
CA GLN B 4776 7.47 -78.52 -12.39
C GLN B 4776 6.27 -78.61 -13.32
N ILE B 4777 5.16 -79.20 -12.85
CA ILE B 4777 3.95 -79.27 -13.67
C ILE B 4777 3.42 -77.88 -13.96
N TRP B 4778 3.36 -77.02 -12.94
CA TRP B 4778 2.88 -75.65 -13.15
C TRP B 4778 3.79 -74.89 -14.12
N LYS B 4779 5.11 -75.04 -13.96
CA LYS B 4779 6.05 -74.37 -14.85
C LYS B 4779 5.91 -74.87 -16.27
N PHE B 4780 5.73 -76.18 -16.45
CA PHE B 4780 5.56 -76.73 -17.79
C PHE B 4780 4.28 -76.23 -18.43
N GLY B 4781 3.20 -76.13 -17.65
CA GLY B 4781 1.97 -75.55 -18.18
C GLY B 4781 2.15 -74.10 -18.62
N VAL B 4782 2.83 -73.31 -17.79
CA VAL B 4782 3.08 -71.92 -18.14
C VAL B 4782 3.93 -71.82 -19.41
N ILE B 4783 4.97 -72.66 -19.51
CA ILE B 4783 5.84 -72.64 -20.69
C ILE B 4783 5.06 -73.03 -21.94
N PHE B 4784 4.25 -74.11 -21.84
CA PHE B 4784 3.49 -74.57 -22.99
C PHE B 4784 2.41 -73.58 -23.40
N THR B 4785 1.93 -72.75 -22.47
CA THR B 4785 0.96 -71.72 -22.84
C THR B 4785 1.61 -70.59 -23.63
N ASP B 4786 2.94 -70.44 -23.55
CA ASP B 4786 3.61 -69.35 -24.24
C ASP B 4786 3.53 -69.52 -25.74
N ASN B 4787 3.35 -68.40 -26.46
CA ASN B 4787 3.21 -68.45 -27.91
C ASN B 4787 4.53 -68.77 -28.60
N SER B 4788 5.62 -68.12 -28.17
CA SER B 4788 6.90 -68.33 -28.82
C SER B 4788 7.39 -69.76 -28.66
N PHE B 4789 7.21 -70.34 -27.47
CA PHE B 4789 7.61 -71.72 -27.26
C PHE B 4789 6.79 -72.67 -28.13
N LEU B 4790 5.49 -72.41 -28.26
CA LEU B 4790 4.66 -73.23 -29.14
C LEU B 4790 5.12 -73.11 -30.60
N TYR B 4791 5.46 -71.90 -31.04
CA TYR B 4791 5.94 -71.73 -32.40
C TYR B 4791 7.24 -72.49 -32.64
N LEU B 4792 8.17 -72.40 -31.68
CA LEU B 4792 9.43 -73.12 -31.83
C LEU B 4792 9.23 -74.63 -31.77
N GLY B 4793 8.31 -75.10 -30.93
CA GLY B 4793 8.00 -76.52 -30.89
C GLY B 4793 7.42 -77.02 -32.20
N TRP B 4794 6.51 -76.24 -32.80
CA TRP B 4794 5.98 -76.60 -34.11
C TRP B 4794 7.07 -76.59 -35.17
N TYR B 4795 7.97 -75.60 -35.10
CA TYR B 4795 9.09 -75.55 -36.02
C TYR B 4795 9.93 -76.82 -35.94
N MET B 4796 10.29 -77.24 -34.72
CA MET B 4796 11.09 -78.45 -34.55
C MET B 4796 10.31 -79.70 -34.97
N VAL B 4797 9.01 -79.75 -34.68
CA VAL B 4797 8.20 -80.91 -35.04
C VAL B 4797 8.16 -81.07 -36.55
N MET B 4798 7.94 -79.96 -37.27
CA MET B 4798 7.89 -80.06 -38.73
C MET B 4798 9.26 -80.29 -39.33
N SER B 4799 10.32 -79.79 -38.67
CA SER B 4799 11.67 -80.13 -39.11
C SER B 4799 11.91 -81.63 -39.00
N LEU B 4800 11.46 -82.25 -37.91
CA LEU B 4800 11.56 -83.70 -37.78
C LEU B 4800 10.73 -84.40 -38.83
N LEU B 4801 9.51 -83.91 -39.08
CA LEU B 4801 8.63 -84.51 -40.08
C LEU B 4801 9.19 -84.37 -41.50
N GLY B 4802 10.04 -83.38 -41.73
CA GLY B 4802 10.64 -83.21 -43.05
C GLY B 4802 11.52 -84.36 -43.48
N HIS B 4803 11.99 -85.18 -42.54
CA HIS B 4803 12.74 -86.37 -42.89
C HIS B 4803 11.84 -87.46 -43.44
N TYR B 4804 10.59 -87.55 -42.96
CA TYR B 4804 9.64 -88.49 -43.53
C TYR B 4804 9.33 -88.15 -44.98
N ASN B 4805 9.14 -86.88 -45.28
CA ASN B 4805 8.94 -86.41 -46.65
C ASN B 4805 9.64 -85.07 -46.81
N ASN B 4806 10.52 -84.98 -47.82
CA ASN B 4806 11.37 -83.80 -47.96
C ASN B 4806 10.59 -82.53 -48.25
N PHE B 4807 9.34 -82.64 -48.70
CA PHE B 4807 8.57 -81.46 -49.04
C PHE B 4807 7.97 -80.76 -47.82
N PHE B 4808 8.11 -81.33 -46.63
CA PHE B 4808 7.62 -80.68 -45.42
C PHE B 4808 8.51 -79.52 -44.97
N PHE B 4809 9.67 -79.34 -45.59
CA PHE B 4809 10.54 -78.20 -45.29
C PHE B 4809 10.05 -76.91 -45.93
N ALA B 4810 9.01 -76.98 -46.77
CA ALA B 4810 8.54 -75.78 -47.45
C ALA B 4810 7.88 -74.79 -46.48
N ALA B 4811 7.24 -75.29 -45.42
CA ALA B 4811 6.55 -74.41 -44.50
C ALA B 4811 7.52 -73.55 -43.69
N HIS B 4812 8.73 -74.05 -43.44
CA HIS B 4812 9.75 -73.26 -42.77
C HIS B 4812 10.19 -72.05 -43.60
N LEU B 4813 9.96 -72.09 -44.92
CA LEU B 4813 10.25 -70.93 -45.76
C LEU B 4813 9.34 -69.76 -45.42
N LEU B 4814 8.07 -70.04 -45.12
CA LEU B 4814 7.08 -69.00 -44.84
C LEU B 4814 6.99 -68.64 -43.37
N ASP B 4815 6.98 -69.65 -42.48
CA ASP B 4815 6.69 -69.40 -41.08
C ASP B 4815 7.75 -68.55 -40.39
N ILE B 4816 8.97 -68.51 -40.92
CA ILE B 4816 10.02 -67.70 -40.32
C ILE B 4816 10.27 -66.41 -41.10
N ALA B 4817 9.83 -66.32 -42.35
CA ALA B 4817 9.95 -65.07 -43.10
C ALA B 4817 9.12 -63.96 -42.50
N MET B 4818 8.09 -64.30 -41.71
CA MET B 4818 7.29 -63.29 -41.02
C MET B 4818 7.97 -62.75 -39.76
N GLY B 4819 9.08 -63.35 -39.33
CA GLY B 4819 9.82 -62.83 -38.19
C GLY B 4819 10.41 -61.46 -38.42
N VAL B 4820 10.49 -61.03 -39.68
CA VAL B 4820 10.94 -59.68 -39.98
C VAL B 4820 9.87 -58.67 -39.60
N LYS B 4821 10.28 -57.41 -39.49
CA LYS B 4821 9.38 -56.37 -38.98
C LYS B 4821 8.27 -56.05 -39.98
N THR B 4822 8.62 -55.86 -41.25
CA THR B 4822 7.64 -55.39 -42.23
C THR B 4822 6.55 -56.43 -42.47
N LEU B 4823 6.91 -57.70 -42.59
CA LEU B 4823 5.95 -58.75 -42.91
C LEU B 4823 5.23 -59.29 -41.69
N ARG B 4824 5.58 -58.84 -40.48
CA ARG B 4824 4.91 -59.33 -39.28
C ARG B 4824 3.51 -58.78 -39.14
N THR B 4825 3.29 -57.52 -39.54
CA THR B 4825 1.97 -56.93 -39.44
C THR B 4825 1.02 -57.39 -40.55
N ILE B 4826 1.55 -57.95 -41.63
CA ILE B 4826 0.69 -58.45 -42.70
C ILE B 4826 -0.21 -59.57 -42.19
N LEU B 4827 0.36 -60.50 -41.43
CA LEU B 4827 -0.45 -61.57 -40.84
C LEU B 4827 -1.31 -61.05 -39.70
N SER B 4828 -0.82 -60.07 -38.93
CA SER B 4828 -1.62 -59.51 -37.84
C SER B 4828 -2.84 -58.78 -38.36
N SER B 4829 -2.78 -58.29 -39.60
CA SER B 4829 -3.95 -57.61 -40.18
C SER B 4829 -5.13 -58.55 -40.32
N VAL B 4830 -4.87 -59.82 -40.62
CA VAL B 4830 -5.95 -60.78 -40.82
C VAL B 4830 -6.73 -60.98 -39.52
N THR B 4831 -6.03 -61.14 -38.40
CA THR B 4831 -6.67 -61.37 -37.11
C THR B 4831 -7.02 -60.07 -36.37
N HIS B 4832 -6.59 -58.92 -36.90
CA HIS B 4832 -6.96 -57.65 -36.27
C HIS B 4832 -8.47 -57.42 -36.34
N ASN B 4833 -9.04 -57.53 -37.53
CA ASN B 4833 -10.49 -57.52 -37.69
C ASN B 4833 -11.05 -58.94 -37.73
N GLY B 4834 -10.68 -59.74 -36.72
CA GLY B 4834 -11.12 -61.12 -36.68
C GLY B 4834 -12.61 -61.27 -36.46
N LYS B 4835 -13.17 -60.43 -35.59
CA LYS B 4835 -14.61 -60.50 -35.30
C LYS B 4835 -15.45 -59.89 -36.40
N GLN B 4836 -14.84 -59.30 -37.43
CA GLN B 4836 -15.57 -58.74 -38.56
C GLN B 4836 -15.40 -59.53 -39.85
N LEU B 4837 -14.21 -60.09 -40.09
CA LEU B 4837 -14.00 -60.87 -41.31
C LEU B 4837 -14.90 -62.10 -41.36
N VAL B 4838 -14.98 -62.84 -40.25
CA VAL B 4838 -15.78 -64.05 -40.22
C VAL B 4838 -17.25 -63.73 -40.48
N MET B 4839 -17.74 -62.66 -39.87
CA MET B 4839 -19.15 -62.30 -40.03
C MET B 4839 -19.44 -61.73 -41.41
N THR B 4840 -18.50 -61.01 -42.02
CA THR B 4840 -18.68 -60.57 -43.41
C THR B 4840 -18.72 -61.77 -44.35
N VAL B 4841 -17.85 -62.75 -44.12
CA VAL B 4841 -17.88 -63.97 -44.95
C VAL B 4841 -19.19 -64.72 -44.74
N GLY B 4842 -19.69 -64.75 -43.49
CA GLY B 4842 -20.97 -65.38 -43.23
C GLY B 4842 -22.12 -64.67 -43.93
N LEU B 4843 -22.10 -63.34 -43.94
CA LEU B 4843 -23.12 -62.59 -44.68
C LEU B 4843 -23.04 -62.87 -46.17
N LEU B 4844 -21.83 -62.95 -46.70
CA LEU B 4844 -21.65 -63.31 -48.11
C LEU B 4844 -22.22 -64.70 -48.40
N ALA B 4845 -21.95 -65.66 -47.50
CA ALA B 4845 -22.47 -67.01 -47.68
C ALA B 4845 -23.99 -67.02 -47.63
N VAL B 4846 -24.58 -66.25 -46.73
CA VAL B 4846 -26.04 -66.19 -46.64
C VAL B 4846 -26.64 -65.59 -47.91
N VAL B 4847 -26.02 -64.53 -48.43
CA VAL B 4847 -26.50 -63.92 -49.66
C VAL B 4847 -26.41 -64.91 -50.82
N VAL B 4848 -25.28 -65.62 -50.92
CA VAL B 4848 -25.13 -66.61 -51.98
C VAL B 4848 -26.14 -67.74 -51.81
N TYR B 4849 -26.46 -68.10 -50.56
CA TYR B 4849 -27.47 -69.13 -50.32
C TYR B 4849 -28.84 -68.67 -50.78
N LEU B 4850 -29.19 -67.41 -50.53
CA LEU B 4850 -30.48 -66.90 -50.99
C LEU B 4850 -30.55 -66.89 -52.51
N TYR B 4851 -29.47 -66.46 -53.18
CA TYR B 4851 -29.45 -66.53 -54.64
C TYR B 4851 -29.52 -67.96 -55.13
N THR B 4852 -28.91 -68.90 -54.41
CA THR B 4852 -28.98 -70.30 -54.77
C THR B 4852 -30.41 -70.82 -54.68
N VAL B 4853 -31.13 -70.44 -53.62
CA VAL B 4853 -32.53 -70.85 -53.48
C VAL B 4853 -33.35 -70.28 -54.64
N VAL B 4854 -33.16 -69.01 -54.95
CA VAL B 4854 -33.93 -68.38 -56.03
C VAL B 4854 -33.64 -69.07 -57.37
N ALA B 4855 -32.36 -69.36 -57.64
CA ALA B 4855 -32.00 -70.03 -58.89
C ALA B 4855 -32.55 -71.45 -58.95
N PHE B 4856 -32.50 -72.17 -57.82
CA PHE B 4856 -32.99 -73.54 -57.80
C PHE B 4856 -34.49 -73.60 -58.03
N ASN B 4857 -35.23 -72.65 -57.47
CA ASN B 4857 -36.68 -72.69 -57.64
C ASN B 4857 -37.13 -72.34 -59.05
N PHE B 4858 -36.47 -71.38 -59.70
CA PHE B 4858 -36.98 -70.81 -60.93
C PHE B 4858 -36.06 -71.01 -62.13
N PHE B 4859 -34.76 -70.72 -62.00
CA PHE B 4859 -33.85 -70.68 -63.15
C PHE B 4859 -33.04 -71.96 -63.30
N ARG B 4860 -33.66 -73.11 -63.01
CA ARG B 4860 -32.94 -74.38 -63.09
C ARG B 4860 -32.54 -74.71 -64.52
N LYS B 4861 -33.39 -74.38 -65.50
CA LYS B 4861 -33.17 -74.79 -66.87
C LYS B 4861 -31.92 -74.15 -67.49
N PHE B 4862 -31.39 -73.09 -66.88
CA PHE B 4862 -30.28 -72.38 -67.49
C PHE B 4862 -28.92 -72.95 -67.12
N TYR B 4863 -28.81 -73.69 -66.01
CA TYR B 4863 -27.50 -74.12 -65.49
C TYR B 4863 -27.07 -75.41 -66.17
N ASN B 4864 -26.82 -75.31 -67.47
CA ASN B 4864 -26.33 -76.41 -68.29
C ASN B 4864 -24.89 -76.11 -68.71
N LYS B 4865 -23.99 -77.07 -68.48
CA LYS B 4865 -22.56 -76.85 -68.69
C LYS B 4865 -21.94 -77.92 -69.57
N SER B 4866 -22.70 -78.49 -70.50
CA SER B 4866 -22.15 -79.50 -71.40
C SER B 4866 -23.01 -79.60 -72.64
N GLU B 4867 -22.36 -79.87 -73.78
CA GLU B 4867 -23.04 -80.09 -75.06
C GLU B 4867 -22.31 -81.23 -75.78
N ASP B 4868 -22.70 -82.47 -75.45
CA ASP B 4868 -22.08 -83.64 -76.07
C ASP B 4868 -23.09 -84.74 -76.39
N GLU B 4869 -24.37 -84.39 -76.52
CA GLU B 4869 -25.52 -85.29 -76.59
C GLU B 4869 -25.76 -86.01 -75.26
N ASP B 4870 -24.89 -85.83 -74.29
CA ASP B 4870 -25.15 -86.15 -72.88
C ASP B 4870 -25.41 -84.86 -72.12
N GLU B 4871 -26.13 -83.94 -72.77
CA GLU B 4871 -26.30 -82.53 -72.47
C GLU B 4871 -26.43 -82.16 -70.99
N PRO B 4872 -27.43 -82.72 -70.25
CA PRO B 4872 -27.90 -82.03 -69.03
C PRO B 4872 -26.82 -81.45 -68.12
N ASP B 4873 -25.95 -82.30 -67.56
CA ASP B 4873 -24.91 -81.87 -66.64
C ASP B 4873 -25.43 -80.82 -65.67
N MET B 4874 -26.63 -81.04 -65.13
CA MET B 4874 -27.34 -79.99 -64.40
C MET B 4874 -26.54 -79.58 -63.16
N LYS B 4875 -25.99 -78.36 -63.20
CA LYS B 4875 -25.32 -77.83 -62.03
C LYS B 4875 -26.29 -77.60 -60.89
N CYS B 4876 -27.48 -77.09 -61.20
CA CYS B 4876 -28.51 -76.86 -60.18
C CYS B 4876 -29.66 -77.84 -60.43
N ASP B 4877 -29.49 -79.06 -59.90
CA ASP B 4877 -30.57 -80.01 -59.71
C ASP B 4877 -30.55 -80.55 -58.28
N ASP B 4878 -29.66 -80.03 -57.45
CA ASP B 4878 -29.56 -80.37 -56.04
C ASP B 4878 -29.15 -79.10 -55.32
N MET B 4879 -29.72 -78.88 -54.13
CA MET B 4879 -29.44 -77.65 -53.40
C MET B 4879 -27.97 -77.55 -53.03
N MET B 4880 -27.36 -78.66 -52.61
CA MET B 4880 -25.93 -78.65 -52.29
C MET B 4880 -25.09 -78.36 -53.54
N THR B 4881 -25.42 -79.00 -54.66
CA THR B 4881 -24.66 -78.78 -55.89
C THR B 4881 -24.83 -77.35 -56.40
N CYS B 4882 -26.05 -76.82 -56.35
CA CYS B 4882 -26.28 -75.44 -56.76
C CYS B 4882 -25.53 -74.46 -55.86
N TYR B 4883 -25.55 -74.70 -54.55
CA TYR B 4883 -24.82 -73.84 -53.62
C TYR B 4883 -23.32 -73.90 -53.87
N LEU B 4884 -22.80 -75.09 -54.13
CA LEU B 4884 -21.37 -75.23 -54.40
C LEU B 4884 -20.99 -74.55 -55.71
N PHE B 4885 -21.85 -74.64 -56.72
CA PHE B 4885 -21.59 -73.95 -57.98
C PHE B 4885 -21.59 -72.43 -57.80
N HIS B 4886 -22.55 -71.92 -57.01
CA HIS B 4886 -22.63 -70.48 -56.80
C HIS B 4886 -21.46 -69.97 -55.95
N MET B 4887 -21.05 -70.73 -54.94
CA MET B 4887 -19.96 -70.29 -54.07
C MET B 4887 -18.60 -70.46 -54.73
N TYR B 4888 -18.41 -71.53 -55.50
CA TYR B 4888 -17.10 -71.82 -56.09
C TYR B 4888 -16.80 -70.85 -57.22
N VAL B 4889 -17.61 -70.87 -58.27
CA VAL B 4889 -17.51 -69.86 -59.33
C VAL B 4889 -18.86 -69.16 -59.38
N GLY B 4890 -19.02 -68.17 -58.51
CA GLY B 4890 -20.03 -67.13 -58.65
C GLY B 4890 -19.43 -65.83 -58.17
N VAL B 4891 -18.24 -65.94 -57.58
CA VAL B 4891 -17.53 -64.80 -57.03
C VAL B 4891 -16.13 -64.64 -57.60
N ARG B 4892 -15.51 -65.73 -58.08
CA ARG B 4892 -14.24 -65.60 -58.78
C ARG B 4892 -14.42 -65.02 -60.17
N ALA B 4893 -15.62 -65.09 -60.73
CA ALA B 4893 -15.92 -64.45 -62.00
C ALA B 4893 -16.02 -62.94 -61.82
N GLY B 4894 -15.61 -62.21 -62.85
CA GLY B 4894 -15.62 -60.75 -62.79
C GLY B 4894 -17.00 -60.14 -62.88
N GLY B 4895 -17.97 -60.88 -63.42
CA GLY B 4895 -19.32 -60.35 -63.57
C GLY B 4895 -20.38 -61.15 -62.84
N GLY B 4896 -20.00 -61.78 -61.74
CA GLY B 4896 -20.96 -62.56 -60.98
C GLY B 4896 -21.30 -63.89 -61.63
N ILE B 4897 -22.52 -64.35 -61.37
CA ILE B 4897 -22.94 -65.65 -61.88
C ILE B 4897 -23.43 -65.58 -63.31
N GLY B 4898 -23.75 -64.38 -63.82
CA GLY B 4898 -24.29 -64.25 -65.16
C GLY B 4898 -23.31 -64.61 -66.27
N ASP B 4899 -22.01 -64.56 -65.98
CA ASP B 4899 -21.02 -64.86 -67.00
C ASP B 4899 -20.97 -66.33 -67.34
N GLU B 4900 -21.21 -67.21 -66.36
CA GLU B 4900 -21.09 -68.65 -66.58
C GLU B 4900 -22.36 -69.26 -67.18
N ILE B 4901 -23.53 -68.77 -66.79
CA ILE B 4901 -24.77 -69.36 -67.26
C ILE B 4901 -25.08 -68.86 -68.67
N GLU B 4902 -26.01 -69.54 -69.33
CA GLU B 4902 -26.35 -69.21 -70.70
C GLU B 4902 -27.23 -67.96 -70.77
N ASP B 4903 -27.33 -67.40 -71.97
CA ASP B 4903 -28.04 -66.15 -72.16
C ASP B 4903 -29.55 -66.35 -72.02
N PRO B 4904 -30.25 -65.43 -71.37
CA PRO B 4904 -31.71 -65.52 -71.25
C PRO B 4904 -32.50 -64.84 -72.36
N ALA B 4905 -31.86 -64.47 -73.47
CA ALA B 4905 -32.50 -63.70 -74.53
C ALA B 4905 -33.72 -64.41 -75.09
N GLY B 4906 -34.91 -63.82 -74.89
CA GLY B 4906 -36.15 -64.39 -75.40
C GLY B 4906 -36.48 -65.74 -74.80
N ASP B 4907 -36.70 -65.78 -73.48
CA ASP B 4907 -37.01 -67.03 -72.81
C ASP B 4907 -38.11 -66.87 -71.76
N GLU B 4908 -38.96 -65.84 -71.88
CA GLU B 4908 -40.09 -65.52 -71.01
C GLU B 4908 -39.66 -65.16 -69.58
N TYR B 4909 -38.37 -65.24 -69.26
CA TYR B 4909 -37.82 -64.82 -67.98
C TYR B 4909 -36.64 -63.90 -68.16
N GLU B 4910 -36.56 -63.22 -69.30
CA GLU B 4910 -35.37 -62.42 -69.62
C GLU B 4910 -35.17 -61.29 -68.63
N LEU B 4911 -36.24 -60.55 -68.31
CA LEU B 4911 -36.11 -59.45 -67.37
C LEU B 4911 -35.81 -59.93 -65.96
N TYR B 4912 -36.48 -61.00 -65.52
CA TYR B 4912 -36.22 -61.54 -64.19
C TYR B 4912 -34.78 -62.00 -64.05
N ARG B 4913 -34.26 -62.72 -65.04
CA ARG B 4913 -32.88 -63.20 -64.96
C ARG B 4913 -31.87 -62.07 -65.14
N VAL B 4914 -32.20 -61.05 -65.93
CA VAL B 4914 -31.32 -59.89 -66.05
C VAL B 4914 -31.21 -59.18 -64.71
N VAL B 4915 -32.34 -58.98 -64.03
CA VAL B 4915 -32.32 -58.39 -62.70
C VAL B 4915 -31.54 -59.28 -61.74
N PHE B 4916 -31.75 -60.58 -61.82
CA PHE B 4916 -31.02 -61.54 -60.99
C PHE B 4916 -29.51 -61.38 -61.14
N ASP B 4917 -29.02 -61.41 -62.38
CA ASP B 4917 -27.59 -61.30 -62.63
C ASP B 4917 -27.04 -59.94 -62.20
N ILE B 4918 -27.75 -58.86 -62.54
CA ILE B 4918 -27.25 -57.52 -62.23
C ILE B 4918 -27.17 -57.32 -60.72
N THR B 4919 -28.21 -57.73 -60.00
CA THR B 4919 -28.20 -57.57 -58.55
C THR B 4919 -27.20 -58.52 -57.88
N PHE B 4920 -26.99 -59.73 -58.41
CA PHE B 4920 -25.93 -60.58 -57.89
C PHE B 4920 -24.58 -59.89 -58.03
N PHE B 4921 -24.27 -59.43 -59.23
CA PHE B 4921 -22.99 -58.75 -59.48
C PHE B 4921 -22.82 -57.56 -58.53
N PHE B 4922 -23.80 -56.66 -58.50
CA PHE B 4922 -23.68 -55.45 -57.70
C PHE B 4922 -23.57 -55.77 -56.21
N PHE B 4923 -24.42 -56.67 -55.70
CA PHE B 4923 -24.47 -56.91 -54.26
C PHE B 4923 -23.30 -57.73 -53.76
N VAL B 4924 -22.72 -58.58 -54.59
CA VAL B 4924 -21.58 -59.39 -54.17
C VAL B 4924 -20.26 -58.77 -54.59
N ILE B 4925 -20.00 -58.71 -55.90
CA ILE B 4925 -18.64 -58.48 -56.39
C ILE B 4925 -18.15 -57.09 -56.01
N VAL B 4926 -18.97 -56.06 -56.19
CA VAL B 4926 -18.55 -54.69 -56.00
C VAL B 4926 -18.96 -54.14 -54.63
N ILE B 4927 -19.52 -54.99 -53.76
CA ILE B 4927 -19.88 -54.53 -52.43
C ILE B 4927 -19.18 -55.36 -51.36
N LEU B 4928 -19.45 -56.67 -51.31
CA LEU B 4928 -18.95 -57.45 -50.19
C LEU B 4928 -17.46 -57.73 -50.32
N LEU B 4929 -16.99 -58.03 -51.53
CA LEU B 4929 -15.55 -58.20 -51.74
C LEU B 4929 -14.81 -56.91 -51.45
N ALA B 4930 -15.38 -55.78 -51.88
CA ALA B 4930 -14.77 -54.48 -51.58
C ALA B 4930 -14.75 -54.22 -50.08
N ILE B 4931 -15.80 -54.63 -49.36
CA ILE B 4931 -15.83 -54.45 -47.92
C ILE B 4931 -14.74 -55.26 -47.24
N ILE B 4932 -14.57 -56.52 -47.67
CA ILE B 4932 -13.52 -57.37 -47.11
C ILE B 4932 -12.14 -56.77 -47.39
N GLN B 4933 -11.92 -56.33 -48.63
CA GLN B 4933 -10.64 -55.72 -49.00
C GLN B 4933 -10.37 -54.48 -48.16
N GLY B 4934 -11.40 -53.62 -48.01
CA GLY B 4934 -11.25 -52.43 -47.20
C GLY B 4934 -10.96 -52.74 -45.75
N LEU B 4935 -11.63 -53.75 -45.19
CA LEU B 4935 -11.34 -54.15 -43.82
C LEU B 4935 -9.88 -54.55 -43.66
N ILE B 4936 -9.38 -55.41 -44.55
CA ILE B 4936 -8.00 -55.88 -44.45
C ILE B 4936 -7.02 -54.72 -44.59
N ILE B 4937 -7.19 -53.91 -45.64
CA ILE B 4937 -6.22 -52.85 -45.91
C ILE B 4937 -6.28 -51.77 -44.83
N ASP B 4938 -7.47 -51.46 -44.33
CA ASP B 4938 -7.59 -50.46 -43.28
C ASP B 4938 -6.99 -50.94 -41.98
N ALA B 4939 -7.17 -52.23 -41.65
CA ALA B 4939 -6.53 -52.78 -40.47
C ALA B 4939 -5.01 -52.70 -40.59
N PHE B 4940 -4.48 -53.05 -41.77
CA PHE B 4940 -3.04 -52.96 -41.99
C PHE B 4940 -2.55 -51.51 -41.88
N GLY B 4941 -3.29 -50.57 -42.46
CA GLY B 4941 -2.89 -49.17 -42.39
C GLY B 4941 -2.92 -48.61 -40.99
N GLU B 4942 -3.96 -48.96 -40.21
CA GLU B 4942 -4.03 -48.48 -38.84
C GLU B 4942 -2.97 -49.14 -37.96
N LEU B 4943 -2.62 -50.40 -38.24
CA LEU B 4943 -1.51 -51.02 -37.54
C LEU B 4943 -0.20 -50.31 -37.83
N ARG B 4944 0.03 -49.93 -39.09
CA ARG B 4944 1.22 -49.16 -39.42
C ARG B 4944 1.19 -47.75 -38.84
N ASP B 4945 0.02 -47.13 -38.71
CA ASP B 4945 -0.09 -45.79 -38.16
C ASP B 4945 0.07 -45.74 -36.65
N GLN B 4946 -0.38 -46.78 -35.94
CA GLN B 4946 -0.19 -46.82 -34.50
C GLN B 4946 1.29 -46.93 -34.14
N GLN B 4947 2.09 -47.58 -34.98
CA GLN B 4947 3.53 -47.63 -34.76
C GLN B 4947 4.21 -46.29 -35.00
N GLU B 4948 3.51 -45.34 -35.63
CA GLU B 4948 4.05 -44.01 -35.85
C GLU B 4948 3.49 -42.96 -34.88
N GLN B 4949 2.28 -43.18 -34.35
CA GLN B 4949 1.73 -42.25 -33.38
C GLN B 4949 2.52 -42.26 -32.08
N VAL B 4950 2.98 -43.44 -31.65
CA VAL B 4950 3.79 -43.54 -30.44
C VAL B 4950 5.16 -42.91 -30.64
N LYS B 4951 5.64 -42.82 -31.87
CA LYS B 4951 6.93 -42.23 -32.17
C LYS B 4951 6.88 -40.72 -32.31
N GLU B 4952 5.68 -40.13 -32.22
CA GLU B 4952 5.53 -38.68 -32.31
C GLU B 4952 4.80 -38.08 -31.12
N ASP B 4953 4.31 -38.90 -30.19
CA ASP B 4953 3.68 -38.36 -28.98
C ASP B 4953 4.71 -37.84 -27.99
N MET B 4954 5.91 -38.42 -27.98
CA MET B 4954 6.96 -37.94 -27.08
C MET B 4954 7.36 -36.52 -27.43
N GLU B 4955 7.46 -36.20 -28.72
CA GLU B 4955 8.00 -34.92 -29.17
C GLU B 4955 7.15 -33.73 -28.78
N THR B 4956 6.02 -33.94 -28.09
CA THR B 4956 5.20 -32.84 -27.61
C THR B 4956 4.68 -33.04 -26.19
N LYS B 4957 5.04 -34.14 -25.52
CA LYS B 4957 4.57 -34.42 -24.17
C LYS B 4957 5.69 -35.05 -23.38
N CYS B 4958 5.65 -34.84 -22.06
CA CYS B 4958 6.65 -35.38 -21.15
C CYS B 4958 6.16 -36.69 -20.57
N PHE B 4959 7.02 -37.71 -20.62
CA PHE B 4959 6.64 -39.06 -20.21
C PHE B 4959 6.35 -39.18 -18.72
N ILE B 4960 6.76 -38.20 -17.91
CA ILE B 4960 6.67 -38.34 -16.47
C ILE B 4960 5.78 -37.25 -15.86
N CYS B 4961 6.13 -35.99 -16.09
CA CYS B 4961 5.44 -34.88 -15.43
C CYS B 4961 4.30 -34.31 -16.26
N GLY B 4962 4.01 -34.85 -17.43
CA GLY B 4962 2.90 -34.38 -18.22
C GLY B 4962 3.29 -33.49 -19.38
N ILE B 4963 3.12 -32.18 -19.21
CA ILE B 4963 3.37 -31.24 -20.30
C ILE B 4963 4.82 -31.33 -20.76
N GLY B 4964 5.02 -31.46 -22.07
CA GLY B 4964 6.35 -31.67 -22.61
C GLY B 4964 7.02 -30.50 -23.29
N SER B 4965 6.29 -29.76 -24.15
CA SER B 4965 6.95 -28.80 -25.02
C SER B 4965 6.26 -27.45 -25.13
N ASP B 4966 5.08 -27.26 -24.53
CA ASP B 4966 4.42 -25.96 -24.58
C ASP B 4966 4.92 -25.01 -23.50
N TYR B 4967 5.80 -25.48 -22.62
CA TYR B 4967 6.35 -24.64 -21.55
C TYR B 4967 7.86 -24.72 -21.40
N PHE B 4968 8.52 -25.74 -21.97
CA PHE B 4968 9.94 -25.93 -21.79
C PHE B 4968 10.77 -25.67 -23.04
N ASP B 4969 10.14 -25.54 -24.20
CA ASP B 4969 10.85 -25.32 -25.45
C ASP B 4969 11.05 -23.84 -25.79
N THR B 4970 10.66 -22.94 -24.87
CA THR B 4970 10.86 -21.51 -25.12
C THR B 4970 12.33 -21.14 -25.20
N THR B 4971 13.22 -21.97 -24.65
CA THR B 4971 14.66 -21.80 -24.71
C THR B 4971 15.25 -22.81 -25.69
N PRO B 4972 16.36 -22.49 -26.36
CA PRO B 4972 16.93 -23.44 -27.32
C PRO B 4972 17.39 -24.72 -26.61
N HIS B 4973 17.11 -25.86 -27.26
CA HIS B 4973 17.35 -27.18 -26.68
C HIS B 4973 16.61 -27.36 -25.36
N GLY B 4974 15.52 -26.59 -25.16
CA GLY B 4974 14.82 -26.65 -23.90
C GLY B 4974 14.18 -27.99 -23.62
N PHE B 4975 13.49 -28.55 -24.62
CA PHE B 4975 12.92 -29.88 -24.46
C PHE B 4975 14.01 -30.93 -24.27
N GLU B 4976 15.11 -30.80 -25.02
CA GLU B 4976 16.22 -31.74 -24.87
C GLU B 4976 16.81 -31.65 -23.47
N THR B 4977 16.96 -30.43 -22.93
CA THR B 4977 17.46 -30.30 -21.57
C THR B 4977 16.50 -30.90 -20.56
N HIS B 4978 15.21 -30.58 -20.66
CA HIS B 4978 14.23 -31.13 -19.73
C HIS B 4978 14.15 -32.65 -19.80
N THR B 4979 14.46 -33.25 -20.95
CA THR B 4979 14.47 -34.69 -21.08
C THR B 4979 15.75 -35.33 -20.57
N LEU B 4980 16.90 -34.72 -20.87
CA LEU B 4980 18.20 -35.33 -20.58
C LEU B 4980 18.75 -34.99 -19.22
N GLU B 4981 18.21 -33.99 -18.52
CA GLU B 4981 18.74 -33.59 -17.22
C GLU B 4981 17.76 -33.85 -16.08
N GLU B 4982 16.54 -33.31 -16.17
CA GLU B 4982 15.61 -33.36 -15.06
C GLU B 4982 14.78 -34.65 -15.06
N HIS B 4983 14.03 -34.87 -16.13
CA HIS B 4983 13.09 -36.00 -16.22
C HIS B 4983 13.58 -36.96 -17.30
N ASN B 4984 14.33 -37.98 -16.87
CA ASN B 4984 14.83 -39.02 -17.75
C ASN B 4984 14.44 -40.37 -17.18
N LEU B 4985 13.66 -41.13 -17.96
CA LEU B 4985 13.18 -42.43 -17.47
C LEU B 4985 14.32 -43.40 -17.21
N ALA B 4986 15.35 -43.39 -18.05
CA ALA B 4986 16.51 -44.23 -17.80
C ALA B 4986 17.19 -43.84 -16.49
N ASN B 4987 17.22 -42.55 -16.19
CA ASN B 4987 17.80 -42.11 -14.92
C ASN B 4987 16.96 -42.57 -13.73
N TYR B 4988 15.63 -42.58 -13.87
CA TYR B 4988 14.80 -43.13 -12.81
C TYR B 4988 15.05 -44.62 -12.62
N MET B 4989 15.21 -45.36 -13.72
CA MET B 4989 15.56 -46.77 -13.61
C MET B 4989 16.89 -46.95 -12.89
N PHE B 4990 17.88 -46.12 -13.23
CA PHE B 4990 19.18 -46.17 -12.56
C PHE B 4990 19.04 -45.87 -11.08
N PHE B 4991 18.17 -44.92 -10.71
CA PHE B 4991 17.92 -44.63 -9.31
C PHE B 4991 17.31 -45.83 -8.60
N LEU B 4992 16.39 -46.53 -9.27
CA LEU B 4992 15.82 -47.73 -8.66
C LEU B 4992 16.88 -48.80 -8.42
N MET B 4993 17.75 -49.03 -9.41
CA MET B 4993 18.84 -49.98 -9.20
C MET B 4993 19.79 -49.54 -8.09
N TYR B 4994 20.07 -48.23 -8.02
CA TYR B 4994 20.95 -47.71 -6.98
C TYR B 4994 20.34 -47.94 -5.60
N LEU B 4995 19.04 -47.69 -5.44
CA LEU B 4995 18.39 -47.94 -4.16
C LEU B 4995 18.38 -49.42 -3.82
N ILE B 4996 18.14 -50.28 -4.81
CA ILE B 4996 18.16 -51.72 -4.54
C ILE B 4996 19.54 -52.17 -4.09
N ASN B 4997 20.59 -51.67 -4.73
CA ASN B 4997 21.95 -52.12 -4.40
C ASN B 4997 22.45 -51.51 -3.11
N LYS B 4998 22.03 -50.29 -2.78
CA LYS B 4998 22.56 -49.60 -1.60
C LYS B 4998 22.04 -50.24 -0.32
N ASP B 4999 22.88 -50.24 0.70
CA ASP B 4999 22.50 -50.75 2.01
C ASP B 4999 21.47 -49.83 2.66
N GLU B 5000 20.57 -50.44 3.44
CA GLU B 5000 19.50 -49.67 4.07
C GLU B 5000 20.04 -48.69 5.10
N THR B 5001 21.20 -48.98 5.70
CA THR B 5001 21.79 -48.10 6.70
C THR B 5001 22.49 -46.89 6.09
N GLU B 5002 22.75 -46.91 4.79
CA GLU B 5002 23.40 -45.79 4.12
C GLU B 5002 22.44 -44.90 3.36
N HIS B 5003 21.13 -45.16 3.43
CA HIS B 5003 20.16 -44.37 2.70
C HIS B 5003 20.07 -42.97 3.28
N THR B 5004 20.02 -41.98 2.39
CA THR B 5004 19.78 -40.60 2.77
C THR B 5004 18.28 -40.43 3.07
N GLY B 5005 17.89 -39.24 3.52
CA GLY B 5005 16.50 -39.00 3.85
C GLY B 5005 15.59 -39.15 2.63
N GLN B 5006 15.97 -38.52 1.52
CA GLN B 5006 15.19 -38.64 0.29
C GLN B 5006 15.22 -40.07 -0.24
N GLU B 5007 16.39 -40.72 -0.20
CA GLU B 5007 16.48 -42.10 -0.66
C GLU B 5007 15.63 -43.01 0.20
N SER B 5008 15.65 -42.83 1.52
CA SER B 5008 14.80 -43.63 2.40
C SER B 5008 13.32 -43.38 2.15
N TYR B 5009 12.94 -42.12 1.93
CA TYR B 5009 11.55 -41.80 1.62
C TYR B 5009 11.09 -42.48 0.33
N VAL B 5010 11.91 -42.40 -0.72
CA VAL B 5010 11.56 -43.01 -2.00
C VAL B 5010 11.51 -44.53 -1.86
N TRP B 5011 12.46 -45.12 -1.13
CA TRP B 5011 12.47 -46.57 -0.95
C TRP B 5011 11.24 -47.03 -0.16
N LYS B 5012 10.86 -46.29 0.88
CA LYS B 5012 9.69 -46.65 1.66
C LYS B 5012 8.42 -46.55 0.83
N MET B 5013 8.31 -45.51 -0.01
CA MET B 5013 7.15 -45.42 -0.89
C MET B 5013 7.15 -46.53 -1.92
N TYR B 5014 8.32 -46.93 -2.41
CA TYR B 5014 8.41 -48.02 -3.38
C TYR B 5014 8.00 -49.35 -2.77
N GLN B 5015 8.40 -49.60 -1.52
CA GLN B 5015 8.11 -50.89 -0.89
C GLN B 5015 6.62 -51.07 -0.62
N GLU B 5016 5.90 -49.98 -0.37
CA GLU B 5016 4.46 -50.04 -0.17
C GLU B 5016 3.69 -49.81 -1.46
N ARG B 5017 4.38 -49.70 -2.60
CA ARG B 5017 3.75 -49.53 -3.92
C ARG B 5017 2.91 -48.26 -3.97
N CYS B 5018 3.52 -47.14 -3.58
CA CYS B 5018 2.90 -45.82 -3.69
C CYS B 5018 3.78 -44.97 -4.61
N TRP B 5019 3.19 -44.45 -5.68
CA TRP B 5019 3.92 -43.68 -6.68
C TRP B 5019 3.63 -42.19 -6.59
N ASP B 5020 3.38 -41.68 -5.39
CA ASP B 5020 3.15 -40.26 -5.22
C ASP B 5020 4.43 -39.44 -5.32
N PHE B 5021 5.60 -40.07 -5.24
CA PHE B 5021 6.85 -39.36 -5.34
C PHE B 5021 7.23 -39.03 -6.78
N PHE B 5022 6.59 -39.66 -7.75
CA PHE B 5022 6.82 -39.31 -9.14
C PHE B 5022 6.26 -37.91 -9.41
N PRO B 5023 6.94 -37.11 -10.23
CA PRO B 5023 6.48 -35.73 -10.45
C PRO B 5023 5.10 -35.67 -11.09
N ALA B 5024 4.22 -34.88 -10.48
CA ALA B 5024 2.94 -34.52 -11.06
C ALA B 5024 3.15 -33.38 -12.05
N GLY B 5025 2.10 -32.67 -12.42
CA GLY B 5025 2.25 -31.58 -13.36
C GLY B 5025 3.01 -30.41 -12.76
N ASP B 5026 4.29 -30.65 -12.46
CA ASP B 5026 5.20 -29.69 -11.87
C ASP B 5026 6.61 -30.23 -12.05
N CYS B 5027 7.57 -29.34 -12.33
CA CYS B 5027 8.91 -29.79 -12.67
C CYS B 5027 9.99 -28.93 -12.01
N PHE B 5028 9.68 -28.33 -10.85
CA PHE B 5028 10.61 -27.55 -10.04
C PHE B 5028 10.93 -26.22 -10.73
N ARG B 5029 10.46 -26.03 -11.96
CA ARG B 5029 10.61 -24.78 -12.67
C ARG B 5029 9.35 -23.93 -12.64
N LYS B 5030 8.17 -24.56 -12.52
CA LYS B 5030 6.93 -23.83 -12.30
C LYS B 5030 6.79 -23.31 -10.88
N GLN B 5031 7.69 -23.72 -9.98
CA GLN B 5031 7.64 -23.35 -8.58
C GLN B 5031 8.75 -22.40 -8.17
N TYR B 5032 9.99 -22.73 -8.53
CA TYR B 5032 11.15 -21.92 -8.16
C TYR B 5032 11.73 -21.12 -9.32
N GLU B 5033 12.01 -21.78 -10.45
CA GLU B 5033 12.62 -21.10 -11.58
C GLU B 5033 11.66 -20.16 -12.30
N ASP B 5034 10.38 -20.18 -11.97
CA ASP B 5034 9.44 -19.24 -12.58
C ASP B 5034 9.79 -17.81 -12.21
N GLN B 5035 10.14 -17.57 -10.95
CA GLN B 5035 10.57 -16.26 -10.48
C GLN B 5035 12.04 -16.24 -10.06
N LEU B 5036 12.45 -17.17 -9.21
CA LEU B 5036 13.84 -17.28 -8.78
C LEU B 5036 14.62 -18.08 -9.82
N SER B 5037 14.84 -17.44 -10.97
CA SER B 5037 15.54 -18.06 -12.08
C SER B 5037 17.01 -18.33 -11.74
N VAL C 11 -28.65 19.08 -0.76
CA VAL C 11 -29.72 19.75 -0.06
C VAL C 11 -29.66 21.25 -0.33
N GLN C 12 -30.07 22.03 0.69
CA GLN C 12 -30.08 23.50 0.61
C GLN C 12 -30.89 23.99 -0.59
N PHE C 13 -32.04 23.35 -0.82
CA PHE C 13 -32.90 23.75 -1.93
C PHE C 13 -34.38 23.79 -1.57
N LEU C 14 -34.74 23.57 -0.31
CA LEU C 14 -36.11 23.71 0.19
C LEU C 14 -37.08 22.80 -0.60
N ARG C 15 -36.86 21.51 -0.44
CA ARG C 15 -37.71 20.52 -1.08
C ARG C 15 -39.07 20.45 -0.38
N THR C 16 -40.05 19.91 -1.09
CA THR C 16 -41.38 19.73 -0.55
C THR C 16 -41.36 18.71 0.60
N ASP C 17 -42.29 18.89 1.55
CA ASP C 17 -42.43 18.02 2.71
C ASP C 17 -41.26 18.17 3.68
N ASP C 18 -40.86 19.42 3.93
CA ASP C 18 -39.82 19.75 4.89
C ASP C 18 -40.42 20.60 6.01
N GLU C 19 -39.72 20.64 7.13
CA GLU C 19 -40.13 21.44 8.28
C GLU C 19 -39.39 22.77 8.25
N VAL C 20 -40.15 23.87 8.25
CA VAL C 20 -39.58 25.21 8.12
C VAL C 20 -40.18 26.12 9.18
N VAL C 21 -39.48 27.21 9.46
CA VAL C 21 -39.94 28.26 10.35
C VAL C 21 -39.82 29.60 9.63
N LEU C 22 -40.82 30.45 9.80
CA LEU C 22 -40.87 31.73 9.11
C LEU C 22 -40.24 32.79 10.02
N GLN C 23 -39.01 33.18 9.69
CA GLN C 23 -38.27 34.16 10.48
C GLN C 23 -38.32 35.53 9.80
N CYS C 24 -38.33 36.57 10.62
CA CYS C 24 -38.36 37.94 10.14
C CYS C 24 -37.43 38.80 10.98
N SER C 25 -36.99 39.91 10.41
CA SER C 25 -36.10 40.86 11.07
C SER C 25 -36.86 42.15 11.36
N ALA C 26 -36.72 42.64 12.59
CA ALA C 26 -37.39 43.85 13.03
C ALA C 26 -36.35 44.88 13.46
N THR C 27 -36.56 46.13 13.05
CA THR C 27 -35.66 47.23 13.38
C THR C 27 -36.18 48.09 14.53
N VAL C 28 -37.22 47.64 15.23
CA VAL C 28 -37.74 48.40 16.37
C VAL C 28 -36.69 48.48 17.47
N LEU C 29 -36.00 47.37 17.74
CA LEU C 29 -34.92 47.38 18.72
C LEU C 29 -33.76 48.23 18.20
N LYS C 30 -32.91 48.66 19.14
CA LYS C 30 -31.80 49.55 18.79
C LYS C 30 -30.86 48.92 17.77
N GLU C 31 -30.52 47.64 17.98
CA GLU C 31 -29.62 46.96 17.05
C GLU C 31 -30.39 46.17 16.00
N GLN C 32 -31.18 45.18 16.42
CA GLN C 32 -31.95 44.32 15.53
C GLN C 32 -32.79 43.39 16.39
N LEU C 33 -33.65 42.61 15.72
CA LEU C 33 -34.47 41.62 16.40
C LEU C 33 -34.87 40.54 15.40
N LYS C 34 -34.77 39.28 15.83
CA LYS C 34 -35.16 38.13 15.02
C LYS C 34 -36.36 37.46 15.67
N LEU C 35 -37.44 37.31 14.91
CA LEU C 35 -38.68 36.74 15.41
C LEU C 35 -39.17 35.68 14.45
N CYS C 36 -39.79 34.63 15.01
CA CYS C 36 -40.33 33.53 14.23
C CYS C 36 -41.85 33.49 14.38
N LEU C 37 -42.54 33.30 13.25
CA LEU C 37 -43.99 33.21 13.27
C LEU C 37 -44.42 31.93 14.00
N ALA C 38 -45.44 32.07 14.84
CA ALA C 38 -45.92 30.94 15.64
C ALA C 38 -47.40 31.09 15.92
N ALA C 39 -48.04 29.98 16.24
CA ALA C 39 -49.46 29.96 16.59
C ALA C 39 -49.71 28.83 17.57
N GLU C 40 -50.55 29.10 18.56
CA GLU C 40 -50.84 28.10 19.59
C GLU C 40 -51.57 26.89 19.01
N GLY C 41 -52.55 27.13 18.14
CA GLY C 41 -53.37 26.05 17.61
C GLY C 41 -54.72 25.96 18.28
N PHE C 42 -54.89 24.98 19.16
CA PHE C 42 -56.13 24.85 19.91
C PHE C 42 -56.27 25.99 20.90
N GLY C 43 -57.47 26.56 20.99
CA GLY C 43 -57.76 27.65 21.89
C GLY C 43 -57.55 29.02 21.30
N ASN C 44 -56.57 29.19 20.41
CA ASN C 44 -56.28 30.48 19.78
C ASN C 44 -55.87 30.23 18.33
N ARG C 45 -56.69 30.74 17.40
CA ARG C 45 -56.37 30.60 15.99
C ARG C 45 -55.39 31.65 15.48
N LEU C 46 -55.25 32.76 16.20
CA LEU C 46 -54.40 33.85 15.74
C LEU C 46 -52.91 33.46 15.84
N CYS C 47 -52.09 34.22 15.12
CA CYS C 47 -50.66 34.00 15.07
C CYS C 47 -49.92 35.18 15.70
N PHE C 48 -48.73 34.89 16.23
CA PHE C 48 -47.93 35.93 16.88
C PHE C 48 -46.46 35.62 16.64
N LEU C 49 -45.63 36.66 16.77
CA LEU C 49 -44.19 36.52 16.62
C LEU C 49 -43.55 36.14 17.95
N GLU C 50 -42.58 35.23 17.90
CA GLU C 50 -41.85 34.79 19.08
C GLU C 50 -40.39 35.19 18.92
N PRO C 51 -39.83 35.99 19.83
CA PRO C 51 -38.43 36.40 19.70
C PRO C 51 -37.49 35.20 19.81
N THR C 52 -36.38 35.29 19.08
CA THR C 52 -35.39 34.22 19.03
C THR C 52 -33.96 34.69 19.26
N SER C 53 -33.63 35.94 18.95
CA SER C 53 -32.26 36.42 19.13
C SER C 53 -31.82 36.36 20.58
N ASN C 54 -32.75 36.55 21.52
CA ASN C 54 -32.44 36.47 22.94
C ASN C 54 -32.55 35.04 23.46
N ALA C 55 -31.84 34.12 22.81
CA ALA C 55 -31.85 32.72 23.18
C ALA C 55 -30.72 32.34 24.15
N GLN C 56 -29.89 33.30 24.55
CA GLN C 56 -28.81 33.01 25.48
C GLN C 56 -29.34 32.59 26.84
N ASN C 57 -30.40 33.23 27.30
CA ASN C 57 -30.99 32.94 28.60
C ASN C 57 -32.43 32.46 28.54
N VAL C 58 -33.22 32.94 27.58
CA VAL C 58 -34.62 32.54 27.45
C VAL C 58 -34.79 31.76 26.15
N PRO C 59 -34.85 30.43 26.20
CA PRO C 59 -35.03 29.66 24.96
C PRO C 59 -36.41 29.89 24.39
N PRO C 60 -36.56 29.80 23.08
CA PRO C 60 -37.88 29.97 22.46
C PRO C 60 -38.67 28.66 22.45
N ASP C 61 -39.97 28.80 22.30
CA ASP C 61 -40.89 27.66 22.23
C ASP C 61 -41.00 27.23 20.78
N LEU C 62 -40.13 26.31 20.37
CA LEU C 62 -40.09 25.86 18.99
C LEU C 62 -41.12 24.78 18.68
N ALA C 63 -41.83 24.28 19.69
CA ALA C 63 -42.83 23.23 19.45
C ALA C 63 -43.96 23.75 18.56
N ILE C 64 -44.40 24.98 18.79
CA ILE C 64 -45.50 25.57 18.04
C ILE C 64 -45.00 26.52 16.95
N CYS C 65 -43.73 26.39 16.54
CA CYS C 65 -43.16 27.23 15.51
C CYS C 65 -42.94 26.51 14.19
N CYS C 66 -42.82 25.19 14.19
CA CYS C 66 -42.50 24.45 12.97
C CYS C 66 -43.72 24.38 12.06
N PHE C 67 -43.46 24.50 10.76
CA PHE C 67 -44.49 24.36 9.73
C PHE C 67 -44.01 23.39 8.67
N THR C 68 -44.95 22.69 8.05
CA THR C 68 -44.65 21.67 7.06
C THR C 68 -45.20 22.11 5.70
N LEU C 69 -44.38 21.97 4.66
CA LEU C 69 -44.81 22.30 3.30
C LEU C 69 -45.56 21.12 2.71
N GLU C 70 -46.83 21.33 2.39
CA GLU C 70 -47.67 20.25 1.87
C GLU C 70 -47.60 20.15 0.35
N GLN C 71 -47.82 21.26 -0.34
CA GLN C 71 -47.81 21.28 -1.80
C GLN C 71 -47.17 22.57 -2.29
N SER C 72 -46.65 22.53 -3.52
CA SER C 72 -45.94 23.65 -4.12
C SER C 72 -46.37 23.83 -5.57
N LEU C 73 -47.68 23.79 -5.79
CA LEU C 73 -48.23 23.86 -7.14
C LEU C 73 -48.10 25.27 -7.71
N SER C 74 -48.31 25.36 -9.03
CA SER C 74 -48.33 26.64 -9.72
C SER C 74 -49.71 27.30 -9.58
N VAL C 75 -49.82 28.52 -10.08
CA VAL C 75 -51.09 29.25 -9.97
C VAL C 75 -52.18 28.55 -10.77
N ARG C 76 -51.87 28.16 -12.01
CA ARG C 76 -52.88 27.53 -12.85
C ARG C 76 -53.32 26.18 -12.29
N ALA C 77 -52.38 25.37 -11.81
CA ALA C 77 -52.74 24.09 -11.23
C ALA C 77 -53.59 24.26 -9.99
N LEU C 78 -53.24 25.25 -9.15
CA LEU C 78 -54.03 25.52 -7.95
C LEU C 78 -55.44 25.95 -8.32
N GLN C 79 -55.58 26.83 -9.33
CA GLN C 79 -56.89 27.27 -9.76
C GLN C 79 -57.71 26.10 -10.29
N GLU C 80 -57.08 25.22 -11.07
CA GLU C 80 -57.80 24.07 -11.60
C GLU C 80 -58.27 23.14 -10.48
N MET C 81 -57.41 22.88 -9.50
CA MET C 81 -57.85 22.04 -8.39
C MET C 81 -58.98 22.69 -7.61
N LEU C 82 -58.87 23.99 -7.36
CA LEU C 82 -59.93 24.69 -6.64
C LEU C 82 -61.25 24.66 -7.39
N ALA C 83 -61.19 24.75 -8.72
CA ALA C 83 -62.40 24.61 -9.53
C ALA C 83 -62.91 23.18 -9.53
N ASN C 84 -62.02 22.20 -9.32
CA ASN C 84 -62.38 20.79 -9.44
C ASN C 84 -62.60 20.09 -8.11
N THR C 85 -62.68 20.81 -6.99
CA THR C 85 -62.98 20.16 -5.72
C THR C 85 -64.37 19.56 -5.74
N VAL C 86 -64.48 18.36 -5.17
CA VAL C 86 -65.73 17.58 -5.05
C VAL C 86 -66.71 17.81 -6.21
N HIS C 98 -42.10 15.18 -3.83
CA HIS C 98 -41.06 16.04 -3.27
C HIS C 98 -40.57 17.06 -4.30
N ARG C 99 -41.51 17.79 -4.88
CA ARG C 99 -41.16 18.78 -5.89
C ARG C 99 -40.37 19.92 -5.27
N THR C 100 -39.31 20.34 -5.96
CA THR C 100 -38.50 21.45 -5.48
C THR C 100 -39.29 22.75 -5.52
N LEU C 101 -39.16 23.54 -4.46
CA LEU C 101 -39.85 24.82 -4.38
C LEU C 101 -39.33 25.78 -5.45
N LEU C 102 -40.26 26.49 -6.09
CA LEU C 102 -39.94 27.42 -7.16
C LEU C 102 -40.61 28.75 -6.91
N TYR C 103 -39.96 29.82 -7.34
CA TYR C 103 -40.54 31.16 -7.19
C TYR C 103 -41.77 31.31 -8.08
N GLY C 104 -42.75 32.06 -7.56
CA GLY C 104 -44.01 32.23 -8.25
C GLY C 104 -45.01 31.12 -8.04
N HIS C 105 -44.70 30.13 -7.21
CA HIS C 105 -45.58 29.01 -6.93
C HIS C 105 -46.37 29.25 -5.65
N ALA C 106 -47.53 28.62 -5.57
CA ALA C 106 -48.39 28.69 -4.40
C ALA C 106 -48.11 27.51 -3.49
N ILE C 107 -47.99 27.77 -2.19
CA ILE C 107 -47.61 26.75 -1.22
C ILE C 107 -48.69 26.64 -0.16
N LEU C 108 -48.75 25.47 0.47
CA LEU C 108 -49.66 25.20 1.58
C LEU C 108 -48.84 24.81 2.79
N LEU C 109 -49.03 25.51 3.90
CA LEU C 109 -48.28 25.30 5.13
C LEU C 109 -49.18 24.66 6.18
N ARG C 110 -48.70 23.59 6.80
CA ARG C 110 -49.44 22.87 7.83
C ARG C 110 -48.69 23.00 9.15
N HIS C 111 -49.42 23.39 10.20
CA HIS C 111 -48.82 23.52 11.51
C HIS C 111 -48.37 22.16 12.03
N ALA C 112 -47.19 22.13 12.67
CA ALA C 112 -46.63 20.86 13.13
C ALA C 112 -47.39 20.32 14.34
N HIS C 113 -47.68 21.17 15.31
CA HIS C 113 -48.34 20.71 16.53
C HIS C 113 -49.80 20.33 16.26
N SER C 114 -50.60 21.30 15.82
CA SER C 114 -51.99 21.07 15.48
C SER C 114 -52.13 20.86 13.98
N ARG C 115 -53.00 19.93 13.59
CA ARG C 115 -53.21 19.63 12.17
C ARG C 115 -54.07 20.71 11.52
N MET C 116 -53.53 21.94 11.54
CA MET C 116 -54.21 23.11 11.01
C MET C 116 -53.32 23.81 10.01
N TYR C 117 -53.94 24.50 9.05
CA TYR C 117 -53.24 25.13 7.95
C TYR C 117 -53.23 26.63 8.11
N LEU C 118 -52.06 27.24 7.90
CA LEU C 118 -51.92 28.68 8.01
C LEU C 118 -52.70 29.37 6.90
N SER C 119 -53.39 30.45 7.25
CA SER C 119 -54.20 31.18 6.29
C SER C 119 -54.36 32.62 6.77
N CYS C 120 -55.05 33.42 5.95
CA CYS C 120 -55.38 34.80 6.26
C CYS C 120 -56.87 34.88 6.56
N LEU C 121 -57.22 35.14 7.81
CA LEU C 121 -58.61 35.18 8.21
C LEU C 121 -59.29 36.45 7.71
N THR C 122 -60.61 36.38 7.60
CA THR C 122 -61.43 37.52 7.17
C THR C 122 -61.87 38.38 8.35
N THR C 123 -60.90 38.76 9.18
CA THR C 123 -61.14 39.60 10.34
C THR C 123 -59.98 40.55 10.52
N SER C 124 -60.20 41.61 11.30
CA SER C 124 -59.17 42.60 11.54
C SER C 124 -59.50 43.38 12.81
N ARG C 125 -58.50 43.56 13.67
CA ARG C 125 -58.63 44.41 14.86
C ARG C 125 -57.30 45.14 15.04
N SER C 126 -57.23 46.36 14.50
CA SER C 126 -56.01 47.16 14.59
C SER C 126 -56.26 48.64 14.85
N MET C 127 -57.50 49.12 14.80
CA MET C 127 -57.90 50.52 14.91
C MET C 127 -57.45 51.35 13.72
N THR C 128 -56.69 50.78 12.79
CA THR C 128 -56.32 51.42 11.53
C THR C 128 -56.51 50.38 10.44
N ASP C 129 -57.48 50.63 9.55
CA ASP C 129 -57.86 49.65 8.55
C ASP C 129 -56.67 49.24 7.68
N LYS C 130 -56.15 50.18 6.90
CA LYS C 130 -55.00 49.96 6.01
C LYS C 130 -55.22 48.76 5.09
N LEU C 131 -56.49 48.36 4.91
CA LEU C 131 -56.84 47.19 4.10
C LEU C 131 -56.11 45.94 4.59
N ALA C 132 -55.99 45.81 5.90
CA ALA C 132 -55.23 44.74 6.53
C ALA C 132 -56.17 43.76 7.21
N PHE C 133 -55.91 42.46 7.00
CA PHE C 133 -56.65 41.38 7.62
C PHE C 133 -55.80 40.72 8.69
N ASP C 134 -56.34 39.66 9.29
CA ASP C 134 -55.64 38.88 10.29
C ASP C 134 -55.12 37.58 9.68
N VAL C 135 -53.99 37.11 10.21
CA VAL C 135 -53.37 35.86 9.78
C VAL C 135 -53.56 34.84 10.88
N GLY C 136 -54.18 33.70 10.54
CA GLY C 136 -54.48 32.69 11.52
C GLY C 136 -54.38 31.27 11.01
N LEU C 137 -55.19 30.37 11.57
CA LEU C 137 -55.16 28.95 11.24
C LEU C 137 -56.57 28.48 10.91
N GLN C 138 -56.66 27.44 10.08
CA GLN C 138 -57.92 26.82 9.73
C GLN C 138 -57.83 25.32 9.98
N GLU C 139 -58.97 24.73 10.33
CA GLU C 139 -59.02 23.30 10.65
C GLU C 139 -58.88 22.43 9.41
N ASP C 140 -59.19 22.96 8.22
CA ASP C 140 -59.15 22.17 6.99
C ASP C 140 -58.45 22.97 5.90
N ALA C 141 -57.91 22.23 4.93
CA ALA C 141 -57.21 22.83 3.79
C ALA C 141 -58.16 23.28 2.69
N THR C 142 -59.46 23.03 2.82
CA THR C 142 -60.40 23.48 1.81
C THR C 142 -60.50 25.00 1.80
N GLY C 143 -60.67 25.55 0.60
CA GLY C 143 -60.78 26.99 0.42
C GLY C 143 -59.60 27.56 -0.33
N GLU C 144 -59.62 28.88 -0.47
CA GLU C 144 -58.60 29.61 -1.20
C GLU C 144 -57.67 30.45 -0.33
N ALA C 145 -58.04 30.68 0.93
CA ALA C 145 -57.28 31.57 1.80
C ALA C 145 -56.08 30.89 2.45
N CYS C 146 -55.93 29.57 2.32
CA CYS C 146 -54.84 28.85 2.96
C CYS C 146 -53.62 28.69 2.07
N TRP C 147 -53.60 29.35 0.91
CA TRP C 147 -52.50 29.23 -0.04
C TRP C 147 -51.76 30.55 -0.13
N TRP C 148 -50.43 30.48 -0.16
CA TRP C 148 -49.56 31.65 -0.28
C TRP C 148 -48.64 31.47 -1.47
N THR C 149 -48.56 32.50 -2.31
CA THR C 149 -47.69 32.48 -3.48
C THR C 149 -46.41 33.24 -3.19
N MET C 150 -45.28 32.56 -3.34
CA MET C 150 -43.98 33.17 -3.08
C MET C 150 -43.57 34.07 -4.24
N HIS C 151 -42.93 35.18 -3.91
CA HIS C 151 -42.40 36.09 -4.90
C HIS C 151 -40.95 36.41 -4.58
N PRO C 152 -40.13 36.67 -5.59
CA PRO C 152 -38.70 36.89 -5.34
C PRO C 152 -38.44 38.20 -4.61
N ALA C 153 -37.28 38.23 -3.94
CA ALA C 153 -36.78 39.42 -3.27
C ALA C 153 -36.12 40.34 -4.29
N SER C 154 -35.30 41.28 -3.83
CA SER C 154 -34.52 42.17 -4.68
C SER C 154 -33.87 41.40 -5.82
N LYS C 155 -33.64 42.06 -6.96
CA LYS C 155 -33.47 41.36 -8.23
C LYS C 155 -32.13 40.63 -8.31
N GLN C 156 -31.93 39.68 -7.41
CA GLN C 156 -30.87 38.67 -7.54
C GLN C 156 -31.42 37.33 -8.02
N ARG C 157 -32.73 37.19 -8.12
CA ARG C 157 -33.37 35.97 -8.62
C ARG C 157 -34.31 36.32 -9.76
N SER C 158 -35.12 35.36 -10.19
CA SER C 158 -36.07 35.59 -11.28
C SER C 158 -37.28 34.70 -11.09
N GLU C 159 -38.38 35.08 -11.73
CA GLU C 159 -39.60 34.29 -11.67
C GLU C 159 -39.38 32.92 -12.31
N GLY C 160 -39.83 31.87 -11.62
CA GLY C 160 -39.66 30.52 -12.08
C GLY C 160 -38.36 29.86 -11.68
N GLU C 161 -37.42 30.61 -11.09
CA GLU C 161 -36.17 30.05 -10.62
C GLU C 161 -36.39 29.27 -9.33
N LYS C 162 -35.48 28.34 -9.06
CA LYS C 162 -35.56 27.53 -7.86
C LYS C 162 -35.25 28.38 -6.63
N VAL C 163 -35.74 27.92 -5.48
CA VAL C 163 -35.62 28.63 -4.22
C VAL C 163 -34.59 27.93 -3.36
N ARG C 164 -33.60 28.69 -2.88
CA ARG C 164 -32.56 28.17 -2.02
C ARG C 164 -32.83 28.57 -0.57
N VAL C 165 -32.36 27.74 0.37
CA VAL C 165 -32.56 28.01 1.78
C VAL C 165 -31.77 29.25 2.19
N GLY C 166 -32.26 29.92 3.23
CA GLY C 166 -31.61 31.13 3.69
C GLY C 166 -31.72 32.32 2.75
N ASP C 167 -32.70 32.31 1.86
CA ASP C 167 -32.91 33.39 0.90
C ASP C 167 -34.21 34.11 1.24
N ASP C 168 -34.13 35.43 1.38
CA ASP C 168 -35.30 36.22 1.72
C ASP C 168 -36.31 36.23 0.58
N LEU C 169 -37.58 36.29 0.95
CA LEU C 169 -38.66 36.29 -0.03
C LEU C 169 -39.88 36.95 0.61
N ILE C 170 -40.91 37.15 -0.21
CA ILE C 170 -42.17 37.73 0.24
C ILE C 170 -43.30 36.79 -0.12
N LEU C 171 -44.23 36.59 0.82
CA LEU C 171 -45.37 35.70 0.64
C LEU C 171 -46.62 36.53 0.40
N VAL C 172 -47.37 36.16 -0.63
CA VAL C 172 -48.58 36.87 -1.04
C VAL C 172 -49.76 35.92 -0.90
N SER C 173 -50.79 36.35 -0.16
CA SER C 173 -51.99 35.56 -0.03
C SER C 173 -52.79 35.56 -1.34
N VAL C 174 -53.62 34.53 -1.50
CA VAL C 174 -54.43 34.39 -2.71
C VAL C 174 -55.80 35.02 -2.54
N SER C 175 -56.49 34.71 -1.45
CA SER C 175 -57.83 35.24 -1.23
C SER C 175 -57.79 36.73 -0.92
N SER C 176 -56.81 37.18 -0.15
CA SER C 176 -56.74 38.57 0.27
C SER C 176 -55.78 39.42 -0.56
N GLU C 177 -54.87 38.79 -1.31
CA GLU C 177 -53.89 39.50 -2.13
C GLU C 177 -53.09 40.49 -1.29
N ARG C 178 -52.70 40.06 -0.10
CA ARG C 178 -51.94 40.90 0.83
C ARG C 178 -50.69 40.17 1.29
N TYR C 179 -49.64 40.94 1.52
CA TYR C 179 -48.38 40.38 1.98
C TYR C 179 -48.46 39.97 3.44
N LEU C 180 -47.68 38.95 3.81
CA LEU C 180 -47.51 38.59 5.20
C LEU C 180 -46.61 39.63 5.87
N HIS C 181 -47.22 40.63 6.50
CA HIS C 181 -46.52 41.81 6.96
C HIS C 181 -46.42 41.84 8.48
N LEU C 182 -45.29 42.34 8.98
CA LEU C 182 -45.07 42.55 10.40
C LEU C 182 -45.34 44.02 10.70
N SER C 183 -46.44 44.29 11.40
CA SER C 183 -46.86 45.65 11.68
C SER C 183 -46.01 46.28 12.77
N THR C 184 -45.87 47.61 12.69
CA THR C 184 -45.19 48.41 13.70
C THR C 184 -46.11 49.48 14.25
N ALA C 185 -47.37 49.11 14.47
CA ALA C 185 -48.39 50.03 14.96
C ALA C 185 -48.28 50.23 16.46
N SER C 186 -49.31 50.79 17.08
CA SER C 186 -49.32 51.01 18.52
C SER C 186 -49.10 49.72 19.30
N GLY C 187 -49.44 48.57 18.72
CA GLY C 187 -49.13 47.30 19.33
C GLY C 187 -47.64 47.03 19.36
N GLU C 188 -47.29 45.82 19.79
CA GLU C 188 -45.90 45.43 19.97
C GLU C 188 -45.57 44.27 19.04
N LEU C 189 -45.17 44.60 17.81
CA LEU C 189 -44.64 43.64 16.84
C LEU C 189 -45.63 42.51 16.57
N GLN C 190 -46.75 42.89 15.97
CA GLN C 190 -47.78 41.94 15.57
C GLN C 190 -47.65 41.60 14.09
N VAL C 191 -48.35 40.54 13.69
CA VAL C 191 -48.33 40.05 12.31
C VAL C 191 -49.75 40.14 11.75
N ASP C 192 -49.88 40.67 10.54
CA ASP C 192 -51.15 40.78 9.86
C ASP C 192 -50.91 40.57 8.37
N ALA C 193 -51.97 40.74 7.58
CA ALA C 193 -51.91 40.63 6.12
C ALA C 193 -52.30 41.98 5.55
N SER C 194 -51.31 42.84 5.33
CA SER C 194 -51.51 44.18 4.80
C SER C 194 -50.79 44.32 3.47
N PHE C 195 -50.81 45.54 2.93
CA PHE C 195 -50.18 45.82 1.64
C PHE C 195 -48.75 46.29 1.77
N MET C 196 -48.25 46.47 2.99
CA MET C 196 -46.86 46.85 3.19
C MET C 196 -45.95 45.64 3.02
N GLN C 197 -44.83 45.86 2.34
CA GLN C 197 -43.92 44.76 2.01
C GLN C 197 -43.05 44.40 3.19
N THR C 198 -42.95 43.10 3.48
CA THR C 198 -42.14 42.59 4.58
C THR C 198 -41.41 41.35 4.10
N LEU C 199 -40.12 41.26 4.45
CA LEU C 199 -39.27 40.17 3.98
C LEU C 199 -39.27 39.04 5.00
N TRP C 200 -39.51 37.82 4.52
CA TRP C 200 -39.45 36.62 5.33
C TRP C 200 -38.55 35.59 4.67
N ASN C 201 -37.95 34.73 5.50
CA ASN C 201 -37.14 33.62 5.02
C ASN C 201 -37.59 32.34 5.73
N MET C 202 -37.43 31.22 5.04
CA MET C 202 -37.91 29.92 5.51
C MET C 202 -36.70 29.07 5.87
N ASN C 203 -36.28 29.16 7.13
CA ASN C 203 -35.19 28.33 7.62
C ASN C 203 -35.64 26.88 7.74
N PRO C 204 -34.92 25.93 7.14
CA PRO C 204 -35.36 24.53 7.16
C PRO C 204 -34.98 23.84 8.46
N ILE C 205 -36.00 23.49 9.27
CA ILE C 205 -35.74 22.80 10.52
C ILE C 205 -35.19 21.41 10.26
N CYS C 206 -35.83 20.66 9.38
CA CYS C 206 -35.43 19.29 9.10
C CYS C 206 -35.71 18.97 7.63
N SER C 207 -35.43 17.73 7.26
CA SER C 207 -35.62 17.25 5.90
C SER C 207 -35.97 15.77 5.97
N CYS C 208 -35.81 15.05 4.85
CA CYS C 208 -36.04 13.61 4.83
C CYS C 208 -35.13 12.93 5.85
N CYS C 209 -35.74 12.35 6.88
CA CYS C 209 -35.00 11.79 8.00
C CYS C 209 -34.95 10.26 7.91
N GLU C 210 -33.87 9.69 8.43
CA GLU C 210 -33.70 8.25 8.42
C GLU C 210 -34.63 7.58 9.42
N GLU C 211 -34.99 6.34 9.14
CA GLU C 211 -35.92 5.61 9.99
C GLU C 211 -35.23 5.20 11.29
N GLY C 212 -35.93 5.41 12.40
CA GLY C 212 -35.45 4.97 13.70
C GLY C 212 -34.19 5.65 14.18
N TYR C 213 -34.07 6.97 13.97
CA TYR C 213 -32.92 7.72 14.42
C TYR C 213 -33.39 8.95 15.20
N VAL C 214 -32.69 9.26 16.29
CA VAL C 214 -33.07 10.35 17.16
C VAL C 214 -32.61 11.67 16.56
N THR C 215 -33.54 12.60 16.39
CA THR C 215 -33.25 13.93 15.88
C THR C 215 -33.80 14.98 16.84
N GLY C 216 -33.22 16.17 16.78
CA GLY C 216 -33.63 17.27 17.64
C GLY C 216 -35.08 17.66 17.48
N GLY C 217 -35.78 17.84 18.60
CA GLY C 217 -37.17 18.22 18.61
C GLY C 217 -38.14 17.08 18.85
N HIS C 218 -37.70 15.84 18.79
CA HIS C 218 -38.59 14.70 19.00
C HIS C 218 -38.93 14.57 20.48
N VAL C 219 -40.22 14.42 20.76
CA VAL C 219 -40.67 14.11 22.12
C VAL C 219 -40.50 12.63 22.35
N LEU C 220 -39.84 12.27 23.45
CA LEU C 220 -39.46 10.88 23.67
C LEU C 220 -39.26 10.63 25.16
N ARG C 221 -39.24 9.35 25.51
CA ARG C 221 -39.03 8.91 26.90
C ARG C 221 -37.61 8.42 27.07
N LEU C 222 -36.99 8.81 28.19
CA LEU C 222 -35.62 8.41 28.51
C LEU C 222 -35.69 7.17 29.39
N PHE C 223 -35.50 6.00 28.78
CA PHE C 223 -35.55 4.73 29.47
C PHE C 223 -34.18 4.35 29.99
N HIS C 224 -34.16 3.68 31.14
CA HIS C 224 -32.92 3.28 31.81
C HIS C 224 -32.88 1.77 31.96
N GLY C 225 -31.74 1.18 31.61
CA GLY C 225 -31.53 -0.24 31.80
C GLY C 225 -32.50 -1.11 31.01
N HIS C 226 -33.41 -1.77 31.72
CA HIS C 226 -34.39 -2.65 31.10
C HIS C 226 -35.55 -1.82 30.55
N MET C 227 -36.62 -2.49 30.13
CA MET C 227 -37.79 -1.82 29.57
C MET C 227 -38.86 -1.50 30.61
N ASP C 228 -38.47 -1.42 31.89
CA ASP C 228 -39.41 -1.08 32.95
C ASP C 228 -38.94 0.11 33.77
N GLU C 229 -37.95 0.86 33.29
CA GLU C 229 -37.41 2.02 34.00
C GLU C 229 -37.34 3.19 33.03
N CYS C 230 -37.78 4.36 33.50
CA CYS C 230 -37.77 5.57 32.69
C CYS C 230 -37.49 6.77 33.58
N LEU C 231 -36.95 7.82 32.96
CA LEU C 231 -36.64 9.06 33.67
C LEU C 231 -37.90 9.93 33.67
N THR C 232 -38.56 10.03 34.82
CA THR C 232 -39.83 10.74 34.94
C THR C 232 -39.69 11.90 35.94
N ILE C 233 -40.81 12.52 36.25
CA ILE C 233 -40.89 13.63 37.19
C ILE C 233 -42.01 13.35 38.18
N SER C 234 -42.03 14.13 39.26
CA SER C 234 -43.04 13.95 40.28
C SER C 234 -44.44 14.21 39.73
N ALA C 235 -45.41 13.46 40.24
CA ALA C 235 -46.78 13.56 39.76
C ALA C 235 -47.44 14.82 40.30
N ALA C 236 -48.64 15.10 39.78
CA ALA C 236 -49.41 16.25 40.23
C ALA C 236 -49.88 16.06 41.67
N ASP C 237 -50.31 17.15 42.28
CA ASP C 237 -50.71 17.19 43.68
C ASP C 237 -49.58 16.69 44.58
N SER C 238 -48.38 17.18 44.31
CA SER C 238 -47.18 16.79 45.04
C SER C 238 -46.88 17.81 46.14
N ASP C 239 -46.06 17.39 47.10
CA ASP C 239 -45.67 18.28 48.19
C ASP C 239 -44.89 19.48 47.68
N ASP C 240 -43.97 19.25 46.74
CA ASP C 240 -43.18 20.32 46.15
C ASP C 240 -43.93 20.93 44.97
N GLN C 241 -43.25 21.75 44.17
CA GLN C 241 -43.83 22.39 43.01
C GLN C 241 -43.56 21.62 41.72
N ARG C 242 -43.50 20.29 41.81
CA ARG C 242 -43.20 19.43 40.66
C ARG C 242 -41.87 19.79 40.02
N ARG C 243 -40.88 20.11 40.86
CA ARG C 243 -39.55 20.48 40.40
C ARG C 243 -38.50 19.44 40.78
N LEU C 244 -38.91 18.32 41.37
CA LEU C 244 -37.99 17.27 41.80
C LEU C 244 -37.97 16.17 40.75
N VAL C 245 -36.79 15.90 40.19
CA VAL C 245 -36.62 14.87 39.17
C VAL C 245 -36.46 13.52 39.85
N TYR C 246 -37.29 12.55 39.46
CA TYR C 246 -37.33 11.24 40.07
C TYR C 246 -36.91 10.17 39.07
N TYR C 247 -36.97 8.92 39.52
CA TYR C 247 -36.70 7.76 38.66
C TYR C 247 -37.80 6.73 38.83
N GLU C 248 -39.06 7.17 38.80
CA GLU C 248 -40.17 6.26 39.01
C GLU C 248 -40.33 5.33 37.81
N GLY C 249 -40.83 4.12 38.09
CA GLY C 249 -41.08 3.13 37.07
C GLY C 249 -42.44 2.49 37.23
N GLY C 250 -42.79 1.66 36.26
CA GLY C 250 -44.06 0.96 36.27
C GLY C 250 -45.07 1.56 35.31
N ALA C 251 -46.23 1.94 35.83
CA ALA C 251 -47.29 2.52 35.00
C ALA C 251 -46.99 3.94 34.55
N VAL C 252 -45.93 4.57 35.09
CA VAL C 252 -45.58 5.91 34.69
C VAL C 252 -45.07 5.96 33.25
N CYS C 253 -44.63 4.84 32.70
CA CYS C 253 -44.13 4.81 31.33
C CYS C 253 -45.23 5.10 30.31
N THR C 254 -46.49 4.86 30.66
CA THR C 254 -47.60 5.12 29.75
C THR C 254 -48.14 6.54 29.86
N HIS C 255 -47.96 7.19 31.01
CA HIS C 255 -48.49 8.52 31.24
C HIS C 255 -47.65 9.56 30.49
N ALA C 256 -48.03 10.82 30.63
CA ALA C 256 -47.37 11.92 29.94
C ALA C 256 -46.24 12.53 30.77
N ARG C 257 -45.98 12.01 31.98
CA ARG C 257 -44.91 12.57 32.81
C ARG C 257 -43.54 12.28 32.22
N SER C 258 -43.36 11.09 31.64
CA SER C 258 -42.07 10.66 31.11
C SER C 258 -41.80 11.18 29.71
N LEU C 259 -42.51 12.21 29.26
CA LEU C 259 -42.34 12.76 27.92
C LEU C 259 -41.39 13.96 28.00
N TRP C 260 -40.20 13.80 27.42
CA TRP C 260 -39.22 14.87 27.33
C TRP C 260 -38.91 15.17 25.88
N ARG C 261 -38.54 16.42 25.60
CA ARG C 261 -38.16 16.85 24.27
C ARG C 261 -36.78 17.49 24.31
N LEU C 262 -36.07 17.40 23.19
CA LEU C 262 -34.69 17.87 23.09
C LEU C 262 -34.66 19.11 22.20
N GLU C 263 -34.05 20.18 22.70
CA GLU C 263 -33.93 21.43 21.96
C GLU C 263 -32.47 21.78 21.73
N PRO C 264 -31.93 21.55 20.54
CA PRO C 264 -30.55 21.97 20.27
C PRO C 264 -30.42 23.49 20.28
N LEU C 265 -29.23 23.95 20.68
CA LEU C 265 -28.98 25.39 20.74
C LEU C 265 -28.99 26.04 19.36
N ARG C 266 -28.72 25.28 18.30
CA ARG C 266 -28.84 25.82 16.95
C ARG C 266 -30.30 26.11 16.62
N ILE C 267 -30.50 27.09 15.75
CA ILE C 267 -31.84 27.57 15.44
C ILE C 267 -32.27 27.26 14.01
N SER C 268 -31.34 27.18 13.06
CA SER C 268 -31.73 26.97 11.67
C SER C 268 -32.00 25.49 11.40
N TRP C 269 -30.98 24.66 11.52
CA TRP C 269 -31.11 23.21 11.31
C TRP C 269 -31.30 22.48 12.64
N SER C 270 -32.28 22.89 13.43
CA SER C 270 -32.55 22.23 14.71
C SER C 270 -33.52 21.07 14.54
N GLY C 271 -33.23 20.21 13.56
CA GLY C 271 -33.98 18.99 13.36
C GLY C 271 -33.09 17.88 12.84
N SER C 272 -31.78 18.14 12.83
CA SER C 272 -30.82 17.19 12.30
C SER C 272 -30.65 16.01 13.25
N HIS C 273 -30.00 14.97 12.73
CA HIS C 273 -29.73 13.79 13.54
C HIS C 273 -28.83 14.14 14.71
N LEU C 274 -29.10 13.54 15.87
CA LEU C 274 -28.34 13.85 17.08
C LEU C 274 -26.90 13.38 16.95
N ARG C 275 -25.99 14.16 17.54
CA ARG C 275 -24.56 13.87 17.52
C ARG C 275 -24.08 13.70 18.96
N TRP C 276 -23.12 12.80 19.15
CA TRP C 276 -22.55 12.57 20.47
C TRP C 276 -21.85 13.84 20.96
N GLY C 277 -22.16 14.22 22.19
CA GLY C 277 -21.57 15.41 22.78
C GLY C 277 -22.19 16.72 22.35
N GLN C 278 -23.23 16.69 21.52
CA GLN C 278 -23.88 17.92 21.09
C GLN C 278 -24.66 18.53 22.25
N PRO C 279 -24.46 19.82 22.55
CA PRO C 279 -25.23 20.44 23.64
C PRO C 279 -26.71 20.53 23.31
N LEU C 280 -27.54 20.10 24.27
CA LEU C 280 -28.98 20.10 24.10
C LEU C 280 -29.65 20.51 25.40
N ARG C 281 -30.89 20.96 25.29
CA ARG C 281 -31.72 21.30 26.44
C ARG C 281 -32.89 20.34 26.52
N ILE C 282 -33.11 19.77 27.70
CA ILE C 282 -34.20 18.83 27.93
C ILE C 282 -35.37 19.59 28.54
N ARG C 283 -36.53 19.49 27.91
CA ARG C 283 -37.72 20.20 28.33
C ARG C 283 -38.85 19.22 28.63
N HIS C 284 -39.54 19.45 29.74
CA HIS C 284 -40.72 18.68 30.11
C HIS C 284 -41.93 19.32 29.42
N VAL C 285 -42.51 18.60 28.45
CA VAL C 285 -43.59 19.17 27.66
C VAL C 285 -44.83 19.44 28.51
N THR C 286 -45.10 18.55 29.47
CA THR C 286 -46.30 18.71 30.29
C THR C 286 -46.24 19.97 31.14
N THR C 287 -45.09 20.25 31.74
CA THR C 287 -44.94 21.39 32.64
C THR C 287 -44.28 22.60 32.01
N GLY C 288 -43.50 22.41 30.94
CA GLY C 288 -42.82 23.52 30.32
C GLY C 288 -41.57 23.99 31.04
N ARG C 289 -40.94 23.11 31.80
CA ARG C 289 -39.73 23.43 32.55
C ARG C 289 -38.53 22.69 31.98
N TYR C 290 -37.38 23.35 32.00
CA TYR C 290 -36.15 22.81 31.41
C TYR C 290 -35.28 22.21 32.49
N LEU C 291 -34.71 21.04 32.20
CA LEU C 291 -33.76 20.42 33.12
C LEU C 291 -32.51 21.28 33.27
N ALA C 292 -32.06 21.44 34.51
CA ALA C 292 -30.92 22.32 34.78
C ALA C 292 -30.31 21.95 36.12
N LEU C 293 -29.17 22.59 36.42
CA LEU C 293 -28.50 22.49 37.70
C LEU C 293 -28.29 23.91 38.23
N THR C 294 -29.01 24.25 39.30
CA THR C 294 -28.98 25.60 39.83
C THR C 294 -27.91 25.80 40.90
N GLU C 295 -27.15 24.76 41.23
CA GLU C 295 -26.10 24.81 42.25
C GLU C 295 -26.65 25.18 43.63
N ASP C 296 -27.96 25.06 43.82
CA ASP C 296 -28.62 25.34 45.09
C ASP C 296 -29.42 24.17 45.61
N GLN C 297 -30.09 23.41 44.73
CA GLN C 297 -30.86 22.25 45.13
C GLN C 297 -30.49 20.98 44.37
N GLY C 298 -29.65 21.07 43.35
CA GLY C 298 -29.25 19.90 42.59
C GLY C 298 -29.80 19.87 41.19
N LEU C 299 -30.08 18.68 40.67
CA LEU C 299 -30.64 18.52 39.33
C LEU C 299 -32.15 18.70 39.41
N VAL C 300 -32.63 19.90 39.05
CA VAL C 300 -34.04 20.22 39.11
C VAL C 300 -34.44 20.92 37.81
N VAL C 301 -35.74 20.88 37.53
CA VAL C 301 -36.30 21.58 36.37
C VAL C 301 -36.58 23.03 36.75
N VAL C 302 -36.33 23.94 35.82
CA VAL C 302 -36.41 25.38 36.08
C VAL C 302 -37.28 26.03 35.03
N ASP C 303 -37.71 27.25 35.33
CA ASP C 303 -38.54 28.01 34.41
C ASP C 303 -37.73 28.45 33.20
N ALA C 304 -38.45 28.88 32.15
CA ALA C 304 -37.78 29.29 30.91
C ALA C 304 -36.97 30.57 31.11
N CYS C 305 -37.38 31.44 32.02
CA CYS C 305 -36.65 32.68 32.23
C CYS C 305 -35.25 32.42 32.77
N LYS C 306 -35.14 31.54 33.76
CA LYS C 306 -33.85 31.18 34.35
C LYS C 306 -33.31 29.90 33.70
N ALA C 307 -33.09 29.98 32.39
CA ALA C 307 -32.68 28.83 31.59
C ALA C 307 -31.45 29.17 30.74
N HIS C 308 -30.45 29.76 31.39
CA HIS C 308 -29.21 30.09 30.68
C HIS C 308 -28.51 28.83 30.21
N THR C 309 -27.77 28.95 29.11
CA THR C 309 -27.09 27.80 28.52
C THR C 309 -26.02 27.22 29.45
N LYS C 310 -25.50 28.02 30.39
CA LYS C 310 -24.47 27.53 31.29
C LYS C 310 -25.02 26.55 32.32
N ALA C 311 -26.35 26.46 32.47
CA ALA C 311 -26.96 25.57 33.43
C ALA C 311 -27.96 24.59 32.84
N THR C 312 -28.46 24.83 31.63
CA THR C 312 -29.50 23.98 31.04
C THR C 312 -28.97 23.05 29.96
N SER C 313 -27.76 23.28 29.45
CA SER C 313 -27.25 22.49 28.33
C SER C 313 -26.75 21.13 28.83
N PHE C 314 -27.19 20.07 28.14
CA PHE C 314 -26.79 18.70 28.43
C PHE C 314 -26.32 18.04 27.13
N CYS C 315 -25.87 16.79 27.24
CA CYS C 315 -25.41 16.07 26.07
C CYS C 315 -25.44 14.58 26.36
N PHE C 316 -25.41 13.79 25.29
CA PHE C 316 -25.36 12.33 25.36
C PHE C 316 -24.05 11.84 24.78
N ARG C 317 -23.48 10.79 25.38
CA ARG C 317 -22.23 10.23 24.87
C ARG C 317 -22.05 8.82 25.42
N VAL C 318 -21.74 7.88 24.53
CA VAL C 318 -21.31 6.53 24.90
C VAL C 318 -19.84 6.60 25.28
N SER C 319 -19.31 5.51 25.85
CA SER C 319 -17.90 5.46 26.27
C SER C 319 -17.62 6.54 27.33
N LYS C 320 -18.21 6.30 28.50
CA LYS C 320 -18.27 7.29 29.58
C LYS C 320 -17.01 8.12 29.73
N GLU C 321 -15.86 7.49 29.99
CA GLU C 321 -14.65 8.29 30.21
C GLU C 321 -14.03 8.71 28.89
N LYS C 322 -13.48 7.76 28.14
CA LYS C 322 -13.05 7.95 26.76
C LYS C 322 -12.00 9.04 26.57
N LEU C 323 -11.55 9.66 27.66
CA LEU C 323 -10.70 10.86 27.59
C LEU C 323 -11.32 11.89 26.64
N ASP C 324 -12.49 12.38 27.03
CA ASP C 324 -13.30 13.22 26.16
C ASP C 324 -12.54 14.45 25.70
N THR C 325 -12.68 14.78 24.42
CA THR C 325 -12.01 15.91 23.80
C THR C 325 -12.99 17.05 23.59
N ALA C 326 -12.50 18.13 22.97
CA ALA C 326 -13.32 19.31 22.72
C ALA C 326 -14.17 19.10 21.48
N PRO C 327 -15.50 19.24 21.57
CA PRO C 327 -16.33 19.10 20.36
C PRO C 327 -16.09 20.24 19.38
N LYS C 328 -16.26 19.92 18.10
CA LYS C 328 -16.07 20.88 17.02
C LYS C 328 -16.81 20.36 15.79
N ARG C 329 -16.51 20.97 14.63
CA ARG C 329 -17.04 20.55 13.33
C ARG C 329 -18.58 20.60 13.32
N ASP C 330 -19.10 21.81 13.44
CA ASP C 330 -20.54 22.01 13.33
C ASP C 330 -21.01 21.68 11.91
N VAL C 331 -22.18 21.04 11.83
CA VAL C 331 -22.73 20.58 10.56
C VAL C 331 -23.83 21.52 10.13
N GLU C 332 -23.77 21.96 8.87
CA GLU C 332 -24.77 22.88 8.30
C GLU C 332 -25.76 22.15 7.41
N GLY C 333 -26.12 20.93 7.76
CA GLY C 333 -27.06 20.16 6.98
C GLY C 333 -27.74 19.10 7.82
N MET C 334 -28.30 18.11 7.13
CA MET C 334 -28.97 17.01 7.84
C MET C 334 -27.99 16.22 8.69
N GLY C 335 -26.80 15.94 8.16
CA GLY C 335 -25.78 15.25 8.90
C GLY C 335 -25.97 13.74 8.89
N PRO C 336 -24.97 13.02 9.35
CA PRO C 336 -25.06 11.56 9.39
C PRO C 336 -25.80 11.09 10.63
N PRO C 337 -26.63 10.06 10.50
CA PRO C 337 -27.36 9.55 11.67
C PRO C 337 -26.56 8.50 12.43
N GLU C 338 -26.40 8.68 13.74
CA GLU C 338 -25.67 7.72 14.55
C GLU C 338 -26.45 7.25 15.77
N ILE C 339 -27.22 8.12 16.40
CA ILE C 339 -27.98 7.75 17.61
C ILE C 339 -29.27 7.08 17.15
N LYS C 340 -29.32 5.76 17.27
CA LYS C 340 -30.46 4.97 16.80
C LYS C 340 -31.43 4.70 17.94
N TYR C 341 -32.72 4.80 17.65
CA TYR C 341 -33.74 4.48 18.63
C TYR C 341 -33.69 3.01 19.01
N GLY C 342 -33.98 2.73 20.28
CA GLY C 342 -33.93 1.37 20.77
C GLY C 342 -32.58 1.01 21.35
N GLU C 343 -31.54 1.04 20.52
CA GLU C 343 -30.17 0.79 20.95
C GLU C 343 -29.41 2.11 20.95
N SER C 344 -29.55 2.85 22.04
CA SER C 344 -28.92 4.15 22.20
C SER C 344 -28.34 4.26 23.61
N LEU C 345 -27.62 3.23 24.04
CA LEU C 345 -27.10 3.19 25.40
C LEU C 345 -25.99 4.22 25.57
N CYS C 346 -26.36 5.43 26.01
CA CYS C 346 -25.44 6.54 26.18
C CYS C 346 -25.60 7.11 27.58
N PHE C 347 -24.75 8.08 27.91
CA PHE C 347 -24.73 8.70 29.22
C PHE C 347 -24.91 10.20 29.09
N VAL C 348 -25.64 10.78 30.03
CA VAL C 348 -25.95 12.21 30.01
C VAL C 348 -25.02 12.93 30.96
N GLN C 349 -24.44 14.04 30.50
CA GLN C 349 -23.56 14.86 31.33
C GLN C 349 -23.77 16.33 31.01
N HIS C 350 -23.42 17.18 31.97
CA HIS C 350 -23.42 18.62 31.75
C HIS C 350 -22.17 19.02 30.98
N VAL C 351 -22.33 19.97 30.07
CA VAL C 351 -21.20 20.42 29.25
C VAL C 351 -20.48 21.61 29.87
N ALA C 352 -21.23 22.56 30.42
CA ALA C 352 -20.61 23.75 31.02
C ALA C 352 -19.81 23.38 32.26
N SER C 353 -20.33 22.48 33.09
CA SER C 353 -19.68 22.07 34.33
C SER C 353 -18.88 20.79 34.17
N GLY C 354 -19.52 19.72 33.70
CA GLY C 354 -18.82 18.47 33.46
C GLY C 354 -18.98 17.43 34.55
N LEU C 355 -20.20 17.23 35.03
CA LEU C 355 -20.50 16.20 36.02
C LEU C 355 -21.69 15.40 35.54
N TRP C 356 -21.72 14.12 35.93
CA TRP C 356 -22.70 13.19 35.38
C TRP C 356 -23.84 12.96 36.37
N LEU C 357 -24.85 12.21 35.92
CA LEU C 357 -26.03 11.94 36.72
C LEU C 357 -26.25 10.44 36.86
N THR C 358 -26.86 10.05 37.97
CA THR C 358 -27.17 8.66 38.25
C THR C 358 -28.23 8.63 39.34
N TYR C 359 -28.80 7.44 39.55
CA TYR C 359 -29.77 7.26 40.63
C TYR C 359 -29.09 7.47 41.98
N ALA C 360 -29.73 8.29 42.82
CA ALA C 360 -29.14 8.62 44.11
C ALA C 360 -29.30 7.48 45.11
N ALA C 361 -30.54 7.09 45.40
CA ALA C 361 -30.87 6.07 46.40
C ALA C 361 -30.18 6.37 47.72
N PRO C 362 -30.54 7.46 48.40
CA PRO C 362 -29.84 7.81 49.65
C PRO C 362 -29.95 6.75 50.72
N ASP C 363 -31.09 6.08 50.83
CA ASP C 363 -31.29 5.07 51.86
C ASP C 363 -32.49 4.19 51.53
N PRO C 364 -32.37 2.87 51.68
CA PRO C 364 -33.52 1.96 51.44
C PRO C 364 -34.42 1.88 52.67
N LYS C 365 -35.18 2.95 52.90
CA LYS C 365 -36.07 3.00 54.05
C LYS C 365 -37.21 2.00 53.89
N ALA C 366 -37.57 1.35 55.00
CA ALA C 366 -38.67 0.39 54.98
C ALA C 366 -40.00 1.08 54.69
N LEU C 367 -40.20 2.28 55.25
CA LEU C 367 -41.43 3.04 55.09
C LEU C 367 -41.27 4.18 54.10
N ARG C 368 -40.51 3.96 53.01
CA ARG C 368 -40.29 5.00 52.02
C ARG C 368 -41.57 5.41 51.31
N LEU C 369 -42.60 4.55 51.33
CA LEU C 369 -43.89 4.85 50.71
C LEU C 369 -43.74 5.16 49.22
N GLY C 370 -42.85 4.42 48.56
CA GLY C 370 -42.65 4.58 47.13
C GLY C 370 -42.09 3.32 46.50
N VAL C 371 -42.51 3.02 45.27
CA VAL C 371 -42.03 1.81 44.60
C VAL C 371 -40.52 1.89 44.39
N LEU C 372 -40.05 2.99 43.80
CA LEU C 372 -38.62 3.26 43.69
C LEU C 372 -38.21 4.54 44.38
N LYS C 373 -38.85 5.66 44.04
CA LYS C 373 -38.61 6.95 44.70
C LYS C 373 -37.13 7.33 44.68
N LYS C 374 -36.48 7.08 43.56
CA LYS C 374 -35.05 7.37 43.41
C LYS C 374 -34.89 8.77 42.84
N LYS C 375 -34.32 9.67 43.64
CA LYS C 375 -34.07 11.03 43.19
C LYS C 375 -32.93 11.06 42.17
N ALA C 376 -33.02 12.01 41.24
CA ALA C 376 -31.99 12.20 40.22
C ALA C 376 -31.04 13.30 40.69
N ILE C 377 -29.75 12.97 40.77
CA ILE C 377 -28.73 13.89 41.25
C ILE C 377 -27.59 13.93 40.25
N LEU C 378 -26.81 15.00 40.30
CA LEU C 378 -25.66 15.21 39.45
C LEU C 378 -24.39 15.00 40.25
N HIS C 379 -23.48 14.17 39.73
CA HIS C 379 -22.26 13.81 40.43
C HIS C 379 -21.08 13.88 39.47
N GLN C 380 -19.90 14.15 40.04
CA GLN C 380 -18.68 14.20 39.22
C GLN C 380 -18.39 12.84 38.62
N GLU C 381 -18.57 11.77 39.39
CA GLU C 381 -18.39 10.40 38.90
C GLU C 381 -19.58 9.58 39.41
N GLY C 382 -20.45 9.19 38.49
CA GLY C 382 -21.65 8.46 38.85
C GLY C 382 -21.40 6.99 39.10
N HIS C 383 -22.47 6.29 39.46
CA HIS C 383 -22.41 4.86 39.72
C HIS C 383 -22.47 4.09 38.40
N MET C 384 -22.67 2.79 38.48
CA MET C 384 -22.80 1.94 37.31
C MET C 384 -24.27 1.70 36.99
N ASP C 385 -24.52 1.32 35.73
CA ASP C 385 -25.86 1.03 35.23
C ASP C 385 -26.76 2.28 35.31
N ASP C 386 -26.28 3.36 34.69
CA ASP C 386 -27.07 4.58 34.56
C ASP C 386 -27.21 5.01 33.11
N ALA C 387 -26.76 4.19 32.16
CA ALA C 387 -26.90 4.53 30.75
C ALA C 387 -28.36 4.52 30.33
N LEU C 388 -28.75 5.53 29.58
CA LEU C 388 -30.14 5.70 29.14
C LEU C 388 -30.26 5.43 27.65
N PHE C 389 -31.23 4.61 27.28
CA PHE C 389 -31.56 4.36 25.89
C PHE C 389 -32.93 4.97 25.59
N LEU C 390 -33.06 5.53 24.39
CA LEU C 390 -34.19 6.40 24.05
C LEU C 390 -35.23 5.66 23.22
N THR C 391 -36.50 5.92 23.51
CA THR C 391 -37.61 5.40 22.74
C THR C 391 -38.57 6.55 22.44
N ARG C 392 -39.02 6.63 21.19
CA ARG C 392 -39.89 7.72 20.77
C ARG C 392 -41.34 7.42 21.12
N CYS C 393 -42.13 8.48 21.25
CA CYS C 393 -43.56 8.37 21.52
C CYS C 393 -44.37 8.68 20.26
N GLN C 394 -45.64 8.33 20.30
CA GLN C 394 -46.52 8.56 19.17
C GLN C 394 -46.84 10.05 19.02
N GLN C 395 -47.29 10.41 17.82
CA GLN C 395 -47.68 11.79 17.56
C GLN C 395 -48.87 12.19 18.43
N GLU C 396 -49.82 11.26 18.61
CA GLU C 396 -51.01 11.56 19.42
C GLU C 396 -50.63 11.87 20.86
N GLU C 397 -49.69 11.11 21.43
CA GLU C 397 -49.29 11.34 22.82
C GLU C 397 -48.63 12.69 22.99
N SER C 398 -47.71 13.06 22.09
CA SER C 398 -47.04 14.35 22.18
C SER C 398 -48.04 15.49 22.00
N GLN C 399 -48.94 15.36 21.03
CA GLN C 399 -49.95 16.39 20.84
C GLN C 399 -50.83 16.54 22.07
N ALA C 400 -51.26 15.42 22.65
CA ALA C 400 -52.09 15.47 23.85
C ALA C 400 -51.36 16.12 25.00
N ALA C 401 -50.07 15.82 25.16
CA ALA C 401 -49.29 16.46 26.21
C ALA C 401 -49.20 17.97 25.99
N ARG C 402 -49.01 18.40 24.74
CA ARG C 402 -48.94 19.83 24.47
C ARG C 402 -50.26 20.53 24.77
N MET C 403 -51.39 19.93 24.36
CA MET C 403 -52.68 20.53 24.71
C MET C 403 -52.93 20.49 26.21
N ILE C 404 -52.44 19.47 26.89
CA ILE C 404 -52.57 19.42 28.35
C ILE C 404 -51.84 20.60 28.97
N HIS C 405 -50.61 20.85 28.53
CA HIS C 405 -49.83 21.97 29.05
C HIS C 405 -50.53 23.30 28.78
N SER C 406 -50.98 23.51 27.53
CA SER C 406 -51.61 24.78 27.18
C SER C 406 -52.91 24.98 27.96
N THR C 407 -53.73 23.93 28.06
CA THR C 407 -54.99 24.04 28.79
C THR C 407 -54.77 24.28 30.27
N ALA C 408 -53.78 23.61 30.86
CA ALA C 408 -53.48 23.83 32.27
C ALA C 408 -53.04 25.27 32.50
N GLY C 409 -52.18 25.80 31.63
CA GLY C 409 -51.76 27.19 31.77
C GLY C 409 -52.91 28.16 31.65
N LEU C 410 -53.75 27.96 30.64
CA LEU C 410 -54.88 28.87 30.43
C LEU C 410 -55.87 28.81 31.59
N TYR C 411 -56.17 27.60 32.08
CA TYR C 411 -57.13 27.47 33.16
C TYR C 411 -56.57 28.01 34.48
N ASN C 412 -55.27 27.84 34.72
CA ASN C 412 -54.66 28.44 35.89
C ASN C 412 -54.70 29.95 35.81
N GLN C 413 -54.44 30.51 34.63
CA GLN C 413 -54.55 31.96 34.46
C GLN C 413 -55.97 32.45 34.72
N PHE C 414 -56.97 31.70 34.21
CA PHE C 414 -58.36 32.07 34.45
C PHE C 414 -58.71 32.01 35.93
N ILE C 415 -58.25 30.97 36.62
CA ILE C 415 -58.54 30.83 38.04
C ILE C 415 -57.90 31.96 38.83
N LYS C 416 -56.64 32.30 38.51
CA LYS C 416 -55.98 33.41 39.20
C LYS C 416 -56.68 34.73 38.94
N GLY C 417 -57.11 34.96 37.69
CA GLY C 417 -57.86 36.17 37.39
C GLY C 417 -59.17 36.25 38.15
N LEU C 418 -59.87 35.12 38.25
CA LEU C 418 -61.12 35.09 39.02
C LEU C 418 -60.86 35.37 40.49
N ASP C 419 -59.81 34.78 41.05
CA ASP C 419 -59.50 34.98 42.47
C ASP C 419 -58.97 36.37 42.76
N SER C 420 -58.45 37.07 41.75
CA SER C 420 -57.93 38.42 41.98
C SER C 420 -59.03 39.36 42.47
N PHE C 421 -60.21 39.29 41.87
CA PHE C 421 -61.33 40.15 42.25
C PHE C 421 -62.43 39.39 42.99
N SER C 422 -62.17 38.16 43.40
CA SER C 422 -63.18 37.34 44.08
C SER C 422 -63.50 37.85 45.48
N GLY C 423 -62.68 38.72 46.05
CA GLY C 423 -62.88 39.16 47.42
C GLY C 423 -63.58 40.49 47.56
N LYS C 424 -63.17 41.48 46.77
CA LYS C 424 -63.69 42.83 46.90
C LYS C 424 -64.82 43.05 45.91
N PRO C 425 -66.03 43.40 46.37
CA PRO C 425 -67.10 43.80 45.46
C PRO C 425 -66.65 44.85 44.44
N ARG C 426 -67.34 44.92 43.30
CA ARG C 426 -66.92 45.82 42.23
C ARG C 426 -67.14 47.28 42.64
N GLY C 427 -68.40 47.68 42.83
CA GLY C 427 -68.69 49.05 43.20
C GLY C 427 -68.49 50.00 42.04
N SER C 428 -67.23 50.19 41.65
CA SER C 428 -66.87 51.00 40.50
C SER C 428 -65.52 50.53 40.00
N GLY C 429 -65.21 50.87 38.74
CA GLY C 429 -63.99 50.42 38.13
C GLY C 429 -63.94 48.92 37.99
N PRO C 430 -64.76 48.37 37.10
CA PRO C 430 -64.92 46.91 37.01
C PRO C 430 -63.60 46.17 36.83
N PRO C 431 -62.66 46.66 35.99
CA PRO C 431 -61.37 45.95 35.89
C PRO C 431 -60.50 46.13 37.13
N ALA C 432 -60.44 45.09 37.97
CA ALA C 432 -59.54 45.12 39.12
C ALA C 432 -58.10 44.90 38.70
N GLY C 433 -57.87 43.99 37.75
CA GLY C 433 -56.55 43.72 37.24
C GLY C 433 -56.58 43.34 35.77
N PRO C 434 -55.86 42.30 35.40
CA PRO C 434 -55.90 41.83 34.01
C PRO C 434 -57.27 41.30 33.65
N ALA C 435 -57.64 41.50 32.38
CA ALA C 435 -58.94 41.03 31.91
C ALA C 435 -58.96 39.51 31.80
N LEU C 436 -60.11 38.93 32.13
CA LEU C 436 -60.25 37.47 32.05
C LEU C 436 -60.30 37.04 30.60
N PRO C 437 -59.57 35.99 30.21
CA PRO C 437 -59.62 35.49 28.82
C PRO C 437 -60.91 34.73 28.53
N ILE C 438 -62.02 35.49 28.46
CA ILE C 438 -63.34 34.87 28.28
C ILE C 438 -63.43 34.17 26.93
N GLU C 439 -63.08 34.89 25.86
CA GLU C 439 -63.17 34.31 24.52
C GLU C 439 -62.20 33.15 24.36
N ALA C 440 -60.97 33.30 24.86
CA ALA C 440 -59.99 32.24 24.74
C ALA C 440 -60.43 30.99 25.50
N VAL C 441 -60.97 31.16 26.71
CA VAL C 441 -61.41 30.00 27.48
C VAL C 441 -62.64 29.35 26.83
N ILE C 442 -63.52 30.16 26.24
CA ILE C 442 -64.68 29.60 25.55
C ILE C 442 -64.24 28.76 24.35
N LEU C 443 -63.30 29.30 23.55
CA LEU C 443 -62.81 28.57 22.40
C LEU C 443 -62.08 27.30 22.82
N SER C 444 -61.30 27.37 23.90
CA SER C 444 -60.61 26.18 24.39
C SER C 444 -61.60 25.12 24.87
N LEU C 445 -62.66 25.54 25.56
CA LEU C 445 -63.67 24.60 26.02
C LEU C 445 -64.36 23.93 24.83
N GLN C 446 -64.72 24.72 23.81
CA GLN C 446 -65.36 24.14 22.63
C GLN C 446 -64.44 23.18 21.91
N ASP C 447 -63.16 23.55 21.78
CA ASP C 447 -62.20 22.67 21.11
C ASP C 447 -62.01 21.38 21.89
N LEU C 448 -61.98 21.45 23.22
CA LEU C 448 -61.83 20.24 24.02
C LEU C 448 -63.09 19.37 23.94
N ILE C 449 -64.27 19.99 23.91
CA ILE C 449 -65.51 19.24 23.78
C ILE C 449 -65.52 18.50 22.45
N GLY C 450 -65.15 19.18 21.37
CA GLY C 450 -65.04 18.50 20.08
C GLY C 450 -63.93 17.46 20.06
N TYR C 451 -62.90 17.66 20.87
CA TYR C 451 -61.78 16.72 20.91
C TYR C 451 -62.20 15.36 21.46
N PHE C 452 -63.05 15.35 22.49
CA PHE C 452 -63.47 14.14 23.16
C PHE C 452 -64.80 13.60 22.63
N GLU C 453 -65.15 13.92 21.38
CA GLU C 453 -66.40 13.45 20.82
C GLU C 453 -66.33 11.95 20.57
N PRO C 454 -67.28 11.16 21.07
CA PRO C 454 -67.23 9.72 20.84
C PRO C 454 -67.46 9.40 19.36
N PRO C 455 -66.93 8.30 18.87
CA PRO C 455 -67.14 7.94 17.46
C PRO C 455 -68.60 7.63 17.17
N SER C 456 -69.00 7.90 15.93
CA SER C 456 -70.37 7.67 15.52
C SER C 456 -70.67 6.17 15.44
N GLU C 457 -71.96 5.84 15.53
CA GLU C 457 -72.39 4.45 15.61
C GLU C 457 -72.50 3.77 14.25
N GLU C 458 -72.37 4.51 13.15
CA GLU C 458 -72.41 3.92 11.82
C GLU C 458 -71.04 3.42 11.37
N LEU C 459 -70.02 3.55 12.21
CA LEU C 459 -68.68 3.11 11.88
C LEU C 459 -68.60 1.58 11.84
N GLN C 460 -67.63 1.06 11.08
CA GLN C 460 -67.37 -0.36 11.08
C GLN C 460 -66.79 -0.79 12.44
N HIS C 461 -67.03 -2.06 12.78
CA HIS C 461 -66.76 -2.54 14.13
C HIS C 461 -65.29 -2.37 14.52
N GLU C 462 -64.38 -2.80 13.64
CA GLU C 462 -62.96 -2.79 13.97
C GLU C 462 -62.45 -1.36 14.13
N GLU C 463 -62.75 -0.50 13.16
CA GLU C 463 -62.26 0.88 13.22
C GLU C 463 -62.97 1.66 14.32
N LYS C 464 -64.24 1.34 14.60
CA LYS C 464 -64.91 1.94 15.75
C LYS C 464 -64.24 1.56 17.05
N GLN C 465 -63.85 0.28 17.19
CA GLN C 465 -63.13 -0.14 18.39
C GLN C 465 -61.78 0.54 18.51
N SER C 466 -61.09 0.71 17.38
CA SER C 466 -59.80 1.42 17.41
C SER C 466 -59.99 2.88 17.85
N LYS C 467 -61.02 3.54 17.31
CA LYS C 467 -61.29 4.92 17.72
C LYS C 467 -61.67 5.00 19.19
N LEU C 468 -62.45 4.03 19.68
CA LEU C 468 -62.81 3.99 21.09
C LEU C 468 -61.57 3.83 21.98
N ARG C 469 -60.66 2.94 21.57
CA ARG C 469 -59.43 2.77 22.33
C ARG C 469 -58.60 4.06 22.34
N SER C 470 -58.51 4.73 21.20
CA SER C 470 -57.78 5.99 21.14
C SER C 470 -58.42 7.03 22.05
N LEU C 471 -59.76 7.12 22.05
CA LEU C 471 -60.45 8.07 22.91
C LEU C 471 -60.22 7.75 24.38
N ARG C 472 -60.27 6.48 24.75
CA ARG C 472 -60.03 6.10 26.13
C ARG C 472 -58.62 6.44 26.56
N ASN C 473 -57.64 6.18 25.69
CA ASN C 473 -56.25 6.53 26.02
C ASN C 473 -56.09 8.03 26.18
N ARG C 474 -56.71 8.82 25.30
CA ARG C 474 -56.63 10.27 25.41
C ARG C 474 -57.26 10.77 26.70
N GLN C 475 -58.42 10.20 27.07
CA GLN C 475 -59.07 10.60 28.31
C GLN C 475 -58.21 10.26 29.52
N SER C 476 -57.60 9.07 29.51
CA SER C 476 -56.73 8.69 30.61
C SER C 476 -55.52 9.61 30.71
N LEU C 477 -54.92 9.95 29.56
CA LEU C 477 -53.78 10.86 29.55
C LEU C 477 -54.15 12.23 30.08
N PHE C 478 -55.32 12.75 29.69
CA PHE C 478 -55.76 14.04 30.18
C PHE C 478 -56.04 14.00 31.68
N GLN C 479 -56.61 12.88 32.16
CA GLN C 479 -56.95 12.77 33.57
C GLN C 479 -55.70 12.63 34.44
N GLU C 480 -54.67 11.95 33.94
CA GLU C 480 -53.49 11.68 34.77
C GLU C 480 -52.79 12.96 35.18
N GLU C 481 -52.67 13.93 34.26
CA GLU C 481 -52.02 15.19 34.54
C GLU C 481 -52.98 16.24 35.09
N GLY C 482 -54.06 15.81 35.72
CA GLY C 482 -55.07 16.73 36.22
C GLY C 482 -56.26 16.82 35.28
N MET C 483 -56.64 18.06 34.93
CA MET C 483 -57.71 18.39 34.00
C MET C 483 -59.09 17.96 34.49
N LEU C 484 -59.18 17.32 35.65
CA LEU C 484 -60.45 17.04 36.31
C LEU C 484 -60.61 17.87 37.57
N SER C 485 -59.55 18.02 38.35
CA SER C 485 -59.58 18.93 39.49
C SER C 485 -59.62 20.38 39.03
N LEU C 486 -58.96 20.68 37.91
CA LEU C 486 -58.97 22.05 37.39
C LEU C 486 -60.38 22.46 36.95
N VAL C 487 -61.08 21.57 36.27
CA VAL C 487 -62.46 21.86 35.85
C VAL C 487 -63.35 22.00 37.08
N LEU C 488 -63.13 21.15 38.09
CA LEU C 488 -63.89 21.25 39.33
C LEU C 488 -63.67 22.61 39.99
N ASN C 489 -62.41 23.06 40.06
CA ASN C 489 -62.12 24.35 40.65
C ASN C 489 -62.76 25.49 39.87
N CYS C 490 -62.69 25.42 38.54
CA CYS C 490 -63.32 26.47 37.72
C CYS C 490 -64.82 26.51 37.94
N ILE C 491 -65.47 25.35 37.99
CA ILE C 491 -66.91 25.29 38.23
C ILE C 491 -67.24 25.84 39.60
N ASP C 492 -66.42 25.50 40.62
CA ASP C 492 -66.67 26.00 41.96
C ASP C 492 -66.54 27.52 42.02
N ARG C 493 -65.51 28.08 41.38
CA ARG C 493 -65.34 29.52 41.38
C ARG C 493 -66.47 30.22 40.64
N LEU C 494 -66.90 29.67 39.50
CA LEU C 494 -67.96 30.30 38.73
C LEU C 494 -69.31 30.19 39.42
N ASN C 495 -69.54 29.10 40.14
CA ASN C 495 -70.82 28.82 40.76
C ASN C 495 -70.94 29.38 42.17
N VAL C 496 -69.93 30.13 42.64
CA VAL C 496 -70.07 30.83 43.91
C VAL C 496 -71.20 31.84 43.83
N TYR C 497 -71.28 32.56 42.72
CA TYR C 497 -72.39 33.47 42.47
C TYR C 497 -73.60 32.69 41.98
N THR C 498 -74.76 32.99 42.55
CA THR C 498 -75.96 32.19 42.28
C THR C 498 -76.54 32.47 40.90
N THR C 499 -76.59 33.73 40.48
CA THR C 499 -77.15 34.11 39.19
C THR C 499 -76.11 34.86 38.36
N ALA C 500 -76.50 35.21 37.13
CA ALA C 500 -75.64 35.97 36.24
C ALA C 500 -75.68 37.47 36.52
N ALA C 501 -76.60 37.93 37.37
CA ALA C 501 -76.71 39.34 37.74
C ALA C 501 -76.44 39.59 39.21
N HIS C 502 -76.80 38.66 40.10
CA HIS C 502 -76.56 38.82 41.52
C HIS C 502 -75.08 38.59 41.80
N PHE C 503 -74.37 39.65 42.17
CA PHE C 503 -72.93 39.68 42.42
C PHE C 503 -72.15 38.84 41.42
N ALA C 504 -72.53 38.90 40.15
CA ALA C 504 -71.79 38.25 39.08
C ALA C 504 -71.17 39.26 38.12
N GLU C 505 -71.46 40.55 38.29
CA GLU C 505 -70.87 41.60 37.47
C GLU C 505 -69.53 42.09 38.02
N TYR C 506 -68.95 41.36 38.97
CA TYR C 506 -67.68 41.78 39.58
C TYR C 506 -66.58 41.89 38.54
N ALA C 507 -66.65 41.10 37.47
CA ALA C 507 -65.73 41.21 36.36
C ALA C 507 -66.16 42.26 35.34
N GLY C 508 -67.35 42.83 35.49
CA GLY C 508 -67.86 43.82 34.56
C GLY C 508 -69.13 43.36 33.89
N GLU C 509 -69.87 44.32 33.30
CA GLU C 509 -71.11 43.97 32.61
C GLU C 509 -70.86 43.23 31.30
N GLU C 510 -69.63 43.26 30.78
CA GLU C 510 -69.33 42.56 29.54
C GLU C 510 -69.24 41.05 29.74
N ALA C 511 -68.80 40.60 30.91
CA ALA C 511 -68.65 39.18 31.19
C ALA C 511 -69.88 38.57 31.85
N ALA C 512 -70.93 39.35 32.09
CA ALA C 512 -72.13 38.81 32.75
C ALA C 512 -72.84 37.82 31.85
N GLU C 513 -72.95 38.11 30.55
CA GLU C 513 -73.70 37.26 29.65
C GLU C 513 -72.97 35.97 29.30
N SER C 514 -71.65 35.95 29.37
CA SER C 514 -70.88 34.76 29.03
C SER C 514 -70.67 33.81 30.21
N TRP C 515 -71.06 34.21 31.42
CA TRP C 515 -70.86 33.35 32.59
C TRP C 515 -71.65 32.06 32.46
N LYS C 516 -72.91 32.15 32.04
CA LYS C 516 -73.72 30.95 31.86
C LYS C 516 -73.15 30.05 30.76
N GLU C 517 -72.69 30.67 29.67
CA GLU C 517 -72.10 29.88 28.58
C GLU C 517 -70.85 29.14 29.04
N ILE C 518 -70.00 29.81 29.81
CA ILE C 518 -68.78 29.16 30.28
C ILE C 518 -69.12 28.05 31.28
N VAL C 519 -70.13 28.27 32.12
CA VAL C 519 -70.54 27.24 33.08
C VAL C 519 -71.05 26.01 32.33
N ASN C 520 -71.88 26.22 31.32
CA ASN C 520 -72.41 25.10 30.55
C ASN C 520 -71.29 24.37 29.80
N LEU C 521 -70.34 25.11 29.22
CA LEU C 521 -69.23 24.49 28.53
C LEU C 521 -68.37 23.66 29.49
N LEU C 522 -68.14 24.19 30.70
CA LEU C 522 -67.38 23.44 31.69
C LEU C 522 -68.10 22.16 32.10
N SER C 523 -69.42 22.24 32.27
CA SER C 523 -70.19 21.04 32.61
C SER C 523 -70.13 20.01 31.49
N GLU C 524 -70.25 20.46 30.24
CA GLU C 524 -70.19 19.54 29.11
C GLU C 524 -68.81 18.90 28.99
N LEU C 525 -67.74 19.68 29.19
CA LEU C 525 -66.39 19.12 29.15
C LEU C 525 -66.18 18.12 30.29
N LEU C 526 -66.71 18.42 31.47
CA LEU C 526 -66.63 17.48 32.59
C LEU C 526 -67.34 16.17 32.25
N ALA C 527 -68.52 16.27 31.62
CA ALA C 527 -69.23 15.06 31.21
C ALA C 527 -68.44 14.28 30.17
N SER C 528 -67.84 14.98 29.19
CA SER C 528 -67.15 14.30 28.11
C SER C 528 -65.85 13.66 28.57
N LEU C 529 -65.18 14.24 29.56
CA LEU C 529 -63.90 13.70 30.02
C LEU C 529 -64.03 12.33 30.67
N ILE C 530 -65.21 11.99 31.19
CA ILE C 530 -65.43 10.73 31.88
C ILE C 530 -66.47 9.86 31.21
N ARG C 531 -67.08 10.32 30.11
CA ARG C 531 -68.14 9.57 29.46
C ARG C 531 -67.57 8.30 28.84
N GLY C 532 -67.91 7.15 29.41
CA GLY C 532 -67.50 5.87 28.89
C GLY C 532 -66.20 5.33 29.44
N ASN C 533 -65.46 6.11 30.22
CA ASN C 533 -64.19 5.68 30.80
C ASN C 533 -64.46 5.17 32.21
N ARG C 534 -64.26 3.86 32.41
CA ARG C 534 -64.55 3.27 33.72
C ARG C 534 -63.57 3.77 34.78
N ALA C 535 -62.28 3.86 34.44
CA ALA C 535 -61.29 4.31 35.41
C ALA C 535 -61.53 5.76 35.82
N ASN C 536 -61.83 6.64 34.86
CA ASN C 536 -62.09 8.02 35.18
C ASN C 536 -63.34 8.17 36.04
N CYS C 537 -64.38 7.41 35.75
CA CYS C 537 -65.59 7.46 36.56
C CYS C 537 -65.32 6.93 37.97
N ALA C 538 -64.52 5.87 38.09
CA ALA C 538 -64.19 5.36 39.42
C ALA C 538 -63.39 6.38 40.22
N LEU C 539 -62.46 7.08 39.57
CA LEU C 539 -61.70 8.11 40.27
C LEU C 539 -62.56 9.32 40.62
N PHE C 540 -63.54 9.64 39.79
CA PHE C 540 -64.40 10.80 40.02
C PHE C 540 -65.56 10.50 40.98
N SER C 541 -65.80 9.22 41.29
CA SER C 541 -66.90 8.87 42.18
C SER C 541 -66.76 9.50 43.56
N THR C 542 -65.55 9.90 43.95
CA THR C 542 -65.35 10.52 45.26
C THR C 542 -66.06 11.87 45.38
N ASN C 543 -66.43 12.50 44.26
CA ASN C 543 -67.13 13.77 44.28
C ASN C 543 -68.63 13.59 44.10
N LEU C 544 -69.19 12.48 44.61
CA LEU C 544 -70.61 12.22 44.48
C LEU C 544 -71.44 13.28 45.19
N ASP C 545 -71.04 13.66 46.40
CA ASP C 545 -71.78 14.65 47.15
C ASP C 545 -71.77 16.00 46.44
N TRP C 546 -70.61 16.39 45.89
CA TRP C 546 -70.53 17.64 45.13
C TRP C 546 -71.43 17.59 43.90
N VAL C 547 -71.41 16.46 43.18
CA VAL C 547 -72.25 16.33 41.99
C VAL C 547 -73.72 16.44 42.35
N VAL C 548 -74.14 15.78 43.43
CA VAL C 548 -75.53 15.84 43.84
C VAL C 548 -75.91 17.25 44.28
N SER C 549 -75.02 17.93 45.01
CA SER C 549 -75.32 19.27 45.48
C SER C 549 -75.40 20.26 44.33
N LYS C 550 -74.62 20.07 43.27
CA LYS C 550 -74.64 20.98 42.13
C LYS C 550 -75.76 20.67 41.14
N LEU C 551 -76.79 19.94 41.56
CA LEU C 551 -77.90 19.56 40.68
C LEU C 551 -79.06 20.53 40.72
N ASP C 552 -78.98 21.61 41.50
CA ASP C 552 -80.07 22.56 41.68
C ASP C 552 -79.61 23.97 41.38
N ARG C 553 -78.91 24.15 40.26
CA ARG C 553 -78.39 25.45 39.87
C ARG C 553 -79.19 26.10 38.74
N LEU C 554 -80.08 25.35 38.08
CA LEU C 554 -81.00 25.85 37.07
C LEU C 554 -80.27 26.17 35.77
N GLU C 555 -78.94 26.12 35.78
CA GLU C 555 -78.16 26.33 34.57
C GLU C 555 -77.11 25.23 34.40
N ALA C 556 -76.68 24.65 35.51
CA ALA C 556 -75.70 23.56 35.48
C ALA C 556 -76.35 22.18 35.57
N SER C 557 -77.66 22.11 35.72
CA SER C 557 -78.33 20.81 35.86
C SER C 557 -78.20 19.98 34.59
N SER C 558 -78.30 20.63 33.43
CA SER C 558 -78.29 19.89 32.16
C SER C 558 -77.00 19.12 31.96
N GLY C 559 -75.90 19.58 32.53
CA GLY C 559 -74.63 18.87 32.41
C GLY C 559 -74.32 18.01 33.62
N ILE C 560 -74.70 18.47 34.80
CA ILE C 560 -74.44 17.71 36.02
C ILE C 560 -75.24 16.43 36.02
N LEU C 561 -76.47 16.46 35.50
CA LEU C 561 -77.27 15.24 35.40
C LEU C 561 -76.60 14.23 34.49
N GLU C 562 -76.05 14.68 33.36
CA GLU C 562 -75.34 13.77 32.47
C GLU C 562 -74.08 13.22 33.14
N VAL C 563 -73.36 14.05 33.89
CA VAL C 563 -72.18 13.57 34.60
C VAL C 563 -72.57 12.49 35.60
N LEU C 564 -73.64 12.72 36.35
CA LEU C 564 -74.10 11.73 37.33
C LEU C 564 -74.53 10.44 36.65
N TYR C 565 -75.25 10.54 35.54
CA TYR C 565 -75.68 9.35 34.82
C TYR C 565 -74.49 8.56 34.31
N CYS C 566 -73.48 9.25 33.75
CA CYS C 566 -72.29 8.56 33.27
C CYS C 566 -71.54 7.89 34.41
N VAL C 567 -71.43 8.57 35.55
CA VAL C 567 -70.74 7.99 36.71
C VAL C 567 -71.47 6.74 37.18
N LEU C 568 -72.79 6.79 37.27
CA LEU C 568 -73.56 5.64 37.72
C LEU C 568 -73.49 4.49 36.74
N ILE C 569 -73.51 4.77 35.43
CA ILE C 569 -73.52 3.71 34.43
C ILE C 569 -72.15 3.04 34.34
N GLU C 570 -71.09 3.84 34.25
CA GLU C 570 -69.76 3.27 33.98
C GLU C 570 -69.19 2.55 35.20
N SER C 571 -69.39 3.11 36.40
CA SER C 571 -68.84 2.56 37.63
C SER C 571 -69.99 2.24 38.58
N PRO C 572 -70.54 1.02 38.52
CA PRO C 572 -71.66 0.69 39.40
C PRO C 572 -71.21 0.24 40.79
N GLU C 573 -70.28 0.98 41.38
CA GLU C 573 -69.87 0.77 42.75
C GLU C 573 -70.23 1.93 43.67
N VAL C 574 -70.46 3.12 43.11
CA VAL C 574 -70.91 4.26 43.88
C VAL C 574 -72.35 4.13 44.34
N LEU C 575 -73.06 3.11 43.87
CA LEU C 575 -74.45 2.92 44.27
C LEU C 575 -74.56 2.61 45.75
N ASN C 576 -73.63 1.82 46.30
CA ASN C 576 -73.71 1.40 47.69
C ASN C 576 -73.51 2.56 48.66
N ILE C 577 -72.78 3.58 48.25
CA ILE C 577 -72.45 4.70 49.13
C ILE C 577 -73.45 5.85 48.97
N ILE C 578 -74.61 5.59 48.38
CA ILE C 578 -75.63 6.61 48.17
C ILE C 578 -76.65 6.50 49.30
N GLN C 579 -76.89 7.60 49.99
CA GLN C 579 -77.80 7.62 51.12
C GLN C 579 -79.18 8.08 50.66
N GLU C 580 -80.10 8.30 51.61
CA GLU C 580 -81.45 8.71 51.28
C GLU C 580 -81.51 10.17 50.83
N ASN C 581 -80.58 11.00 51.31
CA ASN C 581 -80.61 12.42 50.96
C ASN C 581 -80.33 12.63 49.47
N HIS C 582 -79.46 11.81 48.88
CA HIS C 582 -79.22 11.91 47.44
C HIS C 582 -80.47 11.60 46.64
N ILE C 583 -81.19 10.54 47.01
CA ILE C 583 -82.42 10.19 46.32
C ILE C 583 -83.47 11.27 46.50
N LYS C 584 -83.57 11.83 47.72
CA LYS C 584 -84.51 12.91 47.95
C LYS C 584 -84.16 14.14 47.12
N SER C 585 -82.87 14.44 46.98
CA SER C 585 -82.45 15.57 46.16
C SER C 585 -82.79 15.32 44.69
N ILE C 586 -82.60 14.09 44.21
CA ILE C 586 -82.95 13.76 42.82
C ILE C 586 -84.45 13.91 42.60
N ILE C 587 -85.26 13.44 43.56
CA ILE C 587 -86.71 13.58 43.43
C ILE C 587 -87.11 15.04 43.47
N SER C 588 -86.45 15.84 44.31
CA SER C 588 -86.73 17.28 44.36
C SER C 588 -86.36 17.95 43.04
N LEU C 589 -85.25 17.52 42.42
CA LEU C 589 -84.89 18.04 41.11
C LEU C 589 -85.96 17.69 40.07
N LEU C 590 -86.48 16.47 40.12
CA LEU C 590 -87.56 16.08 39.22
C LEU C 590 -88.80 16.93 39.46
N ASP C 591 -89.11 17.22 40.72
CA ASP C 591 -90.29 18.00 41.04
C ASP C 591 -90.15 19.46 40.63
N LYS C 592 -88.93 20.01 40.73
CA LYS C 592 -88.72 21.44 40.50
C LYS C 592 -88.40 21.78 39.05
N HIS C 593 -87.76 20.88 38.31
CA HIS C 593 -87.36 21.15 36.95
C HIS C 593 -88.34 20.61 35.92
N GLY C 594 -89.46 20.05 36.36
CA GLY C 594 -90.45 19.51 35.44
C GLY C 594 -90.27 18.02 35.21
N ARG C 595 -91.22 17.46 34.47
CA ARG C 595 -91.23 16.03 34.17
C ARG C 595 -90.18 15.73 33.12
N ASN C 596 -89.01 15.31 33.57
CA ASN C 596 -87.92 14.92 32.68
C ASN C 596 -87.81 13.40 32.66
N HIS C 597 -87.52 12.86 31.48
CA HIS C 597 -87.40 11.41 31.30
C HIS C 597 -86.01 10.89 31.58
N LYS C 598 -85.05 11.77 31.88
CA LYS C 598 -83.70 11.34 32.24
C LYS C 598 -83.54 11.15 33.73
N VAL C 599 -84.34 11.85 34.55
CA VAL C 599 -84.34 11.60 35.98
C VAL C 599 -84.81 10.18 36.26
N LEU C 600 -85.79 9.70 35.51
CA LEU C 600 -86.25 8.32 35.65
C LEU C 600 -85.14 7.34 35.27
N ASP C 601 -84.37 7.65 34.22
CA ASP C 601 -83.24 6.81 33.86
C ASP C 601 -82.19 6.79 34.97
N VAL C 602 -81.93 7.94 35.58
CA VAL C 602 -80.98 7.99 36.70
C VAL C 602 -81.47 7.14 37.85
N LEU C 603 -82.77 7.22 38.17
CA LEU C 603 -83.32 6.39 39.23
C LEU C 603 -83.22 4.91 38.90
N CYS C 604 -83.47 4.54 37.64
CA CYS C 604 -83.32 3.15 37.21
C CYS C 604 -81.90 2.67 37.39
N SER C 605 -80.93 3.52 37.03
CA SER C 605 -79.52 3.17 37.25
C SER C 605 -79.23 3.01 38.73
N LEU C 606 -79.86 3.85 39.57
CA LEU C 606 -79.69 3.72 41.02
C LEU C 606 -80.22 2.39 41.52
N CYS C 607 -81.34 1.93 40.97
CA CYS C 607 -82.07 0.81 41.55
C CYS C 607 -81.24 -0.48 41.52
N VAL C 608 -80.62 -0.78 40.39
CA VAL C 608 -80.01 -2.09 40.17
C VAL C 608 -78.56 -1.91 39.74
N CYS C 609 -77.67 -2.68 40.36
CA CYS C 609 -76.24 -2.69 40.06
C CYS C 609 -75.97 -3.50 38.80
N ASN C 610 -74.71 -3.89 38.59
CA ASN C 610 -74.29 -4.59 37.38
C ASN C 610 -74.72 -6.05 37.34
N GLY C 611 -75.72 -6.43 38.14
CA GLY C 611 -76.18 -7.80 38.20
C GLY C 611 -76.63 -8.20 39.60
N VAL C 612 -76.52 -7.27 40.54
CA VAL C 612 -76.94 -7.47 41.93
C VAL C 612 -77.95 -6.39 42.26
N ALA C 613 -79.04 -6.78 42.92
CA ALA C 613 -80.09 -5.84 43.27
C ALA C 613 -79.76 -5.14 44.59
N VAL C 614 -79.76 -3.81 44.56
CA VAL C 614 -79.51 -3.01 45.76
C VAL C 614 -80.89 -2.68 46.34
N ARG C 615 -81.32 -3.49 47.31
CA ARG C 615 -82.67 -3.35 47.85
C ARG C 615 -82.84 -2.04 48.61
N SER C 616 -81.76 -1.48 49.14
CA SER C 616 -81.87 -0.23 49.89
C SER C 616 -82.35 0.90 48.99
N ASN C 617 -81.71 1.08 47.83
CA ASN C 617 -82.13 2.12 46.90
C ASN C 617 -83.54 1.88 46.39
N GLN C 618 -83.87 0.62 46.09
CA GLN C 618 -85.21 0.29 45.61
C GLN C 618 -86.27 0.68 46.63
N ASP C 619 -86.07 0.29 47.89
CA ASP C 619 -87.04 0.60 48.93
C ASP C 619 -87.11 2.10 49.19
N LEU C 620 -85.96 2.79 49.16
CA LEU C 620 -85.96 4.23 49.37
C LEU C 620 -86.74 4.95 48.28
N ILE C 621 -86.53 4.56 47.02
CA ILE C 621 -87.27 5.19 45.92
C ILE C 621 -88.75 4.88 46.02
N THR C 622 -89.09 3.63 46.36
CA THR C 622 -90.50 3.27 46.51
C THR C 622 -91.17 4.08 47.61
N GLU C 623 -90.48 4.29 48.73
CA GLU C 623 -91.07 5.01 49.85
C GLU C 623 -91.12 6.51 49.61
N ASN C 624 -90.19 7.05 48.81
CA ASN C 624 -90.12 8.48 48.62
C ASN C 624 -90.85 8.98 47.38
N LEU C 625 -91.22 8.10 46.45
CA LEU C 625 -91.86 8.53 45.21
C LEU C 625 -93.27 8.01 45.05
N LEU C 626 -93.49 6.71 45.23
CA LEU C 626 -94.78 6.11 44.91
C LEU C 626 -95.94 6.61 45.78
N PRO C 627 -95.85 6.64 47.11
CA PRO C 627 -97.05 6.94 47.90
C PRO C 627 -97.68 8.29 47.62
N GLY C 628 -96.87 9.30 47.31
CA GLY C 628 -97.43 10.60 46.95
C GLY C 628 -97.72 10.68 45.48
N ARG C 629 -98.98 10.48 45.11
CA ARG C 629 -99.39 10.47 43.70
C ARG C 629 -99.58 11.89 43.18
N GLU C 630 -98.50 12.66 43.28
CA GLU C 630 -98.49 14.04 42.81
C GLU C 630 -97.39 14.33 41.80
N LEU C 631 -96.60 13.34 41.42
CA LEU C 631 -95.49 13.52 40.50
C LEU C 631 -95.57 12.64 39.27
N LEU C 632 -96.00 11.40 39.41
CA LEU C 632 -96.11 10.47 38.30
C LEU C 632 -97.53 10.45 37.75
N LEU C 633 -97.64 10.24 36.44
CA LEU C 633 -98.94 10.20 35.79
C LEU C 633 -99.69 8.94 36.21
N GLN C 634 -100.85 9.12 36.83
CA GLN C 634 -101.65 8.00 37.29
C GLN C 634 -102.46 7.41 36.14
N THR C 635 -103.07 6.25 36.42
CA THR C 635 -103.91 5.58 35.44
C THR C 635 -104.92 4.71 36.16
N ASN C 636 -106.11 4.59 35.58
CA ASN C 636 -107.19 3.82 36.18
C ASN C 636 -108.22 3.51 35.11
N LEU C 637 -109.16 2.62 35.46
CA LEU C 637 -110.26 2.26 34.58
C LEU C 637 -111.52 2.96 35.05
N ILE C 638 -112.12 3.75 34.16
CA ILE C 638 -113.32 4.52 34.48
C ILE C 638 -114.44 4.12 33.52
N ASN C 639 -115.63 4.61 33.82
CA ASN C 639 -116.82 4.33 33.03
C ASN C 639 -117.05 5.40 31.98
N TYR C 640 -118.04 5.16 31.12
CA TYR C 640 -118.52 6.13 30.15
C TYR C 640 -119.87 6.63 30.61
N VAL C 641 -120.01 7.95 30.74
CA VAL C 641 -121.22 8.58 31.27
C VAL C 641 -121.77 9.53 30.23
N THR C 642 -123.07 9.46 30.00
CA THR C 642 -123.78 10.32 29.07
C THR C 642 -124.93 11.03 29.78
N SER C 643 -125.58 11.94 29.06
CA SER C 643 -126.69 12.70 29.58
C SER C 643 -127.81 12.76 28.55
N ILE C 644 -129.05 12.82 29.05
CA ILE C 644 -130.24 12.90 28.20
C ILE C 644 -131.13 14.01 28.74
N ARG C 645 -131.57 14.89 27.86
CA ARG C 645 -132.39 16.04 28.23
C ARG C 645 -133.60 16.15 27.32
N PRO C 646 -134.71 16.68 27.83
CA PRO C 646 -135.83 17.03 26.96
C PRO C 646 -135.70 18.45 26.44
N ASN C 647 -136.33 18.69 25.28
CA ASN C 647 -136.26 19.99 24.63
C ASN C 647 -137.22 20.98 25.30
N ILE C 648 -136.95 21.23 26.58
CA ILE C 648 -137.70 22.20 27.38
C ILE C 648 -136.70 23.16 28.00
N PHE C 649 -136.81 24.44 27.67
CA PHE C 649 -135.88 25.46 28.13
C PHE C 649 -136.64 26.57 28.84
N VAL C 650 -136.18 26.94 30.03
CA VAL C 650 -136.73 28.04 30.80
C VAL C 650 -135.61 28.99 31.17
N GLY C 651 -135.98 30.24 31.43
CA GLY C 651 -134.97 31.24 31.76
C GLY C 651 -135.63 32.48 32.34
N ARG C 652 -134.78 33.36 32.87
CA ARG C 652 -135.22 34.60 33.49
C ARG C 652 -134.63 35.77 32.72
N ALA C 653 -135.49 36.70 32.32
CA ALA C 653 -135.09 37.86 31.54
C ALA C 653 -136.05 39.00 31.89
N GLU C 654 -136.09 40.02 31.04
CA GLU C 654 -137.00 41.13 31.26
C GLU C 654 -138.46 40.69 31.25
N GLY C 655 -138.77 39.56 30.63
CA GLY C 655 -140.12 39.04 30.67
C GLY C 655 -140.38 38.10 29.52
N SER C 656 -141.67 37.80 29.33
CA SER C 656 -142.21 37.01 28.23
C SER C 656 -141.92 35.52 28.37
N THR C 657 -141.09 35.14 29.34
CA THR C 657 -140.88 33.73 29.69
C THR C 657 -140.76 33.64 31.21
N GLN C 658 -141.89 33.51 31.89
CA GLN C 658 -141.87 33.41 33.34
C GLN C 658 -143.17 32.79 33.83
N TYR C 659 -143.13 31.52 34.23
CA TYR C 659 -144.11 30.98 35.14
C TYR C 659 -143.67 31.15 36.59
N GLY C 660 -142.47 31.68 36.81
CA GLY C 660 -141.92 31.82 38.14
C GLY C 660 -141.24 30.56 38.61
N LYS C 661 -141.90 29.42 38.39
CA LYS C 661 -141.45 28.14 38.90
C LYS C 661 -141.70 27.04 37.87
N TRP C 662 -140.91 25.97 37.96
CA TRP C 662 -141.07 24.81 37.11
C TRP C 662 -140.83 23.56 37.93
N TYR C 663 -141.42 22.45 37.48
CA TYR C 663 -141.43 21.23 38.27
C TYR C 663 -141.52 20.02 37.35
N PHE C 664 -140.69 19.01 37.62
CA PHE C 664 -140.72 17.76 36.87
C PHE C 664 -140.23 16.64 37.78
N GLU C 665 -140.48 15.40 37.34
CA GLU C 665 -140.14 14.22 38.13
C GLU C 665 -139.40 13.21 37.27
N VAL C 666 -138.58 12.40 37.92
CA VAL C 666 -137.88 11.29 37.28
C VAL C 666 -138.13 10.04 38.12
N MET C 667 -138.63 8.99 37.48
CA MET C 667 -138.93 7.73 38.16
C MET C 667 -137.96 6.65 37.70
N VAL C 668 -137.32 5.99 38.66
CA VAL C 668 -136.33 4.95 38.37
C VAL C 668 -137.05 3.61 38.33
N ASP C 669 -136.91 2.91 37.20
CA ASP C 669 -137.53 1.59 37.04
C ASP C 669 -136.62 0.48 37.56
N GLU C 670 -135.36 0.46 37.11
CA GLU C 670 -134.40 -0.52 37.57
C GLU C 670 -133.00 0.05 37.45
N VAL C 671 -132.12 -0.39 38.35
CA VAL C 671 -130.72 0.03 38.33
C VAL C 671 -129.85 -1.06 38.93
N VAL C 672 -128.83 -1.49 38.20
CA VAL C 672 -127.85 -2.45 38.68
C VAL C 672 -126.70 -1.66 39.32
N PRO C 673 -126.36 -1.89 40.58
CA PRO C 673 -125.40 -1.02 41.26
C PRO C 673 -123.96 -1.23 40.82
N PHE C 674 -123.59 -2.47 40.49
CA PHE C 674 -122.21 -2.83 40.18
C PHE C 674 -122.15 -3.69 38.93
N LEU C 675 -122.81 -3.26 37.86
CA LEU C 675 -122.73 -3.98 36.59
C LEU C 675 -121.29 -4.05 36.09
N THR C 676 -120.48 -3.05 36.40
CA THR C 676 -119.07 -3.03 36.05
C THR C 676 -118.23 -3.00 37.33
N ALA C 677 -116.93 -2.81 37.16
CA ALA C 677 -116.03 -2.88 38.31
C ALA C 677 -116.11 -1.63 39.19
N GLN C 678 -116.31 -0.46 38.59
CA GLN C 678 -116.18 0.78 39.36
C GLN C 678 -117.44 1.10 40.16
N ALA C 679 -118.54 1.41 39.47
CA ALA C 679 -119.79 1.80 40.11
C ALA C 679 -120.85 1.95 39.02
N THR C 680 -122.03 2.40 39.44
CA THR C 680 -123.10 2.81 38.54
C THR C 680 -123.42 4.26 38.79
N HIS C 681 -123.43 5.06 37.74
CA HIS C 681 -123.62 6.50 37.83
C HIS C 681 -125.05 6.86 37.45
N LEU C 682 -125.72 7.63 38.31
CA LEU C 682 -127.10 8.05 38.03
C LEU C 682 -127.40 9.29 38.87
N ARG C 683 -127.55 10.44 38.22
CA ARG C 683 -127.93 11.67 38.89
C ARG C 683 -128.99 12.38 38.08
N VAL C 684 -129.80 13.18 38.76
CA VAL C 684 -130.84 14.00 38.13
C VAL C 684 -130.70 15.43 38.63
N GLY C 685 -131.18 16.38 37.82
CA GLY C 685 -131.10 17.77 38.20
C GLY C 685 -131.33 18.69 37.02
N TRP C 686 -130.77 19.90 37.12
CA TRP C 686 -130.88 20.91 36.08
C TRP C 686 -129.51 21.27 35.55
N ALA C 687 -129.48 21.97 34.43
CA ALA C 687 -128.23 22.37 33.80
C ALA C 687 -128.45 23.63 32.98
N LEU C 688 -127.35 24.30 32.65
CA LEU C 688 -127.36 25.50 31.84
C LEU C 688 -127.07 25.16 30.38
N THR C 689 -127.66 25.95 29.48
CA THR C 689 -127.52 25.71 28.05
C THR C 689 -126.27 26.35 27.45
N GLU C 690 -125.53 27.14 28.22
CA GLU C 690 -124.37 27.84 27.69
C GLU C 690 -123.04 27.21 28.06
N GLY C 691 -122.97 26.47 29.16
CA GLY C 691 -121.70 25.92 29.61
C GLY C 691 -121.66 24.41 29.76
N TYR C 692 -122.82 23.79 29.99
CA TYR C 692 -122.88 22.35 30.19
C TYR C 692 -122.66 21.64 28.87
N SER C 693 -121.54 20.94 28.75
CA SER C 693 -121.21 20.19 27.52
C SER C 693 -120.27 19.06 27.88
N PRO C 694 -120.80 17.97 28.44
CA PRO C 694 -119.94 16.84 28.83
C PRO C 694 -119.59 15.98 27.63
N TYR C 695 -118.35 16.10 27.18
CA TYR C 695 -117.90 15.27 26.07
C TYR C 695 -117.60 13.86 26.56
N PRO C 696 -117.95 12.83 25.79
CA PRO C 696 -117.65 11.45 26.20
C PRO C 696 -116.16 11.23 26.36
N GLY C 697 -115.78 10.44 27.35
CA GLY C 697 -114.39 10.16 27.62
C GLY C 697 -113.89 10.80 28.90
N GLY C 698 -112.75 11.48 28.82
CA GLY C 698 -112.17 12.14 29.97
C GLY C 698 -112.80 13.49 30.23
N GLY C 699 -112.21 14.21 31.18
CA GLY C 699 -112.71 15.52 31.56
C GLY C 699 -112.07 16.07 32.81
N GLU C 700 -112.91 16.56 33.73
CA GLU C 700 -112.44 17.14 34.98
C GLU C 700 -112.45 16.09 36.08
N GLY C 701 -111.35 15.98 36.79
CA GLY C 701 -111.25 15.02 37.89
C GLY C 701 -110.78 13.66 37.39
N TRP C 702 -111.65 12.66 37.50
CA TRP C 702 -111.35 11.30 37.06
C TRP C 702 -112.24 10.87 35.89
N GLY C 703 -112.65 11.82 35.07
CA GLY C 703 -113.52 11.50 33.95
C GLY C 703 -114.94 11.20 34.41
N GLY C 704 -115.74 10.75 33.45
CA GLY C 704 -117.14 10.43 33.72
C GLY C 704 -117.92 11.61 34.24
N ASN C 705 -118.01 12.67 33.44
CA ASN C 705 -118.66 13.91 33.86
C ASN C 705 -120.15 13.84 33.54
N GLY C 706 -120.98 13.94 34.58
CA GLY C 706 -122.42 14.00 34.42
C GLY C 706 -122.98 15.30 34.95
N VAL C 707 -124.24 15.28 35.37
CA VAL C 707 -124.82 16.48 35.98
C VAL C 707 -124.30 16.62 37.40
N GLY C 708 -123.74 17.78 37.71
CA GLY C 708 -123.14 18.00 39.01
C GLY C 708 -121.71 18.49 38.92
N ASP C 709 -121.17 18.51 37.71
CA ASP C 709 -119.81 18.96 37.46
C ASP C 709 -119.82 20.30 36.72
N ASP C 710 -118.62 20.81 36.46
CA ASP C 710 -118.34 21.97 35.61
C ASP C 710 -119.09 23.24 36.00
N LEU C 711 -119.76 23.21 37.16
CA LEU C 711 -120.36 24.40 37.77
C LEU C 711 -121.50 25.01 36.96
N TYR C 712 -121.83 24.42 35.80
CA TYR C 712 -122.99 24.83 35.03
C TYR C 712 -124.19 23.92 35.28
N SER C 713 -124.06 22.92 36.14
CA SER C 713 -125.13 21.98 36.41
C SER C 713 -125.24 21.73 37.90
N TYR C 714 -126.42 21.33 38.34
CA TYR C 714 -126.71 21.09 39.75
C TYR C 714 -127.53 19.82 39.87
N GLY C 715 -126.95 18.79 40.50
CA GLY C 715 -127.57 17.49 40.55
C GLY C 715 -127.67 16.97 41.97
N PHE C 716 -128.28 15.78 42.09
CA PHE C 716 -128.51 15.12 43.37
C PHE C 716 -128.55 13.63 43.12
N ASP C 717 -127.58 12.89 43.63
CA ASP C 717 -127.45 11.49 43.24
C ASP C 717 -128.48 10.62 43.95
N GLY C 718 -128.30 10.37 45.24
CA GLY C 718 -129.39 9.94 46.08
C GLY C 718 -129.24 10.45 47.50
N LEU C 719 -128.05 10.94 47.82
CA LEU C 719 -127.77 11.52 49.12
C LEU C 719 -126.81 12.68 49.08
N HIS C 720 -126.35 13.10 47.90
CA HIS C 720 -125.35 14.15 47.76
C HIS C 720 -125.88 15.23 46.84
N LEU C 721 -125.57 16.49 47.16
CA LEU C 721 -125.91 17.61 46.29
C LEU C 721 -124.67 17.93 45.45
N TRP C 722 -124.70 17.55 44.18
CA TRP C 722 -123.54 17.65 43.31
C TRP C 722 -123.53 19.00 42.61
N THR C 723 -122.52 19.81 42.90
CA THR C 723 -122.28 21.06 42.20
C THR C 723 -120.80 21.35 42.24
N GLY C 724 -120.35 22.21 41.33
CA GLY C 724 -118.92 22.42 41.18
C GLY C 724 -118.26 21.13 40.74
N HIS C 725 -117.50 20.51 41.64
CA HIS C 725 -117.09 19.12 41.42
C HIS C 725 -117.16 18.26 42.68
N VAL C 726 -117.32 18.83 43.86
CA VAL C 726 -117.30 18.09 45.12
C VAL C 726 -118.73 17.78 45.53
N ALA C 727 -118.91 16.63 46.19
CA ALA C 727 -120.23 16.20 46.64
C ALA C 727 -120.41 16.54 48.11
N ARG C 728 -121.54 17.20 48.42
CA ARG C 728 -121.89 17.55 49.78
C ARG C 728 -123.04 16.69 50.26
N PRO C 729 -122.84 15.81 51.23
CA PRO C 729 -123.92 14.92 51.66
C PRO C 729 -125.10 15.70 52.23
N VAL C 730 -126.30 15.20 51.93
CA VAL C 730 -127.54 15.84 52.36
C VAL C 730 -128.31 14.86 53.25
N THR C 731 -129.16 15.43 54.10
CA THR C 731 -129.92 14.65 55.07
C THR C 731 -131.33 14.41 54.54
N SER C 732 -131.76 13.15 54.56
CA SER C 732 -133.08 12.75 54.10
C SER C 732 -133.64 11.72 55.07
N PRO C 733 -134.96 11.66 55.22
CA PRO C 733 -135.55 10.65 56.11
C PRO C 733 -135.49 9.26 55.51
N GLY C 734 -134.35 8.59 55.69
CA GLY C 734 -134.12 7.29 55.07
C GLY C 734 -133.28 7.42 53.82
N GLN C 735 -132.18 8.16 53.93
CA GLN C 735 -131.33 8.45 52.77
C GLN C 735 -130.72 7.17 52.22
N HIS C 736 -130.74 7.03 50.90
CA HIS C 736 -130.13 5.90 50.21
C HIS C 736 -129.93 6.29 48.76
N LEU C 737 -129.12 5.50 48.06
CA LEU C 737 -128.88 5.74 46.65
C LEU C 737 -130.18 5.55 45.86
N LEU C 738 -130.14 5.91 44.58
CA LEU C 738 -131.34 5.83 43.76
C LEU C 738 -131.69 4.38 43.47
N ALA C 739 -132.55 3.82 44.31
CA ALA C 739 -133.00 2.44 44.17
C ALA C 739 -134.14 2.35 43.17
N PRO C 740 -134.44 1.15 42.69
CA PRO C 740 -135.62 0.98 41.81
C PRO C 740 -136.90 1.39 42.53
N GLU C 741 -137.86 1.88 41.74
CA GLU C 741 -139.14 2.38 42.25
C GLU C 741 -138.92 3.58 43.17
N ASP C 742 -138.17 4.55 42.67
CA ASP C 742 -137.91 5.80 43.38
C ASP C 742 -138.32 6.97 42.50
N VAL C 743 -139.10 7.88 43.06
CA VAL C 743 -139.57 9.07 42.35
C VAL C 743 -138.88 10.28 42.95
N VAL C 744 -138.05 10.94 42.17
CA VAL C 744 -137.35 12.15 42.58
C VAL C 744 -137.94 13.32 41.81
N SER C 745 -138.38 14.34 42.54
CA SER C 745 -139.02 15.51 41.95
C SER C 745 -138.11 16.72 42.11
N CYS C 746 -137.83 17.40 41.00
CA CYS C 746 -136.95 18.56 40.98
C CYS C 746 -137.78 19.81 40.74
N CYS C 747 -137.57 20.83 41.57
CA CYS C 747 -138.29 22.09 41.47
C CYS C 747 -137.29 23.22 41.28
N LEU C 748 -137.58 24.09 40.31
CA LEU C 748 -136.73 25.23 40.00
C LEU C 748 -137.53 26.51 40.14
N ASP C 749 -136.99 27.47 40.88
CA ASP C 749 -137.61 28.78 41.08
C ASP C 749 -136.68 29.84 40.52
N LEU C 750 -137.24 30.74 39.71
CA LEU C 750 -136.44 31.78 39.07
C LEU C 750 -136.62 33.16 39.68
N SER C 751 -137.71 33.40 40.42
CA SER C 751 -137.85 34.66 41.14
C SER C 751 -136.71 34.83 42.13
N VAL C 752 -136.60 33.91 43.08
CA VAL C 752 -135.40 33.73 43.88
C VAL C 752 -134.65 32.52 43.32
N PRO C 753 -133.39 32.65 42.90
CA PRO C 753 -132.72 31.52 42.25
C PRO C 753 -132.47 30.38 43.22
N SER C 754 -133.22 29.29 43.06
CA SER C 754 -133.10 28.14 43.95
C SER C 754 -133.58 26.89 43.24
N ILE C 755 -132.94 25.78 43.57
CA ILE C 755 -133.32 24.45 43.07
C ILE C 755 -133.52 23.54 44.27
N SER C 756 -134.67 22.87 44.31
CA SER C 756 -135.02 22.01 45.43
C SER C 756 -135.37 20.62 44.92
N PHE C 757 -135.17 19.62 45.79
CA PHE C 757 -135.42 18.23 45.45
C PHE C 757 -136.32 17.60 46.50
N ARG C 758 -137.17 16.68 46.06
CA ARG C 758 -138.04 15.91 46.94
C ARG C 758 -138.06 14.47 46.45
N ILE C 759 -137.65 13.55 47.30
CA ILE C 759 -137.59 12.12 46.95
C ILE C 759 -138.71 11.40 47.69
N ASN C 760 -139.55 10.68 46.93
CA ASN C 760 -140.66 9.92 47.48
C ASN C 760 -141.58 10.80 48.33
N GLY C 761 -141.79 12.03 47.88
CA GLY C 761 -142.62 13.00 48.59
C GLY C 761 -141.92 13.74 49.71
N CYS C 762 -141.10 13.04 50.47
CA CYS C 762 -140.39 13.67 51.57
C CYS C 762 -139.38 14.68 51.03
N PRO C 763 -139.33 15.89 51.59
CA PRO C 763 -138.39 16.90 51.07
C PRO C 763 -136.95 16.56 51.42
N VAL C 764 -136.04 17.05 50.59
CA VAL C 764 -134.60 16.91 50.81
C VAL C 764 -134.09 18.21 51.41
N GLN C 765 -133.40 18.10 52.55
CA GLN C 765 -132.98 19.28 53.33
C GLN C 765 -131.70 19.86 52.74
N GLY C 766 -131.84 20.43 51.55
CA GLY C 766 -130.74 21.12 50.89
C GLY C 766 -131.13 21.71 49.56
N VAL C 767 -130.76 22.97 49.33
CA VAL C 767 -131.09 23.68 48.10
C VAL C 767 -129.86 24.43 47.61
N PHE C 768 -129.88 24.79 46.33
CA PHE C 768 -128.89 25.67 45.74
C PHE C 768 -129.44 27.10 45.72
N GLU C 769 -128.55 28.08 45.69
CA GLU C 769 -128.96 29.46 45.72
C GLU C 769 -127.93 30.34 45.04
N ALA C 770 -128.39 31.52 44.60
CA ALA C 770 -127.52 32.57 44.08
C ALA C 770 -126.66 32.10 42.90
N PHE C 771 -127.26 31.34 41.99
CA PHE C 771 -126.58 30.95 40.76
C PHE C 771 -126.98 31.90 39.63
N ASN C 772 -126.00 32.32 38.84
CA ASN C 772 -126.22 33.30 37.80
C ASN C 772 -127.06 32.71 36.67
N LEU C 773 -128.11 33.43 36.29
CA LEU C 773 -129.04 32.97 35.26
C LEU C 773 -128.68 33.54 33.88
N ASP C 774 -127.44 33.27 33.45
CA ASP C 774 -126.95 33.78 32.17
C ASP C 774 -127.16 32.76 31.04
N GLY C 775 -128.34 32.16 31.03
CA GLY C 775 -128.71 31.21 30.01
C GLY C 775 -130.03 30.55 30.34
N LEU C 776 -130.33 29.47 29.62
CA LEU C 776 -131.57 28.73 29.78
C LEU C 776 -131.34 27.48 30.63
N PHE C 777 -132.37 27.09 31.36
CA PHE C 777 -132.34 25.93 32.24
C PHE C 777 -133.18 24.81 31.64
N PHE C 778 -132.62 23.61 31.61
CA PHE C 778 -133.34 22.44 31.10
C PHE C 778 -133.13 21.28 32.04
N PRO C 779 -134.11 20.39 32.16
CA PRO C 779 -133.91 19.16 32.93
C PRO C 779 -132.87 18.27 32.29
N VAL C 780 -132.16 17.51 33.11
CA VAL C 780 -131.10 16.64 32.64
C VAL C 780 -130.94 15.48 33.61
N VAL C 781 -130.66 14.29 33.07
CA VAL C 781 -130.35 13.11 33.86
C VAL C 781 -129.06 12.51 33.31
N SER C 782 -128.11 12.21 34.20
CA SER C 782 -126.86 11.59 33.82
C SER C 782 -126.86 10.14 34.27
N PHE C 783 -126.36 9.26 33.40
CA PHE C 783 -126.42 7.83 33.65
C PHE C 783 -125.24 7.15 32.98
N SER C 784 -124.98 5.90 33.39
CA SER C 784 -123.85 5.16 32.85
C SER C 784 -124.13 3.66 32.96
N ALA C 785 -124.53 3.05 31.84
CA ALA C 785 -124.38 1.61 31.61
C ALA C 785 -125.12 0.78 32.66
N GLY C 786 -126.45 0.85 32.63
CA GLY C 786 -127.21 -0.10 33.43
C GLY C 786 -128.45 0.40 34.14
N VAL C 787 -128.86 1.64 33.91
CA VAL C 787 -130.03 2.19 34.58
C VAL C 787 -131.21 2.22 33.62
N LYS C 788 -132.38 2.51 34.15
CA LYS C 788 -133.59 2.67 33.35
C LYS C 788 -134.53 3.61 34.08
N VAL C 789 -134.73 4.81 33.53
CA VAL C 789 -135.52 5.84 34.18
C VAL C 789 -136.58 6.35 33.21
N ARG C 790 -137.58 7.03 33.75
CA ARG C 790 -138.68 7.58 32.96
C ARG C 790 -138.89 9.04 33.34
N PHE C 791 -139.21 9.86 32.35
CA PHE C 791 -139.47 11.28 32.56
C PHE C 791 -140.97 11.50 32.69
N LEU C 792 -141.42 11.85 33.89
CA LEU C 792 -142.82 12.17 34.15
C LEU C 792 -142.93 13.69 34.18
N LEU C 793 -143.20 14.28 33.02
CA LEU C 793 -143.09 15.74 32.91
C LEU C 793 -144.34 16.46 33.41
N GLY C 794 -145.47 16.30 32.72
CA GLY C 794 -146.63 17.11 33.07
C GLY C 794 -148.01 16.51 32.88
N GLY C 795 -148.11 15.22 32.55
CA GLY C 795 -149.39 14.67 32.17
C GLY C 795 -149.62 14.84 30.68
N ARG C 796 -150.12 13.79 30.04
CA ARG C 796 -150.17 13.62 28.57
C ARG C 796 -148.77 13.47 27.99
N HIS C 797 -147.72 13.60 28.81
CA HIS C 797 -146.35 13.28 28.46
C HIS C 797 -145.67 12.57 29.62
N GLY C 798 -146.45 11.84 30.41
CA GLY C 798 -145.99 11.23 31.64
C GLY C 798 -146.81 11.66 32.83
N GLU C 799 -147.48 10.70 33.48
CA GLU C 799 -148.36 11.01 34.60
C GLU C 799 -147.55 11.29 35.86
N PHE C 800 -148.10 12.16 36.71
CA PHE C 800 -147.45 12.54 37.94
C PHE C 800 -147.68 11.48 39.02
N LYS C 801 -146.84 11.54 40.06
CA LYS C 801 -147.01 10.73 41.26
C LYS C 801 -147.25 11.54 42.52
N PHE C 802 -146.86 12.81 42.54
CA PHE C 802 -147.09 13.67 43.69
C PHE C 802 -147.60 15.02 43.21
N LEU C 803 -148.37 15.69 44.06
CA LEU C 803 -148.91 17.00 43.70
C LEU C 803 -147.79 18.03 43.72
N PRO C 804 -147.61 18.79 42.64
CA PRO C 804 -146.58 19.83 42.62
C PRO C 804 -146.90 20.94 43.60
N PRO C 805 -145.89 21.64 44.10
CA PRO C 805 -146.15 22.78 44.98
C PRO C 805 -146.90 23.86 44.24
N PRO C 806 -147.71 24.66 44.95
CA PRO C 806 -148.54 25.65 44.27
C PRO C 806 -147.71 26.66 43.49
N GLY C 807 -148.24 27.05 42.34
CA GLY C 807 -147.56 27.99 41.47
C GLY C 807 -146.48 27.41 40.59
N TYR C 808 -146.30 26.08 40.59
CA TYR C 808 -145.26 25.43 39.82
C TYR C 808 -145.83 24.80 38.58
N ALA C 809 -145.31 25.19 37.42
CA ALA C 809 -145.75 24.60 36.17
C ALA C 809 -145.21 23.17 36.03
N PRO C 810 -145.99 22.26 35.48
CA PRO C 810 -145.53 20.86 35.36
C PRO C 810 -144.68 20.62 34.12
N CYS C 811 -143.78 21.55 33.80
CA CYS C 811 -142.72 21.33 32.82
C CYS C 811 -143.22 20.96 31.43
N HIS C 812 -144.53 20.90 31.24
CA HIS C 812 -145.12 20.56 29.95
C HIS C 812 -145.47 21.80 29.14
N GLU C 813 -145.17 22.99 29.64
CA GLU C 813 -145.27 24.21 28.88
C GLU C 813 -143.89 24.56 28.33
N ALA C 814 -143.76 25.76 27.75
CA ALA C 814 -142.51 26.20 27.14
C ALA C 814 -142.02 25.21 26.09
N VAL C 815 -142.97 24.69 25.30
CA VAL C 815 -142.65 23.68 24.29
C VAL C 815 -142.29 24.30 22.95
N LEU C 816 -142.44 25.63 22.80
CA LEU C 816 -142.09 26.32 21.57
C LEU C 816 -142.80 25.69 20.38
N PRO C 817 -144.11 25.98 20.20
CA PRO C 817 -144.95 25.18 19.29
C PRO C 817 -144.41 24.98 17.89
N ARG C 818 -143.36 25.72 17.52
CA ARG C 818 -142.66 25.42 16.27
C ARG C 818 -141.94 24.07 16.33
N GLU C 819 -141.71 23.54 17.52
CA GLU C 819 -141.02 22.27 17.70
C GLU C 819 -141.83 21.39 18.65
N ARG C 820 -141.65 20.07 18.50
CA ARG C 820 -142.32 19.09 19.32
C ARG C 820 -141.45 18.69 20.50
N LEU C 821 -141.86 17.66 21.22
CA LEU C 821 -141.13 17.17 22.39
C LEU C 821 -140.23 16.01 21.99
N ARG C 822 -139.02 15.99 22.54
CA ARG C 822 -138.03 15.00 22.18
C ARG C 822 -137.09 14.75 23.35
N LEU C 823 -136.39 13.62 23.28
CA LEU C 823 -135.32 13.29 24.22
C LEU C 823 -134.02 13.21 23.42
N GLU C 824 -133.14 14.17 23.62
CA GLU C 824 -131.93 14.28 22.82
C GLU C 824 -130.70 14.44 23.70
N PRO C 825 -129.54 14.00 23.22
CA PRO C 825 -128.30 14.23 23.97
C PRO C 825 -127.90 15.70 23.92
N ILE C 826 -126.86 16.03 24.67
CA ILE C 826 -126.42 17.41 24.86
C ILE C 826 -125.10 17.60 24.11
N LYS C 827 -125.13 18.47 23.09
CA LYS C 827 -123.95 18.86 22.33
C LYS C 827 -123.21 17.64 21.79
N GLU C 828 -123.90 16.90 20.91
CA GLU C 828 -123.33 15.73 20.28
C GLU C 828 -122.48 16.13 19.08
N TYR C 829 -121.52 15.27 18.75
CA TYR C 829 -120.68 15.44 17.57
C TYR C 829 -120.62 14.18 16.71
N ARG C 830 -121.42 13.17 17.04
CA ARG C 830 -121.43 11.92 16.29
C ARG C 830 -122.79 11.27 16.46
N ARG C 831 -123.48 11.04 15.35
CA ARG C 831 -124.83 10.49 15.37
C ARG C 831 -124.89 9.28 14.43
N GLU C 832 -125.46 8.18 14.92
CA GLU C 832 -125.62 7.00 14.09
C GLU C 832 -126.58 7.27 12.93
N GLY C 833 -126.24 6.73 11.77
CA GLY C 833 -127.01 6.96 10.57
C GLY C 833 -127.38 5.68 9.85
N PRO C 834 -128.09 5.82 8.73
CA PRO C 834 -128.50 4.61 7.99
C PRO C 834 -127.33 3.76 7.50
N ARG C 835 -126.22 4.37 7.13
CA ARG C 835 -125.10 3.65 6.56
C ARG C 835 -123.77 4.09 7.19
N GLY C 836 -123.78 4.31 8.50
CA GLY C 836 -122.57 4.67 9.21
C GLY C 836 -122.76 5.83 10.16
N PRO C 837 -121.71 6.18 10.90
CA PRO C 837 -121.80 7.26 11.89
C PRO C 837 -121.70 8.62 11.23
N HIS C 838 -122.79 9.38 11.27
CA HIS C 838 -122.77 10.75 10.78
C HIS C 838 -122.06 11.66 11.78
N LEU C 839 -121.37 12.67 11.25
CA LEU C 839 -120.70 13.67 12.06
C LEU C 839 -121.56 14.94 12.10
N VAL C 840 -121.64 15.55 13.28
CA VAL C 840 -122.54 16.68 13.52
C VAL C 840 -121.71 17.87 14.00
N GLY C 841 -121.96 19.03 13.41
CA GLY C 841 -121.31 20.25 13.82
C GLY C 841 -122.00 20.88 15.01
N PRO C 842 -121.59 22.10 15.37
CA PRO C 842 -122.22 22.78 16.51
C PRO C 842 -123.70 23.02 16.27
N SER C 843 -124.48 22.92 17.34
CA SER C 843 -125.92 23.12 17.27
C SER C 843 -126.26 24.61 17.34
N ARG C 844 -127.51 24.92 16.99
CA ARG C 844 -128.02 26.29 17.04
C ARG C 844 -128.86 26.41 18.30
N CYS C 845 -128.19 26.68 19.42
CA CYS C 845 -128.85 26.78 20.72
C CYS C 845 -129.53 28.14 20.87
N LEU C 846 -130.53 28.17 21.73
CA LEU C 846 -131.28 29.40 22.01
C LEU C 846 -130.71 30.07 23.25
N SER C 847 -130.70 31.40 23.24
CA SER C 847 -130.27 32.18 24.39
C SER C 847 -131.48 32.65 25.20
N HIS C 848 -131.20 33.20 26.38
CA HIS C 848 -132.24 33.68 27.28
C HIS C 848 -132.76 35.06 26.90
N THR C 849 -132.11 35.74 25.97
CA THR C 849 -132.56 37.06 25.51
C THR C 849 -133.29 36.96 24.17
N ASP C 850 -133.91 35.81 23.92
CA ASP C 850 -134.65 35.58 22.68
C ASP C 850 -136.15 35.67 22.93
N PHE C 851 -136.64 35.18 24.06
CA PHE C 851 -138.08 35.18 24.34
C PHE C 851 -138.60 36.59 24.58
N VAL C 852 -137.72 37.50 24.97
CA VAL C 852 -138.12 38.88 25.24
C VAL C 852 -138.48 39.56 23.90
N PRO C 853 -139.57 40.32 23.84
CA PRO C 853 -139.89 41.03 22.59
C PRO C 853 -139.27 42.42 22.53
N CYS C 854 -138.65 42.75 21.39
CA CYS C 854 -138.00 44.04 21.21
C CYS C 854 -138.51 44.72 19.94
N PRO C 855 -139.36 45.74 20.05
CA PRO C 855 -139.76 46.51 18.86
C PRO C 855 -138.82 47.67 18.60
N VAL C 856 -139.03 48.41 17.51
CA VAL C 856 -138.20 49.57 17.21
C VAL C 856 -138.70 50.77 18.00
N ASP C 857 -137.79 51.69 18.30
CA ASP C 857 -138.10 52.88 19.08
C ASP C 857 -139.09 53.75 18.32
N THR C 858 -140.29 53.93 18.88
CA THR C 858 -141.28 54.86 18.36
C THR C 858 -141.64 55.93 19.38
N VAL C 859 -140.76 56.17 20.36
CA VAL C 859 -141.06 57.13 21.42
C VAL C 859 -141.17 58.54 20.84
N GLN C 860 -140.23 58.91 19.98
CA GLN C 860 -140.17 60.26 19.41
C GLN C 860 -140.79 60.21 18.01
N ILE C 861 -142.12 60.31 17.95
CA ILE C 861 -142.86 60.39 16.70
C ILE C 861 -143.72 61.64 16.75
N VAL C 862 -143.55 62.53 15.77
CA VAL C 862 -144.30 63.79 15.78
C VAL C 862 -145.78 63.54 15.51
N LEU C 863 -146.09 62.61 14.61
CA LEU C 863 -147.46 62.33 14.17
C LEU C 863 -148.14 63.61 13.72
N PRO C 864 -147.78 64.12 12.54
CA PRO C 864 -148.32 65.42 12.09
C PRO C 864 -149.84 65.38 11.97
N PRO C 865 -150.49 66.54 11.98
CA PRO C 865 -151.97 66.55 12.00
C PRO C 865 -152.62 65.85 10.82
N HIS C 866 -151.98 65.86 9.64
CA HIS C 866 -152.58 65.18 8.50
C HIS C 866 -152.62 63.67 8.71
N LEU C 867 -151.61 63.09 9.37
CA LEU C 867 -151.68 61.69 9.75
C LEU C 867 -152.46 61.48 11.03
N GLU C 868 -152.51 62.50 11.90
CA GLU C 868 -153.30 62.39 13.12
C GLU C 868 -154.79 62.28 12.80
N ARG C 869 -155.24 62.95 11.73
CA ARG C 869 -156.63 62.84 11.31
C ARG C 869 -156.99 61.42 10.91
N ILE C 870 -156.01 60.61 10.49
CA ILE C 870 -156.26 59.24 10.08
C ILE C 870 -156.19 58.27 11.26
N ARG C 871 -155.75 58.74 12.44
CA ARG C 871 -155.67 57.87 13.61
C ARG C 871 -157.00 57.18 13.88
N GLU C 872 -158.10 57.94 13.89
CA GLU C 872 -159.41 57.34 14.02
C GLU C 872 -159.86 56.65 12.74
N LYS C 873 -159.39 57.12 11.58
CA LYS C 873 -159.80 56.52 10.32
C LYS C 873 -159.30 55.08 10.19
N LEU C 874 -158.10 54.80 10.71
CA LEU C 874 -157.60 53.44 10.75
C LEU C 874 -158.33 52.57 11.77
N ALA C 875 -159.11 53.17 12.67
CA ALA C 875 -159.67 52.42 13.78
C ALA C 875 -160.96 51.70 13.40
N GLU C 876 -161.95 52.44 12.91
CA GLU C 876 -163.30 51.90 12.76
C GLU C 876 -163.34 50.77 11.73
N ASN C 877 -162.65 50.95 10.60
CA ASN C 877 -162.72 49.96 9.52
C ASN C 877 -162.13 48.63 9.97
N ILE C 878 -160.94 48.66 10.56
CA ILE C 878 -160.31 47.43 11.04
C ILE C 878 -161.10 46.86 12.21
N HIS C 879 -161.76 47.70 13.00
CA HIS C 879 -162.62 47.19 14.05
C HIS C 879 -163.77 46.36 13.48
N GLU C 880 -164.48 46.92 12.50
CA GLU C 880 -165.60 46.17 11.91
C GLU C 880 -165.12 44.93 11.17
N LEU C 881 -163.94 45.02 10.54
CA LEU C 881 -163.38 43.86 9.85
C LEU C 881 -163.02 42.76 10.83
N TRP C 882 -162.39 43.12 11.96
CA TRP C 882 -162.10 42.13 12.98
C TRP C 882 -163.38 41.56 13.59
N ALA C 883 -164.41 42.39 13.71
CA ALA C 883 -165.71 41.89 14.19
C ALA C 883 -166.28 40.86 13.24
N LEU C 884 -166.19 41.11 11.93
CA LEU C 884 -166.70 40.13 10.97
C LEU C 884 -165.86 38.85 10.97
N THR C 885 -164.54 38.97 11.08
CA THR C 885 -163.70 37.79 11.20
C THR C 885 -164.00 37.02 12.48
N ARG C 886 -164.43 37.71 13.54
CA ARG C 886 -164.86 37.04 14.75
C ARG C 886 -166.17 36.30 14.54
N ILE C 887 -167.16 36.96 13.92
CA ILE C 887 -168.47 36.35 13.74
C ILE C 887 -168.40 35.30 12.64
N GLU C 888 -167.23 35.17 12.01
CA GLU C 888 -167.01 34.04 11.09
C GLU C 888 -167.25 32.71 11.80
N GLN C 889 -166.92 32.63 13.10
CA GLN C 889 -167.21 31.44 13.88
C GLN C 889 -168.58 31.49 14.53
N GLY C 890 -169.30 32.60 14.41
CA GLY C 890 -170.65 32.69 14.93
C GLY C 890 -170.82 33.57 16.15
N TRP C 891 -169.95 34.56 16.30
CA TRP C 891 -170.03 35.46 17.45
C TRP C 891 -171.27 36.33 17.38
N THR C 892 -171.89 36.57 18.54
CA THR C 892 -173.02 37.48 18.66
C THR C 892 -172.80 38.39 19.87
N TYR C 893 -173.44 39.55 19.83
CA TYR C 893 -173.28 40.55 20.89
C TYR C 893 -173.99 40.07 22.15
N GLY C 894 -173.27 40.02 23.27
CA GLY C 894 -173.84 39.58 24.52
C GLY C 894 -173.02 40.02 25.72
N PRO C 895 -173.40 39.55 26.92
CA PRO C 895 -172.69 39.97 28.14
C PRO C 895 -171.47 39.15 28.53
N VAL C 896 -171.44 37.86 28.16
CA VAL C 896 -170.46 36.92 28.69
C VAL C 896 -169.63 36.35 27.55
N ARG C 897 -168.31 36.35 27.72
CA ARG C 897 -167.40 36.02 26.63
C ARG C 897 -167.58 34.59 26.12
N ASP C 898 -167.83 33.65 27.04
CA ASP C 898 -167.77 32.21 26.77
C ASP C 898 -168.34 31.84 25.40
N ASP C 899 -167.55 31.07 24.64
CA ASP C 899 -167.88 30.78 23.25
C ASP C 899 -169.13 29.93 23.13
N ASN C 900 -169.36 29.00 24.06
CA ASN C 900 -170.55 28.17 24.01
C ASN C 900 -171.81 29.03 24.11
N LYS C 901 -171.76 30.13 24.86
CA LYS C 901 -172.87 31.07 24.89
C LYS C 901 -172.90 31.98 23.66
N ARG C 902 -171.77 32.12 22.96
CA ARG C 902 -171.68 32.96 21.76
C ARG C 902 -172.15 34.39 22.02
N LEU C 903 -171.75 34.92 23.18
CA LEU C 903 -172.21 36.24 23.62
C LEU C 903 -171.05 37.11 24.07
N HIS C 904 -169.91 36.98 23.41
CA HIS C 904 -168.77 37.84 23.72
C HIS C 904 -169.05 39.25 23.22
N PRO C 905 -169.02 40.28 24.08
CA PRO C 905 -169.27 41.63 23.59
C PRO C 905 -168.12 42.14 22.73
N CYS C 906 -168.31 42.08 21.41
CA CYS C 906 -167.30 42.52 20.46
C CYS C 906 -167.92 43.19 19.24
N LEU C 907 -169.22 43.47 19.26
CA LEU C 907 -169.94 43.82 18.05
C LEU C 907 -170.55 45.22 18.14
N VAL C 908 -169.76 46.19 18.58
CA VAL C 908 -170.16 47.59 18.60
C VAL C 908 -169.20 48.38 17.72
N ASN C 909 -169.63 49.58 17.35
CA ASN C 909 -168.77 50.47 16.58
C ASN C 909 -167.62 50.98 17.46
N PHE C 910 -166.61 51.53 16.80
CA PHE C 910 -165.44 52.02 17.52
C PHE C 910 -165.79 53.18 18.45
N HIS C 911 -166.78 53.99 18.08
CA HIS C 911 -167.22 55.09 18.93
C HIS C 911 -168.17 54.64 20.03
N SER C 912 -168.61 53.38 20.01
CA SER C 912 -169.51 52.84 21.02
C SER C 912 -168.85 51.75 21.87
N LEU C 913 -167.52 51.73 21.91
CA LEU C 913 -166.82 50.67 22.62
C LEU C 913 -166.91 50.84 24.13
N PRO C 914 -166.85 49.73 24.87
CA PRO C 914 -166.63 49.84 26.32
C PRO C 914 -165.30 50.51 26.62
N GLU C 915 -165.28 51.26 27.72
CA GLU C 915 -164.14 52.12 28.03
C GLU C 915 -162.79 51.40 28.14
N PRO C 916 -162.68 50.25 28.83
CA PRO C 916 -161.33 49.75 29.14
C PRO C 916 -160.43 49.50 27.92
N GLU C 917 -160.97 49.00 26.82
CA GLU C 917 -160.17 48.68 25.65
C GLU C 917 -160.14 49.80 24.61
N ARG C 918 -160.87 50.89 24.82
CA ARG C 918 -160.81 52.01 23.90
C ARG C 918 -159.40 52.56 23.79
N ASN C 919 -158.75 52.80 24.93
CA ASN C 919 -157.40 53.35 24.92
C ASN C 919 -156.42 52.40 24.26
N TYR C 920 -156.54 51.10 24.54
CA TYR C 920 -155.65 50.12 23.93
C TYR C 920 -155.81 50.11 22.41
N ASN C 921 -157.05 50.14 21.93
CA ASN C 921 -157.28 50.21 20.49
C ASN C 921 -156.75 51.50 19.89
N LEU C 922 -156.92 52.63 20.58
CA LEU C 922 -156.39 53.89 20.07
C LEU C 922 -154.87 53.84 19.95
N GLN C 923 -154.18 53.31 20.97
CA GLN C 923 -152.72 53.30 20.90
C GLN C 923 -152.23 52.29 19.87
N MET C 924 -152.94 51.18 19.68
CA MET C 924 -152.58 50.25 18.61
C MET C 924 -152.76 50.91 17.24
N SER C 925 -153.87 51.63 17.05
CA SER C 925 -154.11 52.32 15.79
C SER C 925 -153.04 53.37 15.53
N GLY C 926 -152.65 54.11 16.57
CA GLY C 926 -151.56 55.07 16.41
C GLY C 926 -150.23 54.41 16.10
N GLU C 927 -149.95 53.28 16.76
CA GLU C 927 -148.68 52.59 16.54
C GLU C 927 -148.63 52.04 15.12
N THR C 928 -149.79 51.74 14.53
CA THR C 928 -149.82 51.29 13.14
C THR C 928 -149.17 52.31 12.21
N LEU C 929 -149.48 53.60 12.40
CA LEU C 929 -148.83 54.64 11.60
C LEU C 929 -147.44 54.96 12.12
N LYS C 930 -147.24 54.86 13.43
CA LYS C 930 -145.95 55.22 14.01
C LYS C 930 -144.85 54.27 13.57
N THR C 931 -145.17 53.00 13.31
CA THR C 931 -144.17 52.09 12.76
C THR C 931 -143.69 52.57 11.40
N LEU C 932 -144.63 52.97 10.53
CA LEU C 932 -144.26 53.49 9.23
C LEU C 932 -143.42 54.75 9.35
N LEU C 933 -143.81 55.67 10.25
CA LEU C 933 -143.07 56.91 10.37
C LEU C 933 -141.68 56.69 10.95
N ALA C 934 -141.55 55.79 11.93
CA ALA C 934 -140.26 55.57 12.57
C ALA C 934 -139.31 54.82 11.64
N LEU C 935 -139.82 53.84 10.89
CA LEU C 935 -138.97 53.11 9.96
C LEU C 935 -138.43 54.00 8.86
N GLY C 936 -139.25 54.92 8.36
CA GLY C 936 -138.88 55.77 7.25
C GLY C 936 -140.00 55.90 6.25
N CYS C 937 -139.72 55.62 4.98
CA CYS C 937 -140.72 55.52 3.90
C CYS C 937 -141.73 56.67 3.98
N HIS C 938 -141.22 57.89 3.79
CA HIS C 938 -142.02 59.10 3.94
C HIS C 938 -143.25 59.07 3.06
N VAL C 939 -144.43 59.00 3.68
CA VAL C 939 -145.68 58.91 2.92
C VAL C 939 -146.14 60.31 2.54
N GLY C 940 -147.01 60.36 1.52
CA GLY C 940 -147.55 61.61 1.05
C GLY C 940 -148.99 61.48 0.57
N MET C 941 -149.79 62.53 0.78
CA MET C 941 -151.20 62.53 0.39
C MET C 941 -151.26 62.70 -1.13
N ALA C 942 -151.11 61.57 -1.83
CA ALA C 942 -151.13 61.60 -3.29
C ALA C 942 -152.49 62.03 -3.83
N ASP C 943 -153.57 61.55 -3.22
CA ASP C 943 -154.92 61.88 -3.67
C ASP C 943 -155.82 62.06 -2.46
N GLU C 944 -156.84 62.90 -2.62
CA GLU C 944 -157.86 63.12 -1.60
C GLU C 944 -159.28 63.03 -2.11
N LYS C 945 -159.52 63.25 -3.42
CA LYS C 945 -160.87 63.16 -3.95
C LYS C 945 -161.40 61.73 -3.91
N ALA C 946 -160.51 60.75 -4.16
CA ALA C 946 -160.95 59.35 -4.14
C ALA C 946 -161.45 58.94 -2.77
N GLU C 947 -160.77 59.39 -1.71
CA GLU C 947 -161.23 59.10 -0.37
C GLU C 947 -162.57 59.75 -0.07
N ASP C 948 -162.82 60.94 -0.62
CA ASP C 948 -164.06 61.65 -0.34
C ASP C 948 -165.27 60.90 -0.84
N ASN C 949 -165.18 60.28 -2.02
CA ASN C 949 -166.31 59.61 -2.64
C ASN C 949 -166.32 58.11 -2.41
N LEU C 950 -165.44 57.59 -1.55
CA LEU C 950 -165.40 56.18 -1.28
C LEU C 950 -166.60 55.74 -0.45
N LYS C 951 -167.05 54.51 -0.69
CA LYS C 951 -168.24 53.99 -0.03
C LYS C 951 -167.97 52.64 0.64
N LYS C 952 -169.03 51.99 1.11
CA LYS C 952 -168.92 50.74 1.85
C LYS C 952 -169.59 49.63 1.06
N THR C 953 -168.88 48.51 0.90
CA THR C 953 -169.35 47.41 0.06
C THR C 953 -170.52 46.69 0.71
N LYS C 954 -171.47 46.27 -0.12
CA LYS C 954 -172.66 45.58 0.36
C LYS C 954 -172.30 44.26 1.02
N LEU C 955 -172.98 43.94 2.13
CA LEU C 955 -172.76 42.72 2.89
C LEU C 955 -173.95 41.78 2.77
N PRO C 956 -173.73 40.46 2.77
CA PRO C 956 -174.86 39.52 2.68
C PRO C 956 -175.64 39.40 3.98
N LYS C 957 -176.60 38.46 4.01
CA LYS C 957 -177.49 38.31 5.15
C LYS C 957 -176.85 37.63 6.34
N THR C 958 -175.63 37.11 6.20
CA THR C 958 -174.98 36.42 7.31
C THR C 958 -174.43 37.38 8.35
N TYR C 959 -173.97 38.56 7.91
CA TYR C 959 -173.18 39.42 8.79
C TYR C 959 -174.02 40.03 9.90
N MET C 960 -175.22 40.51 9.59
CA MET C 960 -176.04 41.15 10.61
C MET C 960 -176.46 40.14 11.67
N MET C 961 -176.59 40.62 12.90
CA MET C 961 -176.82 39.78 14.08
C MET C 961 -178.01 40.33 14.86
N SER C 962 -178.57 39.46 15.70
CA SER C 962 -179.94 39.63 16.19
C SER C 962 -180.16 40.99 16.86
N ASN C 963 -179.21 41.42 17.69
CA ASN C 963 -179.40 42.68 18.41
C ASN C 963 -179.50 43.87 17.46
N GLY C 964 -178.74 43.84 16.37
CA GLY C 964 -178.85 44.88 15.36
C GLY C 964 -177.54 45.33 14.75
N TYR C 965 -176.42 44.79 15.21
CA TYR C 965 -175.13 45.20 14.68
C TYR C 965 -174.94 44.69 13.25
N LYS C 966 -174.31 45.53 12.43
CA LYS C 966 -173.97 45.15 11.06
C LYS C 966 -172.62 45.76 10.70
N PRO C 967 -171.66 44.94 10.26
CA PRO C 967 -170.34 45.47 9.90
C PRO C 967 -170.41 46.37 8.68
N ALA C 968 -169.48 47.31 8.60
CA ALA C 968 -169.37 48.25 7.49
C ALA C 968 -167.94 48.20 6.96
N PRO C 969 -167.60 47.15 6.20
CA PRO C 969 -166.23 47.02 5.69
C PRO C 969 -165.98 47.98 4.53
N LEU C 970 -164.92 48.76 4.63
CA LEU C 970 -164.54 49.66 3.56
C LEU C 970 -164.08 48.88 2.34
N ASP C 971 -164.36 49.43 1.16
CA ASP C 971 -163.97 48.79 -0.09
C ASP C 971 -162.45 48.74 -0.20
N LEU C 972 -161.93 47.63 -0.74
CA LEU C 972 -160.49 47.44 -0.86
C LEU C 972 -160.03 47.05 -2.25
N SER C 973 -160.94 46.73 -3.17
CA SER C 973 -160.54 46.33 -4.52
C SER C 973 -160.18 47.51 -5.41
N HIS C 974 -160.41 48.75 -4.95
CA HIS C 974 -160.11 49.92 -5.77
C HIS C 974 -158.62 50.15 -5.92
N VAL C 975 -157.82 49.67 -4.97
CA VAL C 975 -156.37 49.91 -4.98
C VAL C 975 -155.65 48.56 -4.85
N ARG C 976 -154.42 48.52 -5.34
CA ARG C 976 -153.58 47.34 -5.30
C ARG C 976 -152.20 47.73 -4.77
N LEU C 977 -151.65 46.90 -3.90
CA LEU C 977 -150.36 47.19 -3.30
C LEU C 977 -149.23 46.73 -4.22
N THR C 978 -148.27 47.62 -4.47
CA THR C 978 -147.10 47.27 -5.25
C THR C 978 -146.23 46.29 -4.47
N PRO C 979 -145.42 45.47 -5.15
CA PRO C 979 -144.59 44.48 -4.44
C PRO C 979 -143.71 45.08 -3.35
N ALA C 980 -143.33 46.36 -3.45
CA ALA C 980 -142.60 46.98 -2.35
C ALA C 980 -143.45 47.02 -1.08
N GLN C 981 -144.74 47.37 -1.22
CA GLN C 981 -145.61 47.35 -0.06
C GLN C 981 -145.88 45.93 0.41
N THR C 982 -145.88 44.96 -0.50
CA THR C 982 -146.00 43.56 -0.07
C THR C 982 -144.77 43.12 0.71
N THR C 983 -143.60 43.69 0.42
CA THR C 983 -142.41 43.39 1.21
C THR C 983 -142.46 44.08 2.57
N LEU C 984 -142.92 45.34 2.60
CA LEU C 984 -142.90 46.12 3.82
C LEU C 984 -144.10 45.88 4.73
N VAL C 985 -145.13 45.17 4.26
CA VAL C 985 -146.34 44.99 5.07
C VAL C 985 -146.08 44.03 6.22
N ASP C 986 -145.29 42.97 5.99
CA ASP C 986 -145.05 41.98 7.02
C ASP C 986 -144.14 42.48 8.14
N ARG C 987 -143.30 43.50 7.87
CA ARG C 987 -142.50 44.08 8.93
C ARG C 987 -143.36 44.84 9.91
N LEU C 988 -144.46 45.43 9.44
CA LEU C 988 -145.41 46.07 10.35
C LEU C 988 -146.09 45.04 11.24
N ALA C 989 -146.37 43.85 10.73
CA ALA C 989 -146.88 42.78 11.59
C ALA C 989 -145.82 42.27 12.56
N GLU C 990 -144.58 42.19 12.09
CA GLU C 990 -143.44 41.91 12.97
C GLU C 990 -143.46 42.84 14.18
N ASN C 991 -143.61 44.13 13.93
CA ASN C 991 -143.66 45.10 15.01
C ASN C 991 -144.95 45.03 15.81
N GLY C 992 -146.09 44.77 15.16
CA GLY C 992 -147.35 44.73 15.87
C GLY C 992 -147.41 43.62 16.90
N HIS C 993 -146.94 42.42 16.54
CA HIS C 993 -146.93 41.34 17.51
C HIS C 993 -145.97 41.63 18.66
N ASN C 994 -144.82 42.24 18.35
CA ASN C 994 -143.86 42.58 19.40
C ASN C 994 -144.45 43.58 20.39
N VAL C 995 -145.07 44.65 19.89
CA VAL C 995 -145.68 45.63 20.79
C VAL C 995 -146.85 45.01 21.54
N TRP C 996 -147.61 44.12 20.90
CA TRP C 996 -148.70 43.44 21.58
C TRP C 996 -148.18 42.65 22.77
N ALA C 997 -147.13 41.86 22.56
CA ALA C 997 -146.54 41.08 23.66
C ALA C 997 -145.94 42.00 24.72
N ARG C 998 -145.37 43.12 24.30
CA ARG C 998 -144.66 44.02 25.21
C ARG C 998 -145.57 44.59 26.29
N ASP C 999 -146.87 44.75 26.01
CA ASP C 999 -147.77 45.25 27.03
C ASP C 999 -148.38 44.13 27.85
N ARG C 1000 -148.59 42.95 27.24
CA ARG C 1000 -149.08 41.80 28.00
C ARG C 1000 -148.07 41.37 29.05
N VAL C 1001 -146.79 41.39 28.71
CA VAL C 1001 -145.77 41.02 29.69
C VAL C 1001 -145.70 42.04 30.82
N ALA C 1002 -145.93 43.32 30.49
CA ALA C 1002 -146.00 44.34 31.52
C ALA C 1002 -147.20 44.12 32.44
N GLN C 1003 -148.34 43.72 31.87
CA GLN C 1003 -149.53 43.46 32.68
C GLN C 1003 -149.35 42.23 33.56
N GLY C 1004 -148.52 41.28 33.15
CA GLY C 1004 -148.29 40.09 33.95
C GLY C 1004 -148.65 38.80 33.22
N TRP C 1005 -148.62 38.83 31.89
CA TRP C 1005 -148.92 37.66 31.09
C TRP C 1005 -147.63 36.98 30.65
N SER C 1006 -147.71 35.66 30.46
CA SER C 1006 -146.54 34.88 30.09
C SER C 1006 -146.98 33.64 29.34
N TYR C 1007 -146.01 33.03 28.64
CA TYR C 1007 -146.31 31.90 27.76
C TYR C 1007 -146.63 30.64 28.56
N SER C 1008 -147.70 29.96 28.14
CA SER C 1008 -148.03 28.63 28.63
C SER C 1008 -148.58 27.82 27.46
N ALA C 1009 -148.21 26.54 27.40
CA ALA C 1009 -148.65 25.69 26.30
C ALA C 1009 -150.17 25.52 26.30
N VAL C 1010 -150.76 25.34 27.47
CA VAL C 1010 -152.20 25.21 27.58
C VAL C 1010 -152.83 26.59 27.71
N GLN C 1011 -154.12 26.68 27.40
CA GLN C 1011 -154.86 27.92 27.47
C GLN C 1011 -155.45 28.10 28.86
N ASP C 1012 -155.19 29.25 29.48
CA ASP C 1012 -155.72 29.53 30.82
C ASP C 1012 -155.97 31.04 30.90
N ILE C 1013 -157.22 31.44 30.61
CA ILE C 1013 -157.58 32.85 30.68
C ILE C 1013 -157.49 33.40 32.09
N PRO C 1014 -158.05 32.75 33.13
CA PRO C 1014 -157.92 33.31 34.48
C PRO C 1014 -156.48 33.38 34.97
N ALA C 1015 -155.58 32.57 34.43
CA ALA C 1015 -154.17 32.61 34.80
C ALA C 1015 -153.37 33.59 33.95
N ARG C 1016 -154.02 34.32 33.04
CA ARG C 1016 -153.37 35.29 32.17
C ARG C 1016 -152.29 34.63 31.31
N ARG C 1017 -152.60 33.44 30.80
CA ARG C 1017 -151.67 32.66 29.98
C ARG C 1017 -152.31 32.31 28.64
N ASN C 1018 -151.54 32.44 27.58
CA ASN C 1018 -151.94 32.04 26.24
C ASN C 1018 -150.75 31.46 25.50
N PRO C 1019 -151.00 30.52 24.57
CA PRO C 1019 -149.88 29.93 23.81
C PRO C 1019 -149.51 30.74 22.59
N ARG C 1020 -149.40 32.06 22.73
CA ARG C 1020 -149.05 32.91 21.59
C ARG C 1020 -148.11 34.06 21.98
N LEU C 1021 -147.49 34.02 23.14
CA LEU C 1021 -146.70 35.14 23.63
C LEU C 1021 -145.23 35.07 23.20
N VAL C 1022 -144.84 34.08 22.42
CA VAL C 1022 -143.50 34.11 21.80
C VAL C 1022 -143.47 35.24 20.79
N PRO C 1023 -142.46 36.15 20.84
CA PRO C 1023 -142.61 37.45 20.16
C PRO C 1023 -142.88 37.36 18.66
N TYR C 1024 -141.95 36.85 17.87
CA TYR C 1024 -142.30 36.55 16.49
C TYR C 1024 -141.70 35.23 15.97
N ARG C 1025 -140.46 34.96 16.34
CA ARG C 1025 -139.62 34.05 15.56
C ARG C 1025 -139.86 32.58 15.86
N LEU C 1026 -140.56 32.25 16.94
CA LEU C 1026 -140.84 30.85 17.27
C LEU C 1026 -142.33 30.55 17.23
N LEU C 1027 -143.07 31.28 16.40
CA LEU C 1027 -144.51 31.10 16.28
C LEU C 1027 -144.84 30.11 15.16
N ASP C 1028 -145.92 29.36 15.37
CA ASP C 1028 -146.39 28.44 14.34
C ASP C 1028 -146.88 29.21 13.13
N GLU C 1029 -146.66 28.64 11.94
CA GLU C 1029 -147.05 29.32 10.71
C GLU C 1029 -148.56 29.46 10.59
N ALA C 1030 -149.32 28.58 11.25
CA ALA C 1030 -150.77 28.68 11.22
C ALA C 1030 -151.26 29.98 11.86
N THR C 1031 -150.64 30.38 12.97
CA THR C 1031 -150.98 31.64 13.62
C THR C 1031 -150.39 32.84 12.88
N LYS C 1032 -149.28 32.65 12.16
CA LYS C 1032 -148.56 33.76 11.55
C LYS C 1032 -149.42 34.55 10.56
N ARG C 1033 -150.35 33.87 9.87
CA ARG C 1033 -151.14 34.56 8.85
C ARG C 1033 -152.12 35.55 9.46
N SER C 1034 -152.67 35.23 10.64
CA SER C 1034 -153.65 36.12 11.27
C SER C 1034 -153.01 37.45 11.63
N ASN C 1035 -151.77 37.43 12.10
CA ASN C 1035 -151.10 38.68 12.47
C ASN C 1035 -150.90 39.59 11.26
N ARG C 1036 -150.46 39.03 10.13
CA ARG C 1036 -150.20 39.86 8.97
C ARG C 1036 -151.46 40.21 8.19
N ASP C 1037 -152.56 39.48 8.36
CA ASP C 1037 -153.79 39.81 7.64
C ASP C 1037 -154.29 41.20 8.02
N SER C 1038 -154.37 41.48 9.33
CA SER C 1038 -154.87 42.78 9.78
C SER C 1038 -153.98 43.92 9.31
N LEU C 1039 -152.66 43.72 9.35
CA LEU C 1039 -151.75 44.74 8.87
C LEU C 1039 -151.88 44.95 7.37
N CYS C 1040 -152.10 43.86 6.61
CA CYS C 1040 -152.32 43.99 5.18
C CYS C 1040 -153.57 44.82 4.89
N GLN C 1041 -154.65 44.57 5.63
CA GLN C 1041 -155.85 45.38 5.44
C GLN C 1041 -155.64 46.83 5.88
N ALA C 1042 -154.84 47.06 6.92
CA ALA C 1042 -154.53 48.43 7.32
C ALA C 1042 -153.80 49.17 6.22
N VAL C 1043 -152.78 48.53 5.64
CA VAL C 1043 -152.04 49.15 4.54
C VAL C 1043 -152.95 49.35 3.33
N ARG C 1044 -153.86 48.40 3.09
CA ARG C 1044 -154.79 48.53 1.98
C ARG C 1044 -155.69 49.74 2.16
N THR C 1045 -156.20 49.94 3.38
CA THR C 1045 -157.02 51.12 3.67
C THR C 1045 -156.22 52.40 3.49
N LEU C 1046 -154.99 52.43 4.03
CA LEU C 1046 -154.18 53.64 3.95
C LEU C 1046 -153.85 54.01 2.51
N LEU C 1047 -153.56 53.01 1.68
CA LEU C 1047 -153.29 53.28 0.26
C LEU C 1047 -154.57 53.63 -0.49
N GLY C 1048 -155.70 53.07 -0.08
CA GLY C 1048 -156.96 53.39 -0.73
C GLY C 1048 -157.40 54.82 -0.52
N TYR C 1049 -157.19 55.34 0.69
CA TYR C 1049 -157.54 56.72 1.01
C TYR C 1049 -156.44 57.66 0.54
N GLY C 1050 -156.06 57.55 -0.73
CA GLY C 1050 -154.87 58.26 -1.19
C GLY C 1050 -153.67 57.83 -0.39
N TYR C 1051 -152.88 58.80 0.06
CA TYR C 1051 -151.80 58.58 1.01
C TYR C 1051 -150.82 57.52 0.53
N ASN C 1052 -150.15 57.82 -0.58
CA ASN C 1052 -149.16 56.91 -1.13
C ASN C 1052 -148.04 56.68 -0.12
N ILE C 1053 -147.65 55.42 0.05
CA ILE C 1053 -146.67 55.01 1.03
C ILE C 1053 -145.41 54.56 0.31
N GLU C 1054 -144.27 55.13 0.68
CA GLU C 1054 -143.00 54.76 0.08
C GLU C 1054 -142.48 53.45 0.67
N ASP C 1070 -118.21 26.99 19.17
CA ASP C 1070 -119.44 27.16 18.42
C ASP C 1070 -119.16 27.70 17.02
N ARG C 1071 -117.87 27.84 16.69
CA ARG C 1071 -117.49 28.40 15.39
C ARG C 1071 -117.55 27.34 14.29
N VAL C 1072 -116.68 26.33 14.38
CA VAL C 1072 -116.55 25.27 13.39
C VAL C 1072 -115.99 24.04 14.08
N ARG C 1073 -116.58 22.88 13.80
CA ARG C 1073 -116.08 21.61 14.29
C ARG C 1073 -115.23 20.97 13.20
N ILE C 1074 -113.91 20.94 13.41
CA ILE C 1074 -112.97 20.43 12.43
C ILE C 1074 -112.65 18.98 12.79
N PHE C 1075 -112.92 18.07 11.84
CA PHE C 1075 -112.58 16.67 11.99
C PHE C 1075 -111.34 16.36 11.15
N ARG C 1076 -110.60 15.33 11.57
CA ARG C 1076 -109.31 15.02 10.97
C ARG C 1076 -109.10 13.51 11.07
N ALA C 1077 -107.85 13.09 10.86
CA ALA C 1077 -107.43 11.72 11.07
C ALA C 1077 -106.15 11.72 11.90
N GLU C 1078 -105.89 10.60 12.56
CA GLU C 1078 -104.73 10.51 13.43
C GLU C 1078 -103.44 10.71 12.64
N LYS C 1079 -102.47 11.37 13.27
CA LYS C 1079 -101.23 11.74 12.60
C LYS C 1079 -100.39 10.53 12.18
N SER C 1080 -100.70 9.33 12.68
CA SER C 1080 -99.99 8.14 12.27
C SER C 1080 -100.42 7.64 10.89
N TYR C 1081 -101.45 8.24 10.29
CA TYR C 1081 -101.95 7.84 8.99
C TYR C 1081 -101.49 8.76 7.86
N THR C 1082 -100.46 9.57 8.11
CA THR C 1082 -99.95 10.45 7.07
C THR C 1082 -99.43 9.63 5.89
N VAL C 1083 -99.76 10.09 4.68
CA VAL C 1083 -99.41 9.41 3.45
C VAL C 1083 -98.44 10.28 2.65
N GLN C 1084 -97.34 9.67 2.20
CA GLN C 1084 -96.34 10.37 1.42
C GLN C 1084 -96.07 9.71 0.08
N SER C 1085 -96.90 8.76 -0.34
CA SER C 1085 -96.71 8.10 -1.63
C SER C 1085 -98.02 7.49 -2.07
N GLY C 1086 -98.09 7.16 -3.35
CA GLY C 1086 -99.27 6.52 -3.91
C GLY C 1086 -100.41 7.47 -4.18
N ARG C 1087 -101.56 6.88 -4.50
CA ARG C 1087 -102.77 7.61 -4.80
C ARG C 1087 -103.89 7.13 -3.90
N TRP C 1088 -104.70 8.07 -3.41
CA TRP C 1088 -105.72 7.78 -2.43
C TRP C 1088 -107.05 8.42 -2.82
N TYR C 1089 -108.13 7.88 -2.26
CA TYR C 1089 -109.48 8.32 -2.61
C TYR C 1089 -110.39 8.08 -1.42
N PHE C 1090 -111.04 9.14 -0.93
CA PHE C 1090 -112.05 9.03 0.10
C PHE C 1090 -113.23 9.92 -0.25
N GLU C 1091 -114.41 9.54 0.23
CA GLU C 1091 -115.65 10.23 -0.08
C GLU C 1091 -116.13 11.03 1.13
N PHE C 1092 -117.11 11.90 0.87
CA PHE C 1092 -117.70 12.72 1.92
C PHE C 1092 -119.14 13.04 1.51
N GLU C 1093 -120.09 12.30 2.06
CA GLU C 1093 -121.49 12.57 1.79
C GLU C 1093 -121.93 13.85 2.49
N ALA C 1094 -122.90 14.54 1.89
CA ALA C 1094 -123.40 15.82 2.38
C ALA C 1094 -124.89 15.67 2.68
N VAL C 1095 -125.21 15.34 3.93
CA VAL C 1095 -126.61 15.19 4.32
C VAL C 1095 -127.34 16.53 4.23
N THR C 1096 -126.71 17.59 4.70
CA THR C 1096 -127.29 18.93 4.69
C THR C 1096 -126.42 19.87 3.86
N THR C 1097 -127.07 20.88 3.28
CA THR C 1097 -126.39 21.90 2.49
C THR C 1097 -126.04 23.07 3.40
N GLY C 1098 -124.75 23.40 3.44
CA GLY C 1098 -124.30 24.48 4.29
C GLY C 1098 -122.81 24.64 4.23
N GLU C 1099 -122.27 25.38 5.20
CA GLU C 1099 -120.84 25.62 5.26
C GLU C 1099 -120.11 24.37 5.74
N MET C 1100 -119.68 23.52 4.82
CA MET C 1100 -118.91 22.33 5.15
C MET C 1100 -117.77 22.21 4.15
N ARG C 1101 -116.57 21.94 4.66
CA ARG C 1101 -115.37 21.86 3.85
C ARG C 1101 -114.72 20.50 4.01
N VAL C 1102 -114.26 19.92 2.90
CA VAL C 1102 -113.63 18.61 2.89
C VAL C 1102 -112.40 18.68 2.00
N GLY C 1103 -111.33 18.01 2.41
CA GLY C 1103 -110.11 18.01 1.63
C GLY C 1103 -108.99 17.30 2.35
N TRP C 1104 -107.77 17.62 1.97
CA TRP C 1104 -106.56 17.04 2.55
C TRP C 1104 -105.81 18.13 3.29
N ALA C 1105 -105.37 17.83 4.51
CA ALA C 1105 -104.72 18.81 5.38
C ALA C 1105 -103.40 18.27 5.88
N ARG C 1106 -102.49 19.18 6.20
CA ARG C 1106 -101.19 18.82 6.73
C ARG C 1106 -101.34 18.24 8.14
N PRO C 1107 -100.40 17.38 8.56
CA PRO C 1107 -100.50 16.80 9.91
C PRO C 1107 -100.42 17.82 11.04
N GLU C 1108 -99.87 19.00 10.78
CA GLU C 1108 -99.74 20.05 11.80
C GLU C 1108 -100.85 21.08 11.69
N LEU C 1109 -102.05 20.63 11.33
CA LEU C 1109 -103.19 21.53 11.18
C LEU C 1109 -103.54 22.17 12.52
N ARG C 1110 -103.93 23.44 12.48
CA ARG C 1110 -104.35 24.13 13.70
C ARG C 1110 -105.86 24.16 13.80
N PRO C 1111 -106.42 23.98 15.01
CA PRO C 1111 -107.87 23.88 15.15
C PRO C 1111 -108.58 25.23 15.24
N ASP C 1112 -107.90 26.29 15.63
CA ASP C 1112 -108.54 27.58 15.86
C ASP C 1112 -108.67 28.43 14.60
N VAL C 1113 -108.10 27.99 13.48
CA VAL C 1113 -108.16 28.72 12.22
C VAL C 1113 -109.03 27.94 11.24
N GLU C 1114 -109.90 28.64 10.54
CA GLU C 1114 -110.76 27.99 9.55
C GLU C 1114 -109.92 27.40 8.42
N LEU C 1115 -110.41 26.28 7.88
CA LEU C 1115 -109.66 25.56 6.86
C LEU C 1115 -109.51 26.41 5.60
N GLY C 1116 -108.31 26.39 5.02
CA GLY C 1116 -108.01 27.16 3.84
C GLY C 1116 -107.45 28.54 4.11
N ALA C 1117 -107.55 29.03 5.34
CA ALA C 1117 -106.98 30.33 5.67
C ALA C 1117 -105.46 30.29 5.72
N ASP C 1118 -104.86 29.13 5.93
CA ASP C 1118 -103.42 28.97 5.97
C ASP C 1118 -103.01 27.88 4.98
N GLU C 1119 -101.69 27.71 4.83
CA GLU C 1119 -101.13 26.78 3.86
C GLU C 1119 -101.18 25.33 4.32
N LEU C 1120 -101.91 25.01 5.39
CA LEU C 1120 -101.95 23.68 5.96
C LEU C 1120 -103.17 22.89 5.53
N ALA C 1121 -103.97 23.39 4.59
CA ALA C 1121 -105.18 22.70 4.18
C ALA C 1121 -105.44 22.93 2.70
N TYR C 1122 -105.99 21.89 2.06
CA TYR C 1122 -106.44 21.94 0.66
C TYR C 1122 -107.87 21.41 0.66
N VAL C 1123 -108.84 22.28 0.90
CA VAL C 1123 -110.23 21.87 1.03
C VAL C 1123 -111.06 22.52 -0.06
N PHE C 1124 -112.27 22.00 -0.25
CA PHE C 1124 -113.21 22.46 -1.26
C PHE C 1124 -114.51 22.87 -0.57
N ASN C 1125 -114.72 24.17 -0.42
CA ASN C 1125 -115.95 24.68 0.17
C ASN C 1125 -117.09 24.58 -0.84
N GLY C 1126 -118.24 24.10 -0.39
CA GLY C 1126 -119.36 23.81 -1.25
C GLY C 1126 -120.62 24.62 -1.06
N HIS C 1127 -120.65 25.54 -0.09
CA HIS C 1127 -121.84 26.36 0.08
C HIS C 1127 -122.12 27.19 -1.17
N ARG C 1128 -121.05 27.74 -1.76
CA ARG C 1128 -121.13 28.36 -3.08
C ARG C 1128 -120.25 27.67 -4.12
N GLY C 1129 -119.23 26.93 -3.69
CA GLY C 1129 -118.32 26.23 -4.58
C GLY C 1129 -117.02 26.98 -4.72
N GLN C 1130 -116.01 26.60 -3.94
CA GLN C 1130 -114.74 27.31 -3.91
C GLN C 1130 -113.64 26.33 -3.55
N ARG C 1131 -112.40 26.71 -3.88
CA ARG C 1131 -111.22 25.97 -3.46
C ARG C 1131 -110.44 26.83 -2.47
N TRP C 1132 -110.12 26.25 -1.31
CA TRP C 1132 -109.49 26.98 -0.21
C TRP C 1132 -108.12 26.40 0.07
N HIS C 1133 -107.08 27.09 -0.40
CA HIS C 1133 -105.71 26.90 0.05
C HIS C 1133 -105.16 28.14 0.73
N LEU C 1134 -105.27 29.30 0.07
CA LEU C 1134 -105.02 30.57 0.71
C LEU C 1134 -106.04 31.63 0.30
N GLY C 1135 -107.00 31.30 -0.56
CA GLY C 1135 -107.99 32.25 -1.03
C GLY C 1135 -109.37 31.65 -1.16
N SER C 1136 -110.19 32.22 -2.04
CA SER C 1136 -111.58 31.80 -2.20
C SER C 1136 -111.94 31.72 -3.69
N GLU C 1137 -111.07 31.13 -4.48
CA GLU C 1137 -111.31 31.00 -5.91
C GLU C 1137 -112.43 29.99 -6.16
N PRO C 1138 -113.43 30.32 -6.98
CA PRO C 1138 -114.52 29.38 -7.25
C PRO C 1138 -114.00 28.12 -7.96
N PHE C 1139 -114.59 26.98 -7.61
CA PHE C 1139 -114.19 25.69 -8.17
C PHE C 1139 -115.42 24.85 -8.46
N GLY C 1140 -116.42 25.45 -9.11
CA GLY C 1140 -117.55 24.71 -9.65
C GLY C 1140 -118.86 25.13 -9.02
N ARG C 1141 -119.82 24.16 -8.99
CA ARG C 1141 -121.21 24.30 -8.57
C ARG C 1141 -121.39 23.82 -7.14
N PRO C 1142 -122.41 24.30 -6.44
CA PRO C 1142 -122.68 23.81 -5.07
C PRO C 1142 -123.31 22.44 -5.05
N TRP C 1143 -123.64 21.97 -3.84
CA TRP C 1143 -124.23 20.67 -3.60
C TRP C 1143 -125.74 20.75 -3.47
N GLN C 1144 -126.36 19.59 -3.24
CA GLN C 1144 -127.79 19.48 -3.00
C GLN C 1144 -128.01 18.62 -1.76
N SER C 1145 -129.26 18.22 -1.51
CA SER C 1145 -129.57 17.37 -0.35
C SER C 1145 -129.08 15.96 -0.64
N GLY C 1146 -127.79 15.73 -0.36
CA GLY C 1146 -127.17 14.45 -0.62
C GLY C 1146 -126.31 14.49 -1.86
N ASP C 1147 -125.00 14.66 -1.67
CA ASP C 1147 -124.08 14.78 -2.81
C ASP C 1147 -122.70 14.33 -2.33
N VAL C 1148 -122.31 13.11 -2.71
CA VAL C 1148 -121.01 12.57 -2.32
C VAL C 1148 -119.91 13.30 -3.07
N VAL C 1149 -118.85 13.67 -2.35
CA VAL C 1149 -117.70 14.34 -2.93
C VAL C 1149 -116.51 13.41 -2.83
N GLY C 1150 -115.98 13.00 -3.98
CA GLY C 1150 -114.83 12.11 -4.01
C GLY C 1150 -113.52 12.85 -4.11
N CYS C 1151 -112.81 12.98 -2.99
CA CYS C 1151 -111.55 13.70 -2.93
C CYS C 1151 -110.41 12.75 -3.26
N MET C 1152 -109.62 13.09 -4.28
CA MET C 1152 -108.49 12.29 -4.71
C MET C 1152 -107.21 13.10 -4.61
N ILE C 1153 -106.15 12.47 -4.11
CA ILE C 1153 -104.82 13.06 -4.07
C ILE C 1153 -103.88 12.13 -4.83
N ASP C 1154 -102.92 12.72 -5.53
CA ASP C 1154 -101.92 11.97 -6.28
C ASP C 1154 -100.56 12.56 -5.96
N LEU C 1155 -99.74 11.80 -5.24
CA LEU C 1155 -98.43 12.26 -4.81
C LEU C 1155 -97.32 11.93 -5.78
N THR C 1156 -97.64 11.27 -6.91
CA THR C 1156 -96.62 11.02 -7.91
C THR C 1156 -96.25 12.29 -8.66
N GLU C 1157 -97.25 13.09 -9.06
CA GLU C 1157 -97.02 14.36 -9.72
C GLU C 1157 -97.72 15.52 -9.00
N ASN C 1158 -98.12 15.31 -7.74
CA ASN C 1158 -98.58 16.37 -6.83
C ASN C 1158 -99.80 17.10 -7.41
N THR C 1159 -100.89 16.35 -7.54
CA THR C 1159 -102.18 16.89 -7.95
C THR C 1159 -103.26 16.47 -6.98
N ILE C 1160 -104.26 17.34 -6.81
CA ILE C 1160 -105.43 17.07 -5.99
C ILE C 1160 -106.67 17.31 -6.84
N ILE C 1161 -107.57 16.32 -6.88
CA ILE C 1161 -108.77 16.37 -7.71
C ILE C 1161 -109.98 16.15 -6.81
N PHE C 1162 -111.00 17.00 -6.96
CA PHE C 1162 -112.27 16.87 -6.26
C PHE C 1162 -113.36 16.53 -7.26
N THR C 1163 -114.14 15.51 -6.95
CA THR C 1163 -115.19 15.03 -7.85
C THR C 1163 -116.55 15.06 -7.17
N LEU C 1164 -117.54 15.53 -7.91
CA LEU C 1164 -118.94 15.41 -7.51
C LEU C 1164 -119.45 14.01 -7.84
N ASN C 1165 -120.77 13.83 -7.89
CA ASN C 1165 -121.35 12.50 -8.04
C ASN C 1165 -121.05 11.97 -9.44
N GLY C 1166 -119.82 11.48 -9.60
CA GLY C 1166 -119.38 10.87 -10.83
C GLY C 1166 -118.75 11.80 -11.84
N GLU C 1167 -118.76 13.10 -11.59
CA GLU C 1167 -118.24 14.09 -12.52
C GLU C 1167 -117.04 14.81 -11.92
N VAL C 1168 -115.99 14.97 -12.70
CA VAL C 1168 -114.80 15.70 -12.27
C VAL C 1168 -115.10 17.19 -12.32
N LEU C 1169 -114.84 17.89 -11.23
CA LEU C 1169 -115.15 19.30 -11.14
C LEU C 1169 -114.23 20.13 -12.03
N MET C 1170 -114.76 21.24 -12.53
CA MET C 1170 -114.02 22.17 -13.37
C MET C 1170 -113.77 23.47 -12.62
N SER C 1171 -112.56 24.01 -12.78
CA SER C 1171 -112.28 25.37 -12.38
C SER C 1171 -112.80 26.31 -13.47
N ASP C 1172 -112.37 27.57 -13.44
CA ASP C 1172 -112.88 28.55 -14.38
C ASP C 1172 -112.60 28.15 -15.83
N SER C 1173 -111.33 28.13 -16.24
CA SER C 1173 -111.00 27.94 -17.65
C SER C 1173 -110.92 26.48 -18.08
N GLY C 1174 -109.87 25.78 -17.64
CA GLY C 1174 -109.61 24.45 -18.16
C GLY C 1174 -108.89 23.44 -17.29
N SER C 1175 -108.71 23.75 -16.00
CA SER C 1175 -107.63 23.14 -15.23
C SER C 1175 -107.75 21.62 -15.16
N GLU C 1176 -108.94 21.11 -14.85
CA GLU C 1176 -109.22 19.70 -14.53
C GLU C 1176 -108.69 19.29 -13.16
N THR C 1177 -107.94 20.16 -12.49
CA THR C 1177 -107.34 19.85 -11.20
C THR C 1177 -107.52 21.00 -10.24
N ALA C 1178 -107.60 20.68 -8.95
CA ALA C 1178 -107.76 21.71 -7.93
C ALA C 1178 -106.44 22.41 -7.64
N PHE C 1179 -105.44 21.64 -7.19
CA PHE C 1179 -104.13 22.19 -6.86
C PHE C 1179 -103.05 21.33 -7.51
N ARG C 1180 -102.06 22.00 -8.09
CA ARG C 1180 -100.96 21.33 -8.79
C ARG C 1180 -99.63 21.72 -8.14
N GLU C 1181 -98.59 21.00 -8.54
CA GLU C 1181 -97.22 21.14 -8.05
C GLU C 1181 -97.21 21.43 -6.55
N ILE C 1182 -97.82 20.52 -5.79
CA ILE C 1182 -97.86 20.63 -4.33
C ILE C 1182 -96.56 20.09 -3.77
N GLU C 1183 -95.85 20.92 -3.00
CA GLU C 1183 -94.59 20.52 -2.39
C GLU C 1183 -94.88 19.54 -1.26
N ILE C 1184 -94.63 18.25 -1.51
CA ILE C 1184 -94.90 17.23 -0.52
C ILE C 1184 -93.92 17.37 0.64
N GLY C 1185 -94.46 17.48 1.85
CA GLY C 1185 -93.63 17.63 3.03
C GLY C 1185 -93.79 16.48 4.01
N ASP C 1186 -94.43 16.75 5.16
CA ASP C 1186 -94.61 15.72 6.17
C ASP C 1186 -95.63 14.68 5.72
N GLY C 1187 -96.69 15.11 5.06
CA GLY C 1187 -97.71 14.18 4.59
C GLY C 1187 -99.04 14.89 4.40
N PHE C 1188 -100.09 14.08 4.30
CA PHE C 1188 -101.44 14.58 4.11
C PHE C 1188 -102.42 13.70 4.85
N LEU C 1189 -103.48 14.32 5.38
CA LEU C 1189 -104.52 13.59 6.10
C LEU C 1189 -105.90 14.06 5.63
N PRO C 1190 -106.88 13.17 5.59
CA PRO C 1190 -108.25 13.60 5.30
C PRO C 1190 -108.76 14.54 6.37
N VAL C 1191 -109.57 15.51 5.95
CA VAL C 1191 -110.05 16.57 6.84
C VAL C 1191 -111.54 16.81 6.58
N CYS C 1192 -112.19 17.44 7.56
CA CYS C 1192 -113.61 17.74 7.48
C CYS C 1192 -113.90 18.90 8.42
N SER C 1193 -114.70 19.86 7.96
CA SER C 1193 -114.89 21.13 8.65
C SER C 1193 -116.37 21.52 8.71
N LEU C 1194 -117.21 20.60 9.18
CA LEU C 1194 -118.64 20.89 9.30
C LEU C 1194 -118.87 22.13 10.15
N GLY C 1195 -119.76 23.00 9.68
CA GLY C 1195 -120.09 24.22 10.37
C GLY C 1195 -121.24 24.05 11.34
N PRO C 1196 -121.82 25.17 11.79
CA PRO C 1196 -122.92 25.09 12.77
C PRO C 1196 -124.18 24.53 12.13
N GLY C 1197 -124.82 23.60 12.84
CA GLY C 1197 -126.05 23.00 12.37
C GLY C 1197 -125.92 22.25 11.06
N GLN C 1198 -124.82 21.53 10.89
CA GLN C 1198 -124.52 20.82 9.65
C GLN C 1198 -124.15 19.38 9.95
N VAL C 1199 -124.62 18.47 9.10
CA VAL C 1199 -124.39 17.04 9.26
C VAL C 1199 -123.71 16.51 8.01
N GLY C 1200 -122.60 15.78 8.20
CA GLY C 1200 -121.89 15.16 7.10
C GLY C 1200 -121.72 13.67 7.33
N HIS C 1201 -120.94 13.06 6.44
CA HIS C 1201 -120.67 11.62 6.51
C HIS C 1201 -119.38 11.35 5.77
N LEU C 1202 -118.37 10.84 6.47
CA LEU C 1202 -117.06 10.57 5.90
C LEU C 1202 -116.91 9.06 5.70
N ASN C 1203 -116.52 8.67 4.48
CA ASN C 1203 -116.28 7.28 4.13
C ASN C 1203 -114.86 7.17 3.60
N LEU C 1204 -113.90 6.99 4.51
CA LEU C 1204 -112.50 6.87 4.09
C LEU C 1204 -112.27 5.63 3.24
N GLY C 1205 -112.90 4.52 3.61
CA GLY C 1205 -112.74 3.28 2.86
C GLY C 1205 -113.15 2.07 3.66
N GLN C 1206 -112.32 1.03 3.65
CA GLN C 1206 -112.53 -0.19 4.42
C GLN C 1206 -113.72 -0.99 3.93
N ASP C 1207 -114.45 -0.45 2.95
CA ASP C 1207 -115.56 -1.17 2.33
C ASP C 1207 -115.70 -0.62 0.91
N VAL C 1208 -115.09 -1.32 -0.05
CA VAL C 1208 -115.12 -0.86 -1.43
C VAL C 1208 -116.54 -0.90 -1.99
N SER C 1209 -117.32 -1.91 -1.59
CA SER C 1209 -118.70 -2.00 -2.04
C SER C 1209 -119.55 -0.86 -1.49
N SER C 1210 -119.16 -0.29 -0.35
CA SER C 1210 -119.90 0.82 0.25
C SER C 1210 -119.58 2.16 -0.41
N LEU C 1211 -118.52 2.24 -1.20
CA LEU C 1211 -118.18 3.47 -1.91
C LEU C 1211 -119.09 3.60 -3.13
N ARG C 1212 -120.00 4.57 -3.09
CA ARG C 1212 -121.03 4.67 -4.12
C ARG C 1212 -120.44 5.05 -5.47
N PHE C 1213 -119.50 6.00 -5.49
CA PHE C 1213 -118.98 6.51 -6.76
C PHE C 1213 -117.49 6.28 -6.89
N PHE C 1214 -117.02 5.08 -6.57
CA PHE C 1214 -115.62 4.72 -6.71
C PHE C 1214 -115.31 4.12 -8.07
N ALA C 1215 -116.16 3.22 -8.56
CA ALA C 1215 -115.91 2.57 -9.84
C ALA C 1215 -116.07 3.56 -11.00
N ILE C 1216 -117.00 4.51 -10.90
CA ILE C 1216 -117.26 5.42 -12.00
C ILE C 1216 -116.07 6.32 -12.26
N CYS C 1217 -115.49 6.89 -11.21
CA CYS C 1217 -114.36 7.81 -11.34
C CYS C 1217 -113.39 7.55 -10.19
N GLY C 1218 -112.19 7.08 -10.51
CA GLY C 1218 -111.16 6.89 -9.52
C GLY C 1218 -110.55 5.51 -9.52
N LEU C 1219 -111.38 4.49 -9.77
CA LEU C 1219 -110.88 3.11 -9.75
C LEU C 1219 -110.00 2.84 -10.97
N GLN C 1220 -110.46 3.23 -12.15
CA GLN C 1220 -109.75 2.88 -13.38
C GLN C 1220 -108.44 3.65 -13.49
N GLU C 1221 -108.44 4.93 -13.14
CA GLU C 1221 -107.20 5.70 -13.15
C GLU C 1221 -106.19 5.16 -12.16
N GLY C 1222 -106.65 4.48 -11.11
CA GLY C 1222 -105.79 3.92 -10.10
C GLY C 1222 -105.76 4.78 -8.85
N PHE C 1223 -106.58 4.43 -7.86
CA PHE C 1223 -106.71 5.20 -6.64
C PHE C 1223 -107.16 4.25 -5.54
N GLU C 1224 -106.22 3.79 -4.72
CA GLU C 1224 -106.59 2.93 -3.60
C GLU C 1224 -107.29 3.76 -2.53
N PRO C 1225 -108.45 3.33 -2.04
CA PRO C 1225 -109.10 4.08 -0.96
C PRO C 1225 -108.20 4.17 0.26
N PHE C 1226 -108.38 5.27 1.02
CA PHE C 1226 -107.45 5.60 2.09
C PHE C 1226 -107.32 4.49 3.12
N ALA C 1227 -108.35 3.67 3.27
CA ALA C 1227 -108.32 2.51 4.17
C ALA C 1227 -108.75 1.28 3.39
N ILE C 1228 -107.80 0.39 3.11
CA ILE C 1228 -108.09 -0.83 2.36
C ILE C 1228 -107.80 -2.05 3.24
N ASN C 1229 -106.55 -2.24 3.62
CA ASN C 1229 -106.14 -3.38 4.44
C ASN C 1229 -106.04 -2.96 5.91
N MET C 1230 -107.18 -2.57 6.47
CA MET C 1230 -107.28 -2.19 7.87
C MET C 1230 -108.49 -2.86 8.48
N GLN C 1231 -108.26 -3.73 9.47
CA GLN C 1231 -109.34 -4.41 10.15
C GLN C 1231 -110.00 -3.55 11.22
N ARG C 1232 -109.43 -2.38 11.52
CA ARG C 1232 -110.00 -1.45 12.46
C ARG C 1232 -110.29 -0.12 11.78
N PRO C 1233 -111.43 0.51 12.07
CA PRO C 1233 -111.74 1.80 11.45
C PRO C 1233 -110.73 2.86 11.84
N VAL C 1234 -110.49 3.79 10.92
CA VAL C 1234 -109.51 4.85 11.16
C VAL C 1234 -110.00 5.76 12.26
N THR C 1235 -109.17 5.98 13.27
CA THR C 1235 -109.53 6.83 14.39
C THR C 1235 -109.36 8.28 14.01
N THR C 1236 -110.39 9.08 14.25
CA THR C 1236 -110.41 10.48 13.87
C THR C 1236 -110.23 11.38 15.10
N TRP C 1237 -109.74 12.59 14.85
CA TRP C 1237 -109.52 13.58 15.89
C TRP C 1237 -110.30 14.83 15.54
N PHE C 1238 -111.02 15.38 16.52
CA PHE C 1238 -111.85 16.55 16.31
C PHE C 1238 -111.42 17.67 17.24
N SER C 1239 -111.67 18.91 16.81
CA SER C 1239 -111.32 20.09 17.60
C SER C 1239 -112.38 20.31 18.67
N LYS C 1240 -112.03 20.06 19.92
CA LYS C 1240 -112.95 20.22 21.04
C LYS C 1240 -112.90 21.67 21.52
N SER C 1241 -114.06 22.33 21.54
CA SER C 1241 -114.14 23.74 21.91
C SER C 1241 -114.30 23.90 23.42
N LEU C 1242 -113.29 23.42 24.14
CA LEU C 1242 -113.22 23.58 25.59
C LEU C 1242 -111.94 24.34 25.94
N PRO C 1243 -112.04 25.58 26.43
CA PRO C 1243 -110.82 26.37 26.67
C PRO C 1243 -109.98 25.76 27.79
N GLN C 1244 -108.77 25.35 27.43
CA GLN C 1244 -107.80 24.81 28.38
C GLN C 1244 -106.55 25.68 28.36
N PHE C 1245 -105.81 25.63 29.48
CA PHE C 1245 -104.63 26.46 29.64
C PHE C 1245 -103.39 25.75 29.12
N GLU C 1246 -102.60 26.44 28.32
CA GLU C 1246 -101.38 25.93 27.72
C GLU C 1246 -100.25 26.93 27.91
N PRO C 1247 -99.01 26.46 27.96
CA PRO C 1247 -97.89 27.40 28.14
C PRO C 1247 -97.77 28.36 26.97
N VAL C 1248 -97.29 29.56 27.27
CA VAL C 1248 -97.12 30.58 26.23
C VAL C 1248 -96.06 30.12 25.24
N PRO C 1249 -96.35 30.08 23.95
CA PRO C 1249 -95.36 29.65 22.96
C PRO C 1249 -94.15 30.56 22.98
N PRO C 1250 -92.94 30.01 22.82
CA PRO C 1250 -91.74 30.85 22.81
C PRO C 1250 -91.67 31.80 21.63
N GLU C 1251 -92.42 31.54 20.56
CA GLU C 1251 -92.41 32.37 19.36
C GLU C 1251 -93.81 32.93 19.08
N HIS C 1252 -94.48 33.40 20.12
CA HIS C 1252 -95.80 33.99 19.94
C HIS C 1252 -95.68 35.28 19.14
N PRO C 1253 -96.58 35.51 18.18
CA PRO C 1253 -96.49 36.73 17.36
C PRO C 1253 -96.59 38.01 18.16
N HIS C 1254 -97.40 38.03 19.22
CA HIS C 1254 -97.66 39.26 19.97
C HIS C 1254 -97.10 39.21 21.39
N TYR C 1255 -97.47 38.22 22.18
CA TYR C 1255 -97.08 38.20 23.58
C TYR C 1255 -95.68 37.62 23.76
N GLU C 1256 -95.05 37.99 24.87
CA GLU C 1256 -93.71 37.55 25.20
C GLU C 1256 -93.54 37.55 26.71
N VAL C 1257 -93.00 36.46 27.25
CA VAL C 1257 -92.80 36.31 28.69
C VAL C 1257 -91.31 36.14 28.94
N ALA C 1258 -90.76 36.96 29.84
CA ALA C 1258 -89.34 36.93 30.16
C ALA C 1258 -89.16 36.66 31.65
N ARG C 1259 -88.23 35.76 31.96
CA ARG C 1259 -87.91 35.41 33.34
C ARG C 1259 -86.68 36.21 33.78
N MET C 1260 -86.78 36.89 34.91
CA MET C 1260 -85.70 37.70 35.45
C MET C 1260 -85.38 37.25 36.87
N ASP C 1261 -84.09 37.07 37.15
CA ASP C 1261 -83.65 36.66 38.47
C ASP C 1261 -83.85 37.79 39.48
N GLY C 1262 -84.01 37.41 40.74
CA GLY C 1262 -84.21 38.36 41.81
C GLY C 1262 -82.93 39.02 42.27
N THR C 1263 -82.91 40.36 42.26
CA THR C 1263 -81.75 41.11 42.71
C THR C 1263 -81.78 41.26 44.23
N VAL C 1264 -80.89 42.09 44.78
CA VAL C 1264 -80.86 42.31 46.21
C VAL C 1264 -82.07 43.11 46.70
N ASP C 1265 -82.76 43.79 45.80
CA ASP C 1265 -83.92 44.60 46.16
C ASP C 1265 -85.23 44.07 45.61
N THR C 1266 -85.20 43.35 44.49
CA THR C 1266 -86.43 42.85 43.89
C THR C 1266 -86.47 41.33 43.90
N PRO C 1267 -87.65 40.73 44.10
CA PRO C 1267 -87.76 39.27 44.06
C PRO C 1267 -87.78 38.75 42.64
N PRO C 1268 -87.69 37.44 42.44
CA PRO C 1268 -87.82 36.90 41.08
C PRO C 1268 -89.16 37.27 40.47
N CYS C 1269 -89.16 37.53 39.16
CA CYS C 1269 -90.31 38.11 38.50
C CYS C 1269 -90.53 37.44 37.15
N LEU C 1270 -91.74 37.57 36.64
CA LEU C 1270 -92.13 37.06 35.33
C LEU C 1270 -92.90 38.18 34.60
N ARG C 1271 -92.21 38.90 33.72
CA ARG C 1271 -92.81 40.01 33.01
C ARG C 1271 -93.51 39.53 31.74
N LEU C 1272 -94.50 40.30 31.30
CA LEU C 1272 -95.20 40.06 30.05
C LEU C 1272 -95.17 41.34 29.23
N ALA C 1273 -94.80 41.22 27.96
CA ALA C 1273 -94.65 42.37 27.08
C ALA C 1273 -95.41 42.13 25.78
N HIS C 1274 -96.08 43.17 25.29
CA HIS C 1274 -96.76 43.14 24.01
C HIS C 1274 -95.79 43.69 22.96
N ARG C 1275 -95.16 42.79 22.21
CA ARG C 1275 -94.10 43.19 21.28
C ARG C 1275 -94.61 43.79 19.98
N THR C 1276 -95.92 43.73 19.73
CA THR C 1276 -96.53 44.29 18.52
C THR C 1276 -97.65 45.25 18.88
N TRP C 1277 -97.36 46.16 19.81
CA TRP C 1277 -98.35 47.16 20.24
C TRP C 1277 -98.63 48.21 19.17
N GLY C 1278 -97.83 48.27 18.11
CA GLY C 1278 -98.00 49.31 17.12
C GLY C 1278 -99.26 49.21 16.28
N SER C 1279 -99.33 48.19 15.42
CA SER C 1279 -100.43 48.06 14.47
C SER C 1279 -100.87 46.60 14.36
N GLN C 1280 -101.03 45.93 15.50
CA GLN C 1280 -101.36 44.51 15.50
C GLN C 1280 -102.48 44.25 16.50
N ASN C 1281 -102.72 42.97 16.78
CA ASN C 1281 -103.87 42.55 17.56
C ASN C 1281 -103.76 42.99 19.01
N SER C 1282 -104.92 43.26 19.61
CA SER C 1282 -105.00 43.62 21.03
C SER C 1282 -106.35 43.15 21.55
N LEU C 1283 -106.33 42.18 22.46
CA LEU C 1283 -107.56 41.64 23.02
C LEU C 1283 -107.27 41.06 24.40
N VAL C 1284 -108.34 40.82 25.16
CA VAL C 1284 -108.20 40.34 26.53
C VAL C 1284 -107.57 38.95 26.54
N GLU C 1285 -106.88 38.63 27.62
CA GLU C 1285 -106.20 37.35 27.78
C GLU C 1285 -106.30 36.89 29.23
N MET C 1286 -106.17 35.58 29.42
CA MET C 1286 -106.32 34.96 30.72
C MET C 1286 -105.11 34.07 30.99
N LEU C 1287 -104.47 34.27 32.14
CA LEU C 1287 -103.23 33.58 32.49
C LEU C 1287 -103.28 33.08 33.92
N PHE C 1288 -102.53 32.01 34.19
CA PHE C 1288 -102.21 31.64 35.56
C PHE C 1288 -100.90 30.86 35.58
N LEU C 1289 -100.33 30.74 36.77
CA LEU C 1289 -99.05 30.06 36.94
C LEU C 1289 -99.21 28.56 36.93
N ARG C 1290 -98.24 27.87 36.32
CA ARG C 1290 -98.35 26.46 35.97
C ARG C 1290 -98.39 25.53 37.18
N LEU C 1291 -98.38 26.03 38.41
CA LEU C 1291 -98.41 25.19 39.59
C LEU C 1291 -99.45 25.70 40.58
N SER C 1292 -99.99 24.78 41.36
CA SER C 1292 -101.05 25.07 42.32
C SER C 1292 -100.52 24.88 43.74
N LEU C 1293 -101.41 25.10 44.71
CA LEU C 1293 -101.13 24.86 46.12
C LEU C 1293 -102.38 24.33 46.80
N PRO C 1294 -102.29 23.18 47.46
CA PRO C 1294 -103.49 22.61 48.08
C PRO C 1294 -103.65 23.08 49.52
N VAL C 1295 -104.87 23.51 49.86
CA VAL C 1295 -105.19 23.90 51.22
C VAL C 1295 -105.28 22.64 52.07
N GLN C 1296 -104.56 22.62 53.19
CA GLN C 1296 -104.48 21.44 54.02
C GLN C 1296 -105.81 21.18 54.71
N PHE C 1297 -105.97 19.94 55.19
CA PHE C 1297 -107.16 19.55 55.92
C PHE C 1297 -107.06 20.03 57.36
N HIS C 1298 -108.02 20.86 57.78
CA HIS C 1298 -108.03 21.32 59.16
C HIS C 1298 -108.45 20.23 60.14
N GLN C 1299 -108.97 19.11 59.66
CA GLN C 1299 -109.37 18.00 60.52
C GLN C 1299 -108.25 16.97 60.61
N ASP C 1419 -84.65 47.56 59.39
CA ASP C 1419 -85.58 46.57 59.91
C ASP C 1419 -85.75 45.41 58.94
N ASN C 1420 -87.01 45.02 58.71
CA ASN C 1420 -87.35 43.92 57.81
C ASN C 1420 -86.63 42.63 58.20
N ARG C 1421 -86.56 42.37 59.51
CA ARG C 1421 -85.91 41.18 60.04
C ARG C 1421 -86.96 40.13 60.38
N ASP C 1422 -86.73 38.91 59.91
CA ASP C 1422 -87.67 37.81 60.09
C ASP C 1422 -87.20 36.93 61.24
N ASP C 1423 -87.98 36.92 62.33
CA ASP C 1423 -87.64 36.08 63.47
C ASP C 1423 -88.10 34.65 63.21
N PRO C 1424 -87.23 33.65 63.43
CA PRO C 1424 -87.57 32.28 63.00
C PRO C 1424 -88.81 31.68 63.65
N GLU C 1425 -89.09 31.98 64.93
CA GLU C 1425 -90.03 31.16 65.68
C GLU C 1425 -91.48 31.35 65.24
N ILE C 1426 -91.77 32.30 64.36
CA ILE C 1426 -93.09 32.43 63.76
C ILE C 1426 -93.06 32.11 62.26
N ILE C 1427 -92.01 32.56 61.56
CA ILE C 1427 -91.95 32.33 60.12
C ILE C 1427 -91.79 30.84 59.81
N LEU C 1428 -91.13 30.09 60.68
CA LEU C 1428 -90.98 28.66 60.46
C LEU C 1428 -92.20 27.86 60.92
N ASN C 1429 -93.18 28.51 61.54
CA ASN C 1429 -94.39 27.85 61.99
C ASN C 1429 -95.65 28.44 61.37
N THR C 1430 -95.53 29.46 60.52
CA THR C 1430 -96.70 30.08 59.91
C THR C 1430 -97.19 29.27 58.72
N THR C 1431 -98.43 29.54 58.31
CA THR C 1431 -99.04 28.87 57.17
C THR C 1431 -99.52 29.83 56.09
N THR C 1432 -99.20 31.12 56.22
CA THR C 1432 -99.58 32.10 55.21
C THR C 1432 -98.54 32.10 54.08
N TYR C 1433 -99.01 32.37 52.87
CA TYR C 1433 -98.15 32.45 51.70
C TYR C 1433 -98.53 33.67 50.87
N TYR C 1434 -97.55 34.24 50.19
CA TYR C 1434 -97.70 35.54 49.54
C TYR C 1434 -97.21 35.50 48.11
N TYR C 1435 -97.90 36.22 47.24
CA TYR C 1435 -97.42 36.55 45.91
C TYR C 1435 -98.04 37.87 45.50
N SER C 1436 -97.26 38.72 44.84
CA SER C 1436 -97.69 40.06 44.49
C SER C 1436 -97.69 40.23 42.98
N VAL C 1437 -98.55 41.13 42.50
CA VAL C 1437 -98.67 41.44 41.08
C VAL C 1437 -98.54 42.94 40.91
N ARG C 1438 -97.63 43.37 40.04
CA ARG C 1438 -97.35 44.77 39.80
C ARG C 1438 -97.87 45.15 38.42
N VAL C 1439 -98.70 46.19 38.37
CA VAL C 1439 -99.23 46.73 37.13
C VAL C 1439 -98.41 47.94 36.75
N PHE C 1440 -97.75 47.87 35.59
CA PHE C 1440 -96.87 48.95 35.16
C PHE C 1440 -97.67 50.20 34.83
N ALA C 1441 -97.01 51.35 34.97
CA ALA C 1441 -97.64 52.62 34.61
C ALA C 1441 -97.91 52.67 33.11
N GLY C 1442 -99.09 53.17 32.76
CA GLY C 1442 -99.55 53.20 31.38
C GLY C 1442 -100.67 52.22 31.10
N GLN C 1443 -100.68 51.08 31.79
CA GLN C 1443 -101.75 50.11 31.68
C GLN C 1443 -102.85 50.47 32.67
N GLU C 1444 -104.07 50.61 32.18
CA GLU C 1444 -105.18 51.04 33.02
C GLU C 1444 -105.49 49.95 34.04
N PRO C 1445 -105.53 50.29 35.34
CA PRO C 1445 -105.89 49.27 36.34
C PRO C 1445 -107.30 48.74 36.20
N SER C 1446 -108.19 49.48 35.53
CA SER C 1446 -109.57 49.03 35.35
C SER C 1446 -109.67 47.82 34.43
N CYS C 1447 -108.60 47.46 33.71
CA CYS C 1447 -108.60 46.31 32.83
C CYS C 1447 -107.71 45.19 33.35
N VAL C 1448 -107.42 45.17 34.65
CA VAL C 1448 -106.54 44.18 35.26
C VAL C 1448 -107.28 43.52 36.41
N TRP C 1449 -107.33 42.20 36.41
CA TRP C 1449 -107.90 41.42 37.49
C TRP C 1449 -106.82 40.50 38.04
N VAL C 1450 -106.66 40.50 39.37
CA VAL C 1450 -105.61 39.74 40.04
C VAL C 1450 -106.25 38.85 41.09
N GLY C 1451 -105.92 37.56 41.05
CA GLY C 1451 -106.46 36.61 42.01
C GLY C 1451 -106.05 35.17 41.77
N TRP C 1452 -106.96 34.23 42.03
CA TRP C 1452 -106.68 32.81 41.94
C TRP C 1452 -107.81 32.11 41.19
N VAL C 1453 -107.48 30.96 40.59
CA VAL C 1453 -108.43 30.15 39.85
C VAL C 1453 -108.32 28.71 40.29
N THR C 1454 -109.45 28.04 40.40
CA THR C 1454 -109.50 26.60 40.64
C THR C 1454 -109.20 25.86 39.34
N PRO C 1455 -108.81 24.59 39.41
CA PRO C 1455 -108.44 23.85 38.19
C PRO C 1455 -109.58 23.63 37.20
N ASP C 1456 -110.78 24.15 37.45
CA ASP C 1456 -111.92 23.95 36.57
C ASP C 1456 -112.44 25.28 36.03
N TYR C 1457 -111.55 26.17 35.64
CA TYR C 1457 -111.91 27.44 35.00
C TYR C 1457 -111.84 27.26 33.49
N HIS C 1458 -112.98 27.41 32.82
CA HIS C 1458 -113.08 27.20 31.38
C HIS C 1458 -113.93 28.29 30.74
N GLN C 1459 -113.67 29.54 31.11
CA GLN C 1459 -114.40 30.69 30.57
C GLN C 1459 -113.43 31.56 29.77
N HIS C 1460 -113.51 31.44 28.44
CA HIS C 1460 -112.72 32.30 27.54
C HIS C 1460 -113.60 33.44 27.05
N ASP C 1461 -113.91 34.35 27.96
CA ASP C 1461 -114.79 35.46 27.65
C ASP C 1461 -114.03 36.61 26.99
N MET C 1462 -114.78 37.48 26.32
CA MET C 1462 -114.22 38.67 25.68
C MET C 1462 -114.64 39.96 26.34
N ASN C 1463 -115.67 39.94 27.19
CA ASN C 1463 -116.13 41.10 27.95
C ASN C 1463 -116.17 40.75 29.42
N PHE C 1464 -115.08 40.14 29.90
CA PHE C 1464 -115.05 39.61 31.25
C PHE C 1464 -115.16 40.70 32.30
N ASP C 1465 -115.86 40.40 33.38
CA ASP C 1465 -115.98 41.29 34.54
C ASP C 1465 -116.31 40.43 35.76
N LEU C 1466 -116.36 41.08 36.93
CA LEU C 1466 -116.61 40.34 38.16
C LEU C 1466 -118.04 39.80 38.25
N SER C 1467 -118.93 40.22 37.36
CA SER C 1467 -120.31 39.73 37.36
C SER C 1467 -120.52 38.54 36.44
N LYS C 1468 -119.47 38.05 35.77
CA LYS C 1468 -119.59 36.94 34.84
C LYS C 1468 -118.87 35.69 35.33
N VAL C 1469 -118.56 35.62 36.63
CA VAL C 1469 -117.90 34.47 37.21
C VAL C 1469 -118.95 33.51 37.77
N ARG C 1470 -118.70 32.22 37.64
CA ARG C 1470 -119.64 31.23 38.14
C ARG C 1470 -119.67 31.25 39.66
N ALA C 1471 -120.88 31.13 40.22
CA ALA C 1471 -121.05 31.12 41.66
C ALA C 1471 -122.30 30.34 42.01
N VAL C 1472 -122.29 29.76 43.22
CA VAL C 1472 -123.44 29.00 43.71
C VAL C 1472 -123.32 28.95 45.22
N THR C 1473 -124.45 28.73 45.90
CA THR C 1473 -124.51 28.65 47.35
C THR C 1473 -125.35 27.46 47.74
N VAL C 1474 -124.72 26.45 48.34
CA VAL C 1474 -125.41 25.26 48.82
C VAL C 1474 -125.76 25.49 50.28
N THR C 1475 -127.06 25.44 50.60
CA THR C 1475 -127.55 25.71 51.94
C THR C 1475 -128.20 24.45 52.50
N MET C 1476 -127.70 23.99 53.64
CA MET C 1476 -128.25 22.82 54.31
C MET C 1476 -129.05 23.26 55.53
N GLY C 1477 -129.76 22.31 56.12
CA GLY C 1477 -130.55 22.62 57.30
C GLY C 1477 -131.30 21.40 57.79
N ASP C 1478 -132.06 21.60 58.86
CA ASP C 1478 -132.88 20.55 59.45
C ASP C 1478 -134.26 20.55 58.80
N GLU C 1479 -135.21 19.84 59.40
CA GLU C 1479 -136.49 19.60 58.74
C GLU C 1479 -137.38 20.85 58.66
N GLN C 1480 -137.01 21.95 59.34
CA GLN C 1480 -137.69 23.22 59.08
C GLN C 1480 -136.73 24.36 59.43
N GLY C 1481 -136.32 25.13 58.41
CA GLY C 1481 -135.48 26.29 58.60
C GLY C 1481 -134.18 25.95 59.31
N ASN C 1482 -133.68 26.94 60.06
CA ASN C 1482 -132.47 26.81 60.88
C ASN C 1482 -131.31 26.24 60.05
N VAL C 1483 -130.91 27.01 59.04
CA VAL C 1483 -129.85 26.56 58.14
C VAL C 1483 -128.53 26.45 58.90
N HIS C 1484 -127.80 25.37 58.64
CA HIS C 1484 -126.53 25.12 59.29
C HIS C 1484 -125.35 25.65 58.49
N SER C 1485 -125.19 25.16 57.26
CA SER C 1485 -124.04 25.48 56.42
C SER C 1485 -124.51 26.26 55.20
N SER C 1486 -123.78 27.33 54.88
CA SER C 1486 -124.02 28.14 53.68
C SER C 1486 -122.67 28.28 52.98
N LEU C 1487 -122.34 27.31 52.13
CA LEU C 1487 -121.05 27.28 51.45
C LEU C 1487 -121.17 27.95 50.08
N LYS C 1488 -120.29 28.92 49.83
CA LYS C 1488 -120.22 29.60 48.55
C LYS C 1488 -119.14 28.97 47.70
N CYS C 1489 -119.51 28.45 46.54
CA CYS C 1489 -118.59 27.77 45.64
C CYS C 1489 -118.41 28.58 44.37
N SER C 1490 -117.16 28.73 43.93
CA SER C 1490 -116.84 29.48 42.74
C SER C 1490 -115.57 28.91 42.13
N ASN C 1491 -115.12 29.53 41.03
CA ASN C 1491 -113.90 29.11 40.37
C ASN C 1491 -113.01 30.29 40.00
N CYS C 1492 -113.27 31.46 40.57
CA CYS C 1492 -112.48 32.66 40.27
C CYS C 1492 -112.56 33.59 41.47
N TYR C 1493 -111.47 33.70 42.22
CA TYR C 1493 -111.38 34.56 43.39
C TYR C 1493 -110.38 35.68 43.09
N MET C 1494 -110.88 36.76 42.50
CA MET C 1494 -110.04 37.92 42.20
C MET C 1494 -110.75 39.20 42.60
N VAL C 1495 -110.00 40.29 42.58
CA VAL C 1495 -110.49 41.63 42.89
C VAL C 1495 -110.20 42.53 41.71
N TRP C 1496 -111.18 43.34 41.32
CA TRP C 1496 -111.00 44.24 40.19
C TRP C 1496 -109.94 45.29 40.51
N GLY C 1497 -109.06 45.53 39.54
CA GLY C 1497 -108.02 46.54 39.72
C GLY C 1497 -108.51 47.96 39.63
N GLY C 1498 -109.74 48.16 39.14
CA GLY C 1498 -110.33 49.48 39.07
C GLY C 1498 -110.93 49.99 40.36
N ASP C 1499 -110.89 49.20 41.42
CA ASP C 1499 -111.37 49.60 42.74
C ASP C 1499 -110.27 50.15 43.62
N PHE C 1500 -109.05 50.29 43.10
CA PHE C 1500 -107.92 50.77 43.88
C PHE C 1500 -107.34 52.07 43.32
N VAL C 1501 -108.16 52.84 42.61
CA VAL C 1501 -107.73 54.11 42.03
C VAL C 1501 -108.53 55.23 42.68
N SER C 1502 -107.84 56.27 43.14
CA SER C 1502 -108.50 57.39 43.77
C SER C 1502 -109.36 58.16 42.76
N PRO C 1503 -110.48 58.71 43.21
CA PRO C 1503 -111.32 59.50 42.27
C PRO C 1503 -110.60 60.69 41.68
N GLY C 1504 -109.72 61.34 42.45
CA GLY C 1504 -108.97 62.46 41.90
C GLY C 1504 -108.00 62.03 40.82
N GLN C 1505 -107.32 60.90 41.02
CA GLN C 1505 -106.39 60.40 40.00
C GLN C 1505 -107.13 59.87 38.78
N GLN C 1506 -108.32 59.32 38.97
CA GLN C 1506 -109.08 58.77 37.86
C GLN C 1506 -109.51 59.88 36.90
N GLY C 1507 -109.34 59.63 35.60
CA GLY C 1507 -109.70 60.60 34.60
C GLY C 1507 -108.59 60.90 33.61
N ARG C 1508 -107.42 60.31 33.83
CA ARG C 1508 -106.26 60.51 32.97
C ARG C 1508 -105.32 59.33 33.15
N ILE C 1509 -104.11 59.47 32.63
CA ILE C 1509 -103.08 58.44 32.73
C ILE C 1509 -102.14 58.81 33.86
N SER C 1510 -101.98 57.91 34.82
CA SER C 1510 -101.11 58.14 35.97
C SER C 1510 -99.68 57.75 35.60
N HIS C 1511 -98.78 57.82 36.58
CA HIS C 1511 -97.38 57.47 36.35
C HIS C 1511 -96.80 56.61 37.46
N THR C 1512 -97.62 56.15 38.41
CA THR C 1512 -97.16 55.30 39.51
C THR C 1512 -97.72 53.90 39.34
N ASP C 1513 -96.84 52.90 39.42
CA ASP C 1513 -97.26 51.52 39.26
C ASP C 1513 -98.15 51.09 40.43
N LEU C 1514 -99.10 50.21 40.13
CA LEU C 1514 -100.01 49.67 41.13
C LEU C 1514 -99.61 48.24 41.46
N VAL C 1515 -99.44 47.96 42.75
CA VAL C 1515 -99.01 46.64 43.22
C VAL C 1515 -100.15 46.06 44.04
N ILE C 1516 -100.58 44.85 43.67
CA ILE C 1516 -101.64 44.13 44.37
C ILE C 1516 -101.05 42.84 44.93
N GLY C 1517 -101.22 42.62 46.22
CA GLY C 1517 -100.72 41.44 46.90
C GLY C 1517 -101.87 40.56 47.37
N CYS C 1518 -101.72 39.26 47.17
CA CYS C 1518 -102.71 38.27 47.57
C CYS C 1518 -102.11 37.34 48.60
N LEU C 1519 -102.82 37.15 49.71
CA LEU C 1519 -102.36 36.30 50.81
C LEU C 1519 -103.30 35.11 50.96
N VAL C 1520 -102.71 33.93 51.12
CA VAL C 1520 -103.47 32.69 51.29
C VAL C 1520 -103.05 32.04 52.60
N ASP C 1521 -104.03 31.66 53.41
CA ASP C 1521 -103.79 30.91 54.64
C ASP C 1521 -104.23 29.47 54.39
N LEU C 1522 -103.26 28.56 54.38
CA LEU C 1522 -103.54 27.16 54.08
C LEU C 1522 -104.04 26.38 55.29
N ALA C 1523 -104.13 27.00 56.46
CA ALA C 1523 -104.62 26.34 57.66
C ALA C 1523 -106.06 26.67 57.99
N THR C 1524 -106.57 27.82 57.55
CA THR C 1524 -107.94 28.21 57.81
C THR C 1524 -108.71 28.59 56.55
N GLY C 1525 -108.07 28.59 55.38
CA GLY C 1525 -108.75 28.93 54.15
C GLY C 1525 -109.23 30.37 54.07
N LEU C 1526 -108.42 31.32 54.53
CA LEU C 1526 -108.75 32.73 54.48
C LEU C 1526 -108.03 33.39 53.31
N MET C 1527 -108.72 34.30 52.64
CA MET C 1527 -108.20 34.96 51.44
C MET C 1527 -108.29 36.46 51.64
N THR C 1528 -107.17 37.16 51.46
CA THR C 1528 -107.12 38.60 51.62
C THR C 1528 -106.30 39.20 50.49
N PHE C 1529 -106.60 40.46 50.16
CA PHE C 1529 -105.91 41.18 49.11
C PHE C 1529 -105.53 42.57 49.60
N THR C 1530 -104.28 42.96 49.31
CA THR C 1530 -103.77 44.27 49.69
C THR C 1530 -103.28 45.00 48.45
N ALA C 1531 -103.58 46.29 48.37
CA ALA C 1531 -103.21 47.13 47.25
C ALA C 1531 -102.29 48.24 47.72
N ASN C 1532 -101.06 48.25 47.23
CA ASN C 1532 -100.06 49.27 47.57
C ASN C 1532 -99.86 49.36 49.08
N GLY C 1533 -99.91 48.21 49.75
CA GLY C 1533 -99.75 48.16 51.18
C GLY C 1533 -101.00 48.46 51.98
N LYS C 1534 -102.12 48.74 51.32
CA LYS C 1534 -103.37 49.04 51.99
C LYS C 1534 -104.29 47.82 51.92
N GLU C 1535 -104.78 47.39 53.08
CA GLU C 1535 -105.63 46.20 53.15
C GLU C 1535 -107.02 46.52 52.61
N SER C 1536 -107.52 45.66 51.72
CA SER C 1536 -108.84 45.84 51.17
C SER C 1536 -109.90 45.28 52.12
N ASN C 1537 -111.17 45.58 51.83
CA ASN C 1537 -112.29 45.15 52.64
C ASN C 1537 -112.98 43.92 52.07
N THR C 1538 -112.40 43.29 51.05
CA THR C 1538 -112.98 42.11 50.42
C THR C 1538 -112.15 40.89 50.78
N PHE C 1539 -112.85 39.80 51.14
CA PHE C 1539 -112.19 38.56 51.54
C PHE C 1539 -112.97 37.39 50.98
N PHE C 1540 -112.29 36.25 50.87
CA PHE C 1540 -112.87 35.02 50.36
C PHE C 1540 -112.57 33.88 51.33
N GLN C 1541 -113.45 32.88 51.34
CA GLN C 1541 -113.29 31.70 52.17
C GLN C 1541 -113.39 30.46 51.30
N VAL C 1542 -112.45 29.53 51.46
CA VAL C 1542 -112.42 28.33 50.64
C VAL C 1542 -112.59 27.10 51.52
N GLU C 1543 -112.64 25.93 50.90
CA GLU C 1543 -112.85 24.67 51.56
C GLU C 1543 -111.56 23.86 51.61
N PRO C 1544 -111.39 22.98 52.60
CA PRO C 1544 -110.20 22.13 52.63
C PRO C 1544 -110.08 21.28 51.38
N ASN C 1545 -108.83 21.00 51.00
CA ASN C 1545 -108.50 20.26 49.78
C ASN C 1545 -108.97 21.01 48.54
N THR C 1546 -108.50 22.25 48.43
CA THR C 1546 -108.80 23.13 47.29
C THR C 1546 -107.51 23.54 46.62
N LYS C 1547 -107.44 23.36 45.31
CA LYS C 1547 -106.28 23.75 44.52
C LYS C 1547 -106.53 25.11 43.89
N LEU C 1548 -105.57 26.01 44.05
CA LEU C 1548 -105.68 27.37 43.52
C LEU C 1548 -104.44 27.71 42.71
N PHE C 1549 -104.65 28.34 41.55
CA PHE C 1549 -103.58 28.77 40.68
C PHE C 1549 -103.52 30.29 40.67
N PRO C 1550 -102.35 30.90 40.90
CA PRO C 1550 -102.25 32.37 40.84
C PRO C 1550 -102.54 32.89 39.45
N ALA C 1551 -103.65 33.62 39.28
CA ALA C 1551 -104.13 34.03 37.97
C ALA C 1551 -104.21 35.55 37.88
N VAL C 1552 -103.92 36.06 36.69
CA VAL C 1552 -104.05 37.49 36.38
C VAL C 1552 -104.74 37.61 35.03
N PHE C 1553 -105.85 38.34 35.00
CA PHE C 1553 -106.58 38.60 33.76
C PHE C 1553 -106.38 40.06 33.39
N VAL C 1554 -105.84 40.31 32.21
CA VAL C 1554 -105.43 41.65 31.81
C VAL C 1554 -105.83 41.89 30.35
N LEU C 1555 -106.27 43.11 30.07
CA LEU C 1555 -106.49 43.57 28.71
C LEU C 1555 -105.36 44.53 28.34
N PRO C 1556 -104.47 44.15 27.42
CA PRO C 1556 -103.27 44.95 27.19
C PRO C 1556 -103.59 46.29 26.54
N THR C 1557 -103.09 47.37 27.18
CA THR C 1557 -103.14 48.71 26.62
C THR C 1557 -101.76 49.35 26.61
N HIS C 1558 -100.70 48.54 26.62
CA HIS C 1558 -99.34 49.02 26.77
C HIS C 1558 -98.42 47.91 26.29
N GLN C 1559 -97.19 48.27 25.90
CA GLN C 1559 -96.21 47.24 25.59
C GLN C 1559 -95.49 46.72 26.83
N ASN C 1560 -95.73 47.32 27.99
CA ASN C 1560 -95.32 46.78 29.28
C ASN C 1560 -96.61 46.52 30.05
N VAL C 1561 -97.07 45.28 30.07
CA VAL C 1561 -98.45 44.98 30.45
C VAL C 1561 -98.55 44.61 31.93
N ILE C 1562 -97.92 43.50 32.32
CA ILE C 1562 -98.10 42.94 33.65
C ILE C 1562 -96.82 42.21 34.04
N GLN C 1563 -96.66 41.98 35.34
CA GLN C 1563 -95.46 41.33 35.86
C GLN C 1563 -95.79 40.58 37.13
N PHE C 1564 -95.64 39.26 37.10
CA PHE C 1564 -95.80 38.45 38.31
C PHE C 1564 -94.60 38.64 39.22
N GLU C 1565 -94.85 38.74 40.53
CA GLU C 1565 -93.80 38.89 41.53
C GLU C 1565 -93.97 37.81 42.59
N LEU C 1566 -93.01 36.89 42.66
CA LEU C 1566 -92.99 35.88 43.71
C LEU C 1566 -92.28 36.44 44.95
N GLY C 1567 -92.88 37.49 45.50
CA GLY C 1567 -92.25 38.26 46.56
C GLY C 1567 -92.40 37.63 47.94
N LYS C 1568 -92.09 38.44 48.94
CA LYS C 1568 -92.11 38.01 50.32
C LYS C 1568 -92.51 39.19 51.20
N GLN C 1569 -92.99 38.88 52.40
CA GLN C 1569 -93.39 39.89 53.37
C GLN C 1569 -92.90 39.45 54.75
N LYS C 1570 -93.40 40.13 55.79
CA LYS C 1570 -92.94 39.90 57.15
C LYS C 1570 -93.52 38.59 57.69
N ASN C 1571 -92.69 37.55 57.72
CA ASN C 1571 -93.09 36.22 58.20
C ASN C 1571 -94.32 35.70 57.45
N ILE C 1572 -94.23 35.71 56.13
CA ILE C 1572 -95.41 35.43 55.31
C ILE C 1572 -95.05 34.30 54.32
N MET C 1573 -93.83 33.76 54.45
CA MET C 1573 -93.47 32.49 53.79
C MET C 1573 -93.72 32.50 52.29
N PRO C 1574 -92.80 33.09 51.50
CA PRO C 1574 -93.06 33.32 50.06
C PRO C 1574 -93.61 32.12 49.30
N LEU C 1575 -94.21 32.41 48.13
CA LEU C 1575 -95.05 31.44 47.44
C LEU C 1575 -94.29 30.17 47.06
N SER C 1576 -92.98 30.26 46.86
CA SER C 1576 -92.22 29.08 46.48
C SER C 1576 -91.88 28.25 47.71
N ALA C 1577 -92.89 27.96 48.53
CA ALA C 1577 -92.74 27.07 49.67
C ALA C 1577 -93.90 26.11 49.85
N ALA C 1578 -95.04 26.33 49.21
CA ALA C 1578 -96.17 25.42 49.28
C ALA C 1578 -96.32 24.57 48.01
N MET C 1579 -95.85 25.07 46.87
CA MET C 1579 -95.90 24.32 45.63
C MET C 1579 -94.77 23.30 45.51
N PHE C 1580 -93.75 23.41 46.35
CA PHE C 1580 -92.61 22.48 46.33
C PHE C 1580 -92.41 21.91 47.73
N LEU C 1581 -92.29 20.59 47.81
CA LEU C 1581 -92.12 19.93 49.10
C LEU C 1581 -90.72 20.11 49.65
N SER C 1582 -89.70 20.17 48.78
CA SER C 1582 -88.32 20.28 49.24
C SER C 1582 -88.09 21.60 49.98
N GLU C 1583 -88.57 22.70 49.41
CA GLU C 1583 -88.38 24.02 50.02
C GLU C 1583 -89.59 24.38 50.88
N ARG C 1584 -89.93 23.47 51.79
CA ARG C 1584 -91.06 23.70 52.68
C ARG C 1584 -90.75 24.77 53.72
N LYS C 1585 -89.52 24.78 54.25
CA LYS C 1585 -89.11 25.72 55.28
C LYS C 1585 -87.98 26.61 54.78
N ASN C 1586 -88.08 27.06 53.54
CA ASN C 1586 -87.09 27.96 52.96
C ASN C 1586 -87.68 29.34 52.78
N PRO C 1587 -87.33 30.32 53.61
CA PRO C 1587 -87.87 31.68 53.51
C PRO C 1587 -87.16 32.54 52.47
N ALA C 1588 -86.92 31.98 51.29
CA ALA C 1588 -86.26 32.68 50.20
C ALA C 1588 -87.09 32.54 48.94
N PRO C 1589 -87.46 33.65 48.28
CA PRO C 1589 -88.23 33.54 47.04
C PRO C 1589 -87.46 32.79 45.96
N GLN C 1590 -88.19 31.96 45.21
CA GLN C 1590 -87.59 31.13 44.17
C GLN C 1590 -88.56 31.03 43.00
N CYS C 1591 -88.00 30.69 41.83
CA CYS C 1591 -88.79 30.50 40.61
C CYS C 1591 -88.16 29.39 39.78
N PRO C 1592 -88.42 28.14 40.14
CA PRO C 1592 -87.88 27.02 39.37
C PRO C 1592 -88.47 26.96 37.97
N PRO C 1593 -87.79 26.31 37.03
CA PRO C 1593 -88.27 26.32 35.64
C PRO C 1593 -89.64 25.72 35.43
N ARG C 1594 -90.09 24.83 36.32
CA ARG C 1594 -91.43 24.25 36.16
C ARG C 1594 -92.52 25.27 36.37
N LEU C 1595 -92.25 26.34 37.12
CA LEU C 1595 -93.23 27.39 37.38
C LEU C 1595 -93.15 28.40 36.25
N GLU C 1596 -94.15 28.37 35.35
CA GLU C 1596 -94.17 29.27 34.21
C GLU C 1596 -95.52 29.93 34.06
N VAL C 1597 -95.73 30.66 32.96
CA VAL C 1597 -96.97 31.37 32.69
C VAL C 1597 -97.71 30.63 31.59
N GLN C 1598 -98.97 30.27 31.87
CA GLN C 1598 -99.81 29.53 30.93
C GLN C 1598 -100.98 30.41 30.52
N MET C 1599 -101.24 30.45 29.21
CA MET C 1599 -102.34 31.24 28.66
C MET C 1599 -103.50 30.34 28.27
N LEU C 1600 -104.69 30.94 28.24
CA LEU C 1600 -105.91 30.22 27.92
C LEU C 1600 -106.12 30.19 26.41
N MET C 1601 -106.23 28.97 25.85
CA MET C 1601 -106.45 28.80 24.42
C MET C 1601 -107.92 28.51 24.13
N PRO C 1602 -108.44 28.98 22.99
CA PRO C 1602 -109.88 28.81 22.71
C PRO C 1602 -110.27 27.35 22.48
N VAL C 1603 -109.58 26.66 21.58
CA VAL C 1603 -109.91 25.29 21.23
C VAL C 1603 -108.63 24.45 21.22
N SER C 1604 -108.82 23.14 21.29
CA SER C 1604 -107.70 22.21 21.29
C SER C 1604 -108.15 20.89 20.66
N TRP C 1605 -107.19 20.12 20.20
CA TRP C 1605 -107.47 18.83 19.59
C TRP C 1605 -107.94 17.82 20.64
N SER C 1606 -108.66 16.81 20.17
CA SER C 1606 -109.17 15.76 21.04
C SER C 1606 -109.37 14.50 20.22
N ARG C 1607 -109.59 13.38 20.92
CA ARG C 1607 -109.73 12.08 20.29
C ARG C 1607 -111.15 11.57 20.48
N MET C 1608 -111.79 11.19 19.38
CA MET C 1608 -113.11 10.57 19.47
C MET C 1608 -112.97 9.11 19.87
N PRO C 1609 -113.69 8.64 20.88
CA PRO C 1609 -113.59 7.23 21.27
C PRO C 1609 -113.98 6.30 20.12
N ASN C 1610 -113.30 5.16 20.05
CA ASN C 1610 -113.56 4.22 18.97
C ASN C 1610 -114.98 3.67 19.05
N HIS C 1611 -115.45 3.35 20.25
CA HIS C 1611 -116.79 2.83 20.46
C HIS C 1611 -117.51 3.70 21.46
N PHE C 1612 -118.52 4.43 21.01
CA PHE C 1612 -119.37 5.22 21.88
C PHE C 1612 -120.36 4.29 22.57
N LEU C 1613 -121.34 4.86 23.26
CA LEU C 1613 -122.37 4.04 23.89
C LEU C 1613 -123.28 3.48 22.79
N GLN C 1614 -122.88 2.35 22.22
CA GLN C 1614 -123.53 1.83 21.02
C GLN C 1614 -125.00 1.48 21.25
N VAL C 1615 -125.42 1.33 22.51
CA VAL C 1615 -126.84 1.16 22.80
C VAL C 1615 -127.61 2.43 22.45
N GLU C 1616 -126.91 3.55 22.26
CA GLU C 1616 -127.48 4.83 21.84
C GLU C 1616 -128.48 5.38 22.85
N THR C 1617 -128.48 4.83 24.06
CA THR C 1617 -129.41 5.23 25.13
C THR C 1617 -130.85 5.24 24.62
N ARG C 1618 -131.30 4.03 24.25
CA ARG C 1618 -132.60 3.84 23.62
C ARG C 1618 -133.72 4.54 24.38
N ARG C 1619 -134.36 5.51 23.73
CA ARG C 1619 -135.44 6.28 24.33
C ARG C 1619 -136.69 6.15 23.47
N ALA C 1620 -137.85 6.09 24.13
CA ALA C 1620 -139.12 5.98 23.43
C ALA C 1620 -140.18 6.73 24.23
N GLY C 1621 -141.12 7.33 23.51
CA GLY C 1621 -142.20 8.06 24.14
C GLY C 1621 -143.32 7.16 24.60
N GLU C 1622 -143.08 6.42 25.68
CA GLU C 1622 -144.08 5.50 26.20
C GLU C 1622 -145.23 6.27 26.84
N ARG C 1623 -146.33 5.57 27.07
CA ARG C 1623 -147.52 6.20 27.64
C ARG C 1623 -147.24 6.74 29.04
N LEU C 1624 -146.54 5.96 29.86
CA LEU C 1624 -146.24 6.36 31.24
C LEU C 1624 -144.91 7.10 31.32
N GLY C 1625 -144.75 8.12 30.49
CA GLY C 1625 -143.56 8.95 30.50
C GLY C 1625 -142.56 8.57 29.43
N TRP C 1626 -141.58 9.45 29.25
CA TRP C 1626 -140.51 9.24 28.30
C TRP C 1626 -139.42 8.42 28.97
N ALA C 1627 -139.19 7.20 28.49
CA ALA C 1627 -138.28 6.26 29.12
C ALA C 1627 -136.97 6.20 28.33
N VAL C 1628 -135.85 6.26 29.07
CA VAL C 1628 -134.53 6.12 28.49
C VAL C 1628 -133.77 5.08 29.30
N GLN C 1629 -133.02 4.22 28.61
CA GLN C 1629 -132.33 3.13 29.27
C GLN C 1629 -131.00 2.85 28.58
N CYS C 1630 -130.00 2.47 29.37
CA CYS C 1630 -128.70 2.04 28.88
C CYS C 1630 -128.42 0.65 29.43
N GLN C 1631 -127.87 -0.21 28.58
CA GLN C 1631 -127.70 -1.62 28.95
C GLN C 1631 -126.26 -2.11 28.82
N ASP C 1632 -125.53 -1.69 27.79
CA ASP C 1632 -124.21 -2.30 27.66
C ASP C 1632 -123.17 -1.53 28.46
N PRO C 1633 -122.19 -2.23 29.02
CA PRO C 1633 -121.10 -1.56 29.73
C PRO C 1633 -120.07 -0.99 28.76
N LEU C 1634 -119.28 -0.04 29.28
CA LEU C 1634 -118.20 0.56 28.52
C LEU C 1634 -117.16 1.08 29.49
N THR C 1635 -115.89 0.85 29.18
CA THR C 1635 -114.79 1.25 30.03
C THR C 1635 -113.66 1.83 29.20
N MET C 1636 -112.84 2.66 29.84
CA MET C 1636 -111.68 3.26 29.19
C MET C 1636 -110.59 3.44 30.24
N MET C 1637 -109.35 3.51 29.77
CA MET C 1637 -108.19 3.64 30.64
C MET C 1637 -107.81 5.11 30.75
N ALA C 1638 -107.97 5.68 31.93
CA ALA C 1638 -107.69 7.09 32.16
C ALA C 1638 -106.20 7.33 32.36
N LEU C 1639 -105.82 8.60 32.23
CA LEU C 1639 -104.45 9.05 32.53
C LEU C 1639 -104.57 10.37 33.29
N HIS C 1640 -104.53 10.29 34.62
CA HIS C 1640 -104.77 11.45 35.48
C HIS C 1640 -103.51 12.24 35.69
N ILE C 1641 -103.57 13.54 35.39
CA ILE C 1641 -102.49 14.47 35.68
C ILE C 1641 -102.73 15.02 37.09
N PRO C 1642 -101.78 14.85 38.02
CA PRO C 1642 -102.08 15.25 39.41
C PRO C 1642 -102.11 16.75 39.64
N GLU C 1643 -101.16 17.50 39.07
CA GLU C 1643 -101.07 18.93 39.39
C GLU C 1643 -102.30 19.69 38.92
N GLU C 1644 -102.77 19.40 37.71
CA GLU C 1644 -104.01 19.97 37.18
C GLU C 1644 -105.06 18.87 37.16
N ASN C 1645 -106.14 19.07 37.92
CA ASN C 1645 -107.11 18.01 38.19
C ASN C 1645 -107.90 17.73 36.91
N ARG C 1646 -107.25 16.99 36.00
CA ARG C 1646 -107.81 16.61 34.71
C ARG C 1646 -107.74 15.10 34.55
N CYS C 1647 -108.24 14.62 33.43
CA CYS C 1647 -108.23 13.18 33.14
C CYS C 1647 -108.37 13.01 31.63
N MET C 1648 -107.35 12.45 30.99
CA MET C 1648 -107.37 12.19 29.56
C MET C 1648 -107.39 10.68 29.30
N ASP C 1649 -107.55 10.31 28.05
CA ASP C 1649 -107.52 8.91 27.63
C ASP C 1649 -106.08 8.49 27.40
N ILE C 1650 -105.75 7.26 27.79
CA ILE C 1650 -104.40 6.77 27.58
C ILE C 1650 -104.10 6.56 26.11
N LEU C 1651 -105.13 6.38 25.28
CA LEU C 1651 -104.92 6.29 23.84
C LEU C 1651 -104.61 7.64 23.21
N GLU C 1652 -104.85 8.73 23.92
CA GLU C 1652 -104.51 10.07 23.42
C GLU C 1652 -103.01 10.31 23.36
N LEU C 1653 -102.21 9.43 23.96
CA LEU C 1653 -100.75 9.57 23.93
C LEU C 1653 -100.15 9.22 22.58
N SER C 1654 -100.96 8.74 21.63
CA SER C 1654 -100.43 8.43 20.30
C SER C 1654 -99.90 9.67 19.62
N GLU C 1655 -100.61 10.80 19.75
CA GLU C 1655 -100.17 12.06 19.17
C GLU C 1655 -99.38 12.93 20.13
N ARG C 1656 -99.50 12.70 21.44
CA ARG C 1656 -98.73 13.43 22.44
C ARG C 1656 -97.47 12.62 22.74
N LEU C 1657 -96.37 12.98 22.06
CA LEU C 1657 -95.13 12.23 22.20
C LEU C 1657 -94.31 12.65 23.42
N ASP C 1658 -94.62 13.79 24.03
CA ASP C 1658 -93.90 14.22 25.22
C ASP C 1658 -94.31 13.44 26.47
N LEU C 1659 -95.61 13.17 26.64
CA LEU C 1659 -96.10 12.38 27.76
C LEU C 1659 -95.85 10.89 27.57
N GLN C 1660 -95.83 10.40 26.33
CA GLN C 1660 -95.61 8.99 26.06
C GLN C 1660 -94.23 8.54 26.52
N ARG C 1661 -93.20 9.34 26.25
CA ARG C 1661 -91.85 9.00 26.70
C ARG C 1661 -91.79 8.95 28.22
N PHE C 1662 -92.39 9.93 28.89
CA PHE C 1662 -92.37 9.96 30.35
C PHE C 1662 -93.10 8.75 30.93
N HIS C 1663 -94.23 8.37 30.34
CA HIS C 1663 -94.97 7.22 30.87
C HIS C 1663 -94.22 5.92 30.60
N SER C 1664 -93.57 5.80 29.43
CA SER C 1664 -92.78 4.61 29.15
C SER C 1664 -91.62 4.48 30.13
N HIS C 1665 -90.94 5.59 30.43
CA HIS C 1665 -89.85 5.53 31.40
C HIS C 1665 -90.37 5.34 32.82
N THR C 1666 -91.60 5.79 33.11
CA THR C 1666 -92.20 5.51 34.40
C THR C 1666 -92.47 4.02 34.56
N LEU C 1667 -92.98 3.37 33.51
CA LEU C 1667 -93.14 1.92 33.55
C LEU C 1667 -91.79 1.22 33.66
N ARG C 1668 -90.77 1.72 32.98
CA ARG C 1668 -89.42 1.17 33.13
C ARG C 1668 -88.93 1.28 34.57
N LEU C 1669 -89.19 2.42 35.20
CA LEU C 1669 -88.83 2.58 36.62
C LEU C 1669 -89.61 1.62 37.50
N TYR C 1670 -90.89 1.42 37.20
CA TYR C 1670 -91.68 0.46 37.96
C TYR C 1670 -91.09 -0.94 37.87
N ARG C 1671 -90.67 -1.34 36.68
CA ARG C 1671 -90.06 -2.67 36.52
C ARG C 1671 -88.71 -2.74 37.21
N ALA C 1672 -87.92 -1.67 37.13
CA ALA C 1672 -86.57 -1.71 37.68
C ALA C 1672 -86.57 -1.67 39.21
N VAL C 1673 -87.55 -1.01 39.80
CA VAL C 1673 -87.58 -0.90 41.26
C VAL C 1673 -87.87 -2.24 41.90
N CYS C 1674 -88.76 -3.04 41.29
CA CYS C 1674 -89.12 -4.36 41.81
C CYS C 1674 -88.35 -5.47 41.12
N ALA C 1675 -87.26 -5.16 40.44
CA ALA C 1675 -86.51 -6.15 39.70
C ALA C 1675 -85.70 -7.05 40.65
N LEU C 1676 -85.41 -8.25 40.17
CA LEU C 1676 -84.55 -9.22 40.85
C LEU C 1676 -85.15 -9.62 42.21
N GLY C 1677 -86.35 -10.16 42.16
CA GLY C 1677 -86.97 -10.77 43.34
C GLY C 1677 -87.23 -9.84 44.50
N ASN C 1678 -87.73 -8.63 44.23
CA ASN C 1678 -88.17 -7.72 45.27
C ASN C 1678 -89.69 -7.82 45.38
N ASN C 1679 -90.14 -8.91 46.01
CA ASN C 1679 -91.57 -9.21 46.07
C ASN C 1679 -92.35 -8.22 46.94
N ARG C 1680 -91.68 -7.55 47.87
CA ARG C 1680 -92.37 -6.54 48.67
C ARG C 1680 -92.80 -5.36 47.80
N VAL C 1681 -91.88 -4.85 46.98
CA VAL C 1681 -92.24 -3.75 46.07
C VAL C 1681 -93.19 -4.24 44.99
N ALA C 1682 -93.07 -5.52 44.61
CA ALA C 1682 -94.03 -6.08 43.67
C ALA C 1682 -95.44 -6.09 44.24
N HIS C 1683 -95.57 -6.43 45.53
CA HIS C 1683 -96.86 -6.35 46.19
C HIS C 1683 -97.35 -4.91 46.27
N ALA C 1684 -96.44 -3.97 46.58
CA ALA C 1684 -96.83 -2.58 46.70
C ALA C 1684 -97.28 -1.99 45.37
N LEU C 1685 -96.67 -2.41 44.27
CA LEU C 1685 -97.00 -1.87 42.96
C LEU C 1685 -98.38 -2.27 42.48
N CYS C 1686 -98.98 -3.31 43.06
CA CYS C 1686 -100.33 -3.70 42.68
C CYS C 1686 -101.36 -2.64 43.05
N SER C 1687 -101.03 -1.75 43.99
CA SER C 1687 -101.93 -0.66 44.33
C SER C 1687 -101.93 0.42 43.25
N HIS C 1688 -100.83 0.55 42.51
CA HIS C 1688 -100.74 1.55 41.45
C HIS C 1688 -101.23 0.99 40.12
N VAL C 1689 -100.63 -0.11 39.66
CA VAL C 1689 -101.03 -0.78 38.43
C VAL C 1689 -101.79 -2.04 38.83
N ASP C 1690 -103.11 -1.94 38.88
CA ASP C 1690 -103.95 -3.04 39.34
C ASP C 1690 -104.00 -4.16 38.29
N GLN C 1691 -104.57 -5.29 38.70
CA GLN C 1691 -104.72 -6.42 37.79
C GLN C 1691 -105.63 -6.09 36.62
N ALA C 1692 -106.73 -5.37 36.90
CA ALA C 1692 -107.67 -5.01 35.84
C ALA C 1692 -107.01 -4.14 34.78
N GLN C 1693 -106.19 -3.18 35.20
CA GLN C 1693 -105.50 -2.32 34.24
C GLN C 1693 -104.56 -3.12 33.36
N LEU C 1694 -103.81 -4.05 33.95
CA LEU C 1694 -102.90 -4.88 33.16
C LEU C 1694 -103.65 -5.75 32.18
N LEU C 1695 -104.76 -6.36 32.62
CA LEU C 1695 -105.54 -7.20 31.73
C LEU C 1695 -106.15 -6.39 30.59
N HIS C 1696 -106.63 -5.17 30.89
CA HIS C 1696 -107.16 -4.32 29.84
C HIS C 1696 -106.09 -3.90 28.85
N ALA C 1697 -104.90 -3.54 29.34
CA ALA C 1697 -103.81 -3.15 28.46
C ALA C 1697 -103.29 -4.31 27.63
N LEU C 1698 -103.45 -5.54 28.12
CA LEU C 1698 -103.03 -6.71 27.34
C LEU C 1698 -103.83 -6.83 26.04
N GLU C 1699 -105.14 -6.59 26.11
CA GLU C 1699 -106.02 -6.74 24.96
C GLU C 1699 -106.26 -5.45 24.20
N ASP C 1700 -105.67 -4.34 24.63
CA ASP C 1700 -105.89 -3.06 23.97
C ASP C 1700 -105.17 -3.05 22.62
N ALA C 1701 -105.94 -2.99 21.54
CA ALA C 1701 -105.39 -3.01 20.19
C ALA C 1701 -104.99 -1.62 19.69
N HIS C 1702 -105.38 -0.56 20.38
CA HIS C 1702 -105.07 0.80 19.96
C HIS C 1702 -103.96 1.44 20.79
N LEU C 1703 -103.40 0.72 21.76
CA LEU C 1703 -102.34 1.28 22.58
C LEU C 1703 -101.08 1.50 21.74
N PRO C 1704 -100.30 2.54 22.05
CA PRO C 1704 -99.01 2.72 21.37
C PRO C 1704 -98.07 1.58 21.67
N GLY C 1705 -97.16 1.33 20.74
CA GLY C 1705 -96.22 0.24 20.83
C GLY C 1705 -95.36 0.25 22.08
N PRO C 1706 -94.67 1.38 22.34
CA PRO C 1706 -93.88 1.45 23.59
C PRO C 1706 -94.71 1.21 24.85
N LEU C 1707 -95.91 1.78 24.92
CA LEU C 1707 -96.76 1.56 26.08
C LEU C 1707 -97.22 0.11 26.19
N ARG C 1708 -97.55 -0.52 25.06
CA ARG C 1708 -97.95 -1.92 25.07
C ARG C 1708 -96.81 -2.80 25.57
N ALA C 1709 -95.62 -2.62 25.02
CA ALA C 1709 -94.47 -3.42 25.46
C ALA C 1709 -94.16 -3.18 26.93
N GLY C 1710 -94.21 -1.92 27.37
CA GLY C 1710 -93.95 -1.61 28.76
C GLY C 1710 -94.96 -2.26 29.69
N TYR C 1711 -96.24 -2.25 29.33
CA TYR C 1711 -97.24 -2.88 30.17
C TYR C 1711 -97.07 -4.39 30.23
N TYR C 1712 -96.77 -5.03 29.09
CA TYR C 1712 -96.54 -6.47 29.11
C TYR C 1712 -95.34 -6.82 29.99
N ASP C 1713 -94.24 -6.09 29.83
CA ASP C 1713 -93.06 -6.36 30.65
C ASP C 1713 -93.31 -6.04 32.11
N LEU C 1714 -94.12 -5.04 32.41
CA LEU C 1714 -94.46 -4.73 33.80
C LEU C 1714 -95.26 -5.86 34.43
N LEU C 1715 -96.25 -6.38 33.70
CA LEU C 1715 -97.02 -7.51 34.22
C LEU C 1715 -96.11 -8.70 34.47
N ILE C 1716 -95.21 -9.00 33.52
CA ILE C 1716 -94.30 -10.12 33.69
C ILE C 1716 -93.41 -9.90 34.92
N SER C 1717 -92.73 -8.76 34.99
CA SER C 1717 -91.80 -8.48 36.07
C SER C 1717 -92.48 -8.35 37.42
N ILE C 1718 -93.78 -8.12 37.46
CA ILE C 1718 -94.53 -8.04 38.71
C ILE C 1718 -94.98 -9.41 39.18
N HIS C 1719 -95.52 -10.24 38.27
CA HIS C 1719 -96.21 -11.44 38.69
C HIS C 1719 -95.47 -12.75 38.44
N LEU C 1720 -94.56 -12.83 37.46
CA LEU C 1720 -93.99 -14.11 37.07
C LEU C 1720 -92.46 -14.16 37.07
N GLU C 1721 -91.77 -13.04 37.26
CA GLU C 1721 -90.33 -13.00 37.01
C GLU C 1721 -89.56 -13.91 37.96
N SER C 1722 -89.79 -13.77 39.27
CA SER C 1722 -89.02 -14.54 40.24
C SER C 1722 -89.30 -16.03 40.13
N ALA C 1723 -90.57 -16.39 39.96
CA ALA C 1723 -90.93 -17.81 39.85
C ALA C 1723 -90.36 -18.42 38.57
N CYS C 1724 -90.42 -17.68 37.46
CA CYS C 1724 -89.83 -18.18 36.23
C CYS C 1724 -88.33 -18.32 36.35
N ARG C 1725 -87.68 -17.40 37.06
CA ARG C 1725 -86.24 -17.51 37.29
C ARG C 1725 -85.91 -18.75 38.10
N SER C 1726 -86.69 -19.02 39.16
CA SER C 1726 -86.45 -20.21 39.97
C SER C 1726 -86.65 -21.48 39.14
N ARG C 1727 -87.72 -21.53 38.35
CA ARG C 1727 -87.97 -22.71 37.52
C ARG C 1727 -86.86 -22.89 36.48
N ARG C 1728 -86.39 -21.80 35.89
CA ARG C 1728 -85.30 -21.88 34.93
C ARG C 1728 -84.02 -22.40 35.59
N SER C 1729 -83.75 -21.96 36.81
CA SER C 1729 -82.60 -22.47 37.54
C SER C 1729 -82.73 -23.96 37.82
N MET C 1730 -83.94 -24.40 38.19
CA MET C 1730 -84.15 -25.83 38.49
C MET C 1730 -84.16 -26.70 37.24
N LEU C 1731 -84.47 -26.13 36.08
CA LEU C 1731 -84.63 -26.94 34.86
C LEU C 1731 -83.33 -27.59 34.41
N SER C 1732 -82.17 -27.14 34.90
CA SER C 1732 -80.90 -27.64 34.42
C SER C 1732 -80.52 -29.00 35.01
N GLU C 1733 -81.20 -29.45 36.07
CA GLU C 1733 -80.88 -30.70 36.73
C GLU C 1733 -82.09 -31.63 36.72
N TYR C 1734 -81.85 -32.91 36.47
CA TYR C 1734 -82.90 -33.91 36.41
C TYR C 1734 -82.76 -34.86 37.60
N ILE C 1735 -83.81 -34.94 38.42
CA ILE C 1735 -83.88 -35.87 39.55
C ILE C 1735 -85.19 -36.64 39.39
N VAL C 1736 -85.12 -37.80 38.76
CA VAL C 1736 -86.30 -38.60 38.44
C VAL C 1736 -86.47 -39.67 39.52
N PRO C 1737 -87.57 -39.67 40.26
CA PRO C 1737 -87.82 -40.73 41.23
C PRO C 1737 -88.31 -42.00 40.54
N LEU C 1738 -88.20 -43.11 41.25
CA LEU C 1738 -88.63 -44.41 40.74
C LEU C 1738 -90.08 -44.70 41.07
N THR C 1739 -90.95 -43.75 40.73
CA THR C 1739 -92.38 -43.90 40.93
C THR C 1739 -92.99 -44.76 39.82
N PRO C 1740 -94.14 -45.39 40.07
CA PRO C 1740 -94.74 -46.25 39.02
C PRO C 1740 -94.97 -45.55 37.69
N GLU C 1741 -95.35 -44.27 37.69
CA GLU C 1741 -95.52 -43.57 36.42
C GLU C 1741 -94.19 -43.39 35.69
N THR C 1742 -93.10 -43.26 36.44
CA THR C 1742 -91.78 -43.27 35.81
C THR C 1742 -91.51 -44.62 35.14
N ARG C 1743 -91.87 -45.71 35.81
CA ARG C 1743 -91.71 -47.04 35.21
C ARG C 1743 -92.54 -47.16 33.94
N ALA C 1744 -93.76 -46.62 33.96
CA ALA C 1744 -94.62 -46.65 32.79
C ALA C 1744 -94.13 -45.72 31.68
N ILE C 1745 -93.17 -44.85 31.95
CA ILE C 1745 -92.67 -43.93 30.94
C ILE C 1745 -91.79 -44.68 29.96
N THR C 1746 -92.06 -44.51 28.67
CA THR C 1746 -91.28 -45.14 27.62
C THR C 1746 -90.43 -44.07 26.92
N LEU C 1747 -89.70 -44.50 25.88
CA LEU C 1747 -88.85 -43.59 25.12
C LEU C 1747 -89.66 -42.61 24.27
N PHE C 1748 -90.92 -42.89 24.00
CA PHE C 1748 -91.68 -42.21 22.96
C PHE C 1748 -90.85 -42.12 21.68
N PRO C 1749 -90.38 -43.25 21.15
CA PRO C 1749 -89.45 -43.21 20.03
C PRO C 1749 -90.20 -43.02 18.73
N PRO C 1750 -89.51 -43.08 17.58
CA PRO C 1750 -90.24 -43.19 16.31
C PRO C 1750 -91.21 -44.36 16.31
N GLY C 1751 -90.84 -45.47 16.94
CA GLY C 1751 -91.76 -46.58 17.14
C GLY C 1751 -92.50 -46.49 18.46
N ARG C 1752 -93.34 -45.47 18.60
CA ARG C 1752 -94.08 -45.25 19.84
C ARG C 1752 -95.26 -46.22 19.91
N LYS C 1753 -96.17 -45.97 20.85
CA LYS C 1753 -97.35 -46.81 21.00
C LYS C 1753 -98.13 -46.90 19.69
N GLY C 1754 -98.60 -45.77 19.19
CA GLY C 1754 -99.19 -45.73 17.86
C GLY C 1754 -98.22 -45.18 16.83
N GLY C 1755 -97.59 -46.05 16.07
CA GLY C 1755 -96.62 -45.61 15.08
C GLY C 1755 -96.00 -46.78 14.36
N ASN C 1756 -95.14 -46.46 13.40
CA ASN C 1756 -94.46 -47.43 12.56
C ASN C 1756 -92.98 -47.09 12.44
N ALA C 1757 -92.36 -46.79 13.59
CA ALA C 1757 -90.93 -46.44 13.66
C ALA C 1757 -90.60 -45.22 12.80
N ARG C 1758 -91.51 -44.27 12.71
CA ARG C 1758 -91.27 -43.08 11.90
C ARG C 1758 -91.52 -41.77 12.64
N ARG C 1759 -92.53 -41.72 13.51
CA ARG C 1759 -92.95 -40.46 14.12
C ARG C 1759 -92.46 -40.38 15.56
N HIS C 1760 -91.76 -39.31 15.89
CA HIS C 1760 -91.26 -39.09 17.24
C HIS C 1760 -92.33 -38.53 18.17
N GLY C 1761 -93.49 -38.15 17.65
CA GLY C 1761 -94.49 -37.47 18.45
C GLY C 1761 -94.28 -35.96 18.44
N LEU C 1762 -94.91 -35.31 19.40
CA LEU C 1762 -94.80 -33.86 19.54
C LEU C 1762 -93.98 -33.52 20.76
N PRO C 1763 -92.95 -32.67 20.63
CA PRO C 1763 -92.15 -32.30 21.80
C PRO C 1763 -92.95 -31.44 22.78
N GLY C 1764 -92.60 -31.59 24.06
CA GLY C 1764 -93.18 -30.78 25.11
C GLY C 1764 -94.52 -31.24 25.63
N VAL C 1765 -95.11 -32.29 25.07
CA VAL C 1765 -96.39 -32.83 25.51
C VAL C 1765 -96.20 -34.29 25.86
N GLY C 1766 -96.68 -34.68 27.02
CA GLY C 1766 -96.55 -36.04 27.50
C GLY C 1766 -96.58 -36.06 29.03
N VAL C 1767 -95.88 -37.02 29.60
CA VAL C 1767 -95.78 -37.17 31.05
C VAL C 1767 -94.31 -37.07 31.45
N THR C 1768 -94.03 -36.28 32.48
CA THR C 1768 -92.69 -36.11 33.00
C THR C 1768 -92.73 -36.25 34.52
N THR C 1769 -91.62 -36.71 35.09
CA THR C 1769 -91.56 -36.99 36.52
C THR C 1769 -90.39 -36.33 37.23
N SER C 1770 -89.59 -35.52 36.54
CA SER C 1770 -88.50 -34.80 37.19
C SER C 1770 -89.07 -33.86 38.25
N LEU C 1771 -88.43 -33.84 39.42
CA LEU C 1771 -88.98 -33.12 40.57
C LEU C 1771 -88.65 -31.64 40.45
N ARG C 1772 -89.70 -30.80 40.47
CA ARG C 1772 -89.56 -29.36 40.44
C ARG C 1772 -90.49 -28.76 41.48
N PRO C 1773 -90.00 -27.89 42.37
CA PRO C 1773 -90.83 -27.36 43.44
C PRO C 1773 -91.91 -26.44 42.90
N PRO C 1774 -93.01 -26.25 43.64
CA PRO C 1774 -94.08 -25.35 43.17
C PRO C 1774 -93.70 -23.89 43.26
N HIS C 1775 -94.64 -23.00 42.95
CA HIS C 1775 -94.36 -21.57 42.80
C HIS C 1775 -94.69 -20.76 44.05
N HIS C 1776 -95.75 -21.11 44.77
CA HIS C 1776 -96.10 -20.50 46.06
C HIS C 1776 -96.33 -18.99 45.91
N PHE C 1777 -97.37 -18.65 45.16
CA PHE C 1777 -97.80 -17.27 45.06
C PHE C 1777 -98.68 -16.88 46.25
N SER C 1778 -98.84 -15.56 46.44
CA SER C 1778 -99.65 -15.03 47.51
C SER C 1778 -100.58 -13.94 46.98
N PRO C 1779 -101.79 -13.84 47.51
CA PRO C 1779 -102.74 -12.85 47.00
C PRO C 1779 -102.39 -11.45 47.51
N PRO C 1780 -102.60 -10.43 46.68
CA PRO C 1780 -102.33 -9.05 47.14
C PRO C 1780 -103.51 -8.49 47.92
N CYS C 1781 -103.19 -7.80 49.02
CA CYS C 1781 -104.21 -7.21 49.87
C CYS C 1781 -103.59 -6.06 50.65
N PHE C 1782 -104.21 -4.88 50.56
CA PHE C 1782 -103.71 -3.69 51.24
C PHE C 1782 -104.58 -3.28 52.43
N VAL C 1783 -105.55 -4.10 52.80
CA VAL C 1783 -106.37 -3.84 53.98
C VAL C 1783 -105.97 -4.72 55.16
N ALA C 1784 -105.10 -5.69 54.97
CA ALA C 1784 -104.70 -6.60 56.04
C ALA C 1784 -103.89 -5.87 57.10
N ALA C 1785 -103.95 -6.39 58.32
CA ALA C 1785 -103.23 -5.80 59.44
C ALA C 1785 -101.73 -5.97 59.26
N LEU C 1786 -100.98 -4.92 59.61
CA LEU C 1786 -99.52 -5.00 59.55
C LEU C 1786 -98.99 -5.97 60.61
N PRO C 1787 -97.93 -6.71 60.29
CA PRO C 1787 -97.33 -7.66 61.23
C PRO C 1787 -96.35 -7.01 62.20
N ALA C 1794 -89.58 -9.76 57.70
CA ALA C 1794 -90.38 -10.30 56.62
C ALA C 1794 -89.90 -11.70 56.24
N PRO C 1795 -90.72 -12.72 56.48
CA PRO C 1795 -90.33 -14.11 56.18
C PRO C 1795 -90.56 -14.48 54.72
N ALA C 1796 -89.73 -13.91 53.85
CA ALA C 1796 -89.69 -14.26 52.42
C ALA C 1796 -91.04 -14.04 51.76
N ARG C 1797 -91.41 -12.76 51.68
CA ARG C 1797 -92.67 -12.38 51.03
C ARG C 1797 -92.73 -12.94 49.62
N LEU C 1798 -93.89 -13.49 49.27
CA LEU C 1798 -94.09 -14.16 47.99
C LEU C 1798 -94.59 -13.17 46.93
N SER C 1799 -94.50 -13.60 45.68
CA SER C 1799 -94.95 -12.76 44.57
C SER C 1799 -96.47 -12.62 44.59
N PRO C 1800 -96.99 -11.50 44.10
CA PRO C 1800 -98.45 -11.34 44.04
C PRO C 1800 -99.08 -12.37 43.12
N ALA C 1801 -100.30 -12.76 43.46
CA ALA C 1801 -101.00 -13.83 42.74
C ALA C 1801 -101.92 -13.26 41.68
N ILE C 1802 -101.91 -13.90 40.51
CA ILE C 1802 -102.80 -13.57 39.41
C ILE C 1802 -103.41 -14.88 38.92
N PRO C 1803 -104.64 -14.88 38.40
CA PRO C 1803 -105.18 -16.14 37.85
C PRO C 1803 -104.40 -16.62 36.64
N LEU C 1804 -103.68 -17.73 36.81
CA LEU C 1804 -102.79 -18.21 35.76
C LEU C 1804 -103.55 -18.90 34.64
N GLU C 1805 -104.67 -19.57 34.95
CA GLU C 1805 -105.44 -20.25 33.92
C GLU C 1805 -106.07 -19.24 32.95
N ALA C 1806 -106.72 -18.21 33.47
CA ALA C 1806 -107.30 -17.19 32.62
C ALA C 1806 -106.23 -16.46 31.83
N LEU C 1807 -105.10 -16.16 32.46
CA LEU C 1807 -104.00 -15.50 31.75
C LEU C 1807 -103.47 -16.36 30.61
N ARG C 1808 -103.32 -17.66 30.86
CA ARG C 1808 -102.84 -18.57 29.81
C ARG C 1808 -103.83 -18.66 28.66
N ASP C 1809 -105.12 -18.79 28.97
CA ASP C 1809 -106.13 -18.85 27.91
C ASP C 1809 -106.14 -17.55 27.10
N LYS C 1810 -106.06 -16.41 27.78
CA LYS C 1810 -106.03 -15.12 27.09
C LYS C 1810 -104.80 -15.02 26.19
N ALA C 1811 -103.63 -15.43 26.70
CA ALA C 1811 -102.41 -15.35 25.89
C ALA C 1811 -102.50 -16.23 24.67
N LEU C 1812 -103.05 -17.44 24.82
CA LEU C 1812 -103.23 -18.32 23.67
C LEU C 1812 -104.17 -17.69 22.65
N ARG C 1813 -105.28 -17.11 23.12
CA ARG C 1813 -106.23 -16.49 22.20
C ARG C 1813 -105.61 -15.32 21.45
N MET C 1814 -104.87 -14.46 22.16
CA MET C 1814 -104.21 -13.34 21.50
C MET C 1814 -103.15 -13.80 20.51
N LEU C 1815 -102.37 -14.84 20.86
CA LEU C 1815 -101.36 -15.30 19.92
C LEU C 1815 -102.01 -15.87 18.67
N GLY C 1816 -103.10 -16.62 18.82
CA GLY C 1816 -103.81 -17.12 17.65
C GLY C 1816 -104.38 -15.99 16.80
N GLU C 1817 -104.97 -14.98 17.45
CA GLU C 1817 -105.51 -13.85 16.70
C GLU C 1817 -104.42 -13.10 15.95
N ALA C 1818 -103.27 -12.88 16.59
CA ALA C 1818 -102.17 -12.21 15.93
C ALA C 1818 -101.64 -13.02 14.76
N VAL C 1819 -101.54 -14.34 14.92
CA VAL C 1819 -101.09 -15.20 13.82
C VAL C 1819 -102.06 -15.12 12.65
N ARG C 1820 -103.36 -15.16 12.94
CA ARG C 1820 -104.35 -15.06 11.88
C ARG C 1820 -104.31 -13.71 11.18
N ASP C 1821 -104.14 -12.63 11.95
CA ASP C 1821 -104.16 -11.29 11.37
C ASP C 1821 -102.87 -10.95 10.63
N GLY C 1822 -101.76 -11.62 10.96
CA GLY C 1822 -100.52 -11.32 10.28
C GLY C 1822 -100.41 -11.85 8.87
N GLY C 1823 -101.31 -12.74 8.46
CA GLY C 1823 -101.28 -13.28 7.12
C GLY C 1823 -101.98 -12.40 6.11
N GLN C 1824 -102.85 -11.50 6.59
CA GLN C 1824 -103.59 -10.62 5.71
C GLN C 1824 -102.81 -9.37 5.32
N HIS C 1825 -101.63 -9.15 5.91
CA HIS C 1825 -100.79 -8.00 5.60
C HIS C 1825 -101.54 -6.68 5.82
N ALA C 1826 -102.12 -6.54 7.01
CA ALA C 1826 -102.83 -5.32 7.36
C ALA C 1826 -101.86 -4.14 7.46
N ARG C 1827 -102.35 -2.97 7.07
CA ARG C 1827 -101.54 -1.76 7.09
C ARG C 1827 -101.54 -1.06 8.44
N ASP C 1828 -102.31 -1.55 9.41
CA ASP C 1828 -102.35 -0.99 10.76
C ASP C 1828 -102.14 -2.11 11.76
N PRO C 1829 -100.90 -2.60 11.91
CA PRO C 1829 -100.64 -3.67 12.88
C PRO C 1829 -100.83 -3.18 14.31
N VAL C 1830 -101.12 -4.13 15.20
CA VAL C 1830 -101.29 -3.80 16.60
C VAL C 1830 -99.98 -3.27 17.16
N GLY C 1831 -100.03 -2.09 17.78
CA GLY C 1831 -98.84 -1.43 18.26
C GLY C 1831 -98.08 -0.63 17.24
N GLY C 1832 -98.53 -0.62 15.99
CA GLY C 1832 -97.89 0.14 14.93
C GLY C 1832 -96.81 -0.59 14.16
N SER C 1833 -96.44 -1.80 14.58
CA SER C 1833 -95.42 -2.57 13.90
C SER C 1833 -95.64 -4.05 14.15
N VAL C 1834 -95.01 -4.87 13.32
CA VAL C 1834 -95.08 -6.32 13.51
C VAL C 1834 -94.36 -6.72 14.78
N GLU C 1835 -93.22 -6.08 15.06
CA GLU C 1835 -92.47 -6.38 16.28
C GLU C 1835 -93.30 -6.04 17.52
N PHE C 1836 -93.90 -4.85 17.55
CA PHE C 1836 -94.72 -4.45 18.69
C PHE C 1836 -96.00 -5.28 18.80
N GLN C 1837 -96.35 -6.04 17.76
CA GLN C 1837 -97.49 -6.94 17.80
C GLN C 1837 -97.13 -8.35 18.26
N PHE C 1838 -95.94 -8.83 17.93
CA PHE C 1838 -95.55 -10.21 18.19
C PHE C 1838 -94.64 -10.38 19.40
N VAL C 1839 -93.65 -9.52 19.58
CA VAL C 1839 -92.69 -9.70 20.67
C VAL C 1839 -93.33 -9.67 22.05
N PRO C 1840 -94.17 -8.68 22.39
CA PRO C 1840 -94.73 -8.66 23.76
C PRO C 1840 -95.56 -9.88 24.10
N VAL C 1841 -96.29 -10.45 23.14
CA VAL C 1841 -97.07 -11.65 23.43
C VAL C 1841 -96.22 -12.92 23.37
N LEU C 1842 -95.22 -12.96 22.48
CA LEU C 1842 -94.33 -14.11 22.45
C LEU C 1842 -93.51 -14.24 23.73
N LYS C 1843 -93.09 -13.11 24.30
CA LYS C 1843 -92.37 -13.16 25.57
C LYS C 1843 -93.25 -13.75 26.67
N LEU C 1844 -94.51 -13.33 26.75
CA LEU C 1844 -95.42 -13.88 27.75
C LEU C 1844 -95.67 -15.35 27.52
N VAL C 1845 -95.84 -15.76 26.26
CA VAL C 1845 -96.07 -17.18 25.96
C VAL C 1845 -94.86 -18.01 26.36
N SER C 1846 -93.65 -17.54 26.04
CA SER C 1846 -92.45 -18.28 26.42
C SER C 1846 -92.29 -18.34 27.94
N THR C 1847 -92.58 -17.23 28.63
CA THR C 1847 -92.47 -17.22 30.09
C THR C 1847 -93.44 -18.21 30.71
N LEU C 1848 -94.68 -18.25 30.23
CA LEU C 1848 -95.64 -19.21 30.77
C LEU C 1848 -95.30 -20.63 30.38
N LEU C 1849 -94.64 -20.83 29.24
CA LEU C 1849 -94.20 -22.17 28.86
C LEU C 1849 -93.09 -22.67 29.79
N VAL C 1850 -92.12 -21.80 30.10
CA VAL C 1850 -91.08 -22.18 31.05
C VAL C 1850 -91.69 -22.39 32.43
N MET C 1851 -92.71 -21.61 32.78
CA MET C 1851 -93.41 -21.78 34.06
C MET C 1851 -94.11 -23.13 34.16
N GLY C 1852 -94.29 -23.83 33.04
CA GLY C 1852 -95.03 -25.08 33.05
C GLY C 1852 -96.50 -24.91 33.34
N ILE C 1853 -97.12 -23.86 32.80
CA ILE C 1853 -98.55 -23.62 33.00
C ILE C 1853 -99.37 -24.26 31.90
N PHE C 1854 -98.89 -24.23 30.66
CA PHE C 1854 -99.64 -24.79 29.54
C PHE C 1854 -99.81 -26.29 29.70
N GLY C 1855 -101.01 -26.77 29.38
CA GLY C 1855 -101.31 -28.19 29.40
C GLY C 1855 -100.92 -28.88 28.10
N ASP C 1856 -101.29 -30.16 28.01
CA ASP C 1856 -100.98 -30.92 26.81
C ASP C 1856 -101.70 -30.37 25.59
N GLU C 1857 -103.00 -30.11 25.72
CA GLU C 1857 -103.76 -29.55 24.59
C GLU C 1857 -103.24 -28.16 24.22
N ASP C 1858 -102.90 -27.35 25.21
CA ASP C 1858 -102.35 -26.03 24.92
C ASP C 1858 -101.00 -26.13 24.23
N VAL C 1859 -100.16 -27.09 24.64
CA VAL C 1859 -98.87 -27.30 23.98
C VAL C 1859 -99.10 -27.71 22.54
N LYS C 1860 -100.06 -28.60 22.29
CA LYS C 1860 -100.37 -29.00 20.92
C LYS C 1860 -100.86 -27.81 20.10
N GLN C 1861 -101.68 -26.95 20.70
CA GLN C 1861 -102.16 -25.76 20.01
C GLN C 1861 -101.01 -24.83 19.65
N ILE C 1862 -100.07 -24.63 20.58
CA ILE C 1862 -98.91 -23.79 20.31
C ILE C 1862 -98.07 -24.38 19.18
N LEU C 1863 -97.87 -25.70 19.21
CA LEU C 1863 -97.10 -26.36 18.15
C LEU C 1863 -97.78 -26.21 16.80
N LYS C 1864 -99.10 -26.36 16.76
CA LYS C 1864 -99.84 -26.17 15.51
C LYS C 1864 -99.72 -24.74 15.01
N MET C 1865 -99.80 -23.78 15.92
CA MET C 1865 -99.68 -22.37 15.52
C MET C 1865 -98.29 -22.06 14.99
N ILE C 1866 -97.25 -22.63 15.60
CA ILE C 1866 -95.89 -22.39 15.15
C ILE C 1866 -95.67 -22.98 13.75
N GLU C 1867 -96.07 -24.23 13.56
CA GLU C 1867 -95.90 -24.91 12.28
C GLU C 1867 -96.96 -26.00 12.17
N PRO C 1868 -98.06 -25.73 11.47
CA PRO C 1868 -99.13 -26.74 11.38
C PRO C 1868 -98.83 -27.88 10.41
N GLU C 1869 -97.87 -27.70 9.50
CA GLU C 1869 -97.57 -28.76 8.54
C GLU C 1869 -96.92 -29.97 9.22
N VAL C 1870 -96.05 -29.72 10.18
CA VAL C 1870 -95.27 -30.77 10.82
C VAL C 1870 -95.90 -31.21 12.14
N PHE C 1871 -96.39 -30.26 12.94
CA PHE C 1871 -96.87 -30.53 14.29
C PHE C 1871 -98.35 -30.88 14.33
N THR C 1872 -98.92 -31.40 13.24
CA THR C 1872 -100.31 -31.81 13.21
C THR C 1872 -100.42 -33.32 13.42
N GLU C 1873 -101.53 -33.73 14.03
CA GLU C 1873 -101.79 -35.14 14.27
C GLU C 1873 -102.39 -35.79 13.03
N GLU C 1874 -101.87 -36.96 12.67
CA GLU C 1874 -102.36 -37.68 11.50
C GLU C 1874 -103.59 -38.52 11.85
N ASP C 1921 -101.19 -22.22 2.31
CA ASP C 1921 -102.39 -21.51 1.89
C ASP C 1921 -103.56 -21.80 2.83
N LEU C 1922 -103.29 -22.57 3.88
CA LEU C 1922 -104.30 -22.96 4.86
C LEU C 1922 -103.70 -22.77 6.26
N GLU C 1923 -103.88 -21.56 6.81
CA GLU C 1923 -103.44 -21.23 8.16
C GLU C 1923 -101.92 -21.44 8.32
N GLU C 1924 -101.18 -20.64 7.57
CA GLU C 1924 -99.73 -20.70 7.60
C GLU C 1924 -99.20 -20.39 9.00
N GLY C 1925 -98.14 -21.07 9.39
CA GLY C 1925 -97.58 -20.92 10.72
C GLY C 1925 -96.69 -19.70 10.84
N LEU C 1926 -96.16 -19.52 12.06
CA LEU C 1926 -95.29 -18.37 12.33
C LEU C 1926 -94.00 -18.45 11.54
N LEU C 1927 -93.41 -19.64 11.42
CA LEU C 1927 -92.11 -19.79 10.78
C LEU C 1927 -92.17 -19.50 9.28
N GLN C 1928 -93.34 -19.52 8.67
CA GLN C 1928 -93.49 -19.28 7.24
C GLN C 1928 -93.73 -17.82 6.91
N MET C 1929 -93.86 -16.95 7.91
CA MET C 1929 -94.07 -15.53 7.66
C MET C 1929 -92.74 -14.79 7.59
N LYS C 1930 -92.81 -13.51 7.22
CA LYS C 1930 -91.64 -12.64 7.14
C LYS C 1930 -91.59 -11.83 8.43
N LEU C 1931 -90.72 -12.25 9.35
CA LEU C 1931 -90.62 -11.63 10.66
C LEU C 1931 -89.29 -10.89 10.81
N PRO C 1932 -89.25 -9.83 11.59
CA PRO C 1932 -87.99 -9.14 11.89
C PRO C 1932 -87.16 -9.95 12.88
N GLU C 1933 -85.96 -9.44 13.16
CA GLU C 1933 -85.02 -10.16 14.02
C GLU C 1933 -85.52 -10.24 15.46
N SER C 1934 -86.23 -9.21 15.93
CA SER C 1934 -86.73 -9.22 17.30
C SER C 1934 -87.72 -10.36 17.52
N VAL C 1935 -88.59 -10.62 16.54
CA VAL C 1935 -89.51 -11.75 16.66
C VAL C 1935 -88.77 -13.07 16.48
N LYS C 1936 -87.73 -13.09 15.64
CA LYS C 1936 -86.97 -14.32 15.43
C LYS C 1936 -86.22 -14.75 16.69
N LEU C 1937 -85.78 -13.79 17.50
CA LEU C 1937 -85.15 -14.14 18.77
C LEU C 1937 -86.12 -14.85 19.70
N GLN C 1938 -87.36 -14.33 19.79
CA GLN C 1938 -88.37 -14.99 20.61
C GLN C 1938 -88.73 -16.36 20.05
N MET C 1939 -88.77 -16.50 18.73
CA MET C 1939 -89.01 -17.81 18.13
C MET C 1939 -87.89 -18.78 18.48
N CYS C 1940 -86.64 -18.30 18.49
CA CYS C 1940 -85.52 -19.14 18.88
C CYS C 1940 -85.65 -19.60 20.33
N ASN C 1941 -86.06 -18.68 21.22
CA ASN C 1941 -86.28 -19.08 22.62
C ASN C 1941 -87.39 -20.12 22.73
N LEU C 1942 -88.48 -19.92 21.97
CA LEU C 1942 -89.60 -20.85 22.01
C LEU C 1942 -89.17 -22.24 21.56
N LEU C 1943 -88.37 -22.32 20.50
CA LEU C 1943 -87.87 -23.61 20.03
C LEU C 1943 -86.84 -24.21 20.98
N GLU C 1944 -86.03 -23.38 21.64
CA GLU C 1944 -85.09 -23.86 22.64
C GLU C 1944 -85.81 -24.54 23.78
N TYR C 1945 -86.97 -24.01 24.18
CA TYR C 1945 -87.75 -24.66 25.23
C TYR C 1945 -88.14 -26.08 24.81
N PHE C 1946 -88.62 -26.25 23.58
CA PHE C 1946 -89.03 -27.57 23.13
C PHE C 1946 -87.84 -28.52 23.02
N CYS C 1947 -86.69 -28.01 22.58
CA CYS C 1947 -85.49 -28.84 22.52
C CYS C 1947 -85.09 -29.31 23.92
N ASP C 1948 -85.15 -28.42 24.91
CA ASP C 1948 -84.85 -28.80 26.28
C ASP C 1948 -85.84 -29.84 26.79
N GLN C 1949 -87.13 -29.68 26.44
CA GLN C 1949 -88.13 -30.67 26.83
C GLN C 1949 -87.82 -32.04 26.22
N GLU C 1950 -87.41 -32.06 24.96
CA GLU C 1950 -87.06 -33.33 24.32
C GLU C 1950 -85.86 -33.98 25.01
N LEU C 1951 -84.85 -33.19 25.35
CA LEU C 1951 -83.69 -33.75 26.04
C LEU C 1951 -84.07 -34.31 27.41
N GLN C 1952 -84.91 -33.57 28.16
CA GLN C 1952 -85.36 -34.06 29.46
C GLN C 1952 -86.16 -35.35 29.32
N HIS C 1953 -87.02 -35.43 28.30
CA HIS C 1953 -87.76 -36.65 28.05
C HIS C 1953 -86.83 -37.82 27.74
N ARG C 1954 -85.78 -37.57 26.95
CA ARG C 1954 -84.81 -38.62 26.66
C ARG C 1954 -84.14 -39.12 27.93
N VAL C 1955 -83.73 -38.20 28.81
CA VAL C 1955 -83.07 -38.60 30.05
C VAL C 1955 -84.02 -39.41 30.93
N GLU C 1956 -85.27 -38.95 31.06
CA GLU C 1956 -86.23 -39.66 31.90
C GLU C 1956 -86.52 -41.05 31.35
N SER C 1957 -86.64 -41.18 30.03
CA SER C 1957 -86.88 -42.48 29.41
C SER C 1957 -85.68 -43.41 29.61
N LEU C 1958 -84.46 -42.86 29.52
CA LEU C 1958 -83.28 -43.67 29.76
C LEU C 1958 -83.27 -44.21 31.18
N ALA C 1959 -83.63 -43.36 32.17
CA ALA C 1959 -83.71 -43.84 33.54
C ALA C 1959 -84.81 -44.89 33.72
N ALA C 1960 -85.95 -44.69 33.05
CA ALA C 1960 -87.04 -45.66 33.14
C ALA C 1960 -86.61 -47.02 32.61
N PHE C 1961 -85.90 -47.04 31.47
CA PHE C 1961 -85.34 -48.29 30.96
C PHE C 1961 -84.31 -48.87 31.92
N ALA C 1962 -83.50 -48.00 32.53
CA ALA C 1962 -82.47 -48.47 33.47
C ALA C 1962 -83.10 -49.22 34.63
N GLU C 1963 -84.25 -48.76 35.10
CA GLU C 1963 -84.92 -49.47 36.20
C GLU C 1963 -85.25 -50.92 35.81
N ARG C 1964 -85.91 -51.11 34.66
CA ARG C 1964 -86.27 -52.45 34.22
C ARG C 1964 -85.05 -53.31 33.96
N TYR C 1965 -84.02 -52.74 33.33
CA TYR C 1965 -82.81 -53.52 33.05
C TYR C 1965 -82.11 -53.93 34.33
N VAL C 1966 -82.08 -53.04 35.33
CA VAL C 1966 -81.48 -53.38 36.61
C VAL C 1966 -82.24 -54.51 37.28
N ASP C 1967 -83.58 -54.45 37.23
CA ASP C 1967 -84.37 -55.53 37.81
C ASP C 1967 -84.08 -56.87 37.12
N LYS C 1968 -84.07 -56.87 35.78
CA LYS C 1968 -83.81 -58.11 35.05
C LYS C 1968 -82.42 -58.65 35.32
N LEU C 1969 -81.42 -57.76 35.36
CA LEU C 1969 -80.05 -58.20 35.61
C LEU C 1969 -79.91 -58.75 37.03
N GLN C 1970 -80.58 -58.13 38.00
CA GLN C 1970 -80.55 -58.64 39.36
C GLN C 1970 -81.16 -60.03 39.43
N ALA C 1971 -82.30 -60.24 38.77
CA ALA C 1971 -82.92 -61.55 38.77
C ALA C 1971 -82.01 -62.59 38.11
N ASN C 1972 -81.41 -62.24 36.98
CA ASN C 1972 -80.54 -63.18 36.28
C ASN C 1972 -79.31 -63.54 37.11
N GLN C 1973 -78.70 -62.54 37.76
CA GLN C 1973 -77.52 -62.81 38.58
C GLN C 1973 -77.88 -63.62 39.82
N ARG C 1974 -79.06 -63.38 40.40
CA ARG C 1974 -79.51 -64.20 41.52
C ARG C 1974 -79.69 -65.65 41.09
N SER C 1975 -80.29 -65.86 39.92
CA SER C 1975 -80.44 -67.22 39.41
C SER C 1975 -79.08 -67.88 39.15
N ARG C 1976 -78.14 -67.11 38.58
CA ARG C 1976 -76.81 -67.65 38.32
C ARG C 1976 -76.10 -68.04 39.61
N TYR C 1977 -76.19 -67.21 40.65
CA TYR C 1977 -75.57 -67.55 41.92
C TYR C 1977 -76.26 -68.74 42.58
N ALA C 1978 -77.58 -68.86 42.43
CA ALA C 1978 -78.27 -70.03 42.94
C ALA C 1978 -77.78 -71.30 42.25
N LEU C 1979 -77.60 -71.23 40.92
CA LEU C 1979 -77.05 -72.35 40.19
C LEU C 1979 -75.64 -72.69 40.65
N LEU C 1980 -74.82 -71.66 40.87
CA LEU C 1980 -73.45 -71.89 41.33
C LEU C 1980 -73.42 -72.53 42.71
N MET C 1981 -74.33 -72.12 43.59
CA MET C 1981 -74.35 -72.66 44.95
C MET C 1981 -74.90 -74.08 44.99
N ARG C 1982 -76.14 -74.27 44.52
CA ARG C 1982 -76.76 -75.59 44.59
C ARG C 1982 -76.05 -76.58 43.67
N ALA C 1983 -75.85 -76.22 42.41
CA ALA C 1983 -75.20 -77.08 41.44
C ALA C 1983 -73.71 -76.77 41.39
N PHE C 1984 -73.01 -77.29 40.38
CA PHE C 1984 -71.59 -77.02 40.13
C PHE C 1984 -70.73 -77.49 41.30
N THR C 1985 -70.87 -78.78 41.61
CA THR C 1985 -70.08 -79.43 42.66
C THR C 1985 -69.08 -80.43 42.11
N MET C 1986 -68.90 -80.48 40.78
CA MET C 1986 -68.03 -81.46 40.16
C MET C 1986 -66.76 -80.86 39.55
N SER C 1987 -66.68 -79.55 39.40
CA SER C 1987 -65.52 -78.91 38.81
C SER C 1987 -64.51 -78.55 39.91
N ALA C 1988 -63.48 -77.80 39.54
CA ALA C 1988 -62.44 -77.39 40.49
C ALA C 1988 -62.79 -76.08 41.18
N ALA C 1989 -63.98 -76.04 41.79
CA ALA C 1989 -64.53 -74.93 42.56
C ALA C 1989 -64.86 -73.71 41.71
N GLU C 1990 -64.55 -73.73 40.42
CA GLU C 1990 -64.88 -72.63 39.50
C GLU C 1990 -64.37 -71.29 40.03
N THR C 1991 -63.12 -71.29 40.52
CA THR C 1991 -62.56 -70.08 41.11
C THR C 1991 -62.40 -68.98 40.06
N ALA C 1992 -62.13 -69.35 38.80
CA ALA C 1992 -62.00 -68.34 37.75
C ALA C 1992 -63.34 -67.71 37.41
N ARG C 1993 -64.42 -68.49 37.45
CA ARG C 1993 -65.76 -67.99 37.16
C ARG C 1993 -66.44 -67.38 38.37
N ARG C 1994 -65.80 -67.41 39.54
CA ARG C 1994 -66.37 -66.86 40.77
C ARG C 1994 -65.63 -65.65 41.29
N THR C 1995 -64.31 -65.76 41.48
CA THR C 1995 -63.54 -64.65 42.03
C THR C 1995 -63.39 -63.50 41.04
N ARG C 1996 -63.53 -63.76 39.75
CA ARG C 1996 -63.40 -62.71 38.75
C ARG C 1996 -64.70 -61.96 38.49
N GLU C 1997 -65.83 -62.45 39.01
CA GLU C 1997 -67.13 -61.81 38.79
C GLU C 1997 -67.79 -61.37 40.08
N PHE C 1998 -67.85 -62.24 41.09
CA PHE C 1998 -68.60 -61.96 42.31
C PHE C 1998 -67.72 -61.41 43.43
N ARG C 1999 -66.43 -61.20 43.18
CA ARG C 1999 -65.55 -60.62 44.19
C ARG C 1999 -65.20 -59.16 43.92
N SER C 2000 -65.40 -58.68 42.69
CA SER C 2000 -65.13 -57.31 42.35
C SER C 2000 -66.18 -56.39 42.97
N PRO C 2001 -65.86 -55.11 43.14
CA PRO C 2001 -66.86 -54.15 43.64
C PRO C 2001 -68.02 -54.02 42.67
N PRO C 2002 -69.20 -53.62 43.14
CA PRO C 2002 -70.36 -53.52 42.24
C PRO C 2002 -70.14 -52.59 41.07
N GLN C 2003 -69.35 -51.53 41.24
CA GLN C 2003 -68.96 -50.70 40.10
C GLN C 2003 -68.14 -51.50 39.09
N GLU C 2004 -67.23 -52.34 39.58
CA GLU C 2004 -66.46 -53.23 38.72
C GLU C 2004 -67.26 -54.45 38.30
N GLN C 2005 -68.41 -54.71 38.90
CA GLN C 2005 -69.29 -55.79 38.49
C GLN C 2005 -70.28 -55.37 37.42
N ILE C 2006 -70.36 -54.09 37.11
CA ILE C 2006 -71.31 -53.59 36.11
C ILE C 2006 -70.63 -53.05 34.85
N ASN C 2007 -69.38 -52.59 34.93
CA ASN C 2007 -68.72 -52.06 33.74
C ASN C 2007 -68.43 -53.17 32.74
N MET C 2008 -67.83 -54.28 33.19
CA MET C 2008 -67.53 -55.38 32.29
C MET C 2008 -68.77 -56.16 31.87
N LEU C 2009 -69.82 -56.15 32.68
CA LEU C 2009 -71.07 -56.81 32.32
C LEU C 2009 -71.74 -56.15 31.12
N LEU C 2010 -71.33 -54.93 30.76
CA LEU C 2010 -71.89 -54.20 29.65
C LEU C 2010 -71.04 -54.29 28.39
N HIS C 2011 -70.09 -55.23 28.33
CA HIS C 2011 -69.25 -55.44 27.15
C HIS C 2011 -69.84 -56.45 26.19
N PHE C 2012 -71.17 -56.61 26.16
CA PHE C 2012 -71.79 -57.61 25.29
C PHE C 2012 -71.55 -57.28 23.83
N LYS C 2013 -72.07 -56.15 23.36
CA LYS C 2013 -71.99 -55.75 21.96
C LYS C 2013 -70.92 -54.69 21.77
N ASP C 2014 -70.91 -54.09 20.58
CA ASP C 2014 -69.97 -53.07 20.07
C ASP C 2014 -68.65 -53.69 19.62
N GLU C 2015 -68.44 -54.98 19.82
CA GLU C 2015 -67.25 -55.64 19.28
C GLU C 2015 -67.64 -56.93 18.56
N ALA C 2016 -68.74 -57.54 19.00
CA ALA C 2016 -69.30 -58.76 18.44
C ALA C 2016 -68.35 -59.95 18.54
N ASP C 2017 -67.21 -59.80 19.20
CA ASP C 2017 -66.27 -60.89 19.36
C ASP C 2017 -65.66 -60.98 20.75
N GLU C 2018 -65.97 -60.04 21.66
CA GLU C 2018 -65.43 -60.04 23.02
C GLU C 2018 -66.59 -59.87 23.98
N GLU C 2019 -67.23 -60.98 24.36
CA GLU C 2019 -68.29 -60.93 25.34
C GLU C 2019 -67.74 -60.91 26.76
N ASP C 2020 -67.06 -62.01 27.15
CA ASP C 2020 -66.40 -62.12 28.45
C ASP C 2020 -67.34 -61.82 29.61
N CYS C 2021 -68.63 -62.05 29.40
CA CYS C 2021 -69.64 -61.78 30.42
C CYS C 2021 -70.67 -62.90 30.43
N PRO C 2022 -71.25 -63.20 31.60
CA PRO C 2022 -72.31 -64.22 31.71
C PRO C 2022 -73.69 -63.67 31.38
N LEU C 2023 -73.80 -62.95 30.26
CA LEU C 2023 -75.05 -62.32 29.86
C LEU C 2023 -75.76 -63.19 28.84
N PRO C 2024 -76.98 -63.62 29.09
CA PRO C 2024 -77.72 -64.39 28.09
C PRO C 2024 -77.99 -63.55 26.85
N GLU C 2025 -78.14 -64.25 25.71
CA GLU C 2025 -78.24 -63.55 24.42
C GLU C 2025 -79.48 -62.69 24.33
N ASP C 2026 -80.60 -63.15 24.90
CA ASP C 2026 -81.85 -62.39 24.80
C ASP C 2026 -81.75 -61.05 25.53
N ILE C 2027 -81.08 -61.03 26.69
CA ILE C 2027 -80.91 -59.77 27.43
C ILE C 2027 -80.06 -58.80 26.62
N ARG C 2028 -78.99 -59.30 26.00
CA ARG C 2028 -78.17 -58.46 25.14
C ARG C 2028 -78.97 -57.93 23.96
N GLN C 2029 -79.84 -58.77 23.38
CA GLN C 2029 -80.68 -58.34 22.28
C GLN C 2029 -81.64 -57.23 22.72
N ASP C 2030 -82.22 -57.37 23.91
CA ASP C 2030 -83.11 -56.34 24.42
C ASP C 2030 -82.39 -55.02 24.63
N LEU C 2031 -81.20 -55.08 25.24
CA LEU C 2031 -80.44 -53.85 25.47
C LEU C 2031 -79.99 -53.22 24.15
N GLN C 2032 -79.62 -54.05 23.18
CA GLN C 2032 -79.25 -53.53 21.86
C GLN C 2032 -80.45 -52.89 21.16
N ASP C 2033 -81.64 -53.48 21.33
CA ASP C 2033 -82.84 -52.86 20.78
C ASP C 2033 -83.10 -51.50 21.41
N PHE C 2034 -82.94 -51.39 22.73
CA PHE C 2034 -83.09 -50.08 23.37
C PHE C 2034 -82.04 -49.09 22.86
N HIS C 2035 -80.80 -49.56 22.70
CA HIS C 2035 -79.74 -48.68 22.20
C HIS C 2035 -80.05 -48.19 20.78
N GLN C 2036 -80.56 -49.09 19.93
CA GLN C 2036 -80.94 -48.69 18.59
C GLN C 2036 -82.09 -47.69 18.61
N ASP C 2037 -83.06 -47.90 19.51
CA ASP C 2037 -84.16 -46.94 19.64
C ASP C 2037 -83.65 -45.58 20.09
N LEU C 2038 -82.73 -45.56 21.05
CA LEU C 2038 -82.16 -44.30 21.51
C LEU C 2038 -81.39 -43.59 20.40
N LEU C 2039 -80.62 -44.34 19.62
CA LEU C 2039 -79.90 -43.75 18.50
C LEU C 2039 -80.87 -43.20 17.46
N ALA C 2040 -81.97 -43.90 17.21
CA ALA C 2040 -82.98 -43.40 16.29
C ALA C 2040 -83.61 -42.11 16.80
N HIS C 2041 -83.84 -42.03 18.12
CA HIS C 2041 -84.45 -40.83 18.69
C HIS C 2041 -83.52 -39.63 18.55
N CYS C 2042 -82.21 -39.83 18.66
CA CYS C 2042 -81.24 -38.74 18.62
C CYS C 2042 -80.97 -38.24 17.21
N GLY C 2043 -81.70 -38.72 16.20
CA GLY C 2043 -81.53 -38.25 14.84
C GLY C 2043 -80.33 -38.79 14.12
N ILE C 2044 -79.69 -39.84 14.63
CA ILE C 2044 -78.52 -40.44 14.00
C ILE C 2044 -78.91 -41.81 13.46
N GLN C 2045 -80.18 -41.96 13.10
CA GLN C 2045 -80.71 -43.23 12.64
C GLN C 2045 -80.26 -43.51 11.21
N LEU C 2046 -80.83 -44.55 10.60
CA LEU C 2046 -80.48 -44.99 9.24
C LEU C 2046 -79.02 -45.38 9.17
N GLU C 2047 -78.65 -46.32 10.05
CA GLU C 2047 -77.28 -46.85 10.13
C GLU C 2047 -76.25 -45.75 10.32
N GLU C 2088 -86.23 -32.22 -1.40
CA GLU C 2088 -87.28 -31.21 -1.42
C GLU C 2088 -88.43 -31.60 -0.50
N LYS C 2089 -88.30 -32.76 0.14
CA LYS C 2089 -89.33 -33.22 1.06
C LYS C 2089 -89.38 -32.34 2.30
N LYS C 2090 -90.60 -32.08 2.77
CA LYS C 2090 -90.78 -31.26 3.95
C LYS C 2090 -90.27 -32.00 5.19
N PRO C 2091 -89.69 -31.27 6.16
CA PRO C 2091 -89.21 -31.93 7.38
C PRO C 2091 -90.37 -32.52 8.18
N GLN C 2092 -90.07 -33.62 8.87
CA GLN C 2092 -91.06 -34.31 9.68
C GLN C 2092 -90.69 -34.41 11.15
N SER C 2093 -89.52 -33.88 11.54
CA SER C 2093 -89.08 -33.93 12.92
C SER C 2093 -88.62 -32.54 13.35
N LEU C 2094 -88.51 -32.36 14.67
CA LEU C 2094 -88.11 -31.06 15.21
C LEU C 2094 -86.71 -30.67 14.76
N GLN C 2095 -85.77 -31.62 14.79
CA GLN C 2095 -84.38 -31.31 14.45
C GLN C 2095 -84.25 -30.83 13.02
N GLU C 2096 -84.88 -31.54 12.07
CA GLU C 2096 -84.80 -31.15 10.67
C GLU C 2096 -85.45 -29.78 10.45
N LEU C 2097 -86.61 -29.56 11.06
CA LEU C 2097 -87.29 -28.27 10.90
C LEU C 2097 -86.44 -27.12 11.43
N VAL C 2098 -85.86 -27.29 12.62
CA VAL C 2098 -85.06 -26.22 13.21
C VAL C 2098 -83.81 -25.97 12.38
N SER C 2099 -83.14 -27.03 11.92
CA SER C 2099 -81.94 -26.85 11.11
C SER C 2099 -82.27 -26.14 9.80
N HIS C 2100 -83.32 -26.57 9.11
CA HIS C 2100 -83.70 -25.94 7.86
C HIS C 2100 -84.09 -24.48 8.07
N MET C 2101 -84.84 -24.19 9.14
CA MET C 2101 -85.26 -22.82 9.42
C MET C 2101 -84.07 -21.93 9.73
N VAL C 2102 -83.10 -22.43 10.51
CA VAL C 2102 -81.92 -21.63 10.83
C VAL C 2102 -81.10 -21.36 9.57
N VAL C 2103 -80.89 -22.38 8.75
CA VAL C 2103 -80.14 -22.19 7.51
C VAL C 2103 -80.85 -21.21 6.59
N ARG C 2104 -82.17 -21.32 6.49
CA ARG C 2104 -82.93 -20.39 5.65
C ARG C 2104 -82.85 -18.96 6.18
N TRP C 2105 -82.95 -18.79 7.50
CA TRP C 2105 -82.85 -17.46 8.08
C TRP C 2105 -81.49 -16.84 7.81
N ALA C 2106 -80.41 -17.63 7.94
CA ALA C 2106 -79.08 -17.09 7.69
C ALA C 2106 -78.82 -16.86 6.21
N GLN C 2107 -79.46 -17.64 5.34
CA GLN C 2107 -79.25 -17.48 3.90
C GLN C 2107 -80.01 -16.28 3.36
N GLU C 2108 -81.23 -16.04 3.85
CA GLU C 2108 -82.07 -14.98 3.28
C GLU C 2108 -81.45 -13.60 3.49
N ASP C 2109 -81.09 -13.27 4.71
CA ASP C 2109 -80.60 -11.94 5.04
C ASP C 2109 -79.34 -12.06 5.89
N TYR C 2110 -78.52 -11.02 5.84
CA TYR C 2110 -77.33 -10.93 6.69
C TYR C 2110 -77.76 -10.44 8.06
N VAL C 2111 -77.81 -11.36 9.02
CA VAL C 2111 -78.26 -11.02 10.36
C VAL C 2111 -77.24 -10.11 11.03
N GLN C 2112 -77.71 -9.01 11.61
CA GLN C 2112 -76.85 -8.00 12.20
C GLN C 2112 -76.76 -8.09 13.72
N SER C 2113 -77.86 -8.44 14.39
CA SER C 2113 -77.87 -8.50 15.85
C SER C 2113 -77.07 -9.71 16.32
N PRO C 2114 -76.04 -9.53 17.15
CA PRO C 2114 -75.25 -10.69 17.60
C PRO C 2114 -76.03 -11.71 18.40
N GLU C 2115 -77.03 -11.27 19.18
CA GLU C 2115 -77.76 -12.20 20.03
C GLU C 2115 -78.54 -13.22 19.20
N LEU C 2116 -79.20 -12.76 18.13
CA LEU C 2116 -79.94 -13.68 17.26
C LEU C 2116 -78.99 -14.65 16.57
N VAL C 2117 -77.83 -14.16 16.12
CA VAL C 2117 -76.86 -15.04 15.47
C VAL C 2117 -76.40 -16.13 16.43
N ARG C 2118 -76.05 -15.74 17.67
CA ARG C 2118 -75.59 -16.71 18.65
C ARG C 2118 -76.68 -17.72 18.98
N ALA C 2119 -77.92 -17.26 19.18
CA ALA C 2119 -79.01 -18.18 19.48
C ALA C 2119 -79.26 -19.14 18.33
N MET C 2120 -79.27 -18.64 17.10
CA MET C 2120 -79.52 -19.48 15.94
C MET C 2120 -78.44 -20.55 15.80
N PHE C 2121 -77.18 -20.16 15.94
CA PHE C 2121 -76.10 -21.13 15.77
C PHE C 2121 -76.05 -22.13 16.93
N SER C 2122 -76.34 -21.69 18.15
CA SER C 2122 -76.42 -22.63 19.27
C SER C 2122 -77.53 -23.65 19.05
N LEU C 2123 -78.70 -23.19 18.61
CA LEU C 2123 -79.80 -24.10 18.34
C LEU C 2123 -79.45 -25.08 17.23
N LEU C 2124 -78.81 -24.59 16.17
CA LEU C 2124 -78.42 -25.47 15.07
C LEU C 2124 -77.40 -26.52 15.53
N HIS C 2125 -76.44 -26.10 16.36
CA HIS C 2125 -75.46 -27.05 16.87
C HIS C 2125 -76.11 -28.10 17.76
N ARG C 2126 -77.06 -27.68 18.60
CA ARG C 2126 -77.78 -28.66 19.43
C ARG C 2126 -78.57 -29.64 18.57
N GLN C 2127 -79.22 -29.15 17.52
CA GLN C 2127 -80.02 -30.02 16.67
C GLN C 2127 -79.16 -31.02 15.91
N TYR C 2128 -78.04 -30.55 15.36
CA TYR C 2128 -77.17 -31.44 14.58
C TYR C 2128 -76.54 -32.51 15.46
N ASP C 2129 -76.11 -32.14 16.66
CA ASP C 2129 -75.42 -33.06 17.56
C ASP C 2129 -76.29 -33.23 18.81
N GLY C 2130 -77.01 -34.34 18.88
CA GLY C 2130 -77.87 -34.64 20.01
C GLY C 2130 -77.24 -35.62 20.98
N LEU C 2131 -76.42 -36.53 20.46
CA LEU C 2131 -75.75 -37.50 21.33
C LEU C 2131 -74.77 -36.79 22.27
N GLY C 2132 -74.05 -35.79 21.78
CA GLY C 2132 -73.18 -35.02 22.66
C GLY C 2132 -73.95 -34.24 23.69
N GLU C 2133 -75.11 -33.71 23.32
CA GLU C 2133 -75.96 -33.02 24.28
C GLU C 2133 -76.44 -33.97 25.38
N LEU C 2134 -76.84 -35.18 25.00
CA LEU C 2134 -77.21 -36.17 26.00
C LEU C 2134 -76.03 -36.56 26.88
N LEU C 2135 -74.85 -36.69 26.30
CA LEU C 2135 -73.66 -37.01 27.08
C LEU C 2135 -73.37 -35.92 28.11
N ARG C 2136 -73.49 -34.66 27.70
CA ARG C 2136 -73.25 -33.55 28.63
C ARG C 2136 -74.34 -33.45 29.70
N ALA C 2137 -75.59 -33.77 29.35
CA ALA C 2137 -76.67 -33.68 30.32
C ALA C 2137 -76.72 -34.87 31.27
N LEU C 2138 -76.10 -35.99 30.91
CA LEU C 2138 -76.17 -37.18 31.76
C LEU C 2138 -75.57 -36.99 33.16
N PRO C 2139 -74.40 -36.36 33.34
CA PRO C 2139 -73.85 -36.28 34.72
C PRO C 2139 -74.74 -35.57 35.72
N ARG C 2140 -75.67 -34.73 35.27
CA ARG C 2140 -76.59 -34.05 36.16
C ARG C 2140 -77.88 -34.84 36.40
N ALA C 2141 -77.97 -36.06 35.88
CA ALA C 2141 -79.14 -36.90 36.05
C ALA C 2141 -78.95 -37.83 37.24
N TYR C 2142 -79.97 -37.94 38.08
CA TYR C 2142 -79.91 -38.77 39.27
C TYR C 2142 -81.24 -39.50 39.43
N THR C 2143 -81.18 -40.69 40.04
CA THR C 2143 -82.34 -41.52 40.28
C THR C 2143 -82.46 -41.79 41.77
N ILE C 2144 -83.65 -41.55 42.32
CA ILE C 2144 -83.92 -41.75 43.74
C ILE C 2144 -85.17 -42.60 43.91
N SER C 2145 -85.32 -43.15 45.10
CA SER C 2145 -86.50 -43.92 45.44
C SER C 2145 -87.69 -42.99 45.72
N PRO C 2146 -88.92 -43.46 45.51
CA PRO C 2146 -90.08 -42.60 45.77
C PRO C 2146 -90.30 -42.31 47.26
N SER C 2147 -89.55 -42.94 48.15
CA SER C 2147 -89.72 -42.71 49.58
C SER C 2147 -89.00 -41.48 50.09
N SER C 2148 -88.19 -40.83 49.26
CA SER C 2148 -87.43 -39.65 49.68
C SER C 2148 -87.84 -38.40 48.91
N VAL C 2149 -88.94 -38.45 48.16
CA VAL C 2149 -89.37 -37.31 47.36
C VAL C 2149 -89.73 -36.13 48.26
N GLU C 2150 -90.42 -36.40 49.37
CA GLU C 2150 -90.84 -35.32 50.26
C GLU C 2150 -89.65 -34.57 50.84
N ASP C 2151 -88.59 -35.31 51.21
CA ASP C 2151 -87.41 -34.67 51.78
C ASP C 2151 -86.59 -33.95 50.71
N THR C 2152 -86.42 -34.57 49.54
CA THR C 2152 -85.63 -33.91 48.50
C THR C 2152 -86.34 -32.70 47.94
N MET C 2153 -87.67 -32.64 48.02
CA MET C 2153 -88.38 -31.42 47.62
C MET C 2153 -88.03 -30.26 48.54
N SER C 2154 -87.99 -30.51 49.86
CA SER C 2154 -87.59 -29.46 50.80
C SER C 2154 -86.14 -29.06 50.58
N LEU C 2155 -85.26 -30.03 50.33
CA LEU C 2155 -83.87 -29.71 50.05
C LEU C 2155 -83.74 -28.85 48.79
N LEU C 2156 -84.50 -29.19 47.75
CA LEU C 2156 -84.50 -28.41 46.53
C LEU C 2156 -85.03 -27.00 46.76
N GLU C 2157 -86.08 -26.87 47.58
CA GLU C 2157 -86.62 -25.55 47.88
C GLU C 2157 -85.59 -24.70 48.61
N CYS C 2158 -84.87 -25.28 49.56
CA CYS C 2158 -83.82 -24.53 50.25
C CYS C 2158 -82.71 -24.13 49.30
N LEU C 2159 -82.30 -25.04 48.40
CA LEU C 2159 -81.26 -24.70 47.43
C LEU C 2159 -81.72 -23.58 46.50
N GLY C 2160 -82.98 -23.62 46.07
CA GLY C 2160 -83.52 -22.55 45.26
C GLY C 2160 -83.59 -21.23 45.99
N GLN C 2161 -83.90 -21.28 47.29
CA GLN C 2161 -83.84 -20.07 48.10
C GLN C 2161 -82.43 -19.49 48.13
N ILE C 2162 -81.42 -20.36 48.28
CA ILE C 2162 -80.04 -19.90 48.24
C ILE C 2162 -79.72 -19.25 46.90
N ARG C 2163 -80.11 -19.91 45.80
CA ARG C 2163 -79.83 -19.38 44.48
C ARG C 2163 -80.53 -18.04 44.25
N SER C 2164 -81.78 -17.92 44.71
CA SER C 2164 -82.50 -16.65 44.57
C SER C 2164 -81.84 -15.55 45.38
N LEU C 2165 -81.35 -15.88 46.59
CA LEU C 2165 -80.67 -14.90 47.41
C LEU C 2165 -79.29 -14.54 46.86
N LEU C 2166 -78.71 -15.38 46.01
CA LEU C 2166 -77.38 -15.11 45.48
C LEU C 2166 -77.31 -13.84 44.64
N ILE C 2167 -78.44 -13.32 44.17
CA ILE C 2167 -78.45 -12.16 43.29
C ILE C 2167 -78.96 -10.92 44.02
N VAL C 2168 -78.80 -10.86 45.33
CA VAL C 2168 -79.26 -9.75 46.14
C VAL C 2168 -78.08 -9.18 46.92
N GLN C 2169 -78.02 -7.85 47.02
CA GLN C 2169 -76.95 -7.21 47.78
C GLN C 2169 -76.97 -7.67 49.23
N MET C 2170 -75.78 -7.85 49.79
CA MET C 2170 -75.65 -8.46 51.10
C MET C 2170 -76.28 -7.58 52.17
N GLY C 2171 -77.04 -8.19 53.07
CA GLY C 2171 -77.71 -7.46 54.12
C GLY C 2171 -78.10 -8.35 55.30
N PRO C 2172 -78.56 -7.72 56.39
CA PRO C 2172 -78.89 -8.50 57.59
C PRO C 2172 -80.04 -9.48 57.39
N GLN C 2173 -81.16 -9.03 56.83
CA GLN C 2173 -82.29 -9.92 56.59
C GLN C 2173 -81.91 -11.03 55.61
N GLU C 2174 -81.21 -10.66 54.53
CA GLU C 2174 -80.74 -11.66 53.57
C GLU C 2174 -79.78 -12.65 54.21
N GLU C 2175 -78.87 -12.16 55.07
CA GLU C 2175 -77.95 -13.05 55.77
C GLU C 2175 -78.71 -14.03 56.66
N ASN C 2176 -79.70 -13.53 57.41
CA ASN C 2176 -80.47 -14.42 58.27
C ASN C 2176 -81.23 -15.47 57.46
N LEU C 2177 -81.87 -15.06 56.37
CA LEU C 2177 -82.59 -16.01 55.53
C LEU C 2177 -81.67 -17.07 54.96
N MET C 2178 -80.51 -16.66 54.46
CA MET C 2178 -79.60 -17.62 53.84
C MET C 2178 -78.99 -18.55 54.89
N ILE C 2179 -78.71 -18.03 56.09
CA ILE C 2179 -78.21 -18.88 57.17
C ILE C 2179 -79.25 -19.91 57.57
N GLN C 2180 -80.52 -19.49 57.69
CA GLN C 2180 -81.58 -20.44 58.02
C GLN C 2180 -81.72 -21.51 56.94
N SER C 2181 -81.64 -21.10 55.67
CA SER C 2181 -81.74 -22.08 54.59
C SER C 2181 -80.56 -23.05 54.61
N ILE C 2182 -79.35 -22.56 54.90
CA ILE C 2182 -78.19 -23.43 55.00
C ILE C 2182 -78.36 -24.42 56.14
N GLY C 2183 -78.87 -23.95 57.29
CA GLY C 2183 -79.11 -24.85 58.40
C GLY C 2183 -80.15 -25.91 58.07
N ASN C 2184 -81.22 -25.52 57.39
CA ASN C 2184 -82.24 -26.49 56.98
C ASN C 2184 -81.68 -27.49 55.98
N ILE C 2185 -80.80 -27.05 55.09
CA ILE C 2185 -80.09 -27.98 54.21
C ILE C 2185 -79.26 -28.96 55.03
N MET C 2186 -78.57 -28.45 56.06
CA MET C 2186 -77.76 -29.29 56.92
C MET C 2186 -78.59 -30.37 57.58
N ASN C 2187 -79.73 -29.99 58.17
CA ASN C 2187 -80.54 -30.94 58.93
C ASN C 2187 -81.26 -31.95 58.06
N ASN C 2188 -81.27 -31.78 56.75
CA ASN C 2188 -81.96 -32.72 55.87
C ASN C 2188 -81.24 -34.06 55.86
N LYS C 2189 -82.02 -35.14 55.92
CA LYS C 2189 -81.45 -36.48 55.91
C LYS C 2189 -80.91 -36.87 54.54
N VAL C 2190 -81.38 -36.20 53.48
CA VAL C 2190 -80.86 -36.47 52.14
C VAL C 2190 -79.42 -36.03 51.97
N PHE C 2191 -79.01 -34.98 52.70
CA PHE C 2191 -77.69 -34.38 52.48
C PHE C 2191 -76.57 -35.39 52.68
N TYR C 2192 -76.64 -36.20 53.72
CA TYR C 2192 -75.60 -37.18 54.01
C TYR C 2192 -75.89 -38.56 53.43
N GLN C 2193 -77.01 -38.73 52.73
CA GLN C 2193 -77.36 -40.03 52.16
C GLN C 2193 -77.00 -40.14 50.68
N HIS C 2194 -77.01 -39.03 49.94
CA HIS C 2194 -76.67 -39.03 48.51
C HIS C 2194 -75.65 -37.94 48.25
N PRO C 2195 -74.39 -38.15 48.67
CA PRO C 2195 -73.36 -37.14 48.38
C PRO C 2195 -73.12 -36.91 46.90
N ASN C 2196 -73.31 -37.95 46.07
CA ASN C 2196 -73.15 -37.78 44.63
C ASN C 2196 -74.20 -36.81 44.08
N LEU C 2197 -75.43 -36.89 44.58
CA LEU C 2197 -76.45 -35.94 44.17
C LEU C 2197 -76.10 -34.52 44.60
N MET C 2198 -75.56 -34.37 45.81
CA MET C 2198 -75.15 -33.05 46.28
C MET C 2198 -74.04 -32.48 45.40
N ARG C 2199 -73.08 -33.32 45.01
CA ARG C 2199 -72.00 -32.85 44.14
C ARG C 2199 -72.52 -32.54 42.74
N ALA C 2200 -73.49 -33.30 42.24
CA ALA C 2200 -74.06 -33.03 40.93
C ALA C 2200 -74.76 -31.68 40.89
N LEU C 2201 -75.50 -31.34 41.94
CA LEU C 2201 -76.18 -30.05 42.01
C LEU C 2201 -75.21 -28.88 42.17
N GLY C 2202 -73.95 -29.14 42.45
CA GLY C 2202 -72.99 -28.07 42.67
C GLY C 2202 -73.30 -27.22 43.89
N MET C 2203 -73.81 -27.85 44.96
CA MET C 2203 -74.15 -27.10 46.17
C MET C 2203 -72.92 -26.45 46.79
N HIS C 2204 -71.82 -27.19 46.87
CA HIS C 2204 -70.60 -26.63 47.46
C HIS C 2204 -70.10 -25.45 46.64
N GLU C 2205 -70.25 -25.51 45.32
CA GLU C 2205 -69.85 -24.37 44.49
C GLU C 2205 -70.71 -23.15 44.79
N THR C 2206 -72.01 -23.33 44.97
CA THR C 2206 -72.88 -22.21 45.31
C THR C 2206 -72.51 -21.61 46.66
N VAL C 2207 -72.27 -22.45 47.65
CA VAL C 2207 -71.92 -21.94 48.98
C VAL C 2207 -70.56 -21.25 48.95
N MET C 2208 -69.62 -21.76 48.15
CA MET C 2208 -68.34 -21.09 48.00
C MET C 2208 -68.47 -19.76 47.28
N GLU C 2209 -69.37 -19.67 46.29
CA GLU C 2209 -69.64 -18.39 45.66
C GLU C 2209 -70.21 -17.39 46.66
N VAL C 2210 -71.07 -17.87 47.56
CA VAL C 2210 -71.58 -17.00 48.62
C VAL C 2210 -70.44 -16.51 49.50
N MET C 2211 -69.53 -17.41 49.88
CA MET C 2211 -68.40 -16.99 50.71
C MET C 2211 -67.48 -16.01 49.98
N VAL C 2212 -67.26 -16.22 48.69
CA VAL C 2212 -66.45 -15.29 47.90
C VAL C 2212 -67.12 -13.91 47.88
N ASN C 2213 -68.45 -13.88 47.72
CA ASN C 2213 -69.16 -12.61 47.70
C ASN C 2213 -69.05 -11.89 49.02
N VAL C 2214 -69.25 -12.60 50.13
CA VAL C 2214 -69.22 -11.93 51.44
C VAL C 2214 -67.80 -11.51 51.81
N LEU C 2215 -66.82 -12.37 51.53
CA LEU C 2215 -65.44 -12.08 51.91
C LEU C 2215 -64.87 -10.95 51.07
N GLY C 2216 -65.06 -11.00 49.76
CA GLY C 2216 -64.54 -10.00 48.86
C GLY C 2216 -65.59 -9.03 48.35
N ILE C 2223 -64.05 -6.23 57.47
CA ILE C 2223 -64.94 -7.28 57.03
C ILE C 2223 -66.37 -6.97 57.47
N ARG C 2224 -67.34 -7.63 56.84
CA ARG C 2224 -68.74 -7.45 57.16
C ARG C 2224 -69.43 -8.81 57.27
N PHE C 2225 -70.48 -8.87 58.09
CA PHE C 2225 -71.27 -10.07 58.32
C PHE C 2225 -70.39 -11.23 58.77
N PRO C 2226 -69.82 -11.17 59.99
CA PRO C 2226 -68.92 -12.25 60.43
C PRO C 2226 -69.63 -13.57 60.66
N LYS C 2227 -70.91 -13.57 61.03
CA LYS C 2227 -71.61 -14.83 61.29
C LYS C 2227 -71.78 -15.64 60.01
N MET C 2228 -71.96 -14.95 58.88
CA MET C 2228 -72.21 -15.63 57.61
C MET C 2228 -71.02 -16.50 57.20
N VAL C 2229 -69.80 -15.97 57.35
CA VAL C 2229 -68.63 -16.75 56.93
C VAL C 2229 -68.44 -17.95 57.83
N THR C 2230 -68.75 -17.82 59.12
CA THR C 2230 -68.70 -18.98 60.01
C THR C 2230 -69.71 -20.04 59.61
N SER C 2231 -70.93 -19.63 59.27
CA SER C 2231 -71.93 -20.60 58.82
C SER C 2231 -71.47 -21.29 57.54
N CYS C 2232 -70.93 -20.51 56.60
CA CYS C 2232 -70.46 -21.08 55.34
C CYS C 2232 -69.32 -22.08 55.57
N CYS C 2233 -68.37 -21.72 56.43
CA CYS C 2233 -67.24 -22.61 56.67
C CYS C 2233 -67.66 -23.86 57.42
N ARG C 2234 -68.63 -23.73 58.33
CA ARG C 2234 -69.18 -24.91 58.99
C ARG C 2234 -69.84 -25.84 57.97
N PHE C 2235 -70.62 -25.27 57.05
CA PHE C 2235 -71.25 -26.10 56.03
C PHE C 2235 -70.21 -26.81 55.17
N LEU C 2236 -69.17 -26.09 54.75
CA LEU C 2236 -68.14 -26.70 53.93
C LEU C 2236 -67.38 -27.79 54.68
N CYS C 2237 -67.07 -27.55 55.96
CA CYS C 2237 -66.38 -28.55 56.76
C CYS C 2237 -67.21 -29.80 56.92
N TYR C 2238 -68.52 -29.65 57.17
CA TYR C 2238 -69.37 -30.84 57.28
C TYR C 2238 -69.51 -31.54 55.93
N PHE C 2239 -69.56 -30.78 54.84
CA PHE C 2239 -69.67 -31.38 53.51
C PHE C 2239 -68.42 -32.18 53.16
N CYS C 2240 -67.24 -31.71 53.59
CA CYS C 2240 -66.00 -32.40 53.24
C CYS C 2240 -65.95 -33.81 53.82
N ARG C 2241 -66.44 -34.00 55.04
CA ARG C 2241 -66.32 -35.28 55.72
C ARG C 2241 -67.36 -36.30 55.31
N ILE C 2242 -68.35 -35.91 54.49
CA ILE C 2242 -69.40 -36.86 54.11
C ILE C 2242 -68.82 -38.02 53.31
N SER C 2243 -67.94 -37.74 52.35
CA SER C 2243 -67.38 -38.77 51.51
C SER C 2243 -66.01 -38.34 51.02
N ARG C 2244 -65.24 -39.32 50.53
CA ARG C 2244 -63.92 -39.04 49.99
C ARG C 2244 -64.00 -38.19 48.73
N GLN C 2245 -65.01 -38.44 47.89
CA GLN C 2245 -65.17 -37.68 46.66
C GLN C 2245 -65.45 -36.21 46.96
N ASN C 2246 -66.24 -35.93 47.99
CA ASN C 2246 -66.50 -34.54 48.37
C ASN C 2246 -65.21 -33.84 48.80
N GLN C 2247 -64.38 -34.52 49.58
CA GLN C 2247 -63.10 -33.94 49.99
C GLN C 2247 -62.19 -33.71 48.79
N ARG C 2248 -62.15 -34.67 47.86
CA ARG C 2248 -61.32 -34.51 46.67
C ARG C 2248 -61.79 -33.32 45.84
N SER C 2249 -63.11 -33.16 45.69
CA SER C 2249 -63.64 -32.03 44.93
C SER C 2249 -63.33 -30.71 45.62
N MET C 2250 -63.46 -30.67 46.95
CA MET C 2250 -63.20 -29.43 47.68
C MET C 2250 -61.71 -29.11 47.75
N PHE C 2251 -60.84 -30.10 47.54
CA PHE C 2251 -59.40 -29.84 47.56
C PHE C 2251 -58.94 -28.93 46.44
N ASP C 2252 -59.71 -28.82 45.35
CA ASP C 2252 -59.28 -28.03 44.20
C ASP C 2252 -59.24 -26.53 44.48
N HIS C 2253 -59.84 -26.08 45.58
CA HIS C 2253 -59.88 -24.67 45.92
C HIS C 2253 -58.99 -24.35 47.12
N LEU C 2254 -57.98 -25.20 47.35
CA LEU C 2254 -57.11 -25.03 48.51
C LEU C 2254 -56.33 -23.73 48.44
N SER C 2255 -55.91 -23.32 47.24
CA SER C 2255 -55.16 -22.08 47.11
C SER C 2255 -55.99 -20.88 47.57
N TYR C 2256 -57.24 -20.80 47.11
CA TYR C 2256 -58.10 -19.71 47.54
C TYR C 2256 -58.42 -19.80 49.03
N LEU C 2257 -58.63 -21.02 49.54
CA LEU C 2257 -58.94 -21.17 50.96
C LEU C 2257 -57.77 -20.71 51.83
N LEU C 2258 -56.54 -21.04 51.43
CA LEU C 2258 -55.38 -20.65 52.22
C LEU C 2258 -55.04 -19.17 52.05
N GLU C 2259 -55.30 -18.60 50.87
CA GLU C 2259 -54.97 -17.19 50.65
C GLU C 2259 -55.78 -16.28 51.56
N ASN C 2260 -57.07 -16.57 51.74
CA ASN C 2260 -57.93 -15.76 52.62
C ASN C 2260 -57.97 -16.37 54.03
N SER C 2261 -56.83 -16.32 54.70
CA SER C 2261 -56.70 -16.85 56.05
C SER C 2261 -56.33 -15.75 57.03
N GLN C 2268 -64.60 -17.30 68.89
CA GLN C 2268 -64.37 -17.44 67.46
C GLN C 2268 -65.19 -18.59 66.88
N GLY C 2269 -65.31 -18.61 65.55
CA GLY C 2269 -66.05 -19.65 64.87
C GLY C 2269 -65.24 -20.35 63.81
N SER C 2270 -65.93 -20.94 62.83
CA SER C 2270 -65.23 -21.63 61.75
C SER C 2270 -64.51 -20.63 60.85
N THR C 2271 -63.44 -21.11 60.22
CA THR C 2271 -62.56 -20.30 59.40
C THR C 2271 -62.31 -21.01 58.07
N PRO C 2272 -62.03 -20.26 57.00
CA PRO C 2272 -61.62 -20.92 55.75
C PRO C 2272 -60.38 -21.80 55.93
N LEU C 2273 -59.50 -21.46 56.87
CA LEU C 2273 -58.38 -22.34 57.19
C LEU C 2273 -58.87 -23.68 57.72
N ASP C 2274 -59.96 -23.68 58.49
CA ASP C 2274 -60.54 -24.93 58.95
C ASP C 2274 -61.03 -25.78 57.78
N VAL C 2275 -61.66 -25.14 56.79
CA VAL C 2275 -62.11 -25.86 55.60
C VAL C 2275 -60.91 -26.44 54.85
N ALA C 2276 -59.85 -25.64 54.70
CA ALA C 2276 -58.66 -26.12 54.01
C ALA C 2276 -58.05 -27.32 54.74
N ALA C 2277 -57.98 -27.26 56.08
CA ALA C 2277 -57.47 -28.38 56.85
C ALA C 2277 -58.35 -29.61 56.70
N ALA C 2278 -59.67 -29.42 56.75
CA ALA C 2278 -60.61 -30.53 56.61
C ALA C 2278 -60.62 -31.11 55.20
N SER C 2279 -60.12 -30.38 54.21
CA SER C 2279 -60.07 -30.88 52.84
C SER C 2279 -58.83 -31.73 52.56
N VAL C 2280 -57.94 -31.90 53.52
CA VAL C 2280 -56.70 -32.66 53.30
C VAL C 2280 -56.50 -33.66 54.42
N ILE C 2281 -57.34 -33.59 55.46
CA ILE C 2281 -57.13 -34.44 56.64
C ILE C 2281 -57.43 -35.90 56.29
N ASP C 2282 -56.54 -36.79 56.72
CA ASP C 2282 -56.71 -38.23 56.57
C ASP C 2282 -56.93 -38.63 55.11
N ASN C 2283 -56.15 -38.02 54.20
CA ASN C 2283 -56.23 -38.33 52.77
C ASN C 2283 -54.80 -38.41 52.25
N ASN C 2284 -54.28 -39.63 52.12
CA ASN C 2284 -52.91 -39.82 51.68
C ASN C 2284 -52.71 -39.32 50.25
N GLU C 2285 -53.65 -39.63 49.35
CA GLU C 2285 -53.51 -39.18 47.97
C GLU C 2285 -53.59 -37.67 47.86
N LEU C 2286 -54.49 -37.04 48.62
CA LEU C 2286 -54.59 -35.58 48.60
C LEU C 2286 -53.36 -34.95 49.23
N ALA C 2287 -52.85 -35.54 50.31
CA ALA C 2287 -51.65 -35.01 50.95
C ALA C 2287 -50.44 -35.09 50.04
N LEU C 2288 -50.31 -36.18 49.28
CA LEU C 2288 -49.19 -36.32 48.36
C LEU C 2288 -49.29 -35.35 47.20
N ALA C 2289 -50.51 -34.96 46.81
CA ALA C 2289 -50.71 -34.02 45.71
C ALA C 2289 -50.61 -32.56 46.15
N LEU C 2290 -50.38 -32.31 47.43
CA LEU C 2290 -50.32 -30.93 47.91
C LEU C 2290 -49.09 -30.23 47.34
N GLN C 2291 -49.26 -28.96 46.95
CA GLN C 2291 -48.23 -28.22 46.26
C GLN C 2291 -47.27 -27.54 47.25
N GLU C 2292 -46.04 -27.33 46.79
CA GLU C 2292 -45.03 -26.69 47.64
C GLU C 2292 -45.41 -25.26 47.97
N GLN C 2293 -45.95 -24.52 47.00
CA GLN C 2293 -46.33 -23.13 47.23
C GLN C 2293 -47.44 -23.03 48.27
N ASP C 2294 -48.32 -24.04 48.34
CA ASP C 2294 -49.37 -24.03 49.35
C ASP C 2294 -48.78 -24.04 50.76
N LEU C 2295 -47.75 -24.88 50.99
CA LEU C 2295 -47.08 -24.89 52.27
C LEU C 2295 -46.25 -23.63 52.49
N GLU C 2296 -45.66 -23.09 51.41
CA GLU C 2296 -44.87 -21.88 51.54
C GLU C 2296 -45.72 -20.70 51.99
N LYS C 2297 -46.95 -20.61 51.48
CA LYS C 2297 -47.85 -19.53 51.90
C LYS C 2297 -48.16 -19.62 53.39
N VAL C 2298 -48.43 -20.83 53.89
CA VAL C 2298 -48.71 -21.01 55.30
C VAL C 2298 -47.48 -20.69 56.13
N VAL C 2299 -46.29 -21.06 55.65
CA VAL C 2299 -45.06 -20.76 56.36
C VAL C 2299 -44.86 -19.24 56.45
N SER C 2300 -45.10 -18.54 55.34
CA SER C 2300 -44.97 -17.08 55.35
C SER C 2300 -45.98 -16.44 56.30
N TYR C 2301 -47.22 -16.94 56.31
CA TYR C 2301 -48.22 -16.42 57.24
C TYR C 2301 -47.81 -16.66 58.68
N LEU C 2302 -47.26 -17.85 58.96
CA LEU C 2302 -46.79 -18.16 60.32
C LEU C 2302 -45.65 -17.22 60.72
N ALA C 2303 -44.71 -16.97 59.81
CA ALA C 2303 -43.63 -16.05 60.11
C ALA C 2303 -44.15 -14.64 60.38
N GLY C 2304 -45.09 -14.18 59.57
CA GLY C 2304 -45.64 -12.85 59.76
C GLY C 2304 -46.39 -12.72 61.08
N CYS C 2305 -47.17 -13.75 61.44
CA CYS C 2305 -47.91 -13.70 62.69
C CYS C 2305 -46.97 -13.79 63.89
N GLY C 2306 -45.91 -14.59 63.79
CA GLY C 2306 -44.96 -14.68 64.88
C GLY C 2306 -44.17 -13.40 65.08
N LEU C 2307 -43.78 -12.75 63.98
CA LEU C 2307 -42.94 -11.55 64.11
C LEU C 2307 -43.75 -10.35 64.60
N GLN C 2308 -44.97 -10.20 64.12
CA GLN C 2308 -45.81 -9.05 64.46
C GLN C 2308 -47.07 -9.52 65.17
N SER C 2309 -47.35 -8.95 66.34
CA SER C 2309 -48.54 -9.30 67.10
C SER C 2309 -49.78 -8.65 66.50
N CYS C 2310 -50.89 -9.36 66.59
CA CYS C 2310 -52.17 -8.85 66.07
C CYS C 2310 -52.74 -7.82 67.03
N PRO C 2311 -53.09 -6.62 66.56
CA PRO C 2311 -53.67 -5.60 67.46
C PRO C 2311 -55.08 -5.90 67.91
N MET C 2312 -55.73 -6.94 67.36
CA MET C 2312 -57.08 -7.27 67.78
C MET C 2312 -57.14 -7.64 69.26
N LEU C 2313 -56.17 -8.44 69.72
CA LEU C 2313 -56.11 -8.75 71.15
C LEU C 2313 -55.66 -7.55 71.98
N LEU C 2314 -54.84 -6.68 71.39
CA LEU C 2314 -54.42 -5.46 72.09
C LEU C 2314 -55.59 -4.51 72.30
N ALA C 2315 -56.59 -4.57 71.43
CA ALA C 2315 -57.77 -3.71 71.58
C ALA C 2315 -58.49 -4.01 72.89
N LYS C 2316 -58.64 -5.29 73.23
CA LYS C 2316 -59.22 -5.67 74.51
C LYS C 2316 -58.16 -5.59 75.61
N GLY C 2317 -58.62 -5.78 76.86
CA GLY C 2317 -57.71 -5.74 77.99
C GLY C 2317 -56.72 -6.87 77.98
N TYR C 2318 -55.46 -6.56 77.68
CA TYR C 2318 -54.39 -7.55 77.59
C TYR C 2318 -53.03 -6.88 77.53
N PRO C 2319 -51.99 -7.49 78.07
CA PRO C 2319 -50.65 -6.90 77.97
C PRO C 2319 -50.16 -6.87 76.53
N ASP C 2320 -49.31 -5.90 76.24
CA ASP C 2320 -48.78 -5.68 74.90
C ASP C 2320 -47.43 -6.38 74.76
N ILE C 2321 -47.34 -7.29 73.81
CA ILE C 2321 -46.10 -8.00 73.49
C ILE C 2321 -45.88 -7.99 72.00
N GLY C 2322 -44.64 -8.26 71.59
CA GLY C 2322 -44.25 -8.23 70.21
C GLY C 2322 -44.47 -9.50 69.42
N TRP C 2323 -45.10 -10.52 70.01
CA TRP C 2323 -45.31 -11.79 69.35
C TRP C 2323 -46.65 -12.37 69.76
N ASN C 2324 -47.45 -12.80 68.77
CA ASN C 2324 -48.79 -13.30 69.00
C ASN C 2324 -48.78 -14.82 68.96
N PRO C 2325 -49.15 -15.51 70.04
CA PRO C 2325 -49.10 -16.98 70.04
C PRO C 2325 -50.35 -17.63 69.45
N CYS C 2326 -51.50 -16.94 69.50
CA CYS C 2326 -52.74 -17.55 69.05
C CYS C 2326 -52.72 -17.81 67.55
N GLY C 2327 -52.31 -16.82 66.76
CA GLY C 2327 -52.19 -17.02 65.33
C GLY C 2327 -51.17 -18.08 64.98
N GLY C 2328 -50.06 -18.12 65.72
CA GLY C 2328 -49.07 -19.16 65.50
C GLY C 2328 -49.63 -20.55 65.74
N GLU C 2329 -50.36 -20.73 66.83
CA GLU C 2329 -50.98 -22.03 67.11
C GLU C 2329 -51.99 -22.39 66.04
N ARG C 2330 -52.81 -21.42 65.62
CA ARG C 2330 -53.81 -21.70 64.59
C ARG C 2330 -53.16 -22.11 63.28
N TYR C 2331 -52.07 -21.45 62.90
CA TYR C 2331 -51.39 -21.80 61.66
C TYR C 2331 -50.64 -23.12 61.77
N LEU C 2332 -50.13 -23.44 62.97
CA LEU C 2332 -49.44 -24.71 63.16
C LEU C 2332 -50.42 -25.88 63.19
N ASP C 2333 -51.68 -25.62 63.55
CA ASP C 2333 -52.67 -26.69 63.55
C ASP C 2333 -52.86 -27.28 62.17
N PHE C 2334 -52.90 -26.43 61.14
CA PHE C 2334 -53.10 -26.92 59.78
C PHE C 2334 -51.92 -27.77 59.31
N LEU C 2335 -50.70 -27.36 59.63
CA LEU C 2335 -49.51 -28.08 59.16
C LEU C 2335 -49.39 -29.46 59.76
N ARG C 2336 -50.05 -29.71 60.91
CA ARG C 2336 -49.97 -31.03 61.53
C ARG C 2336 -50.73 -32.09 60.74
N PHE C 2337 -51.65 -31.69 59.86
CA PHE C 2337 -52.43 -32.63 59.07
C PHE C 2337 -51.82 -32.93 57.71
N ALA C 2338 -50.87 -32.12 57.25
CA ALA C 2338 -50.25 -32.31 55.93
C ALA C 2338 -48.98 -33.15 55.99
N VAL C 2339 -48.55 -33.56 57.18
CA VAL C 2339 -47.31 -34.31 57.33
C VAL C 2339 -47.55 -35.60 58.10
N PHE C 2340 -48.70 -35.69 58.76
CA PHE C 2340 -49.04 -36.83 59.60
C PHE C 2340 -50.43 -37.33 59.19
N VAL C 2341 -50.48 -38.46 58.50
CA VAL C 2341 -51.73 -39.05 58.04
C VAL C 2341 -51.73 -40.53 58.41
N ASN C 2342 -52.84 -40.97 59.03
CA ASN C 2342 -53.04 -42.38 59.39
C ASN C 2342 -51.89 -42.93 60.24
N GLY C 2343 -51.39 -42.09 61.15
CA GLY C 2343 -50.31 -42.48 62.04
C GLY C 2343 -48.93 -42.50 61.42
N GLU C 2344 -48.83 -42.51 60.10
CA GLU C 2344 -47.54 -42.51 59.42
C GLU C 2344 -47.14 -41.07 59.12
N SER C 2345 -46.06 -40.89 58.35
CA SER C 2345 -45.59 -39.57 57.96
C SER C 2345 -45.20 -39.59 56.49
N VAL C 2346 -45.63 -38.57 55.76
CA VAL C 2346 -45.25 -38.43 54.35
C VAL C 2346 -43.88 -37.77 54.27
N GLU C 2347 -42.97 -38.39 53.52
CA GLU C 2347 -41.58 -37.95 53.51
C GLU C 2347 -41.43 -36.60 52.83
N GLU C 2348 -42.01 -36.42 51.65
CA GLU C 2348 -41.80 -35.19 50.88
C GLU C 2348 -42.37 -33.98 51.59
N ASN C 2349 -43.61 -34.07 52.07
CA ASN C 2349 -44.24 -32.94 52.75
C ASN C 2349 -43.49 -32.58 54.03
N ALA C 2350 -43.10 -33.58 54.82
CA ALA C 2350 -42.35 -33.31 56.04
C ALA C 2350 -41.02 -32.65 55.73
N ASN C 2351 -40.31 -33.15 54.71
CA ASN C 2351 -39.03 -32.57 54.35
C ASN C 2351 -39.18 -31.12 53.92
N VAL C 2352 -40.18 -30.83 53.08
CA VAL C 2352 -40.30 -29.46 52.57
C VAL C 2352 -40.75 -28.51 53.68
N VAL C 2353 -41.65 -28.95 54.56
CA VAL C 2353 -42.09 -28.06 55.63
C VAL C 2353 -40.96 -27.82 56.62
N VAL C 2354 -40.14 -28.84 56.88
CA VAL C 2354 -38.99 -28.68 57.75
C VAL C 2354 -38.00 -27.67 57.14
N ARG C 2355 -37.75 -27.80 55.83
CA ARG C 2355 -36.83 -26.87 55.17
C ARG C 2355 -37.35 -25.44 55.23
N LEU C 2356 -38.65 -25.24 54.93
CA LEU C 2356 -39.20 -23.89 54.98
C LEU C 2356 -39.18 -23.33 56.40
N LEU C 2357 -39.44 -24.18 57.40
CA LEU C 2357 -39.43 -23.72 58.78
C LEU C 2357 -38.03 -23.32 59.23
N ILE C 2358 -37.02 -24.12 58.86
CA ILE C 2358 -35.67 -23.80 59.32
C ILE C 2358 -35.08 -22.63 58.53
N ARG C 2359 -35.54 -22.40 57.29
CA ARG C 2359 -35.06 -21.25 56.55
C ARG C 2359 -35.63 -19.93 57.04
N LYS C 2360 -36.68 -19.97 57.87
CA LYS C 2360 -37.27 -18.77 58.47
C LYS C 2360 -37.32 -18.99 59.97
N PRO C 2361 -36.26 -18.61 60.69
CA PRO C 2361 -36.22 -18.89 62.13
C PRO C 2361 -37.27 -18.17 62.95
N GLU C 2362 -37.88 -17.10 62.42
CA GLU C 2362 -38.86 -16.36 63.18
C GLU C 2362 -40.12 -17.16 63.49
N CYS C 2363 -40.36 -18.25 62.76
CA CYS C 2363 -41.55 -19.06 62.99
C CYS C 2363 -41.50 -19.84 64.29
N PHE C 2364 -40.31 -19.96 64.90
CA PHE C 2364 -40.14 -20.75 66.11
C PHE C 2364 -40.45 -19.98 67.38
N GLY C 2365 -40.81 -18.71 67.27
CA GLY C 2365 -41.14 -17.91 68.43
C GLY C 2365 -39.94 -17.14 68.96
N PRO C 2366 -40.17 -16.30 69.97
CA PRO C 2366 -39.09 -15.48 70.52
C PRO C 2366 -38.09 -16.24 71.38
N ALA C 2367 -38.37 -17.51 71.71
CA ALA C 2367 -37.47 -18.28 72.56
C ALA C 2367 -36.48 -19.12 71.75
N LEU C 2368 -36.94 -19.76 70.68
CA LEU C 2368 -36.12 -20.65 69.88
C LEU C 2368 -35.63 -19.99 68.60
N ARG C 2369 -35.34 -18.70 68.64
CA ARG C 2369 -34.91 -17.97 67.45
C ARG C 2369 -33.39 -17.96 67.30
N GLY C 2370 -32.66 -17.59 68.34
CA GLY C 2370 -31.22 -17.52 68.27
C GLY C 2370 -30.56 -16.79 69.42
N GLU C 2371 -29.68 -15.85 69.11
CA GLU C 2371 -28.98 -15.10 70.14
C GLU C 2371 -29.96 -14.32 71.01
N GLY C 2372 -29.76 -14.37 72.32
CA GLY C 2372 -30.65 -13.74 73.27
C GLY C 2372 -31.87 -14.55 73.62
N GLY C 2373 -32.04 -15.75 73.05
CA GLY C 2373 -33.19 -16.56 73.37
C GLY C 2373 -33.12 -17.09 74.79
N SER C 2374 -34.29 -17.11 75.44
CA SER C 2374 -34.37 -17.57 76.82
C SER C 2374 -34.25 -19.08 76.95
N GLY C 2375 -34.69 -19.83 75.94
CA GLY C 2375 -34.70 -21.28 76.01
C GLY C 2375 -36.08 -21.82 76.32
N LEU C 2376 -36.21 -23.15 76.13
CA LEU C 2376 -37.51 -23.79 76.32
C LEU C 2376 -37.96 -23.72 77.77
N LEU C 2377 -37.10 -24.10 78.71
CA LEU C 2377 -37.47 -24.09 80.12
C LEU C 2377 -37.80 -22.67 80.58
N ALA C 2378 -36.97 -21.70 80.19
CA ALA C 2378 -37.21 -20.32 80.59
C ALA C 2378 -38.50 -19.79 80.01
N ALA C 2379 -38.80 -20.11 78.75
CA ALA C 2379 -40.05 -19.66 78.14
C ALA C 2379 -41.25 -20.27 78.84
N ILE C 2380 -41.21 -21.57 79.14
CA ILE C 2380 -42.32 -22.21 79.83
C ILE C 2380 -42.51 -21.61 81.22
N GLU C 2381 -41.41 -21.39 81.94
CA GLU C 2381 -41.50 -20.82 83.28
C GLU C 2381 -42.01 -19.38 83.23
N GLU C 2382 -41.60 -18.62 82.21
CA GLU C 2382 -42.11 -17.25 82.06
C GLU C 2382 -43.61 -17.24 81.79
N ALA C 2383 -44.07 -18.16 80.93
CA ALA C 2383 -45.50 -18.27 80.68
C ALA C 2383 -46.25 -18.66 81.96
N ILE C 2384 -45.68 -19.58 82.74
CA ILE C 2384 -46.29 -19.96 84.00
C ILE C 2384 -46.39 -18.76 84.93
N ARG C 2385 -45.31 -17.99 85.03
CA ARG C 2385 -45.32 -16.80 85.89
C ARG C 2385 -46.35 -15.77 85.42
N ILE C 2386 -46.49 -15.61 84.11
CA ILE C 2386 -47.53 -14.71 83.58
C ILE C 2386 -48.91 -15.23 83.92
N SER C 2387 -49.07 -16.56 84.02
CA SER C 2387 -50.39 -17.14 84.25
C SER C 2387 -51.03 -16.70 85.58
N GLU C 2388 -50.23 -16.29 86.58
CA GLU C 2388 -50.79 -15.86 87.85
C GLU C 2388 -50.62 -14.36 88.11
N ASP C 2389 -50.75 -13.53 87.07
CA ASP C 2389 -50.80 -12.09 87.31
C ASP C 2389 -51.50 -11.41 86.15
N PRO C 2390 -52.27 -10.35 86.39
CA PRO C 2390 -52.91 -9.63 85.28
C PRO C 2390 -51.92 -9.03 84.30
N ALA C 2391 -50.75 -8.61 84.77
CA ALA C 2391 -49.72 -8.01 83.93
C ALA C 2391 -50.25 -6.81 83.14
N VAL C 2416 -59.65 -13.43 75.73
CA VAL C 2416 -58.74 -14.55 75.95
C VAL C 2416 -57.84 -14.26 77.15
N HIS C 2417 -57.28 -15.32 77.73
CA HIS C 2417 -56.39 -15.21 78.88
C HIS C 2417 -54.97 -15.51 78.38
N LEU C 2418 -54.12 -14.49 78.35
CA LEU C 2418 -52.75 -14.67 77.93
C LEU C 2418 -51.97 -15.47 78.96
N GLY C 2419 -50.97 -16.19 78.47
CA GLY C 2419 -50.16 -17.05 79.33
C GLY C 2419 -50.35 -18.52 79.01
N HIS C 2420 -51.60 -18.93 78.80
CA HIS C 2420 -51.86 -20.30 78.36
C HIS C 2420 -51.51 -20.50 76.90
N ALA C 2421 -51.85 -19.51 76.05
CA ALA C 2421 -51.50 -19.58 74.64
C ALA C 2421 -50.00 -19.55 74.43
N ILE C 2422 -49.24 -18.93 75.34
CA ILE C 2422 -47.79 -18.89 75.23
C ILE C 2422 -47.22 -20.31 75.23
N MET C 2423 -47.69 -21.14 76.15
CA MET C 2423 -47.26 -22.54 76.19
C MET C 2423 -47.93 -23.36 75.11
N SER C 2424 -49.17 -23.02 74.74
CA SER C 2424 -49.88 -23.78 73.70
C SER C 2424 -49.16 -23.67 72.36
N PHE C 2425 -48.66 -22.48 72.02
CA PHE C 2425 -47.96 -22.30 70.75
C PHE C 2425 -46.70 -23.17 70.70
N TYR C 2426 -45.91 -23.17 71.78
CA TYR C 2426 -44.71 -23.99 71.81
C TYR C 2426 -45.04 -25.47 71.77
N ALA C 2427 -46.10 -25.88 72.47
CA ALA C 2427 -46.50 -27.28 72.44
C ALA C 2427 -46.92 -27.70 71.03
N ALA C 2428 -47.68 -26.85 70.33
CA ALA C 2428 -48.08 -27.17 68.98
C ALA C 2428 -46.88 -27.23 68.03
N LEU C 2429 -45.95 -26.28 68.18
CA LEU C 2429 -44.76 -26.29 67.34
C LEU C 2429 -43.93 -27.55 67.56
N ILE C 2430 -43.76 -27.96 68.82
CA ILE C 2430 -42.98 -29.15 69.13
C ILE C 2430 -43.70 -30.40 68.63
N ASP C 2431 -45.02 -30.43 68.74
CA ASP C 2431 -45.78 -31.56 68.20
C ASP C 2431 -45.60 -31.67 66.70
N LEU C 2432 -45.66 -30.53 65.99
CA LEU C 2432 -45.45 -30.55 64.54
C LEU C 2432 -44.04 -31.01 64.20
N LEU C 2433 -43.04 -30.53 64.93
CA LEU C 2433 -41.66 -30.93 64.66
C LEU C 2433 -41.48 -32.42 64.89
N GLY C 2434 -42.08 -32.96 65.96
CA GLY C 2434 -41.99 -34.38 66.20
C GLY C 2434 -42.69 -35.20 65.13
N ARG C 2435 -43.85 -34.73 64.66
CA ARG C 2435 -44.57 -35.45 63.63
C ARG C 2435 -43.83 -35.47 62.30
N CYS C 2436 -42.93 -34.52 62.07
CA CYS C 2436 -42.14 -34.47 60.85
C CYS C 2436 -40.88 -35.31 60.91
N ALA C 2437 -40.62 -35.98 62.05
CA ALA C 2437 -39.44 -36.80 62.17
C ALA C 2437 -39.53 -38.02 61.25
N PRO C 2438 -38.40 -38.44 60.68
CA PRO C 2438 -38.43 -39.59 59.77
C PRO C 2438 -38.78 -40.88 60.50
N GLU C 2439 -39.34 -41.82 59.75
CA GLU C 2439 -39.71 -43.11 60.31
C GLU C 2439 -38.48 -43.92 60.68
N MET C 2440 -38.67 -44.85 61.62
CA MET C 2440 -37.55 -45.65 62.11
C MET C 2440 -36.94 -46.52 61.01
N HIS C 2441 -37.80 -47.14 60.18
CA HIS C 2441 -37.28 -47.98 59.11
C HIS C 2441 -36.61 -47.16 58.03
N LEU C 2442 -36.99 -45.90 57.87
CA LEU C 2442 -36.24 -45.01 56.98
C LEU C 2442 -34.82 -44.82 57.50
N ILE C 2443 -34.66 -44.65 58.80
CA ILE C 2443 -33.34 -44.45 59.39
C ILE C 2443 -32.51 -45.74 59.29
N GLN C 2444 -33.13 -46.88 59.57
CA GLN C 2444 -32.40 -48.15 59.59
C GLN C 2444 -32.08 -48.67 58.19
N ALA C 2445 -32.60 -48.04 57.15
CA ALA C 2445 -32.38 -48.48 55.77
C ALA C 2445 -31.69 -47.39 54.95
N GLY C 2446 -30.65 -46.78 55.50
CA GLY C 2446 -29.94 -45.72 54.81
C GLY C 2446 -30.71 -44.42 54.79
N LYS C 2447 -30.96 -43.90 53.59
CA LYS C 2447 -31.74 -42.67 53.40
C LYS C 2447 -31.10 -41.49 54.15
N GLY C 2448 -29.92 -41.11 53.66
CA GLY C 2448 -29.13 -40.07 54.32
C GLY C 2448 -29.89 -38.79 54.56
N GLU C 2449 -30.86 -38.47 53.70
CA GLU C 2449 -31.68 -37.29 53.94
C GLU C 2449 -32.50 -37.42 55.21
N ALA C 2450 -32.96 -38.63 55.55
CA ALA C 2450 -33.69 -38.83 56.79
C ALA C 2450 -32.81 -38.51 58.00
N LEU C 2451 -31.57 -39.00 57.99
CA LEU C 2451 -30.65 -38.68 59.09
C LEU C 2451 -30.28 -37.21 59.10
N ARG C 2452 -30.21 -36.56 57.93
CA ARG C 2452 -29.96 -35.13 57.90
C ARG C 2452 -31.09 -34.36 58.57
N ILE C 2453 -32.34 -34.71 58.25
CA ILE C 2453 -33.50 -34.06 58.87
C ILE C 2453 -33.50 -34.34 60.38
N ARG C 2454 -33.19 -35.58 60.76
CA ARG C 2454 -33.14 -35.92 62.18
C ARG C 2454 -32.07 -35.13 62.90
N ALA C 2455 -30.91 -34.93 62.27
CA ALA C 2455 -29.85 -34.12 62.89
C ALA C 2455 -30.27 -32.67 63.01
N ILE C 2456 -30.97 -32.14 62.01
CA ILE C 2456 -31.48 -30.77 62.11
C ILE C 2456 -32.44 -30.64 63.28
N LEU C 2457 -33.37 -31.59 63.41
CA LEU C 2457 -34.30 -31.58 64.54
C LEU C 2457 -33.55 -31.75 65.87
N ARG C 2458 -32.48 -32.55 65.87
CA ARG C 2458 -31.70 -32.79 67.08
C ARG C 2458 -31.03 -31.50 67.54
N SER C 2459 -30.38 -30.80 66.62
CA SER C 2459 -29.70 -29.54 66.96
C SER C 2459 -30.68 -28.40 67.21
N LEU C 2460 -31.92 -28.52 66.73
CA LEU C 2460 -32.91 -27.47 66.97
C LEU C 2460 -33.19 -27.29 68.46
N VAL C 2461 -33.32 -28.41 69.18
CA VAL C 2461 -33.71 -28.38 70.59
C VAL C 2461 -33.04 -29.53 71.33
N PRO C 2462 -32.45 -29.30 72.49
CA PRO C 2462 -31.70 -30.36 73.17
C PRO C 2462 -32.60 -31.28 73.98
N LEU C 2463 -32.02 -32.41 74.39
CA LEU C 2463 -32.73 -33.38 75.22
C LEU C 2463 -33.03 -32.82 76.61
N ASP C 2464 -32.09 -32.03 77.15
CA ASP C 2464 -32.30 -31.46 78.48
C ASP C 2464 -33.55 -30.60 78.54
N ASP C 2465 -33.84 -29.86 77.46
CA ASP C 2465 -35.06 -29.07 77.41
C ASP C 2465 -36.30 -29.94 77.52
N LEU C 2466 -36.34 -31.05 76.78
CA LEU C 2466 -37.49 -31.95 76.86
C LEU C 2466 -37.63 -32.55 78.25
N VAL C 2467 -36.50 -33.03 78.82
CA VAL C 2467 -36.55 -33.66 80.13
C VAL C 2467 -37.03 -32.68 81.19
N GLY C 2468 -36.55 -31.43 81.13
CA GLY C 2468 -37.04 -30.41 82.03
C GLY C 2468 -38.52 -30.12 81.82
N ILE C 2469 -38.96 -30.07 80.56
CA ILE C 2469 -40.35 -29.75 80.26
C ILE C 2469 -41.29 -30.79 80.85
N ILE C 2470 -40.93 -32.08 80.71
CA ILE C 2470 -41.76 -33.11 81.32
C ILE C 2470 -41.71 -33.06 82.84
N SER C 2471 -40.71 -32.39 83.41
CA SER C 2471 -40.53 -32.37 84.86
C SER C 2471 -41.26 -31.22 85.55
N LEU C 2472 -41.98 -30.37 84.81
CA LEU C 2472 -42.70 -29.27 85.43
C LEU C 2472 -43.80 -29.82 86.35
N PRO C 2473 -43.96 -29.28 87.55
CA PRO C 2473 -45.06 -29.71 88.41
C PRO C 2473 -46.40 -29.22 87.91
N LEU C 2474 -47.46 -29.84 88.40
CA LEU C 2474 -48.83 -29.51 88.02
C LEU C 2474 -49.64 -29.18 89.26
N GLN C 2475 -50.68 -28.37 89.06
CA GLN C 2475 -51.57 -27.94 90.13
C GLN C 2475 -52.87 -28.71 90.04
N ILE C 2476 -53.28 -29.33 91.15
CA ILE C 2476 -54.50 -30.12 91.20
C ILE C 2476 -55.52 -29.47 92.13
N GLY C 2483 -64.19 -26.15 102.60
CA GLY C 2483 -64.83 -26.18 101.30
C GLY C 2483 -64.23 -27.22 100.37
N ALA C 2484 -64.64 -27.18 99.11
CA ALA C 2484 -64.14 -28.11 98.11
C ALA C 2484 -62.73 -27.70 97.65
N LEU C 2485 -62.07 -28.63 96.96
CA LEU C 2485 -60.73 -28.37 96.44
C LEU C 2485 -60.79 -27.33 95.34
N VAL C 2486 -59.80 -26.44 95.34
CA VAL C 2486 -59.73 -25.36 94.35
C VAL C 2486 -58.94 -25.88 93.15
N GLN C 2487 -59.67 -26.29 92.11
CA GLN C 2487 -59.05 -26.78 90.89
C GLN C 2487 -58.81 -25.62 89.92
N PRO C 2488 -57.58 -25.39 89.48
CA PRO C 2488 -57.32 -24.27 88.56
C PRO C 2488 -58.04 -24.46 87.24
N LYS C 2489 -58.40 -23.33 86.61
CA LYS C 2489 -59.10 -23.36 85.34
C LYS C 2489 -58.21 -23.97 84.25
N MET C 2490 -58.81 -24.81 83.41
CA MET C 2490 -58.04 -25.48 82.36
C MET C 2490 -57.56 -24.50 81.29
N SER C 2491 -58.32 -23.45 81.02
CA SER C 2491 -57.98 -22.48 79.99
C SER C 2491 -57.10 -21.35 80.50
N ALA C 2492 -56.72 -21.37 81.77
CA ALA C 2492 -55.89 -20.31 82.34
C ALA C 2492 -54.79 -20.86 83.25
N SER C 2493 -54.30 -22.06 82.96
CA SER C 2493 -53.26 -22.68 83.76
C SER C 2493 -52.56 -23.74 82.91
N PHE C 2494 -51.53 -24.36 83.50
CA PHE C 2494 -50.79 -25.40 82.81
C PHE C 2494 -51.66 -26.63 82.62
N VAL C 2495 -51.50 -27.30 81.48
CA VAL C 2495 -52.30 -28.47 81.13
C VAL C 2495 -51.37 -29.56 80.63
N PRO C 2496 -51.57 -30.82 81.03
CA PRO C 2496 -50.67 -31.90 80.58
C PRO C 2496 -50.71 -32.17 79.09
N ASP C 2497 -51.72 -31.65 78.37
CA ASP C 2497 -51.72 -31.77 76.92
C ASP C 2497 -50.46 -31.13 76.31
N HIS C 2498 -49.92 -30.10 76.96
CA HIS C 2498 -48.64 -29.55 76.53
C HIS C 2498 -47.52 -30.57 76.70
N LYS C 2499 -47.53 -31.30 77.82
CA LYS C 2499 -46.54 -32.36 78.03
C LYS C 2499 -46.72 -33.52 77.08
N ALA C 2500 -47.92 -33.72 76.54
CA ALA C 2500 -48.14 -34.79 75.58
C ALA C 2500 -47.29 -34.58 74.33
N SER C 2501 -47.20 -33.34 73.85
CA SER C 2501 -46.33 -33.03 72.71
C SER C 2501 -44.87 -33.30 73.06
N MET C 2502 -44.46 -32.96 74.28
CA MET C 2502 -43.10 -33.22 74.71
C MET C 2502 -42.79 -34.71 74.67
N VAL C 2503 -43.70 -35.52 75.19
CA VAL C 2503 -43.50 -36.98 75.21
C VAL C 2503 -43.48 -37.54 73.79
N LEU C 2504 -44.38 -37.06 72.93
CA LEU C 2504 -44.39 -37.52 71.54
C LEU C 2504 -43.09 -37.18 70.83
N PHE C 2505 -42.59 -35.97 71.03
CA PHE C 2505 -41.33 -35.56 70.41
C PHE C 2505 -40.18 -36.44 70.91
N LEU C 2506 -40.11 -36.63 72.23
CA LEU C 2506 -39.10 -37.49 72.83
C LEU C 2506 -39.13 -38.88 72.18
N ASP C 2507 -40.32 -39.47 72.06
CA ASP C 2507 -40.43 -40.79 71.47
C ASP C 2507 -39.96 -40.78 70.02
N ARG C 2508 -40.39 -39.78 69.24
CA ARG C 2508 -40.21 -39.84 67.80
C ARG C 2508 -38.80 -39.47 67.33
N VAL C 2509 -38.00 -38.76 68.12
CA VAL C 2509 -36.61 -38.49 67.74
C VAL C 2509 -35.62 -39.10 68.74
N TYR C 2510 -35.84 -38.85 70.03
CA TYR C 2510 -34.84 -39.15 71.05
C TYR C 2510 -34.91 -40.60 71.50
N GLY C 2511 -36.06 -41.02 72.01
CA GLY C 2511 -36.21 -42.35 72.55
C GLY C 2511 -35.42 -42.54 73.83
N ILE C 2512 -35.58 -43.71 74.43
CA ILE C 2512 -34.86 -44.07 75.64
C ILE C 2512 -34.38 -45.51 75.50
N GLU C 2513 -33.11 -45.75 75.82
CA GLU C 2513 -32.59 -47.12 75.86
C GLU C 2513 -32.18 -47.53 77.26
N ASN C 2514 -31.23 -46.82 77.89
CA ASN C 2514 -30.86 -47.11 79.28
C ASN C 2514 -30.64 -45.88 80.13
N GLN C 2515 -30.32 -44.72 79.56
CA GLN C 2515 -29.89 -43.57 80.36
C GLN C 2515 -31.08 -42.84 80.99
N ASP C 2516 -31.96 -42.30 80.15
CA ASP C 2516 -33.11 -41.55 80.67
C ASP C 2516 -34.15 -42.45 81.33
N PHE C 2517 -34.04 -43.76 81.16
CA PHE C 2517 -35.03 -44.69 81.68
C PHE C 2517 -35.10 -44.72 83.20
N LEU C 2518 -34.12 -44.12 83.89
CA LEU C 2518 -34.16 -44.03 85.35
C LEU C 2518 -34.78 -42.73 85.82
N LEU C 2519 -34.18 -41.59 85.46
CA LEU C 2519 -34.66 -40.31 85.97
C LEU C 2519 -36.00 -39.93 85.36
N HIS C 2520 -36.23 -40.26 84.09
CA HIS C 2520 -37.53 -39.95 83.48
C HIS C 2520 -38.66 -40.72 84.17
N VAL C 2521 -38.44 -42.00 84.43
CA VAL C 2521 -39.46 -42.81 85.10
C VAL C 2521 -39.63 -42.34 86.55
N LEU C 2522 -38.54 -41.95 87.21
CA LEU C 2522 -38.66 -41.42 88.56
C LEU C 2522 -39.48 -40.13 88.57
N ASP C 2523 -39.26 -39.25 87.60
CA ASP C 2523 -40.01 -38.00 87.54
C ASP C 2523 -41.48 -38.25 87.23
N VAL C 2524 -41.79 -39.16 86.30
CA VAL C 2524 -43.18 -39.44 85.97
C VAL C 2524 -43.85 -40.36 86.98
N GLY C 2525 -43.11 -40.89 87.95
CA GLY C 2525 -43.70 -41.81 88.90
C GLY C 2525 -44.69 -41.15 89.84
N PHE C 2526 -44.37 -39.94 90.30
CA PHE C 2526 -45.16 -39.31 91.37
C PHE C 2526 -46.27 -38.42 90.85
N LEU C 2527 -46.49 -38.36 89.53
CA LEU C 2527 -47.63 -37.60 89.02
C LEU C 2527 -48.96 -38.16 89.51
N PRO C 2528 -49.24 -39.48 89.45
CA PRO C 2528 -50.48 -40.00 90.04
C PRO C 2528 -50.33 -40.14 91.55
N ASP C 2529 -50.99 -39.25 92.29
CA ASP C 2529 -50.98 -39.28 93.75
C ASP C 2529 -52.19 -40.06 94.23
N MET C 2530 -51.95 -41.27 94.77
CA MET C 2530 -53.00 -42.19 95.17
C MET C 2530 -53.97 -42.44 94.01
N ARG C 2531 -53.40 -42.94 92.91
CA ARG C 2531 -54.12 -43.12 91.65
C ARG C 2531 -54.75 -41.80 91.19
N ALA C 2532 -53.97 -40.72 91.30
CA ALA C 2532 -54.44 -39.37 90.98
C ALA C 2532 -55.70 -39.02 91.75
N ALA C 2533 -55.72 -39.38 93.04
CA ALA C 2533 -56.86 -39.16 93.91
C ALA C 2533 -58.11 -39.85 93.35
N ALA C 2534 -58.04 -41.18 93.28
CA ALA C 2534 -59.13 -41.96 92.69
C ALA C 2534 -60.43 -41.82 93.46
N SER C 2535 -60.37 -41.45 94.74
CA SER C 2535 -61.59 -41.22 95.50
C SER C 2535 -62.36 -40.04 94.93
N LEU C 2536 -63.68 -40.10 95.03
CA LEU C 2536 -64.54 -39.09 94.40
C LEU C 2536 -64.41 -37.77 95.15
N ASP C 2537 -63.52 -36.90 94.66
CA ASP C 2537 -63.28 -35.61 95.28
C ASP C 2537 -63.63 -34.44 94.36
N THR C 2538 -63.08 -34.41 93.14
CA THR C 2538 -63.30 -33.31 92.22
C THR C 2538 -63.99 -33.74 90.93
N ALA C 2539 -63.47 -34.77 90.26
CA ALA C 2539 -64.02 -35.26 88.99
C ALA C 2539 -64.04 -34.16 87.93
N THR C 2540 -63.07 -33.25 87.98
CA THR C 2540 -62.95 -32.18 86.99
C THR C 2540 -61.64 -32.21 86.22
N PHE C 2541 -60.57 -32.74 86.80
CA PHE C 2541 -59.26 -32.79 86.15
C PHE C 2541 -58.96 -34.25 85.83
N SER C 2542 -59.43 -34.70 84.66
CA SER C 2542 -59.19 -36.05 84.19
C SER C 2542 -58.15 -36.11 83.07
N THR C 2543 -57.46 -35.00 82.81
CA THR C 2543 -56.48 -34.97 81.73
C THR C 2543 -55.27 -35.86 82.04
N THR C 2544 -55.02 -36.15 83.32
CA THR C 2544 -53.95 -37.07 83.67
C THR C 2544 -54.24 -38.47 83.13
N GLU C 2545 -55.49 -38.91 83.22
CA GLU C 2545 -55.86 -40.19 82.64
C GLU C 2545 -55.70 -40.18 81.13
N MET C 2546 -56.01 -39.05 80.48
CA MET C 2546 -55.83 -38.96 79.04
C MET C 2546 -54.35 -39.04 78.66
N ALA C 2547 -53.48 -38.36 79.40
CA ALA C 2547 -52.05 -38.43 79.16
C ALA C 2547 -51.44 -39.76 79.56
N LEU C 2548 -52.14 -40.54 80.39
CA LEU C 2548 -51.68 -41.89 80.72
C LEU C 2548 -51.62 -42.75 79.46
N ALA C 2549 -52.62 -42.65 78.59
CA ALA C 2549 -52.63 -43.41 77.35
C ALA C 2549 -51.49 -43.03 76.42
N LEU C 2550 -50.85 -41.88 76.63
CA LEU C 2550 -49.72 -41.47 75.81
C LEU C 2550 -48.38 -41.74 76.47
N ASN C 2551 -48.31 -41.75 77.80
CA ASN C 2551 -47.03 -42.02 78.46
C ASN C 2551 -46.81 -43.51 78.71
N ARG C 2552 -47.86 -44.25 79.07
CA ARG C 2552 -47.71 -45.68 79.31
C ARG C 2552 -47.32 -46.44 78.05
N TYR C 2553 -47.74 -45.95 76.87
CA TYR C 2553 -47.32 -46.58 75.63
C TYR C 2553 -45.80 -46.48 75.45
N LEU C 2554 -45.24 -45.30 75.69
CA LEU C 2554 -43.79 -45.15 75.61
C LEU C 2554 -43.09 -45.99 76.67
N CYS C 2555 -43.66 -46.02 77.88
CA CYS C 2555 -43.09 -46.88 78.92
C CYS C 2555 -43.11 -48.34 78.51
N LEU C 2556 -44.13 -48.76 77.75
CA LEU C 2556 -44.19 -50.13 77.26
C LEU C 2556 -43.22 -50.37 76.11
N ALA C 2557 -42.89 -49.32 75.36
CA ALA C 2557 -41.98 -49.49 74.22
C ALA C 2557 -40.59 -49.95 74.63
N VAL C 2558 -40.24 -49.86 75.91
CA VAL C 2558 -38.93 -50.27 76.40
C VAL C 2558 -39.11 -51.17 77.61
N LEU C 2559 -38.10 -51.99 77.87
CA LEU C 2559 -38.04 -52.86 79.05
C LEU C 2559 -36.67 -52.71 79.70
N PRO C 2560 -36.37 -51.53 80.27
CA PRO C 2560 -35.02 -51.29 80.79
C PRO C 2560 -34.88 -51.57 82.29
N LEU C 2561 -36.00 -51.80 82.98
CA LEU C 2561 -35.98 -52.07 84.42
C LEU C 2561 -35.85 -53.58 84.62
N ILE C 2562 -34.60 -54.06 84.53
CA ILE C 2562 -34.31 -55.49 84.54
C ILE C 2562 -33.31 -55.85 85.63
N THR C 2563 -32.16 -55.15 85.67
CA THR C 2563 -31.01 -55.67 86.40
C THR C 2563 -31.14 -55.51 87.91
N LYS C 2564 -31.16 -54.27 88.40
CA LYS C 2564 -31.10 -54.00 89.83
C LYS C 2564 -31.43 -52.54 90.06
N CYS C 2565 -31.20 -52.07 91.28
CA CYS C 2565 -31.40 -50.68 91.72
C CYS C 2565 -32.72 -50.12 91.21
N ALA C 2566 -33.81 -50.73 91.67
CA ALA C 2566 -35.16 -50.35 91.28
C ALA C 2566 -35.97 -50.06 92.54
N PRO C 2567 -35.87 -48.84 93.06
CA PRO C 2567 -36.69 -48.45 94.22
C PRO C 2567 -38.07 -47.93 93.87
N LEU C 2568 -38.51 -48.09 92.62
CA LEU C 2568 -39.82 -47.62 92.17
C LEU C 2568 -40.91 -48.69 92.29
N PHE C 2569 -40.75 -49.63 93.23
CA PHE C 2569 -41.83 -50.56 93.51
C PHE C 2569 -43.08 -49.83 93.96
N ALA C 2570 -42.91 -48.66 94.60
CA ALA C 2570 -44.05 -47.80 94.91
C ALA C 2570 -44.73 -47.33 93.63
N GLY C 2571 -43.95 -47.05 92.59
CA GLY C 2571 -44.55 -46.67 91.31
C GLY C 2571 -45.34 -47.79 90.69
N THR C 2572 -44.82 -49.03 90.74
CA THR C 2572 -45.56 -50.17 90.23
C THR C 2572 -46.83 -50.39 91.03
N GLU C 2573 -46.76 -50.23 92.35
CA GLU C 2573 -47.95 -50.34 93.19
C GLU C 2573 -48.98 -49.27 92.84
N HIS C 2574 -48.52 -48.04 92.60
CA HIS C 2574 -49.43 -46.97 92.21
C HIS C 2574 -50.09 -47.27 90.87
N ARG C 2575 -49.33 -47.81 89.93
CA ARG C 2575 -49.93 -48.23 88.66
C ARG C 2575 -50.95 -49.33 88.87
N ALA C 2576 -50.66 -50.28 89.77
CA ALA C 2576 -51.62 -51.35 90.06
C ALA C 2576 -52.91 -50.80 90.64
N ILE C 2577 -52.82 -49.85 91.57
CA ILE C 2577 -54.04 -49.25 92.11
C ILE C 2577 -54.76 -48.44 91.05
N MET C 2578 -54.03 -47.76 90.16
CA MET C 2578 -54.67 -47.03 89.08
C MET C 2578 -55.46 -47.97 88.18
N VAL C 2579 -54.91 -49.14 87.89
CA VAL C 2579 -55.65 -50.16 87.15
C VAL C 2579 -56.87 -50.61 87.94
N ASP C 2580 -56.69 -50.88 89.24
CA ASP C 2580 -57.76 -51.46 90.03
C ASP C 2580 -58.75 -50.41 90.53
N SER C 2581 -58.41 -49.13 90.47
CA SER C 2581 -59.30 -48.06 90.92
C SER C 2581 -59.55 -47.12 89.74
N MET C 2582 -60.73 -47.25 89.14
CA MET C 2582 -61.15 -46.40 88.02
C MET C 2582 -62.45 -45.66 88.38
N LEU C 2583 -62.56 -45.25 89.64
CA LEU C 2583 -63.77 -44.56 90.07
C LEU C 2583 -63.93 -43.22 89.37
N HIS C 2584 -62.84 -42.50 89.15
CA HIS C 2584 -62.88 -41.18 88.54
C HIS C 2584 -62.82 -41.33 87.03
N THR C 2585 -63.92 -41.02 86.35
CA THR C 2585 -64.01 -41.03 84.89
C THR C 2585 -63.56 -42.38 84.32
N VAL C 2586 -64.33 -43.42 84.65
CA VAL C 2586 -64.00 -44.77 84.19
C VAL C 2586 -64.02 -44.82 82.67
N TYR C 2587 -63.01 -45.46 82.09
CA TYR C 2587 -62.89 -45.60 80.65
C TYR C 2587 -62.30 -46.97 80.35
N ARG C 2588 -63.09 -47.84 79.73
CA ARG C 2588 -62.64 -49.20 79.46
C ARG C 2588 -61.49 -49.22 78.46
N LEU C 2589 -61.53 -48.32 77.47
CA LEU C 2589 -60.46 -48.27 76.48
C LEU C 2589 -59.13 -47.91 77.12
N SER C 2590 -59.12 -46.90 78.01
CA SER C 2590 -57.90 -46.53 78.71
C SER C 2590 -57.52 -47.61 79.74
N ARG C 2591 -58.53 -48.25 80.32
CA ARG C 2591 -58.28 -49.36 81.25
C ARG C 2591 -57.56 -50.52 80.57
N GLY C 2592 -57.89 -50.79 79.31
CA GLY C 2592 -57.17 -51.83 78.58
C GLY C 2592 -55.70 -51.51 78.41
N ARG C 2593 -55.39 -50.25 78.04
CA ARG C 2593 -54.00 -49.84 77.92
C ARG C 2593 -53.28 -49.92 79.27
N SER C 2594 -53.94 -49.49 80.34
CA SER C 2594 -53.31 -49.55 81.65
C SER C 2594 -53.06 -51.00 82.08
N LEU C 2595 -54.02 -51.89 81.84
CA LEU C 2595 -53.86 -53.28 82.25
C LEU C 2595 -52.78 -53.98 81.42
N THR C 2596 -52.71 -53.69 80.12
CA THR C 2596 -51.63 -54.27 79.33
C THR C 2596 -50.28 -53.67 79.69
N LYS C 2597 -50.24 -52.41 80.14
CA LYS C 2597 -49.00 -51.86 80.68
C LYS C 2597 -48.55 -52.62 81.92
N ALA C 2598 -49.49 -52.90 82.82
CA ALA C 2598 -49.16 -53.67 84.02
C ALA C 2598 -48.71 -55.08 83.65
N GLN C 2599 -49.38 -55.70 82.67
CA GLN C 2599 -49.01 -57.04 82.25
C GLN C 2599 -47.60 -57.08 81.66
N ARG C 2600 -47.29 -56.11 80.79
CA ARG C 2600 -45.94 -56.06 80.22
C ARG C 2600 -44.89 -55.79 81.29
N ASP C 2601 -45.20 -54.92 82.26
CA ASP C 2601 -44.24 -54.62 83.32
C ASP C 2601 -43.97 -55.86 84.17
N VAL C 2602 -45.01 -56.61 84.52
CA VAL C 2602 -44.81 -57.79 85.37
C VAL C 2602 -44.16 -58.91 84.57
N ILE C 2603 -44.41 -58.98 83.26
CA ILE C 2603 -43.79 -60.03 82.45
C ILE C 2603 -42.35 -59.69 82.10
N GLU C 2604 -41.95 -58.42 82.20
CA GLU C 2604 -40.59 -58.01 81.90
C GLU C 2604 -39.64 -58.17 83.07
N ASP C 2605 -40.08 -57.83 84.28
CA ASP C 2605 -39.23 -57.89 85.47
C ASP C 2605 -39.98 -58.57 86.60
N CYS C 2606 -39.23 -59.27 87.45
CA CYS C 2606 -39.78 -59.96 88.62
C CYS C 2606 -38.60 -60.34 89.52
N LEU C 2607 -38.88 -61.17 90.52
CA LEU C 2607 -37.93 -61.73 91.47
C LEU C 2607 -36.89 -60.71 91.96
N MET C 2608 -37.32 -59.48 92.23
CA MET C 2608 -36.45 -58.48 92.83
C MET C 2608 -36.83 -58.13 94.26
N ALA C 2609 -38.02 -58.53 94.71
CA ALA C 2609 -38.47 -58.28 96.08
C ALA C 2609 -39.54 -59.31 96.42
N LEU C 2610 -40.25 -59.09 97.50
CA LEU C 2610 -41.37 -59.96 97.85
C LEU C 2610 -42.65 -59.20 98.12
N CYS C 2611 -42.58 -58.02 98.76
CA CYS C 2611 -43.78 -57.28 99.11
C CYS C 2611 -44.47 -56.67 97.90
N ARG C 2612 -43.70 -56.27 96.87
CA ARG C 2612 -44.26 -55.56 95.73
C ARG C 2612 -45.21 -56.41 94.90
N TYR C 2613 -45.25 -57.72 95.13
CA TYR C 2613 -46.20 -58.61 94.46
C TYR C 2613 -47.33 -59.06 95.35
N ILE C 2614 -47.05 -59.41 96.61
CA ILE C 2614 -48.11 -59.88 97.50
C ILE C 2614 -49.03 -58.72 97.89
N ARG C 2615 -48.46 -57.54 98.12
CA ARG C 2615 -49.29 -56.40 98.52
C ARG C 2615 -50.35 -56.05 97.49
N PRO C 2616 -50.05 -55.91 96.19
CA PRO C 2616 -51.13 -55.78 95.21
C PRO C 2616 -52.04 -57.00 95.14
N SER C 2617 -51.49 -58.19 95.36
CA SER C 2617 -52.27 -59.42 95.33
C SER C 2617 -52.96 -59.73 96.65
N MET C 2618 -52.77 -58.89 97.66
CA MET C 2618 -53.48 -59.09 98.93
C MET C 2618 -54.99 -58.94 98.73
N LEU C 2619 -55.40 -57.98 97.89
CA LEU C 2619 -56.82 -57.83 97.59
C LEU C 2619 -57.37 -59.06 96.88
N GLN C 2620 -56.62 -59.62 95.94
CA GLN C 2620 -57.05 -60.84 95.26
C GLN C 2620 -57.13 -62.01 96.23
N HIS C 2621 -56.17 -62.11 97.15
CA HIS C 2621 -56.20 -63.19 98.14
C HIS C 2621 -57.41 -63.05 99.06
N LEU C 2622 -57.72 -61.83 99.49
CA LEU C 2622 -58.87 -61.62 100.36
C LEU C 2622 -60.17 -61.58 99.58
N LEU C 2623 -60.30 -60.64 98.64
CA LEU C 2623 -61.48 -60.52 97.80
C LEU C 2623 -61.19 -61.20 96.46
N ARG C 2624 -61.36 -62.52 96.45
CA ARG C 2624 -61.08 -63.31 95.26
C ARG C 2624 -62.24 -63.32 94.26
N ARG C 2625 -63.39 -62.75 94.63
CA ARG C 2625 -64.55 -62.70 93.75
C ARG C 2625 -64.68 -61.35 93.05
N LEU C 2626 -63.71 -60.46 93.20
CA LEU C 2626 -63.78 -59.16 92.57
C LEU C 2626 -63.66 -59.28 91.06
N VAL C 2627 -64.48 -58.52 90.34
CA VAL C 2627 -64.49 -58.58 88.88
C VAL C 2627 -63.36 -57.80 88.24
N PHE C 2628 -62.68 -56.94 88.99
CA PHE C 2628 -61.60 -56.11 88.46
C PHE C 2628 -60.22 -56.68 88.75
N ASP C 2629 -60.14 -57.91 89.22
CA ASP C 2629 -58.87 -58.53 89.58
C ASP C 2629 -58.36 -59.51 88.53
N VAL C 2630 -58.97 -59.54 87.35
CA VAL C 2630 -58.52 -60.46 86.30
C VAL C 2630 -57.09 -60.18 85.86
N PRO C 2631 -56.68 -58.93 85.63
CA PRO C 2631 -55.25 -58.68 85.40
C PRO C 2631 -54.36 -59.18 86.53
N ILE C 2632 -54.81 -59.03 87.78
CA ILE C 2632 -54.00 -59.47 88.91
C ILE C 2632 -53.83 -60.98 88.90
N LEU C 2633 -54.93 -61.71 88.65
CA LEU C 2633 -54.84 -63.17 88.57
C LEU C 2633 -53.98 -63.61 87.40
N ASN C 2634 -54.10 -62.91 86.25
CA ASN C 2634 -53.26 -63.25 85.10
C ASN C 2634 -51.78 -63.07 85.42
N GLU C 2635 -51.43 -61.96 86.09
CA GLU C 2635 -50.03 -61.73 86.43
C GLU C 2635 -49.54 -62.75 87.45
N PHE C 2636 -50.36 -63.06 88.46
CA PHE C 2636 -50.00 -64.02 89.49
C PHE C 2636 -49.87 -65.45 88.94
N ALA C 2637 -50.59 -65.77 87.87
CA ALA C 2637 -50.43 -67.05 87.20
C ALA C 2637 -49.25 -67.07 86.23
N LYS C 2638 -48.89 -65.91 85.65
CA LYS C 2638 -47.77 -65.82 84.70
C LYS C 2638 -46.43 -65.82 85.41
N MET C 2639 -46.36 -65.20 86.58
CA MET C 2639 -45.06 -65.08 87.24
C MET C 2639 -44.42 -66.41 87.65
N PRO C 2640 -45.10 -67.34 88.37
CA PRO C 2640 -44.52 -68.64 88.48
C PRO C 2640 -44.28 -69.35 87.17
N LEU C 2641 -45.20 -69.22 86.20
CA LEU C 2641 -45.05 -69.89 84.93
C LEU C 2641 -43.79 -69.39 84.21
N LYS C 2642 -43.50 -68.11 84.29
CA LYS C 2642 -42.35 -67.58 83.58
C LYS C 2642 -41.05 -67.65 84.39
N LEU C 2643 -41.14 -67.95 85.68
CA LEU C 2643 -39.95 -68.03 86.52
C LEU C 2643 -39.58 -69.45 86.88
N LEU C 2644 -40.54 -70.24 87.38
CA LEU C 2644 -40.32 -71.63 87.78
C LEU C 2644 -39.26 -71.75 88.86
N THR C 2645 -39.08 -70.68 89.66
CA THR C 2645 -38.20 -70.66 90.82
C THR C 2645 -36.73 -70.73 90.38
N ASN C 2646 -36.49 -70.92 89.09
CA ASN C 2646 -35.13 -70.89 88.58
C ASN C 2646 -34.55 -69.50 88.72
N HIS C 2647 -33.34 -69.42 89.29
CA HIS C 2647 -32.69 -68.15 89.63
C HIS C 2647 -33.57 -67.30 90.56
N TYR C 2648 -34.32 -67.95 91.43
CA TYR C 2648 -35.20 -67.28 92.37
C TYR C 2648 -35.23 -68.05 93.69
N GLU C 2649 -35.18 -67.32 94.78
CA GLU C 2649 -35.14 -67.91 96.12
C GLU C 2649 -36.46 -67.67 96.84
N ARG C 2650 -36.98 -68.72 97.47
CA ARG C 2650 -38.22 -68.62 98.22
C ARG C 2650 -38.00 -67.84 99.51
N CYS C 2651 -39.11 -67.37 100.09
CA CYS C 2651 -39.08 -66.56 101.30
C CYS C 2651 -40.43 -66.69 102.01
N TRP C 2652 -40.68 -65.80 102.96
CA TRP C 2652 -41.96 -65.81 103.67
C TRP C 2652 -43.12 -65.53 102.71
N LYS C 2653 -42.88 -64.75 101.66
CA LYS C 2653 -43.89 -64.57 100.63
C LYS C 2653 -44.18 -65.88 99.91
N TYR C 2654 -43.19 -66.76 99.82
CA TYR C 2654 -43.39 -68.07 99.22
C TYR C 2654 -44.19 -69.01 100.13
N TYR C 2655 -44.46 -68.59 101.37
CA TYR C 2655 -45.24 -69.43 102.28
C TYR C 2655 -46.73 -69.12 102.18
N CYS C 2656 -47.13 -68.13 101.38
CA CYS C 2656 -48.51 -67.67 101.37
C CYS C 2656 -49.32 -68.13 100.16
N LEU C 2657 -48.66 -68.62 99.10
CA LEU C 2657 -49.42 -69.13 97.96
C LEU C 2657 -50.34 -70.29 98.31
N PRO C 2658 -49.98 -71.24 99.16
CA PRO C 2658 -50.97 -72.28 99.53
C PRO C 2658 -52.26 -71.71 100.11
N THR C 2659 -52.16 -70.75 101.03
CA THR C 2659 -53.35 -70.12 101.58
C THR C 2659 -54.12 -69.34 100.52
N GLY C 2660 -53.41 -68.63 99.65
CA GLY C 2660 -54.07 -67.90 98.59
C GLY C 2660 -54.84 -68.80 97.65
N TRP C 2661 -54.22 -69.90 97.22
CA TRP C 2661 -54.91 -70.86 96.36
C TRP C 2661 -56.09 -71.49 97.07
N ALA C 2662 -55.92 -71.83 98.35
CA ALA C 2662 -57.01 -72.44 99.11
C ALA C 2662 -58.22 -71.51 99.17
N ASN C 2663 -58.00 -70.25 99.54
CA ASN C 2663 -59.13 -69.33 99.65
C ASN C 2663 -59.69 -68.98 98.28
N PHE C 2664 -58.85 -68.93 97.24
CA PHE C 2664 -59.35 -68.69 95.89
C PHE C 2664 -60.28 -69.80 95.45
N GLY C 2665 -59.88 -71.06 95.65
CA GLY C 2665 -60.75 -72.17 95.33
C GLY C 2665 -62.01 -72.18 96.16
N VAL C 2666 -61.89 -71.85 97.45
CA VAL C 2666 -63.05 -71.82 98.34
C VAL C 2666 -64.07 -70.80 97.83
N THR C 2667 -63.60 -69.58 97.53
CA THR C 2667 -64.50 -68.57 96.97
C THR C 2667 -65.00 -68.96 95.59
N SER C 2668 -64.25 -69.78 94.85
CA SER C 2668 -64.70 -70.20 93.53
C SER C 2668 -65.87 -71.17 93.62
N GLU C 2669 -65.83 -72.12 94.57
CA GLU C 2669 -66.83 -73.17 94.59
C GLU C 2669 -67.90 -73.02 95.67
N GLU C 2670 -67.69 -72.17 96.67
CA GLU C 2670 -68.64 -72.09 97.77
C GLU C 2670 -69.91 -71.35 97.35
N GLU C 2671 -69.77 -70.09 96.97
CA GLU C 2671 -70.91 -69.24 96.64
C GLU C 2671 -70.69 -68.57 95.30
N LEU C 2672 -71.80 -68.28 94.60
CA LEU C 2672 -71.77 -67.63 93.29
C LEU C 2672 -70.92 -68.43 92.30
N HIS C 2673 -71.43 -69.64 92.00
CA HIS C 2673 -70.77 -70.55 91.08
C HIS C 2673 -70.39 -69.83 89.80
N LEU C 2674 -69.08 -69.77 89.54
CA LEU C 2674 -68.56 -68.95 88.44
C LEU C 2674 -69.02 -69.49 87.09
N THR C 2675 -69.27 -68.57 86.17
CA THR C 2675 -69.63 -68.96 84.81
C THR C 2675 -68.42 -69.52 84.07
N ARG C 2676 -68.69 -70.13 82.91
CA ARG C 2676 -67.64 -70.79 82.16
C ARG C 2676 -66.54 -69.84 81.70
N LYS C 2677 -66.90 -68.62 81.28
CA LYS C 2677 -65.93 -67.69 80.73
C LYS C 2677 -64.85 -67.34 81.75
N LEU C 2678 -65.25 -66.96 82.96
CA LEU C 2678 -64.26 -66.59 83.97
C LEU C 2678 -63.61 -67.83 84.60
N PHE C 2679 -64.33 -68.93 84.71
CA PHE C 2679 -63.76 -70.15 85.27
C PHE C 2679 -62.65 -70.69 84.38
N TRP C 2680 -62.80 -70.56 83.06
CA TRP C 2680 -61.75 -71.00 82.15
C TRP C 2680 -60.48 -70.20 82.36
N GLY C 2681 -60.59 -68.89 82.55
CA GLY C 2681 -59.45 -68.05 82.82
C GLY C 2681 -58.95 -68.04 84.25
N ILE C 2682 -59.67 -68.70 85.15
CA ILE C 2682 -59.28 -68.76 86.55
C ILE C 2682 -58.51 -70.04 86.86
N PHE C 2683 -57.96 -70.71 85.85
CA PHE C 2683 -57.21 -71.95 86.03
C PHE C 2683 -55.76 -71.60 86.29
N ASP C 2684 -55.43 -71.38 87.57
CA ASP C 2684 -54.06 -71.08 87.96
C ASP C 2684 -53.19 -72.33 87.90
N SER C 2685 -51.88 -72.11 87.72
CA SER C 2685 -50.96 -73.23 87.63
C SER C 2685 -50.91 -74.02 88.94
N LEU C 2686 -50.83 -73.31 90.07
CA LEU C 2686 -50.79 -73.94 91.40
C LEU C 2686 -49.64 -74.94 91.50
N ALA C 2687 -48.49 -74.58 90.94
CA ALA C 2687 -47.32 -75.44 90.93
C ALA C 2687 -46.44 -75.13 92.14
N HIS C 2688 -45.22 -75.67 92.14
CA HIS C 2688 -44.21 -75.42 93.17
C HIS C 2688 -44.68 -75.91 94.53
N LYS C 2689 -44.89 -77.22 94.62
CA LYS C 2689 -45.22 -77.87 95.89
C LYS C 2689 -43.92 -78.12 96.66
N LYS C 2690 -44.03 -78.87 97.76
CA LYS C 2690 -42.86 -79.18 98.57
C LYS C 2690 -43.05 -80.49 99.32
N ASN C 2734 -55.08 -50.30 102.11
CA ASN C 2734 -56.16 -50.32 103.09
C ASN C 2734 -55.62 -50.64 104.49
N PHE C 2735 -55.73 -51.90 104.88
CA PHE C 2735 -55.24 -52.39 106.17
C PHE C 2735 -55.91 -51.63 107.32
N ASP C 2736 -57.22 -51.82 107.41
CA ASP C 2736 -57.97 -51.21 108.50
C ASP C 2736 -57.48 -51.74 109.85
N PRO C 2737 -57.10 -50.87 110.78
CA PRO C 2737 -56.51 -51.36 112.03
C PRO C 2737 -57.54 -52.07 112.90
N ARG C 2738 -57.09 -53.14 113.56
CA ARG C 2738 -57.90 -53.89 114.51
C ARG C 2738 -57.05 -54.09 115.76
N PRO C 2739 -56.92 -53.05 116.58
CA PRO C 2739 -56.03 -53.14 117.75
C PRO C 2739 -56.53 -54.14 118.78
N VAL C 2740 -55.58 -54.74 119.49
CA VAL C 2740 -55.87 -55.68 120.56
C VAL C 2740 -55.97 -54.92 121.88
N GLU C 2741 -56.89 -55.36 122.74
CA GLU C 2741 -57.10 -54.71 124.02
C GLU C 2741 -55.87 -54.80 124.90
N THR C 2742 -55.23 -53.66 125.17
CA THR C 2742 -54.02 -53.63 125.99
C THR C 2742 -54.09 -52.64 127.15
N LEU C 2743 -55.11 -51.80 127.22
CA LEU C 2743 -55.22 -50.79 128.27
C LEU C 2743 -56.07 -51.26 129.45
N ASN C 2744 -56.55 -52.50 129.42
CA ASN C 2744 -57.41 -53.01 130.49
C ASN C 2744 -56.67 -53.90 131.49
N VAL C 2745 -55.69 -54.66 131.04
CA VAL C 2745 -54.96 -55.57 131.92
C VAL C 2745 -53.98 -54.77 132.79
N ILE C 2746 -53.97 -55.06 134.09
CA ILE C 2746 -53.06 -54.42 135.02
C ILE C 2746 -51.80 -55.27 135.12
N ILE C 2747 -50.64 -54.62 134.95
CA ILE C 2747 -49.37 -55.36 134.97
C ILE C 2747 -49.11 -55.87 136.39
N PRO C 2748 -48.49 -57.04 136.55
CA PRO C 2748 -48.15 -57.51 137.90
C PRO C 2748 -46.89 -56.83 138.42
N GLU C 2749 -46.62 -57.07 139.71
CA GLU C 2749 -45.44 -56.48 140.34
C GLU C 2749 -44.15 -57.13 139.86
N LYS C 2750 -44.23 -58.35 139.34
CA LYS C 2750 -43.04 -59.06 138.89
C LYS C 2750 -42.48 -58.51 137.58
N LEU C 2751 -43.22 -57.62 136.90
CA LEU C 2751 -42.82 -57.11 135.60
C LEU C 2751 -42.36 -55.66 135.64
N ASP C 2752 -42.57 -54.96 136.76
CA ASP C 2752 -42.09 -53.58 136.87
C ASP C 2752 -40.57 -53.51 136.81
N SER C 2753 -39.90 -54.48 137.43
CA SER C 2753 -38.45 -54.55 137.33
C SER C 2753 -38.01 -54.74 135.88
N PHE C 2754 -38.71 -55.60 135.14
CA PHE C 2754 -38.41 -55.78 133.72
C PHE C 2754 -38.59 -54.48 132.95
N ILE C 2755 -39.69 -53.77 133.22
CA ILE C 2755 -39.94 -52.51 132.50
C ILE C 2755 -38.82 -51.52 132.76
N ASN C 2756 -38.47 -51.31 134.04
CA ASN C 2756 -37.42 -50.34 134.36
C ASN C 2756 -36.08 -50.76 133.79
N LYS C 2757 -35.73 -52.05 133.91
CA LYS C 2757 -34.45 -52.52 133.42
C LYS C 2757 -34.35 -52.39 131.91
N PHE C 2758 -35.44 -52.67 131.19
CA PHE C 2758 -35.42 -52.52 129.74
C PHE C 2758 -35.33 -51.05 129.34
N ALA C 2759 -36.01 -50.16 130.07
CA ALA C 2759 -35.88 -48.74 129.78
C ALA C 2759 -34.43 -48.27 129.96
N GLU C 2760 -33.81 -48.68 131.06
CA GLU C 2760 -32.40 -48.31 131.29
C GLU C 2760 -31.49 -48.93 130.23
N TYR C 2761 -31.77 -50.17 129.82
CA TYR C 2761 -30.95 -50.82 128.80
C TYR C 2761 -31.06 -50.09 127.46
N THR C 2762 -32.28 -49.71 127.08
CA THR C 2762 -32.44 -48.95 125.83
C THR C 2762 -31.71 -47.61 125.92
N HIS C 2763 -31.84 -46.92 127.05
CA HIS C 2763 -31.16 -45.64 127.20
C HIS C 2763 -29.64 -45.80 127.10
N GLU C 2764 -29.08 -46.83 127.76
CA GLU C 2764 -27.64 -47.00 127.75
C GLU C 2764 -27.14 -47.49 126.39
N LYS C 2765 -27.95 -48.28 125.67
CA LYS C 2765 -27.58 -48.67 124.32
C LYS C 2765 -27.52 -47.46 123.39
N TRP C 2766 -28.52 -46.58 123.49
CA TRP C 2766 -28.47 -45.36 122.69
C TRP C 2766 -27.30 -44.47 123.11
N ALA C 2767 -27.00 -44.42 124.41
CA ALA C 2767 -25.85 -43.65 124.88
C ALA C 2767 -24.55 -44.20 124.33
N PHE C 2768 -24.41 -45.52 124.28
CA PHE C 2768 -23.22 -46.12 123.68
C PHE C 2768 -23.12 -45.81 122.20
N ASP C 2769 -24.25 -45.88 121.48
CA ASP C 2769 -24.24 -45.51 120.08
C ASP C 2769 -23.85 -44.04 119.88
N LYS C 2770 -24.26 -43.17 120.82
CA LYS C 2770 -23.94 -41.76 120.70
C LYS C 2770 -22.47 -41.49 121.01
N ILE C 2771 -21.93 -42.12 122.06
CA ILE C 2771 -20.51 -41.94 122.38
C ILE C 2771 -19.64 -42.58 121.30
N GLN C 2772 -20.19 -43.55 120.55
CA GLN C 2772 -19.50 -43.99 119.34
C GLN C 2772 -19.34 -42.84 118.35
N ASN C 2773 -20.36 -42.00 118.24
CA ASN C 2773 -20.31 -40.79 117.42
C ASN C 2773 -19.66 -39.62 118.16
N ASN C 2774 -19.02 -39.87 119.30
CA ASN C 2774 -18.31 -38.84 120.07
C ASN C 2774 -19.26 -37.73 120.54
N TRP C 2775 -20.41 -38.14 121.07
CA TRP C 2775 -21.36 -37.19 121.62
C TRP C 2775 -20.92 -36.74 123.01
N SER C 2776 -21.49 -35.63 123.46
CA SER C 2776 -21.19 -35.06 124.76
C SER C 2776 -22.48 -34.65 125.46
N TYR C 2777 -22.43 -34.64 126.79
CA TYR C 2777 -23.59 -34.26 127.59
C TYR C 2777 -23.77 -32.75 127.58
N GLY C 2778 -25.02 -32.33 127.74
CA GLY C 2778 -25.33 -30.90 127.75
C GLY C 2778 -26.74 -30.68 128.25
N GLU C 2779 -27.11 -29.41 128.34
CA GLU C 2779 -28.43 -29.02 128.81
C GLU C 2779 -29.41 -28.85 127.64
N ASN C 2780 -29.10 -27.97 126.71
CA ASN C 2780 -29.94 -27.74 125.55
C ASN C 2780 -29.70 -28.82 124.49
N VAL C 2781 -30.58 -28.85 123.51
CA VAL C 2781 -30.47 -29.78 122.38
C VAL C 2781 -29.82 -29.07 121.22
N ASP C 2782 -28.74 -29.65 120.69
CA ASP C 2782 -27.99 -29.05 119.60
C ASP C 2782 -27.64 -30.12 118.57
N GLU C 2783 -27.38 -29.68 117.35
CA GLU C 2783 -27.00 -30.57 116.26
C GLU C 2783 -25.49 -30.61 116.06
N GLU C 2784 -24.86 -29.45 115.87
CA GLU C 2784 -23.42 -29.41 115.69
C GLU C 2784 -22.67 -29.64 117.01
N LEU C 2785 -23.27 -29.22 118.13
CA LEU C 2785 -22.65 -29.44 119.43
C LEU C 2785 -22.98 -30.81 120.02
N LYS C 2786 -23.91 -31.54 119.41
CA LYS C 2786 -24.36 -32.87 119.83
C LYS C 2786 -24.44 -32.99 121.35
N THR C 2787 -25.21 -32.07 121.94
CA THR C 2787 -25.45 -32.04 123.38
C THR C 2787 -26.92 -32.32 123.65
N HIS C 2788 -27.18 -33.16 124.66
CA HIS C 2788 -28.53 -33.54 125.02
C HIS C 2788 -28.57 -33.94 126.48
N PRO C 2789 -29.63 -33.59 127.21
CA PRO C 2789 -29.72 -33.94 128.64
C PRO C 2789 -29.99 -35.42 128.90
N MET C 2790 -30.06 -36.26 127.86
CA MET C 2790 -30.29 -37.68 128.07
C MET C 2790 -29.04 -38.44 128.50
N LEU C 2791 -27.87 -37.80 128.46
CA LEU C 2791 -26.63 -38.42 128.90
C LEU C 2791 -26.34 -37.96 130.33
N ARG C 2792 -27.05 -38.58 131.27
CA ARG C 2792 -26.94 -38.25 132.68
C ARG C 2792 -26.83 -39.51 133.52
N PRO C 2793 -26.22 -39.42 134.70
CA PRO C 2793 -26.14 -40.59 135.57
C PRO C 2793 -27.52 -41.03 136.05
N TYR C 2794 -27.61 -42.33 136.37
CA TYR C 2794 -28.87 -42.91 136.79
C TYR C 2794 -29.37 -42.31 138.09
N LYS C 2795 -28.47 -41.85 138.96
CA LYS C 2795 -28.85 -41.31 140.26
C LYS C 2795 -29.52 -39.94 140.17
N THR C 2796 -29.51 -39.30 139.00
CA THR C 2796 -30.07 -37.96 138.85
C THR C 2796 -30.93 -37.86 137.60
N PHE C 2797 -31.76 -38.87 137.36
CA PHE C 2797 -32.68 -38.84 136.23
C PHE C 2797 -33.92 -38.01 136.56
N SER C 2798 -34.80 -37.88 135.57
CA SER C 2798 -36.05 -37.15 135.73
C SER C 2798 -37.23 -38.08 135.49
N GLU C 2799 -38.33 -37.81 136.19
CA GLU C 2799 -39.50 -38.66 136.08
C GLU C 2799 -40.11 -38.61 134.67
N LYS C 2800 -40.14 -37.42 134.06
CA LYS C 2800 -40.74 -37.29 132.74
C LYS C 2800 -39.97 -38.10 131.69
N ASP C 2801 -38.63 -38.01 131.72
CA ASP C 2801 -37.83 -38.76 130.76
C ASP C 2801 -37.99 -40.26 130.94
N LYS C 2802 -38.01 -40.72 132.20
CA LYS C 2802 -38.21 -42.14 132.46
C LYS C 2802 -39.58 -42.62 131.99
N GLU C 2803 -40.61 -41.81 132.23
CA GLU C 2803 -41.95 -42.18 131.78
C GLU C 2803 -42.03 -42.24 130.26
N ILE C 2804 -41.40 -41.28 129.58
CA ILE C 2804 -41.39 -41.29 128.12
C ILE C 2804 -40.65 -42.51 127.59
N TYR C 2805 -39.50 -42.83 128.19
CA TYR C 2805 -38.70 -43.95 127.70
C TYR C 2805 -39.38 -45.29 127.95
N ARG C 2806 -40.04 -45.44 129.09
CA ARG C 2806 -40.65 -46.71 129.45
C ARG C 2806 -42.05 -46.88 128.85
N TRP C 2807 -42.63 -45.83 128.28
CA TRP C 2807 -43.99 -45.93 127.73
C TRP C 2807 -44.11 -46.92 126.58
N PRO C 2808 -43.25 -46.90 125.55
CA PRO C 2808 -43.48 -47.79 124.39
C PRO C 2808 -43.50 -49.27 124.73
N ILE C 2809 -42.76 -49.70 125.75
CA ILE C 2809 -42.67 -51.11 126.08
C ILE C 2809 -43.71 -51.55 127.11
N LYS C 2810 -44.67 -50.67 127.44
CA LYS C 2810 -45.75 -51.07 128.33
C LYS C 2810 -46.77 -51.94 127.62
N GLU C 2811 -47.39 -51.40 126.57
CA GLU C 2811 -48.41 -52.14 125.83
C GLU C 2811 -47.87 -53.40 125.19
N SER C 2812 -46.57 -53.44 124.87
CA SER C 2812 -45.98 -54.65 124.30
C SER C 2812 -46.12 -55.83 125.24
N LEU C 2813 -45.83 -55.62 126.53
CA LEU C 2813 -46.02 -56.68 127.52
C LEU C 2813 -47.48 -56.85 127.92
N LYS C 2814 -48.25 -55.77 127.94
CA LYS C 2814 -49.66 -55.86 128.33
C LYS C 2814 -50.44 -56.71 127.34
N ALA C 2815 -50.17 -56.55 126.04
CA ALA C 2815 -50.85 -57.37 125.03
C ALA C 2815 -50.47 -58.84 125.17
N MET C 2816 -49.19 -59.11 125.45
CA MET C 2816 -48.76 -60.49 125.64
C MET C 2816 -49.44 -61.12 126.85
N ILE C 2817 -49.58 -60.35 127.94
CA ILE C 2817 -50.31 -60.85 129.10
C ILE C 2817 -51.77 -61.11 128.75
N ALA C 2818 -52.39 -60.18 128.00
CA ALA C 2818 -53.79 -60.33 127.61
C ALA C 2818 -53.99 -61.44 126.59
N TRP C 2819 -52.92 -61.89 125.92
CA TRP C 2819 -53.01 -62.96 124.93
C TRP C 2819 -52.99 -64.35 125.54
N GLU C 2820 -53.26 -64.46 126.85
CA GLU C 2820 -53.34 -65.74 127.55
C GLU C 2820 -52.04 -66.52 127.43
N TRP C 2821 -50.96 -65.92 127.96
CA TRP C 2821 -49.66 -66.56 128.00
C TRP C 2821 -49.09 -66.41 129.41
N THR C 2822 -48.57 -67.50 129.95
CA THR C 2822 -48.04 -67.52 131.31
C THR C 2822 -46.60 -67.03 131.33
N ILE C 2823 -46.27 -66.25 132.36
CA ILE C 2823 -44.92 -65.74 132.57
C ILE C 2823 -44.42 -66.31 133.89
N GLU C 2824 -43.30 -67.03 133.84
CA GLU C 2824 -42.72 -67.65 135.02
C GLU C 2824 -41.24 -67.32 135.11
N LYS C 2825 -40.76 -67.08 136.32
CA LYS C 2825 -39.36 -66.76 136.57
C LYS C 2825 -38.57 -68.05 136.74
N ALA C 2826 -37.65 -68.32 135.81
CA ALA C 2826 -36.84 -69.52 135.84
C ALA C 2826 -35.43 -69.28 136.32
N ARG C 2827 -34.80 -68.17 135.91
CA ARG C 2827 -33.43 -67.88 136.30
C ARG C 2827 -33.33 -66.49 136.93
N GLU C 2828 -32.10 -66.06 137.20
CA GLU C 2828 -31.84 -64.75 137.79
C GLU C 2828 -31.23 -63.83 136.73
N GLY C 2829 -31.75 -62.61 136.65
CA GLY C 2829 -31.27 -61.64 135.69
C GLY C 2829 -29.80 -61.29 135.87
N GLU C 2830 -28.97 -61.66 134.90
CA GLU C 2830 -27.55 -61.37 134.95
C GLU C 2830 -27.25 -59.93 134.59
N TYR C 2855 -18.81 -39.98 130.52
CA TYR C 2855 -19.67 -41.10 130.92
C TYR C 2855 -19.80 -42.11 129.79
N ASN C 2856 -19.16 -43.26 129.96
CA ASN C 2856 -19.20 -44.33 128.96
C ASN C 2856 -20.04 -45.48 129.48
N PRO C 2857 -21.19 -45.77 128.88
CA PRO C 2857 -21.99 -46.91 129.33
C PRO C 2857 -21.31 -48.23 128.98
N GLN C 2858 -21.75 -49.29 129.68
CA GLN C 2858 -21.19 -50.63 129.54
C GLN C 2858 -22.33 -51.59 129.19
N PRO C 2859 -22.68 -51.71 127.91
CA PRO C 2859 -23.77 -52.60 127.52
C PRO C 2859 -23.32 -54.05 127.55
N PRO C 2860 -24.07 -54.92 128.23
CA PRO C 2860 -23.72 -56.34 128.23
C PRO C 2860 -23.91 -56.97 126.86
N ASP C 2861 -23.11 -58.00 126.58
CA ASP C 2861 -23.20 -58.69 125.30
C ASP C 2861 -24.48 -59.52 125.25
N LEU C 2862 -25.24 -59.36 124.17
CA LEU C 2862 -26.50 -60.07 123.99
C LEU C 2862 -26.57 -60.83 122.68
N SER C 2863 -25.47 -60.91 121.93
CA SER C 2863 -25.45 -61.60 120.65
C SER C 2863 -25.11 -63.08 120.77
N GLY C 2864 -24.86 -63.57 121.98
CA GLY C 2864 -24.52 -64.96 122.21
C GLY C 2864 -25.69 -65.89 122.44
N VAL C 2865 -26.91 -65.43 122.23
CA VAL C 2865 -28.12 -66.21 122.47
C VAL C 2865 -28.74 -66.56 121.12
N THR C 2866 -29.01 -67.84 120.90
CA THR C 2866 -29.61 -68.31 119.66
C THR C 2866 -31.12 -68.12 119.73
N LEU C 2867 -31.84 -68.60 118.71
CA LEU C 2867 -33.29 -68.47 118.63
C LEU C 2867 -33.89 -69.81 118.24
N SER C 2868 -35.15 -70.00 118.62
CA SER C 2868 -35.90 -71.22 118.34
C SER C 2868 -37.05 -70.92 117.40
N ARG C 2869 -37.54 -71.97 116.73
CA ARG C 2869 -38.65 -71.81 115.80
C ARG C 2869 -39.92 -71.34 116.51
N GLU C 2870 -40.18 -71.89 117.70
CA GLU C 2870 -41.36 -71.48 118.46
C GLU C 2870 -41.25 -70.01 118.87
N LEU C 2871 -40.06 -69.57 119.27
CA LEU C 2871 -39.86 -68.18 119.66
C LEU C 2871 -39.97 -67.23 118.48
N GLN C 2872 -39.79 -67.72 117.25
CA GLN C 2872 -39.92 -66.85 116.08
C GLN C 2872 -41.35 -66.35 115.92
N ALA C 2873 -42.33 -67.22 116.15
CA ALA C 2873 -43.72 -66.79 116.08
C ALA C 2873 -44.04 -65.76 117.14
N MET C 2874 -43.53 -65.96 118.37
CA MET C 2874 -43.74 -64.98 119.43
C MET C 2874 -43.12 -63.64 119.07
N ALA C 2875 -41.89 -63.67 118.53
CA ALA C 2875 -41.23 -62.42 118.15
C ALA C 2875 -42.00 -61.71 117.04
N GLU C 2876 -42.47 -62.44 116.04
CA GLU C 2876 -43.24 -61.82 114.97
C GLU C 2876 -44.55 -61.24 115.48
N GLN C 2877 -45.25 -61.96 116.34
CA GLN C 2877 -46.50 -61.46 116.89
C GLN C 2877 -46.27 -60.22 117.76
N LEU C 2878 -45.19 -60.22 118.54
CA LEU C 2878 -44.88 -59.05 119.36
C LEU C 2878 -44.52 -57.85 118.50
N ALA C 2879 -43.73 -58.06 117.44
CA ALA C 2879 -43.41 -56.98 116.52
C ALA C 2879 -44.63 -56.48 115.78
N GLU C 2880 -45.65 -57.33 115.60
CA GLU C 2880 -46.90 -56.89 114.99
C GLU C 2880 -47.60 -55.84 115.85
N ASN C 2881 -47.39 -55.88 117.18
CA ASN C 2881 -48.07 -54.95 118.07
C ASN C 2881 -47.64 -53.52 117.82
N TYR C 2882 -46.34 -53.29 117.59
CA TYR C 2882 -45.86 -51.95 117.33
C TYR C 2882 -46.49 -51.36 116.08
N HIS C 2883 -46.50 -52.14 114.98
CA HIS C 2883 -47.11 -51.67 113.75
C HIS C 2883 -48.62 -51.48 113.91
N ASN C 2884 -49.27 -52.34 114.69
CA ASN C 2884 -50.70 -52.20 114.91
C ASN C 2884 -51.02 -50.91 115.66
N THR C 2885 -50.29 -50.64 116.74
CA THR C 2885 -50.54 -49.43 117.52
C THR C 2885 -50.08 -48.17 116.79
N TRP C 2886 -49.18 -48.31 115.81
CA TRP C 2886 -48.83 -47.16 114.98
C TRP C 2886 -49.90 -46.90 113.93
N GLY C 2887 -50.38 -47.95 113.26
CA GLY C 2887 -51.41 -47.77 112.25
C GLY C 2887 -52.74 -47.33 112.83
N ARG C 2888 -53.05 -47.76 114.06
CA ARG C 2888 -54.30 -47.34 114.69
C ARG C 2888 -54.32 -45.83 114.90
N LYS C 2889 -53.19 -45.26 115.33
CA LYS C 2889 -53.11 -43.80 115.47
C LYS C 2889 -53.00 -43.11 114.12
N LYS C 2890 -52.35 -43.75 113.14
CA LYS C 2890 -52.26 -43.18 111.80
C LYS C 2890 -53.61 -43.14 111.10
N LYS C 2891 -54.56 -43.99 111.52
CA LYS C 2891 -55.89 -43.97 110.93
C LYS C 2891 -56.55 -42.61 111.13
N GLN C 2892 -56.55 -42.11 112.36
CA GLN C 2892 -57.02 -40.75 112.61
C GLN C 2892 -56.19 -39.71 111.88
N GLU C 2893 -54.91 -39.99 111.64
CA GLU C 2893 -54.07 -39.03 110.91
C GLU C 2893 -54.55 -38.85 109.49
N LEU C 2894 -54.79 -39.95 108.76
CA LEU C 2894 -55.28 -39.75 107.39
C LEU C 2894 -56.77 -39.40 107.38
N GLU C 2895 -57.49 -39.67 108.47
CA GLU C 2895 -58.84 -39.12 108.59
C GLU C 2895 -58.81 -37.61 108.64
N ALA C 2896 -57.88 -37.04 109.40
CA ALA C 2896 -57.70 -35.59 109.43
C ALA C 2896 -57.18 -35.07 108.09
N LYS C 2897 -56.28 -35.82 107.45
CA LYS C 2897 -55.78 -35.41 106.14
C LYS C 2897 -56.89 -35.42 105.10
N GLY C 2898 -57.78 -36.41 105.16
CA GLY C 2898 -58.88 -36.51 104.23
C GLY C 2898 -58.74 -37.56 103.15
N GLY C 2899 -57.69 -38.38 103.19
CA GLY C 2899 -57.48 -39.43 102.22
C GLY C 2899 -56.03 -39.50 101.78
N GLY C 2900 -55.59 -40.73 101.50
CA GLY C 2900 -54.22 -40.96 101.06
C GLY C 2900 -53.77 -42.38 101.27
N THR C 2901 -52.90 -42.87 100.38
CA THR C 2901 -52.37 -44.23 100.47
C THR C 2901 -50.87 -44.17 100.76
N HIS C 2902 -50.45 -44.91 101.78
CA HIS C 2902 -49.05 -44.97 102.17
C HIS C 2902 -48.53 -46.39 102.05
N PRO C 2903 -47.37 -46.60 101.42
CA PRO C 2903 -46.84 -47.97 101.27
C PRO C 2903 -46.51 -48.64 102.60
N LEU C 2904 -46.29 -47.88 103.67
CA LEU C 2904 -45.95 -48.45 104.96
C LEU C 2904 -47.15 -49.06 105.67
N LEU C 2905 -48.37 -48.71 105.26
CA LEU C 2905 -49.58 -49.23 105.90
C LEU C 2905 -50.00 -50.53 105.21
N VAL C 2906 -49.24 -51.58 105.50
CA VAL C 2906 -49.48 -52.91 104.92
C VAL C 2906 -49.49 -53.94 106.03
N PRO C 2907 -50.17 -55.07 105.82
CA PRO C 2907 -50.16 -56.13 106.84
C PRO C 2907 -48.76 -56.67 107.06
N TYR C 2908 -48.51 -57.14 108.29
CA TYR C 2908 -47.18 -57.61 108.66
C TYR C 2908 -46.76 -58.83 107.87
N ASP C 2909 -47.72 -59.66 107.44
CA ASP C 2909 -47.39 -60.81 106.60
C ASP C 2909 -46.82 -60.39 105.25
N THR C 2910 -47.17 -59.19 104.78
CA THR C 2910 -46.60 -58.67 103.54
C THR C 2910 -45.14 -58.25 103.73
N LEU C 2911 -44.75 -57.91 104.96
CA LEU C 2911 -43.41 -57.40 105.22
C LEU C 2911 -42.36 -58.45 104.89
N THR C 2912 -41.23 -57.98 104.35
CA THR C 2912 -40.08 -58.81 104.03
C THR C 2912 -38.94 -58.51 105.00
N ALA C 2913 -37.85 -59.25 104.84
CA ALA C 2913 -36.70 -59.07 105.73
C ALA C 2913 -36.10 -57.67 105.59
N LYS C 2914 -36.04 -57.15 104.35
CA LYS C 2914 -35.51 -55.81 104.14
C LYS C 2914 -36.32 -54.76 104.88
N GLU C 2915 -37.65 -54.87 104.83
CA GLU C 2915 -38.49 -53.96 105.59
C GLU C 2915 -38.53 -54.32 107.07
N LYS C 2916 -38.37 -55.59 107.41
CA LYS C 2916 -38.31 -56.01 108.81
C LYS C 2916 -37.05 -55.53 109.51
N ALA C 2917 -36.02 -55.15 108.76
CA ALA C 2917 -34.78 -54.68 109.37
C ALA C 2917 -34.97 -53.43 110.22
N ARG C 2918 -36.06 -52.69 110.01
CA ARG C 2918 -36.37 -51.50 110.79
C ARG C 2918 -37.53 -51.71 111.76
N ASP C 2919 -38.04 -52.93 111.88
CA ASP C 2919 -39.17 -53.20 112.76
C ASP C 2919 -38.89 -54.36 113.70
N ARG C 2920 -38.03 -55.29 113.26
CA ARG C 2920 -37.72 -56.46 114.08
C ARG C 2920 -36.79 -56.11 115.24
N GLU C 2921 -35.97 -55.06 115.09
CA GLU C 2921 -34.98 -54.75 116.12
C GLU C 2921 -35.64 -54.39 117.44
N LYS C 2922 -36.71 -53.58 117.41
CA LYS C 2922 -37.41 -53.22 118.63
C LYS C 2922 -38.06 -54.42 119.31
N ALA C 2923 -38.31 -55.49 118.56
CA ALA C 2923 -38.84 -56.73 119.14
C ALA C 2923 -37.76 -57.76 119.41
N GLN C 2924 -36.68 -57.75 118.64
CA GLN C 2924 -35.58 -58.68 118.88
C GLN C 2924 -34.75 -58.29 120.09
N GLU C 2925 -34.65 -56.99 120.39
CA GLU C 2925 -33.87 -56.52 121.53
C GLU C 2925 -34.48 -56.91 122.87
N LEU C 2926 -35.74 -57.31 122.91
CA LEU C 2926 -36.38 -57.67 124.17
C LEU C 2926 -36.46 -59.17 124.41
N LEU C 2927 -36.41 -60.00 123.36
CA LEU C 2927 -36.42 -61.45 123.60
C LEU C 2927 -35.11 -61.90 124.24
N LYS C 2928 -33.98 -61.31 123.82
CA LYS C 2928 -32.71 -61.60 124.49
C LYS C 2928 -32.73 -61.10 125.93
N PHE C 2929 -33.34 -59.92 126.16
CA PHE C 2929 -33.46 -59.39 127.51
C PHE C 2929 -34.30 -60.33 128.39
N LEU C 2930 -35.40 -60.84 127.84
CA LEU C 2930 -36.23 -61.80 128.57
C LEU C 2930 -35.46 -63.08 128.88
N GLN C 2931 -34.69 -63.57 127.91
CA GLN C 2931 -33.89 -64.77 128.14
C GLN C 2931 -32.86 -64.54 129.25
N MET C 2932 -32.18 -63.39 129.23
CA MET C 2932 -31.17 -63.11 130.22
C MET C 2932 -31.76 -62.78 131.58
N ASN C 2933 -33.01 -62.32 131.63
CA ASN C 2933 -33.65 -62.03 132.91
C ASN C 2933 -34.09 -63.29 133.65
N GLY C 2934 -34.50 -64.31 132.92
CA GLY C 2934 -34.94 -65.55 133.50
C GLY C 2934 -36.41 -65.88 133.36
N TYR C 2935 -37.14 -65.21 132.46
CA TYR C 2935 -38.54 -65.50 132.26
C TYR C 2935 -38.73 -66.71 131.37
N ALA C 2936 -39.82 -67.44 131.59
CA ALA C 2936 -40.14 -68.64 130.82
C ALA C 2936 -41.54 -68.49 130.25
N VAL C 2937 -41.68 -68.76 128.95
CA VAL C 2937 -42.95 -68.69 128.25
C VAL C 2937 -43.22 -70.04 127.61
N THR C 2938 -44.39 -70.61 127.90
CA THR C 2938 -44.79 -71.90 127.37
C THR C 2938 -46.09 -71.74 126.57
N ARG C 2939 -46.20 -72.52 125.50
CA ARG C 2939 -47.39 -72.49 124.65
C ARG C 2939 -48.11 -73.84 124.68
N SER C 2949 -41.41 -82.87 115.17
CA SER C 2949 -40.83 -82.45 113.90
C SER C 2949 -41.65 -81.35 113.24
N SER C 2950 -41.02 -80.58 112.36
CA SER C 2950 -41.68 -79.47 111.68
C SER C 2950 -42.53 -79.92 110.51
N ILE C 2951 -42.43 -81.18 110.08
CA ILE C 2951 -43.23 -81.64 108.95
C ILE C 2951 -44.71 -81.60 109.29
N GLU C 2952 -45.08 -82.08 110.48
CA GLU C 2952 -46.49 -82.08 110.87
C GLU C 2952 -47.06 -80.68 110.95
N LYS C 2953 -46.29 -79.73 111.49
CA LYS C 2953 -46.74 -78.34 111.53
C LYS C 2953 -46.84 -77.77 110.11
N ARG C 2954 -45.89 -78.12 109.25
CA ARG C 2954 -45.91 -77.65 107.87
C ARG C 2954 -46.90 -78.50 107.06
N PHE C 2955 -46.86 -78.35 105.73
CA PHE C 2955 -47.78 -79.05 104.85
C PHE C 2955 -47.35 -80.51 104.71
N ALA C 2956 -47.53 -81.26 105.80
CA ALA C 2956 -47.30 -82.70 105.75
C ALA C 2956 -48.27 -83.37 104.78
N PHE C 2957 -49.54 -82.95 104.82
CA PHE C 2957 -50.51 -83.45 103.85
C PHE C 2957 -50.15 -83.00 102.43
N GLY C 2958 -49.92 -81.70 102.26
CA GLY C 2958 -49.51 -81.20 100.96
C GLY C 2958 -50.68 -81.06 99.99
N PHE C 2959 -50.33 -80.61 98.79
CA PHE C 2959 -51.33 -80.44 97.74
C PHE C 2959 -51.95 -81.76 97.32
N LEU C 2960 -51.18 -82.85 97.34
CA LEU C 2960 -51.72 -84.15 96.98
C LEU C 2960 -52.83 -84.58 97.94
N GLN C 2961 -52.58 -84.43 99.25
CA GLN C 2961 -53.61 -84.81 100.22
C GLN C 2961 -54.75 -83.80 100.26
N GLN C 2962 -54.48 -82.54 99.94
CA GLN C 2962 -55.57 -81.58 99.79
C GLN C 2962 -56.49 -81.98 98.65
N LEU C 2963 -55.92 -82.39 97.52
CA LEU C 2963 -56.73 -82.89 96.41
C LEU C 2963 -57.43 -84.18 96.79
N LEU C 2964 -56.80 -85.00 97.62
CA LEU C 2964 -57.45 -86.23 98.08
C LEU C 2964 -58.66 -85.92 98.96
N ARG C 2965 -58.55 -84.90 99.81
CA ARG C 2965 -59.71 -84.48 100.60
C ARG C 2965 -60.80 -83.88 99.72
N TRP C 2966 -60.39 -83.12 98.69
CA TRP C 2966 -61.36 -82.62 97.73
C TRP C 2966 -62.09 -83.78 97.04
N MET C 2967 -61.35 -84.84 96.69
CA MET C 2967 -61.98 -86.02 96.12
C MET C 2967 -62.84 -86.77 97.14
N ASP C 2968 -62.48 -86.68 98.42
CA ASP C 2968 -63.32 -87.28 99.46
C ASP C 2968 -64.67 -86.58 99.53
N ILE C 2969 -64.68 -85.25 99.42
CA ILE C 2969 -65.94 -84.52 99.33
C ILE C 2969 -66.64 -84.83 98.00
N SER C 2970 -65.86 -84.96 96.93
CA SER C 2970 -66.42 -85.34 95.64
C SER C 2970 -67.01 -86.73 95.65
N GLN C 2971 -66.64 -87.57 96.63
CA GLN C 2971 -67.29 -88.86 96.78
C GLN C 2971 -68.78 -88.68 97.09
N GLU C 2972 -69.09 -87.86 98.10
CA GLU C 2972 -70.48 -87.54 98.39
C GLU C 2972 -71.13 -86.80 97.23
N PHE C 2973 -70.38 -85.91 96.58
CA PHE C 2973 -70.91 -85.20 95.42
C PHE C 2973 -71.32 -86.17 94.32
N ILE C 2974 -70.47 -87.16 94.03
CA ILE C 2974 -70.75 -88.15 92.99
C ILE C 2974 -71.91 -89.05 93.42
N ALA C 2975 -72.00 -89.35 94.72
CA ALA C 2975 -73.15 -90.11 95.20
C ALA C 2975 -74.45 -89.35 94.94
N HIS C 2976 -74.45 -88.04 95.22
CA HIS C 2976 -75.63 -87.23 94.92
C HIS C 2976 -75.93 -87.18 93.43
N LEU C 2977 -74.88 -87.05 92.61
CA LEU C 2977 -75.06 -87.00 91.16
C LEU C 2977 -75.64 -88.31 90.63
N GLU C 2978 -75.16 -89.44 91.16
CA GLU C 2978 -75.71 -90.73 90.74
C GLU C 2978 -77.13 -90.92 91.23
N ALA C 2979 -77.43 -90.44 92.44
CA ALA C 2979 -78.79 -90.54 92.95
C ALA C 2979 -79.77 -89.73 92.10
N VAL C 2980 -79.39 -88.52 91.69
CA VAL C 2980 -80.29 -87.73 90.87
C VAL C 2980 -80.31 -88.24 89.44
N VAL C 2981 -79.21 -88.87 88.99
CA VAL C 2981 -79.18 -89.43 87.63
C VAL C 2981 -80.09 -90.65 87.53
N SER C 2982 -80.08 -91.49 88.55
CA SER C 2982 -80.88 -92.72 88.55
C SER C 2982 -82.37 -92.39 88.62
N GLU C 2992 -75.42 -80.57 90.53
CA GLU C 2992 -75.86 -79.27 90.05
C GLU C 2992 -74.70 -78.29 89.93
N GLN C 2993 -73.90 -78.22 91.00
CA GLN C 2993 -72.74 -77.34 91.06
C GLN C 2993 -71.41 -78.08 91.14
N GLU C 2994 -71.35 -79.15 91.92
CA GLU C 2994 -70.11 -79.91 92.05
C GLU C 2994 -69.74 -80.62 90.76
N ILE C 2995 -70.73 -80.95 89.93
CA ILE C 2995 -70.45 -81.62 88.66
C ILE C 2995 -69.62 -80.71 87.75
N LYS C 2996 -70.01 -79.43 87.65
CA LYS C 2996 -69.24 -78.48 86.85
C LYS C 2996 -67.85 -78.28 87.43
N PHE C 2997 -67.74 -78.22 88.76
CA PHE C 2997 -66.44 -78.12 89.41
C PHE C 2997 -65.54 -79.28 89.00
N PHE C 2998 -66.05 -80.51 89.12
CA PHE C 2998 -65.24 -81.68 88.79
C PHE C 2998 -64.87 -81.71 87.31
N ALA C 2999 -65.81 -81.36 86.44
CA ALA C 2999 -65.58 -81.41 85.00
C ALA C 2999 -64.77 -80.24 84.48
N LYS C 3000 -64.55 -79.19 85.28
CA LYS C 3000 -63.86 -78.01 84.80
C LYS C 3000 -62.51 -77.77 85.47
N ILE C 3001 -62.44 -77.78 86.79
CA ILE C 3001 -61.28 -77.25 87.51
C ILE C 3001 -60.36 -78.36 88.02
N LEU C 3002 -60.87 -79.23 88.89
CA LEU C 3002 -59.98 -80.14 89.62
C LEU C 3002 -59.39 -81.21 88.70
N LEU C 3003 -60.17 -81.70 87.73
CA LEU C 3003 -59.66 -82.74 86.84
C LEU C 3003 -58.44 -82.28 86.04
N PRO C 3004 -58.47 -81.15 85.33
CA PRO C 3004 -57.22 -80.63 84.75
C PRO C 3004 -56.17 -80.30 85.79
N LEU C 3005 -56.58 -79.87 86.98
CA LEU C 3005 -55.62 -79.54 88.03
C LEU C 3005 -54.78 -80.75 88.40
N ILE C 3006 -55.41 -81.89 88.66
CA ILE C 3006 -54.65 -83.10 88.98
C ILE C 3006 -53.92 -83.61 87.74
N ASN C 3007 -54.56 -83.53 86.58
CA ASN C 3007 -53.92 -84.00 85.35
C ASN C 3007 -52.61 -83.27 85.07
N GLN C 3008 -52.52 -82.00 85.46
CA GLN C 3008 -51.30 -81.23 85.32
C GLN C 3008 -50.34 -81.38 86.50
N TYR C 3009 -50.87 -81.45 87.73
CA TYR C 3009 -50.01 -81.58 88.90
C TYR C 3009 -49.25 -82.90 88.90
N PHE C 3010 -49.94 -84.00 88.58
CA PHE C 3010 -49.26 -85.29 88.51
C PHE C 3010 -48.25 -85.33 87.38
N THR C 3011 -48.55 -84.65 86.27
CA THR C 3011 -47.58 -84.57 85.17
C THR C 3011 -46.32 -83.83 85.60
N ASN C 3012 -46.48 -82.68 86.26
CA ASN C 3012 -45.34 -81.87 86.67
C ASN C 3012 -44.64 -82.41 87.91
N HIS C 3013 -45.25 -83.37 88.61
CA HIS C 3013 -44.67 -83.93 89.82
C HIS C 3013 -44.52 -85.45 89.75
N CYS C 3014 -44.41 -86.01 88.54
CA CYS C 3014 -44.20 -87.44 88.41
C CYS C 3014 -42.87 -87.85 89.02
N LEU C 3015 -41.81 -87.08 88.78
CA LEU C 3015 -40.53 -87.31 89.41
C LEU C 3015 -40.45 -86.54 90.73
N TYR C 3016 -39.53 -86.98 91.59
CA TYR C 3016 -39.27 -86.45 92.92
C TYR C 3016 -40.44 -86.66 93.88
N PHE C 3017 -41.53 -87.27 93.43
CA PHE C 3017 -42.66 -87.61 94.30
C PHE C 3017 -43.00 -89.09 94.22
N LEU C 3018 -42.16 -89.90 93.60
CA LEU C 3018 -42.37 -91.34 93.46
C LEU C 3018 -41.23 -92.16 94.05
N SER C 3019 -40.00 -91.67 93.95
CA SER C 3019 -38.84 -92.39 94.50
C SER C 3019 -38.84 -92.33 96.02
N ALA C 3031 -39.02 -87.45 97.51
CA ALA C 3031 -38.80 -88.58 98.41
C ALA C 3031 -39.82 -88.60 99.53
N SER C 3032 -41.09 -88.77 99.17
CA SER C 3032 -42.18 -88.80 100.13
C SER C 3032 -42.61 -90.24 100.41
N ASN C 3033 -43.08 -90.47 101.63
CA ASN C 3033 -43.52 -91.78 102.08
C ASN C 3033 -45.01 -91.84 102.36
N LYS C 3034 -45.53 -90.89 103.14
CA LYS C 3034 -46.96 -90.90 103.45
C LYS C 3034 -47.81 -90.67 102.21
N GLU C 3035 -47.37 -89.77 101.33
CA GLU C 3035 -48.11 -89.50 100.11
C GLU C 3035 -48.08 -90.66 99.13
N LYS C 3036 -47.05 -91.52 99.21
CA LYS C 3036 -47.00 -92.69 98.35
C LYS C 3036 -48.13 -93.66 98.67
N GLU C 3037 -48.42 -93.87 99.95
CA GLU C 3037 -49.48 -94.79 100.33
C GLU C 3037 -50.87 -94.27 99.99
N MET C 3038 -51.00 -92.98 99.68
CA MET C 3038 -52.31 -92.41 99.37
C MET C 3038 -52.49 -92.04 97.91
N ILE C 3039 -51.42 -91.89 97.13
CA ILE C 3039 -51.59 -91.59 95.71
C ILE C 3039 -52.19 -92.78 94.97
N THR C 3040 -51.73 -93.99 95.28
CA THR C 3040 -52.32 -95.19 94.69
C THR C 3040 -53.77 -95.35 95.12
N SER C 3041 -54.07 -95.04 96.38
CA SER C 3041 -55.45 -95.08 96.85
C SER C 3041 -56.32 -94.07 96.11
N LEU C 3042 -55.79 -92.86 95.87
CA LEU C 3042 -56.51 -91.86 95.10
C LEU C 3042 -56.79 -92.36 93.68
N PHE C 3043 -55.80 -93.01 93.07
CA PHE C 3043 -56.04 -93.69 91.79
C PHE C 3043 -57.14 -94.74 91.94
N CYS C 3044 -57.22 -95.39 93.09
CA CYS C 3044 -58.25 -96.40 93.31
C CYS C 3044 -59.65 -95.78 93.28
N LYS C 3045 -59.89 -94.71 94.05
CA LYS C 3045 -61.22 -94.10 93.95
C LYS C 3045 -61.43 -93.43 92.59
N LEU C 3046 -60.37 -93.01 91.91
CA LEU C 3046 -60.54 -92.44 90.58
C LEU C 3046 -61.03 -93.50 89.60
N ALA C 3047 -60.48 -94.71 89.69
CA ALA C 3047 -60.96 -95.80 88.86
C ALA C 3047 -62.38 -96.20 89.26
N ALA C 3048 -62.68 -96.22 90.56
CA ALA C 3048 -64.01 -96.60 91.02
C ALA C 3048 -65.05 -95.54 90.75
N LEU C 3049 -64.64 -94.30 90.49
CA LEU C 3049 -65.60 -93.22 90.26
C LEU C 3049 -66.43 -93.47 89.01
N VAL C 3050 -65.77 -93.86 87.93
CA VAL C 3050 -66.48 -94.20 86.70
C VAL C 3050 -67.05 -95.61 86.85
N ARG C 3051 -68.35 -95.76 86.58
CA ARG C 3051 -69.02 -97.04 86.72
C ARG C 3051 -68.73 -97.90 85.49
N HIS C 3052 -69.46 -99.01 85.36
CA HIS C 3052 -69.29 -99.86 84.18
C HIS C 3052 -69.65 -99.15 82.89
N ARG C 3053 -70.40 -98.06 82.97
CA ARG C 3053 -70.72 -97.23 81.83
C ARG C 3053 -70.12 -95.84 82.02
N VAL C 3054 -69.99 -95.12 80.90
CA VAL C 3054 -69.44 -93.76 80.91
C VAL C 3054 -70.49 -92.73 80.49
N SER C 3055 -71.75 -93.15 80.33
CA SER C 3055 -72.79 -92.21 79.93
C SER C 3055 -73.11 -91.21 81.03
N LEU C 3056 -72.93 -91.59 82.30
CA LEU C 3056 -73.20 -90.66 83.39
C LEU C 3056 -72.25 -89.47 83.35
N PHE C 3057 -70.98 -89.72 83.02
CA PHE C 3057 -70.04 -88.62 82.81
C PHE C 3057 -70.30 -87.90 81.49
N GLY C 3058 -70.76 -88.63 80.47
CA GLY C 3058 -71.09 -88.04 79.20
C GLY C 3058 -69.86 -87.68 78.37
N THR C 3059 -70.13 -87.01 77.25
CA THR C 3059 -69.07 -86.53 76.38
C THR C 3059 -68.47 -85.22 76.85
N ASP C 3060 -69.01 -84.62 77.91
CA ASP C 3060 -68.47 -83.37 78.42
C ASP C 3060 -67.05 -83.55 78.97
N ALA C 3061 -66.80 -84.68 79.64
CA ALA C 3061 -65.51 -84.93 80.28
C ALA C 3061 -64.97 -86.29 79.86
N PRO C 3062 -64.44 -86.40 78.63
CA PRO C 3062 -63.68 -87.61 78.26
C PRO C 3062 -62.27 -87.61 78.84
N ALA C 3063 -61.85 -86.52 79.47
CA ALA C 3063 -60.52 -86.41 80.04
C ALA C 3063 -60.36 -87.22 81.32
N VAL C 3064 -61.42 -87.82 81.84
CA VAL C 3064 -61.31 -88.68 83.01
C VAL C 3064 -60.40 -89.87 82.71
N VAL C 3065 -60.49 -90.40 81.48
CA VAL C 3065 -59.62 -91.51 81.09
C VAL C 3065 -58.16 -91.08 81.06
N ASN C 3066 -57.89 -89.87 80.55
CA ASN C 3066 -56.52 -89.36 80.54
C ASN C 3066 -56.01 -89.11 81.95
N CYS C 3067 -56.87 -88.60 82.83
CA CYS C 3067 -56.48 -88.41 84.22
C CYS C 3067 -56.16 -89.73 84.89
N LEU C 3068 -56.97 -90.76 84.61
CA LEU C 3068 -56.67 -92.10 85.13
C LEU C 3068 -55.35 -92.62 84.58
N HIS C 3069 -55.10 -92.39 83.29
CA HIS C 3069 -53.81 -92.76 82.69
C HIS C 3069 -52.67 -92.12 83.44
N ILE C 3070 -52.76 -90.81 83.69
CA ILE C 3070 -51.67 -90.07 84.31
C ILE C 3070 -51.48 -90.49 85.75
N LEU C 3071 -52.57 -90.71 86.48
CA LEU C 3071 -52.47 -91.16 87.86
C LEU C 3071 -51.86 -92.56 87.95
N ALA C 3072 -52.27 -93.46 87.06
CA ALA C 3072 -51.71 -94.80 87.05
C ALA C 3072 -50.23 -94.78 86.69
N ARG C 3073 -49.84 -93.94 85.74
CA ARG C 3073 -48.44 -93.80 85.37
C ARG C 3073 -47.59 -93.20 86.48
N SER C 3074 -48.20 -92.58 87.49
CA SER C 3074 -47.50 -92.01 88.63
C SER C 3074 -48.03 -92.70 89.89
N LEU C 3075 -47.44 -93.85 90.20
CA LEU C 3075 -47.79 -94.62 91.41
C LEU C 3075 -46.54 -94.66 92.28
N ASP C 3076 -46.48 -93.77 93.27
CA ASP C 3076 -45.29 -93.64 94.09
C ASP C 3076 -45.01 -94.92 94.87
N ALA C 3077 -46.06 -95.53 95.45
CA ALA C 3077 -45.89 -96.73 96.25
C ALA C 3077 -45.97 -97.97 95.34
N ARG C 3078 -44.98 -98.07 94.45
CA ARG C 3078 -44.87 -99.26 93.62
C ARG C 3078 -44.58 -100.49 94.47
N THR C 3079 -43.70 -100.35 95.46
CA THR C 3079 -43.39 -101.43 96.40
C THR C 3079 -43.84 -101.14 97.83
N VAL C 3080 -44.01 -99.86 98.18
CA VAL C 3080 -44.43 -99.52 99.54
C VAL C 3080 -45.86 -100.00 99.79
N MET C 3081 -46.74 -99.84 98.81
CA MET C 3081 -48.12 -100.26 98.97
C MET C 3081 -48.24 -101.77 99.17
N LYS C 3082 -47.27 -102.54 98.69
CA LYS C 3082 -47.26 -103.98 98.88
C LYS C 3082 -46.47 -104.43 100.10
N SER C 3083 -45.48 -103.65 100.53
CA SER C 3083 -44.67 -103.97 101.69
C SER C 3083 -45.18 -103.33 102.97
N GLY C 3084 -46.26 -102.54 102.90
CA GLY C 3084 -46.81 -101.90 104.07
C GLY C 3084 -47.78 -102.80 104.81
N PRO C 3085 -48.48 -102.23 105.80
CA PRO C 3085 -49.46 -103.02 106.55
C PRO C 3085 -50.76 -103.29 105.79
N GLU C 3086 -50.86 -102.85 104.54
CA GLU C 3086 -51.97 -103.18 103.66
C GLU C 3086 -53.31 -102.72 104.22
N ILE C 3087 -53.45 -101.41 104.37
CA ILE C 3087 -54.74 -100.83 104.74
C ILE C 3087 -55.59 -100.62 103.50
N VAL C 3088 -55.03 -99.99 102.47
CA VAL C 3088 -55.74 -99.76 101.21
C VAL C 3088 -55.39 -100.79 100.15
N LYS C 3089 -54.47 -101.72 100.44
CA LYS C 3089 -54.17 -102.78 99.49
C LYS C 3089 -55.40 -103.61 99.16
N ALA C 3090 -56.36 -103.67 100.09
CA ALA C 3090 -57.63 -104.32 99.78
C ALA C 3090 -58.36 -103.59 98.66
N GLY C 3091 -58.30 -102.26 98.66
CA GLY C 3091 -58.92 -101.50 97.59
C GLY C 3091 -58.26 -101.75 96.25
N LEU C 3092 -56.92 -101.81 96.23
CA LEU C 3092 -56.22 -102.12 94.99
C LEU C 3092 -56.55 -103.52 94.50
N ARG C 3093 -56.64 -104.49 95.42
CA ARG C 3093 -57.02 -105.84 95.06
C ARG C 3093 -58.44 -105.86 94.48
N SER C 3094 -59.36 -105.11 95.09
CA SER C 3094 -60.73 -105.05 94.58
C SER C 3094 -60.77 -104.43 93.19
N PHE C 3095 -59.99 -103.36 92.97
CA PHE C 3095 -59.96 -102.75 91.65
C PHE C 3095 -59.41 -103.70 90.60
N PHE C 3096 -58.31 -104.40 90.93
CA PHE C 3096 -57.74 -105.35 89.97
C PHE C 3096 -58.69 -106.50 89.69
N GLU C 3097 -59.37 -107.01 90.72
CA GLU C 3097 -60.32 -108.09 90.53
C GLU C 3097 -61.50 -107.64 89.69
N SER C 3098 -61.98 -106.40 89.92
CA SER C 3098 -63.07 -105.87 89.11
C SER C 3098 -62.66 -105.72 87.66
N ALA C 3099 -61.43 -105.24 87.41
CA ALA C 3099 -60.95 -105.12 86.04
C ALA C 3099 -60.85 -106.49 85.38
N SER C 3100 -60.32 -107.49 86.08
CA SER C 3100 -60.22 -108.83 85.51
C SER C 3100 -61.59 -109.42 85.23
N GLU C 3101 -62.55 -109.23 86.14
CA GLU C 3101 -63.90 -109.74 85.95
C GLU C 3101 -64.58 -109.05 84.77
N ASP C 3102 -64.39 -107.73 84.64
CA ASP C 3102 -64.99 -107.01 83.53
C ASP C 3102 -64.38 -107.47 82.20
N ILE C 3103 -63.08 -107.73 82.18
CA ILE C 3103 -62.45 -108.24 80.96
C ILE C 3103 -62.99 -109.62 80.63
N GLU C 3104 -63.11 -110.49 81.64
CA GLU C 3104 -63.60 -111.85 81.40
C GLU C 3104 -65.05 -111.86 80.98
N LYS C 3105 -65.84 -110.88 81.42
CA LYS C 3105 -67.24 -110.80 81.02
C LYS C 3105 -67.42 -110.49 79.54
N MET C 3106 -66.37 -110.06 78.85
CA MET C 3106 -66.48 -109.76 77.43
C MET C 3106 -66.65 -111.02 76.58
N VAL C 3107 -66.33 -112.19 77.14
CA VAL C 3107 -66.51 -113.44 76.39
C VAL C 3107 -67.98 -113.75 76.17
N GLU C 3108 -68.87 -113.18 76.99
CA GLU C 3108 -70.30 -113.38 76.82
C GLU C 3108 -70.89 -112.49 75.73
N ASN C 3109 -70.12 -111.53 75.22
CA ASN C 3109 -70.57 -110.63 74.17
C ASN C 3109 -69.80 -110.81 72.87
N LEU C 3110 -68.47 -110.72 72.92
CA LEU C 3110 -67.67 -110.84 71.70
C LEU C 3110 -67.68 -112.28 71.17
N ARG C 3111 -67.54 -113.26 72.06
CA ARG C 3111 -67.50 -114.66 71.66
C ARG C 3111 -68.87 -115.29 71.52
N LEU C 3112 -69.94 -114.54 71.79
CA LEU C 3112 -71.30 -115.04 71.67
C LEU C 3112 -72.16 -114.27 70.69
N GLY C 3113 -71.93 -112.97 70.51
CA GLY C 3113 -72.71 -112.18 69.59
C GLY C 3113 -71.99 -110.92 69.13
N GLY C 3126 -72.04 -105.45 74.07
CA GLY C 3126 -73.13 -104.74 73.42
C GLY C 3126 -73.58 -103.50 74.18
N GLN C 3127 -74.08 -103.73 75.40
CA GLN C 3127 -74.57 -102.65 76.25
C GLN C 3127 -73.84 -102.70 77.59
N ASN C 3128 -73.34 -101.55 78.03
CA ASN C 3128 -72.66 -101.33 79.30
C ASN C 3128 -71.32 -102.05 79.39
N LEU C 3129 -70.90 -102.78 78.35
CA LEU C 3129 -69.62 -103.46 78.35
C LEU C 3129 -68.65 -102.96 77.29
N THR C 3130 -69.14 -102.38 76.18
CA THR C 3130 -68.25 -101.82 75.19
C THR C 3130 -67.64 -100.50 75.64
N TYR C 3131 -68.23 -99.84 76.63
CA TYR C 3131 -67.67 -98.59 77.14
C TYR C 3131 -66.41 -98.81 77.96
N THR C 3132 -66.16 -100.04 78.41
CA THR C 3132 -64.96 -100.36 79.17
C THR C 3132 -63.82 -100.83 78.30
N THR C 3133 -64.02 -100.96 76.99
CA THR C 3133 -62.94 -101.28 76.07
C THR C 3133 -62.18 -100.05 75.60
N VAL C 3134 -62.72 -98.86 75.86
CA VAL C 3134 -62.08 -97.61 75.47
C VAL C 3134 -61.72 -96.75 76.68
N ALA C 3135 -62.03 -97.20 77.89
CA ALA C 3135 -61.74 -96.44 79.09
C ALA C 3135 -61.09 -97.24 80.20
N LEU C 3136 -61.02 -98.57 80.08
CA LEU C 3136 -60.42 -99.43 81.10
C LEU C 3136 -59.22 -100.20 80.58
N LEU C 3137 -59.31 -100.77 79.38
CA LEU C 3137 -58.17 -101.50 78.81
C LEU C 3137 -56.94 -100.62 78.65
N PRO C 3138 -57.01 -99.39 78.12
CA PRO C 3138 -55.81 -98.55 78.08
C PRO C 3138 -55.22 -98.27 79.45
N VAL C 3139 -56.07 -98.12 80.47
CA VAL C 3139 -55.56 -97.91 81.82
C VAL C 3139 -54.81 -99.14 82.31
N LEU C 3140 -55.34 -100.34 82.03
CA LEU C 3140 -54.63 -101.56 82.40
C LEU C 3140 -53.30 -101.67 81.68
N THR C 3141 -53.27 -101.33 80.39
CA THR C 3141 -52.01 -101.36 79.65
C THR C 3141 -51.01 -100.37 80.23
N THR C 3142 -51.46 -99.17 80.58
CA THR C 3142 -50.57 -98.17 81.17
C THR C 3142 -50.04 -98.65 82.52
N LEU C 3143 -50.90 -99.27 83.34
CA LEU C 3143 -50.45 -99.78 84.62
C LEU C 3143 -49.43 -100.90 84.46
N PHE C 3144 -49.66 -101.81 83.51
CA PHE C 3144 -48.71 -102.88 83.27
C PHE C 3144 -47.37 -102.33 82.78
N GLN C 3145 -47.42 -101.35 81.88
CA GLN C 3145 -46.18 -100.72 81.41
C GLN C 3145 -45.45 -100.00 82.53
N HIS C 3146 -46.21 -99.35 83.42
CA HIS C 3146 -45.59 -98.70 84.58
C HIS C 3146 -44.90 -99.71 85.48
N ILE C 3147 -45.55 -100.86 85.72
CA ILE C 3147 -44.94 -101.88 86.56
C ILE C 3147 -43.69 -102.44 85.91
N ALA C 3148 -43.74 -102.71 84.60
CA ALA C 3148 -42.61 -103.33 83.92
C ALA C 3148 -41.50 -102.36 83.57
N GLN C 3149 -41.75 -101.05 83.64
CA GLN C 3149 -40.76 -100.07 83.20
C GLN C 3149 -39.57 -100.01 84.15
N HIS C 3150 -39.83 -99.96 85.46
CA HIS C 3150 -38.78 -99.82 86.46
C HIS C 3150 -38.36 -101.17 87.04
N GLN C 3151 -38.81 -102.28 86.44
CA GLN C 3151 -38.51 -103.62 86.94
C GLN C 3151 -38.94 -103.77 88.39
N PHE C 3152 -40.12 -103.24 88.71
CA PHE C 3152 -40.68 -103.28 90.05
C PHE C 3152 -41.15 -104.67 90.47
N GLY C 3153 -40.89 -105.70 89.67
CA GLY C 3153 -41.33 -107.05 89.96
C GLY C 3153 -40.67 -107.71 91.15
N ASP C 3154 -39.66 -107.07 91.74
CA ASP C 3154 -39.03 -107.61 92.94
C ASP C 3154 -40.06 -107.78 94.05
N ASP C 3155 -40.74 -106.69 94.42
CA ASP C 3155 -41.86 -106.72 95.36
C ASP C 3155 -43.01 -105.93 94.74
N VAL C 3156 -43.77 -106.59 93.87
CA VAL C 3156 -45.00 -106.01 93.33
C VAL C 3156 -46.19 -106.94 93.46
N ILE C 3157 -45.99 -108.25 93.58
CA ILE C 3157 -47.09 -109.16 93.87
C ILE C 3157 -46.92 -109.66 95.29
N LEU C 3158 -47.50 -108.92 96.25
CA LEU C 3158 -47.40 -109.25 97.66
C LEU C 3158 -48.79 -109.24 98.27
N ASP C 3159 -48.88 -109.29 99.60
CA ASP C 3159 -50.16 -109.42 100.29
C ASP C 3159 -51.23 -108.55 99.64
N ASP C 3160 -52.33 -109.21 99.25
CA ASP C 3160 -53.48 -108.65 98.52
C ASP C 3160 -53.19 -108.41 97.05
N VAL C 3161 -52.17 -109.04 96.46
CA VAL C 3161 -51.92 -108.97 95.03
C VAL C 3161 -51.93 -110.35 94.38
N GLN C 3162 -51.36 -111.37 95.04
CA GLN C 3162 -51.36 -112.69 94.44
C GLN C 3162 -52.77 -113.25 94.32
N VAL C 3163 -53.67 -112.83 95.21
CA VAL C 3163 -55.07 -113.22 95.10
C VAL C 3163 -55.68 -112.68 93.81
N SER C 3164 -55.11 -111.60 93.27
CA SER C 3164 -55.55 -111.06 91.99
C SER C 3164 -54.73 -111.58 90.82
N CYS C 3165 -53.43 -111.82 91.02
CA CYS C 3165 -52.61 -112.35 89.93
C CYS C 3165 -53.00 -113.78 89.57
N TYR C 3166 -53.32 -114.58 90.59
CA TYR C 3166 -53.75 -115.96 90.36
C TYR C 3166 -55.06 -116.02 89.57
N ARG C 3167 -55.88 -114.99 89.67
CA ARG C 3167 -57.10 -114.90 88.87
C ARG C 3167 -56.84 -114.28 87.50
N THR C 3168 -55.92 -113.31 87.41
CA THR C 3168 -55.66 -112.67 86.13
C THR C 3168 -54.90 -113.59 85.17
N LEU C 3169 -54.08 -114.51 85.69
CA LEU C 3169 -53.45 -115.48 84.79
C LEU C 3169 -54.50 -116.41 84.19
N CYS C 3170 -55.46 -116.86 85.00
CA CYS C 3170 -56.56 -117.64 84.46
C CYS C 3170 -57.41 -116.83 83.50
N SER C 3171 -57.58 -115.54 83.76
CA SER C 3171 -58.35 -114.68 82.86
C SER C 3171 -57.66 -114.57 81.49
N ILE C 3172 -56.36 -114.32 81.49
CA ILE C 3172 -55.65 -114.20 80.22
C ILE C 3172 -55.59 -115.55 79.52
N TYR C 3173 -55.57 -116.65 80.28
CA TYR C 3173 -55.72 -117.97 79.66
C TYR C 3173 -57.08 -118.11 79.00
N SER C 3174 -58.14 -117.61 79.65
CA SER C 3174 -59.49 -117.72 79.10
C SER C 3174 -59.64 -116.92 77.81
N LEU C 3175 -59.23 -115.64 77.85
CA LEU C 3175 -59.29 -114.80 76.65
C LEU C 3175 -57.98 -114.76 75.89
N GLY C 3176 -57.19 -115.84 75.93
CA GLY C 3176 -56.07 -115.98 75.02
C GLY C 3176 -56.43 -116.54 73.67
N THR C 3177 -57.70 -116.86 73.45
CA THR C 3177 -58.17 -117.40 72.19
C THR C 3177 -59.12 -116.48 71.43
N THR C 3178 -59.53 -115.36 72.02
CA THR C 3178 -60.45 -114.45 71.36
C THR C 3178 -59.76 -113.70 70.22
N GLU C 3184 -62.60 -108.93 66.72
CA GLU C 3184 -62.74 -108.18 65.48
C GLU C 3184 -61.75 -107.01 65.44
N LYS C 3185 -62.24 -105.81 65.73
CA LYS C 3185 -61.42 -104.61 65.73
C LYS C 3185 -60.71 -104.37 67.05
N LEU C 3186 -61.00 -105.18 68.07
CA LEU C 3186 -60.37 -105.04 69.39
C LEU C 3186 -59.11 -105.88 69.54
N ARG C 3187 -58.70 -106.58 68.49
CA ARG C 3187 -57.50 -107.42 68.58
C ARG C 3187 -56.23 -106.63 68.89
N PRO C 3188 -55.94 -105.50 68.23
CA PRO C 3188 -54.70 -104.78 68.60
C PRO C 3188 -54.65 -104.33 70.05
N ALA C 3189 -55.78 -103.89 70.61
CA ALA C 3189 -55.79 -103.47 72.01
C ALA C 3189 -55.51 -104.65 72.94
N LEU C 3190 -56.13 -105.80 72.66
CA LEU C 3190 -55.88 -106.99 73.47
C LEU C 3190 -54.43 -107.42 73.37
N GLY C 3191 -53.86 -107.38 72.16
CA GLY C 3191 -52.46 -107.73 72.00
C GLY C 3191 -51.53 -106.79 72.76
N GLU C 3192 -51.82 -105.49 72.69
CA GLU C 3192 -51.00 -104.53 73.43
C GLU C 3192 -51.10 -104.76 74.93
N CYS C 3193 -52.31 -105.02 75.44
CA CYS C 3193 -52.47 -105.28 76.87
C CYS C 3193 -51.73 -106.55 77.28
N LEU C 3194 -51.81 -107.60 76.47
CA LEU C 3194 -51.11 -108.84 76.78
C LEU C 3194 -49.60 -108.64 76.76
N ALA C 3195 -49.09 -107.88 75.79
CA ALA C 3195 -47.66 -107.60 75.74
C ALA C 3195 -47.21 -106.80 76.95
N ARG C 3196 -48.01 -105.80 77.35
CA ARG C 3196 -47.65 -105.02 78.53
C ARG C 3196 -47.65 -105.86 79.79
N LEU C 3197 -48.65 -106.75 79.92
CA LEU C 3197 -48.71 -107.60 81.11
C LEU C 3197 -47.56 -108.60 81.14
N ALA C 3198 -47.24 -109.23 80.00
CA ALA C 3198 -46.19 -110.23 79.97
C ALA C 3198 -44.81 -109.66 80.27
N ALA C 3199 -44.63 -108.35 80.06
CA ALA C 3199 -43.34 -107.72 80.36
C ALA C 3199 -43.05 -107.61 81.84
N ALA C 3200 -44.05 -107.84 82.69
CA ALA C 3200 -43.86 -107.76 84.15
C ALA C 3200 -42.97 -108.90 84.64
N ARG C 3248 -40.74 -125.66 71.89
CA ARG C 3248 -42.04 -126.21 72.22
C ARG C 3248 -43.14 -125.17 72.05
N LEU C 3249 -43.10 -124.13 72.90
CA LEU C 3249 -44.09 -123.07 72.81
C LEU C 3249 -43.96 -122.30 71.50
N MET C 3250 -42.73 -122.03 71.07
CA MET C 3250 -42.49 -121.25 69.86
C MET C 3250 -42.34 -122.10 68.61
N ALA C 3251 -42.42 -123.43 68.74
CA ALA C 3251 -42.34 -124.29 67.55
C ALA C 3251 -43.55 -124.11 66.65
N ASP C 3252 -44.72 -123.84 67.24
CA ASP C 3252 -45.92 -123.61 66.43
C ASP C 3252 -45.75 -122.40 65.52
N ILE C 3253 -45.13 -121.32 66.03
CA ILE C 3253 -44.93 -120.13 65.23
C ILE C 3253 -44.10 -120.43 63.99
N GLY C 3254 -43.01 -121.19 64.17
CA GLY C 3254 -42.25 -121.63 63.01
C GLY C 3254 -43.00 -122.63 62.15
N GLY C 3255 -44.03 -123.26 62.71
CA GLY C 3255 -44.83 -124.20 61.93
C GLY C 3255 -45.56 -123.53 60.79
N LEU C 3256 -46.20 -122.38 61.04
CA LEU C 3256 -46.98 -121.70 60.02
C LEU C 3256 -46.26 -120.49 59.44
N ALA C 3257 -44.93 -120.45 59.51
CA ALA C 3257 -44.18 -119.33 58.94
C ALA C 3257 -44.42 -119.24 57.44
N GLU C 3258 -44.44 -120.37 56.76
CA GLU C 3258 -44.77 -120.40 55.34
C GLU C 3258 -46.28 -120.36 55.14
N SER C 3259 -46.69 -120.06 53.91
CA SER C 3259 -48.10 -120.00 53.53
C SER C 3259 -48.88 -119.01 54.39
N GLY C 3260 -48.48 -117.74 54.27
CA GLY C 3260 -49.15 -116.67 54.98
C GLY C 3260 -50.07 -115.87 54.10
N ALA C 3261 -49.61 -114.70 53.66
CA ALA C 3261 -50.35 -113.82 52.75
C ALA C 3261 -51.70 -113.40 53.32
N ARG C 3262 -51.80 -113.33 54.65
CA ARG C 3262 -53.03 -112.92 55.31
C ARG C 3262 -52.69 -112.41 56.69
N TYR C 3263 -53.35 -111.32 57.08
CA TYR C 3263 -53.13 -110.73 58.40
C TYR C 3263 -54.14 -111.20 59.45
N THR C 3264 -55.32 -111.65 59.03
CA THR C 3264 -56.32 -112.10 59.98
C THR C 3264 -57.05 -113.38 59.55
N GLU C 3265 -56.76 -113.94 58.37
CA GLU C 3265 -57.47 -115.12 57.92
C GLU C 3265 -56.89 -116.38 58.56
N MET C 3266 -55.65 -116.73 58.22
CA MET C 3266 -54.97 -117.83 58.87
C MET C 3266 -54.36 -117.38 60.20
N PRO C 3267 -53.49 -116.35 60.22
CA PRO C 3267 -52.85 -115.96 61.51
C PRO C 3267 -53.64 -114.89 62.27
N HIS C 3268 -54.79 -115.29 62.79
CA HIS C 3268 -55.57 -114.35 63.60
C HIS C 3268 -55.07 -114.34 65.05
N VAL C 3269 -54.83 -115.52 65.62
CA VAL C 3269 -54.29 -115.61 66.97
C VAL C 3269 -52.86 -115.09 67.01
N ILE C 3270 -52.10 -115.31 65.92
CA ILE C 3270 -50.70 -114.92 65.88
C ILE C 3270 -50.54 -113.42 66.09
N GLU C 3271 -51.42 -112.61 65.51
CA GLU C 3271 -51.29 -111.16 65.61
C GLU C 3271 -51.31 -110.70 67.06
N ILE C 3272 -52.07 -111.39 67.92
CA ILE C 3272 -52.14 -110.99 69.32
C ILE C 3272 -51.19 -111.80 70.22
N THR C 3273 -50.71 -112.95 69.76
CA THR C 3273 -49.83 -113.76 70.59
C THR C 3273 -48.35 -113.51 70.33
N LEU C 3274 -47.99 -112.93 69.19
CA LEU C 3274 -46.58 -112.62 68.94
C LEU C 3274 -46.02 -111.60 69.91
N PRO C 3275 -46.68 -110.47 70.20
CA PRO C 3275 -46.15 -109.55 71.22
C PRO C 3275 -46.04 -110.18 72.60
N MET C 3276 -46.89 -111.14 72.93
CA MET C 3276 -46.84 -111.79 74.24
C MET C 3276 -45.46 -112.39 74.50
N LEU C 3277 -45.05 -113.36 73.68
CA LEU C 3277 -43.73 -113.94 73.85
C LEU C 3277 -42.62 -112.97 73.44
N CYS C 3278 -42.89 -112.05 72.51
CA CYS C 3278 -41.89 -111.06 72.14
C CYS C 3278 -41.51 -110.16 73.30
N SER C 3279 -42.40 -109.98 74.28
CA SER C 3279 -42.08 -109.28 75.51
C SER C 3279 -41.68 -110.20 76.65
N TYR C 3280 -42.17 -111.44 76.66
CA TYR C 3280 -41.80 -112.37 77.73
C TYR C 3280 -40.36 -112.84 77.61
N LEU C 3281 -39.90 -113.12 76.39
CA LEU C 3281 -38.54 -113.64 76.20
C LEU C 3281 -37.46 -112.68 76.68
N PRO C 3282 -37.49 -111.38 76.35
CA PRO C 3282 -36.46 -110.48 76.92
C PRO C 3282 -36.48 -110.42 78.43
N ARG C 3283 -37.65 -110.62 79.06
CA ARG C 3283 -37.73 -110.61 80.52
C ARG C 3283 -37.03 -111.81 81.14
N TRP C 3284 -36.76 -112.86 80.37
CA TRP C 3284 -36.08 -114.04 80.88
C TRP C 3284 -34.65 -114.10 80.37
N CYS C 3304 -32.63 -122.71 86.26
CA CYS C 3304 -33.50 -121.77 86.98
C CYS C 3304 -33.70 -120.49 86.20
N THR C 3305 -32.64 -120.03 85.53
CA THR C 3305 -32.68 -118.80 84.76
C THR C 3305 -31.70 -118.95 83.59
N ALA C 3306 -31.35 -117.83 82.97
CA ALA C 3306 -30.40 -117.78 81.85
C ALA C 3306 -30.89 -118.62 80.67
N VAL C 3307 -32.05 -118.23 80.15
CA VAL C 3307 -32.61 -118.88 78.97
C VAL C 3307 -31.74 -118.56 77.76
N THR C 3308 -31.45 -119.58 76.96
CA THR C 3308 -30.55 -119.41 75.82
C THR C 3308 -31.15 -118.44 74.81
N SER C 3309 -30.27 -117.75 74.09
CA SER C 3309 -30.67 -116.76 73.10
C SER C 3309 -31.02 -117.36 71.75
N ASP C 3310 -30.88 -118.69 71.59
CA ASP C 3310 -31.26 -119.31 70.34
C ASP C 3310 -32.74 -119.14 70.06
N HIS C 3311 -33.57 -119.21 71.11
CA HIS C 3311 -34.99 -118.98 70.95
C HIS C 3311 -35.27 -117.56 70.44
N LEU C 3312 -34.55 -116.57 70.97
CA LEU C 3312 -34.75 -115.20 70.53
C LEU C 3312 -34.38 -115.02 69.06
N ASN C 3313 -33.25 -115.60 68.64
CA ASN C 3313 -32.85 -115.49 67.24
C ASN C 3313 -33.82 -116.21 66.32
N SER C 3314 -34.30 -117.38 66.74
CA SER C 3314 -35.28 -118.10 65.93
C SER C 3314 -36.58 -117.31 65.82
N LEU C 3315 -37.02 -116.68 66.91
CA LEU C 3315 -38.22 -115.86 66.87
C LEU C 3315 -38.04 -114.66 65.94
N LEU C 3316 -36.87 -114.02 66.00
CA LEU C 3316 -36.59 -112.89 65.12
C LEU C 3316 -36.62 -113.30 63.66
N GLY C 3317 -35.98 -114.43 63.34
CA GLY C 3317 -36.04 -114.93 61.97
C GLY C 3317 -37.46 -115.28 61.54
N ASN C 3318 -38.23 -115.85 62.46
CA ASN C 3318 -39.62 -116.22 62.14
C ASN C 3318 -40.46 -114.99 61.84
N ILE C 3319 -40.32 -113.93 62.64
CA ILE C 3319 -41.13 -112.74 62.37
C ILE C 3319 -40.65 -112.06 61.09
N LEU C 3320 -39.34 -112.06 60.83
CA LEU C 3320 -38.86 -111.50 59.58
C LEU C 3320 -39.43 -112.24 58.39
N ARG C 3321 -39.46 -113.58 58.46
CA ARG C 3321 -40.06 -114.37 57.39
C ARG C 3321 -41.56 -114.09 57.27
N ILE C 3322 -42.25 -113.93 58.40
CA ILE C 3322 -43.68 -113.64 58.36
C ILE C 3322 -43.95 -112.30 57.66
N ILE C 3323 -43.14 -111.29 57.97
CA ILE C 3323 -43.31 -109.99 57.32
C ILE C 3323 -43.00 -110.09 55.83
N VAL C 3324 -41.92 -110.81 55.47
CA VAL C 3324 -41.56 -110.90 54.05
C VAL C 3324 -42.55 -111.77 53.28
N ASN C 3325 -43.31 -112.61 53.96
CA ASN C 3325 -44.33 -113.42 53.28
C ASN C 3325 -45.40 -112.54 52.65
N ASN C 3326 -45.86 -111.52 53.38
CA ASN C 3326 -46.85 -110.58 52.87
C ASN C 3326 -46.19 -109.41 52.16
N LEU C 3327 -45.33 -109.73 51.18
CA LEU C 3327 -44.59 -108.68 50.48
C LEU C 3327 -45.52 -107.81 49.63
N GLY C 3328 -46.49 -108.43 48.96
CA GLY C 3328 -47.35 -107.69 48.05
C GLY C 3328 -48.80 -107.64 48.45
N ILE C 3329 -49.06 -107.54 49.76
CA ILE C 3329 -50.44 -107.42 50.23
C ILE C 3329 -50.97 -106.03 49.90
N ASP C 3330 -52.29 -105.96 49.70
CA ASP C 3330 -52.91 -104.68 49.35
C ASP C 3330 -53.05 -103.79 50.58
N GLU C 3331 -53.78 -104.25 51.59
CA GLU C 3331 -53.96 -103.53 52.84
C GLU C 3331 -53.41 -104.37 53.99
N ALA C 3332 -52.53 -103.77 54.78
CA ALA C 3332 -51.91 -104.48 55.90
C ALA C 3332 -51.42 -103.45 56.91
N THR C 3333 -51.99 -103.49 58.12
CA THR C 3333 -51.59 -102.57 59.18
C THR C 3333 -50.74 -103.24 60.25
N TRP C 3334 -50.78 -104.57 60.35
CA TRP C 3334 -49.99 -105.26 61.37
C TRP C 3334 -48.49 -105.12 61.14
N MET C 3335 -48.07 -104.78 59.92
CA MET C 3335 -46.65 -104.62 59.64
C MET C 3335 -46.07 -103.44 60.43
N LYS C 3336 -46.82 -102.35 60.55
CA LYS C 3336 -46.35 -101.17 61.26
C LYS C 3336 -46.35 -101.35 62.78
N ARG C 3337 -47.00 -102.40 63.30
CA ARG C 3337 -47.04 -102.65 64.73
C ARG C 3337 -46.12 -103.78 65.17
N LEU C 3338 -46.01 -104.83 64.37
CA LEU C 3338 -45.11 -105.93 64.70
C LEU C 3338 -43.65 -105.48 64.73
N ALA C 3339 -43.26 -104.62 63.79
CA ALA C 3339 -41.89 -104.11 63.78
C ALA C 3339 -41.60 -103.30 65.04
N VAL C 3340 -42.55 -102.48 65.47
CA VAL C 3340 -42.38 -101.71 66.70
C VAL C 3340 -42.29 -102.65 67.90
N PHE C 3341 -43.14 -103.67 67.94
CA PHE C 3341 -43.14 -104.60 69.07
C PHE C 3341 -41.87 -105.41 69.14
N ALA C 3342 -41.27 -105.74 67.99
CA ALA C 3342 -40.10 -106.61 67.96
C ALA C 3342 -38.77 -105.86 67.99
N GLN C 3343 -38.80 -104.54 68.13
CA GLN C 3343 -37.55 -103.78 68.18
C GLN C 3343 -36.64 -104.20 69.33
N PRO C 3344 -37.12 -104.33 70.58
CA PRO C 3344 -36.20 -104.75 71.66
C PRO C 3344 -35.68 -106.17 71.50
N ILE C 3345 -36.35 -107.03 70.73
CA ILE C 3345 -35.93 -108.42 70.60
C ILE C 3345 -34.73 -108.59 69.68
N VAL C 3346 -34.40 -107.57 68.88
CA VAL C 3346 -33.29 -107.67 67.94
C VAL C 3346 -31.96 -107.22 68.54
N SER C 3347 -31.99 -106.62 69.74
CA SER C 3347 -30.75 -106.18 70.37
C SER C 3347 -29.83 -107.35 70.67
N ARG C 3348 -30.39 -108.47 71.14
CA ARG C 3348 -29.63 -109.69 71.40
C ARG C 3348 -29.93 -110.66 70.26
N ALA C 3349 -29.17 -110.53 69.17
CA ALA C 3349 -29.35 -111.35 67.99
C ALA C 3349 -28.02 -111.93 67.55
N ARG C 3350 -28.07 -113.13 66.97
CA ARG C 3350 -26.86 -113.79 66.52
C ARG C 3350 -26.27 -113.06 65.32
N PRO C 3351 -24.95 -112.93 65.25
CA PRO C 3351 -24.34 -112.21 64.11
C PRO C 3351 -24.58 -112.88 62.77
N GLU C 3352 -24.79 -114.20 62.74
CA GLU C 3352 -24.91 -114.92 61.48
C GLU C 3352 -26.29 -115.52 61.23
N LEU C 3353 -27.05 -115.85 62.28
CA LEU C 3353 -28.38 -116.42 62.08
C LEU C 3353 -29.32 -115.41 61.42
N LEU C 3354 -29.28 -114.15 61.87
CA LEU C 3354 -30.14 -113.13 61.29
C LEU C 3354 -29.63 -112.65 59.94
N HIS C 3355 -28.30 -112.61 59.75
CA HIS C 3355 -27.75 -112.09 58.50
C HIS C 3355 -28.08 -112.99 57.31
N SER C 3356 -28.34 -114.27 57.54
CA SER C 3356 -28.78 -115.15 56.46
C SER C 3356 -30.26 -114.96 56.13
N HIS C 3357 -31.02 -114.25 56.97
CA HIS C 3357 -32.41 -113.92 56.68
C HIS C 3357 -32.60 -112.48 56.23
N PHE C 3358 -31.77 -111.55 56.71
CA PHE C 3358 -31.91 -110.15 56.32
C PHE C 3358 -31.57 -109.94 54.85
N ILE C 3359 -30.55 -110.65 54.35
CA ILE C 3359 -30.14 -110.48 52.96
C ILE C 3359 -31.24 -110.85 51.98
N PRO C 3360 -31.89 -112.02 52.07
CA PRO C 3360 -32.96 -112.32 51.10
C PRO C 3360 -34.13 -111.35 51.16
N THR C 3361 -34.49 -110.87 52.35
CA THR C 3361 -35.63 -109.96 52.46
C THR C 3361 -35.33 -108.64 51.79
N ILE C 3362 -34.19 -108.03 52.11
CA ILE C 3362 -33.82 -106.77 51.48
C ILE C 3362 -33.59 -106.96 49.99
N GLY C 3363 -33.09 -108.13 49.59
CA GLY C 3363 -32.92 -108.39 48.16
C GLY C 3363 -34.26 -108.45 47.42
N ARG C 3364 -35.25 -109.09 48.03
CA ARG C 3364 -36.59 -109.12 47.43
C ARG C 3364 -37.20 -107.72 47.40
N LEU C 3365 -36.97 -106.93 48.43
CA LEU C 3365 -37.47 -105.56 48.44
C LEU C 3365 -36.82 -104.74 47.33
N ARG C 3366 -35.51 -104.91 47.13
CA ARG C 3366 -34.82 -104.22 46.04
C ARG C 3366 -35.33 -104.69 44.69
N LYS C 3367 -35.61 -105.99 44.56
CA LYS C 3367 -36.17 -106.50 43.31
C LYS C 3367 -37.54 -105.89 43.02
N ARG C 3368 -38.38 -105.76 44.06
CA ARG C 3368 -39.67 -105.10 43.89
C ARG C 3368 -39.49 -103.64 43.49
N ALA C 3369 -38.52 -102.95 44.09
CA ALA C 3369 -38.25 -101.57 43.72
C ALA C 3369 -37.81 -101.47 42.27
N GLY C 3370 -36.96 -102.39 41.83
CA GLY C 3370 -36.51 -102.40 40.45
C GLY C 3370 -37.64 -102.72 39.47
N LYS C 3371 -38.55 -103.60 39.87
CA LYS C 3371 -39.71 -103.90 39.03
C LYS C 3371 -40.72 -102.76 38.98
N VAL C 3372 -40.76 -101.93 40.02
CA VAL C 3372 -41.73 -100.84 40.07
C VAL C 3372 -41.19 -99.52 39.50
N VAL C 3373 -39.87 -99.32 39.47
CA VAL C 3373 -39.34 -98.09 38.90
C VAL C 3373 -39.52 -98.08 37.38
N ALA C 3374 -39.50 -99.28 36.76
CA ALA C 3374 -39.66 -99.37 35.32
C ALA C 3374 -41.03 -98.87 34.86
N GLU C 3375 -42.06 -99.07 35.68
CA GLU C 3375 -43.38 -98.56 35.32
C GLU C 3375 -43.38 -97.04 35.22
N GLU C 3376 -42.77 -96.36 36.20
CA GLU C 3376 -42.68 -94.91 36.16
C GLU C 3376 -41.79 -94.46 35.01
N GLU C 3377 -40.71 -95.20 34.74
CA GLU C 3377 -39.83 -94.85 33.63
C GLU C 3377 -40.55 -94.92 32.30
N GLN C 3378 -41.36 -95.98 32.09
CA GLN C 3378 -42.10 -96.12 30.85
C GLN C 3378 -43.33 -95.23 30.81
N LEU C 3379 -43.77 -94.71 31.96
CA LEU C 3379 -44.93 -93.81 31.97
C LEU C 3379 -44.64 -92.54 31.18
N ARG C 3380 -43.45 -91.98 31.33
CA ARG C 3380 -43.07 -90.77 30.62
C ARG C 3380 -42.83 -91.05 29.14
N GLU C 3386 -54.88 -91.99 30.19
CA GLU C 3386 -53.73 -92.89 30.16
C GLU C 3386 -52.70 -92.50 31.22
N ALA C 3387 -52.29 -91.24 31.20
CA ALA C 3387 -51.30 -90.77 32.17
C ALA C 3387 -51.85 -90.81 33.59
N GLU C 3388 -53.10 -90.42 33.78
CA GLU C 3388 -53.67 -90.35 35.13
C GLU C 3388 -53.79 -91.74 35.76
N GLU C 3389 -54.26 -92.73 35.00
CA GLU C 3389 -54.40 -94.07 35.54
C GLU C 3389 -53.04 -94.66 35.91
N GLY C 3390 -52.05 -94.49 35.04
CA GLY C 3390 -50.72 -94.95 35.35
C GLY C 3390 -50.12 -94.25 36.56
N GLU C 3391 -50.37 -92.95 36.69
CA GLU C 3391 -49.88 -92.21 37.84
C GLU C 3391 -50.52 -92.73 39.13
N LEU C 3392 -51.82 -92.98 39.10
CA LEU C 3392 -52.49 -93.53 40.27
C LEU C 3392 -51.96 -94.92 40.63
N LEU C 3393 -51.75 -95.76 39.62
CA LEU C 3393 -51.26 -97.11 39.87
C LEU C 3393 -49.85 -97.08 40.47
N VAL C 3394 -48.96 -96.24 39.92
CA VAL C 3394 -47.61 -96.18 40.44
C VAL C 3394 -47.60 -95.53 41.82
N ARG C 3395 -48.52 -94.59 42.08
CA ARG C 3395 -48.62 -94.01 43.42
C ARG C 3395 -49.03 -95.07 44.44
N ASP C 3396 -50.01 -95.91 44.10
CA ASP C 3396 -50.41 -96.98 45.00
C ASP C 3396 -49.27 -97.97 45.22
N GLU C 3397 -48.56 -98.34 44.15
CA GLU C 3397 -47.45 -99.26 44.27
C GLU C 3397 -46.34 -98.66 45.14
N PHE C 3398 -46.06 -97.37 44.97
CA PHE C 3398 -45.02 -96.72 45.77
C PHE C 3398 -45.44 -96.62 47.22
N SER C 3399 -46.74 -96.40 47.49
CA SER C 3399 -47.22 -96.41 48.87
C SER C 3399 -47.03 -97.79 49.50
N VAL C 3400 -47.34 -98.85 48.75
CA VAL C 3400 -47.14 -100.21 49.26
C VAL C 3400 -45.66 -100.45 49.55
N LEU C 3401 -44.79 -100.03 48.62
CA LEU C 3401 -43.35 -100.20 48.81
C LEU C 3401 -42.86 -99.42 50.02
N CYS C 3402 -43.36 -98.20 50.21
CA CYS C 3402 -42.98 -97.41 51.37
C CYS C 3402 -43.43 -98.07 52.67
N ARG C 3403 -44.63 -98.64 52.67
CA ARG C 3403 -45.10 -99.35 53.87
C ARG C 3403 -44.21 -100.54 54.19
N ASP C 3404 -43.86 -101.33 53.17
CA ASP C 3404 -42.97 -102.47 53.41
C ASP C 3404 -41.59 -102.01 53.88
N LEU C 3405 -41.08 -100.93 53.28
CA LEU C 3405 -39.77 -100.40 53.68
C LEU C 3405 -39.80 -99.92 55.13
N TYR C 3406 -40.84 -99.22 55.53
CA TYR C 3406 -40.92 -98.74 56.91
C TYR C 3406 -41.28 -99.85 57.90
N ALA C 3407 -41.78 -100.98 57.41
CA ALA C 3407 -41.97 -102.15 58.25
C ALA C 3407 -40.70 -102.97 58.44
N LEU C 3408 -39.81 -102.99 57.46
CA LEU C 3408 -38.60 -103.81 57.54
C LEU C 3408 -37.35 -103.05 57.98
N TYR C 3409 -37.17 -101.81 57.53
CA TYR C 3409 -35.94 -101.08 57.82
C TYR C 3409 -35.67 -100.85 59.31
N PRO C 3410 -36.64 -100.49 60.15
CA PRO C 3410 -36.33 -100.30 61.57
C PRO C 3410 -35.71 -101.52 62.24
N LEU C 3411 -36.11 -102.72 61.83
CA LEU C 3411 -35.45 -103.92 62.33
C LEU C 3411 -34.03 -104.08 61.81
N LEU C 3412 -33.65 -103.32 60.78
CA LEU C 3412 -32.31 -103.36 60.23
C LEU C 3412 -31.40 -102.27 60.79
N ILE C 3413 -31.95 -101.10 61.11
CA ILE C 3413 -31.12 -100.01 61.64
C ILE C 3413 -30.55 -100.41 62.99
N ARG C 3414 -31.36 -101.02 63.86
CA ARG C 3414 -30.86 -101.42 65.17
C ARG C 3414 -29.86 -102.55 65.05
N TYR C 3415 -30.08 -103.47 64.11
CA TYR C 3415 -29.11 -104.53 63.86
C TYR C 3415 -27.82 -104.01 63.24
N VAL C 3416 -27.87 -102.85 62.59
CA VAL C 3416 -26.66 -102.24 62.05
C VAL C 3416 -25.94 -101.40 63.11
N ASP C 3417 -26.67 -100.81 64.05
CA ASP C 3417 -26.04 -100.06 65.13
C ASP C 3417 -25.09 -100.94 65.93
N ASN C 3418 -25.52 -102.15 66.26
CA ASN C 3418 -24.63 -103.18 66.74
C ASN C 3418 -24.06 -103.96 65.57
N ASN C 3419 -23.10 -104.84 65.86
CA ASN C 3419 -22.44 -105.69 64.87
C ASN C 3419 -21.74 -104.89 63.78
N ARG C 3420 -21.58 -103.57 63.96
CA ARG C 3420 -20.90 -102.75 62.97
C ARG C 3420 -19.39 -102.68 63.24
N ALA C 3421 -19.01 -102.64 64.52
CA ALA C 3421 -17.60 -102.70 64.86
C ALA C 3421 -16.99 -104.03 64.42
N HIS C 3422 -17.74 -105.12 64.57
CA HIS C 3422 -17.28 -106.41 64.08
C HIS C 3422 -17.12 -106.39 62.56
N TRP C 3423 -18.07 -105.78 61.84
CA TRP C 3423 -17.98 -105.72 60.39
C TRP C 3423 -16.91 -104.74 59.91
N LEU C 3424 -16.45 -103.83 60.76
CA LEU C 3424 -15.40 -102.89 60.40
C LEU C 3424 -14.01 -103.44 60.70
N THR C 3425 -13.80 -103.94 61.92
CA THR C 3425 -12.50 -104.52 62.26
C THR C 3425 -12.19 -105.74 61.39
N GLU C 3426 -13.19 -106.60 61.19
CA GLU C 3426 -13.05 -107.77 60.31
C GLU C 3426 -14.05 -107.63 59.17
N PRO C 3427 -13.63 -107.19 58.00
CA PRO C 3427 -14.57 -106.97 56.90
C PRO C 3427 -15.26 -108.26 56.49
N ASN C 3428 -16.55 -108.14 56.15
CA ASN C 3428 -17.36 -109.26 55.71
C ASN C 3428 -18.01 -108.94 54.36
N ALA C 3429 -18.01 -109.92 53.47
CA ALA C 3429 -18.58 -109.71 52.14
C ALA C 3429 -20.08 -109.46 52.21
N ASN C 3430 -20.77 -110.15 53.11
CA ASN C 3430 -22.21 -109.96 53.24
C ASN C 3430 -22.56 -108.53 53.65
N ALA C 3431 -21.74 -107.93 54.52
CA ALA C 3431 -21.97 -106.54 54.91
C ALA C 3431 -21.83 -105.61 53.72
N GLU C 3432 -20.82 -105.83 52.87
CA GLU C 3432 -20.65 -105.01 51.68
C GLU C 3432 -21.81 -105.19 50.71
N GLU C 3433 -22.29 -106.43 50.56
CA GLU C 3433 -23.45 -106.67 49.70
C GLU C 3433 -24.70 -105.97 50.24
N LEU C 3434 -24.89 -105.99 51.55
CA LEU C 3434 -26.01 -105.30 52.17
C LEU C 3434 -25.90 -103.79 51.95
N PHE C 3435 -24.68 -103.24 52.08
CA PHE C 3435 -24.48 -101.84 51.77
C PHE C 3435 -24.84 -101.54 50.32
N ARG C 3436 -24.45 -102.44 49.40
CA ARG C 3436 -24.74 -102.21 47.99
C ARG C 3436 -26.24 -102.18 47.73
N MET C 3437 -26.99 -103.13 48.31
CA MET C 3437 -28.44 -103.13 48.04
C MET C 3437 -29.11 -101.94 48.70
N VAL C 3438 -28.66 -101.54 49.89
CA VAL C 3438 -29.23 -100.36 50.54
C VAL C 3438 -28.96 -99.12 49.71
N GLY C 3439 -27.74 -98.97 49.20
CA GLY C 3439 -27.43 -97.83 48.34
C GLY C 3439 -28.22 -97.86 47.05
N GLU C 3440 -28.46 -99.05 46.50
CA GLU C 3440 -29.29 -99.17 45.30
C GLU C 3440 -30.71 -98.70 45.56
N ILE C 3441 -31.29 -99.10 46.70
CA ILE C 3441 -32.60 -98.60 47.07
C ILE C 3441 -32.56 -97.10 47.25
N PHE C 3442 -31.47 -96.57 47.82
CA PHE C 3442 -31.36 -95.13 48.02
C PHE C 3442 -31.36 -94.37 46.70
N ILE C 3443 -30.59 -94.84 45.72
CA ILE C 3443 -30.53 -94.13 44.44
C ILE C 3443 -31.84 -94.29 43.69
N TYR C 3444 -32.50 -95.44 43.86
CA TYR C 3444 -33.83 -95.61 43.29
C TYR C 3444 -34.81 -94.58 43.87
N TRP C 3445 -34.72 -94.35 45.18
CA TRP C 3445 -35.55 -93.33 45.82
C TRP C 3445 -35.17 -91.93 45.34
N SER C 3446 -33.88 -91.67 45.16
CA SER C 3446 -33.42 -90.33 44.84
C SER C 3446 -33.78 -89.93 43.41
N LYS C 3447 -33.58 -90.83 42.46
CA LYS C 3447 -33.84 -90.53 41.06
C LYS C 3447 -35.30 -90.81 40.68
N SER C 3448 -36.22 -90.32 41.51
CA SER C 3448 -37.65 -90.39 41.26
C SER C 3448 -38.40 -89.51 42.24
N HIS C 3449 -39.28 -88.65 41.72
CA HIS C 3449 -40.04 -87.73 42.57
C HIS C 3449 -41.21 -88.41 43.26
N ASN C 3450 -41.83 -89.40 42.59
CA ASN C 3450 -42.99 -90.06 43.16
C ASN C 3450 -42.64 -90.82 44.42
N PHE C 3451 -41.45 -91.42 44.48
CA PHE C 3451 -41.03 -92.13 45.70
C PHE C 3451 -40.98 -91.18 46.89
N LYS C 3452 -40.36 -90.02 46.72
CA LYS C 3452 -40.28 -89.05 47.80
C LYS C 3452 -41.65 -88.53 48.19
N ARG C 3453 -42.49 -88.23 47.20
CA ARG C 3453 -43.84 -87.74 47.51
C ARG C 3453 -44.64 -88.79 48.28
N GLU C 3454 -44.57 -90.05 47.85
CA GLU C 3454 -45.32 -91.10 48.52
C GLU C 3454 -44.79 -91.36 49.93
N GLU C 3455 -43.46 -91.30 50.11
CA GLU C 3455 -42.91 -91.48 51.44
C GLU C 3455 -43.35 -90.37 52.38
N GLN C 3456 -43.30 -89.12 51.91
CA GLN C 3456 -43.77 -88.01 52.74
C GLN C 3456 -45.25 -88.14 53.08
N ASN C 3457 -46.07 -88.50 52.08
CA ASN C 3457 -47.49 -88.64 52.31
C ASN C 3457 -47.79 -89.77 53.30
N PHE C 3458 -47.08 -90.90 53.17
CA PHE C 3458 -47.24 -92.00 54.11
C PHE C 3458 -46.87 -91.58 55.52
N VAL C 3459 -45.75 -90.87 55.67
CA VAL C 3459 -45.30 -90.45 56.99
C VAL C 3459 -46.31 -89.51 57.62
N VAL C 3460 -46.79 -88.52 56.87
CA VAL C 3460 -47.71 -87.55 57.45
C VAL C 3460 -49.08 -88.19 57.70
N GLN C 3461 -49.47 -89.17 56.87
CA GLN C 3461 -50.77 -89.80 57.03
C GLN C 3461 -50.81 -90.69 58.27
N ASN C 3462 -49.81 -91.56 58.43
CA ASN C 3462 -49.74 -92.45 59.58
C ASN C 3462 -49.17 -91.74 60.81
N GLU C 3463 -48.54 -90.57 60.63
CA GLU C 3463 -47.90 -89.81 61.71
C GLU C 3463 -46.79 -90.63 62.37
N ILE C 3464 -46.00 -91.31 61.54
CA ILE C 3464 -44.86 -92.08 62.02
C ILE C 3464 -43.81 -91.11 62.56
N ASN C 3465 -43.27 -91.43 63.73
CA ASN C 3465 -42.30 -90.54 64.36
C ASN C 3465 -41.04 -90.41 63.53
N ASN C 3466 -40.55 -91.53 62.97
CA ASN C 3466 -39.34 -91.59 62.16
C ASN C 3466 -38.11 -91.11 62.92
N MET C 3467 -38.20 -91.03 64.25
CA MET C 3467 -37.08 -90.63 65.07
C MET C 3467 -36.85 -91.64 66.19
N SER C 3468 -37.92 -92.31 66.61
CA SER C 3468 -37.80 -93.34 67.63
C SER C 3468 -37.07 -94.57 67.11
N PHE C 3469 -37.17 -94.85 65.81
CA PHE C 3469 -36.45 -95.97 65.24
C PHE C 3469 -34.94 -95.78 65.35
N LEU C 3470 -34.47 -94.56 65.10
CA LEU C 3470 -33.07 -94.22 65.23
C LEU C 3470 -32.73 -93.66 66.62
N THR C 3471 -33.71 -93.60 67.52
CA THR C 3471 -33.52 -93.08 68.88
C THR C 3471 -32.99 -91.64 68.85
N TYR C 3503 -39.96 -81.62 54.16
CA TYR C 3503 -39.72 -80.95 55.42
C TYR C 3503 -38.82 -81.78 56.33
N SER C 3504 -39.28 -82.97 56.69
CA SER C 3504 -38.50 -83.88 57.54
C SER C 3504 -37.64 -84.82 56.72
N VAL C 3505 -36.84 -84.25 55.81
CA VAL C 3505 -35.96 -85.06 54.98
C VAL C 3505 -34.83 -85.66 55.80
N GLN C 3506 -34.29 -84.89 56.75
CA GLN C 3506 -33.18 -85.37 57.57
C GLN C 3506 -33.56 -86.56 58.44
N THR C 3507 -34.85 -86.75 58.71
CA THR C 3507 -35.33 -87.86 59.52
C THR C 3507 -35.85 -89.02 58.67
N SER C 3508 -35.57 -89.02 57.37
CA SER C 3508 -36.04 -90.09 56.51
C SER C 3508 -35.39 -91.42 56.88
N LEU C 3509 -36.16 -92.49 56.70
CA LEU C 3509 -35.69 -93.82 57.09
C LEU C 3509 -34.56 -94.29 56.18
N ILE C 3510 -34.76 -94.17 54.86
CA ILE C 3510 -33.77 -94.65 53.89
C ILE C 3510 -32.48 -93.85 54.03
N VAL C 3511 -32.59 -92.54 54.18
CA VAL C 3511 -31.41 -91.70 54.27
C VAL C 3511 -30.60 -92.03 55.52
N ALA C 3512 -31.28 -92.21 56.65
CA ALA C 3512 -30.59 -92.58 57.88
C ALA C 3512 -29.92 -93.94 57.75
N THR C 3513 -30.61 -94.91 57.14
CA THR C 3513 -30.03 -96.23 56.97
C THR C 3513 -28.78 -96.18 56.11
N LEU C 3514 -28.83 -95.42 55.00
CA LEU C 3514 -27.63 -95.29 54.17
C LEU C 3514 -26.52 -94.56 54.90
N LYS C 3515 -26.85 -93.54 55.68
CA LYS C 3515 -25.83 -92.84 56.45
C LYS C 3515 -25.16 -93.77 57.46
N LYS C 3516 -25.94 -94.69 58.03
CA LYS C 3516 -25.35 -95.64 58.97
C LYS C 3516 -24.53 -96.72 58.28
N MET C 3517 -24.93 -97.11 57.07
CA MET C 3517 -24.23 -98.18 56.35
C MET C 3517 -23.11 -97.69 55.44
N LEU C 3518 -22.95 -96.36 55.30
CA LEU C 3518 -21.90 -95.83 54.44
C LEU C 3518 -20.48 -96.24 54.83
N PRO C 3519 -20.10 -96.26 56.12
CA PRO C 3519 -18.74 -96.71 56.46
C PRO C 3519 -18.43 -98.12 55.97
N ILE C 3520 -19.42 -99.01 55.88
CA ILE C 3520 -19.19 -100.33 55.30
C ILE C 3520 -18.71 -100.20 53.87
N GLY C 3521 -19.37 -99.35 53.09
CA GLY C 3521 -18.94 -99.15 51.71
C GLY C 3521 -17.59 -98.45 51.60
N LEU C 3522 -17.34 -97.48 52.48
CA LEU C 3522 -16.06 -96.77 52.43
C LEU C 3522 -14.90 -97.68 52.82
N ASN C 3523 -15.14 -98.66 53.70
CA ASN C 3523 -14.07 -99.55 54.13
C ASN C 3523 -13.53 -100.39 52.99
N MET C 3524 -14.42 -100.90 52.13
CA MET C 3524 -13.98 -101.77 51.04
C MET C 3524 -13.22 -101.01 49.96
N CYS C 3525 -13.27 -99.69 49.96
CA CYS C 3525 -12.54 -98.89 48.99
C CYS C 3525 -11.17 -98.54 49.53
N ALA C 3526 -10.14 -98.77 48.72
CA ALA C 3526 -8.79 -98.41 49.10
C ALA C 3526 -8.65 -96.89 49.15
N PRO C 3527 -7.77 -96.37 50.01
CA PRO C 3527 -7.51 -94.93 50.00
C PRO C 3527 -6.93 -94.42 48.69
N THR C 3528 -6.32 -95.31 47.90
CA THR C 3528 -5.84 -94.92 46.57
C THR C 3528 -7.00 -94.60 45.64
N ASP C 3529 -8.14 -95.27 45.81
CA ASP C 3529 -9.32 -95.00 45.00
C ASP C 3529 -9.94 -93.63 45.28
N GLN C 3530 -9.52 -92.97 46.36
CA GLN C 3530 -10.01 -91.63 46.63
C GLN C 3530 -9.66 -90.67 45.51
N ASP C 3531 -8.53 -90.88 44.85
CA ASP C 3531 -8.16 -90.02 43.73
C ASP C 3531 -9.16 -90.14 42.58
N LEU C 3532 -9.60 -91.36 42.27
CA LEU C 3532 -10.59 -91.57 41.22
C LEU C 3532 -12.02 -91.30 41.68
N ILE C 3533 -12.23 -91.11 42.98
CA ILE C 3533 -13.58 -90.82 43.48
C ILE C 3533 -14.13 -89.55 42.83
N MET C 3534 -13.36 -88.46 42.84
CA MET C 3534 -13.86 -87.22 42.25
C MET C 3534 -13.99 -87.34 40.74
N LEU C 3535 -13.11 -88.10 40.10
CA LEU C 3535 -13.23 -88.32 38.66
C LEU C 3535 -14.53 -89.04 38.32
N ALA C 3536 -14.88 -90.07 39.09
CA ALA C 3536 -16.14 -90.77 38.88
C ALA C 3536 -17.33 -89.86 39.17
N LYS C 3537 -17.22 -89.01 40.20
CA LYS C 3537 -18.29 -88.07 40.49
C LYS C 3537 -18.50 -87.09 39.35
N THR C 3538 -17.41 -86.56 38.78
CA THR C 3538 -17.51 -85.66 37.64
C THR C 3538 -18.10 -86.38 36.43
N ARG C 3539 -17.71 -87.64 36.21
CA ARG C 3539 -18.28 -88.41 35.12
C ARG C 3539 -19.78 -88.59 35.29
N TYR C 3540 -20.22 -88.90 36.51
CA TYR C 3540 -21.64 -89.05 36.79
C TYR C 3540 -22.39 -87.73 36.81
N ALA C 3541 -21.69 -86.60 36.90
CA ALA C 3541 -22.34 -85.30 36.88
C ALA C 3541 -23.08 -85.02 35.57
N LEU C 3542 -22.77 -85.76 34.51
CA LEU C 3542 -23.43 -85.58 33.22
C LEU C 3542 -24.53 -86.61 32.99
N LYS C 3543 -25.22 -87.02 34.05
CA LYS C 3543 -26.30 -88.02 33.97
C LYS C 3543 -25.81 -89.31 33.32
N ASP C 3544 -24.59 -89.71 33.65
CA ASP C 3544 -24.00 -90.91 33.07
C ASP C 3544 -24.58 -92.16 33.72
N THR C 3545 -24.40 -93.29 33.04
CA THR C 3545 -24.85 -94.58 33.53
C THR C 3545 -23.69 -95.35 34.13
N ASP C 3546 -24.02 -96.46 34.81
CA ASP C 3546 -22.99 -97.25 35.47
C ASP C 3546 -22.03 -97.87 34.48
N GLU C 3547 -22.54 -98.39 33.36
CA GLU C 3547 -21.69 -99.07 32.40
C GLU C 3547 -20.68 -98.11 31.77
N GLU C 3548 -21.15 -96.94 31.31
CA GLU C 3548 -20.24 -95.99 30.70
C GLU C 3548 -19.27 -95.40 31.69
N VAL C 3549 -19.70 -95.19 32.94
CA VAL C 3549 -18.79 -94.71 33.98
C VAL C 3549 -17.69 -95.73 34.24
N ARG C 3550 -18.08 -97.00 34.34
CA ARG C 3550 -17.08 -98.05 34.55
C ARG C 3550 -16.11 -98.15 33.38
N GLU C 3551 -16.63 -98.04 32.15
CA GLU C 3551 -15.76 -98.08 30.98
C GLU C 3551 -14.78 -96.90 30.97
N PHE C 3552 -15.27 -95.70 31.29
CA PHE C 3552 -14.40 -94.54 31.34
C PHE C 3552 -13.34 -94.69 32.42
N LEU C 3553 -13.72 -95.21 33.59
CA LEU C 3553 -12.76 -95.41 34.66
C LEU C 3553 -11.70 -96.43 34.27
N GLN C 3554 -12.11 -97.53 33.63
CA GLN C 3554 -11.16 -98.53 33.17
C GLN C 3554 -10.27 -98.01 32.05
N ASN C 3555 -10.74 -97.03 31.28
CA ASN C 3555 -9.91 -96.46 30.22
C ASN C 3555 -8.70 -95.72 30.79
N ASN C 3556 -8.82 -95.15 31.98
CA ASN C 3556 -7.73 -94.39 32.61
C ASN C 3556 -7.55 -94.83 34.06
N LEU C 3557 -7.48 -96.14 34.28
CA LEU C 3557 -7.32 -96.68 35.62
C LEU C 3557 -5.92 -96.52 36.18
N HIS C 3558 -5.02 -95.84 35.47
CA HIS C 3558 -3.65 -95.65 35.90
C HIS C 3558 -3.42 -94.33 36.64
N LEU C 3559 -4.46 -93.50 36.80
CA LEU C 3559 -4.30 -92.22 37.47
C LEU C 3559 -4.35 -92.33 38.99
N GLN C 3560 -4.71 -93.49 39.53
CA GLN C 3560 -4.75 -93.66 40.97
C GLN C 3560 -3.35 -93.92 41.52
N GLY C 3561 -3.19 -93.72 42.82
CA GLY C 3561 -1.93 -93.98 43.48
C GLY C 3561 -1.37 -92.77 44.21
N LYS C 3562 -0.19 -92.31 43.79
CA LYS C 3562 0.50 -91.19 44.43
C LYS C 3562 0.73 -91.45 45.91
N VAL C 3563 1.06 -92.70 46.25
CA VAL C 3563 1.31 -93.06 47.64
C VAL C 3563 2.54 -92.35 48.18
N GLU C 3564 3.61 -92.28 47.37
CA GLU C 3564 4.83 -91.62 47.79
C GLU C 3564 4.80 -90.11 47.58
N GLY C 3565 3.82 -89.60 46.82
CA GLY C 3565 3.76 -88.18 46.55
C GLY C 3565 3.06 -87.35 47.62
N SER C 3566 2.45 -87.98 48.60
CA SER C 3566 1.76 -87.28 49.67
C SER C 3566 2.12 -87.88 51.02
N PRO C 3567 2.14 -87.06 52.07
CA PRO C 3567 2.48 -87.59 53.40
C PRO C 3567 1.26 -88.14 54.13
N SER C 3568 0.06 -87.72 53.73
CA SER C 3568 -1.16 -88.13 54.39
C SER C 3568 -1.66 -89.50 53.94
N LEU C 3569 -1.03 -90.11 52.94
CA LEU C 3569 -1.44 -91.41 52.43
C LEU C 3569 -0.63 -92.57 53.02
N ARG C 3570 0.53 -92.30 53.61
CA ARG C 3570 1.38 -93.38 54.10
C ARG C 3570 0.69 -94.17 55.21
N TRP C 3571 0.21 -93.47 56.25
CA TRP C 3571 -0.41 -94.16 57.37
C TRP C 3571 -1.75 -94.77 56.98
N GLN C 3572 -2.45 -94.19 56.01
CA GLN C 3572 -3.69 -94.79 55.53
C GLN C 3572 -3.44 -96.13 54.87
N MET C 3573 -2.42 -96.21 54.01
CA MET C 3573 -2.05 -97.49 53.41
C MET C 3573 -1.56 -98.47 54.46
N ALA C 3574 -0.79 -97.99 55.44
CA ALA C 3574 -0.33 -98.86 56.51
C ALA C 3574 -1.50 -99.45 57.29
N LEU C 3575 -2.50 -98.63 57.61
CA LEU C 3575 -3.67 -99.11 58.32
C LEU C 3575 -4.47 -100.10 57.48
N TYR C 3576 -4.61 -99.82 56.18
CA TYR C 3576 -5.32 -100.74 55.30
C TYR C 3576 -4.62 -102.10 55.24
N ARG C 3577 -3.29 -102.09 55.14
CA ARG C 3577 -2.56 -103.35 55.00
C ARG C 3577 -2.48 -104.12 56.31
N GLY C 3578 -2.33 -103.42 57.44
CA GLY C 3578 -2.02 -104.08 58.69
C GLY C 3578 -3.10 -104.93 59.33
N LEU C 3579 -4.16 -104.30 59.83
CA LEU C 3579 -5.12 -104.99 60.68
C LEU C 3579 -6.09 -105.92 59.94
N PRO C 3580 -6.62 -105.57 58.75
CA PRO C 3580 -7.61 -106.46 58.12
C PRO C 3580 -7.00 -107.76 57.62
N GLY C 3581 -7.83 -108.61 57.01
CA GLY C 3581 -7.37 -109.87 56.47
C GLY C 3581 -6.78 -109.72 55.08
N ARG C 3582 -7.23 -110.56 54.15
CA ARG C 3582 -6.75 -110.46 52.77
C ARG C 3582 -7.14 -109.12 52.16
N GLU C 3583 -6.19 -108.50 51.46
CA GLU C 3583 -6.39 -107.19 50.86
C GLU C 3583 -6.92 -107.30 49.42
N GLU C 3584 -8.03 -108.03 49.27
CA GLU C 3584 -8.67 -108.22 47.96
C GLU C 3584 -7.69 -108.80 46.94
N ASP C 3585 -6.85 -109.74 47.40
CA ASP C 3585 -5.86 -110.43 46.57
C ASP C 3585 -4.79 -109.48 46.03
N ALA C 3586 -4.87 -108.21 46.41
CA ALA C 3586 -3.90 -107.16 46.11
C ALA C 3586 -3.81 -106.82 44.63
N ASP C 3587 -4.57 -107.49 43.76
CA ASP C 3587 -4.51 -107.20 42.33
C ASP C 3587 -5.84 -107.65 41.71
N ASP C 3588 -6.71 -106.68 41.43
CA ASP C 3588 -7.99 -106.96 40.76
C ASP C 3588 -8.46 -105.70 40.04
N PRO C 3589 -7.92 -105.46 38.83
CA PRO C 3589 -8.41 -104.31 38.05
C PRO C 3589 -9.92 -104.32 37.81
N GLU C 3590 -10.50 -105.52 37.58
CA GLU C 3590 -11.93 -105.60 37.34
C GLU C 3590 -12.74 -105.20 38.56
N LYS C 3591 -12.29 -105.60 39.75
CA LYS C 3591 -13.00 -105.30 40.98
C LYS C 3591 -12.86 -103.85 41.41
N ILE C 3592 -11.80 -103.16 40.98
CA ILE C 3592 -11.57 -101.79 41.41
C ILE C 3592 -12.67 -100.87 40.90
N VAL C 3593 -12.99 -100.96 39.61
CA VAL C 3593 -14.03 -100.12 39.04
C VAL C 3593 -15.39 -100.48 39.63
N ARG C 3594 -15.63 -101.78 39.86
CA ARG C 3594 -16.89 -102.22 40.43
C ARG C 3594 -17.09 -101.65 41.83
N ARG C 3595 -16.04 -101.66 42.65
CA ARG C 3595 -16.14 -101.14 44.01
C ARG C 3595 -16.05 -99.62 44.06
N VAL C 3596 -15.59 -98.97 42.99
CA VAL C 3596 -15.53 -97.50 42.98
C VAL C 3596 -16.83 -96.90 42.49
N GLN C 3597 -17.47 -97.52 41.49
CA GLN C 3597 -18.67 -96.94 40.88
C GLN C 3597 -19.80 -96.82 41.89
N GLU C 3598 -20.03 -97.86 42.68
CA GLU C 3598 -21.15 -97.85 43.63
C GLU C 3598 -20.95 -96.77 44.68
N VAL C 3599 -19.74 -96.68 45.24
CA VAL C 3599 -19.49 -95.69 46.27
C VAL C 3599 -19.56 -94.27 45.71
N SER C 3600 -19.07 -94.08 44.47
CA SER C 3600 -19.17 -92.75 43.87
C SER C 3600 -20.62 -92.36 43.63
N ALA C 3601 -21.44 -93.30 43.16
CA ALA C 3601 -22.86 -93.01 42.96
C ALA C 3601 -23.54 -92.70 44.28
N VAL C 3602 -23.22 -93.45 45.33
CA VAL C 3602 -23.83 -93.21 46.64
C VAL C 3602 -23.43 -91.84 47.16
N LEU C 3603 -22.15 -91.48 47.04
CA LEU C 3603 -21.68 -90.20 47.52
C LEU C 3603 -22.31 -89.05 46.74
N TYR C 3604 -22.48 -89.23 45.42
CA TYR C 3604 -23.15 -88.22 44.62
C TYR C 3604 -24.60 -88.04 45.08
N HIS C 3605 -25.34 -89.15 45.16
CA HIS C 3605 -26.76 -89.06 45.52
C HIS C 3605 -26.97 -88.57 46.94
N LEU C 3606 -25.98 -88.73 47.82
CA LEU C 3606 -26.12 -88.23 49.19
C LEU C 3606 -26.04 -86.71 49.25
N GLU C 3607 -25.40 -86.08 48.25
CA GLU C 3607 -25.19 -84.64 48.30
C GLU C 3607 -26.49 -83.86 48.19
N GLN C 3608 -27.40 -84.29 47.31
CA GLN C 3608 -28.64 -83.54 47.09
C GLN C 3608 -29.57 -83.59 48.30
N THR C 3609 -29.51 -84.67 49.09
CA THR C 3609 -30.38 -84.78 50.25
C THR C 3609 -30.10 -83.66 51.26
N GLU C 3610 -28.84 -83.38 51.51
CA GLU C 3610 -28.48 -82.29 52.42
C GLU C 3610 -28.68 -80.92 51.80
N HIS C 3611 -28.85 -80.85 50.48
CA HIS C 3611 -29.05 -79.58 49.79
C HIS C 3611 -30.43 -79.50 49.17
N THR C 3639 -72.37 -61.38 47.75
CA THR C 3639 -73.21 -60.96 46.63
C THR C 3639 -73.49 -59.47 46.69
N PRO C 3640 -72.50 -58.65 46.33
CA PRO C 3640 -72.67 -57.19 46.42
C PRO C 3640 -73.51 -56.59 45.30
N LEU C 3641 -73.76 -57.32 44.21
CA LEU C 3641 -74.50 -56.75 43.10
C LEU C 3641 -75.97 -56.54 43.47
N TYR C 3642 -76.68 -57.62 43.78
CA TYR C 3642 -78.07 -57.51 44.19
C TYR C 3642 -78.13 -57.30 45.70
N ASN C 3643 -79.33 -57.42 46.28
CA ASN C 3643 -79.60 -57.07 47.68
C ASN C 3643 -79.28 -55.61 47.97
N LEU C 3644 -79.28 -54.77 46.94
CA LEU C 3644 -79.00 -53.35 47.00
C LEU C 3644 -80.24 -52.56 46.59
N PRO C 3645 -80.39 -51.31 47.06
CA PRO C 3645 -81.50 -50.49 46.58
C PRO C 3645 -81.43 -50.29 45.08
N THR C 3646 -82.60 -50.30 44.44
CA THR C 3646 -82.65 -50.25 42.98
C THR C 3646 -82.12 -48.93 42.43
N HIS C 3647 -82.26 -47.84 43.19
CA HIS C 3647 -81.80 -46.54 42.71
C HIS C 3647 -80.28 -46.48 42.62
N ARG C 3648 -79.58 -47.07 43.61
CA ARG C 3648 -78.12 -47.08 43.57
C ARG C 3648 -77.60 -47.89 42.39
N ALA C 3649 -78.19 -49.07 42.17
CA ALA C 3649 -77.82 -49.88 41.02
C ALA C 3649 -78.14 -49.17 39.72
N CYS C 3650 -79.27 -48.45 39.67
CA CYS C 3650 -79.62 -47.69 38.49
C CYS C 3650 -78.59 -46.60 38.22
N ASN C 3651 -78.14 -45.89 39.25
CA ASN C 3651 -77.14 -44.85 39.07
C ASN C 3651 -75.82 -45.44 38.57
N MET C 3652 -75.39 -46.56 39.17
CA MET C 3652 -74.15 -47.19 38.72
C MET C 3652 -74.27 -47.67 37.28
N PHE C 3653 -75.41 -48.24 36.92
CA PHE C 3653 -75.62 -48.69 35.54
C PHE C 3653 -75.63 -47.50 34.58
N LEU C 3654 -76.21 -46.37 35.00
CA LEU C 3654 -76.20 -45.18 34.15
C LEU C 3654 -74.77 -44.72 33.90
N GLU C 3655 -73.95 -44.65 34.95
CA GLU C 3655 -72.56 -44.23 34.76
C GLU C 3655 -71.81 -45.19 33.85
N SER C 3656 -71.94 -46.50 34.08
CA SER C 3656 -71.22 -47.47 33.27
C SER C 3656 -71.69 -47.44 31.81
N TYR C 3657 -73.01 -47.34 31.61
CA TYR C 3657 -73.56 -47.31 30.26
C TYR C 3657 -73.10 -46.06 29.51
N LYS C 3658 -73.12 -44.90 30.18
CA LYS C 3658 -72.62 -43.69 29.55
C LYS C 3658 -71.15 -43.81 29.18
N ALA C 3659 -70.36 -44.40 30.07
CA ALA C 3659 -68.94 -44.55 29.81
C ALA C 3659 -68.62 -45.60 28.74
N ALA C 3660 -69.51 -46.57 28.51
CA ALA C 3660 -69.18 -47.69 27.65
C ALA C 3660 -69.90 -47.72 26.31
N TRP C 3661 -71.13 -47.23 26.20
CA TRP C 3661 -71.93 -47.42 25.01
C TRP C 3661 -72.25 -46.12 24.27
N ILE C 3662 -72.69 -45.09 24.98
CA ILE C 3662 -73.14 -43.87 24.32
C ILE C 3662 -71.99 -43.18 23.60
N LEU C 3663 -70.76 -43.40 24.05
CA LEU C 3663 -69.60 -42.76 23.44
C LEU C 3663 -69.29 -43.33 22.06
N THR C 3664 -70.14 -43.03 21.08
CA THR C 3664 -69.89 -43.44 19.71
C THR C 3664 -68.83 -42.55 19.08
N GLU C 3665 -68.11 -43.09 18.10
CA GLU C 3665 -66.93 -42.44 17.57
C GLU C 3665 -67.24 -41.46 16.43
N ASP C 3666 -68.08 -41.86 15.48
CA ASP C 3666 -68.21 -41.10 14.24
C ASP C 3666 -69.14 -39.90 14.39
N HIS C 3667 -70.42 -40.16 14.67
CA HIS C 3667 -71.48 -39.16 14.78
C HIS C 3667 -71.81 -38.52 13.44
N SER C 3668 -71.01 -38.83 12.42
CA SER C 3668 -71.28 -38.49 11.01
C SER C 3668 -71.93 -37.11 10.84
N PHE C 3669 -71.34 -36.11 11.48
CA PHE C 3669 -71.92 -34.77 11.39
C PHE C 3669 -70.93 -33.64 11.16
N GLU C 3670 -69.61 -33.88 11.28
CA GLU C 3670 -68.66 -32.78 11.17
C GLU C 3670 -68.60 -32.24 9.75
N ASP C 3671 -68.49 -33.12 8.76
CA ASP C 3671 -68.41 -32.67 7.36
C ASP C 3671 -69.77 -32.21 6.84
N ARG C 3672 -70.85 -32.86 7.26
CA ARG C 3672 -72.18 -32.52 6.77
C ARG C 3672 -72.57 -31.10 7.19
N MET C 3673 -72.25 -30.69 8.41
CA MET C 3673 -72.58 -29.33 8.85
C MET C 3673 -71.88 -28.29 8.00
N ILE C 3674 -70.58 -28.51 7.72
CA ILE C 3674 -69.82 -27.55 6.94
C ILE C 3674 -70.30 -27.53 5.49
N ASP C 3675 -70.69 -28.69 4.97
CA ASP C 3675 -71.25 -28.72 3.61
C ASP C 3675 -72.57 -27.96 3.54
N ASP C 3676 -73.43 -28.13 4.55
CA ASP C 3676 -74.72 -27.45 4.53
C ASP C 3676 -74.58 -25.95 4.73
N LEU C 3677 -73.66 -25.53 5.60
CA LEU C 3677 -73.48 -24.11 5.87
C LEU C 3677 -72.74 -23.38 4.75
N SER C 3678 -72.13 -24.10 3.82
CA SER C 3678 -71.37 -23.50 2.73
C SER C 3678 -72.21 -23.25 1.49
N LYS C 3679 -73.49 -23.59 1.51
CA LYS C 3679 -74.39 -23.40 0.39
C LYS C 3679 -75.18 -22.12 0.62
N ALA C 3680 -75.03 -21.14 -0.27
CA ALA C 3680 -75.67 -19.84 -0.16
C ALA C 3680 -76.68 -19.65 -1.28
N GLY C 3681 -77.71 -18.86 -0.98
CA GLY C 3681 -78.73 -18.55 -1.97
C GLY C 3681 -79.53 -19.75 -2.43
N GLU C 3682 -79.87 -20.65 -1.51
CA GLU C 3682 -80.67 -21.81 -1.86
C GLU C 3682 -82.11 -21.39 -2.13
N GLN C 3683 -82.64 -21.80 -3.29
CA GLN C 3683 -83.99 -21.45 -3.70
C GLN C 3683 -84.21 -19.94 -3.74
N GLU C 3684 -83.15 -19.19 -4.05
CA GLU C 3684 -83.21 -17.73 -4.09
C GLU C 3684 -82.02 -17.23 -4.91
N GLU C 3685 -81.96 -15.91 -5.06
CA GLU C 3685 -80.88 -15.25 -5.80
C GLU C 3685 -80.73 -15.80 -7.21
N GLU C 3691 -72.53 -12.05 -3.34
CA GLU C 3691 -71.74 -10.93 -3.84
C GLU C 3691 -71.74 -9.77 -2.85
N GLU C 3692 -72.55 -8.75 -3.15
CA GLU C 3692 -72.65 -7.60 -2.26
C GLU C 3692 -73.22 -8.01 -0.90
N LYS C 3693 -74.26 -8.85 -0.91
CA LYS C 3693 -74.80 -9.38 0.34
C LYS C 3693 -73.80 -10.37 0.95
N LYS C 3694 -73.83 -10.46 2.27
CA LYS C 3694 -72.88 -11.29 2.98
C LYS C 3694 -73.15 -12.74 2.61
N PRO C 3695 -72.15 -13.50 2.13
CA PRO C 3695 -72.40 -14.89 1.74
C PRO C 3695 -72.68 -15.84 2.90
N ASP C 3696 -72.67 -17.15 2.59
CA ASP C 3696 -73.23 -18.28 3.31
C ASP C 3696 -73.00 -18.26 4.82
N PRO C 3697 -73.92 -18.90 5.59
CA PRO C 3697 -73.89 -18.79 7.06
C PRO C 3697 -72.56 -19.07 7.72
N LEU C 3698 -71.69 -19.86 7.07
CA LEU C 3698 -70.38 -20.16 7.66
C LEU C 3698 -69.58 -18.88 7.84
N HIS C 3699 -69.60 -18.00 6.83
CA HIS C 3699 -68.87 -16.74 6.93
C HIS C 3699 -69.48 -15.84 7.99
N GLN C 3700 -70.82 -15.88 8.14
CA GLN C 3700 -71.46 -15.11 9.21
C GLN C 3700 -71.01 -15.61 10.58
N LEU C 3701 -70.93 -16.93 10.75
CA LEU C 3701 -70.48 -17.49 12.03
C LEU C 3701 -69.03 -17.12 12.31
N VAL C 3702 -68.16 -17.20 11.30
CA VAL C 3702 -66.78 -16.83 11.48
C VAL C 3702 -66.66 -15.35 11.82
N LEU C 3703 -67.46 -14.50 11.17
CA LEU C 3703 -67.45 -13.08 11.48
C LEU C 3703 -67.94 -12.81 12.89
N HIS C 3704 -68.95 -13.57 13.35
CA HIS C 3704 -69.44 -13.41 14.71
C HIS C 3704 -68.35 -13.76 15.73
N PHE C 3705 -67.64 -14.87 15.51
CA PHE C 3705 -66.56 -15.23 16.42
C PHE C 3705 -65.41 -14.23 16.36
N SER C 3706 -65.13 -13.70 15.17
CA SER C 3706 -64.09 -12.67 15.05
C SER C 3706 -64.48 -11.41 15.79
N ARG C 3707 -65.76 -11.02 15.72
CA ARG C 3707 -66.24 -9.88 16.49
C ARG C 3707 -66.12 -10.14 17.98
N THR C 3708 -66.46 -11.35 18.43
CA THR C 3708 -66.33 -11.70 19.83
C THR C 3708 -64.88 -11.59 20.29
N ALA C 3709 -63.95 -12.08 19.47
CA ALA C 3709 -62.53 -11.98 19.82
C ALA C 3709 -62.03 -10.54 19.75
N LEU C 3710 -62.62 -9.72 18.88
CA LEU C 3710 -62.11 -8.36 18.68
C LEU C 3710 -62.53 -7.41 19.79
N THR C 3711 -63.54 -7.74 20.58
CA THR C 3711 -63.99 -6.85 21.65
C THR C 3711 -62.90 -6.76 22.72
N GLU C 3712 -62.53 -5.53 23.08
CA GLU C 3712 -61.44 -5.33 24.01
C GLU C 3712 -61.89 -5.64 25.44
N LYS C 3713 -61.13 -6.46 26.13
CA LYS C 3713 -61.44 -6.87 27.49
C LYS C 3713 -60.14 -7.38 28.13
N SER C 3714 -60.14 -7.49 29.47
CA SER C 3714 -58.96 -7.92 30.20
C SER C 3714 -58.83 -9.44 30.30
N LYS C 3715 -59.84 -10.20 29.91
CA LYS C 3715 -59.78 -11.65 29.97
C LYS C 3715 -60.72 -12.26 28.95
N LEU C 3716 -60.33 -13.41 28.42
CA LEU C 3716 -61.14 -14.13 27.43
C LEU C 3716 -62.02 -15.15 28.14
N ASP C 3717 -63.33 -14.96 28.04
CA ASP C 3717 -64.27 -15.88 28.67
C ASP C 3717 -64.28 -17.22 27.94
N GLU C 3718 -64.60 -18.28 28.69
CA GLU C 3718 -64.66 -19.63 28.14
C GLU C 3718 -65.98 -19.79 27.40
N ASP C 3719 -65.93 -19.80 26.07
CA ASP C 3719 -67.12 -19.94 25.24
C ASP C 3719 -67.20 -21.38 24.74
N TYR C 3720 -68.20 -22.12 25.23
CA TYR C 3720 -68.38 -23.50 24.81
C TYR C 3720 -68.81 -23.59 23.35
N LEU C 3721 -69.62 -22.64 22.89
CA LEU C 3721 -70.05 -22.64 21.49
C LEU C 3721 -68.85 -22.49 20.55
N TYR C 3722 -67.94 -21.57 20.88
CA TYR C 3722 -66.73 -21.41 20.07
C TYR C 3722 -65.90 -22.68 20.08
N MET C 3723 -65.75 -23.31 21.25
CA MET C 3723 -64.99 -24.56 21.32
C MET C 3723 -65.59 -25.61 20.41
N ALA C 3724 -66.89 -25.85 20.52
CA ALA C 3724 -67.54 -26.89 19.71
C ALA C 3724 -67.43 -26.58 18.22
N TYR C 3725 -67.69 -25.33 17.83
CA TYR C 3725 -67.65 -25.00 16.41
C TYR C 3725 -66.23 -25.02 15.85
N ALA C 3726 -65.24 -24.56 16.62
CA ALA C 3726 -63.85 -24.65 16.18
C ALA C 3726 -63.41 -26.10 16.02
N ASP C 3727 -63.83 -26.97 16.95
CA ASP C 3727 -63.55 -28.39 16.78
C ASP C 3727 -64.21 -28.94 15.53
N ILE C 3728 -65.43 -28.49 15.23
CA ILE C 3728 -66.12 -28.95 14.02
C ILE C 3728 -65.35 -28.54 12.78
N MET C 3729 -64.93 -27.28 12.70
CA MET C 3729 -64.16 -26.84 11.53
C MET C 3729 -62.83 -27.57 11.44
N ALA C 3730 -62.15 -27.78 12.58
CA ALA C 3730 -60.87 -28.47 12.55
C ALA C 3730 -61.03 -29.90 12.07
N LYS C 3731 -62.07 -30.59 12.51
CA LYS C 3731 -62.31 -31.97 12.09
C LYS C 3731 -62.88 -32.06 10.68
N SER C 3732 -63.43 -30.97 10.14
CA SER C 3732 -63.86 -30.96 8.76
C SER C 3732 -62.71 -31.09 7.78
N CYS C 3733 -61.49 -30.75 8.21
CA CYS C 3733 -60.30 -30.88 7.38
C CYS C 3733 -59.31 -31.90 7.90
N HIS C 3734 -58.90 -31.78 9.17
CA HIS C 3734 -57.87 -32.67 9.70
C HIS C 3734 -58.39 -34.10 9.88
N LEU C 3735 -59.57 -34.24 10.48
CA LEU C 3735 -60.13 -35.57 10.70
C LEU C 3735 -60.49 -36.28 9.42
N GLU C 3736 -60.79 -35.52 8.34
CA GLU C 3736 -61.09 -36.13 7.05
C GLU C 3736 -59.83 -36.30 6.21
N GLU C 3737 -58.89 -35.35 6.28
CA GLU C 3737 -57.64 -35.40 5.54
C GLU C 3737 -56.54 -34.90 6.46
N GLY C 3738 -55.87 -35.83 7.15
CA GLY C 3738 -54.81 -35.49 8.07
C GLY C 3738 -53.52 -35.05 7.38
N VAL C 3749 -47.22 -48.02 0.00
CA VAL C 3749 -48.35 -48.77 -0.56
C VAL C 3749 -48.96 -48.01 -1.73
N GLU C 3750 -49.83 -47.05 -1.41
CA GLU C 3750 -50.49 -46.23 -2.43
C GLU C 3750 -49.71 -44.93 -2.57
N VAL C 3751 -48.62 -44.99 -3.33
CA VAL C 3751 -47.76 -43.84 -3.56
C VAL C 3751 -47.87 -43.35 -5.01
N SER C 3752 -48.99 -43.66 -5.67
CA SER C 3752 -49.19 -43.21 -7.03
C SER C 3752 -49.32 -41.70 -7.09
N PHE C 3753 -48.85 -41.12 -8.20
CA PHE C 3753 -48.94 -39.67 -8.37
C PHE C 3753 -50.40 -39.21 -8.38
N GLU C 3754 -51.26 -39.95 -9.08
CA GLU C 3754 -52.66 -39.54 -9.23
C GLU C 3754 -53.36 -39.52 -7.88
N GLU C 3755 -53.25 -40.59 -7.10
CA GLU C 3755 -53.94 -40.66 -5.81
C GLU C 3755 -53.41 -39.62 -4.83
N LYS C 3756 -52.08 -39.48 -4.75
CA LYS C 3756 -51.48 -38.51 -3.84
C LYS C 3756 -51.90 -37.09 -4.21
N GLU C 3757 -51.86 -36.76 -5.50
CA GLU C 3757 -52.25 -35.42 -5.92
C GLU C 3757 -53.74 -35.18 -5.71
N MET C 3758 -54.57 -36.20 -5.91
CA MET C 3758 -56.00 -36.05 -5.63
C MET C 3758 -56.25 -35.79 -4.16
N GLU C 3759 -55.53 -36.50 -3.29
CA GLU C 3759 -55.64 -36.24 -1.85
C GLU C 3759 -55.20 -34.81 -1.53
N LYS C 3760 -54.11 -34.34 -2.15
CA LYS C 3760 -53.66 -32.98 -1.91
C LYS C 3760 -54.70 -31.96 -2.36
N GLN C 3761 -55.31 -32.16 -3.53
CA GLN C 3761 -56.34 -31.24 -3.99
C GLN C 3761 -57.57 -31.28 -3.11
N ARG C 3762 -57.96 -32.47 -2.63
CA ARG C 3762 -59.11 -32.56 -1.73
C ARG C 3762 -58.84 -31.80 -0.43
N LEU C 3763 -57.64 -31.97 0.14
CA LEU C 3763 -57.29 -31.24 1.35
C LEU C 3763 -57.26 -29.74 1.09
N LEU C 3764 -56.72 -29.32 -0.07
CA LEU C 3764 -56.67 -27.91 -0.40
C LEU C 3764 -58.08 -27.33 -0.51
N TYR C 3765 -58.99 -28.05 -1.15
CA TYR C 3765 -60.37 -27.58 -1.27
C TYR C 3765 -61.04 -27.51 0.09
N GLN C 3766 -60.80 -28.51 0.95
CA GLN C 3766 -61.41 -28.49 2.28
C GLN C 3766 -60.91 -27.31 3.10
N GLN C 3767 -59.61 -27.00 3.01
CA GLN C 3767 -59.08 -25.85 3.74
C GLN C 3767 -59.55 -24.53 3.13
N SER C 3768 -59.69 -24.47 1.81
CA SER C 3768 -60.19 -23.27 1.14
C SER C 3768 -61.67 -23.04 1.38
N ARG C 3769 -62.40 -24.09 1.79
CA ARG C 3769 -63.82 -23.92 2.10
C ARG C 3769 -64.03 -22.93 3.23
N LEU C 3770 -63.06 -22.80 4.15
CA LEU C 3770 -63.23 -21.93 5.30
C LEU C 3770 -62.08 -20.97 5.58
N HIS C 3771 -60.93 -21.11 4.91
CA HIS C 3771 -59.91 -20.09 5.09
C HIS C 3771 -60.13 -18.89 4.19
N THR C 3772 -61.01 -19.00 3.19
CA THR C 3772 -61.46 -17.85 2.43
C THR C 3772 -62.57 -17.08 3.13
N ARG C 3773 -63.09 -17.61 4.24
CA ARG C 3773 -64.13 -16.96 5.02
C ARG C 3773 -63.57 -16.29 6.28
N GLY C 3774 -62.26 -16.11 6.37
CA GLY C 3774 -61.66 -15.37 7.47
C GLY C 3774 -61.25 -16.18 8.68
N ALA C 3775 -61.16 -17.51 8.56
CA ALA C 3775 -60.71 -18.32 9.69
C ALA C 3775 -59.26 -18.05 10.06
N ALA C 3776 -58.42 -17.71 9.08
CA ALA C 3776 -57.02 -17.39 9.39
C ALA C 3776 -56.93 -16.15 10.27
N GLU C 3777 -57.75 -15.13 10.00
CA GLU C 3777 -57.81 -13.97 10.87
C GLU C 3777 -58.39 -14.34 12.23
N MET C 3778 -59.39 -15.23 12.26
CA MET C 3778 -60.02 -15.63 13.51
C MET C 3778 -59.03 -16.29 14.45
N VAL C 3779 -58.20 -17.20 13.91
CA VAL C 3779 -57.23 -17.91 14.75
C VAL C 3779 -56.23 -16.94 15.36
N LEU C 3780 -55.71 -16.03 14.55
CA LEU C 3780 -54.75 -15.04 15.05
C LEU C 3780 -55.38 -14.14 16.10
N GLN C 3781 -56.61 -13.68 15.86
CA GLN C 3781 -57.29 -12.82 16.82
C GLN C 3781 -57.52 -13.54 18.14
N MET C 3782 -57.95 -14.80 18.08
CA MET C 3782 -58.18 -15.55 19.32
C MET C 3782 -56.88 -15.79 20.08
N ILE C 3783 -55.80 -16.12 19.36
CA ILE C 3783 -54.52 -16.33 20.02
C ILE C 3783 -54.04 -15.05 20.69
N SER C 3784 -54.18 -13.91 19.99
CA SER C 3784 -53.80 -12.64 20.59
C SER C 3784 -54.67 -12.29 21.79
N ALA C 3785 -55.97 -12.56 21.71
CA ALA C 3785 -56.89 -12.22 22.80
C ALA C 3785 -56.74 -13.16 23.99
N CYS C 3786 -56.13 -14.32 23.81
CA CYS C 3786 -55.91 -15.23 24.94
C CYS C 3786 -54.96 -14.64 25.98
N LYS C 3787 -54.17 -13.64 25.61
CA LYS C 3787 -53.27 -12.94 26.53
C LYS C 3787 -52.25 -13.88 27.16
N GLY C 3788 -51.89 -14.95 26.46
CA GLY C 3788 -50.87 -15.87 26.95
C GLY C 3788 -51.31 -16.73 28.11
N GLU C 3789 -52.60 -16.99 28.24
CA GLU C 3789 -53.14 -17.82 29.32
C GLU C 3789 -53.58 -19.15 28.74
N THR C 3790 -53.02 -20.24 29.26
CA THR C 3790 -53.33 -21.57 28.76
C THR C 3790 -54.74 -21.99 29.19
N GLY C 3791 -55.32 -22.90 28.42
CA GLY C 3791 -56.64 -23.41 28.72
C GLY C 3791 -57.22 -24.10 27.50
N ALA C 3792 -58.52 -24.40 27.59
CA ALA C 3792 -59.24 -25.00 26.48
C ALA C 3792 -59.66 -23.99 25.43
N MET C 3793 -59.55 -22.69 25.73
CA MET C 3793 -59.86 -21.66 24.74
C MET C 3793 -58.82 -21.62 23.64
N VAL C 3794 -57.55 -21.77 23.99
CA VAL C 3794 -56.48 -21.73 23.00
C VAL C 3794 -56.11 -23.12 22.46
N SER C 3795 -56.46 -24.19 23.19
CA SER C 3795 -56.22 -25.54 22.68
C SER C 3795 -57.05 -25.81 21.43
N SER C 3796 -58.30 -25.37 21.43
CA SER C 3796 -59.16 -25.54 20.26
C SER C 3796 -58.84 -24.55 19.14
N THR C 3797 -58.06 -23.51 19.42
CA THR C 3797 -57.64 -22.56 18.40
C THR C 3797 -56.35 -23.00 17.71
N LEU C 3798 -55.39 -23.50 18.48
CA LEU C 3798 -54.16 -24.01 17.89
C LEU C 3798 -54.42 -25.20 17.00
N LYS C 3799 -55.31 -26.10 17.42
CA LYS C 3799 -55.65 -27.25 16.59
C LYS C 3799 -56.32 -26.83 15.29
N LEU C 3800 -57.23 -25.85 15.37
CA LEU C 3800 -57.87 -25.34 14.16
C LEU C 3800 -56.86 -24.70 13.22
N GLY C 3801 -55.93 -23.92 13.78
CA GLY C 3801 -54.89 -23.33 12.94
C GLY C 3801 -54.00 -24.36 12.30
N ILE C 3802 -53.69 -25.45 13.03
CA ILE C 3802 -52.91 -26.54 12.46
C ILE C 3802 -53.67 -27.20 11.33
N SER C 3803 -54.97 -27.45 11.53
CA SER C 3803 -55.78 -28.10 10.50
C SER C 3803 -55.86 -27.23 9.24
N ILE C 3804 -56.01 -25.92 9.41
CA ILE C 3804 -56.06 -25.03 8.26
C ILE C 3804 -54.70 -25.00 7.56
N LEU C 3805 -53.62 -24.97 8.34
CA LEU C 3805 -52.27 -24.85 7.80
C LEU C 3805 -51.63 -26.19 7.48
N ASN C 3806 -52.37 -27.29 7.61
CA ASN C 3806 -51.80 -28.62 7.35
C ASN C 3806 -51.29 -28.71 5.91
N GLY C 3807 -50.08 -29.24 5.76
CA GLY C 3807 -49.45 -29.35 4.46
C GLY C 3807 -48.70 -28.13 3.99
N GLY C 3808 -48.69 -27.05 4.78
CA GLY C 3808 -47.97 -25.85 4.39
C GLY C 3808 -48.67 -25.04 3.33
N ASN C 3809 -49.85 -24.51 3.66
CA ASN C 3809 -50.63 -23.73 2.71
C ASN C 3809 -49.97 -22.38 2.48
N ALA C 3810 -49.66 -22.08 1.22
CA ALA C 3810 -49.08 -20.78 0.89
C ALA C 3810 -50.11 -19.66 1.02
N GLU C 3811 -51.35 -19.92 0.62
CA GLU C 3811 -52.40 -18.89 0.71
C GLU C 3811 -52.69 -18.52 2.15
N VAL C 3812 -52.83 -19.51 3.02
CA VAL C 3812 -53.13 -19.24 4.42
C VAL C 3812 -51.97 -18.52 5.10
N GLN C 3813 -50.74 -18.95 4.81
CA GLN C 3813 -49.57 -18.27 5.36
C GLN C 3813 -49.51 -16.82 4.89
N GLN C 3814 -49.79 -16.58 3.60
CA GLN C 3814 -49.80 -15.23 3.08
C GLN C 3814 -50.86 -14.38 3.76
N LYS C 3815 -52.06 -14.93 3.96
CA LYS C 3815 -53.12 -14.18 4.62
C LYS C 3815 -52.75 -13.84 6.06
N MET C 3816 -52.21 -14.82 6.80
CA MET C 3816 -51.82 -14.55 8.18
C MET C 3816 -50.72 -13.50 8.26
N LEU C 3817 -49.71 -13.61 7.39
CA LEU C 3817 -48.62 -12.64 7.42
C LEU C 3817 -49.11 -11.25 7.02
N ASP C 3818 -49.99 -11.16 6.04
CA ASP C 3818 -50.54 -9.87 5.64
C ASP C 3818 -51.35 -9.25 6.77
N TYR C 3819 -52.15 -10.06 7.47
CA TYR C 3819 -52.91 -9.53 8.60
C TYR C 3819 -51.98 -9.03 9.70
N LEU C 3820 -50.95 -9.82 10.02
CA LEU C 3820 -50.02 -9.42 11.07
C LEU C 3820 -49.28 -8.13 10.71
N LYS C 3821 -48.85 -8.01 9.45
CA LYS C 3821 -48.12 -6.83 9.01
C LYS C 3821 -49.03 -5.63 8.78
N ASP C 3822 -50.33 -5.83 8.65
CA ASP C 3822 -51.26 -4.72 8.51
C ASP C 3822 -51.70 -4.18 9.87
N LYS C 3823 -52.03 -5.08 10.80
CA LYS C 3823 -52.43 -4.64 12.14
C LYS C 3823 -51.28 -3.94 12.86
N LYS C 3824 -50.07 -4.50 12.76
CA LYS C 3824 -48.89 -3.95 13.43
C LYS C 3824 -49.12 -3.79 14.93
N GLU C 3825 -49.84 -4.74 15.52
CA GLU C 3825 -50.21 -4.70 16.93
C GLU C 3825 -49.41 -5.78 17.67
N VAL C 3826 -48.56 -5.36 18.59
CA VAL C 3826 -47.81 -6.29 19.42
C VAL C 3826 -48.75 -6.93 20.43
N GLY C 3827 -48.54 -8.23 20.70
CA GLY C 3827 -49.38 -8.95 21.63
C GLY C 3827 -49.67 -10.36 21.20
N PHE C 3828 -49.70 -10.60 19.88
CA PHE C 3828 -49.80 -11.97 19.38
C PHE C 3828 -48.54 -12.76 19.71
N PHE C 3829 -47.37 -12.19 19.39
CA PHE C 3829 -46.11 -12.84 19.73
C PHE C 3829 -45.85 -12.81 21.22
N GLN C 3830 -46.35 -11.79 21.92
CA GLN C 3830 -46.25 -11.78 23.39
C GLN C 3830 -47.02 -12.95 23.98
N SER C 3831 -48.24 -13.19 23.48
CA SER C 3831 -49.02 -14.33 23.95
C SER C 3831 -48.34 -15.65 23.59
N ILE C 3832 -47.75 -15.73 22.39
CA ILE C 3832 -47.04 -16.93 21.99
C ILE C 3832 -45.87 -17.20 22.93
N GLN C 3833 -45.10 -16.16 23.25
CA GLN C 3833 -43.96 -16.30 24.14
C GLN C 3833 -44.41 -16.72 25.54
N ALA C 3834 -45.49 -16.13 26.05
CA ALA C 3834 -45.99 -16.52 27.35
C ALA C 3834 -46.44 -17.98 27.35
N LEU C 3835 -47.17 -18.40 26.32
CA LEU C 3835 -47.62 -19.78 26.25
C LEU C 3835 -46.44 -20.75 26.18
N MET C 3836 -45.39 -20.39 25.43
CA MET C 3836 -44.19 -21.22 25.40
C MET C 3836 -43.52 -21.28 26.76
N GLN C 3837 -43.48 -20.15 27.47
CA GLN C 3837 -42.87 -20.12 28.80
C GLN C 3837 -43.66 -20.94 29.81
N THR C 3838 -44.96 -21.11 29.61
CA THR C 3838 -45.77 -21.91 30.51
C THR C 3838 -45.71 -23.40 30.21
N CYS C 3839 -44.98 -23.81 29.17
CA CYS C 3839 -44.88 -25.23 28.85
C CYS C 3839 -44.08 -25.97 29.91
N SER C 3840 -44.54 -27.16 30.27
CA SER C 3840 -43.89 -27.96 31.30
C SER C 3840 -42.79 -28.83 30.71
N VAL C 3841 -41.94 -29.36 31.60
CA VAL C 3841 -40.84 -30.23 31.24
C VAL C 3841 -40.91 -31.49 32.11
N LEU C 3842 -39.92 -32.35 31.94
CA LEU C 3842 -39.84 -33.58 32.73
C LEU C 3842 -39.52 -33.22 34.18
N ASP C 3843 -40.46 -33.51 35.07
CA ASP C 3843 -40.32 -33.18 36.49
C ASP C 3843 -40.00 -34.45 37.28
N LEU C 3844 -38.90 -34.41 38.03
CA LEU C 3844 -38.50 -35.54 38.85
C LEU C 3844 -39.16 -35.54 40.23
N ASN C 3845 -39.41 -34.35 40.79
CA ASN C 3845 -40.04 -34.28 42.10
C ASN C 3845 -41.44 -34.88 42.08
N ALA C 3846 -42.22 -34.60 41.03
CA ALA C 3846 -43.55 -35.16 40.91
C ALA C 3846 -43.54 -36.64 40.55
N PHE C 3847 -42.44 -37.13 39.96
CA PHE C 3847 -42.38 -38.53 39.57
C PHE C 3847 -42.44 -39.46 40.78
N GLU C 3848 -41.69 -39.13 41.84
CA GLU C 3848 -41.70 -39.95 43.04
C GLU C 3848 -43.06 -39.90 43.73
N ARG C 3849 -43.69 -38.72 43.76
CA ARG C 3849 -45.03 -38.62 44.35
C ARG C 3849 -46.04 -39.44 43.56
N GLN C 3850 -45.96 -39.41 42.23
CA GLN C 3850 -46.87 -40.22 41.43
C GLN C 3850 -46.61 -41.71 41.63
N ASN C 3851 -45.34 -42.10 41.76
CA ASN C 3851 -45.02 -43.50 42.02
C ASN C 3851 -45.59 -43.95 43.35
N LYS C 3852 -45.47 -43.11 44.38
CA LYS C 3852 -46.06 -43.44 45.68
C LYS C 3852 -47.58 -43.52 45.61
N ALA C 3853 -48.20 -42.59 44.89
CA ALA C 3853 -49.66 -42.59 44.78
C ALA C 3853 -50.16 -43.83 44.05
N GLU C 3854 -49.47 -44.24 42.99
CA GLU C 3854 -49.88 -45.42 42.24
C GLU C 3854 -49.73 -46.69 43.07
N GLY C 3855 -48.83 -46.69 44.05
CA GLY C 3855 -48.64 -47.83 44.92
C GLY C 3855 -49.52 -47.79 46.14
N LEU C 3856 -50.70 -47.17 46.01
CA LEU C 3856 -51.67 -47.05 47.11
C LEU C 3856 -51.06 -46.36 48.32
N ILE C 3866 -55.41 -43.54 44.22
CA ILE C 3866 -56.35 -43.33 43.13
C ILE C 3866 -55.77 -42.38 42.10
N ASN C 3867 -55.58 -41.12 42.51
CA ASN C 3867 -55.04 -40.02 41.72
C ASN C 3867 -55.96 -39.59 40.59
N ARG C 3868 -57.10 -40.26 40.39
CA ARG C 3868 -58.13 -39.87 39.42
C ARG C 3868 -57.63 -39.89 37.98
N GLN C 3869 -56.38 -40.31 37.76
CA GLN C 3869 -55.79 -40.36 36.43
C GLN C 3869 -54.51 -41.18 36.50
N ASN C 3870 -53.82 -41.28 35.37
CA ASN C 3870 -52.55 -41.98 35.28
C ASN C 3870 -51.58 -41.13 34.47
N GLY C 3871 -50.45 -40.77 35.08
CA GLY C 3871 -49.47 -39.94 34.40
C GLY C 3871 -49.97 -38.55 34.07
N GLU C 3872 -50.73 -37.94 34.98
CA GLU C 3872 -51.29 -36.62 34.78
C GLU C 3872 -50.55 -35.54 35.55
N LYS C 3873 -49.39 -35.85 36.13
CA LYS C 3873 -48.62 -34.89 36.90
C LYS C 3873 -47.19 -34.69 36.41
N VAL C 3874 -46.67 -35.58 35.57
CA VAL C 3874 -45.29 -35.43 35.11
C VAL C 3874 -45.18 -34.28 34.11
N MET C 3875 -45.88 -34.39 32.99
CA MET C 3875 -45.94 -33.33 32.00
C MET C 3875 -47.35 -32.76 31.87
N ALA C 3876 -48.33 -33.61 31.56
CA ALA C 3876 -49.76 -33.31 31.54
C ALA C 3876 -50.17 -32.32 30.46
N ASP C 3877 -49.22 -31.76 29.70
CA ASP C 3877 -49.55 -30.84 28.63
C ASP C 3877 -48.67 -31.04 27.40
N ASP C 3878 -48.06 -32.22 27.26
CA ASP C 3878 -47.20 -32.48 26.10
C ASP C 3878 -47.98 -32.37 24.79
N GLU C 3879 -49.27 -32.71 24.81
CA GLU C 3879 -50.09 -32.54 23.62
C GLU C 3879 -50.19 -31.06 23.24
N PHE C 3880 -50.39 -30.19 24.23
CA PHE C 3880 -50.46 -28.75 23.96
C PHE C 3880 -49.13 -28.22 23.45
N THR C 3881 -48.02 -28.68 24.03
CA THR C 3881 -46.71 -28.23 23.57
C THR C 3881 -46.46 -28.67 22.13
N GLN C 3882 -46.81 -29.92 21.81
CA GLN C 3882 -46.68 -30.40 20.44
C GLN C 3882 -47.55 -29.59 19.48
N ASP C 3883 -48.77 -29.28 19.89
CA ASP C 3883 -49.66 -28.48 19.03
C ASP C 3883 -49.08 -27.08 18.80
N LEU C 3884 -48.58 -26.44 19.86
CA LEU C 3884 -48.02 -25.10 19.70
C LEU C 3884 -46.81 -25.11 18.78
N PHE C 3885 -45.90 -26.07 18.98
CA PHE C 3885 -44.71 -26.11 18.12
C PHE C 3885 -45.05 -26.55 16.70
N ARG C 3886 -46.06 -27.40 16.52
CA ARG C 3886 -46.50 -27.76 15.18
C ARG C 3886 -47.08 -26.55 14.46
N PHE C 3887 -47.87 -25.74 15.17
CA PHE C 3887 -48.37 -24.50 14.58
C PHE C 3887 -47.23 -23.57 14.19
N LEU C 3888 -46.24 -23.43 15.08
CA LEU C 3888 -45.10 -22.57 14.77
C LEU C 3888 -44.32 -23.07 13.56
N GLN C 3889 -44.15 -24.39 13.45
CA GLN C 3889 -43.45 -24.95 12.30
C GLN C 3889 -44.25 -24.78 11.01
N LEU C 3890 -45.55 -25.08 11.05
CA LEU C 3890 -46.40 -24.93 9.88
C LEU C 3890 -46.53 -23.47 9.45
N LEU C 3891 -46.27 -22.52 10.35
CA LEU C 3891 -46.27 -21.11 9.95
C LEU C 3891 -45.26 -20.85 8.83
N CYS C 3892 -44.18 -21.62 8.76
CA CYS C 3892 -43.15 -21.44 7.75
C CYS C 3892 -42.73 -22.78 7.16
N GLU C 3893 -43.70 -23.64 6.86
CA GLU C 3893 -43.38 -24.99 6.38
C GLU C 3893 -42.77 -24.95 4.98
N GLY C 3894 -43.39 -24.22 4.06
CA GLY C 3894 -42.97 -24.22 2.67
C GLY C 3894 -41.81 -23.29 2.37
N HIS C 3895 -40.82 -23.25 3.27
CA HIS C 3895 -39.65 -22.37 3.12
C HIS C 3895 -40.08 -20.93 2.92
N ASN C 3896 -41.04 -20.50 3.75
CA ASN C 3896 -41.55 -19.13 3.69
C ASN C 3896 -40.50 -18.18 4.26
N ASN C 3897 -39.73 -17.54 3.38
CA ASN C 3897 -38.67 -16.65 3.84
C ASN C 3897 -39.24 -15.44 4.57
N ASP C 3898 -40.34 -14.88 4.08
CA ASP C 3898 -40.93 -13.71 4.72
C ASP C 3898 -41.39 -14.02 6.14
N PHE C 3899 -42.06 -15.16 6.33
CA PHE C 3899 -42.55 -15.50 7.66
C PHE C 3899 -41.42 -16.00 8.55
N GLN C 3900 -40.37 -16.59 7.96
CA GLN C 3900 -39.18 -16.93 8.74
C GLN C 3900 -38.48 -15.68 9.25
N ASN C 3901 -38.48 -14.60 8.45
CA ASN C 3901 -37.92 -13.33 8.91
C ASN C 3901 -38.82 -12.67 9.94
N TYR C 3902 -40.13 -12.80 9.78
CA TYR C 3902 -41.07 -12.16 10.72
C TYR C 3902 -40.95 -12.76 12.11
N LEU C 3903 -40.72 -14.08 12.19
CA LEU C 3903 -40.62 -14.74 13.50
C LEU C 3903 -39.40 -14.28 14.30
N ARG C 3904 -38.41 -13.66 13.65
CA ARG C 3904 -37.22 -13.20 14.33
C ARG C 3904 -37.29 -11.71 14.66
N THR C 3905 -37.50 -10.86 13.65
CA THR C 3905 -37.60 -9.42 13.83
C THR C 3905 -38.90 -8.92 13.21
N GLN C 3906 -39.66 -8.14 13.97
CA GLN C 3906 -40.91 -7.55 13.49
C GLN C 3906 -40.65 -6.06 13.24
N THR C 3907 -40.44 -5.70 11.98
CA THR C 3907 -40.12 -4.32 11.64
C THR C 3907 -41.28 -3.38 11.96
N GLY C 3908 -42.50 -3.77 11.59
CA GLY C 3908 -43.65 -2.91 11.82
C GLY C 3908 -43.94 -2.70 13.30
N ASN C 3909 -43.82 -3.76 14.09
CA ASN C 3909 -44.09 -3.67 15.52
C ASN C 3909 -43.00 -2.86 16.23
N THR C 3910 -43.37 -2.27 17.37
CA THR C 3910 -42.43 -1.50 18.16
C THR C 3910 -41.50 -2.36 19.00
N THR C 3911 -41.79 -3.65 19.14
CA THR C 3911 -40.96 -4.55 19.92
C THR C 3911 -40.85 -5.88 19.19
N THR C 3912 -39.70 -6.55 19.38
CA THR C 3912 -39.44 -7.85 18.78
C THR C 3912 -39.31 -8.89 19.88
N ILE C 3913 -39.82 -10.09 19.60
CA ILE C 3913 -39.84 -11.17 20.59
C ILE C 3913 -38.86 -12.28 20.27
N ASN C 3914 -38.54 -12.51 18.99
CA ASN C 3914 -37.56 -13.51 18.56
C ASN C 3914 -37.95 -14.91 19.06
N ILE C 3915 -39.07 -15.40 18.51
CA ILE C 3915 -39.62 -16.70 18.87
C ILE C 3915 -38.60 -17.82 18.73
N ILE C 3916 -37.61 -17.66 17.84
CA ILE C 3916 -36.60 -18.69 17.64
C ILE C 3916 -35.78 -18.87 18.93
N ILE C 3917 -35.40 -17.77 19.57
CA ILE C 3917 -34.63 -17.86 20.81
C ILE C 3917 -35.47 -18.50 21.91
N CYS C 3918 -36.78 -18.20 21.94
CA CYS C 3918 -37.65 -18.86 22.91
C CYS C 3918 -37.70 -20.36 22.67
N THR C 3919 -37.77 -20.77 21.40
CA THR C 3919 -37.76 -22.19 21.07
C THR C 3919 -36.48 -22.86 21.53
N VAL C 3920 -35.33 -22.23 21.28
CA VAL C 3920 -34.06 -22.82 21.70
C VAL C 3920 -33.94 -22.85 23.22
N ASP C 3921 -34.50 -21.84 23.92
CA ASP C 3921 -34.48 -21.86 25.38
C ASP C 3921 -35.31 -23.02 25.92
N TYR C 3922 -36.50 -23.24 25.36
CA TYR C 3922 -37.31 -24.37 25.80
C TYR C 3922 -36.62 -25.69 25.47
N LEU C 3923 -35.92 -25.76 24.33
CA LEU C 3923 -35.17 -26.97 24.00
C LEU C 3923 -34.07 -27.22 25.03
N LEU C 3924 -33.38 -26.16 25.46
CA LEU C 3924 -32.35 -26.32 26.47
C LEU C 3924 -32.95 -26.79 27.79
N ARG C 3925 -34.11 -26.24 28.17
CA ARG C 3925 -34.78 -26.69 29.39
C ARG C 3925 -35.16 -28.16 29.31
N LEU C 3926 -35.72 -28.59 28.17
CA LEU C 3926 -36.07 -30.00 27.99
C LEU C 3926 -34.85 -30.89 28.01
N GLN C 3927 -33.74 -30.44 27.42
CA GLN C 3927 -32.50 -31.21 27.47
C GLN C 3927 -32.01 -31.39 28.90
N GLU C 3928 -32.07 -30.32 29.70
CA GLU C 3928 -31.68 -30.43 31.11
C GLU C 3928 -32.58 -31.42 31.84
N SER C 3929 -33.89 -31.37 31.58
CA SER C 3929 -34.81 -32.30 32.23
C SER C 3929 -34.50 -33.74 31.84
N ILE C 3930 -34.23 -33.98 30.55
CA ILE C 3930 -33.92 -35.34 30.10
C ILE C 3930 -32.61 -35.83 30.72
N SER C 3931 -31.61 -34.95 30.82
CA SER C 3931 -30.36 -35.33 31.45
C SER C 3931 -30.56 -35.67 32.92
N ASP C 3932 -31.39 -34.90 33.62
CA ASP C 3932 -31.69 -35.21 35.02
C ASP C 3932 -32.40 -36.56 35.14
N PHE C 3933 -33.33 -36.84 34.23
CA PHE C 3933 -34.02 -38.14 34.25
C PHE C 3933 -33.05 -39.29 34.02
N TYR C 3934 -32.13 -39.13 33.06
CA TYR C 3934 -31.12 -40.16 32.82
C TYR C 3934 -30.23 -40.33 34.04
N TRP C 3935 -29.84 -39.23 34.69
CA TRP C 3935 -29.01 -39.34 35.89
C TRP C 3935 -29.75 -40.09 36.99
N TYR C 3936 -31.04 -39.82 37.15
CA TYR C 3936 -31.82 -40.55 38.15
C TYR C 3936 -31.89 -42.03 37.82
N TYR C 3937 -32.05 -42.38 36.55
CA TYR C 3937 -32.19 -43.79 36.15
C TYR C 3937 -30.87 -44.49 35.85
N SER C 3938 -29.74 -43.81 36.07
CA SER C 3938 -28.45 -44.44 35.79
C SER C 3938 -28.19 -45.64 36.69
N GLY C 3939 -28.55 -45.54 37.97
CA GLY C 3939 -28.23 -46.60 38.91
C GLY C 3939 -28.93 -47.91 38.59
N LYS C 3940 -30.21 -47.85 38.25
CA LYS C 3940 -30.97 -49.05 37.98
C LYS C 3940 -30.53 -49.70 36.66
N ASP C 3941 -30.66 -51.02 36.60
CA ASP C 3941 -30.23 -51.76 35.41
C ASP C 3941 -31.30 -51.74 34.33
N VAL C 3942 -32.56 -51.97 34.70
CA VAL C 3942 -33.67 -52.03 33.76
C VAL C 3942 -34.69 -50.97 34.13
N ILE C 3943 -35.04 -50.13 33.16
CA ILE C 3943 -36.04 -49.08 33.36
C ILE C 3943 -37.42 -49.71 33.34
N GLU C 3944 -38.24 -49.38 34.33
CA GLU C 3944 -39.58 -49.93 34.42
C GLU C 3944 -40.49 -49.25 33.40
N GLU C 3945 -41.75 -49.71 33.35
CA GLU C 3945 -42.68 -49.27 32.32
C GLU C 3945 -42.98 -47.78 32.44
N GLN C 3946 -43.21 -47.30 33.67
CA GLN C 3946 -43.59 -45.91 33.89
C GLN C 3946 -42.47 -44.94 33.52
N GLY C 3947 -41.21 -45.30 33.76
CA GLY C 3947 -40.11 -44.48 33.29
C GLY C 3947 -40.03 -44.42 31.77
N LYS C 3948 -40.26 -45.54 31.11
CA LYS C 3948 -40.25 -45.57 29.64
C LYS C 3948 -41.37 -44.73 29.05
N ARG C 3949 -42.55 -44.75 29.66
CA ARG C 3949 -43.64 -43.91 29.14
C ARG C 3949 -43.27 -42.44 29.19
N ASN C 3950 -42.72 -41.97 30.32
CA ASN C 3950 -42.31 -40.59 30.43
C ASN C 3950 -41.17 -40.26 29.48
N PHE C 3951 -40.22 -41.18 29.31
CA PHE C 3951 -39.12 -40.95 28.37
C PHE C 3951 -39.64 -40.79 26.95
N SER C 3952 -40.58 -41.65 26.53
CA SER C 3952 -41.15 -41.53 25.20
C SER C 3952 -41.94 -40.24 25.04
N LYS C 3953 -42.73 -39.88 26.05
CA LYS C 3953 -43.55 -38.67 25.95
C LYS C 3953 -42.69 -37.40 25.97
N ALA C 3954 -41.50 -37.45 26.54
CA ALA C 3954 -40.56 -36.34 26.44
C ALA C 3954 -39.81 -36.32 25.11
N MET C 3955 -39.45 -37.50 24.60
CA MET C 3955 -38.74 -37.57 23.33
C MET C 3955 -39.62 -37.14 22.17
N SER C 3956 -40.93 -37.39 22.24
CA SER C 3956 -41.83 -36.90 21.20
C SER C 3956 -41.82 -35.37 21.15
N VAL C 3957 -41.89 -34.71 22.31
CA VAL C 3957 -41.85 -33.26 22.34
C VAL C 3957 -40.50 -32.75 21.87
N ALA C 3958 -39.42 -33.45 22.22
CA ALA C 3958 -38.10 -33.07 21.75
C ALA C 3958 -38.00 -33.16 20.23
N LYS C 3959 -38.58 -34.22 19.65
CA LYS C 3959 -38.61 -34.34 18.19
C LYS C 3959 -39.40 -33.20 17.56
N GLN C 3960 -40.54 -32.84 18.15
CA GLN C 3960 -41.33 -31.74 17.61
C GLN C 3960 -40.56 -30.43 17.66
N VAL C 3961 -39.88 -30.16 18.78
CA VAL C 3961 -39.09 -28.94 18.89
C VAL C 3961 -37.95 -28.93 17.88
N PHE C 3962 -37.30 -30.08 17.68
CA PHE C 3962 -36.23 -30.16 16.69
C PHE C 3962 -36.75 -29.92 15.29
N ASN C 3963 -37.91 -30.47 14.95
CA ASN C 3963 -38.50 -30.22 13.63
C ASN C 3963 -38.83 -28.75 13.44
N SER C 3964 -39.39 -28.11 14.47
CA SER C 3964 -39.69 -26.69 14.39
C SER C 3964 -38.41 -25.87 14.20
N LEU C 3965 -37.32 -26.28 14.86
CA LEU C 3965 -36.04 -25.60 14.68
C LEU C 3965 -35.50 -25.78 13.27
N THR C 3966 -35.64 -26.99 12.71
CA THR C 3966 -35.20 -27.21 11.33
C THR C 3966 -35.97 -26.35 10.35
N GLU C 3967 -37.29 -26.21 10.57
CA GLU C 3967 -38.09 -25.43 9.63
C GLU C 3967 -37.70 -23.95 9.63
N TYR C 3968 -37.06 -23.48 10.70
CA TYR C 3968 -36.59 -22.10 10.73
C TYR C 3968 -35.38 -21.88 9.84
N ILE C 3969 -34.68 -22.94 9.44
CA ILE C 3969 -33.44 -22.83 8.69
C ILE C 3969 -33.63 -23.26 7.24
N GLN C 3970 -34.34 -24.36 6.99
CA GLN C 3970 -34.53 -24.86 5.64
C GLN C 3970 -35.18 -23.80 4.76
N GLY C 3971 -34.81 -23.79 3.48
CA GLY C 3971 -35.09 -22.65 2.65
C GLY C 3971 -34.19 -21.52 3.07
N PRO C 3972 -32.88 -21.63 2.77
CA PRO C 3972 -31.83 -20.93 3.53
C PRO C 3972 -32.16 -19.51 3.95
N CYS C 3973 -32.15 -19.28 5.26
CA CYS C 3973 -32.38 -17.97 5.87
C CYS C 3973 -31.12 -17.60 6.64
N THR C 3974 -30.40 -16.59 6.15
CA THR C 3974 -29.15 -16.20 6.77
C THR C 3974 -29.37 -15.68 8.20
N GLY C 3975 -30.43 -14.89 8.41
CA GLY C 3975 -30.66 -14.31 9.72
C GLY C 3975 -30.87 -15.35 10.80
N ASN C 3976 -31.74 -16.32 10.54
CA ASN C 3976 -31.98 -17.37 11.52
C ASN C 3976 -30.79 -18.30 11.70
N GLN C 3977 -30.04 -18.58 10.62
CA GLN C 3977 -28.84 -19.39 10.76
C GLN C 3977 -27.80 -18.71 11.64
N GLN C 3978 -27.61 -17.40 11.45
CA GLN C 3978 -26.70 -16.66 12.33
C GLN C 3978 -27.23 -16.57 13.75
N SER C 3979 -28.56 -16.45 13.91
CA SER C 3979 -29.14 -16.41 15.24
C SER C 3979 -28.88 -17.70 16.01
N LEU C 3980 -29.06 -18.85 15.35
CA LEU C 3980 -28.72 -20.11 15.99
C LEU C 3980 -27.23 -20.29 16.17
N ALA C 3981 -26.42 -19.68 15.29
CA ALA C 3981 -24.98 -19.71 15.49
C ALA C 3981 -24.59 -18.97 16.77
N HIS C 3982 -25.17 -17.79 16.99
CA HIS C 3982 -24.91 -16.98 18.18
C HIS C 3982 -26.01 -17.18 19.22
N SER C 3983 -26.12 -18.40 19.73
CA SER C 3983 -27.13 -18.72 20.72
C SER C 3983 -26.61 -19.83 21.63
N ARG C 3984 -27.51 -20.43 22.41
CA ARG C 3984 -27.18 -21.50 23.33
C ARG C 3984 -27.53 -22.88 22.80
N LEU C 3985 -27.72 -23.00 21.48
CA LEU C 3985 -28.07 -24.29 20.89
C LEU C 3985 -26.93 -25.30 21.06
N TRP C 3986 -25.69 -24.83 21.00
CA TRP C 3986 -24.55 -25.74 21.07
C TRP C 3986 -24.49 -26.49 22.39
N ASP C 3987 -24.76 -25.80 23.50
CA ASP C 3987 -24.75 -26.47 24.80
C ASP C 3987 -25.85 -27.52 24.89
N ALA C 3988 -27.04 -27.21 24.38
CA ALA C 3988 -28.12 -28.18 24.38
C ALA C 3988 -27.77 -29.39 23.53
N VAL C 3989 -27.13 -29.17 22.38
CA VAL C 3989 -26.73 -30.29 21.53
C VAL C 3989 -25.66 -31.12 22.21
N VAL C 3990 -24.74 -30.48 22.94
CA VAL C 3990 -23.70 -31.23 23.66
C VAL C 3990 -24.33 -32.11 24.74
N GLY C 3991 -25.26 -31.54 25.52
CA GLY C 3991 -25.94 -32.34 26.53
C GLY C 3991 -26.73 -33.48 25.93
N PHE C 3992 -27.41 -33.21 24.80
CA PHE C 3992 -28.16 -34.26 24.10
C PHE C 3992 -27.22 -35.35 23.61
N LEU C 3993 -26.05 -34.98 23.08
CA LEU C 3993 -25.09 -35.97 22.63
C LEU C 3993 -24.61 -36.83 23.79
N HIS C 3994 -24.32 -36.21 24.94
CA HIS C 3994 -23.89 -36.98 26.10
C HIS C 3994 -24.96 -37.98 26.53
N VAL C 3995 -26.20 -37.51 26.71
CA VAL C 3995 -27.24 -38.41 27.19
C VAL C 3995 -27.53 -39.49 26.17
N PHE C 3996 -27.49 -39.15 24.87
CA PHE C 3996 -27.74 -40.15 23.85
C PHE C 3996 -26.65 -41.21 23.81
N ALA C 3997 -25.38 -40.77 23.92
CA ALA C 3997 -24.28 -41.72 23.91
C ALA C 3997 -24.36 -42.68 25.08
N HIS C 3998 -24.75 -42.18 26.26
CA HIS C 3998 -24.85 -43.08 27.40
C HIS C 3998 -26.09 -43.96 27.34
N MET C 3999 -27.23 -43.41 26.89
CA MET C 3999 -28.46 -44.20 26.85
C MET C 3999 -28.44 -45.26 25.77
N MET C 4000 -27.75 -45.00 24.65
CA MET C 4000 -27.61 -46.04 23.63
C MET C 4000 -26.88 -47.25 24.17
N MET C 4001 -25.81 -47.02 24.93
CA MET C 4001 -25.07 -48.13 25.53
C MET C 4001 -25.89 -48.80 26.63
N LYS C 4002 -26.64 -48.02 27.39
CA LYS C 4002 -27.41 -48.59 28.51
C LYS C 4002 -28.58 -49.44 28.03
N LEU C 4003 -29.29 -48.98 26.99
CA LEU C 4003 -30.51 -49.65 26.56
C LEU C 4003 -30.27 -50.91 25.74
N ALA C 4004 -29.07 -51.11 25.23
CA ALA C 4004 -28.78 -52.24 24.34
C ALA C 4004 -28.41 -53.50 25.09
N GLN C 4005 -28.30 -53.45 26.42
CA GLN C 4005 -27.82 -54.58 27.21
C GLN C 4005 -28.94 -55.49 27.70
N ASP C 4006 -30.19 -55.22 27.33
CA ASP C 4006 -31.31 -56.03 27.79
C ASP C 4006 -32.26 -56.49 26.69
N SER C 4007 -32.29 -55.81 25.53
CA SER C 4007 -33.16 -56.15 24.41
C SER C 4007 -34.63 -56.13 24.78
N SER C 4008 -34.98 -55.46 25.88
CA SER C 4008 -36.37 -55.28 26.28
C SER C 4008 -36.92 -53.91 25.91
N GLN C 4009 -36.13 -52.87 26.09
CA GLN C 4009 -36.50 -51.52 25.67
C GLN C 4009 -35.98 -51.21 24.26
N ILE C 4010 -36.28 -52.11 23.32
CA ILE C 4010 -35.84 -51.92 21.94
C ILE C 4010 -36.59 -50.76 21.29
N GLU C 4011 -37.88 -50.61 21.62
CA GLU C 4011 -38.66 -49.50 21.07
C GLU C 4011 -38.11 -48.16 21.56
N LEU C 4012 -37.72 -48.09 22.82
CA LEU C 4012 -37.12 -46.87 23.35
C LEU C 4012 -35.81 -46.54 22.63
N LEU C 4013 -35.00 -47.58 22.37
CA LEU C 4013 -33.76 -47.36 21.63
C LEU C 4013 -34.03 -46.87 20.21
N LYS C 4014 -35.06 -47.43 19.56
CA LYS C 4014 -35.40 -46.98 18.21
C LYS C 4014 -35.86 -45.53 18.21
N GLU C 4015 -36.69 -45.15 19.19
CA GLU C 4015 -37.13 -43.76 19.28
C GLU C 4015 -35.96 -42.83 19.57
N LEU C 4016 -35.03 -43.27 20.42
CA LEU C 4016 -33.84 -42.48 20.72
C LEU C 4016 -33.00 -42.26 19.46
N LEU C 4017 -32.83 -43.32 18.66
CA LEU C 4017 -32.08 -43.19 17.41
C LEU C 4017 -32.82 -42.28 16.42
N ASP C 4018 -34.15 -42.33 16.40
CA ASP C 4018 -34.90 -41.42 15.54
C ASP C 4018 -34.68 -39.97 15.95
N LEU C 4019 -34.68 -39.69 17.26
CA LEU C 4019 -34.44 -38.34 17.73
C LEU C 4019 -33.03 -37.89 17.40
N GLN C 4020 -32.06 -38.81 17.52
CA GLN C 4020 -30.69 -38.52 17.12
C GLN C 4020 -30.62 -38.17 15.64
N LYS C 4021 -31.35 -38.92 14.81
CA LYS C 4021 -31.39 -38.62 13.38
C LYS C 4021 -31.98 -37.23 13.13
N ASP C 4022 -33.03 -36.87 13.87
CA ASP C 4022 -33.61 -35.53 13.73
C ASP C 4022 -32.60 -34.45 14.11
N MET C 4023 -31.84 -34.66 15.20
CA MET C 4023 -30.82 -33.69 15.57
C MET C 4023 -29.75 -33.56 14.48
N VAL C 4024 -29.33 -34.70 13.90
CA VAL C 4024 -28.34 -34.65 12.83
C VAL C 4024 -28.90 -33.93 11.61
N VAL C 4025 -30.20 -34.11 11.33
CA VAL C 4025 -30.83 -33.39 10.24
C VAL C 4025 -30.79 -31.89 10.49
N MET C 4026 -31.06 -31.47 11.73
CA MET C 4026 -30.97 -30.05 12.07
C MET C 4026 -29.54 -29.53 11.87
N LEU C 4027 -28.55 -30.32 12.32
CA LEU C 4027 -27.16 -29.91 12.16
C LEU C 4027 -26.80 -29.78 10.68
N LEU C 4028 -27.24 -30.73 9.85
CA LEU C 4028 -26.98 -30.65 8.43
C LEU C 4028 -27.65 -29.43 7.80
N SER C 4029 -28.88 -29.14 8.22
CA SER C 4029 -29.57 -27.96 7.72
C SER C 4029 -28.81 -26.68 8.09
N LEU C 4030 -28.15 -26.68 9.26
CA LEU C 4030 -27.37 -25.52 9.65
C LEU C 4030 -26.21 -25.23 8.68
N LEU C 4031 -25.83 -26.19 7.85
CA LEU C 4031 -24.73 -26.04 6.89
C LEU C 4031 -25.22 -25.98 5.45
N GLU C 4032 -26.33 -25.29 5.19
CA GLU C 4032 -26.92 -25.31 3.85
C GLU C 4032 -26.06 -24.54 2.86
N GLY C 4033 -25.89 -23.25 3.07
CA GLY C 4033 -25.16 -22.41 2.14
C GLY C 4033 -23.85 -21.88 2.67
N ASN C 4034 -23.11 -22.73 3.38
CA ASN C 4034 -21.89 -22.30 4.05
C ASN C 4034 -20.74 -22.17 3.07
N VAL C 4035 -19.99 -21.07 3.17
CA VAL C 4035 -18.74 -20.92 2.43
C VAL C 4035 -17.76 -21.99 2.89
N VAL C 4036 -16.83 -22.35 1.99
CA VAL C 4036 -15.85 -23.39 2.26
C VAL C 4036 -15.24 -23.23 3.66
N ASN C 4037 -14.71 -22.05 3.95
CA ASN C 4037 -14.25 -21.73 5.29
C ASN C 4037 -15.30 -20.92 6.04
N GLY C 4038 -16.46 -21.55 6.23
CA GLY C 4038 -17.57 -20.87 6.86
C GLY C 4038 -17.45 -20.79 8.37
N MET C 4039 -18.04 -19.74 8.93
CA MET C 4039 -18.04 -19.58 10.38
C MET C 4039 -18.85 -20.68 11.06
N ILE C 4040 -20.00 -21.04 10.48
CA ILE C 4040 -20.86 -22.05 11.08
C ILE C 4040 -20.16 -23.41 11.08
N ALA C 4041 -19.39 -23.71 10.03
CA ALA C 4041 -18.66 -24.97 10.00
C ALA C 4041 -17.62 -25.04 11.11
N ARG C 4042 -16.88 -23.95 11.34
CA ARG C 4042 -15.88 -23.94 12.39
C ARG C 4042 -16.54 -24.01 13.77
N GLN C 4043 -17.67 -23.33 13.95
CA GLN C 4043 -18.40 -23.44 15.21
C GLN C 4043 -18.88 -24.88 15.43
N MET C 4044 -19.34 -25.53 14.36
CA MET C 4044 -19.81 -26.91 14.47
C MET C 4044 -18.66 -27.85 14.83
N VAL C 4045 -17.49 -27.65 14.22
CA VAL C 4045 -16.37 -28.53 14.55
C VAL C 4045 -15.88 -28.27 15.98
N ASP C 4046 -15.95 -27.02 16.44
CA ASP C 4046 -15.64 -26.74 17.84
C ASP C 4046 -16.62 -27.44 18.78
N MET C 4047 -17.91 -27.41 18.43
CA MET C 4047 -18.90 -28.14 19.21
C MET C 4047 -18.61 -29.64 19.22
N LEU C 4048 -18.23 -30.19 18.06
CA LEU C 4048 -17.94 -31.62 17.98
C LEU C 4048 -16.73 -31.99 18.84
N VAL C 4049 -15.67 -31.18 18.80
CA VAL C 4049 -14.48 -31.50 19.58
C VAL C 4049 -14.71 -31.24 21.07
N GLU C 4050 -15.64 -30.36 21.43
CA GLU C 4050 -15.95 -30.15 22.83
C GLU C 4050 -16.56 -31.41 23.46
N SER C 4051 -17.39 -32.12 22.72
CA SER C 4051 -18.06 -33.33 23.19
C SER C 4051 -17.41 -34.58 22.60
N SER C 4052 -16.07 -34.59 22.55
CA SER C 4052 -15.36 -35.64 21.84
C SER C 4052 -15.64 -37.02 22.42
N SER C 4053 -15.75 -37.13 23.75
CA SER C 4053 -15.94 -38.43 24.37
C SER C 4053 -17.25 -39.08 23.94
N ASN C 4054 -18.35 -38.32 23.95
CA ASN C 4054 -19.64 -38.88 23.56
C ASN C 4054 -19.67 -39.22 22.08
N VAL C 4055 -19.05 -38.39 21.24
CA VAL C 4055 -18.99 -38.68 19.81
C VAL C 4055 -18.21 -39.97 19.57
N GLU C 4056 -17.09 -40.14 20.26
CA GLU C 4056 -16.33 -41.38 20.14
C GLU C 4056 -17.14 -42.57 20.62
N MET C 4057 -17.92 -42.40 21.69
CA MET C 4057 -18.77 -43.48 22.17
C MET C 4057 -19.79 -43.90 21.12
N ILE C 4058 -20.44 -42.92 20.48
CA ILE C 4058 -21.44 -43.23 19.46
C ILE C 4058 -20.78 -43.92 18.26
N LEU C 4059 -19.63 -43.38 17.82
CA LEU C 4059 -18.94 -43.97 16.67
C LEU C 4059 -18.50 -45.40 16.97
N LYS C 4060 -17.99 -45.65 18.18
CA LYS C 4060 -17.62 -47.01 18.57
C LYS C 4060 -18.84 -47.91 18.64
N PHE C 4061 -19.98 -47.39 19.13
CA PHE C 4061 -21.19 -48.19 19.17
C PHE C 4061 -21.61 -48.63 17.77
N PHE C 4062 -21.49 -47.72 16.79
CA PHE C 4062 -21.81 -48.11 15.41
C PHE C 4062 -20.79 -49.10 14.85
N ASP C 4063 -19.50 -48.81 15.04
CA ASP C 4063 -18.46 -49.60 14.39
C ASP C 4063 -18.37 -51.01 14.96
N MET C 4064 -18.52 -51.15 16.28
CA MET C 4064 -18.43 -52.47 16.91
C MET C 4064 -19.54 -53.39 16.44
N PHE C 4065 -20.74 -52.86 16.21
CA PHE C 4065 -21.84 -53.66 15.69
C PHE C 4065 -21.73 -53.91 14.19
N LEU C 4066 -21.20 -52.96 13.41
CA LEU C 4066 -20.92 -53.25 12.01
C LEU C 4066 -19.88 -54.37 11.88
N LYS C 4067 -18.84 -54.32 12.70
CA LYS C 4067 -17.82 -55.37 12.69
C LYS C 4067 -18.41 -56.69 13.17
N LEU C 4068 -19.31 -56.66 14.14
CA LEU C 4068 -19.96 -57.88 14.59
C LEU C 4068 -20.80 -58.50 13.49
N LYS C 4069 -21.53 -57.66 12.73
CA LYS C 4069 -22.30 -58.16 11.60
C LYS C 4069 -21.38 -58.76 10.54
N ASP C 4070 -20.25 -58.09 10.27
CA ASP C 4070 -19.31 -58.60 9.27
C ASP C 4070 -18.71 -59.94 9.70
N ILE C 4071 -18.36 -60.06 10.98
CA ILE C 4071 -17.68 -61.27 11.46
C ILE C 4071 -18.63 -62.46 11.43
N VAL C 4072 -19.86 -62.28 11.90
CA VAL C 4072 -20.83 -63.37 11.92
C VAL C 4072 -21.16 -63.78 10.50
N GLY C 4073 -21.15 -65.08 10.23
CA GLY C 4073 -21.36 -65.61 8.91
C GLY C 4073 -20.11 -65.88 8.12
N SER C 4074 -18.94 -65.53 8.64
CA SER C 4074 -17.67 -65.81 7.97
C SER C 4074 -17.28 -67.27 8.24
N GLU C 4075 -16.05 -67.63 7.87
CA GLU C 4075 -15.57 -69.00 8.07
C GLU C 4075 -14.88 -69.18 9.41
N ALA C 4076 -14.06 -68.21 9.82
CA ALA C 4076 -13.36 -68.32 11.10
C ALA C 4076 -14.34 -68.39 12.26
N PHE C 4077 -15.37 -67.54 12.25
CA PHE C 4077 -16.39 -67.60 13.29
C PHE C 4077 -17.19 -68.89 13.20
N GLN C 4078 -17.52 -69.34 11.99
CA GLN C 4078 -18.27 -70.58 11.80
C GLN C 4078 -17.48 -71.81 12.20
N ASP C 4079 -16.16 -71.70 12.33
CA ASP C 4079 -15.34 -72.84 12.76
C ASP C 4079 -15.54 -73.18 14.23
N TYR C 4080 -16.23 -72.34 15.00
CA TYR C 4080 -16.42 -72.58 16.43
C TYR C 4080 -17.81 -73.12 16.77
N VAL C 4081 -18.81 -72.89 15.94
CA VAL C 4081 -20.16 -73.33 16.24
C VAL C 4081 -20.30 -74.82 15.91
N THR C 4082 -20.76 -75.59 16.89
CA THR C 4082 -20.99 -77.02 16.72
C THR C 4082 -22.43 -77.46 16.94
N ASP C 4083 -23.26 -76.63 17.58
CA ASP C 4083 -24.64 -77.00 17.82
C ASP C 4083 -25.41 -77.02 16.51
N PRO C 4084 -26.43 -77.88 16.40
CA PRO C 4084 -27.24 -77.95 15.17
C PRO C 4084 -28.40 -76.97 15.12
N ARG C 4085 -28.48 -76.00 16.02
CA ARG C 4085 -29.54 -75.00 16.02
C ARG C 4085 -29.05 -73.61 15.66
N GLY C 4086 -27.73 -73.39 15.61
CA GLY C 4086 -27.21 -72.08 15.28
C GLY C 4086 -26.83 -71.27 16.50
N LEU C 4087 -26.28 -71.92 17.51
CA LEU C 4087 -25.87 -71.28 18.74
C LEU C 4087 -24.36 -71.36 18.90
N ILE C 4088 -23.72 -70.22 19.18
CA ILE C 4088 -22.27 -70.17 19.32
C ILE C 4088 -21.81 -70.85 20.61
N SER C 4089 -22.74 -71.14 21.53
CA SER C 4089 -22.43 -71.78 22.81
C SER C 4089 -21.47 -70.90 23.63
N LYS C 4090 -22.04 -69.77 24.09
CA LYS C 4090 -21.33 -68.80 24.92
C LYS C 4090 -20.44 -69.49 25.94
N LYS C 4091 -19.28 -68.87 26.20
CA LYS C 4091 -18.01 -69.43 26.67
C LYS C 4091 -17.22 -69.95 25.47
N ASP C 4092 -17.76 -69.85 24.26
CA ASP C 4092 -17.00 -69.99 23.03
C ASP C 4092 -17.03 -68.72 22.18
N PHE C 4093 -17.97 -67.80 22.45
CA PHE C 4093 -18.06 -66.56 21.67
C PHE C 4093 -16.83 -65.69 21.90
N GLN C 4094 -16.36 -65.59 23.14
CA GLN C 4094 -15.22 -64.74 23.43
C GLN C 4094 -13.96 -65.28 22.75
N LYS C 4095 -13.81 -66.61 22.69
CA LYS C 4095 -12.68 -67.19 21.98
C LYS C 4095 -12.73 -66.87 20.49
N ALA C 4096 -13.92 -66.96 19.90
CA ALA C 4096 -14.07 -66.63 18.48
C ALA C 4096 -13.76 -65.17 18.21
N MET C 4097 -14.22 -64.28 19.09
CA MET C 4097 -13.96 -62.85 18.92
C MET C 4097 -12.52 -62.47 19.23
N ASP C 4098 -11.82 -63.28 20.02
CA ASP C 4098 -10.44 -63.01 20.37
C ASP C 4098 -9.45 -63.63 19.39
N SER C 4099 -9.86 -64.66 18.65
CA SER C 4099 -8.97 -65.24 17.65
C SER C 4099 -8.62 -64.21 16.57
N GLN C 4100 -9.60 -63.43 16.14
CA GLN C 4100 -9.38 -62.31 15.23
C GLN C 4100 -9.31 -61.04 16.07
N LYS C 4101 -8.10 -60.48 16.19
CA LYS C 4101 -7.86 -59.33 17.06
C LYS C 4101 -8.44 -58.07 16.43
N GLN C 4102 -9.73 -57.86 16.67
CA GLN C 4102 -10.43 -56.66 16.24
C GLN C 4102 -10.95 -55.85 17.42
N PHE C 4103 -11.64 -56.49 18.36
CA PHE C 4103 -12.15 -55.81 19.54
C PHE C 4103 -11.14 -55.90 20.68
N THR C 4104 -11.50 -55.32 21.82
CA THR C 4104 -10.72 -55.42 23.05
C THR C 4104 -11.59 -56.09 24.12
N GLY C 4105 -11.03 -56.21 25.32
CA GLY C 4105 -11.70 -56.87 26.42
C GLY C 4105 -13.07 -56.31 26.76
N PRO C 4106 -13.13 -55.00 27.06
CA PRO C 4106 -14.44 -54.38 27.33
C PRO C 4106 -15.41 -54.50 26.17
N GLU C 4107 -14.93 -54.45 24.92
CA GLU C 4107 -15.82 -54.60 23.78
C GLU C 4107 -16.44 -55.99 23.75
N ILE C 4108 -15.65 -57.04 24.01
CA ILE C 4108 -16.18 -58.39 24.03
C ILE C 4108 -17.13 -58.57 25.21
N GLN C 4109 -16.82 -57.96 26.35
CA GLN C 4109 -17.73 -58.02 27.49
C GLN C 4109 -19.07 -57.36 27.17
N PHE C 4110 -19.02 -56.21 26.50
CA PHE C 4110 -20.24 -55.52 26.09
C PHE C 4110 -21.05 -56.37 25.11
N LEU C 4111 -20.36 -56.99 24.15
CA LEU C 4111 -21.06 -57.85 23.18
C LEU C 4111 -21.71 -59.04 23.89
N LEU C 4112 -21.02 -59.63 24.87
CA LEU C 4112 -21.60 -60.73 25.63
C LEU C 4112 -22.81 -60.27 26.43
N SER C 4113 -22.72 -59.07 27.04
CA SER C 4113 -23.82 -58.56 27.85
C SER C 4113 -25.05 -58.29 27.00
N CYS C 4114 -24.86 -57.74 25.80
CA CYS C 4114 -26.02 -57.39 24.97
C CYS C 4114 -26.72 -58.61 24.38
N SER C 4115 -26.07 -59.77 24.40
CA SER C 4115 -26.71 -60.98 23.90
C SER C 4115 -27.75 -61.48 24.90
N GLU C 4116 -28.66 -62.33 24.40
CA GLU C 4116 -29.69 -62.90 25.26
C GLU C 4116 -29.10 -63.96 26.18
N ALA C 4117 -28.60 -65.04 25.59
CA ALA C 4117 -27.83 -66.07 26.31
C ALA C 4117 -28.57 -66.61 27.52
N ASP C 4118 -29.71 -67.25 27.27
CA ASP C 4118 -30.35 -68.02 28.32
C ASP C 4118 -29.78 -69.43 28.35
N GLU C 4119 -30.10 -70.17 29.42
CA GLU C 4119 -29.51 -71.48 29.73
C GLU C 4119 -27.98 -71.45 29.61
N ASN C 4120 -27.41 -70.27 29.83
CA ASN C 4120 -25.97 -70.01 29.93
C ASN C 4120 -25.24 -70.09 28.60
N GLU C 4121 -25.91 -70.58 27.55
CA GLU C 4121 -25.36 -70.49 26.19
C GLU C 4121 -26.51 -70.61 25.20
N MET C 4122 -27.02 -69.48 24.73
CA MET C 4122 -28.01 -69.50 23.66
C MET C 4122 -27.86 -68.31 22.71
N ILE C 4123 -26.65 -67.78 22.55
CA ILE C 4123 -26.46 -66.58 21.75
C ILE C 4123 -26.72 -66.94 20.29
N ASN C 4124 -27.87 -66.50 19.77
CA ASN C 4124 -28.23 -66.73 18.37
C ASN C 4124 -27.65 -65.58 17.56
N PHE C 4125 -26.50 -65.82 16.91
CA PHE C 4125 -25.83 -64.77 16.16
C PHE C 4125 -26.66 -64.27 14.99
N GLU C 4126 -27.54 -65.10 14.43
CA GLU C 4126 -28.33 -64.69 13.28
C GLU C 4126 -29.22 -63.49 13.62
N GLU C 4127 -29.84 -63.50 14.79
CA GLU C 4127 -30.65 -62.37 15.21
C GLU C 4127 -29.84 -61.32 15.97
N PHE C 4128 -28.77 -61.73 16.68
CA PHE C 4128 -27.96 -60.78 17.41
C PHE C 4128 -27.26 -59.81 16.47
N ALA C 4129 -26.74 -60.30 15.34
CA ALA C 4129 -26.04 -59.43 14.41
C ALA C 4129 -26.99 -58.47 13.72
N ASN C 4130 -28.21 -58.93 13.41
CA ASN C 4130 -29.17 -58.14 12.63
C ASN C 4130 -30.14 -57.35 13.50
N ARG C 4131 -30.02 -57.45 14.83
CA ARG C 4131 -30.95 -56.72 15.70
C ARG C 4131 -30.77 -55.21 15.59
N PHE C 4132 -29.52 -54.74 15.58
CA PHE C 4132 -29.22 -53.31 15.63
C PHE C 4132 -28.84 -52.74 14.27
N GLN C 4133 -29.06 -53.46 13.18
CA GLN C 4133 -28.67 -52.96 11.87
C GLN C 4133 -29.72 -52.02 11.29
N GLU C 4134 -30.97 -52.49 11.19
CA GLU C 4134 -32.03 -51.67 10.61
C GLU C 4134 -32.30 -50.40 11.41
N PRO C 4135 -32.48 -50.43 12.74
CA PRO C 4135 -32.75 -49.18 13.47
C PRO C 4135 -31.65 -48.14 13.35
N ALA C 4136 -30.40 -48.56 13.26
CA ALA C 4136 -29.27 -47.63 13.27
C ALA C 4136 -28.80 -47.23 11.88
N ARG C 4137 -29.49 -47.67 10.82
CA ARG C 4137 -29.04 -47.34 9.47
C ARG C 4137 -29.21 -45.86 9.17
N ASP C 4138 -30.37 -45.29 9.51
CA ASP C 4138 -30.65 -43.89 9.18
C ASP C 4138 -29.71 -42.94 9.91
N ILE C 4139 -29.52 -43.15 11.22
CA ILE C 4139 -28.65 -42.27 11.99
C ILE C 4139 -27.21 -42.43 11.54
N GLY C 4140 -26.79 -43.66 11.24
CA GLY C 4140 -25.45 -43.87 10.73
C GLY C 4140 -25.20 -43.16 9.41
N PHE C 4141 -26.14 -43.26 8.48
CA PHE C 4141 -26.00 -42.56 7.21
C PHE C 4141 -25.99 -41.05 7.42
N ASN C 4142 -26.84 -40.54 8.30
CA ASN C 4142 -26.90 -39.10 8.53
C ASN C 4142 -25.60 -38.58 9.14
N VAL C 4143 -25.04 -39.30 10.12
CA VAL C 4143 -23.79 -38.85 10.72
C VAL C 4143 -22.64 -38.99 9.72
N ALA C 4144 -22.68 -40.00 8.85
CA ALA C 4144 -21.68 -40.11 7.80
C ALA C 4144 -21.75 -38.91 6.86
N VAL C 4145 -22.97 -38.51 6.48
CA VAL C 4145 -23.13 -37.35 5.61
C VAL C 4145 -22.61 -36.09 6.29
N LEU C 4146 -22.93 -35.92 7.59
CA LEU C 4146 -22.47 -34.74 8.31
C LEU C 4146 -20.95 -34.70 8.39
N LEU C 4147 -20.33 -35.84 8.70
CA LEU C 4147 -18.87 -35.89 8.77
C LEU C 4147 -18.25 -35.62 7.41
N THR C 4148 -18.82 -36.17 6.34
CA THR C 4148 -18.29 -35.91 5.01
C THR C 4148 -18.39 -34.44 4.65
N ASN C 4149 -19.52 -33.81 4.95
CA ASN C 4149 -19.68 -32.39 4.68
C ASN C 4149 -18.66 -31.56 5.45
N LEU C 4150 -18.51 -31.83 6.74
CA LEU C 4150 -17.56 -31.07 7.55
C LEU C 4150 -16.13 -31.27 7.07
N SER C 4151 -15.76 -32.51 6.74
CA SER C 4151 -14.41 -32.77 6.28
C SER C 4151 -14.13 -32.11 4.94
N GLU C 4152 -15.09 -32.17 4.02
CA GLU C 4152 -14.90 -31.58 2.70
C GLU C 4152 -14.96 -30.06 2.70
N HIS C 4153 -15.59 -29.44 3.69
CA HIS C 4153 -15.65 -27.99 3.73
C HIS C 4153 -14.48 -27.36 4.48
N VAL C 4154 -14.14 -27.86 5.67
CA VAL C 4154 -12.97 -27.36 6.39
C VAL C 4154 -11.93 -28.47 6.46
N PRO C 4155 -11.04 -28.57 5.46
CA PRO C 4155 -10.04 -29.65 5.48
C PRO C 4155 -8.79 -29.33 6.29
N HIS C 4156 -8.48 -28.06 6.50
CA HIS C 4156 -7.29 -27.68 7.25
C HIS C 4156 -7.65 -27.54 8.74
N ASP C 4157 -7.94 -28.70 9.33
CA ASP C 4157 -8.31 -28.78 10.75
C ASP C 4157 -7.92 -30.16 11.27
N PRO C 4158 -6.79 -30.28 11.95
CA PRO C 4158 -6.39 -31.59 12.49
C PRO C 4158 -7.35 -32.15 13.52
N ARG C 4159 -8.18 -31.30 14.15
CA ARG C 4159 -9.11 -31.76 15.16
C ARG C 4159 -10.26 -32.59 14.58
N LEU C 4160 -10.38 -32.64 13.26
CA LEU C 4160 -11.40 -33.46 12.61
C LEU C 4160 -10.83 -34.74 12.00
N ARG C 4161 -9.51 -34.81 11.82
CA ARG C 4161 -8.91 -36.00 11.23
C ARG C 4161 -9.10 -37.23 12.11
N ASN C 4162 -9.00 -37.06 13.43
CA ASN C 4162 -9.24 -38.18 14.33
C ASN C 4162 -10.69 -38.65 14.24
N PHE C 4163 -11.64 -37.70 14.15
CA PHE C 4163 -13.04 -38.08 13.99
C PHE C 4163 -13.26 -38.85 12.70
N LEU C 4164 -12.64 -38.41 11.61
CA LEU C 4164 -12.74 -39.14 10.35
C LEU C 4164 -12.14 -40.54 10.46
N GLU C 4165 -10.99 -40.66 11.13
CA GLU C 4165 -10.34 -41.96 11.26
C GLU C 4165 -11.17 -42.92 12.09
N LEU C 4166 -11.76 -42.44 13.20
CA LEU C 4166 -12.56 -43.31 14.05
C LEU C 4166 -13.90 -43.67 13.42
N ALA C 4167 -14.32 -42.95 12.38
CA ALA C 4167 -15.58 -43.24 11.70
C ALA C 4167 -15.36 -43.87 10.33
N GLU C 4168 -14.20 -44.49 10.11
CA GLU C 4168 -13.93 -45.10 8.82
C GLU C 4168 -14.82 -46.30 8.55
N SER C 4169 -15.18 -47.06 9.59
CA SER C 4169 -16.01 -48.25 9.42
C SER C 4169 -17.39 -47.90 8.87
N ILE C 4170 -18.00 -46.83 9.37
CA ILE C 4170 -19.30 -46.42 8.85
C ILE C 4170 -19.19 -45.62 7.56
N LEU C 4171 -18.10 -44.86 7.40
CA LEU C 4171 -17.92 -44.10 6.17
C LEU C 4171 -17.73 -45.02 4.96
N GLU C 4172 -16.94 -46.08 5.12
CA GLU C 4172 -16.73 -47.02 4.03
C GLU C 4172 -17.97 -47.88 3.78
N TYR C 4173 -18.81 -48.07 4.80
CA TYR C 4173 -20.03 -48.84 4.61
C TYR C 4173 -21.02 -48.09 3.71
N PHE C 4174 -21.25 -46.81 4.00
CA PHE C 4174 -22.15 -45.99 3.18
C PHE C 4174 -21.37 -45.24 2.11
N ARG C 4175 -20.50 -45.96 1.38
CA ARG C 4175 -19.83 -45.41 0.23
C ARG C 4175 -20.70 -45.48 -1.03
N PRO C 4176 -21.31 -46.62 -1.35
CA PRO C 4176 -22.17 -46.67 -2.55
C PRO C 4176 -23.48 -45.92 -2.39
N TYR C 4177 -23.92 -45.65 -1.16
CA TYR C 4177 -25.20 -44.99 -0.94
C TYR C 4177 -25.07 -43.47 -0.91
N LEU C 4178 -23.91 -42.94 -0.55
CA LEU C 4178 -23.73 -41.50 -0.40
C LEU C 4178 -23.52 -40.88 -1.78
N GLY C 4179 -24.53 -40.16 -2.26
CA GLY C 4179 -24.39 -39.42 -3.50
C GLY C 4179 -23.68 -38.10 -3.30
N ARG C 4180 -23.40 -37.43 -4.41
CA ARG C 4180 -22.70 -36.15 -4.37
C ARG C 4180 -23.02 -35.38 -5.64
N ILE C 4181 -23.86 -34.36 -5.52
CA ILE C 4181 -24.33 -33.57 -6.65
C ILE C 4181 -23.82 -32.15 -6.48
N GLU C 4182 -23.20 -31.61 -7.54
CA GLU C 4182 -22.80 -30.21 -7.57
C GLU C 4182 -23.79 -29.44 -8.44
N ILE C 4183 -24.37 -28.38 -7.87
CA ILE C 4183 -25.39 -27.60 -8.56
C ILE C 4183 -25.00 -26.13 -8.55
N MET C 4184 -25.62 -25.39 -9.46
CA MET C 4184 -25.57 -23.93 -9.44
C MET C 4184 -26.44 -23.45 -8.28
N GLY C 4185 -25.82 -22.92 -7.23
CA GLY C 4185 -26.53 -22.58 -6.02
C GLY C 4185 -27.58 -21.51 -6.17
N ALA C 4186 -28.27 -21.19 -5.07
CA ALA C 4186 -29.40 -20.28 -5.13
C ALA C 4186 -28.97 -18.88 -5.58
N SER C 4187 -27.97 -18.31 -4.91
CA SER C 4187 -27.62 -16.90 -5.17
C SER C 4187 -26.69 -16.74 -6.37
N ARG C 4188 -25.42 -17.14 -6.21
CA ARG C 4188 -24.46 -17.02 -7.30
C ARG C 4188 -23.34 -18.08 -7.32
N ARG C 4189 -23.34 -19.07 -6.43
CA ARG C 4189 -22.16 -19.90 -6.25
C ARG C 4189 -22.49 -21.38 -6.37
N ILE C 4190 -21.48 -22.16 -6.76
CA ILE C 4190 -21.65 -23.60 -6.88
C ILE C 4190 -21.73 -24.23 -5.49
N GLU C 4191 -22.70 -25.12 -5.30
CA GLU C 4191 -22.92 -25.77 -4.02
C GLU C 4191 -22.98 -27.28 -4.21
N ARG C 4192 -22.49 -28.02 -3.23
CA ARG C 4192 -22.51 -29.48 -3.27
C ARG C 4192 -23.73 -30.01 -2.51
N ILE C 4193 -24.29 -31.09 -3.03
CA ILE C 4193 -25.51 -31.70 -2.48
C ILE C 4193 -25.21 -33.15 -2.13
N TYR C 4194 -25.59 -33.55 -0.91
CA TYR C 4194 -25.46 -34.93 -0.46
C TYR C 4194 -26.84 -35.53 -0.27
N PHE C 4195 -27.00 -36.79 -0.66
CA PHE C 4195 -28.28 -37.47 -0.55
C PHE C 4195 -28.02 -38.96 -0.40
N GLU C 4196 -29.10 -39.74 -0.46
CA GLU C 4196 -29.04 -41.19 -0.30
C GLU C 4196 -29.45 -41.88 -1.59
N ILE C 4197 -28.68 -42.90 -1.97
CA ILE C 4197 -28.98 -43.73 -3.12
C ILE C 4197 -29.51 -45.06 -2.62
N SER C 4198 -30.77 -45.35 -2.94
CA SER C 4198 -31.39 -46.60 -2.51
C SER C 4198 -30.70 -47.79 -3.17
N GLU C 4199 -30.69 -48.92 -2.47
CA GLU C 4199 -30.06 -50.12 -2.98
C GLU C 4199 -30.76 -50.61 -4.24
N THR C 4200 -32.09 -50.56 -4.26
CA THR C 4200 -32.84 -50.98 -5.45
C THR C 4200 -32.56 -50.05 -6.62
N ASN C 4201 -32.39 -48.75 -6.35
CA ASN C 4201 -32.13 -47.80 -7.42
C ASN C 4201 -30.79 -48.07 -8.10
N ARG C 4202 -29.85 -48.66 -7.38
CA ARG C 4202 -28.55 -49.00 -7.97
C ARG C 4202 -28.53 -50.41 -8.55
N ALA C 4203 -29.28 -51.34 -7.96
CA ALA C 4203 -29.34 -52.69 -8.51
C ALA C 4203 -29.98 -52.70 -9.89
N GLN C 4204 -31.05 -51.93 -10.07
CA GLN C 4204 -31.71 -51.84 -11.37
C GLN C 4204 -30.94 -50.98 -12.35
N TRP C 4205 -30.07 -50.09 -11.87
CA TRP C 4205 -29.24 -49.28 -12.76
C TRP C 4205 -28.13 -50.09 -13.38
N GLU C 4206 -27.74 -51.21 -12.77
CA GLU C 4206 -26.68 -52.07 -13.28
C GLU C 4206 -27.20 -53.20 -14.15
N MET C 4207 -28.49 -53.20 -14.46
CA MET C 4207 -29.06 -54.26 -15.29
C MET C 4207 -28.47 -54.18 -16.71
N PRO C 4208 -28.34 -55.33 -17.38
CA PRO C 4208 -27.79 -55.31 -18.75
C PRO C 4208 -28.61 -54.47 -19.71
N GLN C 4209 -29.92 -54.37 -19.52
CA GLN C 4209 -30.78 -53.59 -20.39
C GLN C 4209 -30.75 -52.10 -20.07
N VAL C 4210 -29.77 -51.62 -19.32
CA VAL C 4210 -29.64 -50.23 -18.95
C VAL C 4210 -28.35 -49.62 -19.46
N LYS C 4211 -27.24 -50.36 -19.38
CA LYS C 4211 -25.96 -49.83 -19.83
C LYS C 4211 -25.97 -49.55 -21.33
N GLU C 4212 -26.56 -50.44 -22.12
CA GLU C 4212 -26.62 -50.21 -23.55
C GLU C 4212 -27.54 -49.04 -23.90
N SER C 4213 -28.61 -48.85 -23.13
CA SER C 4213 -29.45 -47.67 -23.33
C SER C 4213 -28.69 -46.39 -23.01
N LYS C 4214 -27.91 -46.41 -21.93
CA LYS C 4214 -27.07 -45.25 -21.61
C LYS C 4214 -26.06 -44.98 -22.72
N ARG C 4215 -25.45 -46.03 -23.26
CA ARG C 4215 -24.48 -45.86 -24.34
C ARG C 4215 -25.15 -45.31 -25.59
N GLN C 4216 -26.37 -45.78 -25.89
CA GLN C 4216 -27.11 -45.24 -27.03
C GLN C 4216 -27.41 -43.76 -26.83
N PHE C 4217 -27.85 -43.39 -25.63
CA PHE C 4217 -28.14 -41.99 -25.34
C PHE C 4217 -26.90 -41.12 -25.47
N ILE C 4218 -25.76 -41.61 -24.97
CA ILE C 4218 -24.51 -40.87 -25.09
C ILE C 4218 -24.11 -40.74 -26.56
N PHE C 4219 -24.25 -41.83 -27.33
CA PHE C 4219 -23.96 -41.79 -28.76
C PHE C 4219 -24.77 -40.70 -29.46
N ASP C 4220 -26.09 -40.70 -29.24
CA ASP C 4220 -26.94 -39.71 -29.89
C ASP C 4220 -26.60 -38.29 -29.45
N VAL C 4221 -26.37 -38.10 -28.15
CA VAL C 4221 -26.09 -36.76 -27.65
C VAL C 4221 -24.76 -36.23 -28.21
N VAL C 4222 -23.73 -37.07 -28.23
CA VAL C 4222 -22.43 -36.61 -28.70
C VAL C 4222 -22.45 -36.35 -30.20
N ASN C 4223 -23.10 -37.23 -30.98
CA ASN C 4223 -23.05 -37.06 -32.43
C ASN C 4223 -24.07 -36.04 -32.91
N GLU C 4224 -25.36 -36.29 -32.69
CA GLU C 4224 -26.44 -35.49 -33.24
C GLU C 4224 -27.23 -34.79 -32.14
N GLY C 4225 -26.53 -34.25 -31.14
CA GLY C 4225 -27.18 -33.52 -30.07
C GLY C 4225 -26.81 -32.06 -30.03
N GLY C 4226 -25.59 -31.73 -30.46
CA GLY C 4226 -25.13 -30.36 -30.46
C GLY C 4226 -24.99 -29.81 -29.04
N GLU C 4227 -25.17 -28.51 -28.92
CA GLU C 4227 -25.13 -27.81 -27.64
C GLU C 4227 -26.42 -27.01 -27.44
N ALA C 4228 -26.52 -26.38 -26.28
CA ALA C 4228 -27.66 -25.58 -25.83
C ALA C 4228 -28.92 -26.43 -25.61
N GLU C 4229 -28.86 -27.73 -25.85
CA GLU C 4229 -30.00 -28.61 -25.59
C GLU C 4229 -29.58 -29.95 -24.98
N LYS C 4230 -28.31 -30.08 -24.57
CA LYS C 4230 -27.84 -31.35 -24.03
C LYS C 4230 -28.54 -31.70 -22.71
N MET C 4231 -28.75 -30.70 -21.85
CA MET C 4231 -29.33 -30.97 -20.54
C MET C 4231 -30.79 -31.41 -20.65
N GLU C 4232 -31.54 -30.82 -21.58
CA GLU C 4232 -32.92 -31.24 -21.78
C GLU C 4232 -32.99 -32.70 -22.23
N LEU C 4233 -32.13 -33.09 -23.17
CA LEU C 4233 -32.08 -34.48 -23.60
C LEU C 4233 -31.66 -35.40 -22.46
N PHE C 4234 -30.71 -34.95 -21.64
CA PHE C 4234 -30.25 -35.77 -20.51
C PHE C 4234 -31.38 -35.99 -19.52
N VAL C 4235 -32.15 -34.95 -19.21
CA VAL C 4235 -33.25 -35.09 -18.26
C VAL C 4235 -34.36 -35.97 -18.85
N SER C 4236 -34.63 -35.83 -20.14
CA SER C 4236 -35.60 -36.69 -20.79
C SER C 4236 -35.16 -38.15 -20.74
N PHE C 4237 -33.86 -38.40 -20.94
CA PHE C 4237 -33.33 -39.75 -20.82
C PHE C 4237 -33.46 -40.27 -19.40
N CYS C 4238 -33.23 -39.41 -18.41
CA CYS C 4238 -33.39 -39.82 -17.02
C CYS C 4238 -34.83 -40.24 -16.73
N GLU C 4239 -35.80 -39.46 -17.21
CA GLU C 4239 -37.19 -39.85 -17.03
C GLU C 4239 -37.52 -41.13 -17.79
N ASP C 4240 -36.98 -41.29 -18.99
CA ASP C 4240 -37.23 -42.49 -19.77
C ASP C 4240 -36.69 -43.74 -19.06
N THR C 4241 -35.48 -43.66 -18.51
CA THR C 4241 -34.94 -44.80 -17.80
C THR C 4241 -35.59 -45.02 -16.45
N ILE C 4242 -36.13 -43.96 -15.83
CA ILE C 4242 -36.96 -44.17 -14.64
C ILE C 4242 -38.21 -44.98 -14.99
N PHE C 4243 -38.85 -44.64 -16.11
CA PHE C 4243 -39.99 -45.43 -16.56
C PHE C 4243 -39.55 -46.85 -16.94
N GLU C 4244 -38.34 -47.00 -17.50
CA GLU C 4244 -37.84 -48.33 -17.80
C GLU C 4244 -37.68 -49.16 -16.53
N MET C 4245 -37.13 -48.57 -15.47
CA MET C 4245 -37.02 -49.26 -14.20
C MET C 4245 -38.39 -49.59 -13.62
N GLN C 4246 -39.36 -48.69 -13.79
CA GLN C 4246 -40.73 -48.98 -13.36
C GLN C 4246 -41.29 -50.17 -14.11
N ILE C 4247 -41.04 -50.24 -15.41
CA ILE C 4247 -41.51 -51.37 -16.21
C ILE C 4247 -40.85 -52.67 -15.75
N ALA C 4248 -39.54 -52.62 -15.50
CA ALA C 4248 -38.82 -53.81 -15.05
C ALA C 4248 -39.17 -54.20 -13.62
N ALA C 4249 -39.75 -53.28 -12.84
CA ALA C 4249 -40.10 -53.60 -11.46
C ALA C 4249 -41.16 -54.69 -11.38
N GLN C 4250 -42.19 -54.61 -12.21
CA GLN C 4250 -43.26 -55.59 -12.21
C GLN C 4250 -42.97 -56.78 -13.12
N ILE C 4251 -41.82 -56.81 -13.78
CA ILE C 4251 -41.46 -57.92 -14.66
C ILE C 4251 -40.73 -59.03 -13.93
N SER C 4252 -40.36 -58.83 -12.67
CA SER C 4252 -39.60 -59.82 -11.92
C SER C 4252 -40.42 -61.09 -11.70
N GLU C 4253 -39.71 -62.18 -11.40
CA GLU C 4253 -40.37 -63.48 -11.21
C GLU C 4253 -41.37 -63.48 -10.07
N PRO C 4254 -41.08 -62.97 -8.87
CA PRO C 4254 -42.10 -63.00 -7.81
C PRO C 4254 -43.36 -62.22 -8.16
N GLU C 4255 -43.23 -61.13 -8.92
CA GLU C 4255 -44.37 -60.30 -9.32
C GLU C 4255 -45.18 -59.83 -8.12
N PHE C 4540 -62.68 -69.55 -10.68
CA PHE C 4540 -62.59 -70.07 -12.03
C PHE C 4540 -62.00 -69.04 -13.00
N TRP C 4541 -62.76 -67.96 -13.24
CA TRP C 4541 -62.27 -66.92 -14.13
C TRP C 4541 -61.05 -66.22 -13.54
N GLY C 4542 -61.05 -65.97 -12.24
CA GLY C 4542 -59.92 -65.31 -11.61
C GLY C 4542 -58.65 -66.13 -11.66
N GLU C 4543 -58.74 -67.44 -11.47
CA GLU C 4543 -57.57 -68.30 -11.57
C GLU C 4543 -56.99 -68.27 -12.98
N LEU C 4544 -57.85 -68.34 -13.99
CA LEU C 4544 -57.39 -68.26 -15.37
C LEU C 4544 -56.75 -66.90 -15.65
N GLU C 4545 -57.33 -65.83 -15.11
CA GLU C 4545 -56.78 -64.49 -15.34
C GLU C 4545 -55.40 -64.36 -14.71
N VAL C 4546 -55.23 -64.81 -13.47
CA VAL C 4546 -53.94 -64.67 -12.81
C VAL C 4546 -52.91 -65.58 -13.47
N GLN C 4547 -53.33 -66.77 -13.93
CA GLN C 4547 -52.42 -67.64 -14.66
C GLN C 4547 -51.98 -66.99 -15.97
N ARG C 4548 -52.90 -66.34 -16.67
CA ARG C 4548 -52.55 -65.65 -17.91
C ARG C 4548 -51.59 -64.50 -17.65
N VAL C 4549 -51.83 -63.74 -16.57
CA VAL C 4549 -50.93 -62.65 -16.23
C VAL C 4549 -49.53 -63.18 -15.91
N LYS C 4550 -49.45 -64.28 -15.16
CA LYS C 4550 -48.16 -64.87 -14.84
C LYS C 4550 -47.48 -65.38 -16.10
N PHE C 4551 -48.25 -65.99 -17.02
CA PHE C 4551 -47.68 -66.48 -18.26
C PHE C 4551 -47.12 -65.35 -19.11
N LEU C 4552 -47.84 -64.22 -19.17
CA LEU C 4552 -47.35 -63.09 -19.94
C LEU C 4552 -46.33 -62.29 -19.14
N ASN C 4553 -45.36 -62.99 -18.54
CA ASN C 4553 -44.17 -62.37 -17.97
C ASN C 4553 -42.89 -63.10 -18.29
N TYR C 4554 -42.93 -64.41 -18.57
CA TYR C 4554 -41.74 -65.12 -19.01
C TYR C 4554 -41.27 -64.61 -20.36
N LEU C 4555 -42.20 -64.37 -21.28
CA LEU C 4555 -41.84 -63.85 -22.60
C LEU C 4555 -41.24 -62.45 -22.48
N SER C 4556 -41.83 -61.61 -21.63
CA SER C 4556 -41.36 -60.23 -21.51
C SER C 4556 -40.02 -60.16 -20.80
N ARG C 4557 -39.85 -60.90 -19.70
CA ARG C 4557 -38.59 -60.86 -18.98
C ARG C 4557 -37.50 -61.62 -19.71
N ASN C 4558 -37.86 -62.58 -20.55
CA ASN C 4558 -36.91 -63.33 -21.36
C ASN C 4558 -37.38 -63.24 -22.81
N PHE C 4559 -36.92 -62.19 -23.50
CA PHE C 4559 -37.35 -61.91 -24.87
C PHE C 4559 -36.24 -62.04 -25.89
N TYR C 4560 -34.99 -61.71 -25.52
CA TYR C 4560 -33.88 -61.85 -26.45
C TYR C 4560 -33.51 -63.31 -26.67
N THR C 4561 -33.63 -64.14 -25.64
CA THR C 4561 -33.38 -65.57 -25.79
C THR C 4561 -34.36 -66.20 -26.77
N LEU C 4562 -35.59 -65.71 -26.81
CA LEU C 4562 -36.54 -66.17 -27.82
C LEU C 4562 -36.08 -65.78 -29.23
N ARG C 4563 -35.49 -64.59 -29.38
CA ARG C 4563 -34.93 -64.19 -30.66
C ARG C 4563 -33.80 -65.13 -31.07
N PHE C 4564 -32.92 -65.47 -30.12
CA PHE C 4564 -31.83 -66.40 -30.43
C PHE C 4564 -32.38 -67.78 -30.79
N LEU C 4565 -33.42 -68.23 -30.10
CA LEU C 4565 -34.03 -69.52 -30.42
C LEU C 4565 -34.64 -69.51 -31.82
N ALA C 4566 -35.29 -68.40 -32.19
CA ALA C 4566 -35.81 -68.29 -33.56
C ALA C 4566 -34.70 -68.32 -34.58
N LEU C 4567 -33.59 -67.64 -34.29
CA LEU C 4567 -32.43 -67.68 -35.20
C LEU C 4567 -31.91 -69.11 -35.35
N PHE C 4568 -31.80 -69.84 -34.24
CA PHE C 4568 -31.32 -71.22 -34.29
C PHE C 4568 -32.29 -72.09 -35.09
N LEU C 4569 -33.59 -71.91 -34.89
CA LEU C 4569 -34.58 -72.68 -35.64
C LEU C 4569 -34.48 -72.41 -37.13
N ALA C 4570 -34.32 -71.13 -37.50
CA ALA C 4570 -34.19 -70.80 -38.92
C ALA C 4570 -32.94 -71.42 -39.52
N PHE C 4571 -31.82 -71.36 -38.80
CA PHE C 4571 -30.60 -71.98 -39.30
C PHE C 4571 -30.75 -73.49 -39.47
N ALA C 4572 -31.38 -74.16 -38.50
CA ALA C 4572 -31.60 -75.59 -38.62
C ALA C 4572 -32.51 -75.93 -39.78
N ILE C 4573 -33.57 -75.15 -39.98
CA ILE C 4573 -34.48 -75.39 -41.10
C ILE C 4573 -33.76 -75.23 -42.43
N ASN C 4574 -32.92 -74.19 -42.55
CA ASN C 4574 -32.18 -73.99 -43.79
C ASN C 4574 -31.17 -75.11 -44.03
N PHE C 4575 -30.50 -75.57 -42.96
CA PHE C 4575 -29.57 -76.68 -43.12
C PHE C 4575 -30.28 -77.94 -43.58
N ILE C 4576 -31.48 -78.19 -43.04
CA ILE C 4576 -32.26 -79.33 -43.49
C ILE C 4576 -32.67 -79.15 -44.96
N LEU C 4577 -33.10 -77.93 -45.32
CA LEU C 4577 -33.51 -77.64 -46.69
C LEU C 4577 -32.38 -77.77 -47.68
N LEU C 4578 -31.12 -77.67 -47.24
CA LEU C 4578 -29.97 -77.82 -48.13
C LEU C 4578 -29.92 -79.17 -48.83
N PHE C 4579 -30.78 -80.13 -48.46
CA PHE C 4579 -30.75 -81.47 -49.03
C PHE C 4579 -31.83 -81.70 -50.09
N TYR C 4580 -32.52 -80.65 -50.53
CA TYR C 4580 -33.60 -80.83 -51.50
C TYR C 4580 -33.06 -81.25 -52.87
N LYS C 4581 -33.82 -82.10 -53.55
CA LYS C 4581 -33.48 -82.59 -54.87
C LYS C 4581 -34.72 -82.54 -55.76
N VAL C 4582 -34.50 -82.31 -57.05
CA VAL C 4582 -35.56 -82.23 -58.04
C VAL C 4582 -35.33 -83.30 -59.10
N SER C 4583 -36.39 -84.01 -59.47
CA SER C 4583 -36.31 -85.03 -60.50
C SER C 4583 -37.60 -85.04 -61.30
N ASP C 4584 -37.52 -85.60 -62.51
CA ASP C 4584 -38.68 -85.67 -63.40
C ASP C 4584 -39.63 -86.81 -63.04
N SER C 4585 -39.26 -87.69 -62.11
CA SER C 4585 -40.09 -88.81 -61.72
C SER C 4585 -40.19 -88.88 -60.21
N PRO C 4586 -41.30 -89.38 -59.69
CA PRO C 4586 -41.44 -89.53 -58.23
C PRO C 4586 -40.45 -90.54 -57.69
N PRO C 4587 -40.08 -90.42 -56.40
CA PRO C 4587 -39.11 -91.37 -55.84
C PRO C 4587 -39.55 -92.82 -55.92
N GLY C 4588 -40.85 -93.08 -55.81
CA GLY C 4588 -41.36 -94.44 -55.89
C GLY C 4588 -41.44 -94.97 -57.31
N ASP C 4624 -46.59 -85.16 -68.10
CA ASP C 4624 -45.29 -84.58 -68.38
C ASP C 4624 -45.05 -83.33 -67.55
N GLU C 4625 -43.79 -82.87 -67.54
CA GLU C 4625 -43.40 -81.67 -66.79
C GLU C 4625 -43.78 -81.78 -65.32
N ASN C 4626 -43.54 -82.97 -64.74
CA ASN C 4626 -43.86 -83.17 -63.33
C ASN C 4626 -42.94 -82.35 -62.42
N MET C 4627 -41.64 -82.64 -62.49
CA MET C 4627 -40.62 -81.92 -61.72
C MET C 4627 -40.94 -81.93 -60.23
N VAL C 4628 -40.94 -83.12 -59.66
CA VAL C 4628 -41.26 -83.28 -58.24
C VAL C 4628 -40.10 -82.77 -57.40
N TYR C 4629 -40.42 -82.02 -56.35
CA TYR C 4629 -39.43 -81.50 -55.42
C TYR C 4629 -39.46 -82.36 -54.15
N TYR C 4630 -38.75 -83.48 -54.21
CA TYR C 4630 -38.71 -84.41 -53.10
C TYR C 4630 -37.45 -84.21 -52.27
N PHE C 4631 -37.22 -85.07 -51.30
CA PHE C 4631 -36.14 -84.94 -50.34
C PHE C 4631 -35.09 -86.04 -50.55
N LEU C 4632 -33.83 -85.67 -50.38
CA LEU C 4632 -32.72 -86.62 -50.48
C LEU C 4632 -32.34 -87.09 -49.10
N GLU C 4633 -33.07 -88.09 -48.62
CA GLU C 4633 -32.78 -88.70 -47.32
C GLU C 4633 -31.47 -89.48 -47.44
N GLU C 4634 -30.41 -88.92 -46.85
CA GLU C 4634 -29.09 -89.53 -47.00
C GLU C 4634 -29.04 -90.92 -46.36
N SER C 4635 -29.21 -90.97 -45.03
CA SER C 4635 -29.18 -92.24 -44.33
C SER C 4635 -30.36 -92.38 -43.38
N THR C 4636 -30.90 -91.26 -42.93
CA THR C 4636 -31.97 -91.24 -41.94
C THR C 4636 -33.24 -90.67 -42.56
N GLY C 4637 -34.36 -91.34 -42.34
CA GLY C 4637 -35.65 -90.89 -42.81
C GLY C 4637 -36.36 -89.92 -41.89
N TYR C 4638 -35.72 -89.49 -40.81
CA TYR C 4638 -36.32 -88.58 -39.84
C TYR C 4638 -36.18 -87.12 -40.23
N MET C 4639 -35.53 -86.82 -41.36
CA MET C 4639 -35.29 -85.43 -41.75
C MET C 4639 -36.60 -84.71 -42.03
N GLU C 4640 -37.53 -85.34 -42.73
CA GLU C 4640 -38.80 -84.70 -43.05
C GLU C 4640 -39.65 -84.41 -41.81
N PRO C 4641 -39.86 -85.34 -40.87
CA PRO C 4641 -40.57 -84.97 -39.64
C PRO C 4641 -39.87 -83.88 -38.84
N ALA C 4642 -38.54 -83.88 -38.83
CA ALA C 4642 -37.81 -82.81 -38.16
C ALA C 4642 -38.08 -81.46 -38.83
N LEU C 4643 -38.10 -81.44 -40.17
CA LEU C 4643 -38.43 -80.21 -40.88
C LEU C 4643 -39.83 -79.73 -40.54
N TRP C 4644 -40.79 -80.66 -40.50
CA TRP C 4644 -42.17 -80.29 -40.18
C TRP C 4644 -42.28 -79.71 -38.77
N CYS C 4645 -41.68 -80.39 -37.79
CA CYS C 4645 -41.75 -79.92 -36.41
C CYS C 4645 -41.06 -78.57 -36.25
N LEU C 4646 -39.89 -78.40 -36.89
CA LEU C 4646 -39.19 -77.13 -36.81
C LEU C 4646 -39.97 -76.02 -37.49
N SER C 4647 -40.67 -76.33 -38.59
CA SER C 4647 -41.51 -75.33 -39.24
C SER C 4647 -42.64 -74.88 -38.33
N LEU C 4648 -43.27 -75.81 -37.61
CA LEU C 4648 -44.31 -75.40 -36.66
C LEU C 4648 -43.72 -74.58 -35.51
N LEU C 4649 -42.60 -75.04 -34.94
CA LEU C 4649 -42.00 -74.35 -33.81
C LEU C 4649 -41.53 -72.94 -34.18
N HIS C 4650 -41.06 -72.75 -35.41
CA HIS C 4650 -40.61 -71.42 -35.82
C HIS C 4650 -41.76 -70.42 -35.80
N THR C 4651 -42.91 -70.81 -36.33
CA THR C 4651 -44.08 -69.93 -36.29
C THR C 4651 -44.52 -69.67 -34.85
N LEU C 4652 -44.52 -70.72 -34.01
CA LEU C 4652 -44.90 -70.52 -32.62
C LEU C 4652 -43.95 -69.55 -31.92
N VAL C 4653 -42.64 -69.69 -32.16
CA VAL C 4653 -41.66 -68.81 -31.52
C VAL C 4653 -41.79 -67.38 -32.05
N ALA C 4654 -42.09 -67.22 -33.33
CA ALA C 4654 -42.29 -65.87 -33.88
C ALA C 4654 -43.50 -65.20 -33.23
N PHE C 4655 -44.59 -65.95 -33.06
CA PHE C 4655 -45.76 -65.37 -32.38
C PHE C 4655 -45.44 -65.01 -30.94
N LEU C 4656 -44.70 -65.87 -30.24
CA LEU C 4656 -44.30 -65.57 -28.87
C LEU C 4656 -43.42 -64.32 -28.84
N CYS C 4657 -42.54 -64.17 -29.83
CA CYS C 4657 -41.65 -63.01 -29.87
C CYS C 4657 -42.42 -61.71 -30.07
N ILE C 4658 -43.37 -61.71 -31.00
CA ILE C 4658 -44.13 -60.47 -31.20
C ILE C 4658 -44.99 -60.17 -29.97
N ILE C 4659 -45.54 -61.19 -29.32
CA ILE C 4659 -46.29 -60.97 -28.09
C ILE C 4659 -45.38 -60.37 -27.01
N GLY C 4660 -44.17 -60.91 -26.86
CA GLY C 4660 -43.25 -60.38 -25.87
C GLY C 4660 -42.85 -58.94 -26.14
N TYR C 4661 -42.61 -58.61 -27.42
CA TYR C 4661 -42.30 -57.23 -27.77
C TYR C 4661 -43.47 -56.32 -27.46
N ASN C 4662 -44.70 -56.79 -27.73
CA ASN C 4662 -45.88 -56.00 -27.39
C ASN C 4662 -45.96 -55.74 -25.90
N CYS C 4663 -45.67 -56.76 -25.09
CA CYS C 4663 -45.77 -56.63 -23.63
C CYS C 4663 -44.53 -56.01 -23.00
N LEU C 4664 -43.48 -55.73 -23.77
CA LEU C 4664 -42.24 -55.23 -23.18
C LEU C 4664 -41.87 -53.83 -23.61
N LYS C 4665 -41.81 -53.55 -24.92
CA LYS C 4665 -41.23 -52.30 -25.40
C LYS C 4665 -42.24 -51.31 -25.95
N VAL C 4666 -43.49 -51.72 -26.17
CA VAL C 4666 -44.54 -50.81 -26.64
C VAL C 4666 -44.83 -49.72 -25.61
N PRO C 4667 -44.95 -50.06 -24.31
CA PRO C 4667 -45.21 -49.00 -23.32
C PRO C 4667 -44.17 -47.90 -23.32
N LEU C 4668 -42.91 -48.21 -23.61
CA LEU C 4668 -41.88 -47.17 -23.64
C LEU C 4668 -42.17 -46.13 -24.73
N VAL C 4669 -42.47 -46.58 -25.94
CA VAL C 4669 -42.73 -45.64 -27.02
C VAL C 4669 -44.04 -44.89 -26.77
N ILE C 4670 -45.04 -45.56 -26.20
CA ILE C 4670 -46.29 -44.86 -25.88
C ILE C 4670 -46.03 -43.78 -24.84
N PHE C 4671 -45.25 -44.10 -23.81
CA PHE C 4671 -44.91 -43.11 -22.78
C PHE C 4671 -44.15 -41.93 -23.36
N LYS C 4672 -43.17 -42.20 -24.22
CA LYS C 4672 -42.41 -41.11 -24.82
C LYS C 4672 -43.29 -40.21 -25.67
N ARG C 4673 -44.15 -40.81 -26.50
CA ARG C 4673 -45.04 -40.01 -27.34
C ARG C 4673 -45.99 -39.17 -26.50
N GLU C 4674 -46.59 -39.77 -25.46
CA GLU C 4674 -47.52 -39.04 -24.61
C GLU C 4674 -46.82 -37.91 -23.86
N LYS C 4675 -45.62 -38.17 -23.34
CA LYS C 4675 -44.89 -37.13 -22.63
C LYS C 4675 -44.54 -35.97 -23.55
N GLU C 4676 -44.05 -36.27 -24.76
CA GLU C 4676 -43.72 -35.20 -25.69
C GLU C 4676 -44.95 -34.39 -26.06
N LEU C 4677 -46.07 -35.06 -26.33
CA LEU C 4677 -47.28 -34.32 -26.69
C LEU C 4677 -47.78 -33.47 -25.52
N ALA C 4678 -47.75 -34.02 -24.31
CA ALA C 4678 -48.23 -33.26 -23.15
C ALA C 4678 -47.38 -32.03 -22.90
N ARG C 4679 -46.05 -32.16 -23.00
CA ARG C 4679 -45.20 -31.00 -22.78
C ARG C 4679 -45.32 -29.99 -23.92
N LYS C 4680 -45.49 -30.45 -25.16
CA LYS C 4680 -45.75 -29.53 -26.26
C LYS C 4680 -47.05 -28.75 -26.02
N LEU C 4681 -48.07 -29.43 -25.51
CA LEU C 4681 -49.35 -28.76 -25.24
C LEU C 4681 -49.22 -27.74 -24.12
N GLU C 4682 -48.56 -28.12 -23.02
CA GLU C 4682 -48.58 -27.30 -21.81
C GLU C 4682 -47.47 -26.26 -21.75
N PHE C 4683 -46.48 -26.31 -22.65
CA PHE C 4683 -45.39 -25.34 -22.60
C PHE C 4683 -45.30 -24.51 -23.87
N ASP C 4684 -45.38 -25.13 -25.04
CA ASP C 4684 -45.27 -24.46 -26.34
C ASP C 4684 -46.49 -24.78 -27.19
N GLY C 4685 -47.68 -24.57 -26.61
CA GLY C 4685 -48.94 -25.07 -27.12
C GLY C 4685 -49.08 -25.12 -28.63
N LEU C 4686 -49.35 -26.31 -29.15
CA LEU C 4686 -49.31 -26.58 -30.58
C LEU C 4686 -50.69 -26.69 -31.22
N TYR C 4687 -51.73 -26.96 -30.44
CA TYR C 4687 -53.09 -27.07 -30.96
C TYR C 4687 -54.00 -25.96 -30.43
N ILE C 4688 -53.43 -24.94 -29.78
CA ILE C 4688 -54.21 -23.82 -29.27
C ILE C 4688 -53.66 -22.53 -29.86
N THR C 4689 -52.39 -22.24 -29.60
CA THR C 4689 -51.77 -21.04 -30.14
C THR C 4689 -51.31 -21.25 -31.58
N GLU C 4690 -50.39 -22.18 -31.78
CA GLU C 4690 -49.90 -22.50 -33.11
C GLU C 4690 -50.71 -23.64 -33.71
N GLN C 4691 -50.25 -24.17 -34.84
CA GLN C 4691 -50.87 -25.32 -35.49
C GLN C 4691 -49.76 -26.14 -36.13
N PRO C 4692 -49.98 -27.44 -36.32
CA PRO C 4692 -48.99 -28.25 -37.05
C PRO C 4692 -48.87 -27.77 -38.50
N GLY C 4693 -47.67 -27.91 -39.04
CA GLY C 4693 -47.34 -27.38 -40.35
C GLY C 4693 -47.79 -28.19 -41.53
N ASP C 4694 -48.59 -29.23 -41.31
CA ASP C 4694 -49.12 -30.11 -42.36
C ASP C 4694 -48.03 -30.84 -43.13
N ASP C 4695 -46.79 -30.79 -42.66
CA ASP C 4695 -45.69 -31.50 -43.29
C ASP C 4695 -45.29 -32.76 -42.53
N ASP C 4696 -45.66 -32.87 -41.26
CA ASP C 4696 -45.35 -34.04 -40.44
C ASP C 4696 -46.64 -34.77 -40.09
N VAL C 4697 -46.68 -36.07 -40.37
CA VAL C 4697 -47.85 -36.86 -40.07
C VAL C 4697 -48.03 -37.05 -38.57
N LYS C 4698 -46.96 -36.92 -37.80
CA LYS C 4698 -47.04 -37.11 -36.35
C LYS C 4698 -47.97 -36.07 -35.72
N GLY C 4699 -47.83 -34.80 -36.11
CA GLY C 4699 -48.65 -33.77 -35.52
C GLY C 4699 -50.12 -33.92 -35.84
N GLN C 4700 -50.43 -34.28 -37.09
CA GLN C 4700 -51.83 -34.48 -37.47
C GLN C 4700 -52.41 -35.72 -36.80
N TRP C 4701 -51.62 -36.78 -36.68
CA TRP C 4701 -52.12 -38.00 -36.04
C TRP C 4701 -52.32 -37.81 -34.54
N ASP C 4702 -51.48 -37.00 -33.90
CA ASP C 4702 -51.62 -36.76 -32.46
C ASP C 4702 -52.90 -36.02 -32.12
N ARG C 4703 -53.50 -35.33 -33.09
CA ARG C 4703 -54.79 -34.66 -32.86
C ARG C 4703 -55.90 -35.65 -32.55
N LEU C 4704 -55.73 -36.93 -32.94
CA LEU C 4704 -56.76 -37.92 -32.67
C LEU C 4704 -56.82 -38.28 -31.19
N VAL C 4705 -55.67 -38.34 -30.53
CA VAL C 4705 -55.63 -38.73 -29.12
C VAL C 4705 -56.15 -37.65 -28.19
N LEU C 4706 -56.34 -36.43 -28.68
CA LEU C 4706 -56.97 -35.40 -27.87
C LEU C 4706 -58.45 -35.72 -27.68
N ASN C 4707 -59.10 -34.94 -26.81
CA ASN C 4707 -60.50 -35.13 -26.42
C ASN C 4707 -60.82 -36.59 -26.11
N THR C 4708 -59.85 -37.28 -25.48
CA THR C 4708 -59.96 -38.67 -25.08
C THR C 4708 -60.02 -38.78 -23.56
N PRO C 4709 -60.93 -39.60 -23.03
CA PRO C 4709 -61.03 -39.72 -21.56
C PRO C 4709 -59.78 -40.27 -20.90
N SER C 4710 -58.91 -40.96 -21.62
CA SER C 4710 -57.72 -41.60 -21.05
C SER C 4710 -56.48 -41.27 -21.87
N PHE C 4711 -56.31 -39.99 -22.20
CA PHE C 4711 -55.14 -39.59 -22.98
C PHE C 4711 -53.83 -39.87 -22.27
N PRO C 4712 -53.61 -39.49 -21.00
CA PRO C 4712 -52.33 -39.82 -20.35
C PRO C 4712 -52.37 -41.19 -19.66
N SER C 4713 -52.48 -42.24 -20.47
CA SER C 4713 -52.56 -43.59 -19.92
C SER C 4713 -51.22 -44.09 -19.41
N ASN C 4714 -50.12 -43.61 -19.98
CA ASN C 4714 -48.79 -44.03 -19.56
C ASN C 4714 -47.96 -42.92 -18.92
N TYR C 4715 -48.17 -41.67 -19.32
CA TYR C 4715 -47.47 -40.55 -18.72
C TYR C 4715 -47.90 -40.39 -17.27
N TRP C 4716 -46.94 -40.00 -16.42
CA TRP C 4716 -47.24 -39.83 -15.00
C TRP C 4716 -48.25 -38.71 -14.76
N ASP C 4717 -48.09 -37.59 -15.46
CA ASP C 4717 -48.92 -36.41 -15.23
C ASP C 4717 -50.32 -36.64 -15.79
N LYS C 4718 -51.29 -36.85 -14.90
CA LYS C 4718 -52.68 -36.99 -15.30
C LYS C 4718 -53.45 -35.68 -15.26
N PHE C 4719 -52.79 -34.57 -14.91
CA PHE C 4719 -53.43 -33.27 -14.80
C PHE C 4719 -52.88 -32.26 -15.80
N VAL C 4720 -52.33 -32.76 -16.91
CA VAL C 4720 -51.83 -31.86 -17.95
C VAL C 4720 -52.98 -31.09 -18.59
N LYS C 4721 -54.15 -31.71 -18.71
CA LYS C 4721 -55.31 -31.03 -19.28
C LYS C 4721 -55.70 -29.83 -18.44
N ARG C 4722 -55.77 -30.00 -17.12
CA ARG C 4722 -56.11 -28.88 -16.23
C ARG C 4722 -55.03 -27.81 -16.27
N LYS C 4723 -53.76 -28.22 -16.35
CA LYS C 4723 -52.67 -27.24 -16.40
C LYS C 4723 -52.78 -26.38 -17.66
N VAL C 4724 -52.98 -27.00 -18.82
CA VAL C 4724 -53.08 -26.22 -20.05
C VAL C 4724 -54.37 -25.41 -20.08
N LEU C 4725 -55.44 -25.92 -19.47
CA LEU C 4725 -56.67 -25.14 -19.38
C LEU C 4725 -56.48 -23.88 -18.55
N ASP C 4726 -55.78 -24.00 -17.42
CA ASP C 4726 -55.51 -22.84 -16.59
C ASP C 4726 -54.43 -21.93 -17.17
N LYS C 4727 -53.60 -22.43 -18.06
CA LYS C 4727 -52.57 -21.61 -18.69
C LYS C 4727 -53.05 -20.84 -19.91
N HIS C 4728 -53.93 -21.44 -20.72
CA HIS C 4728 -54.39 -20.80 -21.96
C HIS C 4728 -55.89 -20.56 -22.01
N GLY C 4729 -56.62 -20.86 -20.94
CA GLY C 4729 -58.07 -20.73 -20.97
C GLY C 4729 -58.60 -19.31 -20.88
N ASP C 4730 -57.74 -18.33 -20.60
CA ASP C 4730 -58.15 -16.94 -20.50
C ASP C 4730 -57.96 -16.16 -21.79
N ILE C 4731 -56.74 -16.21 -22.37
CA ILE C 4731 -56.48 -15.52 -23.62
C ILE C 4731 -57.33 -16.12 -24.74
N PHE C 4732 -57.38 -17.45 -24.80
CA PHE C 4732 -58.23 -18.15 -25.74
C PHE C 4732 -59.53 -18.57 -25.05
N GLY C 4733 -60.48 -19.07 -25.85
CA GLY C 4733 -61.75 -19.49 -25.32
C GLY C 4733 -61.65 -20.65 -24.36
N ARG C 4734 -62.14 -20.47 -23.13
CA ARG C 4734 -62.15 -21.56 -22.17
C ARG C 4734 -63.05 -22.69 -22.62
N GLU C 4735 -64.26 -22.36 -23.11
CA GLU C 4735 -65.17 -23.38 -23.58
C GLU C 4735 -64.62 -24.10 -24.81
N ARG C 4736 -64.00 -23.36 -25.73
CA ARG C 4736 -63.43 -23.99 -26.92
C ARG C 4736 -62.23 -24.86 -26.56
N ILE C 4737 -61.43 -24.45 -25.58
CA ILE C 4737 -60.31 -25.28 -25.14
C ILE C 4737 -60.83 -26.56 -24.48
N ALA C 4738 -61.87 -26.44 -23.65
CA ALA C 4738 -62.45 -27.63 -23.04
C ALA C 4738 -63.02 -28.57 -24.09
N GLU C 4739 -63.66 -28.02 -25.12
CA GLU C 4739 -64.18 -28.86 -26.20
C GLU C 4739 -63.04 -29.53 -26.96
N LEU C 4740 -61.96 -28.79 -27.23
CA LEU C 4740 -60.83 -29.36 -27.96
C LEU C 4740 -60.18 -30.50 -27.18
N LEU C 4741 -59.93 -30.30 -25.88
CA LEU C 4741 -59.31 -31.31 -25.05
C LEU C 4741 -60.32 -32.30 -24.47
N GLY C 4742 -61.61 -32.05 -24.66
CA GLY C 4742 -62.63 -33.03 -24.31
C GLY C 4742 -62.88 -33.24 -22.84
N MET C 4743 -62.35 -32.40 -21.96
CA MET C 4743 -62.67 -32.55 -20.56
C MET C 4743 -64.07 -31.99 -20.27
N ASP C 4744 -64.64 -32.43 -19.16
CA ASP C 4744 -65.89 -31.86 -18.71
C ASP C 4744 -65.69 -30.40 -18.33
N LEU C 4745 -66.69 -29.58 -18.61
CA LEU C 4745 -66.60 -28.15 -18.32
C LEU C 4745 -66.53 -27.93 -16.80
N ALA C 4746 -66.23 -26.68 -16.44
CA ALA C 4746 -66.13 -26.33 -15.03
C ALA C 4746 -67.45 -26.50 -14.30
N SER C 4747 -68.57 -26.49 -15.02
CA SER C 4747 -69.87 -26.74 -14.39
C SER C 4747 -69.93 -28.15 -13.80
N LEU C 4748 -69.44 -29.14 -14.54
CA LEU C 4748 -69.49 -30.52 -14.06
C LEU C 4748 -68.33 -30.83 -13.11
N GLU C 4749 -67.11 -30.73 -13.60
CA GLU C 4749 -65.91 -31.01 -12.80
C GLU C 4749 -65.33 -29.68 -12.32
N ILE C 4750 -65.96 -29.12 -11.29
CA ILE C 4750 -65.52 -27.84 -10.76
C ILE C 4750 -64.26 -28.01 -9.92
N THR C 4751 -64.36 -28.78 -8.83
CA THR C 4751 -63.24 -29.02 -7.94
C THR C 4751 -63.22 -30.50 -7.56
N ALA C 4752 -62.28 -30.87 -6.69
CA ALA C 4752 -62.19 -32.24 -6.17
C ALA C 4752 -63.01 -32.41 -4.90
N HIS C 4753 -64.30 -32.06 -4.98
CA HIS C 4753 -65.17 -32.17 -3.81
C HIS C 4753 -65.33 -33.61 -3.37
N ASN C 4754 -65.51 -34.52 -4.32
CA ASN C 4754 -65.69 -35.95 -4.05
C ASN C 4754 -66.85 -36.20 -3.09
N GLY C 4763 -64.46 -60.27 -16.53
CA GLY C 4763 -64.65 -58.95 -17.09
C GLY C 4763 -65.29 -58.96 -18.47
N LEU C 4764 -66.40 -59.69 -18.59
CA LEU C 4764 -67.10 -59.77 -19.87
C LEU C 4764 -67.75 -58.45 -20.28
N LEU C 4765 -67.97 -57.55 -19.32
CA LEU C 4765 -68.57 -56.25 -19.58
C LEU C 4765 -67.55 -55.12 -19.58
N THR C 4766 -66.58 -55.15 -18.66
CA THR C 4766 -65.57 -54.10 -18.60
C THR C 4766 -64.70 -54.09 -19.85
N TRP C 4767 -64.33 -55.28 -20.34
CA TRP C 4767 -63.48 -55.39 -21.52
C TRP C 4767 -64.25 -55.29 -22.82
N LEU C 4768 -65.59 -55.24 -22.76
CA LEU C 4768 -66.41 -55.14 -23.95
C LEU C 4768 -67.13 -53.81 -24.11
N MET C 4769 -67.21 -53.00 -23.05
CA MET C 4769 -67.88 -51.71 -23.10
C MET C 4769 -67.00 -50.55 -22.69
N SER C 4770 -66.10 -50.76 -21.73
CA SER C 4770 -65.21 -49.70 -21.26
C SER C 4770 -63.90 -49.70 -22.04
N ILE C 4771 -64.04 -49.49 -23.34
CA ILE C 4771 -62.90 -49.45 -24.27
C ILE C 4771 -62.93 -48.11 -25.00
N ASP C 4772 -61.81 -47.38 -24.93
CA ASP C 4772 -61.68 -46.09 -25.60
C ASP C 4772 -61.29 -46.36 -27.05
N VAL C 4773 -62.28 -46.34 -27.94
CA VAL C 4773 -62.05 -46.72 -29.33
C VAL C 4773 -61.06 -45.76 -29.99
N LYS C 4774 -61.25 -44.45 -29.79
CA LYS C 4774 -60.36 -43.47 -30.42
C LYS C 4774 -58.93 -43.62 -29.92
N TYR C 4775 -58.76 -43.81 -28.60
CA TYR C 4775 -57.43 -44.02 -28.04
C TYR C 4775 -56.81 -45.30 -28.58
N GLN C 4776 -57.61 -46.36 -28.72
CA GLN C 4776 -57.08 -47.61 -29.25
C GLN C 4776 -56.64 -47.46 -30.71
N ILE C 4777 -57.41 -46.72 -31.52
CA ILE C 4777 -57.00 -46.48 -32.90
C ILE C 4777 -55.69 -45.68 -32.94
N TRP C 4778 -55.59 -44.64 -32.12
CA TRP C 4778 -54.37 -43.84 -32.10
C TRP C 4778 -53.17 -44.69 -31.66
N LYS C 4779 -53.36 -45.51 -30.62
CA LYS C 4779 -52.28 -46.36 -30.13
C LYS C 4779 -51.87 -47.38 -31.19
N PHE C 4780 -52.85 -47.96 -31.89
CA PHE C 4780 -52.54 -48.93 -32.94
C PHE C 4780 -51.77 -48.28 -34.08
N GLY C 4781 -52.15 -47.05 -34.45
CA GLY C 4781 -51.39 -46.33 -35.47
C GLY C 4781 -49.97 -46.06 -35.04
N VAL C 4782 -49.78 -45.63 -33.79
CA VAL C 4782 -48.44 -45.37 -33.28
C VAL C 4782 -47.62 -46.65 -33.28
N ILE C 4783 -48.22 -47.77 -32.84
CA ILE C 4783 -47.50 -49.04 -32.80
C ILE C 4783 -47.12 -49.49 -34.20
N PHE C 4784 -48.06 -49.40 -35.14
CA PHE C 4784 -47.80 -49.82 -36.51
C PHE C 4784 -46.78 -48.94 -37.20
N THR C 4785 -46.64 -47.67 -36.78
CA THR C 4785 -45.61 -46.82 -37.34
C THR C 4785 -44.21 -47.20 -36.85
N ASP C 4786 -44.11 -47.96 -35.75
CA ASP C 4786 -42.82 -48.33 -35.21
C ASP C 4786 -42.10 -49.30 -36.14
N ASN C 4787 -40.78 -49.13 -36.25
CA ASN C 4787 -39.98 -49.95 -37.15
C ASN C 4787 -39.83 -51.38 -36.63
N SER C 4788 -39.54 -51.52 -35.33
CA SER C 4788 -39.31 -52.85 -34.77
C SER C 4788 -40.56 -53.71 -34.83
N PHE C 4789 -41.73 -53.12 -34.54
CA PHE C 4789 -42.97 -53.88 -34.62
C PHE C 4789 -43.26 -54.31 -36.05
N LEU C 4790 -43.00 -53.43 -37.02
CA LEU C 4790 -43.18 -53.80 -38.42
C LEU C 4790 -42.24 -54.94 -38.81
N TYR C 4791 -40.99 -54.88 -38.35
CA TYR C 4791 -40.04 -55.95 -38.66
C TYR C 4791 -40.51 -57.28 -38.07
N LEU C 4792 -40.96 -57.27 -36.82
CA LEU C 4792 -41.44 -58.51 -36.20
C LEU C 4792 -42.71 -59.01 -36.87
N GLY C 4793 -43.60 -58.10 -37.28
CA GLY C 4793 -44.79 -58.52 -38.00
C GLY C 4793 -44.46 -59.16 -39.33
N TRP C 4794 -43.51 -58.58 -40.06
CA TRP C 4794 -43.06 -59.21 -41.31
C TRP C 4794 -42.42 -60.56 -41.04
N TYR C 4795 -41.64 -60.66 -39.96
CA TYR C 4795 -41.04 -61.94 -39.58
C TYR C 4795 -42.11 -63.00 -39.36
N MET C 4796 -43.14 -62.67 -38.59
CA MET C 4796 -44.21 -63.63 -38.34
C MET C 4796 -45.00 -63.93 -39.60
N VAL C 4797 -45.23 -62.94 -40.45
CA VAL C 4797 -45.98 -63.16 -41.69
C VAL C 4797 -45.22 -64.12 -42.60
N MET C 4798 -43.92 -63.93 -42.74
CA MET C 4798 -43.14 -64.84 -43.58
C MET C 4798 -42.98 -66.21 -42.94
N SER C 4799 -42.95 -66.27 -41.60
CA SER C 4799 -42.96 -67.57 -40.94
C SER C 4799 -44.25 -68.33 -41.24
N LEU C 4800 -45.38 -67.64 -41.23
CA LEU C 4800 -46.64 -68.27 -41.62
C LEU C 4800 -46.62 -68.69 -43.09
N LEU C 4801 -46.08 -67.83 -43.96
CA LEU C 4801 -46.00 -68.15 -45.38
C LEU C 4801 -45.07 -69.32 -45.66
N GLY C 4802 -44.10 -69.58 -44.78
CA GLY C 4802 -43.19 -70.69 -44.98
C GLY C 4802 -43.85 -72.05 -44.94
N HIS C 4803 -45.06 -72.13 -44.39
CA HIS C 4803 -45.81 -73.38 -44.43
C HIS C 4803 -46.42 -73.62 -45.81
N TYR C 4804 -46.79 -72.56 -46.52
CA TYR C 4804 -47.26 -72.70 -47.89
C TYR C 4804 -46.17 -73.26 -48.80
N ASN C 4805 -44.95 -72.76 -48.64
CA ASN C 4805 -43.78 -73.27 -49.36
C ASN C 4805 -42.59 -73.24 -48.41
N ASN C 4806 -41.93 -74.38 -48.25
CA ASN C 4806 -40.88 -74.51 -47.24
C ASN C 4806 -39.68 -73.61 -47.52
N PHE C 4807 -39.51 -73.14 -48.76
CA PHE C 4807 -38.35 -72.33 -49.11
C PHE C 4807 -38.48 -70.88 -48.64
N PHE C 4808 -39.64 -70.47 -48.12
CA PHE C 4808 -39.80 -69.13 -47.61
C PHE C 4808 -39.13 -68.91 -46.27
N PHE C 4809 -38.61 -69.98 -45.64
CA PHE C 4809 -37.86 -69.86 -44.40
C PHE C 4809 -36.44 -69.38 -44.63
N ALA C 4810 -36.01 -69.21 -45.88
CA ALA C 4810 -34.64 -68.78 -46.15
C ALA C 4810 -34.44 -67.31 -45.84
N ALA C 4811 -35.50 -66.50 -45.96
CA ALA C 4811 -35.35 -65.07 -45.69
C ALA C 4811 -35.08 -64.80 -44.22
N HIS C 4812 -35.57 -65.66 -43.32
CA HIS C 4812 -35.29 -65.51 -41.90
C HIS C 4812 -33.82 -65.75 -41.59
N LEU C 4813 -33.09 -66.45 -42.47
CA LEU C 4813 -31.66 -66.62 -42.28
C LEU C 4813 -30.92 -65.29 -42.36
N LEU C 4814 -31.32 -64.44 -43.30
CA LEU C 4814 -30.67 -63.16 -43.52
C LEU C 4814 -31.24 -62.05 -42.63
N ASP C 4815 -32.57 -61.99 -42.51
CA ASP C 4815 -33.22 -60.85 -41.88
C ASP C 4815 -32.90 -60.72 -40.40
N ILE C 4816 -32.51 -61.81 -39.73
CA ILE C 4816 -32.16 -61.74 -38.32
C ILE C 4816 -30.66 -61.77 -38.09
N ALA C 4817 -29.88 -62.26 -39.07
CA ALA C 4817 -28.43 -62.25 -38.95
C ALA C 4817 -27.87 -60.85 -38.93
N MET C 4818 -28.66 -59.84 -39.32
CA MET C 4818 -28.23 -58.45 -39.21
C MET C 4818 -28.42 -57.89 -37.80
N GLY C 4819 -29.03 -58.65 -36.89
CA GLY C 4819 -29.28 -58.16 -35.55
C GLY C 4819 -28.02 -57.98 -34.71
N VAL C 4820 -26.91 -58.58 -35.13
CA VAL C 4820 -25.66 -58.41 -34.40
C VAL C 4820 -25.04 -57.05 -34.75
N LYS C 4821 -24.18 -56.56 -33.85
CA LYS C 4821 -23.63 -55.21 -33.98
C LYS C 4821 -22.83 -55.05 -35.27
N THR C 4822 -21.99 -56.03 -35.60
CA THR C 4822 -21.05 -55.85 -36.70
C THR C 4822 -21.76 -55.75 -38.05
N LEU C 4823 -22.73 -56.63 -38.30
CA LEU C 4823 -23.40 -56.66 -39.59
C LEU C 4823 -24.55 -55.68 -39.70
N ARG C 4824 -24.87 -54.94 -38.63
CA ARG C 4824 -25.98 -54.00 -38.68
C ARG C 4824 -25.63 -52.76 -39.48
N THR C 4825 -24.36 -52.33 -39.44
CA THR C 4825 -23.96 -51.14 -40.18
C THR C 4825 -23.72 -51.42 -41.66
N ILE C 4826 -23.59 -52.69 -42.06
CA ILE C 4826 -23.39 -53.02 -43.48
C ILE C 4826 -24.59 -52.58 -44.30
N LEU C 4827 -25.80 -52.87 -43.81
CA LEU C 4827 -27.01 -52.41 -44.51
C LEU C 4827 -27.19 -50.91 -44.36
N SER C 4828 -26.85 -50.37 -43.18
CA SER C 4828 -26.99 -48.93 -42.96
C SER C 4828 -26.10 -48.12 -43.90
N SER C 4829 -25.00 -48.73 -44.37
CA SER C 4829 -24.14 -48.05 -45.32
C SER C 4829 -24.87 -47.78 -46.64
N VAL C 4830 -25.72 -48.71 -47.07
CA VAL C 4830 -26.42 -48.56 -48.34
C VAL C 4830 -27.36 -47.36 -48.30
N THR C 4831 -28.13 -47.22 -47.23
CA THR C 4831 -29.08 -46.12 -47.09
C THR C 4831 -28.47 -44.87 -46.50
N HIS C 4832 -27.22 -44.93 -46.04
CA HIS C 4832 -26.55 -43.73 -45.53
C HIS C 4832 -26.37 -42.71 -46.64
N ASN C 4833 -25.78 -43.12 -47.75
CA ASN C 4833 -25.69 -42.29 -48.95
C ASN C 4833 -26.86 -42.57 -49.90
N GLY C 4834 -28.08 -42.49 -49.35
CA GLY C 4834 -29.25 -42.79 -50.16
C GLY C 4834 -29.50 -41.75 -51.24
N LYS C 4835 -29.29 -40.47 -50.91
CA LYS C 4835 -29.51 -39.40 -51.88
C LYS C 4835 -28.37 -39.29 -52.88
N GLN C 4836 -27.32 -40.10 -52.75
CA GLN C 4836 -26.21 -40.11 -53.70
C GLN C 4836 -26.15 -41.37 -54.54
N LEU C 4837 -26.48 -42.53 -53.97
CA LEU C 4837 -26.42 -43.78 -54.73
C LEU C 4837 -27.38 -43.76 -55.91
N VAL C 4838 -28.64 -43.38 -55.66
CA VAL C 4838 -29.65 -43.39 -56.72
C VAL C 4838 -29.26 -42.43 -57.83
N MET C 4839 -28.75 -41.26 -57.46
CA MET C 4839 -28.38 -40.25 -58.44
C MET C 4839 -27.14 -40.65 -59.24
N THR C 4840 -26.17 -41.31 -58.60
CA THR C 4840 -25.02 -41.82 -59.32
C THR C 4840 -25.43 -42.92 -60.30
N VAL C 4841 -26.35 -43.80 -59.88
CA VAL C 4841 -26.83 -44.84 -60.77
C VAL C 4841 -27.61 -44.21 -61.93
N GLY C 4842 -28.34 -43.14 -61.66
CA GLY C 4842 -29.03 -42.44 -62.74
C GLY C 4842 -28.07 -41.79 -63.73
N LEU C 4843 -26.98 -41.22 -63.22
CA LEU C 4843 -25.96 -40.68 -64.11
C LEU C 4843 -25.32 -41.77 -64.96
N LEU C 4844 -25.05 -42.93 -64.36
CA LEU C 4844 -24.53 -44.06 -65.11
C LEU C 4844 -25.51 -44.51 -66.18
N ALA C 4845 -26.80 -44.53 -65.85
CA ALA C 4845 -27.83 -44.91 -66.82
C ALA C 4845 -27.89 -43.91 -67.97
N VAL C 4846 -27.78 -42.63 -67.66
CA VAL C 4846 -27.78 -41.60 -68.71
C VAL C 4846 -26.57 -41.76 -69.62
N VAL C 4847 -25.40 -42.02 -69.04
CA VAL C 4847 -24.20 -42.22 -69.84
C VAL C 4847 -24.35 -43.44 -70.75
N VAL C 4848 -24.87 -44.54 -70.21
CA VAL C 4848 -25.07 -45.74 -71.01
C VAL C 4848 -26.10 -45.49 -72.10
N TYR C 4849 -27.12 -44.67 -71.81
CA TYR C 4849 -28.11 -44.32 -72.81
C TYR C 4849 -27.48 -43.52 -73.96
N LEU C 4850 -26.59 -42.59 -73.63
CA LEU C 4850 -25.92 -41.82 -74.67
C LEU C 4850 -25.04 -42.73 -75.53
N TYR C 4851 -24.30 -43.65 -74.91
CA TYR C 4851 -23.52 -44.60 -75.68
C TYR C 4851 -24.42 -45.49 -76.53
N THR C 4852 -25.60 -45.86 -76.02
CA THR C 4852 -26.54 -46.65 -76.79
C THR C 4852 -27.03 -45.90 -78.01
N VAL C 4853 -27.34 -44.61 -77.85
CA VAL C 4853 -27.76 -43.79 -78.99
C VAL C 4853 -26.66 -43.74 -80.03
N VAL C 4854 -25.41 -43.50 -79.59
CA VAL C 4854 -24.30 -43.43 -80.53
C VAL C 4854 -24.11 -44.74 -81.27
N ALA C 4855 -24.20 -45.86 -80.55
CA ALA C 4855 -24.03 -47.17 -81.19
C ALA C 4855 -25.17 -47.48 -82.15
N PHE C 4856 -26.39 -47.14 -81.77
CA PHE C 4856 -27.55 -47.40 -82.62
C PHE C 4856 -27.48 -46.59 -83.92
N ASN C 4857 -27.03 -45.34 -83.83
CA ASN C 4857 -26.97 -44.51 -85.02
C ASN C 4857 -25.88 -44.95 -85.99
N PHE C 4858 -24.72 -45.34 -85.48
CA PHE C 4858 -23.54 -45.52 -86.32
C PHE C 4858 -23.00 -46.95 -86.35
N PHE C 4859 -22.82 -47.58 -85.19
CA PHE C 4859 -22.13 -48.87 -85.11
C PHE C 4859 -23.09 -50.05 -85.05
N ARG C 4860 -24.22 -49.96 -85.77
CA ARG C 4860 -25.21 -51.04 -85.74
C ARG C 4860 -24.64 -52.33 -86.33
N LYS C 4861 -23.83 -52.22 -87.39
CA LYS C 4861 -23.36 -53.40 -88.10
C LYS C 4861 -22.46 -54.28 -87.26
N PHE C 4862 -21.90 -53.77 -86.17
CA PHE C 4862 -20.96 -54.54 -85.37
C PHE C 4862 -21.62 -55.47 -84.37
N TYR C 4863 -22.86 -55.20 -83.97
CA TYR C 4863 -23.53 -55.94 -82.91
C TYR C 4863 -24.17 -57.21 -83.48
N ASN C 4864 -23.32 -58.20 -83.76
CA ASN C 4864 -23.74 -59.52 -84.21
C ASN C 4864 -23.26 -60.56 -83.21
N LYS C 4865 -24.17 -61.43 -82.77
CA LYS C 4865 -23.86 -62.37 -81.70
C LYS C 4865 -24.25 -63.80 -82.07
N SER C 4866 -24.24 -64.14 -83.37
CA SER C 4866 -24.56 -65.49 -83.78
C SER C 4866 -24.01 -65.73 -85.18
N GLU C 4867 -23.57 -66.97 -85.42
CA GLU C 4867 -23.06 -67.39 -86.74
C GLU C 4867 -23.56 -68.81 -87.00
N ASP C 4868 -24.76 -68.92 -87.56
CA ASP C 4868 -25.36 -70.23 -87.83
C ASP C 4868 -26.09 -70.29 -89.17
N GLU C 4869 -25.78 -69.39 -90.11
CA GLU C 4869 -26.49 -69.14 -91.35
C GLU C 4869 -27.87 -68.54 -91.10
N ASP C 4870 -28.28 -68.42 -89.84
CA ASP C 4870 -29.34 -67.52 -89.42
C ASP C 4870 -28.70 -66.36 -88.69
N GLU C 4871 -27.60 -65.88 -89.25
CA GLU C 4871 -26.60 -64.99 -88.68
C GLU C 4871 -27.13 -63.85 -87.82
N PRO C 4872 -27.99 -62.95 -88.36
CA PRO C 4872 -27.98 -61.56 -87.88
C PRO C 4872 -27.98 -61.42 -86.37
N ASP C 4873 -29.07 -61.82 -85.71
CA ASP C 4873 -29.19 -61.60 -84.27
C ASP C 4873 -28.69 -60.22 -83.83
N MET C 4874 -29.08 -59.16 -84.54
CA MET C 4874 -28.83 -57.79 -84.05
C MET C 4874 -29.22 -57.63 -82.59
N LYS C 4875 -28.23 -57.32 -81.75
CA LYS C 4875 -28.53 -56.80 -80.43
C LYS C 4875 -29.03 -55.37 -80.52
N CYS C 4876 -28.53 -54.60 -81.49
CA CYS C 4876 -28.93 -53.21 -81.69
C CYS C 4876 -29.62 -53.08 -83.04
N ASP C 4877 -30.90 -53.40 -83.06
CA ASP C 4877 -31.82 -52.97 -84.11
C ASP C 4877 -33.05 -52.32 -83.51
N ASP C 4878 -33.09 -52.22 -82.19
CA ASP C 4878 -34.15 -51.54 -81.45
C ASP C 4878 -33.47 -50.80 -80.30
N MET C 4879 -33.92 -49.57 -80.04
CA MET C 4879 -33.28 -48.77 -79.00
C MET C 4879 -33.41 -49.44 -77.65
N MET C 4880 -34.57 -50.06 -77.37
CA MET C 4880 -34.73 -50.78 -76.12
C MET C 4880 -33.78 -51.98 -76.03
N THR C 4881 -33.68 -52.75 -77.10
CA THR C 4881 -32.78 -53.92 -77.09
C THR C 4881 -31.32 -53.50 -76.99
N CYS C 4882 -30.94 -52.44 -77.71
CA CYS C 4882 -29.57 -51.95 -77.64
C CYS C 4882 -29.25 -51.44 -76.24
N TYR C 4883 -30.18 -50.70 -75.63
CA TYR C 4883 -29.98 -50.22 -74.27
C TYR C 4883 -29.88 -51.36 -73.27
N LEU C 4884 -30.72 -52.39 -73.43
CA LEU C 4884 -30.66 -53.54 -72.54
C LEU C 4884 -29.34 -54.28 -72.71
N PHE C 4885 -28.84 -54.41 -73.94
CA PHE C 4885 -27.57 -55.07 -74.15
C PHE C 4885 -26.42 -54.28 -73.52
N HIS C 4886 -26.45 -52.95 -73.67
CA HIS C 4886 -25.38 -52.13 -73.09
C HIS C 4886 -25.43 -52.13 -71.57
N MET C 4887 -26.63 -52.12 -70.99
CA MET C 4887 -26.75 -52.11 -69.53
C MET C 4887 -26.45 -53.47 -68.92
N TYR C 4888 -26.93 -54.55 -69.55
CA TYR C 4888 -26.79 -55.87 -68.95
C TYR C 4888 -25.34 -56.33 -68.99
N VAL C 4889 -24.77 -56.47 -70.17
CA VAL C 4889 -23.34 -56.73 -70.31
C VAL C 4889 -22.76 -55.57 -71.12
N GLY C 4890 -22.45 -54.47 -70.42
CA GLY C 4890 -21.53 -53.47 -70.90
C GLY C 4890 -20.74 -52.96 -69.71
N VAL C 4891 -21.16 -53.40 -68.53
CA VAL C 4891 -20.54 -53.00 -67.28
C VAL C 4891 -20.07 -54.17 -66.44
N ARG C 4892 -20.65 -55.36 -66.60
CA ARG C 4892 -20.12 -56.55 -65.96
C ARG C 4892 -18.84 -57.03 -66.64
N ALA C 4893 -18.63 -56.64 -67.89
CA ALA C 4893 -17.38 -56.95 -68.57
C ALA C 4893 -16.25 -56.09 -68.03
N GLY C 4894 -15.04 -56.67 -68.01
CA GLY C 4894 -13.89 -55.96 -67.47
C GLY C 4894 -13.36 -54.86 -68.36
N GLY C 4895 -13.67 -54.91 -69.65
CA GLY C 4895 -13.18 -53.90 -70.58
C GLY C 4895 -14.28 -53.12 -71.26
N GLY C 4896 -15.43 -53.00 -70.62
CA GLY C 4896 -16.54 -52.28 -71.19
C GLY C 4896 -17.23 -53.05 -72.31
N ILE C 4897 -17.84 -52.28 -73.21
CA ILE C 4897 -18.59 -52.90 -74.31
C ILE C 4897 -17.69 -53.41 -75.42
N GLY C 4898 -16.43 -52.96 -75.48
CA GLY C 4898 -15.55 -53.36 -76.56
C GLY C 4898 -15.18 -54.82 -76.56
N ASP C 4899 -15.31 -55.50 -75.42
CA ASP C 4899 -14.93 -56.90 -75.36
C ASP C 4899 -15.96 -57.80 -76.04
N GLU C 4900 -17.24 -57.44 -76.00
CA GLU C 4900 -18.29 -58.29 -76.53
C GLU C 4900 -18.48 -58.12 -78.03
N ILE C 4901 -18.34 -56.90 -78.55
CA ILE C 4901 -18.57 -56.66 -79.97
C ILE C 4901 -17.38 -57.14 -80.79
N GLU C 4902 -17.59 -57.26 -82.10
CA GLU C 4902 -16.55 -57.73 -82.99
C GLU C 4902 -15.49 -56.64 -83.23
N ASP C 4903 -14.36 -57.07 -83.77
CA ASP C 4903 -13.23 -56.17 -83.94
C ASP C 4903 -13.50 -55.18 -85.08
N PRO C 4904 -13.09 -53.92 -84.93
CA PRO C 4904 -13.26 -52.92 -86.00
C PRO C 4904 -12.08 -52.81 -86.95
N ALA C 4905 -11.15 -53.76 -86.95
CA ALA C 4905 -9.93 -53.63 -87.74
C ALA C 4905 -10.25 -53.49 -89.22
N GLY C 4906 -9.92 -52.33 -89.78
CA GLY C 4906 -10.13 -52.06 -91.19
C GLY C 4906 -11.59 -52.08 -91.61
N ASP C 4907 -12.38 -51.14 -91.07
CA ASP C 4907 -13.80 -51.07 -91.40
C ASP C 4907 -14.27 -49.64 -91.60
N GLU C 4908 -13.35 -48.75 -91.99
CA GLU C 4908 -13.63 -47.34 -92.32
C GLU C 4908 -14.15 -46.57 -91.12
N TYR C 4909 -14.31 -47.25 -89.98
CA TYR C 4909 -14.73 -46.62 -88.73
C TYR C 4909 -13.85 -47.07 -87.57
N GLU C 4910 -12.62 -47.51 -87.85
CA GLU C 4910 -11.80 -48.14 -86.82
C GLU C 4910 -11.43 -47.15 -85.72
N LEU C 4911 -10.99 -45.95 -86.09
CA LEU C 4911 -10.61 -44.98 -85.07
C LEU C 4911 -11.81 -44.52 -84.24
N TYR C 4912 -12.95 -44.27 -84.89
CA TYR C 4912 -14.14 -43.86 -84.16
C TYR C 4912 -14.57 -44.93 -83.16
N ARG C 4913 -14.60 -46.19 -83.58
CA ARG C 4913 -15.01 -47.25 -82.66
C ARG C 4913 -13.96 -47.51 -81.58
N VAL C 4914 -12.67 -47.34 -81.89
CA VAL C 4914 -11.64 -47.48 -80.87
C VAL C 4914 -11.81 -46.41 -79.80
N VAL C 4915 -12.05 -45.16 -80.23
CA VAL C 4915 -12.32 -44.09 -79.27
C VAL C 4915 -13.58 -44.40 -78.48
N PHE C 4916 -14.62 -44.90 -79.15
CA PHE C 4916 -15.86 -45.27 -78.49
C PHE C 4916 -15.61 -46.27 -77.37
N ASP C 4917 -14.91 -47.36 -77.67
CA ASP C 4917 -14.66 -48.40 -76.68
C ASP C 4917 -13.78 -47.88 -75.54
N ILE C 4918 -12.72 -47.14 -75.87
CA ILE C 4918 -11.79 -46.68 -74.85
C ILE C 4918 -12.49 -45.71 -73.91
N THR C 4919 -13.27 -44.77 -74.46
CA THR C 4919 -13.96 -43.81 -73.61
C THR C 4919 -15.09 -44.46 -72.83
N PHE C 4920 -15.78 -45.46 -73.40
CA PHE C 4920 -16.75 -46.22 -72.60
C PHE C 4920 -16.08 -46.87 -71.39
N PHE C 4921 -14.98 -47.59 -71.64
CA PHE C 4921 -14.27 -48.26 -70.55
C PHE C 4921 -13.83 -47.26 -69.49
N PHE C 4922 -13.13 -46.20 -69.90
CA PHE C 4922 -12.59 -45.25 -68.93
C PHE C 4922 -13.70 -44.52 -68.18
N PHE C 4923 -14.75 -44.08 -68.87
CA PHE C 4923 -15.77 -43.26 -68.22
C PHE C 4923 -16.69 -44.08 -67.34
N VAL C 4924 -16.95 -45.34 -67.67
CA VAL C 4924 -17.84 -46.17 -66.86
C VAL C 4924 -17.07 -47.02 -65.87
N ILE C 4925 -16.26 -47.97 -66.37
CA ILE C 4925 -15.78 -49.07 -65.53
C ILE C 4925 -14.86 -48.55 -64.43
N VAL C 4926 -13.93 -47.68 -64.79
CA VAL C 4926 -12.90 -47.23 -63.86
C VAL C 4926 -13.23 -45.88 -63.22
N ILE C 4927 -14.41 -45.33 -63.48
CA ILE C 4927 -14.78 -44.05 -62.87
C ILE C 4927 -16.07 -44.19 -62.08
N LEU C 4928 -17.17 -44.57 -62.74
CA LEU C 4928 -18.46 -44.53 -62.07
C LEU C 4928 -18.62 -45.68 -61.09
N LEU C 4929 -18.17 -46.88 -61.48
CA LEU C 4929 -18.19 -48.02 -60.56
C LEU C 4929 -17.28 -47.75 -59.36
N ALA C 4930 -16.11 -47.15 -59.61
CA ALA C 4930 -15.22 -46.78 -58.51
C ALA C 4930 -15.86 -45.74 -57.60
N ILE C 4931 -16.61 -44.79 -58.17
CA ILE C 4931 -17.28 -43.78 -57.36
C ILE C 4931 -18.34 -44.43 -56.48
N ILE C 4932 -19.11 -45.36 -57.04
CA ILE C 4932 -20.13 -46.06 -56.23
C ILE C 4932 -19.48 -46.85 -55.12
N GLN C 4933 -18.41 -47.59 -55.45
CA GLN C 4933 -17.70 -48.37 -54.44
C GLN C 4933 -17.15 -47.47 -53.34
N GLY C 4934 -16.54 -46.35 -53.72
CA GLY C 4934 -16.02 -45.42 -52.75
C GLY C 4934 -17.09 -44.83 -51.87
N LEU C 4935 -18.25 -44.49 -52.45
CA LEU C 4935 -19.36 -43.99 -51.66
C LEU C 4935 -19.76 -45.01 -50.59
N ILE C 4936 -19.97 -46.26 -51.00
CA ILE C 4936 -20.40 -47.28 -50.04
C ILE C 4936 -19.36 -47.50 -48.95
N ILE C 4937 -18.10 -47.68 -49.35
CA ILE C 4937 -17.07 -48.01 -48.38
C ILE C 4937 -16.79 -46.82 -47.45
N ASP C 4938 -16.84 -45.60 -47.99
CA ASP C 4938 -16.61 -44.43 -47.15
C ASP C 4938 -17.76 -44.23 -46.17
N ALA C 4939 -19.00 -44.49 -46.60
CA ALA C 4939 -20.12 -44.43 -45.66
C ALA C 4939 -19.95 -45.45 -44.54
N PHE C 4940 -19.55 -46.68 -44.89
CA PHE C 4940 -19.32 -47.71 -43.88
C PHE C 4940 -18.19 -47.30 -42.92
N GLY C 4941 -17.10 -46.75 -43.46
CA GLY C 4941 -15.99 -46.35 -42.63
C GLY C 4941 -16.34 -45.21 -41.69
N GLU C 4942 -17.09 -44.21 -42.19
CA GLU C 4942 -17.48 -43.10 -41.34
C GLU C 4942 -18.50 -43.54 -40.29
N LEU C 4943 -19.37 -44.51 -40.63
CA LEU C 4943 -20.27 -45.07 -39.63
C LEU C 4943 -19.49 -45.77 -38.53
N ARG C 4944 -18.43 -46.50 -38.90
CA ARG C 4944 -17.58 -47.13 -37.88
C ARG C 4944 -16.76 -46.14 -37.08
N ASP C 4945 -16.36 -45.02 -37.69
CA ASP C 4945 -15.57 -44.01 -36.98
C ASP C 4945 -16.40 -43.12 -36.06
N GLN C 4946 -17.69 -42.92 -36.39
CA GLN C 4946 -18.55 -42.17 -35.49
C GLN C 4946 -18.81 -42.94 -34.20
N GLN C 4947 -18.76 -44.27 -34.25
CA GLN C 4947 -18.92 -45.09 -33.06
C GLN C 4947 -17.69 -45.06 -32.16
N GLU C 4948 -16.57 -44.53 -32.64
CA GLU C 4948 -15.37 -44.37 -31.83
C GLU C 4948 -15.10 -42.93 -31.43
N GLN C 4949 -15.56 -41.96 -32.22
CA GLN C 4949 -15.40 -40.56 -31.83
C GLN C 4949 -16.16 -40.25 -30.54
N VAL C 4950 -17.37 -40.79 -30.40
CA VAL C 4950 -18.13 -40.58 -29.16
C VAL C 4950 -17.49 -41.31 -27.99
N LYS C 4951 -16.84 -42.45 -28.24
CA LYS C 4951 -16.17 -43.20 -27.19
C LYS C 4951 -14.87 -42.55 -26.75
N GLU C 4952 -14.24 -41.75 -27.62
CA GLU C 4952 -13.02 -41.06 -27.25
C GLU C 4952 -13.21 -39.59 -26.91
N ASP C 4953 -14.40 -39.03 -27.12
CA ASP C 4953 -14.63 -37.62 -26.74
C ASP C 4953 -14.80 -37.44 -25.24
N MET C 4954 -15.36 -38.44 -24.56
CA MET C 4954 -15.59 -38.32 -23.12
C MET C 4954 -14.28 -38.24 -22.34
N GLU C 4955 -13.25 -38.93 -22.81
CA GLU C 4955 -11.99 -39.01 -22.08
C GLU C 4955 -11.21 -37.70 -22.06
N THR C 4956 -11.73 -36.63 -22.66
CA THR C 4956 -11.07 -35.34 -22.61
C THR C 4956 -12.03 -34.19 -22.31
N LYS C 4957 -13.33 -34.44 -22.16
CA LYS C 4957 -14.31 -33.40 -21.88
C LYS C 4957 -15.26 -33.88 -20.79
N CYS C 4958 -15.82 -32.93 -20.06
CA CYS C 4958 -16.76 -33.24 -18.99
C CYS C 4958 -18.19 -33.15 -19.52
N PHE C 4959 -18.99 -34.18 -19.25
CA PHE C 4959 -20.34 -34.28 -19.79
C PHE C 4959 -21.28 -33.24 -19.21
N ILE C 4960 -20.90 -32.55 -18.13
CA ILE C 4960 -21.83 -31.66 -17.44
C ILE C 4960 -21.29 -30.23 -17.42
N CYS C 4961 -20.10 -30.04 -16.85
CA CYS C 4961 -19.58 -28.69 -16.63
C CYS C 4961 -18.70 -28.18 -17.76
N GLY C 4962 -18.50 -28.97 -18.81
CA GLY C 4962 -17.68 -28.51 -19.93
C GLY C 4962 -16.28 -29.08 -19.94
N ILE C 4963 -15.31 -28.28 -19.49
CA ILE C 4963 -13.91 -28.69 -19.56
C ILE C 4963 -13.71 -29.97 -18.75
N GLY C 4964 -13.04 -30.95 -19.36
CA GLY C 4964 -12.89 -32.25 -18.73
C GLY C 4964 -11.53 -32.59 -18.15
N SER C 4965 -10.45 -32.31 -18.90
CA SER C 4965 -9.14 -32.83 -18.50
C SER C 4965 -7.98 -31.86 -18.65
N ASP C 4966 -8.21 -30.63 -19.08
CA ASP C 4966 -7.14 -29.64 -19.16
C ASP C 4966 -6.95 -28.87 -17.86
N TYR C 4967 -7.82 -29.10 -16.88
CA TYR C 4967 -7.73 -28.41 -15.59
C TYR C 4967 -7.84 -29.34 -14.39
N PHE C 4968 -8.32 -30.58 -14.56
CA PHE C 4968 -8.56 -31.47 -13.44
C PHE C 4968 -7.61 -32.66 -13.40
N ASP C 4969 -6.86 -32.92 -14.47
CA ASP C 4969 -5.95 -34.05 -14.53
C ASP C 4969 -4.56 -33.72 -14.03
N THR C 4970 -4.35 -32.51 -13.51
CA THR C 4970 -3.04 -32.14 -12.97
C THR C 4970 -2.65 -32.97 -11.75
N THR C 4971 -3.64 -33.59 -11.09
CA THR C 4971 -3.43 -34.49 -9.96
C THR C 4971 -3.69 -35.92 -10.38
N PRO C 4972 -3.03 -36.90 -9.77
CA PRO C 4972 -3.27 -38.31 -10.17
C PRO C 4972 -4.71 -38.70 -9.93
N HIS C 4973 -5.27 -39.45 -10.88
CA HIS C 4973 -6.68 -39.83 -10.89
C HIS C 4973 -7.59 -38.61 -10.83
N GLY C 4974 -7.10 -37.46 -11.27
CA GLY C 4974 -7.87 -36.23 -11.16
C GLY C 4974 -9.15 -36.26 -11.99
N PHE C 4975 -9.05 -36.69 -13.24
CA PHE C 4975 -10.25 -36.84 -14.07
C PHE C 4975 -11.18 -37.89 -13.49
N GLU C 4976 -10.62 -39.01 -13.00
CA GLU C 4976 -11.44 -40.04 -12.40
C GLU C 4976 -12.16 -39.53 -11.16
N THR C 4977 -11.47 -38.74 -10.34
CA THR C 4977 -12.12 -38.15 -9.17
C THR C 4977 -13.22 -37.19 -9.57
N HIS C 4978 -12.93 -36.28 -10.51
CA HIS C 4978 -13.93 -35.31 -10.96
C HIS C 4978 -15.14 -35.99 -11.60
N THR C 4979 -14.96 -37.18 -12.16
CA THR C 4979 -16.06 -37.93 -12.75
C THR C 4979 -16.85 -38.72 -11.71
N LEU C 4980 -16.15 -39.38 -10.77
CA LEU C 4980 -16.79 -40.30 -9.86
C LEU C 4980 -17.28 -39.66 -8.55
N GLU C 4981 -16.87 -38.43 -8.25
CA GLU C 4981 -17.27 -37.79 -7.00
C GLU C 4981 -18.15 -36.57 -7.24
N GLU C 4982 -17.69 -35.60 -8.03
CA GLU C 4982 -18.41 -34.33 -8.17
C GLU C 4982 -19.44 -34.37 -9.29
N HIS C 4983 -19.01 -34.66 -10.51
CA HIS C 4983 -19.88 -34.60 -11.68
C HIS C 4983 -20.04 -36.02 -12.23
N ASN C 4984 -21.10 -36.69 -11.80
CA ASN C 4984 -21.44 -38.03 -12.26
C ASN C 4984 -22.88 -38.04 -12.74
N LEU C 4985 -23.09 -38.38 -14.02
CA LEU C 4985 -24.43 -38.35 -14.59
C LEU C 4985 -25.36 -39.34 -13.90
N ALA C 4986 -24.85 -40.53 -13.56
CA ALA C 4986 -25.66 -41.49 -12.83
C ALA C 4986 -26.08 -40.93 -11.47
N ASN C 4987 -25.20 -40.17 -10.83
CA ASN C 4987 -25.54 -39.55 -9.55
C ASN C 4987 -26.63 -38.50 -9.72
N TYR C 4988 -26.60 -37.73 -10.81
CA TYR C 4988 -27.67 -36.78 -11.08
C TYR C 4988 -28.99 -37.49 -11.32
N MET C 4989 -28.95 -38.61 -12.04
CA MET C 4989 -30.15 -39.42 -12.23
C MET C 4989 -30.69 -39.93 -10.90
N PHE C 4990 -29.80 -40.39 -10.02
CA PHE C 4990 -30.21 -40.83 -8.69
C PHE C 4990 -30.82 -39.69 -7.89
N PHE C 4991 -30.26 -38.49 -8.02
CA PHE C 4991 -30.83 -37.32 -7.36
C PHE C 4991 -32.24 -37.03 -7.88
N LEU C 4992 -32.44 -37.17 -9.19
CA LEU C 4992 -33.77 -36.97 -9.75
C LEU C 4992 -34.77 -37.98 -9.18
N MET C 4993 -34.40 -39.25 -9.12
CA MET C 4993 -35.29 -40.23 -8.50
C MET C 4993 -35.52 -39.94 -7.03
N TYR C 4994 -34.48 -39.50 -6.32
CA TYR C 4994 -34.63 -39.18 -4.90
C TYR C 4994 -35.61 -38.04 -4.69
N LEU C 4995 -35.53 -37.00 -5.53
CA LEU C 4995 -36.48 -35.90 -5.44
C LEU C 4995 -37.89 -36.36 -5.79
N ILE C 4996 -38.04 -37.22 -6.79
CA ILE C 4996 -39.36 -37.70 -7.17
C ILE C 4996 -39.98 -38.50 -6.03
N ASN C 4997 -39.20 -39.38 -5.39
CA ASN C 4997 -39.76 -40.22 -4.35
C ASN C 4997 -39.97 -39.47 -3.04
N LYS C 4998 -39.16 -38.45 -2.76
CA LYS C 4998 -39.25 -37.75 -1.49
C LYS C 4998 -40.50 -36.89 -1.42
N ASP C 4999 -41.07 -36.80 -0.22
CA ASP C 4999 -42.24 -35.96 0.00
C ASP C 4999 -41.87 -34.49 -0.13
N GLU C 5000 -42.82 -33.70 -0.62
CA GLU C 5000 -42.57 -32.26 -0.82
C GLU C 5000 -42.36 -31.55 0.51
N THR C 5001 -42.94 -32.07 1.60
CA THR C 5001 -42.80 -31.44 2.91
C THR C 5001 -41.46 -31.74 3.56
N GLU C 5002 -40.69 -32.69 3.04
CA GLU C 5002 -39.40 -33.05 3.60
C GLU C 5002 -38.23 -32.52 2.77
N HIS C 5003 -38.50 -31.78 1.70
CA HIS C 5003 -37.44 -31.26 0.86
C HIS C 5003 -36.62 -30.21 1.59
N THR C 5004 -35.30 -30.29 1.44
CA THR C 5004 -34.40 -29.29 1.97
C THR C 5004 -34.46 -28.05 1.05
N GLY C 5005 -33.77 -26.97 1.45
CA GLY C 5005 -33.80 -25.76 0.65
C GLY C 5005 -33.22 -25.98 -0.74
N GLN C 5006 -32.07 -26.63 -0.82
CA GLN C 5006 -31.49 -26.95 -2.13
C GLN C 5006 -32.35 -27.94 -2.90
N GLU C 5007 -32.88 -28.95 -2.22
CA GLU C 5007 -33.75 -29.91 -2.89
C GLU C 5007 -35.01 -29.24 -3.41
N SER C 5008 -35.61 -28.36 -2.61
CA SER C 5008 -36.79 -27.62 -3.07
C SER C 5008 -36.46 -26.71 -4.25
N TYR C 5009 -35.30 -26.03 -4.20
CA TYR C 5009 -34.89 -25.18 -5.31
C TYR C 5009 -34.73 -25.98 -6.59
N VAL C 5010 -34.04 -27.13 -6.51
CA VAL C 5010 -33.83 -27.95 -7.69
C VAL C 5010 -35.14 -28.51 -8.20
N TRP C 5011 -36.04 -28.93 -7.30
CA TRP C 5011 -37.33 -29.46 -7.70
C TRP C 5011 -38.18 -28.41 -8.39
N LYS C 5012 -38.17 -27.18 -7.86
CA LYS C 5012 -38.92 -26.09 -8.49
C LYS C 5012 -38.34 -25.75 -9.87
N MET C 5013 -37.01 -25.76 -10.00
CA MET C 5013 -36.40 -25.52 -11.31
C MET C 5013 -36.77 -26.63 -12.29
N TYR C 5014 -36.80 -27.89 -11.82
CA TYR C 5014 -37.13 -29.01 -12.69
C TYR C 5014 -38.59 -28.97 -13.12
N GLN C 5015 -39.50 -28.59 -12.22
CA GLN C 5015 -40.92 -28.60 -12.55
C GLN C 5015 -41.26 -27.55 -13.60
N GLU C 5016 -40.49 -26.46 -13.66
CA GLU C 5016 -40.69 -25.43 -14.67
C GLU C 5016 -39.78 -25.60 -15.88
N ARG C 5017 -39.01 -26.70 -15.92
CA ARG C 5017 -38.18 -27.05 -17.06
C ARG C 5017 -37.15 -25.96 -17.37
N CYS C 5018 -36.37 -25.60 -16.36
CA CYS C 5018 -35.23 -24.71 -16.53
C CYS C 5018 -34.01 -25.38 -15.92
N TRP C 5019 -32.94 -25.50 -16.71
CA TRP C 5019 -31.75 -26.24 -16.32
C TRP C 5019 -30.59 -25.33 -15.95
N ASP C 5020 -30.88 -24.19 -15.31
CA ASP C 5020 -29.82 -23.28 -14.89
C ASP C 5020 -29.05 -23.80 -13.68
N PHE C 5021 -29.57 -24.82 -12.99
CA PHE C 5021 -28.87 -25.35 -11.83
C PHE C 5021 -27.76 -26.33 -12.19
N PHE C 5022 -27.70 -26.78 -13.43
CA PHE C 5022 -26.60 -27.63 -13.87
C PHE C 5022 -25.32 -26.79 -13.96
N PRO C 5023 -24.19 -27.33 -13.51
CA PRO C 5023 -22.93 -26.59 -13.65
C PRO C 5023 -22.60 -26.31 -15.11
N ALA C 5024 -22.04 -25.12 -15.35
CA ALA C 5024 -21.66 -24.72 -16.71
C ALA C 5024 -20.56 -23.67 -16.58
N GLY C 5025 -19.33 -24.08 -16.83
CA GLY C 5025 -18.18 -23.21 -16.73
C GLY C 5025 -17.55 -23.13 -15.36
N ASP C 5026 -18.06 -23.87 -14.37
CA ASP C 5026 -17.49 -23.88 -13.04
C ASP C 5026 -17.73 -25.24 -12.40
N CYS C 5027 -16.85 -25.59 -11.46
CA CYS C 5027 -16.94 -26.89 -10.79
C CYS C 5027 -16.65 -26.81 -9.29
N PHE C 5028 -16.83 -25.62 -8.69
CA PHE C 5028 -16.65 -25.39 -7.25
C PHE C 5028 -15.17 -25.41 -6.88
N ARG C 5029 -14.31 -25.80 -7.83
CA ARG C 5029 -12.87 -25.76 -7.62
C ARG C 5029 -12.20 -24.55 -8.26
N LYS C 5030 -12.81 -23.98 -9.30
CA LYS C 5030 -12.34 -22.73 -9.87
C LYS C 5030 -12.75 -21.53 -9.03
N GLN C 5031 -13.58 -21.73 -8.01
CA GLN C 5031 -14.10 -20.65 -7.17
C GLN C 5031 -13.54 -20.70 -5.75
N TYR C 5032 -13.59 -21.86 -5.09
CA TYR C 5032 -13.12 -22.01 -3.73
C TYR C 5032 -11.79 -22.74 -3.64
N GLU C 5033 -11.68 -23.92 -4.26
CA GLU C 5033 -10.47 -24.70 -4.16
C GLU C 5033 -9.29 -24.11 -4.94
N ASP C 5034 -9.54 -23.08 -5.76
CA ASP C 5034 -8.44 -22.43 -6.46
C ASP C 5034 -7.46 -21.79 -5.49
N GLN C 5035 -7.99 -21.13 -4.45
CA GLN C 5035 -7.16 -20.52 -3.41
C GLN C 5035 -7.37 -21.20 -2.06
N LEU C 5036 -8.61 -21.35 -1.61
CA LEU C 5036 -8.91 -22.03 -0.36
C LEU C 5036 -8.95 -23.54 -0.59
N SER C 5037 -7.77 -24.10 -0.80
CA SER C 5037 -7.62 -25.52 -1.09
C SER C 5037 -8.00 -26.36 0.13
N VAL D 11 15.50 26.55 -15.39
CA VAL D 11 15.65 27.99 -15.60
C VAL D 11 17.02 28.45 -15.16
N GLN D 12 17.09 29.69 -14.66
CA GLN D 12 18.33 30.30 -14.18
C GLN D 12 19.41 30.28 -15.27
N PHE D 13 19.01 30.57 -16.50
CA PHE D 13 19.95 30.60 -17.61
C PHE D 13 19.78 31.80 -18.53
N LEU D 14 18.87 32.73 -18.21
CA LEU D 14 18.71 33.99 -18.93
C LEU D 14 18.42 33.75 -20.42
N ARG D 15 17.27 33.15 -20.66
CA ARG D 15 16.83 32.88 -22.03
C ARG D 15 16.34 34.15 -22.71
N THR D 16 16.26 34.09 -24.03
CA THR D 16 15.77 35.21 -24.82
C THR D 16 14.28 35.45 -24.54
N ASP D 17 13.86 36.71 -24.68
CA ASP D 17 12.48 37.14 -24.46
C ASP D 17 12.09 37.02 -22.98
N ASP D 18 12.96 37.53 -22.12
CA ASP D 18 12.73 37.58 -20.68
C ASP D 18 12.80 39.03 -20.21
N GLU D 19 12.14 39.30 -19.09
CA GLU D 19 12.13 40.63 -18.48
C GLU D 19 13.25 40.70 -17.45
N VAL D 20 14.17 41.65 -17.63
CA VAL D 20 15.33 41.79 -16.76
C VAL D 20 15.47 43.25 -16.34
N VAL D 21 16.21 43.46 -15.26
CA VAL D 21 16.56 44.78 -14.77
C VAL D 21 18.07 44.84 -14.58
N LEU D 22 18.67 45.96 -14.96
CA LEU D 22 20.12 46.15 -14.89
C LEU D 22 20.46 46.78 -13.55
N GLN D 23 20.98 45.97 -12.64
CA GLN D 23 21.32 46.42 -11.29
C GLN D 23 22.83 46.65 -11.18
N CYS D 24 23.22 47.65 -10.40
CA CYS D 24 24.61 47.98 -10.18
C CYS D 24 24.84 48.30 -8.71
N SER D 25 26.08 48.14 -8.28
CA SER D 25 26.49 48.40 -6.90
C SER D 25 27.36 49.65 -6.86
N ALA D 26 27.05 50.55 -5.93
CA ALA D 26 27.78 51.80 -5.77
C ALA D 26 28.38 51.87 -4.38
N THR D 27 29.64 52.32 -4.30
CA THR D 27 30.36 52.43 -3.05
C THR D 27 30.38 53.87 -2.51
N VAL D 28 29.59 54.77 -3.10
CA VAL D 28 29.54 56.14 -2.61
C VAL D 28 29.00 56.19 -1.19
N LEU D 29 27.95 55.42 -0.92
CA LEU D 29 27.42 55.33 0.43
C LEU D 29 28.43 54.64 1.35
N LYS D 30 28.26 54.85 2.66
CA LYS D 30 29.21 54.33 3.62
C LYS D 30 29.28 52.81 3.58
N GLU D 31 28.13 52.14 3.49
CA GLU D 31 28.10 50.68 3.43
C GLU D 31 28.06 50.17 1.99
N GLN D 32 27.00 50.51 1.27
CA GLN D 32 26.79 50.05 -0.10
C GLN D 32 25.52 50.72 -0.63
N LEU D 33 25.25 50.51 -1.91
CA LEU D 33 24.05 51.02 -2.54
C LEU D 33 23.73 50.17 -3.77
N LYS D 34 22.46 49.79 -3.92
CA LYS D 34 21.99 49.03 -5.06
C LYS D 34 21.05 49.90 -5.88
N LEU D 35 21.37 50.07 -7.16
CA LEU D 35 20.59 50.93 -8.05
C LEU D 35 20.27 50.18 -9.33
N CYS D 36 19.09 50.44 -9.87
CA CYS D 36 18.63 49.82 -11.11
C CYS D 36 18.49 50.87 -12.20
N LEU D 37 18.97 50.55 -13.39
CA LEU D 37 18.85 51.46 -14.52
C LEU D 37 17.38 51.62 -14.91
N ALA D 38 17.00 52.85 -15.21
CA ALA D 38 15.62 53.16 -15.54
C ALA D 38 15.57 54.36 -16.47
N ALA D 39 14.44 54.48 -17.18
CA ALA D 39 14.19 55.60 -18.07
C ALA D 39 12.71 55.86 -18.13
N GLU D 40 12.33 57.15 -18.15
CA GLU D 40 10.92 57.50 -18.18
C GLU D 40 10.27 57.08 -19.49
N GLY D 41 10.96 57.28 -20.61
CA GLY D 41 10.39 56.98 -21.91
C GLY D 41 9.91 58.23 -22.62
N PHE D 42 8.58 58.44 -22.65
CA PHE D 42 8.03 59.64 -23.25
C PHE D 42 8.39 60.86 -22.42
N GLY D 43 8.80 61.93 -23.09
CA GLY D 43 9.17 63.17 -22.44
C GLY D 43 10.64 63.29 -22.07
N ASN D 44 11.29 62.17 -21.74
CA ASN D 44 12.70 62.18 -21.39
C ASN D 44 13.34 60.91 -21.94
N ARG D 45 14.28 61.08 -22.87
CA ARG D 45 14.98 59.94 -23.45
C ARG D 45 16.14 59.46 -22.59
N LEU D 46 16.67 60.32 -21.72
CA LEU D 46 17.84 59.97 -20.92
C LEU D 46 17.49 58.91 -19.87
N CYS D 47 18.52 58.27 -19.35
CA CYS D 47 18.39 57.22 -18.36
C CYS D 47 18.98 57.67 -17.03
N PHE D 48 18.46 57.09 -15.94
CA PHE D 48 18.92 57.43 -14.60
C PHE D 48 18.84 56.20 -13.72
N LEU D 49 19.60 56.22 -12.64
CA LEU D 49 19.60 55.14 -11.67
C LEU D 49 18.54 55.37 -10.61
N GLU D 50 17.90 54.29 -10.17
CA GLU D 50 16.87 54.34 -9.14
C GLU D 50 17.30 53.46 -7.97
N PRO D 51 17.45 54.02 -6.77
CA PRO D 51 17.85 53.20 -5.62
C PRO D 51 16.81 52.14 -5.29
N THR D 52 17.30 50.99 -4.82
CA THR D 52 16.42 49.86 -4.53
C THR D 52 16.71 49.29 -3.15
N SER D 53 17.92 49.55 -2.63
CA SER D 53 18.28 49.03 -1.32
C SER D 53 17.39 49.58 -0.22
N ASN D 54 17.01 50.84 -0.32
CA ASN D 54 16.13 51.47 0.68
C ASN D 54 14.65 51.21 0.36
N ALA D 55 14.30 49.94 0.22
CA ALA D 55 12.93 49.55 -0.10
C ALA D 55 12.08 49.26 1.14
N GLN D 56 12.66 49.38 2.34
CA GLN D 56 11.89 49.14 3.56
C GLN D 56 10.78 50.17 3.73
N ASN D 57 11.06 51.42 3.41
CA ASN D 57 10.08 52.49 3.55
C ASN D 57 9.68 53.15 2.25
N VAL D 58 10.60 53.28 1.29
CA VAL D 58 10.30 53.91 0.01
C VAL D 58 10.41 52.87 -1.10
N PRO D 59 9.28 52.32 -1.58
CA PRO D 59 9.36 51.33 -2.65
C PRO D 59 9.84 51.97 -3.94
N PRO D 60 10.54 51.21 -4.79
CA PRO D 60 11.00 51.77 -6.06
C PRO D 60 9.93 51.69 -7.14
N ASP D 61 10.12 52.50 -8.18
CA ASP D 61 9.21 52.53 -9.32
C ASP D 61 9.69 51.51 -10.33
N LEU D 62 9.20 50.27 -10.20
CA LEU D 62 9.62 49.17 -11.06
C LEU D 62 8.92 49.17 -12.40
N ALA D 63 7.92 50.03 -12.61
CA ALA D 63 7.20 50.04 -13.88
C ALA D 63 8.11 50.45 -15.03
N ILE D 64 8.97 51.44 -14.81
CA ILE D 64 9.85 51.94 -15.85
C ILE D 64 11.26 51.38 -15.72
N CYS D 65 11.42 50.25 -15.01
CA CYS D 65 12.72 49.63 -14.83
C CYS D 65 12.91 48.34 -15.62
N CYS D 66 11.83 47.67 -16.00
CA CYS D 66 11.95 46.38 -16.67
C CYS D 66 12.40 46.55 -18.12
N PHE D 67 13.26 45.65 -18.57
CA PHE D 67 13.73 45.61 -19.94
C PHE D 67 13.51 44.21 -20.51
N THR D 68 13.27 44.15 -21.81
CA THR D 68 12.99 42.89 -22.49
C THR D 68 14.10 42.59 -23.49
N LEU D 69 14.60 41.37 -23.47
CA LEU D 69 15.63 40.94 -24.41
C LEU D 69 15.00 40.52 -25.72
N GLU D 70 15.29 41.25 -26.79
CA GLU D 70 14.70 40.98 -28.09
C GLU D 70 15.50 39.96 -28.89
N GLN D 71 16.80 40.18 -29.04
CA GLN D 71 17.65 39.29 -29.81
C GLN D 71 18.99 39.14 -29.11
N SER D 72 19.66 38.02 -29.39
CA SER D 72 20.95 37.69 -28.78
C SER D 72 21.91 37.16 -29.83
N LEU D 73 21.95 37.82 -30.98
CA LEU D 73 22.77 37.36 -32.10
C LEU D 73 24.26 37.57 -31.81
N SER D 74 25.08 36.92 -32.62
CA SER D 74 26.53 37.08 -32.53
C SER D 74 26.97 38.31 -33.30
N VAL D 75 28.28 38.58 -33.25
CA VAL D 75 28.83 39.78 -33.88
C VAL D 75 28.70 39.70 -35.40
N ARG D 76 29.07 38.55 -35.98
CA ARG D 76 29.07 38.42 -37.43
C ARG D 76 27.64 38.45 -37.98
N ALA D 77 26.71 37.74 -37.34
CA ALA D 77 25.32 37.78 -37.77
C ALA D 77 24.75 39.19 -37.63
N LEU D 78 25.12 39.89 -36.56
CA LEU D 78 24.69 41.27 -36.37
C LEU D 78 25.19 42.15 -37.51
N GLN D 79 26.47 42.03 -37.86
CA GLN D 79 27.03 42.84 -38.93
C GLN D 79 26.35 42.53 -40.25
N GLU D 80 26.07 41.25 -40.51
CA GLU D 80 25.36 40.88 -41.74
C GLU D 80 23.96 41.50 -41.77
N MET D 81 23.26 41.47 -40.63
CA MET D 81 21.91 42.03 -40.60
C MET D 81 21.94 43.54 -40.81
N LEU D 82 22.93 44.22 -40.23
CA LEU D 82 23.04 45.67 -40.44
C LEU D 82 23.43 46.00 -41.88
N ALA D 83 24.21 45.13 -42.52
CA ALA D 83 24.55 45.35 -43.92
C ALA D 83 23.37 45.05 -44.83
N ASN D 84 22.44 44.21 -44.38
CA ASN D 84 21.34 43.74 -45.22
C ASN D 84 20.00 44.39 -44.89
N THR D 85 19.99 45.52 -44.17
CA THR D 85 18.72 46.20 -43.91
C THR D 85 18.18 46.79 -45.21
N VAL D 86 16.86 46.67 -45.40
CA VAL D 86 16.11 47.17 -46.56
C VAL D 86 16.92 47.18 -47.86
N HIS D 98 13.88 31.55 -28.73
CA HIS D 98 14.29 31.64 -27.34
C HIS D 98 15.71 31.14 -27.15
N ARG D 99 16.64 31.72 -27.91
CA ARG D 99 18.03 31.31 -27.83
C ARG D 99 18.64 31.69 -26.48
N THR D 100 19.41 30.77 -25.92
CA THR D 100 20.06 31.02 -24.63
C THR D 100 21.14 32.08 -24.78
N LEU D 101 21.19 33.00 -23.82
CA LEU D 101 22.19 34.06 -23.85
C LEU D 101 23.59 33.48 -23.68
N LEU D 102 24.53 34.00 -24.46
CA LEU D 102 25.91 33.55 -24.44
C LEU D 102 26.85 34.76 -24.34
N TYR D 103 27.99 34.54 -23.71
CA TYR D 103 29.00 35.59 -23.60
C TYR D 103 29.58 35.92 -24.97
N GLY D 104 29.89 37.20 -25.18
CA GLY D 104 30.39 37.66 -26.46
C GLY D 104 29.32 37.95 -27.49
N HIS D 105 28.06 37.88 -27.13
CA HIS D 105 26.95 38.12 -28.06
C HIS D 105 26.41 39.53 -27.90
N ALA D 106 25.81 40.03 -28.97
CA ALA D 106 25.19 41.35 -28.99
C ALA D 106 23.70 41.21 -28.70
N ILE D 107 23.18 42.04 -27.81
CA ILE D 107 21.80 41.94 -27.37
C ILE D 107 21.08 43.25 -27.64
N LEU D 108 19.76 43.14 -27.82
CA LEU D 108 18.88 44.29 -28.00
C LEU D 108 17.88 44.34 -26.85
N LEU D 109 17.85 45.46 -26.16
CA LEU D 109 16.99 45.64 -24.99
C LEU D 109 15.85 46.59 -25.33
N ARG D 110 14.62 46.17 -25.03
CA ARG D 110 13.43 46.96 -25.29
C ARG D 110 12.78 47.34 -23.97
N HIS D 111 12.49 48.63 -23.81
CA HIS D 111 11.85 49.12 -22.60
C HIS D 111 10.45 48.53 -22.45
N ALA D 112 10.10 48.17 -21.22
CA ALA D 112 8.80 47.52 -20.99
C ALA D 112 7.65 48.51 -21.12
N HIS D 113 7.79 49.70 -20.54
CA HIS D 113 6.70 50.68 -20.58
C HIS D 113 6.57 51.29 -21.97
N SER D 114 7.61 51.97 -22.43
CA SER D 114 7.63 52.58 -23.75
C SER D 114 8.26 51.61 -24.75
N ARG D 115 7.69 51.56 -25.95
CA ARG D 115 8.20 50.70 -27.01
C ARG D 115 9.46 51.32 -27.62
N MET D 116 10.47 51.49 -26.78
CA MET D 116 11.72 52.13 -27.15
C MET D 116 12.88 51.22 -26.76
N TYR D 117 13.98 51.34 -27.50
CA TYR D 117 15.13 50.46 -27.35
C TYR D 117 16.29 51.21 -26.70
N LEU D 118 16.95 50.55 -25.76
CA LEU D 118 18.10 51.13 -25.09
C LEU D 118 19.24 51.32 -26.07
N SER D 119 19.90 52.48 -26.00
CA SER D 119 21.01 52.79 -26.87
C SER D 119 21.92 53.80 -26.20
N CYS D 120 23.01 54.14 -26.89
CA CYS D 120 23.95 55.16 -26.45
C CYS D 120 23.83 56.36 -27.39
N LEU D 121 23.32 57.47 -26.88
CA LEU D 121 23.10 58.65 -27.72
C LEU D 121 24.43 59.34 -28.02
N THR D 122 24.44 60.09 -29.13
CA THR D 122 25.62 60.83 -29.56
C THR D 122 25.64 62.25 -28.95
N THR D 123 25.47 62.31 -27.62
CA THR D 123 25.48 63.57 -26.89
C THR D 123 26.18 63.34 -25.56
N SER D 124 26.59 64.44 -24.94
CA SER D 124 27.27 64.38 -23.65
C SER D 124 27.18 65.72 -22.96
N ARG D 125 26.84 65.70 -21.66
CA ARG D 125 26.84 66.89 -20.82
C ARG D 125 27.36 66.48 -19.44
N SER D 126 28.66 66.63 -19.24
CA SER D 126 29.28 66.27 -17.97
C SER D 126 30.36 67.24 -17.51
N MET D 127 30.77 68.21 -18.32
CA MET D 127 31.85 69.16 -18.07
C MET D 127 33.22 68.49 -18.06
N THR D 128 33.28 67.17 -18.18
CA THR D 128 34.53 66.42 -18.30
C THR D 128 34.31 65.39 -19.42
N ASP D 129 34.97 65.60 -20.56
CA ASP D 129 34.73 64.77 -21.73
C ASP D 129 35.01 63.30 -21.44
N LYS D 130 36.26 62.96 -21.17
CA LYS D 130 36.68 61.58 -20.87
C LYS D 130 36.20 60.59 -21.92
N LEU D 131 35.94 61.08 -23.14
CA LEU D 131 35.40 60.25 -24.23
C LEU D 131 34.13 59.54 -23.79
N ALA D 132 33.25 60.26 -23.09
CA ALA D 132 32.03 59.70 -22.53
C ALA D 132 30.82 60.26 -23.27
N PHE D 133 29.89 59.38 -23.62
CA PHE D 133 28.63 59.75 -24.25
C PHE D 133 27.48 59.54 -23.27
N ASP D 134 26.27 59.83 -23.73
CA ASP D 134 25.07 59.65 -22.93
C ASP D 134 24.37 58.35 -23.29
N VAL D 135 23.66 57.79 -22.32
CA VAL D 135 22.91 56.55 -22.49
C VAL D 135 21.43 56.90 -22.45
N GLY D 136 20.72 56.58 -23.53
CA GLY D 136 19.32 56.91 -23.63
C GLY D 136 18.47 55.89 -24.35
N LEU D 137 17.41 56.35 -25.01
CA LEU D 137 16.45 55.48 -25.67
C LEU D 137 16.21 55.98 -27.09
N GLN D 138 15.80 55.06 -27.95
CA GLN D 138 15.46 55.37 -29.34
C GLN D 138 14.09 54.80 -29.67
N GLU D 139 13.37 55.50 -30.56
CA GLU D 139 12.03 55.10 -30.93
C GLU D 139 12.01 53.83 -31.79
N ASP D 140 13.09 53.55 -32.50
CA ASP D 140 13.15 52.42 -33.42
C ASP D 140 14.44 51.64 -33.20
N ALA D 141 14.39 50.36 -33.57
CA ALA D 141 15.55 49.48 -33.45
C ALA D 141 16.52 49.62 -34.61
N THR D 142 16.19 50.42 -35.62
CA THR D 142 17.09 50.62 -36.74
C THR D 142 18.36 51.34 -36.29
N GLY D 143 19.49 50.92 -36.84
CA GLY D 143 20.77 51.51 -36.51
C GLY D 143 21.67 50.52 -35.79
N GLU D 144 22.84 51.03 -35.39
CA GLU D 144 23.87 50.24 -34.73
C GLU D 144 24.05 50.56 -33.26
N ALA D 145 23.58 51.72 -32.79
CA ALA D 145 23.83 52.16 -31.43
C ALA D 145 22.96 51.44 -30.40
N CYS D 146 21.89 50.77 -30.81
CA CYS D 146 20.96 50.13 -29.90
C CYS D 146 21.35 48.70 -29.56
N TRP D 147 22.62 48.34 -29.75
CA TRP D 147 23.09 46.98 -29.48
C TRP D 147 24.24 47.02 -28.49
N TRP D 148 24.23 46.09 -27.54
CA TRP D 148 25.26 45.98 -26.52
C TRP D 148 25.83 44.58 -26.54
N THR D 149 27.16 44.47 -26.56
CA THR D 149 27.83 43.18 -26.54
C THR D 149 28.29 42.86 -25.12
N MET D 150 27.93 41.67 -24.64
CA MET D 150 28.26 41.25 -23.28
C MET D 150 29.65 40.63 -23.25
N HIS D 151 30.37 40.89 -22.15
CA HIS D 151 31.67 40.31 -21.92
C HIS D 151 31.75 39.79 -20.49
N PRO D 152 32.53 38.74 -20.26
CA PRO D 152 32.65 38.21 -18.89
C PRO D 152 33.33 39.22 -17.98
N ALA D 153 32.91 39.19 -16.70
CA ALA D 153 33.45 40.11 -15.70
C ALA D 153 34.70 39.53 -15.04
N SER D 154 34.58 38.33 -14.46
CA SER D 154 35.69 37.67 -13.81
C SER D 154 36.26 36.57 -14.69
N LYS D 155 37.31 35.92 -14.21
CA LYS D 155 37.96 34.84 -14.94
C LYS D 155 37.24 33.51 -14.79
N GLN D 156 36.20 33.44 -13.96
CA GLN D 156 35.48 32.19 -13.78
C GLN D 156 34.68 31.79 -15.01
N ARG D 157 34.48 32.71 -15.95
CA ARG D 157 33.75 32.44 -17.18
C ARG D 157 34.71 32.57 -18.37
N SER D 158 34.20 32.26 -19.56
CA SER D 158 35.02 32.30 -20.76
C SER D 158 34.14 32.75 -21.93
N GLU D 159 34.80 33.22 -22.99
CA GLU D 159 34.10 33.66 -24.19
C GLU D 159 33.37 32.48 -24.82
N GLY D 160 32.11 32.69 -25.21
CA GLY D 160 31.30 31.66 -25.80
C GLY D 160 30.55 30.79 -24.81
N GLU D 161 30.80 30.95 -23.52
CA GLU D 161 30.09 30.17 -22.51
C GLU D 161 28.70 30.77 -22.25
N LYS D 162 27.81 29.94 -21.74
CA LYS D 162 26.46 30.38 -21.43
C LYS D 162 26.46 31.32 -20.23
N VAL D 163 25.43 32.14 -20.14
CA VAL D 163 25.30 33.16 -19.10
C VAL D 163 24.22 32.72 -18.12
N ARG D 164 24.57 32.72 -16.83
CA ARG D 164 23.64 32.36 -15.77
C ARG D 164 23.13 33.60 -15.07
N VAL D 165 21.93 33.49 -14.49
CA VAL D 165 21.34 34.62 -13.78
C VAL D 165 22.14 34.92 -12.52
N GLY D 166 22.09 36.18 -12.11
CA GLY D 166 22.83 36.60 -10.92
C GLY D 166 24.33 36.62 -11.09
N ASP D 167 24.82 36.68 -12.32
CA ASP D 167 26.25 36.71 -12.61
C ASP D 167 26.63 38.08 -13.15
N ASP D 168 27.66 38.68 -12.56
CA ASP D 168 28.11 40.00 -12.98
C ASP D 168 28.75 39.94 -14.37
N LEU D 169 28.56 41.01 -15.13
CA LEU D 169 29.12 41.12 -16.47
C LEU D 169 29.27 42.59 -16.82
N ILE D 170 29.87 42.84 -17.97
CA ILE D 170 30.08 44.19 -18.49
C ILE D 170 29.48 44.28 -19.89
N LEU D 171 28.82 45.39 -20.17
CA LEU D 171 28.16 45.62 -21.45
C LEU D 171 28.95 46.65 -22.24
N VAL D 172 29.21 46.34 -23.50
CA VAL D 172 30.01 47.18 -24.39
C VAL D 172 29.14 47.62 -25.56
N SER D 173 29.10 48.92 -25.80
CA SER D 173 28.36 49.45 -26.94
C SER D 173 29.07 49.10 -28.24
N VAL D 174 28.31 49.11 -29.33
CA VAL D 174 28.85 48.79 -30.64
C VAL D 174 29.29 50.03 -31.39
N SER D 175 28.37 50.99 -31.57
CA SER D 175 28.72 52.23 -32.27
C SER D 175 29.69 53.07 -31.46
N SER D 176 29.52 53.11 -30.14
CA SER D 176 30.31 53.97 -29.29
C SER D 176 31.52 53.27 -28.67
N GLU D 177 31.51 51.95 -28.61
CA GLU D 177 32.63 51.17 -28.09
C GLU D 177 33.04 51.60 -26.69
N ARG D 178 32.06 51.84 -25.83
CA ARG D 178 32.31 52.22 -24.45
C ARG D 178 31.42 51.41 -23.53
N TYR D 179 31.90 51.22 -22.30
CA TYR D 179 31.17 50.44 -21.31
C TYR D 179 29.99 51.23 -20.75
N LEU D 180 28.96 50.51 -20.32
CA LEU D 180 27.87 51.12 -19.59
C LEU D 180 28.34 51.43 -18.17
N HIS D 181 28.78 52.67 -17.94
CA HIS D 181 29.51 53.02 -16.73
C HIS D 181 28.65 53.91 -15.83
N LEU D 182 28.78 53.70 -14.53
CA LEU D 182 28.13 54.51 -13.50
C LEU D 182 29.13 55.54 -13.00
N SER D 183 28.92 56.81 -13.35
CA SER D 183 29.85 57.86 -12.99
C SER D 183 29.68 58.28 -11.53
N THR D 184 30.77 58.75 -10.94
CA THR D 184 30.79 59.27 -9.58
C THR D 184 31.38 60.67 -9.56
N ALA D 185 30.96 61.50 -10.52
CA ALA D 185 31.47 62.86 -10.66
C ALA D 185 30.79 63.80 -9.67
N SER D 186 30.93 65.10 -9.90
CA SER D 186 30.29 66.09 -9.02
C SER D 186 28.79 65.89 -8.95
N GLY D 187 28.19 65.29 -9.97
CA GLY D 187 26.79 64.93 -9.92
C GLY D 187 26.53 63.83 -8.89
N GLU D 188 25.30 63.34 -8.90
CA GLU D 188 24.85 62.34 -7.93
C GLU D 188 24.46 61.06 -8.65
N LEU D 189 25.45 60.20 -8.91
CA LEU D 189 25.25 58.83 -9.38
C LEU D 189 24.44 58.81 -10.69
N GLN D 190 25.08 59.36 -11.72
CA GLN D 190 24.52 59.32 -13.07
C GLN D 190 25.14 58.16 -13.86
N VAL D 191 24.52 57.86 -15.00
CA VAL D 191 24.95 56.76 -15.86
C VAL D 191 25.31 57.33 -17.23
N ASP D 192 26.45 56.90 -17.76
CA ASP D 192 26.91 57.33 -19.07
C ASP D 192 27.62 56.16 -19.73
N ALA D 193 28.15 56.40 -20.93
CA ALA D 193 28.89 55.39 -21.70
C ALA D 193 30.32 55.90 -21.86
N SER D 194 31.19 55.47 -20.95
CA SER D 194 32.59 55.90 -20.95
C SER D 194 33.50 54.68 -21.02
N PHE D 195 34.80 54.94 -20.98
CA PHE D 195 35.81 53.89 -21.06
C PHE D 195 36.11 53.25 -19.70
N MET D 196 35.54 53.77 -18.62
CA MET D 196 35.76 53.19 -17.31
C MET D 196 34.86 51.98 -17.12
N GLN D 197 35.44 50.91 -16.58
CA GLN D 197 34.71 49.66 -16.42
C GLN D 197 33.73 49.74 -15.26
N THR D 198 32.55 49.16 -15.45
CA THR D 198 31.54 49.09 -14.41
C THR D 198 30.80 47.76 -14.55
N LEU D 199 30.58 47.08 -13.42
CA LEU D 199 29.98 45.76 -13.42
C LEU D 199 28.47 45.86 -13.24
N TRP D 200 27.73 45.19 -14.13
CA TRP D 200 26.29 45.12 -14.06
C TRP D 200 25.83 43.67 -14.11
N ASN D 201 24.65 43.43 -13.55
CA ASN D 201 24.00 42.12 -13.62
C ASN D 201 22.54 42.31 -14.02
N MET D 202 21.99 41.27 -14.64
CA MET D 202 20.63 41.32 -15.17
C MET D 202 19.76 40.35 -14.38
N ASN D 203 19.10 40.87 -13.34
CA ASN D 203 18.19 40.07 -12.54
C ASN D 203 16.92 39.78 -13.34
N PRO D 204 16.51 38.52 -13.47
CA PRO D 204 15.35 38.19 -14.30
C PRO D 204 14.05 38.46 -13.57
N ILE D 205 13.30 39.46 -14.05
CA ILE D 205 12.02 39.78 -13.43
C ILE D 205 11.02 38.65 -13.66
N CYS D 206 10.91 38.18 -14.90
CA CYS D 206 9.95 37.15 -15.23
C CYS D 206 10.52 36.28 -16.35
N SER D 207 9.72 35.30 -16.77
CA SER D 207 10.11 34.37 -17.83
C SER D 207 8.84 33.96 -18.57
N CYS D 208 8.90 32.85 -19.30
CA CYS D 208 7.73 32.33 -20.00
C CYS D 208 6.60 32.08 -19.01
N CYS D 209 5.52 32.84 -19.12
CA CYS D 209 4.42 32.81 -18.17
C CYS D 209 3.23 32.05 -18.73
N GLU D 210 2.48 31.41 -17.84
CA GLU D 210 1.31 30.65 -18.23
C GLU D 210 0.18 31.59 -18.64
N GLU D 211 -0.69 31.09 -19.52
CA GLU D 211 -1.79 31.91 -20.03
C GLU D 211 -2.86 32.08 -18.96
N GLY D 212 -3.33 33.32 -18.82
CA GLY D 212 -4.42 33.61 -17.90
C GLY D 212 -4.11 33.40 -16.44
N TYR D 213 -2.91 33.78 -16.00
CA TYR D 213 -2.52 33.64 -14.60
C TYR D 213 -1.96 34.96 -14.09
N VAL D 214 -2.33 35.32 -12.87
CA VAL D 214 -1.93 36.60 -12.29
C VAL D 214 -0.49 36.51 -11.79
N THR D 215 0.36 37.41 -12.25
CA THR D 215 1.74 37.49 -11.82
C THR D 215 2.05 38.90 -11.36
N GLY D 216 3.08 39.02 -10.52
CA GLY D 216 3.49 40.29 -9.98
C GLY D 216 3.88 41.31 -11.05
N GLY D 217 3.38 42.54 -10.90
CA GLY D 217 3.67 43.60 -11.84
C GLY D 217 2.56 43.88 -12.84
N HIS D 218 1.59 42.98 -12.97
CA HIS D 218 0.51 43.19 -13.93
C HIS D 218 -0.44 44.27 -13.42
N VAL D 219 -0.76 45.23 -14.29
CA VAL D 219 -1.77 46.24 -14.00
C VAL D 219 -3.13 45.66 -14.32
N LEU D 220 -4.06 45.75 -13.36
CA LEU D 220 -5.32 45.04 -13.49
C LEU D 220 -6.39 45.72 -12.65
N ARG D 221 -7.64 45.36 -12.92
CA ARG D 221 -8.79 45.88 -12.19
C ARG D 221 -9.26 44.85 -11.17
N LEU D 222 -9.61 45.32 -9.98
CA LEU D 222 -10.10 44.46 -8.91
C LEU D 222 -11.64 44.51 -8.93
N PHE D 223 -12.25 43.47 -9.49
CA PHE D 223 -13.69 43.40 -9.60
C PHE D 223 -14.28 42.64 -8.41
N HIS D 224 -15.49 43.03 -8.01
CA HIS D 224 -16.16 42.46 -6.86
C HIS D 224 -17.51 41.88 -7.28
N GLY D 225 -17.79 40.66 -6.82
CA GLY D 225 -19.06 40.02 -7.10
C GLY D 225 -19.32 39.75 -8.56
N HIS D 226 -20.29 40.48 -9.14
CA HIS D 226 -20.63 40.32 -10.54
C HIS D 226 -19.65 41.12 -11.40
N MET D 227 -19.96 41.25 -12.68
CA MET D 227 -19.11 41.97 -13.63
C MET D 227 -19.52 43.43 -13.79
N ASP D 228 -20.11 44.03 -12.75
CA ASP D 228 -20.53 45.43 -12.79
C ASP D 228 -20.01 46.23 -11.61
N GLU D 229 -19.15 45.64 -10.77
CA GLU D 229 -18.60 46.32 -9.61
C GLU D 229 -17.09 46.12 -9.58
N CYS D 230 -16.35 47.19 -9.37
CA CYS D 230 -14.90 47.15 -9.33
C CYS D 230 -14.38 48.07 -8.24
N LEU D 231 -13.19 47.77 -7.75
CA LEU D 231 -12.55 48.56 -6.70
C LEU D 231 -11.85 49.75 -7.37
N THR D 232 -12.42 50.95 -7.21
CA THR D 232 -11.93 52.15 -7.85
C THR D 232 -11.54 53.19 -6.79
N ILE D 233 -11.22 54.39 -7.26
CA ILE D 233 -10.84 55.51 -6.41
C ILE D 233 -11.67 56.73 -6.82
N SER D 234 -11.65 57.75 -5.97
CA SER D 234 -12.40 58.97 -6.24
C SER D 234 -11.91 59.65 -7.51
N ALA D 235 -12.84 60.25 -8.24
CA ALA D 235 -12.51 60.89 -9.51
C ALA D 235 -11.79 62.22 -9.27
N ALA D 236 -11.33 62.82 -10.37
CA ALA D 236 -10.65 64.11 -10.30
C ALA D 236 -11.65 65.21 -9.94
N ASP D 237 -11.10 66.36 -9.55
CA ASP D 237 -11.89 67.50 -9.10
C ASP D 237 -12.79 67.10 -7.93
N SER D 238 -12.20 66.37 -6.98
CA SER D 238 -12.92 65.89 -5.81
C SER D 238 -12.71 66.83 -4.63
N ASP D 239 -13.59 66.70 -3.64
CA ASP D 239 -13.49 67.52 -2.44
C ASP D 239 -12.20 67.22 -1.68
N ASP D 240 -11.84 65.95 -1.57
CA ASP D 240 -10.60 65.54 -0.90
C ASP D 240 -9.45 65.57 -1.89
N GLN D 241 -8.31 65.00 -1.49
CA GLN D 241 -7.12 64.95 -2.33
C GLN D 241 -6.99 63.63 -3.08
N ARG D 242 -8.13 63.04 -3.46
CA ARG D 242 -8.15 61.75 -4.17
C ARG D 242 -7.45 60.66 -3.36
N ARG D 243 -7.64 60.68 -2.05
CA ARG D 243 -7.05 59.70 -1.15
C ARG D 243 -8.10 58.78 -0.51
N LEU D 244 -9.36 58.90 -0.92
CA LEU D 244 -10.44 58.10 -0.36
C LEU D 244 -10.77 56.96 -1.32
N VAL D 245 -10.74 55.73 -0.81
CA VAL D 245 -10.99 54.55 -1.63
C VAL D 245 -12.47 54.24 -1.62
N TYR D 246 -13.06 54.10 -2.81
CA TYR D 246 -14.49 53.88 -2.98
C TYR D 246 -14.74 52.51 -3.58
N TYR D 247 -16.02 52.24 -3.84
CA TYR D 247 -16.44 51.01 -4.51
C TYR D 247 -17.40 51.35 -5.65
N GLU D 248 -17.04 52.34 -6.46
CA GLU D 248 -17.91 52.79 -7.53
C GLU D 248 -17.99 51.75 -8.65
N GLY D 249 -19.15 51.70 -9.31
CA GLY D 249 -19.36 50.81 -10.43
C GLY D 249 -20.01 51.53 -11.60
N GLY D 250 -20.16 50.79 -12.69
CA GLY D 250 -20.76 51.34 -13.89
C GLY D 250 -19.76 51.68 -14.97
N ALA D 251 -19.76 52.94 -15.41
CA ALA D 251 -18.83 53.38 -16.45
C ALA D 251 -17.40 53.54 -15.94
N VAL D 252 -17.19 53.46 -14.62
CA VAL D 252 -15.84 53.58 -14.08
C VAL D 252 -14.98 52.37 -14.45
N CYS D 253 -15.60 51.24 -14.79
CA CYS D 253 -14.83 50.06 -15.16
C CYS D 253 -14.03 50.25 -16.45
N THR D 254 -14.43 51.19 -17.30
CA THR D 254 -13.72 51.45 -18.54
C THR D 254 -12.62 52.50 -18.37
N HIS D 255 -12.73 53.37 -17.38
CA HIS D 255 -11.76 54.43 -17.19
C HIS D 255 -10.49 53.88 -16.54
N ALA D 256 -9.52 54.76 -16.32
CA ALA D 256 -8.23 54.38 -15.75
C ALA D 256 -8.19 54.47 -14.23
N ARG D 257 -9.30 54.84 -13.59
CA ARG D 257 -9.32 54.94 -12.13
C ARG D 257 -9.20 53.57 -11.48
N SER D 258 -9.83 52.55 -12.07
CA SER D 258 -9.83 51.20 -11.52
C SER D 258 -8.58 50.41 -11.88
N LEU D 259 -7.49 51.10 -12.27
CA LEU D 259 -6.27 50.43 -12.71
C LEU D 259 -5.31 50.36 -11.54
N TRP D 260 -5.11 49.15 -11.01
CA TRP D 260 -4.19 48.90 -9.91
C TRP D 260 -3.11 47.93 -10.36
N ARG D 261 -1.92 48.09 -9.78
CA ARG D 261 -0.80 47.20 -10.05
C ARG D 261 -0.27 46.62 -8.74
N LEU D 262 0.33 45.44 -8.83
CA LEU D 262 0.81 44.70 -7.67
C LEU D 262 2.33 44.67 -7.68
N GLU D 263 2.94 45.04 -6.55
CA GLU D 263 4.39 45.06 -6.42
C GLU D 263 4.83 44.13 -5.31
N PRO D 264 5.19 42.87 -5.61
CA PRO D 264 5.75 42.01 -4.57
C PRO D 264 6.98 42.61 -3.92
N LEU D 265 7.13 42.34 -2.63
CA LEU D 265 8.26 42.89 -1.88
C LEU D 265 9.60 42.38 -2.41
N ARG D 266 9.60 41.19 -3.02
CA ARG D 266 10.82 40.68 -3.64
C ARG D 266 11.20 41.55 -4.83
N ILE D 267 12.50 41.60 -5.11
CA ILE D 267 13.03 42.48 -6.14
C ILE D 267 13.60 41.71 -7.34
N SER D 268 14.14 40.51 -7.13
CA SER D 268 14.78 39.80 -8.23
C SER D 268 13.74 39.13 -9.13
N TRP D 269 13.01 38.17 -8.58
CA TRP D 269 11.94 37.47 -9.33
C TRP D 269 10.58 38.09 -9.05
N SER D 270 10.45 39.41 -9.23
CA SER D 270 9.17 40.07 -9.01
C SER D 270 8.30 40.05 -10.27
N GLY D 271 8.17 38.87 -10.86
CA GLY D 271 7.29 38.67 -12.00
C GLY D 271 6.70 37.28 -11.96
N SER D 272 6.94 36.56 -10.87
CA SER D 272 6.50 35.18 -10.75
C SER D 272 4.99 35.12 -10.53
N HIS D 273 4.43 33.92 -10.70
CA HIS D 273 3.00 33.72 -10.48
C HIS D 273 2.64 34.02 -9.03
N LEU D 274 1.46 34.61 -8.85
CA LEU D 274 1.05 35.03 -7.52
C LEU D 274 0.76 33.83 -6.63
N ARG D 275 1.07 33.98 -5.35
CA ARG D 275 0.86 32.93 -4.35
C ARG D 275 -0.10 33.43 -3.28
N TRP D 276 -0.93 32.52 -2.78
CA TRP D 276 -1.87 32.89 -1.72
C TRP D 276 -1.11 33.31 -0.46
N GLY D 277 -1.51 34.45 0.10
CA GLY D 277 -0.87 34.98 1.28
C GLY D 277 0.44 35.69 1.05
N GLN D 278 0.87 35.85 -0.20
CA GLN D 278 2.13 36.53 -0.47
C GLN D 278 1.97 38.02 -0.21
N PRO D 279 2.87 38.65 0.56
CA PRO D 279 2.75 40.08 0.81
C PRO D 279 3.07 40.91 -0.42
N LEU D 280 2.11 41.74 -0.82
CA LEU D 280 2.26 42.61 -1.98
C LEU D 280 1.77 44.00 -1.65
N ARG D 281 2.17 44.96 -2.49
CA ARG D 281 1.74 46.35 -2.37
C ARG D 281 0.88 46.71 -3.57
N ILE D 282 -0.27 47.33 -3.30
CA ILE D 282 -1.19 47.77 -4.34
C ILE D 282 -0.94 49.24 -4.64
N ARG D 283 -0.66 49.56 -5.89
CA ARG D 283 -0.34 50.90 -6.32
C ARG D 283 -1.32 51.38 -7.37
N HIS D 284 -1.80 52.62 -7.21
CA HIS D 284 -2.66 53.26 -8.21
C HIS D 284 -1.76 53.91 -9.25
N VAL D 285 -1.77 53.37 -10.47
CA VAL D 285 -0.86 53.83 -11.50
C VAL D 285 -1.16 55.27 -11.89
N THR D 286 -2.44 55.65 -11.93
CA THR D 286 -2.81 56.99 -12.35
C THR D 286 -2.27 58.05 -11.39
N THR D 287 -2.37 57.80 -10.08
CA THR D 287 -1.95 58.77 -9.08
C THR D 287 -0.59 58.49 -8.48
N GLY D 288 -0.10 57.25 -8.55
CA GLY D 288 1.18 56.91 -7.97
C GLY D 288 1.17 56.77 -6.46
N ARG D 289 0.03 56.46 -5.88
CA ARG D 289 -0.10 56.30 -4.44
C ARG D 289 -0.39 54.84 -4.10
N TYR D 290 0.12 54.40 -2.95
CA TYR D 290 0.02 53.01 -2.52
C TYR D 290 -1.09 52.85 -1.49
N LEU D 291 -1.86 51.78 -1.63
CA LEU D 291 -2.88 51.45 -0.65
C LEU D 291 -2.24 51.12 0.69
N ALA D 292 -2.82 51.66 1.76
CA ALA D 292 -2.23 51.50 3.09
C ALA D 292 -3.29 51.77 4.15
N LEU D 293 -2.91 51.49 5.40
CA LEU D 293 -3.73 51.80 6.57
C LEU D 293 -2.86 52.63 7.51
N THR D 294 -3.22 53.90 7.68
CA THR D 294 -2.43 54.83 8.48
C THR D 294 -2.87 54.90 9.94
N GLU D 295 -3.89 54.14 10.32
CA GLU D 295 -4.43 54.13 11.69
C GLU D 295 -4.92 55.51 12.13
N ASP D 296 -5.16 56.41 11.18
CA ASP D 296 -5.67 57.74 11.46
C ASP D 296 -6.94 58.07 10.69
N GLN D 297 -7.05 57.61 9.45
CA GLN D 297 -8.24 57.83 8.64
C GLN D 297 -8.84 56.56 8.07
N GLY D 298 -8.18 55.42 8.21
CA GLY D 298 -8.71 54.16 7.69
C GLY D 298 -7.92 53.63 6.51
N LEU D 299 -8.59 52.95 5.59
CA LEU D 299 -7.96 52.41 4.40
C LEU D 299 -7.88 53.51 3.34
N VAL D 300 -6.71 54.15 3.24
CA VAL D 300 -6.50 55.25 2.30
C VAL D 300 -5.20 55.01 1.54
N VAL D 301 -5.09 55.65 0.39
CA VAL D 301 -3.88 55.61 -0.41
C VAL D 301 -2.92 56.67 0.10
N VAL D 302 -1.62 56.36 0.08
CA VAL D 302 -0.61 57.22 0.68
C VAL D 302 0.53 57.41 -0.31
N ASP D 303 1.35 58.42 -0.03
CA ASP D 303 2.50 58.73 -0.87
C ASP D 303 3.57 57.66 -0.75
N ALA D 304 4.50 57.67 -1.70
CA ALA D 304 5.56 56.65 -1.71
C ALA D 304 6.51 56.80 -0.53
N CYS D 305 6.71 58.03 -0.03
CA CYS D 305 7.62 58.24 1.08
C CYS D 305 7.12 57.55 2.34
N LYS D 306 5.84 57.70 2.65
CA LYS D 306 5.23 57.07 3.81
C LYS D 306 4.55 55.75 3.41
N ALA D 307 5.37 54.82 2.91
CA ALA D 307 4.90 53.55 2.39
C ALA D 307 5.68 52.40 3.01
N HIS D 308 5.77 52.40 4.34
CA HIS D 308 6.46 51.32 5.04
C HIS D 308 5.73 50.00 4.84
N THR D 309 6.50 48.91 4.86
CA THR D 309 5.93 47.59 4.62
C THR D 309 4.93 47.19 5.71
N LYS D 310 5.07 47.76 6.91
CA LYS D 310 4.15 47.44 7.99
C LYS D 310 2.76 47.99 7.77
N ALA D 311 2.60 48.95 6.85
CA ALA D 311 1.31 49.57 6.58
C ALA D 311 0.82 49.40 5.16
N THR D 312 1.69 49.06 4.21
CA THR D 312 1.32 48.98 2.80
C THR D 312 1.18 47.56 2.28
N SER D 313 1.69 46.57 2.99
CA SER D 313 1.69 45.19 2.48
C SER D 313 0.31 44.57 2.63
N PHE D 314 -0.18 43.96 1.56
CA PHE D 314 -1.46 43.26 1.53
C PHE D 314 -1.23 41.87 0.94
N CYS D 315 -2.30 41.07 0.93
CA CYS D 315 -2.23 39.72 0.39
C CYS D 315 -3.63 39.25 0.03
N PHE D 316 -3.69 38.26 -0.86
CA PHE D 316 -4.94 37.64 -1.27
C PHE D 316 -4.94 36.17 -0.84
N ARG D 317 -6.11 35.69 -0.43
CA ARG D 317 -6.25 34.31 -0.01
C ARG D 317 -7.71 33.89 -0.05
N VAL D 318 -7.99 32.73 -0.63
CA VAL D 318 -9.30 32.10 -0.58
C VAL D 318 -9.44 31.43 0.79
N SER D 319 -10.65 30.95 1.11
CA SER D 319 -10.92 30.32 2.40
C SER D 319 -10.66 31.31 3.53
N LYS D 320 -11.57 32.30 3.61
CA LYS D 320 -11.43 33.47 4.47
C LYS D 320 -10.79 33.18 5.82
N GLU D 321 -11.41 32.31 6.63
CA GLU D 321 -10.84 32.04 7.95
C GLU D 321 -9.73 30.99 7.86
N LYS D 322 -10.09 29.75 7.54
CA LYS D 322 -9.15 28.68 7.22
C LYS D 322 -8.15 28.36 8.33
N LEU D 323 -8.25 29.05 9.47
CA LEU D 323 -7.24 28.98 10.52
C LEU D 323 -5.84 29.21 9.93
N ASP D 324 -5.67 30.43 9.41
CA ASP D 324 -4.49 30.76 8.63
C ASP D 324 -3.20 30.54 9.42
N THR D 325 -2.20 29.98 8.73
CA THR D 325 -0.91 29.66 9.33
C THR D 325 0.13 30.68 8.87
N ALA D 326 1.37 30.45 9.29
CA ALA D 326 2.47 31.34 8.96
C ALA D 326 3.01 31.02 7.56
N PRO D 327 3.05 31.99 6.64
CA PRO D 327 3.61 31.72 5.32
C PRO D 327 5.11 31.47 5.37
N LYS D 328 5.58 30.63 4.45
CA LYS D 328 6.99 30.29 4.35
C LYS D 328 7.27 29.77 2.94
N ARG D 329 8.43 29.15 2.77
CA ARG D 329 8.82 28.50 1.52
C ARG D 329 8.84 29.49 0.35
N ASP D 330 9.73 30.46 0.44
CA ASP D 330 9.94 31.40 -0.65
C ASP D 330 10.49 30.68 -1.87
N VAL D 331 10.00 31.06 -3.05
CA VAL D 331 10.36 30.40 -4.31
C VAL D 331 11.38 31.27 -5.02
N GLU D 332 12.48 30.65 -5.46
CA GLU D 332 13.54 31.34 -6.19
C GLU D 332 13.44 31.13 -7.69
N GLY D 333 12.23 31.01 -8.22
CA GLY D 333 12.03 30.81 -9.64
C GLY D 333 10.67 31.28 -10.12
N MET D 334 10.22 30.78 -11.27
CA MET D 334 8.92 31.17 -11.79
C MET D 334 7.80 30.71 -10.86
N GLY D 335 7.89 29.49 -10.35
CA GLY D 335 6.91 28.98 -9.42
C GLY D 335 5.68 28.41 -10.12
N PRO D 336 4.83 27.71 -9.36
CA PRO D 336 3.62 27.15 -9.95
C PRO D 336 2.50 28.19 -10.01
N PRO D 337 1.72 28.19 -11.09
CA PRO D 337 0.62 29.16 -11.19
C PRO D 337 -0.66 28.65 -10.55
N GLU D 338 -1.26 29.45 -9.68
CA GLU D 338 -2.50 29.05 -9.02
C GLU D 338 -3.59 30.10 -9.13
N ILE D 339 -3.26 31.38 -9.08
CA ILE D 339 -4.25 32.45 -9.13
C ILE D 339 -4.57 32.70 -10.60
N LYS D 340 -5.71 32.21 -11.05
CA LYS D 340 -6.12 32.30 -12.46
C LYS D 340 -7.01 33.52 -12.68
N TYR D 341 -6.78 34.21 -13.78
CA TYR D 341 -7.62 35.35 -14.14
C TYR D 341 -9.04 34.90 -14.42
N GLY D 342 -10.01 35.74 -14.06
CA GLY D 342 -11.41 35.40 -14.24
C GLY D 342 -12.01 34.73 -13.03
N GLU D 343 -11.46 33.58 -12.64
CA GLU D 343 -11.90 32.84 -11.46
C GLU D 343 -10.81 32.94 -10.41
N SER D 344 -10.84 34.03 -9.65
CA SER D 344 -9.85 34.32 -8.61
C SER D 344 -10.55 34.87 -7.38
N LEU D 345 -11.63 34.22 -6.96
CA LEU D 345 -12.44 34.72 -5.86
C LEU D 345 -11.67 34.55 -4.54
N CYS D 346 -10.96 35.60 -4.13
CA CYS D 346 -10.13 35.58 -2.94
C CYS D 346 -10.45 36.79 -2.08
N PHE D 347 -9.82 36.85 -0.91
CA PHE D 347 -10.04 37.92 0.06
C PHE D 347 -8.72 38.63 0.33
N VAL D 348 -8.77 39.95 0.43
CA VAL D 348 -7.60 40.78 0.66
C VAL D 348 -7.51 41.12 2.13
N GLN D 349 -6.33 40.94 2.72
CA GLN D 349 -6.10 41.22 4.13
C GLN D 349 -4.76 41.93 4.29
N HIS D 350 -4.64 42.66 5.41
CA HIS D 350 -3.36 43.20 5.82
C HIS D 350 -2.56 42.14 6.57
N VAL D 351 -1.29 42.02 6.23
CA VAL D 351 -0.45 40.96 6.80
C VAL D 351 0.19 41.40 8.11
N ALA D 352 0.71 42.63 8.17
CA ALA D 352 1.39 43.09 9.38
C ALA D 352 0.43 43.35 10.53
N SER D 353 -0.87 43.55 10.23
CA SER D 353 -1.87 43.82 11.26
C SER D 353 -2.90 42.70 11.37
N GLY D 354 -3.57 42.35 10.26
CA GLY D 354 -4.46 41.22 10.27
C GLY D 354 -5.94 41.53 10.38
N LEU D 355 -6.43 42.51 9.61
CA LEU D 355 -7.85 42.77 9.50
C LEU D 355 -8.24 42.89 8.03
N TRP D 356 -9.46 42.47 7.73
CA TRP D 356 -9.95 42.38 6.36
C TRP D 356 -10.62 43.68 5.94
N LEU D 357 -11.02 43.74 4.67
CA LEU D 357 -11.69 44.91 4.11
C LEU D 357 -13.02 44.50 3.49
N THR D 358 -13.97 45.42 3.50
CA THR D 358 -15.29 45.17 2.94
C THR D 358 -15.98 46.51 2.70
N TYR D 359 -17.06 46.46 1.93
CA TYR D 359 -17.86 47.65 1.71
C TYR D 359 -18.45 48.15 3.01
N ALA D 360 -18.32 49.46 3.25
CA ALA D 360 -18.79 50.02 4.51
C ALA D 360 -20.30 50.23 4.51
N ALA D 361 -20.80 51.06 3.58
CA ALA D 361 -22.21 51.42 3.49
C ALA D 361 -22.72 51.92 4.83
N PRO D 362 -22.23 53.06 5.33
CA PRO D 362 -22.64 53.50 6.66
C PRO D 362 -24.14 53.78 6.78
N ASP D 363 -24.77 54.29 5.72
CA ASP D 363 -26.18 54.61 5.76
C ASP D 363 -26.73 54.78 4.35
N PRO D 364 -27.90 54.21 4.04
CA PRO D 364 -28.51 54.41 2.71
C PRO D 364 -29.31 55.71 2.64
N LYS D 365 -28.58 56.83 2.57
CA LYS D 365 -29.21 58.13 2.53
C LYS D 365 -29.96 58.32 1.22
N ALA D 366 -31.15 58.95 1.32
CA ALA D 366 -31.93 59.23 0.13
C ALA D 366 -31.23 60.22 -0.79
N LEU D 367 -30.57 61.22 -0.22
CA LEU D 367 -29.86 62.25 -0.97
C LEU D 367 -28.36 62.04 -0.97
N ARG D 368 -27.92 60.77 -1.06
CA ARG D 368 -26.49 60.48 -1.06
C ARG D 368 -25.78 61.03 -2.28
N LEU D 369 -26.50 61.32 -3.35
CA LEU D 369 -25.93 61.89 -4.57
C LEU D 369 -24.83 61.02 -5.15
N GLY D 370 -25.04 59.70 -5.09
CA GLY D 370 -24.08 58.75 -5.64
C GLY D 370 -24.73 57.44 -6.02
N VAL D 371 -24.24 56.80 -7.08
CA VAL D 371 -24.82 55.53 -7.52
C VAL D 371 -24.58 54.46 -6.47
N LEU D 372 -23.35 54.31 -6.02
CA LEU D 372 -23.01 53.43 -4.91
C LEU D 372 -22.39 54.17 -3.74
N LYS D 373 -21.31 54.91 -3.99
CA LYS D 373 -20.64 55.73 -2.96
C LYS D 373 -20.31 54.92 -1.72
N LYS D 374 -19.81 53.70 -1.92
CA LYS D 374 -19.47 52.81 -0.83
C LYS D 374 -17.99 52.98 -0.49
N LYS D 375 -17.71 53.52 0.70
CA LYS D 375 -16.34 53.69 1.13
C LYS D 375 -15.70 52.35 1.46
N ALA D 376 -14.39 52.26 1.24
CA ALA D 376 -13.61 51.06 1.54
C ALA D 376 -13.00 51.23 2.92
N ILE D 377 -13.30 50.29 3.82
CA ILE D 377 -12.81 50.32 5.20
C ILE D 377 -12.19 48.98 5.53
N LEU D 378 -11.32 48.99 6.54
CA LEU D 378 -10.65 47.80 7.03
C LEU D 378 -11.28 47.39 8.36
N HIS D 379 -11.69 46.13 8.46
CA HIS D 379 -12.36 45.62 9.64
C HIS D 379 -11.74 44.29 10.06
N GLN D 380 -11.80 44.01 11.37
CA GLN D 380 -11.29 42.75 11.88
C GLN D 380 -12.04 41.57 11.29
N GLU D 381 -13.36 41.67 11.18
CA GLU D 381 -14.18 40.65 10.53
C GLU D 381 -15.15 41.37 9.61
N GLY D 382 -14.96 41.22 8.30
CA GLY D 382 -15.81 41.89 7.33
C GLY D 382 -17.13 41.20 7.13
N HIS D 383 -17.95 41.81 6.27
CA HIS D 383 -19.27 41.27 5.95
C HIS D 383 -19.12 40.16 4.92
N MET D 384 -20.24 39.73 4.34
CA MET D 384 -20.26 38.70 3.32
C MET D 384 -20.30 39.34 1.93
N ASP D 385 -19.89 38.55 0.93
CA ASP D 385 -19.85 38.99 -0.47
C ASP D 385 -18.90 40.17 -0.65
N ASP D 386 -17.64 39.96 -0.27
CA ASP D 386 -16.59 40.92 -0.51
C ASP D 386 -15.39 40.32 -1.24
N ALA D 387 -15.50 39.07 -1.68
CA ALA D 387 -14.41 38.43 -2.41
C ALA D 387 -14.21 39.11 -3.76
N LEU D 388 -12.95 39.37 -4.11
CA LEU D 388 -12.58 40.07 -5.32
C LEU D 388 -11.96 39.11 -6.31
N PHE D 389 -12.45 39.13 -7.55
CA PHE D 389 -11.86 38.37 -8.64
C PHE D 389 -11.19 39.34 -9.62
N LEU D 390 -10.05 38.92 -10.17
CA LEU D 390 -9.16 39.82 -10.89
C LEU D 390 -9.31 39.64 -12.39
N THR D 391 -9.27 40.76 -13.12
CA THR D 391 -9.27 40.78 -14.57
C THR D 391 -8.18 41.72 -15.05
N ARG D 392 -7.40 41.27 -16.03
CA ARG D 392 -6.28 42.06 -16.54
C ARG D 392 -6.74 43.09 -17.55
N CYS D 393 -5.93 44.13 -17.71
CA CYS D 393 -6.19 45.19 -18.69
C CYS D 393 -5.29 45.01 -19.90
N GLN D 394 -5.60 45.75 -20.96
CA GLN D 394 -4.80 45.72 -22.16
C GLN D 394 -3.50 46.49 -21.95
N GLN D 395 -2.52 46.22 -22.81
CA GLN D 395 -1.25 46.93 -22.74
C GLN D 395 -1.43 48.41 -23.04
N GLU D 396 -2.30 48.73 -24.00
CA GLU D 396 -2.53 50.13 -24.36
C GLU D 396 -3.10 50.91 -23.18
N GLU D 397 -4.04 50.32 -22.44
CA GLU D 397 -4.64 51.02 -21.30
C GLU D 397 -3.61 51.31 -20.22
N SER D 398 -2.78 50.30 -19.89
CA SER D 398 -1.77 50.51 -18.86
C SER D 398 -0.74 51.54 -19.29
N GLN D 399 -0.31 51.48 -20.55
CA GLN D 399 0.64 52.48 -21.06
C GLN D 399 0.03 53.88 -21.01
N ALA D 400 -1.23 54.00 -21.42
CA ALA D 400 -1.89 55.30 -21.39
C ALA D 400 -2.00 55.82 -19.97
N ALA D 401 -2.30 54.95 -19.01
CA ALA D 401 -2.37 55.36 -17.62
C ALA D 401 -1.00 55.85 -17.13
N ARG D 402 0.07 55.15 -17.50
CA ARG D 402 1.40 55.57 -17.07
C ARG D 402 1.77 56.93 -17.66
N MET D 403 1.49 57.13 -18.96
CA MET D 403 1.75 58.44 -19.56
C MET D 403 0.88 59.52 -18.94
N ILE D 404 -0.36 59.19 -18.57
CA ILE D 404 -1.22 60.16 -17.91
C ILE D 404 -0.60 60.59 -16.58
N HIS D 405 -0.12 59.62 -15.81
CA HIS D 405 0.51 59.94 -14.52
C HIS D 405 1.74 60.82 -14.71
N SER D 406 2.64 60.42 -15.62
CA SER D 406 3.87 61.19 -15.83
C SER D 406 3.57 62.59 -16.35
N THR D 407 2.65 62.71 -17.30
CA THR D 407 2.30 64.01 -17.87
C THR D 407 1.65 64.91 -16.83
N ALA D 408 0.75 64.35 -16.01
CA ALA D 408 0.12 65.14 -14.95
C ALA D 408 1.16 65.65 -13.96
N GLY D 409 2.10 64.78 -13.57
CA GLY D 409 3.15 65.22 -12.67
C GLY D 409 4.00 66.34 -13.27
N LEU D 410 4.41 66.17 -14.53
CA LEU D 410 5.26 67.17 -15.17
C LEU D 410 4.53 68.50 -15.33
N TYR D 411 3.27 68.46 -15.75
CA TYR D 411 2.52 69.71 -15.93
C TYR D 411 2.23 70.38 -14.60
N ASN D 412 1.97 69.60 -13.54
CA ASN D 412 1.79 70.19 -12.22
C ASN D 412 3.07 70.86 -11.75
N GLN D 413 4.22 70.22 -11.98
CA GLN D 413 5.49 70.84 -11.63
C GLN D 413 5.71 72.14 -12.41
N PHE D 414 5.39 72.13 -13.71
CA PHE D 414 5.53 73.33 -14.52
C PHE D 414 4.62 74.45 -14.03
N ILE D 415 3.37 74.11 -13.68
CA ILE D 415 2.43 75.12 -13.17
C ILE D 415 2.93 75.71 -11.86
N LYS D 416 3.42 74.85 -10.96
CA LYS D 416 3.94 75.34 -9.69
C LYS D 416 5.16 76.24 -9.90
N GLY D 417 6.05 75.86 -10.81
CA GLY D 417 7.19 76.70 -11.10
C GLY D 417 6.80 78.04 -11.68
N LEU D 418 5.79 78.05 -12.56
CA LEU D 418 5.31 79.31 -13.11
C LEU D 418 4.69 80.18 -12.03
N ASP D 419 3.90 79.58 -11.14
CA ASP D 419 3.24 80.34 -10.08
C ASP D 419 4.22 80.82 -9.01
N SER D 420 5.39 80.18 -8.89
CA SER D 420 6.36 80.60 -7.89
C SER D 420 6.81 82.04 -8.13
N PHE D 421 7.08 82.40 -9.38
CA PHE D 421 7.54 83.74 -9.72
C PHE D 421 6.45 84.59 -10.36
N SER D 422 5.22 84.10 -10.44
CA SER D 422 4.14 84.81 -11.12
C SER D 422 3.75 86.11 -10.43
N GLY D 423 4.14 86.31 -9.17
CA GLY D 423 3.73 87.50 -8.45
C GLY D 423 4.77 88.61 -8.44
N LYS D 424 6.03 88.26 -8.16
CA LYS D 424 7.09 89.24 -8.00
C LYS D 424 7.77 89.50 -9.32
N PRO D 425 7.83 90.76 -9.80
CA PRO D 425 8.63 91.06 -11.00
C PRO D 425 10.08 90.63 -10.84
N ARG D 426 10.77 90.40 -11.96
CA ARG D 426 12.12 89.88 -11.89
C ARG D 426 13.08 90.92 -11.33
N GLY D 427 13.27 92.03 -12.05
CA GLY D 427 14.19 93.05 -11.60
C GLY D 427 15.63 92.63 -11.73
N SER D 428 16.03 91.66 -10.92
CA SER D 428 17.36 91.07 -10.97
C SER D 428 17.28 89.67 -10.36
N GLY D 429 18.27 88.85 -10.69
CA GLY D 429 18.29 87.48 -10.24
C GLY D 429 17.13 86.69 -10.83
N PRO D 430 17.18 86.42 -12.13
CA PRO D 430 16.02 85.82 -12.82
C PRO D 430 15.55 84.52 -12.18
N PRO D 431 16.45 83.62 -11.73
CA PRO D 431 15.94 82.41 -11.06
C PRO D 431 15.38 82.69 -9.67
N ALA D 432 14.06 82.70 -9.54
CA ALA D 432 13.45 82.85 -8.22
C ALA D 432 13.53 81.56 -7.42
N GLY D 433 13.34 80.42 -8.07
CA GLY D 433 13.43 79.13 -7.43
C GLY D 433 13.99 78.08 -8.38
N PRO D 434 13.35 76.91 -8.40
CA PRO D 434 13.77 75.87 -9.34
C PRO D 434 13.53 76.28 -10.78
N ALA D 435 14.42 75.83 -11.66
CA ALA D 435 14.30 76.16 -13.07
C ALA D 435 13.11 75.43 -13.70
N LEU D 436 12.43 76.11 -14.61
CA LEU D 436 11.30 75.50 -15.29
C LEU D 436 11.78 74.43 -16.26
N PRO D 437 11.16 73.25 -16.29
CA PRO D 437 11.57 72.20 -17.25
C PRO D 437 11.09 72.52 -18.66
N ILE D 438 11.73 73.52 -19.27
CA ILE D 438 11.31 73.99 -20.59
C ILE D 438 11.51 72.90 -21.64
N GLU D 439 12.71 72.32 -21.68
CA GLU D 439 13.01 71.29 -22.68
C GLU D 439 12.19 70.04 -22.44
N ALA D 440 12.04 69.63 -21.18
CA ALA D 440 11.25 68.45 -20.88
C ALA D 440 9.79 68.63 -21.26
N VAL D 441 9.22 69.79 -20.96
CA VAL D 441 7.83 70.03 -21.31
C VAL D 441 7.66 70.14 -22.83
N ILE D 442 8.64 70.71 -23.52
CA ILE D 442 8.56 70.79 -24.98
C ILE D 442 8.57 69.38 -25.59
N LEU D 443 9.48 68.53 -25.11
CA LEU D 443 9.56 67.18 -25.62
C LEU D 443 8.29 66.39 -25.29
N SER D 444 7.74 66.58 -24.09
CA SER D 444 6.50 65.90 -23.74
C SER D 444 5.34 66.36 -24.62
N LEU D 445 5.27 67.66 -24.89
CA LEU D 445 4.22 68.18 -25.76
C LEU D 445 4.35 67.60 -27.17
N GLN D 446 5.57 67.56 -27.70
CA GLN D 446 5.76 66.99 -29.04
C GLN D 446 5.41 65.51 -29.07
N ASP D 447 5.81 64.76 -28.03
CA ASP D 447 5.49 63.34 -27.97
C ASP D 447 3.99 63.12 -27.89
N LEU D 448 3.28 63.95 -27.14
CA LEU D 448 1.83 63.82 -27.04
C LEU D 448 1.15 64.20 -28.35
N ILE D 449 1.67 65.22 -29.04
CA ILE D 449 1.11 65.59 -30.34
C ILE D 449 1.27 64.45 -31.33
N GLY D 450 2.45 63.83 -31.37
CA GLY D 450 2.63 62.67 -32.21
C GLY D 450 1.80 61.48 -31.76
N TYR D 451 1.52 61.40 -30.45
CA TYR D 451 0.75 60.29 -29.91
C TYR D 451 -0.68 60.29 -30.42
N PHE D 452 -1.30 61.46 -30.52
CA PHE D 452 -2.70 61.60 -30.90
C PHE D 452 -2.88 61.90 -32.39
N GLU D 453 -1.91 61.55 -33.22
CA GLU D 453 -2.02 61.81 -34.64
C GLU D 453 -3.11 60.94 -35.25
N PRO D 454 -4.04 61.51 -36.02
CA PRO D 454 -5.09 60.70 -36.62
C PRO D 454 -4.52 59.74 -37.65
N PRO D 455 -5.17 58.60 -37.87
CA PRO D 455 -4.66 57.65 -38.87
C PRO D 455 -4.73 58.21 -40.27
N SER D 456 -3.81 57.74 -41.11
CA SER D 456 -3.75 58.20 -42.50
C SER D 456 -4.98 57.74 -43.27
N GLU D 457 -5.36 58.54 -44.28
CA GLU D 457 -6.56 58.28 -45.06
C GLU D 457 -6.34 57.26 -46.17
N GLU D 458 -5.11 56.81 -46.40
CA GLU D 458 -4.81 55.85 -47.46
C GLU D 458 -4.89 54.41 -46.99
N LEU D 459 -5.22 54.17 -45.71
CA LEU D 459 -5.34 52.82 -45.20
C LEU D 459 -6.65 52.19 -45.63
N GLN D 460 -6.75 50.88 -45.44
CA GLN D 460 -7.99 50.17 -45.74
C GLN D 460 -9.05 50.53 -44.71
N HIS D 461 -10.31 50.27 -45.07
CA HIS D 461 -11.43 50.73 -44.26
C HIS D 461 -11.42 50.10 -42.87
N GLU D 462 -11.20 48.78 -42.80
CA GLU D 462 -11.28 48.09 -41.52
C GLU D 462 -10.16 48.53 -40.58
N GLU D 463 -8.92 48.57 -41.08
CA GLU D 463 -7.81 49.00 -40.25
C GLU D 463 -7.94 50.46 -39.86
N LYS D 464 -8.43 51.30 -40.77
CA LYS D 464 -8.65 52.71 -40.43
C LYS D 464 -9.69 52.85 -39.32
N GLN D 465 -10.78 52.08 -39.40
CA GLN D 465 -11.80 52.14 -38.36
C GLN D 465 -11.25 51.63 -37.02
N SER D 466 -10.44 50.58 -37.05
CA SER D 466 -9.83 50.08 -35.81
C SER D 466 -8.91 51.12 -35.19
N LYS D 467 -8.08 51.77 -36.01
CA LYS D 467 -7.18 52.80 -35.51
C LYS D 467 -7.97 53.99 -34.97
N LEU D 468 -9.06 54.36 -35.65
CA LEU D 468 -9.90 55.44 -35.16
C LEU D 468 -10.51 55.10 -33.81
N ARG D 469 -10.98 53.86 -33.64
CA ARG D 469 -11.54 53.45 -32.36
C ARG D 469 -10.48 53.49 -31.26
N SER D 470 -9.27 53.02 -31.57
CA SER D 470 -8.19 53.07 -30.58
C SER D 470 -7.86 54.51 -30.20
N LEU D 471 -7.79 55.40 -31.19
CA LEU D 471 -7.50 56.80 -30.91
C LEU D 471 -8.60 57.44 -30.07
N ARG D 472 -9.86 57.14 -30.37
CA ARG D 472 -10.97 57.68 -29.59
C ARG D 472 -10.91 57.18 -28.15
N ASN D 473 -10.61 55.89 -27.97
CA ASN D 473 -10.50 55.35 -26.62
C ASN D 473 -9.36 56.01 -25.85
N ARG D 474 -8.22 56.21 -26.51
CA ARG D 474 -7.09 56.86 -25.85
C ARG D 474 -7.42 58.30 -25.48
N GLN D 475 -8.10 59.02 -26.37
CA GLN D 475 -8.49 60.40 -26.07
C GLN D 475 -9.46 60.45 -24.90
N SER D 476 -10.43 59.53 -24.86
CA SER D 476 -11.37 59.49 -23.74
C SER D 476 -10.66 59.17 -22.44
N LEU D 477 -9.71 58.22 -22.48
CA LEU D 477 -8.97 57.88 -21.27
C LEU D 477 -8.15 59.08 -20.77
N PHE D 478 -7.51 59.81 -21.69
CA PHE D 478 -6.75 60.97 -21.29
C PHE D 478 -7.64 62.07 -20.73
N GLN D 479 -8.84 62.25 -21.32
CA GLN D 479 -9.73 63.30 -20.87
C GLN D 479 -10.37 62.98 -19.52
N GLU D 480 -10.62 61.69 -19.24
CA GLU D 480 -11.30 61.32 -18.01
C GLU D 480 -10.47 61.70 -16.78
N GLU D 481 -9.15 61.48 -16.84
CA GLU D 481 -8.26 61.80 -15.74
C GLU D 481 -7.73 63.22 -15.80
N GLY D 482 -8.45 64.13 -16.45
CA GLY D 482 -8.00 65.49 -16.62
C GLY D 482 -7.38 65.72 -18.00
N MET D 483 -6.19 66.29 -18.02
CA MET D 483 -5.38 66.54 -19.21
C MET D 483 -6.02 67.54 -20.17
N LEU D 484 -7.22 68.04 -19.86
CA LEU D 484 -7.83 69.14 -20.58
C LEU D 484 -7.91 70.40 -19.73
N SER D 485 -8.23 70.24 -18.44
CA SER D 485 -8.14 71.36 -17.51
C SER D 485 -6.70 71.75 -17.25
N LEU D 486 -5.79 70.77 -17.24
CA LEU D 486 -4.38 71.08 -17.03
C LEU D 486 -3.81 71.90 -18.18
N VAL D 487 -4.14 71.52 -19.41
CA VAL D 487 -3.68 72.29 -20.58
C VAL D 487 -4.30 73.68 -20.56
N LEU D 488 -5.56 73.78 -20.16
CA LEU D 488 -6.21 75.08 -20.03
C LEU D 488 -5.49 75.96 -19.02
N ASN D 489 -5.13 75.38 -17.86
CA ASN D 489 -4.41 76.15 -16.85
C ASN D 489 -3.05 76.59 -17.35
N CYS D 490 -2.33 75.69 -18.03
CA CYS D 490 -1.02 76.06 -18.57
C CYS D 490 -1.12 77.18 -19.59
N ILE D 491 -2.12 77.11 -20.48
CA ILE D 491 -2.32 78.15 -21.46
C ILE D 491 -2.67 79.47 -20.79
N ASP D 492 -3.51 79.41 -19.75
CA ASP D 492 -3.89 80.63 -19.04
C ASP D 492 -2.68 81.27 -18.36
N ARG D 493 -1.84 80.45 -17.72
CA ARG D 493 -0.65 80.99 -17.06
C ARG D 493 0.33 81.58 -18.07
N LEU D 494 0.52 80.90 -19.21
CA LEU D 494 1.47 81.39 -20.19
C LEU D 494 0.96 82.65 -20.89
N ASN D 495 -0.36 82.75 -21.08
CA ASN D 495 -0.96 83.85 -21.83
C ASN D 495 -1.30 85.04 -20.96
N VAL D 496 -0.94 85.00 -19.67
CA VAL D 496 -1.09 86.20 -18.83
C VAL D 496 -0.24 87.33 -19.39
N TYR D 497 0.99 87.03 -19.78
CA TYR D 497 1.84 88.00 -20.44
C TYR D 497 1.46 88.12 -21.91
N THR D 498 1.40 89.35 -22.40
CA THR D 498 0.86 89.59 -23.74
C THR D 498 1.88 89.29 -24.83
N THR D 499 3.14 89.69 -24.64
CA THR D 499 4.19 89.46 -25.63
C THR D 499 5.30 88.61 -25.01
N ALA D 500 6.27 88.25 -25.84
CA ALA D 500 7.44 87.48 -25.40
C ALA D 500 8.48 88.35 -24.70
N ALA D 501 8.37 89.67 -24.79
CA ALA D 501 9.29 90.57 -24.13
C ALA D 501 8.64 91.42 -23.04
N HIS D 502 7.36 91.77 -23.18
CA HIS D 502 6.67 92.55 -22.17
C HIS D 502 6.34 91.64 -20.98
N PHE D 503 7.00 91.90 -19.84
CA PHE D 503 6.88 91.12 -18.61
C PHE D 503 6.79 89.62 -18.87
N ALA D 504 7.59 89.11 -19.81
CA ALA D 504 7.69 87.68 -20.07
C ALA D 504 9.07 87.13 -19.75
N GLU D 505 10.02 88.00 -19.38
CA GLU D 505 11.36 87.58 -19.00
C GLU D 505 11.48 87.28 -17.51
N TYR D 506 10.35 87.18 -16.80
CA TYR D 506 10.39 86.92 -15.37
C TYR D 506 11.09 85.61 -15.05
N ALA D 507 11.03 84.64 -15.96
CA ALA D 507 11.77 83.40 -15.81
C ALA D 507 13.20 83.50 -16.32
N GLY D 508 13.57 84.62 -16.95
CA GLY D 508 14.90 84.79 -17.49
C GLY D 508 14.89 85.00 -18.98
N GLU D 509 15.98 85.55 -19.52
CA GLU D 509 16.09 85.76 -20.96
C GLU D 509 16.23 84.47 -21.74
N GLU D 510 16.57 83.36 -21.07
CA GLU D 510 16.72 82.09 -21.77
C GLU D 510 15.38 81.48 -22.14
N ALA D 511 14.34 81.73 -21.34
CA ALA D 511 13.02 81.18 -21.58
C ALA D 511 12.12 82.10 -22.39
N ALA D 512 12.60 83.29 -22.77
CA ALA D 512 11.78 84.23 -23.53
C ALA D 512 11.46 83.69 -24.92
N GLU D 513 12.45 83.07 -25.59
CA GLU D 513 12.25 82.60 -26.96
C GLU D 513 11.40 81.34 -27.03
N SER D 514 11.39 80.52 -25.99
CA SER D 514 10.64 79.27 -25.99
C SER D 514 9.20 79.45 -25.55
N TRP D 515 8.82 80.63 -25.07
CA TRP D 515 7.45 80.85 -24.60
C TRP D 515 6.44 80.69 -25.74
N LYS D 516 6.73 81.29 -26.89
CA LYS D 516 5.85 81.15 -28.03
C LYS D 516 5.76 79.71 -28.52
N GLU D 517 6.90 79.01 -28.53
CA GLU D 517 6.89 77.61 -28.95
C GLU D 517 6.04 76.75 -28.01
N ILE D 518 6.17 76.97 -26.70
CA ILE D 518 5.38 76.19 -25.74
C ILE D 518 3.90 76.52 -25.87
N VAL D 519 3.58 77.80 -26.11
CA VAL D 519 2.18 78.18 -26.29
C VAL D 519 1.59 77.49 -27.51
N ASN D 520 2.33 77.50 -28.62
CA ASN D 520 1.85 76.85 -29.85
C ASN D 520 1.71 75.35 -29.65
N LEU D 521 2.67 74.72 -28.96
CA LEU D 521 2.58 73.29 -28.71
C LEU D 521 1.38 72.95 -27.82
N LEU D 522 1.12 73.77 -26.81
CA LEU D 522 -0.05 73.54 -25.96
C LEU D 522 -1.35 73.69 -26.76
N SER D 523 -1.42 74.69 -27.64
CA SER D 523 -2.61 74.86 -28.47
C SER D 523 -2.80 73.66 -29.39
N GLU D 524 -1.71 73.18 -30.00
CA GLU D 524 -1.81 72.03 -30.90
C GLU D 524 -2.24 70.78 -30.15
N LEU D 525 -1.70 70.57 -28.94
CA LEU D 525 -2.10 69.41 -28.14
C LEU D 525 -3.56 69.51 -27.73
N LEU D 526 -4.01 70.71 -27.36
CA LEU D 526 -5.43 70.88 -27.03
C LEU D 526 -6.32 70.59 -28.23
N ALA D 527 -5.90 71.02 -29.42
CA ALA D 527 -6.66 70.70 -30.63
C ALA D 527 -6.68 69.20 -30.88
N SER D 528 -5.55 68.53 -30.70
CA SER D 528 -5.47 67.10 -31.00
C SER D 528 -6.25 66.26 -30.00
N LEU D 529 -6.33 66.71 -28.75
CA LEU D 529 -7.01 65.92 -27.72
C LEU D 529 -8.51 65.81 -27.98
N ILE D 530 -9.09 66.76 -28.71
CA ILE D 530 -10.53 66.79 -28.96
C ILE D 530 -10.86 66.65 -30.44
N ARG D 531 -9.87 66.55 -31.31
CA ARG D 531 -10.12 66.48 -32.75
C ARG D 531 -10.78 65.14 -33.09
N GLY D 532 -12.06 65.20 -33.48
CA GLY D 532 -12.79 64.03 -33.90
C GLY D 532 -13.55 63.29 -32.81
N ASN D 533 -13.37 63.68 -31.54
CA ASN D 533 -14.05 63.04 -30.43
C ASN D 533 -15.28 63.87 -30.07
N ARG D 534 -16.47 63.29 -30.28
CA ARG D 534 -17.70 64.02 -30.01
C ARG D 534 -17.88 64.26 -28.52
N ALA D 535 -17.57 63.26 -27.69
CA ALA D 535 -17.75 63.43 -26.25
C ALA D 535 -16.80 64.49 -25.68
N ASN D 536 -15.55 64.49 -26.12
CA ASN D 536 -14.60 65.49 -25.64
C ASN D 536 -15.00 66.88 -26.08
N CYS D 537 -15.46 67.03 -27.32
CA CYS D 537 -15.92 68.33 -27.79
C CYS D 537 -17.15 68.79 -27.02
N ALA D 538 -18.08 67.88 -26.73
CA ALA D 538 -19.26 68.24 -25.96
C ALA D 538 -18.88 68.69 -24.55
N LEU D 539 -17.91 68.01 -23.93
CA LEU D 539 -17.48 68.41 -22.59
C LEU D 539 -16.70 69.71 -22.63
N PHE D 540 -15.98 69.99 -23.71
CA PHE D 540 -15.18 71.20 -23.84
C PHE D 540 -16.00 72.40 -24.32
N SER D 541 -17.23 72.18 -24.80
CA SER D 541 -18.04 73.28 -25.28
C SER D 541 -18.33 74.33 -24.21
N THR D 542 -18.19 73.98 -22.93
CA THR D 542 -18.42 74.94 -21.86
C THR D 542 -17.42 76.09 -21.86
N ASN D 543 -16.29 75.94 -22.55
CA ASN D 543 -15.26 76.96 -22.63
C ASN D 543 -15.36 77.79 -23.91
N LEU D 544 -16.58 78.00 -24.41
CA LEU D 544 -16.78 78.79 -25.61
C LEU D 544 -16.24 80.21 -25.46
N ASP D 545 -16.59 80.87 -24.35
CA ASP D 545 -16.16 82.25 -24.15
C ASP D 545 -14.64 82.35 -24.05
N TRP D 546 -14.02 81.41 -23.34
CA TRP D 546 -12.57 81.42 -23.24
C TRP D 546 -11.91 81.20 -24.59
N VAL D 547 -12.43 80.25 -25.38
CA VAL D 547 -11.86 79.98 -26.70
C VAL D 547 -11.99 81.20 -27.60
N VAL D 548 -13.16 81.85 -27.58
CA VAL D 548 -13.38 83.02 -28.43
C VAL D 548 -12.49 84.17 -27.98
N SER D 549 -12.33 84.35 -26.67
CA SER D 549 -11.50 85.44 -26.17
C SER D 549 -10.03 85.22 -26.49
N LYS D 550 -9.57 83.96 -26.51
CA LYS D 550 -8.18 83.66 -26.81
C LYS D 550 -7.88 83.65 -28.32
N LEU D 551 -8.75 84.22 -29.14
CA LEU D 551 -8.58 84.23 -30.59
C LEU D 551 -7.84 85.45 -31.12
N ASP D 552 -7.42 86.36 -30.24
CA ASP D 552 -6.77 87.60 -30.65
C ASP D 552 -5.43 87.76 -29.93
N ARG D 553 -4.64 86.70 -29.92
CA ARG D 553 -3.33 86.73 -29.28
C ARG D 553 -2.18 86.82 -30.28
N LEU D 554 -2.46 86.70 -31.58
CA LEU D 554 -1.49 86.88 -32.66
C LEU D 554 -0.48 85.74 -32.71
N GLU D 555 -0.50 84.86 -31.72
CA GLU D 555 0.40 83.72 -31.69
C GLU D 555 -0.36 82.43 -31.39
N ALA D 556 -1.48 82.55 -30.69
CA ALA D 556 -2.31 81.41 -30.34
C ALA D 556 -3.51 81.25 -31.27
N SER D 557 -3.70 82.16 -32.22
CA SER D 557 -4.85 82.08 -33.11
C SER D 557 -4.78 80.85 -34.00
N SER D 558 -3.58 80.47 -34.44
CA SER D 558 -3.43 79.34 -35.36
C SER D 558 -3.94 78.04 -34.75
N GLY D 559 -3.86 77.90 -33.42
CA GLY D 559 -4.34 76.70 -32.77
C GLY D 559 -5.73 76.85 -32.20
N ILE D 560 -6.03 78.04 -31.68
CA ILE D 560 -7.36 78.28 -31.10
C ILE D 560 -8.43 78.22 -32.18
N LEU D 561 -8.12 78.71 -33.38
CA LEU D 561 -9.07 78.61 -34.49
C LEU D 561 -9.37 77.16 -34.83
N GLU D 562 -8.34 76.31 -34.85
CA GLU D 562 -8.56 74.89 -35.12
C GLU D 562 -9.36 74.23 -34.00
N VAL D 563 -9.10 74.61 -32.75
CA VAL D 563 -9.88 74.08 -31.63
C VAL D 563 -11.34 74.45 -31.78
N LEU D 564 -11.61 75.72 -32.11
CA LEU D 564 -12.98 76.18 -32.30
C LEU D 564 -13.66 75.46 -33.44
N TYR D 565 -12.94 75.27 -34.56
CA TYR D 565 -13.52 74.57 -35.70
C TYR D 565 -13.86 73.12 -35.35
N CYS D 566 -12.96 72.45 -34.63
CA CYS D 566 -13.22 71.07 -34.22
C CYS D 566 -14.42 71.00 -33.27
N VAL D 567 -14.51 71.94 -32.34
CA VAL D 567 -15.63 71.96 -31.40
C VAL D 567 -16.95 72.16 -32.16
N LEU D 568 -16.96 73.09 -33.11
CA LEU D 568 -18.19 73.37 -33.85
C LEU D 568 -18.57 72.21 -34.77
N ILE D 569 -17.58 71.50 -35.33
CA ILE D 569 -17.88 70.43 -36.26
C ILE D 569 -18.34 69.18 -35.53
N GLU D 570 -17.59 68.77 -34.49
CA GLU D 570 -17.89 67.49 -33.85
C GLU D 570 -19.13 67.55 -32.98
N SER D 571 -19.36 68.65 -32.28
CA SER D 571 -20.49 68.80 -31.38
C SER D 571 -21.35 69.97 -31.85
N PRO D 572 -22.33 69.72 -32.72
CA PRO D 572 -23.21 70.78 -33.23
C PRO D 572 -24.38 71.11 -32.31
N GLU D 573 -24.07 71.28 -31.01
CA GLU D 573 -25.03 71.79 -30.05
C GLU D 573 -24.61 73.12 -29.46
N VAL D 574 -23.33 73.48 -29.56
CA VAL D 574 -22.83 74.75 -29.05
C VAL D 574 -23.22 75.92 -29.93
N LEU D 575 -23.77 75.64 -31.12
CA LEU D 575 -24.17 76.72 -32.02
C LEU D 575 -25.28 77.58 -31.43
N ASN D 576 -26.23 76.95 -30.73
CA ASN D 576 -27.38 77.69 -30.21
C ASN D 576 -27.00 78.67 -29.11
N ILE D 577 -25.89 78.44 -28.41
CA ILE D 577 -25.49 79.27 -27.30
C ILE D 577 -24.50 80.36 -27.73
N ILE D 578 -24.41 80.63 -29.03
CA ILE D 578 -23.49 81.63 -29.56
C ILE D 578 -24.25 82.94 -29.74
N GLN D 579 -23.72 84.01 -29.15
CA GLN D 579 -24.34 85.32 -29.22
C GLN D 579 -23.73 86.12 -30.36
N GLU D 580 -24.09 87.40 -30.47
CA GLU D 580 -23.58 88.24 -31.54
C GLU D 580 -22.14 88.65 -31.30
N ASN D 581 -21.71 88.71 -30.04
CA ASN D 581 -20.35 89.15 -29.75
C ASN D 581 -19.31 88.15 -30.25
N HIS D 582 -19.62 86.85 -30.20
CA HIS D 582 -18.71 85.86 -30.73
C HIS D 582 -18.52 86.02 -32.25
N ILE D 583 -19.62 86.23 -32.97
CA ILE D 583 -19.53 86.44 -34.41
C ILE D 583 -18.77 87.72 -34.72
N LYS D 584 -19.02 88.79 -33.95
CA LYS D 584 -18.29 90.03 -34.15
C LYS D 584 -16.80 89.85 -33.90
N SER D 585 -16.45 89.08 -32.87
CA SER D 585 -15.04 88.81 -32.59
C SER D 585 -14.40 88.00 -33.72
N ILE D 586 -15.12 87.03 -34.27
CA ILE D 586 -14.59 86.24 -35.38
C ILE D 586 -14.38 87.13 -36.61
N ILE D 587 -15.33 88.01 -36.89
CA ILE D 587 -15.19 88.93 -38.02
C ILE D 587 -14.02 89.89 -37.78
N SER D 588 -13.85 90.33 -36.54
CA SER D 588 -12.71 91.19 -36.22
C SER D 588 -11.39 90.46 -36.40
N LEU D 589 -11.35 89.17 -36.03
CA LEU D 589 -10.15 88.38 -36.27
C LEU D 589 -9.87 88.27 -37.76
N LEU D 590 -10.90 88.05 -38.57
CA LEU D 590 -10.73 88.01 -40.01
C LEU D 590 -10.19 89.34 -40.54
N ASP D 591 -10.69 90.45 -39.99
CA ASP D 591 -10.25 91.77 -40.44
C ASP D 591 -8.81 92.07 -40.01
N LYS D 592 -8.39 91.59 -38.84
CA LYS D 592 -7.10 91.95 -38.29
C LYS D 592 -5.97 91.02 -38.69
N HIS D 593 -6.26 89.74 -38.91
CA HIS D 593 -5.22 88.77 -39.24
C HIS D 593 -5.08 88.52 -40.74
N GLY D 594 -5.82 89.25 -41.57
CA GLY D 594 -5.74 89.08 -43.01
C GLY D 594 -6.82 88.16 -43.54
N ARG D 595 -6.83 88.04 -44.86
CA ARG D 595 -7.83 87.23 -45.56
C ARG D 595 -7.45 85.76 -45.44
N ASN D 596 -8.03 85.09 -44.44
CA ASN D 596 -7.84 83.65 -44.25
C ASN D 596 -9.08 82.91 -44.72
N HIS D 597 -8.87 81.71 -45.26
CA HIS D 597 -9.95 80.90 -45.78
C HIS D 597 -10.52 79.94 -44.75
N LYS D 598 -10.00 79.93 -43.52
CA LYS D 598 -10.55 79.10 -42.46
C LYS D 598 -11.57 79.82 -41.61
N VAL D 599 -11.49 81.16 -41.53
CA VAL D 599 -12.54 81.93 -40.87
C VAL D 599 -13.86 81.75 -41.59
N LEU D 600 -13.83 81.70 -42.92
CA LEU D 600 -15.04 81.45 -43.70
C LEU D 600 -15.59 80.06 -43.41
N ASP D 601 -14.71 79.07 -43.27
CA ASP D 601 -15.16 77.73 -42.91
C ASP D 601 -15.80 77.71 -41.53
N VAL D 602 -15.23 78.45 -40.58
CA VAL D 602 -15.81 78.55 -39.24
C VAL D 602 -17.20 79.17 -39.31
N LEU D 603 -17.35 80.24 -40.10
CA LEU D 603 -18.67 80.86 -40.26
C LEU D 603 -19.66 79.89 -40.90
N CYS D 604 -19.21 79.13 -41.90
CA CYS D 604 -20.09 78.15 -42.53
C CYS D 604 -20.54 77.09 -41.53
N SER D 605 -19.63 76.64 -40.67
CA SER D 605 -20.00 75.71 -39.60
C SER D 605 -21.00 76.36 -38.65
N LEU D 606 -20.84 77.66 -38.37
CA LEU D 606 -21.78 78.38 -37.54
C LEU D 606 -23.18 78.42 -38.16
N CYS D 607 -23.24 78.47 -39.49
CA CYS D 607 -24.52 78.73 -40.17
C CYS D 607 -25.51 77.60 -39.95
N VAL D 608 -25.10 76.35 -40.17
CA VAL D 608 -26.01 75.22 -40.20
C VAL D 608 -25.71 74.29 -39.03
N CYS D 609 -26.77 73.84 -38.35
CA CYS D 609 -26.68 73.03 -37.14
C CYS D 609 -27.22 71.62 -37.43
N ASN D 610 -26.35 70.74 -37.93
CA ASN D 610 -26.66 69.32 -38.08
C ASN D 610 -27.94 69.11 -38.88
N GLY D 611 -28.04 69.79 -40.01
CA GLY D 611 -29.21 69.70 -40.87
C GLY D 611 -30.34 70.64 -40.51
N VAL D 612 -30.21 71.40 -39.43
CA VAL D 612 -31.21 72.40 -39.03
C VAL D 612 -30.55 73.77 -39.10
N ALA D 613 -31.20 74.70 -39.80
CA ALA D 613 -30.64 76.02 -40.01
C ALA D 613 -30.88 76.90 -38.80
N VAL D 614 -29.82 77.53 -38.30
CA VAL D 614 -29.92 78.50 -37.22
C VAL D 614 -30.06 79.87 -37.89
N ARG D 615 -31.31 80.33 -38.03
CA ARG D 615 -31.55 81.60 -38.70
C ARG D 615 -30.92 82.77 -37.94
N SER D 616 -30.74 82.62 -36.63
CA SER D 616 -30.12 83.68 -35.84
C SER D 616 -28.68 83.94 -36.30
N ASN D 617 -27.88 82.87 -36.38
CA ASN D 617 -26.49 83.02 -36.82
C ASN D 617 -26.41 83.50 -38.26
N GLN D 618 -27.27 82.97 -39.13
CA GLN D 618 -27.29 83.39 -40.53
C GLN D 618 -27.57 84.88 -40.66
N ASP D 619 -28.61 85.35 -39.97
CA ASP D 619 -28.95 86.77 -40.02
C ASP D 619 -27.87 87.64 -39.39
N LEU D 620 -27.26 87.17 -38.30
CA LEU D 620 -26.20 87.94 -37.66
C LEU D 620 -25.00 88.09 -38.59
N ILE D 621 -24.59 87.00 -39.25
CA ILE D 621 -23.48 87.07 -40.19
C ILE D 621 -23.83 87.99 -41.35
N THR D 622 -25.05 87.87 -41.88
CA THR D 622 -25.47 88.71 -43.00
C THR D 622 -25.44 90.19 -42.61
N GLU D 623 -25.89 90.51 -41.40
CA GLU D 623 -25.95 91.90 -40.98
C GLU D 623 -24.58 92.46 -40.60
N ASN D 624 -23.66 91.61 -40.13
CA ASN D 624 -22.37 92.09 -39.65
C ASN D 624 -21.27 92.03 -40.69
N LEU D 625 -21.46 91.29 -41.79
CA LEU D 625 -20.40 91.14 -42.78
C LEU D 625 -20.76 91.72 -44.13
N LEU D 626 -21.94 91.38 -44.67
CA LEU D 626 -22.27 91.76 -46.04
C LEU D 626 -22.39 93.26 -46.27
N PRO D 627 -23.11 94.05 -45.46
CA PRO D 627 -23.37 95.45 -45.84
C PRO D 627 -22.11 96.28 -46.02
N GLY D 628 -21.08 96.03 -45.21
CA GLY D 628 -19.83 96.74 -45.37
C GLY D 628 -18.91 96.04 -46.35
N ARG D 629 -18.90 96.51 -47.60
CA ARG D 629 -18.12 95.89 -48.67
C ARG D 629 -16.65 96.33 -48.57
N GLU D 630 -16.05 96.04 -47.41
CA GLU D 630 -14.66 96.36 -47.16
C GLU D 630 -13.82 95.17 -46.73
N LEU D 631 -14.39 93.97 -46.72
CA LEU D 631 -13.69 92.77 -46.29
C LEU D 631 -13.71 91.65 -47.32
N LEU D 632 -14.79 91.49 -48.05
CA LEU D 632 -14.92 90.45 -49.06
C LEU D 632 -14.66 91.01 -50.45
N LEU D 633 -14.05 90.18 -51.30
CA LEU D 633 -13.72 90.60 -52.65
C LEU D 633 -14.99 90.79 -53.46
N GLN D 634 -15.21 92.01 -53.95
CA GLN D 634 -16.41 92.33 -54.71
C GLN D 634 -16.25 91.89 -56.17
N THR D 635 -17.36 91.92 -56.90
CA THR D 635 -17.36 91.57 -58.32
C THR D 635 -18.52 92.28 -59.00
N ASN D 636 -18.32 92.62 -60.27
CA ASN D 636 -19.33 93.33 -61.04
C ASN D 636 -18.99 93.19 -62.52
N LEU D 637 -19.96 93.56 -63.36
CA LEU D 637 -19.80 93.56 -64.80
C LEU D 637 -19.52 94.97 -65.27
N ILE D 638 -18.35 95.19 -65.86
CA ILE D 638 -17.94 96.51 -66.33
C ILE D 638 -17.64 96.44 -67.82
N ASN D 639 -17.49 97.62 -68.42
CA ASN D 639 -17.29 97.75 -69.85
C ASN D 639 -15.80 97.71 -70.20
N TYR D 640 -15.53 97.81 -71.50
CA TYR D 640 -14.18 97.94 -72.04
C TYR D 640 -14.04 99.33 -72.63
N VAL D 641 -13.04 100.08 -72.18
CA VAL D 641 -12.83 101.46 -72.59
C VAL D 641 -11.46 101.58 -73.24
N THR D 642 -11.41 102.25 -74.39
CA THR D 642 -10.18 102.50 -75.12
C THR D 642 -10.00 104.00 -75.35
N SER D 643 -8.88 104.35 -75.97
CA SER D 643 -8.56 105.74 -76.26
C SER D 643 -7.97 105.84 -77.66
N ILE D 644 -8.23 106.98 -78.30
CA ILE D 644 -7.71 107.27 -79.65
C ILE D 644 -7.14 108.67 -79.63
N ARG D 645 -5.92 108.83 -80.14
CA ARG D 645 -5.23 110.10 -80.16
C ARG D 645 -4.64 110.38 -81.52
N PRO D 646 -4.50 111.65 -81.89
CA PRO D 646 -3.70 112.01 -83.07
C PRO D 646 -2.24 112.21 -82.70
N ASN D 647 -1.38 112.04 -83.70
CA ASN D 647 0.07 112.15 -83.50
C ASN D 647 0.49 113.63 -83.51
N ILE D 648 -0.11 114.40 -82.61
CA ILE D 648 0.21 115.80 -82.42
C ILE D 648 0.67 115.99 -80.97
N PHE D 649 1.93 116.35 -80.79
CA PHE D 649 2.52 116.50 -79.47
C PHE D 649 3.00 117.92 -79.27
N VAL D 650 2.63 118.51 -78.14
CA VAL D 650 3.07 119.85 -77.75
C VAL D 650 3.66 119.77 -76.35
N GLY D 651 4.52 120.73 -76.04
CA GLY D 651 5.17 120.75 -74.74
C GLY D 651 5.81 122.09 -74.48
N ARG D 652 6.21 122.28 -73.23
CA ARG D 652 6.85 123.51 -72.78
C ARG D 652 8.27 123.20 -72.33
N ALA D 653 9.24 123.91 -72.90
CA ALA D 653 10.65 123.70 -72.60
C ALA D 653 11.35 125.05 -72.75
N GLU D 654 12.68 125.00 -72.90
CA GLU D 654 13.44 126.23 -73.09
C GLU D 654 13.04 126.97 -74.36
N GLY D 655 12.47 126.28 -75.33
CA GLY D 655 11.97 126.94 -76.52
C GLY D 655 11.88 125.99 -77.70
N SER D 656 11.69 126.60 -78.87
CA SER D 656 11.68 125.93 -80.18
C SER D 656 10.40 125.15 -80.42
N THR D 657 9.55 125.01 -79.40
CA THR D 657 8.20 124.47 -79.58
C THR D 657 7.27 125.27 -78.66
N GLN D 658 6.78 126.41 -79.16
CA GLN D 658 5.89 127.24 -78.35
C GLN D 658 5.08 128.14 -79.27
N TYR D 659 3.82 127.74 -79.54
CA TYR D 659 2.83 128.69 -79.98
C TYR D 659 2.13 129.37 -78.81
N GLY D 660 2.43 128.93 -77.59
CA GLY D 660 1.81 129.46 -76.40
C GLY D 660 0.49 128.78 -76.10
N LYS D 661 -0.31 128.53 -77.13
CA LYS D 661 -1.65 128.01 -76.98
C LYS D 661 -1.95 127.03 -78.11
N TRP D 662 -2.86 126.09 -77.84
CA TRP D 662 -3.33 125.13 -78.82
C TRP D 662 -4.83 124.95 -78.66
N TYR D 663 -5.48 124.56 -79.76
CA TYR D 663 -6.94 124.50 -79.79
C TYR D 663 -7.40 123.45 -80.79
N PHE D 664 -8.33 122.60 -80.37
CA PHE D 664 -8.93 121.61 -81.27
C PHE D 664 -10.35 121.35 -80.80
N GLU D 665 -11.14 120.71 -81.68
CA GLU D 665 -12.54 120.44 -81.42
C GLU D 665 -12.85 118.98 -81.70
N VAL D 666 -13.87 118.48 -81.00
CA VAL D 666 -14.40 117.14 -81.21
C VAL D 666 -15.90 117.25 -81.40
N MET D 667 -16.40 116.72 -82.53
CA MET D 667 -17.82 116.76 -82.85
C MET D 667 -18.42 115.37 -82.70
N VAL D 668 -19.52 115.27 -81.96
CA VAL D 668 -20.18 114.00 -81.71
C VAL D 668 -21.28 113.81 -82.75
N ASP D 669 -21.21 112.71 -83.49
CA ASP D 669 -22.21 112.41 -84.51
C ASP D 669 -23.41 111.66 -83.93
N GLU D 670 -23.16 110.54 -83.26
CA GLU D 670 -24.22 109.78 -82.63
C GLU D 670 -23.67 109.05 -81.41
N VAL D 671 -24.50 108.95 -80.37
CA VAL D 671 -24.13 108.26 -79.14
C VAL D 671 -25.35 107.54 -78.59
N VAL D 672 -25.23 106.24 -78.36
CA VAL D 672 -26.26 105.45 -77.70
C VAL D 672 -25.96 105.45 -76.20
N PRO D 673 -26.88 105.92 -75.35
CA PRO D 673 -26.53 106.09 -73.93
C PRO D 673 -26.43 104.78 -73.16
N PHE D 674 -27.25 103.79 -73.49
CA PHE D 674 -27.32 102.55 -72.72
C PHE D 674 -27.32 101.34 -73.64
N LEU D 675 -26.36 101.30 -74.57
CA LEU D 675 -26.21 100.15 -75.44
C LEU D 675 -25.96 98.88 -74.65
N THR D 676 -25.32 98.99 -73.50
CA THR D 676 -25.07 97.86 -72.60
C THR D 676 -25.78 98.13 -71.28
N ALA D 677 -25.52 97.25 -70.30
CA ALA D 677 -26.22 97.34 -69.03
C ALA D 677 -25.70 98.49 -68.17
N GLN D 678 -24.39 98.76 -68.21
CA GLN D 678 -23.82 99.71 -67.25
C GLN D 678 -24.03 101.16 -67.68
N ALA D 679 -23.39 101.57 -68.77
CA ALA D 679 -23.44 102.95 -69.25
C ALA D 679 -22.72 103.03 -70.58
N THR D 680 -22.60 104.25 -71.11
CA THR D 680 -21.77 104.55 -72.27
C THR D 680 -20.72 105.56 -71.85
N HIS D 681 -19.46 105.24 -72.12
CA HIS D 681 -18.33 106.06 -71.71
C HIS D 681 -17.86 106.92 -72.87
N LEU D 682 -17.72 108.22 -72.64
CA LEU D 682 -17.24 109.13 -73.68
C LEU D 682 -16.71 110.39 -73.01
N ARG D 683 -15.39 110.61 -73.08
CA ARG D 683 -14.77 111.81 -72.57
C ARG D 683 -13.76 112.33 -73.59
N VAL D 684 -13.52 113.64 -73.56
CA VAL D 684 -12.52 114.28 -74.40
C VAL D 684 -11.65 115.15 -73.51
N GLY D 685 -10.42 115.40 -73.97
CA GLY D 685 -9.50 116.22 -73.20
C GLY D 685 -8.07 116.03 -73.65
N TRP D 686 -7.15 116.34 -72.74
CA TRP D 686 -5.72 116.23 -73.00
C TRP D 686 -5.11 115.18 -72.09
N ALA D 687 -3.91 114.73 -72.45
CA ALA D 687 -3.20 113.72 -71.69
C ALA D 687 -1.71 113.89 -71.86
N LEU D 688 -0.96 113.29 -70.94
CA LEU D 688 0.50 113.35 -70.95
C LEU D 688 1.07 112.11 -71.61
N THR D 689 2.23 112.27 -72.25
CA THR D 689 2.85 111.19 -73.00
C THR D 689 3.74 110.30 -72.14
N GLU D 690 3.93 110.63 -70.86
CA GLU D 690 4.84 109.87 -70.01
C GLU D 690 4.13 108.94 -69.04
N GLY D 691 2.89 109.24 -68.65
CA GLY D 691 2.22 108.43 -67.66
C GLY D 691 0.90 107.84 -68.11
N TYR D 692 0.25 108.45 -69.08
CA TYR D 692 -1.04 107.97 -69.55
C TYR D 692 -0.85 106.69 -70.36
N SER D 693 -1.35 105.58 -69.83
CA SER D 693 -1.26 104.29 -70.49
C SER D 693 -2.39 103.39 -70.02
N PRO D 694 -3.61 103.59 -70.50
CA PRO D 694 -4.75 102.77 -70.04
C PRO D 694 -4.76 101.41 -70.70
N TYR D 695 -4.37 100.39 -69.96
CA TYR D 695 -4.40 99.04 -70.50
C TYR D 695 -5.84 98.52 -70.52
N PRO D 696 -6.23 97.77 -71.56
CA PRO D 696 -7.57 97.20 -71.59
C PRO D 696 -7.82 96.27 -70.43
N GLY D 697 -9.04 96.30 -69.90
CA GLY D 697 -9.39 95.46 -68.78
C GLY D 697 -9.54 96.23 -67.47
N GLY D 698 -8.90 95.73 -66.41
CA GLY D 698 -8.99 96.35 -65.12
C GLY D 698 -8.04 97.53 -64.98
N GLY D 699 -7.98 98.06 -63.75
CA GLY D 699 -7.14 99.21 -63.48
C GLY D 699 -7.40 99.81 -62.11
N GLU D 700 -7.57 101.13 -62.07
CA GLU D 700 -7.79 101.86 -60.83
C GLU D 700 -9.29 102.07 -60.63
N GLY D 701 -9.77 101.77 -59.43
CA GLY D 701 -11.18 101.94 -59.10
C GLY D 701 -12.02 100.74 -59.53
N TRP D 702 -12.91 100.94 -60.50
CA TRP D 702 -13.77 99.90 -61.03
C TRP D 702 -13.49 99.61 -62.50
N GLY D 703 -12.23 99.72 -62.91
CA GLY D 703 -11.87 99.47 -64.29
C GLY D 703 -12.39 100.56 -65.21
N GLY D 704 -12.30 100.27 -66.51
CA GLY D 704 -12.76 101.19 -67.52
C GLY D 704 -12.04 102.52 -67.49
N ASN D 705 -10.72 102.48 -67.40
CA ASN D 705 -9.91 103.69 -67.26
C ASN D 705 -9.82 104.40 -68.61
N GLY D 706 -10.29 105.64 -68.65
CA GLY D 706 -10.15 106.47 -69.83
C GLY D 706 -9.36 107.72 -69.52
N VAL D 707 -9.66 108.83 -70.20
CA VAL D 707 -9.02 110.10 -69.89
C VAL D 707 -9.69 110.69 -68.66
N GLY D 708 -8.89 111.00 -67.64
CA GLY D 708 -9.39 111.52 -66.38
C GLY D 708 -9.31 110.54 -65.22
N ASP D 709 -8.97 109.28 -65.45
CA ASP D 709 -8.87 108.29 -64.39
C ASP D 709 -7.45 108.16 -63.85
N ASP D 710 -6.55 109.06 -64.23
CA ASP D 710 -5.21 109.15 -63.65
C ASP D 710 -4.86 110.62 -63.50
N LEU D 711 -3.67 110.88 -62.96
CA LEU D 711 -3.20 112.25 -62.78
C LEU D 711 -2.37 112.74 -63.96
N TYR D 712 -2.27 111.94 -65.02
CA TYR D 712 -1.58 112.35 -66.24
C TYR D 712 -2.54 112.81 -67.33
N SER D 713 -3.84 112.78 -67.08
CA SER D 713 -4.83 113.14 -68.08
C SER D 713 -5.92 113.99 -67.44
N TYR D 714 -6.58 114.80 -68.28
CA TYR D 714 -7.62 115.70 -67.85
C TYR D 714 -8.72 115.71 -68.89
N GLY D 715 -9.94 115.31 -68.48
CA GLY D 715 -11.04 115.17 -69.40
C GLY D 715 -12.25 115.94 -68.95
N PHE D 716 -13.25 115.99 -69.83
CA PHE D 716 -14.50 116.72 -69.58
C PHE D 716 -15.64 115.90 -70.19
N ASP D 717 -16.42 115.24 -69.33
CA ASP D 717 -17.50 114.38 -69.79
C ASP D 717 -18.84 115.12 -69.70
N GLY D 718 -18.98 116.11 -70.56
CA GLY D 718 -20.25 116.80 -70.71
C GLY D 718 -20.61 117.72 -69.56
N LEU D 719 -20.66 117.17 -68.34
CA LEU D 719 -21.01 117.95 -67.15
C LEU D 719 -20.09 117.65 -65.97
N HIS D 720 -18.92 117.07 -66.23
CA HIS D 720 -17.97 116.75 -65.16
C HIS D 720 -16.57 117.09 -65.63
N LEU D 721 -15.71 117.46 -64.68
CA LEU D 721 -14.29 117.69 -64.95
C LEU D 721 -13.51 116.54 -64.33
N TRP D 722 -13.04 115.63 -65.17
CA TRP D 722 -12.40 114.40 -64.71
C TRP D 722 -10.90 114.60 -64.61
N THR D 723 -10.38 114.54 -63.38
CA THR D 723 -8.95 114.54 -63.13
C THR D 723 -8.69 113.73 -61.88
N GLY D 724 -7.45 113.24 -61.76
CA GLY D 724 -7.16 112.28 -60.72
C GLY D 724 -8.00 111.03 -60.93
N HIS D 725 -8.98 110.81 -60.06
CA HIS D 725 -9.99 109.79 -60.30
C HIS D 725 -11.41 110.22 -59.97
N VAL D 726 -11.60 111.31 -59.23
CA VAL D 726 -12.92 111.77 -58.82
C VAL D 726 -13.46 112.76 -59.83
N ALA D 727 -14.78 112.82 -59.95
CA ALA D 727 -15.44 113.72 -60.88
C ALA D 727 -16.01 114.92 -60.13
N ARG D 728 -15.69 116.12 -60.61
CA ARG D 728 -16.19 117.35 -60.03
C ARG D 728 -17.18 117.99 -60.98
N PRO D 729 -18.45 118.16 -60.58
CA PRO D 729 -19.43 118.76 -61.49
C PRO D 729 -19.08 120.19 -61.84
N VAL D 730 -19.43 120.59 -63.06
CA VAL D 730 -19.15 121.92 -63.56
C VAL D 730 -20.46 122.55 -64.01
N THR D 731 -20.50 123.88 -64.00
CA THR D 731 -21.71 124.63 -64.32
C THR D 731 -21.65 125.11 -65.76
N SER D 732 -22.71 124.85 -66.52
CA SER D 732 -22.83 125.25 -67.91
C SER D 732 -24.24 125.75 -68.16
N PRO D 733 -24.42 126.64 -69.13
CA PRO D 733 -25.79 127.07 -69.48
C PRO D 733 -26.54 126.00 -70.24
N GLY D 734 -27.16 125.07 -69.52
CA GLY D 734 -27.82 123.94 -70.15
C GLY D 734 -27.00 122.67 -70.09
N GLN D 735 -26.49 122.34 -68.91
CA GLN D 735 -25.64 121.17 -68.75
C GLN D 735 -26.38 119.90 -69.16
N HIS D 736 -25.69 119.07 -69.95
CA HIS D 736 -26.21 117.77 -70.33
C HIS D 736 -25.03 116.91 -70.78
N LEU D 737 -25.27 115.60 -70.83
CA LEU D 737 -24.23 114.68 -71.26
C LEU D 737 -23.92 114.91 -72.73
N LEU D 738 -22.86 114.26 -73.21
CA LEU D 738 -22.42 114.45 -74.58
C LEU D 738 -23.40 113.81 -75.56
N ALA D 739 -24.36 114.60 -76.01
CA ALA D 739 -25.42 114.19 -76.92
C ALA D 739 -24.95 114.29 -78.37
N PRO D 740 -25.65 113.65 -79.30
CA PRO D 740 -25.32 113.82 -80.72
C PRO D 740 -25.46 115.28 -81.14
N GLU D 741 -24.66 115.66 -82.14
CA GLU D 741 -24.60 117.03 -82.64
C GLU D 741 -24.15 118.00 -81.55
N ASP D 742 -23.05 117.63 -80.88
CA ASP D 742 -22.42 118.46 -79.86
C ASP D 742 -20.97 118.70 -80.24
N VAL D 743 -20.55 119.95 -80.22
CA VAL D 743 -19.19 120.34 -80.56
C VAL D 743 -18.52 120.82 -79.28
N VAL D 744 -17.51 120.09 -78.84
CA VAL D 744 -16.73 120.44 -77.66
C VAL D 744 -15.35 120.89 -78.12
N SER D 745 -14.94 122.07 -77.67
CA SER D 745 -13.67 122.67 -78.06
C SER D 745 -12.73 122.71 -76.87
N CYS D 746 -11.52 122.18 -77.07
CA CYS D 746 -10.52 122.09 -76.01
C CYS D 746 -9.41 123.09 -76.29
N CYS D 747 -9.04 123.85 -75.26
CA CYS D 747 -7.99 124.85 -75.37
C CYS D 747 -6.92 124.57 -74.32
N LEU D 748 -5.66 124.56 -74.75
CA LEU D 748 -4.52 124.33 -73.86
C LEU D 748 -3.57 125.51 -73.96
N ASP D 749 -3.20 126.06 -72.81
CA ASP D 749 -2.27 127.18 -72.73
C ASP D 749 -1.09 126.76 -71.87
N LEU D 750 0.12 126.97 -72.38
CA LEU D 750 1.33 126.53 -71.68
C LEU D 750 2.08 127.66 -71.00
N SER D 751 1.82 128.92 -71.38
CA SER D 751 2.41 130.04 -70.65
C SER D 751 2.05 129.98 -69.18
N VAL D 752 0.76 130.07 -68.87
CA VAL D 752 0.22 129.68 -67.58
C VAL D 752 -0.48 128.34 -67.76
N PRO D 753 -0.08 127.29 -67.04
CA PRO D 753 -0.64 125.96 -67.33
C PRO D 753 -2.13 125.87 -67.02
N SER D 754 -2.94 125.77 -68.06
CA SER D 754 -4.39 125.73 -67.89
C SER D 754 -5.01 125.06 -69.11
N ILE D 755 -6.11 124.34 -68.86
CA ILE D 755 -6.89 123.69 -69.90
C ILE D 755 -8.33 124.17 -69.77
N SER D 756 -8.88 124.69 -70.87
CA SER D 756 -10.23 125.24 -70.87
C SER D 756 -11.10 124.50 -71.87
N PHE D 757 -12.40 124.44 -71.59
CA PHE D 757 -13.36 123.77 -72.45
C PHE D 757 -14.49 124.72 -72.80
N ARG D 758 -15.02 124.57 -74.01
CA ARG D 758 -16.16 125.33 -74.47
C ARG D 758 -17.06 124.39 -75.26
N ILE D 759 -18.27 124.16 -74.76
CA ILE D 759 -19.24 123.27 -75.40
C ILE D 759 -20.32 124.12 -76.05
N ASN D 760 -20.49 123.93 -77.36
CA ASN D 760 -21.49 124.68 -78.14
C ASN D 760 -21.30 126.18 -78.01
N GLY D 761 -20.05 126.61 -77.90
CA GLY D 761 -19.69 128.02 -77.85
C GLY D 761 -19.73 128.64 -76.47
N CYS D 762 -20.72 128.28 -75.68
CA CYS D 762 -20.81 128.78 -74.32
C CYS D 762 -19.65 128.24 -73.49
N PRO D 763 -18.88 129.08 -72.84
CA PRO D 763 -17.72 128.59 -72.08
C PRO D 763 -18.13 127.74 -70.90
N VAL D 764 -17.28 126.78 -70.57
CA VAL D 764 -17.46 125.92 -69.39
C VAL D 764 -16.76 126.57 -68.22
N GLN D 765 -17.49 126.77 -67.12
CA GLN D 765 -16.98 127.50 -65.96
C GLN D 765 -16.15 126.57 -65.09
N GLY D 766 -15.00 126.17 -65.64
CA GLY D 766 -14.05 125.37 -64.89
C GLY D 766 -12.81 125.04 -65.70
N VAL D 767 -11.63 125.24 -65.11
CA VAL D 767 -10.36 124.99 -65.77
C VAL D 767 -9.43 124.24 -64.82
N PHE D 768 -8.41 123.62 -65.39
CA PHE D 768 -7.32 123.04 -64.63
C PHE D 768 -6.18 124.04 -64.53
N GLU D 769 -5.35 123.88 -63.51
CA GLU D 769 -4.25 124.82 -63.29
C GLU D 769 -3.11 124.13 -62.56
N ALA D 770 -1.91 124.68 -62.75
CA ALA D 770 -0.72 124.28 -62.00
C ALA D 770 -0.43 122.79 -62.14
N PHE D 771 -0.60 122.25 -63.34
CA PHE D 771 -0.20 120.87 -63.61
C PHE D 771 1.22 120.86 -64.15
N ASN D 772 2.01 119.90 -63.69
CA ASN D 772 3.42 119.81 -64.06
C ASN D 772 3.54 119.48 -65.54
N LEU D 773 4.41 120.22 -66.23
CA LEU D 773 4.63 120.05 -67.67
C LEU D 773 5.86 119.19 -67.93
N ASP D 774 5.81 117.97 -67.38
CA ASP D 774 6.90 117.00 -67.51
C ASP D 774 6.50 116.00 -68.58
N GLY D 775 6.73 116.36 -69.83
CA GLY D 775 6.43 115.51 -70.96
C GLY D 775 5.75 116.30 -72.05
N LEU D 776 5.08 115.57 -72.95
CA LEU D 776 4.36 116.15 -74.07
C LEU D 776 2.87 115.98 -73.89
N PHE D 777 2.10 116.90 -74.48
CA PHE D 777 0.65 116.90 -74.39
C PHE D 777 0.06 116.60 -75.76
N PHE D 778 -0.93 115.72 -75.80
CA PHE D 778 -1.61 115.37 -77.04
C PHE D 778 -3.10 115.30 -76.80
N PRO D 779 -3.91 115.59 -77.81
CA PRO D 779 -5.36 115.39 -77.68
C PRO D 779 -5.69 113.91 -77.53
N VAL D 780 -6.78 113.63 -76.82
CA VAL D 780 -7.20 112.26 -76.58
C VAL D 780 -8.71 112.24 -76.36
N VAL D 781 -9.35 111.19 -76.87
CA VAL D 781 -10.77 110.94 -76.63
C VAL D 781 -10.91 109.50 -76.16
N SER D 782 -11.61 109.32 -75.05
CA SER D 782 -11.86 108.00 -74.49
C SER D 782 -13.32 107.61 -74.72
N PHE D 783 -13.54 106.36 -75.11
CA PHE D 783 -14.87 105.92 -75.53
C PHE D 783 -15.03 104.44 -75.23
N SER D 784 -16.28 103.97 -75.31
CA SER D 784 -16.56 102.56 -75.01
C SER D 784 -17.84 102.16 -75.73
N ALA D 785 -17.70 101.47 -76.86
CA ALA D 785 -18.72 100.59 -77.43
C ALA D 785 -20.03 101.32 -77.71
N GLY D 786 -19.99 102.20 -78.69
CA GLY D 786 -21.24 102.77 -79.18
C GLY D 786 -21.25 104.22 -79.62
N VAL D 787 -20.12 104.90 -79.55
CA VAL D 787 -20.05 106.31 -79.88
C VAL D 787 -19.51 106.49 -81.29
N LYS D 788 -19.64 107.70 -81.82
CA LYS D 788 -19.06 108.05 -83.11
C LYS D 788 -18.73 109.54 -83.09
N VAL D 789 -17.44 109.86 -83.11
CA VAL D 789 -16.98 111.24 -82.99
C VAL D 789 -16.03 111.55 -84.14
N ARG D 790 -15.81 112.84 -84.37
CA ARG D 790 -14.94 113.32 -85.43
C ARG D 790 -13.97 114.34 -84.87
N PHE D 791 -12.72 114.30 -85.35
CA PHE D 791 -11.69 115.24 -84.93
C PHE D 791 -11.62 116.39 -85.94
N LEU D 792 -12.01 117.59 -85.48
CA LEU D 792 -11.92 118.79 -86.30
C LEU D 792 -10.68 119.55 -85.83
N LEU D 793 -9.54 119.26 -86.45
CA LEU D 793 -8.26 119.72 -85.91
C LEU D 793 -7.96 121.17 -86.31
N GLY D 794 -7.75 121.42 -87.60
CA GLY D 794 -7.31 122.75 -88.00
C GLY D 794 -7.73 123.27 -89.36
N GLY D 795 -8.61 122.57 -90.06
CA GLY D 795 -8.88 122.93 -91.43
C GLY D 795 -7.91 122.24 -92.37
N ARG D 796 -8.42 121.69 -93.47
CA ARG D 796 -7.75 120.75 -94.37
C ARG D 796 -7.51 119.41 -93.68
N HIS D 797 -7.85 119.30 -92.39
CA HIS D 797 -7.87 118.05 -91.64
C HIS D 797 -9.11 118.00 -90.76
N GLY D 798 -10.19 118.63 -91.22
CA GLY D 798 -11.39 118.82 -90.43
C GLY D 798 -11.74 120.28 -90.30
N GLU D 799 -12.88 120.68 -90.85
CA GLU D 799 -13.27 122.09 -90.85
C GLU D 799 -13.71 122.53 -89.46
N PHE D 800 -13.31 123.74 -89.09
CA PHE D 800 -13.75 124.33 -87.84
C PHE D 800 -15.21 124.77 -87.93
N LYS D 801 -15.85 124.79 -86.77
CA LYS D 801 -17.18 125.38 -86.62
C LYS D 801 -17.17 126.73 -85.94
N PHE D 802 -16.35 126.91 -84.90
CA PHE D 802 -16.37 128.10 -84.05
C PHE D 802 -14.99 128.76 -84.11
N LEU D 803 -14.99 130.08 -83.99
CA LEU D 803 -13.75 130.84 -84.08
C LEU D 803 -12.88 130.58 -82.85
N PRO D 804 -11.62 130.20 -83.03
CA PRO D 804 -10.74 129.97 -81.88
C PRO D 804 -10.42 131.27 -81.16
N PRO D 805 -10.06 131.21 -79.88
CA PRO D 805 -9.61 132.41 -79.19
C PRO D 805 -8.32 132.92 -79.82
N PRO D 806 -8.10 134.24 -79.75
CA PRO D 806 -6.91 134.81 -80.41
C PRO D 806 -5.61 134.24 -79.85
N GLY D 807 -4.64 134.05 -80.72
CA GLY D 807 -3.34 133.53 -80.35
C GLY D 807 -3.28 132.02 -80.20
N TYR D 808 -4.35 131.29 -80.54
CA TYR D 808 -4.42 129.85 -80.36
C TYR D 808 -4.20 129.17 -81.70
N ALA D 809 -3.21 128.29 -81.77
CA ALA D 809 -2.97 127.52 -82.97
C ALA D 809 -4.06 126.45 -83.13
N PRO D 810 -4.54 126.21 -84.34
CA PRO D 810 -5.59 125.20 -84.53
C PRO D 810 -5.04 123.78 -84.65
N CYS D 811 -4.06 123.43 -83.80
CA CYS D 811 -3.66 122.04 -83.57
C CYS D 811 -3.21 121.31 -84.83
N HIS D 812 -3.22 121.98 -85.98
CA HIS D 812 -2.80 121.36 -87.23
C HIS D 812 -1.36 121.67 -87.58
N GLU D 813 -0.66 122.40 -86.70
CA GLU D 813 0.79 122.53 -86.77
C GLU D 813 1.40 121.46 -85.88
N ALA D 814 2.70 121.56 -85.61
CA ALA D 814 3.42 120.59 -84.79
C ALA D 814 3.25 119.17 -85.33
N VAL D 815 3.28 119.04 -86.65
CA VAL D 815 3.07 117.75 -87.31
C VAL D 815 4.37 116.98 -87.46
N LEU D 816 5.53 117.61 -87.19
CA LEU D 816 6.83 116.96 -87.32
C LEU D 816 7.00 116.39 -88.73
N PRO D 817 7.29 117.24 -89.73
CA PRO D 817 7.12 116.84 -91.14
C PRO D 817 7.78 115.54 -91.56
N ARG D 818 8.62 114.96 -90.70
CA ARG D 818 9.10 113.60 -90.95
C ARG D 818 7.99 112.57 -90.90
N GLU D 819 6.85 112.90 -90.27
CA GLU D 819 5.73 111.99 -90.15
C GLU D 819 4.46 112.71 -90.59
N ARG D 820 3.47 111.91 -90.99
CA ARG D 820 2.18 112.41 -91.44
C ARG D 820 1.20 112.41 -90.26
N LEU D 821 -0.07 112.67 -90.56
CA LEU D 821 -1.12 112.70 -89.55
C LEU D 821 -1.84 111.36 -89.50
N ARG D 822 -2.17 110.93 -88.28
CA ARG D 822 -2.77 109.62 -88.08
C ARG D 822 -3.62 109.63 -86.83
N LEU D 823 -4.47 108.61 -86.70
CA LEU D 823 -5.22 108.34 -85.48
C LEU D 823 -4.79 106.96 -84.98
N GLU D 824 -4.15 106.93 -83.82
CA GLU D 824 -3.56 105.71 -83.31
C GLU D 824 -3.91 105.50 -81.85
N PRO D 825 -3.97 104.25 -81.39
CA PRO D 825 -4.16 103.99 -79.97
C PRO D 825 -2.92 104.36 -79.18
N ILE D 826 -3.07 104.32 -77.85
CA ILE D 826 -2.03 104.77 -76.92
C ILE D 826 -1.42 103.54 -76.24
N LYS D 827 -0.14 103.30 -76.49
CA LYS D 827 0.63 102.25 -75.85
C LYS D 827 -0.04 100.88 -76.02
N GLU D 828 -0.13 100.46 -77.28
CA GLU D 828 -0.72 99.17 -77.59
C GLU D 828 0.32 98.05 -77.47
N TYR D 829 -0.18 96.85 -77.18
CA TYR D 829 0.67 95.66 -77.12
C TYR D 829 0.11 94.53 -77.96
N ARG D 830 -0.88 94.80 -78.81
CA ARG D 830 -1.48 93.78 -79.66
C ARG D 830 -2.15 94.46 -80.84
N ARG D 831 -1.70 94.14 -82.06
CA ARG D 831 -2.19 94.77 -83.27
C ARG D 831 -2.66 93.70 -84.24
N GLU D 832 -3.85 93.90 -84.80
CA GLU D 832 -4.36 92.96 -85.79
C GLU D 832 -3.51 92.97 -87.05
N GLY D 833 -3.28 91.79 -87.61
CA GLY D 833 -2.44 91.65 -88.76
C GLY D 833 -3.09 90.87 -89.89
N PRO D 834 -2.37 90.69 -90.99
CA PRO D 834 -2.94 89.97 -92.13
C PRO D 834 -3.34 88.53 -91.82
N ARG D 835 -2.60 87.86 -90.93
CA ARG D 835 -2.84 86.45 -90.65
C ARG D 835 -2.80 86.19 -89.14
N GLY D 836 -3.36 87.11 -88.36
CA GLY D 836 -3.44 86.92 -86.93
C GLY D 836 -3.01 88.15 -86.14
N PRO D 837 -3.10 88.05 -84.81
CA PRO D 837 -2.76 89.20 -83.95
C PRO D 837 -1.26 89.33 -83.75
N HIS D 838 -0.69 90.39 -84.32
CA HIS D 838 0.71 90.71 -84.08
C HIS D 838 0.88 91.27 -82.66
N LEU D 839 2.03 90.96 -82.07
CA LEU D 839 2.39 91.47 -80.76
C LEU D 839 3.40 92.60 -80.92
N VAL D 840 3.20 93.69 -80.18
CA VAL D 840 3.97 94.91 -80.33
C VAL D 840 4.66 95.22 -79.01
N GLY D 841 5.95 95.53 -79.08
CA GLY D 841 6.72 95.92 -77.92
C GLY D 841 6.55 97.39 -77.59
N PRO D 842 7.35 97.89 -76.66
CA PRO D 842 7.24 99.31 -76.27
C PRO D 842 7.52 100.23 -77.45
N SER D 843 6.79 101.35 -77.48
CA SER D 843 6.96 102.32 -78.54
C SER D 843 8.12 103.28 -78.22
N ARG D 844 8.52 104.04 -79.23
CA ARG D 844 9.60 105.02 -79.10
C ARG D 844 8.96 106.41 -79.06
N CYS D 845 8.62 106.85 -77.84
CA CYS D 845 7.98 108.14 -77.63
C CYS D 845 9.02 109.24 -77.48
N LEU D 846 8.64 110.45 -77.86
CA LEU D 846 9.51 111.60 -77.76
C LEU D 846 9.42 112.21 -76.36
N SER D 847 10.25 113.22 -76.12
CA SER D 847 10.31 113.92 -74.84
C SER D 847 10.30 115.42 -75.09
N HIS D 848 9.97 116.17 -74.04
CA HIS D 848 9.93 117.63 -74.13
C HIS D 848 11.31 118.24 -74.29
N THR D 849 12.38 117.50 -73.97
CA THR D 849 13.75 117.98 -74.13
C THR D 849 14.35 117.55 -75.47
N ASP D 850 13.52 117.01 -76.36
CA ASP D 850 13.96 116.63 -77.70
C ASP D 850 13.82 117.74 -78.73
N PHE D 851 12.96 118.73 -78.47
CA PHE D 851 12.72 119.81 -79.41
C PHE D 851 13.62 121.01 -79.17
N VAL D 852 14.45 120.98 -78.13
CA VAL D 852 15.34 122.09 -77.80
C VAL D 852 16.65 121.88 -78.56
N PRO D 853 17.21 122.90 -79.19
CA PRO D 853 18.47 122.73 -79.90
C PRO D 853 19.66 122.88 -78.95
N CYS D 854 20.58 121.92 -79.02
CA CYS D 854 21.77 121.92 -78.18
C CYS D 854 23.02 121.86 -79.04
N PRO D 855 23.66 122.98 -79.32
CA PRO D 855 24.91 122.98 -80.07
C PRO D 855 26.10 122.73 -79.14
N VAL D 856 27.28 122.58 -79.74
CA VAL D 856 28.49 122.36 -78.96
C VAL D 856 29.04 123.70 -78.47
N ASP D 857 29.82 123.63 -77.40
CA ASP D 857 30.33 124.82 -76.72
C ASP D 857 31.50 125.39 -77.51
N THR D 858 31.34 126.63 -78.00
CA THR D 858 32.41 127.36 -78.68
C THR D 858 32.65 128.71 -78.00
N VAL D 859 32.37 128.80 -76.71
CA VAL D 859 32.49 130.07 -75.99
C VAL D 859 33.96 130.47 -75.85
N GLN D 860 34.82 129.51 -75.49
CA GLN D 860 36.22 129.79 -75.20
C GLN D 860 37.11 129.67 -76.42
N ILE D 861 36.57 129.91 -77.60
CA ILE D 861 37.36 129.87 -78.84
C ILE D 861 38.18 131.14 -78.94
N VAL D 862 39.50 130.98 -79.11
CA VAL D 862 40.39 132.13 -79.14
C VAL D 862 40.43 132.74 -80.55
N LEU D 863 40.18 131.94 -81.59
CA LEU D 863 40.33 132.37 -82.97
C LEU D 863 41.72 132.94 -83.22
N PRO D 864 42.76 132.11 -83.31
CA PRO D 864 44.10 132.62 -83.60
C PRO D 864 44.11 133.44 -84.88
N PRO D 865 45.09 134.34 -85.04
CA PRO D 865 45.00 135.34 -86.11
C PRO D 865 44.89 134.73 -87.50
N HIS D 866 45.49 133.56 -87.75
CA HIS D 866 45.36 132.93 -89.04
C HIS D 866 43.89 132.60 -89.34
N LEU D 867 43.10 132.37 -88.29
CA LEU D 867 41.67 132.14 -88.50
C LEU D 867 40.86 133.43 -88.57
N GLU D 868 41.27 134.50 -87.89
CA GLU D 868 40.60 135.78 -88.12
C GLU D 868 40.82 136.29 -89.53
N ARG D 869 41.99 136.02 -90.12
CA ARG D 869 42.23 136.50 -91.49
C ARG D 869 41.31 135.82 -92.49
N ILE D 870 40.84 134.62 -92.20
CA ILE D 870 39.92 133.93 -93.09
C ILE D 870 38.50 134.04 -92.54
N ARG D 871 38.33 134.79 -91.46
CA ARG D 871 36.99 135.06 -90.94
C ARG D 871 36.16 135.82 -91.97
N GLU D 872 36.62 137.01 -92.34
CA GLU D 872 35.96 137.81 -93.37
C GLU D 872 36.23 137.29 -94.77
N LYS D 873 37.36 136.61 -94.99
CA LYS D 873 37.68 136.09 -96.32
C LYS D 873 36.70 135.04 -96.78
N LEU D 874 36.26 134.17 -95.87
CA LEU D 874 35.36 133.09 -96.23
C LEU D 874 33.94 133.57 -96.56
N ALA D 875 33.44 134.59 -95.84
CA ALA D 875 32.01 134.82 -95.76
C ALA D 875 31.40 135.15 -97.12
N GLU D 876 32.02 136.05 -97.88
CA GLU D 876 31.40 136.49 -99.12
C GLU D 876 31.32 135.39 -100.15
N ASN D 877 32.14 134.35 -100.04
CA ASN D 877 32.03 133.23 -100.97
C ASN D 877 30.68 132.54 -100.83
N ILE D 878 30.32 132.15 -99.60
CA ILE D 878 29.01 131.56 -99.38
C ILE D 878 27.92 132.59 -99.64
N HIS D 879 28.22 133.87 -99.39
CA HIS D 879 27.22 134.90 -99.67
C HIS D 879 26.84 134.91 -101.16
N GLU D 880 27.85 134.92 -102.04
CA GLU D 880 27.57 134.94 -103.47
C GLU D 880 27.03 133.60 -103.95
N LEU D 881 27.50 132.50 -103.37
CA LEU D 881 26.98 131.19 -103.74
C LEU D 881 25.51 131.06 -103.38
N TRP D 882 25.12 131.52 -102.19
CA TRP D 882 23.73 131.54 -101.80
C TRP D 882 22.93 132.53 -102.61
N ALA D 883 23.54 133.65 -103.03
CA ALA D 883 22.85 134.58 -103.91
C ALA D 883 22.51 133.93 -105.25
N LEU D 884 23.45 133.17 -105.82
CA LEU D 884 23.15 132.51 -107.09
C LEU D 884 22.18 131.35 -106.90
N THR D 885 22.26 130.64 -105.77
CA THR D 885 21.26 129.63 -105.46
C THR D 885 19.88 130.26 -105.29
N ARG D 886 19.82 131.50 -104.79
CA ARG D 886 18.56 132.21 -104.68
C ARG D 886 18.04 132.64 -106.05
N ILE D 887 18.92 133.13 -106.92
CA ILE D 887 18.50 133.50 -108.27
C ILE D 887 18.29 132.29 -109.16
N GLU D 888 18.54 131.08 -108.65
CA GLU D 888 18.16 129.87 -109.39
C GLU D 888 16.67 129.90 -109.75
N GLN D 889 15.83 130.34 -108.82
CA GLN D 889 14.41 130.54 -109.13
C GLN D 889 14.14 131.94 -109.68
N GLY D 890 15.14 132.80 -109.78
CA GLY D 890 15.00 134.06 -110.49
C GLY D 890 14.94 135.30 -109.62
N TRP D 891 15.69 135.32 -108.52
CA TRP D 891 15.70 136.48 -107.64
C TRP D 891 16.38 137.66 -108.31
N THR D 892 15.89 138.86 -107.99
CA THR D 892 16.47 140.10 -108.48
C THR D 892 16.52 141.11 -107.33
N TYR D 893 17.43 142.07 -107.47
CA TYR D 893 17.64 143.09 -106.44
C TYR D 893 16.48 144.10 -106.47
N GLY D 894 15.87 144.33 -105.31
CA GLY D 894 14.77 145.26 -105.21
C GLY D 894 14.44 145.63 -103.77
N PRO D 895 13.33 146.33 -103.57
CA PRO D 895 13.00 146.83 -102.22
C PRO D 895 12.20 145.87 -101.34
N VAL D 896 11.39 145.00 -101.93
CA VAL D 896 10.42 144.20 -101.17
C VAL D 896 10.65 142.73 -101.43
N ARG D 897 10.56 141.92 -100.36
CA ARG D 897 10.95 140.52 -100.44
C ARG D 897 10.06 139.72 -101.39
N ASP D 898 8.76 139.99 -101.40
CA ASP D 898 7.74 139.12 -101.99
C ASP D 898 8.17 138.53 -103.33
N ASP D 899 8.03 137.20 -103.46
CA ASP D 899 8.50 136.50 -104.65
C ASP D 899 7.70 136.85 -105.89
N ASN D 900 6.40 137.12 -105.74
CA ASN D 900 5.59 137.51 -106.88
C ASN D 900 6.10 138.82 -107.48
N LYS D 901 6.48 139.78 -106.63
CA LYS D 901 7.15 140.98 -107.12
C LYS D 901 8.57 140.66 -107.58
N ARG D 902 9.20 139.66 -106.96
CA ARG D 902 10.51 139.16 -107.39
C ARG D 902 11.59 140.23 -107.26
N LEU D 903 11.61 140.90 -106.12
CA LEU D 903 12.58 141.96 -105.87
C LEU D 903 13.11 141.89 -104.45
N HIS D 904 13.40 140.68 -103.97
CA HIS D 904 13.98 140.52 -102.64
C HIS D 904 15.41 141.02 -102.64
N PRO D 905 15.78 141.97 -101.77
CA PRO D 905 17.17 142.44 -101.75
C PRO D 905 18.11 141.39 -101.18
N CYS D 906 18.82 140.70 -102.08
CA CYS D 906 19.80 139.70 -101.68
C CYS D 906 21.01 139.68 -102.60
N LEU D 907 21.16 140.69 -103.47
CA LEU D 907 22.10 140.61 -104.57
C LEU D 907 23.17 141.69 -104.49
N VAL D 908 23.78 141.86 -103.33
CA VAL D 908 24.90 142.78 -103.15
C VAL D 908 26.08 141.99 -102.61
N ASN D 909 27.24 142.64 -102.61
CA ASN D 909 28.43 142.01 -102.04
C ASN D 909 28.41 142.13 -100.52
N PHE D 910 29.37 141.46 -99.88
CA PHE D 910 29.40 141.43 -98.42
C PHE D 910 29.63 142.82 -97.83
N HIS D 911 30.55 143.59 -98.41
CA HIS D 911 30.79 144.94 -97.93
C HIS D 911 29.66 145.91 -98.26
N SER D 912 28.74 145.52 -99.15
CA SER D 912 27.60 146.34 -99.51
C SER D 912 26.30 145.81 -98.93
N LEU D 913 26.36 144.86 -98.00
CA LEU D 913 25.15 144.28 -97.43
C LEU D 913 24.42 145.29 -96.54
N PRO D 914 23.11 145.14 -96.38
CA PRO D 914 22.38 146.00 -95.43
C PRO D 914 22.86 145.77 -94.01
N GLU D 915 22.77 146.83 -93.20
CA GLU D 915 23.28 146.78 -91.83
C GLU D 915 22.69 145.67 -90.97
N PRO D 916 21.38 145.40 -90.97
CA PRO D 916 20.83 144.43 -89.99
C PRO D 916 21.48 143.05 -90.02
N GLU D 917 21.45 142.35 -91.14
CA GLU D 917 21.91 140.97 -91.20
C GLU D 917 23.41 140.82 -91.41
N ARG D 918 24.14 141.93 -91.54
CA ARG D 918 25.59 141.84 -91.67
C ARG D 918 26.21 141.10 -90.50
N ASN D 919 25.91 141.56 -89.28
CA ASN D 919 26.49 140.95 -88.09
C ASN D 919 26.10 139.48 -87.97
N TYR D 920 24.85 139.15 -88.31
CA TYR D 920 24.45 137.75 -88.32
C TYR D 920 25.31 136.94 -89.27
N ASN D 921 25.62 137.51 -90.45
CA ASN D 921 26.45 136.79 -91.41
C ASN D 921 27.89 136.61 -90.90
N LEU D 922 28.48 137.66 -90.33
CA LEU D 922 29.84 137.50 -89.79
C LEU D 922 29.86 136.47 -88.67
N GLN D 923 28.87 136.50 -87.78
CA GLN D 923 28.91 135.54 -86.68
C GLN D 923 28.60 134.13 -87.16
N MET D 924 27.83 133.99 -88.24
CA MET D 924 27.61 132.66 -88.82
C MET D 924 28.91 132.11 -89.40
N SER D 925 29.65 132.93 -90.14
CA SER D 925 30.95 132.48 -90.66
C SER D 925 31.91 132.16 -89.52
N GLY D 926 31.95 133.02 -88.50
CA GLY D 926 32.78 132.76 -87.34
C GLY D 926 32.40 131.47 -86.64
N GLU D 927 31.10 131.18 -86.56
CA GLU D 927 30.66 129.94 -85.91
C GLU D 927 31.02 128.73 -86.75
N THR D 928 30.98 128.86 -88.08
CA THR D 928 31.41 127.74 -88.92
C THR D 928 32.88 127.43 -88.69
N LEU D 929 33.71 128.46 -88.53
CA LEU D 929 35.12 128.21 -88.18
C LEU D 929 35.26 127.67 -86.75
N LYS D 930 34.47 128.21 -85.81
CA LYS D 930 34.60 127.83 -84.42
C LYS D 930 34.15 126.40 -84.17
N THR D 931 33.24 125.87 -84.99
CA THR D 931 32.88 124.47 -84.86
C THR D 931 34.08 123.57 -85.10
N LEU D 932 34.82 123.82 -86.18
CA LEU D 932 36.04 123.07 -86.45
C LEU D 932 37.07 123.28 -85.35
N LEU D 933 37.24 124.52 -84.90
CA LEU D 933 38.26 124.78 -83.88
C LEU D 933 37.93 124.11 -82.55
N ALA D 934 36.66 124.14 -82.14
CA ALA D 934 36.28 123.60 -80.84
C ALA D 934 36.22 122.08 -80.87
N LEU D 935 35.72 121.49 -81.96
CA LEU D 935 35.63 120.03 -82.02
C LEU D 935 37.02 119.39 -81.99
N GLY D 936 38.05 120.12 -82.41
CA GLY D 936 39.39 119.58 -82.48
C GLY D 936 39.98 119.78 -83.86
N CYS D 937 40.38 118.68 -84.50
CA CYS D 937 40.89 118.65 -85.87
C CYS D 937 41.81 119.84 -86.15
N HIS D 938 42.93 119.87 -85.42
CA HIS D 938 43.88 120.96 -85.50
C HIS D 938 44.33 121.21 -86.94
N VAL D 939 44.00 122.39 -87.46
CA VAL D 939 44.28 122.73 -88.84
C VAL D 939 45.65 123.40 -88.94
N GLY D 940 46.17 123.43 -90.16
CA GLY D 940 47.46 124.06 -90.41
C GLY D 940 47.52 124.64 -91.80
N MET D 941 48.39 125.64 -91.98
CA MET D 941 48.55 126.31 -93.26
C MET D 941 49.41 125.45 -94.17
N ALA D 942 48.76 124.56 -94.92
CA ALA D 942 49.48 123.67 -95.82
C ALA D 942 50.17 124.44 -96.93
N ASP D 943 49.49 125.40 -97.54
CA ASP D 943 50.05 126.17 -98.63
C ASP D 943 49.46 127.57 -98.64
N GLU D 944 50.22 128.51 -99.18
CA GLU D 944 49.77 129.90 -99.30
C GLU D 944 49.94 130.39 -100.73
N LYS D 945 50.92 129.83 -101.45
CA LYS D 945 51.17 130.24 -102.83
C LYS D 945 50.01 129.88 -103.73
N ALA D 946 49.41 128.71 -103.53
CA ALA D 946 48.28 128.31 -104.36
C ALA D 946 47.08 129.23 -104.17
N GLU D 947 46.84 129.68 -102.94
CA GLU D 947 45.73 130.60 -102.68
C GLU D 947 45.94 131.92 -103.40
N ASP D 948 47.17 132.40 -103.48
CA ASP D 948 47.45 133.69 -104.10
C ASP D 948 47.13 133.71 -105.59
N ASN D 949 47.14 132.56 -106.25
CA ASN D 949 46.89 132.49 -107.68
C ASN D 949 45.48 132.04 -108.04
N LEU D 950 44.63 131.77 -107.05
CA LEU D 950 43.28 131.32 -107.33
C LEU D 950 42.42 132.48 -107.81
N LYS D 951 41.57 132.21 -108.80
CA LYS D 951 40.74 133.25 -109.41
C LYS D 951 39.27 132.86 -109.38
N LYS D 952 38.44 133.64 -110.07
CA LYS D 952 36.99 133.43 -110.11
C LYS D 952 36.58 132.75 -111.40
N THR D 953 35.67 131.79 -111.29
CA THR D 953 35.21 131.04 -112.46
C THR D 953 34.28 131.91 -113.31
N LYS D 954 34.25 131.59 -114.61
CA LYS D 954 33.41 132.32 -115.54
C LYS D 954 31.94 132.02 -115.28
N LEU D 955 31.10 133.03 -115.53
CA LEU D 955 29.66 132.89 -115.35
C LEU D 955 28.93 133.35 -116.60
N PRO D 956 27.85 132.67 -116.98
CA PRO D 956 27.09 133.06 -118.17
C PRO D 956 26.22 134.28 -117.89
N LYS D 957 25.43 134.67 -118.89
CA LYS D 957 24.55 135.82 -118.79
C LYS D 957 23.31 135.56 -117.93
N THR D 958 23.04 134.31 -117.57
CA THR D 958 21.90 134.02 -116.71
C THR D 958 22.07 134.66 -115.33
N TYR D 959 23.29 134.60 -114.78
CA TYR D 959 23.55 135.25 -113.51
C TYR D 959 23.58 136.77 -113.61
N MET D 960 23.71 137.30 -114.83
CA MET D 960 23.66 138.74 -115.04
C MET D 960 22.23 139.22 -114.89
N MET D 961 21.98 140.05 -113.88
CA MET D 961 20.64 140.51 -113.56
C MET D 961 20.52 142.02 -113.79
N SER D 962 19.29 142.52 -113.63
CA SER D 962 18.91 143.81 -114.21
C SER D 962 19.75 144.96 -113.66
N ASN D 963 19.85 145.08 -112.33
CA ASN D 963 20.49 146.24 -111.73
C ASN D 963 21.97 146.31 -112.08
N GLY D 964 22.66 145.17 -112.07
CA GLY D 964 24.08 145.18 -112.41
C GLY D 964 24.93 144.22 -111.60
N TYR D 965 24.33 143.59 -110.58
CA TYR D 965 25.07 142.64 -109.76
C TYR D 965 25.40 141.38 -110.56
N LYS D 966 26.59 140.84 -110.31
CA LYS D 966 27.02 139.59 -110.93
C LYS D 966 27.75 138.74 -109.90
N PRO D 967 27.32 137.51 -109.67
CA PRO D 967 28.02 136.65 -108.69
C PRO D 967 29.44 136.35 -109.13
N ALA D 968 30.31 136.13 -108.14
CA ALA D 968 31.72 135.84 -108.36
C ALA D 968 32.07 134.57 -107.61
N PRO D 969 31.69 133.41 -108.15
CA PRO D 969 31.98 132.14 -107.46
C PRO D 969 33.45 131.78 -107.58
N LEU D 970 34.05 131.42 -106.45
CA LEU D 970 35.44 131.01 -106.44
C LEU D 970 35.61 129.63 -107.09
N ASP D 971 36.82 129.36 -107.55
CA ASP D 971 37.10 128.08 -108.16
C ASP D 971 36.98 126.96 -107.13
N LEU D 972 36.39 125.84 -107.55
CA LEU D 972 36.07 124.75 -106.65
C LEU D 972 36.60 123.40 -107.07
N SER D 973 36.88 123.17 -108.36
CA SER D 973 37.34 121.87 -108.82
C SER D 973 38.82 121.63 -108.58
N HIS D 974 39.56 122.64 -108.12
CA HIS D 974 41.00 122.48 -107.91
C HIS D 974 41.30 121.58 -106.72
N VAL D 975 40.39 121.50 -105.75
CA VAL D 975 40.61 120.72 -104.54
C VAL D 975 39.52 119.67 -104.43
N ARG D 976 39.83 118.58 -103.72
CA ARG D 976 38.90 117.50 -103.48
C ARG D 976 38.96 117.10 -102.01
N LEU D 977 37.80 116.90 -101.41
CA LEU D 977 37.73 116.56 -99.99
C LEU D 977 37.97 115.07 -99.79
N THR D 978 38.79 114.73 -98.79
CA THR D 978 39.04 113.34 -98.46
C THR D 978 37.80 112.73 -97.81
N PRO D 979 37.70 111.40 -97.80
CA PRO D 979 36.53 110.77 -97.16
C PRO D 979 36.35 111.15 -95.70
N ALA D 980 37.45 111.42 -94.98
CA ALA D 980 37.33 111.93 -93.62
C ALA D 980 36.65 113.30 -93.61
N GLN D 981 36.97 114.15 -94.59
CA GLN D 981 36.29 115.43 -94.69
C GLN D 981 34.82 115.25 -95.03
N THR D 982 34.49 114.28 -95.89
CA THR D 982 33.09 113.98 -96.17
C THR D 982 32.37 113.43 -94.95
N THR D 983 33.08 112.77 -94.05
CA THR D 983 32.47 112.32 -92.80
C THR D 983 32.25 113.47 -91.83
N LEU D 984 33.20 114.41 -91.76
CA LEU D 984 33.14 115.50 -90.80
C LEU D 984 32.34 116.70 -91.28
N VAL D 985 31.99 116.77 -92.56
CA VAL D 985 31.30 117.95 -93.06
C VAL D 985 29.87 118.03 -92.52
N ASP D 986 29.19 116.88 -92.42
CA ASP D 986 27.78 116.91 -92.02
C ASP D 986 27.62 117.28 -90.55
N ARG D 987 28.64 117.04 -89.73
CA ARG D 987 28.58 117.45 -88.33
C ARG D 987 28.59 118.98 -88.21
N LEU D 988 29.32 119.64 -89.11
CA LEU D 988 29.32 121.10 -89.10
C LEU D 988 27.96 121.65 -89.53
N ALA D 989 27.28 120.97 -90.47
CA ALA D 989 25.92 121.36 -90.79
C ALA D 989 24.97 121.12 -89.62
N GLU D 990 25.14 119.99 -88.93
CA GLU D 990 24.45 119.75 -87.66
C GLU D 990 24.56 120.96 -86.75
N ASN D 991 25.80 121.35 -86.44
CA ASN D 991 26.04 122.46 -85.53
C ASN D 991 25.51 123.79 -86.07
N GLY D 992 25.64 124.03 -87.38
CA GLY D 992 25.12 125.26 -87.95
C GLY D 992 23.61 125.37 -87.78
N HIS D 993 22.89 124.29 -88.08
CA HIS D 993 21.44 124.32 -87.88
C HIS D 993 21.09 124.46 -86.41
N ASN D 994 21.84 123.80 -85.52
CA ASN D 994 21.57 123.92 -84.09
C ASN D 994 21.73 125.36 -83.62
N VAL D 995 22.84 126.00 -83.97
CA VAL D 995 23.07 127.39 -83.59
C VAL D 995 22.02 128.30 -84.22
N TRP D 996 21.66 128.03 -85.48
CA TRP D 996 20.64 128.82 -86.17
C TRP D 996 19.34 128.80 -85.37
N ALA D 997 18.86 127.62 -85.02
CA ALA D 997 17.65 127.50 -84.21
C ALA D 997 17.84 128.17 -82.86
N ARG D 998 19.06 128.11 -82.32
CA ARG D 998 19.33 128.61 -80.98
C ARG D 998 19.03 130.10 -80.85
N ASP D 999 19.33 130.91 -81.86
CA ASP D 999 18.98 132.32 -81.77
C ASP D 999 17.67 132.65 -82.47
N ARG D 1000 17.16 131.77 -83.33
CA ARG D 1000 15.81 132.04 -83.83
C ARG D 1000 14.80 131.93 -82.69
N VAL D 1001 14.95 130.92 -81.82
CA VAL D 1001 14.06 130.83 -80.66
C VAL D 1001 14.35 131.96 -79.68
N ALA D 1002 15.61 132.45 -79.65
CA ALA D 1002 15.93 133.59 -78.81
C ALA D 1002 15.20 134.85 -79.27
N GLN D 1003 15.13 135.06 -80.57
CA GLN D 1003 14.40 136.21 -81.11
C GLN D 1003 12.89 136.08 -80.92
N GLY D 1004 12.38 134.86 -80.72
CA GLY D 1004 10.96 134.66 -80.50
C GLY D 1004 10.29 133.88 -81.60
N TRP D 1005 11.03 133.00 -82.27
CA TRP D 1005 10.49 132.17 -83.33
C TRP D 1005 10.24 130.76 -82.81
N SER D 1006 9.20 130.12 -83.36
CA SER D 1006 8.88 128.74 -83.00
C SER D 1006 8.27 128.04 -84.20
N TYR D 1007 8.34 126.71 -84.17
CA TYR D 1007 7.97 125.92 -85.33
C TYR D 1007 6.46 125.96 -85.59
N SER D 1008 6.09 125.94 -86.86
CA SER D 1008 4.70 125.87 -87.28
C SER D 1008 4.64 125.23 -88.65
N ALA D 1009 3.67 124.33 -88.85
CA ALA D 1009 3.56 123.63 -90.13
C ALA D 1009 3.26 124.59 -91.26
N VAL D 1010 2.38 125.56 -91.04
CA VAL D 1010 2.06 126.57 -92.03
C VAL D 1010 3.03 127.72 -91.90
N GLN D 1011 3.70 128.06 -93.00
CA GLN D 1011 4.66 129.16 -92.99
C GLN D 1011 3.93 130.49 -92.80
N ASP D 1012 4.43 131.31 -91.88
CA ASP D 1012 3.80 132.59 -91.57
C ASP D 1012 4.91 133.56 -91.18
N ILE D 1013 5.38 134.34 -92.16
CA ILE D 1013 6.45 135.30 -91.90
C ILE D 1013 6.07 136.37 -90.89
N PRO D 1014 4.94 137.08 -91.01
CA PRO D 1014 4.66 138.13 -90.02
C PRO D 1014 4.23 137.59 -88.67
N ALA D 1015 3.85 136.31 -88.59
CA ALA D 1015 3.66 135.66 -87.31
C ALA D 1015 4.96 135.10 -86.75
N ARG D 1016 6.06 135.26 -87.47
CA ARG D 1016 7.39 134.83 -87.03
C ARG D 1016 7.48 133.31 -86.91
N ARG D 1017 6.92 132.61 -87.91
CA ARG D 1017 6.87 131.16 -87.93
C ARG D 1017 7.31 130.64 -89.29
N ASN D 1018 8.05 129.53 -89.28
CA ASN D 1018 8.40 128.78 -90.47
C ASN D 1018 8.55 127.31 -90.12
N PRO D 1019 8.34 126.40 -91.09
CA PRO D 1019 8.37 124.96 -90.82
C PRO D 1019 9.77 124.34 -90.89
N ARG D 1020 10.74 124.99 -90.22
CA ARG D 1020 12.10 124.48 -90.24
C ARG D 1020 12.83 124.61 -88.91
N LEU D 1021 12.13 124.90 -87.81
CA LEU D 1021 12.78 125.06 -86.51
C LEU D 1021 12.86 123.77 -85.71
N VAL D 1022 12.74 122.61 -86.36
CA VAL D 1022 13.08 121.34 -85.72
C VAL D 1022 14.59 121.25 -85.72
N PRO D 1023 15.25 121.02 -84.56
CA PRO D 1023 16.69 121.29 -84.47
C PRO D 1023 17.56 120.51 -85.45
N TYR D 1024 17.62 119.19 -85.35
CA TYR D 1024 18.23 118.42 -86.44
C TYR D 1024 17.46 117.15 -86.79
N ARG D 1025 16.93 116.48 -85.78
CA ARG D 1025 16.65 115.06 -85.89
C ARG D 1025 15.29 114.73 -86.48
N LEU D 1026 14.45 115.72 -86.78
CA LEU D 1026 13.11 115.45 -87.28
C LEU D 1026 12.70 116.39 -88.40
N LEU D 1027 13.65 116.81 -89.25
CA LEU D 1027 13.27 117.47 -90.50
C LEU D 1027 13.29 116.48 -91.66
N ASP D 1028 12.57 116.85 -92.71
CA ASP D 1028 12.53 116.02 -93.92
C ASP D 1028 13.90 115.97 -94.57
N GLU D 1029 14.18 114.84 -95.25
CA GLU D 1029 15.46 114.69 -95.92
C GLU D 1029 15.61 115.67 -97.09
N ALA D 1030 14.49 116.13 -97.65
CA ALA D 1030 14.55 117.10 -98.74
C ALA D 1030 15.14 118.43 -98.27
N THR D 1031 14.79 118.86 -97.06
CA THR D 1031 15.37 120.08 -96.50
C THR D 1031 16.80 119.86 -96.04
N LYS D 1032 17.13 118.63 -95.64
CA LYS D 1032 18.44 118.34 -95.05
C LYS D 1032 19.59 118.64 -96.00
N ARG D 1033 19.35 118.59 -97.31
CA ARG D 1033 20.46 118.67 -98.25
C ARG D 1033 21.06 120.06 -98.36
N SER D 1034 20.24 121.11 -98.22
CA SER D 1034 20.75 122.47 -98.40
C SER D 1034 21.80 122.83 -97.36
N ASN D 1035 21.58 122.43 -96.10
CA ASN D 1035 22.52 122.76 -95.04
C ASN D 1035 23.88 122.11 -95.28
N ARG D 1036 23.89 120.81 -95.57
CA ARG D 1036 25.16 120.15 -95.84
C ARG D 1036 25.79 120.62 -97.15
N ASP D 1037 24.98 121.04 -98.12
CA ASP D 1037 25.54 121.65 -99.33
C ASP D 1037 26.31 122.92 -99.01
N SER D 1038 25.68 123.83 -98.26
CA SER D 1038 26.35 125.07 -97.91
C SER D 1038 27.60 124.81 -97.07
N LEU D 1039 27.51 123.91 -96.10
CA LEU D 1039 28.68 123.60 -95.28
C LEU D 1039 29.79 122.95 -96.10
N CYS D 1040 29.43 122.09 -97.06
CA CYS D 1040 30.44 121.49 -97.93
C CYS D 1040 31.14 122.53 -98.78
N GLN D 1041 30.38 123.49 -99.32
CA GLN D 1041 31.03 124.56 -100.07
C GLN D 1041 31.96 125.39 -99.19
N ALA D 1042 31.54 125.70 -97.95
CA ALA D 1042 32.43 126.45 -97.06
C ALA D 1042 33.69 125.66 -96.74
N VAL D 1043 33.56 124.37 -96.45
CA VAL D 1043 34.71 123.55 -96.10
C VAL D 1043 35.65 123.40 -97.30
N ARG D 1044 35.09 123.22 -98.50
CA ARG D 1044 35.91 123.12 -99.69
C ARG D 1044 36.56 124.45 -100.05
N THR D 1045 35.94 125.58 -99.67
CA THR D 1045 36.61 126.86 -99.83
C THR D 1045 37.81 126.97 -98.90
N LEU D 1046 37.63 126.57 -97.63
CA LEU D 1046 38.76 126.56 -96.70
C LEU D 1046 39.88 125.64 -97.17
N LEU D 1047 39.52 124.46 -97.69
CA LEU D 1047 40.53 123.50 -98.12
C LEU D 1047 41.19 123.92 -99.43
N GLY D 1048 40.46 124.63 -100.30
CA GLY D 1048 41.05 125.08 -101.54
C GLY D 1048 42.10 126.15 -101.34
N TYR D 1049 41.88 127.05 -100.37
CA TYR D 1049 42.83 128.11 -100.07
C TYR D 1049 43.96 127.57 -99.20
N GLY D 1050 44.60 126.49 -99.66
CA GLY D 1050 45.54 125.79 -98.80
C GLY D 1050 44.84 125.33 -97.54
N TYR D 1051 45.51 125.51 -96.41
CA TYR D 1051 44.90 125.36 -95.09
C TYR D 1051 44.28 123.96 -94.92
N ASN D 1052 45.16 122.96 -94.94
CA ASN D 1052 44.71 121.58 -94.81
C ASN D 1052 43.99 121.36 -93.49
N ILE D 1053 42.84 120.69 -93.56
CA ILE D 1053 42.00 120.40 -92.40
C ILE D 1053 42.00 118.89 -92.16
N GLU D 1054 42.31 118.49 -90.94
CA GLU D 1054 42.31 117.08 -90.58
C GLU D 1054 41.21 116.78 -89.57
N ASP D 1070 9.08 100.25 -70.26
CA ASP D 1070 9.65 100.66 -71.54
C ASP D 1070 10.90 99.86 -71.87
N ARG D 1071 11.24 98.91 -71.01
CA ARG D 1071 12.45 98.12 -71.21
C ARG D 1071 12.22 96.98 -72.21
N VAL D 1072 11.38 96.02 -71.83
CA VAL D 1072 11.10 94.84 -72.64
C VAL D 1072 9.69 94.38 -72.30
N ARG D 1073 8.92 94.00 -73.33
CA ARG D 1073 7.59 93.43 -73.16
C ARG D 1073 7.70 91.92 -73.33
N ILE D 1074 7.63 91.19 -72.23
CA ILE D 1074 7.78 89.74 -72.24
C ILE D 1074 6.41 89.11 -72.33
N PHE D 1075 6.21 88.28 -73.35
CA PHE D 1075 4.98 87.52 -73.52
C PHE D 1075 5.23 86.05 -73.15
N ARG D 1076 4.16 85.39 -72.72
CA ARG D 1076 4.27 84.04 -72.17
C ARG D 1076 3.01 83.27 -72.50
N ALA D 1077 2.80 82.15 -71.82
CA ALA D 1077 1.57 81.38 -71.87
C ALA D 1077 1.12 81.09 -70.45
N GLU D 1078 -0.17 80.82 -70.29
CA GLU D 1078 -0.72 80.58 -68.97
C GLU D 1078 -0.08 79.35 -68.34
N LYS D 1079 0.11 79.41 -67.02
CA LYS D 1079 0.83 78.36 -66.30
C LYS D 1079 0.09 77.03 -66.31
N SER D 1080 -1.19 77.00 -66.70
CA SER D 1080 -1.91 75.75 -66.81
C SER D 1080 -1.57 74.97 -68.07
N TYR D 1081 -0.77 75.54 -68.97
CA TYR D 1081 -0.36 74.89 -70.20
C TYR D 1081 1.04 74.31 -70.14
N THR D 1082 1.60 74.18 -68.95
CA THR D 1082 2.94 73.61 -68.81
C THR D 1082 2.95 72.16 -69.31
N VAL D 1083 4.00 71.81 -70.05
CA VAL D 1083 4.12 70.50 -70.68
C VAL D 1083 5.31 69.78 -70.05
N GLN D 1084 5.09 68.53 -69.65
CA GLN D 1084 6.12 67.70 -69.05
C GLN D 1084 6.35 66.39 -69.80
N SER D 1085 5.81 66.26 -71.01
CA SER D 1085 5.99 65.04 -71.79
C SER D 1085 5.74 65.35 -73.26
N GLY D 1086 6.21 64.44 -74.11
CA GLY D 1086 5.98 64.56 -75.53
C GLY D 1086 6.92 65.55 -76.20
N ARG D 1087 6.59 65.83 -77.46
CA ARG D 1087 7.34 66.75 -78.30
C ARG D 1087 6.41 67.83 -78.84
N TRP D 1088 6.90 69.08 -78.85
CA TRP D 1088 6.08 70.22 -79.21
C TRP D 1088 6.84 71.13 -80.18
N TYR D 1089 6.07 71.93 -80.92
CA TYR D 1089 6.61 72.78 -81.97
C TYR D 1089 5.72 74.00 -82.13
N PHE D 1090 6.31 75.19 -81.99
CA PHE D 1090 5.60 76.43 -82.25
C PHE D 1090 6.51 77.38 -83.02
N GLU D 1091 5.91 78.24 -83.82
CA GLU D 1091 6.63 79.17 -84.68
C GLU D 1091 6.58 80.58 -84.10
N PHE D 1092 7.45 81.44 -84.64
CA PHE D 1092 7.50 82.84 -84.23
C PHE D 1092 7.99 83.65 -85.43
N GLU D 1093 7.05 84.27 -86.14
CA GLU D 1093 7.41 85.14 -87.25
C GLU D 1093 8.03 86.43 -86.72
N ALA D 1094 8.97 86.96 -87.48
CA ALA D 1094 9.70 88.19 -87.14
C ALA D 1094 9.36 89.25 -88.18
N VAL D 1095 8.32 90.05 -87.89
CA VAL D 1095 7.92 91.09 -88.83
C VAL D 1095 9.02 92.14 -88.96
N THR D 1096 9.63 92.53 -87.85
CA THR D 1096 10.72 93.49 -87.84
C THR D 1096 11.98 92.83 -87.30
N THR D 1097 13.13 93.44 -87.60
CA THR D 1097 14.42 92.96 -87.16
C THR D 1097 14.89 93.80 -85.98
N GLY D 1098 15.20 93.14 -84.87
CA GLY D 1098 15.63 93.86 -83.69
C GLY D 1098 15.84 92.90 -82.53
N GLU D 1099 15.85 93.48 -81.33
CA GLU D 1099 16.06 92.70 -80.11
C GLU D 1099 14.78 91.95 -79.78
N MET D 1100 14.67 90.72 -80.29
CA MET D 1100 13.53 89.85 -80.05
C MET D 1100 14.04 88.46 -79.71
N ARG D 1101 13.50 87.88 -78.65
CA ARG D 1101 13.91 86.56 -78.18
C ARG D 1101 12.70 85.65 -78.08
N VAL D 1102 12.88 84.40 -78.52
CA VAL D 1102 11.83 83.40 -78.50
C VAL D 1102 12.43 82.08 -78.02
N GLY D 1103 11.66 81.35 -77.22
CA GLY D 1103 12.14 80.08 -76.70
C GLY D 1103 11.15 79.49 -75.71
N TRP D 1104 11.67 78.62 -74.85
CA TRP D 1104 10.89 77.94 -73.83
C TRP D 1104 11.34 78.41 -72.45
N ALA D 1105 10.39 78.73 -71.60
CA ALA D 1105 10.68 79.31 -70.29
C ALA D 1105 9.95 78.53 -69.21
N ARG D 1106 10.51 78.57 -68.00
CA ARG D 1106 9.91 77.90 -66.86
C ARG D 1106 8.63 78.61 -66.44
N PRO D 1107 7.70 77.90 -65.81
CA PRO D 1107 6.45 78.55 -65.36
C PRO D 1107 6.67 79.64 -64.33
N GLU D 1108 7.78 79.64 -63.61
CA GLU D 1108 8.08 80.64 -62.59
C GLU D 1108 8.98 81.75 -63.13
N LEU D 1109 8.80 82.10 -64.40
CA LEU D 1109 9.60 83.14 -65.01
C LEU D 1109 9.35 84.49 -64.34
N ARG D 1110 10.41 85.27 -64.21
CA ARG D 1110 10.25 86.59 -63.61
C ARG D 1110 10.16 87.67 -64.68
N PRO D 1111 9.33 88.69 -64.49
CA PRO D 1111 9.13 89.69 -65.56
C PRO D 1111 10.17 90.79 -65.58
N ASP D 1112 10.84 91.07 -64.47
CA ASP D 1112 11.76 92.20 -64.38
C ASP D 1112 13.18 91.86 -64.83
N VAL D 1113 13.45 90.62 -65.20
CA VAL D 1113 14.77 90.19 -65.67
C VAL D 1113 14.65 89.80 -67.13
N GLU D 1114 15.62 90.23 -67.93
CA GLU D 1114 15.63 89.90 -69.35
C GLU D 1114 15.81 88.40 -69.54
N LEU D 1115 15.20 87.88 -70.60
CA LEU D 1115 15.23 86.44 -70.85
C LEU D 1115 16.65 85.97 -71.10
N GLY D 1116 16.99 84.82 -70.51
CA GLY D 1116 18.31 84.24 -70.63
C GLY D 1116 19.28 84.65 -69.55
N ALA D 1117 19.00 85.73 -68.82
CA ALA D 1117 19.88 86.15 -67.73
C ALA D 1117 19.84 85.18 -66.56
N ASP D 1118 18.77 84.41 -66.41
CA ASP D 1118 18.63 83.43 -65.34
C ASP D 1118 18.33 82.06 -65.94
N GLU D 1119 18.30 81.06 -65.07
CA GLU D 1119 18.11 79.67 -65.50
C GLU D 1119 16.67 79.32 -65.80
N LEU D 1120 15.78 80.30 -65.90
CA LEU D 1120 14.36 80.06 -66.11
C LEU D 1120 13.93 80.23 -67.56
N ALA D 1121 14.87 80.39 -68.48
CA ALA D 1121 14.51 80.60 -69.89
C ALA D 1121 15.56 79.98 -70.78
N TYR D 1122 15.10 79.48 -71.94
CA TYR D 1122 15.96 78.95 -73.00
C TYR D 1122 15.51 79.62 -74.29
N VAL D 1123 16.07 80.79 -74.59
CA VAL D 1123 15.62 81.60 -75.73
C VAL D 1123 16.77 81.74 -76.72
N PHE D 1124 16.41 82.15 -77.93
CA PHE D 1124 17.35 82.35 -79.02
C PHE D 1124 17.20 83.79 -79.53
N ASN D 1125 18.22 84.60 -79.31
CA ASN D 1125 18.21 85.98 -79.77
C ASN D 1125 18.50 86.03 -81.27
N GLY D 1126 17.68 86.77 -82.01
CA GLY D 1126 17.80 86.86 -83.44
C GLY D 1126 18.41 88.13 -83.99
N HIS D 1127 18.70 89.12 -83.15
CA HIS D 1127 19.31 90.35 -83.62
C HIS D 1127 20.70 90.10 -84.18
N ARG D 1128 21.54 89.38 -83.43
CA ARG D 1128 22.85 88.98 -83.89
C ARG D 1128 23.00 87.48 -84.04
N GLY D 1129 22.18 86.69 -83.35
CA GLY D 1129 22.22 85.24 -83.41
C GLY D 1129 22.95 84.67 -82.22
N GLN D 1130 22.20 84.31 -81.17
CA GLN D 1130 22.78 83.90 -79.90
C GLN D 1130 21.78 82.98 -79.21
N ARG D 1131 22.30 82.14 -78.31
CA ARG D 1131 21.46 81.30 -77.47
C ARG D 1131 21.63 81.74 -76.02
N TRP D 1132 20.52 82.01 -75.34
CA TRP D 1132 20.51 82.59 -74.01
C TRP D 1132 19.90 81.61 -73.01
N HIS D 1133 20.76 80.98 -72.21
CA HIS D 1133 20.35 80.29 -71.00
C HIS D 1133 20.97 80.90 -69.76
N LEU D 1134 22.29 81.09 -69.77
CA LEU D 1134 22.96 81.91 -68.78
C LEU D 1134 24.03 82.81 -69.40
N GLY D 1135 24.26 82.71 -70.71
CA GLY D 1135 25.27 83.50 -71.38
C GLY D 1135 24.84 84.02 -72.73
N SER D 1136 25.79 84.24 -73.63
CA SER D 1136 25.51 84.85 -74.93
C SER D 1136 26.28 84.13 -76.04
N GLU D 1137 26.25 82.81 -76.01
CA GLU D 1137 26.95 82.02 -77.02
C GLU D 1137 26.26 82.15 -78.38
N PRO D 1138 27.00 82.42 -79.45
CA PRO D 1138 26.37 82.56 -80.77
C PRO D 1138 25.75 81.24 -81.23
N PHE D 1139 24.58 81.34 -81.87
CA PHE D 1139 23.85 80.18 -82.36
C PHE D 1139 23.32 80.45 -83.76
N GLY D 1140 24.18 80.93 -84.66
CA GLY D 1140 23.85 80.99 -86.08
C GLY D 1140 23.78 82.42 -86.59
N ARG D 1141 22.85 82.64 -87.53
CA ARG D 1141 22.72 83.87 -88.29
C ARG D 1141 21.52 84.68 -87.84
N PRO D 1142 21.53 86.01 -88.05
CA PRO D 1142 20.39 86.83 -87.65
C PRO D 1142 19.19 86.67 -88.58
N TRP D 1143 18.15 87.47 -88.36
CA TRP D 1143 16.91 87.37 -89.10
C TRP D 1143 16.88 88.37 -90.26
N GLN D 1144 15.77 88.34 -91.00
CA GLN D 1144 15.49 89.33 -92.03
C GLN D 1144 14.07 89.85 -91.86
N SER D 1145 13.59 90.63 -92.83
CA SER D 1145 12.23 91.18 -92.78
C SER D 1145 11.24 90.06 -93.08
N GLY D 1146 10.93 89.28 -92.04
CA GLY D 1146 10.05 88.15 -92.17
C GLY D 1146 10.79 86.83 -92.21
N ASP D 1147 10.86 86.15 -91.06
CA ASP D 1147 11.59 84.88 -90.98
C ASP D 1147 10.99 84.08 -89.83
N VAL D 1148 10.23 83.04 -90.17
CA VAL D 1148 9.61 82.20 -89.15
C VAL D 1148 10.68 81.37 -88.46
N VAL D 1149 10.57 81.26 -87.14
CA VAL D 1149 11.51 80.50 -86.32
C VAL D 1149 10.74 79.36 -85.68
N GLY D 1150 11.13 78.12 -86.01
CA GLY D 1150 10.46 76.96 -85.45
C GLY D 1150 11.17 76.44 -84.21
N CYS D 1151 10.65 76.79 -83.04
CA CYS D 1151 11.22 76.37 -81.78
C CYS D 1151 10.65 75.00 -81.40
N MET D 1152 11.53 74.03 -81.21
CA MET D 1152 11.15 72.66 -80.91
C MET D 1152 11.76 72.23 -79.58
N ILE D 1153 10.95 71.63 -78.72
CA ILE D 1153 11.43 71.02 -77.49
C ILE D 1153 11.07 69.55 -77.52
N ASP D 1154 11.95 68.73 -76.95
CA ASP D 1154 11.74 67.29 -76.88
C ASP D 1154 12.08 66.84 -75.46
N LEU D 1155 11.06 66.43 -74.71
CA LEU D 1155 11.23 66.06 -73.31
C LEU D 1155 11.54 64.59 -73.11
N THR D 1156 11.63 63.81 -74.19
CA THR D 1156 12.00 62.41 -74.05
C THR D 1156 13.48 62.25 -73.74
N GLU D 1157 14.34 63.02 -74.42
CA GLU D 1157 15.77 63.03 -74.12
C GLU D 1157 16.30 64.43 -73.84
N ASN D 1158 15.40 65.38 -73.52
CA ASN D 1158 15.77 66.70 -73.01
C ASN D 1158 16.65 67.46 -74.01
N THR D 1159 16.05 67.77 -75.16
CA THR D 1159 16.72 68.54 -76.20
C THR D 1159 15.83 69.68 -76.65
N ILE D 1160 16.47 70.78 -77.06
CA ILE D 1160 15.79 71.95 -77.60
C ILE D 1160 16.44 72.29 -78.93
N ILE D 1161 15.62 72.44 -79.97
CA ILE D 1161 16.10 72.68 -81.33
C ILE D 1161 15.38 73.90 -81.88
N PHE D 1162 16.14 74.80 -82.51
CA PHE D 1162 15.59 75.98 -83.18
C PHE D 1162 15.85 75.87 -84.67
N THR D 1163 14.81 76.12 -85.47
CA THR D 1163 14.91 76.07 -86.92
C THR D 1163 14.58 77.43 -87.51
N LEU D 1164 15.36 77.83 -88.52
CA LEU D 1164 15.18 79.11 -89.20
C LEU D 1164 14.63 78.84 -90.59
N ASN D 1165 13.34 79.15 -90.78
CA ASN D 1165 12.58 78.91 -92.01
C ASN D 1165 12.98 77.58 -92.67
N GLY D 1166 12.80 76.51 -91.91
CA GLY D 1166 12.98 75.16 -92.41
C GLY D 1166 14.38 74.60 -92.32
N GLU D 1167 15.37 75.41 -91.94
CA GLU D 1167 16.74 74.96 -91.79
C GLU D 1167 17.08 74.86 -90.31
N VAL D 1168 17.61 73.70 -89.91
CA VAL D 1168 17.99 73.50 -88.52
C VAL D 1168 19.20 74.37 -88.21
N LEU D 1169 19.01 75.32 -87.28
CA LEU D 1169 20.10 76.21 -86.92
C LEU D 1169 21.21 75.43 -86.21
N MET D 1170 22.45 75.73 -86.59
CA MET D 1170 23.61 75.00 -86.11
C MET D 1170 24.50 75.92 -85.28
N SER D 1171 25.01 75.40 -84.17
CA SER D 1171 25.92 76.16 -83.33
C SER D 1171 27.31 76.12 -83.94
N ASP D 1172 28.32 76.52 -83.17
CA ASP D 1172 29.67 76.71 -83.69
C ASP D 1172 30.24 75.44 -84.33
N SER D 1173 30.50 74.40 -83.54
CA SER D 1173 31.24 73.25 -84.06
C SER D 1173 30.34 72.20 -84.72
N GLY D 1174 29.57 71.48 -83.92
CA GLY D 1174 28.81 70.35 -84.47
C GLY D 1174 27.51 69.97 -83.81
N SER D 1175 27.03 70.77 -82.84
CA SER D 1175 26.03 70.27 -81.90
C SER D 1175 24.72 69.92 -82.59
N GLU D 1176 24.23 70.79 -83.48
CA GLU D 1176 22.93 70.69 -84.15
C GLU D 1176 21.77 70.88 -83.19
N THR D 1177 22.03 71.02 -81.89
CA THR D 1177 20.99 71.23 -80.88
C THR D 1177 21.36 72.41 -80.02
N ALA D 1178 20.34 73.12 -79.53
CA ALA D 1178 20.57 74.32 -78.74
C ALA D 1178 21.00 73.98 -77.32
N PHE D 1179 20.14 73.29 -76.59
CA PHE D 1179 20.42 72.89 -75.21
C PHE D 1179 20.11 71.42 -75.03
N ARG D 1180 20.99 70.71 -74.33
CA ARG D 1180 20.86 69.29 -74.12
C ARG D 1180 20.81 68.99 -72.62
N GLU D 1181 20.40 67.76 -72.32
CA GLU D 1181 20.26 67.23 -70.95
C GLU D 1181 19.70 68.28 -69.99
N ILE D 1182 18.60 68.87 -70.39
CA ILE D 1182 17.90 69.83 -69.55
C ILE D 1182 17.13 69.07 -68.47
N GLU D 1183 17.13 69.60 -67.25
CA GLU D 1183 16.49 68.93 -66.12
C GLU D 1183 15.02 69.32 -66.11
N ILE D 1184 14.15 68.38 -66.48
CA ILE D 1184 12.72 68.65 -66.51
C ILE D 1184 12.20 68.80 -65.08
N GLY D 1185 11.59 69.94 -64.80
CA GLY D 1185 11.04 70.19 -63.48
C GLY D 1185 9.54 70.39 -63.50
N ASP D 1186 9.11 71.64 -63.26
CA ASP D 1186 7.68 71.94 -63.27
C ASP D 1186 7.10 71.85 -64.68
N GLY D 1187 7.84 72.29 -65.68
CA GLY D 1187 7.37 72.24 -67.05
C GLY D 1187 8.06 73.29 -67.90
N PHE D 1188 7.46 73.56 -69.06
CA PHE D 1188 7.97 74.52 -70.01
C PHE D 1188 6.81 75.23 -70.69
N LEU D 1189 7.01 76.51 -70.98
CA LEU D 1189 6.01 77.33 -71.66
C LEU D 1189 6.66 78.13 -72.78
N PRO D 1190 5.96 78.32 -73.89
CA PRO D 1190 6.46 79.22 -74.94
C PRO D 1190 6.58 80.64 -74.42
N VAL D 1191 7.62 81.35 -74.86
CA VAL D 1191 7.92 82.68 -74.37
C VAL D 1191 8.32 83.58 -75.53
N CYS D 1192 8.21 84.88 -75.31
CA CYS D 1192 8.54 85.88 -76.32
C CYS D 1192 8.94 87.17 -75.62
N SER D 1193 9.97 87.83 -76.14
CA SER D 1193 10.62 88.96 -75.47
C SER D 1193 10.85 90.12 -76.43
N LEU D 1194 9.80 90.53 -77.14
CA LEU D 1194 9.93 91.65 -78.07
C LEU D 1194 10.46 92.89 -77.37
N GLY D 1195 11.42 93.56 -77.99
CA GLY D 1195 12.02 94.76 -77.44
C GLY D 1195 11.28 96.01 -77.85
N PRO D 1196 11.92 97.16 -77.67
CA PRO D 1196 11.25 98.44 -78.00
C PRO D 1196 11.11 98.60 -79.50
N GLY D 1197 9.90 98.96 -79.93
CA GLY D 1197 9.64 99.17 -81.35
C GLY D 1197 9.81 97.94 -82.20
N GLN D 1198 9.40 96.78 -81.69
CA GLN D 1198 9.53 95.52 -82.41
C GLN D 1198 8.18 94.84 -82.49
N VAL D 1199 7.89 94.25 -83.64
CA VAL D 1199 6.62 93.57 -83.91
C VAL D 1199 6.91 92.12 -84.26
N GLY D 1200 6.27 91.19 -83.56
CA GLY D 1200 6.42 89.78 -83.84
C GLY D 1200 5.08 89.10 -84.10
N HIS D 1201 5.10 87.78 -84.21
CA HIS D 1201 3.87 87.02 -84.45
C HIS D 1201 4.08 85.60 -83.97
N LEU D 1202 3.34 85.21 -82.93
CA LEU D 1202 3.46 83.86 -82.36
C LEU D 1202 2.34 82.98 -82.90
N ASN D 1203 2.71 81.80 -83.39
CA ASN D 1203 1.76 80.83 -83.91
C ASN D 1203 2.00 79.52 -83.16
N LEU D 1204 1.33 79.38 -82.01
CA LEU D 1204 1.48 78.17 -81.22
C LEU D 1204 0.93 76.95 -81.96
N GLY D 1205 -0.21 77.10 -82.62
CA GLY D 1205 -0.82 76.00 -83.35
C GLY D 1205 -2.28 76.26 -83.66
N GLN D 1206 -3.12 75.25 -83.40
CA GLN D 1206 -4.57 75.33 -83.56
C GLN D 1206 -4.97 75.45 -85.04
N ASP D 1207 -3.99 75.55 -85.92
CA ASP D 1207 -4.24 75.56 -87.36
C ASP D 1207 -2.97 75.03 -88.03
N VAL D 1208 -2.95 73.73 -88.32
CA VAL D 1208 -1.76 73.12 -88.88
C VAL D 1208 -1.50 73.65 -90.29
N SER D 1209 -2.56 73.91 -91.06
CA SER D 1209 -2.38 74.49 -92.39
C SER D 1209 -1.79 75.89 -92.31
N SER D 1210 -2.00 76.61 -91.21
CA SER D 1210 -1.45 77.94 -91.05
C SER D 1210 0.04 77.93 -90.74
N LEU D 1211 0.58 76.80 -90.29
CA LEU D 1211 2.01 76.70 -90.01
C LEU D 1211 2.77 76.60 -91.32
N ARG D 1212 3.60 77.60 -91.61
CA ARG D 1212 4.24 77.69 -92.92
C ARG D 1212 5.33 76.64 -93.07
N PHE D 1213 6.14 76.43 -92.04
CA PHE D 1213 7.32 75.56 -92.12
C PHE D 1213 7.23 74.43 -91.11
N PHE D 1214 6.07 73.78 -91.02
CA PHE D 1214 5.89 72.64 -90.14
C PHE D 1214 6.19 71.32 -90.83
N ALA D 1215 5.68 71.13 -92.06
CA ALA D 1215 5.90 69.88 -92.78
C ALA D 1215 7.37 69.72 -93.16
N ILE D 1216 8.04 70.81 -93.51
CA ILE D 1216 9.42 70.72 -93.98
C ILE D 1216 10.34 70.19 -92.89
N CYS D 1217 10.21 70.71 -91.68
CA CYS D 1217 11.07 70.31 -90.56
C CYS D 1217 10.23 70.25 -89.29
N GLY D 1218 10.10 69.05 -88.73
CA GLY D 1218 9.41 68.87 -87.47
C GLY D 1218 8.30 67.86 -87.51
N LEU D 1219 7.56 67.82 -88.61
CA LEU D 1219 6.40 66.93 -88.70
C LEU D 1219 6.85 65.47 -88.81
N GLN D 1220 7.81 65.18 -89.67
CA GLN D 1220 8.20 63.80 -89.93
C GLN D 1220 8.86 63.15 -88.72
N GLU D 1221 9.74 63.89 -88.04
CA GLU D 1221 10.38 63.37 -86.84
C GLU D 1221 9.37 63.18 -85.71
N GLY D 1222 8.25 63.87 -85.75
CA GLY D 1222 7.21 63.75 -84.74
C GLY D 1222 7.24 64.90 -83.76
N PHE D 1223 6.40 65.91 -84.00
CA PHE D 1223 6.35 67.10 -83.15
C PHE D 1223 4.93 67.66 -83.25
N GLU D 1224 4.10 67.34 -82.28
CA GLU D 1224 2.75 67.90 -82.26
C GLU D 1224 2.83 69.39 -81.92
N PRO D 1225 2.18 70.25 -82.70
CA PRO D 1225 2.18 71.68 -82.34
C PRO D 1225 1.55 71.89 -80.97
N PHE D 1226 2.02 72.96 -80.31
CA PHE D 1226 1.68 73.18 -78.90
C PHE D 1226 0.17 73.24 -78.68
N ALA D 1227 -0.59 73.66 -79.67
CA ALA D 1227 -2.04 73.71 -79.59
C ALA D 1227 -2.61 72.95 -80.77
N ILE D 1228 -3.23 71.79 -80.50
CA ILE D 1228 -3.81 70.97 -81.55
C ILE D 1228 -5.29 70.75 -81.30
N ASN D 1229 -5.63 70.09 -80.21
CA ASN D 1229 -7.03 69.80 -79.87
C ASN D 1229 -7.55 70.80 -78.84
N MET D 1230 -7.59 72.06 -79.26
CA MET D 1230 -8.11 73.15 -78.42
C MET D 1230 -9.02 74.02 -79.28
N GLN D 1231 -10.30 74.09 -78.91
CA GLN D 1231 -11.24 74.93 -79.61
C GLN D 1231 -11.15 76.40 -79.22
N ARG D 1232 -10.36 76.73 -78.20
CA ARG D 1232 -10.15 78.09 -77.78
C ARG D 1232 -8.67 78.44 -77.90
N PRO D 1233 -8.35 79.65 -78.39
CA PRO D 1233 -6.94 80.04 -78.51
C PRO D 1233 -6.26 80.10 -77.15
N VAL D 1234 -4.96 79.80 -77.13
CA VAL D 1234 -4.21 79.78 -75.90
C VAL D 1234 -4.11 81.20 -75.34
N THR D 1235 -4.46 81.36 -74.07
CA THR D 1235 -4.41 82.66 -73.42
C THR D 1235 -2.98 82.96 -72.97
N THR D 1236 -2.48 84.13 -73.35
CA THR D 1236 -1.12 84.54 -73.04
C THR D 1236 -1.10 85.55 -71.89
N TRP D 1237 0.06 85.64 -71.24
CA TRP D 1237 0.28 86.58 -70.15
C TRP D 1237 1.50 87.42 -70.47
N PHE D 1238 1.37 88.74 -70.30
CA PHE D 1238 2.43 89.68 -70.62
C PHE D 1238 2.81 90.47 -69.38
N SER D 1239 4.05 90.96 -69.36
CA SER D 1239 4.56 91.75 -68.25
C SER D 1239 4.09 93.19 -68.41
N LYS D 1240 3.19 93.63 -67.54
CA LYS D 1240 2.65 94.98 -67.59
C LYS D 1240 3.53 95.91 -66.77
N SER D 1241 4.11 96.91 -67.44
CA SER D 1241 5.05 97.82 -66.80
C SER D 1241 4.31 98.96 -66.08
N LEU D 1242 3.49 98.55 -65.13
CA LEU D 1242 2.79 99.49 -64.25
C LEU D 1242 3.24 99.23 -62.82
N PRO D 1243 4.02 100.12 -62.21
CA PRO D 1243 4.55 99.84 -60.87
C PRO D 1243 3.46 99.73 -59.81
N GLN D 1244 3.28 98.53 -59.28
CA GLN D 1244 2.34 98.27 -58.20
C GLN D 1244 3.12 97.83 -56.97
N PHE D 1245 2.48 97.97 -55.81
CA PHE D 1245 3.12 97.67 -54.54
C PHE D 1245 2.81 96.24 -54.13
N GLU D 1246 3.83 95.52 -53.69
CA GLU D 1246 3.72 94.14 -53.24
C GLU D 1246 4.43 93.97 -51.92
N PRO D 1247 4.02 93.00 -51.10
CA PRO D 1247 4.69 92.80 -49.80
C PRO D 1247 6.16 92.45 -49.99
N VAL D 1248 6.98 92.90 -49.04
CA VAL D 1248 8.42 92.63 -49.10
C VAL D 1248 8.64 91.13 -48.96
N PRO D 1249 9.38 90.50 -49.88
CA PRO D 1249 9.60 89.05 -49.81
C PRO D 1249 10.34 88.69 -48.53
N PRO D 1250 9.98 87.57 -47.90
CA PRO D 1250 10.68 87.15 -46.68
C PRO D 1250 12.14 86.81 -46.91
N GLU D 1251 12.54 86.51 -48.14
CA GLU D 1251 13.91 86.13 -48.47
C GLU D 1251 14.52 87.10 -49.48
N HIS D 1252 14.30 88.39 -49.27
CA HIS D 1252 14.88 89.39 -50.16
C HIS D 1252 16.41 89.39 -50.02
N PRO D 1253 17.14 89.47 -51.14
CA PRO D 1253 18.61 89.46 -51.04
C PRO D 1253 19.18 90.60 -50.24
N HIS D 1254 18.56 91.78 -50.28
CA HIS D 1254 19.12 92.98 -49.65
C HIS D 1254 18.27 93.47 -48.49
N TYR D 1255 16.99 93.74 -48.71
CA TYR D 1255 16.16 94.34 -47.68
C TYR D 1255 15.62 93.28 -46.73
N GLU D 1256 15.32 93.73 -45.51
CA GLU D 1256 14.77 92.86 -44.48
C GLU D 1256 13.90 93.70 -43.54
N VAL D 1257 12.71 93.19 -43.24
CA VAL D 1257 11.76 93.87 -42.37
C VAL D 1257 11.52 92.99 -41.15
N ALA D 1258 11.69 93.57 -39.96
CA ALA D 1258 11.50 92.85 -38.71
C ALA D 1258 10.44 93.54 -37.87
N ARG D 1259 9.54 92.75 -37.30
CA ARG D 1259 8.47 93.24 -36.44
C ARG D 1259 8.89 93.13 -34.99
N MET D 1260 8.77 94.21 -34.24
CA MET D 1260 9.15 94.26 -32.84
C MET D 1260 7.97 94.70 -32.00
N ASP D 1261 7.69 93.96 -30.94
CA ASP D 1261 6.60 94.28 -30.04
C ASP D 1261 6.91 95.53 -29.23
N GLY D 1262 5.86 96.23 -28.83
CA GLY D 1262 6.00 97.44 -28.05
C GLY D 1262 6.29 97.20 -26.59
N THR D 1263 7.39 97.76 -26.09
CA THR D 1263 7.77 97.61 -24.69
C THR D 1263 7.00 98.64 -23.85
N VAL D 1264 7.37 98.77 -22.58
CA VAL D 1264 6.72 99.74 -21.70
C VAL D 1264 7.08 101.17 -22.07
N ASP D 1265 8.15 101.37 -22.84
CA ASP D 1265 8.59 102.71 -23.23
C ASP D 1265 8.44 102.97 -24.72
N THR D 1266 8.55 101.95 -25.56
CA THR D 1266 8.47 102.15 -27.00
C THR D 1266 7.22 101.49 -27.57
N PRO D 1267 6.60 102.09 -28.58
CA PRO D 1267 5.43 101.47 -29.21
C PRO D 1267 5.85 100.36 -30.16
N PRO D 1268 4.91 99.56 -30.65
CA PRO D 1268 5.24 98.56 -31.66
C PRO D 1268 5.86 99.21 -32.89
N CYS D 1269 6.85 98.53 -33.47
CA CYS D 1269 7.68 99.13 -34.50
C CYS D 1269 7.89 98.14 -35.64
N LEU D 1270 8.20 98.69 -36.82
CA LEU D 1270 8.53 97.91 -38.01
C LEU D 1270 9.84 98.44 -38.56
N ARG D 1271 10.93 97.73 -38.31
CA ARG D 1271 12.26 98.16 -38.72
C ARG D 1271 12.61 97.60 -40.10
N LEU D 1272 13.47 98.33 -40.81
CA LEU D 1272 14.00 97.89 -42.09
C LEU D 1272 15.52 97.94 -42.02
N ALA D 1273 16.17 96.86 -42.46
CA ALA D 1273 17.62 96.75 -42.41
C ALA D 1273 18.16 96.36 -43.77
N HIS D 1274 19.28 96.99 -44.16
CA HIS D 1274 19.98 96.62 -45.39
C HIS D 1274 21.03 95.58 -45.02
N ARG D 1275 20.74 94.31 -45.30
CA ARG D 1275 21.58 93.21 -44.87
C ARG D 1275 22.81 93.01 -45.74
N THR D 1276 22.92 93.71 -46.86
CA THR D 1276 24.05 93.59 -47.78
C THR D 1276 24.63 94.96 -48.09
N TRP D 1277 24.85 95.76 -47.05
CA TRP D 1277 25.38 97.11 -47.21
C TRP D 1277 26.85 97.12 -47.65
N GLY D 1278 27.54 96.00 -47.56
CA GLY D 1278 28.96 95.96 -47.84
C GLY D 1278 29.33 96.20 -49.29
N SER D 1279 28.99 95.25 -50.17
CA SER D 1279 29.40 95.31 -51.57
C SER D 1279 28.25 94.89 -52.48
N GLN D 1280 27.05 95.43 -52.22
CA GLN D 1280 25.89 95.04 -53.01
C GLN D 1280 25.04 96.24 -53.44
N ASN D 1281 23.85 95.95 -53.97
CA ASN D 1281 23.02 96.97 -54.57
C ASN D 1281 22.53 98.00 -53.55
N SER D 1282 22.49 99.25 -53.99
CA SER D 1282 21.98 100.34 -53.16
C SER D 1282 21.26 101.33 -54.08
N LEU D 1283 19.94 101.43 -53.93
CA LEU D 1283 19.14 102.31 -54.77
C LEU D 1283 17.88 102.71 -54.01
N VAL D 1284 17.22 103.76 -54.50
CA VAL D 1284 16.05 104.29 -53.82
C VAL D 1284 14.93 103.25 -53.83
N GLU D 1285 14.03 103.35 -52.85
CA GLU D 1285 12.93 102.43 -52.71
C GLU D 1285 11.71 103.17 -52.17
N MET D 1286 10.53 102.61 -52.46
CA MET D 1286 9.26 103.21 -52.11
C MET D 1286 8.43 102.20 -51.32
N LEU D 1287 7.97 102.60 -50.14
CA LEU D 1287 7.26 101.70 -49.24
C LEU D 1287 6.03 102.38 -48.67
N PHE D 1288 5.04 101.57 -48.30
CA PHE D 1288 3.92 102.05 -47.50
C PHE D 1288 3.30 100.88 -46.75
N LEU D 1289 2.47 101.20 -45.75
CA LEU D 1289 1.86 100.21 -44.90
C LEU D 1289 0.57 99.67 -45.54
N ARG D 1290 0.39 98.35 -45.43
CA ARG D 1290 -0.60 97.62 -46.23
C ARG D 1290 -2.05 97.97 -45.93
N LEU D 1291 -2.32 98.94 -45.06
CA LEU D 1291 -3.70 99.31 -44.74
C LEU D 1291 -3.87 100.82 -44.82
N SER D 1292 -5.11 101.23 -45.11
CA SER D 1292 -5.46 102.63 -45.31
C SER D 1292 -6.38 103.12 -44.20
N LEU D 1293 -6.79 104.38 -44.33
CA LEU D 1293 -7.76 104.99 -43.43
C LEU D 1293 -8.60 106.01 -44.19
N PRO D 1294 -9.87 105.73 -44.41
CA PRO D 1294 -10.72 106.68 -45.14
C PRO D 1294 -11.10 107.87 -44.28
N VAL D 1295 -11.06 109.05 -44.90
CA VAL D 1295 -11.51 110.26 -44.23
C VAL D 1295 -13.03 110.32 -44.30
N GLN D 1296 -13.66 110.51 -43.15
CA GLN D 1296 -15.11 110.48 -43.06
C GLN D 1296 -15.73 111.66 -43.80
N PHE D 1297 -17.06 111.65 -43.90
CA PHE D 1297 -17.81 112.71 -44.54
C PHE D 1297 -18.20 113.76 -43.52
N HIS D 1298 -17.91 115.03 -43.83
CA HIS D 1298 -18.31 116.12 -42.95
C HIS D 1298 -19.76 116.53 -43.16
N GLN D 1299 -20.43 115.98 -44.17
CA GLN D 1299 -21.83 116.31 -44.43
C GLN D 1299 -22.74 115.16 -43.98
N ASP D 1419 3.35 112.70 -15.64
CA ASP D 1419 2.22 113.19 -16.43
C ASP D 1419 1.82 112.18 -17.50
N ASN D 1420 1.63 112.68 -18.72
CA ASN D 1420 1.23 111.85 -19.86
C ASN D 1420 -0.04 111.05 -19.57
N ARG D 1421 -1.00 111.72 -18.95
CA ARG D 1421 -2.29 111.11 -18.59
C ARG D 1421 -3.36 111.58 -19.56
N ASP D 1422 -4.12 110.63 -20.10
CA ASP D 1422 -5.14 110.91 -21.09
C ASP D 1422 -6.51 111.00 -20.42
N ASP D 1423 -7.23 112.09 -20.69
CA ASP D 1423 -8.56 112.27 -20.15
C ASP D 1423 -9.58 111.58 -21.07
N PRO D 1424 -10.36 110.62 -20.56
CA PRO D 1424 -11.30 109.90 -21.44
C PRO D 1424 -12.27 110.81 -22.16
N GLU D 1425 -12.78 111.87 -21.51
CA GLU D 1425 -13.82 112.70 -22.10
C GLU D 1425 -13.37 113.41 -23.36
N ILE D 1426 -12.06 113.50 -23.61
CA ILE D 1426 -11.53 114.13 -24.80
C ILE D 1426 -10.96 113.09 -25.77
N ILE D 1427 -10.20 112.12 -25.27
CA ILE D 1427 -9.57 111.14 -26.15
C ILE D 1427 -10.62 110.24 -26.78
N LEU D 1428 -11.69 109.92 -26.06
CA LEU D 1428 -12.73 109.05 -26.61
C LEU D 1428 -13.65 109.75 -27.60
N ASN D 1429 -13.54 111.07 -27.74
CA ASN D 1429 -14.33 111.81 -28.70
C ASN D 1429 -13.49 112.48 -29.78
N THR D 1430 -12.18 112.31 -29.76
CA THR D 1430 -11.31 112.93 -30.75
C THR D 1430 -11.35 112.14 -32.06
N THR D 1431 -10.88 112.80 -33.13
CA THR D 1431 -10.83 112.20 -34.45
C THR D 1431 -9.43 112.25 -35.06
N THR D 1432 -8.44 112.75 -34.32
CA THR D 1432 -7.07 112.79 -34.80
C THR D 1432 -6.42 111.42 -34.64
N TYR D 1433 -5.48 111.10 -35.54
CA TYR D 1433 -4.72 109.86 -35.47
C TYR D 1433 -3.26 110.16 -35.76
N TYR D 1434 -2.37 109.31 -35.23
CA TYR D 1434 -0.94 109.58 -35.23
C TYR D 1434 -0.14 108.36 -35.63
N TYR D 1435 0.94 108.59 -36.38
CA TYR D 1435 1.98 107.61 -36.58
C TYR D 1435 3.29 108.35 -36.77
N SER D 1436 4.35 107.84 -36.15
CA SER D 1436 5.64 108.52 -36.13
C SER D 1436 6.66 107.70 -36.90
N VAL D 1437 7.63 108.39 -37.48
CA VAL D 1437 8.68 107.79 -38.28
C VAL D 1437 10.03 108.24 -37.73
N ARG D 1438 10.89 107.28 -37.42
CA ARG D 1438 12.19 107.55 -36.82
C ARG D 1438 13.29 107.19 -37.82
N VAL D 1439 14.17 108.14 -38.10
CA VAL D 1439 15.31 107.92 -38.98
C VAL D 1439 16.53 107.71 -38.11
N PHE D 1440 17.16 106.54 -38.23
CA PHE D 1440 18.30 106.20 -37.42
C PHE D 1440 19.49 107.09 -37.75
N ALA D 1441 20.36 107.28 -36.77
CA ALA D 1441 21.57 108.06 -36.98
C ALA D 1441 22.50 107.36 -37.97
N GLY D 1442 23.05 108.14 -38.90
CA GLY D 1442 23.90 107.63 -39.96
C GLY D 1442 23.24 107.68 -41.33
N GLN D 1443 21.91 107.60 -41.38
CA GLN D 1443 21.17 107.76 -42.61
C GLN D 1443 20.85 109.23 -42.81
N GLU D 1444 21.23 109.77 -43.96
CA GLU D 1444 21.08 111.20 -44.19
C GLU D 1444 19.60 111.56 -44.27
N PRO D 1445 19.13 112.53 -43.49
CA PRO D 1445 17.72 112.95 -43.60
C PRO D 1445 17.37 113.52 -44.96
N SER D 1446 18.35 114.00 -45.73
CA SER D 1446 18.08 114.54 -47.05
C SER D 1446 17.64 113.48 -48.05
N CYS D 1447 17.78 112.20 -47.71
CA CYS D 1447 17.36 111.10 -48.58
C CYS D 1447 16.15 110.36 -48.01
N VAL D 1448 15.41 110.98 -47.11
CA VAL D 1448 14.26 110.35 -46.47
C VAL D 1448 13.04 111.26 -46.64
N TRP D 1449 11.96 110.70 -47.18
CA TRP D 1449 10.69 111.39 -47.32
C TRP D 1449 9.63 110.65 -46.54
N VAL D 1450 8.88 111.38 -45.72
CA VAL D 1450 7.90 110.79 -44.81
C VAL D 1450 6.54 111.43 -45.07
N GLY D 1451 5.54 110.59 -45.29
CA GLY D 1451 4.20 111.08 -45.55
C GLY D 1451 3.18 110.00 -45.87
N TRP D 1452 2.25 110.32 -46.77
CA TRP D 1452 1.15 109.42 -47.12
C TRP D 1452 0.98 109.37 -48.63
N VAL D 1453 0.38 108.28 -49.11
CA VAL D 1453 0.14 108.06 -50.53
C VAL D 1453 -1.30 107.61 -50.73
N THR D 1454 -1.93 108.14 -51.77
CA THR D 1454 -3.25 107.69 -52.21
C THR D 1454 -3.13 106.36 -52.94
N PRO D 1455 -4.23 105.61 -53.06
CA PRO D 1455 -4.16 104.28 -53.70
C PRO D 1455 -3.78 104.30 -55.18
N ASP D 1456 -3.52 105.46 -55.77
CA ASP D 1456 -3.19 105.55 -57.19
C ASP D 1456 -1.80 106.15 -57.39
N TYR D 1457 -0.83 105.71 -56.61
CA TYR D 1457 0.55 106.12 -56.77
C TYR D 1457 1.31 105.06 -57.57
N HIS D 1458 1.79 105.45 -58.75
CA HIS D 1458 2.46 104.52 -59.67
C HIS D 1458 3.69 105.18 -60.26
N GLN D 1459 4.50 105.82 -59.42
CA GLN D 1459 5.72 106.50 -59.86
C GLN D 1459 6.92 105.78 -59.25
N HIS D 1460 7.58 104.96 -60.06
CA HIS D 1460 8.81 104.29 -59.64
C HIS D 1460 10.02 105.06 -60.16
N ASP D 1461 10.17 106.28 -59.63
CA ASP D 1461 11.24 107.16 -60.05
C ASP D 1461 12.56 106.76 -59.39
N MET D 1462 13.66 107.22 -59.99
CA MET D 1462 14.99 106.97 -59.47
C MET D 1462 15.70 108.21 -58.96
N ASN D 1463 15.20 109.40 -59.28
CA ASN D 1463 15.70 110.67 -58.79
C ASN D 1463 14.57 111.47 -58.14
N PHE D 1464 13.82 110.79 -57.27
CA PHE D 1464 12.60 111.35 -56.72
C PHE D 1464 12.90 112.57 -55.85
N ASP D 1465 12.01 113.56 -55.92
CA ASP D 1465 12.06 114.74 -55.08
C ASP D 1465 10.65 115.32 -54.98
N LEU D 1466 10.52 116.38 -54.19
CA LEU D 1466 9.20 117.00 -53.99
C LEU D 1466 8.69 117.72 -55.23
N SER D 1467 9.54 117.93 -56.24
CA SER D 1467 9.12 118.60 -57.47
C SER D 1467 8.68 117.61 -58.55
N LYS D 1468 8.66 116.31 -58.26
CA LYS D 1468 8.28 115.30 -59.24
C LYS D 1468 6.98 114.59 -58.86
N VAL D 1469 6.20 115.17 -57.97
CA VAL D 1469 4.93 114.59 -57.56
C VAL D 1469 3.82 115.18 -58.41
N ARG D 1470 2.84 114.36 -58.76
CA ARG D 1470 1.75 114.82 -59.62
C ARG D 1470 0.87 115.79 -58.85
N ALA D 1471 0.45 116.86 -59.53
CA ALA D 1471 -0.39 117.86 -58.88
C ALA D 1471 -1.27 118.54 -59.92
N VAL D 1472 -2.40 119.05 -59.46
CA VAL D 1472 -3.34 119.75 -60.32
C VAL D 1472 -4.25 120.59 -59.44
N THR D 1473 -4.85 121.63 -60.04
CA THR D 1473 -5.75 122.54 -59.32
C THR D 1473 -6.97 122.80 -60.20
N VAL D 1474 -8.14 122.40 -59.72
CA VAL D 1474 -9.40 122.59 -60.43
C VAL D 1474 -10.09 123.81 -59.83
N THR D 1475 -10.42 124.78 -60.68
CA THR D 1475 -11.01 126.03 -60.26
C THR D 1475 -12.39 126.18 -60.89
N MET D 1476 -13.39 126.48 -60.06
CA MET D 1476 -14.76 126.70 -60.51
C MET D 1476 -15.19 128.11 -60.16
N GLY D 1477 -15.90 128.76 -61.10
CA GLY D 1477 -16.38 130.11 -60.90
C GLY D 1477 -17.69 130.33 -61.62
N ASP D 1478 -18.22 131.54 -61.49
CA ASP D 1478 -19.46 131.92 -62.16
C ASP D 1478 -19.14 132.37 -63.59
N GLU D 1479 -20.11 133.01 -64.25
CA GLU D 1479 -19.96 133.31 -65.67
C GLU D 1479 -18.92 134.40 -65.95
N GLN D 1480 -18.41 135.08 -64.93
CA GLN D 1480 -17.25 135.97 -65.14
C GLN D 1480 -16.49 136.07 -63.82
N GLY D 1481 -15.30 135.48 -63.80
CA GLY D 1481 -14.44 135.54 -62.62
C GLY D 1481 -15.12 134.96 -61.39
N ASN D 1482 -14.77 135.55 -60.24
CA ASN D 1482 -15.36 135.21 -58.94
C ASN D 1482 -15.37 133.70 -58.69
N VAL D 1483 -14.17 133.13 -58.64
CA VAL D 1483 -14.04 131.70 -58.41
C VAL D 1483 -14.51 131.35 -57.00
N HIS D 1484 -15.07 130.15 -56.85
CA HIS D 1484 -15.55 129.68 -55.56
C HIS D 1484 -14.65 128.60 -54.96
N SER D 1485 -14.37 127.54 -55.71
CA SER D 1485 -13.63 126.39 -55.21
C SER D 1485 -12.30 126.28 -55.95
N SER D 1486 -11.22 126.10 -55.19
CA SER D 1486 -9.88 125.88 -55.73
C SER D 1486 -9.32 124.64 -55.04
N LEU D 1487 -9.61 123.47 -55.59
CA LEU D 1487 -9.21 122.21 -54.99
C LEU D 1487 -7.88 121.75 -55.57
N LYS D 1488 -6.93 121.43 -54.68
CA LYS D 1488 -5.63 120.92 -55.07
C LYS D 1488 -5.63 119.40 -54.92
N CYS D 1489 -5.35 118.70 -56.00
CA CYS D 1489 -5.37 117.24 -56.04
C CYS D 1489 -3.97 116.71 -56.27
N SER D 1490 -3.57 115.71 -55.50
CA SER D 1490 -2.25 115.10 -55.62
C SER D 1490 -2.36 113.65 -55.20
N ASN D 1491 -1.21 112.95 -55.21
CA ASN D 1491 -1.17 111.55 -54.81
C ASN D 1491 0.02 111.25 -53.91
N CYS D 1492 0.67 112.27 -53.36
CA CYS D 1492 1.84 112.07 -52.50
C CYS D 1492 1.95 113.28 -51.57
N TYR D 1493 1.56 113.10 -50.32
CA TYR D 1493 1.59 114.17 -49.32
C TYR D 1493 2.68 113.84 -48.31
N MET D 1494 3.90 114.31 -48.59
CA MET D 1494 5.03 114.11 -47.69
C MET D 1494 5.82 115.41 -47.57
N VAL D 1495 6.73 115.42 -46.59
CA VAL D 1495 7.64 116.53 -46.34
C VAL D 1495 9.07 115.99 -46.41
N TRP D 1496 9.94 116.74 -47.09
CA TRP D 1496 11.33 116.31 -47.23
C TRP D 1496 12.02 116.32 -45.87
N GLY D 1497 12.78 115.26 -45.60
CA GLY D 1497 13.53 115.18 -44.36
C GLY D 1497 14.73 116.10 -44.28
N GLY D 1498 15.15 116.69 -45.40
CA GLY D 1498 16.24 117.62 -45.43
C GLY D 1498 15.91 119.03 -45.00
N ASP D 1499 14.64 119.30 -44.70
CA ASP D 1499 14.22 120.60 -44.20
C ASP D 1499 14.19 120.66 -42.68
N PHE D 1500 14.60 119.59 -41.99
CA PHE D 1500 14.58 119.53 -40.54
C PHE D 1500 15.97 119.40 -39.94
N VAL D 1501 17.00 119.82 -40.67
CA VAL D 1501 18.39 119.77 -40.20
C VAL D 1501 18.89 121.20 -40.07
N SER D 1502 19.49 121.50 -38.92
CA SER D 1502 20.01 122.83 -38.69
C SER D 1502 21.21 123.11 -39.60
N PRO D 1503 21.39 124.36 -40.03
CA PRO D 1503 22.54 124.68 -40.88
C PRO D 1503 23.88 124.40 -40.21
N GLY D 1504 23.98 124.59 -38.90
CA GLY D 1504 25.21 124.27 -38.21
C GLY D 1504 25.51 122.78 -38.20
N GLN D 1505 24.47 121.95 -38.03
CA GLN D 1505 24.67 120.50 -38.04
C GLN D 1505 24.91 119.98 -39.45
N GLN D 1506 24.35 120.64 -40.45
CA GLN D 1506 24.51 120.19 -41.83
C GLN D 1506 25.96 120.35 -42.27
N GLY D 1507 26.51 119.32 -42.91
CA GLY D 1507 27.87 119.36 -43.39
C GLY D 1507 28.70 118.17 -42.96
N ARG D 1508 28.11 117.29 -42.15
CA ARG D 1508 28.80 116.10 -41.65
C ARG D 1508 27.75 115.08 -41.25
N ILE D 1509 28.18 114.03 -40.55
CA ILE D 1509 27.31 112.97 -40.08
C ILE D 1509 26.99 113.24 -38.62
N SER D 1510 25.69 113.34 -38.30
CA SER D 1510 25.26 113.58 -36.94
C SER D 1510 25.17 112.25 -36.18
N HIS D 1511 24.67 112.30 -34.95
CA HIS D 1511 24.53 111.10 -34.15
C HIS D 1511 23.19 111.02 -33.41
N THR D 1512 22.27 111.95 -33.67
CA THR D 1512 20.96 111.95 -33.04
C THR D 1512 19.91 111.57 -34.07
N ASP D 1513 19.06 110.60 -33.72
CA ASP D 1513 18.01 110.15 -34.62
C ASP D 1513 16.98 111.25 -34.83
N LEU D 1514 16.43 111.29 -36.04
CA LEU D 1514 15.40 112.25 -36.41
C LEU D 1514 14.05 111.56 -36.44
N VAL D 1515 13.09 112.09 -35.67
CA VAL D 1515 11.76 111.52 -35.57
C VAL D 1515 10.76 112.51 -36.20
N ILE D 1516 9.98 112.01 -37.15
CA ILE D 1516 8.96 112.81 -37.84
C ILE D 1516 7.61 112.21 -37.54
N GLY D 1517 6.68 113.03 -37.08
CA GLY D 1517 5.33 112.60 -36.76
C GLY D 1517 4.33 113.22 -37.71
N CYS D 1518 3.38 112.42 -38.16
CA CYS D 1518 2.34 112.86 -39.09
C CYS D 1518 0.98 112.72 -38.42
N LEU D 1519 0.20 113.80 -38.42
CA LEU D 1519 -1.12 113.83 -37.80
C LEU D 1519 -2.17 114.03 -38.88
N VAL D 1520 -3.22 113.23 -38.83
CA VAL D 1520 -4.32 113.31 -39.78
C VAL D 1520 -5.62 113.48 -39.01
N ASP D 1521 -6.42 114.46 -39.39
CA ASP D 1521 -7.74 114.69 -38.82
C ASP D 1521 -8.78 114.15 -39.79
N LEU D 1522 -9.56 113.16 -39.36
CA LEU D 1522 -10.53 112.51 -40.21
C LEU D 1522 -11.87 113.22 -40.23
N ALA D 1523 -12.02 114.33 -39.51
CA ALA D 1523 -13.26 115.09 -39.49
C ALA D 1523 -13.20 116.38 -40.27
N THR D 1524 -12.01 116.96 -40.43
CA THR D 1524 -11.84 118.20 -41.19
C THR D 1524 -10.84 118.06 -42.32
N GLY D 1525 -10.18 116.92 -42.45
CA GLY D 1525 -9.20 116.72 -43.51
C GLY D 1525 -7.98 117.60 -43.40
N LEU D 1526 -7.53 117.87 -42.18
CA LEU D 1526 -6.33 118.67 -41.95
C LEU D 1526 -5.13 117.76 -41.76
N MET D 1527 -3.98 118.19 -42.29
CA MET D 1527 -2.78 117.37 -42.33
C MET D 1527 -1.61 118.19 -41.82
N THR D 1528 -0.91 117.67 -40.83
CA THR D 1528 0.21 118.37 -40.22
C THR D 1528 1.37 117.42 -39.99
N PHE D 1529 2.58 117.96 -39.95
CA PHE D 1529 3.78 117.20 -39.71
C PHE D 1529 4.63 117.88 -38.64
N THR D 1530 5.12 117.09 -37.69
CA THR D 1530 5.99 117.57 -36.61
C THR D 1530 7.30 116.81 -36.63
N ALA D 1531 8.40 117.52 -36.45
CA ALA D 1531 9.73 116.93 -36.45
C ALA D 1531 10.38 117.16 -35.10
N ASN D 1532 10.72 116.07 -34.41
CA ASN D 1532 11.38 116.12 -33.10
C ASN D 1532 10.58 116.99 -32.10
N GLY D 1533 9.26 116.89 -32.18
CA GLY D 1533 8.40 117.66 -31.31
C GLY D 1533 8.15 119.09 -31.73
N LYS D 1534 8.74 119.53 -32.85
CA LYS D 1534 8.56 120.90 -33.33
C LYS D 1534 7.59 120.89 -34.51
N GLU D 1535 6.56 121.72 -34.42
CA GLU D 1535 5.54 121.78 -35.46
C GLU D 1535 6.09 122.51 -36.69
N SER D 1536 5.90 121.90 -37.86
CA SER D 1536 6.35 122.50 -39.10
C SER D 1536 5.32 123.51 -39.61
N ASN D 1537 5.72 124.26 -40.64
CA ASN D 1537 4.86 125.28 -41.23
C ASN D 1537 4.18 124.81 -42.50
N THR D 1538 4.25 123.52 -42.81
CA THR D 1538 3.65 122.95 -44.01
C THR D 1538 2.43 122.12 -43.63
N PHE D 1539 1.33 122.32 -44.35
CA PHE D 1539 0.09 121.61 -44.10
C PHE D 1539 -0.51 121.16 -45.43
N PHE D 1540 -1.40 120.17 -45.35
CA PHE D 1540 -2.12 119.66 -46.51
C PHE D 1540 -3.60 119.56 -46.16
N GLN D 1541 -4.43 119.70 -47.20
CA GLN D 1541 -5.88 119.59 -47.04
C GLN D 1541 -6.39 118.57 -48.05
N VAL D 1542 -7.23 117.64 -47.58
CA VAL D 1542 -7.76 116.58 -48.43
C VAL D 1542 -9.27 116.69 -48.52
N GLU D 1543 -9.88 115.82 -49.30
CA GLU D 1543 -11.31 115.80 -49.55
C GLU D 1543 -11.95 114.60 -48.85
N PRO D 1544 -13.24 114.67 -48.52
CA PRO D 1544 -13.92 113.50 -47.95
C PRO D 1544 -13.85 112.31 -48.88
N ASN D 1545 -13.85 111.12 -48.27
CA ASN D 1545 -13.69 109.85 -48.98
C ASN D 1545 -12.32 109.78 -49.67
N THR D 1546 -11.28 109.97 -48.88
CA THR D 1546 -9.90 109.89 -49.36
C THR D 1546 -9.17 108.81 -48.57
N LYS D 1547 -8.55 107.88 -49.28
CA LYS D 1547 -7.76 106.81 -48.67
C LYS D 1547 -6.29 107.20 -48.69
N LEU D 1548 -5.65 107.15 -47.53
CA LEU D 1548 -4.24 107.49 -47.41
C LEU D 1548 -3.50 106.33 -46.76
N PHE D 1549 -2.31 106.03 -47.28
CA PHE D 1549 -1.47 104.97 -46.75
C PHE D 1549 -0.21 105.56 -46.14
N PRO D 1550 0.18 105.17 -44.94
CA PRO D 1550 1.44 105.67 -44.37
C PRO D 1550 2.64 105.21 -45.18
N ALA D 1551 3.33 106.15 -45.82
CA ALA D 1551 4.41 105.83 -46.76
C ALA D 1551 5.69 106.53 -46.36
N VAL D 1552 6.82 105.85 -46.59
CA VAL D 1552 8.14 106.42 -46.37
C VAL D 1552 9.00 106.07 -47.57
N PHE D 1553 9.58 107.09 -48.22
CA PHE D 1553 10.47 106.91 -49.35
C PHE D 1553 11.89 107.21 -48.88
N VAL D 1554 12.78 106.24 -49.00
CA VAL D 1554 14.12 106.35 -48.43
C VAL D 1554 15.15 105.83 -49.43
N LEU D 1555 16.31 106.48 -49.46
CA LEU D 1555 17.47 106.00 -50.21
C LEU D 1555 18.48 105.46 -49.21
N PRO D 1556 18.73 104.15 -49.17
CA PRO D 1556 19.56 103.58 -48.10
C PRO D 1556 21.00 104.01 -48.21
N THR D 1557 21.54 104.54 -47.10
CA THR D 1557 22.96 104.83 -46.96
C THR D 1557 23.53 104.21 -45.69
N HIS D 1558 22.87 103.19 -45.16
CA HIS D 1558 23.21 102.61 -43.87
C HIS D 1558 22.56 101.23 -43.78
N GLN D 1559 23.09 100.39 -42.90
CA GLN D 1559 22.46 99.09 -42.69
C GLN D 1559 21.29 99.16 -41.71
N ASN D 1560 21.14 100.28 -41.01
CA ASN D 1560 19.95 100.58 -40.21
C ASN D 1560 19.29 101.78 -40.88
N VAL D 1561 18.23 101.53 -41.65
CA VAL D 1561 17.73 102.51 -42.60
C VAL D 1561 16.58 103.33 -42.02
N ILE D 1562 15.47 102.66 -41.72
CA ILE D 1562 14.22 103.35 -41.39
C ILE D 1562 13.39 102.43 -40.51
N GLN D 1563 12.61 103.03 -39.61
CA GLN D 1563 11.79 102.27 -38.67
C GLN D 1563 10.44 102.94 -38.52
N PHE D 1564 9.38 102.25 -38.92
CA PHE D 1564 8.03 102.73 -38.67
C PHE D 1564 7.67 102.59 -37.20
N GLU D 1565 6.98 103.59 -36.67
CA GLU D 1565 6.54 103.59 -35.27
C GLU D 1565 5.05 103.88 -35.22
N LEU D 1566 4.27 102.92 -34.74
CA LEU D 1566 2.84 103.12 -34.52
C LEU D 1566 2.60 103.67 -33.11
N GLY D 1567 3.09 104.89 -32.90
CA GLY D 1567 3.13 105.48 -31.58
C GLY D 1567 1.82 106.15 -31.19
N LYS D 1568 1.89 106.91 -30.10
CA LYS D 1568 0.73 107.60 -29.53
C LYS D 1568 1.19 108.92 -28.95
N GLN D 1569 0.23 109.85 -28.82
CA GLN D 1569 0.49 111.16 -28.25
C GLN D 1569 -0.64 111.49 -27.29
N LYS D 1570 -0.68 112.75 -26.85
CA LYS D 1570 -1.64 113.20 -25.83
C LYS D 1570 -3.04 113.31 -26.45
N ASN D 1571 -3.91 112.36 -26.11
CA ASN D 1571 -5.30 112.34 -26.58
C ASN D 1571 -5.36 112.46 -28.11
N ILE D 1572 -4.65 111.56 -28.78
CA ILE D 1572 -4.41 111.71 -30.21
C ILE D 1572 -4.71 110.39 -30.92
N MET D 1573 -5.14 109.38 -30.15
CA MET D 1573 -5.77 108.18 -30.72
C MET D 1573 -4.89 107.45 -31.74
N PRO D 1574 -3.93 106.63 -31.28
CA PRO D 1574 -2.93 106.04 -32.19
C PRO D 1574 -3.49 105.39 -33.45
N LEU D 1575 -2.59 105.16 -34.42
CA LEU D 1575 -3.00 104.82 -35.79
C LEU D 1575 -3.82 103.54 -35.84
N SER D 1576 -3.60 102.61 -34.92
CA SER D 1576 -4.33 101.35 -34.96
C SER D 1576 -5.72 101.51 -34.35
N ALA D 1577 -6.44 102.55 -34.78
CA ALA D 1577 -7.83 102.74 -34.38
C ALA D 1577 -8.73 103.17 -35.52
N ALA D 1578 -8.20 103.62 -36.65
CA ALA D 1578 -8.99 103.97 -37.82
C ALA D 1578 -8.97 102.90 -38.89
N MET D 1579 -7.92 102.11 -38.97
CA MET D 1579 -7.83 101.02 -39.95
C MET D 1579 -8.60 99.79 -39.52
N PHE D 1580 -8.98 99.68 -38.25
CA PHE D 1580 -9.72 98.55 -37.73
C PHE D 1580 -10.99 99.04 -37.06
N LEU D 1581 -12.13 98.42 -37.41
CA LEU D 1581 -13.40 98.82 -36.83
C LEU D 1581 -13.56 98.31 -35.40
N SER D 1582 -12.98 97.16 -35.08
CA SER D 1582 -13.13 96.59 -33.74
C SER D 1582 -12.48 97.49 -32.68
N GLU D 1583 -11.26 97.95 -32.95
CA GLU D 1583 -10.54 98.81 -32.00
C GLU D 1583 -10.75 100.29 -32.34
N ARG D 1584 -12.03 100.68 -32.39
CA ARG D 1584 -12.35 102.07 -32.71
C ARG D 1584 -12.06 103.00 -31.54
N LYS D 1585 -12.32 102.53 -30.31
CA LYS D 1585 -12.15 103.32 -29.10
C LYS D 1585 -11.11 102.69 -28.19
N ASN D 1586 -10.04 102.15 -28.78
CA ASN D 1586 -8.96 101.54 -28.00
C ASN D 1586 -7.73 102.45 -28.05
N PRO D 1587 -7.39 103.15 -26.96
CA PRO D 1587 -6.23 104.04 -26.94
C PRO D 1587 -4.92 103.32 -26.63
N ALA D 1588 -4.68 102.20 -27.30
CA ALA D 1588 -3.47 101.41 -27.11
C ALA D 1588 -2.87 101.09 -28.47
N PRO D 1589 -1.58 101.38 -28.68
CA PRO D 1589 -0.96 101.05 -29.97
C PRO D 1589 -0.97 99.55 -30.22
N GLN D 1590 -1.21 99.19 -31.49
CA GLN D 1590 -1.29 97.80 -31.89
C GLN D 1590 -0.70 97.65 -33.28
N CYS D 1591 -0.31 96.42 -33.61
CA CYS D 1591 0.23 96.08 -34.93
C CYS D 1591 -0.19 94.68 -35.30
N PRO D 1592 -1.42 94.51 -35.77
CA PRO D 1592 -1.90 93.19 -36.19
C PRO D 1592 -1.15 92.71 -37.42
N PRO D 1593 -1.11 91.39 -37.64
CA PRO D 1593 -0.29 90.85 -38.74
C PRO D 1593 -0.70 91.35 -40.12
N ARG D 1594 -1.96 91.77 -40.32
CA ARG D 1594 -2.36 92.25 -41.64
C ARG D 1594 -1.66 93.57 -41.99
N LEU D 1595 -1.21 94.31 -40.99
CA LEU D 1595 -0.50 95.57 -41.21
C LEU D 1595 0.98 95.26 -41.41
N GLU D 1596 1.43 95.33 -42.65
CA GLU D 1596 2.82 95.00 -42.97
C GLU D 1596 3.45 96.09 -43.83
N VAL D 1597 4.66 95.84 -44.32
CA VAL D 1597 5.40 96.78 -45.15
C VAL D 1597 5.39 96.27 -46.58
N GLN D 1598 4.93 97.10 -47.51
CA GLN D 1598 4.85 96.75 -48.92
C GLN D 1598 5.79 97.65 -49.71
N MET D 1599 6.56 97.05 -50.61
CA MET D 1599 7.50 97.78 -51.44
C MET D 1599 6.99 97.87 -52.87
N LEU D 1600 7.50 98.87 -53.59
CA LEU D 1600 7.08 99.14 -54.97
C LEU D 1600 7.91 98.30 -55.93
N MET D 1601 7.22 97.52 -56.78
CA MET D 1601 7.86 96.69 -57.79
C MET D 1601 7.74 97.33 -59.17
N PRO D 1602 8.76 97.19 -60.01
CA PRO D 1602 8.74 97.86 -61.32
C PRO D 1602 7.68 97.31 -62.27
N VAL D 1603 7.66 95.99 -62.46
CA VAL D 1603 6.80 95.35 -63.45
C VAL D 1603 6.22 94.08 -62.87
N SER D 1604 4.96 93.82 -63.21
CA SER D 1604 4.26 92.63 -62.73
C SER D 1604 3.53 91.98 -63.89
N TRP D 1605 3.18 90.70 -63.70
CA TRP D 1605 2.47 89.95 -64.73
C TRP D 1605 1.05 90.45 -64.88
N SER D 1606 0.47 90.16 -66.04
CA SER D 1606 -0.91 90.53 -66.34
C SER D 1606 -1.47 89.58 -67.38
N ARG D 1607 -2.79 89.59 -67.52
CA ARG D 1607 -3.49 88.69 -68.44
C ARG D 1607 -4.00 89.48 -69.63
N MET D 1608 -3.72 88.98 -70.84
CA MET D 1608 -4.24 89.60 -72.05
C MET D 1608 -5.68 89.16 -72.28
N PRO D 1609 -6.62 90.09 -72.47
CA PRO D 1609 -8.01 89.69 -72.70
C PRO D 1609 -8.14 88.84 -73.95
N ASN D 1610 -9.06 87.86 -73.88
CA ASN D 1610 -9.26 86.96 -75.01
C ASN D 1610 -9.76 87.69 -76.24
N HIS D 1611 -10.72 88.61 -76.05
CA HIS D 1611 -11.31 89.37 -77.15
C HIS D 1611 -11.19 90.84 -76.84
N PHE D 1612 -10.36 91.55 -77.60
CA PHE D 1612 -10.26 93.00 -77.48
C PHE D 1612 -11.43 93.63 -78.21
N LEU D 1613 -11.39 94.96 -78.37
CA LEU D 1613 -12.45 95.64 -79.11
C LEU D 1613 -12.29 95.31 -80.59
N GLN D 1614 -12.86 94.17 -81.01
CA GLN D 1614 -12.58 93.62 -82.33
C GLN D 1614 -13.03 94.54 -83.46
N VAL D 1615 -13.88 95.53 -83.18
CA VAL D 1615 -14.20 96.53 -84.19
C VAL D 1615 -12.98 97.38 -84.51
N GLU D 1616 -11.94 97.32 -83.66
CA GLU D 1616 -10.67 97.99 -83.87
C GLU D 1616 -10.81 99.51 -83.96
N THR D 1617 -11.93 100.04 -83.47
CA THR D 1617 -12.23 101.48 -83.53
C THR D 1617 -12.03 102.01 -84.95
N ARG D 1618 -12.89 101.51 -85.84
CA ARG D 1618 -12.82 101.84 -87.26
C ARG D 1618 -12.73 103.34 -87.47
N ARG D 1619 -11.61 103.77 -88.04
CA ARG D 1619 -11.33 105.19 -88.23
C ARG D 1619 -10.84 105.44 -89.65
N ALA D 1620 -11.15 106.62 -90.16
CA ALA D 1620 -10.74 107.01 -91.51
C ALA D 1620 -10.63 108.52 -91.58
N GLY D 1621 -9.75 108.98 -92.48
CA GLY D 1621 -9.55 110.40 -92.66
C GLY D 1621 -10.58 111.02 -93.60
N GLU D 1622 -11.81 111.17 -93.11
CA GLU D 1622 -12.87 111.72 -93.94
C GLU D 1622 -12.64 113.21 -94.19
N ARG D 1623 -13.39 113.75 -95.16
CA ARG D 1623 -13.23 115.15 -95.53
C ARG D 1623 -13.60 116.06 -94.37
N LEU D 1624 -14.69 115.77 -93.67
CA LEU D 1624 -15.15 116.59 -92.55
C LEU D 1624 -14.57 116.11 -91.22
N GLY D 1625 -13.25 115.95 -91.17
CA GLY D 1625 -12.55 115.57 -89.97
C GLY D 1625 -12.22 114.09 -89.93
N TRP D 1626 -11.37 113.75 -88.96
CA TRP D 1626 -10.96 112.37 -88.72
C TRP D 1626 -12.01 111.72 -87.83
N ALA D 1627 -12.72 110.73 -88.36
CA ALA D 1627 -13.83 110.10 -87.67
C ALA D 1627 -13.42 108.74 -87.12
N VAL D 1628 -13.73 108.49 -85.85
CA VAL D 1628 -13.49 107.22 -85.19
C VAL D 1628 -14.78 106.77 -84.53
N GLN D 1629 -15.14 105.51 -84.74
CA GLN D 1629 -16.40 104.98 -84.22
C GLN D 1629 -16.20 103.58 -83.65
N CYS D 1630 -17.01 103.25 -82.65
CA CYS D 1630 -17.05 101.93 -82.05
C CYS D 1630 -18.50 101.45 -82.05
N GLN D 1631 -18.70 100.17 -82.37
CA GLN D 1631 -20.04 99.64 -82.56
C GLN D 1631 -20.38 98.45 -81.69
N ASP D 1632 -19.42 97.56 -81.45
CA ASP D 1632 -19.89 96.36 -80.76
C ASP D 1632 -19.65 96.46 -79.26
N PRO D 1633 -20.55 95.90 -78.46
CA PRO D 1633 -20.36 95.92 -77.00
C PRO D 1633 -19.31 94.91 -76.55
N LEU D 1634 -18.79 95.15 -75.35
CA LEU D 1634 -17.84 94.25 -74.71
C LEU D 1634 -17.92 94.43 -73.21
N THR D 1635 -17.90 93.30 -72.49
CA THR D 1635 -18.00 93.31 -71.04
C THR D 1635 -17.09 92.24 -70.46
N MET D 1636 -16.72 92.44 -69.19
CA MET D 1636 -15.93 91.45 -68.46
C MET D 1636 -16.28 91.54 -66.99
N MET D 1637 -16.00 90.46 -66.26
CA MET D 1637 -16.33 90.37 -64.84
C MET D 1637 -15.15 90.84 -64.01
N ALA D 1638 -15.31 92.00 -63.37
CA ALA D 1638 -14.25 92.57 -62.56
C ALA D 1638 -14.20 91.92 -61.18
N LEU D 1639 -13.07 92.13 -60.50
CA LEU D 1639 -12.88 91.67 -59.12
C LEU D 1639 -12.24 92.82 -58.34
N HIS D 1640 -13.03 93.48 -57.51
CA HIS D 1640 -12.60 94.69 -56.81
C HIS D 1640 -12.04 94.35 -55.44
N ILE D 1641 -10.83 94.81 -55.17
CA ILE D 1641 -10.23 94.71 -53.85
C ILE D 1641 -10.60 95.97 -53.07
N PRO D 1642 -11.24 95.86 -51.91
CA PRO D 1642 -11.75 97.08 -51.24
C PRO D 1642 -10.66 97.93 -50.62
N GLU D 1643 -9.69 97.33 -49.92
CA GLU D 1643 -8.71 98.12 -49.18
C GLU D 1643 -7.86 98.98 -50.10
N GLU D 1644 -7.41 98.42 -51.23
CA GLU D 1644 -6.68 99.16 -52.25
C GLU D 1644 -7.59 99.33 -53.45
N ASN D 1645 -7.88 100.58 -53.81
CA ASN D 1645 -8.91 100.89 -54.80
C ASN D 1645 -8.42 100.46 -56.17
N ARG D 1646 -8.47 99.15 -56.41
CA ARG D 1646 -8.05 98.53 -57.66
C ARG D 1646 -9.18 97.69 -58.24
N CYS D 1647 -8.92 97.11 -59.41
CA CYS D 1647 -9.93 96.31 -60.09
C CYS D 1647 -9.20 95.33 -61.01
N MET D 1648 -9.31 94.04 -60.72
CA MET D 1648 -8.69 93.00 -61.51
C MET D 1648 -9.72 92.34 -62.42
N ASP D 1649 -9.30 91.28 -63.10
CA ASP D 1649 -10.19 90.43 -63.87
C ASP D 1649 -10.40 89.13 -63.12
N ILE D 1650 -11.65 88.64 -63.10
CA ILE D 1650 -11.94 87.41 -62.39
C ILE D 1650 -11.26 86.21 -63.05
N LEU D 1651 -10.94 86.32 -64.34
CA LEU D 1651 -10.19 85.27 -65.02
C LEU D 1651 -8.71 85.28 -64.64
N GLU D 1652 -8.22 86.37 -64.06
CA GLU D 1652 -6.84 86.45 -63.60
C GLU D 1652 -6.57 85.56 -62.39
N LEU D 1653 -7.62 85.03 -61.76
CA LEU D 1653 -7.46 84.14 -60.61
C LEU D 1653 -6.97 82.75 -61.01
N SER D 1654 -6.83 82.48 -62.32
CA SER D 1654 -6.31 81.18 -62.74
C SER D 1654 -4.90 80.96 -62.24
N GLU D 1655 -4.06 82.00 -62.29
CA GLU D 1655 -2.68 81.90 -61.81
C GLU D 1655 -2.51 82.39 -60.38
N ARG D 1656 -3.44 83.17 -59.85
CA ARG D 1656 -3.39 83.62 -58.46
C ARG D 1656 -4.20 82.63 -57.63
N LEU D 1657 -3.51 81.67 -57.02
CA LEU D 1657 -4.18 80.61 -56.26
C LEU D 1657 -4.52 81.02 -54.84
N ASP D 1658 -3.97 82.13 -54.34
CA ASP D 1658 -4.32 82.59 -53.01
C ASP D 1658 -5.66 83.30 -52.96
N LEU D 1659 -5.98 84.11 -53.96
CA LEU D 1659 -7.28 84.76 -54.04
C LEU D 1659 -8.39 83.82 -54.48
N GLN D 1660 -8.07 82.81 -55.30
CA GLN D 1660 -9.08 81.87 -55.78
C GLN D 1660 -9.68 81.07 -54.63
N ARG D 1661 -8.86 80.60 -53.70
CA ARG D 1661 -9.37 79.87 -52.55
C ARG D 1661 -10.28 80.74 -51.70
N PHE D 1662 -9.86 81.99 -51.45
CA PHE D 1662 -10.67 82.89 -50.65
C PHE D 1662 -12.01 83.18 -51.32
N HIS D 1663 -12.00 83.38 -52.64
CA HIS D 1663 -13.26 83.65 -53.34
C HIS D 1663 -14.16 82.42 -53.36
N SER D 1664 -13.57 81.23 -53.52
CA SER D 1664 -14.38 80.00 -53.49
C SER D 1664 -15.03 79.82 -52.13
N HIS D 1665 -14.27 80.05 -51.05
CA HIS D 1665 -14.86 79.93 -49.72
C HIS D 1665 -15.84 81.08 -49.44
N THR D 1666 -15.65 82.24 -50.06
CA THR D 1666 -16.65 83.31 -49.94
C THR D 1666 -17.96 82.90 -50.58
N LEU D 1667 -17.90 82.28 -51.76
CA LEU D 1667 -19.11 81.76 -52.39
C LEU D 1667 -19.73 80.64 -51.54
N ARG D 1668 -18.90 79.79 -50.94
CA ARG D 1668 -19.41 78.76 -50.05
C ARG D 1668 -20.15 79.38 -48.86
N LEU D 1669 -19.59 80.44 -48.29
CA LEU D 1669 -20.26 81.16 -47.20
C LEU D 1669 -21.57 81.78 -47.68
N TYR D 1670 -21.57 82.33 -48.89
CA TYR D 1670 -22.80 82.89 -49.45
C TYR D 1670 -23.89 81.83 -49.54
N ARG D 1671 -23.53 80.63 -50.00
CA ARG D 1671 -24.51 79.55 -50.10
C ARG D 1671 -24.96 79.08 -48.71
N ALA D 1672 -24.01 78.97 -47.77
CA ALA D 1672 -24.35 78.43 -46.46
C ALA D 1672 -25.19 79.39 -45.64
N VAL D 1673 -24.99 80.70 -45.81
CA VAL D 1673 -25.74 81.68 -45.03
C VAL D 1673 -27.21 81.67 -45.42
N CYS D 1674 -27.51 81.51 -46.72
CA CYS D 1674 -28.87 81.47 -47.22
C CYS D 1674 -29.40 80.05 -47.38
N ALA D 1675 -28.74 79.07 -46.77
CA ALA D 1675 -29.13 77.68 -46.93
C ALA D 1675 -30.39 77.36 -46.13
N LEU D 1676 -31.10 76.33 -46.59
CA LEU D 1676 -32.27 75.77 -45.92
C LEU D 1676 -33.39 76.81 -45.78
N GLY D 1677 -33.84 77.30 -46.94
CA GLY D 1677 -35.02 78.13 -47.00
C GLY D 1677 -34.93 79.45 -46.26
N ASN D 1678 -33.80 80.14 -46.36
CA ASN D 1678 -33.66 81.49 -45.81
C ASN D 1678 -33.84 82.48 -46.97
N ASN D 1679 -35.10 82.67 -47.36
CA ASN D 1679 -35.42 83.50 -48.52
C ASN D 1679 -35.11 84.97 -48.29
N ARG D 1680 -35.09 85.44 -47.04
CA ARG D 1680 -34.73 86.82 -46.77
C ARG D 1680 -33.27 87.09 -47.14
N VAL D 1681 -32.37 86.22 -46.68
CA VAL D 1681 -30.96 86.37 -47.03
C VAL D 1681 -30.74 86.10 -48.52
N ALA D 1682 -31.54 85.21 -49.11
CA ALA D 1682 -31.47 85.01 -50.54
C ALA D 1682 -31.83 86.27 -51.30
N HIS D 1683 -32.87 86.99 -50.85
CA HIS D 1683 -33.20 88.28 -51.46
C HIS D 1683 -32.09 89.29 -51.25
N ALA D 1684 -31.50 89.31 -50.05
CA ALA D 1684 -30.42 90.27 -49.76
C ALA D 1684 -29.19 90.01 -50.61
N LEU D 1685 -28.88 88.74 -50.88
CA LEU D 1685 -27.67 88.39 -51.64
C LEU D 1685 -27.76 88.80 -53.10
N CYS D 1686 -28.97 89.07 -53.61
CA CYS D 1686 -29.10 89.52 -55.00
C CYS D 1686 -28.47 90.89 -55.21
N SER D 1687 -28.27 91.66 -54.14
CA SER D 1687 -27.59 92.95 -54.26
C SER D 1687 -26.09 92.79 -54.45
N HIS D 1688 -25.52 91.68 -53.96
CA HIS D 1688 -24.10 91.42 -54.12
C HIS D 1688 -23.80 90.69 -55.43
N VAL D 1689 -24.43 89.54 -55.63
CA VAL D 1689 -24.27 88.75 -56.85
C VAL D 1689 -25.57 88.90 -57.64
N ASP D 1690 -25.58 89.84 -58.58
CA ASP D 1690 -26.79 90.13 -59.35
C ASP D 1690 -27.07 89.02 -60.36
N GLN D 1691 -28.24 89.11 -60.99
CA GLN D 1691 -28.62 88.12 -62.00
C GLN D 1691 -27.68 88.16 -63.19
N ALA D 1692 -27.26 89.36 -63.61
CA ALA D 1692 -26.38 89.48 -64.76
C ALA D 1692 -25.06 88.78 -64.53
N GLN D 1693 -24.47 88.93 -63.33
CA GLN D 1693 -23.21 88.26 -63.03
C GLN D 1693 -23.35 86.75 -63.06
N LEU D 1694 -24.44 86.23 -62.50
CA LEU D 1694 -24.66 84.78 -62.50
C LEU D 1694 -24.83 84.26 -63.92
N LEU D 1695 -25.61 84.97 -64.74
CA LEU D 1695 -25.81 84.54 -66.12
C LEU D 1695 -24.50 84.61 -66.92
N HIS D 1696 -23.70 85.63 -66.69
CA HIS D 1696 -22.40 85.74 -67.36
C HIS D 1696 -21.47 84.60 -66.94
N ALA D 1697 -21.43 84.30 -65.64
CA ALA D 1697 -20.57 83.23 -65.16
C ALA D 1697 -21.05 81.85 -65.60
N LEU D 1698 -22.35 81.70 -65.88
CA LEU D 1698 -22.85 80.43 -66.39
C LEU D 1698 -22.23 80.10 -67.75
N GLU D 1699 -22.13 81.09 -68.64
CA GLU D 1699 -21.62 80.88 -69.98
C GLU D 1699 -20.12 81.15 -70.11
N ASP D 1700 -19.45 81.52 -69.02
CA ASP D 1700 -18.01 81.81 -69.10
C ASP D 1700 -17.22 80.53 -69.27
N ALA D 1701 -16.54 80.40 -70.40
CA ALA D 1701 -15.77 79.21 -70.72
C ALA D 1701 -14.33 79.26 -70.21
N HIS D 1702 -13.87 80.40 -69.71
CA HIS D 1702 -12.51 80.54 -69.22
C HIS D 1702 -12.42 80.61 -67.70
N LEU D 1703 -13.55 80.52 -67.00
CA LEU D 1703 -13.53 80.59 -65.55
C LEU D 1703 -12.86 79.35 -64.97
N PRO D 1704 -12.14 79.50 -63.86
CA PRO D 1704 -11.57 78.33 -63.18
C PRO D 1704 -12.66 77.41 -62.68
N GLY D 1705 -12.31 76.12 -62.56
CA GLY D 1705 -13.23 75.09 -62.17
C GLY D 1705 -13.93 75.33 -60.84
N PRO D 1706 -13.16 75.57 -59.77
CA PRO D 1706 -13.80 75.86 -58.48
C PRO D 1706 -14.72 77.08 -58.52
N LEU D 1707 -14.32 78.16 -59.19
CA LEU D 1707 -15.19 79.33 -59.30
C LEU D 1707 -16.44 79.03 -60.11
N ARG D 1708 -16.31 78.26 -61.20
CA ARG D 1708 -17.46 77.88 -62.00
C ARG D 1708 -18.46 77.08 -61.17
N ALA D 1709 -17.98 76.04 -60.48
CA ALA D 1709 -18.86 75.23 -59.65
C ALA D 1709 -19.50 76.05 -58.54
N GLY D 1710 -18.71 76.93 -57.91
CA GLY D 1710 -19.25 77.77 -56.86
C GLY D 1710 -20.34 78.69 -57.35
N TYR D 1711 -20.16 79.29 -58.52
CA TYR D 1711 -21.19 80.17 -59.07
C TYR D 1711 -22.45 79.41 -59.47
N TYR D 1712 -22.31 78.23 -60.08
CA TYR D 1712 -23.49 77.44 -60.41
C TYR D 1712 -24.26 77.06 -59.14
N ASP D 1713 -23.55 76.58 -58.12
CA ASP D 1713 -24.21 76.21 -56.87
C ASP D 1713 -24.80 77.42 -56.16
N LEU D 1714 -24.16 78.58 -56.25
CA LEU D 1714 -24.71 79.79 -55.66
C LEU D 1714 -26.01 80.18 -56.34
N LEU D 1715 -26.05 80.15 -57.67
CA LEU D 1715 -27.29 80.45 -58.38
C LEU D 1715 -28.39 79.48 -57.99
N ILE D 1716 -28.06 78.19 -57.91
CA ILE D 1716 -29.05 77.20 -57.52
C ILE D 1716 -29.57 77.49 -56.12
N SER D 1717 -28.67 77.61 -55.14
CA SER D 1717 -29.05 77.81 -53.74
C SER D 1717 -29.75 79.15 -53.51
N ILE D 1718 -29.58 80.12 -54.40
CA ILE D 1718 -30.25 81.40 -54.28
C ILE D 1718 -31.65 81.37 -54.88
N HIS D 1719 -31.81 80.76 -56.06
CA HIS D 1719 -33.04 80.93 -56.81
C HIS D 1719 -33.96 79.71 -56.86
N LEU D 1720 -33.45 78.49 -56.69
CA LEU D 1720 -34.26 77.31 -56.93
C LEU D 1720 -34.30 76.31 -55.79
N GLU D 1721 -33.47 76.47 -54.76
CA GLU D 1721 -33.28 75.42 -53.77
C GLU D 1721 -34.56 75.10 -53.00
N SER D 1722 -35.19 76.14 -52.42
CA SER D 1722 -36.35 75.90 -51.57
C SER D 1722 -37.52 75.34 -52.36
N ALA D 1723 -37.79 75.90 -53.54
CA ALA D 1723 -38.92 75.44 -54.34
C ALA D 1723 -38.67 74.03 -54.87
N CYS D 1724 -37.42 73.71 -55.25
CA CYS D 1724 -37.10 72.35 -55.65
C CYS D 1724 -37.26 71.38 -54.49
N ARG D 1725 -36.88 71.79 -53.28
CA ARG D 1725 -37.09 70.93 -52.11
C ARG D 1725 -38.58 70.68 -51.87
N SER D 1726 -39.40 71.72 -51.99
CA SER D 1726 -40.84 71.55 -51.82
C SER D 1726 -41.42 70.61 -52.88
N ARG D 1727 -41.01 70.78 -54.14
CA ARG D 1727 -41.50 69.90 -55.19
C ARG D 1727 -41.04 68.47 -54.97
N ARG D 1728 -39.80 68.28 -54.51
CA ARG D 1728 -39.31 66.93 -54.23
C ARG D 1728 -40.10 66.29 -53.10
N SER D 1729 -40.44 67.07 -52.07
CA SER D 1729 -41.27 66.54 -50.99
C SER D 1729 -42.65 66.15 -51.49
N MET D 1730 -43.24 66.96 -52.38
CA MET D 1730 -44.57 66.65 -52.90
C MET D 1730 -44.57 65.50 -53.89
N LEU D 1731 -43.43 65.22 -54.53
CA LEU D 1731 -43.41 64.22 -55.59
C LEU D 1731 -43.66 62.80 -55.08
N SER D 1732 -43.58 62.57 -53.77
CA SER D 1732 -43.71 61.22 -53.24
C SER D 1732 -45.15 60.75 -53.11
N GLU D 1733 -46.13 61.63 -53.25
CA GLU D 1733 -47.53 61.27 -53.09
C GLU D 1733 -48.30 61.65 -54.35
N TYR D 1734 -49.23 60.77 -54.75
CA TYR D 1734 -50.04 60.96 -55.94
C TYR D 1734 -51.49 61.20 -55.52
N ILE D 1735 -52.05 62.34 -55.93
CA ILE D 1735 -53.45 62.66 -55.71
C ILE D 1735 -54.01 63.07 -57.07
N VAL D 1736 -54.59 62.11 -57.77
CA VAL D 1736 -55.09 62.32 -59.14
C VAL D 1736 -56.58 62.62 -59.08
N PRO D 1737 -57.03 63.79 -59.52
CA PRO D 1737 -58.46 64.06 -59.58
C PRO D 1737 -59.11 63.38 -60.78
N LEU D 1738 -60.43 63.24 -60.70
CA LEU D 1738 -61.20 62.62 -61.77
C LEU D 1738 -61.66 63.64 -62.81
N THR D 1739 -60.72 64.42 -63.30
CA THR D 1739 -60.98 65.41 -64.34
C THR D 1739 -61.06 64.72 -65.70
N PRO D 1740 -61.74 65.35 -66.68
CA PRO D 1740 -61.87 64.71 -67.99
C PRO D 1740 -60.54 64.34 -68.64
N GLU D 1741 -59.49 65.15 -68.48
CA GLU D 1741 -58.20 64.78 -69.05
C GLU D 1741 -57.62 63.56 -68.36
N THR D 1742 -57.91 63.37 -67.07
CA THR D 1742 -57.54 62.11 -66.41
C THR D 1742 -58.26 60.92 -67.05
N ARG D 1743 -59.55 61.09 -67.34
CA ARG D 1743 -60.29 60.03 -68.01
C ARG D 1743 -59.70 59.72 -69.38
N ALA D 1744 -59.30 60.76 -70.12
CA ALA D 1744 -58.67 60.57 -71.42
C ALA D 1744 -57.26 59.99 -71.32
N ILE D 1745 -56.68 59.95 -70.12
CA ILE D 1745 -55.33 59.42 -69.96
C ILE D 1745 -55.37 57.90 -70.09
N THR D 1746 -54.49 57.35 -70.91
CA THR D 1746 -54.39 55.92 -71.10
C THR D 1746 -53.09 55.41 -70.44
N LEU D 1747 -52.84 54.11 -70.59
CA LEU D 1747 -51.64 53.50 -70.04
C LEU D 1747 -50.38 53.95 -70.75
N PHE D 1748 -50.49 54.47 -71.97
CA PHE D 1748 -49.34 54.64 -72.86
C PHE D 1748 -48.51 53.35 -72.88
N PRO D 1749 -49.12 52.21 -73.20
CA PRO D 1749 -48.43 50.94 -73.07
C PRO D 1749 -47.55 50.69 -74.29
N PRO D 1750 -46.93 49.52 -74.39
CA PRO D 1750 -46.31 49.15 -75.68
C PRO D 1750 -47.29 49.25 -76.83
N GLY D 1751 -48.56 48.91 -76.62
CA GLY D 1751 -49.60 49.13 -77.60
C GLY D 1751 -50.29 50.46 -77.43
N ARG D 1752 -49.55 51.56 -77.62
CA ARG D 1752 -50.08 52.90 -77.43
C ARG D 1752 -50.94 53.26 -78.65
N LYS D 1753 -51.33 54.55 -78.73
CA LYS D 1753 -52.15 54.99 -79.85
C LYS D 1753 -51.45 54.73 -81.18
N GLY D 1754 -50.18 55.11 -81.29
CA GLY D 1754 -49.37 54.73 -82.42
C GLY D 1754 -48.33 53.70 -82.05
N GLY D 1755 -48.55 52.44 -82.43
CA GLY D 1755 -47.61 51.40 -82.10
C GLY D 1755 -48.18 50.03 -82.41
N ASN D 1756 -47.36 49.01 -82.15
CA ASN D 1756 -47.69 47.62 -82.42
C ASN D 1756 -47.34 46.76 -81.22
N ALA D 1757 -47.73 47.20 -80.03
CA ALA D 1757 -47.48 46.49 -78.77
C ALA D 1757 -45.99 46.27 -78.54
N ARG D 1758 -45.17 47.24 -78.94
CA ARG D 1758 -43.73 47.10 -78.77
C ARG D 1758 -43.08 48.30 -78.11
N ARG D 1759 -43.55 49.51 -78.38
CA ARG D 1759 -42.87 50.73 -77.95
C ARG D 1759 -43.60 51.35 -76.76
N HIS D 1760 -42.87 51.56 -75.66
CA HIS D 1760 -43.44 52.18 -74.47
C HIS D 1760 -43.53 53.69 -74.58
N GLY D 1761 -42.96 54.29 -75.61
CA GLY D 1761 -42.87 55.73 -75.68
C GLY D 1761 -41.63 56.26 -74.98
N LEU D 1762 -41.66 57.56 -74.70
CA LEU D 1762 -40.54 58.21 -74.03
C LEU D 1762 -40.94 58.59 -72.61
N PRO D 1763 -40.15 58.23 -71.61
CA PRO D 1763 -40.49 58.61 -70.24
C PRO D 1763 -40.34 60.11 -70.01
N GLY D 1764 -41.16 60.62 -69.10
CA GLY D 1764 -41.09 62.02 -68.72
C GLY D 1764 -41.82 62.98 -69.64
N VAL D 1765 -42.39 62.51 -70.73
CA VAL D 1765 -43.13 63.35 -71.67
C VAL D 1765 -44.53 62.79 -71.84
N GLY D 1766 -45.53 63.66 -71.76
CA GLY D 1766 -46.91 63.26 -71.88
C GLY D 1766 -47.79 64.24 -71.12
N VAL D 1767 -48.90 63.72 -70.61
CA VAL D 1767 -49.85 64.49 -69.82
C VAL D 1767 -49.99 63.83 -68.46
N THR D 1768 -49.92 64.65 -67.42
CA THR D 1768 -50.07 64.18 -66.04
C THR D 1768 -51.05 65.08 -65.31
N THR D 1769 -51.74 64.51 -64.32
CA THR D 1769 -52.77 65.23 -63.60
C THR D 1769 -52.58 65.21 -62.08
N SER D 1770 -51.50 64.63 -61.57
CA SER D 1770 -51.26 64.67 -60.14
C SER D 1770 -51.11 66.10 -59.66
N LEU D 1771 -51.74 66.40 -58.53
CA LEU D 1771 -51.82 67.78 -58.04
C LEU D 1771 -50.52 68.16 -57.32
N ARG D 1772 -49.89 69.23 -57.80
CA ARG D 1772 -48.67 69.76 -57.19
C ARG D 1772 -48.80 71.28 -57.15
N PRO D 1773 -48.58 71.90 -55.99
CA PRO D 1773 -48.75 73.35 -55.86
C PRO D 1773 -47.70 74.10 -56.66
N PRO D 1774 -47.99 75.34 -57.08
CA PRO D 1774 -46.99 76.12 -57.82
C PRO D 1774 -45.86 76.62 -56.93
N HIS D 1775 -44.96 77.44 -57.49
CA HIS D 1775 -43.72 77.81 -56.83
C HIS D 1775 -43.79 79.15 -56.11
N HIS D 1776 -44.53 80.12 -56.63
CA HIS D 1776 -44.76 81.42 -55.99
C HIS D 1776 -43.44 82.15 -55.71
N PHE D 1777 -42.77 82.52 -56.80
CA PHE D 1777 -41.58 83.35 -56.70
C PHE D 1777 -41.95 84.82 -56.56
N SER D 1778 -40.98 85.62 -56.12
CA SER D 1778 -41.18 87.05 -55.94
C SER D 1778 -40.03 87.82 -56.56
N PRO D 1779 -40.29 88.97 -57.17
CA PRO D 1779 -39.22 89.74 -57.82
C PRO D 1779 -38.35 90.44 -56.79
N PRO D 1780 -37.04 90.49 -57.00
CA PRO D 1780 -36.16 91.21 -56.07
C PRO D 1780 -36.13 92.70 -56.34
N CYS D 1781 -36.18 93.48 -55.27
CA CYS D 1781 -36.14 94.94 -55.37
C CYS D 1781 -35.63 95.52 -54.07
N PHE D 1782 -34.64 96.40 -54.16
CA PHE D 1782 -34.05 97.04 -52.99
C PHE D 1782 -34.42 98.51 -52.88
N VAL D 1783 -35.37 98.98 -53.67
CA VAL D 1783 -35.83 100.37 -53.59
C VAL D 1783 -37.22 100.48 -52.98
N ALA D 1784 -37.92 99.37 -52.79
CA ALA D 1784 -39.28 99.42 -52.25
C ALA D 1784 -39.27 99.85 -50.79
N ALA D 1785 -40.39 100.42 -50.34
CA ALA D 1785 -40.50 100.91 -48.98
C ALA D 1785 -40.56 99.74 -48.00
N LEU D 1786 -39.91 99.92 -46.85
CA LEU D 1786 -39.94 98.90 -45.81
C LEU D 1786 -41.34 98.81 -45.21
N PRO D 1787 -41.78 97.60 -44.83
CA PRO D 1787 -43.09 97.40 -44.23
C PRO D 1787 -43.09 97.64 -42.73
N ALA D 1794 -42.68 89.27 -40.93
CA ALA D 1794 -42.49 88.86 -42.32
C ALA D 1794 -43.39 87.68 -42.67
N PRO D 1795 -44.36 87.91 -43.53
CA PRO D 1795 -45.30 86.83 -43.91
C PRO D 1795 -44.75 85.92 -45.01
N ALA D 1796 -43.79 85.08 -44.63
CA ALA D 1796 -43.27 84.01 -45.48
C ALA D 1796 -42.70 84.58 -46.79
N ARG D 1797 -41.60 85.33 -46.63
CA ARG D 1797 -40.90 85.89 -47.78
C ARG D 1797 -40.56 84.80 -48.80
N LEU D 1798 -40.85 85.09 -50.07
CA LEU D 1798 -40.66 84.13 -51.15
C LEU D 1798 -39.26 84.25 -51.73
N SER D 1799 -38.88 83.22 -52.50
CA SER D 1799 -37.58 83.19 -53.13
C SER D 1799 -37.50 84.25 -54.23
N PRO D 1800 -36.29 84.77 -54.51
CA PRO D 1800 -36.15 85.75 -55.59
C PRO D 1800 -36.51 85.13 -56.94
N ALA D 1801 -37.04 85.97 -57.82
CA ALA D 1801 -37.51 85.52 -59.13
C ALA D 1801 -36.45 85.72 -60.19
N ILE D 1802 -36.29 84.70 -61.04
CA ILE D 1802 -35.39 84.75 -62.19
C ILE D 1802 -36.17 84.23 -63.38
N PRO D 1803 -35.89 84.68 -64.62
CA PRO D 1803 -36.62 84.15 -65.77
C PRO D 1803 -36.32 82.67 -66.00
N LEU D 1804 -37.33 81.84 -65.77
CA LEU D 1804 -37.13 80.39 -65.82
C LEU D 1804 -37.07 79.87 -67.25
N GLU D 1805 -37.82 80.48 -68.16
CA GLU D 1805 -37.80 80.03 -69.56
C GLU D 1805 -36.43 80.27 -70.19
N ALA D 1806 -35.90 81.48 -70.04
CA ALA D 1806 -34.59 81.80 -70.58
C ALA D 1806 -33.50 80.94 -69.94
N LEU D 1807 -33.58 80.73 -68.62
CA LEU D 1807 -32.61 79.89 -67.93
C LEU D 1807 -32.67 78.45 -68.45
N ARG D 1808 -33.88 77.93 -68.66
CA ARG D 1808 -34.03 76.57 -69.18
C ARG D 1808 -33.45 76.45 -70.57
N ASP D 1809 -33.75 77.42 -71.45
CA ASP D 1809 -33.21 77.39 -72.80
C ASP D 1809 -31.69 77.47 -72.79
N LYS D 1810 -31.14 78.35 -71.94
CA LYS D 1810 -29.69 78.48 -71.84
C LYS D 1810 -29.06 77.18 -71.34
N ALA D 1811 -29.66 76.56 -70.33
CA ALA D 1811 -29.12 75.30 -69.80
C ALA D 1811 -29.14 74.21 -70.85
N LEU D 1812 -30.24 74.12 -71.62
CA LEU D 1812 -30.29 73.13 -72.69
C LEU D 1812 -29.22 73.38 -73.74
N ARG D 1813 -29.03 74.65 -74.14
CA ARG D 1813 -28.03 74.98 -75.15
C ARG D 1813 -26.62 74.64 -74.65
N MET D 1814 -26.31 74.99 -73.40
CA MET D 1814 -24.99 74.69 -72.85
C MET D 1814 -24.76 73.19 -72.71
N LEU D 1815 -25.78 72.44 -72.29
CA LEU D 1815 -25.61 70.99 -72.18
C LEU D 1815 -25.37 70.37 -73.56
N GLY D 1816 -26.11 70.83 -74.57
CA GLY D 1816 -25.88 70.33 -75.92
C GLY D 1816 -24.49 70.67 -76.43
N GLU D 1817 -24.03 71.90 -76.17
CA GLU D 1817 -22.69 72.31 -76.60
C GLU D 1817 -21.62 71.48 -75.90
N ALA D 1818 -21.79 71.23 -74.60
CA ALA D 1818 -20.83 70.42 -73.87
C ALA D 1818 -20.81 68.98 -74.38
N VAL D 1819 -21.98 68.42 -74.67
CA VAL D 1819 -22.05 67.06 -75.21
C VAL D 1819 -21.34 67.00 -76.56
N ARG D 1820 -21.57 68.00 -77.42
CA ARG D 1820 -20.92 68.01 -78.72
C ARG D 1820 -19.40 68.16 -78.57
N ASP D 1821 -18.95 69.03 -77.67
CA ASP D 1821 -17.52 69.29 -77.52
C ASP D 1821 -16.79 68.14 -76.81
N GLY D 1822 -17.49 67.34 -76.02
CA GLY D 1822 -16.83 66.24 -75.33
C GLY D 1822 -16.48 65.06 -76.20
N GLY D 1823 -17.00 65.00 -77.41
CA GLY D 1823 -16.69 63.91 -78.32
C GLY D 1823 -15.41 64.14 -79.10
N GLN D 1824 -14.95 65.39 -79.15
CA GLN D 1824 -13.74 65.72 -79.87
C GLN D 1824 -12.48 65.53 -79.04
N HIS D 1825 -12.62 65.24 -77.74
CA HIS D 1825 -11.49 65.01 -76.84
C HIS D 1825 -10.54 66.21 -76.82
N ALA D 1826 -11.11 67.38 -76.57
CA ALA D 1826 -10.31 68.60 -76.48
C ALA D 1826 -9.39 68.56 -75.26
N ARG D 1827 -8.22 69.16 -75.41
CA ARG D 1827 -7.22 69.18 -74.35
C ARG D 1827 -7.41 70.34 -73.38
N ASP D 1828 -8.38 71.22 -73.61
CA ASP D 1828 -8.69 72.33 -72.71
C ASP D 1828 -10.19 72.32 -72.42
N PRO D 1829 -10.63 71.40 -71.57
CA PRO D 1829 -12.07 71.34 -71.24
C PRO D 1829 -12.49 72.57 -70.44
N VAL D 1830 -13.78 72.89 -70.54
CA VAL D 1830 -14.33 74.01 -69.78
C VAL D 1830 -14.20 73.73 -68.30
N GLY D 1831 -13.58 74.66 -67.57
CA GLY D 1831 -13.32 74.48 -66.17
C GLY D 1831 -12.05 73.71 -65.85
N GLY D 1832 -11.32 73.25 -66.86
CA GLY D 1832 -10.08 72.53 -66.66
C GLY D 1832 -10.21 71.03 -66.52
N SER D 1833 -11.43 70.50 -66.46
CA SER D 1833 -11.63 69.06 -66.34
C SER D 1833 -12.99 68.69 -66.90
N VAL D 1834 -13.17 67.40 -67.16
CA VAL D 1834 -14.47 66.91 -67.62
C VAL D 1834 -15.52 67.06 -66.52
N GLU D 1835 -15.12 66.78 -65.27
CA GLU D 1835 -16.05 66.94 -64.15
C GLU D 1835 -16.49 68.39 -64.00
N PHE D 1836 -15.53 69.33 -64.03
CA PHE D 1836 -15.88 70.74 -63.92
C PHE D 1836 -16.64 71.27 -65.12
N GLN D 1837 -16.68 70.50 -66.22
CA GLN D 1837 -17.46 70.87 -67.39
C GLN D 1837 -18.87 70.30 -67.36
N PHE D 1838 -19.06 69.11 -66.80
CA PHE D 1838 -20.35 68.41 -66.85
C PHE D 1838 -21.15 68.51 -65.56
N VAL D 1839 -20.52 68.37 -64.39
CA VAL D 1839 -21.27 68.33 -63.14
C VAL D 1839 -22.05 69.63 -62.89
N PRO D 1840 -21.46 70.83 -62.99
CA PRO D 1840 -22.24 72.04 -62.69
C PRO D 1840 -23.45 72.23 -63.58
N VAL D 1841 -23.38 71.83 -64.85
CA VAL D 1841 -24.53 71.98 -65.73
C VAL D 1841 -25.51 70.82 -65.57
N LEU D 1842 -25.02 69.62 -65.29
CA LEU D 1842 -25.91 68.49 -65.03
C LEU D 1842 -26.74 68.71 -63.77
N LYS D 1843 -26.14 69.29 -62.73
CA LYS D 1843 -26.91 69.59 -61.52
C LYS D 1843 -28.04 70.58 -61.82
N LEU D 1844 -27.75 71.62 -62.59
CA LEU D 1844 -28.79 72.58 -62.95
C LEU D 1844 -29.88 71.93 -63.80
N VAL D 1845 -29.50 71.08 -64.75
CA VAL D 1845 -30.48 70.41 -65.59
C VAL D 1845 -31.37 69.50 -64.75
N SER D 1846 -30.78 68.72 -63.85
CA SER D 1846 -31.57 67.84 -62.99
C SER D 1846 -32.49 68.65 -62.08
N THR D 1847 -31.99 69.75 -61.51
CA THR D 1847 -32.83 70.58 -60.65
C THR D 1847 -34.02 71.14 -61.41
N LEU D 1848 -33.78 71.68 -62.61
CA LEU D 1848 -34.88 72.22 -63.39
C LEU D 1848 -35.83 71.14 -63.86
N LEU D 1849 -35.32 69.91 -64.07
CA LEU D 1849 -36.20 68.79 -64.40
C LEU D 1849 -37.11 68.44 -63.24
N VAL D 1850 -36.57 68.45 -62.02
CA VAL D 1850 -37.40 68.18 -60.84
C VAL D 1850 -38.46 69.28 -60.66
N MET D 1851 -38.09 70.52 -60.98
CA MET D 1851 -39.02 71.64 -60.90
C MET D 1851 -40.19 71.52 -61.88
N GLY D 1852 -40.09 70.64 -62.87
CA GLY D 1852 -41.10 70.55 -63.89
C GLY D 1852 -41.15 71.76 -64.81
N ILE D 1853 -39.99 72.30 -65.15
CA ILE D 1853 -39.93 73.47 -66.04
C ILE D 1853 -39.80 73.06 -67.49
N PHE D 1854 -39.05 72.00 -67.78
CA PHE D 1854 -38.88 71.55 -69.14
C PHE D 1854 -40.20 71.08 -69.74
N GLY D 1855 -40.45 71.46 -70.99
CA GLY D 1855 -41.64 71.05 -71.71
C GLY D 1855 -41.47 69.69 -72.34
N ASP D 1856 -42.48 69.31 -73.14
CA ASP D 1856 -42.42 68.02 -73.82
C ASP D 1856 -41.29 67.97 -74.81
N GLU D 1857 -41.14 69.01 -75.64
CA GLU D 1857 -40.07 69.05 -76.62
C GLU D 1857 -38.70 69.10 -75.95
N ASP D 1858 -38.58 69.86 -74.86
CA ASP D 1858 -37.32 69.92 -74.13
C ASP D 1858 -36.98 68.57 -73.49
N VAL D 1859 -37.99 67.87 -72.97
CA VAL D 1859 -37.76 66.53 -72.42
C VAL D 1859 -37.29 65.58 -73.51
N LYS D 1860 -37.91 65.65 -74.69
CA LYS D 1860 -37.47 64.82 -75.81
C LYS D 1860 -36.03 65.16 -76.20
N GLN D 1861 -35.68 66.44 -76.20
CA GLN D 1861 -34.31 66.85 -76.51
C GLN D 1861 -33.32 66.29 -75.50
N ILE D 1862 -33.67 66.36 -74.22
CA ILE D 1862 -32.79 65.82 -73.18
C ILE D 1862 -32.63 64.31 -73.35
N LEU D 1863 -33.73 63.61 -73.65
CA LEU D 1863 -33.65 62.17 -73.85
C LEU D 1863 -32.78 61.82 -75.05
N LYS D 1864 -32.91 62.57 -76.14
CA LYS D 1864 -32.05 62.35 -77.30
C LYS D 1864 -30.59 62.61 -76.98
N MET D 1865 -30.32 63.67 -76.20
CA MET D 1865 -28.94 63.99 -75.84
C MET D 1865 -28.33 62.91 -74.96
N ILE D 1866 -29.11 62.36 -74.04
CA ILE D 1866 -28.59 61.32 -73.15
C ILE D 1866 -28.28 60.05 -73.95
N GLU D 1867 -29.22 59.62 -74.78
CA GLU D 1867 -29.05 58.41 -75.59
C GLU D 1867 -29.89 58.55 -76.84
N PRO D 1868 -29.29 58.92 -77.97
CA PRO D 1868 -30.08 59.11 -79.20
C PRO D 1868 -30.48 57.82 -79.88
N GLU D 1869 -29.81 56.70 -79.59
CA GLU D 1869 -30.14 55.45 -80.26
C GLU D 1869 -31.50 54.91 -79.82
N VAL D 1870 -31.82 55.05 -78.53
CA VAL D 1870 -33.04 54.48 -77.98
C VAL D 1870 -34.16 55.52 -77.92
N PHE D 1871 -33.85 56.75 -77.54
CA PHE D 1871 -34.85 57.77 -77.27
C PHE D 1871 -35.17 58.62 -78.51
N THR D 1872 -35.02 58.06 -79.71
CA THR D 1872 -35.36 58.77 -80.94
C THR D 1872 -36.71 58.30 -81.45
N GLU D 1873 -37.41 59.22 -82.11
CA GLU D 1873 -38.72 58.91 -82.68
C GLU D 1873 -38.56 58.24 -84.03
N GLU D 1874 -39.32 57.17 -84.26
CA GLU D 1874 -39.25 56.44 -85.52
C GLU D 1874 -40.18 57.07 -86.57
N ASP D 1921 -21.31 56.88 -84.00
CA ASP D 1921 -20.50 57.71 -84.89
C ASP D 1921 -21.30 58.93 -85.37
N LEU D 1922 -22.54 59.05 -84.90
CA LEU D 1922 -23.43 60.14 -85.26
C LEU D 1922 -24.05 60.70 -83.99
N GLU D 1923 -23.38 61.70 -83.40
CA GLU D 1923 -23.87 62.41 -82.22
C GLU D 1923 -24.09 61.43 -81.05
N GLU D 1924 -22.98 60.84 -80.60
CA GLU D 1924 -23.03 59.89 -79.50
C GLU D 1924 -23.54 60.57 -78.23
N GLY D 1925 -24.29 59.81 -77.44
CA GLY D 1925 -24.91 60.33 -76.24
C GLY D 1925 -23.96 60.36 -75.05
N LEU D 1926 -24.50 60.85 -73.93
CA LEU D 1926 -23.70 60.96 -72.71
C LEU D 1926 -23.29 59.59 -72.19
N LEU D 1927 -24.20 58.61 -72.23
CA LEU D 1927 -23.93 57.31 -71.64
C LEU D 1927 -22.85 56.54 -72.39
N GLN D 1928 -22.57 56.90 -73.64
CA GLN D 1928 -21.56 56.23 -74.43
C GLN D 1928 -20.17 56.83 -74.28
N MET D 1929 -20.04 57.94 -73.55
CA MET D 1929 -18.75 58.56 -73.32
C MET D 1929 -18.06 57.97 -72.09
N LYS D 1930 -16.82 58.38 -71.89
CA LYS D 1930 -16.04 57.97 -70.72
C LYS D 1930 -16.10 59.10 -69.69
N LEU D 1931 -16.91 58.88 -68.66
CA LEU D 1931 -17.15 59.90 -67.65
C LEU D 1931 -16.59 59.47 -66.30
N PRO D 1932 -16.14 60.40 -65.47
CA PRO D 1932 -15.73 60.07 -64.10
C PRO D 1932 -16.93 59.80 -63.22
N GLU D 1933 -16.66 59.43 -61.97
CA GLU D 1933 -17.72 59.05 -61.04
C GLU D 1933 -18.63 60.23 -60.70
N SER D 1934 -18.06 61.44 -60.63
CA SER D 1934 -18.87 62.62 -60.30
C SER D 1934 -19.96 62.85 -61.34
N VAL D 1935 -19.62 62.70 -62.62
CA VAL D 1935 -20.62 62.83 -63.67
C VAL D 1935 -21.60 61.65 -63.65
N LYS D 1936 -21.11 60.46 -63.29
CA LYS D 1936 -21.98 59.29 -63.25
C LYS D 1936 -23.04 59.41 -62.17
N LEU D 1937 -22.71 60.04 -61.04
CA LEU D 1937 -23.72 60.26 -60.00
C LEU D 1937 -24.84 61.18 -60.51
N GLN D 1938 -24.48 62.24 -61.22
CA GLN D 1938 -25.49 63.12 -61.79
C GLN D 1938 -26.32 62.41 -62.85
N MET D 1939 -25.69 61.55 -63.65
CA MET D 1939 -26.44 60.75 -64.62
C MET D 1939 -27.41 59.81 -63.92
N CYS D 1940 -26.99 59.22 -62.80
CA CYS D 1940 -27.88 58.37 -62.03
C CYS D 1940 -29.09 59.15 -61.51
N ASN D 1941 -28.86 60.37 -61.02
CA ASN D 1941 -29.98 61.20 -60.59
C ASN D 1941 -30.91 61.53 -61.76
N LEU D 1942 -30.33 61.84 -62.92
CA LEU D 1942 -31.13 62.17 -64.10
C LEU D 1942 -32.01 60.99 -64.50
N LEU D 1943 -31.46 59.78 -64.48
CA LEU D 1943 -32.26 58.60 -64.82
C LEU D 1943 -33.27 58.25 -63.74
N GLU D 1944 -32.94 58.52 -62.47
CA GLU D 1944 -33.91 58.31 -61.39
C GLU D 1944 -35.14 59.19 -61.57
N TYR D 1945 -34.94 60.43 -62.05
CA TYR D 1945 -36.08 61.29 -62.33
C TYR D 1945 -37.02 60.66 -63.36
N PHE D 1946 -36.46 60.11 -64.45
CA PHE D 1946 -37.30 59.51 -65.48
C PHE D 1946 -37.98 58.25 -64.96
N CYS D 1947 -37.30 57.47 -64.13
CA CYS D 1947 -37.93 56.29 -63.54
C CYS D 1947 -39.11 56.68 -62.65
N ASP D 1948 -38.94 57.74 -61.85
CA ASP D 1948 -40.05 58.23 -61.03
C ASP D 1948 -41.20 58.72 -61.90
N GLN D 1949 -40.88 59.39 -63.01
CA GLN D 1949 -41.92 59.83 -63.92
C GLN D 1949 -42.70 58.66 -64.50
N GLU D 1950 -41.98 57.58 -64.87
CA GLU D 1950 -42.66 56.40 -65.39
C GLU D 1950 -43.56 55.77 -64.35
N LEU D 1951 -43.10 55.68 -63.10
CA LEU D 1951 -43.94 55.10 -62.05
C LEU D 1951 -45.19 55.95 -61.81
N GLN D 1952 -45.03 57.28 -61.79
CA GLN D 1952 -46.17 58.17 -61.61
C GLN D 1952 -47.16 58.02 -62.76
N HIS D 1953 -46.66 57.90 -63.99
CA HIS D 1953 -47.53 57.69 -65.13
C HIS D 1953 -48.29 56.37 -65.00
N ARG D 1954 -47.62 55.31 -64.55
CA ARG D 1954 -48.31 54.03 -64.34
C ARG D 1954 -49.43 54.17 -63.34
N VAL D 1955 -49.17 54.85 -62.21
CA VAL D 1955 -50.20 55.01 -61.18
C VAL D 1955 -51.39 55.81 -61.73
N GLU D 1956 -51.10 56.91 -62.43
CA GLU D 1956 -52.18 57.74 -62.97
C GLU D 1956 -53.01 56.98 -63.99
N SER D 1957 -52.36 56.21 -64.86
CA SER D 1957 -53.09 55.42 -65.85
C SER D 1957 -53.93 54.34 -65.18
N LEU D 1958 -53.42 53.71 -64.11
CA LEU D 1958 -54.20 52.71 -63.40
C LEU D 1958 -55.45 53.33 -62.79
N ALA D 1959 -55.31 54.53 -62.20
CA ALA D 1959 -56.49 55.22 -61.68
C ALA D 1959 -57.48 55.59 -62.80
N ALA D 1960 -56.96 56.02 -63.95
CA ALA D 1960 -57.83 56.35 -65.08
C ALA D 1960 -58.63 55.14 -65.52
N PHE D 1961 -57.98 53.97 -65.60
CA PHE D 1961 -58.71 52.74 -65.90
C PHE D 1961 -59.72 52.40 -64.81
N ALA D 1962 -59.35 52.64 -63.55
CA ALA D 1962 -60.24 52.35 -62.44
C ALA D 1962 -61.55 53.13 -62.56
N GLU D 1963 -61.46 54.38 -63.01
CA GLU D 1963 -62.68 55.18 -63.20
C GLU D 1963 -63.65 54.50 -64.16
N ARG D 1964 -63.17 54.12 -65.35
CA ARG D 1964 -64.03 53.49 -66.35
C ARG D 1964 -64.56 52.15 -65.86
N TYR D 1965 -63.71 51.36 -65.21
CA TYR D 1965 -64.16 50.06 -64.72
C TYR D 1965 -65.23 50.22 -63.64
N VAL D 1966 -65.07 51.21 -62.76
CA VAL D 1966 -66.08 51.47 -61.74
C VAL D 1966 -67.40 51.86 -62.38
N ASP D 1967 -67.35 52.73 -63.40
CA ASP D 1967 -68.58 53.12 -64.08
C ASP D 1967 -69.27 51.92 -64.72
N LYS D 1968 -68.51 51.07 -65.42
CA LYS D 1968 -69.10 49.91 -66.07
C LYS D 1968 -69.69 48.94 -65.05
N LEU D 1969 -68.96 48.70 -63.95
CA LEU D 1969 -69.46 47.78 -62.93
C LEU D 1969 -70.71 48.33 -62.27
N GLN D 1970 -70.76 49.64 -62.02
CA GLN D 1970 -71.97 50.24 -61.46
C GLN D 1970 -73.16 50.06 -62.38
N ALA D 1971 -72.96 50.29 -63.69
CA ALA D 1971 -74.05 50.09 -64.64
C ALA D 1971 -74.51 48.63 -64.65
N ASN D 1972 -73.55 47.70 -64.66
CA ASN D 1972 -73.91 46.28 -64.69
C ASN D 1972 -74.68 45.86 -63.44
N GLN D 1973 -74.24 46.34 -62.27
CA GLN D 1973 -74.93 45.99 -61.02
C GLN D 1973 -76.31 46.62 -60.96
N ARG D 1974 -76.46 47.85 -61.47
CA ARG D 1974 -77.78 48.46 -61.53
C ARG D 1974 -78.71 47.65 -62.41
N SER D 1975 -78.21 47.20 -63.57
CA SER D 1975 -79.04 46.36 -64.45
C SER D 1975 -79.40 45.04 -63.78
N ARG D 1976 -78.44 44.43 -63.06
CA ARG D 1976 -78.71 43.18 -62.39
C ARG D 1976 -79.77 43.34 -61.30
N TYR D 1977 -79.68 44.42 -60.52
CA TYR D 1977 -80.70 44.66 -59.50
C TYR D 1977 -82.05 44.97 -60.11
N ALA D 1978 -82.08 45.68 -61.24
CA ALA D 1978 -83.35 45.92 -61.92
C ALA D 1978 -83.97 44.60 -62.38
N LEU D 1979 -83.15 43.70 -62.91
CA LEU D 1979 -83.65 42.38 -63.30
C LEU D 1979 -84.16 41.60 -62.09
N LEU D 1980 -83.44 41.68 -60.96
CA LEU D 1980 -83.87 40.97 -59.77
C LEU D 1980 -85.19 41.52 -59.24
N MET D 1981 -85.37 42.84 -59.31
CA MET D 1981 -86.60 43.46 -58.80
C MET D 1981 -87.78 43.19 -59.72
N ARG D 1982 -87.68 43.61 -60.98
CA ARG D 1982 -88.81 43.46 -61.89
C ARG D 1982 -89.09 41.99 -62.20
N ALA D 1983 -88.06 41.24 -62.59
CA ALA D 1983 -88.20 39.83 -62.91
C ALA D 1983 -87.90 38.98 -61.68
N PHE D 1984 -87.74 37.67 -61.89
CA PHE D 1984 -87.36 36.72 -60.85
C PHE D 1984 -88.41 36.68 -59.73
N THR D 1985 -89.64 36.38 -60.13
CA THR D 1985 -90.76 36.24 -59.20
C THR D 1985 -91.26 34.80 -59.11
N MET D 1986 -90.54 33.85 -59.69
CA MET D 1986 -90.97 32.46 -59.71
C MET D 1986 -90.12 31.54 -58.86
N SER D 1987 -88.95 31.97 -58.40
CA SER D 1987 -88.08 31.14 -57.59
C SER D 1987 -88.39 31.33 -56.11
N ALA D 1988 -87.56 30.78 -55.24
CA ALA D 1988 -87.75 30.87 -53.80
C ALA D 1988 -87.08 32.12 -53.22
N ALA D 1989 -87.42 33.27 -53.79
CA ALA D 1989 -86.96 34.60 -53.39
C ALA D 1989 -85.48 34.83 -53.66
N GLU D 1990 -84.75 33.83 -54.13
CA GLU D 1990 -83.32 33.94 -54.46
C GLU D 1990 -82.53 34.54 -53.30
N THR D 1991 -82.78 34.02 -52.09
CA THR D 1991 -82.10 34.55 -50.92
C THR D 1991 -80.59 34.31 -50.96
N ALA D 1992 -80.16 33.20 -51.57
CA ALA D 1992 -78.74 32.92 -51.68
C ALA D 1992 -78.06 33.87 -52.65
N ARG D 1993 -78.75 34.22 -53.75
CA ARG D 1993 -78.19 35.13 -54.74
C ARG D 1993 -78.39 36.59 -54.39
N ARG D 1994 -79.07 36.89 -53.28
CA ARG D 1994 -79.34 38.27 -52.87
C ARG D 1994 -78.63 38.64 -51.58
N THR D 1995 -78.82 37.87 -50.51
CA THR D 1995 -78.22 38.22 -49.23
C THR D 1995 -76.71 38.01 -49.21
N ARG D 1996 -76.17 37.19 -50.12
CA ARG D 1996 -74.74 36.96 -50.18
C ARG D 1996 -74.00 37.96 -51.04
N GLU D 1997 -74.70 38.81 -51.79
CA GLU D 1997 -74.07 39.78 -52.66
C GLU D 1997 -74.43 41.21 -52.33
N PHE D 1998 -75.73 41.52 -52.17
CA PHE D 1998 -76.18 42.88 -51.97
C PHE D 1998 -76.38 43.25 -50.51
N ARG D 1999 -76.09 42.34 -49.58
CA ARG D 1999 -76.18 42.65 -48.16
C ARG D 1999 -74.82 42.89 -47.53
N SER D 2000 -73.73 42.50 -48.18
CA SER D 2000 -72.40 42.72 -47.65
C SER D 2000 -72.03 44.19 -47.75
N PRO D 2001 -71.08 44.64 -46.92
CA PRO D 2001 -70.62 46.02 -47.03
C PRO D 2001 -69.99 46.27 -48.38
N PRO D 2002 -70.00 47.52 -48.86
CA PRO D 2002 -69.46 47.80 -50.21
C PRO D 2002 -68.01 47.38 -50.38
N GLN D 2003 -67.20 47.43 -49.32
CA GLN D 2003 -65.86 46.89 -49.40
C GLN D 2003 -65.89 45.40 -49.66
N GLU D 2004 -66.79 44.67 -48.99
CA GLU D 2004 -66.91 43.24 -49.19
C GLU D 2004 -67.59 42.89 -50.50
N GLN D 2005 -68.28 43.85 -51.13
CA GLN D 2005 -68.98 43.61 -52.38
C GLN D 2005 -68.05 43.67 -53.58
N ILE D 2006 -66.78 44.03 -53.39
CA ILE D 2006 -65.82 44.12 -54.49
C ILE D 2006 -64.72 43.06 -54.39
N ASN D 2007 -64.39 42.59 -53.18
CA ASN D 2007 -63.33 41.60 -53.04
C ASN D 2007 -63.68 40.29 -53.75
N MET D 2008 -64.89 39.78 -53.52
CA MET D 2008 -65.33 38.59 -54.22
C MET D 2008 -65.68 38.90 -55.68
N LEU D 2009 -66.10 40.13 -55.96
CA LEU D 2009 -66.40 40.54 -57.33
C LEU D 2009 -65.15 40.59 -58.19
N LEU D 2010 -63.98 40.71 -57.60
CA LEU D 2010 -62.72 40.73 -58.33
C LEU D 2010 -62.02 39.37 -58.35
N HIS D 2011 -62.79 38.29 -58.40
CA HIS D 2011 -62.27 36.93 -58.41
C HIS D 2011 -62.39 36.27 -59.78
N PHE D 2012 -62.41 37.06 -60.86
CA PHE D 2012 -62.67 36.53 -62.19
C PHE D 2012 -61.59 35.55 -62.62
N LYS D 2013 -60.36 36.04 -62.80
CA LYS D 2013 -59.26 35.25 -63.31
C LYS D 2013 -58.31 34.87 -62.19
N ASP D 2014 -57.14 34.33 -62.56
CA ASP D 2014 -56.05 33.82 -61.73
C ASP D 2014 -56.37 32.43 -61.17
N GLU D 2015 -57.56 31.90 -61.39
CA GLU D 2015 -57.86 30.52 -61.01
C GLU D 2015 -58.51 29.79 -62.18
N ALA D 2016 -59.27 30.53 -62.99
CA ALA D 2016 -59.97 30.03 -64.17
C ALA D 2016 -60.97 28.93 -63.83
N ASP D 2017 -61.22 28.66 -62.56
CA ASP D 2017 -62.20 27.65 -62.16
C ASP D 2017 -63.06 28.07 -60.97
N GLU D 2018 -62.81 29.23 -60.37
CA GLU D 2018 -63.57 29.71 -59.21
C GLU D 2018 -64.01 31.14 -59.50
N GLU D 2019 -65.14 31.30 -60.18
CA GLU D 2019 -65.67 32.63 -60.44
C GLU D 2019 -66.46 33.15 -59.25
N ASP D 2020 -67.57 32.47 -58.93
CA ASP D 2020 -68.40 32.80 -57.76
C ASP D 2020 -68.83 34.26 -57.75
N CYS D 2021 -68.92 34.87 -58.93
CA CYS D 2021 -69.29 36.26 -59.05
C CYS D 2021 -70.22 36.43 -60.25
N PRO D 2022 -71.16 37.38 -60.17
CA PRO D 2022 -72.06 37.69 -61.30
C PRO D 2022 -71.44 38.63 -62.33
N LEU D 2023 -70.21 38.33 -62.73
CA LEU D 2023 -69.48 39.17 -63.67
C LEU D 2023 -69.61 38.60 -65.07
N PRO D 2024 -70.12 39.37 -66.03
CA PRO D 2024 -70.18 38.88 -67.42
C PRO D 2024 -68.79 38.66 -67.98
N GLU D 2025 -68.71 37.75 -68.95
CA GLU D 2025 -67.42 37.31 -69.46
C GLU D 2025 -66.66 38.45 -70.15
N ASP D 2026 -67.38 39.32 -70.87
CA ASP D 2026 -66.70 40.39 -71.59
C ASP D 2026 -66.03 41.38 -70.64
N ILE D 2027 -66.67 41.67 -69.49
CA ILE D 2027 -66.06 42.56 -68.52
C ILE D 2027 -64.78 41.95 -67.95
N ARG D 2028 -64.82 40.64 -67.65
CA ARG D 2028 -63.63 39.95 -67.18
C ARG D 2028 -62.54 39.98 -68.23
N GLN D 2029 -62.90 39.81 -69.50
CA GLN D 2029 -61.92 39.88 -70.57
C GLN D 2029 -61.30 41.26 -70.69
N ASP D 2030 -62.11 42.32 -70.54
CA ASP D 2030 -61.57 43.67 -70.58
C ASP D 2030 -60.59 43.90 -69.44
N LEU D 2031 -60.96 43.48 -68.22
CA LEU D 2031 -60.06 43.65 -67.09
C LEU D 2031 -58.78 42.83 -67.26
N GLN D 2032 -58.90 41.61 -67.80
CA GLN D 2032 -57.72 40.79 -68.05
C GLN D 2032 -56.82 41.43 -69.11
N ASP D 2033 -57.41 42.05 -70.13
CA ASP D 2033 -56.62 42.77 -71.12
C ASP D 2033 -55.86 43.92 -70.48
N PHE D 2034 -56.52 44.68 -69.60
CA PHE D 2034 -55.82 45.75 -68.91
C PHE D 2034 -54.70 45.21 -68.02
N HIS D 2035 -54.95 44.10 -67.33
CA HIS D 2035 -53.93 43.51 -66.48
C HIS D 2035 -52.72 43.05 -67.30
N GLN D 2036 -52.98 42.45 -68.46
CA GLN D 2036 -51.89 42.06 -69.35
C GLN D 2036 -51.12 43.26 -69.84
N ASP D 2037 -51.82 44.34 -70.18
CA ASP D 2037 -51.13 45.57 -70.60
C ASP D 2037 -50.26 46.13 -69.47
N LEU D 2038 -50.78 46.13 -68.25
CA LEU D 2038 -49.99 46.61 -67.11
C LEU D 2038 -48.77 45.74 -66.88
N LEU D 2039 -48.92 44.42 -66.97
CA LEU D 2039 -47.77 43.54 -66.81
C LEU D 2039 -46.75 43.75 -67.92
N ALA D 2040 -47.21 44.02 -69.14
CA ALA D 2040 -46.30 44.33 -70.23
C ALA D 2040 -45.54 45.62 -69.97
N HIS D 2041 -46.22 46.62 -69.40
CA HIS D 2041 -45.56 47.90 -69.12
C HIS D 2041 -44.49 47.75 -68.06
N CYS D 2042 -44.70 46.87 -67.08
CA CYS D 2042 -43.78 46.69 -65.97
C CYS D 2042 -42.54 45.88 -66.34
N GLY D 2043 -42.37 45.52 -67.61
CA GLY D 2043 -41.20 44.77 -68.03
C GLY D 2043 -41.21 43.30 -67.70
N ILE D 2044 -42.37 42.74 -67.32
CA ILE D 2044 -42.47 41.33 -66.98
C ILE D 2044 -43.31 40.65 -68.05
N GLN D 2045 -43.24 41.17 -69.27
CA GLN D 2045 -44.04 40.68 -70.38
C GLN D 2045 -43.46 39.37 -70.90
N LEU D 2046 -43.98 38.91 -72.05
CA LEU D 2046 -43.57 37.65 -72.67
C LEU D 2046 -43.85 36.46 -71.73
N GLU D 2047 -45.09 36.40 -71.24
CA GLU D 2047 -45.54 35.34 -70.35
C GLU D 2047 -44.66 35.21 -69.11
N GLU D 2088 -27.12 40.43 -78.20
CA GLU D 2088 -26.30 41.57 -78.62
C GLU D 2088 -27.16 42.71 -79.14
N LYS D 2089 -28.48 42.51 -79.12
CA LYS D 2089 -29.39 43.53 -79.59
C LYS D 2089 -29.39 44.73 -78.65
N LYS D 2090 -29.46 45.92 -79.23
CA LYS D 2090 -29.47 47.14 -78.43
C LYS D 2090 -30.77 47.24 -77.64
N PRO D 2091 -30.73 47.78 -76.43
CA PRO D 2091 -31.95 47.94 -75.64
C PRO D 2091 -32.92 48.91 -76.30
N GLN D 2092 -34.21 48.66 -76.10
CA GLN D 2092 -35.25 49.51 -76.66
C GLN D 2092 -36.15 50.13 -75.60
N SER D 2093 -35.91 49.85 -74.33
CA SER D 2093 -36.71 50.40 -73.24
C SER D 2093 -35.80 51.00 -72.18
N LEU D 2094 -36.39 51.81 -71.30
CA LEU D 2094 -35.62 52.47 -70.25
C LEU D 2094 -35.02 51.47 -69.29
N GLN D 2095 -35.80 50.45 -68.89
CA GLN D 2095 -35.32 49.49 -67.91
C GLN D 2095 -34.10 48.72 -68.41
N GLU D 2096 -34.17 48.22 -69.64
CA GLU D 2096 -33.03 47.48 -70.19
C GLU D 2096 -31.80 48.35 -70.32
N LEU D 2097 -31.97 49.59 -70.79
CA LEU D 2097 -30.85 50.49 -70.94
C LEU D 2097 -30.20 50.80 -69.60
N VAL D 2098 -31.01 51.09 -68.58
CA VAL D 2098 -30.45 51.42 -67.27
C VAL D 2098 -29.74 50.21 -66.66
N SER D 2099 -30.35 49.03 -66.77
CA SER D 2099 -29.72 47.84 -66.22
C SER D 2099 -28.39 47.54 -66.91
N HIS D 2100 -28.37 47.60 -68.25
CA HIS D 2100 -27.14 47.36 -68.98
C HIS D 2100 -26.07 48.39 -68.64
N MET D 2101 -26.47 49.66 -68.54
CA MET D 2101 -25.51 50.70 -68.22
C MET D 2101 -24.92 50.52 -66.82
N VAL D 2102 -25.76 50.17 -65.84
CA VAL D 2102 -25.27 49.96 -64.48
C VAL D 2102 -24.32 48.77 -64.44
N VAL D 2103 -24.69 47.67 -65.09
CA VAL D 2103 -23.81 46.49 -65.10
C VAL D 2103 -22.49 46.81 -65.79
N ARG D 2104 -22.54 47.56 -66.90
CA ARG D 2104 -21.33 47.93 -67.60
C ARG D 2104 -20.44 48.84 -66.75
N TRP D 2105 -21.05 49.81 -66.06
CA TRP D 2105 -20.28 50.69 -65.19
C TRP D 2105 -19.60 49.92 -64.07
N ALA D 2106 -20.31 48.97 -63.46
CA ALA D 2106 -19.71 48.20 -62.38
C ALA D 2106 -18.66 47.21 -62.90
N GLN D 2107 -18.81 46.73 -64.14
CA GLN D 2107 -17.86 45.78 -64.69
C GLN D 2107 -16.58 46.47 -65.13
N GLU D 2108 -16.69 47.67 -65.70
CA GLU D 2108 -15.52 48.34 -66.27
C GLU D 2108 -14.49 48.69 -65.20
N ASP D 2109 -14.93 49.34 -64.13
CA ASP D 2109 -14.01 49.81 -63.11
C ASP D 2109 -14.57 49.49 -61.73
N TYR D 2110 -13.66 49.37 -60.76
CA TYR D 2110 -14.04 49.15 -59.37
C TYR D 2110 -14.42 50.48 -58.76
N VAL D 2111 -15.73 50.73 -58.64
CA VAL D 2111 -16.22 52.00 -58.14
C VAL D 2111 -15.84 52.15 -56.67
N GLN D 2112 -15.32 53.33 -56.33
CA GLN D 2112 -14.82 53.59 -54.98
C GLN D 2112 -15.76 54.43 -54.13
N SER D 2113 -16.45 55.40 -54.73
CA SER D 2113 -17.32 56.28 -53.96
C SER D 2113 -18.59 55.53 -53.55
N PRO D 2114 -18.88 55.43 -52.25
CA PRO D 2114 -20.08 54.68 -51.82
C PRO D 2114 -21.38 55.26 -52.34
N GLU D 2115 -21.47 56.58 -52.48
CA GLU D 2115 -22.73 57.19 -52.92
C GLU D 2115 -23.11 56.73 -54.32
N LEU D 2116 -22.13 56.72 -55.24
CA LEU D 2116 -22.41 56.26 -56.60
C LEU D 2116 -22.81 54.80 -56.61
N VAL D 2117 -22.14 53.96 -55.82
CA VAL D 2117 -22.45 52.54 -55.76
C VAL D 2117 -23.89 52.33 -55.29
N ARG D 2118 -24.26 53.01 -54.20
CA ARG D 2118 -25.62 52.89 -53.70
C ARG D 2118 -26.63 53.37 -54.75
N ALA D 2119 -26.31 54.46 -55.45
CA ALA D 2119 -27.22 54.96 -56.47
C ALA D 2119 -27.42 53.96 -57.60
N MET D 2120 -26.33 53.39 -58.13
CA MET D 2120 -26.48 52.48 -59.26
C MET D 2120 -27.22 51.22 -58.84
N PHE D 2121 -26.90 50.70 -57.64
CA PHE D 2121 -27.57 49.47 -57.23
C PHE D 2121 -29.05 49.70 -56.91
N SER D 2122 -29.40 50.85 -56.32
CA SER D 2122 -30.81 51.16 -56.12
C SER D 2122 -31.53 51.30 -57.45
N LEU D 2123 -30.91 51.98 -58.42
CA LEU D 2123 -31.55 52.12 -59.73
C LEU D 2123 -31.72 50.77 -60.40
N LEU D 2124 -30.72 49.90 -60.33
CA LEU D 2124 -30.83 48.57 -60.92
C LEU D 2124 -31.92 47.75 -60.26
N HIS D 2125 -32.02 47.82 -58.93
CA HIS D 2125 -33.08 47.09 -58.23
C HIS D 2125 -34.46 47.60 -58.63
N ARG D 2126 -34.60 48.93 -58.77
CA ARG D 2126 -35.87 49.47 -59.23
C ARG D 2126 -36.20 49.00 -60.64
N GLN D 2127 -35.21 48.99 -61.54
CA GLN D 2127 -35.46 48.59 -62.92
C GLN D 2127 -35.84 47.13 -63.03
N TYR D 2128 -35.14 46.25 -62.31
CA TYR D 2128 -35.43 44.82 -62.41
C TYR D 2128 -36.80 44.49 -61.82
N ASP D 2129 -37.14 45.10 -60.69
CA ASP D 2129 -38.40 44.81 -60.00
C ASP D 2129 -39.29 46.06 -60.07
N GLY D 2130 -40.22 46.06 -61.01
CA GLY D 2130 -41.12 47.18 -61.17
C GLY D 2130 -42.47 46.95 -60.52
N LEU D 2131 -42.93 45.69 -60.51
CA LEU D 2131 -44.20 45.38 -59.88
C LEU D 2131 -44.15 45.65 -58.38
N GLY D 2132 -43.05 45.30 -57.73
CA GLY D 2132 -42.89 45.62 -56.31
C GLY D 2132 -42.87 47.12 -56.06
N GLU D 2133 -42.22 47.87 -56.95
CA GLU D 2133 -42.21 49.31 -56.83
C GLU D 2133 -43.62 49.88 -56.94
N LEU D 2134 -44.41 49.38 -57.89
CA LEU D 2134 -45.80 49.80 -58.01
C LEU D 2134 -46.60 49.42 -56.77
N LEU D 2135 -46.36 48.23 -56.22
CA LEU D 2135 -47.05 47.80 -55.01
C LEU D 2135 -46.74 48.74 -53.84
N ARG D 2136 -45.47 49.14 -53.70
CA ARG D 2136 -45.11 50.05 -52.63
C ARG D 2136 -45.64 51.46 -52.85
N ALA D 2137 -45.72 51.90 -54.11
CA ALA D 2137 -46.22 53.24 -54.40
C ALA D 2137 -47.74 53.34 -54.36
N LEU D 2138 -48.45 52.21 -54.47
CA LEU D 2138 -49.91 52.25 -54.48
C LEU D 2138 -50.54 52.82 -53.21
N PRO D 2139 -50.10 52.48 -52.00
CA PRO D 2139 -50.81 53.00 -50.80
C PRO D 2139 -50.83 54.50 -50.68
N ARG D 2140 -49.92 55.21 -51.37
CA ARG D 2140 -49.90 56.66 -51.34
C ARG D 2140 -50.70 57.29 -52.48
N ALA D 2141 -51.41 56.47 -53.25
CA ALA D 2141 -52.23 56.95 -54.36
C ALA D 2141 -53.66 57.15 -53.90
N TYR D 2142 -54.24 58.31 -54.23
CA TYR D 2142 -55.60 58.64 -53.86
C TYR D 2142 -56.33 59.25 -55.05
N THR D 2143 -57.64 59.04 -55.10
CA THR D 2143 -58.47 59.57 -56.16
C THR D 2143 -59.55 60.46 -55.56
N ILE D 2144 -59.69 61.67 -56.10
CA ILE D 2144 -60.67 62.64 -55.62
C ILE D 2144 -61.47 63.17 -56.79
N SER D 2145 -62.61 63.77 -56.47
CA SER D 2145 -63.45 64.39 -57.48
C SER D 2145 -62.87 65.76 -57.88
N PRO D 2146 -63.13 66.21 -59.11
CA PRO D 2146 -62.60 67.51 -59.54
C PRO D 2146 -63.26 68.69 -58.83
N SER D 2147 -64.24 68.46 -57.97
CA SER D 2147 -64.91 69.55 -57.27
C SER D 2147 -64.20 69.97 -55.98
N SER D 2148 -63.13 69.26 -55.60
CA SER D 2148 -62.40 69.57 -54.37
C SER D 2148 -60.94 69.90 -54.63
N VAL D 2149 -60.56 70.12 -55.89
CA VAL D 2149 -59.17 70.39 -56.22
C VAL D 2149 -58.73 71.72 -55.60
N GLU D 2150 -59.59 72.73 -55.64
CA GLU D 2150 -59.23 74.04 -55.10
C GLU D 2150 -58.93 73.96 -53.61
N ASP D 2151 -59.73 73.19 -52.86
CA ASP D 2151 -59.51 73.06 -51.43
C ASP D 2151 -58.30 72.19 -51.11
N THR D 2152 -58.14 71.08 -51.83
CA THR D 2152 -56.99 70.22 -51.55
C THR D 2152 -55.68 70.87 -51.95
N MET D 2153 -55.70 71.82 -52.91
CA MET D 2153 -54.50 72.56 -53.23
C MET D 2153 -54.05 73.42 -52.05
N SER D 2154 -54.99 74.10 -51.40
CA SER D 2154 -54.64 74.89 -50.22
C SER D 2154 -54.17 73.99 -49.09
N LEU D 2155 -54.83 72.84 -48.91
CA LEU D 2155 -54.38 71.90 -47.89
C LEU D 2155 -52.95 71.43 -48.15
N LEU D 2156 -52.64 71.11 -49.42
CA LEU D 2156 -51.29 70.69 -49.78
C LEU D 2156 -50.29 71.81 -49.55
N GLU D 2157 -50.66 73.05 -49.88
CA GLU D 2157 -49.77 74.18 -49.64
C GLU D 2157 -49.47 74.35 -48.16
N CYS D 2158 -50.49 74.20 -47.30
CA CYS D 2158 -50.25 74.28 -45.87
C CYS D 2158 -49.35 73.16 -45.38
N LEU D 2159 -49.57 71.94 -45.88
CA LEU D 2159 -48.72 70.82 -45.49
C LEU D 2159 -47.28 71.03 -45.93
N GLY D 2160 -47.09 71.56 -47.14
CA GLY D 2160 -45.75 71.89 -47.61
C GLY D 2160 -45.10 72.99 -46.79
N GLN D 2161 -45.89 73.96 -46.33
CA GLN D 2161 -45.36 74.97 -45.42
C GLN D 2161 -44.88 74.34 -44.12
N ILE D 2162 -45.65 73.39 -43.59
CA ILE D 2162 -45.23 72.67 -42.38
C ILE D 2162 -43.93 71.93 -42.63
N ARG D 2163 -43.84 71.22 -43.76
CA ARG D 2163 -42.63 70.45 -44.05
C ARG D 2163 -41.43 71.36 -44.23
N SER D 2164 -41.60 72.50 -44.90
CA SER D 2164 -40.51 73.45 -45.07
C SER D 2164 -40.06 74.02 -43.73
N LEU D 2165 -41.02 74.31 -42.84
CA LEU D 2165 -40.67 74.81 -41.52
C LEU D 2165 -40.03 73.76 -40.63
N LEU D 2166 -40.23 72.47 -40.94
CA LEU D 2166 -39.68 71.41 -40.10
C LEU D 2166 -38.16 71.41 -40.05
N ILE D 2167 -37.48 72.05 -41.00
CA ILE D 2167 -36.03 72.01 -41.06
C ILE D 2167 -35.41 73.34 -40.59
N VAL D 2168 -36.13 74.09 -39.75
CA VAL D 2168 -35.69 75.38 -39.26
C VAL D 2168 -35.66 75.34 -37.74
N GLN D 2169 -34.64 75.96 -37.15
CA GLN D 2169 -34.54 76.04 -35.70
C GLN D 2169 -35.76 76.75 -35.12
N MET D 2170 -36.23 76.25 -33.99
CA MET D 2170 -37.48 76.74 -33.40
C MET D 2170 -37.35 78.20 -32.98
N GLY D 2171 -38.38 78.99 -33.29
CA GLY D 2171 -38.39 80.39 -32.96
C GLY D 2171 -39.78 80.97 -32.95
N PRO D 2172 -39.91 82.22 -32.49
CA PRO D 2172 -41.24 82.83 -32.38
C PRO D 2172 -41.95 83.00 -33.73
N GLN D 2173 -41.26 83.57 -34.72
CA GLN D 2173 -41.87 83.74 -36.03
C GLN D 2173 -42.20 82.40 -36.67
N GLU D 2174 -41.29 81.43 -36.57
CA GLU D 2174 -41.55 80.10 -37.09
C GLU D 2174 -42.72 79.45 -36.36
N GLU D 2175 -42.79 79.61 -35.04
CA GLU D 2175 -43.91 79.07 -34.28
C GLU D 2175 -45.23 79.67 -34.73
N ASN D 2176 -45.27 80.99 -34.92
CA ASN D 2176 -46.50 81.64 -35.36
C ASN D 2176 -46.91 81.16 -36.75
N LEU D 2177 -45.94 81.07 -37.67
CA LEU D 2177 -46.26 80.62 -39.03
C LEU D 2177 -46.80 79.20 -39.02
N MET D 2178 -46.17 78.30 -38.26
CA MET D 2178 -46.61 76.91 -38.27
C MET D 2178 -47.94 76.74 -37.54
N ILE D 2179 -48.17 77.52 -36.49
CA ILE D 2179 -49.47 77.50 -35.82
C ILE D 2179 -50.57 77.98 -36.77
N GLN D 2180 -50.29 79.04 -37.53
CA GLN D 2180 -51.28 79.53 -38.50
C GLN D 2180 -51.55 78.48 -39.57
N SER D 2181 -50.50 77.80 -40.05
CA SER D 2181 -50.70 76.76 -41.06
C SER D 2181 -51.52 75.60 -40.51
N ILE D 2182 -51.26 75.19 -39.27
CA ILE D 2182 -52.04 74.11 -38.65
C ILE D 2182 -53.49 74.54 -38.50
N GLY D 2183 -53.73 75.78 -38.07
CA GLY D 2183 -55.09 76.26 -37.94
C GLY D 2183 -55.82 76.30 -39.27
N ASN D 2184 -55.13 76.71 -40.34
CA ASN D 2184 -55.72 76.68 -41.67
C ASN D 2184 -55.99 75.26 -42.13
N ILE D 2185 -55.13 74.31 -41.74
CA ILE D 2185 -55.38 72.91 -42.03
C ILE D 2185 -56.65 72.43 -41.34
N MET D 2186 -56.87 72.88 -40.10
CA MET D 2186 -58.06 72.47 -39.36
C MET D 2186 -59.35 72.87 -40.06
N ASN D 2187 -59.41 74.09 -40.60
CA ASN D 2187 -60.64 74.63 -41.16
C ASN D 2187 -60.95 74.13 -42.57
N ASN D 2188 -60.06 73.33 -43.16
CA ASN D 2188 -60.29 72.82 -44.51
C ASN D 2188 -61.36 71.73 -44.48
N LYS D 2189 -62.32 71.82 -45.40
CA LYS D 2189 -63.39 70.83 -45.46
C LYS D 2189 -62.89 69.47 -45.93
N VAL D 2190 -61.71 69.42 -46.54
CA VAL D 2190 -61.13 68.14 -46.95
C VAL D 2190 -60.63 67.33 -45.76
N PHE D 2191 -60.24 68.01 -44.67
CA PHE D 2191 -59.59 67.33 -43.56
C PHE D 2191 -60.49 66.26 -42.93
N TYR D 2192 -61.77 66.58 -42.74
CA TYR D 2192 -62.70 65.63 -42.15
C TYR D 2192 -63.53 64.88 -43.18
N GLN D 2193 -63.28 65.08 -44.48
CA GLN D 2193 -64.01 64.37 -45.52
C GLN D 2193 -63.24 63.18 -46.08
N HIS D 2194 -61.91 63.23 -46.08
CA HIS D 2194 -61.07 62.15 -46.58
C HIS D 2194 -60.00 61.81 -45.54
N PRO D 2195 -60.40 61.16 -44.44
CA PRO D 2195 -59.39 60.77 -43.43
C PRO D 2195 -58.34 59.81 -43.96
N ASN D 2196 -58.71 58.95 -44.91
CA ASN D 2196 -57.74 58.03 -45.50
C ASN D 2196 -56.64 58.80 -46.23
N LEU D 2197 -57.01 59.86 -46.95
CA LEU D 2197 -56.01 60.69 -47.61
C LEU D 2197 -55.11 61.37 -46.59
N MET D 2198 -55.68 61.85 -45.48
CA MET D 2198 -54.87 62.46 -44.43
C MET D 2198 -53.88 61.47 -43.85
N ARG D 2199 -54.31 60.23 -43.63
CA ARG D 2199 -53.41 59.21 -43.10
C ARG D 2199 -52.34 58.82 -44.12
N ALA D 2200 -52.69 58.81 -45.41
CA ALA D 2200 -51.72 58.46 -46.43
C ALA D 2200 -50.59 59.48 -46.50
N LEU D 2201 -50.93 60.77 -46.39
CA LEU D 2201 -49.92 61.82 -46.42
C LEU D 2201 -49.03 61.83 -45.18
N GLY D 2202 -49.39 61.08 -44.15
CA GLY D 2202 -48.61 61.08 -42.92
C GLY D 2202 -48.62 62.41 -42.19
N MET D 2203 -49.75 63.12 -42.23
CA MET D 2203 -49.83 64.42 -41.57
C MET D 2203 -49.64 64.30 -40.06
N HIS D 2204 -50.28 63.29 -39.45
CA HIS D 2204 -50.15 63.10 -38.01
C HIS D 2204 -48.71 62.80 -37.62
N GLU D 2205 -47.99 62.04 -38.44
CA GLU D 2205 -46.58 61.77 -38.17
C GLU D 2205 -45.76 63.05 -38.21
N THR D 2206 -46.03 63.93 -39.18
CA THR D 2206 -45.32 65.20 -39.26
C THR D 2206 -45.60 66.07 -38.04
N VAL D 2207 -46.87 66.16 -37.64
CA VAL D 2207 -47.21 67.00 -36.50
C VAL D 2207 -46.62 66.43 -35.21
N MET D 2208 -46.56 65.10 -35.10
CA MET D 2208 -45.94 64.51 -33.92
C MET D 2208 -44.43 64.71 -33.92
N GLU D 2209 -43.82 64.71 -35.11
CA GLU D 2209 -42.39 65.03 -35.20
C GLU D 2209 -42.13 66.47 -34.75
N VAL D 2210 -43.02 67.38 -35.13
CA VAL D 2210 -42.93 68.76 -34.64
C VAL D 2210 -43.05 68.79 -33.12
N MET D 2211 -43.99 68.02 -32.57
CA MET D 2211 -44.13 67.97 -31.11
C MET D 2211 -42.88 67.40 -30.45
N VAL D 2212 -42.29 66.36 -31.03
CA VAL D 2212 -41.07 65.79 -30.46
C VAL D 2212 -39.95 66.81 -30.49
N ASN D 2213 -39.83 67.56 -31.60
CA ASN D 2213 -38.80 68.58 -31.68
C ASN D 2213 -39.00 69.67 -30.64
N VAL D 2214 -40.24 70.14 -30.45
CA VAL D 2214 -40.46 71.23 -29.51
C VAL D 2214 -40.35 70.75 -28.07
N LEU D 2215 -40.73 69.50 -27.78
CA LEU D 2215 -40.69 69.00 -26.41
C LEU D 2215 -39.27 68.65 -25.99
N GLY D 2216 -38.65 67.71 -26.69
CA GLY D 2216 -37.30 67.28 -26.37
C GLY D 2216 -36.23 67.97 -27.20
N ILE D 2223 -39.15 74.17 -20.30
CA ILE D 2223 -39.76 74.00 -21.61
C ILE D 2223 -39.80 75.33 -22.35
N ARG D 2224 -39.98 75.26 -23.67
CA ARG D 2224 -40.04 76.44 -24.51
C ARG D 2224 -41.22 76.33 -25.47
N PHE D 2225 -41.78 77.48 -25.83
CA PHE D 2225 -42.92 77.60 -26.73
C PHE D 2225 -44.10 76.76 -26.24
N PRO D 2226 -44.70 77.10 -25.11
CA PRO D 2226 -45.84 76.30 -24.61
C PRO D 2226 -47.04 76.32 -25.53
N LYS D 2227 -47.31 77.44 -26.21
CA LYS D 2227 -48.50 77.56 -27.04
C LYS D 2227 -48.49 76.57 -28.20
N MET D 2228 -47.31 76.31 -28.76
CA MET D 2228 -47.20 75.40 -29.90
C MET D 2228 -47.54 73.97 -29.49
N VAL D 2229 -47.15 73.57 -28.28
CA VAL D 2229 -47.49 72.23 -27.80
C VAL D 2229 -49.00 72.08 -27.69
N THR D 2230 -49.68 73.10 -27.16
CA THR D 2230 -51.14 73.06 -27.06
C THR D 2230 -51.76 72.98 -28.45
N SER D 2231 -51.25 73.76 -29.41
CA SER D 2231 -51.81 73.73 -30.76
C SER D 2231 -51.65 72.35 -31.39
N CYS D 2232 -50.46 71.76 -31.27
CA CYS D 2232 -50.23 70.43 -31.85
C CYS D 2232 -51.08 69.37 -31.18
N CYS D 2233 -51.21 69.44 -29.85
CA CYS D 2233 -52.03 68.46 -29.14
C CYS D 2233 -53.51 68.62 -29.50
N ARG D 2234 -53.97 69.85 -29.69
CA ARG D 2234 -55.34 70.06 -30.16
C ARG D 2234 -55.53 69.46 -31.55
N PHE D 2235 -54.54 69.65 -32.43
CA PHE D 2235 -54.65 69.07 -33.77
C PHE D 2235 -54.74 67.55 -33.70
N LEU D 2236 -53.89 66.92 -32.89
CA LEU D 2236 -53.91 65.46 -32.79
C LEU D 2236 -55.21 64.96 -32.15
N CYS D 2237 -55.72 65.69 -31.14
CA CYS D 2237 -56.98 65.31 -30.52
C CYS D 2237 -58.12 65.37 -31.52
N TYR D 2238 -58.17 66.42 -32.35
CA TYR D 2238 -59.22 66.49 -33.37
C TYR D 2238 -59.02 65.44 -34.45
N PHE D 2239 -57.76 65.12 -34.78
CA PHE D 2239 -57.49 64.11 -35.78
C PHE D 2239 -57.95 62.73 -35.32
N CYS D 2240 -57.79 62.44 -34.03
CA CYS D 2240 -58.14 61.12 -33.51
C CYS D 2240 -59.63 60.83 -33.67
N ARG D 2241 -60.48 61.83 -33.45
CA ARG D 2241 -61.93 61.61 -33.44
C ARG D 2241 -62.54 61.57 -34.84
N ILE D 2242 -61.77 61.86 -35.89
CA ILE D 2242 -62.33 61.89 -37.24
C ILE D 2242 -62.82 60.50 -37.65
N SER D 2243 -62.02 59.46 -37.37
CA SER D 2243 -62.38 58.11 -37.77
C SER D 2243 -61.73 57.11 -36.83
N ARG D 2244 -62.25 55.88 -36.84
CA ARG D 2244 -61.70 54.83 -36.02
C ARG D 2244 -60.29 54.46 -36.46
N GLN D 2245 -60.03 54.48 -37.77
CA GLN D 2245 -58.70 54.15 -38.27
C GLN D 2245 -57.67 55.15 -37.80
N ASN D 2246 -58.03 56.43 -37.76
CA ASN D 2246 -57.10 57.45 -37.27
C ASN D 2246 -56.75 57.20 -35.81
N GLN D 2247 -57.75 56.87 -34.99
CA GLN D 2247 -57.48 56.56 -33.58
C GLN D 2247 -56.61 55.34 -33.44
N ARG D 2248 -56.87 54.30 -34.24
CA ARG D 2248 -56.05 53.09 -34.19
C ARG D 2248 -54.60 53.39 -34.56
N SER D 2249 -54.40 54.20 -35.60
CA SER D 2249 -53.05 54.57 -36.00
C SER D 2249 -52.35 55.40 -34.93
N MET D 2250 -53.08 56.33 -34.32
CA MET D 2250 -52.48 57.18 -33.28
C MET D 2250 -52.21 56.40 -31.99
N PHE D 2251 -52.90 55.28 -31.78
CA PHE D 2251 -52.69 54.49 -30.57
C PHE D 2251 -51.29 53.90 -30.48
N ASP D 2252 -50.59 53.75 -31.60
CA ASP D 2252 -49.27 53.11 -31.60
C ASP D 2252 -48.22 53.95 -30.88
N HIS D 2253 -48.50 55.20 -30.57
CA HIS D 2253 -47.56 56.13 -29.96
C HIS D 2253 -47.92 56.43 -28.50
N LEU D 2254 -48.72 55.54 -27.91
CA LEU D 2254 -49.24 55.77 -26.56
C LEU D 2254 -48.12 55.79 -25.53
N SER D 2255 -47.10 54.94 -25.69
CA SER D 2255 -46.01 54.92 -24.74
C SER D 2255 -45.30 56.26 -24.69
N TYR D 2256 -44.95 56.81 -25.85
CA TYR D 2256 -44.31 58.13 -25.89
C TYR D 2256 -45.24 59.21 -25.36
N LEU D 2257 -46.53 59.14 -25.71
CA LEU D 2257 -47.46 60.18 -25.26
C LEU D 2257 -47.61 60.17 -23.74
N LEU D 2258 -47.66 59.00 -23.14
CA LEU D 2258 -47.79 58.91 -21.68
C LEU D 2258 -46.48 59.25 -20.98
N GLU D 2259 -45.34 58.94 -21.60
CA GLU D 2259 -44.06 59.22 -20.96
C GLU D 2259 -43.86 60.71 -20.75
N ASN D 2260 -44.22 61.53 -21.74
CA ASN D 2260 -44.06 62.97 -21.66
C ASN D 2260 -45.37 63.61 -21.19
N SER D 2261 -45.67 63.40 -19.92
CA SER D 2261 -46.88 63.95 -19.32
C SER D 2261 -46.57 64.66 -18.00
N GLN D 2268 -54.83 76.66 -18.60
CA GLN D 2268 -54.09 75.57 -19.24
C GLN D 2268 -54.67 75.23 -20.60
N GLY D 2269 -53.91 74.49 -21.40
CA GLY D 2269 -54.36 74.08 -22.72
C GLY D 2269 -54.31 72.59 -22.92
N SER D 2270 -54.25 72.16 -24.18
CA SER D 2270 -54.19 70.74 -24.49
C SER D 2270 -52.85 70.16 -24.05
N THR D 2271 -52.87 68.86 -23.74
CA THR D 2271 -51.73 68.14 -23.21
C THR D 2271 -51.55 66.84 -23.99
N PRO D 2272 -50.32 66.32 -24.08
CA PRO D 2272 -50.15 64.98 -24.68
C PRO D 2272 -50.94 63.91 -23.96
N LEU D 2273 -51.17 64.08 -22.65
CA LEU D 2273 -52.05 63.15 -21.93
C LEU D 2273 -53.47 63.20 -22.49
N ASP D 2274 -53.93 64.38 -22.89
CA ASP D 2274 -55.23 64.48 -23.52
C ASP D 2274 -55.28 63.70 -24.83
N VAL D 2275 -54.21 63.78 -25.62
CA VAL D 2275 -54.14 63.03 -26.88
C VAL D 2275 -54.16 61.54 -26.60
N ALA D 2276 -53.39 61.10 -25.59
CA ALA D 2276 -53.36 59.68 -25.24
C ALA D 2276 -54.73 59.20 -24.79
N ALA D 2277 -55.44 60.01 -24.00
CA ALA D 2277 -56.79 59.65 -23.59
C ALA D 2277 -57.74 59.59 -24.77
N ALA D 2278 -57.63 60.55 -25.69
CA ALA D 2278 -58.47 60.58 -26.87
C ALA D 2278 -58.16 59.46 -27.86
N SER D 2279 -56.99 58.83 -27.73
CA SER D 2279 -56.61 57.73 -28.61
C SER D 2279 -57.13 56.38 -28.14
N VAL D 2280 -57.80 56.32 -27.00
CA VAL D 2280 -58.28 55.05 -26.45
C VAL D 2280 -59.75 55.17 -26.05
N ILE D 2281 -60.29 56.38 -26.10
CA ILE D 2281 -61.65 56.61 -25.63
C ILE D 2281 -62.65 55.94 -26.57
N ASP D 2282 -63.61 55.22 -25.97
CA ASP D 2282 -64.71 54.58 -26.71
C ASP D 2282 -64.18 53.65 -27.80
N ASN D 2283 -63.16 52.86 -27.47
CA ASN D 2283 -62.58 51.89 -28.39
C ASN D 2283 -62.33 50.61 -27.60
N ASN D 2284 -63.24 49.64 -27.72
CA ASN D 2284 -63.11 48.39 -26.98
C ASN D 2284 -61.89 47.61 -27.42
N GLU D 2285 -61.65 47.52 -28.72
CA GLU D 2285 -60.50 46.77 -29.23
C GLU D 2285 -59.19 47.42 -28.80
N LEU D 2286 -59.11 48.75 -28.84
CA LEU D 2286 -57.90 49.43 -28.41
C LEU D 2286 -57.72 49.32 -26.89
N ALA D 2287 -58.82 49.39 -26.13
CA ALA D 2287 -58.73 49.25 -24.69
C ALA D 2287 -58.25 47.85 -24.29
N LEU D 2288 -58.72 46.82 -25.01
CA LEU D 2288 -58.29 45.46 -24.69
C LEU D 2288 -56.82 45.23 -25.01
N ALA D 2289 -56.29 45.95 -26.01
CA ALA D 2289 -54.89 45.80 -26.39
C ALA D 2289 -53.95 46.69 -25.58
N LEU D 2290 -54.47 47.45 -24.63
CA LEU D 2290 -53.65 48.37 -23.86
C LEU D 2290 -52.74 47.57 -22.91
N GLN D 2291 -51.46 47.95 -22.88
CA GLN D 2291 -50.45 47.17 -22.16
C GLN D 2291 -50.44 47.49 -20.68
N GLU D 2292 -50.01 46.51 -19.88
CA GLU D 2292 -49.99 46.68 -18.44
C GLU D 2292 -49.00 47.76 -18.01
N GLN D 2293 -47.84 47.83 -18.66
CA GLN D 2293 -46.84 48.84 -18.32
C GLN D 2293 -47.37 50.25 -18.58
N ASP D 2294 -48.25 50.40 -19.58
CA ASP D 2294 -48.83 51.71 -19.84
C ASP D 2294 -49.64 52.20 -18.65
N LEU D 2295 -50.44 51.32 -18.04
CA LEU D 2295 -51.19 51.70 -16.86
C LEU D 2295 -50.28 51.83 -15.65
N GLU D 2296 -49.22 51.02 -15.57
CA GLU D 2296 -48.29 51.12 -14.45
C GLU D 2296 -47.59 52.48 -14.43
N LYS D 2297 -47.24 52.99 -15.60
CA LYS D 2297 -46.60 54.31 -15.66
C LYS D 2297 -47.54 55.39 -15.15
N VAL D 2298 -48.81 55.34 -15.53
CA VAL D 2298 -49.77 56.33 -15.05
C VAL D 2298 -49.99 56.19 -13.55
N VAL D 2299 -49.99 54.95 -13.04
CA VAL D 2299 -50.14 54.74 -11.61
C VAL D 2299 -48.95 55.33 -10.85
N SER D 2300 -47.74 55.11 -11.37
CA SER D 2300 -46.56 55.68 -10.73
C SER D 2300 -46.58 57.20 -10.77
N TYR D 2301 -47.01 57.78 -11.89
CA TYR D 2301 -47.12 59.24 -11.98
C TYR D 2301 -48.15 59.77 -10.99
N LEU D 2302 -49.27 59.06 -10.84
CA LEU D 2302 -50.28 59.45 -9.87
C LEU D 2302 -49.74 59.40 -8.45
N ALA D 2303 -48.99 58.34 -8.13
CA ALA D 2303 -48.40 58.24 -6.80
C ALA D 2303 -47.41 59.38 -6.55
N GLY D 2304 -46.58 59.68 -7.54
CA GLY D 2304 -45.62 60.78 -7.39
C GLY D 2304 -46.29 62.12 -7.21
N CYS D 2305 -47.36 62.38 -7.98
CA CYS D 2305 -48.06 63.65 -7.86
C CYS D 2305 -48.81 63.76 -6.54
N GLY D 2306 -49.36 62.65 -6.06
CA GLY D 2306 -50.04 62.67 -4.78
C GLY D 2306 -49.10 62.86 -3.61
N LEU D 2307 -47.93 62.22 -3.65
CA LEU D 2307 -47.00 62.30 -2.52
C LEU D 2307 -46.33 63.67 -2.45
N GLN D 2308 -45.93 64.22 -3.59
CA GLN D 2308 -45.21 65.49 -3.64
C GLN D 2308 -46.03 66.53 -4.39
N SER D 2309 -46.21 67.69 -3.77
CA SER D 2309 -46.96 68.77 -4.40
C SER D 2309 -46.11 69.48 -5.44
N CYS D 2310 -46.77 69.98 -6.49
CA CYS D 2310 -46.09 70.70 -7.55
C CYS D 2310 -45.79 72.13 -7.11
N PRO D 2311 -44.55 72.59 -7.20
CA PRO D 2311 -44.25 73.97 -6.79
C PRO D 2311 -44.77 75.03 -7.74
N MET D 2312 -45.32 74.65 -8.90
CA MET D 2312 -45.85 75.64 -9.84
C MET D 2312 -47.00 76.42 -9.21
N LEU D 2313 -47.90 75.73 -8.52
CA LEU D 2313 -48.99 76.41 -7.82
C LEU D 2313 -48.47 77.18 -6.60
N LEU D 2314 -47.40 76.67 -5.97
CA LEU D 2314 -46.81 77.38 -4.84
C LEU D 2314 -46.16 78.69 -5.28
N ALA D 2315 -45.73 78.78 -6.54
CA ALA D 2315 -45.14 80.02 -7.03
C ALA D 2315 -46.16 81.16 -6.99
N LYS D 2316 -47.39 80.90 -7.39
CA LYS D 2316 -48.45 81.90 -7.28
C LYS D 2316 -48.99 81.94 -5.85
N GLY D 2317 -49.86 82.91 -5.60
CA GLY D 2317 -50.46 83.05 -4.29
C GLY D 2317 -51.38 81.90 -3.93
N TYR D 2318 -50.93 81.04 -3.02
CA TYR D 2318 -51.69 79.86 -2.62
C TYR D 2318 -51.07 79.24 -1.37
N PRO D 2319 -51.87 78.64 -0.50
CA PRO D 2319 -51.31 77.95 0.68
C PRO D 2319 -50.45 76.77 0.28
N ASP D 2320 -49.47 76.47 1.12
CA ASP D 2320 -48.52 75.39 0.87
C ASP D 2320 -48.98 74.13 1.59
N ILE D 2321 -49.19 73.05 0.83
CA ILE D 2321 -49.57 71.75 1.36
C ILE D 2321 -48.69 70.69 0.72
N GLY D 2322 -48.66 69.52 1.36
CA GLY D 2322 -47.82 68.43 0.94
C GLY D 2322 -48.40 67.51 -0.11
N TRP D 2323 -49.58 67.82 -0.65
CA TRP D 2323 -50.24 66.96 -1.62
C TRP D 2323 -50.98 67.82 -2.64
N ASN D 2324 -50.79 67.49 -3.93
CA ASN D 2324 -51.36 68.28 -5.01
C ASN D 2324 -52.56 67.56 -5.59
N PRO D 2325 -53.77 68.15 -5.55
CA PRO D 2325 -54.95 67.45 -6.05
C PRO D 2325 -55.17 67.59 -7.55
N CYS D 2326 -54.66 68.68 -8.15
CA CYS D 2326 -54.90 68.93 -9.57
C CYS D 2326 -54.26 67.86 -10.44
N GLY D 2327 -53.00 67.53 -10.17
CA GLY D 2327 -52.34 66.48 -10.94
C GLY D 2327 -53.01 65.13 -10.74
N GLY D 2328 -53.45 64.85 -9.51
CA GLY D 2328 -54.17 63.61 -9.27
C GLY D 2328 -55.45 63.51 -10.07
N GLU D 2329 -56.23 64.60 -10.09
CA GLU D 2329 -57.47 64.60 -10.87
C GLU D 2329 -57.17 64.43 -12.35
N ARG D 2330 -56.15 65.13 -12.86
CA ARG D 2330 -55.81 65.02 -14.27
C ARG D 2330 -55.39 63.60 -14.64
N TYR D 2331 -54.60 62.95 -13.76
CA TYR D 2331 -54.17 61.59 -14.05
C TYR D 2331 -55.31 60.60 -13.93
N LEU D 2332 -56.23 60.83 -12.99
CA LEU D 2332 -57.39 59.95 -12.85
C LEU D 2332 -58.35 60.09 -14.01
N ASP D 2333 -58.38 61.26 -14.65
CA ASP D 2333 -59.25 61.45 -15.81
C ASP D 2333 -58.89 60.47 -16.92
N PHE D 2334 -57.60 60.28 -17.18
CA PHE D 2334 -57.18 59.32 -18.20
C PHE D 2334 -57.56 57.90 -17.82
N LEU D 2335 -57.35 57.52 -16.56
CA LEU D 2335 -57.67 56.18 -16.10
C LEU D 2335 -59.17 55.90 -16.15
N ARG D 2336 -60.00 56.94 -16.04
CA ARG D 2336 -61.44 56.74 -16.14
C ARG D 2336 -61.87 56.23 -17.51
N PHE D 2337 -61.04 56.39 -18.55
CA PHE D 2337 -61.40 55.97 -19.89
C PHE D 2337 -60.88 54.59 -20.26
N ALA D 2338 -59.89 54.07 -19.54
CA ALA D 2338 -59.29 52.78 -19.86
C ALA D 2338 -60.04 51.60 -19.22
N VAL D 2339 -61.05 51.87 -18.39
CA VAL D 2339 -61.78 50.81 -17.72
C VAL D 2339 -63.27 50.86 -17.98
N PHE D 2340 -63.80 51.96 -18.52
CA PHE D 2340 -65.23 52.13 -18.74
C PHE D 2340 -65.46 52.58 -20.16
N VAL D 2341 -65.96 51.67 -21.01
CA VAL D 2341 -66.21 51.95 -22.41
C VAL D 2341 -67.63 51.53 -22.75
N ASN D 2342 -68.37 52.42 -23.42
CA ASN D 2342 -69.72 52.14 -23.91
C ASN D 2342 -70.67 51.71 -22.79
N GLY D 2343 -70.48 52.26 -21.59
CA GLY D 2343 -71.32 51.94 -20.47
C GLY D 2343 -70.99 50.66 -19.75
N GLU D 2344 -70.09 49.84 -20.29
CA GLU D 2344 -69.67 48.60 -19.68
C GLU D 2344 -68.30 48.78 -19.02
N SER D 2345 -67.77 47.70 -18.46
CA SER D 2345 -66.45 47.71 -17.85
C SER D 2345 -65.68 46.48 -18.33
N VAL D 2346 -64.45 46.71 -18.80
CA VAL D 2346 -63.59 45.61 -19.23
C VAL D 2346 -62.91 45.01 -18.00
N GLU D 2347 -62.85 43.69 -17.95
CA GLU D 2347 -62.43 43.02 -16.72
C GLU D 2347 -60.93 43.15 -16.49
N GLU D 2348 -60.12 42.92 -17.53
CA GLU D 2348 -58.67 42.84 -17.34
C GLU D 2348 -58.06 44.17 -16.94
N ASN D 2349 -58.40 45.24 -17.68
CA ASN D 2349 -57.84 46.55 -17.38
C ASN D 2349 -58.30 47.05 -16.02
N ALA D 2350 -59.58 46.84 -15.70
CA ALA D 2350 -60.08 47.25 -14.39
C ALA D 2350 -59.36 46.49 -13.27
N ASN D 2351 -59.17 45.18 -13.45
CA ASN D 2351 -58.50 44.39 -12.43
C ASN D 2351 -57.06 44.85 -12.22
N VAL D 2352 -56.32 45.06 -13.32
CA VAL D 2352 -54.92 45.46 -13.17
C VAL D 2352 -54.81 46.86 -12.60
N VAL D 2353 -55.71 47.77 -13.00
CA VAL D 2353 -55.70 49.12 -12.44
C VAL D 2353 -55.98 49.08 -10.95
N VAL D 2354 -56.97 48.27 -10.54
CA VAL D 2354 -57.27 48.14 -9.13
C VAL D 2354 -56.08 47.57 -8.37
N ARG D 2355 -55.45 46.53 -8.91
CA ARG D 2355 -54.29 45.95 -8.23
C ARG D 2355 -53.17 46.97 -8.07
N LEU D 2356 -52.88 47.73 -9.14
CA LEU D 2356 -51.82 48.73 -9.06
C LEU D 2356 -52.17 49.82 -8.06
N LEU D 2357 -53.43 50.25 -8.01
CA LEU D 2357 -53.82 51.31 -7.07
C LEU D 2357 -53.74 50.83 -5.63
N ILE D 2358 -54.26 49.63 -5.34
CA ILE D 2358 -54.21 49.08 -4.00
C ILE D 2358 -52.79 48.68 -3.58
N ARG D 2359 -51.88 48.48 -4.54
CA ARG D 2359 -50.51 48.20 -4.16
C ARG D 2359 -49.70 49.46 -3.85
N LYS D 2360 -50.23 50.64 -4.19
CA LYS D 2360 -49.60 51.92 -3.86
C LYS D 2360 -50.63 52.79 -3.16
N PRO D 2361 -50.71 52.71 -1.83
CA PRO D 2361 -51.76 53.45 -1.11
C PRO D 2361 -51.64 54.97 -1.21
N GLU D 2362 -50.47 55.49 -1.57
CA GLU D 2362 -50.29 56.94 -1.64
C GLU D 2362 -51.15 57.58 -2.73
N CYS D 2363 -51.63 56.81 -3.70
CA CYS D 2363 -52.46 57.35 -4.77
C CYS D 2363 -53.85 57.74 -4.29
N PHE D 2364 -54.27 57.29 -3.12
CA PHE D 2364 -55.60 57.59 -2.59
C PHE D 2364 -55.67 58.93 -1.88
N GLY D 2365 -54.56 59.65 -1.76
CA GLY D 2365 -54.56 60.94 -1.11
C GLY D 2365 -54.20 60.83 0.36
N PRO D 2366 -54.11 61.99 1.04
CA PRO D 2366 -53.74 61.98 2.45
C PRO D 2366 -54.84 61.50 3.38
N ALA D 2367 -56.06 61.30 2.89
CA ALA D 2367 -57.17 60.87 3.72
C ALA D 2367 -57.37 59.36 3.74
N LEU D 2368 -57.10 58.68 2.62
CA LEU D 2368 -57.30 57.23 2.51
C LEU D 2368 -55.98 56.48 2.41
N ARG D 2369 -54.97 56.91 3.15
CA ARG D 2369 -53.67 56.25 3.13
C ARG D 2369 -53.55 55.19 4.22
N GLY D 2370 -53.96 55.51 5.44
CA GLY D 2370 -53.85 54.57 6.55
C GLY D 2370 -54.02 55.21 7.90
N GLU D 2371 -53.08 54.92 8.82
CA GLU D 2371 -53.15 55.48 10.16
C GLU D 2371 -53.06 57.00 10.11
N GLY D 2372 -53.88 57.65 10.92
CA GLY D 2372 -53.97 59.10 10.93
C GLY D 2372 -54.85 59.69 9.86
N GLY D 2373 -55.49 58.87 9.04
CA GLY D 2373 -56.35 59.39 7.99
C GLY D 2373 -57.61 60.04 8.57
N SER D 2374 -58.02 61.14 7.95
CA SER D 2374 -59.20 61.85 8.41
C SER D 2374 -60.49 61.15 8.00
N GLY D 2375 -60.50 60.49 6.85
CA GLY D 2375 -61.69 59.87 6.30
C GLY D 2375 -62.40 60.78 5.31
N LEU D 2376 -63.40 60.20 4.66
CA LEU D 2376 -64.14 60.94 3.63
C LEU D 2376 -64.83 62.17 4.22
N LEU D 2377 -65.59 61.99 5.31
CA LEU D 2377 -66.37 63.08 5.85
C LEU D 2377 -65.47 64.22 6.32
N ALA D 2378 -64.43 63.89 7.08
CA ALA D 2378 -63.52 64.92 7.59
C ALA D 2378 -62.78 65.62 6.46
N ALA D 2379 -62.34 64.86 5.45
CA ALA D 2379 -61.62 65.48 4.34
C ALA D 2379 -62.53 66.43 3.56
N ILE D 2380 -63.76 66.01 3.28
CA ILE D 2380 -64.68 66.87 2.55
C ILE D 2380 -65.02 68.11 3.36
N GLU D 2381 -65.26 67.95 4.67
CA GLU D 2381 -65.56 69.10 5.51
C GLU D 2381 -64.39 70.06 5.60
N GLU D 2382 -63.16 69.53 5.68
CA GLU D 2382 -61.98 70.39 5.70
C GLU D 2382 -61.83 71.14 4.38
N ALA D 2383 -62.06 70.46 3.25
CA ALA D 2383 -61.98 71.12 1.96
C ALA D 2383 -63.03 72.22 1.84
N ILE D 2384 -64.23 71.97 2.37
CA ILE D 2384 -65.27 72.99 2.37
C ILE D 2384 -64.85 74.18 3.23
N ARG D 2385 -64.30 73.91 4.41
CA ARG D 2385 -63.87 74.98 5.30
C ARG D 2385 -62.75 75.81 4.67
N ILE D 2386 -61.90 75.19 3.86
CA ILE D 2386 -60.87 75.94 3.15
C ILE D 2386 -61.49 76.95 2.19
N SER D 2387 -62.68 76.66 1.66
CA SER D 2387 -63.28 77.50 0.64
C SER D 2387 -63.76 78.86 1.17
N GLU D 2388 -63.88 79.02 2.49
CA GLU D 2388 -64.32 80.29 3.06
C GLU D 2388 -63.20 81.03 3.78
N ASP D 2389 -61.95 80.83 3.35
CA ASP D 2389 -60.85 81.60 3.91
C ASP D 2389 -59.69 81.60 2.93
N PRO D 2390 -58.97 82.71 2.78
CA PRO D 2390 -57.79 82.71 1.89
C PRO D 2390 -56.72 81.72 2.32
N ALA D 2391 -56.57 81.49 3.62
CA ALA D 2391 -55.56 80.57 4.16
C ALA D 2391 -54.15 80.94 3.70
N VAL D 2416 -55.46 79.42 -9.73
CA VAL D 2416 -56.48 78.46 -9.33
C VAL D 2416 -56.92 78.74 -7.89
N HIS D 2417 -58.13 78.30 -7.54
CA HIS D 2417 -58.67 78.48 -6.20
C HIS D 2417 -58.61 77.13 -5.49
N LEU D 2418 -57.74 77.02 -4.49
CA LEU D 2418 -57.62 75.79 -3.73
C LEU D 2418 -58.87 75.55 -2.88
N GLY D 2419 -59.16 74.28 -2.64
CA GLY D 2419 -60.33 73.91 -1.88
C GLY D 2419 -61.36 73.18 -2.73
N HIS D 2420 -61.58 73.68 -3.95
CA HIS D 2420 -62.45 72.97 -4.89
C HIS D 2420 -61.76 71.75 -5.48
N ALA D 2421 -60.48 71.89 -5.82
CA ALA D 2421 -59.71 70.76 -6.33
C ALA D 2421 -59.53 69.67 -5.28
N ILE D 2422 -59.54 70.02 -4.01
CA ILE D 2422 -59.42 69.03 -2.95
C ILE D 2422 -60.58 68.03 -3.02
N MET D 2423 -61.80 68.54 -3.16
CA MET D 2423 -62.96 67.66 -3.32
C MET D 2423 -63.02 67.05 -4.71
N SER D 2424 -62.55 67.78 -5.73
CA SER D 2424 -62.59 67.26 -7.09
C SER D 2424 -61.73 66.01 -7.24
N PHE D 2425 -60.55 66.01 -6.62
CA PHE D 2425 -59.67 64.84 -6.71
C PHE D 2425 -60.32 63.61 -6.08
N TYR D 2426 -60.93 63.77 -4.90
CA TYR D 2426 -61.59 62.66 -4.25
C TYR D 2426 -62.79 62.18 -5.06
N ALA D 2427 -63.56 63.11 -5.64
CA ALA D 2427 -64.68 62.73 -6.47
C ALA D 2427 -64.24 61.94 -7.69
N ALA D 2428 -63.15 62.38 -8.34
CA ALA D 2428 -62.63 61.66 -9.49
C ALA D 2428 -62.13 60.27 -9.11
N LEU D 2429 -61.43 60.17 -7.97
CA LEU D 2429 -60.93 58.88 -7.52
C LEU D 2429 -62.08 57.92 -7.21
N ILE D 2430 -63.12 58.42 -6.55
CA ILE D 2430 -64.26 57.57 -6.23
C ILE D 2430 -65.01 57.17 -7.49
N ASP D 2431 -65.12 58.08 -8.46
CA ASP D 2431 -65.75 57.72 -9.74
C ASP D 2431 -64.97 56.63 -10.45
N LEU D 2432 -63.63 56.74 -10.46
CA LEU D 2432 -62.81 55.71 -11.08
C LEU D 2432 -62.98 54.38 -10.37
N LEU D 2433 -62.97 54.39 -9.03
CA LEU D 2433 -63.11 53.15 -8.27
C LEU D 2433 -64.46 52.50 -8.53
N GLY D 2434 -65.52 53.32 -8.61
CA GLY D 2434 -66.84 52.77 -8.92
C GLY D 2434 -66.90 52.21 -10.33
N ARG D 2435 -66.25 52.87 -11.28
CA ARG D 2435 -66.26 52.37 -12.66
C ARG D 2435 -65.49 51.07 -12.81
N CYS D 2436 -64.61 50.75 -11.86
CA CYS D 2436 -63.84 49.50 -11.91
C CYS D 2436 -64.56 48.35 -11.21
N ALA D 2437 -65.74 48.59 -10.65
CA ALA D 2437 -66.46 47.53 -9.96
C ALA D 2437 -66.92 46.46 -10.95
N PRO D 2438 -66.92 45.19 -10.57
CA PRO D 2438 -67.37 44.14 -11.49
C PRO D 2438 -68.85 44.25 -11.80
N GLU D 2439 -69.22 43.75 -12.99
CA GLU D 2439 -70.60 43.79 -13.42
C GLU D 2439 -71.46 42.85 -12.59
N MET D 2440 -72.77 43.12 -12.59
CA MET D 2440 -73.70 42.34 -11.78
C MET D 2440 -73.76 40.88 -12.23
N HIS D 2441 -73.80 40.65 -13.54
CA HIS D 2441 -73.90 39.29 -14.04
C HIS D 2441 -72.62 38.49 -13.80
N LEU D 2442 -71.46 39.15 -13.74
CA LEU D 2442 -70.24 38.47 -13.34
C LEU D 2442 -70.35 37.98 -11.90
N ILE D 2443 -70.93 38.80 -11.02
CA ILE D 2443 -71.08 38.41 -9.62
C ILE D 2443 -72.09 37.28 -9.48
N GLN D 2444 -73.21 37.37 -10.20
CA GLN D 2444 -74.25 36.35 -10.11
C GLN D 2444 -73.86 35.04 -10.77
N ALA D 2445 -72.75 34.99 -11.50
CA ALA D 2445 -72.34 33.78 -12.18
C ALA D 2445 -70.96 33.32 -11.73
N GLY D 2446 -70.72 33.32 -10.42
CA GLY D 2446 -69.43 32.90 -9.89
C GLY D 2446 -68.36 33.97 -10.02
N LYS D 2447 -67.26 33.65 -10.71
CA LYS D 2447 -66.18 34.59 -10.97
C LYS D 2447 -65.59 35.13 -9.65
N GLY D 2448 -64.96 34.21 -8.91
CA GLY D 2448 -64.45 34.53 -7.59
C GLY D 2448 -63.56 35.77 -7.56
N GLU D 2449 -62.84 36.04 -8.64
CA GLU D 2449 -62.04 37.26 -8.70
C GLU D 2449 -62.92 38.50 -8.67
N ALA D 2450 -64.12 38.44 -9.25
CA ALA D 2450 -65.02 39.58 -9.22
C ALA D 2450 -65.43 39.92 -7.79
N LEU D 2451 -65.82 38.92 -7.01
CA LEU D 2451 -66.16 39.17 -5.61
C LEU D 2451 -64.94 39.54 -4.78
N ARG D 2452 -63.76 39.05 -5.15
CA ARG D 2452 -62.54 39.49 -4.46
C ARG D 2452 -62.30 40.98 -4.67
N ILE D 2453 -62.43 41.45 -5.92
CA ILE D 2453 -62.27 42.87 -6.21
C ILE D 2453 -63.37 43.68 -5.51
N ARG D 2454 -64.59 43.15 -5.49
CA ARG D 2454 -65.67 43.84 -4.81
C ARG D 2454 -65.40 43.96 -3.32
N ALA D 2455 -64.87 42.90 -2.70
CA ALA D 2455 -64.54 42.96 -1.29
C ALA D 2455 -63.41 43.96 -1.02
N ILE D 2456 -62.43 44.02 -1.91
CA ILE D 2456 -61.37 45.01 -1.77
C ILE D 2456 -61.94 46.42 -1.81
N LEU D 2457 -62.81 46.69 -2.78
CA LEU D 2457 -63.44 48.00 -2.88
C LEU D 2457 -64.34 48.27 -1.68
N ARG D 2458 -64.99 47.23 -1.16
CA ARG D 2458 -65.85 47.38 0.01
C ARG D 2458 -65.05 47.81 1.22
N SER D 2459 -63.89 47.19 1.43
CA SER D 2459 -63.02 47.56 2.54
C SER D 2459 -62.29 48.87 2.29
N LEU D 2460 -62.23 49.33 1.04
CA LEU D 2460 -61.59 50.61 0.75
C LEU D 2460 -62.32 51.76 1.46
N VAL D 2461 -63.65 51.76 1.42
CA VAL D 2461 -64.44 52.86 1.96
C VAL D 2461 -65.78 52.33 2.43
N PRO D 2462 -66.26 52.71 3.61
CA PRO D 2462 -67.51 52.14 4.12
C PRO D 2462 -68.74 52.89 3.61
N LEU D 2463 -69.91 52.34 3.94
CA LEU D 2463 -71.17 52.93 3.53
C LEU D 2463 -71.43 54.26 4.23
N ASP D 2464 -70.98 54.37 5.48
CA ASP D 2464 -71.23 55.60 6.25
C ASP D 2464 -70.60 56.81 5.57
N ASP D 2465 -69.39 56.65 5.02
CA ASP D 2465 -68.74 57.75 4.32
C ASP D 2465 -69.56 58.21 3.13
N LEU D 2466 -70.06 57.28 2.33
CA LEU D 2466 -70.87 57.64 1.17
C LEU D 2466 -72.16 58.32 1.60
N VAL D 2467 -72.86 57.76 2.59
CA VAL D 2467 -74.13 58.32 3.03
C VAL D 2467 -73.93 59.73 3.57
N GLY D 2468 -72.85 59.95 4.33
CA GLY D 2468 -72.55 61.30 4.78
C GLY D 2468 -72.20 62.23 3.62
N ILE D 2469 -71.51 61.70 2.61
CA ILE D 2469 -71.12 62.53 1.47
C ILE D 2469 -72.35 63.03 0.73
N ILE D 2470 -73.33 62.16 0.48
CA ILE D 2470 -74.54 62.63 -0.19
C ILE D 2470 -75.39 63.51 0.71
N SER D 2471 -75.17 63.47 2.03
CA SER D 2471 -75.98 64.25 2.95
C SER D 2471 -75.44 65.66 3.18
N LEU D 2472 -74.32 66.02 2.57
CA LEU D 2472 -73.76 67.35 2.76
C LEU D 2472 -74.71 68.41 2.17
N PRO D 2473 -74.94 69.51 2.87
CA PRO D 2473 -75.81 70.57 2.33
C PRO D 2473 -75.11 71.34 1.22
N LEU D 2474 -75.91 72.09 0.47
CA LEU D 2474 -75.44 72.89 -0.64
C LEU D 2474 -75.90 74.33 -0.48
N GLN D 2475 -75.16 75.24 -1.12
CA GLN D 2475 -75.46 76.66 -1.08
C GLN D 2475 -76.07 77.08 -2.41
N ILE D 2476 -77.20 77.78 -2.34
CA ILE D 2476 -77.89 78.22 -3.55
C ILE D 2476 -77.93 79.74 -3.59
N GLY D 2483 -81.33 93.36 -3.33
CA GLY D 2483 -80.68 92.96 -4.57
C GLY D 2483 -81.00 91.53 -4.97
N ALA D 2484 -80.26 91.02 -5.94
CA ALA D 2484 -80.46 89.66 -6.43
C ALA D 2484 -79.84 88.65 -5.47
N LEU D 2485 -80.19 87.39 -5.66
CA LEU D 2485 -79.65 86.32 -4.83
C LEU D 2485 -78.16 86.13 -5.10
N VAL D 2486 -77.41 85.90 -4.04
CA VAL D 2486 -75.95 85.72 -4.12
C VAL D 2486 -75.69 84.24 -4.36
N GLN D 2487 -75.40 83.88 -5.61
CA GLN D 2487 -75.10 82.50 -5.95
C GLN D 2487 -73.60 82.28 -5.87
N PRO D 2488 -73.13 81.29 -5.09
CA PRO D 2488 -71.68 81.07 -4.99
C PRO D 2488 -71.09 80.62 -6.32
N LYS D 2489 -69.81 80.97 -6.51
CA LYS D 2489 -69.12 80.61 -7.74
C LYS D 2489 -68.98 79.10 -7.86
N MET D 2490 -69.19 78.59 -9.08
CA MET D 2490 -69.13 77.15 -9.30
C MET D 2490 -67.71 76.61 -9.16
N SER D 2491 -66.70 77.42 -9.47
CA SER D 2491 -65.31 76.98 -9.43
C SER D 2491 -64.66 77.23 -8.07
N ALA D 2492 -65.41 77.75 -7.10
CA ALA D 2492 -64.84 78.04 -5.78
C ALA D 2492 -65.78 77.63 -4.65
N SER D 2493 -66.59 76.60 -4.88
CA SER D 2493 -67.54 76.14 -3.87
C SER D 2493 -67.91 74.69 -4.18
N PHE D 2494 -68.72 74.11 -3.31
CA PHE D 2494 -69.17 72.73 -3.49
C PHE D 2494 -70.08 72.61 -4.71
N VAL D 2495 -69.96 71.50 -5.42
CA VAL D 2495 -70.71 71.27 -6.65
C VAL D 2495 -71.33 69.87 -6.59
N PRO D 2496 -72.60 69.71 -6.98
CA PRO D 2496 -73.22 68.37 -6.94
C PRO D 2496 -72.56 67.36 -7.86
N ASP D 2497 -71.73 67.80 -8.82
CA ASP D 2497 -70.98 66.85 -9.63
C ASP D 2497 -70.11 65.94 -8.77
N HIS D 2498 -69.63 66.44 -7.64
CA HIS D 2498 -68.92 65.59 -6.70
C HIS D 2498 -69.84 64.52 -6.12
N LYS D 2499 -71.08 64.90 -5.79
CA LYS D 2499 -72.05 63.92 -5.30
C LYS D 2499 -72.46 62.92 -6.37
N ALA D 2500 -72.32 63.28 -7.65
CA ALA D 2500 -72.63 62.34 -8.71
C ALA D 2500 -71.73 61.12 -8.65
N SER D 2501 -70.44 61.33 -8.37
CA SER D 2501 -69.53 60.19 -8.21
C SER D 2501 -69.92 59.34 -7.01
N MET D 2502 -70.35 59.98 -5.92
CA MET D 2502 -70.79 59.24 -4.75
C MET D 2502 -71.99 58.35 -5.08
N VAL D 2503 -72.97 58.92 -5.81
CA VAL D 2503 -74.15 58.16 -6.19
C VAL D 2503 -73.78 57.01 -7.12
N LEU D 2504 -72.87 57.26 -8.07
CA LEU D 2504 -72.46 56.22 -9.00
C LEU D 2504 -71.76 55.07 -8.26
N PHE D 2505 -70.87 55.41 -7.32
CA PHE D 2505 -70.20 54.37 -6.55
C PHE D 2505 -71.20 53.58 -5.70
N LEU D 2506 -72.15 54.29 -5.07
CA LEU D 2506 -73.22 53.62 -4.33
C LEU D 2506 -73.95 52.60 -5.21
N ASP D 2507 -74.39 53.04 -6.38
CA ASP D 2507 -75.15 52.17 -7.28
C ASP D 2507 -74.30 50.97 -7.70
N ARG D 2508 -73.05 51.22 -8.12
CA ARG D 2508 -72.25 50.16 -8.72
C ARG D 2508 -71.61 49.20 -7.72
N VAL D 2509 -71.52 49.56 -6.44
CA VAL D 2509 -70.88 48.64 -5.51
C VAL D 2509 -71.83 48.19 -4.40
N TYR D 2510 -72.60 49.11 -3.83
CA TYR D 2510 -73.44 48.78 -2.68
C TYR D 2510 -74.87 48.46 -3.08
N GLY D 2511 -75.55 49.42 -3.71
CA GLY D 2511 -76.95 49.26 -4.03
C GLY D 2511 -77.83 49.45 -2.80
N ILE D 2512 -79.14 49.52 -3.01
CA ILE D 2512 -80.10 49.69 -1.93
C ILE D 2512 -81.24 48.69 -2.14
N GLU D 2513 -81.61 47.97 -1.09
CA GLU D 2513 -82.73 47.06 -1.16
C GLU D 2513 -83.88 47.48 -0.24
N ASN D 2514 -83.64 47.56 1.07
CA ASN D 2514 -84.67 48.03 1.99
C ASN D 2514 -84.16 48.97 3.08
N GLN D 2515 -82.88 48.95 3.43
CA GLN D 2515 -82.41 49.70 4.59
C GLN D 2515 -82.18 51.17 4.27
N ASP D 2516 -81.26 51.47 3.35
CA ASP D 2516 -80.95 52.85 3.02
C ASP D 2516 -82.09 53.54 2.27
N PHE D 2517 -83.09 52.80 1.81
CA PHE D 2517 -84.17 53.35 1.02
C PHE D 2517 -85.03 54.34 1.80
N LEU D 2518 -84.91 54.38 3.13
CA LEU D 2518 -85.67 55.35 3.92
C LEU D 2518 -84.87 56.62 4.16
N LEU D 2519 -83.70 56.50 4.80
CA LEU D 2519 -82.92 57.68 5.15
C LEU D 2519 -82.33 58.35 3.92
N HIS D 2520 -81.90 57.57 2.92
CA HIS D 2520 -81.37 58.17 1.70
C HIS D 2520 -82.43 58.98 0.97
N VAL D 2521 -83.65 58.43 0.87
CA VAL D 2521 -84.74 59.14 0.21
C VAL D 2521 -85.13 60.38 1.02
N LEU D 2522 -85.13 60.26 2.34
CA LEU D 2522 -85.44 61.42 3.18
C LEU D 2522 -84.41 62.53 2.98
N ASP D 2523 -83.12 62.16 2.89
CA ASP D 2523 -82.08 63.15 2.70
C ASP D 2523 -82.18 63.80 1.32
N VAL D 2524 -82.40 63.00 0.27
CA VAL D 2524 -82.49 63.57 -1.07
C VAL D 2524 -83.83 64.24 -1.35
N GLY D 2525 -84.79 64.12 -0.43
CA GLY D 2525 -86.10 64.71 -0.68
C GLY D 2525 -86.10 66.22 -0.70
N PHE D 2526 -85.36 66.83 0.22
CA PHE D 2526 -85.42 68.28 0.41
C PHE D 2526 -84.42 69.05 -0.43
N LEU D 2527 -83.62 68.39 -1.26
CA LEU D 2527 -82.72 69.12 -2.16
C LEU D 2527 -83.47 70.04 -3.12
N PRO D 2528 -84.54 69.60 -3.82
CA PRO D 2528 -85.31 70.53 -4.64
C PRO D 2528 -86.29 71.33 -3.77
N ASP D 2529 -86.00 72.61 -3.58
CA ASP D 2529 -86.86 73.50 -2.81
C ASP D 2529 -87.80 74.22 -3.76
N MET D 2530 -89.08 73.83 -3.73
CA MET D 2530 -90.09 74.34 -4.66
C MET D 2530 -89.62 74.15 -6.11
N ARG D 2531 -89.38 72.89 -6.45
CA ARG D 2531 -88.79 72.50 -7.73
C ARG D 2531 -87.46 73.23 -7.96
N ALA D 2532 -86.65 73.29 -6.90
CA ALA D 2532 -85.37 74.00 -6.92
C ALA D 2532 -85.56 75.46 -7.35
N ALA D 2533 -86.60 76.09 -6.82
CA ALA D 2533 -86.97 77.47 -7.15
C ALA D 2533 -87.21 77.61 -8.65
N ALA D 2534 -88.24 76.90 -9.12
CA ALA D 2534 -88.55 76.88 -10.55
C ALA D 2534 -88.91 78.25 -11.10
N SER D 2535 -89.34 79.18 -10.24
CA SER D 2535 -89.61 80.54 -10.70
C SER D 2535 -88.33 81.21 -11.17
N LEU D 2536 -88.46 82.10 -12.14
CA LEU D 2536 -87.30 82.73 -12.76
C LEU D 2536 -86.64 83.70 -11.80
N ASP D 2537 -85.64 83.21 -11.05
CA ASP D 2537 -84.92 84.02 -10.08
C ASP D 2537 -83.46 84.18 -10.40
N THR D 2538 -82.73 83.08 -10.61
CA THR D 2538 -81.30 83.12 -10.88
C THR D 2538 -80.93 82.58 -12.24
N ALA D 2539 -81.38 81.36 -12.58
CA ALA D 2539 -81.05 80.71 -13.84
C ALA D 2539 -79.54 80.55 -14.03
N THR D 2540 -78.83 80.34 -12.93
CA THR D 2540 -77.38 80.14 -12.97
C THR D 2540 -76.93 78.80 -12.41
N PHE D 2541 -77.69 78.20 -11.50
CA PHE D 2541 -77.34 76.93 -10.88
C PHE D 2541 -78.32 75.88 -11.38
N SER D 2542 -77.99 75.29 -12.52
CA SER D 2542 -78.78 74.21 -13.11
C SER D 2542 -78.16 72.84 -12.91
N THR D 2543 -77.09 72.76 -12.11
CA THR D 2543 -76.42 71.48 -11.89
C THR D 2543 -77.30 70.51 -11.11
N THR D 2544 -78.25 71.02 -10.32
CA THR D 2544 -79.19 70.15 -9.63
C THR D 2544 -80.04 69.37 -10.63
N GLU D 2545 -80.49 70.04 -11.69
CA GLU D 2545 -81.23 69.34 -12.73
C GLU D 2545 -80.36 68.30 -13.43
N MET D 2546 -79.06 68.59 -13.57
CA MET D 2546 -78.15 67.61 -14.16
C MET D 2546 -78.02 66.38 -13.27
N ALA D 2547 -77.86 66.59 -11.96
CA ALA D 2547 -77.78 65.47 -11.01
C ALA D 2547 -79.10 64.76 -10.84
N LEU D 2548 -80.21 65.40 -11.23
CA LEU D 2548 -81.50 64.70 -11.22
C LEU D 2548 -81.47 63.50 -12.15
N ALA D 2549 -80.93 63.68 -13.37
CA ALA D 2549 -80.85 62.58 -14.32
C ALA D 2549 -79.91 61.47 -13.86
N LEU D 2550 -79.08 61.72 -12.84
CA LEU D 2550 -78.17 60.72 -12.32
C LEU D 2550 -78.69 60.03 -11.06
N ASN D 2551 -79.48 60.72 -10.24
CA ASN D 2551 -79.99 60.11 -9.02
C ASN D 2551 -81.40 59.54 -9.17
N ARG D 2552 -82.25 60.14 -9.99
CA ARG D 2552 -83.58 59.57 -10.21
C ARG D 2552 -83.48 58.22 -10.93
N TYR D 2553 -82.43 58.01 -11.73
CA TYR D 2553 -82.23 56.71 -12.35
C TYR D 2553 -82.00 55.63 -11.31
N LEU D 2554 -81.18 55.92 -10.30
CA LEU D 2554 -81.01 54.97 -9.19
C LEU D 2554 -82.32 54.82 -8.42
N CYS D 2555 -83.04 55.92 -8.21
CA CYS D 2555 -84.33 55.84 -7.51
C CYS D 2555 -85.30 54.93 -8.25
N LEU D 2556 -85.22 54.86 -9.58
CA LEU D 2556 -86.11 54.01 -10.35
C LEU D 2556 -85.71 52.54 -10.28
N ALA D 2557 -84.43 52.25 -10.08
CA ALA D 2557 -83.96 50.88 -10.07
C ALA D 2557 -84.52 50.06 -8.91
N VAL D 2558 -85.10 50.70 -7.91
CA VAL D 2558 -85.67 50.03 -6.75
C VAL D 2558 -87.10 50.51 -6.54
N LEU D 2559 -87.92 49.63 -5.96
CA LEU D 2559 -89.30 49.96 -5.58
C LEU D 2559 -89.56 49.44 -4.17
N PRO D 2560 -88.92 50.02 -3.16
CA PRO D 2560 -89.08 49.51 -1.79
C PRO D 2560 -90.12 50.25 -0.97
N LEU D 2561 -90.62 51.38 -1.48
CA LEU D 2561 -91.60 52.18 -0.75
C LEU D 2561 -93.01 51.72 -1.12
N ILE D 2562 -93.36 50.53 -0.62
CA ILE D 2562 -94.61 49.88 -0.96
C ILE D 2562 -95.49 49.63 0.26
N THR D 2563 -94.91 49.21 1.38
CA THR D 2563 -95.72 48.66 2.46
C THR D 2563 -96.44 49.74 3.25
N LYS D 2564 -95.69 50.60 3.94
CA LYS D 2564 -96.26 51.60 4.84
C LYS D 2564 -95.15 52.54 5.28
N CYS D 2565 -95.47 53.44 6.21
CA CYS D 2565 -94.52 54.40 6.77
C CYS D 2565 -93.89 55.26 5.66
N ALA D 2566 -94.75 56.01 4.98
CA ALA D 2566 -94.35 56.84 3.84
C ALA D 2566 -94.83 58.27 4.09
N PRO D 2567 -94.10 59.04 4.90
CA PRO D 2567 -94.41 60.46 5.07
C PRO D 2567 -93.81 61.38 4.02
N LEU D 2568 -93.29 60.82 2.92
CA LEU D 2568 -92.66 61.59 1.86
C LEU D 2568 -93.62 61.93 0.73
N PHE D 2569 -94.92 62.03 1.02
CA PHE D 2569 -95.85 62.53 0.01
C PHE D 2569 -95.48 63.94 -0.44
N ALA D 2570 -94.86 64.71 0.47
CA ALA D 2570 -94.32 66.01 0.07
C ALA D 2570 -93.22 65.84 -0.97
N GLY D 2571 -92.41 64.78 -0.85
CA GLY D 2571 -91.40 64.52 -1.87
C GLY D 2571 -92.00 64.18 -3.21
N THR D 2572 -93.06 63.38 -3.22
CA THR D 2572 -93.74 63.06 -4.48
C THR D 2572 -94.37 64.31 -5.08
N GLU D 2573 -94.96 65.18 -4.24
CA GLU D 2573 -95.50 66.44 -4.74
C GLU D 2573 -94.40 67.33 -5.30
N HIS D 2574 -93.23 67.34 -4.66
CA HIS D 2574 -92.11 68.11 -5.16
C HIS D 2574 -91.64 67.59 -6.52
N ARG D 2575 -91.58 66.27 -6.68
CA ARG D 2575 -91.21 65.69 -7.97
C ARG D 2575 -92.24 66.04 -9.04
N ALA D 2576 -93.53 65.98 -8.68
CA ALA D 2576 -94.58 66.31 -9.63
C ALA D 2576 -94.51 67.77 -10.05
N ILE D 2577 -94.22 68.67 -9.10
CA ILE D 2577 -94.10 70.09 -9.43
C ILE D 2577 -92.80 70.36 -10.19
N MET D 2578 -91.78 69.51 -10.01
CA MET D 2578 -90.54 69.68 -10.75
C MET D 2578 -90.72 69.30 -12.21
N VAL D 2579 -91.39 68.16 -12.47
CA VAL D 2579 -91.66 67.77 -13.85
C VAL D 2579 -92.69 68.72 -14.48
N ASP D 2580 -93.67 69.17 -13.69
CA ASP D 2580 -94.70 70.06 -14.23
C ASP D 2580 -94.21 71.48 -14.43
N SER D 2581 -93.17 71.90 -13.71
CA SER D 2581 -92.62 73.25 -13.82
C SER D 2581 -91.16 73.14 -14.23
N MET D 2582 -90.88 73.36 -15.51
CA MET D 2582 -89.54 73.34 -16.06
C MET D 2582 -89.16 74.71 -16.61
N LEU D 2583 -89.53 75.77 -15.89
CA LEU D 2583 -89.24 77.12 -16.34
C LEU D 2583 -87.74 77.39 -16.40
N HIS D 2584 -86.99 76.87 -15.43
CA HIS D 2584 -85.56 77.11 -15.34
C HIS D 2584 -84.83 76.05 -16.17
N THR D 2585 -84.20 76.48 -17.26
CA THR D 2585 -83.39 75.62 -18.12
C THR D 2585 -84.17 74.39 -18.57
N VAL D 2586 -85.23 74.64 -19.35
CA VAL D 2586 -86.06 73.56 -19.85
C VAL D 2586 -85.24 72.65 -20.76
N TYR D 2587 -85.43 71.34 -20.60
CA TYR D 2587 -84.73 70.35 -21.42
C TYR D 2587 -85.62 69.12 -21.53
N ARG D 2588 -86.15 68.87 -22.73
CA ARG D 2588 -87.07 67.76 -22.93
C ARG D 2588 -86.37 66.42 -22.70
N LEU D 2589 -85.12 66.30 -23.14
CA LEU D 2589 -84.39 65.05 -22.96
C LEU D 2589 -84.24 64.71 -21.48
N SER D 2590 -83.91 65.70 -20.65
CA SER D 2590 -83.84 65.48 -19.22
C SER D 2590 -85.24 65.37 -18.61
N ARG D 2591 -86.23 66.02 -19.22
CA ARG D 2591 -87.60 65.93 -18.72
C ARG D 2591 -88.17 64.53 -18.88
N GLY D 2592 -87.70 63.78 -19.90
CA GLY D 2592 -88.15 62.41 -20.06
C GLY D 2592 -87.74 61.53 -18.89
N ARG D 2593 -86.58 61.79 -18.31
CA ARG D 2593 -86.15 61.03 -17.13
C ARG D 2593 -87.10 61.25 -15.97
N SER D 2594 -87.50 62.50 -15.72
CA SER D 2594 -88.45 62.77 -14.65
C SER D 2594 -89.84 62.22 -14.98
N LEU D 2595 -90.21 62.21 -16.26
CA LEU D 2595 -91.46 61.59 -16.68
C LEU D 2595 -91.48 60.12 -16.31
N THR D 2596 -90.43 59.39 -16.70
CA THR D 2596 -90.33 57.98 -16.35
C THR D 2596 -90.26 57.79 -14.84
N LYS D 2597 -89.59 58.70 -14.14
CA LYS D 2597 -89.52 58.62 -12.68
C LYS D 2597 -90.91 58.70 -12.05
N ALA D 2598 -91.70 59.69 -12.45
CA ALA D 2598 -93.05 59.82 -11.91
C ALA D 2598 -93.92 58.62 -12.27
N GLN D 2599 -93.82 58.16 -13.52
CA GLN D 2599 -94.63 57.01 -13.94
C GLN D 2599 -94.28 55.76 -13.15
N ARG D 2600 -92.98 55.49 -12.96
CA ARG D 2600 -92.58 54.31 -12.22
C ARG D 2600 -92.94 54.43 -10.74
N ASP D 2601 -92.84 55.64 -10.18
CA ASP D 2601 -93.20 55.83 -8.78
C ASP D 2601 -94.69 55.60 -8.56
N VAL D 2602 -95.53 56.10 -9.48
CA VAL D 2602 -96.97 55.93 -9.30
C VAL D 2602 -97.46 54.54 -9.71
N ILE D 2603 -96.69 53.81 -10.51
CA ILE D 2603 -97.13 52.47 -10.94
C ILE D 2603 -96.83 51.39 -9.91
N GLU D 2604 -96.00 51.68 -8.91
CA GLU D 2604 -95.59 50.66 -7.94
C GLU D 2604 -96.32 50.79 -6.60
N ASP D 2605 -96.56 52.01 -6.13
CA ASP D 2605 -97.20 52.24 -4.84
C ASP D 2605 -98.34 53.23 -5.00
N CYS D 2606 -99.44 52.98 -4.29
CA CYS D 2606 -100.62 53.83 -4.32
C CYS D 2606 -101.46 53.50 -3.09
N LEU D 2607 -102.70 53.98 -3.09
CA LEU D 2607 -103.71 53.69 -2.07
C LEU D 2607 -103.15 53.75 -0.64
N MET D 2608 -102.28 54.74 -0.41
CA MET D 2608 -101.78 55.00 0.93
C MET D 2608 -102.35 56.26 1.56
N ALA D 2609 -102.95 57.13 0.75
CA ALA D 2609 -103.59 58.36 1.23
C ALA D 2609 -104.62 58.77 0.19
N LEU D 2610 -105.10 60.00 0.30
CA LEU D 2610 -106.04 60.52 -0.69
C LEU D 2610 -105.61 61.86 -1.28
N CYS D 2611 -105.02 62.74 -0.48
CA CYS D 2611 -104.62 64.05 -0.96
C CYS D 2611 -103.42 64.01 -1.89
N ARG D 2612 -102.52 63.04 -1.71
CA ARG D 2612 -101.27 63.00 -2.46
C ARG D 2612 -101.48 62.77 -3.94
N TYR D 2613 -102.66 62.38 -4.37
CA TYR D 2613 -102.97 62.20 -5.79
C TYR D 2613 -103.88 63.29 -6.33
N ILE D 2614 -104.90 63.71 -5.58
CA ILE D 2614 -105.80 64.74 -6.06
C ILE D 2614 -105.10 66.10 -6.10
N ARG D 2615 -104.26 66.39 -5.10
CA ARG D 2615 -103.58 67.67 -5.06
C ARG D 2615 -102.70 67.92 -6.29
N PRO D 2616 -101.84 67.00 -6.72
CA PRO D 2616 -101.15 67.21 -8.00
C PRO D 2616 -102.11 67.20 -9.18
N SER D 2617 -103.20 66.43 -9.10
CA SER D 2617 -104.17 66.36 -10.18
C SER D 2617 -105.22 67.48 -10.12
N MET D 2618 -105.13 68.36 -9.12
CA MET D 2618 -106.04 69.49 -9.08
C MET D 2618 -105.83 70.41 -10.28
N LEU D 2619 -104.58 70.58 -10.70
CA LEU D 2619 -104.30 71.38 -11.89
C LEU D 2619 -104.91 70.75 -13.13
N GLN D 2620 -104.80 69.43 -13.25
CA GLN D 2620 -105.42 68.75 -14.39
C GLN D 2620 -106.94 68.86 -14.35
N HIS D 2621 -107.53 68.76 -13.15
CA HIS D 2621 -108.98 68.90 -13.03
C HIS D 2621 -109.43 70.30 -13.41
N LEU D 2622 -108.68 71.32 -13.00
CA LEU D 2622 -109.05 72.70 -13.32
C LEU D 2622 -108.60 73.07 -14.73
N LEU D 2623 -107.30 72.98 -15.00
CA LEU D 2623 -106.75 73.28 -16.32
C LEU D 2623 -106.53 71.96 -17.05
N ARG D 2624 -107.60 71.46 -17.66
CA ARG D 2624 -107.54 70.19 -18.38
C ARG D 2624 -107.01 70.33 -19.79
N ARG D 2625 -106.82 71.55 -20.28
CA ARG D 2625 -106.32 71.79 -21.63
C ARG D 2625 -104.82 72.08 -21.64
N LEU D 2626 -104.15 71.98 -20.50
CA LEU D 2626 -102.72 72.26 -20.44
C LEU D 2626 -101.94 71.19 -21.20
N VAL D 2627 -100.92 71.63 -21.94
CA VAL D 2627 -100.12 70.71 -22.74
C VAL D 2627 -99.19 69.88 -21.87
N PHE D 2628 -98.94 70.30 -20.63
CA PHE D 2628 -98.03 69.60 -19.73
C PHE D 2628 -98.77 68.62 -18.82
N ASP D 2629 -100.06 68.40 -19.03
CA ASP D 2629 -100.87 67.55 -18.17
C ASP D 2629 -100.93 66.09 -18.63
N VAL D 2630 -100.21 65.75 -19.69
CA VAL D 2630 -100.22 64.35 -20.17
C VAL D 2630 -99.68 63.41 -19.10
N PRO D 2631 -98.55 63.70 -18.43
CA PRO D 2631 -98.19 62.95 -17.22
C PRO D 2631 -99.35 62.67 -16.28
N ILE D 2632 -100.11 63.73 -15.97
CA ILE D 2632 -101.15 63.64 -14.95
C ILE D 2632 -102.26 62.69 -15.41
N LEU D 2633 -102.74 62.85 -16.65
CA LEU D 2633 -103.81 61.99 -17.13
C LEU D 2633 -103.33 60.55 -17.30
N ASN D 2634 -102.07 60.38 -17.73
CA ASN D 2634 -101.53 59.02 -17.84
C ASN D 2634 -101.50 58.33 -16.49
N GLU D 2635 -101.05 59.03 -15.44
CA GLU D 2635 -101.01 58.43 -14.12
C GLU D 2635 -102.43 58.19 -13.58
N PHE D 2636 -103.33 59.14 -13.77
CA PHE D 2636 -104.70 59.02 -13.28
C PHE D 2636 -105.52 58.00 -14.06
N ALA D 2637 -105.04 57.56 -15.22
CA ALA D 2637 -105.65 56.46 -15.93
C ALA D 2637 -104.99 55.12 -15.64
N LYS D 2638 -103.69 55.13 -15.33
CA LYS D 2638 -102.99 53.89 -15.00
C LYS D 2638 -103.32 53.40 -13.58
N MET D 2639 -103.49 54.31 -12.64
CA MET D 2639 -103.76 53.90 -11.26
C MET D 2639 -105.06 53.12 -11.11
N PRO D 2640 -106.22 53.60 -11.59
CA PRO D 2640 -107.44 52.79 -11.45
C PRO D 2640 -107.39 51.49 -12.23
N LEU D 2641 -106.67 51.45 -13.36
CA LEU D 2641 -106.54 50.22 -14.11
C LEU D 2641 -105.80 49.16 -13.30
N LYS D 2642 -104.75 49.57 -12.58
CA LYS D 2642 -103.97 48.66 -11.76
C LYS D 2642 -104.57 48.41 -10.39
N LEU D 2643 -105.55 49.20 -9.97
CA LEU D 2643 -106.18 49.01 -8.67
C LEU D 2643 -107.60 48.49 -8.75
N LEU D 2644 -108.49 49.16 -9.49
CA LEU D 2644 -109.88 48.75 -9.64
C LEU D 2644 -110.58 48.61 -8.28
N THR D 2645 -110.20 49.47 -7.34
CA THR D 2645 -110.84 49.60 -6.03
C THR D 2645 -110.58 48.36 -5.17
N ASN D 2646 -109.92 47.36 -5.74
CA ASN D 2646 -109.58 46.15 -4.99
C ASN D 2646 -108.53 46.48 -3.93
N HIS D 2647 -108.78 46.04 -2.70
CA HIS D 2647 -107.92 46.34 -1.55
C HIS D 2647 -107.77 47.84 -1.37
N TYR D 2648 -108.83 48.59 -1.68
CA TYR D 2648 -108.82 50.05 -1.60
C TYR D 2648 -110.20 50.52 -1.20
N GLU D 2649 -110.23 51.51 -0.30
CA GLU D 2649 -111.47 52.04 0.24
C GLU D 2649 -111.71 53.45 -0.31
N ARG D 2650 -112.93 53.71 -0.77
CA ARG D 2650 -113.26 55.01 -1.33
C ARG D 2650 -113.34 56.08 -0.25
N CYS D 2651 -113.28 57.33 -0.69
CA CYS D 2651 -113.33 58.48 0.21
C CYS D 2651 -113.89 59.67 -0.56
N TRP D 2652 -113.75 60.87 0.02
CA TRP D 2652 -114.18 62.08 -0.67
C TRP D 2652 -113.41 62.28 -1.97
N LYS D 2653 -112.16 61.79 -2.04
CA LYS D 2653 -111.43 61.81 -3.29
C LYS D 2653 -112.16 61.00 -4.35
N TYR D 2654 -112.66 59.83 -3.98
CA TYR D 2654 -113.47 59.04 -4.90
C TYR D 2654 -114.75 59.77 -5.28
N TYR D 2655 -115.27 60.60 -4.37
CA TYR D 2655 -116.45 61.40 -4.69
C TYR D 2655 -116.13 62.56 -5.62
N CYS D 2656 -114.87 63.00 -5.69
CA CYS D 2656 -114.49 64.07 -6.59
C CYS D 2656 -114.13 63.60 -7.99
N LEU D 2657 -113.98 62.29 -8.19
CA LEU D 2657 -113.71 61.77 -9.54
C LEU D 2657 -114.80 62.11 -10.55
N PRO D 2658 -116.09 61.97 -10.25
CA PRO D 2658 -117.10 62.33 -11.27
C PRO D 2658 -117.00 63.78 -11.73
N THR D 2659 -116.73 64.72 -10.82
CA THR D 2659 -116.61 66.12 -11.23
C THR D 2659 -115.38 66.33 -12.11
N GLY D 2660 -114.25 65.71 -11.74
CA GLY D 2660 -113.05 65.83 -12.55
C GLY D 2660 -113.24 65.24 -13.93
N TRP D 2661 -113.85 64.05 -14.01
CA TRP D 2661 -114.12 63.45 -15.31
C TRP D 2661 -115.07 64.31 -16.13
N ALA D 2662 -116.10 64.87 -15.48
CA ALA D 2662 -117.06 65.70 -16.19
C ALA D 2662 -116.40 66.95 -16.79
N ASN D 2663 -115.59 67.65 -15.99
CA ASN D 2663 -114.96 68.87 -16.51
C ASN D 2663 -113.89 68.54 -17.55
N PHE D 2664 -113.14 67.45 -17.35
CA PHE D 2664 -112.16 67.05 -18.34
C PHE D 2664 -112.81 66.68 -19.67
N GLY D 2665 -113.93 65.96 -19.63
CA GLY D 2665 -114.65 65.66 -20.86
C GLY D 2665 -115.25 66.90 -21.49
N VAL D 2666 -115.77 67.82 -20.68
CA VAL D 2666 -116.39 69.03 -21.20
C VAL D 2666 -115.36 69.89 -21.91
N THR D 2667 -114.16 69.99 -21.35
CA THR D 2667 -113.11 70.79 -21.99
C THR D 2667 -112.66 70.20 -23.32
N SER D 2668 -113.00 68.94 -23.60
CA SER D 2668 -112.51 68.29 -24.82
C SER D 2668 -113.19 68.83 -26.06
N GLU D 2669 -114.53 68.97 -26.04
CA GLU D 2669 -115.26 69.31 -27.24
C GLU D 2669 -115.77 70.74 -27.27
N GLU D 2670 -115.76 71.45 -26.14
CA GLU D 2670 -116.34 72.79 -26.09
C GLU D 2670 -115.49 73.78 -26.87
N GLU D 2671 -114.23 73.96 -26.48
CA GLU D 2671 -113.33 74.88 -27.12
C GLU D 2671 -112.03 74.18 -27.48
N LEU D 2672 -111.42 74.58 -28.58
CA LEU D 2672 -110.15 74.02 -29.06
C LEU D 2672 -110.28 72.51 -29.28
N HIS D 2673 -111.11 72.17 -30.28
CA HIS D 2673 -111.35 70.79 -30.65
C HIS D 2673 -110.04 70.03 -30.81
N LEU D 2674 -109.86 69.01 -29.97
CA LEU D 2674 -108.58 68.33 -29.86
C LEU D 2674 -108.22 67.59 -31.14
N THR D 2675 -106.92 67.57 -31.44
CA THR D 2675 -106.41 66.79 -32.55
C THR D 2675 -106.43 65.30 -32.19
N ARG D 2676 -106.28 64.46 -33.22
CA ARG D 2676 -106.36 63.02 -33.02
C ARG D 2676 -105.26 62.49 -32.10
N LYS D 2677 -104.06 63.07 -32.17
CA LYS D 2677 -102.92 62.53 -31.43
C LYS D 2677 -103.16 62.53 -29.93
N LEU D 2678 -103.55 63.68 -29.37
CA LEU D 2678 -103.75 63.74 -27.93
C LEU D 2678 -105.13 63.22 -27.53
N PHE D 2679 -106.11 63.30 -28.43
CA PHE D 2679 -107.42 62.74 -28.14
C PHE D 2679 -107.35 61.23 -27.99
N TRP D 2680 -106.48 60.58 -28.76
CA TRP D 2680 -106.30 59.14 -28.62
C TRP D 2680 -105.75 58.78 -27.25
N GLY D 2681 -104.80 59.56 -26.75
CA GLY D 2681 -104.25 59.34 -25.43
C GLY D 2681 -105.04 59.91 -24.28
N ILE D 2682 -106.12 60.64 -24.56
CA ILE D 2682 -106.96 61.22 -23.54
C ILE D 2682 -108.18 60.34 -23.24
N PHE D 2683 -108.14 59.06 -23.63
CA PHE D 2683 -109.25 58.14 -23.41
C PHE D 2683 -109.12 57.53 -22.02
N ASP D 2684 -109.71 58.21 -21.04
CA ASP D 2684 -109.69 57.73 -19.67
C ASP D 2684 -110.64 56.55 -19.49
N SER D 2685 -110.30 55.68 -18.53
CA SER D 2685 -111.12 54.50 -18.29
C SER D 2685 -112.50 54.89 -17.77
N LEU D 2686 -112.56 55.84 -16.83
CA LEU D 2686 -113.81 56.29 -16.22
C LEU D 2686 -114.60 55.12 -15.64
N ALA D 2687 -113.89 54.21 -14.97
CA ALA D 2687 -114.49 53.03 -14.37
C ALA D 2687 -114.88 53.33 -12.92
N HIS D 2688 -115.22 52.28 -12.17
CA HIS D 2688 -115.59 52.37 -10.76
C HIS D 2688 -116.80 53.31 -10.57
N LYS D 2689 -117.93 52.91 -11.15
CA LYS D 2689 -119.17 53.64 -11.01
C LYS D 2689 -119.88 53.21 -9.73
N LYS D 2690 -121.12 53.65 -9.56
CA LYS D 2690 -121.90 53.31 -8.38
C LYS D 2690 -123.40 53.29 -8.70
N ASN D 2734 -100.74 76.38 -5.37
CA ASN D 2734 -101.36 77.67 -5.69
C ASN D 2734 -102.41 78.05 -4.64
N PHE D 2735 -103.67 77.78 -4.97
CA PHE D 2735 -104.81 78.05 -4.08
C PHE D 2735 -104.86 79.54 -3.70
N ASP D 2736 -105.08 80.35 -4.72
CA ASP D 2736 -105.22 81.79 -4.49
C ASP D 2736 -106.41 82.06 -3.58
N PRO D 2737 -106.23 82.81 -2.49
CA PRO D 2737 -107.33 82.99 -1.55
C PRO D 2737 -108.44 83.86 -2.12
N ARG D 2738 -109.68 83.48 -1.81
CA ARG D 2738 -110.87 84.25 -2.19
C ARG D 2738 -111.74 84.39 -0.94
N PRO D 2739 -111.35 85.27 -0.01
CA PRO D 2739 -112.08 85.37 1.26
C PRO D 2739 -113.50 85.89 1.06
N VAL D 2740 -114.39 85.42 1.94
CA VAL D 2740 -115.78 85.87 1.96
C VAL D 2740 -115.90 87.08 2.87
N GLU D 2741 -116.78 88.00 2.50
CA GLU D 2741 -116.96 89.22 3.27
C GLU D 2741 -117.53 88.90 4.66
N THR D 2742 -116.80 89.29 5.70
CA THR D 2742 -117.22 89.02 7.07
C THR D 2742 -117.08 90.22 8.00
N LEU D 2743 -116.42 91.30 7.58
CA LEU D 2743 -116.21 92.46 8.42
C LEU D 2743 -117.28 93.54 8.23
N ASN D 2744 -118.27 93.30 7.36
CA ASN D 2744 -119.31 94.28 7.09
C ASN D 2744 -120.59 94.04 7.87
N VAL D 2745 -120.97 92.78 8.08
CA VAL D 2745 -122.20 92.46 8.78
C VAL D 2745 -122.01 92.71 10.28
N ILE D 2746 -123.00 93.35 10.90
CA ILE D 2746 -122.98 93.62 12.33
C ILE D 2746 -123.72 92.48 13.05
N ILE D 2747 -123.07 91.92 14.06
CA ILE D 2747 -123.66 90.79 14.78
C ILE D 2747 -124.89 91.28 15.57
N PRO D 2748 -125.93 90.46 15.70
CA PRO D 2748 -127.08 90.85 16.53
C PRO D 2748 -126.78 90.67 18.01
N GLU D 2749 -127.72 91.16 18.84
CA GLU D 2749 -127.56 91.04 20.28
C GLU D 2749 -127.78 89.62 20.77
N LYS D 2750 -128.48 88.79 19.98
CA LYS D 2750 -128.76 87.42 20.38
C LYS D 2750 -127.54 86.51 20.31
N LEU D 2751 -126.45 86.97 19.71
CA LEU D 2751 -125.27 86.14 19.50
C LEU D 2751 -124.09 86.54 20.38
N ASP D 2752 -124.16 87.68 21.07
CA ASP D 2752 -123.08 88.07 21.97
C ASP D 2752 -122.96 87.07 23.12
N SER D 2753 -124.10 86.60 23.64
CA SER D 2753 -124.07 85.57 24.68
C SER D 2753 -123.42 84.30 24.16
N PHE D 2754 -123.72 83.92 22.92
CA PHE D 2754 -123.09 82.75 22.33
C PHE D 2754 -121.57 82.95 22.23
N ILE D 2755 -121.13 84.13 21.80
CA ILE D 2755 -119.70 84.40 21.67
C ILE D 2755 -119.02 84.26 23.03
N ASN D 2756 -119.58 84.93 24.05
CA ASN D 2756 -118.96 84.89 25.37
C ASN D 2756 -118.96 83.49 25.95
N LYS D 2757 -120.08 82.77 25.81
CA LYS D 2757 -120.16 81.42 26.37
C LYS D 2757 -119.19 80.48 25.67
N PHE D 2758 -119.04 80.61 24.35
CA PHE D 2758 -118.09 79.77 23.63
C PHE D 2758 -116.66 80.10 24.04
N ALA D 2759 -116.35 81.38 24.24
CA ALA D 2759 -115.01 81.74 24.69
C ALA D 2759 -114.71 81.13 26.06
N GLU D 2760 -115.67 81.24 26.99
CA GLU D 2760 -115.49 80.64 28.31
C GLU D 2760 -115.38 79.12 28.22
N TYR D 2761 -116.16 78.49 27.34
CA TYR D 2761 -116.10 77.05 27.19
C TYR D 2761 -114.74 76.60 26.64
N THR D 2762 -114.21 77.32 25.66
CA THR D 2762 -112.87 76.99 25.15
C THR D 2762 -111.82 77.17 26.23
N HIS D 2763 -111.91 78.27 26.99
CA HIS D 2763 -110.95 78.49 28.07
C HIS D 2763 -111.00 77.38 29.11
N GLU D 2764 -112.22 76.97 29.52
CA GLU D 2764 -112.33 75.94 30.54
C GLU D 2764 -111.94 74.57 30.01
N LYS D 2765 -112.18 74.30 28.72
CA LYS D 2765 -111.73 73.05 28.14
C LYS D 2765 -110.20 72.97 28.12
N TRP D 2766 -109.55 74.06 27.72
CA TRP D 2766 -108.09 74.08 27.77
C TRP D 2766 -107.59 73.96 29.19
N ALA D 2767 -108.26 74.61 30.13
CA ALA D 2767 -107.87 74.52 31.55
C ALA D 2767 -107.99 73.08 32.06
N PHE D 2768 -109.07 72.38 31.67
CA PHE D 2768 -109.21 70.99 32.05
C PHE D 2768 -108.12 70.12 31.44
N ASP D 2769 -107.79 70.36 30.17
CA ASP D 2769 -106.71 69.62 29.54
C ASP D 2769 -105.37 69.88 30.26
N LYS D 2770 -105.19 71.11 30.76
CA LYS D 2770 -103.94 71.43 31.44
C LYS D 2770 -103.88 70.85 32.84
N ILE D 2771 -105.00 70.85 33.56
CA ILE D 2771 -105.01 70.24 34.89
C ILE D 2771 -104.92 68.74 34.77
N GLN D 2772 -105.27 68.17 33.61
CA GLN D 2772 -104.93 66.78 33.33
C GLN D 2772 -103.41 66.60 33.33
N ASN D 2773 -102.69 67.59 32.79
CA ASN D 2773 -101.23 67.61 32.81
C ASN D 2773 -100.67 68.17 34.11
N ASN D 2774 -101.52 68.38 35.12
CA ASN D 2774 -101.10 68.87 36.44
C ASN D 2774 -100.46 70.25 36.35
N TRP D 2775 -101.12 71.15 35.63
CA TRP D 2775 -100.67 72.53 35.55
C TRP D 2775 -101.09 73.32 36.79
N SER D 2776 -100.44 74.46 36.99
CA SER D 2776 -100.71 75.32 38.13
C SER D 2776 -100.78 76.78 37.68
N TYR D 2777 -101.53 77.57 38.44
CA TYR D 2777 -101.68 78.98 38.13
C TYR D 2777 -100.44 79.77 38.53
N GLY D 2778 -100.20 80.86 37.83
CA GLY D 2778 -99.05 81.70 38.12
C GLY D 2778 -99.18 83.05 37.42
N GLU D 2779 -98.16 83.87 37.61
CA GLU D 2779 -98.14 85.20 37.00
C GLU D 2779 -97.37 85.22 35.69
N ASN D 2780 -96.11 84.78 35.72
CA ASN D 2780 -95.29 84.74 34.52
C ASN D 2780 -95.54 83.44 33.75
N VAL D 2781 -95.04 83.40 32.53
CA VAL D 2781 -95.14 82.22 31.67
C VAL D 2781 -93.87 81.38 31.84
N ASP D 2782 -94.04 80.10 32.12
CA ASP D 2782 -92.93 79.19 32.34
C ASP D 2782 -93.22 77.85 31.66
N GLU D 2783 -92.15 77.12 31.37
CA GLU D 2783 -92.25 75.80 30.75
C GLU D 2783 -92.14 74.69 31.79
N GLU D 2784 -91.07 74.68 32.59
CA GLU D 2784 -90.92 73.66 33.60
C GLU D 2784 -91.84 73.88 34.79
N LEU D 2785 -92.15 75.14 35.11
CA LEU D 2785 -93.06 75.47 36.19
C LEU D 2785 -94.53 75.44 35.77
N LYS D 2786 -94.79 75.35 34.46
CA LYS D 2786 -96.14 75.32 33.88
C LYS D 2786 -97.10 76.28 34.60
N THR D 2787 -96.69 77.54 34.66
CA THR D 2787 -97.47 78.60 35.28
C THR D 2787 -97.88 79.62 34.22
N HIS D 2788 -99.11 80.13 34.34
CA HIS D 2788 -99.66 81.06 33.37
C HIS D 2788 -100.79 81.85 34.00
N PRO D 2789 -100.93 83.14 33.67
CA PRO D 2789 -102.04 83.94 34.23
C PRO D 2789 -103.39 83.63 33.62
N MET D 2790 -103.48 82.67 32.69
CA MET D 2790 -104.74 82.33 32.05
C MET D 2790 -105.60 81.40 32.90
N LEU D 2791 -105.07 80.85 33.98
CA LEU D 2791 -105.84 80.00 34.90
C LEU D 2791 -106.31 80.86 36.07
N ARG D 2792 -107.37 81.61 35.84
CA ARG D 2792 -107.92 82.53 36.83
C ARG D 2792 -109.44 82.40 36.90
N PRO D 2793 -110.03 82.78 38.03
CA PRO D 2793 -111.49 82.73 38.14
C PRO D 2793 -112.15 83.72 37.18
N TYR D 2794 -113.40 83.39 36.83
CA TYR D 2794 -114.15 84.21 35.88
C TYR D 2794 -114.41 85.62 36.42
N LYS D 2795 -114.51 85.76 37.74
CA LYS D 2795 -114.83 87.05 38.34
C LYS D 2795 -113.68 88.04 38.27
N THR D 2796 -112.48 87.61 37.88
CA THR D 2796 -111.30 88.47 37.85
C THR D 2796 -110.52 88.29 36.56
N PHE D 2797 -111.22 88.23 35.43
CA PHE D 2797 -110.56 88.14 34.14
C PHE D 2797 -110.13 89.51 33.65
N SER D 2798 -109.42 89.54 32.52
CA SER D 2798 -108.94 90.77 31.91
C SER D 2798 -109.60 90.96 30.54
N GLU D 2799 -109.79 92.23 30.17
CA GLU D 2799 -110.44 92.53 28.90
C GLU D 2799 -109.62 92.07 27.72
N LYS D 2800 -108.29 92.25 27.77
CA LYS D 2800 -107.44 91.87 26.65
C LYS D 2800 -107.49 90.37 26.40
N ASP D 2801 -107.38 89.56 27.46
CA ASP D 2801 -107.44 88.11 27.29
C ASP D 2801 -108.80 87.67 26.76
N LYS D 2802 -109.88 88.26 27.27
CA LYS D 2802 -111.22 87.91 26.79
C LYS D 2802 -111.37 88.26 25.31
N GLU D 2803 -110.89 89.44 24.90
CA GLU D 2803 -110.97 89.83 23.50
C GLU D 2803 -110.16 88.88 22.61
N ILE D 2804 -108.95 88.52 23.04
CA ILE D 2804 -108.13 87.60 22.26
C ILE D 2804 -108.82 86.25 22.13
N TYR D 2805 -109.41 85.75 23.22
CA TYR D 2805 -110.04 84.44 23.18
C TYR D 2805 -111.32 84.46 22.33
N ARG D 2806 -112.06 85.56 22.36
CA ARG D 2806 -113.32 85.65 21.64
C ARG D 2806 -113.17 86.12 20.21
N TRP D 2807 -111.98 86.56 19.80
CA TRP D 2807 -111.78 86.99 18.41
C TRP D 2807 -112.06 85.90 17.38
N PRO D 2808 -111.55 84.67 17.50
CA PRO D 2808 -111.69 83.71 16.39
C PRO D 2808 -113.13 83.39 16.00
N ILE D 2809 -114.05 83.32 16.96
CA ILE D 2809 -115.42 82.93 16.63
C ILE D 2809 -116.18 84.06 15.96
N LYS D 2810 -115.70 85.30 16.09
CA LYS D 2810 -116.38 86.45 15.52
C LYS D 2810 -116.60 86.28 14.02
N GLU D 2811 -115.51 86.21 13.25
CA GLU D 2811 -115.63 86.06 11.81
C GLU D 2811 -116.29 84.75 11.41
N SER D 2812 -116.10 83.69 12.20
CA SER D 2812 -116.72 82.41 11.89
C SER D 2812 -118.24 82.53 11.89
N LEU D 2813 -118.80 83.23 12.88
CA LEU D 2813 -120.25 83.45 12.91
C LEU D 2813 -120.70 84.53 11.93
N LYS D 2814 -119.88 85.56 11.71
CA LYS D 2814 -120.28 86.62 10.79
C LYS D 2814 -120.37 86.12 9.36
N ALA D 2815 -119.48 85.21 8.96
CA ALA D 2815 -119.57 84.63 7.63
C ALA D 2815 -120.85 83.81 7.47
N MET D 2816 -121.21 83.04 8.49
CA MET D 2816 -122.45 82.28 8.44
C MET D 2816 -123.67 83.20 8.34
N ILE D 2817 -123.65 84.30 9.10
CA ILE D 2817 -124.75 85.27 9.01
C ILE D 2817 -124.82 85.87 7.61
N ALA D 2818 -123.66 86.23 7.04
CA ALA D 2818 -123.63 86.85 5.72
C ALA D 2818 -123.94 85.85 4.61
N TRP D 2819 -123.90 84.54 4.90
CA TRP D 2819 -124.21 83.51 3.91
C TRP D 2819 -125.70 83.27 3.73
N GLU D 2820 -126.54 84.21 4.18
CA GLU D 2820 -128.00 84.13 4.03
C GLU D 2820 -128.55 82.86 4.69
N TRP D 2821 -128.34 82.76 6.00
CA TRP D 2821 -128.85 81.66 6.79
C TRP D 2821 -129.51 82.21 8.04
N THR D 2822 -130.70 81.72 8.34
CA THR D 2822 -131.49 82.21 9.47
C THR D 2822 -131.09 81.51 10.75
N ILE D 2823 -131.02 82.28 11.84
CA ILE D 2823 -130.71 81.75 13.16
C ILE D 2823 -131.93 82.00 14.05
N GLU D 2824 -132.46 80.94 14.63
CA GLU D 2824 -133.65 81.01 15.47
C GLU D 2824 -133.40 80.25 16.77
N LYS D 2825 -133.90 80.82 17.88
CA LYS D 2825 -133.75 80.20 19.18
C LYS D 2825 -134.91 79.23 19.41
N ALA D 2826 -134.58 77.94 19.52
CA ALA D 2826 -135.57 76.90 19.73
C ALA D 2826 -135.62 76.38 21.16
N ARG D 2827 -134.46 76.22 21.80
CA ARG D 2827 -134.42 75.70 23.16
C ARG D 2827 -133.64 76.64 24.08
N GLU D 2828 -133.41 76.22 25.31
CA GLU D 2828 -132.67 77.00 26.30
C GLU D 2828 -131.30 76.37 26.52
N GLY D 2829 -130.27 77.20 26.51
CA GLY D 2829 -128.91 76.71 26.71
C GLY D 2829 -128.69 76.05 28.05
N GLU D 2830 -128.47 74.74 28.04
CA GLU D 2830 -128.25 73.98 29.27
C GLU D 2830 -126.84 74.23 29.81
N TYR D 2855 -108.06 75.21 41.46
CA TYR D 2855 -109.17 75.48 40.55
C TYR D 2855 -109.30 74.39 39.50
N ASN D 2856 -110.43 73.69 39.51
CA ASN D 2856 -110.69 72.61 38.56
C ASN D 2856 -111.95 72.94 37.76
N PRO D 2857 -111.85 73.16 36.45
CA PRO D 2857 -113.05 73.43 35.65
C PRO D 2857 -113.92 72.19 35.52
N GLN D 2858 -115.20 72.43 35.22
CA GLN D 2858 -116.20 71.37 35.08
C GLN D 2858 -116.78 71.44 33.68
N PRO D 2859 -116.18 70.77 32.70
CA PRO D 2859 -116.71 70.81 31.33
C PRO D 2859 -117.91 69.90 31.17
N PRO D 2860 -119.02 70.43 30.67
CA PRO D 2860 -120.18 69.58 30.41
C PRO D 2860 -119.91 68.57 29.30
N ASP D 2861 -120.59 67.43 29.38
CA ASP D 2861 -120.41 66.39 28.38
C ASP D 2861 -121.09 66.81 27.07
N LEU D 2862 -120.35 66.71 25.97
CA LEU D 2862 -120.85 67.10 24.66
C LEU D 2862 -120.72 65.99 23.62
N SER D 2863 -120.33 64.79 24.03
CA SER D 2863 -120.15 63.67 23.11
C SER D 2863 -121.43 62.86 22.92
N GLY D 2864 -122.52 63.24 23.57
CA GLY D 2864 -123.78 62.52 23.46
C GLY D 2864 -124.70 63.01 22.36
N VAL D 2865 -124.22 63.89 21.48
CA VAL D 2865 -125.03 64.46 20.41
C VAL D 2865 -124.54 63.87 19.08
N THR D 2866 -125.47 63.34 18.29
CA THR D 2866 -125.15 62.76 17.00
C THR D 2866 -125.05 63.86 15.95
N LEU D 2867 -124.88 63.47 14.69
CA LEU D 2867 -124.76 64.42 13.59
C LEU D 2867 -125.62 63.97 12.43
N SER D 2868 -126.02 64.93 11.60
CA SER D 2868 -126.86 64.69 10.44
C SER D 2868 -126.10 64.99 9.16
N ARG D 2869 -126.60 64.42 8.06
CA ARG D 2869 -125.95 64.63 6.77
C ARG D 2869 -126.00 66.09 6.35
N GLU D 2870 -127.12 66.76 6.59
CA GLU D 2870 -127.24 68.17 6.25
C GLU D 2870 -126.28 69.01 7.08
N LEU D 2871 -126.11 68.68 8.36
CA LEU D 2871 -125.20 69.42 9.22
C LEU D 2871 -123.74 69.18 8.85
N GLN D 2872 -123.44 68.08 8.14
CA GLN D 2872 -122.06 67.84 7.72
C GLN D 2872 -121.59 68.90 6.74
N ALA D 2873 -122.46 69.29 5.80
CA ALA D 2873 -122.09 70.36 4.87
C ALA D 2873 -121.86 71.68 5.61
N MET D 2874 -122.72 71.99 6.60
CA MET D 2874 -122.52 73.19 7.39
C MET D 2874 -121.20 73.16 8.13
N ALA D 2875 -120.86 72.01 8.74
CA ALA D 2875 -119.60 71.89 9.46
C ALA D 2875 -118.41 72.06 8.53
N GLU D 2876 -118.45 71.42 7.35
CA GLU D 2876 -117.35 71.53 6.41
C GLU D 2876 -117.19 72.97 5.91
N GLN D 2877 -118.30 73.63 5.58
CA GLN D 2877 -118.23 75.00 5.10
C GLN D 2877 -117.72 75.94 6.19
N LEU D 2878 -118.15 75.73 7.44
CA LEU D 2878 -117.68 76.56 8.54
C LEU D 2878 -116.19 76.34 8.79
N ALA D 2879 -115.72 75.09 8.74
CA ALA D 2879 -114.30 74.82 8.88
C ALA D 2879 -113.50 75.38 7.72
N GLU D 2880 -114.10 75.51 6.54
CA GLU D 2880 -113.43 76.14 5.41
C GLU D 2880 -113.07 77.59 5.70
N ASN D 2881 -113.86 78.27 6.53
CA ASN D 2881 -113.62 79.68 6.81
C ASN D 2881 -112.31 79.90 7.53
N TYR D 2882 -111.97 79.02 8.49
CA TYR D 2882 -110.72 79.17 9.22
C TYR D 2882 -109.52 79.04 8.28
N HIS D 2883 -109.52 78.02 7.43
CA HIS D 2883 -108.43 77.85 6.48
C HIS D 2883 -108.39 78.99 5.47
N ASN D 2884 -109.56 79.51 5.07
CA ASN D 2884 -109.58 80.64 4.13
C ASN D 2884 -108.96 81.88 4.75
N THR D 2885 -109.35 82.21 5.99
CA THR D 2885 -108.81 83.40 6.64
C THR D 2885 -107.35 83.20 7.05
N TRP D 2886 -106.88 81.95 7.18
CA TRP D 2886 -105.47 81.73 7.41
C TRP D 2886 -104.66 81.88 6.12
N GLY D 2887 -105.15 81.30 5.02
CA GLY D 2887 -104.46 81.42 3.75
C GLY D 2887 -104.44 82.84 3.21
N ARG D 2888 -105.50 83.60 3.48
CA ARG D 2888 -105.53 84.99 3.01
C ARG D 2888 -104.41 85.80 3.66
N LYS D 2889 -104.15 85.58 4.94
CA LYS D 2889 -103.03 86.27 5.59
C LYS D 2889 -101.69 85.65 5.19
N LYS D 2890 -101.65 84.34 4.95
CA LYS D 2890 -100.42 83.71 4.48
C LYS D 2890 -100.03 84.17 3.08
N LYS D 2891 -100.99 84.68 2.31
CA LYS D 2891 -100.67 85.22 0.99
C LYS D 2891 -99.69 86.37 1.09
N GLN D 2892 -99.99 87.34 1.97
CA GLN D 2892 -99.04 88.42 2.23
C GLN D 2892 -97.74 87.90 2.84
N GLU D 2893 -97.82 86.80 3.60
CA GLU D 2893 -96.60 86.24 4.21
C GLU D 2893 -95.63 85.75 3.14
N LEU D 2894 -96.10 84.95 2.19
CA LEU D 2894 -95.16 84.49 1.17
C LEU D 2894 -94.93 85.55 0.10
N GLU D 2895 -95.76 86.59 0.04
CA GLU D 2895 -95.40 87.77 -0.74
C GLU D 2895 -94.19 88.46 -0.15
N ALA D 2896 -94.16 88.62 1.18
CA ALA D 2896 -92.99 89.17 1.85
C ALA D 2896 -91.79 88.25 1.72
N LYS D 2897 -92.01 86.93 1.81
CA LYS D 2897 -90.92 85.98 1.63
C LYS D 2897 -90.34 86.06 0.22
N GLY D 2898 -91.21 86.20 -0.78
CA GLY D 2898 -90.77 86.29 -2.16
C GLY D 2898 -90.99 85.05 -2.99
N GLY D 2899 -91.66 84.02 -2.46
CA GLY D 2899 -91.93 82.83 -3.21
C GLY D 2899 -91.73 81.55 -2.41
N GLY D 2900 -92.59 80.56 -2.65
CA GLY D 2900 -92.49 79.29 -1.95
C GLY D 2900 -93.77 78.50 -1.98
N THR D 2901 -93.66 77.17 -2.01
CA THR D 2901 -94.81 76.28 -2.03
C THR D 2901 -94.90 75.53 -0.71
N HIS D 2902 -96.09 75.56 -0.10
CA HIS D 2902 -96.34 74.89 1.17
C HIS D 2902 -97.42 73.84 0.98
N PRO D 2903 -97.22 72.61 1.48
CA PRO D 2903 -98.25 71.57 1.31
C PRO D 2903 -99.54 71.88 2.04
N LEU D 2904 -99.53 72.75 3.04
CA LEU D 2904 -100.73 73.06 3.79
C LEU D 2904 -101.66 74.02 3.04
N LEU D 2905 -101.16 74.70 2.01
CA LEU D 2905 -101.96 75.65 1.24
C LEU D 2905 -102.65 74.90 0.09
N VAL D 2906 -103.66 74.14 0.44
CA VAL D 2906 -104.43 73.33 -0.52
C VAL D 2906 -105.91 73.58 -0.28
N PRO D 2907 -106.73 73.37 -1.32
CA PRO D 2907 -108.18 73.52 -1.14
C PRO D 2907 -108.72 72.52 -0.13
N TYR D 2908 -109.81 72.92 0.54
CA TYR D 2908 -110.37 72.08 1.59
C TYR D 2908 -110.95 70.78 1.03
N ASP D 2909 -111.39 70.78 -0.23
CA ASP D 2909 -111.87 69.55 -0.84
C ASP D 2909 -110.75 68.53 -0.98
N THR D 2910 -109.50 68.99 -1.09
CA THR D 2910 -108.37 68.09 -1.15
C THR D 2910 -108.06 67.45 0.20
N LEU D 2911 -108.50 68.07 1.29
CA LEU D 2911 -108.19 67.57 2.62
C LEU D 2911 -108.81 66.21 2.87
N THR D 2912 -108.09 65.37 3.60
CA THR D 2912 -108.56 64.04 4.01
C THR D 2912 -108.85 64.05 5.50
N ALA D 2913 -109.34 62.91 6.00
CA ALA D 2913 -109.68 62.80 7.41
C ALA D 2913 -108.44 62.96 8.30
N LYS D 2914 -107.31 62.39 7.87
CA LYS D 2914 -106.09 62.51 8.66
C LYS D 2914 -105.65 63.96 8.80
N GLU D 2915 -105.72 64.73 7.71
CA GLU D 2915 -105.41 66.15 7.79
C GLU D 2915 -106.54 66.94 8.45
N LYS D 2916 -107.79 66.48 8.30
CA LYS D 2916 -108.91 67.14 8.94
C LYS D 2916 -108.93 66.96 10.45
N ALA D 2917 -108.18 65.98 10.98
CA ALA D 2917 -108.13 65.77 12.42
C ALA D 2917 -107.57 66.96 13.18
N ARG D 2918 -106.83 67.85 12.51
CA ARG D 2918 -106.31 69.06 13.12
C ARG D 2918 -107.11 70.30 12.76
N ASP D 2919 -108.11 70.18 11.89
CA ASP D 2919 -108.93 71.31 11.46
C ASP D 2919 -110.41 71.13 11.74
N ARG D 2920 -110.91 69.90 11.82
CA ARG D 2920 -112.33 69.68 12.04
C ARG D 2920 -112.73 69.90 13.49
N GLU D 2921 -111.77 69.86 14.42
CA GLU D 2921 -112.10 69.98 15.83
C GLU D 2921 -112.62 71.38 16.16
N LYS D 2922 -111.98 72.42 15.62
CA LYS D 2922 -112.36 73.79 15.94
C LYS D 2922 -113.74 74.15 15.39
N ALA D 2923 -114.24 73.41 14.40
CA ALA D 2923 -115.59 73.60 13.88
C ALA D 2923 -116.59 72.64 14.50
N GLN D 2924 -116.15 71.46 14.92
CA GLN D 2924 -117.04 70.51 15.57
C GLN D 2924 -117.34 70.89 17.01
N GLU D 2925 -116.42 71.58 17.68
CA GLU D 2925 -116.65 72.00 19.06
C GLU D 2925 -117.72 73.07 19.18
N LEU D 2926 -118.12 73.70 18.08
CA LEU D 2926 -119.15 74.73 18.14
C LEU D 2926 -120.51 74.26 17.65
N LEU D 2927 -120.59 73.20 16.84
CA LEU D 2927 -121.89 72.70 16.42
C LEU D 2927 -122.62 72.03 17.59
N LYS D 2928 -121.90 71.29 18.42
CA LYS D 2928 -122.49 70.75 19.64
C LYS D 2928 -122.90 71.88 20.59
N PHE D 2929 -122.09 72.93 20.67
CA PHE D 2929 -122.43 74.08 21.49
C PHE D 2929 -123.70 74.75 20.99
N LEU D 2930 -123.84 74.88 19.67
CA LEU D 2930 -125.06 75.45 19.09
C LEU D 2930 -126.27 74.57 19.37
N GLN D 2931 -126.10 73.25 19.26
CA GLN D 2931 -127.20 72.34 19.56
C GLN D 2931 -127.63 72.45 21.03
N MET D 2932 -126.66 72.52 21.94
CA MET D 2932 -126.98 72.62 23.35
C MET D 2932 -127.51 74.00 23.74
N ASN D 2933 -127.20 75.04 22.97
CA ASN D 2933 -127.71 76.37 23.26
C ASN D 2933 -129.16 76.53 22.84
N GLY D 2934 -129.59 75.82 21.79
CA GLY D 2934 -130.96 75.89 21.33
C GLY D 2934 -131.15 76.59 20.00
N TYR D 2935 -130.09 76.95 19.30
CA TYR D 2935 -130.22 77.60 18.00
C TYR D 2935 -130.72 76.61 16.95
N ALA D 2936 -131.44 77.12 15.96
CA ALA D 2936 -131.98 76.32 14.88
C ALA D 2936 -131.55 76.93 13.55
N VAL D 2937 -131.03 76.09 12.65
CA VAL D 2937 -130.59 76.52 11.33
C VAL D 2937 -131.34 75.69 10.29
N THR D 2938 -131.99 76.37 9.35
CA THR D 2938 -132.75 75.73 8.29
C THR D 2938 -132.19 76.13 6.93
N ARG D 2939 -132.25 75.19 5.99
CA ARG D 2939 -131.77 75.45 4.63
C ARG D 2939 -132.91 75.33 3.62
N SER D 2949 -134.72 61.05 0.31
CA SER D 2949 -133.63 60.08 0.26
C SER D 2949 -132.37 60.71 -0.33
N SER D 2950 -131.22 60.10 -0.03
CA SER D 2950 -129.94 60.62 -0.50
C SER D 2950 -129.63 60.25 -1.94
N ILE D 2951 -130.41 59.35 -2.55
CA ILE D 2951 -130.15 58.95 -3.93
C ILE D 2951 -130.36 60.13 -4.87
N GLU D 2952 -131.43 60.91 -4.67
CA GLU D 2952 -131.70 62.05 -5.53
C GLU D 2952 -130.60 63.09 -5.42
N LYS D 2953 -130.14 63.36 -4.21
CA LYS D 2953 -129.02 64.28 -4.03
C LYS D 2953 -127.75 63.74 -4.66
N ARG D 2954 -127.51 62.43 -4.53
CA ARG D 2954 -126.35 61.80 -5.11
C ARG D 2954 -126.60 61.56 -6.61
N PHE D 2955 -125.71 60.78 -7.25
CA PHE D 2955 -125.81 60.51 -8.68
C PHE D 2955 -126.91 59.49 -8.95
N ALA D 2956 -128.16 59.96 -8.77
CA ALA D 2956 -129.30 59.13 -9.15
C ALA D 2956 -129.31 58.86 -10.64
N PHE D 2957 -129.02 59.89 -11.44
CA PHE D 2957 -128.88 59.70 -12.88
C PHE D 2957 -127.71 58.78 -13.20
N GLY D 2958 -126.53 59.09 -12.67
CA GLY D 2958 -125.37 58.25 -12.86
C GLY D 2958 -124.71 58.46 -14.22
N PHE D 2959 -123.64 57.68 -14.43
CA PHE D 2959 -122.90 57.75 -15.68
C PHE D 2959 -123.74 57.33 -16.87
N LEU D 2960 -124.63 56.34 -16.69
CA LEU D 2960 -125.49 55.91 -17.78
C LEU D 2960 -126.42 57.03 -18.24
N GLN D 2961 -127.04 57.73 -17.30
CA GLN D 2961 -127.92 58.83 -17.68
C GLN D 2961 -127.14 60.04 -18.17
N GLN D 2962 -125.92 60.24 -17.68
CA GLN D 2962 -125.06 61.28 -18.25
C GLN D 2962 -124.75 60.99 -19.72
N LEU D 2963 -124.44 59.73 -20.03
CA LEU D 2963 -124.20 59.34 -21.40
C LEU D 2963 -125.48 59.46 -22.23
N LEU D 2964 -126.64 59.19 -21.62
CA LEU D 2964 -127.89 59.35 -22.33
C LEU D 2964 -128.18 60.81 -22.64
N ARG D 2965 -127.84 61.72 -21.72
CA ARG D 2965 -127.96 63.14 -22.01
C ARG D 2965 -126.98 63.58 -23.09
N TRP D 2966 -125.77 63.02 -23.07
CA TRP D 2966 -124.82 63.28 -24.14
C TRP D 2966 -125.38 62.82 -25.49
N MET D 2967 -126.05 61.66 -25.50
CA MET D 2967 -126.69 61.18 -26.72
C MET D 2967 -127.90 62.04 -27.08
N ASP D 2968 -128.56 62.65 -26.10
CA ASP D 2968 -129.66 63.56 -26.40
C ASP D 2968 -129.14 64.79 -27.13
N ILE D 2969 -128.00 65.32 -26.70
CA ILE D 2969 -127.37 66.41 -27.45
C ILE D 2969 -126.87 65.91 -28.80
N SER D 2970 -126.34 64.68 -28.84
CA SER D 2970 -125.92 64.08 -30.10
C SER D 2970 -127.09 63.86 -31.04
N GLN D 2971 -128.32 63.85 -30.54
CA GLN D 2971 -129.48 63.78 -31.42
C GLN D 2971 -129.54 65.02 -32.31
N GLU D 2972 -129.46 66.21 -31.70
CA GLU D 2972 -129.40 67.44 -32.49
C GLU D 2972 -128.14 67.48 -33.34
N PHE D 2973 -127.02 66.99 -32.80
CA PHE D 2973 -125.78 66.95 -33.59
C PHE D 2973 -125.95 66.09 -34.84
N ILE D 2974 -126.55 64.91 -34.70
CA ILE D 2974 -126.78 64.00 -35.82
C ILE D 2974 -127.77 64.61 -36.79
N ALA D 2975 -128.77 65.34 -36.28
CA ALA D 2975 -129.69 66.05 -37.17
C ALA D 2975 -128.94 67.07 -38.02
N HIS D 2976 -128.02 67.82 -37.41
CA HIS D 2976 -127.22 68.77 -38.16
C HIS D 2976 -126.35 68.09 -39.21
N LEU D 2977 -125.70 66.98 -38.82
CA LEU D 2977 -124.83 66.28 -39.77
C LEU D 2977 -125.62 65.66 -40.90
N GLU D 2978 -126.83 65.17 -40.63
CA GLU D 2978 -127.68 64.63 -41.68
C GLU D 2978 -128.16 65.74 -42.60
N ALA D 2979 -128.49 66.91 -42.04
CA ALA D 2979 -128.92 68.03 -42.87
C ALA D 2979 -127.79 68.49 -43.80
N VAL D 2980 -126.56 68.57 -43.28
CA VAL D 2980 -125.46 69.01 -44.14
C VAL D 2980 -125.05 67.90 -45.10
N VAL D 2981 -125.28 66.64 -44.72
CA VAL D 2981 -124.94 65.53 -45.62
C VAL D 2981 -125.88 65.48 -46.81
N SER D 2982 -127.17 65.71 -46.57
CA SER D 2982 -128.17 65.66 -47.64
C SER D 2982 -127.98 66.82 -48.63
N GLU D 2992 -119.33 68.68 -38.22
CA GLU D 2992 -117.99 69.23 -38.44
C GLU D 2992 -117.07 68.92 -37.27
N GLN D 2993 -117.60 69.09 -36.05
CA GLN D 2993 -116.83 68.86 -34.83
C GLN D 2993 -117.41 67.77 -33.96
N GLU D 2994 -118.74 67.74 -33.78
CA GLU D 2994 -119.36 66.71 -32.95
C GLU D 2994 -119.23 65.33 -33.58
N ILE D 2995 -119.09 65.26 -34.91
CA ILE D 2995 -118.93 63.96 -35.57
C ILE D 2995 -117.65 63.27 -35.11
N LYS D 2996 -116.55 64.02 -35.04
CA LYS D 2996 -115.30 63.45 -34.56
C LYS D 2996 -115.43 63.02 -33.10
N PHE D 2997 -116.09 63.83 -32.28
CA PHE D 2997 -116.34 63.45 -30.89
C PHE D 2997 -117.06 62.11 -30.80
N PHE D 2998 -118.16 61.97 -31.56
CA PHE D 2998 -118.95 60.75 -31.50
C PHE D 2998 -118.16 59.55 -32.01
N ALA D 2999 -117.40 59.74 -33.09
CA ALA D 2999 -116.65 58.64 -33.70
C ALA D 2999 -115.37 58.31 -32.96
N LYS D 3000 -114.94 59.15 -32.01
CA LYS D 3000 -113.67 58.93 -31.32
C LYS D 3000 -113.83 58.58 -29.85
N ILE D 3001 -114.55 59.38 -29.08
CA ILE D 3001 -114.50 59.30 -27.61
C ILE D 3001 -115.69 58.54 -27.03
N LEU D 3002 -116.91 59.03 -27.25
CA LEU D 3002 -118.06 58.50 -26.51
C LEU D 3002 -118.40 57.08 -26.95
N LEU D 3003 -118.25 56.77 -28.24
CA LEU D 3003 -118.61 55.43 -28.72
C LEU D 3003 -117.78 54.35 -28.07
N PRO D 3004 -116.44 54.40 -28.06
CA PRO D 3004 -115.68 53.44 -27.25
C PRO D 3004 -115.95 53.57 -25.77
N LEU D 3005 -116.30 54.77 -25.30
CA LEU D 3005 -116.59 54.94 -23.88
C LEU D 3005 -117.77 54.08 -23.45
N ILE D 3006 -118.89 54.15 -24.18
CA ILE D 3006 -120.04 53.32 -23.86
C ILE D 3006 -119.73 51.86 -24.16
N ASN D 3007 -119.01 51.60 -25.26
CA ASN D 3007 -118.66 50.22 -25.61
C ASN D 3007 -117.89 49.53 -24.50
N GLN D 3008 -117.08 50.28 -23.74
CA GLN D 3008 -116.34 49.70 -22.62
C GLN D 3008 -117.13 49.74 -21.32
N TYR D 3009 -117.88 50.82 -21.09
CA TYR D 3009 -118.64 50.94 -19.84
C TYR D 3009 -119.72 49.88 -19.74
N PHE D 3010 -120.45 49.64 -20.82
CA PHE D 3010 -121.47 48.58 -20.79
C PHE D 3010 -120.84 47.21 -20.67
N THR D 3011 -119.65 47.01 -21.25
CA THR D 3011 -118.95 45.74 -21.10
C THR D 3011 -118.55 45.50 -19.65
N ASN D 3012 -118.01 46.53 -19.00
CA ASN D 3012 -117.56 46.39 -17.61
C ASN D 3012 -118.69 46.47 -16.60
N HIS D 3013 -119.89 46.90 -17.01
CA HIS D 3013 -121.03 47.02 -16.11
C HIS D 3013 -122.22 46.19 -16.58
N CYS D 3014 -121.97 45.13 -17.35
CA CYS D 3014 -123.07 44.26 -17.77
C CYS D 3014 -123.74 43.60 -16.57
N LEU D 3015 -122.94 43.12 -15.63
CA LEU D 3015 -123.47 42.58 -14.37
C LEU D 3015 -123.61 43.69 -13.34
N TYR D 3016 -124.46 43.43 -12.34
CA TYR D 3016 -124.78 44.34 -11.24
C TYR D 3016 -125.52 45.59 -11.70
N PHE D 3017 -125.77 45.74 -13.00
CA PHE D 3017 -126.57 46.84 -13.52
C PHE D 3017 -127.75 46.35 -14.36
N LEU D 3018 -128.04 45.06 -14.32
CA LEU D 3018 -129.14 44.46 -15.06
C LEU D 3018 -130.13 43.73 -14.17
N SER D 3019 -129.66 43.08 -13.12
CA SER D 3019 -130.54 42.38 -12.20
C SER D 3019 -131.36 43.35 -11.35
N ALA D 3031 -128.26 46.56 -8.98
CA ALA D 3031 -129.70 46.47 -8.72
C ALA D 3031 -130.37 47.83 -8.90
N SER D 3032 -130.33 48.34 -10.13
CA SER D 3032 -130.92 49.63 -10.46
C SER D 3032 -132.27 49.43 -11.15
N ASN D 3033 -133.17 50.39 -10.94
CA ASN D 3033 -134.50 50.34 -11.52
C ASN D 3033 -134.75 51.45 -12.52
N LYS D 3034 -134.45 52.70 -12.16
CA LYS D 3034 -134.66 53.81 -13.09
C LYS D 3034 -133.76 53.70 -14.31
N GLU D 3035 -132.51 53.30 -14.11
CA GLU D 3035 -131.59 53.17 -15.24
C GLU D 3035 -131.98 52.01 -16.16
N LYS D 3036 -132.70 51.02 -15.63
CA LYS D 3036 -133.15 49.91 -16.47
C LYS D 3036 -134.14 50.39 -17.52
N GLU D 3037 -135.06 51.28 -17.15
CA GLU D 3037 -136.05 51.78 -18.09
C GLU D 3037 -135.45 52.73 -19.13
N MET D 3038 -134.24 53.23 -18.89
CA MET D 3038 -133.61 54.16 -19.81
C MET D 3038 -132.49 53.56 -20.64
N ILE D 3039 -131.89 52.45 -20.20
CA ILE D 3039 -130.87 51.81 -21.03
C ILE D 3039 -131.49 51.21 -22.28
N THR D 3040 -132.69 50.63 -22.16
CA THR D 3040 -133.40 50.16 -23.35
C THR D 3040 -133.76 51.31 -24.27
N SER D 3041 -134.15 52.46 -23.72
CA SER D 3041 -134.40 53.63 -24.54
C SER D 3041 -133.14 54.06 -25.27
N LEU D 3042 -132.00 54.07 -24.58
CA LEU D 3042 -130.73 54.41 -25.22
C LEU D 3042 -130.40 53.44 -26.35
N PHE D 3043 -130.65 52.15 -26.12
CA PHE D 3043 -130.45 51.18 -27.19
C PHE D 3043 -131.36 51.47 -28.38
N CYS D 3044 -132.59 51.88 -28.12
CA CYS D 3044 -133.52 52.22 -29.20
C CYS D 3044 -133.00 53.41 -30.00
N LYS D 3045 -132.54 54.46 -29.32
CA LYS D 3045 -132.00 55.61 -30.04
C LYS D 3045 -130.73 55.26 -30.80
N LEU D 3046 -129.90 54.37 -30.24
CA LEU D 3046 -128.71 53.94 -30.95
C LEU D 3046 -129.07 53.17 -32.21
N ALA D 3047 -130.08 52.30 -32.13
CA ALA D 3047 -130.53 51.58 -33.31
C ALA D 3047 -131.10 52.53 -34.36
N ALA D 3048 -131.89 53.52 -33.92
CA ALA D 3048 -132.47 54.49 -34.84
C ALA D 3048 -131.44 55.50 -35.36
N LEU D 3049 -130.28 55.62 -34.73
CA LEU D 3049 -129.28 56.58 -35.18
C LEU D 3049 -128.78 56.23 -36.58
N VAL D 3050 -128.48 54.97 -36.81
CA VAL D 3050 -128.09 54.52 -38.14
C VAL D 3050 -129.33 54.40 -39.01
N ARG D 3051 -129.24 54.94 -40.22
CA ARG D 3051 -130.37 54.92 -41.15
C ARG D 3051 -130.40 53.58 -41.87
N HIS D 3052 -131.22 53.48 -42.92
CA HIS D 3052 -131.27 52.25 -43.71
C HIS D 3052 -129.96 51.98 -44.42
N ARG D 3053 -129.11 52.98 -44.57
CA ARG D 3053 -127.77 52.84 -45.12
C ARG D 3053 -126.74 53.22 -44.06
N VAL D 3054 -125.51 52.76 -44.27
CA VAL D 3054 -124.40 53.05 -43.36
C VAL D 3054 -123.36 53.94 -44.01
N SER D 3055 -123.65 54.48 -45.21
CA SER D 3055 -122.68 55.33 -45.88
C SER D 3055 -122.49 56.66 -45.18
N LEU D 3056 -123.52 57.16 -44.49
CA LEU D 3056 -123.40 58.42 -43.77
C LEU D 3056 -122.38 58.31 -42.64
N PHE D 3057 -122.36 57.16 -41.94
CA PHE D 3057 -121.34 56.94 -40.94
C PHE D 3057 -119.99 56.62 -41.58
N GLY D 3058 -120.00 55.98 -42.74
CA GLY D 3058 -118.78 55.68 -43.47
C GLY D 3058 -118.00 54.54 -42.85
N THR D 3059 -116.82 54.31 -43.42
CA THR D 3059 -115.90 53.29 -42.92
C THR D 3059 -115.08 53.77 -41.73
N ASP D 3060 -115.21 55.04 -41.36
CA ASP D 3060 -114.46 55.56 -40.22
C ASP D 3060 -114.90 54.90 -38.91
N ALA D 3061 -116.20 54.65 -38.76
CA ALA D 3061 -116.76 54.10 -37.52
C ALA D 3061 -117.62 52.88 -37.84
N PRO D 3062 -117.00 51.73 -38.15
CA PRO D 3062 -117.76 50.48 -38.18
C PRO D 3062 -118.06 49.92 -36.80
N ALA D 3063 -117.51 50.53 -35.74
CA ALA D 3063 -117.73 50.07 -34.38
C ALA D 3063 -119.11 50.39 -33.85
N VAL D 3064 -119.93 51.13 -34.60
CA VAL D 3064 -121.31 51.38 -34.18
C VAL D 3064 -122.08 50.07 -34.08
N VAL D 3065 -121.82 49.14 -35.00
CA VAL D 3065 -122.48 47.84 -34.95
C VAL D 3065 -122.06 47.06 -33.70
N ASN D 3066 -120.77 47.11 -33.36
CA ASN D 3066 -120.31 46.43 -32.15
C ASN D 3066 -120.89 47.07 -30.90
N CYS D 3067 -121.00 48.40 -30.89
CA CYS D 3067 -121.60 49.09 -29.74
C CYS D 3067 -123.07 48.73 -29.61
N LEU D 3068 -123.79 48.61 -30.72
CA LEU D 3068 -125.16 48.12 -30.68
C LEU D 3068 -125.23 46.70 -30.16
N HIS D 3069 -124.28 45.86 -30.59
CA HIS D 3069 -124.19 44.49 -30.08
C HIS D 3069 -124.06 44.49 -28.57
N ILE D 3070 -123.16 45.31 -28.03
CA ILE D 3070 -122.90 45.33 -26.60
C ILE D 3070 -124.09 45.89 -25.84
N LEU D 3071 -124.72 46.94 -26.40
CA LEU D 3071 -125.90 47.52 -25.76
C LEU D 3071 -127.05 46.51 -25.71
N ALA D 3072 -127.24 45.75 -26.78
CA ALA D 3072 -128.23 44.67 -26.75
C ALA D 3072 -127.84 43.59 -25.76
N ARG D 3073 -126.53 43.33 -25.64
CA ARG D 3073 -126.03 42.36 -24.68
C ARG D 3073 -126.13 42.85 -23.24
N SER D 3074 -126.47 44.12 -23.03
CA SER D 3074 -126.70 44.67 -21.69
C SER D 3074 -128.04 45.41 -21.72
N LEU D 3075 -129.12 44.66 -21.52
CA LEU D 3075 -130.48 45.21 -21.48
C LEU D 3075 -131.05 44.91 -20.10
N ASP D 3076 -130.97 45.89 -19.21
CA ASP D 3076 -131.37 45.69 -17.82
C ASP D 3076 -132.86 45.37 -17.71
N ALA D 3077 -133.69 46.13 -18.42
CA ALA D 3077 -135.14 45.98 -18.31
C ALA D 3077 -135.63 44.91 -19.30
N ARG D 3078 -135.22 43.67 -19.03
CA ARG D 3078 -135.74 42.56 -19.81
C ARG D 3078 -137.23 42.36 -19.57
N THR D 3079 -137.67 42.51 -18.32
CA THR D 3079 -139.07 42.42 -17.96
C THR D 3079 -139.65 43.72 -17.42
N VAL D 3080 -138.81 44.62 -16.90
CA VAL D 3080 -139.31 45.89 -16.38
C VAL D 3080 -139.88 46.75 -17.50
N MET D 3081 -139.21 46.76 -18.65
CA MET D 3081 -139.67 47.57 -19.78
C MET D 3081 -141.03 47.11 -20.30
N LYS D 3082 -141.40 45.86 -20.06
CA LYS D 3082 -142.70 45.33 -20.47
C LYS D 3082 -143.73 45.38 -19.36
N SER D 3083 -143.31 45.35 -18.10
CA SER D 3083 -144.22 45.41 -16.96
C SER D 3083 -144.46 46.82 -16.45
N GLY D 3084 -143.81 47.82 -17.04
CA GLY D 3084 -143.98 49.19 -16.61
C GLY D 3084 -145.16 49.86 -17.28
N PRO D 3085 -145.33 51.17 -17.06
CA PRO D 3085 -146.43 51.91 -17.70
C PRO D 3085 -146.21 52.19 -19.18
N GLU D 3086 -145.13 51.67 -19.77
CA GLU D 3086 -144.90 51.70 -21.22
C GLU D 3086 -144.87 53.13 -21.77
N ILE D 3087 -143.87 53.89 -21.31
CA ILE D 3087 -143.60 55.20 -21.89
C ILE D 3087 -142.72 55.07 -23.12
N VAL D 3088 -141.61 54.35 -23.00
CA VAL D 3088 -140.70 54.11 -24.12
C VAL D 3088 -140.95 52.78 -24.82
N LYS D 3089 -141.87 51.96 -24.30
CA LYS D 3089 -142.19 50.70 -24.96
C LYS D 3089 -142.72 50.93 -26.37
N ALA D 3090 -143.33 52.10 -26.62
CA ALA D 3090 -143.70 52.45 -27.98
C ALA D 3090 -142.47 52.55 -28.88
N GLY D 3091 -141.39 53.11 -28.36
CA GLY D 3091 -140.15 53.19 -29.13
C GLY D 3091 -139.57 51.82 -29.44
N LEU D 3092 -139.61 50.91 -28.46
CA LEU D 3092 -139.14 49.55 -28.70
C LEU D 3092 -140.01 48.84 -29.73
N ARG D 3093 -141.33 49.04 -29.64
CA ARG D 3093 -142.23 48.47 -30.64
C ARG D 3093 -141.93 49.02 -32.02
N SER D 3094 -141.68 50.32 -32.12
CA SER D 3094 -141.35 50.92 -33.41
C SER D 3094 -140.05 50.36 -33.96
N PHE D 3095 -139.04 50.19 -33.09
CA PHE D 3095 -137.77 49.62 -33.54
C PHE D 3095 -137.94 48.20 -34.04
N PHE D 3096 -138.68 47.37 -33.29
CA PHE D 3096 -138.91 45.99 -33.71
C PHE D 3096 -139.70 45.92 -35.01
N GLU D 3097 -140.73 46.76 -35.14
CA GLU D 3097 -141.51 46.79 -36.37
C GLU D 3097 -140.68 47.23 -37.55
N SER D 3098 -139.81 48.23 -37.34
CA SER D 3098 -138.92 48.68 -38.42
C SER D 3098 -137.95 47.59 -38.83
N ALA D 3099 -137.40 46.86 -37.85
CA ALA D 3099 -136.50 45.76 -38.17
C ALA D 3099 -137.23 44.68 -38.97
N SER D 3100 -138.45 44.32 -38.54
CA SER D 3100 -139.21 43.30 -39.24
C SER D 3100 -139.56 43.75 -40.66
N GLU D 3101 -139.94 45.02 -40.82
CA GLU D 3101 -140.29 45.54 -42.14
C GLU D 3101 -139.08 45.57 -43.06
N ASP D 3102 -137.93 46.00 -42.53
CA ASP D 3102 -136.70 46.01 -43.33
C ASP D 3102 -136.31 44.59 -43.74
N ILE D 3103 -136.45 43.63 -42.82
CA ILE D 3103 -136.15 42.24 -43.15
C ILE D 3103 -137.10 41.72 -44.22
N GLU D 3104 -138.39 42.03 -44.10
CA GLU D 3104 -139.36 41.56 -45.08
C GLU D 3104 -139.17 42.23 -46.43
N LYS D 3105 -138.63 43.45 -46.46
CA LYS D 3105 -138.39 44.14 -47.71
C LYS D 3105 -137.30 43.48 -48.55
N MET D 3106 -136.51 42.57 -47.96
CA MET D 3106 -135.47 41.89 -48.71
C MET D 3106 -136.03 40.91 -49.74
N VAL D 3107 -137.29 40.52 -49.61
CA VAL D 3107 -137.90 39.61 -50.58
C VAL D 3107 -138.08 40.28 -51.93
N GLU D 3108 -138.10 41.61 -51.98
CA GLU D 3108 -138.19 42.33 -53.23
C GLU D 3108 -136.85 42.45 -53.95
N ASN D 3109 -135.76 42.06 -53.31
CA ASN D 3109 -134.43 42.10 -53.89
C ASN D 3109 -133.82 40.73 -54.07
N LEU D 3110 -133.75 39.94 -52.99
CA LEU D 3110 -133.14 38.61 -53.10
C LEU D 3110 -134.00 37.66 -53.90
N ARG D 3111 -135.32 37.68 -53.67
CA ARG D 3111 -136.24 36.77 -54.35
C ARG D 3111 -136.69 37.30 -55.70
N LEU D 3112 -136.26 38.49 -56.10
CA LEU D 3112 -136.63 39.06 -57.39
C LEU D 3112 -135.45 39.35 -58.30
N GLY D 3113 -134.28 39.67 -57.75
CA GLY D 3113 -133.11 39.95 -58.55
C GLY D 3113 -131.81 39.76 -57.82
N GLY D 3126 -130.13 45.32 -53.22
CA GLY D 3126 -129.19 45.93 -54.14
C GLY D 3126 -128.64 47.25 -53.64
N GLN D 3127 -129.51 48.23 -53.44
CA GLN D 3127 -129.13 49.56 -52.98
C GLN D 3127 -129.93 49.89 -51.72
N ASN D 3128 -129.23 50.36 -50.69
CA ASN D 3128 -129.77 50.80 -49.41
C ASN D 3128 -130.39 49.68 -48.60
N LEU D 3129 -130.38 48.44 -49.09
CA LEU D 3129 -130.92 47.31 -48.36
C LEU D 3129 -129.89 46.24 -48.00
N THR D 3130 -128.78 46.15 -48.74
CA THR D 3130 -127.74 45.20 -48.40
C THR D 3130 -126.90 45.65 -47.21
N TYR D 3131 -126.94 46.95 -46.87
CA TYR D 3131 -126.18 47.43 -45.73
C TYR D 3131 -126.80 47.01 -44.40
N THR D 3132 -128.07 46.61 -44.40
CA THR D 3132 -128.74 46.15 -43.19
C THR D 3132 -128.61 44.66 -42.97
N THR D 3133 -127.99 43.93 -43.91
CA THR D 3133 -127.70 42.52 -43.71
C THR D 3133 -126.40 42.28 -42.95
N VAL D 3134 -125.59 43.32 -42.76
CA VAL D 3134 -124.35 43.23 -42.01
C VAL D 3134 -124.32 44.12 -40.79
N ALA D 3135 -125.38 44.92 -40.57
CA ALA D 3135 -125.43 45.82 -39.43
C ALA D 3135 -126.73 45.74 -38.63
N LEU D 3136 -127.75 45.04 -39.12
CA LEU D 3136 -129.02 44.90 -38.43
C LEU D 3136 -129.34 43.47 -38.06
N LEU D 3137 -129.07 42.51 -38.95
CA LEU D 3137 -129.32 41.10 -38.64
C LEU D 3137 -128.53 40.61 -37.43
N PRO D 3138 -127.21 40.85 -37.33
CA PRO D 3138 -126.49 40.37 -36.14
C PRO D 3138 -127.00 40.97 -34.84
N VAL D 3139 -127.46 42.22 -34.85
CA VAL D 3139 -128.03 42.80 -33.64
C VAL D 3139 -129.31 42.08 -33.26
N LEU D 3140 -130.14 41.72 -34.24
CA LEU D 3140 -131.34 40.96 -33.96
C LEU D 3140 -131.00 39.59 -33.39
N THR D 3141 -129.98 38.94 -33.95
CA THR D 3141 -129.55 37.65 -33.41
C THR D 3141 -129.08 37.79 -31.96
N THR D 3142 -128.33 38.84 -31.67
CA THR D 3142 -127.86 39.08 -30.30
C THR D 3142 -129.03 39.32 -29.36
N LEU D 3143 -130.03 40.09 -29.81
CA LEU D 3143 -131.20 40.35 -28.96
C LEU D 3143 -131.99 39.07 -28.70
N PHE D 3144 -132.17 38.24 -29.73
CA PHE D 3144 -132.88 36.98 -29.54
C PHE D 3144 -132.11 36.05 -28.61
N GLN D 3145 -130.77 36.02 -28.73
CA GLN D 3145 -129.96 35.23 -27.82
C GLN D 3145 -130.06 35.75 -26.39
N HIS D 3146 -130.13 37.07 -26.21
CA HIS D 3146 -130.36 37.64 -24.89
C HIS D 3146 -131.69 37.18 -24.32
N ILE D 3147 -132.74 37.24 -25.12
CA ILE D 3147 -134.07 36.84 -24.64
C ILE D 3147 -134.07 35.36 -24.26
N ALA D 3148 -133.46 34.52 -25.08
CA ALA D 3148 -133.50 33.08 -24.83
C ALA D 3148 -132.57 32.67 -23.69
N GLN D 3149 -131.45 33.37 -23.50
CA GLN D 3149 -130.43 32.92 -22.56
C GLN D 3149 -130.91 33.00 -21.12
N HIS D 3150 -131.55 34.11 -20.76
CA HIS D 3150 -132.01 34.31 -19.38
C HIS D 3150 -133.40 33.74 -19.13
N GLN D 3151 -134.00 33.09 -20.12
CA GLN D 3151 -135.36 32.55 -20.01
C GLN D 3151 -136.35 33.65 -19.60
N PHE D 3152 -136.17 34.83 -20.19
CA PHE D 3152 -137.01 35.99 -19.92
C PHE D 3152 -138.38 35.88 -20.57
N GLY D 3153 -138.74 34.74 -21.14
CA GLY D 3153 -140.01 34.58 -21.81
C GLY D 3153 -141.22 34.60 -20.91
N ASP D 3154 -141.01 34.64 -19.58
CA ASP D 3154 -142.14 34.77 -18.66
C ASP D 3154 -142.95 36.01 -18.95
N ASP D 3155 -142.31 37.20 -18.86
CA ASP D 3155 -142.93 38.46 -19.26
C ASP D 3155 -141.94 39.20 -20.15
N VAL D 3156 -141.94 38.85 -21.44
CA VAL D 3156 -141.18 39.58 -22.45
C VAL D 3156 -142.02 39.99 -23.64
N ILE D 3157 -143.16 39.33 -23.88
CA ILE D 3157 -144.09 39.75 -24.93
C ILE D 3157 -145.34 40.30 -24.27
N LEU D 3158 -145.33 41.59 -23.95
CA LEU D 3158 -146.45 42.22 -23.26
C LEU D 3158 -146.88 43.43 -24.07
N ASP D 3159 -147.70 44.30 -23.50
CA ASP D 3159 -148.25 45.42 -24.25
C ASP D 3159 -147.16 46.21 -24.96
N ASP D 3160 -147.35 46.41 -26.27
CA ASP D 3160 -146.42 46.98 -27.24
C ASP D 3160 -145.38 45.97 -27.70
N VAL D 3161 -145.49 44.70 -27.33
CA VAL D 3161 -144.61 43.66 -27.85
C VAL D 3161 -145.37 42.62 -28.65
N GLN D 3162 -146.61 42.28 -28.24
CA GLN D 3162 -147.39 41.35 -29.06
C GLN D 3162 -147.71 41.96 -30.41
N VAL D 3163 -147.90 43.28 -30.48
CA VAL D 3163 -148.19 43.92 -31.75
C VAL D 3163 -147.02 43.77 -32.71
N SER D 3164 -145.83 43.51 -32.18
CA SER D 3164 -144.66 43.26 -33.01
C SER D 3164 -144.42 41.78 -33.22
N CYS D 3165 -144.70 40.95 -32.21
CA CYS D 3165 -144.49 39.51 -32.36
C CYS D 3165 -145.49 38.92 -33.36
N TYR D 3166 -146.73 39.39 -33.34
CA TYR D 3166 -147.74 38.90 -34.28
C TYR D 3166 -147.37 39.23 -35.72
N ARG D 3167 -146.57 40.27 -35.94
CA ARG D 3167 -146.07 40.59 -37.27
C ARG D 3167 -144.77 39.87 -37.59
N THR D 3168 -143.91 39.67 -36.59
CA THR D 3168 -142.64 38.99 -36.84
C THR D 3168 -142.82 37.51 -37.10
N LEU D 3169 -143.85 36.87 -36.52
CA LEU D 3169 -144.13 35.49 -36.87
C LEU D 3169 -144.57 35.38 -38.32
N CYS D 3170 -145.41 36.32 -38.78
CA CYS D 3170 -145.78 36.34 -40.19
C CYS D 3170 -144.58 36.63 -41.08
N SER D 3171 -143.67 37.48 -40.63
CA SER D 3171 -142.47 37.79 -41.42
C SER D 3171 -141.58 36.55 -41.56
N ILE D 3172 -141.37 35.82 -40.47
CA ILE D 3172 -140.53 34.62 -40.55
C ILE D 3172 -141.23 33.53 -41.34
N TYR D 3173 -142.57 33.48 -41.29
CA TYR D 3173 -143.29 32.57 -42.18
C TYR D 3173 -143.10 32.99 -43.64
N SER D 3174 -143.09 34.29 -43.91
CA SER D 3174 -142.91 34.78 -45.27
C SER D 3174 -141.55 34.42 -45.82
N LEU D 3175 -140.49 34.61 -45.03
CA LEU D 3175 -139.15 34.25 -45.51
C LEU D 3175 -138.67 32.91 -44.96
N GLY D 3176 -139.59 31.99 -44.67
CA GLY D 3176 -139.19 30.63 -44.38
C GLY D 3176 -138.81 29.81 -45.59
N THR D 3177 -138.91 30.40 -46.79
CA THR D 3177 -138.60 29.70 -48.03
C THR D 3177 -137.42 30.30 -48.78
N THR D 3178 -136.88 31.44 -48.35
CA THR D 3178 -135.77 32.06 -49.06
C THR D 3178 -134.48 31.26 -48.89
N GLU D 3184 -128.57 33.08 -51.22
CA GLU D 3184 -127.24 32.76 -51.75
C GLU D 3184 -126.24 32.58 -50.61
N LYS D 3185 -125.40 33.59 -50.41
CA LYS D 3185 -124.38 33.57 -49.36
C LYS D 3185 -124.91 34.07 -48.02
N LEU D 3186 -126.14 34.53 -47.96
CA LEU D 3186 -126.74 35.03 -46.73
C LEU D 3186 -127.46 33.95 -45.93
N ARG D 3187 -127.52 32.72 -46.45
CA ARG D 3187 -128.27 31.66 -45.78
C ARG D 3187 -127.80 31.37 -44.36
N PRO D 3188 -126.50 31.28 -44.07
CA PRO D 3188 -126.11 31.04 -42.66
C PRO D 3188 -126.59 32.12 -41.71
N ALA D 3189 -126.59 33.38 -42.14
CA ALA D 3189 -127.07 34.44 -41.26
C ALA D 3189 -128.55 34.29 -40.94
N LEU D 3190 -129.37 34.01 -41.96
CA LEU D 3190 -130.79 33.79 -41.72
C LEU D 3190 -131.02 32.57 -40.84
N GLY D 3191 -130.25 31.50 -41.05
CA GLY D 3191 -130.38 30.33 -40.22
C GLY D 3191 -130.04 30.61 -38.76
N GLU D 3192 -128.96 31.35 -38.53
CA GLU D 3192 -128.59 31.72 -37.16
C GLU D 3192 -129.66 32.59 -36.52
N CYS D 3193 -130.19 33.56 -37.28
CA CYS D 3193 -131.24 34.41 -36.74
C CYS D 3193 -132.49 33.62 -36.39
N LEU D 3194 -132.89 32.68 -37.26
CA LEU D 3194 -134.06 31.86 -36.98
C LEU D 3194 -133.83 30.96 -35.78
N ALA D 3195 -132.62 30.41 -35.65
CA ALA D 3195 -132.31 29.58 -34.48
C ALA D 3195 -132.37 30.39 -33.21
N ARG D 3196 -131.82 31.60 -33.23
CA ARG D 3196 -131.86 32.45 -32.04
C ARG D 3196 -133.28 32.84 -31.68
N LEU D 3197 -134.11 33.16 -32.68
CA LEU D 3197 -135.49 33.56 -32.41
C LEU D 3197 -136.31 32.39 -31.88
N ALA D 3198 -136.15 31.20 -32.48
CA ALA D 3198 -136.96 30.05 -32.10
C ALA D 3198 -136.69 29.59 -30.67
N ALA D 3199 -135.58 29.99 -30.08
CA ALA D 3199 -135.26 29.61 -28.71
C ALA D 3199 -135.92 30.50 -27.67
N ALA D 3200 -136.63 31.54 -28.09
CA ALA D 3200 -137.32 32.43 -27.17
C ALA D 3200 -138.49 31.73 -26.48
N ARG D 3248 -144.87 14.74 -37.70
CA ARG D 3248 -145.50 15.51 -38.77
C ARG D 3248 -144.56 16.58 -39.31
N LEU D 3249 -144.16 17.51 -38.44
CA LEU D 3249 -143.25 18.56 -38.85
C LEU D 3249 -141.88 18.00 -39.22
N MET D 3250 -141.39 17.03 -38.45
CA MET D 3250 -140.07 16.44 -38.68
C MET D 3250 -140.11 15.21 -39.57
N ALA D 3251 -141.30 14.78 -40.01
CA ALA D 3251 -141.39 13.63 -40.91
C ALA D 3251 -140.72 13.92 -42.24
N ASP D 3252 -140.89 15.13 -42.76
CA ASP D 3252 -140.26 15.50 -44.02
C ASP D 3252 -138.73 15.46 -43.91
N ILE D 3253 -138.20 15.86 -42.74
CA ILE D 3253 -136.75 15.84 -42.54
C ILE D 3253 -136.21 14.41 -42.67
N GLY D 3254 -136.89 13.45 -42.05
CA GLY D 3254 -136.52 12.06 -42.22
C GLY D 3254 -136.81 11.52 -43.60
N GLY D 3255 -137.72 12.16 -44.34
CA GLY D 3255 -138.02 11.70 -45.68
C GLY D 3255 -136.84 11.84 -46.63
N LEU D 3256 -136.13 12.96 -46.56
CA LEU D 3256 -135.01 13.24 -47.45
C LEU D 3256 -133.66 12.95 -46.82
N ALA D 3257 -133.63 12.22 -45.71
CA ALA D 3257 -132.38 11.90 -45.05
C ALA D 3257 -131.43 11.14 -45.98
N GLU D 3258 -131.98 10.20 -46.75
CA GLU D 3258 -131.19 9.51 -47.76
C GLU D 3258 -131.07 10.37 -49.02
N SER D 3259 -130.13 9.99 -49.88
CA SER D 3259 -129.88 10.66 -51.15
C SER D 3259 -129.54 12.15 -50.92
N GLY D 3260 -128.43 12.38 -50.24
CA GLY D 3260 -127.96 13.72 -49.98
C GLY D 3260 -126.80 14.12 -50.88
N ALA D 3261 -125.58 14.06 -50.35
CA ALA D 3261 -124.35 14.33 -51.09
C ALA D 3261 -124.31 15.74 -51.66
N ARG D 3262 -125.03 16.69 -51.04
CA ARG D 3262 -125.05 18.07 -51.50
C ARG D 3262 -125.53 18.95 -50.35
N TYR D 3263 -124.75 19.97 -50.02
CA TYR D 3263 -125.10 20.85 -48.92
C TYR D 3263 -126.13 21.91 -49.29
N THR D 3264 -126.33 22.16 -50.59
CA THR D 3264 -127.25 23.21 -51.01
C THR D 3264 -128.12 22.85 -52.21
N GLU D 3265 -127.94 21.68 -52.82
CA GLU D 3265 -128.70 21.38 -54.04
C GLU D 3265 -130.11 20.90 -53.70
N MET D 3266 -130.22 19.75 -53.04
CA MET D 3266 -131.53 19.31 -52.56
C MET D 3266 -131.81 19.89 -51.17
N PRO D 3267 -130.89 19.79 -50.20
CA PRO D 3267 -131.17 20.37 -48.87
C PRO D 3267 -130.80 21.86 -48.78
N HIS D 3268 -131.45 22.67 -49.62
CA HIS D 3268 -131.19 24.11 -49.56
C HIS D 3268 -131.87 24.75 -48.37
N VAL D 3269 -133.17 24.45 -48.17
CA VAL D 3269 -133.89 24.98 -47.02
C VAL D 3269 -133.56 24.22 -45.75
N ILE D 3270 -133.01 23.01 -45.87
CA ILE D 3270 -132.66 22.22 -44.68
C ILE D 3270 -131.60 22.94 -43.86
N GLU D 3271 -130.63 23.56 -44.53
CA GLU D 3271 -129.53 24.22 -43.82
C GLU D 3271 -130.02 25.34 -42.92
N ILE D 3272 -131.15 25.97 -43.26
CA ILE D 3272 -131.68 27.06 -42.45
C ILE D 3272 -132.83 26.64 -41.54
N THR D 3273 -133.49 25.51 -41.83
CA THR D 3273 -134.59 25.06 -41.00
C THR D 3273 -134.18 24.05 -39.94
N LEU D 3274 -133.05 23.38 -40.11
CA LEU D 3274 -132.58 22.44 -39.08
C LEU D 3274 -132.29 23.13 -37.75
N PRO D 3275 -131.55 24.24 -37.70
CA PRO D 3275 -131.38 24.94 -36.41
C PRO D 3275 -132.69 25.44 -35.82
N MET D 3276 -133.69 25.75 -36.65
CA MET D 3276 -134.96 26.24 -36.14
C MET D 3276 -135.58 25.24 -35.16
N LEU D 3277 -135.90 24.04 -35.65
CA LEU D 3277 -136.45 23.03 -34.75
C LEU D 3277 -135.40 22.49 -33.78
N CYS D 3278 -134.12 22.51 -34.15
CA CYS D 3278 -133.07 22.09 -33.23
C CYS D 3278 -133.00 22.96 -31.99
N SER D 3279 -133.45 24.22 -32.09
CA SER D 3279 -133.58 25.08 -30.92
C SER D 3279 -134.99 25.10 -30.34
N TYR D 3280 -136.01 24.85 -31.15
CA TYR D 3280 -137.38 24.85 -30.65
C TYR D 3280 -137.65 23.63 -29.76
N LEU D 3281 -137.16 22.46 -30.16
CA LEU D 3281 -137.43 21.24 -29.39
C LEU D 3281 -136.90 21.28 -27.97
N PRO D 3282 -135.66 21.70 -27.70
CA PRO D 3282 -135.22 21.82 -26.30
C PRO D 3282 -136.05 22.80 -25.49
N ARG D 3283 -136.57 23.85 -26.13
CA ARG D 3283 -137.40 24.81 -25.41
C ARG D 3283 -138.75 24.22 -24.99
N TRP D 3284 -139.15 23.10 -25.59
CA TRP D 3284 -140.42 22.45 -25.24
C TRP D 3284 -140.18 21.18 -24.45
N CYS D 3304 -150.58 19.71 -22.78
CA CYS D 3304 -150.26 21.13 -22.72
C CYS D 3304 -148.75 21.34 -22.85
N THR D 3305 -147.98 20.45 -22.24
CA THR D 3305 -146.53 20.54 -22.25
C THR D 3305 -145.96 19.12 -22.20
N ALA D 3306 -144.67 19.01 -21.87
CA ALA D 3306 -143.98 17.73 -21.73
C ALA D 3306 -144.01 16.94 -23.05
N VAL D 3307 -143.41 17.54 -24.07
CA VAL D 3307 -143.28 16.89 -25.36
C VAL D 3307 -142.30 15.72 -25.23
N THR D 3308 -142.67 14.57 -25.80
CA THR D 3308 -141.85 13.38 -25.67
C THR D 3308 -140.50 13.56 -26.37
N SER D 3309 -139.50 12.87 -25.84
CA SER D 3309 -138.14 12.96 -26.36
C SER D 3309 -137.89 12.04 -27.56
N ASP D 3310 -138.88 11.25 -27.96
CA ASP D 3310 -138.72 10.39 -29.13
C ASP D 3310 -138.46 11.21 -30.39
N HIS D 3311 -139.18 12.33 -30.55
CA HIS D 3311 -138.96 13.20 -31.69
C HIS D 3311 -137.55 13.79 -31.68
N LEU D 3312 -137.06 14.19 -30.51
CA LEU D 3312 -135.73 14.75 -30.41
C LEU D 3312 -134.67 13.70 -30.75
N ASN D 3313 -134.85 12.47 -30.25
CA ASN D 3313 -133.92 11.40 -30.58
C ASN D 3313 -133.94 11.08 -32.08
N SER D 3314 -135.14 11.08 -32.67
CA SER D 3314 -135.23 10.87 -34.11
C SER D 3314 -134.54 11.97 -34.89
N LEU D 3315 -134.66 13.22 -34.42
CA LEU D 3315 -133.98 14.33 -35.06
C LEU D 3315 -132.47 14.18 -34.96
N LEU D 3316 -131.97 13.74 -33.80
CA LEU D 3316 -130.54 13.52 -33.64
C LEU D 3316 -130.05 12.43 -34.58
N GLY D 3317 -130.79 11.32 -34.67
CA GLY D 3317 -130.43 10.28 -35.63
C GLY D 3317 -130.47 10.77 -37.06
N ASN D 3318 -131.46 11.59 -37.40
CA ASN D 3318 -131.59 12.10 -38.75
C ASN D 3318 -130.41 13.02 -39.11
N ILE D 3319 -130.01 13.89 -38.18
CA ILE D 3319 -128.88 14.78 -38.50
C ILE D 3319 -127.58 13.97 -38.56
N LEU D 3320 -127.44 12.94 -37.73
CA LEU D 3320 -126.27 12.08 -37.83
C LEU D 3320 -126.21 11.38 -39.18
N ARG D 3321 -127.35 10.87 -39.65
CA ARG D 3321 -127.40 10.28 -40.98
C ARG D 3321 -127.10 11.31 -42.07
N ILE D 3322 -127.60 12.53 -41.91
CA ILE D 3322 -127.36 13.57 -42.90
C ILE D 3322 -125.88 13.90 -43.01
N ILE D 3323 -125.20 14.04 -41.87
CA ILE D 3323 -123.78 14.38 -41.93
C ILE D 3323 -122.97 13.20 -42.45
N VAL D 3324 -123.33 11.97 -42.06
CA VAL D 3324 -122.58 10.82 -42.56
C VAL D 3324 -122.85 10.58 -44.05
N ASN D 3325 -123.96 11.09 -44.58
CA ASN D 3325 -124.23 10.94 -46.01
C ASN D 3325 -123.18 11.65 -46.84
N ASN D 3326 -122.79 12.86 -46.45
CA ASN D 3326 -121.74 13.62 -47.14
C ASN D 3326 -120.36 13.25 -46.62
N LEU D 3327 -120.05 11.96 -46.63
CA LEU D 3327 -118.77 11.49 -46.09
C LEU D 3327 -117.60 11.95 -46.94
N GLY D 3328 -117.74 11.92 -48.26
CA GLY D 3328 -116.64 12.24 -49.14
C GLY D 3328 -116.85 13.46 -50.00
N ILE D 3329 -117.52 14.48 -49.46
CA ILE D 3329 -117.71 15.72 -50.20
C ILE D 3329 -116.39 16.47 -50.29
N ASP D 3330 -116.23 17.23 -51.37
CA ASP D 3330 -114.99 17.98 -51.57
C ASP D 3330 -114.96 19.23 -50.69
N GLU D 3331 -115.92 20.13 -50.88
CA GLU D 3331 -116.03 21.35 -50.09
C GLU D 3331 -117.35 21.32 -49.34
N ALA D 3332 -117.28 21.47 -48.02
CA ALA D 3332 -118.48 21.44 -47.18
C ALA D 3332 -118.20 22.25 -45.91
N THR D 3333 -118.93 23.36 -45.75
CA THR D 3333 -118.79 24.20 -44.57
C THR D 3333 -119.88 23.96 -43.54
N TRP D 3334 -121.08 23.55 -43.97
CA TRP D 3334 -122.20 23.37 -43.06
C TRP D 3334 -121.93 22.28 -42.02
N MET D 3335 -120.94 21.42 -42.24
CA MET D 3335 -120.61 20.41 -41.26
C MET D 3335 -120.10 21.04 -39.97
N LYS D 3336 -119.30 22.09 -40.07
CA LYS D 3336 -118.73 22.75 -38.91
C LYS D 3336 -119.76 23.58 -38.13
N ARG D 3337 -120.94 23.81 -38.69
CA ARG D 3337 -121.98 24.59 -38.04
C ARG D 3337 -123.16 23.74 -37.55
N LEU D 3338 -123.51 22.69 -38.29
CA LEU D 3338 -124.60 21.82 -37.87
C LEU D 3338 -124.28 21.12 -36.55
N ALA D 3339 -123.03 20.67 -36.38
CA ALA D 3339 -122.63 20.03 -35.13
C ALA D 3339 -122.71 21.01 -33.96
N VAL D 3340 -122.27 22.25 -34.18
CA VAL D 3340 -122.36 23.26 -33.13
C VAL D 3340 -123.81 23.54 -32.77
N PHE D 3341 -124.68 23.62 -33.78
CA PHE D 3341 -126.10 23.87 -33.52
C PHE D 3341 -126.74 22.71 -32.78
N ALA D 3342 -126.39 21.47 -33.12
CA ALA D 3342 -127.01 20.29 -32.54
C ALA D 3342 -126.34 19.80 -31.26
N GLN D 3343 -125.24 20.42 -30.85
CA GLN D 3343 -124.59 20.04 -29.59
C GLN D 3343 -125.54 20.03 -28.40
N PRO D 3344 -126.38 21.05 -28.17
CA PRO D 3344 -127.30 20.98 -27.01
C PRO D 3344 -128.45 20.00 -27.20
N ILE D 3345 -128.63 19.43 -28.38
CA ILE D 3345 -129.72 18.51 -28.64
C ILE D 3345 -129.33 17.05 -28.37
N VAL D 3346 -128.17 16.83 -27.77
CA VAL D 3346 -127.68 15.48 -27.49
C VAL D 3346 -127.63 15.16 -26.01
N SER D 3347 -127.80 16.15 -25.14
CA SER D 3347 -127.75 15.90 -23.70
C SER D 3347 -128.85 14.94 -23.26
N ARG D 3348 -130.07 15.14 -23.77
CA ARG D 3348 -131.19 14.25 -23.50
C ARG D 3348 -131.38 13.34 -24.70
N ALA D 3349 -130.57 12.28 -24.75
CA ALA D 3349 -130.58 11.34 -25.86
C ALA D 3349 -130.80 9.93 -25.33
N ARG D 3350 -131.51 9.12 -26.12
CA ARG D 3350 -131.79 7.75 -25.72
C ARG D 3350 -130.50 6.93 -25.69
N PRO D 3351 -130.33 6.07 -24.68
CA PRO D 3351 -129.09 5.27 -24.61
C PRO D 3351 -128.89 4.34 -25.79
N GLU D 3352 -129.97 3.82 -26.37
CA GLU D 3352 -129.86 2.82 -27.42
C GLU D 3352 -130.21 3.33 -28.81
N LEU D 3353 -131.10 4.32 -28.91
CA LEU D 3353 -131.47 4.83 -30.22
C LEU D 3353 -130.29 5.49 -30.93
N LEU D 3354 -129.51 6.28 -30.19
CA LEU D 3354 -128.35 6.94 -30.79
C LEU D 3354 -127.18 5.99 -30.97
N HIS D 3355 -127.01 5.03 -30.06
CA HIS D 3355 -125.87 4.12 -30.13
C HIS D 3355 -125.92 3.20 -31.35
N SER D 3356 -127.13 2.90 -31.86
CA SER D 3356 -127.23 2.13 -33.09
C SER D 3356 -126.91 2.96 -34.33
N HIS D 3357 -126.84 4.28 -34.21
CA HIS D 3357 -126.40 5.15 -35.30
C HIS D 3357 -124.97 5.63 -35.15
N PHE D 3358 -124.47 5.79 -33.92
CA PHE D 3358 -123.12 6.28 -33.71
C PHE D 3358 -122.06 5.24 -34.07
N ILE D 3359 -122.41 3.96 -34.08
CA ILE D 3359 -121.45 2.90 -34.40
C ILE D 3359 -121.18 2.85 -35.90
N PRO D 3360 -122.20 2.77 -36.78
CA PRO D 3360 -121.89 2.72 -38.22
C PRO D 3360 -121.17 3.96 -38.74
N THR D 3361 -121.48 5.14 -38.20
CA THR D 3361 -120.84 6.36 -38.69
C THR D 3361 -119.35 6.36 -38.38
N ILE D 3362 -118.99 6.09 -37.12
CA ILE D 3362 -117.59 6.06 -36.75
C ILE D 3362 -116.89 4.87 -37.42
N GLY D 3363 -117.63 3.79 -37.66
CA GLY D 3363 -117.05 2.66 -38.38
C GLY D 3363 -116.68 3.01 -39.81
N ARG D 3364 -117.58 3.69 -40.52
CA ARG D 3364 -117.26 4.15 -41.87
C ARG D 3364 -116.13 5.17 -41.86
N LEU D 3365 -116.10 6.04 -40.85
CA LEU D 3365 -115.01 7.00 -40.73
C LEU D 3365 -113.67 6.30 -40.53
N ARG D 3366 -113.64 5.26 -39.69
CA ARG D 3366 -112.41 4.50 -39.48
C ARG D 3366 -112.02 3.73 -40.73
N LYS D 3367 -113.01 3.23 -41.48
CA LYS D 3367 -112.71 2.57 -42.74
C LYS D 3367 -112.09 3.55 -43.74
N ARG D 3368 -112.60 4.77 -43.79
CA ARG D 3368 -112.00 5.80 -44.64
C ARG D 3368 -110.58 6.11 -44.20
N ALA D 3369 -110.36 6.21 -42.88
CA ALA D 3369 -109.02 6.46 -42.38
C ALA D 3369 -108.07 5.33 -42.75
N GLY D 3370 -108.53 4.09 -42.65
CA GLY D 3370 -107.71 2.95 -43.04
C GLY D 3370 -107.42 2.91 -44.53
N LYS D 3371 -108.39 3.31 -45.35
CA LYS D 3371 -108.17 3.38 -46.79
C LYS D 3371 -107.24 4.52 -47.18
N VAL D 3372 -107.19 5.59 -46.39
CA VAL D 3372 -106.35 6.74 -46.72
C VAL D 3372 -104.95 6.66 -46.13
N VAL D 3373 -104.75 5.92 -45.04
CA VAL D 3373 -103.40 5.78 -44.49
C VAL D 3373 -102.53 4.93 -45.41
N ALA D 3374 -103.14 3.99 -46.13
CA ALA D 3374 -102.38 3.15 -47.04
C ALA D 3374 -101.73 3.95 -48.16
N GLU D 3375 -102.39 5.03 -48.61
CA GLU D 3375 -101.78 5.87 -49.63
C GLU D 3375 -100.48 6.50 -49.14
N GLU D 3376 -100.50 7.03 -47.92
CA GLU D 3376 -99.27 7.61 -47.36
C GLU D 3376 -98.23 6.52 -47.10
N GLU D 3377 -98.66 5.34 -46.69
CA GLU D 3377 -97.73 4.24 -46.47
C GLU D 3377 -97.03 3.84 -47.76
N GLN D 3378 -97.78 3.75 -48.86
CA GLN D 3378 -97.19 3.39 -50.15
C GLN D 3378 -96.47 4.55 -50.80
N LEU D 3379 -96.70 5.79 -50.33
CA LEU D 3379 -96.00 6.93 -50.90
C LEU D 3379 -94.49 6.83 -50.66
N ARG D 3380 -94.10 6.40 -49.47
CA ARG D 3380 -92.68 6.25 -49.15
C ARG D 3380 -92.07 5.05 -49.86
N GLU D 3386 -93.73 13.09 -58.84
CA GLU D 3386 -94.38 11.91 -58.29
C GLU D 3386 -94.64 12.07 -56.80
N ALA D 3387 -93.58 12.36 -56.04
CA ALA D 3387 -93.73 12.54 -54.60
C ALA D 3387 -94.58 13.76 -54.27
N GLU D 3388 -94.40 14.86 -54.99
CA GLU D 3388 -95.12 16.09 -54.67
C GLU D 3388 -96.61 15.94 -54.93
N GLU D 3389 -96.99 15.33 -56.05
CA GLU D 3389 -98.41 15.14 -56.35
C GLU D 3389 -99.08 14.24 -55.33
N GLY D 3390 -98.41 13.14 -54.96
CA GLY D 3390 -98.96 12.26 -53.94
C GLY D 3390 -99.07 12.94 -52.59
N GLU D 3391 -98.07 13.76 -52.25
CA GLU D 3391 -98.13 14.50 -50.99
C GLU D 3391 -99.29 15.47 -50.97
N LEU D 3392 -99.51 16.19 -52.08
CA LEU D 3392 -100.65 17.11 -52.15
C LEU D 3392 -101.97 16.35 -52.05
N LEU D 3393 -102.08 15.21 -52.75
CA LEU D 3393 -103.32 14.44 -52.70
C LEU D 3393 -103.61 13.93 -51.29
N VAL D 3394 -102.59 13.38 -50.62
CA VAL D 3394 -102.81 12.87 -49.27
C VAL D 3394 -103.06 14.01 -48.30
N ARG D 3395 -102.47 15.18 -48.53
CA ARG D 3395 -102.77 16.34 -47.68
C ARG D 3395 -104.22 16.76 -47.82
N ASP D 3396 -104.73 16.80 -49.06
CA ASP D 3396 -106.14 17.13 -49.25
C ASP D 3396 -107.05 16.08 -48.62
N GLU D 3397 -106.72 14.80 -48.79
CA GLU D 3397 -107.53 13.73 -48.20
C GLU D 3397 -107.51 13.81 -46.68
N PHE D 3398 -106.36 14.10 -46.10
CA PHE D 3398 -106.26 14.23 -44.64
C PHE D 3398 -107.01 15.45 -44.13
N SER D 3399 -107.00 16.53 -44.91
CA SER D 3399 -107.81 17.69 -44.53
C SER D 3399 -109.30 17.36 -44.54
N VAL D 3400 -109.74 16.61 -45.56
CA VAL D 3400 -111.14 16.18 -45.61
C VAL D 3400 -111.48 15.30 -44.41
N LEU D 3401 -110.60 14.35 -44.10
CA LEU D 3401 -110.84 13.45 -42.98
C LEU D 3401 -110.83 14.21 -41.65
N CYS D 3402 -109.96 15.21 -41.51
CA CYS D 3402 -109.94 16.03 -40.31
C CYS D 3402 -111.23 16.84 -40.18
N ARG D 3403 -111.73 17.37 -41.29
CA ARG D 3403 -113.00 18.08 -41.26
C ARG D 3403 -114.13 17.16 -40.81
N ASP D 3404 -114.19 15.94 -41.35
CA ASP D 3404 -115.21 14.99 -40.93
C ASP D 3404 -115.05 14.63 -39.45
N LEU D 3405 -113.81 14.46 -39.00
CA LEU D 3405 -113.55 14.16 -37.59
C LEU D 3405 -114.04 15.28 -36.69
N TYR D 3406 -113.71 16.53 -37.03
CA TYR D 3406 -114.12 17.65 -36.19
C TYR D 3406 -115.60 17.98 -36.33
N ALA D 3407 -116.27 17.46 -37.35
CA ALA D 3407 -117.72 17.60 -37.47
C ALA D 3407 -118.48 16.49 -36.78
N LEU D 3408 -117.89 15.32 -36.58
CA LEU D 3408 -118.59 14.21 -35.92
C LEU D 3408 -118.21 14.00 -34.47
N TYR D 3409 -116.93 14.13 -34.12
CA TYR D 3409 -116.48 13.85 -32.76
C TYR D 3409 -117.15 14.70 -31.68
N PRO D 3410 -117.36 16.02 -31.84
CA PRO D 3410 -118.02 16.78 -30.77
C PRO D 3410 -119.39 16.25 -30.40
N LEU D 3411 -120.13 15.69 -31.35
CA LEU D 3411 -121.40 15.04 -31.04
C LEU D 3411 -121.21 13.73 -30.28
N LEU D 3412 -119.99 13.20 -30.25
CA LEU D 3412 -119.67 11.97 -29.53
C LEU D 3412 -119.10 12.22 -28.15
N ILE D 3413 -118.32 13.29 -27.97
CA ILE D 3413 -117.74 13.59 -26.67
C ILE D 3413 -118.84 13.89 -25.65
N ARG D 3414 -119.85 14.66 -26.06
CA ARG D 3414 -120.95 14.96 -25.15
C ARG D 3414 -121.76 13.71 -24.84
N TYR D 3415 -121.97 12.84 -25.83
CA TYR D 3415 -122.68 11.59 -25.59
C TYR D 3415 -121.86 10.63 -24.74
N VAL D 3416 -120.55 10.79 -24.69
CA VAL D 3416 -119.71 9.96 -23.84
C VAL D 3416 -119.61 10.52 -22.42
N ASP D 3417 -119.69 11.84 -22.26
CA ASP D 3417 -119.68 12.44 -20.93
C ASP D 3417 -120.85 11.92 -20.10
N ASN D 3418 -122.03 11.86 -20.70
CA ASN D 3418 -123.15 11.13 -20.12
C ASN D 3418 -123.11 9.68 -20.60
N ASN D 3419 -123.98 8.86 -20.03
CA ASN D 3419 -124.11 7.44 -20.35
C ASN D 3419 -122.81 6.67 -20.14
N ARG D 3420 -121.84 7.24 -19.42
CA ARG D 3420 -120.60 6.53 -19.14
C ARG D 3420 -120.67 5.78 -17.81
N ALA D 3421 -121.36 6.34 -16.82
CA ALA D 3421 -121.59 5.62 -15.57
C ALA D 3421 -122.41 4.37 -15.83
N HIS D 3422 -123.40 4.46 -16.73
CA HIS D 3422 -124.17 3.28 -17.11
C HIS D 3422 -123.30 2.24 -17.78
N TRP D 3423 -122.40 2.68 -18.67
CA TRP D 3423 -121.52 1.76 -19.38
C TRP D 3423 -120.42 1.19 -18.49
N LEU D 3424 -120.15 1.82 -17.34
CA LEU D 3424 -119.14 1.33 -16.41
C LEU D 3424 -119.73 0.40 -15.35
N THR D 3425 -120.84 0.80 -14.72
CA THR D 3425 -121.49 -0.08 -13.75
C THR D 3425 -122.01 -1.35 -14.43
N GLU D 3426 -122.62 -1.20 -15.60
CA GLU D 3426 -123.08 -2.35 -16.39
C GLU D 3426 -122.34 -2.34 -17.72
N PRO D 3427 -121.29 -3.15 -17.88
CA PRO D 3427 -120.50 -3.11 -19.11
C PRO D 3427 -121.33 -3.50 -20.33
N ASN D 3428 -121.05 -2.83 -21.45
CA ASN D 3428 -121.73 -3.08 -22.70
C ASN D 3428 -120.71 -3.37 -23.79
N ALA D 3429 -121.00 -4.36 -24.62
CA ALA D 3429 -120.08 -4.74 -25.70
C ALA D 3429 -119.92 -3.62 -26.72
N ASN D 3430 -121.01 -2.91 -27.01
CA ASN D 3430 -120.95 -1.82 -27.98
C ASN D 3430 -120.03 -0.70 -27.50
N ALA D 3431 -120.03 -0.44 -26.19
CA ALA D 3431 -119.12 0.57 -25.66
C ALA D 3431 -117.66 0.17 -25.86
N GLU D 3432 -117.34 -1.12 -25.62
CA GLU D 3432 -115.98 -1.59 -25.85
C GLU D 3432 -115.61 -1.52 -27.33
N GLU D 3433 -116.56 -1.85 -28.22
CA GLU D 3433 -116.29 -1.73 -29.64
C GLU D 3433 -116.02 -0.29 -30.04
N LEU D 3434 -116.82 0.64 -29.50
CA LEU D 3434 -116.58 2.06 -29.79
C LEU D 3434 -115.23 2.50 -29.27
N PHE D 3435 -114.84 2.03 -28.09
CA PHE D 3435 -113.50 2.34 -27.57
C PHE D 3435 -112.42 1.81 -28.50
N ARG D 3436 -112.58 0.58 -29.00
CA ARG D 3436 -111.59 0.01 -29.89
C ARG D 3436 -111.47 0.82 -31.17
N MET D 3437 -112.60 1.23 -31.76
CA MET D 3437 -112.55 2.03 -32.98
C MET D 3437 -111.93 3.40 -32.73
N VAL D 3438 -112.28 4.03 -31.61
CA VAL D 3438 -111.67 5.32 -31.28
C VAL D 3438 -110.17 5.18 -31.09
N GLY D 3439 -109.74 4.12 -30.41
CA GLY D 3439 -108.31 3.89 -30.23
C GLY D 3439 -107.61 3.59 -31.54
N GLU D 3440 -108.29 2.89 -32.45
CA GLU D 3440 -107.72 2.65 -33.78
C GLU D 3440 -107.51 3.95 -34.53
N ILE D 3441 -108.50 4.84 -34.50
CA ILE D 3441 -108.32 6.15 -35.12
C ILE D 3441 -107.19 6.90 -34.43
N PHE D 3442 -107.06 6.76 -33.11
CA PHE D 3442 -106.01 7.45 -32.38
C PHE D 3442 -104.62 6.99 -32.82
N ILE D 3443 -104.43 5.67 -32.94
CA ILE D 3443 -103.10 5.17 -33.34
C ILE D 3443 -102.83 5.51 -34.79
N TYR D 3444 -103.88 5.50 -35.63
CA TYR D 3444 -103.70 5.94 -37.01
C TYR D 3444 -103.23 7.38 -37.07
N TRP D 3445 -103.79 8.24 -36.22
CA TRP D 3445 -103.33 9.62 -36.14
C TRP D 3445 -101.91 9.71 -35.59
N SER D 3446 -101.57 8.85 -34.62
CA SER D 3446 -100.29 8.95 -33.95
C SER D 3446 -99.14 8.52 -34.87
N LYS D 3447 -99.31 7.41 -35.58
CA LYS D 3447 -98.25 6.87 -36.43
C LYS D 3447 -98.30 7.46 -37.83
N SER D 3448 -98.40 8.79 -37.90
CA SER D 3448 -98.34 9.52 -39.17
C SER D 3448 -98.19 11.01 -38.90
N HIS D 3449 -97.20 11.64 -39.55
CA HIS D 3449 -96.97 13.06 -39.34
C HIS D 3449 -97.97 13.93 -40.10
N ASN D 3450 -98.39 13.48 -41.28
CA ASN D 3450 -99.30 14.27 -42.10
C ASN D 3450 -100.65 14.48 -41.41
N PHE D 3451 -101.13 13.48 -40.66
CA PHE D 3451 -102.39 13.65 -39.93
C PHE D 3451 -102.28 14.78 -38.92
N LYS D 3452 -101.21 14.80 -38.13
CA LYS D 3452 -101.03 15.87 -37.14
C LYS D 3452 -100.88 17.23 -37.81
N ARG D 3453 -100.08 17.29 -38.88
CA ARG D 3453 -99.89 18.57 -39.57
C ARG D 3453 -101.20 19.08 -40.15
N GLU D 3454 -101.99 18.21 -40.78
CA GLU D 3454 -103.25 18.62 -41.36
C GLU D 3454 -104.25 19.04 -40.29
N GLU D 3455 -104.28 18.32 -39.17
CA GLU D 3455 -105.19 18.70 -38.09
C GLU D 3455 -104.82 20.08 -37.53
N GLN D 3456 -103.53 20.32 -37.31
CA GLN D 3456 -103.11 21.62 -36.81
C GLN D 3456 -103.43 22.74 -37.81
N ASN D 3457 -103.18 22.48 -39.10
CA ASN D 3457 -103.48 23.49 -40.11
C ASN D 3457 -104.97 23.77 -40.20
N PHE D 3458 -105.80 22.71 -40.13
CA PHE D 3458 -107.24 22.89 -40.13
C PHE D 3458 -107.70 23.73 -38.94
N VAL D 3459 -107.18 23.43 -37.76
CA VAL D 3459 -107.58 24.15 -36.56
C VAL D 3459 -107.19 25.62 -36.64
N VAL D 3460 -105.96 25.89 -37.07
CA VAL D 3460 -105.51 27.28 -37.12
C VAL D 3460 -106.21 28.04 -38.25
N GLN D 3461 -106.55 27.36 -39.35
CA GLN D 3461 -107.17 28.04 -40.48
C GLN D 3461 -108.62 28.39 -40.18
N ASN D 3462 -109.38 27.47 -39.59
CA ASN D 3462 -110.77 27.74 -39.30
C ASN D 3462 -110.99 28.29 -37.90
N GLU D 3463 -109.91 28.52 -37.13
CA GLU D 3463 -109.98 29.13 -35.81
C GLU D 3463 -110.93 28.36 -34.89
N ILE D 3464 -110.86 27.03 -34.96
CA ILE D 3464 -111.70 26.19 -34.11
C ILE D 3464 -111.23 26.34 -32.67
N ASN D 3465 -112.19 26.57 -31.77
CA ASN D 3465 -111.86 26.77 -30.36
C ASN D 3465 -111.23 25.51 -29.77
N ASN D 3466 -111.78 24.34 -30.09
CA ASN D 3466 -111.31 23.05 -29.60
C ASN D 3466 -111.35 22.95 -28.08
N MET D 3467 -112.07 23.85 -27.41
CA MET D 3467 -112.20 23.83 -25.97
C MET D 3467 -113.66 23.88 -25.57
N SER D 3468 -114.49 24.51 -26.41
CA SER D 3468 -115.93 24.57 -26.14
C SER D 3468 -116.58 23.21 -26.31
N PHE D 3469 -116.02 22.35 -27.18
CA PHE D 3469 -116.57 21.01 -27.34
C PHE D 3469 -116.43 20.21 -26.06
N LEU D 3470 -115.29 20.32 -25.38
CA LEU D 3470 -115.05 19.67 -24.11
C LEU D 3470 -115.41 20.54 -22.91
N THR D 3471 -115.92 21.75 -23.16
CA THR D 3471 -116.29 22.69 -22.11
C THR D 3471 -115.12 22.99 -21.17
N TYR D 3503 -98.64 22.82 -30.85
CA TYR D 3503 -98.78 23.75 -29.75
C TYR D 3503 -99.97 23.38 -28.86
N SER D 3504 -101.15 23.38 -29.46
CA SER D 3504 -102.38 23.04 -28.74
C SER D 3504 -102.70 21.55 -28.84
N VAL D 3505 -101.71 20.72 -28.49
CA VAL D 3505 -101.91 19.27 -28.54
C VAL D 3505 -102.87 18.82 -27.45
N GLN D 3506 -102.76 19.41 -26.25
CA GLN D 3506 -103.60 19.01 -25.14
C GLN D 3506 -105.07 19.32 -25.36
N THR D 3507 -105.39 20.24 -26.28
CA THR D 3507 -106.76 20.60 -26.59
C THR D 3507 -107.26 19.93 -27.87
N SER D 3508 -106.56 18.91 -28.35
CA SER D 3508 -106.98 18.22 -29.57
C SER D 3508 -108.26 17.43 -29.31
N LEU D 3509 -108.95 17.12 -30.40
CA LEU D 3509 -110.23 16.42 -30.34
C LEU D 3509 -110.05 14.91 -30.19
N ILE D 3510 -109.20 14.31 -31.02
CA ILE D 3510 -108.98 12.87 -30.98
C ILE D 3510 -108.40 12.46 -29.63
N VAL D 3511 -107.41 13.22 -29.14
CA VAL D 3511 -106.77 12.88 -27.88
C VAL D 3511 -107.75 12.99 -26.73
N ALA D 3512 -108.56 14.05 -26.71
CA ALA D 3512 -109.55 14.21 -25.64
C ALA D 3512 -110.59 13.10 -25.67
N THR D 3513 -111.07 12.75 -26.88
CA THR D 3513 -112.05 11.67 -26.97
C THR D 3513 -111.45 10.34 -26.51
N LEU D 3514 -110.21 10.05 -26.89
CA LEU D 3514 -109.57 8.82 -26.45
C LEU D 3514 -109.38 8.81 -24.95
N LYS D 3515 -109.00 9.94 -24.36
CA LYS D 3515 -108.83 10.01 -22.91
C LYS D 3515 -110.17 9.78 -22.20
N LYS D 3516 -111.25 10.33 -22.77
CA LYS D 3516 -112.56 10.13 -22.16
C LYS D 3516 -113.03 8.68 -22.27
N MET D 3517 -112.71 8.02 -23.38
CA MET D 3517 -113.15 6.66 -23.61
C MET D 3517 -112.21 5.60 -23.05
N LEU D 3518 -111.03 6.00 -22.57
CA LEU D 3518 -110.07 5.02 -22.05
C LEU D 3518 -110.57 4.19 -20.88
N PRO D 3519 -111.23 4.76 -19.86
CA PRO D 3519 -111.72 3.91 -18.75
C PRO D 3519 -112.64 2.80 -19.20
N ILE D 3520 -113.43 3.02 -20.26
CA ILE D 3520 -114.27 1.95 -20.78
C ILE D 3520 -113.42 0.77 -21.25
N GLY D 3521 -112.33 1.07 -21.95
CA GLY D 3521 -111.43 0.01 -22.37
C GLY D 3521 -110.71 -0.66 -21.22
N LEU D 3522 -110.29 0.13 -20.22
CA LEU D 3522 -109.62 -0.45 -19.07
C LEU D 3522 -110.54 -1.34 -18.25
N ASN D 3523 -111.85 -1.04 -18.24
CA ASN D 3523 -112.78 -1.86 -17.49
C ASN D 3523 -112.86 -3.28 -18.04
N MET D 3524 -112.85 -3.43 -19.37
CA MET D 3524 -112.91 -4.76 -19.97
C MET D 3524 -111.64 -5.57 -19.73
N CYS D 3525 -110.55 -4.93 -19.30
CA CYS D 3525 -109.30 -5.62 -19.04
C CYS D 3525 -109.23 -6.02 -17.57
N ALA D 3526 -108.97 -7.31 -17.32
CA ALA D 3526 -108.92 -7.81 -15.96
C ALA D 3526 -107.70 -7.24 -15.23
N PRO D 3527 -107.79 -7.09 -13.91
CA PRO D 3527 -106.61 -6.66 -13.14
C PRO D 3527 -105.44 -7.62 -13.23
N THR D 3528 -105.71 -8.91 -13.52
CA THR D 3528 -104.63 -9.87 -13.69
C THR D 3528 -103.81 -9.55 -14.94
N ASP D 3529 -104.44 -8.97 -15.96
CA ASP D 3529 -103.72 -8.59 -17.17
C ASP D 3529 -102.77 -7.42 -16.95
N GLN D 3530 -102.85 -6.75 -15.80
CA GLN D 3530 -101.90 -5.70 -15.48
C GLN D 3530 -100.49 -6.25 -15.29
N ASP D 3531 -100.34 -7.56 -15.14
CA ASP D 3531 -99.01 -8.16 -15.14
C ASP D 3531 -98.41 -8.24 -16.53
N LEU D 3532 -99.24 -8.49 -17.54
CA LEU D 3532 -98.78 -8.56 -18.93
C LEU D 3532 -98.86 -7.23 -19.66
N ILE D 3533 -99.43 -6.19 -19.04
CA ILE D 3533 -99.55 -4.91 -19.72
C ILE D 3533 -98.17 -4.35 -20.08
N MET D 3534 -97.25 -4.32 -19.12
CA MET D 3534 -95.92 -3.79 -19.43
C MET D 3534 -95.12 -4.74 -20.31
N LEU D 3535 -95.38 -6.05 -20.22
CA LEU D 3535 -94.74 -6.97 -21.14
C LEU D 3535 -95.15 -6.69 -22.58
N ALA D 3536 -96.45 -6.45 -22.81
CA ALA D 3536 -96.91 -6.10 -24.14
C ALA D 3536 -96.37 -4.75 -24.59
N LYS D 3537 -96.26 -3.79 -23.65
CA LYS D 3537 -95.68 -2.50 -23.99
C LYS D 3537 -94.23 -2.64 -24.41
N THR D 3538 -93.44 -3.44 -23.69
CA THR D 3538 -92.06 -3.67 -24.07
C THR D 3538 -91.95 -4.39 -25.41
N ARG D 3539 -92.87 -5.33 -25.66
CA ARG D 3539 -92.89 -6.02 -26.96
C ARG D 3539 -93.17 -5.03 -28.08
N TYR D 3540 -94.12 -4.11 -27.89
CA TYR D 3540 -94.43 -3.10 -28.89
C TYR D 3540 -93.36 -2.01 -28.98
N ALA D 3541 -92.48 -1.92 -27.99
CA ALA D 3541 -91.41 -0.92 -28.03
C ALA D 3541 -90.46 -1.12 -29.20
N LEU D 3542 -90.44 -2.30 -29.81
CA LEU D 3542 -89.57 -2.59 -30.94
C LEU D 3542 -90.30 -2.50 -32.28
N LYS D 3543 -91.28 -1.59 -32.37
CA LYS D 3543 -92.08 -1.40 -33.58
C LYS D 3543 -92.75 -2.71 -34.01
N ASP D 3544 -93.25 -3.46 -33.04
CA ASP D 3544 -93.87 -4.74 -33.31
C ASP D 3544 -95.27 -4.55 -33.91
N THR D 3545 -95.80 -5.62 -34.46
CA THR D 3545 -97.13 -5.64 -35.06
C THR D 3545 -98.14 -6.25 -34.09
N ASP D 3546 -99.43 -6.03 -34.38
CA ASP D 3546 -100.48 -6.57 -33.53
C ASP D 3546 -100.46 -8.09 -33.51
N GLU D 3547 -100.31 -8.72 -34.68
CA GLU D 3547 -100.28 -10.17 -34.74
C GLU D 3547 -99.04 -10.72 -34.03
N GLU D 3548 -97.89 -10.09 -34.24
CA GLU D 3548 -96.67 -10.56 -33.58
C GLU D 3548 -96.76 -10.40 -32.07
N VAL D 3549 -97.30 -9.27 -31.60
CA VAL D 3549 -97.45 -9.07 -30.16
C VAL D 3549 -98.43 -10.07 -29.58
N ARG D 3550 -99.53 -10.33 -30.28
CA ARG D 3550 -100.50 -11.32 -29.80
C ARG D 3550 -99.88 -12.71 -29.72
N GLU D 3551 -99.10 -13.09 -30.74
CA GLU D 3551 -98.45 -14.40 -30.72
C GLU D 3551 -97.44 -14.49 -29.57
N PHE D 3552 -96.66 -13.42 -29.36
CA PHE D 3552 -95.69 -13.42 -28.28
C PHE D 3552 -96.38 -13.54 -26.93
N LEU D 3553 -97.50 -12.81 -26.75
CA LEU D 3553 -98.24 -12.90 -25.49
C LEU D 3553 -98.83 -14.29 -25.28
N GLN D 3554 -99.39 -14.88 -26.33
CA GLN D 3554 -99.93 -16.22 -26.22
C GLN D 3554 -98.84 -17.26 -25.96
N ASN D 3555 -97.61 -17.00 -26.39
CA ASN D 3555 -96.52 -17.93 -26.13
C ASN D 3555 -96.23 -18.06 -24.63
N ASN D 3556 -96.45 -17.00 -23.87
CA ASN D 3556 -96.18 -16.98 -22.43
C ASN D 3556 -97.36 -16.40 -21.68
N LEU D 3557 -98.56 -16.89 -21.97
CA LEU D 3557 -99.77 -16.39 -21.32
C LEU D 3557 -99.91 -16.88 -19.88
N HIS D 3558 -98.93 -17.59 -19.34
CA HIS D 3558 -99.01 -18.13 -17.99
C HIS D 3558 -98.33 -17.23 -16.95
N LEU D 3559 -97.78 -16.08 -17.35
CA LEU D 3559 -97.12 -15.19 -16.41
C LEU D 3559 -98.08 -14.27 -15.68
N GLN D 3560 -99.35 -14.23 -16.07
CA GLN D 3560 -100.33 -13.41 -15.37
C GLN D 3560 -100.81 -14.10 -14.11
N GLY D 3561 -101.39 -13.31 -13.20
CA GLY D 3561 -101.93 -13.85 -11.98
C GLY D 3561 -101.38 -13.21 -10.73
N LYS D 3562 -100.73 -14.01 -9.88
CA LYS D 3562 -100.18 -13.55 -8.60
C LYS D 3562 -101.25 -12.91 -7.73
N VAL D 3563 -102.45 -13.48 -7.75
CA VAL D 3563 -103.55 -12.93 -6.96
C VAL D 3563 -103.27 -13.08 -5.47
N GLU D 3564 -102.73 -14.23 -5.05
CA GLU D 3564 -102.41 -14.45 -3.65
C GLU D 3564 -101.06 -13.89 -3.25
N GLY D 3565 -100.22 -13.49 -4.21
CA GLY D 3565 -98.91 -12.99 -3.90
C GLY D 3565 -98.84 -11.52 -3.54
N SER D 3566 -99.93 -10.78 -3.71
CA SER D 3566 -99.97 -9.36 -3.40
C SER D 3566 -101.23 -9.03 -2.61
N PRO D 3567 -101.16 -8.04 -1.72
CA PRO D 3567 -102.36 -7.64 -0.96
C PRO D 3567 -103.22 -6.64 -1.71
N SER D 3568 -102.64 -5.94 -2.68
CA SER D 3568 -103.36 -4.91 -3.42
C SER D 3568 -104.23 -5.48 -4.54
N LEU D 3569 -104.16 -6.79 -4.80
CA LEU D 3569 -104.95 -7.40 -5.85
C LEU D 3569 -106.23 -8.05 -5.34
N ARG D 3570 -106.32 -8.35 -4.04
CA ARG D 3570 -107.49 -9.08 -3.53
C ARG D 3570 -108.78 -8.29 -3.73
N TRP D 3571 -108.79 -7.03 -3.30
CA TRP D 3571 -110.00 -6.23 -3.43
C TRP D 3571 -110.30 -5.90 -4.88
N GLN D 3572 -109.28 -5.80 -5.73
CA GLN D 3572 -109.52 -5.56 -7.15
C GLN D 3572 -110.27 -6.74 -7.78
N MET D 3573 -109.83 -7.97 -7.51
CA MET D 3573 -110.55 -9.13 -8.01
C MET D 3573 -111.94 -9.23 -7.39
N ALA D 3574 -112.06 -8.91 -6.11
CA ALA D 3574 -113.39 -8.94 -5.48
C ALA D 3574 -114.35 -7.97 -6.15
N LEU D 3575 -113.86 -6.76 -6.46
CA LEU D 3575 -114.69 -5.78 -7.16
C LEU D 3575 -115.03 -6.25 -8.57
N TYR D 3576 -114.07 -6.87 -9.25
CA TYR D 3576 -114.32 -7.36 -10.61
C TYR D 3576 -115.41 -8.42 -10.61
N ARG D 3577 -115.36 -9.37 -9.67
CA ARG D 3577 -116.36 -10.43 -9.65
C ARG D 3577 -117.70 -9.95 -9.10
N GLY D 3578 -117.70 -8.99 -8.19
CA GLY D 3578 -118.90 -8.66 -7.46
C GLY D 3578 -120.02 -7.98 -8.22
N LEU D 3579 -119.82 -6.72 -8.62
CA LEU D 3579 -120.91 -5.90 -9.15
C LEU D 3579 -121.27 -6.20 -10.61
N PRO D 3580 -120.32 -6.46 -11.53
CA PRO D 3580 -120.72 -6.62 -12.94
C PRO D 3580 -121.49 -7.91 -13.20
N GLY D 3581 -121.87 -8.12 -14.46
CA GLY D 3581 -122.59 -9.32 -14.85
C GLY D 3581 -121.66 -10.49 -15.10
N ARG D 3582 -121.82 -11.15 -16.24
CA ARG D 3582 -120.97 -12.27 -16.60
C ARG D 3582 -119.52 -11.80 -16.73
N GLU D 3583 -118.60 -12.56 -16.15
CA GLU D 3583 -117.18 -12.21 -16.16
C GLU D 3583 -116.46 -12.81 -17.36
N GLU D 3584 -116.97 -12.51 -18.57
CA GLU D 3584 -116.41 -12.99 -19.83
C GLU D 3584 -116.27 -14.52 -19.84
N ASP D 3585 -117.28 -15.20 -19.29
CA ASP D 3585 -117.36 -16.65 -19.24
C ASP D 3585 -116.26 -17.26 -18.37
N ALA D 3586 -115.43 -16.40 -17.76
CA ALA D 3586 -114.38 -16.75 -16.80
C ALA D 3586 -113.25 -17.57 -17.40
N ASP D 3587 -113.32 -17.92 -18.69
CA ASP D 3587 -112.26 -18.72 -19.31
C ASP D 3587 -112.28 -18.44 -20.81
N ASP D 3588 -111.34 -17.63 -21.28
CA ASP D 3588 -111.21 -17.33 -22.71
C ASP D 3588 -109.77 -16.93 -23.00
N PRO D 3589 -108.87 -17.91 -23.17
CA PRO D 3589 -107.49 -17.58 -23.54
C PRO D 3589 -107.39 -16.77 -24.83
N GLU D 3590 -108.25 -17.07 -25.81
CA GLU D 3590 -108.21 -16.34 -27.08
C GLU D 3590 -108.59 -14.87 -26.90
N LYS D 3591 -109.58 -14.60 -26.04
CA LYS D 3591 -110.01 -13.23 -25.82
C LYS D 3591 -109.04 -12.42 -24.97
N ILE D 3592 -108.22 -13.10 -24.16
CA ILE D 3592 -107.32 -12.38 -23.26
C ILE D 3592 -106.28 -11.58 -24.07
N VAL D 3593 -105.65 -12.23 -25.04
CA VAL D 3593 -104.66 -11.52 -25.85
C VAL D 3593 -105.32 -10.44 -26.69
N ARG D 3594 -106.53 -10.69 -27.19
CA ARG D 3594 -107.23 -9.69 -27.99
C ARG D 3594 -107.54 -8.46 -27.16
N ARG D 3595 -107.97 -8.63 -25.91
CA ARG D 3595 -108.28 -7.50 -25.05
C ARG D 3595 -107.06 -6.88 -24.39
N VAL D 3596 -105.91 -7.55 -24.42
CA VAL D 3596 -104.68 -6.98 -23.88
C VAL D 3596 -103.91 -6.19 -24.93
N GLN D 3597 -103.87 -6.69 -26.16
CA GLN D 3597 -103.10 -6.02 -27.21
C GLN D 3597 -103.62 -4.61 -27.47
N GLU D 3598 -104.94 -4.46 -27.57
CA GLU D 3598 -105.52 -3.15 -27.86
C GLU D 3598 -105.22 -2.15 -26.76
N VAL D 3599 -105.44 -2.54 -25.49
CA VAL D 3599 -105.22 -1.59 -24.40
C VAL D 3599 -103.75 -1.25 -24.27
N SER D 3600 -102.86 -2.24 -24.50
CA SER D 3600 -101.44 -1.94 -24.46
C SER D 3600 -101.04 -0.98 -25.57
N ALA D 3601 -101.59 -1.15 -26.77
CA ALA D 3601 -101.27 -0.24 -27.86
C ALA D 3601 -101.76 1.17 -27.56
N VAL D 3602 -102.97 1.30 -27.01
CA VAL D 3602 -103.49 2.62 -26.67
C VAL D 3602 -102.63 3.27 -25.58
N LEU D 3603 -102.27 2.50 -24.56
CA LEU D 3603 -101.45 3.05 -23.48
C LEU D 3603 -100.08 3.48 -23.98
N TYR D 3604 -99.50 2.72 -24.91
CA TYR D 3604 -98.23 3.12 -25.50
C TYR D 3604 -98.39 4.41 -26.29
N HIS D 3605 -99.37 4.46 -27.18
CA HIS D 3605 -99.54 5.62 -28.04
C HIS D 3605 -99.92 6.88 -27.27
N LEU D 3606 -100.54 6.73 -26.09
CA LEU D 3606 -100.90 7.89 -25.29
C LEU D 3606 -99.71 8.52 -24.60
N GLU D 3607 -98.60 7.80 -24.47
CA GLU D 3607 -97.47 8.30 -23.70
C GLU D 3607 -96.80 9.49 -24.37
N GLN D 3608 -96.57 9.42 -25.68
CA GLN D 3608 -95.82 10.45 -26.38
C GLN D 3608 -96.61 11.74 -26.58
N THR D 3609 -97.95 11.69 -26.47
CA THR D 3609 -98.75 12.89 -26.69
C THR D 3609 -98.44 13.95 -25.65
N GLU D 3610 -98.30 13.56 -24.38
CA GLU D 3610 -97.94 14.50 -23.33
C GLU D 3610 -96.46 14.86 -23.35
N HIS D 3611 -95.64 14.12 -24.09
CA HIS D 3611 -94.21 14.38 -24.14
C HIS D 3611 -93.80 14.96 -25.49
N THR D 3639 -78.94 48.89 -51.72
CA THR D 3639 -77.98 48.97 -52.82
C THR D 3639 -76.80 49.86 -52.44
N PRO D 3640 -75.90 49.35 -51.60
CA PRO D 3640 -74.77 50.17 -51.15
C PRO D 3640 -73.63 50.30 -52.16
N LEU D 3641 -73.59 49.45 -53.19
CA LEU D 3641 -72.48 49.49 -54.13
C LEU D 3641 -72.54 50.76 -54.98
N TYR D 3642 -73.60 50.92 -55.76
CA TYR D 3642 -73.78 52.10 -56.58
C TYR D 3642 -74.47 53.19 -55.75
N ASN D 3643 -74.92 54.26 -56.41
CA ASN D 3643 -75.43 55.46 -55.76
C ASN D 3643 -74.40 56.09 -54.82
N LEU D 3644 -73.12 55.83 -55.09
CA LEU D 3644 -71.98 56.32 -54.32
C LEU D 3644 -71.12 57.22 -55.19
N PRO D 3645 -70.37 58.14 -54.60
CA PRO D 3645 -69.43 58.94 -55.40
C PRO D 3645 -68.40 58.04 -56.08
N THR D 3646 -68.06 58.40 -57.32
CA THR D 3646 -67.20 57.55 -58.12
C THR D 3646 -65.78 57.48 -57.55
N HIS D 3647 -65.31 58.52 -56.86
CA HIS D 3647 -63.97 58.51 -56.31
C HIS D 3647 -63.84 57.51 -55.16
N ARG D 3648 -64.85 57.43 -54.30
CA ARG D 3648 -64.81 56.47 -53.21
C ARG D 3648 -64.80 55.03 -53.73
N ALA D 3649 -65.68 54.74 -54.70
CA ALA D 3649 -65.69 53.41 -55.30
C ALA D 3649 -64.37 53.11 -56.00
N CYS D 3650 -63.78 54.13 -56.64
CA CYS D 3650 -62.48 53.95 -57.26
C CYS D 3650 -61.42 53.60 -56.23
N ASN D 3651 -61.43 54.27 -55.07
CA ASN D 3651 -60.45 53.97 -54.03
C ASN D 3651 -60.62 52.54 -53.51
N MET D 3652 -61.87 52.13 -53.24
CA MET D 3652 -62.09 50.77 -52.76
C MET D 3652 -61.66 49.75 -53.81
N PHE D 3653 -61.95 50.01 -55.09
CA PHE D 3653 -61.53 49.11 -56.14
C PHE D 3653 -60.01 49.05 -56.24
N LEU D 3654 -59.34 50.20 -56.03
CA LEU D 3654 -57.87 50.19 -56.04
C LEU D 3654 -57.32 49.31 -54.94
N GLU D 3655 -57.84 49.45 -53.72
CA GLU D 3655 -57.36 48.62 -52.62
C GLU D 3655 -57.61 47.14 -52.90
N SER D 3656 -58.82 46.78 -53.34
CA SER D 3656 -59.12 45.38 -53.59
C SER D 3656 -58.28 44.83 -54.73
N TYR D 3657 -58.10 45.60 -55.81
CA TYR D 3657 -57.31 45.14 -56.94
C TYR D 3657 -55.86 44.94 -56.55
N LYS D 3658 -55.29 45.87 -55.77
CA LYS D 3658 -53.93 45.70 -55.30
C LYS D 3658 -53.79 44.46 -54.43
N ALA D 3659 -54.77 44.22 -53.56
CA ALA D 3659 -54.72 43.06 -52.68
C ALA D 3659 -54.97 41.74 -53.39
N ALA D 3660 -55.63 41.75 -54.55
CA ALA D 3660 -56.06 40.51 -55.18
C ALA D 3660 -55.33 40.13 -56.46
N TRP D 3661 -54.88 41.10 -57.26
CA TRP D 3661 -54.39 40.82 -58.60
C TRP D 3661 -52.92 41.13 -58.79
N ILE D 3662 -52.48 42.31 -58.37
CA ILE D 3662 -51.10 42.74 -58.62
C ILE D 3662 -50.12 41.84 -57.87
N LEU D 3663 -50.54 41.23 -56.76
CA LEU D 3663 -49.64 40.41 -55.96
C LEU D 3663 -49.32 39.09 -56.65
N THR D 3664 -48.56 39.16 -57.74
CA THR D 3664 -48.10 37.96 -58.43
C THR D 3664 -47.00 37.28 -57.61
N GLU D 3665 -46.86 35.97 -57.82
CA GLU D 3665 -46.00 35.16 -56.97
C GLU D 3665 -44.56 35.09 -57.45
N ASP D 3666 -44.35 34.87 -58.75
CA ASP D 3666 -43.02 34.52 -59.24
C ASP D 3666 -42.13 35.75 -59.42
N HIS D 3667 -42.53 36.64 -60.34
CA HIS D 3667 -41.80 37.85 -60.72
C HIS D 3667 -40.50 37.52 -61.46
N SER D 3668 -40.16 36.23 -61.53
CA SER D 3668 -39.08 35.68 -62.36
C SER D 3668 -37.86 36.61 -62.45
N PHE D 3669 -37.37 37.05 -61.30
CA PHE D 3669 -36.23 37.97 -61.31
C PHE D 3669 -35.15 37.67 -60.27
N GLU D 3670 -35.40 36.81 -59.28
CA GLU D 3670 -34.42 36.61 -58.21
C GLU D 3670 -33.15 35.95 -58.73
N ASP D 3671 -33.30 34.87 -59.50
CA ASP D 3671 -32.12 34.16 -60.01
C ASP D 3671 -31.45 34.92 -61.14
N ARG D 3672 -32.24 35.64 -61.95
CA ARG D 3672 -31.67 36.36 -63.08
C ARG D 3672 -30.78 37.50 -62.62
N MET D 3673 -31.15 38.18 -61.54
CA MET D 3673 -30.29 39.23 -60.98
C MET D 3673 -28.92 38.67 -60.61
N ILE D 3674 -28.90 37.57 -59.86
CA ILE D 3674 -27.62 37.00 -59.42
C ILE D 3674 -26.83 36.47 -60.61
N ASP D 3675 -27.51 35.89 -61.61
CA ASP D 3675 -26.81 35.40 -62.79
C ASP D 3675 -26.17 36.54 -63.57
N ASP D 3676 -26.90 37.65 -63.74
CA ASP D 3676 -26.36 38.78 -64.49
C ASP D 3676 -25.24 39.47 -63.73
N LEU D 3677 -25.38 39.59 -62.41
CA LEU D 3677 -24.36 40.27 -61.61
C LEU D 3677 -23.11 39.42 -61.41
N SER D 3678 -23.17 38.13 -61.71
CA SER D 3678 -22.03 37.24 -61.51
C SER D 3678 -21.13 37.12 -62.73
N LYS D 3679 -21.44 37.82 -63.81
CA LYS D 3679 -20.63 37.79 -65.02
C LYS D 3679 -19.73 39.01 -65.05
N ALA D 3680 -18.42 38.78 -65.02
CA ALA D 3680 -17.43 39.85 -64.98
C ALA D 3680 -16.67 39.91 -66.29
N GLY D 3681 -16.21 41.11 -66.63
CA GLY D 3681 -15.42 41.30 -67.84
C GLY D 3681 -16.18 41.01 -69.12
N GLU D 3682 -17.45 41.40 -69.18
CA GLU D 3682 -18.22 41.20 -70.40
C GLU D 3682 -17.75 42.15 -71.48
N GLN D 3683 -17.45 41.60 -72.66
CA GLN D 3683 -16.96 42.38 -73.81
C GLN D 3683 -15.70 43.17 -73.45
N GLU D 3684 -14.89 42.64 -72.55
CA GLU D 3684 -13.66 43.29 -72.11
C GLU D 3684 -12.76 42.24 -71.46
N GLU D 3685 -11.60 42.70 -71.00
CA GLU D 3685 -10.62 41.85 -70.34
C GLU D 3685 -10.23 40.65 -71.20
N GLU D 3691 -9.24 39.46 -61.48
CA GLU D 3691 -8.03 39.10 -60.75
C GLU D 3691 -7.65 40.18 -59.76
N GLU D 3692 -6.67 41.01 -60.13
CA GLU D 3692 -6.27 42.12 -59.26
C GLU D 3692 -7.41 43.10 -59.04
N LYS D 3693 -8.12 43.45 -60.10
CA LYS D 3693 -9.30 44.29 -59.98
C LYS D 3693 -10.41 43.54 -59.26
N LYS D 3694 -11.22 44.28 -58.51
CA LYS D 3694 -12.32 43.68 -57.78
C LYS D 3694 -13.29 43.02 -58.77
N PRO D 3695 -13.72 41.79 -58.51
CA PRO D 3695 -14.57 41.08 -59.49
C PRO D 3695 -15.98 41.62 -59.58
N ASP D 3696 -16.83 40.86 -60.26
CA ASP D 3696 -18.18 41.18 -60.74
C ASP D 3696 -19.02 41.95 -59.74
N PRO D 3697 -19.98 42.78 -60.23
CA PRO D 3697 -20.74 43.69 -59.36
C PRO D 3697 -21.27 43.08 -58.07
N LEU D 3698 -21.48 41.77 -58.05
CA LEU D 3698 -21.97 41.12 -56.83
C LEU D 3698 -20.99 41.30 -55.67
N HIS D 3699 -19.70 41.12 -55.96
CA HIS D 3699 -18.68 41.31 -54.92
C HIS D 3699 -18.63 42.77 -54.45
N GLN D 3700 -18.77 43.71 -55.38
CA GLN D 3700 -18.79 45.12 -55.00
C GLN D 3700 -20.00 45.44 -54.11
N LEU D 3701 -21.16 44.88 -54.45
CA LEU D 3701 -22.35 45.09 -53.62
C LEU D 3701 -22.17 44.50 -52.22
N VAL D 3702 -21.61 43.28 -52.15
CA VAL D 3702 -21.38 42.65 -50.86
C VAL D 3702 -20.38 43.47 -50.05
N LEU D 3703 -19.34 43.99 -50.69
CA LEU D 3703 -18.36 44.82 -50.00
C LEU D 3703 -18.98 46.12 -49.52
N HIS D 3704 -19.89 46.70 -50.31
CA HIS D 3704 -20.56 47.92 -49.89
C HIS D 3704 -21.42 47.67 -48.65
N PHE D 3705 -22.17 46.57 -48.65
CA PHE D 3705 -22.96 46.25 -47.46
C PHE D 3705 -22.08 45.93 -46.26
N SER D 3706 -20.94 45.27 -46.48
CA SER D 3706 -20.01 45.00 -45.39
C SER D 3706 -19.43 46.29 -44.83
N ARG D 3707 -19.12 47.25 -45.70
CA ARG D 3707 -18.65 48.56 -45.23
C ARG D 3707 -19.73 49.27 -44.43
N THR D 3708 -20.98 49.19 -44.89
CA THR D 3708 -22.08 49.79 -44.14
C THR D 3708 -22.21 49.17 -42.76
N ALA D 3709 -22.05 47.85 -42.66
CA ALA D 3709 -22.09 47.19 -41.37
C ALA D 3709 -20.89 47.55 -40.51
N LEU D 3710 -19.73 47.79 -41.13
CA LEU D 3710 -18.50 47.99 -40.37
C LEU D 3710 -18.40 49.38 -39.75
N THR D 3711 -19.16 50.35 -40.24
CA THR D 3711 -19.12 51.69 -39.68
C THR D 3711 -19.65 51.69 -38.25
N GLU D 3712 -18.87 52.25 -37.33
CA GLU D 3712 -19.22 52.22 -35.92
C GLU D 3712 -20.30 53.24 -35.62
N LYS D 3713 -21.39 52.79 -35.00
CA LYS D 3713 -22.52 53.63 -34.67
C LYS D 3713 -23.29 52.96 -33.54
N SER D 3714 -24.06 53.75 -32.79
CA SER D 3714 -24.82 53.25 -31.66
C SER D 3714 -26.12 52.56 -32.04
N LYS D 3715 -26.53 52.63 -33.30
CA LYS D 3715 -27.77 51.99 -33.74
C LYS D 3715 -27.68 51.68 -35.22
N LEU D 3716 -28.32 50.59 -35.63
CA LEU D 3716 -28.33 50.16 -37.03
C LEU D 3716 -29.58 50.70 -37.70
N ASP D 3717 -29.41 51.57 -38.68
CA ASP D 3717 -30.54 52.14 -39.40
C ASP D 3717 -31.20 51.11 -40.29
N GLU D 3718 -32.51 51.25 -40.47
CA GLU D 3718 -33.27 50.34 -41.32
C GLU D 3718 -33.00 50.66 -42.78
N ASP D 3719 -32.21 49.82 -43.44
CA ASP D 3719 -31.85 50.02 -44.84
C ASP D 3719 -32.76 49.13 -45.70
N TYR D 3720 -33.65 49.76 -46.46
CA TYR D 3720 -34.55 49.00 -47.33
C TYR D 3720 -33.80 48.35 -48.48
N LEU D 3721 -32.76 49.01 -49.01
CA LEU D 3721 -31.98 48.42 -50.08
C LEU D 3721 -31.28 47.15 -49.62
N TYR D 3722 -30.70 47.17 -48.41
CA TYR D 3722 -30.09 45.97 -47.88
C TYR D 3722 -31.11 44.86 -47.69
N MET D 3723 -32.30 45.20 -47.21
CA MET D 3723 -33.34 44.19 -47.03
C MET D 3723 -33.71 43.54 -48.36
N ALA D 3724 -33.95 44.37 -49.39
CA ALA D 3724 -34.34 43.83 -50.69
C ALA D 3724 -33.24 42.97 -51.29
N TYR D 3725 -32.00 43.44 -51.24
CA TYR D 3725 -30.92 42.66 -51.84
C TYR D 3725 -30.60 41.40 -51.05
N ALA D 3726 -30.69 41.46 -49.72
CA ALA D 3726 -30.51 40.25 -48.92
C ALA D 3726 -31.60 39.23 -49.20
N ASP D 3727 -32.84 39.68 -49.37
CA ASP D 3727 -33.91 38.77 -49.76
C ASP D 3727 -33.64 38.16 -51.12
N ILE D 3728 -33.16 38.96 -52.08
CA ILE D 3728 -32.86 38.43 -53.40
C ILE D 3728 -31.76 37.38 -53.33
N MET D 3729 -30.68 37.68 -52.59
CA MET D 3729 -29.59 36.71 -52.45
C MET D 3729 -30.05 35.43 -51.76
N ALA D 3730 -30.88 35.56 -50.72
CA ALA D 3730 -31.37 34.37 -50.02
C ALA D 3730 -32.27 33.53 -50.91
N LYS D 3731 -33.15 34.18 -51.69
CA LYS D 3731 -34.05 33.45 -52.57
C LYS D 3731 -33.34 32.90 -53.81
N SER D 3732 -32.15 33.40 -54.14
CA SER D 3732 -31.37 32.81 -55.21
C SER D 3732 -30.94 31.38 -54.90
N CYS D 3733 -30.90 31.01 -53.62
CA CYS D 3733 -30.52 29.66 -53.21
C CYS D 3733 -31.67 28.92 -52.54
N HIS D 3734 -32.27 29.51 -51.49
CA HIS D 3734 -33.30 28.81 -50.73
C HIS D 3734 -34.57 28.63 -51.55
N LEU D 3735 -35.04 29.71 -52.19
CA LEU D 3735 -36.28 29.61 -52.97
C LEU D 3735 -36.12 28.73 -54.20
N GLU D 3736 -34.91 28.58 -54.72
CA GLU D 3736 -34.66 27.70 -55.85
C GLU D 3736 -34.31 26.28 -55.41
N GLU D 3737 -33.52 26.15 -54.34
CA GLU D 3737 -33.12 24.84 -53.80
C GLU D 3737 -33.23 24.93 -52.27
N GLY D 3738 -34.38 24.54 -51.74
CA GLY D 3738 -34.61 24.57 -50.31
C GLY D 3738 -33.83 23.50 -49.56
N VAL D 3749 -40.21 9.08 -53.33
CA VAL D 3749 -40.53 9.12 -54.75
C VAL D 3749 -39.24 9.13 -55.57
N GLU D 3750 -38.65 10.31 -55.74
CA GLU D 3750 -37.41 10.47 -56.49
C GLU D 3750 -36.25 10.48 -55.50
N VAL D 3751 -35.85 9.28 -55.09
CA VAL D 3751 -34.76 9.10 -54.15
C VAL D 3751 -33.53 8.48 -54.82
N SER D 3752 -33.42 8.64 -56.14
CA SER D 3752 -32.27 8.11 -56.85
C SER D 3752 -31.00 8.83 -56.44
N PHE D 3753 -29.88 8.09 -56.46
CA PHE D 3753 -28.60 8.69 -56.11
C PHE D 3753 -28.23 9.81 -57.06
N GLU D 3754 -28.45 9.60 -58.36
CA GLU D 3754 -28.04 10.59 -59.35
C GLU D 3754 -28.80 11.90 -59.17
N GLU D 3755 -30.13 11.83 -59.03
CA GLU D 3755 -30.94 13.03 -58.89
C GLU D 3755 -30.63 13.78 -57.60
N LYS D 3756 -30.54 13.05 -56.48
CA LYS D 3756 -30.23 13.69 -55.21
C LYS D 3756 -28.86 14.34 -55.24
N GLU D 3757 -27.88 13.68 -55.86
CA GLU D 3757 -26.53 14.23 -55.90
C GLU D 3757 -26.46 15.44 -56.82
N MET D 3758 -27.19 15.44 -57.94
CA MET D 3758 -27.19 16.64 -58.78
C MET D 3758 -27.88 17.80 -58.06
N GLU D 3759 -28.93 17.51 -57.30
CA GLU D 3759 -29.55 18.57 -56.50
C GLU D 3759 -28.57 19.13 -55.48
N LYS D 3760 -27.81 18.25 -54.82
CA LYS D 3760 -26.81 18.73 -53.86
C LYS D 3760 -25.74 19.58 -54.53
N GLN D 3761 -25.26 19.14 -55.71
CA GLN D 3761 -24.25 19.91 -56.42
C GLN D 3761 -24.79 21.26 -56.89
N ARG D 3762 -26.04 21.29 -57.35
CA ARG D 3762 -26.65 22.54 -57.76
C ARG D 3762 -26.76 23.51 -56.59
N LEU D 3763 -27.20 23.00 -55.43
CA LEU D 3763 -27.27 23.85 -54.24
C LEU D 3763 -25.89 24.33 -53.82
N LEU D 3764 -24.88 23.46 -53.90
CA LEU D 3764 -23.52 23.85 -53.54
C LEU D 3764 -23.00 24.94 -54.48
N TYR D 3765 -23.24 24.80 -55.78
CA TYR D 3765 -22.81 25.83 -56.73
C TYR D 3765 -23.54 27.14 -56.49
N GLN D 3766 -24.85 27.08 -56.20
CA GLN D 3766 -25.60 28.30 -55.94
C GLN D 3766 -25.08 29.01 -54.70
N GLN D 3767 -24.76 28.26 -53.64
CA GLN D 3767 -24.22 28.88 -52.44
C GLN D 3767 -22.80 29.40 -52.64
N SER D 3768 -21.99 28.70 -53.44
CA SER D 3768 -20.64 29.14 -53.74
C SER D 3768 -20.61 30.33 -54.68
N ARG D 3769 -21.70 30.58 -55.41
CA ARG D 3769 -21.77 31.76 -56.27
C ARG D 3769 -21.63 33.05 -55.47
N LEU D 3770 -22.01 33.03 -54.19
CA LEU D 3770 -22.01 34.26 -53.40
C LEU D 3770 -21.37 34.13 -52.01
N HIS D 3771 -21.05 32.93 -51.52
CA HIS D 3771 -20.33 32.86 -50.26
C HIS D 3771 -18.82 33.01 -50.46
N THR D 3772 -18.34 32.93 -51.70
CA THR D 3772 -16.95 33.25 -52.02
C THR D 3772 -16.73 34.73 -52.22
N ARG D 3773 -17.80 35.53 -52.25
CA ARG D 3773 -17.72 36.97 -52.42
C ARG D 3773 -17.86 37.74 -51.12
N GLY D 3774 -17.87 37.05 -49.99
CA GLY D 3774 -17.89 37.69 -48.69
C GLY D 3774 -19.23 37.76 -47.99
N ALA D 3775 -20.24 37.03 -48.47
CA ALA D 3775 -21.54 37.04 -47.80
C ALA D 3775 -21.48 36.43 -46.41
N ALA D 3776 -20.68 35.39 -46.22
CA ALA D 3776 -20.54 34.79 -44.89
C ALA D 3776 -19.97 35.76 -43.87
N GLU D 3777 -19.21 36.76 -44.31
CA GLU D 3777 -18.74 37.83 -43.43
C GLU D 3777 -19.78 38.91 -43.24
N MET D 3778 -20.53 39.24 -44.29
CA MET D 3778 -21.56 40.26 -44.20
C MET D 3778 -22.65 39.85 -43.22
N VAL D 3779 -23.03 38.57 -43.22
CA VAL D 3779 -24.06 38.09 -42.31
C VAL D 3779 -23.60 38.26 -40.86
N LEU D 3780 -22.37 37.85 -40.57
CA LEU D 3780 -21.84 37.97 -39.20
C LEU D 3780 -21.73 39.43 -38.79
N GLN D 3781 -21.27 40.29 -39.70
CA GLN D 3781 -21.15 41.71 -39.37
C GLN D 3781 -22.51 42.34 -39.10
N MET D 3782 -23.51 42.01 -39.91
CA MET D 3782 -24.86 42.51 -39.67
C MET D 3782 -25.40 42.04 -38.33
N ILE D 3783 -25.21 40.76 -38.01
CA ILE D 3783 -25.72 40.23 -36.74
C ILE D 3783 -25.04 40.92 -35.56
N SER D 3784 -23.72 41.12 -35.65
CA SER D 3784 -23.00 41.81 -34.58
C SER D 3784 -23.42 43.27 -34.48
N ALA D 3785 -23.65 43.94 -35.60
CA ALA D 3785 -24.02 45.35 -35.57
C ALA D 3785 -25.46 45.58 -35.17
N CYS D 3786 -26.30 44.53 -35.21
CA CYS D 3786 -27.68 44.69 -34.76
C CYS D 3786 -27.79 44.96 -33.28
N LYS D 3787 -26.74 44.68 -32.51
CA LYS D 3787 -26.68 44.98 -31.08
C LYS D 3787 -27.79 44.28 -30.30
N GLY D 3788 -28.25 43.14 -30.79
CA GLY D 3788 -29.26 42.38 -30.08
C GLY D 3788 -30.65 42.99 -30.09
N GLU D 3789 -30.95 43.80 -31.10
CA GLU D 3789 -32.27 44.44 -31.23
C GLU D 3789 -33.02 43.76 -32.36
N THR D 3790 -34.21 43.24 -32.05
CA THR D 3790 -35.02 42.56 -33.06
C THR D 3790 -35.63 43.56 -34.02
N GLY D 3791 -35.94 43.07 -35.21
CA GLY D 3791 -36.55 43.90 -36.24
C GLY D 3791 -36.46 43.22 -37.59
N ALA D 3792 -36.74 44.00 -38.63
CA ALA D 3792 -36.66 43.51 -40.00
C ALA D 3792 -35.23 43.51 -40.53
N MET D 3793 -34.30 44.17 -39.85
CA MET D 3793 -32.91 44.17 -40.32
C MET D 3793 -32.21 42.85 -40.05
N VAL D 3794 -32.51 42.22 -38.91
CA VAL D 3794 -31.89 40.93 -38.60
C VAL D 3794 -32.73 39.75 -39.09
N SER D 3795 -34.02 39.95 -39.35
CA SER D 3795 -34.84 38.88 -39.92
C SER D 3795 -34.37 38.55 -41.33
N SER D 3796 -34.01 39.56 -42.12
CA SER D 3796 -33.51 39.34 -43.46
C SER D 3796 -32.05 38.89 -43.47
N THR D 3797 -31.36 38.95 -42.34
CA THR D 3797 -29.98 38.47 -42.25
C THR D 3797 -29.91 37.03 -41.79
N LEU D 3798 -30.73 36.65 -40.81
CA LEU D 3798 -30.77 35.27 -40.36
C LEU D 3798 -31.24 34.34 -41.48
N LYS D 3799 -32.24 34.78 -42.24
CA LYS D 3799 -32.72 33.97 -43.35
C LYS D 3799 -31.64 33.80 -44.42
N LEU D 3800 -30.90 34.87 -44.72
CA LEU D 3800 -29.80 34.75 -45.68
C LEU D 3800 -28.72 33.81 -45.18
N GLY D 3801 -28.38 33.90 -43.89
CA GLY D 3801 -27.40 32.99 -43.32
C GLY D 3801 -27.86 31.55 -43.36
N ILE D 3802 -29.15 31.31 -43.12
CA ILE D 3802 -29.70 29.97 -43.24
C ILE D 3802 -29.60 29.47 -44.66
N SER D 3803 -29.96 30.32 -45.64
CA SER D 3803 -29.91 29.92 -47.04
C SER D 3803 -28.49 29.59 -47.47
N ILE D 3804 -27.51 30.38 -47.03
CA ILE D 3804 -26.13 30.10 -47.37
C ILE D 3804 -25.65 28.81 -46.71
N LEU D 3805 -26.05 28.59 -45.46
CA LEU D 3805 -25.62 27.43 -44.69
C LEU D 3805 -26.54 26.22 -44.86
N ASN D 3806 -27.53 26.30 -45.74
CA ASN D 3806 -28.47 25.19 -45.92
C ASN D 3806 -27.72 23.93 -46.34
N GLY D 3807 -28.05 22.82 -45.70
CA GLY D 3807 -27.39 21.55 -45.96
C GLY D 3807 -26.11 21.31 -45.17
N GLY D 3808 -25.67 22.28 -44.37
CA GLY D 3808 -24.47 22.11 -43.58
C GLY D 3808 -23.20 22.27 -44.38
N ASN D 3809 -22.97 23.48 -44.92
CA ASN D 3809 -21.79 23.73 -45.73
C ASN D 3809 -20.55 23.76 -44.85
N ALA D 3810 -19.55 22.95 -45.20
CA ALA D 3810 -18.30 22.95 -44.46
C ALA D 3810 -17.47 24.19 -44.77
N GLU D 3811 -17.47 24.63 -46.03
CA GLU D 3811 -16.69 25.81 -46.41
C GLU D 3811 -17.21 27.07 -45.72
N VAL D 3812 -18.54 27.25 -45.71
CA VAL D 3812 -19.13 28.44 -45.09
C VAL D 3812 -18.90 28.42 -43.58
N GLN D 3813 -19.06 27.26 -42.96
CA GLN D 3813 -18.80 27.13 -41.53
C GLN D 3813 -17.35 27.45 -41.21
N GLN D 3814 -16.42 26.95 -42.03
CA GLN D 3814 -15.01 27.23 -41.82
C GLN D 3814 -14.71 28.72 -41.96
N LYS D 3815 -15.30 29.37 -42.97
CA LYS D 3815 -15.06 30.80 -43.14
C LYS D 3815 -15.63 31.61 -41.98
N MET D 3816 -16.83 31.26 -41.52
CA MET D 3816 -17.41 31.97 -40.38
C MET D 3816 -16.57 31.78 -39.12
N LEU D 3817 -16.13 30.55 -38.85
CA LEU D 3817 -15.30 30.32 -37.68
C LEU D 3817 -13.96 31.04 -37.78
N ASP D 3818 -13.36 31.04 -38.97
CA ASP D 3818 -12.10 31.74 -39.14
C ASP D 3818 -12.26 33.24 -38.90
N TYR D 3819 -13.34 33.83 -39.42
CA TYR D 3819 -13.59 35.25 -39.19
C TYR D 3819 -13.81 35.53 -37.70
N LEU D 3820 -14.60 34.69 -37.03
CA LEU D 3820 -14.87 34.91 -35.61
C LEU D 3820 -13.60 34.79 -34.78
N LYS D 3821 -12.75 33.80 -35.08
CA LYS D 3821 -11.53 33.60 -34.33
C LYS D 3821 -10.43 34.58 -34.72
N ASP D 3822 -10.55 35.26 -35.86
CA ASP D 3822 -9.59 36.27 -36.25
C ASP D 3822 -9.94 37.64 -35.65
N LYS D 3823 -11.21 38.02 -35.74
CA LYS D 3823 -11.62 39.31 -35.17
C LYS D 3823 -11.45 39.33 -33.65
N LYS D 3824 -11.85 38.24 -32.98
CA LYS D 3824 -11.76 38.13 -31.52
C LYS D 3824 -12.50 39.28 -30.84
N GLU D 3825 -13.64 39.68 -31.41
CA GLU D 3825 -14.42 40.80 -30.92
C GLU D 3825 -15.71 40.26 -30.31
N VAL D 3826 -15.87 40.46 -29.00
CA VAL D 3826 -17.10 40.07 -28.33
C VAL D 3826 -18.22 41.01 -28.73
N GLY D 3827 -19.42 40.48 -28.89
CA GLY D 3827 -20.57 41.27 -29.30
C GLY D 3827 -21.47 40.54 -30.28
N PHE D 3828 -20.90 39.65 -31.08
CA PHE D 3828 -21.71 38.76 -31.92
C PHE D 3828 -22.52 37.81 -31.06
N PHE D 3829 -21.85 37.12 -30.13
CA PHE D 3829 -22.55 36.22 -29.22
C PHE D 3829 -23.38 37.00 -28.21
N GLN D 3830 -22.96 38.21 -27.85
CA GLN D 3830 -23.80 39.05 -27.00
C GLN D 3830 -25.11 39.39 -27.70
N SER D 3831 -25.04 39.75 -28.98
CA SER D 3831 -26.25 40.03 -29.75
C SER D 3831 -27.10 38.78 -29.88
N ILE D 3832 -26.47 37.62 -30.10
CA ILE D 3832 -27.21 36.36 -30.20
C ILE D 3832 -27.96 36.08 -28.90
N GLN D 3833 -27.28 36.26 -27.77
CA GLN D 3833 -27.90 36.02 -26.48
C GLN D 3833 -29.05 36.98 -26.23
N ALA D 3834 -28.86 38.26 -26.56
CA ALA D 3834 -29.95 39.22 -26.40
C ALA D 3834 -31.15 38.85 -27.26
N LEU D 3835 -30.90 38.48 -28.52
CA LEU D 3835 -32.00 38.11 -29.41
C LEU D 3835 -32.73 36.88 -28.89
N MET D 3836 -32.00 35.91 -28.36
CA MET D 3836 -32.64 34.75 -27.76
C MET D 3836 -33.46 35.13 -26.54
N GLN D 3837 -32.95 36.06 -25.71
CA GLN D 3837 -33.68 36.50 -24.54
C GLN D 3837 -34.94 37.27 -24.90
N THR D 3838 -34.98 37.90 -26.07
CA THR D 3838 -36.18 38.62 -26.50
C THR D 3838 -37.23 37.72 -27.14
N CYS D 3839 -36.96 36.42 -27.26
CA CYS D 3839 -37.92 35.51 -27.86
C CYS D 3839 -39.13 35.33 -26.94
N SER D 3840 -40.32 35.35 -27.53
CA SER D 3840 -41.55 35.23 -26.77
C SER D 3840 -41.92 33.76 -26.56
N VAL D 3841 -42.85 33.54 -25.63
CA VAL D 3841 -43.34 32.21 -25.30
C VAL D 3841 -44.86 32.23 -25.33
N LEU D 3842 -45.47 31.10 -24.98
CA LEU D 3842 -46.93 30.99 -24.94
C LEU D 3842 -47.47 31.83 -23.79
N ASP D 3843 -48.22 32.88 -24.13
CA ASP D 3843 -48.76 33.81 -23.14
C ASP D 3843 -50.24 33.51 -22.94
N LEU D 3844 -50.63 33.28 -21.69
CA LEU D 3844 -52.03 33.03 -21.36
C LEU D 3844 -52.82 34.30 -21.11
N ASN D 3845 -52.18 35.35 -20.60
CA ASN D 3845 -52.88 36.61 -20.35
C ASN D 3845 -53.38 37.22 -21.66
N ALA D 3846 -52.56 37.18 -22.71
CA ALA D 3846 -52.97 37.71 -24.00
C ALA D 3846 -53.98 36.81 -24.70
N PHE D 3847 -54.03 35.53 -24.36
CA PHE D 3847 -54.96 34.61 -25.02
C PHE D 3847 -56.41 35.00 -24.73
N GLU D 3848 -56.73 35.32 -23.48
CA GLU D 3848 -58.10 35.71 -23.14
C GLU D 3848 -58.47 37.04 -23.80
N ARG D 3849 -57.52 37.98 -23.85
CA ARG D 3849 -57.78 39.26 -24.51
C ARG D 3849 -58.04 39.06 -26.00
N GLN D 3850 -57.27 38.17 -26.64
CA GLN D 3850 -57.50 37.88 -28.06
C GLN D 3850 -58.84 37.20 -28.26
N ASN D 3851 -59.21 36.29 -27.35
CA ASN D 3851 -60.51 35.64 -27.46
C ASN D 3851 -61.65 36.64 -27.34
N LYS D 3852 -61.54 37.59 -26.40
CA LYS D 3852 -62.55 38.62 -26.27
C LYS D 3852 -62.60 39.52 -27.50
N ALA D 3853 -61.43 39.89 -28.04
CA ALA D 3853 -61.39 40.75 -29.21
C ALA D 3853 -62.00 40.07 -30.43
N GLU D 3854 -61.74 38.78 -30.61
CA GLU D 3854 -62.30 38.06 -31.75
C GLU D 3854 -63.81 37.93 -31.65
N GLY D 3855 -64.35 37.98 -30.43
CA GLY D 3855 -65.78 37.89 -30.24
C GLY D 3855 -66.47 39.25 -30.24
N LEU D 3856 -65.91 40.19 -30.99
CA LEU D 3856 -66.44 41.55 -31.10
C LEU D 3856 -66.57 42.21 -29.73
N ILE D 3866 -62.05 43.74 -34.25
CA ILE D 3866 -61.27 43.78 -35.47
C ILE D 3866 -59.88 43.20 -35.23
N ASN D 3867 -59.09 43.89 -34.42
CA ASN D 3867 -57.72 43.55 -34.02
C ASN D 3867 -56.73 43.65 -35.18
N ARG D 3868 -57.19 43.96 -36.40
CA ARG D 3868 -56.34 44.19 -37.55
C ARG D 3868 -55.52 42.97 -37.95
N GLN D 3869 -55.73 41.84 -37.28
CA GLN D 3869 -55.00 40.61 -37.56
C GLN D 3869 -55.69 39.48 -36.81
N ASN D 3870 -55.11 38.28 -36.91
CA ASN D 3870 -55.61 37.10 -36.21
C ASN D 3870 -54.43 36.34 -35.64
N GLY D 3871 -54.43 36.13 -34.34
CA GLY D 3871 -53.32 35.42 -33.69
C GLY D 3871 -52.00 36.15 -33.77
N GLU D 3872 -52.03 37.48 -33.66
CA GLU D 3872 -50.83 38.30 -33.73
C GLU D 3872 -50.34 38.78 -32.37
N LYS D 3873 -50.91 38.26 -31.28
CA LYS D 3873 -50.53 38.68 -29.94
C LYS D 3873 -50.06 37.55 -29.03
N VAL D 3874 -50.33 36.30 -29.38
CA VAL D 3874 -49.91 35.19 -28.52
C VAL D 3874 -48.41 35.01 -28.56
N MET D 3875 -47.86 34.71 -29.73
CA MET D 3875 -46.42 34.61 -29.92
C MET D 3875 -45.89 35.67 -30.88
N ALA D 3876 -46.42 35.73 -32.10
CA ALA D 3876 -46.19 36.77 -33.10
C ALA D 3876 -44.76 36.79 -33.63
N ASP D 3877 -43.86 35.96 -33.09
CA ASP D 3877 -42.48 35.93 -33.58
C ASP D 3877 -41.93 34.51 -33.63
N ASP D 3878 -42.80 33.50 -33.67
CA ASP D 3878 -42.33 32.12 -33.73
C ASP D 3878 -41.49 31.86 -34.98
N GLU D 3879 -41.80 32.54 -36.08
CA GLU D 3879 -40.98 32.41 -37.28
C GLU D 3879 -39.56 32.89 -37.02
N PHE D 3880 -39.40 34.02 -36.34
CA PHE D 3880 -38.07 34.53 -36.04
C PHE D 3880 -37.33 33.59 -35.09
N THR D 3881 -38.02 33.05 -34.08
CA THR D 3881 -37.39 32.11 -33.17
C THR D 3881 -36.91 30.86 -33.90
N GLN D 3882 -37.76 30.32 -34.79
CA GLN D 3882 -37.37 29.17 -35.58
C GLN D 3882 -36.18 29.49 -36.48
N ASP D 3883 -36.17 30.68 -37.08
CA ASP D 3883 -35.04 31.05 -37.93
C ASP D 3883 -33.75 31.16 -37.12
N LEU D 3884 -33.82 31.78 -35.94
CA LEU D 3884 -32.62 31.91 -35.11
C LEU D 3884 -32.08 30.56 -34.68
N PHE D 3885 -32.96 29.67 -34.22
CA PHE D 3885 -32.49 28.36 -33.79
C PHE D 3885 -32.06 27.49 -34.96
N ARG D 3886 -32.67 27.64 -36.13
CA ARG D 3886 -32.22 26.92 -37.31
C ARG D 3886 -30.84 27.40 -37.74
N PHE D 3887 -30.60 28.71 -37.66
CA PHE D 3887 -29.26 29.22 -37.93
C PHE D 3887 -28.24 28.66 -36.95
N LEU D 3888 -28.60 28.63 -35.66
CA LEU D 3888 -27.69 28.08 -34.66
C LEU D 3888 -27.41 26.61 -34.90
N GLN D 3889 -28.42 25.84 -35.33
CA GLN D 3889 -28.21 24.43 -35.62
C GLN D 3889 -27.35 24.22 -36.85
N LEU D 3890 -27.65 24.95 -37.94
CA LEU D 3890 -26.86 24.85 -39.16
C LEU D 3890 -25.43 25.34 -38.94
N LEU D 3891 -25.20 26.14 -37.91
CA LEU D 3891 -23.84 26.56 -37.59
C LEU D 3891 -22.91 25.38 -37.33
N CYS D 3892 -23.46 24.27 -36.82
CA CYS D 3892 -22.67 23.07 -36.55
C CYS D 3892 -23.42 21.82 -37.01
N GLU D 3893 -23.98 21.87 -38.21
CA GLU D 3893 -24.80 20.77 -38.70
C GLU D 3893 -23.97 19.52 -38.96
N GLY D 3894 -22.85 19.66 -39.66
CA GLY D 3894 -22.07 18.51 -40.07
C GLY D 3894 -21.10 18.00 -39.02
N HIS D 3895 -21.54 17.95 -37.77
CA HIS D 3895 -20.72 17.50 -36.64
C HIS D 3895 -19.42 18.30 -36.57
N ASN D 3896 -19.55 19.62 -36.70
CA ASN D 3896 -18.39 20.52 -36.65
C ASN D 3896 -17.93 20.62 -35.19
N ASN D 3897 -16.91 19.84 -34.84
CA ASN D 3897 -16.43 19.83 -33.46
C ASN D 3897 -15.87 21.18 -33.04
N ASP D 3898 -15.12 21.83 -33.94
CA ASP D 3898 -14.49 23.10 -33.60
C ASP D 3898 -15.55 24.16 -33.27
N PHE D 3899 -16.58 24.26 -34.10
CA PHE D 3899 -17.60 25.28 -33.85
C PHE D 3899 -18.58 24.85 -32.77
N GLN D 3900 -18.70 23.55 -32.51
CA GLN D 3900 -19.43 23.10 -31.33
C GLN D 3900 -18.71 23.53 -30.06
N ASN D 3901 -17.37 23.49 -30.07
CA ASN D 3901 -16.59 23.99 -28.94
C ASN D 3901 -16.66 25.51 -28.85
N TYR D 3902 -16.67 26.20 -29.99
CA TYR D 3902 -16.73 27.67 -29.97
C TYR D 3902 -18.03 28.18 -29.36
N LEU D 3903 -19.15 27.49 -29.61
CA LEU D 3903 -20.44 27.93 -29.08
C LEU D 3903 -20.53 27.82 -27.57
N ARG D 3904 -19.62 27.10 -26.91
CA ARG D 3904 -19.63 26.96 -25.46
C ARG D 3904 -18.61 27.88 -24.81
N THR D 3905 -17.35 27.79 -25.20
CA THR D 3905 -16.29 28.63 -24.67
C THR D 3905 -15.55 29.30 -25.81
N GLN D 3906 -15.37 30.62 -25.71
CA GLN D 3906 -14.64 31.41 -26.70
C GLN D 3906 -13.28 31.76 -26.10
N THR D 3907 -12.26 30.99 -26.48
CA THR D 3907 -10.93 31.20 -25.91
C THR D 3907 -10.36 32.56 -26.29
N GLY D 3908 -10.48 32.95 -27.57
CA GLY D 3908 -9.93 34.22 -28.00
C GLY D 3908 -10.62 35.40 -27.37
N ASN D 3909 -11.94 35.34 -27.23
CA ASN D 3909 -12.69 36.44 -26.64
C ASN D 3909 -12.43 36.52 -25.14
N THR D 3910 -12.61 37.72 -24.59
CA THR D 3910 -12.40 37.96 -23.17
C THR D 3910 -13.57 37.48 -22.32
N THR D 3911 -14.71 37.16 -22.92
CA THR D 3911 -15.87 36.69 -22.19
C THR D 3911 -16.54 35.57 -22.97
N THR D 3912 -17.19 34.65 -22.24
CA THR D 3912 -17.89 33.53 -22.82
C THR D 3912 -19.38 33.65 -22.53
N ILE D 3913 -20.20 33.25 -23.50
CA ILE D 3913 -21.64 33.38 -23.38
C ILE D 3913 -22.34 32.04 -23.20
N ASN D 3914 -21.77 30.94 -23.72
CA ASN D 3914 -22.32 29.60 -23.54
C ASN D 3914 -23.75 29.51 -24.09
N ILE D 3915 -23.84 29.66 -25.42
CA ILE D 3915 -25.12 29.64 -26.11
C ILE D 3915 -25.95 28.40 -25.78
N ILE D 3916 -25.29 27.31 -25.40
CA ILE D 3916 -26.01 26.09 -25.02
C ILE D 3916 -26.90 26.36 -23.80
N ILE D 3917 -26.37 27.07 -22.81
CA ILE D 3917 -27.14 27.34 -21.60
C ILE D 3917 -28.32 28.25 -21.91
N CYS D 3918 -28.12 29.22 -22.82
CA CYS D 3918 -29.24 30.07 -23.24
C CYS D 3918 -30.31 29.25 -23.95
N THR D 3919 -29.89 28.30 -24.80
CA THR D 3919 -30.86 27.46 -25.48
C THR D 3919 -31.67 26.62 -24.50
N VAL D 3920 -31.00 26.02 -23.51
CA VAL D 3920 -31.73 25.22 -22.53
C VAL D 3920 -32.61 26.08 -21.64
N ASP D 3921 -32.19 27.32 -21.36
CA ASP D 3921 -33.05 28.23 -20.59
C ASP D 3921 -34.32 28.57 -21.36
N TYR D 3922 -34.19 28.87 -22.65
CA TYR D 3922 -35.39 29.14 -23.45
C TYR D 3922 -36.26 27.90 -23.56
N LEU D 3923 -35.65 26.72 -23.65
CA LEU D 3923 -36.43 25.48 -23.67
C LEU D 3923 -37.21 25.31 -22.37
N LEU D 3924 -36.59 25.60 -21.24
CA LEU D 3924 -37.29 25.51 -19.96
C LEU D 3924 -38.45 26.50 -19.90
N ARG D 3925 -38.23 27.72 -20.38
CA ARG D 3925 -39.30 28.71 -20.41
C ARG D 3925 -40.47 28.25 -21.28
N LEU D 3926 -40.16 27.71 -22.46
CA LEU D 3926 -41.21 27.20 -23.33
C LEU D 3926 -41.94 26.01 -22.71
N GLN D 3927 -41.21 25.14 -22.01
CA GLN D 3927 -41.85 24.02 -21.32
C GLN D 3927 -42.80 24.51 -20.25
N GLU D 3928 -42.39 25.52 -19.48
CA GLU D 3928 -43.29 26.10 -18.47
C GLU D 3928 -44.53 26.69 -19.12
N SER D 3929 -44.36 27.40 -20.24
CA SER D 3929 -45.52 27.97 -20.94
C SER D 3929 -46.46 26.88 -21.43
N ILE D 3930 -45.91 25.80 -21.99
CA ILE D 3930 -46.75 24.71 -22.47
C ILE D 3930 -47.49 24.03 -21.31
N SER D 3931 -46.81 23.85 -20.19
CA SER D 3931 -47.47 23.26 -19.02
C SER D 3931 -48.60 24.16 -18.52
N ASP D 3932 -48.38 25.47 -18.51
CA ASP D 3932 -49.44 26.39 -18.11
C ASP D 3932 -50.63 26.32 -19.07
N PHE D 3933 -50.36 26.23 -20.38
CA PHE D 3933 -51.43 26.10 -21.35
C PHE D 3933 -52.22 24.81 -21.14
N TYR D 3934 -51.52 23.71 -20.89
CA TYR D 3934 -52.20 22.44 -20.61
C TYR D 3934 -53.05 22.55 -19.35
N TRP D 3935 -52.52 23.19 -18.31
CA TRP D 3935 -53.29 23.36 -17.08
C TRP D 3935 -54.54 24.18 -17.33
N TYR D 3936 -54.44 25.24 -18.14
CA TYR D 3936 -55.61 26.04 -18.47
C TYR D 3936 -56.64 25.22 -19.23
N TYR D 3937 -56.20 24.36 -20.16
CA TYR D 3937 -57.12 23.60 -20.99
C TYR D 3937 -57.49 22.24 -20.39
N SER D 3938 -57.06 21.94 -19.17
CA SER D 3938 -57.38 20.65 -18.56
C SER D 3938 -58.89 20.52 -18.30
N GLY D 3939 -59.53 21.60 -17.84
CA GLY D 3939 -60.93 21.51 -17.47
C GLY D 3939 -61.85 21.20 -18.64
N LYS D 3940 -61.61 21.85 -19.78
CA LYS D 3940 -62.46 21.64 -20.94
C LYS D 3940 -62.25 20.24 -21.53
N ASP D 3941 -63.30 19.71 -22.15
CA ASP D 3941 -63.23 18.36 -22.71
C ASP D 3941 -62.63 18.38 -24.11
N VAL D 3942 -63.04 19.31 -24.96
CA VAL D 3942 -62.57 19.41 -26.33
C VAL D 3942 -61.92 20.77 -26.53
N ILE D 3943 -60.68 20.76 -27.03
CA ILE D 3943 -59.95 22.00 -27.30
C ILE D 3943 -60.47 22.60 -28.59
N GLU D 3944 -60.75 23.90 -28.57
CA GLU D 3944 -61.26 24.57 -29.76
C GLU D 3944 -60.14 24.83 -30.75
N GLU D 3945 -60.51 25.37 -31.91
CA GLU D 3945 -59.56 25.54 -33.01
C GLU D 3945 -58.43 26.51 -32.64
N GLN D 3946 -58.76 27.62 -31.98
CA GLN D 3946 -57.75 28.62 -31.65
C GLN D 3946 -56.72 28.11 -30.65
N GLY D 3947 -57.13 27.28 -29.69
CA GLY D 3947 -56.16 26.65 -28.81
C GLY D 3947 -55.24 25.69 -29.51
N LYS D 3948 -55.79 24.90 -30.44
CA LYS D 3948 -54.97 23.96 -31.21
C LYS D 3948 -53.95 24.69 -32.07
N ARG D 3949 -54.35 25.82 -32.67
CA ARG D 3949 -53.40 26.59 -33.48
C ARG D 3949 -52.20 27.04 -32.65
N ASN D 3950 -52.46 27.61 -31.46
CA ASN D 3950 -51.37 28.03 -30.60
C ASN D 3950 -50.54 26.86 -30.12
N PHE D 3951 -51.18 25.74 -29.80
CA PHE D 3951 -50.45 24.55 -29.38
C PHE D 3951 -49.49 24.08 -30.46
N SER D 3952 -49.96 24.02 -31.71
CA SER D 3952 -49.11 23.60 -32.81
C SER D 3952 -47.99 24.59 -33.06
N LYS D 3953 -48.29 25.89 -32.99
CA LYS D 3953 -47.26 26.90 -33.26
C LYS D 3953 -46.19 26.93 -32.16
N ALA D 3954 -46.54 26.57 -30.93
CA ALA D 3954 -45.53 26.41 -29.89
C ALA D 3954 -44.78 25.09 -30.01
N MET D 3955 -45.48 24.03 -30.43
CA MET D 3955 -44.83 22.72 -30.54
C MET D 3955 -43.80 22.70 -31.66
N SER D 3956 -44.05 23.43 -32.75
CA SER D 3956 -43.05 23.52 -33.81
C SER D 3956 -41.77 24.18 -33.31
N VAL D 3957 -41.90 25.27 -32.54
CA VAL D 3957 -40.73 25.93 -31.98
C VAL D 3957 -40.01 25.01 -30.99
N ALA D 3958 -40.78 24.23 -30.22
CA ALA D 3958 -40.17 23.27 -29.32
C ALA D 3958 -39.37 22.22 -30.08
N LYS D 3959 -39.92 21.74 -31.20
CA LYS D 3959 -39.20 20.79 -32.05
C LYS D 3959 -37.90 21.41 -32.58
N GLN D 3960 -37.96 22.67 -33.02
CA GLN D 3960 -36.76 23.32 -33.53
C GLN D 3960 -35.70 23.45 -32.44
N VAL D 3961 -36.11 23.83 -31.23
CA VAL D 3961 -35.16 23.96 -30.12
C VAL D 3961 -34.55 22.60 -29.79
N PHE D 3962 -35.38 21.54 -29.80
CA PHE D 3962 -34.86 20.21 -29.53
C PHE D 3962 -33.84 19.77 -30.59
N ASN D 3963 -34.14 20.05 -31.87
CA ASN D 3963 -33.19 19.71 -32.93
C ASN D 3963 -31.88 20.46 -32.75
N SER D 3964 -31.97 21.75 -32.42
CA SER D 3964 -30.75 22.53 -32.18
C SER D 3964 -29.95 21.97 -31.01
N LEU D 3965 -30.64 21.50 -29.97
CA LEU D 3965 -29.96 20.88 -28.84
C LEU D 3965 -29.28 19.57 -29.26
N THR D 3966 -29.94 18.77 -30.09
CA THR D 3966 -29.33 17.52 -30.56
C THR D 3966 -28.08 17.81 -31.38
N GLU D 3967 -28.12 18.83 -32.23
CA GLU D 3967 -26.95 19.14 -33.06
C GLU D 3967 -25.75 19.54 -32.22
N TYR D 3968 -25.98 20.07 -31.01
CA TYR D 3968 -24.86 20.40 -30.13
C TYR D 3968 -24.15 19.17 -29.59
N ILE D 3969 -24.77 18.00 -29.65
CA ILE D 3969 -24.24 16.78 -29.06
C ILE D 3969 -23.77 15.80 -30.12
N GLN D 3970 -24.55 15.62 -31.19
CA GLN D 3970 -24.19 14.66 -32.22
C GLN D 3970 -22.83 15.00 -32.81
N GLY D 3971 -22.10 13.97 -33.21
CA GLY D 3971 -20.68 14.13 -33.47
C GLY D 3971 -19.97 14.34 -32.15
N PRO D 3972 -19.86 13.24 -31.36
CA PRO D 3972 -19.67 13.35 -29.90
C PRO D 3972 -18.74 14.46 -29.44
N CYS D 3973 -19.28 15.36 -28.63
CA CYS D 3973 -18.54 16.46 -28.02
C CYS D 3973 -18.66 16.30 -26.51
N THR D 3974 -17.55 15.97 -25.85
CA THR D 3974 -17.60 15.72 -24.42
C THR D 3974 -17.97 16.97 -23.64
N GLY D 3975 -17.44 18.13 -24.05
CA GLY D 3975 -17.73 19.35 -23.31
C GLY D 3975 -19.20 19.71 -23.33
N ASN D 3976 -19.82 19.66 -24.50
CA ASN D 3976 -21.24 19.99 -24.59
C ASN D 3976 -22.10 18.93 -23.90
N GLN D 3977 -21.70 17.66 -23.98
CA GLN D 3977 -22.45 16.61 -23.29
C GLN D 3977 -22.43 16.84 -21.78
N GLN D 3978 -21.26 17.15 -21.22
CA GLN D 3978 -21.19 17.46 -19.80
C GLN D 3978 -21.93 18.73 -19.46
N SER D 3979 -21.92 19.72 -20.37
CA SER D 3979 -22.64 20.96 -20.12
C SER D 3979 -24.14 20.72 -20.01
N LEU D 3980 -24.70 19.91 -20.92
CA LEU D 3980 -26.12 19.57 -20.78
C LEU D 3980 -26.37 18.69 -19.57
N ALA D 3981 -25.43 17.83 -19.22
CA ALA D 3981 -25.60 17.00 -18.02
C ALA D 3981 -25.67 17.85 -16.77
N HIS D 3982 -24.81 18.86 -16.67
CA HIS D 3982 -24.79 19.76 -15.51
C HIS D 3982 -25.55 21.05 -15.83
N SER D 3983 -26.85 20.91 -16.06
CA SER D 3983 -27.71 22.04 -16.39
C SER D 3983 -29.12 21.74 -15.91
N ARG D 3984 -30.07 22.57 -16.32
CA ARG D 3984 -31.47 22.42 -15.95
C ARG D 3984 -32.29 21.69 -17.01
N LEU D 3985 -31.62 20.91 -17.86
CA LEU D 3985 -32.33 20.18 -18.91
C LEU D 3985 -33.24 19.10 -18.33
N TRP D 3986 -32.81 18.48 -17.22
CA TRP D 3986 -33.59 17.37 -16.65
C TRP D 3986 -34.96 17.83 -16.19
N ASP D 3987 -35.04 19.01 -15.55
CA ASP D 3987 -36.33 19.52 -15.11
C ASP D 3987 -37.26 19.80 -16.29
N ALA D 3988 -36.71 20.36 -17.36
CA ALA D 3988 -37.51 20.60 -18.56
C ALA D 3988 -38.01 19.29 -19.15
N VAL D 3989 -37.15 18.27 -19.17
CA VAL D 3989 -37.56 16.97 -19.70
C VAL D 3989 -38.64 16.36 -18.82
N VAL D 3990 -38.54 16.53 -17.50
CA VAL D 3990 -39.55 15.99 -16.60
C VAL D 3990 -40.90 16.67 -16.83
N GLY D 3991 -40.89 18.00 -16.94
CA GLY D 3991 -42.13 18.71 -17.21
C GLY D 3991 -42.72 18.34 -18.56
N PHE D 3992 -41.87 18.20 -19.58
CA PHE D 3992 -42.31 17.77 -20.89
C PHE D 3992 -42.92 16.38 -20.85
N LEU D 3993 -42.30 15.47 -20.10
CA LEU D 3993 -42.85 14.12 -19.96
C LEU D 3993 -44.21 14.15 -19.30
N HIS D 3994 -44.37 14.96 -18.24
CA HIS D 3994 -45.67 15.07 -17.58
C HIS D 3994 -46.74 15.57 -18.54
N VAL D 3995 -46.47 16.69 -19.22
CA VAL D 3995 -47.48 17.26 -20.09
C VAL D 3995 -47.78 16.34 -21.26
N PHE D 3996 -46.75 15.67 -21.80
CA PHE D 3996 -46.96 14.75 -22.90
C PHE D 3996 -47.81 13.56 -22.48
N ALA D 3997 -47.51 12.99 -21.30
CA ALA D 3997 -48.27 11.85 -20.82
C ALA D 3997 -49.73 12.19 -20.60
N HIS D 3998 -50.00 13.39 -20.06
CA HIS D 3998 -51.40 13.75 -19.84
C HIS D 3998 -52.11 14.13 -21.14
N MET D 3999 -51.43 14.84 -22.04
CA MET D 3999 -52.07 15.24 -23.30
C MET D 3999 -52.31 14.05 -24.21
N MET D 4000 -51.46 13.03 -24.17
CA MET D 4000 -51.70 11.83 -24.99
C MET D 4000 -53.00 11.16 -24.60
N MET D 4001 -53.27 11.06 -23.30
CA MET D 4001 -54.52 10.45 -22.84
C MET D 4001 -55.71 11.37 -23.08
N LYS D 4002 -55.51 12.69 -22.95
CA LYS D 4002 -56.63 13.61 -23.14
C LYS D 4002 -57.05 13.69 -24.60
N LEU D 4003 -56.09 13.72 -25.52
CA LEU D 4003 -56.38 13.97 -26.93
C LEU D 4003 -56.89 12.74 -27.67
N ALA D 4004 -56.80 11.56 -27.07
CA ALA D 4004 -57.21 10.33 -27.75
C ALA D 4004 -58.66 9.95 -27.49
N GLN D 4005 -59.40 10.75 -26.71
CA GLN D 4005 -60.76 10.42 -26.32
C GLN D 4005 -61.82 11.03 -27.23
N ASP D 4006 -61.41 11.73 -28.30
CA ASP D 4006 -62.36 12.38 -29.17
C ASP D 4006 -62.13 12.11 -30.66
N SER D 4007 -60.93 11.73 -31.07
CA SER D 4007 -60.59 11.44 -32.46
C SER D 4007 -60.80 12.64 -33.37
N SER D 4008 -60.89 13.85 -32.81
CA SER D 4008 -60.98 15.08 -33.58
C SER D 4008 -59.65 15.81 -33.70
N GLN D 4009 -58.88 15.86 -32.62
CA GLN D 4009 -57.54 16.44 -32.65
C GLN D 4009 -56.48 15.38 -32.89
N ILE D 4010 -56.66 14.59 -33.95
CA ILE D 4010 -55.71 13.53 -34.28
C ILE D 4010 -54.40 14.12 -34.78
N GLU D 4011 -54.47 15.21 -35.56
CA GLU D 4011 -53.25 15.85 -36.04
C GLU D 4011 -52.42 16.40 -34.89
N LEU D 4012 -53.08 16.98 -33.88
CA LEU D 4012 -52.37 17.47 -32.71
C LEU D 4012 -51.67 16.32 -31.99
N LEU D 4013 -52.34 15.18 -31.86
CA LEU D 4013 -51.72 14.01 -31.23
C LEU D 4013 -50.52 13.53 -32.03
N LYS D 4014 -50.63 13.52 -33.36
CA LYS D 4014 -49.50 13.10 -34.19
C LYS D 4014 -48.32 14.04 -34.03
N GLU D 4015 -48.56 15.35 -34.01
CA GLU D 4015 -47.48 16.30 -33.79
C GLU D 4015 -46.87 16.15 -32.41
N LEU D 4016 -47.70 15.89 -31.39
CA LEU D 4016 -47.19 15.67 -30.05
C LEU D 4016 -46.30 14.44 -29.99
N LEU D 4017 -46.71 13.36 -30.67
CA LEU D 4017 -45.87 12.16 -30.73
C LEU D 4017 -44.58 12.42 -31.49
N ASP D 4018 -44.62 13.25 -32.54
CA ASP D 4018 -43.39 13.63 -33.23
C ASP D 4018 -42.44 14.37 -32.30
N LEU D 4019 -42.96 15.30 -31.50
CA LEU D 4019 -42.12 16.01 -30.54
C LEU D 4019 -41.55 15.05 -29.49
N GLN D 4020 -42.36 14.09 -29.04
CA GLN D 4020 -41.87 13.08 -28.10
C GLN D 4020 -40.72 12.28 -28.72
N LYS D 4021 -40.87 11.91 -30.00
CA LYS D 4021 -39.81 11.20 -30.69
C LYS D 4021 -38.54 12.05 -30.77
N ASP D 4022 -38.68 13.34 -31.05
CA ASP D 4022 -37.52 14.23 -31.09
C ASP D 4022 -36.83 14.31 -29.73
N MET D 4023 -37.61 14.38 -28.65
CA MET D 4023 -37.02 14.38 -27.31
C MET D 4023 -36.27 13.08 -27.03
N VAL D 4024 -36.85 11.95 -27.43
CA VAL D 4024 -36.19 10.67 -27.21
C VAL D 4024 -34.91 10.59 -28.05
N VAL D 4025 -34.91 11.18 -29.24
CA VAL D 4025 -33.71 11.24 -30.05
C VAL D 4025 -32.63 12.05 -29.34
N MET D 4026 -33.01 13.17 -28.74
CA MET D 4026 -32.04 13.96 -27.98
C MET D 4026 -31.48 13.17 -26.81
N LEU D 4027 -32.35 12.46 -26.09
CA LEU D 4027 -31.90 11.66 -24.96
C LEU D 4027 -30.94 10.56 -25.42
N LEU D 4028 -31.25 9.91 -26.54
CA LEU D 4028 -30.36 8.88 -27.09
C LEU D 4028 -29.02 9.48 -27.49
N SER D 4029 -29.03 10.66 -28.12
CA SER D 4029 -27.79 11.32 -28.50
C SER D 4029 -26.96 11.65 -27.28
N LEU D 4030 -27.60 11.95 -26.15
CA LEU D 4030 -26.86 12.19 -24.91
C LEU D 4030 -26.04 10.98 -24.46
N LEU D 4031 -26.37 9.78 -24.96
CA LEU D 4031 -25.67 8.56 -24.58
C LEU D 4031 -24.80 8.01 -25.72
N GLU D 4032 -24.14 8.89 -26.47
CA GLU D 4032 -23.39 8.44 -27.64
C GLU D 4032 -22.17 7.62 -27.24
N GLY D 4033 -21.24 8.23 -26.52
CA GLY D 4033 -20.00 7.57 -26.18
C GLY D 4033 -19.85 7.30 -24.70
N ASN D 4034 -20.92 6.86 -24.05
CA ASN D 4034 -20.91 6.67 -22.61
C ASN D 4034 -20.24 5.36 -22.23
N VAL D 4035 -19.42 5.41 -21.18
CA VAL D 4035 -18.86 4.19 -20.60
C VAL D 4035 -19.98 3.38 -19.98
N VAL D 4036 -19.72 2.07 -19.81
CA VAL D 4036 -20.72 1.15 -19.29
C VAL D 4036 -21.38 1.70 -18.03
N ASN D 4037 -20.58 2.07 -17.03
CA ASN D 4037 -21.09 2.74 -15.84
C ASN D 4037 -20.86 4.24 -15.95
N GLY D 4038 -21.51 4.84 -16.95
CA GLY D 4038 -21.33 6.25 -17.22
C GLY D 4038 -22.14 7.13 -16.28
N MET D 4039 -21.62 8.34 -16.04
CA MET D 4039 -22.32 9.30 -15.21
C MET D 4039 -23.63 9.74 -15.87
N ILE D 4040 -23.60 9.95 -17.19
CA ILE D 4040 -24.79 10.42 -17.90
C ILE D 4040 -25.89 9.37 -17.85
N ALA D 4041 -25.53 8.09 -17.93
CA ALA D 4041 -26.53 7.03 -17.84
C ALA D 4041 -27.22 7.03 -16.49
N ARG D 4042 -26.45 7.20 -15.41
CA ARG D 4042 -27.04 7.22 -14.08
C ARG D 4042 -27.88 8.47 -13.87
N GLN D 4043 -27.45 9.61 -14.41
CA GLN D 4043 -28.28 10.81 -14.34
C GLN D 4043 -29.59 10.61 -15.10
N MET D 4044 -29.52 9.94 -16.26
CA MET D 4044 -30.73 9.68 -17.05
C MET D 4044 -31.67 8.74 -16.31
N VAL D 4045 -31.14 7.70 -15.67
CA VAL D 4045 -32.02 6.79 -14.93
C VAL D 4045 -32.62 7.50 -13.72
N ASP D 4046 -31.86 8.40 -13.10
CA ASP D 4046 -32.44 9.22 -12.03
C ASP D 4046 -33.57 10.10 -12.54
N MET D 4047 -33.39 10.71 -13.72
CA MET D 4047 -34.45 11.52 -14.31
C MET D 4047 -35.68 10.67 -14.65
N LEU D 4048 -35.45 9.45 -15.14
CA LEU D 4048 -36.56 8.54 -15.43
C LEU D 4048 -37.33 8.18 -14.16
N VAL D 4049 -36.61 7.85 -13.08
CA VAL D 4049 -37.30 7.43 -11.86
C VAL D 4049 -37.92 8.62 -11.13
N GLU D 4050 -37.46 9.85 -11.41
CA GLU D 4050 -38.10 11.02 -10.82
C GLU D 4050 -39.49 11.22 -11.40
N SER D 4051 -39.67 10.95 -12.69
CA SER D 4051 -40.94 11.11 -13.39
C SER D 4051 -41.60 9.76 -13.64
N SER D 4052 -41.55 8.87 -12.64
CA SER D 4052 -41.99 7.49 -12.84
C SER D 4052 -43.46 7.41 -13.24
N SER D 4053 -44.30 8.26 -12.65
CA SER D 4053 -45.73 8.18 -12.93
C SER D 4053 -46.03 8.47 -14.40
N ASN D 4054 -45.44 9.54 -14.94
CA ASN D 4054 -45.69 9.88 -16.34
C ASN D 4054 -45.12 8.83 -17.28
N VAL D 4055 -43.95 8.27 -16.95
CA VAL D 4055 -43.37 7.22 -17.78
C VAL D 4055 -44.27 6.00 -17.79
N GLU D 4056 -44.80 5.62 -16.62
CA GLU D 4056 -45.74 4.51 -16.57
C GLU D 4056 -47.00 4.82 -17.36
N MET D 4057 -47.46 6.08 -17.32
CA MET D 4057 -48.63 6.45 -18.11
C MET D 4057 -48.38 6.25 -19.60
N ILE D 4058 -47.22 6.70 -20.09
CA ILE D 4058 -46.90 6.55 -21.51
C ILE D 4058 -46.77 5.07 -21.88
N LEU D 4059 -46.08 4.30 -21.03
CA LEU D 4059 -45.90 2.87 -21.32
C LEU D 4059 -47.23 2.14 -21.35
N LYS D 4060 -48.12 2.46 -20.41
CA LYS D 4060 -49.46 1.87 -20.42
C LYS D 4060 -50.25 2.30 -21.63
N PHE D 4061 -50.10 3.56 -22.06
CA PHE D 4061 -50.79 4.02 -23.26
C PHE D 4061 -50.35 3.21 -24.48
N PHE D 4062 -49.06 2.93 -24.59
CA PHE D 4062 -48.59 2.12 -25.71
C PHE D 4062 -49.06 0.66 -25.59
N ASP D 4063 -48.92 0.07 -24.40
CA ASP D 4063 -49.19 -1.35 -24.24
C ASP D 4063 -50.67 -1.67 -24.36
N MET D 4064 -51.53 -0.82 -23.80
CA MET D 4064 -52.96 -1.07 -23.82
C MET D 4064 -53.55 -0.93 -25.22
N PHE D 4065 -52.85 -0.26 -26.13
CA PHE D 4065 -53.27 -0.21 -27.53
C PHE D 4065 -52.63 -1.30 -28.37
N LEU D 4066 -51.40 -1.70 -28.07
CA LEU D 4066 -50.84 -2.88 -28.72
C LEU D 4066 -51.67 -4.13 -28.40
N LYS D 4067 -52.08 -4.27 -27.13
CA LYS D 4067 -52.93 -5.40 -26.75
C LYS D 4067 -54.29 -5.31 -27.41
N LEU D 4068 -54.83 -4.10 -27.57
CA LEU D 4068 -56.10 -3.94 -28.25
C LEU D 4068 -55.98 -4.35 -29.72
N LYS D 4069 -54.88 -3.97 -30.37
CA LYS D 4069 -54.65 -4.40 -31.75
C LYS D 4069 -54.52 -5.91 -31.85
N ASP D 4070 -53.82 -6.53 -30.90
CA ASP D 4070 -53.66 -7.98 -30.91
C ASP D 4070 -54.99 -8.70 -30.69
N ILE D 4071 -55.81 -8.18 -29.77
CA ILE D 4071 -57.06 -8.86 -29.42
C ILE D 4071 -58.04 -8.80 -30.60
N VAL D 4072 -58.19 -7.63 -31.20
CA VAL D 4072 -59.12 -7.47 -32.31
C VAL D 4072 -58.65 -8.31 -33.49
N GLY D 4073 -59.57 -9.07 -34.08
CA GLY D 4073 -59.24 -9.98 -35.16
C GLY D 4073 -59.00 -11.41 -34.74
N SER D 4074 -58.97 -11.69 -33.44
CA SER D 4074 -58.80 -13.05 -32.95
C SER D 4074 -60.14 -13.79 -32.99
N GLU D 4075 -60.20 -14.97 -32.39
CA GLU D 4075 -61.42 -15.77 -32.39
C GLU D 4075 -62.33 -15.46 -31.22
N ALA D 4076 -61.76 -15.30 -30.02
CA ALA D 4076 -62.58 -15.00 -28.85
C ALA D 4076 -63.31 -13.68 -29.00
N PHE D 4077 -62.62 -12.65 -29.51
CA PHE D 4077 -63.28 -11.38 -29.75
C PHE D 4077 -64.30 -11.49 -30.87
N GLN D 4078 -63.99 -12.25 -31.92
CA GLN D 4078 -64.91 -12.43 -33.03
C GLN D 4078 -66.14 -13.24 -32.66
N ASP D 4079 -66.10 -13.97 -31.54
CA ASP D 4079 -67.26 -14.72 -31.10
C ASP D 4079 -68.39 -13.84 -30.58
N TYR D 4080 -68.16 -12.54 -30.41
CA TYR D 4080 -69.17 -11.64 -29.87
C TYR D 4080 -69.85 -10.78 -30.93
N VAL D 4081 -69.21 -10.55 -32.07
CA VAL D 4081 -69.78 -9.69 -33.10
C VAL D 4081 -70.81 -10.47 -33.90
N THR D 4082 -72.01 -9.88 -34.03
CA THR D 4082 -73.09 -10.49 -34.79
C THR D 4082 -73.61 -9.60 -35.92
N ASP D 4083 -73.32 -8.31 -35.90
CA ASP D 4083 -73.76 -7.43 -36.97
C ASP D 4083 -73.02 -7.76 -38.27
N PRO D 4084 -73.64 -7.47 -39.41
CA PRO D 4084 -72.99 -7.71 -40.70
C PRO D 4084 -72.27 -6.52 -41.32
N ARG D 4085 -71.90 -5.50 -40.53
CA ARG D 4085 -71.07 -4.41 -41.01
C ARG D 4085 -69.72 -4.33 -40.30
N GLY D 4086 -69.51 -5.13 -39.25
CA GLY D 4086 -68.26 -5.10 -38.51
C GLY D 4086 -68.31 -4.24 -37.26
N LEU D 4087 -69.44 -4.27 -36.56
CA LEU D 4087 -69.64 -3.48 -35.35
C LEU D 4087 -69.75 -4.41 -34.15
N ILE D 4088 -68.98 -4.14 -33.11
CA ILE D 4088 -68.97 -4.99 -31.91
C ILE D 4088 -70.22 -4.79 -31.07
N SER D 4089 -71.03 -3.76 -31.37
CA SER D 4089 -72.25 -3.47 -30.63
C SER D 4089 -71.95 -3.18 -29.17
N LYS D 4090 -71.33 -2.03 -28.95
CA LYS D 4090 -70.93 -1.53 -27.63
C LYS D 4090 -72.00 -1.83 -26.58
N LYS D 4091 -71.55 -2.14 -25.37
CA LYS D 4091 -72.18 -2.91 -24.30
C LYS D 4091 -71.98 -4.40 -24.54
N ASP D 4092 -71.34 -4.77 -25.65
CA ASP D 4092 -70.75 -6.09 -25.81
C ASP D 4092 -69.23 -6.05 -25.89
N PHE D 4093 -68.65 -4.89 -26.19
CA PHE D 4093 -67.20 -4.72 -26.15
C PHE D 4093 -66.68 -4.91 -24.73
N GLN D 4094 -67.41 -4.42 -23.74
CA GLN D 4094 -67.00 -4.60 -22.34
C GLN D 4094 -66.94 -6.08 -21.99
N LYS D 4095 -67.96 -6.85 -22.38
CA LYS D 4095 -67.96 -8.28 -22.10
C LYS D 4095 -66.83 -8.99 -22.82
N ALA D 4096 -66.58 -8.62 -24.09
CA ALA D 4096 -65.51 -9.24 -24.84
C ALA D 4096 -64.15 -8.96 -24.22
N MET D 4097 -63.92 -7.73 -23.78
CA MET D 4097 -62.65 -7.37 -23.15
C MET D 4097 -62.52 -7.93 -21.74
N ASP D 4098 -63.64 -8.20 -21.06
CA ASP D 4098 -63.59 -8.77 -19.72
C ASP D 4098 -63.51 -10.29 -19.72
N SER D 4099 -63.89 -10.94 -20.81
CA SER D 4099 -63.77 -12.40 -20.88
C SER D 4099 -62.31 -12.82 -20.79
N GLN D 4100 -61.43 -12.13 -21.49
CA GLN D 4100 -59.99 -12.36 -21.40
C GLN D 4100 -59.41 -11.33 -20.43
N LYS D 4101 -58.95 -11.81 -19.27
CA LYS D 4101 -58.52 -10.93 -18.19
C LYS D 4101 -57.14 -10.36 -18.53
N GLN D 4102 -57.15 -9.28 -19.29
CA GLN D 4102 -55.94 -8.54 -19.63
C GLN D 4102 -55.97 -7.11 -19.10
N PHE D 4103 -57.04 -6.37 -19.36
CA PHE D 4103 -57.17 -5.01 -18.88
C PHE D 4103 -57.90 -4.98 -17.53
N THR D 4104 -58.07 -3.79 -16.99
CA THR D 4104 -58.85 -3.56 -15.78
C THR D 4104 -60.03 -2.66 -16.11
N GLY D 4105 -60.81 -2.31 -15.09
CA GLY D 4105 -61.99 -1.50 -15.25
C GLY D 4105 -61.74 -0.15 -15.91
N PRO D 4106 -60.85 0.67 -15.32
CA PRO D 4106 -60.51 1.95 -15.96
C PRO D 4106 -59.94 1.81 -17.36
N GLU D 4107 -59.17 0.75 -17.64
CA GLU D 4107 -58.64 0.57 -18.98
C GLU D 4107 -59.76 0.33 -20.01
N ILE D 4108 -60.73 -0.51 -19.66
CA ILE D 4108 -61.84 -0.76 -20.58
C ILE D 4108 -62.71 0.49 -20.72
N GLN D 4109 -62.88 1.24 -19.62
CA GLN D 4109 -63.62 2.49 -19.72
C GLN D 4109 -62.93 3.48 -20.65
N PHE D 4110 -61.59 3.56 -20.56
CA PHE D 4110 -60.83 4.43 -21.45
C PHE D 4110 -60.95 3.97 -22.91
N LEU D 4111 -60.91 2.65 -23.13
CA LEU D 4111 -61.10 2.14 -24.49
C LEU D 4111 -62.48 2.49 -25.03
N LEU D 4112 -63.51 2.36 -24.19
CA LEU D 4112 -64.86 2.73 -24.62
C LEU D 4112 -64.97 4.21 -24.93
N SER D 4113 -64.33 5.05 -24.10
CA SER D 4113 -64.36 6.49 -24.33
C SER D 4113 -63.66 6.86 -25.63
N CYS D 4114 -62.53 6.22 -25.94
CA CYS D 4114 -61.77 6.57 -27.13
C CYS D 4114 -62.46 6.14 -28.42
N SER D 4115 -63.43 5.23 -28.35
CA SER D 4115 -64.14 4.80 -29.54
C SER D 4115 -65.15 5.85 -29.99
N GLU D 4116 -65.56 5.76 -31.25
CA GLU D 4116 -66.54 6.71 -31.77
C GLU D 4116 -67.93 6.42 -31.22
N ALA D 4117 -68.48 5.26 -31.53
CA ALA D 4117 -69.71 4.75 -30.93
C ALA D 4117 -70.87 5.73 -31.02
N ASP D 4118 -71.26 6.02 -32.26
CA ASP D 4118 -72.51 6.76 -32.46
C ASP D 4118 -73.67 5.78 -32.52
N GLU D 4119 -74.90 6.33 -32.46
CA GLU D 4119 -76.14 5.55 -32.31
C GLU D 4119 -76.03 4.50 -31.20
N ASN D 4120 -75.18 4.80 -30.21
CA ASN D 4120 -75.01 4.05 -28.96
C ASN D 4120 -74.29 2.71 -29.15
N GLU D 4121 -74.09 2.28 -30.40
CA GLU D 4121 -73.23 1.13 -30.66
C GLU D 4121 -72.78 1.20 -32.12
N MET D 4122 -71.58 1.75 -32.35
CA MET D 4122 -71.00 1.71 -33.69
C MET D 4122 -69.48 1.57 -33.66
N ILE D 4123 -68.94 0.91 -32.64
CA ILE D 4123 -67.49 0.82 -32.50
C ILE D 4123 -66.95 -0.06 -33.62
N ASN D 4124 -66.30 0.56 -34.60
CA ASN D 4124 -65.69 -0.17 -35.72
C ASN D 4124 -64.27 -0.54 -35.29
N PHE D 4125 -64.10 -1.77 -34.83
CA PHE D 4125 -62.81 -2.21 -34.33
C PHE D 4125 -61.73 -2.21 -35.42
N GLU D 4126 -62.11 -2.34 -36.68
CA GLU D 4126 -61.13 -2.38 -37.75
C GLU D 4126 -60.35 -1.08 -37.84
N GLU D 4127 -61.04 0.06 -37.69
CA GLU D 4127 -60.36 1.35 -37.68
C GLU D 4127 -59.91 1.76 -36.27
N PHE D 4128 -60.62 1.32 -35.24
CA PHE D 4128 -60.24 1.66 -33.87
C PHE D 4128 -58.89 1.07 -33.51
N ALA D 4129 -58.65 -0.20 -33.90
CA ALA D 4129 -57.38 -0.84 -33.57
C ALA D 4129 -56.22 -0.22 -34.33
N ASN D 4130 -56.43 0.17 -35.58
CA ASN D 4130 -55.37 0.67 -36.43
C ASN D 4130 -55.24 2.19 -36.41
N ARG D 4131 -56.09 2.89 -35.65
CA ARG D 4131 -56.02 4.36 -35.63
C ARG D 4131 -54.71 4.84 -35.01
N PHE D 4132 -54.30 4.25 -33.89
CA PHE D 4132 -53.16 4.74 -33.12
C PHE D 4132 -51.91 3.90 -33.33
N GLN D 4133 -51.89 3.03 -34.33
CA GLN D 4133 -50.71 2.18 -34.55
C GLN D 4133 -49.63 2.90 -35.32
N GLU D 4134 -49.97 3.44 -36.49
CA GLU D 4134 -48.98 4.14 -37.32
C GLU D 4134 -48.39 5.38 -36.64
N PRO D 4135 -49.18 6.30 -36.08
CA PRO D 4135 -48.57 7.50 -35.47
C PRO D 4135 -47.62 7.19 -34.32
N ALA D 4136 -47.89 6.15 -33.54
CA ALA D 4136 -47.11 5.86 -32.35
C ALA D 4136 -45.98 4.87 -32.59
N ARG D 4137 -45.74 4.45 -33.83
CA ARG D 4137 -44.71 3.46 -34.11
C ARG D 4137 -43.31 4.02 -33.87
N ASP D 4138 -43.04 5.23 -34.38
CA ASP D 4138 -41.69 5.80 -34.28
C ASP D 4138 -41.31 6.08 -32.83
N ILE D 4139 -42.23 6.69 -32.06
CA ILE D 4139 -41.93 7.01 -30.67
C ILE D 4139 -41.78 5.73 -29.86
N GLY D 4140 -42.62 4.72 -30.13
CA GLY D 4140 -42.49 3.46 -29.44
C GLY D 4140 -41.15 2.79 -29.70
N PHE D 4141 -40.73 2.76 -30.97
CA PHE D 4141 -39.43 2.18 -31.29
C PHE D 4141 -38.30 2.96 -30.62
N ASN D 4142 -38.38 4.29 -30.64
CA ASN D 4142 -37.33 5.10 -30.05
C ASN D 4142 -37.23 4.88 -28.54
N VAL D 4143 -38.37 4.82 -27.85
CA VAL D 4143 -38.33 4.59 -26.40
C VAL D 4143 -37.86 3.18 -26.10
N ALA D 4144 -38.20 2.21 -26.95
CA ALA D 4144 -37.68 0.86 -26.78
C ALA D 4144 -36.16 0.84 -26.93
N VAL D 4145 -35.63 1.56 -27.91
CA VAL D 4145 -34.18 1.64 -28.09
C VAL D 4145 -33.52 2.30 -26.88
N LEU D 4146 -34.12 3.39 -26.38
CA LEU D 4146 -33.57 4.06 -25.21
C LEU D 4146 -33.56 3.16 -23.98
N LEU D 4147 -34.66 2.44 -23.75
CA LEU D 4147 -34.73 1.52 -22.62
C LEU D 4147 -33.71 0.40 -22.77
N THR D 4148 -33.56 -0.15 -23.97
CA THR D 4148 -32.58 -1.20 -24.19
C THR D 4148 -31.16 -0.70 -23.93
N ASN D 4149 -30.84 0.49 -24.42
CA ASN D 4149 -29.51 1.06 -24.18
C ASN D 4149 -29.25 1.25 -22.70
N LEU D 4150 -30.22 1.84 -21.98
CA LEU D 4150 -30.03 2.08 -20.55
C LEU D 4150 -29.90 0.77 -19.79
N SER D 4151 -30.73 -0.23 -20.11
CA SER D 4151 -30.64 -1.51 -19.43
C SER D 4151 -29.32 -2.21 -19.69
N GLU D 4152 -28.86 -2.19 -20.95
CA GLU D 4152 -27.62 -2.87 -21.30
C GLU D 4152 -26.38 -2.14 -20.79
N HIS D 4153 -26.47 -0.85 -20.51
CA HIS D 4153 -25.30 -0.12 -20.00
C HIS D 4153 -25.22 -0.12 -18.48
N VAL D 4154 -26.31 0.18 -17.79
CA VAL D 4154 -26.30 0.10 -16.32
C VAL D 4154 -27.23 -1.02 -15.89
N PRO D 4155 -26.73 -2.26 -15.76
CA PRO D 4155 -27.61 -3.37 -15.38
C PRO D 4155 -27.79 -3.53 -13.88
N HIS D 4156 -26.87 -3.02 -13.06
CA HIS D 4156 -26.97 -3.14 -11.61
C HIS D 4156 -27.74 -1.94 -11.05
N ASP D 4157 -29.03 -1.92 -11.38
CA ASP D 4157 -29.92 -0.84 -10.94
C ASP D 4157 -31.34 -1.39 -10.90
N PRO D 4158 -31.84 -1.77 -9.73
CA PRO D 4158 -33.22 -2.29 -9.64
C PRO D 4158 -34.28 -1.28 -10.03
N ARG D 4159 -33.96 0.01 -10.03
CA ARG D 4159 -34.94 1.05 -10.36
C ARG D 4159 -35.30 1.06 -11.84
N LEU D 4160 -34.60 0.31 -12.68
CA LEU D 4160 -34.94 0.20 -14.10
C LEU D 4160 -35.59 -1.13 -14.45
N ARG D 4161 -35.52 -2.11 -13.54
CA ARG D 4161 -36.14 -3.41 -13.81
C ARG D 4161 -37.66 -3.27 -13.92
N ASN D 4162 -38.28 -2.47 -13.06
CA ASN D 4162 -39.72 -2.25 -13.16
C ASN D 4162 -40.07 -1.56 -14.48
N PHE D 4163 -39.24 -0.60 -14.91
CA PHE D 4163 -39.47 0.05 -16.19
C PHE D 4163 -39.40 -0.95 -17.33
N LEU D 4164 -38.43 -1.86 -17.29
CA LEU D 4164 -38.37 -2.90 -18.31
C LEU D 4164 -39.60 -3.80 -18.27
N GLU D 4165 -40.03 -4.19 -17.07
CA GLU D 4165 -41.17 -5.10 -16.96
C GLU D 4165 -42.45 -4.47 -17.47
N LEU D 4166 -42.67 -3.19 -17.16
CA LEU D 4166 -43.86 -2.50 -17.64
C LEU D 4166 -43.80 -2.19 -19.13
N ALA D 4167 -42.62 -2.26 -19.74
CA ALA D 4167 -42.46 -1.99 -21.16
C ALA D 4167 -42.19 -3.25 -21.96
N GLU D 4168 -42.56 -4.42 -21.43
CA GLU D 4168 -42.30 -5.67 -22.13
C GLU D 4168 -43.13 -5.80 -23.39
N SER D 4169 -44.36 -5.27 -23.38
CA SER D 4169 -45.23 -5.40 -24.55
C SER D 4169 -44.65 -4.70 -25.77
N ILE D 4170 -44.09 -3.51 -25.59
CA ILE D 4170 -43.46 -2.80 -26.69
C ILE D 4170 -42.06 -3.31 -26.97
N LEU D 4171 -41.34 -3.77 -25.94
CA LEU D 4171 -39.99 -4.28 -26.15
C LEU D 4171 -40.00 -5.55 -26.98
N GLU D 4172 -40.96 -6.45 -26.72
CA GLU D 4172 -41.08 -7.67 -27.50
C GLU D 4172 -41.64 -7.42 -28.89
N TYR D 4173 -42.40 -6.34 -29.08
CA TYR D 4173 -42.95 -6.03 -30.39
C TYR D 4173 -41.85 -5.63 -31.36
N PHE D 4174 -40.97 -4.73 -30.95
CA PHE D 4174 -39.85 -4.30 -31.79
C PHE D 4174 -38.60 -5.15 -31.52
N ARG D 4175 -38.78 -6.46 -31.50
CA ARG D 4175 -37.65 -7.39 -31.41
C ARG D 4175 -37.03 -7.64 -32.78
N PRO D 4176 -37.79 -7.96 -33.83
CA PRO D 4176 -37.16 -8.17 -35.14
C PRO D 4176 -36.67 -6.90 -35.79
N TYR D 4177 -37.14 -5.72 -35.36
CA TYR D 4177 -36.73 -4.46 -35.98
C TYR D 4177 -35.51 -3.86 -35.33
N LEU D 4178 -35.25 -4.16 -34.06
CA LEU D 4178 -34.15 -3.54 -33.32
C LEU D 4178 -32.84 -4.25 -33.67
N GLY D 4179 -31.99 -3.59 -34.45
CA GLY D 4179 -30.68 -4.11 -34.74
C GLY D 4179 -29.71 -3.84 -33.62
N ARG D 4180 -28.51 -4.41 -33.76
CA ARG D 4180 -27.47 -4.26 -32.73
C ARG D 4180 -26.12 -4.50 -33.39
N ILE D 4181 -25.36 -3.42 -33.60
CA ILE D 4181 -24.06 -3.48 -34.26
C ILE D 4181 -22.99 -3.09 -33.25
N GLU D 4182 -21.94 -3.90 -33.15
CA GLU D 4182 -20.77 -3.57 -32.35
C GLU D 4182 -19.66 -3.11 -33.30
N ILE D 4183 -19.12 -1.92 -33.07
CA ILE D 4183 -18.10 -1.34 -33.91
C ILE D 4183 -16.91 -0.91 -33.06
N MET D 4184 -15.78 -0.71 -33.74
CA MET D 4184 -14.65 -0.04 -33.13
C MET D 4184 -14.97 1.45 -33.02
N GLY D 4185 -15.10 1.94 -31.79
CA GLY D 4185 -15.55 3.30 -31.57
C GLY D 4185 -14.62 4.37 -32.09
N ALA D 4186 -14.97 5.63 -31.88
CA ALA D 4186 -14.22 6.73 -32.47
C ALA D 4186 -12.79 6.77 -31.95
N SER D 4187 -12.62 6.80 -30.62
CA SER D 4187 -11.28 6.98 -30.06
C SER D 4187 -10.51 5.67 -29.92
N ARG D 4188 -10.92 4.82 -28.96
CA ARG D 4188 -10.16 3.60 -28.72
C ARG D 4188 -10.98 2.40 -28.27
N ARG D 4189 -12.31 2.48 -28.17
CA ARG D 4189 -13.08 1.48 -27.46
C ARG D 4189 -14.22 0.94 -28.31
N ILE D 4190 -14.66 -0.28 -27.98
CA ILE D 4190 -15.77 -0.89 -28.69
C ILE D 4190 -17.08 -0.26 -28.25
N GLU D 4191 -17.92 0.10 -29.22
CA GLU D 4191 -19.20 0.75 -28.96
C GLU D 4191 -20.31 0.00 -29.66
N ARG D 4192 -21.47 -0.08 -29.01
CA ARG D 4192 -22.63 -0.75 -29.58
C ARG D 4192 -23.52 0.26 -30.30
N ILE D 4193 -24.10 -0.16 -31.41
CA ILE D 4193 -24.93 0.69 -32.26
C ILE D 4193 -26.30 0.06 -32.37
N TYR D 4194 -27.35 0.87 -32.16
CA TYR D 4194 -28.73 0.45 -32.31
C TYR D 4194 -29.35 1.21 -33.48
N PHE D 4195 -30.17 0.52 -34.26
CA PHE D 4195 -30.82 1.12 -35.41
C PHE D 4195 -32.13 0.39 -35.68
N GLU D 4196 -32.77 0.72 -36.79
CA GLU D 4196 -34.05 0.14 -37.18
C GLU D 4196 -33.89 -0.68 -38.44
N ILE D 4197 -34.49 -1.87 -38.44
CA ILE D 4197 -34.50 -2.76 -39.59
C ILE D 4197 -35.89 -2.69 -40.22
N SER D 4198 -35.97 -2.23 -41.46
CA SER D 4198 -37.25 -2.13 -42.14
C SER D 4198 -37.84 -3.51 -42.38
N GLU D 4199 -39.17 -3.58 -42.39
CA GLU D 4199 -39.85 -4.85 -42.63
C GLU D 4199 -39.55 -5.39 -44.01
N THR D 4200 -39.52 -4.51 -45.01
CA THR D 4200 -39.19 -4.94 -46.37
C THR D 4200 -37.75 -5.44 -46.46
N ASN D 4201 -36.83 -4.80 -45.73
CA ASN D 4201 -35.44 -5.20 -45.78
C ASN D 4201 -35.23 -6.60 -45.20
N ARG D 4202 -36.11 -7.04 -44.30
CA ARG D 4202 -36.03 -8.39 -43.77
C ARG D 4202 -36.85 -9.39 -44.56
N ALA D 4203 -37.97 -8.96 -45.15
CA ALA D 4203 -38.76 -9.85 -45.98
C ALA D 4203 -37.99 -10.29 -47.22
N GLN D 4204 -37.28 -9.35 -47.86
CA GLN D 4204 -36.47 -9.68 -49.01
C GLN D 4204 -35.18 -10.42 -48.64
N TRP D 4205 -34.73 -10.29 -47.39
CA TRP D 4205 -33.55 -11.02 -46.95
C TRP D 4205 -33.85 -12.50 -46.72
N GLU D 4206 -35.11 -12.84 -46.48
CA GLU D 4206 -35.52 -14.22 -46.25
C GLU D 4206 -35.96 -14.92 -47.54
N MET D 4207 -35.82 -14.25 -48.69
CA MET D 4207 -36.20 -14.87 -49.95
C MET D 4207 -35.31 -16.08 -50.23
N PRO D 4208 -35.85 -17.12 -50.87
CA PRO D 4208 -35.03 -18.31 -51.16
C PRO D 4208 -33.81 -18.02 -52.02
N GLN D 4209 -33.88 -17.02 -52.89
CA GLN D 4209 -32.75 -16.68 -53.75
C GLN D 4209 -31.69 -15.84 -53.06
N VAL D 4210 -31.73 -15.77 -51.73
CA VAL D 4210 -30.77 -14.99 -50.96
C VAL D 4210 -29.95 -15.87 -50.02
N LYS D 4211 -30.59 -16.86 -49.39
CA LYS D 4211 -29.86 -17.73 -48.46
C LYS D 4211 -28.79 -18.52 -49.17
N GLU D 4212 -29.08 -19.04 -50.37
CA GLU D 4212 -28.07 -19.80 -51.10
C GLU D 4212 -26.93 -18.91 -51.58
N SER D 4213 -27.23 -17.65 -51.93
CA SER D 4213 -26.17 -16.71 -52.28
C SER D 4213 -25.29 -16.42 -51.08
N LYS D 4214 -25.89 -16.26 -49.91
CA LYS D 4214 -25.11 -16.08 -48.68
C LYS D 4214 -24.23 -17.29 -48.41
N ARG D 4215 -24.77 -18.50 -48.60
CA ARG D 4215 -24.00 -19.71 -48.38
C ARG D 4215 -22.84 -19.81 -49.37
N GLN D 4216 -23.08 -19.45 -50.63
CA GLN D 4216 -22.00 -19.46 -51.62
C GLN D 4216 -20.90 -18.47 -51.25
N PHE D 4217 -21.29 -17.26 -50.82
CA PHE D 4217 -20.31 -16.26 -50.41
C PHE D 4217 -19.50 -16.76 -49.22
N ILE D 4218 -20.17 -17.38 -48.26
CA ILE D 4218 -19.46 -17.93 -47.10
C ILE D 4218 -18.52 -19.05 -47.52
N PHE D 4219 -18.96 -19.92 -48.43
CA PHE D 4219 -18.11 -21.00 -48.92
C PHE D 4219 -16.83 -20.42 -49.51
N ASP D 4220 -16.98 -19.44 -50.41
CA ASP D 4220 -15.81 -18.84 -51.04
C ASP D 4220 -14.90 -18.16 -50.03
N VAL D 4221 -15.48 -17.40 -49.10
CA VAL D 4221 -14.67 -16.67 -48.12
C VAL D 4221 -13.91 -17.64 -47.21
N VAL D 4222 -14.58 -18.69 -46.73
CA VAL D 4222 -13.94 -19.61 -45.80
C VAL D 4222 -12.85 -20.43 -46.50
N ASN D 4223 -13.12 -20.90 -47.72
CA ASN D 4223 -12.13 -21.75 -48.38
C ASN D 4223 -11.04 -20.93 -49.04
N GLU D 4224 -11.38 -20.09 -50.02
CA GLU D 4224 -10.42 -19.37 -50.83
C GLU D 4224 -10.48 -17.86 -50.58
N GLY D 4225 -10.63 -17.46 -49.33
CA GLY D 4225 -10.67 -16.05 -48.98
C GLY D 4225 -9.50 -15.61 -48.14
N GLY D 4226 -8.97 -16.52 -47.31
CA GLY D 4226 -7.85 -16.19 -46.46
C GLY D 4226 -8.21 -15.16 -45.42
N GLU D 4227 -7.20 -14.40 -45.00
CA GLU D 4227 -7.36 -13.32 -44.03
C GLU D 4227 -6.83 -12.02 -44.62
N ALA D 4228 -6.99 -10.94 -43.85
CA ALA D 4228 -6.61 -9.57 -44.20
C ALA D 4228 -7.45 -9.00 -45.35
N GLU D 4229 -8.38 -9.78 -45.91
CA GLU D 4229 -9.27 -9.28 -46.96
C GLU D 4229 -10.69 -9.78 -46.78
N LYS D 4230 -11.01 -10.42 -45.65
CA LYS D 4230 -12.36 -10.96 -45.45
C LYS D 4230 -13.40 -9.84 -45.40
N MET D 4231 -13.07 -8.73 -44.72
CA MET D 4231 -14.05 -7.65 -44.57
C MET D 4231 -14.37 -6.98 -45.89
N GLU D 4232 -13.36 -6.81 -46.75
CA GLU D 4232 -13.60 -6.23 -48.07
C GLU D 4232 -14.55 -7.11 -48.89
N LEU D 4233 -14.32 -8.43 -48.88
CA LEU D 4233 -15.21 -9.34 -49.58
C LEU D 4233 -16.61 -9.31 -48.98
N PHE D 4234 -16.70 -9.22 -47.65
CA PHE D 4234 -18.01 -9.15 -47.00
C PHE D 4234 -18.78 -7.91 -47.42
N VAL D 4235 -18.09 -6.75 -47.47
CA VAL D 4235 -18.76 -5.52 -47.87
C VAL D 4235 -19.17 -5.58 -49.33
N SER D 4236 -18.31 -6.16 -50.18
CA SER D 4236 -18.68 -6.33 -51.59
C SER D 4236 -19.90 -7.22 -51.73
N PHE D 4237 -19.98 -8.29 -50.93
CA PHE D 4237 -21.14 -9.15 -50.94
C PHE D 4237 -22.39 -8.40 -50.46
N CYS D 4238 -22.24 -7.55 -49.45
CA CYS D 4238 -23.37 -6.75 -48.98
C CYS D 4238 -23.89 -5.84 -50.09
N GLU D 4239 -22.99 -5.18 -50.81
CA GLU D 4239 -23.43 -4.35 -51.93
C GLU D 4239 -24.07 -5.18 -53.04
N ASP D 4240 -23.51 -6.36 -53.31
CA ASP D 4240 -24.06 -7.23 -54.35
C ASP D 4240 -25.48 -7.68 -53.99
N THR D 4241 -25.71 -8.06 -52.73
CA THR D 4241 -27.06 -8.48 -52.34
C THR D 4241 -28.01 -7.30 -52.22
N ILE D 4242 -27.50 -6.09 -51.92
CA ILE D 4242 -28.35 -4.91 -52.01
C ILE D 4242 -28.83 -4.69 -53.44
N PHE D 4243 -27.92 -4.83 -54.41
CA PHE D 4243 -28.33 -4.74 -55.81
C PHE D 4243 -29.27 -5.88 -56.19
N GLU D 4244 -29.07 -7.07 -55.62
CA GLU D 4244 -29.98 -8.18 -55.87
C GLU D 4244 -31.39 -7.87 -55.39
N MET D 4245 -31.51 -7.30 -54.18
CA MET D 4245 -32.81 -6.90 -53.68
C MET D 4245 -33.41 -5.78 -54.51
N GLN D 4246 -32.58 -4.86 -55.00
CA GLN D 4246 -33.07 -3.82 -55.91
C GLN D 4246 -33.66 -4.45 -57.18
N ILE D 4247 -32.98 -5.45 -57.74
CA ILE D 4247 -33.49 -6.14 -58.91
C ILE D 4247 -34.80 -6.85 -58.60
N ALA D 4248 -34.86 -7.54 -57.45
CA ALA D 4248 -36.05 -8.29 -57.08
C ALA D 4248 -37.22 -7.37 -56.72
N ALA D 4249 -36.95 -6.12 -56.36
CA ALA D 4249 -38.04 -5.21 -55.98
C ALA D 4249 -38.97 -4.93 -57.16
N GLN D 4250 -38.41 -4.73 -58.35
CA GLN D 4250 -39.21 -4.43 -59.53
C GLN D 4250 -39.64 -5.68 -60.28
N ILE D 4251 -39.32 -6.87 -59.76
CA ILE D 4251 -39.73 -8.12 -60.40
C ILE D 4251 -41.04 -8.65 -59.86
N SER D 4252 -41.61 -8.02 -58.83
CA SER D 4252 -42.83 -8.51 -58.21
C SER D 4252 -44.01 -8.40 -59.17
N GLU D 4253 -45.06 -9.17 -58.87
CA GLU D 4253 -46.24 -9.21 -59.73
C GLU D 4253 -46.93 -7.85 -59.87
N PRO D 4254 -47.21 -7.09 -58.82
CA PRO D 4254 -47.86 -5.79 -59.01
C PRO D 4254 -47.06 -4.82 -59.87
N GLU D 4255 -45.74 -4.87 -59.79
CA GLU D 4255 -44.85 -4.00 -60.57
C GLU D 4255 -45.18 -2.52 -60.35
N PHE D 4540 -51.97 2.84 -78.59
CA PHE D 4540 -51.62 1.70 -79.45
C PHE D 4540 -50.23 1.17 -79.13
N TRP D 4541 -49.21 1.98 -79.46
CA TRP D 4541 -47.83 1.58 -79.19
C TRP D 4541 -47.57 1.46 -77.69
N GLY D 4542 -48.12 2.38 -76.90
CA GLY D 4542 -47.91 2.33 -75.46
C GLY D 4542 -48.53 1.11 -74.81
N GLU D 4543 -49.72 0.71 -75.25
CA GLU D 4543 -50.34 -0.50 -74.71
C GLU D 4543 -49.50 -1.74 -75.02
N LEU D 4544 -49.00 -1.83 -76.25
CA LEU D 4544 -48.13 -2.95 -76.60
C LEU D 4544 -46.84 -2.93 -75.78
N GLU D 4545 -46.28 -1.73 -75.55
CA GLU D 4545 -45.05 -1.64 -74.78
C GLU D 4545 -45.27 -2.07 -73.33
N VAL D 4546 -46.34 -1.61 -72.70
CA VAL D 4546 -46.59 -1.99 -71.31
C VAL D 4546 -46.92 -3.47 -71.22
N GLN D 4547 -47.65 -4.00 -72.20
CA GLN D 4547 -47.93 -5.44 -72.20
C GLN D 4547 -46.64 -6.25 -72.35
N ARG D 4548 -45.72 -5.80 -73.20
CA ARG D 4548 -44.44 -6.49 -73.35
C ARG D 4548 -43.62 -6.43 -72.06
N VAL D 4549 -43.62 -5.27 -71.40
CA VAL D 4549 -42.89 -5.14 -70.14
C VAL D 4549 -43.47 -6.08 -69.09
N LYS D 4550 -44.80 -6.15 -69.02
CA LYS D 4550 -45.45 -7.07 -68.08
C LYS D 4550 -45.13 -8.52 -68.42
N PHE D 4551 -45.12 -8.85 -69.70
CA PHE D 4551 -44.81 -10.21 -70.12
C PHE D 4551 -43.39 -10.59 -69.76
N LEU D 4552 -42.44 -9.67 -69.92
CA LEU D 4552 -41.05 -9.97 -69.58
C LEU D 4552 -40.82 -9.79 -68.08
N ASN D 4553 -41.71 -10.35 -67.27
CA ASN D 4553 -41.50 -10.47 -65.83
C ASN D 4553 -41.89 -11.84 -65.28
N TYR D 4554 -42.79 -12.58 -65.94
CA TYR D 4554 -43.11 -13.93 -65.52
C TYR D 4554 -41.89 -14.84 -65.68
N LEU D 4555 -41.19 -14.72 -66.80
CA LEU D 4555 -40.00 -15.53 -67.02
C LEU D 4555 -38.91 -15.20 -66.00
N SER D 4556 -38.73 -13.92 -65.68
CA SER D 4556 -37.68 -13.53 -64.77
C SER D 4556 -38.01 -13.92 -63.33
N ARG D 4557 -39.24 -13.68 -62.90
CA ARG D 4557 -39.63 -14.03 -61.53
C ARG D 4557 -39.81 -15.52 -61.36
N ASN D 4558 -40.11 -16.24 -62.44
CA ASN D 4558 -40.25 -17.70 -62.42
C ASN D 4558 -39.34 -18.25 -63.52
N PHE D 4559 -38.08 -18.51 -63.16
CA PHE D 4559 -37.07 -18.94 -64.11
C PHE D 4559 -36.58 -20.36 -63.87
N TYR D 4560 -36.50 -20.78 -62.61
CA TYR D 4560 -36.05 -22.14 -62.30
C TYR D 4560 -37.11 -23.18 -62.66
N THR D 4561 -38.39 -22.83 -62.50
CA THR D 4561 -39.47 -23.73 -62.91
C THR D 4561 -39.43 -23.98 -64.41
N LEU D 4562 -39.02 -22.99 -65.20
CA LEU D 4562 -38.82 -23.21 -66.62
C LEU D 4562 -37.70 -24.20 -66.88
N ARG D 4563 -36.63 -24.14 -66.08
CA ARG D 4563 -35.56 -25.12 -66.20
C ARG D 4563 -36.07 -26.53 -65.89
N PHE D 4564 -36.88 -26.66 -64.85
CA PHE D 4564 -37.45 -27.97 -64.51
C PHE D 4564 -38.39 -28.46 -65.61
N LEU D 4565 -39.17 -27.55 -66.21
CA LEU D 4565 -40.04 -27.93 -67.31
C LEU D 4565 -39.24 -28.40 -68.52
N ALA D 4566 -38.13 -27.72 -68.82
CA ALA D 4566 -37.26 -28.17 -69.90
C ALA D 4566 -36.68 -29.55 -69.61
N LEU D 4567 -36.28 -29.79 -68.36
CA LEU D 4567 -35.78 -31.10 -67.98
C LEU D 4567 -36.84 -32.17 -68.18
N PHE D 4568 -38.08 -31.89 -67.75
CA PHE D 4568 -39.17 -32.84 -67.93
C PHE D 4568 -39.44 -33.11 -69.41
N LEU D 4569 -39.41 -32.06 -70.23
CA LEU D 4569 -39.62 -32.23 -71.67
C LEU D 4569 -38.53 -33.09 -72.28
N ALA D 4570 -37.27 -32.86 -71.90
CA ALA D 4570 -36.19 -33.67 -72.43
C ALA D 4570 -36.32 -35.13 -72.02
N PHE D 4571 -36.69 -35.38 -70.76
CA PHE D 4571 -36.88 -36.75 -70.32
C PHE D 4571 -38.01 -37.44 -71.08
N ALA D 4572 -39.13 -36.73 -71.28
CA ALA D 4572 -40.24 -37.30 -72.04
C ALA D 4572 -39.84 -37.59 -73.48
N ILE D 4573 -39.10 -36.67 -74.10
CA ILE D 4573 -38.66 -36.88 -75.48
C ILE D 4573 -37.76 -38.11 -75.57
N ASN D 4574 -36.84 -38.26 -74.62
CA ASN D 4574 -35.95 -39.41 -74.65
C ASN D 4574 -36.72 -40.72 -74.40
N PHE D 4575 -37.69 -40.70 -73.49
CA PHE D 4575 -38.50 -41.89 -73.26
C PHE D 4575 -39.27 -42.28 -74.52
N ILE D 4576 -39.79 -41.28 -75.24
CA ILE D 4576 -40.46 -41.56 -76.51
C ILE D 4576 -39.46 -42.12 -77.52
N LEU D 4577 -38.27 -41.53 -77.60
CA LEU D 4577 -37.24 -41.96 -78.52
C LEU D 4577 -36.75 -43.38 -78.25
N LEU D 4578 -36.92 -43.87 -77.02
CA LEU D 4578 -36.50 -45.22 -76.69
C LEU D 4578 -37.19 -46.30 -77.52
N PHE D 4579 -38.24 -45.96 -78.28
CA PHE D 4579 -38.99 -46.95 -79.04
C PHE D 4579 -38.61 -46.98 -80.52
N TYR D 4580 -37.52 -46.32 -80.91
CA TYR D 4580 -37.12 -46.30 -82.31
C TYR D 4580 -36.67 -47.68 -82.78
N LYS D 4581 -36.97 -47.97 -84.05
CA LYS D 4581 -36.62 -49.25 -84.67
C LYS D 4581 -36.12 -49.00 -86.08
N VAL D 4582 -35.20 -49.84 -86.54
CA VAL D 4582 -34.59 -49.73 -87.86
C VAL D 4582 -34.87 -51.02 -88.63
N SER D 4583 -35.28 -50.88 -89.89
CA SER D 4583 -35.53 -52.02 -90.76
C SER D 4583 -35.15 -51.67 -92.18
N ASP D 4584 -34.92 -52.71 -92.98
CA ASP D 4584 -34.52 -52.52 -94.37
C ASP D 4584 -35.67 -52.18 -95.30
N SER D 4585 -36.91 -52.25 -94.82
CA SER D 4585 -38.08 -51.98 -95.64
C SER D 4585 -39.00 -51.00 -94.92
N PRO D 4586 -39.74 -50.19 -95.67
CA PRO D 4586 -40.69 -49.26 -95.05
C PRO D 4586 -41.81 -50.02 -94.37
N PRO D 4587 -42.44 -49.41 -93.35
CA PRO D 4587 -43.54 -50.10 -92.66
C PRO D 4587 -44.69 -50.50 -93.56
N GLY D 4588 -44.99 -49.70 -94.58
CA GLY D 4588 -46.06 -50.02 -95.51
C GLY D 4588 -45.68 -51.06 -96.54
N ASP D 4624 -31.58 -50.08 -102.77
CA ASP D 4624 -30.91 -50.85 -101.72
C ASP D 4624 -30.36 -49.92 -100.63
N GLU D 4625 -29.97 -50.53 -99.50
CA GLU D 4625 -29.41 -49.79 -98.36
C GLU D 4625 -30.35 -48.68 -97.90
N ASN D 4626 -31.65 -48.99 -97.82
CA ASN D 4626 -32.62 -48.00 -97.38
C ASN D 4626 -32.45 -47.70 -95.90
N MET D 4627 -32.61 -48.70 -95.04
CA MET D 4627 -32.43 -48.57 -93.60
C MET D 4627 -33.29 -47.44 -93.04
N VAL D 4628 -34.60 -47.61 -93.16
CA VAL D 4628 -35.53 -46.60 -92.68
C VAL D 4628 -35.58 -46.61 -91.16
N TYR D 4629 -35.54 -45.42 -90.56
CA TYR D 4629 -35.61 -45.27 -89.11
C TYR D 4629 -37.03 -44.86 -88.75
N TYR D 4630 -37.91 -45.86 -88.67
CA TYR D 4630 -39.31 -45.63 -88.38
C TYR D 4630 -39.57 -45.83 -86.89
N PHE D 4631 -40.84 -45.78 -86.50
CA PHE D 4631 -41.25 -45.82 -85.10
C PHE D 4631 -42.02 -47.11 -84.82
N LEU D 4632 -41.82 -47.65 -83.61
CA LEU D 4632 -42.52 -48.86 -83.18
C LEU D 4632 -43.71 -48.44 -82.32
N GLU D 4633 -44.81 -48.12 -83.00
CA GLU D 4633 -46.05 -47.77 -82.32
C GLU D 4633 -46.63 -49.02 -81.68
N GLU D 4634 -46.50 -49.13 -80.36
CA GLU D 4634 -46.91 -50.35 -79.66
C GLU D 4634 -48.41 -50.56 -79.78
N SER D 4635 -49.21 -49.65 -79.23
CA SER D 4635 -50.66 -49.80 -79.28
C SER D 4635 -51.33 -48.50 -79.70
N THR D 4636 -50.66 -47.37 -79.47
CA THR D 4636 -51.23 -46.05 -79.76
C THR D 4636 -50.41 -45.38 -80.85
N GLY D 4637 -51.10 -44.82 -81.84
CA GLY D 4637 -50.47 -44.07 -82.91
C GLY D 4637 -50.23 -42.61 -82.62
N TYR D 4638 -50.52 -42.16 -81.40
CA TYR D 4638 -50.34 -40.77 -81.01
C TYR D 4638 -48.91 -40.46 -80.57
N MET D 4639 -48.02 -41.45 -80.55
CA MET D 4639 -46.67 -41.23 -80.06
C MET D 4639 -45.90 -40.26 -80.95
N GLU D 4640 -46.02 -40.40 -82.27
CA GLU D 4640 -45.32 -39.50 -83.18
C GLU D 4640 -45.78 -38.05 -83.08
N PRO D 4641 -47.09 -37.74 -83.07
CA PRO D 4641 -47.49 -36.35 -82.82
C PRO D 4641 -47.03 -35.83 -81.47
N ALA D 4642 -47.02 -36.69 -80.45
CA ALA D 4642 -46.50 -36.26 -79.15
C ALA D 4642 -45.03 -35.90 -79.22
N LEU D 4643 -44.25 -36.70 -79.95
CA LEU D 4643 -42.84 -36.38 -80.14
C LEU D 4643 -42.66 -35.06 -80.87
N TRP D 4644 -43.45 -34.84 -81.93
CA TRP D 4644 -43.36 -33.58 -82.67
C TRP D 4644 -43.69 -32.39 -81.78
N CYS D 4645 -44.80 -32.46 -81.04
CA CYS D 4645 -45.17 -31.36 -80.16
C CYS D 4645 -44.09 -31.11 -79.11
N LEU D 4646 -43.70 -32.16 -78.38
CA LEU D 4646 -42.69 -32.01 -77.34
C LEU D 4646 -41.39 -31.43 -77.90
N SER D 4647 -41.02 -31.80 -79.12
CA SER D 4647 -39.86 -31.18 -79.76
C SER D 4647 -40.07 -29.69 -79.97
N LEU D 4648 -41.28 -29.27 -80.35
CA LEU D 4648 -41.52 -27.83 -80.51
C LEU D 4648 -41.47 -27.10 -79.17
N LEU D 4649 -42.20 -27.59 -78.17
CA LEU D 4649 -42.18 -26.93 -76.87
C LEU D 4649 -40.82 -26.95 -76.20
N HIS D 4650 -39.96 -27.94 -76.49
CA HIS D 4650 -38.63 -27.91 -75.90
C HIS D 4650 -37.83 -26.72 -76.39
N THR D 4651 -37.85 -26.46 -77.71
CA THR D 4651 -37.17 -25.29 -78.24
C THR D 4651 -37.80 -24.00 -77.71
N LEU D 4652 -39.12 -23.96 -77.62
CA LEU D 4652 -39.78 -22.76 -77.10
C LEU D 4652 -39.36 -22.49 -75.66
N VAL D 4653 -39.30 -23.54 -74.83
CA VAL D 4653 -38.92 -23.38 -73.44
C VAL D 4653 -37.45 -22.99 -73.31
N ALA D 4654 -36.60 -23.53 -74.19
CA ALA D 4654 -35.20 -23.13 -74.17
C ALA D 4654 -35.03 -21.65 -74.48
N PHE D 4655 -35.76 -21.16 -75.50
CA PHE D 4655 -35.71 -19.73 -75.82
C PHE D 4655 -36.23 -18.89 -74.66
N LEU D 4656 -37.33 -19.32 -74.05
CA LEU D 4656 -37.86 -18.60 -72.89
C LEU D 4656 -36.86 -18.58 -71.74
N CYS D 4657 -36.15 -19.69 -71.51
CA CYS D 4657 -35.17 -19.76 -70.45
C CYS D 4657 -34.00 -18.82 -70.70
N ILE D 4658 -33.50 -18.76 -71.94
CA ILE D 4658 -32.40 -17.86 -72.22
C ILE D 4658 -32.85 -16.41 -72.10
N ILE D 4659 -34.10 -16.10 -72.49
CA ILE D 4659 -34.61 -14.75 -72.32
C ILE D 4659 -34.71 -14.39 -70.84
N GLY D 4660 -35.21 -15.32 -70.03
CA GLY D 4660 -35.32 -15.06 -68.59
C GLY D 4660 -33.96 -14.86 -67.94
N TYR D 4661 -32.97 -15.66 -68.35
CA TYR D 4661 -31.62 -15.47 -67.82
C TYR D 4661 -31.06 -14.11 -68.24
N ASN D 4662 -31.32 -13.70 -69.48
CA ASN D 4662 -30.88 -12.38 -69.92
C ASN D 4662 -31.51 -11.28 -69.08
N CYS D 4663 -32.80 -11.42 -68.76
CA CYS D 4663 -33.51 -10.39 -68.00
C CYS D 4663 -33.34 -10.52 -66.49
N LEU D 4664 -32.65 -11.56 -66.00
CA LEU D 4664 -32.55 -11.77 -64.56
C LEU D 4664 -31.14 -11.68 -64.03
N LYS D 4665 -30.18 -12.43 -64.57
CA LYS D 4665 -28.87 -12.57 -63.96
C LYS D 4665 -27.75 -11.85 -64.71
N VAL D 4666 -28.05 -11.19 -65.82
CA VAL D 4666 -27.04 -10.43 -66.56
C VAL D 4666 -26.76 -9.10 -65.87
N PRO D 4667 -27.78 -8.36 -65.40
CA PRO D 4667 -27.48 -7.10 -64.68
C PRO D 4667 -26.57 -7.29 -63.49
N LEU D 4668 -26.64 -8.43 -62.79
CA LEU D 4668 -25.76 -8.64 -61.65
C LEU D 4668 -24.29 -8.68 -62.06
N VAL D 4669 -23.97 -9.45 -63.11
CA VAL D 4669 -22.58 -9.53 -63.54
C VAL D 4669 -22.12 -8.20 -64.14
N ILE D 4670 -23.01 -7.50 -64.85
CA ILE D 4670 -22.64 -6.19 -65.36
C ILE D 4670 -22.34 -5.22 -64.23
N PHE D 4671 -23.17 -5.24 -63.19
CA PHE D 4671 -22.95 -4.37 -62.02
C PHE D 4671 -21.65 -4.70 -61.34
N LYS D 4672 -21.35 -5.99 -61.14
CA LYS D 4672 -20.11 -6.37 -60.48
C LYS D 4672 -18.90 -5.94 -61.30
N ARG D 4673 -18.93 -6.16 -62.62
CA ARG D 4673 -17.81 -5.76 -63.46
C ARG D 4673 -17.61 -4.25 -63.44
N GLU D 4674 -18.70 -3.48 -63.55
CA GLU D 4674 -18.58 -2.03 -63.54
C GLU D 4674 -18.07 -1.52 -62.20
N LYS D 4675 -18.56 -2.08 -61.10
CA LYS D 4675 -18.10 -1.67 -59.78
C LYS D 4675 -16.62 -1.96 -59.58
N GLU D 4676 -16.18 -3.16 -59.98
CA GLU D 4676 -14.77 -3.50 -59.85
C GLU D 4676 -13.90 -2.58 -60.71
N LEU D 4677 -14.32 -2.30 -61.94
CA LEU D 4677 -13.54 -1.42 -62.80
C LEU D 4677 -13.48 0.00 -62.23
N ALA D 4678 -14.61 0.51 -61.72
CA ALA D 4678 -14.62 1.86 -61.17
C ALA D 4678 -13.73 1.97 -59.94
N ARG D 4679 -13.78 0.97 -59.05
CA ARG D 4679 -12.96 1.04 -57.85
C ARG D 4679 -11.49 0.76 -58.15
N LYS D 4680 -11.18 0.07 -59.25
CA LYS D 4680 -9.80 0.00 -59.70
C LYS D 4680 -9.34 1.32 -60.29
N LEU D 4681 -10.24 2.04 -60.97
CA LEU D 4681 -9.88 3.29 -61.60
C LEU D 4681 -9.63 4.39 -60.57
N GLU D 4682 -10.51 4.54 -59.59
CA GLU D 4682 -10.46 5.71 -58.72
C GLU D 4682 -9.61 5.52 -57.47
N PHE D 4683 -9.27 4.29 -57.10
CA PHE D 4683 -8.49 4.04 -55.89
C PHE D 4683 -7.08 3.56 -56.17
N ASP D 4684 -6.92 2.61 -57.09
CA ASP D 4684 -5.64 2.01 -57.45
C ASP D 4684 -5.42 2.13 -58.95
N GLY D 4685 -5.58 3.35 -59.48
CA GLY D 4685 -5.71 3.62 -60.90
C GLY D 4685 -4.90 2.74 -61.83
N LEU D 4686 -5.58 2.08 -62.75
CA LEU D 4686 -4.99 1.04 -63.58
C LEU D 4686 -4.76 1.47 -65.02
N TYR D 4687 -5.46 2.50 -65.49
CA TYR D 4687 -5.28 3.00 -66.85
C TYR D 4687 -4.70 4.41 -66.88
N ILE D 4688 -4.24 4.92 -65.74
CA ILE D 4688 -3.64 6.25 -65.66
C ILE D 4688 -2.23 6.12 -65.10
N THR D 4689 -2.11 5.59 -63.88
CA THR D 4689 -0.79 5.40 -63.27
C THR D 4689 -0.14 4.13 -63.77
N GLU D 4690 -0.76 2.97 -63.52
CA GLU D 4690 -0.25 1.69 -63.97
C GLU D 4690 -0.86 1.33 -65.33
N GLN D 4691 -0.63 0.10 -65.77
CA GLN D 4691 -1.21 -0.41 -67.00
C GLN D 4691 -1.50 -1.89 -66.80
N PRO D 4692 -2.47 -2.44 -67.54
CA PRO D 4692 -2.70 -3.89 -67.47
C PRO D 4692 -1.48 -4.66 -67.97
N GLY D 4693 -1.27 -5.83 -67.40
CA GLY D 4693 -0.09 -6.63 -67.65
C GLY D 4693 -0.09 -7.44 -68.92
N ASP D 4694 -1.07 -7.25 -69.80
CA ASP D 4694 -1.20 -7.95 -71.08
C ASP D 4694 -1.34 -9.46 -70.91
N ASP D 4695 -1.54 -9.94 -69.69
CA ASP D 4695 -1.74 -11.37 -69.45
C ASP D 4695 -3.20 -11.72 -69.19
N ASP D 4696 -4.02 -10.75 -68.81
CA ASP D 4696 -5.44 -10.98 -68.56
C ASP D 4696 -6.26 -10.24 -69.62
N VAL D 4697 -7.16 -10.97 -70.28
CA VAL D 4697 -8.01 -10.37 -71.29
C VAL D 4697 -9.03 -9.42 -70.68
N LYS D 4698 -9.33 -9.58 -69.39
CA LYS D 4698 -10.31 -8.71 -68.74
C LYS D 4698 -9.83 -7.27 -68.74
N GLY D 4699 -8.56 -7.03 -68.40
CA GLY D 4699 -8.06 -5.66 -68.36
C GLY D 4699 -8.05 -4.99 -69.71
N GLN D 4700 -7.67 -5.73 -70.75
CA GLN D 4700 -7.65 -5.16 -72.09
C GLN D 4700 -9.07 -4.93 -72.62
N TRP D 4701 -10.00 -5.83 -72.30
CA TRP D 4701 -11.37 -5.67 -72.76
C TRP D 4701 -12.09 -4.55 -72.02
N ASP D 4702 -11.69 -4.28 -70.77
CA ASP D 4702 -12.31 -3.19 -70.03
C ASP D 4702 -11.95 -1.82 -70.58
N ARG D 4703 -10.90 -1.73 -71.40
CA ARG D 4703 -10.50 -0.45 -71.96
C ARG D 4703 -11.51 0.08 -72.98
N LEU D 4704 -12.31 -0.80 -73.60
CA LEU D 4704 -13.29 -0.35 -74.56
C LEU D 4704 -14.43 0.40 -73.90
N VAL D 4705 -14.86 -0.04 -72.70
CA VAL D 4705 -15.97 0.59 -72.02
C VAL D 4705 -15.63 1.99 -71.53
N LEU D 4706 -14.36 2.36 -71.49
CA LEU D 4706 -13.99 3.72 -71.17
C LEU D 4706 -14.40 4.65 -72.32
N ASN D 4707 -14.23 5.96 -72.08
CA ASN D 4707 -14.64 7.03 -73.00
C ASN D 4707 -16.01 6.78 -73.59
N THR D 4708 -16.94 6.25 -72.77
CA THR D 4708 -18.31 5.96 -73.15
C THR D 4708 -19.27 6.86 -72.41
N PRO D 4709 -20.27 7.44 -73.10
CA PRO D 4709 -21.20 8.34 -72.42
C PRO D 4709 -22.02 7.68 -71.32
N SER D 4710 -22.15 6.36 -71.33
CA SER D 4710 -22.98 5.64 -70.35
C SER D 4710 -22.19 4.47 -69.75
N PHE D 4711 -20.96 4.74 -69.32
CA PHE D 4711 -20.15 3.69 -68.72
C PHE D 4711 -20.75 3.13 -67.43
N PRO D 4712 -21.17 3.95 -66.44
CA PRO D 4712 -21.78 3.35 -65.24
C PRO D 4712 -23.30 3.19 -65.40
N SER D 4713 -23.70 2.29 -66.29
CA SER D 4713 -25.12 2.09 -66.55
C SER D 4713 -25.81 1.31 -65.42
N ASN D 4714 -25.07 0.46 -64.72
CA ASN D 4714 -25.62 -0.33 -63.62
C ASN D 4714 -25.07 0.04 -62.26
N TYR D 4715 -23.82 0.48 -62.19
CA TYR D 4715 -23.24 0.90 -60.92
C TYR D 4715 -23.93 2.15 -60.41
N TRP D 4716 -24.08 2.24 -59.08
CA TRP D 4716 -24.77 3.38 -58.48
C TRP D 4716 -24.00 4.68 -58.72
N ASP D 4717 -22.67 4.64 -58.57
CA ASP D 4717 -21.86 5.85 -58.66
C ASP D 4717 -21.76 6.31 -60.10
N LYS D 4718 -22.45 7.39 -60.45
CA LYS D 4718 -22.37 7.98 -61.77
C LYS D 4718 -21.34 9.10 -61.86
N PHE D 4719 -20.64 9.40 -60.76
CA PHE D 4719 -19.66 10.48 -60.71
C PHE D 4719 -18.24 9.95 -60.47
N VAL D 4720 -18.00 8.69 -60.84
CA VAL D 4720 -16.66 8.13 -60.70
C VAL D 4720 -15.67 8.82 -61.62
N LYS D 4721 -16.12 9.22 -62.82
CA LYS D 4721 -15.24 9.92 -63.75
C LYS D 4721 -14.76 11.25 -63.16
N ARG D 4722 -15.68 12.02 -62.57
CA ARG D 4722 -15.29 13.28 -61.94
C ARG D 4722 -14.36 13.05 -60.76
N LYS D 4723 -14.62 12.00 -59.97
CA LYS D 4723 -13.77 11.70 -58.82
C LYS D 4723 -12.35 11.38 -59.27
N VAL D 4724 -12.20 10.52 -60.27
CA VAL D 4724 -10.85 10.17 -60.72
C VAL D 4724 -10.19 11.35 -61.43
N LEU D 4725 -10.97 12.19 -62.10
CA LEU D 4725 -10.41 13.39 -62.72
C LEU D 4725 -9.86 14.35 -61.67
N ASP D 4726 -10.59 14.53 -60.57
CA ASP D 4726 -10.13 15.40 -59.50
C ASP D 4726 -9.03 14.77 -58.66
N LYS D 4727 -8.90 13.45 -58.68
CA LYS D 4727 -7.86 12.77 -57.92
C LYS D 4727 -6.53 12.67 -58.67
N HIS D 4728 -6.56 12.40 -59.98
CA HIS D 4728 -5.34 12.20 -60.75
C HIS D 4728 -5.14 13.23 -61.85
N GLY D 4729 -6.02 14.23 -61.97
CA GLY D 4729 -5.91 15.19 -63.05
C GLY D 4729 -4.85 16.25 -62.89
N ASP D 4730 -4.17 16.30 -61.75
CA ASP D 4730 -3.12 17.28 -61.49
C ASP D 4730 -1.74 16.73 -61.76
N ILE D 4731 -1.39 15.58 -61.15
CA ILE D 4731 -0.09 14.96 -61.41
C ILE D 4731 0.03 14.56 -62.87
N PHE D 4732 -1.01 13.96 -63.42
CA PHE D 4732 -1.08 13.61 -64.83
C PHE D 4732 -1.86 14.69 -65.59
N GLY D 4733 -1.82 14.59 -66.91
CA GLY D 4733 -2.50 15.54 -67.76
C GLY D 4733 -4.01 15.55 -67.57
N ARG D 4734 -4.56 16.70 -67.21
CA ARG D 4734 -6.02 16.82 -67.09
C ARG D 4734 -6.70 16.62 -68.43
N GLU D 4735 -6.16 17.24 -69.49
CA GLU D 4735 -6.74 17.07 -70.82
C GLU D 4735 -6.62 15.63 -71.30
N ARG D 4736 -5.47 14.99 -71.06
CA ARG D 4736 -5.29 13.62 -71.49
C ARG D 4736 -6.18 12.67 -70.70
N ILE D 4737 -6.40 12.94 -69.40
CA ILE D 4737 -7.32 12.11 -68.61
C ILE D 4737 -8.75 12.29 -69.11
N ALA D 4738 -9.15 13.52 -69.42
CA ALA D 4738 -10.48 13.75 -69.95
C ALA D 4738 -10.67 13.05 -71.29
N GLU D 4739 -9.64 13.07 -72.14
CA GLU D 4739 -9.72 12.36 -73.41
C GLU D 4739 -9.81 10.85 -73.20
N LEU D 4740 -9.03 10.32 -72.27
CA LEU D 4740 -9.06 8.88 -72.00
C LEU D 4740 -10.43 8.45 -71.49
N LEU D 4741 -11.00 9.21 -70.55
CA LEU D 4741 -12.31 8.89 -70.00
C LEU D 4741 -13.45 9.44 -70.83
N GLY D 4742 -13.16 10.20 -71.89
CA GLY D 4742 -14.17 10.63 -72.84
C GLY D 4742 -15.19 11.61 -72.33
N MET D 4743 -14.98 12.18 -71.14
CA MET D 4743 -15.92 13.16 -70.64
C MET D 4743 -15.64 14.53 -71.27
N ASP D 4744 -16.66 15.38 -71.29
CA ASP D 4744 -16.49 16.73 -71.78
C ASP D 4744 -15.52 17.50 -70.89
N LEU D 4745 -14.72 18.35 -71.51
CA LEU D 4745 -13.72 19.12 -70.77
C LEU D 4745 -14.41 20.12 -69.84
N ALA D 4746 -13.61 20.72 -68.95
CA ALA D 4746 -14.13 21.69 -68.01
C ALA D 4746 -14.72 22.92 -68.69
N SER D 4747 -14.33 23.19 -69.95
CA SER D 4747 -14.91 24.30 -70.68
C SER D 4747 -16.40 24.07 -70.94
N LEU D 4748 -16.78 22.85 -71.31
CA LEU D 4748 -18.19 22.55 -71.58
C LEU D 4748 -18.95 22.26 -70.31
N GLU D 4749 -18.56 21.20 -69.59
CA GLU D 4749 -19.23 20.80 -68.35
C GLU D 4749 -18.42 21.32 -67.17
N ILE D 4750 -18.56 22.62 -66.91
CA ILE D 4750 -17.82 23.24 -65.82
C ILE D 4750 -18.42 22.86 -64.47
N THR D 4751 -19.67 23.25 -64.23
CA THR D 4751 -20.37 22.98 -62.98
C THR D 4751 -21.79 22.54 -63.30
N ALA D 4752 -22.57 22.33 -62.25
CA ALA D 4752 -23.99 21.96 -62.39
C ALA D 4752 -24.87 23.21 -62.39
N HIS D 4753 -24.57 24.15 -63.30
CA HIS D 4753 -25.34 25.39 -63.38
C HIS D 4753 -26.78 25.12 -63.79
N ASN D 4754 -26.98 24.23 -64.76
CA ASN D 4754 -28.31 23.88 -65.26
C ASN D 4754 -29.08 25.11 -65.72
N GLY D 4763 -41.03 4.51 -79.71
CA GLY D 4763 -39.62 4.88 -79.71
C GLY D 4763 -38.88 4.43 -80.94
N LEU D 4764 -39.43 4.78 -82.12
CA LEU D 4764 -38.79 4.40 -83.37
C LEU D 4764 -37.48 5.14 -83.61
N LEU D 4765 -37.27 6.28 -82.96
CA LEU D 4765 -36.04 7.05 -83.10
C LEU D 4765 -35.11 6.89 -81.90
N THR D 4766 -35.66 6.84 -80.69
CA THR D 4766 -34.82 6.66 -79.51
C THR D 4766 -34.11 5.32 -79.51
N TRP D 4767 -34.82 4.26 -79.91
CA TRP D 4767 -34.24 2.92 -79.95
C TRP D 4767 -33.44 2.65 -81.22
N LEU D 4768 -33.39 3.60 -82.15
CA LEU D 4768 -32.65 3.43 -83.39
C LEU D 4768 -31.46 4.38 -83.53
N MET D 4769 -31.42 5.45 -82.75
CA MET D 4769 -30.34 6.43 -82.83
C MET D 4769 -29.60 6.63 -81.51
N SER D 4770 -30.31 6.56 -80.39
CA SER D 4770 -29.70 6.77 -79.07
C SER D 4770 -29.23 5.44 -78.47
N ILE D 4771 -28.27 4.83 -79.16
CA ILE D 4771 -27.68 3.56 -78.74
C ILE D 4771 -26.17 3.76 -78.64
N ASP D 4772 -25.59 3.38 -77.50
CA ASP D 4772 -24.14 3.44 -77.30
C ASP D 4772 -23.53 2.18 -77.88
N VAL D 4773 -23.03 2.28 -79.12
CA VAL D 4773 -22.56 1.10 -79.84
C VAL D 4773 -21.38 0.46 -79.12
N LYS D 4774 -20.41 1.28 -78.70
CA LYS D 4774 -19.22 0.74 -78.04
C LYS D 4774 -19.58 0.06 -76.73
N TYR D 4775 -20.46 0.68 -75.94
CA TYR D 4775 -20.91 0.06 -74.70
C TYR D 4775 -21.65 -1.24 -74.97
N GLN D 4776 -22.46 -1.27 -76.04
CA GLN D 4776 -23.17 -2.50 -76.38
C GLN D 4776 -22.20 -3.61 -76.76
N ILE D 4777 -21.15 -3.30 -77.52
CA ILE D 4777 -20.16 -4.31 -77.86
C ILE D 4777 -19.46 -4.83 -76.62
N TRP D 4778 -19.08 -3.92 -75.71
CA TRP D 4778 -18.41 -4.36 -74.49
C TRP D 4778 -19.33 -5.23 -73.64
N LYS D 4779 -20.60 -4.82 -73.51
CA LYS D 4779 -21.56 -5.60 -72.74
C LYS D 4779 -21.79 -6.97 -73.36
N PHE D 4780 -21.89 -7.03 -74.69
CA PHE D 4780 -22.09 -8.31 -75.37
C PHE D 4780 -20.89 -9.22 -75.17
N GLY D 4781 -19.67 -8.66 -75.22
CA GLY D 4781 -18.50 -9.47 -74.95
C GLY D 4781 -18.48 -10.01 -73.54
N VAL D 4782 -18.83 -9.17 -72.56
CA VAL D 4782 -18.88 -9.62 -71.17
C VAL D 4782 -19.93 -10.70 -70.99
N ILE D 4783 -21.09 -10.53 -71.61
CA ILE D 4783 -22.17 -11.53 -71.50
C ILE D 4783 -21.74 -12.85 -72.13
N PHE D 4784 -21.14 -12.78 -73.33
CA PHE D 4784 -20.71 -13.99 -74.02
C PHE D 4784 -19.57 -14.69 -73.29
N THR D 4785 -18.76 -13.96 -72.52
CA THR D 4785 -17.71 -14.59 -71.74
C THR D 4785 -18.27 -15.37 -70.54
N ASP D 4786 -19.51 -15.08 -70.13
CA ASP D 4786 -20.08 -15.76 -68.98
C ASP D 4786 -20.31 -17.23 -69.26
N ASN D 4787 -20.08 -18.06 -68.24
CA ASN D 4787 -20.22 -19.51 -68.41
C ASN D 4787 -21.68 -19.93 -68.52
N SER D 4788 -22.54 -19.39 -67.66
CA SER D 4788 -23.94 -19.79 -67.67
C SER D 4788 -24.63 -19.39 -68.97
N PHE D 4789 -24.34 -18.19 -69.48
CA PHE D 4789 -24.93 -17.78 -70.74
C PHE D 4789 -24.46 -18.66 -71.89
N LEU D 4790 -23.18 -19.04 -71.89
CA LEU D 4790 -22.68 -19.95 -72.92
C LEU D 4790 -23.38 -21.31 -72.83
N TYR D 4791 -23.57 -21.80 -71.61
CA TYR D 4791 -24.26 -23.09 -71.43
C TYR D 4791 -25.68 -23.02 -71.94
N LEU D 4792 -26.40 -21.94 -71.62
CA LEU D 4792 -27.77 -21.80 -72.10
C LEU D 4792 -27.85 -21.60 -73.60
N GLY D 4793 -26.88 -20.88 -74.17
CA GLY D 4793 -26.84 -20.74 -75.62
C GLY D 4793 -26.59 -22.06 -76.33
N TRP D 4794 -25.69 -22.87 -75.77
CA TRP D 4794 -25.47 -24.20 -76.33
C TRP D 4794 -26.72 -25.07 -76.19
N TYR D 4795 -27.41 -24.96 -75.05
CA TYR D 4795 -28.66 -25.69 -74.85
C TYR D 4795 -29.68 -25.33 -75.93
N MET D 4796 -29.86 -24.03 -76.18
CA MET D 4796 -30.81 -23.60 -77.19
C MET D 4796 -30.35 -24.01 -78.59
N VAL D 4797 -29.05 -23.95 -78.86
CA VAL D 4797 -28.54 -24.33 -80.18
C VAL D 4797 -28.81 -25.81 -80.45
N MET D 4798 -28.55 -26.66 -79.46
CA MET D 4798 -28.79 -28.08 -79.66
C MET D 4798 -30.28 -28.40 -79.66
N SER D 4799 -31.10 -27.61 -78.95
CA SER D 4799 -32.55 -27.76 -79.10
C SER D 4799 -33.00 -27.46 -80.52
N LEU D 4800 -32.42 -26.41 -81.13
CA LEU D 4800 -32.69 -26.14 -82.54
C LEU D 4800 -32.22 -27.29 -83.42
N LEU D 4801 -31.03 -27.82 -83.15
CA LEU D 4801 -30.48 -28.90 -83.95
C LEU D 4801 -31.27 -30.20 -83.80
N GLY D 4802 -31.96 -30.38 -82.68
CA GLY D 4802 -32.74 -31.59 -82.48
C GLY D 4802 -33.90 -31.74 -83.44
N HIS D 4803 -34.32 -30.66 -84.09
CA HIS D 4803 -35.35 -30.77 -85.12
C HIS D 4803 -34.78 -31.33 -86.42
N TYR D 4804 -33.51 -31.04 -86.72
CA TYR D 4804 -32.87 -31.63 -87.89
C TYR D 4804 -32.75 -33.14 -87.75
N ASN D 4805 -32.37 -33.62 -86.55
CA ASN D 4805 -32.36 -35.03 -86.24
C ASN D 4805 -32.84 -35.21 -84.81
N ASN D 4806 -33.86 -36.06 -84.63
CA ASN D 4806 -34.53 -36.17 -83.34
C ASN D 4806 -33.61 -36.72 -82.25
N PHE D 4807 -32.52 -37.39 -82.62
CA PHE D 4807 -31.63 -38.00 -81.63
C PHE D 4807 -30.73 -36.99 -80.94
N PHE D 4808 -30.70 -35.74 -81.39
CA PHE D 4808 -29.88 -34.72 -80.74
C PHE D 4808 -30.48 -34.22 -79.44
N PHE D 4809 -31.70 -34.63 -79.10
CA PHE D 4809 -32.30 -34.30 -77.82
C PHE D 4809 -31.77 -35.14 -76.68
N ALA D 4810 -30.91 -36.13 -76.97
CA ALA D 4810 -30.40 -37.00 -75.92
C ALA D 4810 -29.37 -36.29 -75.04
N ALA D 4811 -28.62 -35.34 -75.60
CA ALA D 4811 -27.61 -34.65 -74.80
C ALA D 4811 -28.23 -33.78 -73.72
N HIS D 4812 -29.42 -33.21 -73.98
CA HIS D 4812 -30.13 -32.44 -72.96
C HIS D 4812 -30.53 -33.30 -71.76
N LEU D 4813 -30.56 -34.62 -71.90
CA LEU D 4813 -30.81 -35.49 -70.77
C LEU D 4813 -29.67 -35.43 -69.75
N LEU D 4814 -28.44 -35.33 -70.24
CA LEU D 4814 -27.24 -35.32 -69.40
C LEU D 4814 -26.84 -33.91 -68.97
N ASP D 4815 -26.87 -32.96 -69.90
CA ASP D 4815 -26.31 -31.64 -69.63
C ASP D 4815 -27.06 -30.87 -68.55
N ILE D 4816 -28.33 -31.19 -68.33
CA ILE D 4816 -29.11 -30.50 -67.30
C ILE D 4816 -29.30 -31.35 -66.05
N ALA D 4817 -29.08 -32.67 -66.13
CA ALA D 4817 -29.13 -33.50 -64.95
C ALA D 4817 -28.02 -33.18 -63.95
N MET D 4818 -26.94 -32.54 -64.42
CA MET D 4818 -25.85 -32.12 -63.55
C MET D 4818 -26.15 -30.84 -62.79
N GLY D 4819 -27.25 -30.15 -63.13
CA GLY D 4819 -27.63 -28.96 -62.38
C GLY D 4819 -27.98 -29.25 -60.94
N VAL D 4820 -28.24 -30.51 -60.60
CA VAL D 4820 -28.48 -30.88 -59.21
C VAL D 4820 -27.17 -30.80 -58.42
N LYS D 4821 -27.31 -30.76 -57.09
CA LYS D 4821 -26.15 -30.57 -56.24
C LYS D 4821 -25.24 -31.78 -56.21
N THR D 4822 -25.82 -32.98 -56.06
CA THR D 4822 -25.02 -34.18 -55.85
C THR D 4822 -24.16 -34.51 -57.07
N LEU D 4823 -24.74 -34.43 -58.26
CA LEU D 4823 -24.02 -34.80 -59.48
C LEU D 4823 -23.17 -33.67 -60.05
N ARG D 4824 -23.22 -32.47 -59.45
CA ARG D 4824 -22.44 -31.36 -59.99
C ARG D 4824 -20.96 -31.52 -59.69
N THR D 4825 -20.60 -32.13 -58.56
CA THR D 4825 -19.20 -32.32 -58.21
C THR D 4825 -18.56 -33.49 -58.94
N ILE D 4826 -19.35 -34.41 -59.50
CA ILE D 4826 -18.79 -35.53 -60.23
C ILE D 4826 -18.00 -35.04 -61.44
N LEU D 4827 -18.59 -34.11 -62.21
CA LEU D 4827 -17.86 -33.53 -63.34
C LEU D 4827 -16.72 -32.64 -62.87
N SER D 4828 -16.92 -31.90 -61.77
CA SER D 4828 -15.87 -31.03 -61.25
C SER D 4828 -14.65 -31.82 -60.80
N SER D 4829 -14.84 -33.08 -60.41
CA SER D 4829 -13.71 -33.91 -60.00
C SER D 4829 -12.74 -34.14 -61.15
N VAL D 4830 -13.27 -34.32 -62.38
CA VAL D 4830 -12.42 -34.59 -63.53
C VAL D 4830 -11.51 -33.41 -63.82
N THR D 4831 -12.06 -32.20 -63.80
CA THR D 4831 -11.27 -31.00 -64.05
C THR D 4831 -10.54 -30.49 -62.82
N HIS D 4832 -10.80 -31.05 -61.65
CA HIS D 4832 -10.10 -30.65 -60.44
C HIS D 4832 -8.62 -30.97 -60.54
N ASN D 4833 -8.30 -32.24 -60.81
CA ASN D 4833 -6.92 -32.66 -61.08
C ASN D 4833 -6.63 -32.66 -62.57
N GLY D 4834 -6.95 -31.53 -63.23
CA GLY D 4834 -6.76 -31.46 -64.67
C GLY D 4834 -5.29 -31.47 -65.07
N LYS D 4835 -4.44 -30.78 -64.29
CA LYS D 4835 -3.02 -30.75 -64.59
C LYS D 4835 -2.31 -32.05 -64.26
N GLN D 4836 -3.00 -33.00 -63.62
CA GLN D 4836 -2.42 -34.29 -63.28
C GLN D 4836 -2.97 -35.44 -64.09
N LEU D 4837 -4.26 -35.41 -64.44
CA LEU D 4837 -4.86 -36.50 -65.23
C LEU D 4837 -4.21 -36.62 -66.60
N VAL D 4838 -4.11 -35.50 -67.32
CA VAL D 4838 -3.54 -35.52 -68.66
C VAL D 4838 -2.11 -36.00 -68.62
N MET D 4839 -1.35 -35.55 -67.62
CA MET D 4839 0.06 -35.91 -67.50
C MET D 4839 0.24 -37.38 -67.13
N THR D 4840 -0.61 -37.91 -66.26
CA THR D 4840 -0.57 -39.35 -65.95
C THR D 4840 -0.92 -40.18 -67.18
N VAL D 4841 -1.91 -39.74 -67.95
CA VAL D 4841 -2.26 -40.46 -69.19
C VAL D 4841 -1.10 -40.40 -70.17
N GLY D 4842 -0.40 -39.26 -70.24
CA GLY D 4842 0.77 -39.18 -71.10
C GLY D 4842 1.89 -40.10 -70.65
N LEU D 4843 2.08 -40.21 -69.33
CA LEU D 4843 3.07 -41.16 -68.83
C LEU D 4843 2.70 -42.59 -69.19
N LEU D 4844 1.43 -42.94 -69.07
CA LEU D 4844 0.97 -44.27 -69.47
C LEU D 4844 1.22 -44.50 -70.95
N ALA D 4845 0.93 -43.50 -71.77
CA ALA D 4845 1.16 -43.62 -73.21
C ALA D 4845 2.63 -43.82 -73.53
N VAL D 4846 3.51 -43.09 -72.83
CA VAL D 4846 4.94 -43.22 -73.06
C VAL D 4846 5.42 -44.62 -72.65
N VAL D 4847 4.95 -45.12 -71.51
CA VAL D 4847 5.34 -46.45 -71.05
C VAL D 4847 4.91 -47.51 -72.05
N VAL D 4848 3.65 -47.42 -72.51
CA VAL D 4848 3.17 -48.42 -73.45
C VAL D 4848 3.87 -48.26 -74.80
N TYR D 4849 4.29 -47.04 -75.13
CA TYR D 4849 5.09 -46.84 -76.33
C TYR D 4849 6.44 -47.55 -76.23
N LEU D 4850 7.07 -47.48 -75.07
CA LEU D 4850 8.32 -48.22 -74.86
C LEU D 4850 8.09 -49.72 -75.00
N TYR D 4851 7.01 -50.22 -74.41
CA TYR D 4851 6.68 -51.63 -74.57
C TYR D 4851 6.42 -51.99 -76.03
N THR D 4852 5.78 -51.09 -76.78
CA THR D 4852 5.54 -51.30 -78.20
C THR D 4852 6.85 -51.39 -78.97
N VAL D 4853 7.81 -50.51 -78.65
CA VAL D 4853 9.11 -50.56 -79.29
C VAL D 4853 9.78 -51.89 -79.02
N VAL D 4854 9.76 -52.34 -77.76
CA VAL D 4854 10.40 -53.59 -77.40
C VAL D 4854 9.74 -54.76 -78.13
N ALA D 4855 8.40 -54.78 -78.19
CA ALA D 4855 7.70 -55.86 -78.87
C ALA D 4855 7.96 -55.86 -80.36
N PHE D 4856 8.00 -54.67 -80.97
CA PHE D 4856 8.26 -54.58 -82.41
C PHE D 4856 9.66 -55.07 -82.75
N ASN D 4857 10.65 -54.74 -81.91
CA ASN D 4857 12.01 -55.15 -82.20
C ASN D 4857 12.22 -56.65 -82.05
N PHE D 4858 11.61 -57.27 -81.05
CA PHE D 4858 11.95 -58.64 -80.68
C PHE D 4858 10.79 -59.63 -80.83
N PHE D 4859 9.62 -59.32 -80.28
CA PHE D 4859 8.52 -60.29 -80.17
C PHE D 4859 7.51 -60.14 -81.29
N ARG D 4860 7.96 -59.83 -82.51
CA ARG D 4860 7.04 -59.64 -83.62
C ARG D 4860 6.32 -60.94 -83.98
N LYS D 4861 7.00 -62.08 -83.85
CA LYS D 4861 6.44 -63.34 -84.31
C LYS D 4861 5.24 -63.79 -83.48
N PHE D 4862 5.03 -63.21 -82.31
CA PHE D 4862 3.97 -63.68 -81.42
C PHE D 4862 2.61 -63.05 -81.75
N TYR D 4863 2.60 -61.88 -82.37
CA TYR D 4863 1.36 -61.12 -82.56
C TYR D 4863 0.63 -61.59 -83.81
N ASN D 4864 0.05 -62.79 -83.70
CA ASN D 4864 -0.78 -63.37 -84.75
C ASN D 4864 -2.19 -63.55 -84.21
N LYS D 4865 -3.19 -63.07 -84.97
CA LYS D 4865 -4.57 -63.04 -84.49
C LYS D 4865 -5.54 -63.65 -85.51
N SER D 4866 -5.08 -64.62 -86.30
CA SER D 4866 -5.97 -65.26 -87.27
C SER D 4866 -5.40 -66.61 -87.65
N GLU D 4867 -6.29 -67.57 -87.90
CA GLU D 4867 -5.93 -68.91 -88.37
C GLU D 4867 -6.96 -69.35 -89.41
N ASP D 4868 -6.74 -68.95 -90.66
CA ASP D 4868 -7.65 -69.31 -91.74
C ASP D 4868 -6.92 -69.67 -93.03
N GLU D 4869 -5.65 -70.05 -92.95
CA GLU D 4869 -4.72 -70.23 -94.06
C GLU D 4869 -4.35 -68.89 -94.70
N ASP D 4870 -4.98 -67.80 -94.28
CA ASP D 4870 -4.51 -66.43 -94.53
C ASP D 4870 -3.89 -65.88 -93.25
N GLU D 4871 -3.16 -66.76 -92.56
CA GLU D 4871 -2.69 -66.66 -91.17
C GLU D 4871 -2.23 -65.29 -90.70
N PRO D 4872 -1.21 -64.66 -91.35
CA PRO D 4872 -0.40 -63.65 -90.65
C PRO D 4872 -1.17 -62.66 -89.78
N ASP D 4873 -2.04 -61.84 -90.38
CA ASP D 4873 -2.78 -60.81 -89.66
C ASP D 4873 -1.90 -60.11 -88.65
N MET D 4874 -0.67 -59.77 -89.05
CA MET D 4874 0.34 -59.31 -88.10
C MET D 4874 -0.09 -58.02 -87.43
N LYS D 4875 -0.41 -58.11 -86.14
CA LYS D 4875 -0.74 -56.90 -85.39
C LYS D 4875 0.47 -55.98 -85.26
N CYS D 4876 1.65 -56.55 -85.04
CA CYS D 4876 2.87 -55.76 -84.93
C CYS D 4876 3.75 -56.08 -86.14
N ASP D 4877 3.46 -55.39 -87.25
CA ASP D 4877 4.36 -55.29 -88.39
C ASP D 4877 4.51 -53.84 -88.81
N ASP D 4878 3.91 -52.92 -88.06
CA ASP D 4878 4.02 -51.49 -88.26
C ASP D 4878 3.96 -50.84 -86.89
N MET D 4879 4.79 -49.83 -86.68
CA MET D 4879 4.88 -49.22 -85.36
C MET D 4879 3.54 -48.60 -84.97
N MET D 4880 2.86 -47.96 -85.92
CA MET D 4880 1.53 -47.41 -85.63
C MET D 4880 0.54 -48.51 -85.28
N THR D 4881 0.55 -49.61 -86.05
CA THR D 4881 -0.39 -50.71 -85.78
C THR D 4881 -0.08 -51.38 -84.44
N CYS D 4882 1.20 -51.60 -84.15
CA CYS D 4882 1.57 -52.21 -82.87
C CYS D 4882 1.19 -51.30 -81.70
N TYR D 4883 1.43 -50.00 -81.85
CA TYR D 4883 1.06 -49.05 -80.78
C TYR D 4883 -0.45 -49.01 -80.60
N LEU D 4884 -1.21 -49.03 -81.70
CA LEU D 4884 -2.66 -49.04 -81.60
C LEU D 4884 -3.17 -50.32 -80.95
N PHE D 4885 -2.53 -51.46 -81.25
CA PHE D 4885 -2.93 -52.71 -80.61
C PHE D 4885 -2.64 -52.67 -79.11
N HIS D 4886 -1.52 -52.08 -78.72
CA HIS D 4886 -1.18 -52.01 -77.30
C HIS D 4886 -2.07 -51.01 -76.55
N MET D 4887 -2.40 -49.88 -77.18
CA MET D 4887 -3.38 -48.95 -76.62
C MET D 4887 -4.74 -49.59 -76.47
N TYR D 4888 -5.26 -50.18 -77.55
CA TYR D 4888 -6.68 -50.54 -77.59
C TYR D 4888 -6.97 -51.69 -76.66
N VAL D 4889 -6.37 -52.85 -76.89
CA VAL D 4889 -6.44 -53.96 -75.94
C VAL D 4889 -5.01 -54.28 -75.52
N GLY D 4890 -4.51 -53.52 -74.54
CA GLY D 4890 -3.38 -53.92 -73.73
C GLY D 4890 -3.61 -53.45 -72.31
N VAL D 4891 -4.68 -52.67 -72.14
CA VAL D 4891 -5.04 -52.13 -70.84
C VAL D 4891 -6.48 -52.44 -70.46
N ARG D 4892 -7.38 -52.67 -71.42
CA ARG D 4892 -8.70 -53.17 -71.10
C ARG D 4892 -8.67 -54.62 -70.66
N ALA D 4893 -7.62 -55.36 -71.02
CA ALA D 4893 -7.46 -56.72 -70.56
C ALA D 4893 -7.08 -56.74 -69.08
N GLY D 4894 -7.56 -57.77 -68.37
CA GLY D 4894 -7.31 -57.87 -66.95
C GLY D 4894 -5.90 -58.28 -66.59
N GLY D 4895 -5.17 -58.88 -67.52
CA GLY D 4895 -3.83 -59.34 -67.24
C GLY D 4895 -2.78 -58.76 -68.18
N GLY D 4896 -3.02 -57.54 -68.65
CA GLY D 4896 -2.06 -56.90 -69.54
C GLY D 4896 -2.10 -57.46 -70.94
N ILE D 4897 -0.99 -57.26 -71.65
CA ILE D 4897 -0.90 -57.71 -73.05
C ILE D 4897 -0.68 -59.21 -73.15
N GLY D 4898 -0.27 -59.88 -72.07
CA GLY D 4898 0.02 -61.29 -72.14
C GLY D 4898 -1.19 -62.17 -72.38
N ASP D 4899 -2.39 -61.68 -72.07
CA ASP D 4899 -3.59 -62.49 -72.24
C ASP D 4899 -3.97 -62.65 -73.70
N GLU D 4900 -3.69 -61.66 -74.53
CA GLU D 4900 -4.13 -61.68 -75.92
C GLU D 4900 -3.14 -62.38 -76.84
N ILE D 4901 -1.85 -62.29 -76.56
CA ILE D 4901 -0.83 -62.87 -77.43
C ILE D 4901 -0.70 -64.36 -77.13
N GLU D 4902 -0.06 -65.10 -78.03
CA GLU D 4902 0.09 -66.54 -77.88
C GLU D 4902 1.16 -66.88 -76.83
N ASP D 4903 1.14 -68.14 -76.40
CA ASP D 4903 2.01 -68.56 -75.31
C ASP D 4903 3.47 -68.58 -75.76
N PRO D 4904 4.41 -68.20 -74.88
CA PRO D 4904 5.82 -68.23 -75.26
C PRO D 4904 6.52 -69.54 -74.91
N ALA D 4905 5.73 -70.57 -74.61
CA ALA D 4905 6.27 -71.84 -74.13
C ALA D 4905 7.27 -72.45 -75.11
N GLY D 4906 8.53 -72.50 -74.71
CA GLY D 4906 9.59 -73.07 -75.52
C GLY D 4906 9.78 -72.40 -76.87
N ASP D 4907 10.20 -71.12 -76.85
CA ASP D 4907 10.42 -70.39 -78.09
C ASP D 4907 11.73 -69.59 -77.92
N GLU D 4908 12.64 -70.11 -77.10
CA GLU D 4908 13.98 -69.57 -76.89
C GLU D 4908 13.96 -68.15 -76.33
N TYR D 4909 12.76 -67.59 -76.14
CA TYR D 4909 12.58 -66.28 -75.55
C TYR D 4909 11.57 -66.34 -74.41
N GLU D 4910 11.38 -67.50 -73.81
CA GLU D 4910 10.30 -67.70 -72.85
C GLU D 4910 10.47 -66.81 -71.63
N LEU D 4911 11.68 -66.76 -71.07
CA LEU D 4911 11.90 -65.93 -69.89
C LEU D 4911 11.79 -64.44 -70.22
N TYR D 4912 12.32 -64.01 -71.36
CA TYR D 4912 12.21 -62.61 -71.74
C TYR D 4912 10.76 -62.19 -71.91
N ARG D 4913 9.95 -63.01 -72.59
CA ARG D 4913 8.55 -62.65 -72.78
C ARG D 4913 7.75 -62.78 -71.48
N VAL D 4914 8.11 -63.72 -70.61
CA VAL D 4914 7.45 -63.82 -69.31
C VAL D 4914 7.71 -62.55 -68.50
N VAL D 4915 8.96 -62.09 -68.48
CA VAL D 4915 9.28 -60.83 -67.79
C VAL D 4915 8.53 -59.68 -68.46
N PHE D 4916 8.48 -59.66 -69.79
CA PHE D 4916 7.75 -58.62 -70.51
C PHE D 4916 6.30 -58.55 -70.07
N ASP D 4917 5.61 -59.69 -70.08
CA ASP D 4917 4.19 -59.70 -69.71
C ASP D 4917 3.99 -59.34 -68.25
N ILE D 4918 4.81 -59.89 -67.36
CA ILE D 4918 4.64 -59.64 -65.93
C ILE D 4918 4.87 -58.17 -65.61
N THR D 4919 5.92 -57.58 -66.18
CA THR D 4919 6.20 -56.18 -65.91
C THR D 4919 5.19 -55.26 -66.60
N PHE D 4920 4.67 -55.62 -67.77
CA PHE D 4920 3.58 -54.85 -68.35
C PHE D 4920 2.38 -54.84 -67.42
N PHE D 4921 1.95 -56.02 -66.97
CA PHE D 4921 0.81 -56.12 -66.07
C PHE D 4921 1.03 -55.29 -64.81
N PHE D 4922 2.16 -55.51 -64.13
CA PHE D 4922 2.42 -54.84 -62.86
C PHE D 4922 2.51 -53.32 -63.05
N PHE D 4923 3.26 -52.87 -64.06
CA PHE D 4923 3.52 -51.44 -64.19
C PHE D 4923 2.30 -50.68 -64.71
N VAL D 4924 1.47 -51.28 -65.56
CA VAL D 4924 0.31 -50.59 -66.09
C VAL D 4924 -0.93 -50.86 -65.26
N ILE D 4925 -1.40 -52.11 -65.25
CA ILE D 4925 -2.77 -52.39 -64.82
C ILE D 4925 -2.96 -52.08 -63.35
N VAL D 4926 -2.01 -52.50 -62.50
CA VAL D 4926 -2.14 -52.38 -61.06
C VAL D 4926 -1.41 -51.17 -60.49
N ILE D 4927 -0.84 -50.32 -61.35
CA ILE D 4927 -0.16 -49.12 -60.85
C ILE D 4927 -0.77 -47.87 -61.46
N LEU D 4928 -0.71 -47.74 -62.79
CA LEU D 4928 -1.10 -46.47 -63.40
C LEU D 4928 -2.61 -46.29 -63.41
N LEU D 4929 -3.36 -47.36 -63.70
CA LEU D 4929 -4.81 -47.30 -63.62
C LEU D 4929 -5.26 -47.01 -62.19
N ALA D 4930 -4.61 -47.63 -61.21
CA ALA D 4930 -4.92 -47.36 -59.81
C ALA D 4930 -4.60 -45.92 -59.44
N ILE D 4931 -3.51 -45.37 -59.98
CA ILE D 4931 -3.16 -43.98 -59.70
C ILE D 4931 -4.21 -43.04 -60.26
N ILE D 4932 -4.67 -43.29 -61.49
CA ILE D 4932 -5.71 -42.46 -62.10
C ILE D 4932 -7.00 -42.55 -61.28
N GLN D 4933 -7.38 -43.77 -60.90
CA GLN D 4933 -8.58 -43.97 -60.09
C GLN D 4933 -8.47 -43.22 -58.76
N GLY D 4934 -7.31 -43.34 -58.10
CA GLY D 4934 -7.11 -42.64 -56.85
C GLY D 4934 -7.16 -41.14 -56.99
N LEU D 4935 -6.57 -40.61 -58.06
CA LEU D 4935 -6.65 -39.17 -58.32
C LEU D 4935 -8.10 -38.72 -58.42
N ILE D 4936 -8.89 -39.41 -59.25
CA ILE D 4936 -10.28 -38.99 -59.44
C ILE D 4936 -11.07 -39.10 -58.14
N ILE D 4937 -10.96 -40.24 -57.45
CA ILE D 4937 -11.77 -40.45 -56.26
C ILE D 4937 -11.34 -39.52 -55.13
N ASP D 4938 -10.04 -39.25 -55.00
CA ASP D 4938 -9.57 -38.35 -53.96
C ASP D 4938 -9.99 -36.91 -54.25
N ALA D 4939 -9.96 -36.51 -55.52
CA ALA D 4939 -10.48 -35.18 -55.86
C ALA D 4939 -11.95 -35.06 -55.50
N PHE D 4940 -12.74 -36.09 -55.82
CA PHE D 4940 -14.16 -36.07 -55.47
C PHE D 4940 -14.36 -36.02 -53.95
N GLY D 4941 -13.57 -36.81 -53.21
CA GLY D 4941 -13.70 -36.81 -51.76
C GLY D 4941 -13.31 -35.49 -51.12
N GLU D 4942 -12.23 -34.87 -51.60
CA GLU D 4942 -11.84 -33.58 -51.05
C GLU D 4942 -12.82 -32.48 -51.44
N LEU D 4943 -13.42 -32.58 -52.64
CA LEU D 4943 -14.47 -31.64 -53.00
C LEU D 4943 -15.67 -31.76 -52.07
N ARG D 4944 -16.04 -33.00 -51.71
CA ARG D 4944 -17.11 -33.19 -50.75
C ARG D 4944 -16.74 -32.76 -49.33
N ASP D 4945 -15.48 -32.91 -48.94
CA ASP D 4945 -15.05 -32.53 -47.59
C ASP D 4945 -14.88 -31.03 -47.42
N GLN D 4946 -14.55 -30.31 -48.49
CA GLN D 4946 -14.48 -28.85 -48.40
C GLN D 4946 -15.85 -28.24 -48.19
N GLN D 4947 -16.90 -28.93 -48.65
CA GLN D 4947 -18.26 -28.45 -48.42
C GLN D 4947 -18.73 -28.66 -47.00
N GLU D 4948 -18.01 -29.47 -46.21
CA GLU D 4948 -18.34 -29.68 -44.80
C GLU D 4948 -17.39 -28.93 -43.87
N GLN D 4949 -16.15 -28.68 -44.28
CA GLN D 4949 -15.25 -27.89 -43.46
C GLN D 4949 -15.77 -26.48 -43.26
N VAL D 4950 -16.31 -25.87 -44.32
CA VAL D 4950 -16.88 -24.53 -44.20
C VAL D 4950 -18.15 -24.53 -43.36
N LYS D 4951 -18.92 -25.61 -43.37
CA LYS D 4951 -20.12 -25.73 -42.56
C LYS D 4951 -19.82 -25.99 -41.09
N GLU D 4952 -18.65 -26.55 -40.79
CA GLU D 4952 -18.27 -26.80 -39.40
C GLU D 4952 -17.28 -25.78 -38.85
N ASP D 4953 -16.77 -24.85 -39.67
CA ASP D 4953 -15.83 -23.86 -39.16
C ASP D 4953 -16.51 -22.77 -38.33
N MET D 4954 -17.77 -22.44 -38.62
CA MET D 4954 -18.47 -21.45 -37.81
C MET D 4954 -18.62 -21.90 -36.36
N GLU D 4955 -18.96 -23.17 -36.14
CA GLU D 4955 -19.38 -23.62 -34.82
C GLU D 4955 -18.27 -23.53 -33.77
N THR D 4956 -17.09 -23.00 -34.13
CA THR D 4956 -16.04 -22.73 -33.16
C THR D 4956 -15.34 -21.40 -33.39
N LYS D 4957 -15.76 -20.59 -34.36
CA LYS D 4957 -15.09 -19.33 -34.66
C LYS D 4957 -16.13 -18.26 -34.98
N CYS D 4958 -15.76 -17.01 -34.75
CA CYS D 4958 -16.63 -15.87 -35.02
C CYS D 4958 -16.27 -15.24 -36.35
N PHE D 4959 -17.27 -15.01 -37.20
CA PHE D 4959 -17.06 -14.50 -38.55
C PHE D 4959 -16.55 -13.06 -38.57
N ILE D 4960 -16.62 -12.34 -37.46
CA ILE D 4960 -16.30 -10.91 -37.48
C ILE D 4960 -15.14 -10.59 -36.54
N CYS D 4961 -15.29 -10.92 -35.26
CA CYS D 4961 -14.32 -10.52 -34.26
C CYS D 4961 -13.22 -11.56 -34.01
N GLY D 4962 -13.26 -12.70 -34.71
CA GLY D 4962 -12.23 -13.70 -34.53
C GLY D 4962 -12.66 -14.88 -33.68
N ILE D 4963 -12.24 -14.88 -32.40
CA ILE D 4963 -12.53 -15.99 -31.51
C ILE D 4963 -14.03 -16.18 -31.38
N GLY D 4964 -14.48 -17.43 -31.54
CA GLY D 4964 -15.90 -17.71 -31.55
C GLY D 4964 -16.49 -18.39 -30.33
N SER D 4965 -15.83 -19.42 -29.80
CA SER D 4965 -16.46 -20.26 -28.78
C SER D 4965 -15.57 -20.66 -27.62
N ASP D 4966 -14.31 -20.21 -27.57
CA ASP D 4966 -13.45 -20.52 -26.43
C ASP D 4966 -13.56 -19.49 -25.32
N TYR D 4967 -14.35 -18.44 -25.51
CA TYR D 4967 -14.53 -17.40 -24.52
C TYR D 4967 -15.97 -17.00 -24.27
N PHE D 4968 -16.89 -17.29 -25.20
CA PHE D 4968 -18.27 -16.85 -25.08
C PHE D 4968 -19.25 -17.98 -24.76
N ASP D 4969 -18.83 -19.24 -24.87
CA ASP D 4969 -19.71 -20.38 -24.62
C ASP D 4969 -19.71 -20.82 -23.17
N THR D 4970 -19.02 -20.08 -22.29
CA THR D 4970 -19.01 -20.44 -20.87
C THR D 4970 -20.38 -20.32 -20.23
N THR D 4971 -21.31 -19.60 -20.86
CA THR D 4971 -22.68 -19.46 -20.39
C THR D 4971 -23.64 -20.17 -21.33
N PRO D 4972 -24.78 -20.64 -20.83
CA PRO D 4972 -25.74 -21.32 -21.71
C PRO D 4972 -26.16 -20.42 -22.87
N HIS D 4973 -26.23 -21.01 -24.07
CA HIS D 4973 -26.55 -20.29 -25.30
C HIS D 4973 -25.60 -19.11 -25.53
N GLY D 4974 -24.38 -19.19 -24.99
CA GLY D 4974 -23.45 -18.09 -25.08
C GLY D 4974 -23.03 -17.79 -26.51
N PHE D 4975 -22.67 -18.82 -27.27
CA PHE D 4975 -22.34 -18.61 -28.68
C PHE D 4975 -23.55 -18.13 -29.45
N GLU D 4976 -24.73 -18.68 -29.16
CA GLU D 4976 -25.94 -18.23 -29.85
C GLU D 4976 -26.23 -16.77 -29.54
N THR D 4977 -26.05 -16.35 -28.29
CA THR D 4977 -26.24 -14.94 -27.95
C THR D 4977 -25.22 -14.06 -28.66
N HIS D 4978 -23.95 -14.44 -28.61
CA HIS D 4978 -22.91 -13.64 -29.27
C HIS D 4978 -23.12 -13.56 -30.78
N THR D 4979 -23.78 -14.55 -31.38
CA THR D 4979 -24.07 -14.52 -32.80
C THR D 4979 -25.32 -13.72 -33.12
N LEU D 4980 -26.38 -13.86 -32.33
CA LEU D 4980 -27.67 -13.28 -32.66
C LEU D 4980 -27.89 -11.89 -32.09
N GLU D 4981 -27.04 -11.41 -31.18
CA GLU D 4981 -27.22 -10.10 -30.58
C GLU D 4981 -26.10 -9.15 -30.94
N GLU D 4982 -24.84 -9.51 -30.67
CA GLU D 4982 -23.73 -8.59 -30.83
C GLU D 4982 -23.16 -8.63 -32.25
N HIS D 4983 -22.70 -9.79 -32.68
CA HIS D 4983 -21.99 -9.95 -33.96
C HIS D 4983 -22.84 -10.81 -34.89
N ASN D 4984 -23.65 -10.16 -35.72
CA ASN D 4984 -24.48 -10.83 -36.71
C ASN D 4984 -24.22 -10.18 -38.07
N LEU D 4985 -23.77 -10.98 -39.03
CA LEU D 4985 -23.43 -10.44 -40.35
C LEU D 4985 -24.65 -9.87 -41.05
N ALA D 4986 -25.81 -10.51 -40.90
CA ALA D 4986 -27.04 -9.94 -41.47
C ALA D 4986 -27.35 -8.60 -40.86
N ASN D 4987 -27.09 -8.44 -39.56
CA ASN D 4987 -27.30 -7.16 -38.90
C ASN D 4987 -26.36 -6.09 -39.46
N TYR D 4988 -25.11 -6.45 -39.76
CA TYR D 4988 -24.20 -5.51 -40.39
C TYR D 4988 -24.68 -5.11 -41.78
N MET D 4989 -25.19 -6.07 -42.55
CA MET D 4989 -25.77 -5.76 -43.85
C MET D 4989 -26.95 -4.80 -43.71
N PHE D 4990 -27.81 -5.05 -42.72
CA PHE D 4990 -28.93 -4.15 -42.46
C PHE D 4990 -28.46 -2.76 -42.08
N PHE D 4991 -27.38 -2.67 -41.29
CA PHE D 4991 -26.82 -1.37 -40.95
C PHE D 4991 -26.31 -0.65 -42.19
N LEU D 4992 -25.68 -1.38 -43.11
CA LEU D 4992 -25.23 -0.77 -44.35
C LEU D 4992 -26.40 -0.22 -45.16
N MET D 4993 -27.48 -1.00 -45.30
CA MET D 4993 -28.65 -0.50 -46.01
C MET D 4993 -29.27 0.69 -45.29
N TYR D 4994 -29.31 0.66 -43.96
CA TYR D 4994 -29.87 1.78 -43.19
C TYR D 4994 -29.06 3.05 -43.42
N LEU D 4995 -27.73 2.94 -43.42
CA LEU D 4995 -26.88 4.10 -43.69
C LEU D 4995 -27.09 4.61 -45.12
N ILE D 4996 -27.22 3.70 -46.08
CA ILE D 4996 -27.41 4.12 -47.47
C ILE D 4996 -28.74 4.87 -47.62
N ASN D 4997 -29.80 4.35 -47.00
CA ASN D 4997 -31.11 4.97 -47.15
C ASN D 4997 -31.25 6.25 -46.34
N LYS D 4998 -30.56 6.35 -45.21
CA LYS D 4998 -30.71 7.51 -44.34
C LYS D 4998 -30.08 8.75 -44.96
N ASP D 4999 -30.69 9.90 -44.72
CA ASP D 4999 -30.13 11.17 -45.19
C ASP D 4999 -28.86 11.51 -44.42
N GLU D 5000 -27.93 12.16 -45.11
CA GLU D 5000 -26.65 12.50 -44.51
C GLU D 5000 -26.82 13.51 -43.37
N THR D 5001 -27.82 14.38 -43.45
CA THR D 5001 -28.05 15.37 -42.41
C THR D 5001 -28.66 14.77 -41.14
N GLU D 5002 -29.21 13.56 -41.21
CA GLU D 5002 -29.80 12.91 -40.04
C GLU D 5002 -28.88 11.88 -39.42
N HIS D 5003 -27.67 11.71 -39.93
CA HIS D 5003 -26.74 10.72 -39.41
C HIS D 5003 -26.28 11.10 -38.01
N THR D 5004 -26.21 10.10 -37.12
CA THR D 5004 -25.66 10.29 -35.79
C THR D 5004 -24.13 10.33 -35.89
N GLY D 5005 -23.48 10.58 -34.75
CA GLY D 5005 -22.02 10.66 -34.75
C GLY D 5005 -21.37 9.34 -35.15
N GLN D 5006 -21.82 8.24 -34.55
CA GLN D 5006 -21.29 6.93 -34.91
C GLN D 5006 -21.68 6.55 -36.34
N GLU D 5007 -22.91 6.86 -36.74
CA GLU D 5007 -23.33 6.58 -38.11
C GLU D 5007 -22.51 7.38 -39.11
N SER D 5008 -22.25 8.65 -38.81
CA SER D 5008 -21.40 9.45 -39.69
C SER D 5008 -19.98 8.92 -39.74
N TYR D 5009 -19.44 8.50 -38.59
CA TYR D 5009 -18.09 7.93 -38.57
C TYR D 5009 -18.00 6.66 -39.42
N VAL D 5010 -18.97 5.77 -39.27
CA VAL D 5010 -18.97 4.52 -40.04
C VAL D 5010 -19.16 4.81 -41.53
N TRP D 5011 -20.05 5.75 -41.86
CA TRP D 5011 -20.28 6.10 -43.26
C TRP D 5011 -19.04 6.71 -43.89
N LYS D 5012 -18.34 7.57 -43.15
CA LYS D 5012 -17.11 8.17 -43.66
C LYS D 5012 -16.04 7.12 -43.88
N MET D 5013 -15.91 6.16 -42.96
CA MET D 5013 -14.93 5.10 -43.15
C MET D 5013 -15.31 4.20 -44.32
N TYR D 5014 -16.61 3.96 -44.51
CA TYR D 5014 -17.06 3.14 -45.63
C TYR D 5014 -16.81 3.82 -46.97
N GLN D 5015 -17.02 5.14 -47.04
CA GLN D 5015 -16.86 5.85 -48.30
C GLN D 5015 -15.40 5.86 -48.76
N GLU D 5016 -14.46 5.86 -47.82
CA GLU D 5016 -13.04 5.81 -48.15
C GLU D 5016 -12.49 4.39 -48.14
N ARG D 5017 -13.34 3.38 -47.96
CA ARG D 5017 -12.97 1.97 -48.00
C ARG D 5017 -11.91 1.65 -46.95
N CYS D 5018 -12.26 1.92 -45.70
CA CYS D 5018 -11.44 1.56 -44.54
C CYS D 5018 -12.30 0.74 -43.59
N TRP D 5019 -11.84 -0.46 -43.25
CA TRP D 5019 -12.60 -1.39 -42.42
C TRP D 5019 -12.03 -1.52 -41.02
N ASP D 5020 -11.51 -0.42 -40.48
CA ASP D 5020 -11.00 -0.42 -39.10
C ASP D 5020 -12.12 -0.39 -38.07
N PHE D 5021 -13.35 -0.09 -38.47
CA PHE D 5021 -14.47 -0.05 -37.53
C PHE D 5021 -15.02 -1.44 -37.21
N PHE D 5022 -14.69 -2.45 -37.99
CA PHE D 5022 -15.11 -3.80 -37.67
C PHE D 5022 -14.36 -4.28 -36.42
N PRO D 5023 -15.02 -5.04 -35.54
CA PRO D 5023 -14.29 -5.63 -34.41
C PRO D 5023 -13.17 -6.55 -34.90
N ALA D 5024 -11.98 -6.35 -34.34
CA ALA D 5024 -10.81 -7.10 -34.78
C ALA D 5024 -10.08 -7.72 -33.61
N GLY D 5025 -10.81 -8.37 -32.71
CA GLY D 5025 -10.25 -8.98 -31.53
C GLY D 5025 -10.85 -8.55 -30.21
N ASP D 5026 -12.02 -7.92 -30.24
CA ASP D 5026 -12.70 -7.49 -29.02
C ASP D 5026 -14.20 -7.50 -29.28
N CYS D 5027 -14.99 -7.69 -28.21
CA CYS D 5027 -16.43 -7.80 -28.34
C CYS D 5027 -17.15 -7.04 -27.22
N PHE D 5028 -16.51 -6.01 -26.66
CA PHE D 5028 -17.10 -5.14 -25.65
C PHE D 5028 -17.23 -5.87 -24.32
N ARG D 5029 -16.98 -7.18 -24.32
CA ARG D 5029 -17.01 -7.97 -23.10
C ARG D 5029 -15.64 -8.24 -22.52
N LYS D 5030 -14.59 -8.23 -23.35
CA LYS D 5030 -13.23 -8.32 -22.87
C LYS D 5030 -12.72 -7.00 -22.31
N GLN D 5031 -13.48 -5.91 -22.47
CA GLN D 5031 -13.09 -4.59 -22.03
C GLN D 5031 -13.92 -4.09 -20.87
N TYR D 5032 -15.25 -4.15 -20.97
CA TYR D 5032 -16.14 -3.65 -19.94
C TYR D 5032 -16.80 -4.77 -19.13
N GLU D 5033 -17.43 -5.73 -19.79
CA GLU D 5033 -18.12 -6.81 -19.08
C GLU D 5033 -17.17 -7.78 -18.40
N ASP D 5034 -15.86 -7.69 -18.67
CA ASP D 5034 -14.90 -8.55 -18.00
C ASP D 5034 -14.86 -8.29 -16.49
N GLN D 5035 -14.92 -7.02 -16.09
CA GLN D 5035 -15.05 -6.65 -14.68
C GLN D 5035 -16.39 -5.99 -14.38
N LEU D 5036 -16.77 -4.96 -15.14
CA LEU D 5036 -18.05 -4.29 -14.94
C LEU D 5036 -19.14 -5.08 -15.67
N SER D 5037 -19.47 -6.23 -15.09
CA SER D 5037 -20.47 -7.13 -15.66
C SER D 5037 -21.86 -6.51 -15.63
N GLY E 1 121.22 43.47 -9.61
CA GLY E 1 122.32 43.51 -10.55
C GLY E 1 122.62 42.17 -11.19
N VAL E 2 123.80 42.05 -11.79
CA VAL E 2 124.24 40.83 -12.45
C VAL E 2 125.58 40.42 -11.85
N GLU E 3 125.72 39.14 -11.55
CA GLU E 3 126.91 38.57 -10.91
C GLU E 3 127.47 37.43 -11.76
N ILE E 4 127.66 37.70 -13.06
CA ILE E 4 128.06 36.67 -14.00
C ILE E 4 129.34 35.98 -13.54
N GLU E 5 129.31 34.65 -13.54
CA GLU E 5 130.44 33.80 -13.25
C GLU E 5 130.89 33.09 -14.53
N THR E 6 131.83 32.16 -14.39
CA THR E 6 132.36 31.43 -15.53
C THR E 6 132.29 29.93 -15.25
N ILE E 7 131.89 29.17 -16.26
CA ILE E 7 131.87 27.71 -16.19
C ILE E 7 132.76 27.10 -17.26
N SER E 8 132.62 27.55 -18.51
CA SER E 8 133.46 27.11 -19.61
C SER E 8 133.94 28.34 -20.37
N PRO E 9 135.25 28.47 -20.59
CA PRO E 9 135.75 29.68 -21.25
C PRO E 9 135.39 29.69 -22.73
N GLY E 10 135.34 30.90 -23.29
CA GLY E 10 135.02 31.09 -24.69
C GLY E 10 136.20 31.58 -25.50
N ASP E 11 136.05 32.74 -26.14
CA ASP E 11 137.10 33.35 -26.94
C ASP E 11 137.66 34.63 -26.34
N GLY E 12 136.82 35.46 -25.74
CA GLY E 12 137.26 36.67 -25.09
C GLY E 12 137.46 37.87 -26.00
N ARG E 13 137.15 37.75 -27.30
CA ARG E 13 137.34 38.87 -28.21
C ARG E 13 136.20 39.01 -29.21
N THR E 14 135.09 38.29 -29.03
CA THR E 14 133.97 38.29 -29.96
C THR E 14 132.68 38.64 -29.24
N PHE E 15 132.72 39.71 -28.43
CA PHE E 15 131.55 40.12 -27.69
C PHE E 15 130.44 40.60 -28.64
N PRO E 16 129.18 40.38 -28.29
CA PRO E 16 128.08 40.85 -29.14
C PRO E 16 128.03 42.37 -29.19
N LYS E 17 127.56 42.88 -30.33
CA LYS E 17 127.49 44.31 -30.59
C LYS E 17 126.03 44.74 -30.73
N LYS E 18 125.82 46.03 -30.92
CA LYS E 18 124.48 46.57 -31.07
C LYS E 18 123.86 46.13 -32.39
N GLY E 19 122.54 45.97 -32.39
CA GLY E 19 121.84 45.52 -33.58
C GLY E 19 122.24 44.14 -34.04
N GLN E 20 122.40 43.21 -33.11
CA GLN E 20 122.87 41.87 -33.40
C GLN E 20 121.97 40.85 -32.74
N THR E 21 121.74 39.73 -33.42
CA THR E 21 120.91 38.65 -32.89
C THR E 21 121.80 37.71 -32.08
N CYS E 22 121.36 37.39 -30.86
CA CYS E 22 122.10 36.51 -29.96
C CYS E 22 121.36 35.20 -29.79
N VAL E 23 122.06 34.09 -30.00
CA VAL E 23 121.50 32.75 -29.89
C VAL E 23 122.10 32.09 -28.66
N VAL E 24 121.23 31.73 -27.70
CA VAL E 24 121.68 31.19 -26.42
C VAL E 24 120.87 29.95 -26.08
N HIS E 25 121.50 29.06 -25.33
CA HIS E 25 120.84 27.93 -24.68
C HIS E 25 120.89 28.18 -23.18
N TYR E 26 119.73 28.25 -22.55
CA TYR E 26 119.63 28.68 -21.17
C TYR E 26 118.78 27.72 -20.36
N THR E 27 119.11 27.60 -19.07
CA THR E 27 118.33 26.84 -18.10
C THR E 27 118.21 27.68 -16.84
N GLY E 28 116.99 28.09 -16.51
CA GLY E 28 116.75 28.98 -15.40
C GLY E 28 116.18 28.26 -14.19
N MET E 29 116.41 28.85 -13.02
CA MET E 29 115.90 28.30 -11.77
C MET E 29 115.80 29.42 -10.75
N LEU E 30 114.97 29.19 -9.73
CA LEU E 30 114.85 30.12 -8.63
C LEU E 30 116.06 30.02 -7.72
N GLN E 31 116.07 30.81 -6.65
CA GLN E 31 117.13 30.68 -5.65
C GLN E 31 116.74 29.68 -4.57
N ASN E 32 116.23 28.53 -5.02
CA ASN E 32 115.93 27.40 -4.15
C ASN E 32 116.44 26.09 -4.72
N GLY E 33 116.98 26.09 -5.93
CA GLY E 33 117.26 24.87 -6.66
C GLY E 33 116.10 24.35 -7.48
N LYS E 34 114.98 25.06 -7.52
CA LYS E 34 113.79 24.64 -8.25
C LYS E 34 113.85 25.23 -9.67
N LYS E 35 114.02 24.36 -10.66
CA LYS E 35 114.04 24.81 -12.05
C LYS E 35 112.63 25.18 -12.50
N PHE E 36 112.49 26.35 -13.13
CA PHE E 36 111.20 26.81 -13.61
C PHE E 36 111.07 26.84 -15.13
N ASP E 37 112.18 26.94 -15.86
CA ASP E 37 112.10 26.99 -17.32
C ASP E 37 113.47 26.66 -17.89
N SER E 38 113.48 25.90 -18.99
CA SER E 38 114.71 25.54 -19.68
C SER E 38 114.44 25.54 -21.18
N SER E 39 115.50 25.76 -21.96
CA SER E 39 115.40 25.79 -23.40
C SER E 39 115.88 24.50 -24.07
N ARG E 40 116.70 23.70 -23.38
CA ARG E 40 117.22 22.48 -23.99
C ARG E 40 116.15 21.40 -24.07
N ASP E 41 115.14 21.44 -23.20
CA ASP E 41 114.05 20.48 -23.27
C ASP E 41 113.15 20.74 -24.47
N ARG E 42 113.06 21.99 -24.92
CA ARG E 42 112.29 22.32 -26.11
C ARG E 42 113.04 22.01 -27.40
N ASN E 43 114.31 21.63 -27.31
CA ASN E 43 115.13 21.27 -28.47
C ASN E 43 115.19 22.42 -29.49
N LYS E 44 115.29 23.65 -28.99
CA LYS E 44 115.45 24.80 -29.85
C LYS E 44 116.18 25.89 -29.07
N PRO E 45 117.06 26.64 -29.70
CA PRO E 45 117.74 27.74 -29.02
C PRO E 45 116.85 28.97 -28.94
N PHE E 46 117.30 29.93 -28.13
CA PHE E 46 116.57 31.18 -27.90
C PHE E 46 117.30 32.31 -28.61
N LYS E 47 116.56 33.09 -29.40
CA LYS E 47 117.11 34.20 -30.16
C LYS E 47 116.48 35.50 -29.67
N PHE E 48 117.33 36.50 -29.40
CA PHE E 48 116.86 37.81 -28.99
C PHE E 48 117.87 38.86 -29.44
N ARG E 49 117.41 40.09 -29.53
CA ARG E 49 118.21 41.20 -30.06
C ARG E 49 118.47 42.24 -28.98
N ILE E 50 119.49 43.06 -29.20
CA ILE E 50 119.88 44.13 -28.30
C ILE E 50 119.29 45.44 -28.80
N GLY E 51 118.69 46.21 -27.89
CA GLY E 51 117.95 47.40 -28.25
C GLY E 51 116.49 47.16 -28.57
N LYS E 52 116.08 45.90 -28.68
CA LYS E 52 114.70 45.46 -28.86
C LYS E 52 114.35 44.44 -27.80
N GLN E 53 114.60 44.82 -26.54
CA GLN E 53 114.88 43.91 -25.44
C GLN E 53 114.10 42.60 -25.49
N GLU E 54 112.77 42.68 -25.44
CA GLU E 54 111.87 41.52 -25.49
C GLU E 54 112.29 40.42 -24.50
N VAL E 55 113.06 40.80 -23.48
CA VAL E 55 113.62 39.86 -22.51
C VAL E 55 113.91 40.64 -21.25
N ILE E 56 114.06 39.93 -20.13
CA ILE E 56 114.33 40.61 -18.88
C ILE E 56 115.68 41.31 -18.95
N LYS E 57 115.80 42.42 -18.20
CA LYS E 57 116.99 43.26 -18.30
C LYS E 57 118.24 42.53 -17.80
N GLY E 58 118.10 41.73 -16.75
CA GLY E 58 119.24 40.98 -16.24
C GLY E 58 119.80 40.00 -17.25
N PHE E 59 118.91 39.32 -17.98
CA PHE E 59 119.37 38.42 -19.04
C PHE E 59 120.13 39.19 -20.11
N GLU E 60 119.66 40.40 -20.44
CA GLU E 60 120.34 41.21 -21.45
C GLU E 60 121.74 41.61 -20.98
N GLU E 61 121.87 42.06 -19.73
CA GLU E 61 123.19 42.39 -19.22
C GLU E 61 124.10 41.17 -19.15
N GLY E 62 123.55 40.01 -18.75
CA GLY E 62 124.35 38.81 -18.69
C GLY E 62 124.85 38.37 -20.05
N ALA E 63 123.99 38.40 -21.07
CA ALA E 63 124.40 38.01 -22.41
C ALA E 63 125.25 39.07 -23.08
N ALA E 64 125.24 40.31 -22.58
CA ALA E 64 126.06 41.37 -23.17
C ALA E 64 127.55 41.05 -23.03
N GLN E 65 127.96 40.58 -21.85
CA GLN E 65 129.37 40.28 -21.59
C GLN E 65 129.61 38.77 -21.75
N MET E 66 129.62 38.35 -23.02
CA MET E 66 129.90 36.97 -23.39
C MET E 66 130.74 36.94 -24.65
N SER E 67 131.33 35.79 -24.95
CA SER E 67 132.16 35.65 -26.15
C SER E 67 132.04 34.21 -26.67
N LEU E 68 131.09 33.99 -27.57
CA LEU E 68 131.04 32.83 -28.47
C LEU E 68 131.32 31.51 -27.74
N GLY E 69 130.41 31.15 -26.83
CA GLY E 69 130.47 29.87 -26.16
C GLY E 69 130.90 29.90 -24.72
N GLN E 70 130.98 31.07 -24.10
CA GLN E 70 131.37 31.17 -22.69
C GLN E 70 130.18 30.79 -21.83
N ARG E 71 130.20 29.59 -21.27
CA ARG E 71 129.16 29.18 -20.33
C ARG E 71 129.28 29.99 -19.05
N ALA E 72 128.16 30.52 -18.57
CA ALA E 72 128.17 31.45 -17.45
C ALA E 72 126.94 31.23 -16.59
N LYS E 73 127.02 31.70 -15.34
CA LYS E 73 125.91 31.66 -14.40
C LYS E 73 125.56 33.09 -14.02
N LEU E 74 124.32 33.48 -14.28
CA LEU E 74 123.85 34.83 -14.04
C LEU E 74 122.83 34.85 -12.90
N THR E 75 122.97 35.81 -12.00
CA THR E 75 122.06 35.99 -10.87
C THR E 75 121.31 37.30 -11.07
N CYS E 76 120.01 37.20 -11.32
CA CYS E 76 119.17 38.37 -11.60
C CYS E 76 118.38 38.73 -10.34
N THR E 77 118.65 39.91 -9.82
CA THR E 77 118.01 40.44 -8.61
C THR E 77 116.66 41.06 -8.96
N PRO E 78 115.71 41.07 -8.04
CA PRO E 78 114.50 41.88 -8.23
C PRO E 78 114.85 43.35 -8.41
N ASP E 79 114.01 44.05 -9.18
CA ASP E 79 114.19 45.38 -9.75
C ASP E 79 115.15 45.30 -10.95
N VAL E 80 115.81 44.17 -11.17
CA VAL E 80 116.54 43.90 -12.40
C VAL E 80 115.81 42.87 -13.26
N ALA E 81 114.84 42.16 -12.68
CA ALA E 81 114.08 41.13 -13.38
C ALA E 81 112.61 41.40 -13.08
N TYR E 82 111.75 40.40 -13.35
CA TYR E 82 110.30 40.52 -13.25
C TYR E 82 109.83 41.35 -12.07
N GLY E 83 110.47 41.20 -10.92
CA GLY E 83 110.20 42.08 -9.79
C GLY E 83 108.89 41.78 -9.08
N ALA E 84 108.37 42.82 -8.41
CA ALA E 84 107.26 42.65 -7.48
C ALA E 84 106.02 42.11 -8.15
N THR E 85 105.82 42.42 -9.44
CA THR E 85 104.64 41.88 -10.13
C THR E 85 104.74 40.37 -10.31
N GLY E 86 105.96 39.84 -10.38
CA GLY E 86 106.15 38.40 -10.47
C GLY E 86 105.62 37.82 -11.77
N HIS E 87 105.10 36.59 -11.67
CA HIS E 87 104.58 35.86 -12.81
C HIS E 87 103.55 34.84 -12.34
N PRO E 88 102.31 34.92 -12.82
CA PRO E 88 101.27 33.98 -12.35
C PRO E 88 101.59 32.56 -12.76
N GLY E 89 101.59 31.66 -11.77
CA GLY E 89 101.96 30.28 -12.00
C GLY E 89 103.45 30.05 -12.23
N VAL E 90 104.25 31.11 -12.18
CA VAL E 90 105.67 31.10 -12.47
C VAL E 90 106.29 31.91 -11.33
N ILE E 91 107.55 32.32 -11.48
CA ILE E 91 108.36 32.90 -10.39
C ILE E 91 107.55 33.77 -9.44
N PRO E 92 107.66 33.54 -8.13
CA PRO E 92 106.93 34.35 -7.15
C PRO E 92 107.37 35.81 -7.21
N PRO E 93 106.62 36.73 -6.57
CA PRO E 93 106.93 38.16 -6.70
C PRO E 93 108.36 38.52 -6.29
N ASN E 94 108.73 38.24 -5.05
CA ASN E 94 110.05 38.63 -4.53
C ASN E 94 110.96 37.41 -4.56
N ALA E 95 111.59 37.19 -5.71
CA ALA E 95 112.51 36.07 -5.88
C ALA E 95 113.54 36.43 -6.95
N THR E 96 114.77 35.99 -6.74
CA THR E 96 115.84 36.18 -7.69
C THR E 96 116.05 34.91 -8.52
N LEU E 97 116.58 35.10 -9.73
CA LEU E 97 116.72 34.03 -10.70
C LEU E 97 118.18 33.72 -10.97
N ILE E 98 118.46 32.44 -11.21
CA ILE E 98 119.79 31.97 -11.57
C ILE E 98 119.70 31.28 -12.91
N PHE E 99 120.44 31.79 -13.90
CA PHE E 99 120.40 31.29 -15.27
C PHE E 99 121.74 30.69 -15.64
N ASP E 100 121.72 29.45 -16.12
CA ASP E 100 122.90 28.79 -16.67
C ASP E 100 122.78 28.87 -18.18
N VAL E 101 123.49 29.84 -18.78
CA VAL E 101 123.32 30.17 -20.18
C VAL E 101 124.60 29.87 -20.95
N GLU E 102 124.45 29.63 -22.24
CA GLU E 102 125.59 29.38 -23.13
C GLU E 102 125.32 30.10 -24.45
N LEU E 103 126.22 31.03 -24.80
CA LEU E 103 126.06 31.84 -26.01
C LEU E 103 126.68 31.10 -27.18
N LEU E 104 125.84 30.39 -27.95
CA LEU E 104 126.29 29.63 -29.11
C LEU E 104 125.88 30.31 -30.42
N ASN E 105 125.78 31.65 -30.40
CA ASN E 105 125.34 32.38 -31.58
C ASN E 105 126.29 32.20 -32.75
N LEU E 106 125.74 31.92 -33.93
CA LEU E 106 126.51 31.77 -35.15
C LEU E 106 126.30 32.93 -36.11
N GLU E 107 125.65 34.00 -35.67
CA GLU E 107 125.36 35.17 -36.50
C GLU E 107 124.57 34.78 -37.76
N GLY F 1 43.19 -64.87 103.13
CA GLY F 1 43.84 -66.17 103.26
C GLY F 1 42.99 -67.30 102.70
N VAL F 2 43.20 -68.51 103.20
CA VAL F 2 42.45 -69.69 102.79
C VAL F 2 41.85 -70.34 104.02
N GLU F 3 40.64 -70.87 103.87
CA GLU F 3 39.85 -71.51 104.92
C GLU F 3 39.48 -72.92 104.50
N ILE F 4 40.48 -73.68 104.04
CA ILE F 4 40.24 -74.99 103.45
C ILE F 4 39.46 -75.88 104.41
N GLU F 5 38.43 -76.52 103.90
CA GLU F 5 37.57 -77.44 104.63
C GLU F 5 37.69 -78.83 104.00
N THR F 6 36.87 -79.76 104.47
CA THR F 6 36.90 -81.14 103.98
C THR F 6 35.51 -81.56 103.54
N ILE F 7 35.44 -82.22 102.38
CA ILE F 7 34.21 -82.80 101.86
C ILE F 7 34.31 -84.32 101.75
N SER F 8 35.40 -84.81 101.16
CA SER F 8 35.67 -86.24 101.06
C SER F 8 37.11 -86.48 101.49
N PRO F 9 37.36 -87.39 102.43
CA PRO F 9 38.73 -87.61 102.90
C PRO F 9 39.59 -88.28 101.85
N GLY F 10 40.89 -88.03 101.93
CA GLY F 10 41.84 -88.61 101.01
C GLY F 10 42.75 -89.63 101.66
N ASP F 11 44.06 -89.41 101.58
CA ASP F 11 45.04 -90.32 102.17
C ASP F 11 45.75 -89.73 103.38
N GLY F 12 46.08 -88.44 103.36
CA GLY F 12 46.72 -87.79 104.48
C GLY F 12 48.22 -87.95 104.56
N ARG F 13 48.85 -88.63 103.59
CA ARG F 13 50.29 -88.83 103.62
C ARG F 13 50.94 -88.66 102.25
N THR F 14 50.24 -88.12 101.27
CA THR F 14 50.76 -87.96 99.92
C THR F 14 50.60 -86.51 99.46
N PHE F 15 51.02 -85.58 100.31
CA PHE F 15 50.92 -84.16 99.98
C PHE F 15 51.85 -83.82 98.80
N PRO F 16 51.44 -82.90 97.94
CA PRO F 16 52.29 -82.50 96.83
C PRO F 16 53.57 -81.82 97.30
N LYS F 17 54.62 -82.01 96.54
CA LYS F 17 55.94 -81.48 96.86
C LYS F 17 56.35 -80.46 95.78
N LYS F 18 57.51 -79.85 95.99
CA LYS F 18 58.01 -78.83 95.08
C LYS F 18 58.38 -79.47 93.73
N GLY F 19 58.13 -78.72 92.66
CA GLY F 19 58.44 -79.20 91.32
C GLY F 19 57.60 -80.39 90.89
N GLN F 20 56.30 -80.36 91.16
CA GLN F 20 55.40 -81.44 90.81
C GLN F 20 54.17 -80.87 90.10
N THR F 21 53.61 -81.66 89.19
CA THR F 21 52.42 -81.27 88.44
C THR F 21 51.19 -81.78 89.18
N CYS F 22 50.34 -80.86 89.62
CA CYS F 22 49.12 -81.21 90.34
C CYS F 22 47.94 -81.19 89.38
N VAL F 23 47.15 -82.26 89.39
CA VAL F 23 45.97 -82.38 88.55
C VAL F 23 44.75 -82.22 89.45
N VAL F 24 43.89 -81.26 89.12
CA VAL F 24 42.73 -80.94 89.94
C VAL F 24 41.50 -80.79 89.07
N HIS F 25 40.36 -81.15 89.64
CA HIS F 25 39.04 -80.85 89.08
C HIS F 25 38.35 -79.88 90.03
N TYR F 26 38.09 -78.67 89.55
CA TYR F 26 37.63 -77.59 90.41
C TYR F 26 36.40 -76.91 89.82
N THR F 27 35.55 -76.39 90.69
CA THR F 27 34.39 -75.61 90.31
C THR F 27 34.38 -74.33 91.13
N GLY F 28 34.48 -73.19 90.45
CA GLY F 28 34.59 -71.90 91.11
C GLY F 28 33.25 -71.18 91.20
N MET F 29 33.12 -70.34 92.21
CA MET F 29 31.91 -69.56 92.42
C MET F 29 32.25 -68.38 93.32
N LEU F 30 31.56 -67.26 93.06
CA LEU F 30 31.73 -66.08 93.89
C LEU F 30 31.09 -66.31 95.27
N GLN F 31 31.22 -65.33 96.15
CA GLN F 31 30.64 -65.45 97.48
C GLN F 31 29.20 -64.93 97.49
N ASN F 32 28.42 -65.35 96.50
CA ASN F 32 26.99 -65.08 96.48
C ASN F 32 26.17 -66.21 95.86
N GLY F 33 26.80 -67.32 95.46
CA GLY F 33 26.10 -68.45 94.90
C GLY F 33 26.15 -68.58 93.39
N LYS F 34 26.65 -67.55 92.68
CA LYS F 34 26.71 -67.58 91.23
C LYS F 34 28.05 -68.14 90.79
N LYS F 35 28.02 -69.31 90.15
CA LYS F 35 29.23 -69.94 89.64
C LYS F 35 29.77 -69.15 88.44
N PHE F 36 31.09 -68.94 88.43
CA PHE F 36 31.73 -68.19 87.36
C PHE F 36 32.58 -69.04 86.43
N ASP F 37 33.10 -70.18 86.89
CA ASP F 37 33.92 -71.02 86.04
C ASP F 37 34.03 -72.41 86.67
N SER F 38 34.02 -73.43 85.82
CA SER F 38 34.18 -74.81 86.26
C SER F 38 35.05 -75.55 85.24
N SER F 39 35.67 -76.63 85.70
CA SER F 39 36.54 -77.43 84.85
C SER F 39 35.90 -78.73 84.38
N ARG F 40 34.85 -79.20 85.07
CA ARG F 40 34.22 -80.46 84.69
C ARG F 40 33.36 -80.31 83.43
N ASP F 41 32.85 -79.11 83.18
CA ASP F 41 32.08 -78.88 81.96
C ASP F 41 32.96 -78.95 80.72
N ARG F 42 34.25 -78.64 80.86
CA ARG F 42 35.18 -78.73 79.75
C ARG F 42 35.68 -80.15 79.52
N ASN F 43 35.33 -81.09 80.41
CA ASN F 43 35.72 -82.49 80.27
C ASN F 43 37.23 -82.67 80.19
N LYS F 44 37.96 -81.88 81.00
CA LYS F 44 39.41 -82.00 81.05
C LYS F 44 39.88 -81.50 82.41
N PRO F 45 40.90 -82.14 82.98
CA PRO F 45 41.45 -81.67 84.25
C PRO F 45 42.36 -80.46 84.06
N PHE F 46 42.68 -79.82 85.17
CA PHE F 46 43.55 -78.64 85.18
C PHE F 46 44.90 -79.03 85.74
N LYS F 47 45.96 -78.66 85.03
CA LYS F 47 47.33 -78.99 85.41
C LYS F 47 48.09 -77.71 85.71
N PHE F 48 48.76 -77.68 86.86
CA PHE F 48 49.58 -76.53 87.24
C PHE F 48 50.72 -77.02 88.13
N ARG F 49 51.76 -76.21 88.22
CA ARG F 49 52.98 -76.56 88.92
C ARG F 49 53.23 -75.61 90.09
N ILE F 50 54.00 -76.10 91.06
CA ILE F 50 54.38 -75.31 92.23
C ILE F 50 55.73 -74.68 91.96
N GLY F 51 55.84 -73.37 92.24
CA GLY F 51 57.02 -72.61 91.88
C GLY F 51 56.97 -72.01 90.49
N LYS F 52 55.98 -72.39 89.69
CA LYS F 52 55.71 -71.86 88.37
C LYS F 52 54.25 -71.41 88.30
N GLN F 53 53.87 -70.58 89.29
CA GLN F 53 52.50 -70.46 89.78
C GLN F 53 51.44 -70.54 88.68
N GLU F 54 51.48 -69.60 87.73
CA GLU F 54 50.51 -69.52 86.62
C GLU F 54 49.07 -69.63 87.10
N VAL F 55 48.82 -69.27 88.36
CA VAL F 55 47.52 -69.48 88.98
C VAL F 55 47.40 -68.50 90.14
N ILE F 56 46.18 -68.27 90.60
CA ILE F 56 46.00 -67.37 91.74
C ILE F 56 46.62 -68.02 92.97
N LYS F 57 47.18 -67.18 93.86
CA LYS F 57 48.09 -67.70 94.87
C LYS F 57 47.29 -68.48 95.92
N GLY F 58 46.08 -68.01 96.22
CA GLY F 58 45.23 -68.72 97.16
C GLY F 58 44.88 -70.13 96.72
N PHE F 59 44.60 -70.31 95.42
CA PHE F 59 44.45 -71.65 94.87
C PHE F 59 45.69 -72.49 95.14
N GLU F 60 46.86 -71.87 95.12
CA GLU F 60 48.10 -72.60 95.38
C GLU F 60 48.20 -73.03 96.84
N GLU F 61 47.81 -72.15 97.77
CA GLU F 61 47.77 -72.55 99.17
C GLU F 61 46.78 -73.68 99.38
N GLY F 62 45.60 -73.59 98.74
CA GLY F 62 44.60 -74.62 98.92
C GLY F 62 45.03 -75.97 98.37
N ALA F 63 45.62 -75.98 97.17
CA ALA F 63 46.08 -77.23 96.58
C ALA F 63 47.35 -77.75 97.26
N ALA F 64 48.09 -76.90 97.96
CA ALA F 64 49.28 -77.36 98.66
C ALA F 64 48.92 -78.35 99.76
N GLN F 65 47.87 -78.07 100.52
CA GLN F 65 47.47 -78.90 101.64
C GLN F 65 46.36 -79.85 101.23
N MET F 66 46.70 -80.76 100.33
CA MET F 66 45.80 -81.81 99.87
C MET F 66 46.56 -83.13 99.83
N SER F 67 45.80 -84.23 99.73
CA SER F 67 46.44 -85.55 99.70
C SER F 67 45.60 -86.49 98.84
N LEU F 68 45.94 -86.56 97.56
CA LEU F 68 45.52 -87.62 96.63
C LEU F 68 44.03 -87.93 96.74
N GLY F 69 43.21 -86.96 96.38
CA GLY F 69 41.78 -87.14 96.30
C GLY F 69 40.95 -86.51 97.40
N GLN F 70 41.55 -85.65 98.23
CA GLN F 70 40.81 -84.99 99.30
C GLN F 70 40.01 -83.84 98.70
N ARG F 71 38.68 -83.95 98.75
CA ARG F 71 37.83 -82.86 98.29
C ARG F 71 37.80 -81.76 99.34
N ALA F 72 37.98 -80.52 98.90
CA ALA F 72 38.09 -79.39 99.80
C ALA F 72 37.31 -78.19 99.25
N LYS F 73 36.99 -77.27 100.14
CA LYS F 73 36.29 -76.03 99.80
C LYS F 73 37.18 -74.87 100.22
N LEU F 74 37.90 -74.29 99.28
CA LEU F 74 38.83 -73.20 99.56
C LEU F 74 38.13 -71.85 99.41
N THR F 75 38.41 -70.95 100.34
CA THR F 75 37.87 -69.59 100.31
C THR F 75 39.02 -68.61 100.14
N CYS F 76 39.06 -67.95 98.99
CA CYS F 76 40.13 -67.02 98.66
C CYS F 76 39.61 -65.59 98.77
N THR F 77 40.28 -64.78 99.58
CA THR F 77 40.07 -63.38 99.95
C THR F 77 40.77 -62.45 98.97
N PRO F 78 40.27 -61.23 98.78
CA PRO F 78 41.07 -60.23 98.05
C PRO F 78 42.40 -59.97 98.74
N ASP F 79 43.39 -59.61 97.93
CA ASP F 79 44.82 -59.52 98.22
C ASP F 79 45.43 -60.93 98.29
N VAL F 80 44.61 -61.98 98.29
CA VAL F 80 45.07 -63.35 98.09
C VAL F 80 44.70 -63.86 96.70
N ALA F 81 43.79 -63.18 96.01
CA ALA F 81 43.30 -63.58 94.70
C ALA F 81 43.37 -62.34 93.80
N TYR F 82 42.65 -62.39 92.67
CA TYR F 82 42.72 -61.35 91.64
C TYR F 82 42.71 -59.93 92.20
N GLY F 83 42.01 -59.71 93.31
CA GLY F 83 42.14 -58.43 93.99
C GLY F 83 41.38 -57.29 93.30
N ALA F 84 41.84 -56.07 93.62
CA ALA F 84 41.10 -54.87 93.23
C ALA F 84 40.99 -54.72 91.72
N THR F 85 41.96 -55.22 90.96
CA THR F 85 41.86 -55.12 89.51
C THR F 85 40.75 -55.99 88.96
N GLY F 86 40.42 -57.08 89.65
CA GLY F 86 39.29 -57.91 89.24
C GLY F 86 39.56 -58.61 87.92
N HIS F 87 38.50 -58.75 87.13
CA HIS F 87 38.56 -59.44 85.85
C HIS F 87 37.44 -58.94 84.95
N PRO F 88 37.75 -58.42 83.76
CA PRO F 88 36.69 -57.89 82.89
C PRO F 88 35.74 -59.00 82.43
N GLY F 89 34.44 -58.78 82.67
CA GLY F 89 33.43 -59.77 82.35
C GLY F 89 33.44 -60.99 83.25
N VAL F 90 34.28 -60.99 84.28
CA VAL F 90 34.50 -62.14 85.16
C VAL F 90 34.53 -61.47 86.54
N ILE F 91 34.89 -62.18 87.61
CA ILE F 91 34.65 -61.76 89.00
C ILE F 91 34.81 -60.26 89.21
N PRO F 92 33.87 -59.59 89.86
CA PRO F 92 33.99 -58.15 90.14
C PRO F 92 35.23 -57.85 90.97
N PRO F 93 35.63 -56.57 91.05
CA PRO F 93 36.89 -56.23 91.74
C PRO F 93 36.99 -56.75 93.17
N ASN F 94 36.07 -56.35 94.04
CA ASN F 94 36.13 -56.73 95.45
C ASN F 94 35.14 -57.87 95.70
N ALA F 95 35.64 -59.09 95.56
CA ALA F 95 34.83 -60.28 95.79
C ALA F 95 35.74 -61.45 96.15
N THR F 96 35.24 -62.35 96.99
CA THR F 96 35.97 -63.54 97.39
C THR F 96 35.52 -64.74 96.57
N LEU F 97 36.42 -65.70 96.40
CA LEU F 97 36.17 -66.87 95.58
C LEU F 97 36.09 -68.13 96.44
N ILE F 98 35.17 -69.02 96.08
CA ILE F 98 35.03 -70.31 96.74
C ILE F 98 35.22 -71.39 95.68
N PHE F 99 36.20 -72.27 95.91
CA PHE F 99 36.57 -73.31 94.95
C PHE F 99 36.30 -74.68 95.57
N ASP F 100 35.56 -75.51 94.84
CA ASP F 100 35.35 -76.91 95.21
C ASP F 100 36.35 -77.75 94.41
N VAL F 101 37.46 -78.10 95.05
CA VAL F 101 38.60 -78.71 94.37
C VAL F 101 38.70 -80.17 94.76
N GLU F 102 39.15 -80.99 93.80
CA GLU F 102 39.44 -82.40 94.04
C GLU F 102 40.77 -82.72 93.40
N LEU F 103 41.75 -83.11 94.22
CA LEU F 103 43.11 -83.37 93.75
C LEU F 103 43.19 -84.83 93.31
N LEU F 104 42.90 -85.07 92.03
CA LEU F 104 42.96 -86.41 91.45
C LEU F 104 44.28 -86.65 90.71
N ASN F 105 45.35 -86.00 91.16
CA ASN F 105 46.62 -86.08 90.44
C ASN F 105 47.18 -87.49 90.47
N LEU F 106 47.66 -87.95 89.32
CA LEU F 106 48.28 -89.26 89.18
C LEU F 106 49.79 -89.18 89.00
N GLU F 107 50.38 -88.01 89.21
CA GLU F 107 51.82 -87.78 89.02
C GLU F 107 52.26 -88.17 87.61
N GLY G 1 -111.38 6.88 64.91
CA GLY G 1 -112.68 6.29 65.12
C GLY G 1 -113.34 5.83 63.84
N VAL G 2 -114.61 5.43 63.93
CA VAL G 2 -115.38 4.96 62.80
C VAL G 2 -116.61 5.86 62.65
N GLU G 3 -116.89 6.27 61.41
CA GLU G 3 -117.99 7.16 61.08
C GLU G 3 -118.87 6.53 60.01
N ILE G 4 -119.27 5.28 60.24
CA ILE G 4 -120.02 4.52 59.25
C ILE G 4 -121.31 5.24 58.86
N GLU G 5 -121.55 5.32 57.56
CA GLU G 5 -122.78 5.86 56.99
C GLU G 5 -123.50 4.76 56.24
N THR G 6 -124.57 5.12 55.54
CA THR G 6 -125.38 4.16 54.80
C THR G 6 -125.51 4.61 53.35
N ILE G 7 -125.36 3.66 52.42
CA ILE G 7 -125.56 3.88 51.01
C ILE G 7 -126.75 3.11 50.48
N SER G 8 -126.83 1.82 50.79
CA SER G 8 -127.97 0.98 50.43
C SER G 8 -128.40 0.20 51.67
N PRO G 9 -129.67 0.25 52.05
CA PRO G 9 -130.10 -0.43 53.27
C PRO G 9 -130.04 -1.95 53.11
N GLY G 10 -129.85 -2.63 54.24
CA GLY G 10 -129.79 -4.07 54.25
C GLY G 10 -131.01 -4.70 54.90
N ASP G 11 -130.79 -5.53 55.91
CA ASP G 11 -131.87 -6.19 56.64
C ASP G 11 -132.07 -5.64 58.05
N GLY G 12 -130.99 -5.29 58.75
CA GLY G 12 -131.10 -4.72 60.08
C GLY G 12 -131.26 -5.70 61.21
N ARG G 13 -131.26 -7.01 60.93
CA ARG G 13 -131.43 -8.01 61.98
C ARG G 13 -130.51 -9.21 61.83
N THR G 14 -129.48 -9.14 60.99
CA THR G 14 -128.57 -10.24 60.76
C THR G 14 -127.12 -9.79 60.89
N PHE G 15 -126.83 -9.09 61.99
CA PHE G 15 -125.48 -8.58 62.24
C PHE G 15 -124.51 -9.75 62.42
N PRO G 16 -123.27 -9.58 61.96
CA PRO G 16 -122.27 -10.65 62.15
C PRO G 16 -121.97 -10.88 63.62
N LYS G 17 -121.65 -12.13 63.95
CA LYS G 17 -121.37 -12.55 65.32
C LYS G 17 -119.93 -13.02 65.43
N LYS G 18 -119.54 -13.35 66.66
CA LYS G 18 -118.18 -13.80 66.92
C LYS G 18 -117.93 -15.15 66.27
N GLY G 19 -116.70 -15.33 65.78
CA GLY G 19 -116.33 -16.58 65.13
C GLY G 19 -117.05 -16.86 63.83
N GLN G 20 -117.18 -15.86 62.97
CA GLN G 20 -117.84 -16.00 61.67
C GLN G 20 -116.95 -15.40 60.59
N THR G 21 -117.11 -15.91 59.37
CA THR G 21 -116.37 -15.44 58.21
C THR G 21 -117.18 -14.38 57.50
N CYS G 22 -116.69 -13.14 57.51
CA CYS G 22 -117.36 -12.04 56.84
C CYS G 22 -116.81 -11.87 55.44
N VAL G 23 -117.68 -11.91 54.44
CA VAL G 23 -117.32 -11.76 53.04
C VAL G 23 -117.78 -10.38 52.59
N VAL G 24 -116.83 -9.55 52.14
CA VAL G 24 -117.11 -8.17 51.78
C VAL G 24 -116.49 -7.85 50.43
N HIS G 25 -117.08 -6.88 49.75
CA HIS G 25 -116.52 -6.27 48.55
C HIS G 25 -116.28 -4.80 48.86
N TYR G 26 -115.01 -4.39 48.80
CA TYR G 26 -114.61 -3.09 49.29
C TYR G 26 -113.77 -2.36 48.25
N THR G 27 -113.86 -1.02 48.27
CA THR G 27 -113.03 -0.16 47.44
C THR G 27 -112.45 0.93 48.35
N GLY G 28 -111.14 0.91 48.52
CA GLY G 28 -110.46 1.83 49.42
C GLY G 28 -109.95 3.07 48.72
N MET G 29 -109.91 4.17 49.45
CA MET G 29 -109.40 5.43 48.93
C MET G 29 -108.94 6.30 50.10
N LEU G 30 -108.02 7.21 49.80
CA LEU G 30 -107.51 8.13 50.81
C LEU G 30 -108.51 9.27 51.00
N GLN G 31 -108.15 10.23 51.84
CA GLN G 31 -108.96 11.45 51.97
C GLN G 31 -108.48 12.52 51.01
N ASN G 32 -108.26 12.11 49.77
CA ASN G 32 -107.88 13.01 48.68
C ASN G 32 -108.67 12.76 47.41
N GLY G 33 -109.46 11.70 47.34
CA GLY G 33 -110.06 11.26 46.10
C GLY G 33 -109.25 10.26 45.31
N LYS G 34 -108.06 9.89 45.81
CA LYS G 34 -107.18 8.96 45.13
C LYS G 34 -107.40 7.55 45.66
N LYS G 35 -107.90 6.67 44.81
CA LYS G 35 -108.13 5.27 45.20
C LYS G 35 -106.79 4.54 45.26
N PHE G 36 -106.58 3.79 46.33
CA PHE G 36 -105.34 3.04 46.51
C PHE G 36 -105.52 1.53 46.44
N ASP G 37 -106.72 1.01 46.68
CA ASP G 37 -106.94 -0.43 46.64
C ASP G 37 -108.43 -0.70 46.46
N SER G 38 -108.73 -1.75 45.69
CA SER G 38 -110.11 -2.18 45.50
C SER G 38 -110.12 -3.70 45.33
N SER G 39 -111.26 -4.31 45.65
CA SER G 39 -111.42 -5.75 45.55
C SER G 39 -112.24 -6.17 44.33
N ARG G 40 -113.03 -5.28 43.76
CA ARG G 40 -113.85 -5.64 42.61
C ARG G 40 -113.04 -5.78 41.34
N ASP G 41 -111.90 -5.09 41.25
CA ASP G 41 -111.04 -5.22 40.08
C ASP G 41 -110.37 -6.59 40.03
N ARG G 42 -110.16 -7.21 41.19
CA ARG G 42 -109.59 -8.55 41.25
C ARG G 42 -110.62 -9.64 40.99
N ASN G 43 -111.89 -9.28 40.86
CA ASN G 43 -112.97 -10.24 40.57
C ASN G 43 -113.04 -11.34 41.62
N LYS G 44 -112.82 -10.98 42.89
CA LYS G 44 -112.93 -11.94 43.98
C LYS G 44 -113.30 -11.20 45.25
N PRO G 45 -114.13 -11.78 46.11
CA PRO G 45 -114.47 -11.13 47.38
C PRO G 45 -113.37 -11.31 48.41
N PHE G 46 -113.46 -10.52 49.48
CA PHE G 46 -112.50 -10.55 50.57
C PHE G 46 -113.17 -11.18 51.79
N LYS G 47 -112.52 -12.18 52.37
CA LYS G 47 -113.05 -12.90 53.53
C LYS G 47 -112.12 -12.71 54.72
N PHE G 48 -112.69 -12.39 55.87
CA PHE G 48 -111.93 -12.21 57.10
C PHE G 48 -112.80 -12.61 58.28
N ARG G 49 -112.14 -12.87 59.42
CA ARG G 49 -112.80 -13.40 60.60
C ARG G 49 -112.68 -12.43 61.76
N ILE G 50 -113.66 -12.48 62.66
CA ILE G 50 -113.68 -11.66 63.87
C ILE G 50 -113.00 -12.44 64.99
N GLY G 51 -112.09 -11.76 65.70
CA GLY G 51 -111.25 -12.41 66.69
C GLY G 51 -109.95 -12.95 66.15
N LYS G 52 -109.81 -13.02 64.83
CA LYS G 52 -108.59 -13.39 64.13
C LYS G 52 -108.25 -12.30 63.13
N GLN G 53 -108.19 -11.07 63.65
CA GLN G 53 -108.42 -9.84 62.89
C GLN G 53 -107.85 -9.86 61.48
N GLU G 54 -106.52 -10.00 61.37
CA GLU G 54 -105.78 -10.02 60.10
C GLU G 54 -106.16 -8.83 59.19
N VAL G 55 -106.80 -7.82 59.76
CA VAL G 55 -107.19 -6.61 59.02
C VAL G 55 -106.98 -5.43 59.93
N ILE G 56 -107.08 -4.22 59.38
CA ILE G 56 -106.98 -3.02 60.20
C ILE G 56 -108.17 -2.94 61.15
N LYS G 57 -107.96 -2.26 62.28
CA LYS G 57 -108.99 -2.21 63.32
C LYS G 57 -110.24 -1.48 62.82
N GLY G 58 -110.05 -0.39 62.08
CA GLY G 58 -111.20 0.36 61.60
C GLY G 58 -112.09 -0.43 60.66
N PHE G 59 -111.48 -1.22 59.77
CA PHE G 59 -112.25 -2.06 58.87
C PHE G 59 -113.09 -3.07 59.65
N GLU G 60 -112.49 -3.69 60.68
CA GLU G 60 -113.22 -4.66 61.49
C GLU G 60 -114.38 -4.00 62.23
N GLU G 61 -114.14 -2.84 62.83
CA GLU G 61 -115.21 -2.14 63.55
C GLU G 61 -116.33 -1.73 62.61
N GLY G 62 -115.97 -1.25 61.41
CA GLY G 62 -117.00 -0.88 60.44
C GLY G 62 -117.80 -2.08 59.96
N ALA G 63 -117.13 -3.20 59.71
CA ALA G 63 -117.84 -4.39 59.26
C ALA G 63 -118.63 -5.06 60.36
N ALA G 64 -118.33 -4.74 61.63
CA ALA G 64 -119.09 -5.32 62.73
C ALA G 64 -120.55 -4.87 62.70
N GLN G 65 -120.80 -3.59 62.44
CA GLN G 65 -122.15 -3.04 62.45
C GLN G 65 -122.71 -2.96 61.03
N MET G 66 -122.95 -4.15 60.46
CA MET G 66 -123.57 -4.29 59.15
C MET G 66 -124.64 -5.37 59.23
N SER G 67 -125.45 -5.47 58.17
CA SER G 67 -126.51 -6.49 58.14
C SER G 67 -126.77 -6.88 56.70
N LEU G 68 -126.04 -7.91 56.23
CA LEU G 68 -126.35 -8.66 55.00
C LEU G 68 -126.68 -7.75 53.83
N GLY G 69 -125.67 -7.01 53.37
CA GLY G 69 -125.80 -6.20 52.19
C GLY G 69 -125.92 -4.70 52.41
N GLN G 70 -125.69 -4.22 53.63
CA GLN G 70 -125.77 -2.80 53.91
C GLN G 70 -124.49 -2.13 53.40
N ARG G 71 -124.58 -1.44 52.27
CA ARG G 71 -123.44 -0.69 51.77
C ARG G 71 -123.16 0.48 52.70
N ALA G 72 -121.89 0.66 53.06
CA ALA G 72 -121.50 1.67 54.02
C ALA G 72 -120.22 2.37 53.56
N LYS G 73 -120.03 3.57 54.09
CA LYS G 73 -118.83 4.37 53.83
C LYS G 73 -118.12 4.60 55.16
N LEU G 74 -117.09 3.80 55.42
CA LEU G 74 -116.36 3.88 56.68
C LEU G 74 -115.20 4.85 56.56
N THR G 75 -114.98 5.62 57.61
CA THR G 75 -113.89 6.61 57.66
C THR G 75 -112.92 6.20 58.76
N CYS G 76 -111.84 5.53 58.37
CA CYS G 76 -110.85 5.05 59.33
C CYS G 76 -109.77 6.12 59.52
N THR G 77 -109.78 6.76 60.68
CA THR G 77 -108.82 7.80 61.02
C THR G 77 -107.49 7.19 61.44
N PRO G 78 -106.41 8.00 61.48
CA PRO G 78 -105.16 7.51 62.08
C PRO G 78 -105.33 7.02 63.51
N ASP G 79 -104.33 6.33 64.04
CA ASP G 79 -104.30 5.61 65.31
C ASP G 79 -105.44 4.61 65.44
N VAL G 80 -106.18 4.38 64.35
CA VAL G 80 -107.15 3.31 64.24
C VAL G 80 -106.81 2.36 63.10
N ALA G 81 -105.89 2.76 62.24
CA ALA G 81 -105.49 2.02 61.04
C ALA G 81 -103.97 2.05 61.00
N TYR G 82 -103.39 1.78 59.82
CA TYR G 82 -101.95 1.63 59.64
C TYR G 82 -101.11 2.65 60.41
N GLY G 83 -101.64 3.86 60.59
CA GLY G 83 -101.01 4.78 61.51
C GLY G 83 -99.71 5.39 61.00
N ALA G 84 -98.90 5.84 61.95
CA ALA G 84 -97.71 6.64 61.63
C ALA G 84 -96.70 5.86 60.80
N THR G 85 -96.64 4.54 60.97
CA THR G 85 -95.70 3.75 60.16
C THR G 85 -96.11 3.73 58.69
N GLY G 86 -97.41 3.85 58.42
CA GLY G 86 -97.86 3.92 57.04
C GLY G 86 -97.65 2.61 56.29
N HIS G 87 -97.37 2.76 54.99
CA HIS G 87 -97.19 1.63 54.10
C HIS G 87 -96.33 2.05 52.92
N PRO G 88 -95.20 1.37 52.67
CA PRO G 88 -94.32 1.78 51.57
C PRO G 88 -94.99 1.61 50.21
N GLY G 89 -95.01 2.69 49.43
CA GLY G 89 -95.69 2.70 48.16
C GLY G 89 -97.19 2.70 48.24
N VAL G 90 -97.75 2.75 49.45
CA VAL G 90 -99.18 2.61 49.73
C VAL G 90 -99.39 3.72 50.77
N ILE G 91 -100.55 3.80 51.42
CA ILE G 91 -100.97 5.00 52.17
C ILE G 91 -99.83 5.71 52.89
N PRO G 92 -99.69 7.02 52.73
CA PRO G 92 -98.67 7.78 53.46
C PRO G 92 -98.86 7.67 54.96
N PRO G 93 -97.87 8.09 55.76
CA PRO G 93 -97.96 7.88 57.22
C PRO G 93 -99.21 8.47 57.87
N ASN G 94 -99.42 9.77 57.73
CA ASN G 94 -100.53 10.45 58.40
C ASN G 94 -101.62 10.69 57.37
N ALA G 95 -102.52 9.72 57.22
CA ALA G 95 -103.63 9.83 56.29
C ALA G 95 -104.74 8.90 56.73
N THR G 96 -105.98 9.37 56.62
CA THR G 96 -107.15 8.57 56.95
C THR G 96 -107.70 7.88 55.70
N LEU G 97 -108.42 6.79 55.92
CA LEU G 97 -108.92 5.96 54.83
C LEU G 97 -110.44 5.99 54.79
N ILE G 98 -110.97 5.93 53.57
CA ILE G 98 -112.40 5.85 53.31
C ILE G 98 -112.66 4.58 52.51
N PHE G 99 -113.53 3.72 53.03
CA PHE G 99 -113.81 2.42 52.42
C PHE G 99 -115.27 2.37 52.01
N ASP G 100 -115.51 2.01 50.74
CA ASP G 100 -116.85 1.76 50.22
C ASP G 100 -117.06 0.25 50.24
N VAL G 101 -117.64 -0.24 51.33
CA VAL G 101 -117.71 -1.68 51.59
C VAL G 101 -119.16 -2.15 51.41
N GLU G 102 -119.29 -3.43 51.09
CA GLU G 102 -120.59 -4.09 50.97
C GLU G 102 -120.48 -5.49 51.53
N LEU G 103 -121.23 -5.78 52.59
CA LEU G 103 -121.18 -7.08 53.26
C LEU G 103 -122.13 -8.02 52.55
N LEU G 104 -121.61 -8.78 51.58
CA LEU G 104 -122.38 -9.74 50.81
C LEU G 104 -122.15 -11.16 51.32
N ASN G 105 -121.78 -11.31 52.58
CA ASN G 105 -121.44 -12.62 53.15
C ASN G 105 -122.66 -13.54 53.12
N LEU G 106 -122.44 -14.77 52.69
CA LEU G 106 -123.49 -15.79 52.62
C LEU G 106 -123.36 -16.84 53.71
N GLU G 107 -122.58 -16.55 54.75
CA GLU G 107 -122.34 -17.48 55.86
C GLU G 107 -121.80 -18.82 55.37
N GLY H 1 -33.40 115.21 -47.82
CA GLY H 1 -34.13 115.82 -48.91
C GLY H 1 -33.74 115.27 -50.27
N VAL H 2 -34.14 115.97 -51.33
CA VAL H 2 -33.83 115.58 -52.70
C VAL H 2 -33.05 116.71 -53.36
N GLU H 3 -31.99 116.35 -54.07
CA GLU H 3 -31.11 117.29 -54.76
C GLU H 3 -30.99 116.92 -56.23
N ILE H 4 -32.16 116.69 -56.87
CA ILE H 4 -32.20 116.19 -58.24
C ILE H 4 -31.40 117.11 -59.16
N GLU H 5 -30.59 116.51 -60.03
CA GLU H 5 -29.87 117.21 -61.08
C GLU H 5 -30.36 116.71 -62.43
N THR H 6 -29.71 117.16 -63.49
CA THR H 6 -30.09 116.81 -64.85
C THR H 6 -28.89 116.22 -65.59
N ILE H 7 -29.11 115.08 -66.25
CA ILE H 7 -28.11 114.44 -67.10
C ILE H 7 -28.49 114.55 -68.57
N SER H 8 -29.74 114.20 -68.90
CA SER H 8 -30.25 114.33 -70.25
C SER H 8 -31.63 115.01 -70.18
N PRO H 9 -31.83 116.09 -70.93
CA PRO H 9 -33.11 116.80 -70.84
C PRO H 9 -34.26 116.00 -71.42
N GLY H 10 -35.46 116.29 -70.92
CA GLY H 10 -36.66 115.62 -71.40
C GLY H 10 -37.57 116.53 -72.20
N ASP H 11 -38.83 116.65 -71.78
CA ASP H 11 -39.80 117.51 -72.44
C ASP H 11 -40.15 118.76 -71.65
N GLY H 12 -40.26 118.66 -70.34
CA GLY H 12 -40.51 119.81 -69.50
C GLY H 12 -41.96 120.24 -69.37
N ARG H 13 -42.89 119.50 -69.99
CA ARG H 13 -44.30 119.86 -69.89
C ARG H 13 -45.20 118.64 -69.67
N THR H 14 -44.63 117.47 -69.40
CA THR H 14 -45.37 116.21 -69.26
C THR H 14 -45.04 115.54 -67.93
N PHE H 15 -45.12 116.32 -66.85
CA PHE H 15 -44.82 115.79 -65.53
C PHE H 15 -45.87 114.76 -65.11
N PRO H 16 -45.47 113.74 -64.35
CA PRO H 16 -46.44 112.74 -63.88
C PRO H 16 -47.46 113.34 -62.94
N LYS H 17 -48.67 112.78 -62.97
CA LYS H 17 -49.80 113.26 -62.16
C LYS H 17 -50.21 112.18 -61.17
N LYS H 18 -51.17 112.52 -60.32
CA LYS H 18 -51.66 111.59 -59.32
C LYS H 18 -52.40 110.43 -59.98
N GLY H 19 -52.27 109.25 -59.39
CA GLY H 19 -52.92 108.06 -59.93
C GLY H 19 -52.37 107.62 -61.27
N GLN H 20 -51.05 107.63 -61.44
CA GLN H 20 -50.41 107.23 -62.67
C GLN H 20 -49.28 106.25 -62.36
N THR H 21 -49.02 105.34 -63.30
CA THR H 21 -47.97 104.34 -63.16
C THR H 21 -46.70 104.89 -63.78
N CYS H 22 -45.66 105.07 -62.96
CA CYS H 22 -44.38 105.59 -63.43
C CYS H 22 -43.44 104.43 -63.71
N VAL H 23 -42.87 104.42 -64.92
CA VAL H 23 -41.93 103.39 -65.35
C VAL H 23 -40.55 104.03 -65.41
N VAL H 24 -39.61 103.48 -64.63
CA VAL H 24 -38.28 104.06 -64.52
C VAL H 24 -37.23 102.95 -64.64
N HIS H 25 -36.06 103.34 -65.15
CA HIS H 25 -34.86 102.51 -65.13
C HIS H 25 -33.86 103.21 -64.22
N TYR H 26 -33.43 102.52 -63.16
CA TYR H 26 -32.62 103.13 -62.13
C TYR H 26 -31.43 102.26 -61.78
N THR H 27 -30.37 102.91 -61.33
CA THR H 27 -29.17 102.24 -60.83
C THR H 27 -28.78 102.90 -59.51
N GLY H 28 -28.80 102.13 -58.43
CA GLY H 28 -28.56 102.65 -57.10
C GLY H 28 -27.12 102.46 -56.66
N MET H 29 -26.66 103.37 -55.79
CA MET H 29 -25.31 103.31 -55.24
C MET H 29 -25.27 104.15 -53.98
N LEU H 30 -24.42 103.73 -53.03
CA LEU H 30 -24.24 104.46 -51.80
C LEU H 30 -23.41 105.72 -52.05
N GLN H 31 -23.11 106.46 -50.99
CA GLN H 31 -22.26 107.64 -51.12
C GLN H 31 -20.79 107.29 -50.91
N ASN H 32 -20.33 106.23 -51.56
CA ASN H 32 -18.91 105.92 -51.59
C ASN H 32 -18.46 105.34 -52.92
N GLY H 33 -19.33 105.23 -53.91
CA GLY H 33 -19.00 104.64 -55.19
C GLY H 33 -19.38 103.18 -55.33
N LYS H 34 -19.88 102.55 -54.29
CA LYS H 34 -20.22 101.12 -54.31
C LYS H 34 -21.69 100.96 -54.69
N LYS H 35 -21.93 100.38 -55.86
CA LYS H 35 -23.29 100.13 -56.32
C LYS H 35 -23.92 98.97 -55.54
N PHE H 36 -25.16 99.16 -55.11
CA PHE H 36 -25.87 98.15 -54.35
C PHE H 36 -27.05 97.52 -55.08
N ASP H 37 -27.62 98.22 -56.07
CA ASP H 37 -28.78 97.68 -56.77
C ASP H 37 -28.92 98.40 -58.11
N SER H 38 -29.34 97.65 -59.12
CA SER H 38 -29.60 98.21 -60.45
C SER H 38 -30.76 97.46 -61.07
N SER H 39 -31.49 98.14 -61.95
CA SER H 39 -32.61 97.54 -62.65
C SER H 39 -32.29 97.14 -64.09
N ARG H 40 -31.23 97.70 -64.67
CA ARG H 40 -30.89 97.38 -66.05
C ARG H 40 -30.28 95.99 -66.17
N ASP H 41 -29.63 95.51 -65.10
CA ASP H 41 -29.08 94.16 -65.14
C ASP H 41 -30.18 93.10 -65.13
N ARG H 42 -31.34 93.41 -64.57
CA ARG H 42 -32.47 92.50 -64.57
C ARG H 42 -33.25 92.53 -65.88
N ASN H 43 -32.90 93.44 -66.79
CA ASN H 43 -33.54 93.55 -68.11
C ASN H 43 -35.05 93.73 -68.00
N LYS H 44 -35.47 94.56 -67.04
CA LYS H 44 -36.89 94.87 -66.88
C LYS H 44 -37.02 96.22 -66.22
N PRO H 45 -38.02 97.02 -66.59
CA PRO H 45 -38.23 98.32 -65.94
C PRO H 45 -38.90 98.16 -64.59
N PHE H 46 -38.93 99.25 -63.84
CA PHE H 46 -39.54 99.30 -62.52
C PHE H 46 -40.78 100.18 -62.58
N LYS H 47 -41.91 99.65 -62.13
CA LYS H 47 -43.18 100.36 -62.15
C LYS H 47 -43.65 100.62 -60.73
N PHE H 48 -44.07 101.85 -60.46
CA PHE H 48 -44.59 102.22 -59.15
C PHE H 48 -45.59 103.36 -59.34
N ARG H 49 -46.46 103.52 -58.33
CA ARG H 49 -47.57 104.46 -58.39
C ARG H 49 -47.45 105.52 -57.30
N ILE H 50 -47.99 106.69 -57.58
CA ILE H 50 -48.04 107.79 -56.62
C ILE H 50 -49.29 107.65 -55.78
N GLY H 51 -49.17 107.89 -54.47
CA GLY H 51 -50.25 107.67 -53.53
C GLY H 51 -50.37 106.25 -53.05
N LYS H 52 -49.65 105.31 -53.67
CA LYS H 52 -49.56 103.91 -53.28
C LYS H 52 -48.10 103.53 -53.13
N GLN H 53 -47.39 104.34 -52.34
CA GLN H 53 -45.94 104.55 -52.45
C GLN H 53 -45.16 103.30 -52.81
N GLU H 54 -45.21 102.28 -51.95
CA GLU H 54 -44.51 101.01 -52.14
C GLU H 54 -43.03 101.21 -52.48
N VAL H 55 -42.50 102.39 -52.16
CA VAL H 55 -41.14 102.77 -52.54
C VAL H 55 -40.66 103.79 -51.53
N ILE H 56 -39.35 104.01 -51.47
CA ILE H 56 -38.80 104.95 -50.51
C ILE H 56 -39.26 106.37 -50.88
N LYS H 57 -39.38 107.21 -49.85
CA LYS H 57 -39.98 108.53 -50.02
C LYS H 57 -39.14 109.41 -50.93
N GLY H 58 -37.81 109.36 -50.79
CA GLY H 58 -36.95 110.16 -51.64
C GLY H 58 -37.05 109.80 -53.10
N PHE H 59 -37.17 108.50 -53.40
CA PHE H 59 -37.36 108.08 -54.78
C PHE H 59 -38.66 108.65 -55.36
N GLU H 60 -39.72 108.67 -54.55
CA GLU H 60 -41.00 109.20 -55.01
C GLU H 60 -40.91 110.70 -55.30
N GLU H 61 -40.31 111.46 -54.38
CA GLU H 61 -40.16 112.89 -54.63
C GLU H 61 -39.26 113.15 -55.84
N GLY H 62 -38.20 112.35 -56.02
CA GLY H 62 -37.34 112.53 -57.17
C GLY H 62 -38.05 112.24 -58.48
N ALA H 63 -38.83 111.16 -58.52
CA ALA H 63 -39.56 110.83 -59.74
C ALA H 63 -40.74 111.75 -59.99
N ALA H 64 -41.21 112.46 -58.95
CA ALA H 64 -42.33 113.38 -59.15
C ALA H 64 -41.96 114.51 -60.10
N GLN H 65 -40.77 115.06 -59.98
CA GLN H 65 -40.33 116.19 -60.81
C GLN H 65 -39.46 115.68 -61.96
N MET H 66 -40.13 114.97 -62.88
CA MET H 66 -39.50 114.47 -64.10
C MET H 66 -40.45 114.69 -65.26
N SER H 67 -39.93 114.52 -66.48
CA SER H 67 -40.77 114.70 -67.67
C SER H 67 -40.26 113.79 -68.79
N LEU H 68 -40.80 112.58 -68.84
CA LEU H 68 -40.74 111.68 -70.00
C LEU H 68 -39.33 111.60 -70.61
N GLY H 69 -38.42 111.04 -69.84
CA GLY H 69 -37.08 110.75 -70.32
C GLY H 69 -35.97 111.63 -69.78
N GLN H 70 -36.26 112.47 -68.78
CA GLN H 70 -35.22 113.31 -68.17
C GLN H 70 -34.39 112.44 -67.24
N ARG H 71 -33.12 112.24 -67.58
CA ARG H 71 -32.22 111.50 -66.72
C ARG H 71 -31.77 112.38 -65.55
N ALA H 72 -31.89 111.86 -64.34
CA ALA H 72 -31.63 112.63 -63.14
C ALA H 72 -30.78 111.82 -62.17
N LYS H 73 -30.10 112.53 -61.29
CA LYS H 73 -29.29 111.94 -60.22
C LYS H 73 -29.88 112.41 -58.90
N LEU H 74 -30.52 111.51 -58.17
CA LEU H 74 -31.20 111.86 -56.93
C LEU H 74 -30.34 111.44 -55.73
N THR H 75 -30.21 112.35 -54.77
CA THR H 75 -29.45 112.10 -53.55
C THR H 75 -30.44 111.98 -52.40
N CYS H 76 -30.64 110.76 -51.92
CA CYS H 76 -31.59 110.48 -50.85
C CYS H 76 -30.86 110.48 -49.52
N THR H 77 -31.17 111.47 -48.68
CA THR H 77 -30.61 111.62 -47.35
C THR H 77 -31.32 110.68 -46.36
N PRO H 78 -30.65 110.29 -45.26
CA PRO H 78 -31.38 109.64 -44.16
C PRO H 78 -32.56 110.48 -43.68
N ASP H 79 -33.46 109.85 -42.91
CA ASP H 79 -34.78 110.37 -42.52
C ASP H 79 -35.63 110.73 -43.74
N VAL H 80 -35.15 110.39 -44.94
CA VAL H 80 -35.94 110.47 -46.17
C VAL H 80 -35.99 109.12 -46.88
N ALA H 81 -35.15 108.17 -46.48
CA ALA H 81 -35.03 106.86 -47.09
C ALA H 81 -34.97 105.86 -45.94
N TYR H 82 -34.46 104.65 -46.23
CA TYR H 82 -34.48 103.53 -45.29
C TYR H 82 -34.09 103.93 -43.86
N GLY H 83 -33.22 104.91 -43.71
CA GLY H 83 -33.00 105.47 -42.39
C GLY H 83 -32.20 104.59 -41.46
N ALA H 84 -32.38 104.86 -40.15
CA ALA H 84 -31.54 104.25 -39.13
C ALA H 84 -31.67 102.73 -39.09
N THR H 85 -32.84 102.20 -39.43
CA THR H 85 -33.00 100.75 -39.45
C THR H 85 -32.18 100.11 -40.55
N GLY H 86 -31.92 100.84 -41.64
CA GLY H 86 -31.06 100.32 -42.69
C GLY H 86 -31.68 99.15 -43.42
N HIS H 87 -30.84 98.22 -43.82
CA HIS H 87 -31.26 97.04 -44.59
C HIS H 87 -30.25 95.91 -44.38
N PRO H 88 -30.68 94.75 -43.88
CA PRO H 88 -29.74 93.65 -43.63
C PRO H 88 -29.13 93.13 -44.93
N GLY H 89 -27.81 93.07 -44.96
CA GLY H 89 -27.09 92.68 -46.17
C GLY H 89 -27.10 93.71 -47.27
N VAL H 90 -27.71 94.87 -47.03
CA VAL H 90 -27.91 95.93 -48.01
C VAL H 90 -27.54 97.20 -47.23
N ILE H 91 -27.84 98.38 -47.77
CA ILE H 91 -27.30 99.67 -47.30
C ILE H 91 -27.12 99.72 -45.80
N PRO H 92 -25.97 100.18 -45.30
CA PRO H 92 -25.78 100.33 -43.85
C PRO H 92 -26.78 101.33 -43.29
N PRO H 93 -26.93 101.39 -41.95
CA PRO H 93 -27.98 102.24 -41.36
C PRO H 93 -27.89 103.71 -41.76
N ASN H 94 -26.76 104.35 -41.48
CA ASN H 94 -26.62 105.79 -41.72
C ASN H 94 -25.80 105.97 -43.00
N ALA H 95 -26.51 106.04 -44.13
CA ALA H 95 -25.86 106.23 -45.42
C ALA H 95 -26.85 106.86 -46.39
N THR H 96 -26.36 107.77 -47.23
CA THR H 96 -27.19 108.38 -48.26
C THR H 96 -27.13 107.56 -49.53
N LEU H 97 -28.18 107.68 -50.33
CA LEU H 97 -28.32 106.92 -51.57
C LEU H 97 -28.31 107.85 -52.77
N ILE H 98 -27.62 107.42 -53.83
CA ILE H 98 -27.54 108.14 -55.09
C ILE H 98 -28.14 107.24 -56.17
N PHE H 99 -29.15 107.75 -56.86
CA PHE H 99 -29.88 106.98 -57.86
C PHE H 99 -29.72 107.65 -59.22
N ASP H 100 -29.34 106.86 -60.22
CA ASP H 100 -29.29 107.31 -61.61
C ASP H 100 -30.55 106.78 -62.30
N VAL H 101 -31.58 107.62 -62.35
CA VAL H 101 -32.90 107.20 -62.78
C VAL H 101 -33.22 107.80 -64.15
N GLU H 102 -34.08 107.12 -64.89
CA GLU H 102 -34.56 107.60 -66.18
C GLU H 102 -36.04 107.25 -66.30
N LEU H 103 -36.89 108.26 -66.40
CA LEU H 103 -38.34 108.06 -66.46
C LEU H 103 -38.74 107.82 -67.90
N LEU H 104 -38.88 106.55 -68.27
CA LEU H 104 -39.26 106.14 -69.62
C LEU H 104 -40.71 105.66 -69.68
N ASN H 105 -41.56 106.18 -68.78
CA ASN H 105 -42.94 105.74 -68.71
C ASN H 105 -43.68 106.04 -70.02
N LEU H 106 -44.49 105.09 -70.46
CA LEU H 106 -45.32 105.25 -71.65
C LEU H 106 -46.81 105.23 -71.33
N GLU H 107 -47.16 105.33 -70.05
CA GLU H 107 -48.56 105.32 -69.60
C GLU H 107 -49.30 104.06 -70.08
ZN ZN I . 8.48 -13.98 -35.13
PG ATP J . 7.34 -16.63 -53.52
O1G ATP J . 7.93 -15.28 -53.31
O2G ATP J . 8.30 -17.78 -53.23
O3G ATP J . 6.74 -16.83 -54.92
PB ATP J . 5.19 -16.06 -51.51
O1B ATP J . 3.82 -15.87 -52.04
O2B ATP J . 5.94 -14.78 -51.14
O3B ATP J . 6.12 -16.88 -52.51
PA ATP J . 6.29 -17.58 -49.22
O1A ATP J . 5.83 -18.83 -48.58
O2A ATP J . 7.60 -17.69 -50.00
O3A ATP J . 5.20 -16.99 -50.22
O5' ATP J . 6.44 -16.41 -48.16
C5' ATP J . 5.29 -15.69 -47.66
C4' ATP J . 4.75 -16.44 -46.47
O4' ATP J . 5.80 -17.23 -45.87
C3' ATP J . 4.22 -15.55 -45.34
O3' ATP J . 2.86 -15.21 -45.55
C2' ATP J . 4.40 -16.45 -44.11
O2' ATP J . 3.33 -17.36 -43.97
C1' ATP J . 5.70 -17.19 -44.46
N9 ATP J . 6.90 -16.54 -43.93
C8 ATP J . 7.91 -15.96 -44.65
N7 ATP J . 8.88 -15.47 -43.91
C5 ATP J . 8.47 -15.74 -42.62
C6 ATP J . 9.05 -15.46 -41.37
N6 ATP J . 10.22 -14.84 -41.20
N1 ATP J . 8.39 -15.87 -40.26
C2 ATP J . 7.22 -16.50 -40.41
N3 ATP J . 6.58 -16.81 -41.54
C4 ATP J . 7.26 -16.40 -42.61
CA CA K . 34.60 1.71 -35.92
N1 U1C L . 163.09 -9.79 7.64
N3 U1C L . 166.10 -9.10 9.32
C4 U1C L . 166.35 -8.93 10.74
C5 U1C L . 166.19 -10.26 11.46
C6 U1C L . 167.17 -10.90 12.22
C7 U1C L . 166.56 -12.11 12.70
C8 U1C L . 165.27 -12.09 12.17
C10 U1C L . 163.30 -13.45 11.39
C13 U1C L . 163.24 -14.86 13.77
C1 U1C L . 163.69 -8.92 9.54
C11 U1C L . 162.35 -14.44 11.58
C12 U1C L . 162.31 -15.14 12.78
C14 U1C L . 164.19 -13.88 13.58
C2 U1C L . 162.60 -9.27 8.74
C3 U1C L . 164.40 -9.80 7.72
C9 U1C L . 164.21 -13.17 12.38
N2 U1C L . 164.77 -9.27 8.87
N4 U1C L . 161.32 -16.18 12.98
O1 U1C L . 161.25 -9.08 9.06
O2 U1C L . 165.27 -10.28 6.74
O3 U1C L . 165.11 -11.00 11.46
O4 U1C L . 160.45 -16.10 14.08
O5 U1C L . 161.23 -17.25 12.08
ZN ZN M . 8.85 -33.43 -17.30
PG ATP N . 17.10 -45.26 -29.09
O1G ATP N . 18.11 -44.93 -28.05
O2G ATP N . 15.98 -46.20 -28.61
O3G ATP N . 17.71 -45.84 -30.38
PB ATP N . 16.41 -42.36 -29.43
O1B ATP N . 16.83 -41.72 -30.70
O2B ATP N . 17.30 -42.07 -28.22
O3B ATP N . 16.32 -43.95 -29.56
PA ATP N . 13.91 -42.33 -27.87
O1A ATP N . 12.50 -42.20 -28.31
O2A ATP N . 14.29 -43.73 -27.36
O3A ATP N . 14.93 -41.98 -29.03
O5' ATP N . 14.28 -41.29 -26.74
C5' ATP N . 14.57 -39.91 -27.08
C4' ATP N . 13.28 -39.14 -27.16
O4' ATP N . 12.28 -39.78 -26.33
C3' ATP N . 13.36 -37.71 -26.65
O3' ATP N . 13.76 -36.82 -27.70
C2' ATP N . 11.92 -37.44 -26.21
O2' ATP N . 11.08 -37.08 -27.30
C1' ATP N . 11.52 -38.81 -25.64
N9 ATP N . 11.78 -38.95 -24.21
C8 ATP N . 12.69 -39.77 -23.61
N7 ATP N . 12.70 -39.70 -22.30
C5 ATP N . 11.71 -38.76 -22.02
C6 ATP N . 11.23 -38.24 -20.81
N6 ATP N . 11.69 -38.58 -19.60
N1 ATP N . 10.24 -37.31 -20.88
C2 ATP N . 9.78 -36.95 -22.08
N3 ATP N . 10.16 -37.39 -23.29
C4 ATP N . 11.14 -38.29 -23.18
CA CA O . 22.75 -43.87 7.80
N1 U1C P . -9.97 -105.16 126.09
N3 U1C P . -10.41 -105.49 129.57
C4 U1C P . -11.09 -104.61 130.51
C5 U1C P . -12.59 -104.60 130.25
C6 U1C P . -13.59 -104.75 131.21
C7 U1C P . -14.82 -104.68 130.48
C8 U1C P . -14.45 -104.49 129.15
C10 U1C P . -14.94 -104.57 126.68
C13 U1C P . -17.58 -103.88 127.10
C1 U1C P . -10.33 -103.84 127.79
C11 U1C P . -15.80 -104.45 125.60
C12 U1C P . -17.12 -104.10 125.82
C14 U1C P . -16.72 -104.00 128.18
C2 U1C P . -10.14 -103.88 126.42
C3 U1C P . -10.06 -105.87 127.20
C9 U1C P . -15.40 -104.35 127.96
N2 U1C P . -10.27 -105.08 128.23
N4 U1C P . -18.02 -103.97 124.69
O1 U1C P . -10.13 -102.80 125.54
O2 U1C P . -9.93 -107.27 127.26
O3 U1C P . -13.15 -104.45 129.08
O4 U1C P . -19.17 -103.17 124.79
O5 U1C P . -17.74 -104.65 123.49
ZN ZN Q . -17.25 -31.35 -14.60
PG ATP R . -20.13 -49.31 -18.86
O1G ATP R . -20.40 -49.21 -17.40
O2G ATP R . -21.23 -48.67 -19.73
O3G ATP R . -19.88 -50.73 -19.36
PB ATP R . -17.60 -47.74 -18.53
O1B ATP R . -16.33 -48.50 -18.63
O2B ATP R . -18.06 -47.39 -17.12
O3B ATP R . -18.80 -48.50 -19.25
PA ATP R . -18.49 -45.14 -19.62
O1A ATP R . -18.17 -44.45 -20.88
O2A ATP R . -19.94 -45.66 -19.54
O3A ATP R . -17.53 -46.38 -19.36
O5' ATP R . -18.22 -44.22 -18.37
C5' ATP R . -16.89 -44.03 -17.86
C4' ATP R . -16.25 -42.87 -18.57
O4' ATP R . -17.29 -41.97 -19.04
C3' ATP R . -15.34 -42.00 -17.71
O3' ATP R . -14.02 -42.52 -17.71
C2' ATP R . -15.42 -40.65 -18.42
O2' ATP R . -14.53 -40.58 -19.53
C1' ATP R . -16.87 -40.63 -18.88
N9 ATP R . -17.79 -39.97 -17.95
C8 ATP R . -18.78 -40.57 -17.21
N7 ATP R . -19.45 -39.74 -16.44
C5 ATP R . -18.86 -38.51 -16.71
C6 ATP R . -19.11 -37.21 -16.22
N6 ATP R . -20.06 -36.92 -15.34
N1 ATP R . -18.35 -36.20 -16.69
C2 ATP R . -17.39 -36.48 -17.59
N3 ATP R . -17.06 -37.66 -18.11
C4 ATP R . -17.84 -38.64 -17.63
CA CA S . -39.91 -29.54 5.74
N1 U1C T . -158.72 37.77 22.18
N3 U1C T . -160.92 40.18 23.51
C4 U1C T . -160.69 41.58 23.79
C5 U1C T . -160.54 42.37 22.50
C6 U1C T . -161.25 43.52 22.15
C7 U1C T . -160.77 43.88 20.86
C8 U1C T . -159.80 42.92 20.55
C10 U1C T . -158.45 41.65 18.84
C13 U1C T . -158.06 43.95 17.33
C1 U1C T . -158.55 39.65 23.25
C11 U1C T . -157.71 41.59 17.68
C12 U1C T . -157.52 42.73 16.92
C14 U1C T . -158.80 44.01 18.50
C2 U1C T . -157.84 38.61 22.68
C3 U1C T . -159.93 38.23 22.43
C9 U1C T . -158.99 42.86 19.26
N2 U1C T . -159.84 39.38 23.07
N4 U1C T . -156.74 42.67 15.70
O1 U1C T . -156.45 38.49 22.63
O2 U1C T . -161.14 37.62 22.06
O3 U1C T . -159.73 42.08 21.53
O4 U1C T . -156.04 43.80 15.24
O5 U1C T . -156.69 41.46 14.97
ZN ZN U . -17.62 -11.99 -32.32
PG ATP V . -30.00 -20.67 -43.27
O1G ATP V . -30.72 -19.53 -42.66
O2G ATP V . -29.03 -20.26 -44.38
O3G ATP V . -30.93 -21.77 -43.81
PB ATP V . -28.84 -21.43 -40.61
O1B ATP V . -29.40 -22.64 -39.98
O2B ATP V . -29.34 -20.10 -40.06
O3B ATP V . -29.08 -21.42 -42.18
PA ATP V . -26.08 -20.40 -40.95
O1A ATP V . -24.80 -21.10 -41.13
O2A ATP V . -26.57 -19.62 -42.17
O3A ATP V . -27.25 -21.40 -40.54
O5' ATP V . -26.04 -19.41 -39.72
C5' ATP V . -26.15 -19.89 -38.36
C4' ATP V . -24.77 -20.20 -37.84
O4' ATP V . -23.79 -19.43 -38.57
C3' ATP V . -24.53 -19.85 -36.37
O3' ATP V . -24.93 -20.91 -35.53
C2' ATP V . -23.02 -19.62 -36.33
O2' ATP V . -22.30 -20.84 -36.21
C1' ATP V . -22.76 -18.97 -37.71
N9 ATP V . -22.78 -17.52 -37.69
C8 ATP V . -23.71 -16.70 -38.28
N7 ATP V . -23.47 -15.42 -38.10
C5 ATP V . -22.30 -15.40 -37.35
C6 ATP V . -21.52 -14.35 -36.82
N6 ATP V . -21.82 -13.05 -36.99
N1 ATP V . -20.42 -14.67 -36.12
C2 ATP V . -20.13 -15.96 -35.95
N3 ATP V . -20.78 -17.04 -36.39
C4 ATP V . -21.87 -16.68 -37.09
CA CA W . -28.03 16.05 -37.94
N1 U1C X . 15.37 132.97 -95.65
N3 U1C X . 16.34 136.34 -95.85
C4 U1C X . 17.31 137.08 -95.06
C5 U1C X . 18.73 136.59 -95.35
C6 U1C X . 19.81 137.39 -95.72
C7 U1C X . 20.91 136.49 -95.89
C8 U1C X . 20.38 135.22 -95.62
C10 U1C X . 20.46 132.72 -95.91
C13 U1C X . 23.20 132.69 -95.53
C1 U1C X . 16.25 134.45 -94.32
C11 U1C X . 21.15 131.52 -95.96
C12 U1C X . 22.53 131.51 -95.77
C14 U1C X . 22.51 133.89 -95.48
C2 U1C X . 15.82 133.14 -94.42
C3 U1C X . 15.51 134.11 -96.30
C9 U1C X . 21.14 133.90 -95.67
N2 U1C X . 16.04 135.01 -95.51
N4 U1C X . 23.25 130.25 -95.82
O1 U1C X . 15.85 132.18 -93.40
O2 U1C X . 15.15 134.32 -97.64
O3 U1C X . 19.12 135.35 -95.32
O4 U1C X . 24.36 130.05 -94.99
O5 U1C X . 22.83 129.24 -96.71
#